data_5ZVT
#
_entry.id   5ZVT
#
_cell.length_a   1
_cell.length_b   1
_cell.length_c   1
_cell.angle_alpha   90.00
_cell.angle_beta   90.00
_cell.angle_gamma   90.00
#
_symmetry.space_group_name_H-M   'P 1'
#
loop_
_entity.id
_entity.type
_entity.pdbx_description
1 polymer 'Outer capsid VP7'
2 polymer 'N-terminus of outer capsid protein VP5'
3 polymer 'C-terminus of outer capsid protein VP5'
4 polymer 'Core protein VP6'
5 polymer VP1
6 polymer VP3
7 non-polymer 'MYRISTIC ACID'
#
loop_
_entity_poly.entity_id
_entity_poly.type
_entity_poly.pdbx_seq_one_letter_code
_entity_poly.pdbx_strand_id
1 'polypeptide(L)'
;MPLHMIPQVAHAMVRAAAAGRLTLYTRTRTETTNFDHAEYVTCGRYTICAFCLTTLAPHANVKTIQDSHACSRQPNEAIR
SLVEVSDKAQTALVGSRTVDYHELDVKAGFVAPTADETIAPSKDIVELPFRTCDLDDSSATACVRNHCQAGHDGVIHLPI
LSGDFKLPNEHPTKPLDDTHPHDKVLTRCPKTGLLLVHDTHAHATAVVATAATRAILMHDLLTSANADDGHQARSACYGP
AFNNLTFACHSTCASDMAHFDCGQIVGLDLHVEPSD
;
l,b,f,d,h,j,n,p,r,t
2 'polypeptide(L)' MGNVQTSVNTYNITGDGNSFTPTSDMTSTAAPAIDLKPGVLN A,C,E,G,I,K,M,O,Q,S
3 'polypeptide(L)'
;PTGKLWRPVGTSVATIDSLAIVSDRFGQYSFVNEGMRETFSKALFDINMWQPLFQATKTGCGPIVLSSFTTTTSGYVGAT
AGDALDNPVTNGVFISTVQIMNLQRTIAARMRDVALWQKHLDTAMTMLTPDISAGSASCNWKSLLAFAKDILPLDNLCLT
YPNEFYNVAIHRYPALKPGNPDTKLPDAQAHPLGEVAGAFNAATSEVGSLVGSSSTLSQAISTMAGKDLDLIEADTPLPV
SVFTPSLAPRSYRPAFIKPEDAKWIAEFNNSSLIRKTLTYSGATYTVQLGPGPTRVIDMNAMIDSVLTLDVSGTILPYDT
NPDLSTSVPAFVLIQTSVPIQQVTTAANITAITVVSAAGASAINLAINVRGQPRFNMLHLQATFERETITGIPYIYGLGT
FLIPSPTSSSNFSNPTLMDGLLTVTPVLLRETTYKGEVVDAIVPATVMANQTSEEVASALANDAIVLVSNHLNKLANVVG
DAIPVASRTDDSATSAIVSRLAVQHKLSQVGQASPTPPDYPLLWRRAKRAASMFVSNPSLALQVGIPVLTQSGMLSALTS
GVGTALRTGSLGKGVTDASEKLRARQSLTVAKQAFFDQIGSLWPGK
;
B,D,F,H,J,L,N,P,R,T
4 'polypeptide(L)'
;MAQRQFFGLTYNFYGQPAPLFDLNDLQELAGCYARPWTSRFSHLAISTGSLPVWSARYPSVASRNIVVNTLLGAHLNPFA
GGQITSHQGITWRDPVLSSLAPVPAIQPPPVWAVAENVLLDSNNYPTYVLNLSSMWPINQDVHIMTMWALSDQGPIYHLE
VPVDPMPAATTAALMAYTGVPIAHLAQTAYRFAGQLPQSPDSTMVSTIRWLSAIWFGSLTGRLNRSRTCNGFYFEFAKPA
LNPDQAVLKWNDGARAAPPAAAQSSYIRCISPHWQHQIVEVAGALMSQSVTAVTGLPALIDEATLPAWSQGVANLTGNGQ
GVVPCLDYNPVPMAAARHLQWRQDGLITAAQEAQLNNDYTAYALTIERHLTAMLVANPIAAGRMPIQPFNAADFGQAGQT
AAAVALAQAMFV
;
U,V
5 'polypeptide(L)'
;MAAVFGIQLVPKLNTSTTRRTFLPLRFDLLLDRLQSTNLHGVLYRALDFNPVDRSATVIQTYPPLNAWSPHHAFIENPLD
YRDWTEFIHDRALAFVGVLTQRYPLTQNAQRYTNPLVLGAAFGDFLNARSIDIFLDRLFYDPTQDSPITAITKFPYQWTI
DSNVTTDSVRTSAGCKYITLYGYDPSRPSTPATYGKHRPTYATVFYYSTLPARSRLLANLAAGPTVLEHFDSPTYGPHLL
LPQTGDVLGYSSSLISQAALLMVESVMDALRDNANASASTAVTRLDQSYHPVTSFDPSTFNTLLQRATNLALLAVQGVQS
ESAIPAIPTMSDVRSFVARLMAEGDPQQWFPYRVDQILYWPESPFVPPIGPFYAPFRPVNFPFTTGSYTVVPDASRPLRL
LPQYRNATITVQQADDAYEDTALSPLITTHGFCVTGGVFTSIYDISGDPTAYPPAQLVDAPNDYFDRERMARRDLFRRLR
APADRSAIKDRAVFDFLASLVNPTTANPVLDTSFSMAYLGASSAHANADEPVILADIRSGSIPGLPIPRRIVQFGYDVVH
GSLLDLSRAVPTGTFGLVYADLDQVEDAGTDMPAANRAAIAMLGTALQMTTAGGVSVLKVNFPTRAFWTQVFNLYATHAT
TLHLVKPTIVNSSEVFLVFGGRQSNGALRSTTALQRALLSLYARNAAIDRAVTHIPFFGVPDDGTSDLGIDAVRLFDPMF
SDAVANLPSNALASLVSRVVPSSIMFTRVPSNGPVSTTIYGKRTFLSNRRRARLRDVPMLITTTLVHQRRFTTPPTFTLF
SSEAVPVTTLVAAGYNSFISEQTRNPNLAHLLDLGTGPECRILSLIPPTLQVTMSDSRPCAELMASFDPALTAYVQGDYS
TAAFWNGIRCDSATAIFTIGAAAAAAGTDLIAFVQQLIPRIVAAGGTRMWLQLNTPLYEVSSLPDLIEIDLRDHVYRFNG
GERVEPYADPVPLQQAIAALLPAAALSWHTLSPTCDWLPYIIGVGSPLNLSDINTAISYSRLTPILHIDTTTPPLRVNPV
PTPLNQQCAIRITSLDPAAVLSVQHNGVEVIGGTPGNVISVAGAAALQYILANQEFLLQFTPTLPGIFDVFLTTLGQPPV
PRGSFTITPPPTTVALNMPPPRQLDFTDVGNDARITCDPYYQLAVCIFKDGQYVRVNPEKASVVTNAPNRDLHFVLDLAD
NHVLLYLCDVTPSGLGDRIAFPIVDIYRIAFPRNTPVRASLPYTGGGAHLTSGGNPFMSLTTPPAVLPAGVALAALSTSV
ATQYPTYTLPAGVYEYVIE
;
W
6 'polypeptide(L)'
;MPRRSARKAQSAIASPADTNVVPAKDAPTTNSPPSTTSPNQAAADANQQQAGIVSSQSGPNAVGDSAPSSSVNNDGDIIT
RPTSDSIAAVANATKPAAVVSDPQSMKVTPIVNPSSYVCNVCNARFSTMSALSEHLRSDHRDDASTLLATPMINNAIRSF
LTAWDDIRILSPDVSSKSLSAYLDSAVANGPELIIEDTGLCTSFMLLDNIPSAHLTKELIGFTWFMQMYQMTPPLPEGAV
NRIVCMTNWASLGDEGRGLEVRLPPPTDSSVHAYKTVLSRGYIDNAQFNPLALRSNVLLMLLQFTLSNLKINKSSTFTSD
VTTITSGRMIRAFEGRPELLALAYPGRAVLPTQTKNAQFLSTAIADRIGRLDRANLIGGEVSAMVECMELCDALTLHIRE
TYIMLLRSMHQDPTQIVQIVNECANNLLNSTIPISLRPTILCPWFASSEDLRLQQVMHLVNISSNTAAALPLVEALSTLL
RSVTPLVLDPTVLTNAITTISESTTQTISPISEILRLLQPMGNDYAAFWKCIASWAYNGLVTTVLSEDAFPDSSQSITHL
PSMWKCLFLTLAGPMTSDPHSPVKVFMALANLLAQPEPIAIGVPGMHQTTPASQFSHPGVWPPGFLNPQLINPQQAPLLR
AFAEHIRANWPQPSEFGYGSTLQGSANLFIPSNRMVYPWPNQPLPRLTVAPTYDSAMSNWISTTIAFFIRVVNSVNMTAT
VNDLTRRTMTGVMTAMRQVKTMTPFYIQHMCPTELSVLASVTVTPPFQVPFTRLVQNDVITNVLVARVDPAQRGDAAVDI
RATHATFAAALPVDPAAIVVAMLCGQTETNLIPSHHYGKAFAPLFASNAMFTRNQRAVITREAFVCARSAVAQCQDAGFL
VPRPLDALRQFDVTSAAAAEIMHAVNDAFKTAFDLDGALLDGLALYGDPRIADLSAAYLQYGGNVVREHVPPGPSHIHRA
LQQVESTFMAEMNLFNVARGNLYLVQTATNGNWSPMAPVAAPPFVRGGPNVRVVGRFGTIVPRPNGLEPQLIDDGNVPRD
IAGDWVYPSDVLQVSVAVFRDYVWPMVKAGRTRVLVELGHYVYTLHYYDPQISLDEAPILEEWLSKINPAGIPPVPFCIP
IPQVYPCITARRVHYAFTSENNNDSLFSTNAASIDTAFGENAAVSPLRWPGLVDPNYRVGTNDLPNRITLYNSLYRYNFT
YPTLDGIMYVRSAT
;
X,Y
#
loop_
_chem_comp.id
_chem_comp.type
_chem_comp.name
_chem_comp.formula
MYR non-polymer 'MYRISTIC ACID' 'C14 H28 O2'
#
# COMPACT_ATOMS: atom_id res chain seq x y z
N LEU A 3 -22.24 20.07 -61.77
CA LEU A 3 -23.00 21.16 -62.38
C LEU A 3 -22.15 21.84 -63.45
N HIS A 4 -22.86 22.06 -64.56
CA HIS A 4 -22.37 22.69 -65.81
C HIS A 4 -22.27 24.20 -65.63
N MET A 5 -21.27 24.79 -66.28
CA MET A 5 -20.98 26.25 -66.37
C MET A 5 -20.44 26.87 -65.08
N ILE A 6 -21.14 26.80 -63.95
CA ILE A 6 -20.58 27.63 -62.86
C ILE A 6 -20.52 29.10 -63.26
N PRO A 7 -21.63 29.87 -63.12
CA PRO A 7 -21.80 31.16 -63.80
C PRO A 7 -20.73 32.23 -63.65
N GLN A 8 -19.72 32.00 -62.82
CA GLN A 8 -18.49 32.79 -62.91
C GLN A 8 -17.77 32.56 -64.24
N VAL A 9 -17.96 31.38 -64.85
CA VAL A 9 -17.40 31.11 -66.16
C VAL A 9 -18.12 31.91 -67.23
N ALA A 10 -19.45 31.98 -67.15
CA ALA A 10 -20.23 32.69 -68.15
C ALA A 10 -20.02 34.20 -68.06
N HIS A 11 -19.68 34.70 -66.88
CA HIS A 11 -19.32 36.11 -66.76
C HIS A 11 -17.98 36.38 -67.43
N ALA A 12 -17.14 35.36 -67.56
CA ALA A 12 -15.91 35.51 -68.34
C ALA A 12 -16.15 35.31 -69.82
N MET A 13 -17.25 34.66 -70.21
CA MET A 13 -17.57 34.53 -71.62
C MET A 13 -17.94 35.89 -72.21
N VAL A 14 -18.82 36.62 -71.53
CA VAL A 14 -19.37 37.85 -72.08
C VAL A 14 -18.33 38.96 -72.07
N ARG A 15 -17.51 39.03 -71.02
CA ARG A 15 -16.44 40.02 -70.96
C ARG A 15 -15.34 39.74 -71.97
N ALA A 16 -15.20 38.51 -72.44
CA ALA A 16 -14.29 38.21 -73.53
C ALA A 16 -14.93 38.39 -74.90
N ALA A 17 -16.25 38.55 -74.88
CA ALA A 17 -17.11 38.73 -76.09
C ALA A 17 -17.71 40.13 -76.12
N ALA A 18 -17.34 40.99 -75.17
CA ALA A 18 -17.81 42.40 -75.15
C ALA A 18 -16.50 43.17 -75.08
N ALA A 19 -15.77 42.92 -76.16
CA ALA A 19 -14.38 43.16 -76.62
C ALA A 19 -14.06 41.72 -76.98
N GLY A 20 -14.26 41.39 -78.25
CA GLY A 20 -14.20 39.99 -78.70
C GLY A 20 -12.77 39.51 -78.82
N ARG A 21 -12.38 38.67 -77.87
CA ARG A 21 -11.07 37.97 -77.85
C ARG A 21 -11.36 36.48 -78.07
N LEU A 22 -12.65 36.13 -77.95
CA LEU A 22 -13.06 34.72 -78.06
C LEU A 22 -12.47 34.18 -79.35
N THR A 23 -11.79 33.04 -79.24
CA THR A 23 -11.19 32.38 -80.41
C THR A 23 -11.93 31.06 -80.57
N LEU A 24 -12.56 30.84 -81.72
CA LEU A 24 -13.29 29.56 -81.86
C LEU A 24 -12.36 28.54 -82.54
N TYR A 25 -12.18 27.39 -81.88
CA TYR A 25 -11.29 26.34 -82.35
C TYR A 25 -12.09 25.16 -82.87
N THR A 26 -11.55 24.51 -83.90
CA THR A 26 -12.17 23.34 -84.50
C THR A 26 -11.78 22.08 -83.74
N ARG A 27 -12.22 20.93 -84.24
CA ARG A 27 -11.86 19.66 -83.61
C ARG A 27 -10.42 19.27 -83.87
N THR A 28 -9.82 19.75 -84.96
CA THR A 28 -8.42 19.51 -85.25
C THR A 28 -7.51 20.57 -84.66
N ARG A 29 -8.00 21.29 -83.64
CA ARG A 29 -7.25 22.22 -82.81
C ARG A 29 -6.68 23.40 -83.60
N THR A 30 -7.39 23.81 -84.64
CA THR A 30 -7.05 24.99 -85.41
C THR A 30 -8.16 26.02 -85.25
N GLU A 31 -7.78 27.28 -85.22
CA GLU A 31 -8.76 28.33 -85.00
C GLU A 31 -9.43 28.74 -86.30
N THR A 32 -10.75 28.91 -86.25
CA THR A 32 -11.53 29.46 -87.35
C THR A 32 -12.47 30.51 -86.79
N THR A 33 -13.17 31.19 -87.71
CA THR A 33 -14.10 32.25 -87.34
C THR A 33 -15.50 32.02 -87.91
N ASN A 34 -15.87 30.77 -88.19
CA ASN A 34 -17.12 30.50 -88.89
C ASN A 34 -18.20 29.84 -88.05
N PHE A 35 -17.82 29.21 -86.92
CA PHE A 35 -18.65 28.53 -85.92
C PHE A 35 -19.23 27.21 -86.44
N ASP A 36 -19.10 26.95 -87.73
CA ASP A 36 -19.70 25.73 -88.28
C ASP A 36 -18.77 24.54 -88.10
N HIS A 37 -17.47 24.74 -88.30
CA HIS A 37 -16.49 23.70 -88.07
C HIS A 37 -15.89 23.76 -86.68
N ALA A 38 -16.23 24.77 -85.89
CA ALA A 38 -15.56 25.00 -84.62
C ALA A 38 -16.25 24.28 -83.48
N GLU A 39 -15.45 23.76 -82.56
CA GLU A 39 -15.96 23.13 -81.34
C GLU A 39 -15.56 23.88 -80.09
N TYR A 40 -14.28 24.17 -79.93
CA TYR A 40 -13.80 24.74 -78.68
C TYR A 40 -13.93 26.25 -78.69
N VAL A 41 -14.25 26.81 -77.53
CA VAL A 41 -14.49 28.25 -77.37
C VAL A 41 -13.65 28.74 -76.19
N THR A 42 -12.79 29.72 -76.44
CA THR A 42 -11.87 30.21 -75.43
C THR A 42 -12.18 31.64 -75.04
N CYS A 43 -11.37 32.19 -74.12
CA CYS A 43 -11.46 33.60 -73.78
C CYS A 43 -10.20 34.43 -74.07
N GLY A 44 -9.00 34.10 -73.53
CA GLY A 44 -8.44 32.82 -73.14
C GLY A 44 -8.20 32.46 -71.68
N ARG A 45 -9.20 32.66 -70.82
CA ARG A 45 -9.14 31.96 -69.54
C ARG A 45 -9.72 30.56 -69.71
N TYR A 46 -11.01 30.45 -70.00
CA TYR A 46 -11.72 29.19 -69.91
C TYR A 46 -12.02 28.62 -71.30
N THR A 47 -12.12 27.30 -71.38
CA THR A 47 -12.37 26.60 -72.63
C THR A 47 -13.62 25.74 -72.52
N ILE A 48 -14.50 25.84 -73.51
CA ILE A 48 -15.77 25.12 -73.55
C ILE A 48 -15.97 24.57 -74.96
N CYS A 49 -16.20 23.26 -75.05
CA CYS A 49 -16.60 22.69 -76.34
C CYS A 49 -18.04 23.10 -76.62
N ALA A 50 -18.32 23.56 -77.84
CA ALA A 50 -19.64 24.11 -78.14
C ALA A 50 -20.71 23.03 -78.22
N PHE A 51 -20.33 21.77 -78.37
CA PHE A 51 -21.33 20.71 -78.50
C PHE A 51 -21.91 20.35 -77.15
N CYS A 52 -21.07 19.83 -76.25
CA CYS A 52 -21.57 19.41 -74.95
C CYS A 52 -21.80 20.60 -74.02
N LEU A 53 -21.12 21.72 -74.28
CA LEU A 53 -21.24 22.98 -73.54
C LEU A 53 -20.88 22.78 -72.06
N THR A 54 -19.67 22.30 -71.81
CA THR A 54 -19.12 22.15 -70.47
C THR A 54 -17.73 22.76 -70.44
N THR A 55 -17.31 23.19 -69.26
CA THR A 55 -15.97 23.75 -69.12
C THR A 55 -14.93 22.64 -69.22
N LEU A 56 -13.83 22.96 -69.88
CA LEU A 56 -12.84 21.92 -70.12
C LEU A 56 -11.51 22.20 -69.44
N ALA A 57 -10.93 23.37 -69.70
CA ALA A 57 -9.63 23.70 -69.05
C ALA A 57 -9.74 25.10 -68.46
N PRO A 58 -9.24 25.35 -67.23
CA PRO A 58 -9.29 26.71 -66.69
C PRO A 58 -8.46 27.60 -67.61
N HIS A 59 -7.27 27.13 -67.98
CA HIS A 59 -6.35 27.85 -68.89
C HIS A 59 -6.77 27.62 -70.33
N ALA A 60 -6.22 28.42 -71.23
CA ALA A 60 -6.47 28.31 -72.70
C ALA A 60 -5.40 27.43 -73.34
N ASN A 61 -5.23 27.56 -74.64
CA ASN A 61 -4.31 26.80 -75.50
C ASN A 61 -4.77 25.34 -75.60
N VAL A 62 -5.87 25.18 -76.34
CA VAL A 62 -6.64 23.95 -76.48
C VAL A 62 -5.90 22.79 -77.14
N LYS A 63 -4.64 23.00 -77.52
CA LYS A 63 -3.82 21.91 -78.05
C LYS A 63 -3.58 20.82 -77.01
N THR A 64 -3.68 21.15 -75.73
CA THR A 64 -3.48 20.21 -74.64
C THR A 64 -4.77 19.82 -73.90
N ILE A 65 -5.87 19.65 -74.61
CA ILE A 65 -7.13 19.26 -73.96
C ILE A 65 -7.59 17.91 -74.52
N GLN A 66 -8.02 17.01 -73.62
CA GLN A 66 -8.61 15.73 -74.01
C GLN A 66 -10.12 15.82 -73.82
N ASP A 67 -10.88 15.34 -74.81
CA ASP A 67 -12.34 15.39 -74.76
C ASP A 67 -12.90 14.35 -75.73
N SER A 68 -14.11 13.88 -75.44
CA SER A 68 -14.81 12.95 -76.32
C SER A 68 -16.30 13.30 -76.33
N HIS A 69 -16.70 14.17 -77.27
CA HIS A 69 -18.10 14.47 -77.53
C HIS A 69 -18.28 14.67 -79.03
N ALA A 70 -19.52 14.53 -79.49
CA ALA A 70 -19.81 14.67 -80.91
C ALA A 70 -21.30 14.99 -81.08
N CYS A 71 -21.59 16.15 -81.68
CA CYS A 71 -22.96 16.53 -81.99
C CYS A 71 -22.92 17.58 -83.10
N SER A 72 -23.98 18.40 -83.19
CA SER A 72 -24.09 19.43 -84.26
C SER A 72 -24.14 20.89 -83.78
N ARG A 73 -25.02 21.68 -84.42
CA ARG A 73 -25.25 23.14 -84.24
C ARG A 73 -25.73 23.47 -82.83
N GLN A 74 -25.31 24.63 -82.28
CA GLN A 74 -25.71 24.98 -80.88
C GLN A 74 -26.03 26.46 -80.63
N PRO A 75 -27.13 27.11 -81.09
CA PRO A 75 -27.39 28.48 -80.62
C PRO A 75 -27.47 28.46 -79.11
N ASN A 76 -26.61 29.23 -78.44
CA ASN A 76 -26.12 30.56 -78.83
C ASN A 76 -24.96 30.73 -79.81
N GLU A 77 -25.33 31.24 -80.99
CA GLU A 77 -24.41 31.93 -81.89
C GLU A 77 -24.31 33.41 -81.54
N ALA A 78 -25.04 33.86 -80.52
CA ALA A 78 -25.17 35.28 -80.25
C ALA A 78 -23.87 35.86 -79.73
N ILE A 79 -23.15 35.10 -78.89
CA ILE A 79 -21.84 35.54 -78.43
C ILE A 79 -20.85 35.51 -79.60
N ARG A 80 -20.96 34.49 -80.46
CA ARG A 80 -20.17 34.44 -81.68
C ARG A 80 -20.48 35.62 -82.59
N SER A 81 -21.76 35.99 -82.70
CA SER A 81 -22.12 37.17 -83.47
C SER A 81 -21.69 38.46 -82.81
N LEU A 82 -21.65 38.50 -81.47
CA LEU A 82 -21.27 39.72 -80.77
C LEU A 82 -19.78 40.00 -80.88
N VAL A 83 -18.97 38.97 -81.13
CA VAL A 83 -17.52 39.16 -81.23
C VAL A 83 -17.15 39.90 -82.50
N GLU A 84 -17.66 39.43 -83.65
CA GLU A 84 -17.30 40.02 -84.93
C GLU A 84 -17.82 41.44 -85.09
N VAL A 85 -18.91 41.79 -84.41
CA VAL A 85 -19.32 43.18 -84.34
C VAL A 85 -18.36 43.97 -83.48
N SER A 86 -17.97 43.41 -82.33
CA SER A 86 -17.04 44.09 -81.43
C SER A 86 -15.59 43.95 -81.84
N ASP A 87 -15.29 43.20 -82.91
CA ASP A 87 -13.91 43.06 -83.34
C ASP A 87 -13.46 44.30 -84.10
N LYS A 88 -14.38 45.17 -84.48
CA LYS A 88 -14.05 46.41 -85.16
C LYS A 88 -13.76 47.53 -84.16
N LEU B 3 34.74 -28.73 -123.30
CA LEU B 3 34.81 -27.25 -123.19
C LEU B 3 36.08 -26.88 -122.40
N HIS B 4 37.19 -27.54 -122.74
CA HIS B 4 38.47 -27.28 -122.06
C HIS B 4 38.92 -25.83 -122.29
N MET B 5 38.70 -25.31 -123.51
CA MET B 5 39.46 -24.12 -123.99
C MET B 5 39.15 -22.85 -123.19
N ILE B 6 37.88 -22.62 -122.78
CA ILE B 6 37.37 -21.39 -122.08
C ILE B 6 37.50 -20.23 -123.06
N PRO B 7 36.47 -19.91 -123.87
CA PRO B 7 36.66 -18.94 -124.97
C PRO B 7 36.84 -17.46 -124.63
N GLN B 8 36.72 -17.07 -123.36
CA GLN B 8 37.25 -15.79 -122.92
C GLN B 8 38.77 -15.73 -123.06
N VAL B 9 39.44 -16.88 -122.99
CA VAL B 9 40.88 -16.93 -123.21
C VAL B 9 41.20 -16.68 -124.68
N ALA B 10 40.44 -17.30 -125.58
CA ALA B 10 40.70 -17.15 -127.01
C ALA B 10 40.39 -15.76 -127.50
N HIS B 11 39.47 -15.05 -126.84
CA HIS B 11 39.24 -13.66 -127.17
C HIS B 11 40.42 -12.79 -126.74
N ALA B 12 41.20 -13.26 -125.76
CA ALA B 12 42.43 -12.56 -125.41
C ALA B 12 43.58 -12.96 -126.31
N MET B 13 43.48 -14.11 -127.00
CA MET B 13 44.51 -14.49 -127.96
C MET B 13 44.50 -13.56 -129.16
N VAL B 14 43.32 -13.33 -129.72
CA VAL B 14 43.20 -12.59 -130.97
C VAL B 14 43.47 -11.11 -130.75
N ARG B 15 43.01 -10.56 -129.63
CA ARG B 15 43.29 -9.16 -129.31
C ARG B 15 44.75 -8.91 -128.99
N ALA B 16 45.49 -9.94 -128.59
CA ALA B 16 46.93 -9.82 -128.42
C ALA B 16 47.69 -10.08 -129.72
N ALA B 17 47.01 -10.78 -130.64
CA ALA B 17 47.53 -11.03 -131.99
C ALA B 17 47.46 -9.76 -132.85
N ALA B 18 46.32 -9.04 -132.80
CA ALA B 18 46.14 -7.86 -133.68
C ALA B 18 47.16 -6.77 -133.36
N ALA B 19 47.30 -6.37 -132.10
CA ALA B 19 48.39 -5.44 -131.75
C ALA B 19 49.50 -6.41 -131.38
N GLY B 20 49.91 -7.23 -132.36
CA GLY B 20 50.76 -8.36 -131.98
C GLY B 20 51.56 -8.06 -130.74
N ARG B 21 51.47 -8.99 -129.81
CA ARG B 21 52.29 -9.11 -128.58
C ARG B 21 52.80 -10.53 -128.77
N LEU B 22 51.95 -11.51 -128.44
CA LEU B 22 52.15 -12.95 -128.80
C LEU B 22 53.58 -13.43 -128.59
N THR B 23 54.20 -13.21 -127.44
CA THR B 23 55.60 -13.70 -127.33
C THR B 23 55.58 -15.23 -127.45
N LEU B 24 56.42 -15.80 -128.31
CA LEU B 24 56.44 -17.29 -128.44
C LEU B 24 57.65 -17.80 -127.66
N TYR B 25 57.40 -18.66 -126.69
CA TYR B 25 58.50 -19.15 -125.84
C TYR B 25 58.79 -20.61 -126.15
N THR B 26 60.06 -20.98 -126.04
CA THR B 26 60.50 -22.34 -126.28
C THR B 26 60.37 -23.16 -125.01
N ARG B 27 60.82 -24.42 -125.07
CA ARG B 27 60.79 -25.28 -123.90
C ARG B 27 61.83 -24.90 -122.86
N THR B 28 62.92 -24.27 -123.27
CA THR B 28 63.94 -23.79 -122.35
C THR B 28 63.68 -22.36 -121.88
N ARG B 29 62.41 -21.92 -121.99
CA ARG B 29 61.90 -20.68 -121.41
C ARG B 29 62.57 -19.45 -122.01
N THR B 30 62.98 -19.54 -123.26
CA THR B 30 63.52 -18.41 -124.01
C THR B 30 62.58 -18.07 -125.15
N GLU B 31 62.44 -16.79 -125.46
CA GLU B 31 61.51 -16.37 -126.48
C GLU B 31 62.17 -16.45 -127.86
N THR B 32 61.41 -16.97 -128.83
CA THR B 32 61.78 -16.98 -130.23
C THR B 32 60.60 -16.51 -131.06
N THR B 33 60.83 -16.35 -132.35
CA THR B 33 59.81 -15.89 -133.29
C THR B 33 59.62 -16.84 -134.46
N ASN B 34 59.93 -18.12 -134.31
CA ASN B 34 59.94 -19.03 -135.44
C ASN B 34 58.83 -20.09 -135.41
N PHE B 35 58.25 -20.34 -134.23
CA PHE B 35 57.15 -21.27 -133.93
C PHE B 35 57.59 -22.75 -134.02
N ASP B 36 58.79 -23.01 -134.54
CA ASP B 36 59.21 -24.39 -134.70
C ASP B 36 59.81 -24.93 -133.40
N HIS B 37 60.60 -24.12 -132.72
CA HIS B 37 61.15 -24.50 -131.43
C HIS B 37 60.30 -24.04 -130.27
N ALA B 38 59.24 -23.28 -130.52
CA ALA B 38 58.49 -22.64 -129.46
C ALA B 38 57.36 -23.53 -128.97
N GLU B 39 57.12 -23.51 -127.66
CA GLU B 39 56.00 -24.21 -127.05
C GLU B 39 55.00 -23.26 -126.41
N TYR B 40 55.45 -22.34 -125.56
CA TYR B 40 54.54 -21.53 -124.79
C TYR B 40 54.13 -20.30 -125.59
N VAL B 41 52.88 -19.89 -125.41
CA VAL B 41 52.29 -18.77 -126.15
C VAL B 41 51.63 -17.83 -125.14
N THR B 42 52.06 -16.57 -125.13
CA THR B 42 51.60 -15.59 -124.15
C THR B 42 50.78 -14.49 -124.81
N CYS B 43 50.31 -13.55 -123.99
CA CYS B 43 49.65 -12.36 -124.50
C CYS B 43 50.35 -11.03 -124.18
N GLY B 44 50.59 -10.66 -122.90
CA GLY B 44 50.85 -11.45 -121.69
C GLY B 44 49.85 -11.54 -120.55
N ARG B 45 48.59 -11.80 -120.84
CA ARG B 45 47.72 -12.28 -119.78
C ARG B 45 47.89 -13.78 -119.62
N TYR B 46 47.49 -14.55 -120.63
CA TYR B 46 47.35 -15.98 -120.50
C TYR B 46 48.47 -16.72 -121.22
N THR B 47 48.78 -17.93 -120.74
CA THR B 47 49.85 -18.75 -121.29
C THR B 47 49.31 -20.11 -121.69
N ILE B 48 49.65 -20.54 -122.90
CA ILE B 48 49.20 -21.81 -123.47
C ILE B 48 50.39 -22.49 -124.14
N CYS B 49 50.65 -23.74 -123.76
CA CYS B 49 51.63 -24.52 -124.50
C CYS B 49 51.02 -24.93 -125.84
N ALA B 50 51.80 -24.77 -126.92
CA ALA B 50 51.23 -24.99 -128.25
C ALA B 50 50.99 -26.46 -128.54
N PHE B 51 51.61 -27.36 -127.79
CA PHE B 51 51.45 -28.78 -128.07
C PHE B 51 50.11 -29.29 -127.55
N CYS B 52 49.93 -29.25 -126.23
CA CYS B 52 48.70 -29.75 -125.64
C CYS B 52 47.53 -28.79 -125.84
N LEU B 53 47.84 -27.50 -126.03
CA LEU B 53 46.88 -26.41 -126.26
C LEU B 53 45.88 -26.29 -125.11
N THR B 54 46.40 -26.08 -123.91
CA THR B 54 45.62 -25.82 -122.71
C THR B 54 46.17 -24.59 -122.01
N THR B 55 45.31 -23.92 -121.26
CA THR B 55 45.75 -22.75 -120.51
C THR B 55 46.64 -23.18 -119.34
N LEU B 56 47.67 -22.41 -119.09
CA LEU B 56 48.61 -22.81 -118.06
C LEU B 56 48.67 -21.84 -116.89
N ALA B 57 48.93 -20.58 -117.18
CA ALA B 57 49.00 -19.60 -116.07
C ALA B 57 48.54 -18.25 -116.57
N PRO B 58 47.90 -17.40 -115.76
CA PRO B 58 47.50 -16.09 -116.24
C PRO B 58 48.65 -15.08 -116.12
N HIS B 59 49.80 -15.49 -115.57
CA HIS B 59 50.89 -14.51 -115.29
C HIS B 59 52.01 -14.42 -116.35
N ALA B 60 51.95 -15.14 -117.47
CA ALA B 60 53.03 -15.08 -118.50
C ALA B 60 54.37 -15.37 -117.83
N ASN B 61 55.39 -14.52 -118.03
CA ASN B 61 56.70 -14.70 -117.34
C ASN B 61 56.92 -16.20 -117.16
N VAL B 62 56.59 -16.94 -118.21
CA VAL B 62 56.59 -18.41 -118.27
C VAL B 62 57.78 -19.08 -117.59
N LYS B 63 58.69 -18.29 -117.02
CA LYS B 63 59.80 -18.85 -116.24
C LYS B 63 59.31 -19.59 -115.00
N THR B 64 58.13 -19.25 -114.51
CA THR B 64 57.56 -19.88 -113.33
C THR B 64 56.39 -20.80 -113.63
N ILE B 65 56.43 -21.58 -114.71
CA ILE B 65 55.34 -22.50 -115.04
C ILE B 65 55.87 -23.92 -115.05
N GLN B 66 55.13 -24.85 -114.44
CA GLN B 66 55.42 -26.27 -114.48
C GLN B 66 54.47 -26.95 -115.46
N ASP B 67 55.02 -27.83 -116.31
CA ASP B 67 54.21 -28.52 -117.32
C ASP B 67 54.97 -29.76 -117.78
N SER B 68 54.22 -30.76 -118.23
CA SER B 68 54.78 -31.99 -118.79
C SER B 68 53.95 -32.43 -119.99
N HIS B 69 54.33 -31.96 -121.19
CA HIS B 69 53.75 -32.44 -122.43
C HIS B 69 54.84 -32.46 -123.48
N ALA B 70 54.62 -33.26 -124.53
CA ALA B 70 55.61 -33.39 -125.60
C ALA B 70 54.91 -33.87 -126.86
N CYS B 71 54.98 -33.09 -127.93
CA CYS B 71 54.45 -33.47 -129.23
C CYS B 71 55.15 -32.63 -130.30
N SER B 72 54.55 -32.58 -131.50
CA SER B 72 55.11 -31.77 -132.60
C SER B 72 54.02 -31.04 -133.40
N ARG B 73 52.85 -30.78 -132.79
CA ARG B 73 51.72 -30.19 -133.56
C ARG B 73 51.27 -28.83 -133.01
N GLN B 74 50.61 -28.28 -131.85
CA GLN B 74 49.30 -27.58 -132.03
C GLN B 74 49.41 -26.22 -132.74
N PRO B 75 48.93 -26.54 -134.31
CA PRO B 75 48.82 -25.40 -135.22
C PRO B 75 47.41 -25.26 -135.83
N ASN B 76 46.72 -24.14 -135.58
CA ASN B 76 46.99 -22.79 -136.07
C ASN B 76 48.36 -22.12 -135.90
N GLU B 77 49.02 -21.96 -137.04
CA GLU B 77 50.08 -20.98 -137.23
C GLU B 77 49.50 -19.63 -137.64
N ALA B 78 48.18 -19.54 -137.79
CA ALA B 78 47.56 -18.35 -138.37
C ALA B 78 47.66 -17.16 -137.44
N ILE B 79 47.52 -17.38 -136.14
CA ILE B 79 47.72 -16.31 -135.17
C ILE B 79 49.19 -15.93 -135.11
N ARG B 80 50.08 -16.93 -135.21
CA ARG B 80 51.51 -16.66 -135.33
C ARG B 80 51.83 -15.87 -136.59
N SER B 81 51.17 -16.21 -137.70
CA SER B 81 51.35 -15.44 -138.92
C SER B 81 50.73 -14.06 -138.84
N LEU B 82 49.63 -13.91 -138.09
CA LEU B 82 48.97 -12.61 -137.99
C LEU B 82 49.76 -11.61 -137.15
N VAL B 83 50.62 -12.11 -136.25
CA VAL B 83 51.40 -11.23 -135.39
C VAL B 83 52.48 -10.49 -136.20
N GLU B 84 53.27 -11.24 -136.97
CA GLU B 84 54.38 -10.65 -137.71
C GLU B 84 53.91 -9.71 -138.80
N VAL B 85 52.71 -9.91 -139.34
CA VAL B 85 52.13 -8.92 -140.23
C VAL B 85 51.73 -7.69 -139.43
N SER B 86 51.11 -7.88 -138.27
CA SER B 86 50.69 -6.76 -137.44
C SER B 86 51.81 -6.18 -136.60
N ASP B 87 53.01 -6.75 -136.65
CA ASP B 87 54.12 -6.20 -135.87
C ASP B 87 54.69 -4.96 -136.54
N LYS B 88 54.32 -4.71 -137.80
CA LYS B 88 54.76 -3.53 -138.51
C LYS B 88 53.83 -2.35 -138.26
N LEU C 3 -65.12 17.40 -64.80
CA LEU C 3 -65.62 18.08 -65.97
C LEU C 3 -64.78 19.32 -66.27
N HIS C 4 -64.55 19.50 -67.57
CA HIS C 4 -63.79 20.62 -68.19
C HIS C 4 -64.75 21.78 -68.45
N MET C 5 -64.26 22.99 -68.24
CA MET C 5 -64.74 24.28 -68.83
C MET C 5 -65.85 24.86 -67.95
N ILE C 6 -66.38 24.10 -66.99
CA ILE C 6 -67.26 24.81 -66.05
C ILE C 6 -67.68 26.17 -66.59
N PRO C 7 -68.74 26.24 -67.43
CA PRO C 7 -68.99 27.39 -68.32
C PRO C 7 -69.07 28.80 -67.70
N GLN C 8 -69.01 28.90 -66.37
CA GLN C 8 -68.70 30.18 -65.75
C GLN C 8 -67.30 30.65 -66.09
N VAL C 9 -66.39 29.71 -66.38
CA VAL C 9 -65.05 30.07 -66.82
C VAL C 9 -65.08 30.64 -68.23
N ALA C 10 -65.85 30.01 -69.12
CA ALA C 10 -65.91 30.47 -70.51
C ALA C 10 -66.61 31.80 -70.64
N HIS C 11 -67.51 32.13 -69.71
CA HIS C 11 -68.10 33.45 -69.68
C HIS C 11 -67.08 34.50 -69.26
N ALA C 12 -66.04 34.08 -68.54
CA ALA C 12 -64.95 35.00 -68.23
C ALA C 12 -63.93 35.07 -69.36
N MET C 13 -63.91 34.07 -70.25
CA MET C 13 -63.03 34.13 -71.42
C MET C 13 -63.48 35.23 -72.37
N VAL C 14 -64.78 35.24 -72.68
CA VAL C 14 -65.30 36.13 -73.71
C VAL C 14 -65.32 37.58 -73.22
N ARG C 15 -65.66 37.79 -71.94
CA ARG C 15 -65.63 39.13 -71.39
C ARG C 15 -64.23 39.68 -71.23
N ALA C 16 -63.27 38.76 -71.08
CA ALA C 16 -61.86 39.16 -71.10
C ALA C 16 -61.53 39.58 -72.53
N ALA C 17 -62.03 38.80 -73.48
CA ALA C 17 -61.79 39.03 -74.93
C ALA C 17 -62.44 40.30 -75.47
N ALA C 18 -63.68 40.61 -75.07
CA ALA C 18 -64.43 41.71 -75.72
C ALA C 18 -63.75 43.08 -75.59
N ALA C 19 -63.30 43.49 -74.40
CA ALA C 19 -62.17 44.45 -74.34
C ALA C 19 -60.94 43.58 -74.38
N GLY C 20 -60.65 43.01 -75.54
CA GLY C 20 -59.64 41.94 -75.44
C GLY C 20 -58.55 42.26 -74.47
N ARG C 21 -58.40 41.37 -73.49
CA ARG C 21 -57.25 41.49 -72.57
C ARG C 21 -56.47 40.19 -72.79
N LEU C 22 -57.10 39.07 -72.42
CA LEU C 22 -56.47 37.75 -72.62
C LEU C 22 -55.08 37.77 -72.00
N THR C 23 -54.08 37.61 -72.87
CA THR C 23 -52.58 37.52 -72.77
C THR C 23 -52.24 36.05 -73.05
N LEU C 24 -51.43 35.82 -74.08
CA LEU C 24 -51.11 34.41 -74.39
C LEU C 24 -49.69 34.17 -73.90
N TYR C 25 -49.55 33.20 -73.00
CA TYR C 25 -48.23 32.86 -72.46
C TYR C 25 -47.70 31.60 -73.12
N THR C 26 -46.38 31.55 -73.28
CA THR C 26 -45.70 30.41 -73.88
C THR C 26 -45.41 29.37 -72.80
N ARG C 27 -44.71 28.30 -73.20
CA ARG C 27 -44.33 27.27 -72.24
C ARG C 27 -43.20 27.72 -71.32
N THR C 28 -42.38 28.67 -71.75
CA THR C 28 -41.32 29.22 -70.91
C THR C 28 -41.80 30.42 -70.11
N ARG C 29 -43.13 30.54 -69.92
CA ARG C 29 -43.78 31.51 -69.02
C ARG C 29 -43.52 32.95 -69.43
N THR C 30 -43.36 33.19 -70.73
CA THR C 30 -43.24 34.53 -71.27
C THR C 30 -44.43 34.80 -72.17
N GLU C 31 -44.90 36.05 -72.16
CA GLU C 31 -46.09 36.39 -72.93
C GLU C 31 -45.71 36.71 -74.38
N THR C 32 -46.51 36.19 -75.30
CA THR C 32 -46.42 36.52 -76.71
C THR C 32 -47.83 36.82 -77.23
N THR C 33 -47.89 37.26 -78.48
CA THR C 33 -49.15 37.60 -79.14
C THR C 33 -49.35 36.85 -80.45
N ASN C 34 -48.75 35.68 -80.62
CA ASN C 34 -48.77 35.01 -81.91
C ASN C 34 -49.58 33.73 -81.94
N PHE C 35 -49.85 33.12 -80.78
CA PHE C 35 -50.65 31.91 -80.53
C PHE C 35 -49.92 30.64 -80.99
N ASP C 36 -48.82 30.78 -81.73
CA ASP C 36 -48.15 29.60 -82.24
C ASP C 36 -47.20 29.01 -81.21
N HIS C 37 -46.50 29.87 -80.48
CA HIS C 37 -45.62 29.42 -79.40
C HIS C 37 -46.31 29.45 -78.05
N ALA C 38 -47.54 29.94 -77.99
CA ALA C 38 -48.19 30.17 -76.70
C ALA C 38 -48.99 28.95 -76.25
N GLU C 39 -48.96 28.69 -74.95
CA GLU C 39 -49.76 27.64 -74.35
C GLU C 39 -50.79 28.17 -73.38
N TYR C 40 -50.39 29.01 -72.43
CA TYR C 40 -51.29 29.42 -71.38
C TYR C 40 -52.11 30.62 -71.81
N VAL C 41 -53.36 30.68 -71.37
CA VAL C 41 -54.31 31.71 -71.74
C VAL C 41 -54.94 32.27 -70.48
N THR C 42 -54.81 33.57 -70.26
CA THR C 42 -55.27 34.21 -69.03
C THR C 42 -56.42 35.17 -69.31
N CYS C 43 -56.91 35.80 -68.24
CA CYS C 43 -57.91 36.86 -68.38
C CYS C 43 -57.46 38.24 -67.89
N GLY C 44 -57.06 38.43 -66.61
CA GLY C 44 -56.41 37.54 -65.66
C GLY C 44 -57.12 37.01 -64.42
N ARG C 45 -58.32 36.49 -64.57
CA ARG C 45 -58.85 35.63 -63.52
C ARG C 45 -58.32 34.21 -63.72
N TYR C 46 -58.73 33.55 -64.80
CA TYR C 46 -58.54 32.12 -64.96
C TYR C 46 -57.45 31.83 -65.99
N THR C 47 -56.78 30.69 -65.82
CA THR C 47 -55.69 30.27 -66.70
C THR C 47 -55.99 28.90 -67.29
N ILE C 48 -55.80 28.80 -68.61
CA ILE C 48 -56.08 27.57 -69.36
C ILE C 48 -54.93 27.35 -70.33
N CYS C 49 -54.33 26.15 -70.28
CA CYS C 49 -53.36 25.78 -71.30
C CYS C 49 -54.11 25.47 -72.59
N ALA C 50 -53.63 26.02 -73.71
CA ALA C 50 -54.37 25.89 -74.96
C ALA C 50 -54.34 24.48 -75.53
N PHE C 51 -53.40 23.65 -75.09
CA PHE C 51 -53.30 22.30 -75.63
C PHE C 51 -54.37 21.40 -75.05
N CYS C 52 -54.31 21.16 -73.73
CA CYS C 52 -55.26 20.26 -73.10
C CYS C 52 -56.61 20.92 -72.91
N LEU C 53 -56.64 22.25 -72.86
CA LEU C 53 -57.84 23.09 -72.71
C LEU C 53 -58.59 22.75 -71.42
N THR C 54 -57.90 22.88 -70.29
CA THR C 54 -58.48 22.71 -68.97
C THR C 54 -58.08 23.90 -68.10
N THR C 55 -58.90 24.20 -67.10
CA THR C 55 -58.59 25.29 -66.19
C THR C 55 -57.42 24.90 -65.28
N LEU C 56 -56.55 25.86 -65.04
CA LEU C 56 -55.36 25.53 -64.27
C LEU C 56 -55.28 26.26 -62.94
N ALA C 57 -55.54 27.56 -62.90
CA ALA C 57 -55.40 28.25 -61.60
C ALA C 57 -56.60 29.16 -61.33
N PRO C 58 -56.73 29.70 -60.11
CA PRO C 58 -57.83 30.59 -59.74
C PRO C 58 -57.34 32.04 -59.79
N HIS C 59 -56.25 32.27 -60.53
CA HIS C 59 -55.61 33.58 -60.76
C HIS C 59 -54.87 33.52 -62.09
N ALA C 60 -54.14 34.59 -62.43
CA ALA C 60 -53.37 34.56 -63.69
C ALA C 60 -51.96 34.07 -63.37
N ASN C 61 -51.08 35.05 -63.27
CA ASN C 61 -49.64 35.07 -63.03
C ASN C 61 -49.07 33.65 -63.09
N VAL C 62 -49.04 33.15 -64.34
CA VAL C 62 -48.73 31.77 -64.70
C VAL C 62 -47.31 31.32 -64.37
N LYS C 63 -46.50 32.20 -63.78
CA LYS C 63 -45.16 31.81 -63.33
C LYS C 63 -45.23 30.77 -62.22
N THR C 64 -46.34 30.70 -61.49
CA THR C 64 -46.52 29.76 -60.40
C THR C 64 -47.50 28.63 -60.72
N ILE C 65 -47.50 28.10 -61.94
CA ILE C 65 -48.40 27.01 -62.30
C ILE C 65 -47.58 25.78 -62.70
N GLN C 66 -47.98 24.61 -62.18
CA GLN C 66 -47.38 23.34 -62.58
C GLN C 66 -48.34 22.61 -63.53
N ASP C 67 -47.81 22.06 -64.62
CA ASP C 67 -48.61 21.39 -65.62
C ASP C 67 -47.71 20.47 -66.45
N SER C 68 -48.31 19.41 -66.99
CA SER C 68 -47.60 18.48 -67.88
C SER C 68 -48.53 18.06 -69.01
N HIS C 69 -48.52 18.80 -70.11
CA HIS C 69 -49.21 18.42 -71.33
C HIS C 69 -48.35 18.86 -72.51
N ALA C 70 -48.60 18.24 -73.67
CA ALA C 70 -47.84 18.54 -74.87
C ALA C 70 -48.65 18.12 -76.10
N CYS C 71 -49.03 19.06 -76.96
CA CYS C 71 -49.79 18.62 -78.16
C CYS C 71 -49.90 19.73 -79.21
N SER C 72 -50.33 19.42 -80.43
CA SER C 72 -50.33 20.49 -81.46
C SER C 72 -51.71 21.18 -81.57
N ARG C 73 -52.76 20.35 -81.56
CA ARG C 73 -54.17 20.57 -82.05
C ARG C 73 -55.13 21.70 -81.61
N GLN C 74 -55.30 22.05 -80.33
CA GLN C 74 -56.50 22.90 -79.99
C GLN C 74 -56.66 24.24 -80.72
N PRO C 75 -57.81 24.47 -81.42
CA PRO C 75 -58.25 25.72 -82.05
C PRO C 75 -59.79 25.94 -82.03
N ASN C 76 -60.31 26.83 -81.18
CA ASN C 76 -60.45 28.28 -81.40
C ASN C 76 -59.25 29.23 -81.29
N GLU C 77 -58.87 29.74 -82.46
CA GLU C 77 -58.13 30.98 -82.59
C GLU C 77 -59.04 32.19 -82.60
N ALA C 78 -60.36 31.97 -82.53
CA ALA C 78 -61.32 33.04 -82.75
C ALA C 78 -61.30 34.05 -81.61
N ILE C 79 -61.13 33.57 -80.38
CA ILE C 79 -60.99 34.47 -79.25
C ILE C 79 -59.66 35.19 -79.32
N ARG C 80 -58.61 34.49 -79.76
CA ARG C 80 -57.32 35.13 -80.03
C ARG C 80 -57.43 36.18 -81.12
N SER C 81 -58.21 35.88 -82.17
CA SER C 81 -58.44 36.87 -83.22
C SER C 81 -59.33 38.02 -82.74
N LEU C 82 -60.25 37.75 -81.82
CA LEU C 82 -61.15 38.79 -81.35
C LEU C 82 -60.45 39.79 -80.44
N VAL C 83 -59.34 39.39 -79.81
CA VAL C 83 -58.62 40.28 -78.91
C VAL C 83 -57.91 41.38 -79.68
N GLU C 84 -57.14 41.01 -80.71
CA GLU C 84 -56.35 41.98 -81.45
C GLU C 84 -57.22 42.96 -82.25
N VAL C 85 -58.42 42.54 -82.62
CA VAL C 85 -59.38 43.50 -83.19
C VAL C 85 -59.88 44.44 -82.09
N SER C 86 -60.19 43.89 -80.92
CA SER C 86 -60.68 44.71 -79.82
C SER C 86 -59.57 45.39 -79.04
N ASP C 87 -58.30 45.16 -79.39
CA ASP C 87 -57.22 45.83 -78.69
C ASP C 87 -57.07 47.27 -79.15
N LYS C 88 -57.72 47.63 -80.25
CA LYS C 88 -57.70 48.99 -80.76
C LYS C 88 -58.79 49.83 -80.13
N LEU D 3 -45.48 39.82 -20.31
CA LEU D 3 -44.71 40.96 -20.77
C LEU D 3 -45.52 42.24 -20.58
N HIS D 4 -44.83 43.27 -20.11
CA HIS D 4 -45.42 44.61 -19.79
C HIS D 4 -45.75 45.42 -21.05
N MET D 5 -46.84 46.19 -20.97
CA MET D 5 -47.30 47.22 -21.95
C MET D 5 -47.82 46.67 -23.29
N ILE D 6 -46.97 45.94 -24.01
CA ILE D 6 -47.26 45.54 -25.43
C ILE D 6 -47.23 46.85 -26.23
N PRO D 7 -46.12 47.16 -26.93
CA PRO D 7 -45.93 48.52 -27.48
C PRO D 7 -47.02 49.12 -28.36
N GLN D 8 -48.05 48.35 -28.70
CA GLN D 8 -49.29 48.95 -29.21
C GLN D 8 -49.96 49.83 -28.16
N VAL D 9 -49.74 49.53 -26.88
CA VAL D 9 -50.25 50.37 -25.80
C VAL D 9 -49.50 51.70 -25.76
N ALA D 10 -48.17 51.65 -25.89
CA ALA D 10 -47.36 52.86 -25.81
C ALA D 10 -47.58 53.76 -27.02
N HIS D 11 -47.97 53.19 -28.15
CA HIS D 11 -48.34 54.01 -29.29
C HIS D 11 -49.66 54.73 -29.04
N ALA D 12 -50.49 54.19 -28.15
CA ALA D 12 -51.70 54.90 -27.73
C ALA D 12 -51.41 55.91 -26.63
N MET D 13 -50.29 55.76 -25.92
CA MET D 13 -49.91 56.76 -24.92
C MET D 13 -49.54 58.07 -25.58
N VAL D 14 -48.68 58.00 -26.60
CA VAL D 14 -48.12 59.20 -27.21
C VAL D 14 -49.18 59.93 -28.04
N ARG D 15 -50.03 59.19 -28.74
CA ARG D 15 -51.10 59.81 -29.51
C ARG D 15 -52.17 60.43 -28.62
N ALA D 16 -52.27 59.99 -27.37
CA ALA D 16 -53.15 60.65 -26.41
C ALA D 16 -52.47 61.80 -25.70
N ALA D 17 -51.15 61.85 -25.86
CA ALA D 17 -50.28 62.89 -25.26
C ALA D 17 -49.85 63.91 -26.33
N ALA D 18 -49.93 63.55 -27.62
CA ALA D 18 -49.60 64.52 -28.69
C ALA D 18 -50.63 65.64 -28.58
N ALA D 19 -51.88 65.25 -28.44
CA ALA D 19 -53.00 66.15 -28.07
C ALA D 19 -53.27 65.66 -26.65
N GLY D 20 -53.07 66.50 -25.63
CA GLY D 20 -53.16 65.93 -24.28
C GLY D 20 -54.59 65.61 -23.88
N ARG D 21 -54.91 64.31 -23.83
CA ARG D 21 -56.27 63.93 -23.37
C ARG D 21 -56.08 63.26 -22.00
N LEU D 22 -55.22 62.24 -21.96
CA LEU D 22 -54.77 61.40 -20.80
C LEU D 22 -55.52 61.71 -19.50
N THR D 23 -54.97 62.69 -18.76
CA THR D 23 -55.21 63.09 -17.34
C THR D 23 -54.43 62.18 -16.38
N LEU D 24 -54.39 62.56 -15.10
CA LEU D 24 -53.68 61.72 -14.11
C LEU D 24 -54.66 61.42 -12.97
N TYR D 25 -54.92 60.14 -12.71
CA TYR D 25 -55.79 59.83 -11.58
C TYR D 25 -54.96 59.46 -10.37
N THR D 26 -55.46 59.82 -9.20
CA THR D 26 -54.80 59.52 -7.93
C THR D 26 -55.21 58.14 -7.44
N ARG D 27 -54.76 57.77 -6.25
CA ARG D 27 -55.12 56.49 -5.68
C ARG D 27 -56.56 56.46 -5.17
N THR D 28 -57.12 57.62 -4.82
CA THR D 28 -58.51 57.71 -4.41
C THR D 28 -59.45 57.97 -5.59
N ARG D 29 -58.99 57.65 -6.80
CA ARG D 29 -59.78 57.61 -8.03
C ARG D 29 -60.32 58.99 -8.41
N THR D 30 -59.58 60.03 -8.06
CA THR D 30 -59.90 61.39 -8.46
C THR D 30 -58.81 61.90 -9.38
N GLU D 31 -59.19 62.71 -10.37
CA GLU D 31 -58.23 63.18 -11.34
C GLU D 31 -57.53 64.44 -10.83
N THR D 32 -56.21 64.48 -11.03
CA THR D 32 -55.40 65.65 -10.77
C THR D 32 -54.48 65.89 -11.95
N THR D 33 -53.76 67.01 -11.91
CA THR D 33 -52.84 67.39 -12.97
C THR D 33 -51.43 67.64 -12.46
N ASN D 34 -51.03 67.05 -11.35
CA ASN D 34 -49.76 67.38 -10.72
C ASN D 34 -48.71 66.29 -10.79
N PHE D 35 -49.12 65.04 -11.01
CA PHE D 35 -48.32 63.81 -11.16
C PHE D 35 -47.71 63.35 -9.83
N ASP D 36 -47.79 64.17 -8.79
CA ASP D 36 -47.17 63.80 -7.52
C ASP D 36 -48.10 62.91 -6.71
N HIS D 37 -49.39 63.22 -6.70
CA HIS D 37 -50.37 62.39 -6.02
C HIS D 37 -51.03 61.38 -6.95
N ALA D 38 -50.71 61.42 -8.23
CA ALA D 38 -51.43 60.62 -9.21
C ALA D 38 -50.76 59.26 -9.40
N GLU D 39 -51.59 58.24 -9.59
CA GLU D 39 -51.13 56.90 -9.90
C GLU D 39 -51.58 56.43 -11.27
N TYR D 40 -52.86 56.51 -11.56
CA TYR D 40 -53.38 55.93 -12.78
C TYR D 40 -53.26 56.91 -13.94
N VAL D 41 -52.99 56.38 -15.13
CA VAL D 41 -52.76 57.17 -16.33
C VAL D 41 -53.64 56.61 -17.44
N THR D 42 -54.50 57.44 -18.01
CA THR D 42 -55.46 57.01 -19.01
C THR D 42 -55.17 57.63 -20.37
N CYS D 43 -56.02 57.30 -21.34
CA CYS D 43 -55.95 57.93 -22.66
C CYS D 43 -57.20 58.73 -23.07
N GLY D 44 -58.41 58.13 -23.13
CA GLY D 44 -58.98 57.00 -22.40
C GLY D 44 -59.26 55.66 -23.04
N ARG D 45 -58.31 55.11 -23.77
CA ARG D 45 -58.39 53.70 -24.06
C ARG D 45 -57.80 52.90 -22.90
N TYR D 46 -56.51 53.03 -22.66
CA TYR D 46 -55.79 52.14 -21.77
C TYR D 46 -55.44 52.83 -20.46
N THR D 47 -55.33 52.03 -19.38
CA THR D 47 -55.03 52.53 -18.05
C THR D 47 -53.78 51.87 -17.50
N ILE D 48 -52.87 52.68 -16.96
CA ILE D 48 -51.59 52.21 -16.43
C ILE D 48 -51.34 52.93 -15.11
N CYS D 49 -51.10 52.17 -14.05
CA CYS D 49 -50.64 52.77 -12.80
C CYS D 49 -49.20 53.21 -12.97
N ALA D 50 -48.89 54.44 -12.54
CA ALA D 50 -47.56 54.98 -12.80
C ALA D 50 -46.48 54.33 -11.96
N PHE D 51 -46.85 53.65 -10.89
CA PHE D 51 -45.85 53.05 -10.02
C PHE D 51 -45.30 51.77 -10.63
N CYS D 52 -46.16 50.76 -10.78
CA CYS D 52 -45.72 49.48 -11.31
C CYS D 52 -45.52 49.54 -12.82
N LEU D 53 -46.20 50.47 -13.49
CA LEU D 53 -46.12 50.71 -14.94
C LEU D 53 -46.52 49.46 -15.73
N THR D 54 -47.73 48.98 -15.49
CA THR D 54 -48.32 47.88 -16.23
C THR D 54 -49.73 48.27 -16.67
N THR D 55 -50.19 47.67 -17.74
CA THR D 55 -51.53 47.93 -18.23
C THR D 55 -52.56 47.32 -17.29
N LEU D 56 -53.63 48.05 -17.08
CA LEU D 56 -54.61 47.59 -16.11
C LEU D 56 -55.97 47.28 -16.72
N ALA D 57 -56.62 48.30 -17.29
CA ALA D 57 -57.93 48.09 -17.92
C ALA D 57 -58.02 48.93 -19.19
N PRO D 58 -58.35 48.32 -20.34
CA PRO D 58 -58.51 49.04 -21.60
C PRO D 58 -59.70 49.99 -21.48
N HIS D 59 -60.68 49.62 -20.67
CA HIS D 59 -61.77 50.58 -20.39
C HIS D 59 -61.18 51.66 -19.46
N ALA D 60 -61.76 52.86 -19.45
CA ALA D 60 -61.26 53.91 -18.52
C ALA D 60 -62.15 53.91 -17.28
N ASN D 61 -62.56 55.09 -16.79
CA ASN D 61 -63.44 55.18 -15.60
C ASN D 61 -62.72 54.45 -14.46
N VAL D 62 -61.40 54.61 -14.42
CA VAL D 62 -60.61 53.91 -13.40
C VAL D 62 -61.31 53.68 -12.07
N LYS D 63 -62.57 54.13 -11.96
CA LYS D 63 -63.36 53.85 -10.76
C LYS D 63 -63.63 52.35 -10.59
N THR D 64 -63.56 51.58 -11.67
CA THR D 64 -63.80 50.15 -11.64
C THR D 64 -62.54 49.31 -11.85
N ILE D 65 -61.41 49.71 -11.29
CA ILE D 65 -60.17 48.94 -11.45
C ILE D 65 -59.68 48.49 -10.07
N GLN D 66 -59.28 47.22 -9.96
CA GLN D 66 -58.67 46.69 -8.75
C GLN D 66 -57.16 46.56 -8.98
N ASP D 67 -56.38 46.99 -7.99
CA ASP D 67 -54.92 46.96 -8.10
C ASP D 67 -54.31 47.02 -6.70
N SER D 68 -53.11 46.46 -6.56
CA SER D 68 -52.37 46.52 -5.30
C SER D 68 -50.89 46.74 -5.61
N HIS D 69 -50.47 48.00 -5.68
CA HIS D 69 -49.06 48.36 -5.78
C HIS D 69 -48.83 49.63 -4.97
N ALA D 70 -47.57 49.86 -4.60
CA ALA D 70 -47.23 51.04 -3.81
C ALA D 70 -45.75 51.34 -3.98
N CYS D 71 -45.45 52.45 -4.65
CA CYS D 71 -44.04 52.85 -4.89
C CYS D 71 -43.99 54.33 -5.29
N SER D 72 -42.80 54.94 -5.25
CA SER D 72 -42.63 56.37 -5.60
C SER D 72 -41.45 56.53 -6.57
N ARG D 73 -41.42 57.67 -7.28
CA ARG D 73 -40.41 58.12 -8.29
C ARG D 73 -40.70 57.43 -9.62
N GLN D 74 -41.11 58.20 -10.64
CA GLN D 74 -41.41 57.49 -11.92
C GLN D 74 -41.11 58.27 -13.20
N PRO D 75 -40.00 59.02 -13.40
CA PRO D 75 -39.76 59.54 -14.75
C PRO D 75 -39.74 58.36 -15.72
N ASN D 76 -40.62 58.37 -16.71
CA ASN D 76 -41.11 59.53 -17.46
C ASN D 76 -42.23 60.43 -16.94
N GLU D 77 -41.84 61.64 -16.58
CA GLU D 77 -42.72 62.79 -16.51
C GLU D 77 -42.84 63.48 -17.86
N ALA D 78 -42.14 62.98 -18.87
CA ALA D 78 -42.04 63.68 -20.15
C ALA D 78 -43.36 63.68 -20.90
N ILE D 79 -44.10 62.58 -20.82
CA ILE D 79 -45.43 62.53 -21.42
C ILE D 79 -46.38 63.42 -20.62
N ARG D 80 -46.23 63.41 -19.29
CA ARG D 80 -46.98 64.34 -18.44
C ARG D 80 -46.64 65.79 -18.77
N SER D 81 -45.37 66.08 -19.03
CA SER D 81 -44.99 67.42 -19.44
C SER D 81 -45.45 67.75 -20.84
N LEU D 82 -45.54 66.76 -21.73
CA LEU D 82 -45.95 67.01 -23.11
C LEU D 82 -47.43 67.31 -23.21
N VAL D 83 -48.24 66.85 -22.24
CA VAL D 83 -49.68 67.08 -22.28
C VAL D 83 -50.00 68.54 -22.02
N GLU D 84 -49.46 69.11 -20.94
CA GLU D 84 -49.78 70.48 -20.56
C GLU D 84 -49.26 71.50 -21.55
N VAL D 85 -48.19 71.17 -22.28
CA VAL D 85 -47.80 72.02 -23.41
C VAL D 85 -48.80 71.89 -24.54
N SER D 86 -49.22 70.67 -24.84
CA SER D 86 -50.17 70.43 -25.92
C SER D 86 -51.62 70.67 -25.50
N ASP D 87 -51.87 71.02 -24.23
CA ASP D 87 -53.24 71.29 -23.81
C ASP D 87 -53.68 72.68 -24.27
N LYS D 88 -52.74 73.50 -24.71
CA LYS D 88 -53.05 74.84 -25.22
C LYS D 88 -53.38 74.80 -26.70
N LEU E 3 -98.94 33.14 -24.27
CA LEU E 3 -99.27 34.53 -24.70
C LEU E 3 -99.85 34.47 -26.11
N HIS E 4 -101.05 35.04 -26.29
CA HIS E 4 -101.70 35.18 -27.63
C HIS E 4 -101.07 36.26 -28.52
N MET E 5 -100.70 37.43 -27.97
CA MET E 5 -100.32 38.58 -28.85
C MET E 5 -98.85 39.03 -28.82
N ILE E 6 -97.93 38.36 -28.12
CA ILE E 6 -96.55 38.87 -28.18
C ILE E 6 -96.51 40.34 -28.61
N PRO E 7 -96.70 41.31 -27.68
CA PRO E 7 -97.07 42.69 -28.04
C PRO E 7 -96.20 43.46 -29.03
N GLN E 8 -95.07 42.89 -29.46
CA GLN E 8 -94.41 43.38 -30.67
C GLN E 8 -95.28 43.18 -31.90
N VAL E 9 -96.17 42.19 -31.89
CA VAL E 9 -97.10 42.00 -32.99
C VAL E 9 -98.15 43.09 -32.98
N ALA E 10 -98.68 43.44 -31.81
CA ALA E 10 -99.72 44.46 -31.72
C ALA E 10 -99.19 45.84 -32.05
N HIS E 11 -97.90 46.08 -31.82
CA HIS E 11 -97.30 47.33 -32.25
C HIS E 11 -97.20 47.39 -33.76
N ALA E 12 -97.19 46.24 -34.43
CA ALA E 12 -97.25 46.22 -35.89
C ALA E 12 -98.69 46.30 -36.40
N MET E 13 -99.67 45.98 -35.54
CA MET E 13 -101.06 46.16 -35.94
C MET E 13 -101.41 47.62 -36.09
N VAL E 14 -101.05 48.42 -35.09
CA VAL E 14 -101.48 49.81 -35.04
C VAL E 14 -100.73 50.65 -36.07
N ARG E 15 -99.44 50.36 -36.27
CA ARG E 15 -98.67 51.07 -37.29
C ARG E 15 -99.10 50.71 -38.70
N ALA E 16 -99.75 49.56 -38.89
CA ALA E 16 -100.34 49.22 -40.17
C ALA E 16 -101.75 49.75 -40.32
N ALA E 17 -102.28 50.21 -39.18
CA ALA E 17 -103.64 50.78 -39.03
C ALA E 17 -103.54 52.32 -39.04
N ALA E 18 -102.50 52.89 -38.41
CA ALA E 18 -102.38 54.37 -38.41
C ALA E 18 -102.24 54.80 -39.88
N ALA E 19 -101.37 54.12 -40.61
CA ALA E 19 -101.32 54.25 -42.08
C ALA E 19 -102.05 52.97 -42.50
N GLY E 20 -103.32 53.09 -42.90
CA GLY E 20 -104.09 51.86 -43.15
C GLY E 20 -103.51 51.03 -44.28
N ARG E 21 -103.26 49.76 -43.95
CA ARG E 21 -102.77 48.67 -44.84
C ARG E 21 -103.33 47.33 -44.32
N LEU E 22 -104.43 47.34 -43.56
CA LEU E 22 -104.97 46.13 -42.89
C LEU E 22 -105.35 45.00 -43.87
N THR E 23 -106.05 45.31 -44.97
CA THR E 23 -106.38 44.29 -46.01
C THR E 23 -106.99 43.01 -45.41
N LEU E 24 -108.15 43.10 -44.75
CA LEU E 24 -108.85 41.95 -44.11
C LEU E 24 -109.21 40.86 -45.13
N TYR E 25 -109.13 39.58 -44.72
CA TYR E 25 -109.38 38.44 -45.59
C TYR E 25 -110.47 37.57 -45.01
N THR E 26 -111.27 36.95 -45.89
CA THR E 26 -112.35 36.07 -45.50
C THR E 26 -111.81 34.66 -45.31
N ARG E 27 -112.73 33.72 -45.03
CA ARG E 27 -112.32 32.33 -44.87
C ARG E 27 -111.99 31.66 -46.20
N THR E 28 -112.53 32.15 -47.30
CA THR E 28 -112.21 31.64 -48.63
C THR E 28 -111.04 32.38 -49.25
N ARG E 29 -110.22 33.03 -48.42
CA ARG E 29 -108.92 33.63 -48.78
C ARG E 29 -109.07 34.75 -49.80
N THR E 30 -110.19 35.45 -49.75
CA THR E 30 -110.42 36.63 -50.57
C THR E 30 -110.53 37.84 -49.66
N GLU E 31 -110.03 38.98 -50.13
CA GLU E 31 -110.03 40.18 -49.32
C GLU E 31 -111.36 40.92 -49.43
N THR E 32 -111.88 41.36 -48.29
CA THR E 32 -113.04 42.24 -48.23
C THR E 32 -112.73 43.39 -47.28
N THR E 33 -113.68 44.32 -47.21
CA THR E 33 -113.54 45.50 -46.36
C THR E 33 -114.71 45.67 -45.41
N ASN E 34 -115.41 44.60 -45.06
CA ASN E 34 -116.65 44.73 -44.29
C ASN E 34 -116.57 44.22 -42.86
N PHE E 35 -115.58 43.35 -42.56
CA PHE E 35 -115.26 42.74 -41.27
C PHE E 35 -116.29 41.67 -40.86
N ASP E 36 -117.41 41.59 -41.57
CA ASP E 36 -118.44 40.63 -41.17
C ASP E 36 -118.14 39.24 -41.73
N HIS E 37 -117.68 39.18 -42.97
CA HIS E 37 -117.29 37.92 -43.57
C HIS E 37 -115.81 37.64 -43.42
N ALA E 38 -115.05 38.56 -42.86
CA ALA E 38 -113.59 38.45 -42.86
C ALA E 38 -113.10 37.74 -41.60
N GLU E 39 -112.06 36.92 -41.77
CA GLU E 39 -111.41 36.25 -40.66
C GLU E 39 -109.97 36.70 -40.49
N TYR E 40 -109.17 36.67 -41.55
CA TYR E 40 -107.74 36.92 -41.42
C TYR E 40 -107.45 38.40 -41.50
N VAL E 41 -106.47 38.85 -40.73
CA VAL E 41 -106.10 40.25 -40.62
C VAL E 41 -104.59 40.36 -40.83
N THR E 42 -104.18 41.15 -41.82
CA THR E 42 -102.77 41.27 -42.19
C THR E 42 -102.24 42.66 -41.91
N CYS E 43 -100.96 42.86 -42.22
CA CYS E 43 -100.36 44.19 -42.15
C CYS E 43 -99.86 44.75 -43.49
N GLY E 44 -98.92 44.09 -44.21
CA GLY E 44 -98.63 42.66 -44.35
C GLY E 44 -97.36 42.04 -43.78
N ARG E 45 -97.02 42.32 -42.54
CA ARG E 45 -96.08 41.46 -41.87
C ARG E 45 -96.81 40.26 -41.28
N TYR E 46 -97.67 40.48 -40.29
CA TYR E 46 -98.22 39.42 -39.48
C TYR E 46 -99.68 39.16 -39.83
N THR E 47 -100.11 37.91 -39.61
CA THR E 47 -101.47 37.47 -39.93
C THR E 47 -102.14 36.92 -38.68
N ILE E 48 -103.37 37.36 -38.42
CA ILE E 48 -104.14 36.96 -37.25
C ILE E 48 -105.58 36.69 -37.70
N CYS E 49 -106.09 35.50 -37.39
CA CYS E 49 -107.50 35.24 -37.59
C CYS E 49 -108.30 35.99 -36.54
N ALA E 50 -109.36 36.68 -36.96
CA ALA E 50 -110.08 37.54 -36.04
C ALA E 50 -110.89 36.76 -35.01
N PHE E 51 -111.16 35.49 -35.26
CA PHE E 51 -111.97 34.71 -34.34
C PHE E 51 -111.16 34.29 -33.12
N CYS E 52 -110.14 33.46 -33.33
CA CYS E 52 -109.34 32.98 -32.22
C CYS E 52 -108.37 34.04 -31.72
N LEU E 53 -108.02 35.00 -32.57
CA LEU E 53 -107.13 36.13 -32.28
C LEU E 53 -105.75 35.65 -31.82
N THR E 54 -105.10 34.87 -32.68
CA THR E 54 -103.73 34.41 -32.48
C THR E 54 -102.93 34.67 -33.74
N THR E 55 -101.63 34.82 -33.59
CA THR E 55 -100.76 35.02 -34.74
C THR E 55 -100.64 33.74 -35.54
N LEU E 56 -100.64 33.90 -36.85
CA LEU E 56 -100.63 32.71 -37.69
C LEU E 56 -99.38 32.58 -38.55
N ALA E 57 -98.98 33.67 -39.20
CA ALA E 57 -97.79 33.65 -40.08
C ALA E 57 -96.88 34.83 -39.73
N PRO E 58 -95.56 34.70 -40.00
CA PRO E 58 -94.62 35.79 -39.84
C PRO E 58 -94.94 36.79 -40.95
N HIS E 59 -95.30 36.24 -42.12
CA HIS E 59 -95.58 37.05 -43.32
C HIS E 59 -97.08 37.35 -43.43
N ALA E 60 -97.63 37.24 -44.63
CA ALA E 60 -99.05 37.55 -44.88
C ALA E 60 -99.54 36.59 -45.97
N ASN E 61 -99.73 37.09 -47.18
CA ASN E 61 -100.22 36.28 -48.30
C ASN E 61 -100.87 34.99 -47.77
N VAL E 62 -102.05 35.20 -47.17
CA VAL E 62 -102.81 34.21 -46.42
C VAL E 62 -103.32 33.03 -47.23
N LYS E 63 -103.02 32.99 -48.54
CA LYS E 63 -103.36 31.84 -49.36
C LYS E 63 -102.62 30.59 -48.92
N THR E 64 -101.49 30.74 -48.23
CA THR E 64 -100.69 29.62 -47.77
C THR E 64 -100.73 29.43 -46.25
N ILE E 65 -101.88 29.62 -45.61
CA ILE E 65 -101.99 29.43 -44.17
C ILE E 65 -102.99 28.32 -43.87
N GLN E 66 -102.64 27.42 -42.96
CA GLN E 66 -103.54 26.38 -42.47
C GLN E 66 -104.05 26.77 -41.08
N ASP E 67 -105.35 26.62 -40.86
CA ASP E 67 -105.97 27.00 -39.59
C ASP E 67 -107.30 26.27 -39.44
N SER E 68 -107.71 26.05 -38.19
CA SER E 68 -109.01 25.44 -37.89
C SER E 68 -109.60 26.12 -36.67
N HIS E 69 -110.38 27.18 -36.90
CA HIS E 69 -111.17 27.82 -35.85
C HIS E 69 -112.48 28.29 -36.45
N ALA E 70 -113.48 28.50 -35.60
CA ALA E 70 -114.80 28.91 -36.05
C ALA E 70 -115.54 29.58 -34.90
N CYS E 71 -115.83 30.89 -35.04
CA CYS E 71 -116.55 31.66 -33.98
C CYS E 71 -117.20 32.92 -34.54
N SER E 72 -118.09 33.57 -33.76
CA SER E 72 -118.81 34.79 -34.24
C SER E 72 -118.88 35.93 -33.21
N ARG E 73 -117.75 36.54 -32.83
CA ARG E 73 -117.74 37.74 -31.94
C ARG E 73 -116.40 38.45 -32.12
N GLN E 74 -116.33 39.75 -32.43
CA GLN E 74 -114.95 40.28 -32.59
C GLN E 74 -114.60 41.72 -32.20
N PRO E 75 -115.30 42.56 -31.41
CA PRO E 75 -114.69 43.87 -31.13
C PRO E 75 -113.43 43.64 -30.32
N ASN E 76 -112.28 44.10 -30.83
CA ASN E 76 -112.08 45.32 -31.60
C ASN E 76 -112.36 45.37 -33.11
N GLU E 77 -113.41 46.12 -33.44
CA GLU E 77 -113.59 46.71 -34.75
C GLU E 77 -112.90 48.06 -34.86
N ALA E 78 -112.25 48.51 -33.78
CA ALA E 78 -111.73 49.87 -33.72
C ALA E 78 -110.55 50.05 -34.66
N ILE E 79 -109.70 49.04 -34.78
CA ILE E 79 -108.60 49.09 -35.73
C ILE E 79 -109.17 49.01 -37.15
N ARG E 80 -110.19 48.18 -37.34
CA ARG E 80 -110.90 48.13 -38.62
C ARG E 80 -111.54 49.48 -38.96
N SER E 81 -112.11 50.14 -37.96
CA SER E 81 -112.67 51.47 -38.16
C SER E 81 -111.58 52.52 -38.37
N LEU E 82 -110.42 52.35 -37.76
CA LEU E 82 -109.35 53.34 -37.89
C LEU E 82 -108.70 53.28 -39.27
N VAL E 83 -108.79 52.15 -39.97
CA VAL E 83 -108.18 52.01 -41.28
C VAL E 83 -108.93 52.83 -42.32
N GLU E 84 -110.25 52.67 -42.38
CA GLU E 84 -111.05 53.35 -43.40
C GLU E 84 -111.09 54.86 -43.21
N VAL E 85 -110.91 55.33 -41.97
CA VAL E 85 -110.71 56.76 -41.76
C VAL E 85 -109.34 57.18 -42.28
N SER E 86 -108.32 56.38 -41.99
CA SER E 86 -106.96 56.69 -42.42
C SER E 86 -106.69 56.28 -43.86
N ASP E 87 -107.64 55.65 -44.54
CA ASP E 87 -107.42 55.27 -45.92
C ASP E 87 -107.57 56.48 -46.85
N LYS E 88 -108.11 57.58 -46.34
CA LYS E 88 -108.25 58.80 -47.12
C LYS E 88 -106.99 59.67 -47.02
N LEU F 3 30.69 19.29 -51.22
CA LEU F 3 30.93 20.12 -52.42
C LEU F 3 31.34 21.53 -51.99
N HIS F 4 32.59 21.91 -52.25
CA HIS F 4 33.13 23.24 -51.86
C HIS F 4 32.55 24.35 -52.76
N MET F 5 32.59 25.57 -52.23
CA MET F 5 32.21 26.86 -52.88
C MET F 5 30.71 27.12 -53.03
N ILE F 6 29.94 26.25 -53.73
CA ILE F 6 28.50 26.44 -54.09
C ILE F 6 28.49 27.68 -55.00
N PRO F 7 28.60 27.55 -56.32
CA PRO F 7 28.97 28.72 -57.16
C PRO F 7 28.07 29.96 -57.13
N GLN F 8 26.93 29.90 -56.44
CA GLN F 8 26.23 31.12 -56.07
C GLN F 8 27.05 31.96 -55.09
N VAL F 9 27.93 31.31 -54.32
CA VAL F 9 28.83 32.05 -53.44
C VAL F 9 29.89 32.78 -54.24
N ALA F 10 30.46 32.12 -55.25
CA ALA F 10 31.51 32.72 -56.05
C ALA F 10 30.99 33.85 -56.92
N HIS F 11 29.71 33.81 -57.28
CA HIS F 11 29.11 34.94 -57.97
C HIS F 11 28.96 36.13 -57.05
N ALA F 12 28.90 35.90 -55.74
CA ALA F 12 28.92 37.00 -54.78
C ALA F 12 30.34 37.46 -54.47
N MET F 13 31.35 36.63 -54.75
CA MET F 13 32.73 37.07 -54.58
C MET F 13 33.08 38.14 -55.60
N VAL F 14 32.78 37.88 -56.86
CA VAL F 14 33.21 38.75 -57.95
C VAL F 14 32.43 40.06 -57.94
N ARG F 15 31.13 40.01 -57.64
CA ARG F 15 30.34 41.22 -57.54
C ARG F 15 30.73 42.08 -56.35
N ALA F 16 31.35 41.49 -55.32
CA ALA F 16 31.89 42.26 -54.22
C ALA F 16 33.30 42.75 -54.49
N ALA F 17 33.89 42.16 -55.53
CA ALA F 17 35.25 42.50 -56.03
C ALA F 17 35.11 43.44 -57.24
N ALA F 18 33.89 43.57 -57.79
CA ALA F 18 33.64 44.55 -58.88
C ALA F 18 33.87 45.93 -58.25
N ALA F 19 33.30 46.09 -57.06
CA ALA F 19 33.56 47.20 -56.13
C ALA F 19 34.34 46.46 -55.05
N GLY F 20 35.57 46.87 -54.73
CA GLY F 20 36.34 46.03 -53.80
C GLY F 20 35.86 46.23 -52.38
N ARG F 21 34.58 45.89 -52.19
CA ARG F 21 33.87 45.92 -50.90
C ARG F 21 34.51 44.85 -50.02
N LEU F 22 34.84 43.72 -50.65
CA LEU F 22 35.43 42.59 -49.89
C LEU F 22 36.71 43.11 -49.25
N THR F 23 36.84 42.93 -47.93
CA THR F 23 38.06 43.34 -47.18
C THR F 23 38.55 42.11 -46.43
N LEU F 24 39.82 41.75 -46.59
CA LEU F 24 40.35 40.54 -45.91
C LEU F 24 40.56 40.78 -44.41
N TYR F 25 40.42 39.69 -43.65
CA TYR F 25 40.62 39.61 -42.21
C TYR F 25 41.72 38.63 -41.89
N THR F 26 42.48 38.93 -40.83
CA THR F 26 43.56 38.07 -40.37
C THR F 26 43.03 37.00 -39.43
N ARG F 27 43.93 36.20 -38.87
CA ARG F 27 43.53 35.17 -37.92
C ARG F 27 43.13 35.75 -36.56
N THR F 28 43.65 36.93 -36.21
CA THR F 28 43.27 37.60 -34.98
C THR F 28 42.08 38.53 -35.17
N ARG F 29 41.30 38.30 -36.23
CA ARG F 29 40.00 38.94 -36.49
C ARG F 29 40.13 40.44 -36.69
N THR F 30 41.26 40.88 -37.23
CA THR F 30 41.47 42.27 -37.58
C THR F 30 41.63 42.37 -39.10
N GLU F 31 41.12 43.45 -39.68
CA GLU F 31 41.17 43.59 -41.12
C GLU F 31 42.49 44.18 -41.57
N THR F 32 43.06 43.62 -42.63
CA THR F 32 44.22 44.15 -43.30
C THR F 32 43.97 44.16 -44.80
N THR F 33 44.92 44.73 -45.54
CA THR F 33 44.82 44.84 -46.99
C THR F 33 46.03 44.25 -47.70
N ASN F 34 46.74 43.30 -47.08
CA ASN F 34 48.00 42.83 -47.64
C ASN F 34 47.96 41.40 -48.17
N PHE F 35 46.98 40.59 -47.73
CA PHE F 35 46.70 39.20 -48.11
C PHE F 35 47.73 38.22 -47.53
N ASP F 36 48.82 38.73 -46.96
CA ASP F 36 49.85 37.83 -46.46
C ASP F 36 49.52 37.36 -45.06
N HIS F 37 49.01 38.25 -44.22
CA HIS F 37 48.59 37.89 -42.88
C HIS F 37 47.11 37.57 -42.80
N ALA F 38 46.38 37.72 -43.90
CA ALA F 38 44.93 37.61 -43.86
C ALA F 38 44.47 36.19 -44.15
N GLU F 39 43.42 35.78 -43.44
CA GLU F 39 42.79 34.48 -43.66
C GLU F 39 41.37 34.61 -44.16
N TYR F 40 40.54 35.38 -43.47
CA TYR F 40 39.12 35.41 -43.79
C TYR F 40 38.84 36.43 -44.87
N VAL F 41 37.88 36.11 -45.74
CA VAL F 41 37.54 36.93 -46.90
C VAL F 41 36.03 37.12 -46.90
N THR F 42 35.59 38.39 -46.88
CA THR F 42 34.17 38.72 -46.76
C THR F 42 33.66 39.40 -48.03
N CYS F 43 32.37 39.73 -48.02
CA CYS F 43 31.79 40.53 -49.10
C CYS F 43 31.24 41.90 -48.68
N GLY F 44 30.28 42.00 -47.73
CA GLY F 44 29.96 41.18 -46.57
C GLY F 44 28.71 40.33 -46.50
N ARG F 45 28.42 39.55 -47.53
CA ARG F 45 27.49 38.46 -47.32
C ARG F 45 28.23 37.26 -46.77
N TYR F 46 29.12 36.67 -47.55
CA TYR F 46 29.69 35.36 -47.24
C TYR F 46 31.14 35.49 -46.77
N THR F 47 31.56 34.53 -45.95
CA THR F 47 32.90 34.51 -45.38
C THR F 47 33.61 33.22 -45.73
N ILE F 48 34.85 33.33 -46.20
CA ILE F 48 35.66 32.20 -46.62
C ILE F 48 37.07 32.39 -46.08
N CYS F 49 37.58 31.39 -45.36
CA CYS F 49 38.99 31.41 -44.98
C CYS F 49 39.82 31.11 -46.22
N ALA F 50 40.88 31.89 -46.43
CA ALA F 50 41.64 31.75 -47.66
C ALA F 50 42.48 30.49 -47.71
N PHE F 51 42.73 29.86 -46.56
CA PHE F 51 43.56 28.67 -46.55
C PHE F 51 42.78 27.45 -47.04
N CYS F 52 41.75 27.06 -46.30
CA CYS F 52 40.98 25.88 -46.66
C CYS F 52 40.04 26.16 -47.83
N LEU F 53 39.67 27.43 -48.03
CA LEU F 53 38.80 27.91 -49.11
C LEU F 53 37.44 27.23 -49.07
N THR F 54 36.75 27.37 -47.95
CA THR F 54 35.39 26.89 -47.77
C THR F 54 34.54 28.01 -47.17
N THR F 55 33.25 27.96 -47.42
CA THR F 55 32.35 28.95 -46.87
C THR F 55 32.18 28.75 -45.37
N LEU F 56 32.14 29.84 -44.65
CA LEU F 56 32.09 29.72 -43.20
C LEU F 56 30.81 30.26 -42.59
N ALA F 57 30.41 31.46 -43.01
CA ALA F 57 29.16 32.07 -42.53
C ALA F 57 28.51 32.86 -43.67
N PRO F 58 27.19 33.10 -43.63
CA PRO F 58 26.48 33.84 -44.69
C PRO F 58 26.52 35.35 -44.41
N HIS F 59 27.08 35.74 -43.27
CA HIS F 59 27.20 37.14 -42.81
C HIS F 59 28.66 37.42 -42.46
N ALA F 60 29.05 38.69 -42.34
CA ALA F 60 30.45 39.03 -42.02
C ALA F 60 30.64 39.14 -40.50
N ASN F 61 31.32 40.20 -40.04
CA ASN F 61 31.59 40.38 -38.58
C ASN F 61 32.31 39.12 -38.10
N VAL F 62 33.20 38.60 -38.94
CA VAL F 62 33.98 37.40 -38.66
C VAL F 62 34.45 37.27 -37.21
N LYS F 63 34.10 38.23 -36.35
CA LYS F 63 34.41 38.12 -34.94
C LYS F 63 33.67 36.96 -34.28
N THR F 64 32.56 36.52 -34.86
CA THR F 64 31.76 35.42 -34.34
C THR F 64 31.86 34.13 -35.17
N ILE F 65 33.03 33.79 -35.69
CA ILE F 65 33.18 32.57 -36.48
C ILE F 65 34.19 31.65 -35.79
N GLN F 66 33.86 30.36 -35.69
CA GLN F 66 34.77 29.34 -35.20
C GLN F 66 35.32 28.54 -36.38
N ASP F 67 36.63 28.30 -36.37
CA ASP F 67 37.30 27.58 -37.46
C ASP F 67 38.62 27.03 -36.95
N SER F 68 39.08 25.94 -37.57
CA SER F 68 40.37 25.35 -37.26
C SER F 68 41.02 24.86 -38.55
N HIS F 69 41.80 25.73 -39.19
CA HIS F 69 42.63 25.36 -40.33
C HIS F 69 43.93 26.14 -40.26
N ALA F 70 44.96 25.64 -40.94
CA ALA F 70 46.27 26.29 -40.93
C ALA F 70 47.05 25.86 -42.15
N CYS F 71 47.43 26.81 -42.99
CA CYS F 71 48.27 26.56 -44.15
C CYS F 71 48.94 27.87 -44.56
N SER F 72 49.40 27.96 -45.81
CA SER F 72 49.88 29.28 -46.32
C SER F 72 49.86 29.30 -47.86
N ARG F 73 49.43 28.19 -48.44
CA ARG F 73 49.43 27.87 -49.90
C ARG F 73 48.49 28.70 -50.79
N GLN F 74 47.29 29.07 -50.33
CA GLN F 74 46.27 29.56 -51.29
C GLN F 74 46.31 31.02 -51.79
N PRO F 75 46.51 31.17 -53.12
CA PRO F 75 46.27 32.37 -53.90
C PRO F 75 45.40 32.02 -55.11
N ASN F 76 44.17 32.52 -55.17
CA ASN F 76 43.70 33.43 -56.25
C ASN F 76 43.91 34.88 -55.82
N GLU F 77 45.14 35.37 -55.79
CA GLU F 77 45.30 36.75 -55.40
C GLU F 77 44.61 37.70 -56.37
N ALA F 78 44.01 37.15 -57.43
CA ALA F 78 43.51 37.97 -58.52
C ALA F 78 42.30 38.79 -58.10
N ILE F 79 41.44 38.20 -57.27
CA ILE F 79 40.31 38.95 -56.73
C ILE F 79 40.81 39.99 -55.73
N ARG F 80 41.82 39.63 -54.94
CA ARG F 80 42.49 40.59 -54.07
C ARG F 80 43.13 41.71 -54.86
N SER F 81 43.75 41.39 -55.99
CA SER F 81 44.30 42.42 -56.86
C SER F 81 43.23 43.23 -57.56
N LEU F 82 42.08 42.63 -57.86
CA LEU F 82 41.02 43.35 -58.55
C LEU F 82 40.32 44.36 -57.65
N VAL F 83 40.37 44.16 -56.33
CA VAL F 83 39.72 45.07 -55.40
C VAL F 83 40.43 46.41 -55.34
N GLU F 84 41.76 46.37 -55.12
CA GLU F 84 42.53 47.60 -54.97
C GLU F 84 42.59 48.42 -56.23
N VAL F 85 42.46 47.79 -57.40
CA VAL F 85 42.28 48.55 -58.63
C VAL F 85 40.90 49.18 -58.66
N SER F 86 39.88 48.42 -58.27
CA SER F 86 38.51 48.93 -58.28
C SER F 86 38.18 49.76 -57.04
N ASP F 87 39.12 49.89 -56.09
CA ASP F 87 38.85 50.70 -54.92
C ASP F 87 38.97 52.18 -55.24
N LYS F 88 39.53 52.52 -56.39
CA LYS F 88 39.65 53.91 -56.82
C LYS F 88 38.42 54.36 -57.58
N LEU G 3 -4.22 40.33 -15.52
CA LEU G 3 -3.94 41.79 -15.37
C LEU G 3 -5.19 42.57 -15.75
N HIS G 4 -5.56 43.56 -14.93
CA HIS G 4 -6.76 44.40 -15.12
C HIS G 4 -6.72 45.25 -16.40
N MET G 5 -5.55 45.81 -16.78
CA MET G 5 -5.56 46.75 -17.92
C MET G 5 -4.71 46.31 -19.12
N ILE G 6 -3.41 46.11 -18.94
CA ILE G 6 -2.49 45.85 -20.04
C ILE G 6 -2.06 47.16 -20.73
N PRO G 7 -1.03 47.86 -20.21
CA PRO G 7 -0.80 49.29 -20.53
C PRO G 7 -0.68 49.71 -21.99
N GLN G 8 -0.68 48.76 -22.92
CA GLN G 8 -0.94 49.08 -24.32
C GLN G 8 -2.36 49.62 -24.51
N VAL G 9 -3.29 49.23 -23.64
CA VAL G 9 -4.64 49.77 -23.68
C VAL G 9 -4.66 51.21 -23.22
N ALA G 10 -3.92 51.52 -22.15
CA ALA G 10 -3.92 52.88 -21.61
C ALA G 10 -3.19 53.84 -22.53
N HIS G 11 -2.25 53.34 -23.34
CA HIS G 11 -1.64 54.19 -24.35
C HIS G 11 -2.63 54.51 -25.46
N ALA G 12 -3.65 53.67 -25.65
CA ALA G 12 -4.72 53.99 -26.58
C ALA G 12 -5.78 54.88 -25.95
N MET G 13 -5.85 54.92 -24.62
CA MET G 13 -6.76 55.85 -23.95
C MET G 13 -6.34 57.29 -24.17
N VAL G 14 -5.06 57.57 -23.94
CA VAL G 14 -4.56 58.95 -23.95
C VAL G 14 -4.50 59.49 -25.37
N ARG G 15 -4.11 58.65 -26.33
CA ARG G 15 -4.09 59.07 -27.73
C ARG G 15 -5.49 59.28 -28.29
N ALA G 16 -6.50 58.67 -27.69
CA ALA G 16 -7.88 58.95 -28.08
C ALA G 16 -8.46 60.14 -27.33
N ALA G 17 -7.70 60.59 -26.32
CA ALA G 17 -8.03 61.77 -25.50
C ALA G 17 -7.10 62.92 -25.92
N ALA G 18 -5.95 62.59 -26.54
CA ALA G 18 -5.04 63.65 -27.04
C ALA G 18 -5.83 64.40 -28.11
N ALA G 19 -6.44 63.62 -29.01
CA ALA G 19 -7.43 64.15 -29.97
C ALA G 19 -8.71 63.54 -29.42
N GLY G 20 -9.58 64.34 -28.79
CA GLY G 20 -10.72 63.71 -28.13
C GLY G 20 -11.60 62.94 -29.08
N ARG G 21 -11.90 61.72 -28.65
CA ARG G 21 -12.89 60.76 -29.19
C ARG G 21 -13.68 60.38 -27.93
N LEU G 22 -13.10 59.49 -27.11
CA LEU G 22 -13.60 59.16 -25.75
C LEU G 22 -15.12 59.02 -25.68
N THR G 23 -15.73 58.13 -26.47
CA THR G 23 -17.20 58.23 -26.63
C THR G 23 -17.85 57.58 -25.40
N LEU G 24 -17.98 58.36 -24.31
CA LEU G 24 -18.56 57.84 -23.04
C LEU G 24 -19.99 57.36 -23.29
N TYR G 25 -20.32 56.21 -22.71
CA TYR G 25 -21.61 55.56 -22.84
C TYR G 25 -22.19 55.24 -21.48
N THR G 26 -23.51 55.31 -21.38
CA THR G 26 -24.23 55.03 -20.14
C THR G 26 -24.51 53.54 -20.03
N ARG G 27 -25.23 53.14 -18.98
CA ARG G 27 -25.59 51.74 -18.81
C ARG G 27 -26.67 51.29 -19.78
N THR G 28 -27.50 52.22 -20.28
CA THR G 28 -28.51 51.89 -21.27
C THR G 28 -27.98 52.05 -22.69
N ARG G 29 -26.65 52.02 -22.86
CA ARG G 29 -25.95 51.95 -24.14
C ARG G 29 -26.20 53.18 -25.01
N THR G 30 -26.41 54.32 -24.37
CA THR G 30 -26.54 55.60 -25.06
C THR G 30 -25.38 56.49 -24.66
N GLU G 31 -24.89 57.29 -25.60
CA GLU G 31 -23.73 58.12 -25.34
C GLU G 31 -24.14 59.44 -24.68
N THR G 32 -23.40 59.83 -23.65
CA THR G 32 -23.52 61.13 -23.02
C THR G 32 -22.15 61.75 -22.86
N THR G 33 -22.12 62.99 -22.40
CA THR G 33 -20.88 63.73 -22.20
C THR G 33 -20.74 64.27 -20.79
N ASN G 34 -21.37 63.64 -19.80
CA ASN G 34 -21.42 64.21 -18.45
C ASN G 34 -20.61 63.43 -17.42
N PHE G 35 -20.31 62.16 -17.68
CA PHE G 35 -19.53 61.21 -16.88
C PHE G 35 -20.28 60.74 -15.64
N ASP G 36 -21.41 61.37 -15.31
CA ASP G 36 -22.12 61.00 -14.10
C ASP G 36 -23.04 59.81 -14.34
N HIS G 37 -23.71 59.78 -15.48
CA HIS G 37 -24.53 58.65 -15.86
C HIS G 37 -23.80 57.63 -16.72
N ALA G 38 -22.56 57.92 -17.10
CA ALA G 38 -21.86 57.10 -18.06
C ALA G 38 -21.06 55.99 -17.38
N GLU G 39 -21.05 54.82 -18.02
CA GLU G 39 -20.24 53.70 -17.57
C GLU G 39 -19.17 53.32 -18.55
N TYR G 40 -19.51 53.12 -19.81
CA TYR G 40 -18.57 52.59 -20.77
C TYR G 40 -17.75 53.70 -21.39
N VAL G 41 -16.48 53.41 -21.66
CA VAL G 41 -15.53 54.39 -22.19
C VAL G 41 -14.85 53.78 -23.41
N THR G 42 -14.95 54.44 -24.56
CA THR G 42 -14.42 53.91 -25.81
C THR G 42 -13.27 54.76 -26.33
N CYS G 43 -12.74 54.35 -27.48
CA CYS G 43 -11.73 55.15 -28.17
C CYS G 43 -12.13 55.65 -29.57
N GLY G 44 -12.49 54.78 -30.53
CA GLY G 44 -13.12 53.46 -30.48
C GLY G 44 -12.37 52.19 -30.84
N ARG G 45 -11.18 52.00 -30.30
CA ARG G 45 -10.63 50.65 -30.29
C ARG G 45 -11.18 49.89 -29.08
N TYR G 46 -10.81 50.31 -27.88
CA TYR G 46 -11.04 49.51 -26.68
C TYR G 46 -12.18 50.10 -25.84
N THR G 47 -12.85 49.22 -25.10
CA THR G 47 -13.98 49.60 -24.26
C THR G 47 -13.73 49.21 -22.81
N ILE G 48 -13.96 50.14 -21.89
CA ILE G 48 -13.74 49.95 -20.46
C ILE G 48 -14.92 50.52 -19.71
N CYS G 49 -15.55 49.72 -18.85
CA CYS G 49 -16.55 50.25 -17.94
C CYS G 49 -15.86 51.06 -16.86
N ALA G 50 -16.37 52.26 -16.58
CA ALA G 50 -15.67 53.15 -15.66
C ALA G 50 -15.75 52.69 -14.22
N PHE G 51 -16.68 51.80 -13.89
CA PHE G 51 -16.83 51.36 -12.50
C PHE G 51 -15.76 50.36 -12.14
N CYS G 52 -15.77 49.19 -12.79
CA CYS G 52 -14.81 48.15 -12.48
C CYS G 52 -13.44 48.44 -13.07
N LEU G 53 -13.39 49.25 -14.12
CA LEU G 53 -12.17 49.70 -14.81
C LEU G 53 -11.38 48.51 -15.35
N THR G 54 -12.01 47.71 -16.19
CA THR G 54 -11.40 46.60 -16.89
C THR G 54 -11.75 46.68 -18.37
N THR G 55 -10.89 46.12 -19.20
CA THR G 55 -11.14 46.10 -20.63
C THR G 55 -12.28 45.13 -20.95
N LEU G 56 -13.12 45.53 -21.87
CA LEU G 56 -14.29 44.71 -22.16
C LEU G 56 -14.31 44.15 -23.57
N ALA G 57 -14.09 45.00 -24.58
CA ALA G 57 -14.06 44.44 -25.95
C ALA G 57 -12.99 45.13 -26.79
N PRO G 58 -12.31 44.43 -27.72
CA PRO G 58 -11.32 45.09 -28.58
C PRO G 58 -12.11 46.08 -29.45
N HIS G 59 -13.24 45.61 -29.99
CA HIS G 59 -14.16 46.43 -30.81
C HIS G 59 -14.91 47.36 -29.86
N ALA G 60 -15.39 48.50 -30.36
CA ALA G 60 -16.13 49.43 -29.50
C ALA G 60 -17.62 49.08 -29.61
N ASN G 61 -18.38 49.93 -30.28
CA ASN G 61 -19.82 49.73 -30.51
C ASN G 61 -20.40 48.86 -29.39
N VAL G 62 -20.49 49.50 -28.21
CA VAL G 62 -20.84 48.89 -26.93
C VAL G 62 -22.25 48.32 -26.84
N LYS G 63 -23.03 48.41 -27.92
CA LYS G 63 -24.34 47.79 -27.96
C LYS G 63 -24.26 46.27 -27.87
N THR G 64 -23.12 45.69 -28.23
CA THR G 64 -22.91 44.26 -28.20
C THR G 64 -21.96 43.80 -27.09
N ILE G 65 -22.02 44.40 -25.91
CA ILE G 65 -21.15 43.99 -24.81
C ILE G 65 -21.99 43.49 -23.64
N GLN G 66 -21.60 42.37 -23.05
CA GLN G 66 -22.22 41.86 -21.83
C GLN G 66 -21.32 42.14 -20.63
N ASP G 67 -21.91 42.62 -19.54
CA ASP G 67 -21.15 42.97 -18.35
C ASP G 67 -22.09 43.01 -17.15
N SER G 68 -21.54 42.75 -15.97
CA SER G 68 -22.29 42.84 -14.71
C SER G 68 -21.41 43.45 -13.64
N HIS G 69 -21.46 44.78 -13.50
CA HIS G 69 -20.82 45.49 -12.41
C HIS G 69 -21.70 46.67 -12.02
N ALA G 70 -21.50 47.16 -10.80
CA ALA G 70 -22.31 48.27 -10.29
C ALA G 70 -21.56 48.95 -9.16
N CYS G 71 -21.02 50.14 -9.44
CA CYS G 71 -20.20 50.85 -8.40
C CYS G 71 -19.86 52.28 -8.83
N SER G 72 -19.36 53.12 -7.91
CA SER G 72 -19.04 54.55 -8.22
C SER G 72 -17.58 54.92 -7.91
N ARG G 73 -17.36 56.18 -7.48
CA ARG G 73 -16.03 56.72 -7.07
C ARG G 73 -15.00 56.57 -8.20
N GLN G 74 -15.18 57.26 -9.33
CA GLN G 74 -14.31 57.00 -10.51
C GLN G 74 -13.14 57.95 -10.85
N PRO G 75 -12.69 59.01 -10.13
CA PRO G 75 -11.54 59.74 -10.68
C PRO G 75 -10.42 58.75 -10.95
N ASN G 76 -9.97 58.66 -12.21
CA ASN G 76 -9.82 59.75 -13.17
C ASN G 76 -10.99 60.26 -14.02
N GLU G 77 -11.41 61.48 -13.69
CA GLU G 77 -12.15 62.34 -14.59
C GLU G 77 -11.21 63.15 -15.48
N ALA G 78 -9.90 62.98 -15.30
CA ALA G 78 -8.93 63.84 -15.95
C ALA G 78 -8.89 63.61 -17.46
N ILE G 79 -9.02 62.35 -17.88
CA ILE G 79 -9.10 62.05 -19.30
C ILE G 79 -10.43 62.56 -19.85
N ARG G 80 -11.51 62.42 -19.07
CA ARG G 80 -12.79 63.01 -19.43
C ARG G 80 -12.70 64.52 -19.54
N SER G 81 -11.98 65.16 -18.62
CA SER G 81 -11.76 66.59 -18.71
C SER G 81 -10.85 66.97 -19.85
N LEU G 82 -9.89 66.12 -20.21
CA LEU G 82 -8.96 66.44 -21.28
C LEU G 82 -9.62 66.37 -22.65
N VAL G 83 -10.70 65.60 -22.78
CA VAL G 83 -11.38 65.46 -24.07
C VAL G 83 -12.09 66.74 -24.45
N GLU G 84 -12.91 67.28 -23.54
CA GLU G 84 -13.71 68.45 -23.84
C GLU G 84 -12.86 69.70 -24.05
N VAL G 85 -11.67 69.75 -23.45
CA VAL G 85 -10.73 70.81 -23.79
C VAL G 85 -10.18 70.58 -25.19
N SER G 86 -9.82 69.34 -25.52
CA SER G 86 -9.28 69.01 -26.82
C SER G 86 -10.34 68.83 -27.89
N ASP G 87 -11.63 68.93 -27.54
CA ASP G 87 -12.69 68.79 -28.53
C ASP G 87 -12.82 70.07 -29.36
N LYS G 88 -12.21 71.16 -28.90
CA LYS G 88 -12.23 72.41 -29.64
C LYS G 88 -11.10 72.49 -30.65
N LEU H 3 61.09 44.34 40.05
CA LEU H 3 61.14 45.40 39.01
C LEU H 3 59.83 46.20 39.06
N HIS H 4 59.52 46.75 40.24
CA HIS H 4 58.29 47.56 40.47
C HIS H 4 58.33 48.88 39.67
N MET H 5 59.52 49.47 39.52
CA MET H 5 59.68 50.79 38.84
C MET H 5 59.21 50.78 37.38
N ILE H 6 59.74 49.89 36.52
CA ILE H 6 59.44 49.94 35.09
C ILE H 6 59.86 51.27 34.47
N PRO H 7 61.15 51.43 34.06
CA PRO H 7 61.76 52.75 33.83
C PRO H 7 61.08 53.72 32.86
N GLN H 8 60.00 53.30 32.19
CA GLN H 8 59.11 54.26 31.56
C GLN H 8 58.41 55.13 32.61
N VAL H 9 58.24 54.62 33.83
CA VAL H 9 57.68 55.42 34.91
C VAL H 9 58.67 56.49 35.35
N ALA H 10 59.94 56.12 35.48
CA ALA H 10 60.95 57.06 35.95
C ALA H 10 61.24 58.14 34.91
N HIS H 11 61.02 57.84 33.63
CA HIS H 11 61.13 58.87 32.61
C HIS H 11 59.97 59.86 32.72
N ALA H 12 58.86 59.45 33.31
CA ALA H 12 57.78 60.38 33.60
C ALA H 12 58.00 61.12 34.90
N MET H 13 58.85 60.61 35.79
CA MET H 13 59.19 61.33 37.01
C MET H 13 59.99 62.59 36.69
N VAL H 14 61.03 62.44 35.86
CA VAL H 14 61.97 63.51 35.61
C VAL H 14 61.34 64.59 34.74
N ARG H 15 60.54 64.19 33.75
CA ARG H 15 59.84 65.15 32.91
C ARG H 15 58.76 65.91 33.67
N ALA H 16 58.25 65.35 34.77
CA ALA H 16 57.34 66.09 35.63
C ALA H 16 58.07 66.93 36.67
N ALA H 17 59.37 66.66 36.79
CA ALA H 17 60.30 67.38 37.69
C ALA H 17 61.17 68.32 36.84
N ALA H 18 61.27 68.05 35.53
CA ALA H 18 62.02 68.98 34.64
C ALA H 18 61.24 70.30 34.67
N ALA H 19 59.92 70.18 34.50
CA ALA H 19 58.98 71.29 34.73
C ALA H 19 58.27 70.82 35.99
N GLY H 20 58.51 71.47 37.12
CA GLY H 20 57.96 70.90 38.37
C GLY H 20 56.44 70.87 38.38
N ARG H 21 55.91 69.66 38.29
CA ARG H 21 54.45 69.38 38.36
C ARG H 21 54.22 68.39 39.51
N LEU H 22 55.30 67.94 40.16
CA LEU H 22 55.17 66.98 41.29
C LEU H 22 54.37 67.67 42.38
N THR H 23 53.41 66.95 42.97
CA THR H 23 52.84 67.36 44.27
C THR H 23 53.16 66.26 45.28
N LEU H 24 53.75 66.64 46.41
CA LEU H 24 54.08 65.60 47.43
C LEU H 24 52.86 65.45 48.33
N TYR H 25 52.25 64.26 48.36
CA TYR H 25 51.10 64.04 49.20
C TYR H 25 51.50 63.32 50.48
N THR H 26 50.83 63.64 51.57
CA THR H 26 51.08 63.02 52.86
C THR H 26 50.27 61.75 53.00
N ARG H 27 50.34 61.11 54.17
CA ARG H 27 49.56 59.90 54.41
C ARG H 27 48.08 60.19 54.60
N THR H 28 47.72 61.39 55.04
CA THR H 28 46.33 61.78 55.17
C THR H 28 45.78 62.42 53.90
N ARG H 29 46.44 62.15 52.75
CA ARG H 29 45.97 62.48 51.40
C ARG H 29 45.86 63.99 51.20
N THR H 30 46.70 64.75 51.86
CA THR H 30 46.80 66.19 51.67
C THR H 30 48.16 66.51 51.10
N GLU H 31 48.22 67.52 50.22
CA GLU H 31 49.47 67.86 49.56
C GLU H 31 50.29 68.81 50.44
N THR H 32 51.58 68.53 50.52
CA THR H 32 52.55 69.42 51.15
C THR H 32 53.75 69.56 50.24
N THR H 33 54.67 70.44 50.64
CA THR H 33 55.88 70.71 49.87
C THR H 33 57.15 70.53 50.69
N ASN H 34 57.12 69.70 51.74
CA ASN H 34 58.25 69.63 52.65
C ASN H 34 59.02 68.31 52.60
N PHE H 35 58.40 67.25 52.07
CA PHE H 35 58.93 65.89 51.87
C PHE H 35 59.08 65.12 53.19
N ASP H 36 58.93 65.79 54.32
CA ASP H 36 59.13 65.11 55.59
C ASP H 36 57.87 64.39 56.02
N HIS H 37 56.71 65.02 55.83
CA HIS H 37 55.44 64.39 56.14
C HIS H 37 54.83 63.71 54.93
N ALA H 38 55.44 63.83 53.76
CA ALA H 38 54.82 63.37 52.53
C ALA H 38 55.19 61.93 52.21
N GLU H 39 54.22 61.18 51.69
CA GLU H 39 54.45 59.82 51.24
C GLU H 39 54.25 59.66 49.74
N TYR H 40 53.13 60.11 49.21
CA TYR H 40 52.80 59.85 47.82
C TYR H 40 53.41 60.91 46.92
N VAL H 41 53.84 60.48 45.73
CA VAL H 41 54.52 61.34 44.76
C VAL H 41 53.83 61.16 43.42
N THR H 42 53.34 62.27 42.85
CA THR H 42 52.57 62.24 41.61
C THR H 42 53.31 62.93 40.48
N CYS H 43 52.68 62.95 39.31
CA CYS H 43 53.20 63.71 38.17
C CYS H 43 52.29 64.84 37.68
N GLY H 44 51.04 64.59 37.26
CA GLY H 44 50.06 63.57 37.64
C GLY H 44 49.66 62.44 36.72
N ARG H 45 50.63 61.76 36.11
CA ARG H 45 50.29 60.45 35.55
C ARG H 45 50.40 59.40 36.64
N TYR H 46 51.59 59.15 37.16
CA TYR H 46 51.86 58.00 38.00
C TYR H 46 52.03 58.40 39.45
N THR H 47 51.70 57.47 40.35
CA THR H 47 51.77 57.70 41.80
C THR H 47 52.67 56.67 42.45
N ILE H 48 53.59 57.14 43.30
CA ILE H 48 54.56 56.30 43.99
C ILE H 48 54.63 56.76 45.44
N CYS H 49 54.44 55.82 46.38
CA CYS H 49 54.70 56.12 47.78
C CYS H 49 56.20 56.20 47.99
N ALA H 50 56.66 57.24 48.69
CA ALA H 50 58.10 57.45 48.81
C ALA H 50 58.77 56.44 49.72
N PHE H 51 58.02 55.75 50.55
CA PHE H 51 58.63 54.80 51.48
C PHE H 51 59.00 53.51 50.76
N CYS H 52 58.01 52.78 50.26
CA CYS H 52 58.27 51.52 49.60
C CYS H 52 58.84 51.71 48.19
N LEU H 53 58.57 52.87 47.59
CA LEU H 53 59.04 53.27 46.26
C LEU H 53 58.58 52.28 45.18
N THR H 54 57.28 52.10 45.08
CA THR H 54 56.64 51.29 44.05
C THR H 54 55.51 52.08 43.42
N THR H 55 55.20 51.75 42.17
CA THR H 55 54.11 52.42 41.48
C THR H 55 52.77 51.99 42.07
N LEU H 56 51.84 52.93 42.24
CA LEU H 56 50.52 52.51 42.77
C LEU H 56 49.57 52.34 41.59
N ALA H 57 49.17 53.45 40.96
CA ALA H 57 48.28 53.37 39.78
C ALA H 57 48.41 54.65 38.96
N PRO H 58 47.96 54.67 37.69
CA PRO H 58 47.99 55.89 36.89
C PRO H 58 47.03 56.92 37.50
N HIS H 59 47.43 58.20 37.45
CA HIS H 59 46.83 59.47 37.96
C HIS H 59 47.40 59.82 39.34
N ALA H 60 47.21 61.07 39.75
CA ALA H 60 47.64 61.60 41.06
C ALA H 60 46.46 61.58 42.05
N ASN H 61 45.28 62.01 41.58
CA ASN H 61 44.07 62.10 42.45
C ASN H 61 44.02 60.83 43.32
N VAL H 62 45.09 60.64 44.10
CA VAL H 62 45.27 59.43 44.95
C VAL H 62 44.07 59.27 45.89
N LYS H 63 43.52 60.36 46.43
CA LYS H 63 42.42 60.15 47.36
C LYS H 63 41.80 58.76 47.20
N THR H 64 41.95 58.15 46.03
CA THR H 64 41.40 56.83 45.74
C THR H 64 42.45 55.74 45.65
N ILE H 65 43.49 55.75 46.48
CA ILE H 65 44.53 54.72 46.45
C ILE H 65 44.56 53.99 47.78
N GLN H 66 44.63 52.65 47.73
CA GLN H 66 44.80 51.82 48.92
C GLN H 66 46.25 51.35 48.98
N ASP H 67 46.85 51.43 50.17
CA ASP H 67 48.25 51.04 50.36
C ASP H 67 48.49 50.76 51.83
N SER H 68 49.47 49.89 52.11
CA SER H 68 49.88 49.60 53.49
C SER H 68 51.40 49.47 53.53
N HIS H 69 52.10 50.58 53.78
CA HIS H 69 53.53 50.57 54.03
C HIS H 69 53.83 51.63 55.08
N ALA H 70 54.98 51.48 55.75
CA ALA H 70 55.37 52.41 56.80
C ALA H 70 56.88 52.35 56.98
N CYS H 71 57.52 53.50 56.73
CA CYS H 71 58.97 53.77 56.93
C CYS H 71 59.19 55.29 56.94
N SER H 72 60.40 55.71 57.31
CA SER H 72 60.85 57.14 57.30
C SER H 72 61.21 57.56 55.87
N ARG H 73 61.33 58.87 55.64
CA ARG H 73 61.64 59.45 54.29
C ARG H 73 63.01 58.96 53.80
N GLN H 74 63.11 58.62 52.51
CA GLN H 74 64.40 58.17 51.93
C GLN H 74 64.73 58.97 50.66
N PRO H 75 65.91 59.62 50.57
CA PRO H 75 66.32 60.33 49.36
C PRO H 75 66.67 59.23 48.35
N ASN H 76 66.34 59.42 47.07
CA ASN H 76 66.33 60.76 46.47
C ASN H 76 65.33 61.84 46.91
N GLU H 77 65.89 62.85 47.56
CA GLU H 77 65.29 64.17 47.67
C GLU H 77 65.65 65.04 46.47
N ALA H 78 66.44 64.51 45.54
CA ALA H 78 67.01 65.32 44.47
C ALA H 78 65.93 65.76 43.48
N ILE H 79 64.98 64.88 43.19
CA ILE H 79 63.85 65.26 42.35
C ILE H 79 62.95 66.25 43.09
N ARG H 80 62.78 66.03 44.39
CA ARG H 80 62.07 67.00 45.23
C ARG H 80 62.78 68.34 45.25
N SER H 81 64.11 68.33 45.32
CA SER H 81 64.87 69.56 45.24
C SER H 81 64.84 70.19 43.86
N LEU H 82 64.76 69.37 42.80
CA LEU H 82 64.76 69.90 41.44
C LEU H 82 63.44 70.58 41.10
N VAL H 83 62.35 70.22 41.79
CA VAL H 83 61.05 70.82 41.49
C VAL H 83 61.00 72.26 41.95
N GLU H 84 61.38 72.53 43.21
CA GLU H 84 61.28 73.87 43.76
C GLU H 84 62.23 74.85 43.10
N VAL H 85 63.35 74.37 42.55
CA VAL H 85 64.19 75.21 41.72
C VAL H 85 63.48 75.49 40.39
N SER H 86 62.88 74.47 39.79
CA SER H 86 62.19 74.63 38.52
C SER H 86 60.78 75.17 38.68
N ASP H 87 60.31 75.40 39.90
CA ASP H 87 58.98 75.97 40.08
C ASP H 87 58.97 77.46 39.82
N LYS H 88 60.15 78.07 39.72
CA LYS H 88 60.26 79.50 39.42
C LYS H 88 60.30 79.73 37.92
N LEU I 3 45.57 34.17 -13.37
CA LEU I 3 46.32 34.48 -12.12
C LEU I 3 47.73 34.93 -12.47
N HIS I 4 48.09 34.86 -13.75
CA HIS I 4 49.45 35.26 -14.22
C HIS I 4 49.75 36.74 -14.01
N MET I 5 48.79 37.64 -14.28
CA MET I 5 49.12 39.09 -14.17
C MET I 5 48.13 39.88 -13.30
N ILE I 6 47.14 39.23 -12.69
CA ILE I 6 46.23 40.01 -11.85
C ILE I 6 46.25 41.50 -12.22
N PRO I 7 45.47 41.93 -13.24
CA PRO I 7 45.70 43.21 -13.94
C PRO I 7 45.77 44.50 -13.12
N GLN I 8 45.51 44.44 -11.81
CA GLN I 8 45.92 45.51 -10.93
C GLN I 8 47.43 45.65 -10.87
N VAL I 9 48.17 44.57 -11.12
CA VAL I 9 49.62 44.63 -11.19
C VAL I 9 50.05 45.36 -12.45
N ALA I 10 49.42 45.06 -13.58
CA ALA I 10 49.80 45.67 -14.85
C ALA I 10 49.46 47.14 -14.88
N HIS I 11 48.44 47.56 -14.13
CA HIS I 11 48.16 48.98 -14.00
C HIS I 11 49.23 49.68 -13.19
N ALA I 12 49.95 48.95 -12.35
CA ALA I 12 51.10 49.52 -11.65
C ALA I 12 52.35 49.47 -12.51
N MET I 13 52.38 48.61 -13.53
CA MET I 13 53.52 48.59 -14.46
C MET I 13 53.56 49.87 -15.27
N VAL I 14 52.42 50.25 -15.86
CA VAL I 14 52.37 51.35 -16.80
C VAL I 14 52.54 52.69 -16.08
N ARG I 15 51.95 52.82 -14.89
CA ARG I 15 52.11 54.03 -14.10
C ARG I 15 53.52 54.20 -13.56
N ALA I 16 54.28 53.12 -13.46
CA ALA I 16 55.69 53.21 -13.11
C ALA I 16 56.58 53.41 -14.33
N ALA I 17 55.95 53.31 -15.51
CA ALA I 17 56.61 53.51 -16.81
C ALA I 17 56.17 54.83 -17.44
N ALA I 18 55.01 55.39 -17.02
CA ALA I 18 54.57 56.70 -17.54
C ALA I 18 55.62 57.72 -17.09
N ALA I 19 55.98 57.62 -15.80
CA ALA I 19 57.13 58.33 -15.24
C ALA I 19 58.10 57.17 -15.01
N GLY I 20 59.19 57.09 -15.77
CA GLY I 20 59.99 55.86 -15.64
C GLY I 20 60.60 55.72 -14.26
N ARG I 21 60.29 54.56 -13.68
CA ARG I 21 60.86 53.96 -12.45
C ARG I 21 61.33 52.62 -13.03
N LEU I 22 60.43 51.64 -13.08
CA LEU I 22 60.63 50.35 -13.80
C LEU I 22 62.01 49.77 -13.49
N THR I 23 62.37 49.62 -12.22
CA THR I 23 63.72 49.10 -11.90
C THR I 23 63.90 47.74 -12.58
N LEU I 24 65.03 47.55 -13.27
CA LEU I 24 65.31 46.29 -13.98
C LEU I 24 66.53 45.65 -13.32
N TYR I 25 66.40 44.39 -12.89
CA TYR I 25 67.52 43.71 -12.20
C TYR I 25 67.87 42.41 -12.94
N THR I 26 69.18 42.23 -13.16
CA THR I 26 69.73 41.04 -13.79
C THR I 26 69.53 39.83 -12.88
N ARG I 27 70.05 38.68 -13.30
CA ARG I 27 69.96 37.48 -12.48
C ARG I 27 70.88 37.52 -11.28
N THR I 28 71.97 38.28 -11.34
CA THR I 28 72.87 38.45 -10.22
C THR I 28 72.48 39.62 -9.33
N ARG I 29 71.21 40.05 -9.41
CA ARG I 29 70.57 41.03 -8.52
C ARG I 29 71.23 42.40 -8.61
N THR I 30 71.74 42.74 -9.77
CA THR I 30 72.29 44.06 -10.04
C THR I 30 71.43 44.74 -11.10
N GLU I 31 71.25 46.05 -10.98
CA GLU I 31 70.40 46.77 -11.90
C GLU I 31 71.17 47.16 -13.15
N THR I 32 70.54 46.97 -14.31
CA THR I 32 71.05 47.44 -15.59
C THR I 32 69.91 48.12 -16.34
N THR I 33 70.26 48.72 -17.48
CA THR I 33 69.30 49.43 -18.31
C THR I 33 69.26 48.94 -19.74
N ASN I 34 69.64 47.67 -19.99
CA ASN I 34 69.80 47.19 -21.35
C ASN I 34 68.76 46.17 -21.79
N PHE I 35 68.09 45.51 -20.83
CA PHE I 35 67.03 44.51 -20.97
C PHE I 35 67.56 43.17 -21.49
N ASP I 36 68.81 43.11 -21.93
CA ASP I 36 69.33 41.88 -22.49
C ASP I 36 69.84 40.95 -21.40
N HIS I 37 70.51 41.52 -20.40
CA HIS I 37 70.96 40.73 -19.26
C HIS I 37 69.98 40.77 -18.10
N ALA I 38 68.91 41.54 -18.21
CA ALA I 38 68.03 41.76 -17.08
C ALA I 38 66.91 40.73 -17.03
N GLU I 39 66.55 40.32 -15.81
CA GLU I 39 65.43 39.43 -15.59
C GLU I 39 64.32 40.08 -14.79
N TYR I 40 64.64 40.67 -13.64
CA TYR I 40 63.61 41.16 -12.75
C TYR I 40 63.21 42.57 -13.14
N VAL I 41 61.92 42.87 -12.97
CA VAL I 41 61.34 44.16 -13.35
C VAL I 41 60.54 44.69 -12.16
N THR I 42 60.89 45.88 -11.69
CA THR I 42 60.28 46.46 -10.51
C THR I 42 59.46 47.70 -10.84
N CYS I 43 58.87 48.30 -9.81
CA CYS I 43 58.19 49.58 -9.97
C CYS I 43 58.77 50.75 -9.16
N GLY I 44 58.88 50.66 -7.82
CA GLY I 44 59.08 49.53 -6.91
C GLY I 44 57.98 49.05 -5.98
N ARG I 45 56.77 48.87 -6.47
CA ARG I 45 55.84 48.04 -5.72
C ARG I 45 56.07 46.57 -6.06
N TYR I 46 55.82 46.17 -7.29
CA TYR I 46 55.75 44.77 -7.65
C TYR I 46 56.96 44.35 -8.46
N THR I 47 57.31 43.05 -8.36
CA THR I 47 58.47 42.49 -9.03
C THR I 47 58.05 41.33 -9.92
N ILE I 48 58.53 41.34 -11.16
CA ILE I 48 58.20 40.32 -12.16
C ILE I 48 59.48 39.94 -12.89
N CYS I 49 59.79 38.63 -12.92
CA CYS I 49 60.87 38.17 -13.76
C CYS I 49 60.42 38.21 -15.21
N ALA I 50 61.26 38.75 -16.10
CA ALA I 50 60.84 38.96 -17.48
C ALA I 50 60.71 37.66 -18.26
N PHE I 51 61.31 36.59 -17.78
CA PHE I 51 61.27 35.33 -18.53
C PHE I 51 59.92 34.66 -18.35
N CYS I 52 59.61 34.24 -17.12
CA CYS I 52 58.36 33.54 -16.87
C CYS I 52 57.17 34.49 -16.85
N LEU I 53 57.42 35.77 -16.57
CA LEU I 53 56.41 36.85 -16.54
C LEU I 53 55.31 36.55 -15.53
N THR I 54 55.71 36.38 -14.27
CA THR I 54 54.81 36.20 -13.15
C THR I 54 55.22 37.13 -12.03
N THR I 55 54.26 37.50 -11.19
CA THR I 55 54.56 38.36 -10.05
C THR I 55 55.35 37.59 -9.01
N LEU I 56 56.31 38.26 -8.42
CA LEU I 56 57.18 37.56 -7.47
C LEU I 56 57.08 38.08 -6.05
N ALA I 57 57.25 39.39 -5.87
CA ALA I 57 57.16 39.95 -4.50
C ALA I 57 56.37 41.25 -4.53
N PRO I 58 55.45 41.48 -3.57
CA PRO I 58 54.71 42.76 -3.50
C PRO I 58 55.73 43.86 -3.21
N HIS I 59 56.65 43.57 -2.29
CA HIS I 59 57.73 44.51 -1.89
C HIS I 59 58.84 44.57 -2.93
N ALA I 60 59.46 45.75 -3.03
CA ALA I 60 60.60 46.06 -3.91
C ALA I 60 61.89 45.70 -3.18
N ASN I 61 62.98 45.54 -3.92
CA ASN I 61 64.30 45.17 -3.38
C ASN I 61 64.54 43.67 -3.58
N VAL I 62 64.78 43.34 -4.85
CA VAL I 62 64.87 41.98 -5.38
C VAL I 62 66.04 41.16 -4.84
N LYS I 63 66.85 41.72 -3.95
CA LYS I 63 67.91 40.97 -3.30
C LYS I 63 67.36 39.85 -2.42
N THR I 64 66.11 39.96 -1.97
CA THR I 64 65.47 38.96 -1.13
C THR I 64 64.38 38.16 -1.84
N ILE I 65 64.57 37.80 -3.11
CA ILE I 65 63.58 37.03 -3.83
C ILE I 65 64.19 35.69 -4.26
N GLN I 66 63.44 34.60 -4.06
CA GLN I 66 63.83 33.28 -4.54
C GLN I 66 63.02 32.93 -5.79
N ASP I 67 63.68 32.41 -6.81
CA ASP I 67 63.02 32.08 -8.07
C ASP I 67 63.88 31.07 -8.83
N SER I 68 63.23 30.26 -9.67
CA SER I 68 63.92 29.31 -10.53
C SER I 68 63.24 29.27 -11.89
N HIS I 69 63.68 30.12 -12.81
CA HIS I 69 63.25 30.07 -14.20
C HIS I 69 64.43 30.42 -15.08
N ALA I 70 64.35 30.02 -16.36
CA ALA I 70 65.44 30.27 -17.30
C ALA I 70 64.89 30.22 -18.71
N CYS I 71 65.02 31.32 -19.45
CA CYS I 71 64.63 31.38 -20.85
C CYS I 71 65.38 32.55 -21.50
N SER I 72 65.01 32.83 -22.75
CA SER I 72 65.61 33.98 -23.48
C SER I 72 64.69 34.42 -24.62
N ARG I 73 63.50 34.94 -24.34
CA ARG I 73 62.64 35.23 -25.54
C ARG I 73 61.80 36.52 -25.49
N GLN I 74 60.90 36.60 -24.51
CA GLN I 74 59.75 37.56 -24.48
C GLN I 74 59.98 39.07 -24.53
N PRO I 75 59.27 39.69 -25.52
CA PRO I 75 58.95 41.10 -25.63
C PRO I 75 57.42 41.25 -25.48
N ASN I 76 56.97 42.09 -24.55
CA ASN I 76 57.20 43.54 -24.53
C ASN I 76 58.51 44.14 -24.02
N GLU I 77 59.27 44.70 -24.96
CA GLU I 77 60.27 45.72 -24.71
C GLU I 77 59.67 47.10 -24.71
N ALA I 78 58.36 47.20 -24.95
CA ALA I 78 57.73 48.50 -25.19
C ALA I 78 57.66 49.32 -23.90
N ILE I 79 57.42 48.67 -22.76
CA ILE I 79 57.47 49.37 -21.49
C ILE I 79 58.90 49.75 -21.16
N ARG I 80 59.85 48.86 -21.47
CA ARG I 80 61.27 49.19 -21.34
C ARG I 80 61.66 50.35 -22.24
N SER I 81 61.12 50.39 -23.46
CA SER I 81 61.37 51.52 -24.33
C SER I 81 60.66 52.79 -23.88
N LEU I 82 59.50 52.66 -23.23
CA LEU I 82 58.75 53.82 -22.79
C LEU I 82 59.40 54.50 -21.59
N VAL I 83 60.20 53.76 -20.81
CA VAL I 83 60.85 54.32 -19.64
C VAL I 83 61.95 55.31 -20.04
N GLU I 84 62.86 54.88 -20.93
CA GLU I 84 64.00 55.71 -21.30
C GLU I 84 63.58 56.95 -22.08
N VAL I 85 62.43 56.91 -22.78
CA VAL I 85 61.88 58.12 -23.35
C VAL I 85 61.34 59.02 -22.23
N SER I 86 60.63 58.43 -21.27
CA SER I 86 60.06 59.20 -20.17
C SER I 86 61.07 59.49 -19.06
N ASP I 87 62.30 58.99 -19.17
CA ASP I 87 63.30 59.28 -18.14
C ASP I 87 63.86 60.69 -18.31
N LYS I 88 63.59 61.33 -19.44
CA LYS I 88 64.03 62.70 -19.68
C LYS I 88 63.01 63.71 -19.17
N LEU J 3 8.19 50.82 22.52
CA LEU J 3 7.71 52.23 22.52
C LEU J 3 7.66 52.73 21.08
N HIS J 4 6.66 53.55 20.75
CA HIS J 4 6.47 54.16 19.41
C HIS J 4 7.54 55.19 19.01
N MET J 5 7.95 56.08 19.93
CA MET J 5 8.78 57.25 19.50
C MET J 5 10.27 57.25 19.92
N ILE J 6 10.84 56.17 20.46
CA ILE J 6 12.27 56.31 20.80
C ILE J 6 12.74 57.75 20.65
N PRO J 7 12.54 58.61 21.68
CA PRO J 7 12.60 60.08 21.52
C PRO J 7 13.84 60.71 20.89
N GLN J 8 14.88 59.92 20.61
CA GLN J 8 15.92 60.37 19.67
C GLN J 8 15.36 60.58 18.28
N VAL J 9 14.30 59.85 17.92
CA VAL J 9 13.64 60.04 16.64
C VAL J 9 12.90 61.37 16.62
N ALA J 10 12.19 61.69 17.70
CA ALA J 10 11.42 62.92 17.75
C ALA J 10 12.30 64.15 17.80
N HIS J 11 13.52 64.01 18.33
CA HIS J 11 14.48 65.11 18.27
C HIS J 11 14.96 65.33 16.84
N ALA J 12 14.88 64.31 16.00
CA ALA J 12 15.17 64.49 14.58
C ALA J 12 13.97 65.00 13.81
N MET J 13 12.76 64.85 14.36
CA MET J 13 11.59 65.43 13.72
C MET J 13 11.62 66.94 13.77
N VAL J 14 11.89 67.49 14.95
CA VAL J 14 11.79 68.92 15.17
C VAL J 14 12.93 69.66 14.49
N ARG J 15 14.14 69.07 14.52
CA ARG J 15 15.27 69.68 13.84
C ARG J 15 15.14 69.62 12.32
N ALA J 16 14.33 68.71 11.80
CA ALA J 16 14.01 68.70 10.37
C ALA J 16 12.84 69.60 10.03
N ALA J 17 12.15 70.06 11.08
CA ALA J 17 10.99 70.98 10.96
C ALA J 17 11.40 72.39 11.41
N ALA J 18 12.44 72.52 12.24
CA ALA J 18 12.92 73.87 12.63
C ALA J 18 13.40 74.54 11.34
N ALA J 19 14.19 73.78 10.57
CA ALA J 19 14.57 74.15 9.19
C ALA J 19 13.75 73.14 8.40
N GLY J 20 12.63 73.56 7.81
CA GLY J 20 11.73 72.56 7.19
C GLY J 20 12.39 71.79 6.08
N ARG J 21 12.29 70.45 6.13
CA ARG J 21 12.79 69.66 5.03
C ARG J 21 11.89 68.49 4.63
N LEU J 22 11.11 68.03 5.63
CA LEU J 22 10.23 66.85 5.58
C LEU J 22 9.13 67.02 4.53
N THR J 23 8.83 65.92 3.83
CA THR J 23 7.74 65.85 2.82
C THR J 23 6.70 64.85 3.32
N LEU J 24 5.42 65.23 3.31
CA LEU J 24 4.34 64.33 3.77
C LEU J 24 3.93 63.42 2.61
N TYR J 25 4.69 62.34 2.39
CA TYR J 25 4.42 61.42 1.29
C TYR J 25 3.04 60.79 1.46
N THR J 26 2.39 60.54 0.35
CA THR J 26 1.07 59.92 0.33
C THR J 26 1.20 58.40 0.36
N ARG J 27 0.07 57.70 0.27
CA ARG J 27 0.10 56.25 0.25
C ARG J 27 0.59 55.69 -1.07
N THR J 28 0.46 56.44 -2.17
CA THR J 28 0.99 56.03 -3.45
C THR J 28 2.42 56.51 -3.68
N ARG J 29 3.13 56.81 -2.59
CA ARG J 29 4.57 57.09 -2.55
C ARG J 29 4.93 58.33 -3.36
N THR J 30 4.02 59.30 -3.42
CA THR J 30 4.28 60.59 -4.04
C THR J 30 4.21 61.66 -2.97
N GLU J 31 5.06 62.68 -3.11
CA GLU J 31 5.12 63.71 -2.10
C GLU J 31 4.07 64.79 -2.35
N THR J 32 3.40 65.21 -1.29
CA THR J 32 2.48 66.34 -1.31
C THR J 32 2.78 67.23 -0.13
N THR J 33 2.10 68.38 -0.08
CA THR J 33 2.27 69.36 0.98
C THR J 33 0.98 69.72 1.68
N ASN J 34 -0.02 68.83 1.67
CA ASN J 34 -1.34 69.18 2.17
C ASN J 34 -1.74 68.48 3.46
N PHE J 35 -1.08 67.36 3.80
CA PHE J 35 -1.24 66.53 5.00
C PHE J 35 -2.54 65.73 4.98
N ASP J 36 -3.45 66.02 4.05
CA ASP J 36 -4.72 65.32 4.04
C ASP J 36 -4.61 64.00 3.31
N HIS J 37 -3.89 63.97 2.21
CA HIS J 37 -3.65 62.73 1.48
C HIS J 37 -2.35 62.05 1.89
N ALA J 38 -1.57 62.68 2.75
CA ALA J 38 -0.24 62.18 3.04
C ALA J 38 -0.24 61.22 4.22
N GLU J 39 0.59 60.19 4.12
CA GLU J 39 0.80 59.24 5.20
C GLU J 39 2.21 59.27 5.75
N TYR J 40 3.21 59.16 4.89
CA TYR J 40 4.58 59.01 5.37
C TYR J 40 5.20 60.37 5.62
N VAL J 41 6.04 60.44 6.65
CA VAL J 41 6.68 61.67 7.09
C VAL J 41 8.17 61.41 7.22
N THR J 42 8.98 62.18 6.50
CA THR J 42 10.43 61.97 6.47
C THR J 42 11.17 63.14 7.10
N CYS J 43 12.50 63.03 7.10
CA CYS J 43 13.35 64.14 7.54
C CYS J 43 14.29 64.71 6.47
N GLY J 44 15.20 63.93 5.85
CA GLY J 44 15.18 62.51 5.52
C GLY J 44 16.10 61.51 6.21
N ARG J 45 16.17 61.54 7.53
CA ARG J 45 16.70 60.37 8.22
C ARG J 45 15.61 59.35 8.41
N TYR J 46 14.59 59.66 9.22
CA TYR J 46 13.64 58.68 9.69
C TYR J 46 12.29 58.85 9.00
N THR J 47 11.54 57.75 8.89
CA THR J 47 10.24 57.73 8.23
C THR J 47 9.18 57.21 9.17
N ILE J 48 8.06 57.92 9.24
CA ILE J 48 6.95 57.60 10.13
C ILE J 48 5.65 57.76 9.35
N CYS J 49 4.82 56.72 9.33
CA CYS J 49 3.48 56.86 8.78
C CYS J 49 2.64 57.66 9.77
N ALA J 50 1.90 58.65 9.26
CA ALA J 50 1.18 59.55 10.16
C ALA J 50 -0.02 58.88 10.83
N PHE J 51 -0.48 57.76 10.30
CA PHE J 51 -1.66 57.12 10.88
C PHE J 51 -1.29 56.36 12.14
N CYS J 52 -0.46 55.33 12.00
CA CYS J 52 -0.09 54.51 13.15
C CYS J 52 0.93 55.21 14.03
N LEU J 53 1.69 56.15 13.45
CA LEU J 53 2.71 56.95 14.14
C LEU J 53 3.79 56.07 14.77
N THR J 54 4.44 55.27 13.94
CA THR J 54 5.57 54.45 14.34
C THR J 54 6.70 54.65 13.34
N THR J 55 7.93 54.43 13.79
CA THR J 55 9.07 54.54 12.91
C THR J 55 9.10 53.38 11.92
N LEU J 56 9.31 53.69 10.63
CA LEU J 56 9.25 52.58 9.64
C LEU J 56 10.62 52.36 8.99
N ALA J 57 11.18 53.42 8.41
CA ALA J 57 12.50 53.33 7.74
C ALA J 57 13.40 54.45 8.26
N PRO J 58 14.65 54.18 8.68
CA PRO J 58 15.52 55.24 9.19
C PRO J 58 16.31 55.97 8.08
N HIS J 59 15.58 56.55 7.12
CA HIS J 59 16.08 57.31 5.94
C HIS J 59 14.89 57.73 5.08
N ALA J 60 15.16 58.28 3.89
CA ALA J 60 14.08 58.69 2.96
C ALA J 60 13.92 57.58 1.91
N ASN J 61 13.61 57.96 0.66
CA ASN J 61 13.45 56.96 -0.44
C ASN J 61 12.41 55.93 -0.01
N VAL J 62 11.38 56.39 0.70
CA VAL J 62 10.26 55.52 1.17
C VAL J 62 9.91 54.50 0.08
N LYS J 63 9.93 54.92 -1.19
CA LYS J 63 9.55 54.01 -2.26
C LYS J 63 9.85 52.56 -1.91
N THR J 64 10.79 52.32 -1.00
CA THR J 64 11.18 50.98 -0.58
C THR J 64 10.71 50.62 0.83
N ILE J 65 9.51 51.02 1.23
CA ILE J 65 9.01 50.69 2.56
C ILE J 65 7.74 49.86 2.43
N GLN J 66 7.64 48.79 3.23
CA GLN J 66 6.43 47.97 3.32
C GLN J 66 5.71 48.29 4.61
N ASP J 67 4.39 48.47 4.53
CA ASP J 67 3.58 48.82 5.69
C ASP J 67 2.12 48.46 5.41
N SER J 68 1.37 48.19 6.49
CA SER J 68 -0.06 47.92 6.39
C SER J 68 -0.77 48.57 7.56
N HIS J 69 -1.22 49.82 7.38
CA HIS J 69 -2.07 50.51 8.33
C HIS J 69 -3.06 51.37 7.56
N ALA J 70 -4.16 51.72 8.22
CA ALA J 70 -5.20 52.52 7.58
C ALA J 70 -6.03 53.21 8.64
N CYS J 71 -5.86 54.53 8.73
CA CYS J 71 -6.49 55.45 9.72
C CYS J 71 -6.63 56.85 9.11
N SER J 72 -7.38 57.72 9.79
CA SER J 72 -7.62 59.13 9.36
C SER J 72 -6.43 60.00 9.77
N ARG J 73 -6.50 61.31 9.49
CA ARG J 73 -5.38 62.22 9.85
C ARG J 73 -5.17 62.16 11.37
N GLN J 74 -3.91 62.16 11.79
CA GLN J 74 -3.56 62.04 13.23
C GLN J 74 -2.65 63.22 13.62
N PRO J 75 -3.19 64.45 13.71
CA PRO J 75 -2.38 65.61 14.11
C PRO J 75 -1.96 65.40 15.57
N ASN J 76 -0.71 65.74 15.90
CA ASN J 76 -0.06 66.95 15.42
C ASN J 76 0.07 67.27 13.92
N GLU J 77 -0.67 68.30 13.53
CA GLU J 77 -0.40 69.08 12.33
C GLU J 77 0.58 70.21 12.62
N ALA J 78 1.03 70.33 13.87
CA ALA J 78 1.81 71.48 14.29
C ALA J 78 3.20 71.48 13.68
N ILE J 79 3.80 70.29 13.56
CA ILE J 79 5.08 70.19 12.87
C ILE J 79 4.89 70.42 11.38
N ARG J 80 3.79 69.93 10.82
CA ARG J 80 3.42 70.23 9.44
C ARG J 80 3.21 71.72 9.23
N SER J 81 2.56 72.38 10.20
CA SER J 81 2.39 73.82 10.13
C SER J 81 3.70 74.57 10.34
N LEU J 82 4.61 74.03 11.15
CA LEU J 82 5.87 74.71 11.41
C LEU J 82 6.81 74.66 10.22
N VAL J 83 6.64 73.68 9.33
CA VAL J 83 7.53 73.56 8.17
C VAL J 83 7.26 74.68 7.17
N GLU J 84 5.99 74.86 6.79
CA GLU J 84 5.64 75.85 5.78
C GLU J 84 5.90 77.28 6.23
N VAL J 85 5.86 77.54 7.54
CA VAL J 85 6.31 78.83 8.05
C VAL J 85 7.83 78.93 7.92
N SER J 86 8.54 77.87 8.26
CA SER J 86 10.00 77.86 8.19
C SER J 86 10.53 77.58 6.79
N ASP J 87 9.65 77.32 5.82
CA ASP J 87 10.11 77.06 4.46
C ASP J 87 10.49 78.37 3.77
N LYS J 88 10.10 79.50 4.34
CA LYS J 88 10.43 80.82 3.79
C LYS J 88 11.78 81.29 4.31
N GLY K 2 -12.72 -37.49 -92.94
CA GLY K 2 -12.98 -37.73 -91.54
C GLY K 2 -13.97 -38.86 -91.36
N ASN K 3 -14.32 -39.51 -92.44
CA ASN K 3 -15.27 -40.58 -92.38
C ASN K 3 -14.92 -41.57 -91.30
N VAL K 4 -15.95 -41.91 -90.58
CA VAL K 4 -15.80 -42.88 -89.55
C VAL K 4 -15.03 -44.09 -90.05
N GLN K 5 -14.14 -44.54 -89.17
CA GLN K 5 -13.30 -45.74 -89.34
C GLN K 5 -13.94 -46.78 -88.41
N THR K 6 -13.46 -46.83 -87.14
CA THR K 6 -14.03 -47.65 -86.02
C THR K 6 -13.04 -48.46 -85.19
N SER K 7 -12.07 -49.17 -85.74
CA SER K 7 -11.25 -49.90 -84.80
C SER K 7 -9.78 -49.82 -85.13
N VAL K 8 -9.51 -49.59 -86.43
CA VAL K 8 -8.15 -49.53 -86.90
C VAL K 8 -7.29 -48.88 -85.83
N ASN K 9 -7.73 -47.70 -85.36
CA ASN K 9 -6.95 -47.00 -84.33
C ASN K 9 -7.87 -46.57 -83.11
N THR K 10 -7.48 -46.71 -81.79
CA THR K 10 -8.31 -46.38 -80.55
C THR K 10 -9.05 -45.04 -80.53
N TYR K 11 -8.85 -44.23 -81.54
CA TYR K 11 -9.50 -42.93 -81.61
C TYR K 11 -10.01 -42.59 -82.98
N ASN K 12 -11.21 -42.05 -83.01
CA ASN K 12 -11.79 -41.57 -84.25
C ASN K 12 -11.31 -40.14 -84.36
N ILE K 13 -11.17 -39.60 -85.55
CA ILE K 13 -10.72 -38.21 -85.62
C ILE K 13 -11.89 -37.30 -85.36
N THR K 14 -12.97 -37.55 -86.08
CA THR K 14 -14.21 -36.79 -85.91
C THR K 14 -14.94 -37.28 -84.66
N GLY K 15 -14.25 -38.16 -83.93
CA GLY K 15 -14.80 -38.71 -82.70
C GLY K 15 -15.39 -37.68 -81.75
N ASP K 16 -16.21 -38.17 -80.83
CA ASP K 16 -16.88 -37.35 -79.83
C ASP K 16 -15.92 -36.64 -78.85
N GLY K 17 -16.18 -35.35 -78.64
CA GLY K 17 -15.38 -34.58 -77.70
C GLY K 17 -13.85 -34.57 -77.76
N ASN K 18 -13.28 -34.46 -78.96
CA ASN K 18 -11.82 -34.36 -79.10
C ASN K 18 -11.49 -32.94 -78.73
N SER K 19 -10.24 -32.53 -78.85
CA SER K 19 -9.97 -31.16 -78.48
C SER K 19 -8.59 -30.64 -78.76
N PHE K 20 -8.44 -29.81 -79.77
CA PHE K 20 -7.16 -29.20 -80.06
C PHE K 20 -6.99 -28.11 -79.00
N THR K 21 -5.87 -28.12 -78.30
CA THR K 21 -5.63 -27.14 -77.24
C THR K 21 -4.20 -27.16 -76.69
N PRO K 22 -3.31 -26.36 -77.33
CA PRO K 22 -1.91 -26.27 -76.92
C PRO K 22 -1.79 -25.76 -75.51
N THR K 23 -0.77 -26.25 -74.80
CA THR K 23 -0.46 -25.86 -73.44
C THR K 23 0.99 -25.53 -73.46
N SER K 24 1.38 -24.34 -73.01
CA SER K 24 2.79 -23.95 -73.00
C SER K 24 3.62 -24.98 -72.25
N ASP K 25 2.92 -25.83 -71.50
CA ASP K 25 3.52 -26.85 -70.66
C ASP K 25 4.12 -28.12 -71.32
N MET K 26 3.61 -28.55 -72.46
CA MET K 26 4.09 -29.81 -73.02
C MET K 26 4.75 -29.82 -74.42
N THR K 27 5.27 -28.68 -74.93
CA THR K 27 5.90 -28.62 -76.27
C THR K 27 6.05 -29.96 -77.02
N SER K 28 5.11 -30.22 -77.93
CA SER K 28 5.06 -31.44 -78.75
C SER K 28 6.39 -31.80 -79.39
N THR K 29 6.88 -33.02 -79.17
CA THR K 29 8.17 -33.48 -79.72
C THR K 29 8.42 -34.99 -79.76
N ALA K 30 8.76 -35.51 -80.94
CA ALA K 30 9.11 -36.92 -81.10
C ALA K 30 10.61 -37.08 -80.80
N ALA K 31 11.31 -37.96 -81.52
CA ALA K 31 12.73 -38.18 -81.23
C ALA K 31 13.65 -37.95 -82.41
N PRO K 32 14.14 -36.70 -82.58
CA PRO K 32 15.03 -36.36 -83.68
C PRO K 32 16.50 -36.45 -83.31
N ALA K 33 16.89 -35.87 -82.18
CA ALA K 33 18.30 -35.88 -81.83
C ALA K 33 18.90 -37.18 -81.31
N ILE K 34 18.49 -38.34 -81.84
CA ILE K 34 19.08 -39.60 -81.36
C ILE K 34 20.57 -39.58 -81.67
N ASP K 35 21.39 -39.86 -80.66
CA ASP K 35 22.84 -39.85 -80.85
C ASP K 35 23.35 -41.14 -81.49
N LEU K 36 24.11 -41.00 -82.58
CA LEU K 36 24.65 -42.17 -83.25
C LEU K 36 26.14 -42.02 -83.57
N LYS K 37 26.71 -40.83 -83.35
CA LYS K 37 28.12 -40.60 -83.65
C LYS K 37 29.05 -41.69 -83.05
N PRO K 38 30.04 -42.07 -83.82
CA PRO K 38 31.01 -43.12 -83.48
C PRO K 38 31.32 -43.31 -82.00
N GLY K 39 31.92 -42.29 -81.40
CA GLY K 39 32.27 -42.42 -80.01
C GLY K 39 31.06 -42.66 -79.11
N VAL K 40 29.98 -41.92 -79.38
CA VAL K 40 28.80 -42.01 -78.52
C VAL K 40 27.92 -43.23 -78.74
N LEU K 41 27.87 -43.82 -79.94
CA LEU K 41 27.06 -45.03 -80.12
C LEU K 41 27.85 -46.26 -79.71
N ASN K 42 29.17 -46.09 -79.63
CA ASN K 42 30.09 -47.16 -79.18
C ASN K 42 31.24 -47.45 -80.13
N PRO L 1 31.04 -53.79 -69.44
CA PRO L 1 31.77 -54.41 -70.56
C PRO L 1 31.38 -53.75 -71.85
N THR L 2 32.11 -54.08 -72.91
CA THR L 2 31.94 -53.55 -74.27
C THR L 2 32.70 -54.42 -75.24
N GLY L 3 32.50 -54.19 -76.54
CA GLY L 3 33.24 -54.94 -77.55
C GLY L 3 32.62 -56.30 -77.91
N LYS L 4 33.36 -57.05 -78.72
CA LYS L 4 32.92 -58.35 -79.16
C LYS L 4 33.11 -59.33 -78.03
N LEU L 5 32.31 -60.39 -77.99
CA LEU L 5 32.42 -61.38 -76.93
C LEU L 5 33.43 -62.45 -77.34
N TRP L 6 34.23 -62.90 -76.40
CA TRP L 6 35.23 -63.93 -76.63
C TRP L 6 34.92 -65.13 -75.80
N ARG L 7 35.47 -66.28 -76.15
CA ARG L 7 35.29 -67.48 -75.34
C ARG L 7 36.54 -68.33 -75.39
N PRO L 8 36.82 -69.05 -74.29
CA PRO L 8 38.01 -69.91 -74.19
C PRO L 8 38.09 -70.96 -75.31
N VAL L 9 38.85 -70.69 -76.36
CA VAL L 9 38.97 -71.64 -77.46
C VAL L 9 39.65 -72.93 -76.96
N GLY L 10 40.56 -72.80 -76.01
CA GLY L 10 41.25 -73.94 -75.44
C GLY L 10 40.43 -74.66 -74.38
N THR L 11 39.24 -74.13 -74.12
CA THR L 11 38.29 -74.68 -73.15
C THR L 11 38.61 -74.49 -71.67
N SER L 12 37.53 -74.48 -70.88
CA SER L 12 37.60 -74.32 -69.42
C SER L 12 38.44 -73.13 -68.98
N VAL L 13 39.70 -73.40 -68.66
CA VAL L 13 40.61 -72.36 -68.21
C VAL L 13 40.69 -71.24 -69.27
N ALA L 14 40.19 -70.07 -68.89
CA ALA L 14 40.25 -68.90 -69.71
C ALA L 14 41.39 -68.02 -69.28
N THR L 15 42.48 -68.06 -70.01
CA THR L 15 43.64 -67.20 -69.70
C THR L 15 43.66 -66.08 -70.78
N ILE L 16 44.70 -65.20 -70.75
CA ILE L 16 44.91 -64.10 -71.71
C ILE L 16 45.53 -64.63 -73.02
N ASP L 17 44.96 -65.68 -73.56
CA ASP L 17 45.47 -66.32 -74.77
C ASP L 17 44.64 -67.54 -75.17
N SER L 18 43.94 -68.12 -74.20
CA SER L 18 43.09 -69.26 -74.46
C SER L 18 41.69 -68.74 -74.86
N LEU L 19 41.64 -67.44 -75.20
CA LEU L 19 40.43 -66.78 -75.63
C LEU L 19 40.50 -66.65 -77.15
N ALA L 20 39.43 -66.14 -77.71
CA ALA L 20 39.32 -65.90 -79.13
C ALA L 20 37.94 -65.36 -79.46
N ILE L 21 37.89 -64.28 -80.26
CA ILE L 21 36.59 -63.72 -80.62
C ILE L 21 35.66 -64.85 -81.06
N VAL L 22 34.59 -65.08 -80.33
CA VAL L 22 33.63 -66.15 -80.65
C VAL L 22 32.91 -65.83 -81.94
N SER L 23 33.55 -66.04 -83.07
CA SER L 23 32.89 -65.76 -84.34
C SER L 23 32.19 -67.04 -84.81
N ASP L 24 31.43 -66.93 -85.91
CA ASP L 24 30.74 -68.09 -86.45
C ASP L 24 29.86 -67.69 -87.63
N ARG L 25 29.03 -68.65 -88.04
CA ARG L 25 28.12 -68.50 -89.17
C ARG L 25 27.27 -67.24 -89.20
N PHE L 26 27.17 -66.54 -88.07
CA PHE L 26 26.38 -65.31 -87.98
C PHE L 26 27.23 -64.05 -87.93
N GLY L 27 28.55 -64.21 -87.80
CA GLY L 27 29.43 -63.05 -87.70
C GLY L 27 29.91 -63.07 -86.26
N GLN L 28 30.33 -61.93 -85.72
CA GLN L 28 30.79 -61.91 -84.32
C GLN L 28 29.85 -61.20 -83.38
N TYR L 29 29.49 -61.90 -82.31
CA TYR L 29 28.60 -61.30 -81.33
C TYR L 29 29.28 -60.16 -80.64
N SER L 30 28.72 -58.95 -80.78
CA SER L 30 29.31 -57.81 -80.08
C SER L 30 28.33 -57.50 -78.94
N PHE L 31 28.86 -57.23 -77.75
CA PHE L 31 28.04 -56.95 -76.59
C PHE L 31 27.20 -55.69 -76.72
N VAL L 32 25.99 -55.73 -76.16
CA VAL L 32 25.09 -54.57 -76.23
C VAL L 32 24.93 -53.95 -74.84
N ASN L 33 25.93 -53.17 -74.44
CA ASN L 33 25.96 -52.50 -73.14
C ASN L 33 24.65 -51.73 -72.92
N GLU L 34 24.30 -51.55 -71.66
CA GLU L 34 23.08 -50.86 -71.26
C GLU L 34 22.67 -49.62 -72.07
N GLY L 35 23.55 -48.66 -72.22
CA GLY L 35 23.25 -47.44 -72.94
C GLY L 35 23.03 -47.62 -74.43
N MET L 36 23.77 -48.53 -75.04
CA MET L 36 23.62 -48.77 -76.47
C MET L 36 22.28 -49.40 -76.80
N ARG L 37 21.57 -49.86 -75.78
CA ARG L 37 20.23 -50.42 -75.99
C ARG L 37 19.25 -49.28 -75.93
N GLU L 38 19.66 -48.19 -75.27
CA GLU L 38 18.82 -47.00 -75.15
C GLU L 38 18.63 -46.39 -76.52
N THR L 39 19.69 -46.41 -77.31
CA THR L 39 19.59 -45.84 -78.64
C THR L 39 18.68 -46.67 -79.52
N PHE L 40 19.06 -47.92 -79.78
CA PHE L 40 18.26 -48.82 -80.62
C PHE L 40 16.86 -49.00 -80.13
N SER L 41 16.62 -48.74 -78.87
CA SER L 41 15.27 -48.78 -78.39
C SER L 41 14.60 -47.46 -78.70
N LYS L 42 15.34 -46.38 -78.51
CA LYS L 42 14.81 -45.03 -78.76
C LYS L 42 14.53 -44.84 -80.25
N ALA L 43 15.29 -45.56 -81.09
CA ALA L 43 15.13 -45.49 -82.55
C ALA L 43 13.91 -46.31 -82.94
N LEU L 44 13.81 -47.54 -82.43
CA LEU L 44 12.68 -48.40 -82.72
C LEU L 44 11.43 -47.81 -82.08
N PHE L 45 11.57 -47.19 -80.92
CA PHE L 45 10.41 -46.61 -80.26
C PHE L 45 9.78 -45.57 -81.16
N ASP L 46 10.60 -44.75 -81.80
CA ASP L 46 10.10 -43.71 -82.70
C ASP L 46 9.48 -44.31 -83.97
N ILE L 47 9.70 -45.58 -84.24
CA ILE L 47 9.10 -46.20 -85.42
C ILE L 47 7.81 -46.89 -85.01
N ASN L 48 7.83 -47.65 -83.93
CA ASN L 48 6.62 -48.32 -83.46
C ASN L 48 5.50 -47.31 -83.39
N MET L 49 5.81 -46.09 -82.96
CA MET L 49 4.83 -45.03 -82.84
C MET L 49 3.91 -44.95 -84.06
N TRP L 50 4.50 -45.11 -85.23
CA TRP L 50 3.76 -45.07 -86.48
C TRP L 50 3.03 -46.35 -86.78
N GLN L 51 2.69 -47.12 -85.76
CA GLN L 51 2.04 -48.40 -85.98
C GLN L 51 0.73 -48.30 -86.75
N PRO L 52 -0.18 -47.39 -86.34
CA PRO L 52 -1.46 -47.21 -87.01
C PRO L 52 -1.37 -46.85 -88.47
N LEU L 53 -0.24 -46.33 -88.92
CA LEU L 53 -0.14 -46.00 -90.32
C LEU L 53 0.47 -47.13 -91.13
N PHE L 54 1.17 -48.04 -90.46
CA PHE L 54 1.78 -49.19 -91.13
C PHE L 54 0.72 -50.20 -91.51
N GLN L 55 -0.24 -50.44 -90.61
CA GLN L 55 -1.29 -51.39 -90.91
C GLN L 55 -2.18 -50.78 -91.98
N ALA L 56 -2.61 -49.54 -91.76
CA ALA L 56 -3.49 -48.88 -92.72
C ALA L 56 -2.98 -49.04 -94.11
N THR L 57 -1.72 -48.76 -94.29
CA THR L 57 -1.20 -48.90 -95.62
C THR L 57 -0.54 -50.27 -95.89
N LYS L 58 -0.89 -51.39 -95.21
CA LYS L 58 -0.33 -52.74 -95.52
C LYS L 58 1.24 -52.85 -95.71
N THR L 59 2.04 -51.80 -95.41
CA THR L 59 3.52 -51.86 -95.46
C THR L 59 3.99 -52.41 -94.11
N GLY L 60 5.16 -52.00 -93.65
CA GLY L 60 5.61 -52.46 -92.36
C GLY L 60 5.63 -54.01 -92.30
N CYS L 61 5.30 -54.56 -91.13
CA CYS L 61 5.37 -56.00 -90.89
C CYS L 61 5.23 -56.35 -89.40
N GLY L 62 4.54 -55.50 -88.64
CA GLY L 62 4.37 -55.73 -87.22
C GLY L 62 5.34 -54.81 -86.47
N PRO L 63 5.22 -54.67 -85.14
CA PRO L 63 6.12 -53.80 -84.37
C PRO L 63 7.53 -54.39 -84.25
N ILE L 64 8.55 -53.56 -84.40
CA ILE L 64 9.94 -54.02 -84.33
C ILE L 64 10.50 -54.08 -82.91
N VAL L 65 10.55 -55.26 -82.31
CA VAL L 65 11.11 -55.40 -80.96
C VAL L 65 12.62 -55.57 -81.07
N LEU L 66 13.38 -54.79 -80.29
CA LEU L 66 14.82 -54.91 -80.37
C LEU L 66 15.29 -56.28 -79.90
N SER L 67 14.40 -56.99 -79.20
CA SER L 67 14.73 -58.32 -78.70
C SER L 67 14.64 -59.36 -79.80
N SER L 68 14.52 -58.92 -81.05
CA SER L 68 14.46 -59.88 -82.14
C SER L 68 15.80 -59.91 -82.88
N PHE L 69 16.67 -58.94 -82.58
CA PHE L 69 17.96 -58.88 -83.24
C PHE L 69 19.10 -59.34 -82.33
N THR L 70 18.83 -59.45 -81.04
CA THR L 70 19.86 -59.85 -80.10
C THR L 70 19.86 -61.35 -79.76
N THR L 71 20.61 -61.71 -78.72
CA THR L 71 20.72 -63.10 -78.26
C THR L 71 21.13 -63.10 -76.78
N THR L 72 21.27 -64.27 -76.19
CA THR L 72 21.67 -64.35 -74.80
C THR L 72 22.85 -65.28 -74.65
N THR L 73 23.97 -64.90 -75.27
CA THR L 73 25.17 -65.72 -75.15
C THR L 73 25.84 -65.29 -73.83
N SER L 74 26.98 -65.90 -73.53
CA SER L 74 27.74 -65.59 -72.32
C SER L 74 29.18 -66.01 -72.52
N GLY L 75 30.10 -65.18 -72.05
CA GLY L 75 31.51 -65.46 -72.17
C GLY L 75 32.21 -64.24 -71.64
N TYR L 76 33.43 -63.99 -72.09
CA TYR L 76 34.18 -62.82 -71.66
C TYR L 76 34.06 -61.81 -72.76
N VAL L 77 33.71 -60.57 -72.43
CA VAL L 77 33.57 -59.57 -73.49
C VAL L 77 34.46 -58.34 -73.37
N GLY L 78 35.46 -58.25 -74.24
CA GLY L 78 36.33 -57.09 -74.20
C GLY L 78 36.73 -56.64 -75.60
N ALA L 79 37.79 -55.84 -75.68
CA ALA L 79 38.26 -55.36 -76.95
C ALA L 79 39.41 -56.24 -77.41
N THR L 80 40.09 -56.91 -76.48
CA THR L 80 41.20 -57.81 -76.83
C THR L 80 41.34 -58.89 -75.76
N ALA L 81 41.69 -60.11 -76.19
CA ALA L 81 41.84 -61.23 -75.25
C ALA L 81 42.31 -60.77 -73.88
N GLY L 82 43.40 -60.00 -73.85
CA GLY L 82 43.94 -59.50 -72.59
C GLY L 82 42.94 -58.82 -71.67
N ASP L 83 42.25 -57.80 -72.19
CA ASP L 83 41.28 -57.05 -71.40
C ASP L 83 39.89 -57.66 -71.34
N ALA L 84 39.58 -58.55 -72.29
CA ALA L 84 38.26 -59.17 -72.31
C ALA L 84 38.19 -60.18 -71.19
N LEU L 85 39.36 -60.57 -70.69
CA LEU L 85 39.45 -61.53 -69.61
C LEU L 85 38.89 -61.00 -68.29
N ASP L 86 38.79 -59.67 -68.18
CA ASP L 86 38.29 -59.03 -66.96
C ASP L 86 36.85 -58.56 -67.10
N ASN L 87 36.05 -59.24 -67.92
CA ASN L 87 34.65 -58.86 -68.10
C ASN L 87 33.79 -60.09 -68.25
N PRO L 88 33.95 -61.09 -67.39
CA PRO L 88 33.13 -62.30 -67.51
C PRO L 88 31.67 -61.91 -67.40
N VAL L 89 30.95 -62.03 -68.51
CA VAL L 89 29.53 -61.70 -68.50
C VAL L 89 28.69 -62.95 -68.74
N THR L 90 27.67 -63.17 -67.92
CA THR L 90 26.84 -64.36 -68.08
C THR L 90 25.47 -64.01 -68.63
N ASN L 91 25.10 -64.69 -69.70
CA ASN L 91 23.83 -64.44 -70.37
C ASN L 91 23.64 -62.96 -70.64
N GLY L 92 24.69 -62.33 -71.17
CA GLY L 92 24.61 -60.95 -71.54
C GLY L 92 23.77 -60.91 -72.80
N VAL L 93 23.49 -59.72 -73.31
CA VAL L 93 22.70 -59.60 -74.53
C VAL L 93 23.58 -59.07 -75.67
N PHE L 94 23.96 -59.95 -76.59
CA PHE L 94 24.82 -59.56 -77.71
C PHE L 94 24.05 -59.56 -79.00
N ILE L 95 24.50 -58.78 -79.98
CA ILE L 95 23.84 -58.77 -81.28
C ILE L 95 24.90 -59.23 -82.28
N SER L 96 24.63 -60.33 -83.01
CA SER L 96 25.61 -60.87 -83.98
C SER L 96 25.83 -59.95 -85.17
N THR L 97 26.94 -60.01 -85.83
CA THR L 97 27.16 -59.13 -86.98
C THR L 97 26.01 -59.13 -87.97
N VAL L 98 25.67 -60.31 -88.53
CA VAL L 98 24.60 -60.36 -89.50
C VAL L 98 23.31 -59.73 -88.95
N GLN L 99 23.16 -59.68 -87.64
CA GLN L 99 21.98 -59.05 -87.04
C GLN L 99 22.18 -57.55 -87.00
N ILE L 100 23.38 -57.13 -86.57
CA ILE L 100 23.73 -55.72 -86.51
C ILE L 100 23.51 -55.18 -87.91
N MET L 101 23.29 -56.08 -88.87
CA MET L 101 23.03 -55.66 -90.23
C MET L 101 21.56 -55.37 -90.44
N ASN L 102 20.68 -56.24 -89.94
CA ASN L 102 19.24 -56.02 -90.10
C ASN L 102 18.72 -54.90 -89.23
N LEU L 103 19.01 -54.96 -87.93
CA LEU L 103 18.55 -53.91 -87.03
C LEU L 103 18.93 -52.59 -87.70
N GLN L 104 19.94 -52.65 -88.55
CA GLN L 104 20.41 -51.48 -89.30
C GLN L 104 19.51 -51.26 -90.50
N ARG L 105 19.57 -52.14 -91.49
CA ARG L 105 18.72 -51.96 -92.66
C ARG L 105 17.22 -52.03 -92.40
N THR L 106 16.80 -52.43 -91.21
CA THR L 106 15.37 -52.44 -90.93
C THR L 106 15.05 -51.03 -90.51
N ILE L 107 15.74 -50.55 -89.48
CA ILE L 107 15.56 -49.19 -88.99
C ILE L 107 15.74 -48.23 -90.15
N ALA L 108 16.50 -48.64 -91.16
CA ALA L 108 16.71 -47.80 -92.33
C ALA L 108 15.48 -47.91 -93.25
N ALA L 109 15.07 -49.12 -93.60
CA ALA L 109 13.91 -49.28 -94.47
C ALA L 109 12.69 -48.64 -93.85
N ARG L 110 12.39 -48.98 -92.59
CA ARG L 110 11.24 -48.40 -91.88
C ARG L 110 11.39 -46.90 -91.78
N MET L 111 12.61 -46.44 -91.52
CA MET L 111 12.85 -45.02 -91.41
C MET L 111 12.42 -44.27 -92.67
N ARG L 112 12.63 -44.85 -93.83
CA ARG L 112 12.16 -44.23 -95.04
C ARG L 112 10.63 -44.18 -94.97
N ASP L 113 10.03 -45.37 -94.87
CA ASP L 113 8.58 -45.50 -94.76
C ASP L 113 7.94 -44.37 -93.94
N VAL L 114 8.35 -44.24 -92.68
CA VAL L 114 7.79 -43.21 -91.83
C VAL L 114 8.23 -41.81 -92.25
N ALA L 115 9.52 -41.63 -92.53
CA ALA L 115 10.02 -40.32 -92.94
C ALA L 115 9.08 -39.69 -93.96
N LEU L 116 8.46 -40.51 -94.77
CA LEU L 116 7.55 -39.97 -95.78
C LEU L 116 6.22 -39.51 -95.16
N TRP L 117 5.48 -40.47 -94.58
CA TRP L 117 4.20 -40.15 -93.94
C TRP L 117 4.40 -39.00 -92.98
N GLN L 118 5.35 -39.19 -92.08
CA GLN L 118 5.75 -38.23 -91.06
C GLN L 118 5.91 -36.85 -91.67
N LYS L 119 6.17 -36.78 -92.97
CA LYS L 119 6.30 -35.47 -93.60
C LYS L 119 4.90 -34.88 -93.91
N HIS L 120 3.96 -35.72 -94.31
CA HIS L 120 2.57 -35.31 -94.59
C HIS L 120 1.86 -34.90 -93.32
N LEU L 121 2.05 -35.68 -92.26
CA LEU L 121 1.43 -35.41 -90.98
C LEU L 121 1.82 -34.01 -90.57
N ASP L 122 3.07 -33.67 -90.86
CA ASP L 122 3.59 -32.37 -90.51
C ASP L 122 3.03 -31.16 -91.29
N THR L 123 3.12 -31.19 -92.62
CA THR L 123 2.61 -30.05 -93.39
C THR L 123 1.19 -29.73 -92.93
N ALA L 124 0.55 -30.67 -92.24
CA ALA L 124 -0.82 -30.47 -91.74
C ALA L 124 -0.79 -30.05 -90.28
N MET L 125 0.11 -30.65 -89.51
CA MET L 125 0.21 -30.31 -88.09
C MET L 125 0.72 -28.89 -87.87
N THR L 126 1.98 -28.64 -88.24
CA THR L 126 2.54 -27.31 -88.09
C THR L 126 1.67 -26.31 -88.87
N MET L 127 0.83 -26.82 -89.76
CA MET L 127 -0.04 -25.92 -90.52
C MET L 127 -1.14 -25.34 -89.64
N LEU L 128 -0.85 -25.23 -88.35
CA LEU L 128 -1.76 -24.64 -87.36
C LEU L 128 -1.04 -24.62 -86.01
N THR L 129 0.21 -24.18 -86.06
CA THR L 129 1.10 -24.04 -84.90
C THR L 129 0.59 -24.69 -83.63
N PRO L 130 0.72 -26.01 -83.51
CA PRO L 130 0.23 -26.64 -82.28
C PRO L 130 1.16 -26.38 -81.10
N ASP L 131 1.98 -25.33 -81.18
CA ASP L 131 2.88 -25.06 -80.07
C ASP L 131 2.99 -23.62 -79.58
N ILE L 132 2.51 -23.40 -78.35
CA ILE L 132 2.56 -22.10 -77.71
C ILE L 132 3.58 -22.23 -76.57
N SER L 133 4.01 -21.11 -75.99
CA SER L 133 5.01 -21.20 -74.91
C SER L 133 4.72 -20.42 -73.63
N ALA L 134 3.45 -20.07 -73.42
CA ALA L 134 3.04 -19.33 -72.23
C ALA L 134 1.53 -19.51 -72.03
N GLY L 135 1.13 -20.09 -70.90
CA GLY L 135 -0.28 -20.32 -70.66
C GLY L 135 -0.83 -21.26 -71.73
N SER L 136 -2.15 -21.39 -71.84
CA SER L 136 -2.73 -22.27 -72.84
C SER L 136 -3.40 -21.51 -73.96
N ALA L 137 -4.36 -22.14 -74.61
CA ALA L 137 -5.12 -21.56 -75.73
C ALA L 137 -5.70 -22.66 -76.60
N SER L 138 -7.02 -22.79 -76.61
CA SER L 138 -7.70 -23.81 -77.41
C SER L 138 -8.17 -23.30 -78.77
N CYS L 139 -8.92 -24.13 -79.48
CA CYS L 139 -9.45 -23.79 -80.80
C CYS L 139 -10.46 -24.86 -81.19
N ASN L 140 -11.71 -24.69 -80.77
CA ASN L 140 -12.77 -25.68 -81.02
C ASN L 140 -12.51 -26.59 -82.22
N TRP L 141 -12.21 -27.86 -81.89
CA TRP L 141 -11.88 -28.94 -82.83
C TRP L 141 -12.67 -29.01 -84.14
N LYS L 142 -14.01 -28.93 -84.09
CA LYS L 142 -14.81 -28.98 -85.31
C LYS L 142 -14.20 -28.05 -86.36
N SER L 143 -14.23 -26.74 -86.07
CA SER L 143 -13.68 -25.71 -86.96
C SER L 143 -12.33 -26.13 -87.48
N LEU L 144 -11.39 -26.32 -86.56
CA LEU L 144 -10.03 -26.72 -86.88
C LEU L 144 -10.00 -27.77 -87.99
N LEU L 145 -10.68 -28.88 -87.77
CA LEU L 145 -10.74 -29.96 -88.74
C LEU L 145 -11.37 -29.47 -90.04
N ALA L 146 -12.62 -29.06 -90.00
CA ALA L 146 -13.34 -28.55 -91.18
C ALA L 146 -12.53 -27.50 -91.93
N PHE L 147 -11.53 -26.92 -91.26
CA PHE L 147 -10.65 -25.92 -91.84
C PHE L 147 -9.53 -26.60 -92.64
N ALA L 148 -8.76 -27.45 -91.97
CA ALA L 148 -7.67 -28.16 -92.64
C ALA L 148 -8.25 -29.02 -93.76
N LYS L 149 -9.53 -29.35 -93.66
CA LYS L 149 -10.20 -30.13 -94.71
C LYS L 149 -10.02 -29.38 -96.01
N ASP L 150 -9.80 -28.06 -95.87
CA ASP L 150 -9.59 -27.15 -97.00
C ASP L 150 -8.10 -27.07 -97.29
N ILE L 151 -7.44 -26.13 -96.63
CA ILE L 151 -6.03 -25.87 -96.85
C ILE L 151 -5.23 -27.06 -97.38
N LEU L 152 -5.05 -28.13 -96.61
CA LEU L 152 -4.28 -29.29 -97.04
C LEU L 152 -4.41 -29.62 -98.56
N PRO L 153 -3.32 -29.48 -99.38
CA PRO L 153 -3.32 -29.75 -100.81
C PRO L 153 -3.67 -31.22 -101.11
N LEU L 154 -4.45 -31.45 -102.15
CA LEU L 154 -4.93 -32.79 -102.56
C LEU L 154 -3.93 -33.98 -102.61
N ASP L 155 -2.64 -33.75 -102.32
CA ASP L 155 -1.66 -34.84 -102.39
C ASP L 155 -0.94 -35.07 -101.06
N ASN L 156 -1.60 -34.69 -99.99
CA ASN L 156 -1.02 -34.94 -98.69
C ASN L 156 -1.08 -36.47 -98.43
N LEU L 157 -1.49 -36.92 -97.25
CA LEU L 157 -1.73 -38.33 -96.88
C LEU L 157 -2.59 -38.26 -95.61
N CYS L 158 -2.89 -37.03 -95.14
CA CYS L 158 -3.70 -36.74 -93.92
C CYS L 158 -5.18 -36.60 -94.28
N LEU L 159 -5.44 -36.70 -95.59
CA LEU L 159 -6.79 -36.66 -96.13
C LEU L 159 -7.18 -38.07 -96.53
N THR L 160 -6.20 -38.93 -96.86
CA THR L 160 -6.51 -40.32 -97.23
C THR L 160 -6.66 -41.21 -95.95
N TYR L 161 -6.10 -40.80 -94.74
CA TYR L 161 -6.12 -41.61 -93.47
C TYR L 161 -6.44 -40.79 -92.15
N PRO L 162 -7.19 -39.65 -92.18
CA PRO L 162 -7.53 -38.74 -91.03
C PRO L 162 -7.30 -39.29 -89.61
N ASN L 163 -8.01 -40.37 -89.29
CA ASN L 163 -7.83 -41.00 -88.01
C ASN L 163 -7.10 -42.32 -88.19
N GLU L 164 -5.91 -42.17 -88.85
CA GLU L 164 -4.94 -43.24 -89.04
C GLU L 164 -3.61 -42.53 -88.94
N PHE L 165 -3.72 -41.19 -89.10
CA PHE L 165 -2.65 -40.20 -88.97
C PHE L 165 -2.91 -39.54 -87.63
N TYR L 166 -4.17 -39.31 -87.36
CA TYR L 166 -4.58 -38.69 -86.09
C TYR L 166 -4.00 -39.49 -84.90
N ASN L 167 -4.11 -40.83 -84.94
CA ASN L 167 -3.60 -41.73 -83.89
C ASN L 167 -2.10 -41.69 -83.80
N VAL L 168 -1.43 -41.44 -84.93
CA VAL L 168 0.00 -41.30 -84.89
C VAL L 168 0.27 -39.96 -84.24
N ALA L 169 -0.45 -38.94 -84.75
CA ALA L 169 -0.33 -37.56 -84.27
C ALA L 169 -0.52 -37.39 -82.78
N ILE L 170 -1.65 -37.86 -82.25
CA ILE L 170 -1.92 -37.76 -80.81
C ILE L 170 -0.69 -38.07 -79.96
N HIS L 171 0.22 -38.91 -80.45
CA HIS L 171 1.43 -39.27 -79.72
C HIS L 171 2.60 -38.32 -79.97
N ARG L 172 2.41 -37.31 -80.79
CA ARG L 172 3.51 -36.40 -81.04
C ARG L 172 3.15 -34.99 -80.65
N TYR L 173 1.86 -34.69 -80.58
CA TYR L 173 1.42 -33.34 -80.26
C TYR L 173 0.55 -33.31 -79.01
N PRO L 174 1.15 -32.99 -77.86
CA PRO L 174 0.31 -32.96 -76.67
C PRO L 174 -0.69 -31.80 -76.76
N ALA L 175 -0.88 -31.28 -77.97
CA ALA L 175 -1.87 -30.23 -78.17
C ALA L 175 -3.20 -30.94 -78.43
N LEU L 176 -3.19 -31.90 -79.37
CA LEU L 176 -4.39 -32.69 -79.73
C LEU L 176 -4.66 -33.72 -78.65
N LYS L 177 -5.69 -33.51 -77.83
CA LYS L 177 -6.03 -34.46 -76.77
C LYS L 177 -7.28 -35.18 -77.30
N PRO L 178 -7.22 -36.48 -77.55
CA PRO L 178 -8.38 -37.20 -78.08
C PRO L 178 -9.47 -37.31 -77.03
N GLY L 179 -10.72 -37.24 -77.46
CA GLY L 179 -11.81 -37.33 -76.52
C GLY L 179 -11.99 -38.75 -76.04
N ASN L 180 -11.93 -38.94 -74.74
CA ASN L 180 -12.08 -40.28 -74.17
C ASN L 180 -13.38 -40.95 -74.58
N PRO L 181 -13.32 -42.23 -75.04
CA PRO L 181 -14.56 -42.97 -75.41
C PRO L 181 -15.67 -43.08 -74.32
N ASP L 182 -15.40 -43.51 -73.06
CA ASP L 182 -16.50 -43.70 -72.06
C ASP L 182 -16.67 -42.57 -70.97
N THR L 183 -16.90 -41.33 -71.47
CA THR L 183 -17.19 -40.06 -70.75
C THR L 183 -17.24 -38.93 -71.81
N LYS L 184 -16.97 -39.30 -73.06
CA LYS L 184 -16.94 -38.47 -74.29
C LYS L 184 -16.47 -36.98 -74.10
N LEU L 185 -15.40 -36.78 -73.26
CA LEU L 185 -14.77 -35.47 -72.84
C LEU L 185 -13.20 -35.57 -72.96
N PRO L 186 -12.44 -34.44 -73.08
CA PRO L 186 -10.97 -34.54 -73.17
C PRO L 186 -10.29 -35.34 -72.00
N ASP L 187 -9.22 -34.78 -71.39
CA ASP L 187 -8.42 -35.45 -70.32
C ASP L 187 -7.60 -34.44 -69.47
N ALA L 188 -7.64 -33.16 -69.80
CA ALA L 188 -6.83 -32.17 -69.06
C ALA L 188 -5.37 -32.43 -69.43
N GLN L 189 -4.81 -33.48 -68.85
CA GLN L 189 -3.45 -33.88 -69.19
C GLN L 189 -3.45 -34.38 -70.63
N ALA L 190 -2.34 -34.24 -71.28
CA ALA L 190 -2.17 -34.78 -72.62
C ALA L 190 -1.08 -35.84 -72.51
N HIS L 191 -1.33 -37.06 -73.02
CA HIS L 191 -0.34 -38.14 -72.92
C HIS L 191 0.34 -38.53 -74.23
N PRO L 192 1.26 -37.70 -74.73
CA PRO L 192 1.96 -38.06 -75.97
C PRO L 192 3.14 -38.96 -75.61
N LEU L 193 3.45 -39.95 -76.44
CA LEU L 193 4.56 -40.86 -76.17
C LEU L 193 5.85 -40.19 -75.68
N GLY L 194 6.08 -38.94 -76.09
CA GLY L 194 7.29 -38.23 -75.67
C GLY L 194 7.07 -37.53 -74.33
N GLU L 195 6.19 -38.11 -73.52
CA GLU L 195 5.81 -37.60 -72.21
C GLU L 195 6.82 -36.74 -71.48
N VAL L 196 8.00 -37.30 -71.20
CA VAL L 196 9.06 -36.58 -70.48
C VAL L 196 9.75 -35.53 -71.33
N ALA L 197 10.34 -35.95 -72.44
CA ALA L 197 11.02 -35.04 -73.34
C ALA L 197 10.20 -33.78 -73.61
N GLY L 198 8.93 -33.97 -73.96
CA GLY L 198 8.06 -32.84 -74.23
C GLY L 198 7.78 -31.98 -72.99
N ALA L 199 7.93 -32.58 -71.81
CA ALA L 199 7.70 -31.84 -70.57
C ALA L 199 8.90 -30.95 -70.33
N PHE L 200 10.09 -31.50 -70.60
CA PHE L 200 11.33 -30.77 -70.42
C PHE L 200 11.78 -29.87 -71.56
N ASN L 201 10.86 -29.45 -72.40
CA ASN L 201 11.22 -28.54 -73.47
C ASN L 201 10.35 -27.33 -73.40
N ALA L 202 9.21 -27.48 -72.73
CA ALA L 202 8.29 -26.39 -72.55
C ALA L 202 9.14 -25.23 -72.03
N ALA L 203 8.84 -24.01 -72.48
CA ALA L 203 9.59 -22.86 -72.00
C ALA L 203 9.13 -22.58 -70.55
N THR L 204 9.77 -23.23 -69.58
CA THR L 204 9.40 -23.04 -68.18
C THR L 204 9.59 -21.58 -67.77
N SER L 205 8.51 -20.95 -67.32
CA SER L 205 8.55 -19.53 -66.94
C SER L 205 9.59 -19.09 -65.91
N GLU L 206 10.11 -20.01 -65.11
CA GLU L 206 11.12 -19.68 -64.09
C GLU L 206 12.42 -19.35 -64.77
N VAL L 207 12.78 -20.17 -65.75
CA VAL L 207 14.01 -19.96 -66.48
C VAL L 207 13.79 -20.35 -67.94
N GLY L 208 13.94 -19.37 -68.85
CA GLY L 208 13.73 -19.61 -70.27
C GLY L 208 13.32 -21.02 -70.71
N SER L 209 14.33 -21.85 -70.98
CA SER L 209 14.10 -23.23 -71.41
C SER L 209 15.32 -24.08 -71.10
N LEU L 210 15.14 -25.07 -70.24
CA LEU L 210 16.25 -25.93 -69.87
C LEU L 210 16.97 -26.48 -71.11
N VAL L 211 16.24 -26.99 -72.09
CA VAL L 211 16.87 -27.53 -73.31
C VAL L 211 17.69 -26.47 -74.05
N GLY L 212 17.28 -25.21 -73.94
CA GLY L 212 18.01 -24.14 -74.58
C GLY L 212 19.26 -23.81 -73.76
N SER L 213 19.04 -23.08 -72.67
CA SER L 213 20.11 -22.67 -71.76
C SER L 213 21.16 -23.76 -71.49
N SER L 214 20.73 -25.02 -71.55
CA SER L 214 21.66 -26.12 -71.30
C SER L 214 22.65 -26.22 -72.43
N SER L 215 22.14 -26.25 -73.66
CA SER L 215 22.98 -26.38 -74.84
C SER L 215 23.83 -25.14 -75.09
N THR L 216 23.21 -23.95 -75.09
CA THR L 216 23.98 -22.73 -75.30
C THR L 216 25.25 -22.71 -74.43
N LEU L 217 25.24 -23.53 -73.38
CA LEU L 217 26.39 -23.65 -72.49
C LEU L 217 27.34 -24.72 -72.96
N SER L 218 26.85 -25.95 -73.09
CA SER L 218 27.70 -27.04 -73.54
C SER L 218 28.29 -26.64 -74.89
N GLN L 219 27.53 -25.89 -75.67
CA GLN L 219 28.00 -25.42 -76.97
C GLN L 219 29.24 -24.54 -76.74
N ALA L 220 29.09 -23.49 -75.95
CA ALA L 220 30.22 -22.62 -75.65
C ALA L 220 31.39 -23.41 -75.06
N ILE L 221 31.12 -24.36 -74.17
CA ILE L 221 32.17 -25.16 -73.54
C ILE L 221 32.96 -25.88 -74.61
N SER L 222 32.27 -26.36 -75.63
CA SER L 222 32.93 -27.07 -76.72
C SER L 222 34.01 -26.13 -77.27
N THR L 223 33.60 -24.99 -77.83
CA THR L 223 34.54 -24.02 -78.38
C THR L 223 35.69 -23.73 -77.42
N MET L 224 35.36 -23.29 -76.20
CA MET L 224 36.37 -22.95 -75.21
C MET L 224 37.49 -23.97 -75.15
N ALA L 225 37.15 -25.25 -75.24
CA ALA L 225 38.22 -26.26 -75.18
C ALA L 225 38.82 -26.58 -76.53
N GLY L 226 37.94 -26.56 -77.53
CA GLY L 226 38.24 -26.82 -78.88
C GLY L 226 39.27 -25.87 -79.48
N LYS L 227 38.82 -24.86 -80.24
CA LYS L 227 39.78 -24.01 -80.94
C LYS L 227 41.10 -23.79 -80.14
N ASP L 228 40.95 -23.59 -78.82
CA ASP L 228 42.02 -23.30 -77.82
C ASP L 228 41.91 -21.85 -77.43
N LEU L 229 40.69 -21.46 -77.06
CA LEU L 229 40.53 -20.11 -76.63
C LEU L 229 41.34 -19.92 -75.38
N ASP L 230 41.37 -20.97 -74.55
CA ASP L 230 42.21 -20.94 -73.41
C ASP L 230 43.60 -20.68 -73.97
N LEU L 231 44.49 -20.02 -73.24
CA LEU L 231 45.82 -19.78 -73.78
C LEU L 231 45.80 -18.72 -74.91
N ILE L 232 44.75 -17.90 -74.92
CA ILE L 232 44.58 -16.89 -75.97
C ILE L 232 45.60 -15.77 -76.02
N GLU L 233 46.22 -15.45 -74.88
CA GLU L 233 47.23 -14.40 -74.86
C GLU L 233 48.51 -14.96 -74.25
N ALA L 234 48.75 -16.24 -74.51
CA ALA L 234 49.93 -16.95 -74.02
C ALA L 234 51.18 -16.24 -74.53
N ASP L 235 52.16 -16.06 -73.67
CA ASP L 235 53.38 -15.39 -74.08
C ASP L 235 54.50 -16.37 -74.41
N THR L 236 54.41 -17.01 -75.57
CA THR L 236 55.42 -17.99 -76.00
C THR L 236 55.07 -18.64 -77.35
N PRO L 237 56.10 -18.87 -78.19
CA PRO L 237 55.94 -19.47 -79.53
C PRO L 237 54.85 -20.54 -79.62
N LEU L 238 53.95 -20.38 -80.59
CA LEU L 238 52.86 -21.31 -80.84
C LEU L 238 52.72 -21.60 -82.32
N PRO L 239 52.80 -22.89 -82.71
CA PRO L 239 52.67 -23.29 -84.12
C PRO L 239 51.40 -22.68 -84.74
N VAL L 240 51.48 -22.16 -85.96
CA VAL L 240 50.29 -21.58 -86.58
C VAL L 240 49.14 -22.58 -86.57
N SER L 241 49.47 -23.86 -86.66
CA SER L 241 48.48 -24.94 -86.65
C SER L 241 47.52 -24.79 -85.45
N VAL L 242 48.09 -24.41 -84.30
CA VAL L 242 47.36 -24.21 -83.06
C VAL L 242 46.26 -23.18 -83.23
N PHE L 243 46.25 -22.49 -84.38
CA PHE L 243 45.24 -21.47 -84.68
C PHE L 243 44.27 -21.91 -85.78
N THR L 244 44.36 -23.17 -86.20
CA THR L 244 43.49 -23.72 -87.26
C THR L 244 43.01 -22.68 -88.28
N PRO L 245 43.95 -21.95 -88.91
CA PRO L 245 43.61 -20.94 -89.91
C PRO L 245 43.08 -21.61 -91.17
N SER L 246 41.83 -21.31 -91.54
CA SER L 246 41.21 -21.93 -92.70
C SER L 246 40.32 -20.93 -93.42
N LEU L 247 40.04 -21.22 -94.69
CA LEU L 247 39.16 -20.33 -95.47
C LEU L 247 39.58 -18.88 -95.23
N ALA L 248 40.90 -18.61 -95.32
CA ALA L 248 41.39 -17.29 -94.97
C ALA L 248 42.09 -16.45 -96.05
N PRO L 249 41.33 -15.89 -97.01
CA PRO L 249 41.95 -15.08 -98.04
C PRO L 249 41.48 -13.61 -98.04
N ARG L 250 42.17 -12.74 -97.30
CA ARG L 250 41.77 -11.32 -97.20
C ARG L 250 42.18 -10.46 -98.39
N SER L 251 41.33 -9.48 -98.75
CA SER L 251 41.60 -8.59 -99.88
C SER L 251 41.79 -7.13 -99.44
N TYR L 252 42.60 -6.38 -100.20
CA TYR L 252 42.85 -4.97 -99.90
C TYR L 252 42.55 -3.98 -101.00
N ARG L 253 43.44 -2.93 -100.92
CA ARG L 253 43.54 -1.72 -101.78
C ARG L 253 44.91 -0.99 -101.60
N PRO L 254 46.09 -1.62 -101.92
CA PRO L 254 47.43 -0.98 -101.81
C PRO L 254 47.55 0.31 -102.61
N ALA L 255 48.76 0.85 -102.73
CA ALA L 255 48.87 2.13 -103.42
C ALA L 255 48.11 3.14 -102.58
N PHE L 256 47.76 2.68 -101.38
CA PHE L 256 47.07 3.47 -100.39
C PHE L 256 47.64 3.11 -99.02
N ILE L 257 47.85 1.81 -98.78
CA ILE L 257 48.41 1.37 -97.49
C ILE L 257 49.80 1.97 -97.26
N LYS L 258 49.95 2.78 -96.22
CA LYS L 258 51.26 3.36 -95.94
C LYS L 258 52.27 2.24 -95.67
N PRO L 259 53.53 2.41 -96.11
CA PRO L 259 54.54 1.39 -95.91
C PRO L 259 54.76 1.03 -94.44
N GLU L 260 54.71 2.01 -93.54
CA GLU L 260 54.93 1.72 -92.13
C GLU L 260 53.70 1.09 -91.47
N ASP L 261 52.53 1.22 -92.11
CA ASP L 261 51.31 0.64 -91.56
C ASP L 261 51.18 -0.87 -91.83
N ALA L 262 52.13 -1.41 -92.60
CA ALA L 262 52.12 -2.84 -92.95
C ALA L 262 53.38 -3.26 -93.69
N LYS L 263 54.38 -3.72 -92.97
CA LYS L 263 55.67 -4.13 -93.50
C LYS L 263 55.71 -4.77 -94.89
N TRP L 264 54.70 -5.57 -95.24
CA TRP L 264 54.69 -6.25 -96.54
C TRP L 264 54.41 -5.33 -97.72
N ILE L 265 54.78 -4.08 -97.65
CA ILE L 265 54.50 -3.19 -98.78
C ILE L 265 55.32 -1.91 -98.75
N ALA L 266 56.44 -1.92 -99.49
CA ALA L 266 57.35 -0.78 -99.56
C ALA L 266 57.07 0.12 -100.74
N GLU L 267 57.53 1.36 -100.69
CA GLU L 267 57.29 2.29 -101.80
C GLU L 267 58.51 2.98 -102.39
N PHE L 268 58.46 3.24 -103.69
CA PHE L 268 59.53 3.90 -104.43
C PHE L 268 59.48 5.42 -104.25
N ASN L 269 59.66 5.93 -103.03
CA ASN L 269 59.63 7.38 -102.84
C ASN L 269 60.90 8.04 -103.38
N ASN L 270 60.85 8.38 -104.70
CA ASN L 270 61.99 9.01 -105.38
C ASN L 270 61.59 10.32 -106.06
N SER L 271 62.54 11.24 -106.20
CA SER L 271 62.27 12.54 -106.81
C SER L 271 61.52 12.52 -108.14
N SER L 272 62.24 12.26 -109.23
CA SER L 272 61.65 12.22 -110.58
C SER L 272 60.96 10.89 -110.89
N LEU L 273 60.77 10.61 -112.18
CA LEU L 273 60.17 9.37 -112.64
C LEU L 273 61.26 8.35 -112.86
N ILE L 274 60.90 7.07 -112.92
CA ILE L 274 61.92 6.05 -113.13
C ILE L 274 61.56 5.16 -114.31
N ARG L 275 61.39 5.74 -115.50
CA ARG L 275 61.03 4.94 -116.67
C ARG L 275 62.09 3.90 -117.03
N LYS L 276 61.67 2.63 -116.99
CA LYS L 276 62.54 1.51 -117.32
C LYS L 276 61.94 0.88 -118.56
N THR L 277 62.61 -0.11 -119.13
CA THR L 277 62.09 -0.81 -120.32
C THR L 277 62.18 -2.32 -120.14
N LEU L 278 61.54 -3.06 -121.04
CA LEU L 278 61.54 -4.52 -120.95
C LEU L 278 60.84 -5.12 -122.16
N THR L 279 61.52 -6.04 -122.85
CA THR L 279 60.93 -6.69 -124.01
C THR L 279 59.97 -7.76 -123.54
N TYR L 280 58.68 -7.48 -123.63
CA TYR L 280 57.65 -8.43 -123.23
C TYR L 280 56.83 -8.86 -124.45
N SER L 281 57.03 -10.11 -124.87
CA SER L 281 56.32 -10.63 -126.03
C SER L 281 56.77 -9.85 -127.27
N GLY L 282 58.08 -9.65 -127.39
CA GLY L 282 58.61 -8.91 -128.51
C GLY L 282 58.55 -7.42 -128.22
N ALA L 283 57.34 -6.86 -128.32
CA ALA L 283 57.11 -5.44 -128.06
C ALA L 283 57.83 -4.92 -126.80
N THR L 284 58.39 -3.72 -126.90
CA THR L 284 59.09 -3.12 -125.78
C THR L 284 58.21 -2.11 -125.05
N TYR L 285 57.97 -2.36 -123.77
CA TYR L 285 57.14 -1.48 -122.96
C TYR L 285 57.97 -0.77 -121.89
N THR L 286 57.40 0.30 -121.33
CA THR L 286 58.10 1.05 -120.30
C THR L 286 57.31 1.08 -119.00
N VAL L 287 57.86 0.42 -117.97
CA VAL L 287 57.24 0.48 -116.65
C VAL L 287 57.50 1.91 -116.16
N GLN L 288 56.54 2.54 -115.47
CA GLN L 288 56.71 3.98 -115.15
C GLN L 288 57.24 4.33 -113.77
N LEU L 289 56.54 3.96 -112.69
CA LEU L 289 56.94 4.33 -111.31
C LEU L 289 56.78 5.86 -111.20
N GLY L 290 55.75 6.37 -111.88
CA GLY L 290 55.39 7.80 -112.01
C GLY L 290 55.62 8.73 -110.80
N PRO L 291 55.20 9.99 -110.95
CA PRO L 291 55.30 11.14 -110.03
C PRO L 291 55.17 10.85 -108.54
N GLY L 292 54.11 10.14 -108.16
CA GLY L 292 53.89 9.82 -106.75
C GLY L 292 54.83 8.73 -106.23
N PRO L 293 54.64 8.29 -104.98
CA PRO L 293 55.53 7.25 -104.40
C PRO L 293 55.34 5.82 -104.91
N THR L 294 54.21 5.48 -105.53
CA THR L 294 53.92 4.14 -106.09
C THR L 294 54.25 3.02 -105.09
N ARG L 295 53.34 2.78 -104.13
CA ARG L 295 53.53 1.73 -103.14
C ARG L 295 53.42 0.38 -103.86
N VAL L 296 54.43 -0.47 -103.69
CA VAL L 296 54.45 -1.80 -104.33
C VAL L 296 54.50 -2.91 -103.29
N ILE L 297 53.85 -4.03 -103.58
CA ILE L 297 53.85 -5.20 -102.68
C ILE L 297 55.28 -5.69 -102.58
N ASP L 298 55.83 -5.75 -101.40
CA ASP L 298 57.19 -6.29 -101.28
C ASP L 298 57.10 -7.79 -101.47
N MET L 299 58.15 -8.44 -101.97
CA MET L 299 58.11 -9.89 -102.19
C MET L 299 58.60 -10.66 -100.99
N ASN L 300 59.64 -10.16 -100.38
CA ASN L 300 60.01 -10.83 -99.17
C ASN L 300 58.91 -10.41 -98.18
N ALA L 301 58.66 -11.23 -97.15
CA ALA L 301 57.57 -10.94 -96.26
C ALA L 301 56.35 -10.97 -97.14
N MET L 302 56.06 -12.14 -97.69
CA MET L 302 54.91 -12.32 -98.58
C MET L 302 54.47 -13.80 -98.72
N ILE L 303 54.51 -14.59 -97.63
CA ILE L 303 54.07 -16.01 -97.59
C ILE L 303 53.55 -16.53 -98.94
N ASP L 304 54.36 -17.32 -99.65
CA ASP L 304 53.96 -17.85 -100.97
C ASP L 304 52.45 -18.00 -101.10
N SER L 305 51.82 -16.97 -101.65
CA SER L 305 50.37 -16.93 -101.80
C SER L 305 49.91 -17.00 -103.24
N VAL L 306 48.70 -16.55 -103.40
CA VAL L 306 48.08 -16.41 -104.69
C VAL L 306 47.58 -14.98 -104.76
N LEU L 307 48.46 -14.10 -105.17
CA LEU L 307 48.12 -12.69 -105.32
C LEU L 307 47.24 -12.53 -106.55
N THR L 308 46.06 -11.94 -106.38
CA THR L 308 45.18 -11.73 -107.53
C THR L 308 44.68 -10.30 -107.50
N LEU L 309 45.42 -9.42 -108.16
CA LEU L 309 45.07 -8.01 -108.21
C LEU L 309 43.96 -7.72 -109.20
N ASP L 310 42.79 -7.39 -108.68
CA ASP L 310 41.68 -7.06 -109.55
C ASP L 310 41.71 -5.57 -109.86
N VAL L 311 41.50 -5.23 -111.13
CA VAL L 311 41.50 -3.84 -111.55
C VAL L 311 40.19 -3.55 -112.24
N SER L 312 39.17 -3.16 -111.49
CA SER L 312 37.88 -2.90 -112.10
C SER L 312 37.09 -1.74 -111.50
N GLY L 313 36.38 -1.01 -112.37
CA GLY L 313 35.58 0.11 -111.91
C GLY L 313 36.47 1.27 -111.56
N THR L 314 37.77 1.01 -111.47
CA THR L 314 38.74 2.03 -111.16
C THR L 314 38.95 2.87 -112.42
N ILE L 315 39.20 4.18 -112.24
CA ILE L 315 39.39 5.09 -113.35
C ILE L 315 40.50 4.63 -114.28
N LEU L 316 40.39 5.05 -115.55
CA LEU L 316 41.35 4.72 -116.61
C LEU L 316 41.30 5.91 -117.57
N PRO L 317 42.00 7.00 -117.22
CA PRO L 317 42.07 8.24 -118.00
C PRO L 317 42.82 8.25 -119.33
N TYR L 318 42.55 7.27 -120.19
CA TYR L 318 43.21 7.23 -121.50
C TYR L 318 42.69 8.39 -122.36
N ASP L 319 41.65 9.06 -121.85
CA ASP L 319 41.02 10.18 -122.52
C ASP L 319 41.96 11.38 -122.59
N THR L 320 42.56 11.72 -121.45
CA THR L 320 43.49 12.84 -121.38
C THR L 320 44.84 12.39 -121.93
N ASN L 321 45.74 11.91 -121.07
CA ASN L 321 47.04 11.46 -121.56
C ASN L 321 46.81 10.25 -122.46
N PRO L 322 46.89 10.46 -123.79
CA PRO L 322 46.69 9.38 -124.77
C PRO L 322 47.76 8.32 -124.58
N ASP L 323 48.80 8.73 -123.85
CA ASP L 323 49.94 7.89 -123.54
C ASP L 323 49.48 6.63 -122.81
N LEU L 324 48.51 6.80 -121.90
CA LEU L 324 47.99 5.69 -121.12
C LEU L 324 47.32 4.63 -121.99
N SER L 325 46.49 5.05 -122.94
CA SER L 325 45.84 4.07 -123.81
C SER L 325 46.94 3.36 -124.59
N THR L 326 46.62 2.15 -125.10
CA THR L 326 47.57 1.34 -125.85
C THR L 326 48.44 0.47 -124.95
N SER L 327 48.57 0.86 -123.68
CA SER L 327 49.40 0.09 -122.74
C SER L 327 48.62 -1.01 -122.02
N VAL L 328 49.05 -2.26 -122.21
CA VAL L 328 48.40 -3.38 -121.57
C VAL L 328 48.72 -3.40 -120.09
N PRO L 329 47.71 -3.23 -119.23
CA PRO L 329 47.93 -3.23 -117.77
C PRO L 329 48.44 -4.62 -117.39
N ALA L 330 49.38 -4.69 -116.45
CA ALA L 330 49.93 -5.99 -116.07
C ALA L 330 50.70 -6.00 -114.77
N PHE L 331 50.46 -7.04 -113.96
CA PHE L 331 51.17 -7.20 -112.71
C PHE L 331 52.60 -7.63 -113.05
N VAL L 332 53.60 -6.88 -112.56
CA VAL L 332 55.00 -7.17 -112.87
C VAL L 332 55.93 -7.11 -111.66
N LEU L 333 56.82 -8.09 -111.52
CA LEU L 333 57.79 -8.08 -110.42
C LEU L 333 58.91 -7.14 -110.82
N ILE L 334 59.62 -6.59 -109.83
CA ILE L 334 60.70 -5.65 -110.10
C ILE L 334 61.86 -5.89 -109.15
N GLN L 335 62.92 -6.51 -109.65
CA GLN L 335 64.08 -6.76 -108.81
C GLN L 335 64.99 -5.54 -108.90
N THR L 336 65.25 -4.90 -107.77
CA THR L 336 66.12 -3.72 -107.72
C THR L 336 67.45 -4.07 -107.05
N SER L 337 68.53 -3.41 -107.47
CA SER L 337 69.84 -3.66 -106.88
C SER L 337 69.85 -3.09 -105.46
N VAL L 338 69.98 -1.77 -105.39
CA VAL L 338 69.96 -1.10 -104.10
C VAL L 338 68.54 -1.30 -103.55
N PRO L 339 68.39 -1.41 -102.21
CA PRO L 339 67.07 -1.62 -101.58
C PRO L 339 66.11 -0.51 -102.01
N ILE L 340 64.83 -0.83 -102.20
CA ILE L 340 63.86 0.19 -102.58
C ILE L 340 63.95 1.24 -101.48
N GLN L 341 63.31 2.39 -101.65
CA GLN L 341 63.39 3.44 -100.63
C GLN L 341 64.85 3.84 -100.54
N GLN L 342 65.51 3.76 -101.69
CA GLN L 342 66.93 4.09 -101.84
C GLN L 342 67.27 3.88 -103.31
N VAL L 343 66.27 3.44 -104.07
CA VAL L 343 66.39 3.20 -105.51
C VAL L 343 66.02 4.49 -106.23
N THR L 344 67.03 5.23 -106.68
CA THR L 344 66.81 6.51 -107.36
C THR L 344 66.44 6.46 -108.83
N THR L 345 67.33 5.94 -109.68
CA THR L 345 67.06 5.89 -111.11
C THR L 345 67.23 4.55 -111.84
N ALA L 346 66.53 4.43 -112.96
CA ALA L 346 66.53 3.26 -113.84
C ALA L 346 67.69 2.29 -113.73
N ALA L 347 68.92 2.81 -113.72
CA ALA L 347 70.10 1.94 -113.64
C ALA L 347 70.12 1.11 -112.35
N ASN L 348 69.28 1.52 -111.40
CA ASN L 348 69.16 0.86 -110.10
C ASN L 348 68.31 -0.41 -110.16
N ILE L 349 67.26 -0.39 -111.00
CA ILE L 349 66.36 -1.53 -111.17
C ILE L 349 67.00 -2.69 -111.95
N THR L 350 67.46 -3.72 -111.25
CA THR L 350 68.08 -4.89 -111.88
C THR L 350 67.30 -5.35 -113.13
N ALA L 351 66.14 -5.97 -112.91
CA ALA L 351 65.31 -6.43 -114.02
C ALA L 351 63.83 -6.29 -113.70
N ILE L 352 62.98 -6.53 -114.70
CA ILE L 352 61.54 -6.43 -114.51
C ILE L 352 60.81 -7.53 -115.28
N THR L 353 60.16 -8.43 -114.55
CA THR L 353 59.42 -9.53 -115.18
C THR L 353 57.91 -9.31 -115.19
N VAL L 354 57.31 -9.48 -116.36
CA VAL L 354 55.85 -9.33 -116.48
C VAL L 354 55.26 -10.67 -116.06
N VAL L 355 55.03 -10.83 -114.76
CA VAL L 355 54.48 -12.09 -114.25
C VAL L 355 53.06 -12.40 -114.72
N SER L 356 52.38 -11.42 -115.31
CA SER L 356 51.02 -11.64 -115.78
C SER L 356 50.44 -10.39 -116.44
N ALA L 357 50.53 -10.32 -117.76
CA ALA L 357 49.99 -9.16 -118.46
C ALA L 357 48.55 -9.38 -118.88
N ALA L 358 47.90 -8.31 -119.32
CA ALA L 358 46.52 -8.39 -119.77
C ALA L 358 46.51 -8.23 -121.28
N GLY L 359 46.11 -9.27 -122.00
CA GLY L 359 46.08 -9.15 -123.44
C GLY L 359 45.11 -8.04 -123.84
N ALA L 360 45.52 -7.22 -124.81
CA ALA L 360 44.72 -6.09 -125.32
C ALA L 360 44.95 -4.83 -124.51
N SER L 361 45.37 -3.77 -125.23
CA SER L 361 45.73 -2.46 -124.67
C SER L 361 44.63 -1.81 -123.84
N ALA L 362 44.92 -0.63 -123.29
CA ALA L 362 44.00 0.16 -122.45
C ALA L 362 43.12 1.08 -123.32
N ILE L 363 42.13 0.46 -123.99
CA ILE L 363 41.13 1.03 -124.92
C ILE L 363 40.20 -0.08 -125.49
N ASN L 364 39.98 -1.16 -124.68
CA ASN L 364 39.15 -2.39 -124.93
C ASN L 364 38.77 -2.97 -123.56
N LEU L 365 39.61 -2.56 -122.59
CA LEU L 365 39.46 -2.89 -121.18
C LEU L 365 38.64 -1.78 -120.54
N ALA L 366 38.50 -0.69 -121.28
CA ALA L 366 37.72 0.46 -120.83
C ALA L 366 36.24 0.19 -121.00
N ILE L 367 35.44 1.17 -120.63
CA ILE L 367 33.97 1.13 -120.71
C ILE L 367 33.52 2.47 -120.14
N ASN L 368 32.93 3.30 -120.99
CA ASN L 368 32.48 4.62 -120.54
C ASN L 368 31.30 4.58 -119.57
N VAL L 369 31.45 5.12 -118.37
CA VAL L 369 30.38 5.18 -117.35
C VAL L 369 30.05 6.62 -116.90
N ARG L 370 29.90 7.53 -117.86
CA ARG L 370 29.62 8.95 -117.64
C ARG L 370 30.96 9.73 -117.77
N GLY L 371 31.50 9.85 -118.98
CA GLY L 371 32.76 10.56 -119.19
C GLY L 371 34.00 9.71 -118.81
N GLN L 372 34.20 9.57 -117.50
CA GLN L 372 35.29 8.81 -116.80
C GLN L 372 35.29 7.32 -117.16
N PRO L 373 36.02 6.95 -118.18
CA PRO L 373 36.07 5.54 -118.57
C PRO L 373 36.65 4.65 -117.48
N ARG L 374 35.91 3.60 -117.09
CA ARG L 374 36.39 2.69 -116.04
C ARG L 374 37.06 1.46 -116.61
N PHE L 375 37.45 0.55 -115.72
CA PHE L 375 38.10 -0.69 -116.13
C PHE L 375 37.15 -1.88 -116.09
N ASN L 376 36.96 -2.53 -117.24
CA ASN L 376 36.12 -3.71 -117.31
C ASN L 376 36.74 -4.70 -116.35
N MET L 377 35.98 -5.05 -115.32
CA MET L 377 36.41 -5.96 -114.26
C MET L 377 37.24 -7.16 -114.76
N LEU L 378 38.54 -7.13 -114.54
CA LEU L 378 39.44 -8.23 -114.96
C LEU L 378 40.48 -8.50 -113.87
N HIS L 379 40.93 -9.75 -113.73
CA HIS L 379 41.89 -10.07 -112.67
C HIS L 379 43.28 -10.54 -113.10
N LEU L 380 44.25 -9.65 -112.94
CA LEU L 380 45.59 -10.08 -113.28
C LEU L 380 46.02 -10.96 -112.08
N GLN L 381 47.10 -11.77 -112.18
CA GLN L 381 47.35 -12.60 -111.01
C GLN L 381 48.57 -13.51 -111.06
N ALA L 382 49.53 -13.25 -110.14
CA ALA L 382 50.74 -14.05 -110.01
C ALA L 382 50.48 -15.18 -109.01
N THR L 383 51.53 -15.94 -108.71
CA THR L 383 51.43 -17.03 -107.77
C THR L 383 52.79 -17.06 -107.08
N PHE L 384 53.09 -15.96 -106.40
CA PHE L 384 54.35 -15.83 -105.68
C PHE L 384 54.70 -17.06 -104.83
N GLU L 385 55.97 -17.45 -104.83
CA GLU L 385 56.43 -18.61 -104.06
C GLU L 385 57.70 -18.33 -103.25
N ARG L 386 57.58 -18.34 -101.93
CA ARG L 386 58.71 -18.11 -101.02
C ARG L 386 60.10 -18.14 -101.65
N GLU L 387 60.49 -19.31 -102.18
CA GLU L 387 61.83 -19.57 -102.73
C GLU L 387 62.08 -19.10 -104.18
N THR L 388 61.05 -18.87 -105.00
CA THR L 388 61.36 -18.37 -106.35
C THR L 388 62.13 -17.02 -106.22
N ILE L 389 62.04 -16.39 -105.02
CA ILE L 389 62.78 -15.16 -104.66
C ILE L 389 63.94 -15.49 -103.67
N THR L 390 64.62 -16.66 -103.80
CA THR L 390 65.76 -17.00 -102.88
C THR L 390 66.96 -16.07 -103.17
N GLY L 391 67.72 -15.64 -102.15
CA GLY L 391 68.90 -14.79 -102.37
C GLY L 391 68.53 -13.35 -102.65
N ILE L 392 67.85 -13.15 -103.78
CA ILE L 392 67.32 -11.86 -104.23
C ILE L 392 66.84 -10.96 -103.07
N PRO L 393 67.76 -10.15 -102.50
CA PRO L 393 67.47 -9.26 -101.37
C PRO L 393 66.32 -8.31 -101.64
N TYR L 394 66.25 -7.76 -102.85
CA TYR L 394 65.19 -6.81 -103.17
C TYR L 394 64.39 -7.14 -104.42
N ILE L 395 63.08 -7.24 -104.25
CA ILE L 395 62.18 -7.57 -105.33
C ILE L 395 60.79 -7.16 -104.87
N TYR L 396 60.01 -6.57 -105.77
CA TYR L 396 58.67 -6.08 -105.42
C TYR L 396 57.64 -6.41 -106.47
N GLY L 397 56.44 -6.75 -106.03
CA GLY L 397 55.37 -7.02 -106.92
C GLY L 397 54.71 -5.68 -107.16
N LEU L 398 54.44 -5.34 -108.41
CA LEU L 398 53.83 -4.05 -108.73
C LEU L 398 52.80 -4.26 -109.83
N GLY L 399 51.56 -3.87 -109.58
CA GLY L 399 50.54 -4.01 -110.61
C GLY L 399 50.48 -2.69 -111.35
N THR L 400 51.44 -2.47 -112.25
CA THR L 400 51.53 -1.22 -113.00
C THR L 400 50.83 -1.21 -114.37
N PHE L 401 51.36 -0.45 -115.32
CA PHE L 401 50.66 -0.35 -116.60
C PHE L 401 51.38 -0.89 -117.84
N LEU L 402 52.69 -0.76 -117.92
CA LEU L 402 53.46 -1.20 -119.13
C LEU L 402 53.06 -0.36 -120.35
N ILE L 403 53.48 0.90 -120.36
CA ILE L 403 53.19 1.81 -121.46
C ILE L 403 54.05 1.49 -122.66
N PRO L 404 53.44 1.38 -123.85
CA PRO L 404 54.19 1.07 -125.08
C PRO L 404 55.00 2.23 -125.61
N SER L 405 54.89 3.40 -124.96
CA SER L 405 55.63 4.59 -125.40
C SER L 405 55.43 5.78 -124.47
N PRO L 406 56.29 5.94 -123.46
CA PRO L 406 56.19 7.07 -122.51
C PRO L 406 56.22 8.44 -123.19
N THR L 407 55.38 9.36 -122.72
CA THR L 407 55.28 10.70 -123.29
C THR L 407 55.15 11.79 -122.21
N SER L 408 55.12 13.04 -122.66
CA SER L 408 54.98 14.19 -121.76
C SER L 408 53.63 14.16 -121.05
N SER L 409 52.63 13.62 -121.73
CA SER L 409 51.28 13.53 -121.16
C SER L 409 51.27 12.70 -119.88
N SER L 410 52.00 11.58 -119.89
CA SER L 410 52.10 10.71 -118.72
C SER L 410 53.31 11.13 -117.90
N ASN L 411 53.36 12.39 -117.51
CA ASN L 411 54.46 12.90 -116.73
C ASN L 411 54.01 13.21 -115.32
N PHE L 412 52.70 13.10 -115.10
CA PHE L 412 52.12 13.34 -113.78
C PHE L 412 51.03 12.31 -113.53
N SER L 413 50.99 11.27 -114.37
CA SER L 413 49.98 10.21 -114.24
C SER L 413 50.30 9.14 -113.21
N ASN L 414 51.42 8.43 -113.41
CA ASN L 414 51.78 7.38 -112.46
C ASN L 414 50.75 6.26 -112.58
N PRO L 415 51.04 5.32 -113.51
CA PRO L 415 50.17 4.17 -113.87
C PRO L 415 50.06 2.99 -112.90
N THR L 416 50.22 3.23 -111.60
CA THR L 416 50.09 2.11 -110.65
C THR L 416 48.64 1.64 -110.62
N LEU L 417 48.38 0.40 -111.04
CA LEU L 417 47.00 -0.11 -111.02
C LEU L 417 46.66 -0.69 -109.66
N MET L 418 47.53 -0.42 -108.68
CA MET L 418 47.34 -0.90 -107.33
C MET L 418 46.13 -0.33 -106.61
N ASP L 419 45.57 0.76 -107.14
CA ASP L 419 44.39 1.36 -106.54
C ASP L 419 43.26 0.30 -106.62
N GLY L 420 43.49 -0.77 -107.38
CA GLY L 420 42.50 -1.82 -107.53
C GLY L 420 42.45 -2.71 -106.30
N LEU L 421 41.37 -3.49 -106.16
CA LEU L 421 41.18 -4.37 -104.99
C LEU L 421 41.94 -5.69 -105.10
N LEU L 422 43.18 -5.70 -104.62
CA LEU L 422 44.05 -6.88 -104.63
C LEU L 422 43.61 -7.89 -103.58
N THR L 423 43.65 -9.18 -103.92
CA THR L 423 43.24 -10.22 -102.96
C THR L 423 44.25 -11.35 -102.80
N VAL L 424 45.13 -11.20 -101.81
CA VAL L 424 46.14 -12.23 -101.51
C VAL L 424 45.48 -13.38 -100.75
N THR L 425 45.83 -14.61 -101.12
CA THR L 425 45.30 -15.80 -100.49
C THR L 425 46.43 -16.75 -100.15
N PRO L 426 46.86 -16.78 -98.86
CA PRO L 426 47.97 -17.63 -98.41
C PRO L 426 47.78 -19.06 -98.89
N VAL L 427 48.68 -19.53 -99.75
CA VAL L 427 48.53 -20.89 -100.26
C VAL L 427 49.58 -21.81 -99.66
N LEU L 428 49.49 -21.99 -98.36
CA LEU L 428 50.48 -22.78 -97.60
C LEU L 428 50.36 -22.31 -96.16
N LEU L 429 49.27 -22.70 -95.51
CA LEU L 429 48.96 -22.32 -94.11
C LEU L 429 50.08 -22.43 -93.07
N ARG L 430 50.82 -23.53 -93.07
CA ARG L 430 51.88 -23.72 -92.08
C ARG L 430 52.70 -22.47 -91.76
N GLU L 431 53.03 -21.65 -92.77
CA GLU L 431 53.83 -20.43 -92.57
C GLU L 431 53.05 -19.12 -92.44
N THR L 432 53.28 -18.42 -91.33
CA THR L 432 52.62 -17.14 -91.07
C THR L 432 53.60 -16.00 -91.32
N THR L 433 53.17 -14.77 -91.08
CA THR L 433 54.04 -13.59 -91.27
C THR L 433 53.84 -12.59 -90.14
N TYR L 434 54.94 -12.04 -89.61
CA TYR L 434 54.80 -11.04 -88.56
C TYR L 434 55.83 -9.92 -88.57
N LYS L 435 55.32 -8.69 -88.63
CA LYS L 435 56.14 -7.49 -88.63
C LYS L 435 57.07 -7.47 -89.84
N GLY L 436 56.73 -8.25 -90.87
CA GLY L 436 57.55 -8.30 -92.05
C GLY L 436 58.36 -9.57 -92.23
N GLU L 437 58.36 -10.46 -91.24
CA GLU L 437 59.11 -11.72 -91.36
C GLU L 437 58.19 -12.91 -91.44
N VAL L 438 58.66 -13.98 -92.09
CA VAL L 438 57.88 -15.19 -92.22
C VAL L 438 58.30 -16.16 -91.11
N VAL L 439 57.32 -16.67 -90.37
CA VAL L 439 57.61 -17.57 -89.26
C VAL L 439 56.73 -18.81 -89.27
N ASP L 440 56.92 -19.67 -88.27
CA ASP L 440 56.14 -20.89 -88.15
C ASP L 440 55.39 -20.90 -86.84
N ALA L 441 55.67 -19.90 -86.00
CA ALA L 441 55.01 -19.78 -84.70
C ALA L 441 54.81 -18.32 -84.30
N ILE L 442 53.70 -18.05 -83.63
CA ILE L 442 53.38 -16.72 -83.14
C ILE L 442 53.68 -16.64 -81.66
N VAL L 443 53.59 -15.45 -81.06
CA VAL L 443 53.78 -15.30 -79.63
C VAL L 443 52.63 -14.48 -79.07
N PRO L 444 51.38 -14.84 -79.42
CA PRO L 444 50.14 -14.15 -79.02
C PRO L 444 50.32 -12.84 -78.25
N ALA L 445 50.64 -12.93 -76.96
CA ALA L 445 50.82 -11.75 -76.11
C ALA L 445 51.57 -10.61 -76.80
N THR L 446 52.49 -10.96 -77.70
CA THR L 446 53.26 -9.95 -78.45
C THR L 446 52.38 -9.12 -79.37
N VAL L 447 51.46 -9.79 -80.06
CA VAL L 447 50.57 -9.10 -80.97
C VAL L 447 49.46 -8.26 -80.28
N MET L 448 49.35 -8.31 -78.95
CA MET L 448 48.32 -7.50 -78.28
C MET L 448 48.84 -6.07 -78.17
N ALA L 449 47.95 -5.08 -78.33
CA ALA L 449 48.30 -3.65 -78.25
C ALA L 449 49.69 -3.40 -78.82
N ASN L 450 49.90 -3.87 -80.04
CA ASN L 450 51.19 -3.73 -80.67
C ASN L 450 51.00 -3.26 -82.11
N GLN L 451 49.75 -3.36 -82.58
CA GLN L 451 49.40 -2.87 -83.91
C GLN L 451 48.82 -1.50 -83.69
N THR L 452 48.68 -0.71 -84.75
CA THR L 452 48.07 0.62 -84.59
C THR L 452 46.66 0.53 -85.19
N SER L 453 45.91 1.63 -85.08
CA SER L 453 44.56 1.65 -85.61
C SER L 453 44.45 0.81 -86.88
N GLU L 454 45.31 1.17 -87.87
CA GLU L 454 45.30 0.55 -89.19
C GLU L 454 46.42 -0.48 -89.44
N GLU L 455 47.34 -0.69 -88.49
CA GLU L 455 48.38 -1.71 -88.60
C GLU L 455 47.69 -3.09 -88.39
N VAL L 456 46.34 -3.02 -88.28
CA VAL L 456 45.40 -4.15 -88.09
C VAL L 456 44.57 -4.36 -89.33
N ALA L 457 43.83 -3.34 -89.74
CA ALA L 457 43.00 -3.42 -90.95
C ALA L 457 43.89 -3.61 -92.21
N SER L 458 45.17 -3.33 -92.06
CA SER L 458 46.12 -3.47 -93.15
C SER L 458 46.91 -4.78 -93.05
N ALA L 459 46.48 -5.65 -92.12
CA ALA L 459 47.13 -6.94 -91.91
C ALA L 459 47.10 -7.74 -93.21
N LEU L 460 48.05 -8.66 -93.34
CA LEU L 460 48.16 -9.50 -94.53
C LEU L 460 47.59 -10.92 -94.32
N ALA L 461 46.51 -11.24 -95.05
CA ALA L 461 45.81 -12.53 -95.01
C ALA L 461 46.66 -13.68 -94.48
N ASN L 462 46.32 -14.12 -93.27
CA ASN L 462 47.02 -15.18 -92.56
C ASN L 462 48.41 -14.76 -92.10
N ASP L 463 48.41 -13.71 -91.25
CA ASP L 463 49.61 -13.23 -90.61
C ASP L 463 49.32 -13.16 -89.11
N ALA L 464 50.32 -13.20 -88.28
CA ALA L 464 49.99 -13.19 -86.86
C ALA L 464 48.75 -12.35 -86.55
N ILE L 465 48.80 -11.05 -86.82
CA ILE L 465 47.66 -10.17 -86.56
C ILE L 465 46.33 -10.79 -86.98
N VAL L 466 46.24 -11.26 -88.24
CA VAL L 466 45.01 -11.86 -88.73
C VAL L 466 44.69 -13.17 -88.05
N LEU L 467 45.71 -13.81 -87.46
CA LEU L 467 45.50 -15.04 -86.73
C LEU L 467 45.08 -14.75 -85.28
N VAL L 468 45.75 -13.75 -84.64
CA VAL L 468 45.49 -13.28 -83.25
C VAL L 468 44.25 -12.40 -83.20
N SER L 469 43.53 -12.39 -84.33
CA SER L 469 42.25 -11.69 -84.50
C SER L 469 41.15 -12.73 -84.69
N ASN L 470 41.44 -13.83 -85.42
CA ASN L 470 40.53 -14.98 -85.75
C ASN L 470 40.28 -15.83 -84.53
N HIS L 471 41.26 -15.72 -83.65
CA HIS L 471 41.26 -16.38 -82.37
C HIS L 471 40.40 -15.61 -81.39
N LEU L 472 40.75 -14.34 -81.12
CA LEU L 472 39.95 -13.53 -80.21
C LEU L 472 38.50 -13.58 -80.64
N ASN L 473 38.28 -13.61 -81.93
CA ASN L 473 36.92 -13.65 -82.49
C ASN L 473 36.09 -14.84 -82.04
N LYS L 474 36.72 -16.00 -81.80
CA LYS L 474 36.00 -17.16 -81.32
C LYS L 474 35.66 -16.87 -79.87
N LEU L 475 36.69 -16.53 -79.10
CA LEU L 475 36.51 -16.24 -77.69
C LEU L 475 35.55 -15.08 -77.52
N ALA L 476 35.47 -14.23 -78.52
CA ALA L 476 34.53 -13.16 -78.44
C ALA L 476 33.09 -13.69 -78.59
N ASN L 477 32.87 -14.84 -79.25
CA ASN L 477 31.50 -15.33 -79.47
C ASN L 477 31.09 -16.30 -78.38
N VAL L 478 32.07 -16.75 -77.65
CA VAL L 478 31.76 -17.59 -76.52
C VAL L 478 31.23 -16.68 -75.46
N VAL L 479 31.89 -15.55 -75.18
CA VAL L 479 31.36 -14.64 -74.16
C VAL L 479 30.05 -14.04 -74.66
N GLY L 480 30.10 -13.43 -75.85
CA GLY L 480 28.91 -12.82 -76.43
C GLY L 480 27.70 -13.75 -76.31
N ASP L 481 27.93 -15.04 -76.58
CA ASP L 481 26.90 -16.08 -76.53
C ASP L 481 26.52 -16.50 -75.11
N ALA L 482 27.34 -17.32 -74.48
CA ALA L 482 27.07 -17.85 -73.14
C ALA L 482 26.99 -16.80 -72.02
N ILE L 483 28.09 -16.12 -71.75
CA ILE L 483 28.14 -15.11 -70.69
C ILE L 483 27.27 -13.87 -71.00
N PRO L 484 26.68 -13.24 -69.96
CA PRO L 484 25.82 -12.05 -70.16
C PRO L 484 26.56 -10.70 -70.14
N VAL L 485 27.57 -10.55 -71.00
CA VAL L 485 28.34 -9.31 -71.04
C VAL L 485 27.55 -8.16 -71.67
N ALA L 486 26.22 -8.26 -71.70
CA ALA L 486 25.39 -7.21 -72.27
C ALA L 486 24.18 -6.81 -71.45
N SER L 487 24.41 -6.70 -70.14
CA SER L 487 23.38 -6.25 -69.19
C SER L 487 24.08 -5.79 -67.88
N ARG L 488 23.40 -5.08 -66.96
CA ARG L 488 24.10 -4.60 -65.74
C ARG L 488 24.38 -5.72 -64.73
N THR L 489 24.60 -6.94 -65.21
CA THR L 489 24.78 -8.07 -64.30
C THR L 489 26.22 -8.38 -63.87
N ASP L 490 27.14 -7.41 -63.97
CA ASP L 490 28.54 -7.62 -63.57
C ASP L 490 28.97 -9.08 -63.62
N ASP L 491 28.75 -9.68 -64.79
CA ASP L 491 29.05 -11.08 -65.12
C ASP L 491 30.47 -11.55 -64.83
N SER L 492 30.66 -12.86 -64.94
CA SER L 492 31.97 -13.49 -64.70
C SER L 492 33.08 -12.89 -65.56
N ALA L 493 32.74 -12.45 -66.77
CA ALA L 493 33.71 -11.87 -67.69
C ALA L 493 34.20 -10.51 -67.18
N THR L 494 33.29 -9.54 -67.11
CA THR L 494 33.62 -8.19 -66.63
C THR L 494 34.08 -8.23 -65.19
N SER L 495 33.95 -9.40 -64.56
CA SER L 495 34.35 -9.56 -63.16
C SER L 495 35.80 -9.97 -63.05
N ALA L 496 36.24 -10.82 -63.97
CA ALA L 496 37.63 -11.27 -64.00
C ALA L 496 38.50 -10.04 -64.21
N ILE L 497 38.06 -9.14 -65.08
CA ILE L 497 38.81 -7.92 -65.36
C ILE L 497 38.84 -6.96 -64.17
N VAL L 498 37.70 -6.76 -63.50
CA VAL L 498 37.64 -5.88 -62.33
C VAL L 498 38.68 -6.25 -61.29
N SER L 499 38.86 -7.55 -61.07
CA SER L 499 39.84 -7.99 -60.07
C SER L 499 41.25 -7.62 -60.51
N ARG L 500 41.49 -7.54 -61.81
CA ARG L 500 42.82 -7.16 -62.28
C ARG L 500 42.99 -5.65 -62.06
N LEU L 501 42.02 -4.85 -62.47
CA LEU L 501 42.10 -3.40 -62.27
C LEU L 501 42.36 -3.03 -60.82
N ALA L 502 41.69 -3.71 -59.90
CA ALA L 502 41.90 -3.46 -58.48
C ALA L 502 43.36 -3.75 -58.14
N VAL L 503 43.76 -5.03 -58.17
CA VAL L 503 45.14 -5.47 -57.89
C VAL L 503 46.14 -4.58 -58.58
N GLN L 504 45.75 -4.00 -59.71
CA GLN L 504 46.65 -3.15 -60.47
C GLN L 504 46.66 -1.74 -59.87
N HIS L 505 45.50 -1.09 -59.86
CA HIS L 505 45.38 0.26 -59.29
C HIS L 505 45.74 0.28 -57.81
N LYS L 506 45.74 -0.87 -57.16
CA LYS L 506 46.04 -0.92 -55.73
C LYS L 506 47.52 -0.83 -55.45
N LEU L 507 48.35 -1.44 -56.29
CA LEU L 507 49.79 -1.39 -56.04
C LEU L 507 50.36 -0.09 -56.59
N SER L 508 49.68 0.50 -57.56
CA SER L 508 50.17 1.76 -58.13
C SER L 508 49.93 2.86 -57.08
N GLN L 509 49.14 2.53 -56.07
CA GLN L 509 48.84 3.47 -54.99
C GLN L 509 49.80 3.25 -53.82
N VAL L 510 50.37 2.05 -53.75
CA VAL L 510 51.33 1.70 -52.69
C VAL L 510 52.56 2.63 -52.84
N GLY L 511 53.16 3.01 -51.72
CA GLY L 511 54.29 3.95 -51.69
C GLY L 511 53.76 5.33 -52.14
N GLN L 512 53.92 6.42 -51.33
CA GLN L 512 53.38 7.78 -51.56
C GLN L 512 52.03 7.86 -50.80
N ALA L 513 51.71 9.05 -50.25
CA ALA L 513 50.51 9.43 -49.44
C ALA L 513 49.23 8.59 -49.55
N SER L 514 49.16 7.70 -50.55
CA SER L 514 47.98 6.86 -50.79
C SER L 514 46.70 7.65 -50.52
N PRO L 515 46.65 8.90 -51.01
CA PRO L 515 45.49 9.79 -50.80
C PRO L 515 44.20 9.28 -51.45
N THR L 516 44.30 8.27 -52.30
CA THR L 516 43.12 7.76 -52.99
C THR L 516 42.79 6.30 -52.73
N PRO L 517 41.88 6.02 -51.80
CA PRO L 517 41.48 4.66 -51.58
C PRO L 517 40.78 4.14 -52.83
N PRO L 518 41.18 3.00 -53.38
CA PRO L 518 40.53 2.47 -54.58
C PRO L 518 39.03 2.70 -54.61
N ASP L 519 38.50 2.93 -55.80
CA ASP L 519 37.08 3.24 -55.98
C ASP L 519 36.14 2.02 -55.88
N TYR L 520 36.07 1.22 -56.95
CA TYR L 520 35.24 -0.01 -57.02
C TYR L 520 33.90 0.18 -57.71
N PRO L 521 33.02 1.05 -57.23
CA PRO L 521 31.81 1.25 -58.01
C PRO L 521 32.21 1.72 -59.42
N LEU L 522 33.30 2.55 -59.49
CA LEU L 522 33.92 3.13 -60.73
C LEU L 522 34.80 2.11 -61.48
N LEU L 523 35.38 1.20 -60.71
CA LEU L 523 36.19 0.12 -61.26
C LEU L 523 35.33 -0.97 -61.85
N TRP L 524 34.24 -1.30 -61.16
CA TRP L 524 33.34 -2.30 -61.68
C TRP L 524 32.81 -1.83 -63.02
N ARG L 525 32.36 -0.57 -63.04
CA ARG L 525 31.82 0.05 -64.25
C ARG L 525 32.88 0.25 -65.34
N ARG L 526 34.13 0.51 -64.97
CA ARG L 526 35.15 0.68 -65.99
C ARG L 526 35.49 -0.65 -66.63
N ALA L 527 35.54 -1.71 -65.82
CA ALA L 527 35.87 -3.03 -66.33
C ALA L 527 34.68 -3.64 -67.07
N LYS L 528 33.48 -3.15 -66.78
CA LYS L 528 32.29 -3.67 -67.45
C LYS L 528 32.32 -3.25 -68.90
N ARG L 529 32.72 -2.02 -69.17
CA ARG L 529 32.79 -1.53 -70.55
C ARG L 529 34.04 -2.09 -71.22
N ALA L 530 35.04 -2.47 -70.42
CA ALA L 530 36.26 -3.04 -70.96
C ALA L 530 35.89 -4.43 -71.51
N ALA L 531 35.25 -5.27 -70.68
CA ALA L 531 34.85 -6.61 -71.13
C ALA L 531 33.81 -6.48 -72.22
N SER L 532 32.98 -5.45 -72.11
CA SER L 532 31.95 -5.20 -73.10
C SER L 532 32.58 -4.74 -74.42
N MET L 533 33.52 -3.81 -74.35
CA MET L 533 34.16 -3.31 -75.58
C MET L 533 34.86 -4.46 -76.30
N PHE L 534 35.26 -5.47 -75.54
CA PHE L 534 35.92 -6.62 -76.14
C PHE L 534 34.90 -7.46 -76.93
N VAL L 535 33.88 -7.98 -76.24
CA VAL L 535 32.86 -8.75 -76.93
C VAL L 535 32.42 -8.04 -78.16
N SER L 536 32.31 -6.72 -78.04
CA SER L 536 31.87 -5.87 -79.14
C SER L 536 32.76 -6.00 -80.37
N ASN L 537 33.96 -5.46 -80.28
CA ASN L 537 34.90 -5.52 -81.37
C ASN L 537 36.19 -6.22 -80.93
N PRO L 538 36.17 -7.57 -80.90
CA PRO L 538 37.31 -8.39 -80.47
C PRO L 538 38.68 -7.82 -80.91
N SER L 539 38.73 -7.32 -82.15
CA SER L 539 39.95 -6.76 -82.72
C SER L 539 40.69 -5.77 -81.82
N LEU L 540 40.02 -4.67 -81.45
CA LEU L 540 40.61 -3.62 -80.61
C LEU L 540 41.75 -4.04 -79.70
N ALA L 541 41.60 -5.16 -79.02
CA ALA L 541 42.65 -5.65 -78.12
C ALA L 541 44.02 -5.84 -78.77
N LEU L 542 44.18 -5.38 -80.02
CA LEU L 542 45.47 -5.47 -80.73
C LEU L 542 46.05 -4.08 -80.91
N GLN L 543 45.18 -3.07 -80.87
CA GLN L 543 45.58 -1.69 -81.08
C GLN L 543 46.14 -0.95 -79.89
N VAL L 544 47.32 -0.36 -80.10
CA VAL L 544 47.99 0.41 -79.05
C VAL L 544 47.14 1.61 -78.69
N GLY L 545 46.79 1.72 -77.41
CA GLY L 545 46.01 2.86 -76.94
C GLY L 545 44.56 2.53 -76.60
N ILE L 546 44.28 1.31 -76.17
CA ILE L 546 42.92 0.97 -75.78
C ILE L 546 42.85 0.73 -74.28
N PRO L 547 42.05 1.56 -73.58
CA PRO L 547 41.86 1.55 -72.12
C PRO L 547 41.57 0.16 -71.51
N VAL L 548 42.36 -0.24 -70.52
CA VAL L 548 42.21 -1.53 -69.85
C VAL L 548 42.62 -2.67 -70.79
N LEU L 549 41.67 -3.08 -71.62
CA LEU L 549 41.84 -4.16 -72.57
C LEU L 549 43.29 -4.48 -72.99
N THR L 550 44.14 -3.45 -73.22
CA THR L 550 45.50 -3.72 -73.70
C THR L 550 46.58 -3.90 -72.64
N GLN L 551 46.23 -4.00 -71.36
CA GLN L 551 47.27 -4.22 -70.35
C GLN L 551 47.48 -5.74 -70.38
N SER L 552 48.72 -6.18 -70.17
CA SER L 552 49.04 -7.61 -70.22
C SER L 552 48.12 -8.55 -69.43
N GLY L 553 47.65 -8.11 -68.25
CA GLY L 553 46.77 -8.96 -67.45
C GLY L 553 45.53 -9.43 -68.20
N MET L 554 44.59 -8.51 -68.41
CA MET L 554 43.34 -8.77 -69.13
C MET L 554 43.51 -9.73 -70.30
N LEU L 555 42.39 -10.38 -70.68
CA LEU L 555 42.38 -11.35 -71.79
C LEU L 555 42.94 -12.66 -71.28
N SER L 556 44.23 -12.64 -70.95
CA SER L 556 44.82 -13.80 -70.37
C SER L 556 43.98 -14.11 -69.17
N ALA L 557 43.54 -13.01 -68.55
CA ALA L 557 42.65 -13.02 -67.40
C ALA L 557 41.23 -13.34 -67.86
N LEU L 558 40.64 -12.43 -68.62
CA LEU L 558 39.29 -12.63 -69.13
C LEU L 558 39.00 -14.09 -69.48
N THR L 559 39.65 -14.57 -70.55
CA THR L 559 39.39 -15.94 -71.00
C THR L 559 39.34 -16.89 -69.82
N SER L 560 40.43 -17.11 -69.09
CA SER L 560 40.43 -18.06 -67.95
C SER L 560 39.27 -17.86 -66.95
N GLY L 561 38.62 -16.70 -67.02
CA GLY L 561 37.45 -16.47 -66.19
C GLY L 561 36.31 -17.08 -66.94
N VAL L 562 35.97 -16.45 -68.07
CA VAL L 562 34.93 -16.92 -68.98
C VAL L 562 34.99 -18.44 -69.05
N GLY L 563 36.20 -18.97 -68.95
CA GLY L 563 36.45 -20.38 -68.97
C GLY L 563 35.66 -21.01 -67.87
N THR L 564 36.14 -20.89 -66.63
CA THR L 564 35.44 -21.50 -65.51
C THR L 564 33.99 -21.06 -65.44
N ALA L 565 33.69 -19.86 -65.94
CA ALA L 565 32.32 -19.36 -65.92
C ALA L 565 31.36 -20.30 -66.69
N LEU L 566 31.81 -20.81 -67.83
CA LEU L 566 30.97 -21.70 -68.62
C LEU L 566 30.88 -23.05 -67.95
N ARG L 567 31.94 -23.46 -67.28
CA ARG L 567 31.92 -24.75 -66.63
C ARG L 567 31.19 -24.72 -65.29
N THR L 568 30.05 -24.01 -65.23
CA THR L 568 29.26 -23.92 -63.97
C THR L 568 27.89 -23.26 -64.20
N GLY L 569 27.67 -22.73 -65.41
CA GLY L 569 26.41 -22.06 -65.74
C GLY L 569 25.17 -22.63 -65.04
N SER L 570 25.19 -23.90 -64.63
CA SER L 570 24.13 -24.71 -63.98
C SER L 570 23.24 -25.38 -65.04
N LEU L 571 22.08 -24.80 -65.39
CA LEU L 571 21.19 -25.26 -66.48
C LEU L 571 20.23 -24.08 -66.66
N GLY L 572 19.82 -23.48 -65.53
CA GLY L 572 18.89 -22.37 -65.52
C GLY L 572 19.55 -21.00 -65.65
N LYS L 573 20.54 -20.92 -66.55
CA LYS L 573 21.23 -19.66 -66.82
C LYS L 573 20.28 -18.68 -67.49
N GLY L 574 19.28 -19.30 -68.09
CA GLY L 574 18.25 -18.57 -68.77
C GLY L 574 17.43 -17.75 -67.82
N VAL L 575 17.69 -17.80 -66.51
CA VAL L 575 16.90 -17.02 -65.56
C VAL L 575 17.13 -15.54 -65.82
N THR L 576 18.17 -15.22 -66.57
CA THR L 576 18.49 -13.82 -66.88
C THR L 576 17.41 -13.22 -67.77
N ASP L 577 16.76 -12.16 -67.29
CA ASP L 577 15.71 -11.50 -68.06
C ASP L 577 14.67 -12.52 -68.48
N ALA L 578 14.47 -13.54 -67.64
CA ALA L 578 13.50 -14.59 -67.93
C ALA L 578 12.13 -14.06 -67.53
N SER L 579 12.09 -12.79 -67.16
CA SER L 579 10.86 -12.13 -66.78
C SER L 579 10.21 -11.50 -68.02
N GLU L 580 10.92 -10.61 -68.70
CA GLU L 580 10.43 -9.95 -69.91
C GLU L 580 10.34 -10.97 -71.02
N LYS L 581 11.24 -11.95 -70.96
CA LYS L 581 11.29 -13.01 -71.94
C LYS L 581 9.98 -13.78 -71.79
N LEU L 582 9.57 -13.99 -70.54
CA LEU L 582 8.34 -14.73 -70.25
C LEU L 582 7.17 -13.89 -70.70
N ARG L 583 7.14 -12.63 -70.24
CA ARG L 583 6.07 -11.70 -70.57
C ARG L 583 5.92 -11.53 -72.08
N ALA L 584 6.99 -11.75 -72.83
CA ALA L 584 6.95 -11.64 -74.29
C ALA L 584 6.32 -12.91 -74.89
N ARG L 585 6.56 -14.06 -74.26
CA ARG L 585 5.98 -15.29 -74.71
C ARG L 585 4.47 -15.33 -74.49
N GLN L 586 4.04 -14.75 -73.37
CA GLN L 586 2.60 -14.68 -73.11
C GLN L 586 2.00 -13.75 -74.13
N SER L 587 2.78 -12.77 -74.53
CA SER L 587 2.34 -11.79 -75.52
C SER L 587 2.03 -12.49 -76.83
N LEU L 588 2.84 -13.48 -77.16
CA LEU L 588 2.67 -14.21 -78.43
C LEU L 588 1.49 -15.18 -78.36
N THR L 589 1.39 -15.89 -77.23
CA THR L 589 0.28 -16.84 -77.08
C THR L 589 -1.06 -16.09 -77.07
N VAL L 590 -1.07 -14.83 -76.64
CA VAL L 590 -2.30 -14.06 -76.64
C VAL L 590 -2.68 -13.71 -78.06
N ALA L 591 -1.67 -13.46 -78.90
CA ALA L 591 -1.91 -13.12 -80.29
C ALA L 591 -2.24 -14.40 -81.08
N LYS L 592 -1.61 -15.52 -80.71
CA LYS L 592 -1.88 -16.78 -81.40
C LYS L 592 -3.25 -17.32 -81.00
N GLN L 593 -3.70 -16.99 -79.78
CA GLN L 593 -5.02 -17.43 -79.35
C GLN L 593 -6.00 -16.69 -80.23
N ALA L 594 -5.64 -15.44 -80.56
CA ALA L 594 -6.45 -14.58 -81.41
C ALA L 594 -6.63 -15.21 -82.80
N PHE L 595 -5.59 -15.89 -83.28
CA PHE L 595 -5.64 -16.58 -84.56
C PHE L 595 -6.64 -17.73 -84.46
N PHE L 596 -6.41 -18.67 -83.54
CA PHE L 596 -7.33 -19.80 -83.35
C PHE L 596 -8.79 -19.35 -83.26
N ASP L 597 -9.01 -18.13 -82.76
CA ASP L 597 -10.36 -17.61 -82.64
C ASP L 597 -11.01 -17.38 -83.99
N GLN L 598 -10.21 -17.04 -85.01
CA GLN L 598 -10.77 -16.85 -86.35
C GLN L 598 -10.94 -18.19 -87.03
N ILE L 599 -9.94 -19.06 -86.89
CA ILE L 599 -10.07 -20.40 -87.46
C ILE L 599 -11.36 -20.96 -86.95
N GLY L 600 -11.67 -20.59 -85.72
CA GLY L 600 -12.86 -21.01 -85.02
C GLY L 600 -14.16 -20.38 -85.51
N SER L 601 -14.09 -19.21 -86.12
CA SER L 601 -15.32 -18.59 -86.60
C SER L 601 -15.50 -18.80 -88.10
N LEU L 602 -14.60 -18.26 -88.90
CA LEU L 602 -14.67 -18.37 -90.36
C LEU L 602 -15.11 -19.76 -90.81
N TRP L 603 -14.36 -20.79 -90.37
CA TRP L 603 -14.75 -22.15 -90.68
C TRP L 603 -15.44 -22.74 -89.46
N PRO L 604 -16.75 -22.47 -89.34
CA PRO L 604 -17.53 -22.99 -88.22
C PRO L 604 -17.71 -24.51 -88.32
N GLY M 2 -35.72 -7.66 -50.29
CA GLY M 2 -36.45 -8.90 -50.29
C GLY M 2 -35.52 -10.10 -50.24
N ASN M 3 -34.25 -9.83 -50.07
CA ASN M 3 -33.29 -10.89 -50.03
C ASN M 3 -33.70 -11.98 -49.07
N VAL M 4 -33.55 -13.18 -49.57
CA VAL M 4 -33.86 -14.33 -48.80
C VAL M 4 -33.24 -14.21 -47.41
N GLN M 5 -34.05 -14.62 -46.44
CA GLN M 5 -33.71 -14.70 -45.02
C GLN M 5 -33.53 -16.21 -44.75
N THR M 6 -34.63 -16.88 -44.36
CA THR M 6 -34.73 -18.37 -44.20
C THR M 6 -35.37 -18.89 -42.91
N SER M 7 -35.09 -18.38 -41.73
CA SER M 7 -35.77 -19.01 -40.62
C SER M 7 -36.27 -18.01 -39.60
N VAL M 8 -35.60 -16.84 -39.57
CA VAL M 8 -35.95 -15.82 -38.63
C VAL M 8 -37.45 -15.82 -38.45
N ASN M 9 -38.18 -15.75 -39.57
CA ASN M 9 -39.65 -15.74 -39.47
C ASN M 9 -40.31 -16.82 -40.42
N THR M 10 -41.35 -17.64 -40.03
CA THR M 10 -42.01 -18.76 -40.84
C THR M 10 -42.35 -18.46 -42.29
N TYR M 11 -42.16 -17.22 -42.72
CA TYR M 11 -42.48 -16.84 -44.08
C TYR M 11 -41.43 -15.95 -44.70
N ASN M 12 -41.12 -16.24 -45.95
CA ASN M 12 -40.21 -15.41 -46.72
C ASN M 12 -41.10 -14.36 -47.34
N ILE M 13 -40.60 -13.18 -47.62
CA ILE M 13 -41.50 -12.20 -48.25
C ILE M 13 -41.59 -12.49 -49.74
N THR M 14 -40.43 -12.64 -50.36
CA THR M 14 -40.35 -12.99 -51.78
C THR M 14 -40.64 -14.47 -51.95
N GLY M 15 -41.03 -15.10 -50.84
CA GLY M 15 -41.35 -16.52 -50.85
C GLY M 15 -42.28 -16.95 -51.97
N ASP M 16 -42.28 -18.26 -52.22
CA ASP M 16 -43.11 -18.89 -53.26
C ASP M 16 -44.62 -18.72 -53.04
N GLY M 17 -45.32 -18.34 -54.11
CA GLY M 17 -46.77 -18.21 -54.04
C GLY M 17 -47.46 -17.42 -52.94
N ASN M 18 -46.94 -16.23 -52.62
CA ASN M 18 -47.58 -15.37 -51.63
C ASN M 18 -48.74 -14.74 -52.35
N SER M 19 -49.46 -13.82 -51.72
CA SER M 19 -50.57 -13.25 -52.47
C SER M 19 -51.30 -12.11 -51.82
N PHE M 20 -51.08 -10.89 -52.28
CA PHE M 20 -51.81 -9.75 -51.79
C PHE M 20 -53.20 -9.86 -52.39
N THR M 21 -54.23 -9.81 -51.56
CA THR M 21 -55.61 -9.94 -52.05
C THR M 21 -56.66 -9.61 -50.99
N PRO M 22 -57.05 -8.33 -50.89
CA PRO M 22 -58.05 -7.88 -49.92
C PRO M 22 -59.38 -8.55 -50.18
N THR M 23 -60.11 -8.80 -49.10
CA THR M 23 -61.42 -9.41 -49.12
C THR M 23 -62.29 -8.51 -48.29
N SER M 24 -63.40 -8.02 -48.82
CA SER M 24 -64.28 -7.15 -48.07
C SER M 24 -64.67 -7.79 -46.74
N ASP M 25 -64.43 -9.09 -46.66
CA ASP M 25 -64.78 -9.91 -45.51
C ASP M 25 -63.96 -9.79 -44.21
N MET M 26 -62.66 -9.46 -44.30
CA MET M 26 -61.85 -9.47 -43.09
C MET M 26 -61.17 -8.17 -42.63
N THR M 27 -61.65 -6.97 -43.02
CA THR M 27 -61.02 -5.69 -42.63
C THR M 27 -59.86 -5.77 -41.61
N SER M 28 -58.63 -5.73 -42.13
CA SER M 28 -57.40 -5.79 -41.33
C SER M 28 -57.39 -4.87 -40.13
N THR M 29 -57.15 -5.42 -38.92
CA THR M 29 -57.14 -4.62 -37.70
C THR M 29 -56.44 -5.24 -36.46
N ALA M 30 -55.51 -4.50 -35.89
CA ALA M 30 -54.82 -4.95 -34.65
C ALA M 30 -55.67 -4.50 -33.46
N ALA M 31 -55.04 -4.10 -32.35
CA ALA M 31 -55.81 -3.72 -31.16
C ALA M 31 -55.53 -2.31 -30.67
N PRO M 32 -56.29 -1.31 -31.17
CA PRO M 32 -56.11 0.08 -30.77
C PRO M 32 -57.02 0.49 -29.64
N ALA M 33 -58.31 0.19 -29.73
CA ALA M 33 -59.23 0.63 -28.70
C ALA M 33 -59.20 -0.11 -27.36
N ILE M 34 -58.03 -0.53 -26.87
CA ILE M 34 -58.01 -1.22 -25.58
C ILE M 34 -58.51 -0.25 -24.51
N ASP M 35 -59.48 -0.71 -23.71
CA ASP M 35 -60.03 0.15 -22.66
C ASP M 35 -59.15 0.19 -21.41
N LEU M 36 -58.81 1.40 -20.97
CA LEU M 36 -58.00 1.55 -19.76
C LEU M 36 -58.55 2.59 -18.79
N LYS M 37 -59.60 3.31 -19.19
CA LYS M 37 -60.17 4.34 -18.32
C LYS M 37 -60.48 3.82 -16.91
N PRO M 38 -60.21 4.65 -15.93
CA PRO M 38 -60.37 4.35 -14.49
C PRO M 38 -61.47 3.37 -14.13
N GLY M 39 -62.71 3.76 -14.37
CA GLY M 39 -63.81 2.89 -14.02
C GLY M 39 -63.73 1.54 -14.74
N VAL M 40 -63.42 1.58 -16.03
CA VAL M 40 -63.41 0.35 -16.82
C VAL M 40 -62.20 -0.56 -16.62
N LEU M 41 -61.03 -0.05 -16.27
CA LEU M 41 -59.87 -0.93 -16.03
C LEU M 41 -59.91 -1.46 -14.60
N ASN M 42 -60.69 -0.78 -13.76
CA ASN M 42 -60.90 -1.19 -12.35
C ASN M 42 -60.62 -0.10 -11.32
N PRO N 1 -64.83 -10.97 -6.99
CA PRO N 1 -64.06 -10.13 -6.06
C PRO N 1 -63.30 -9.08 -6.81
N THR N 2 -62.71 -8.14 -6.06
CA THR N 2 -61.95 -7.00 -6.57
C THR N 2 -61.17 -6.39 -5.43
N GLY N 3 -60.27 -5.46 -5.73
CA GLY N 3 -59.52 -4.77 -4.71
C GLY N 3 -58.26 -5.50 -4.22
N LYS N 4 -57.65 -4.96 -3.18
CA LYS N 4 -56.46 -5.53 -2.62
C LYS N 4 -56.84 -6.73 -1.79
N LEU N 5 -55.94 -7.70 -1.65
CA LEU N 5 -56.24 -8.89 -0.87
C LEU N 5 -55.87 -8.66 0.59
N TRP N 6 -56.71 -9.16 1.48
CA TRP N 6 -56.54 -8.99 2.92
C TRP N 6 -56.55 -10.29 3.74
N ARG N 7 -55.61 -10.35 4.69
CA ARG N 7 -55.46 -11.43 5.65
C ARG N 7 -55.45 -10.69 6.99
N PRO N 8 -56.00 -11.32 8.03
CA PRO N 8 -56.09 -10.70 9.36
C PRO N 8 -54.79 -10.52 10.14
N VAL N 9 -54.69 -9.44 10.94
CA VAL N 9 -53.49 -9.09 11.78
C VAL N 9 -52.98 -9.86 13.04
N GLY N 10 -53.87 -10.07 14.01
CA GLY N 10 -53.59 -10.82 15.22
C GLY N 10 -53.34 -12.27 14.90
N THR N 11 -54.07 -12.78 13.91
CA THR N 11 -53.95 -14.17 13.50
C THR N 11 -55.18 -14.94 13.92
N SER N 12 -55.15 -16.25 13.75
CA SER N 12 -56.33 -17.07 13.99
C SER N 12 -57.40 -16.65 12.99
N VAL N 13 -58.62 -16.50 13.49
CA VAL N 13 -59.76 -16.11 12.67
C VAL N 13 -59.66 -14.65 12.29
N ALA N 14 -60.25 -14.28 11.16
CA ALA N 14 -60.23 -12.89 10.74
C ALA N 14 -61.58 -12.24 10.99
N THR N 15 -61.58 -11.31 11.93
CA THR N 15 -62.77 -10.59 12.31
C THR N 15 -62.42 -9.19 11.86
N ILE N 16 -63.42 -8.43 11.44
CA ILE N 16 -63.15 -7.09 10.96
C ILE N 16 -62.37 -6.35 12.03
N ASP N 17 -61.32 -5.67 11.60
CA ASP N 17 -60.38 -4.98 12.46
C ASP N 17 -59.28 -5.99 12.76
N SER N 18 -59.53 -7.24 12.40
CA SER N 18 -58.56 -8.32 12.55
C SER N 18 -57.94 -8.57 11.17
N LEU N 19 -58.46 -7.84 10.19
CA LEU N 19 -58.01 -7.91 8.81
C LEU N 19 -57.39 -6.59 8.37
N ALA N 20 -56.19 -6.70 7.82
CA ALA N 20 -55.46 -5.55 7.30
C ALA N 20 -54.94 -5.96 5.94
N ILE N 21 -54.68 -5.00 5.07
CA ILE N 21 -54.17 -5.34 3.75
C ILE N 21 -52.86 -6.06 3.98
N VAL N 22 -52.60 -7.11 3.21
CA VAL N 22 -51.39 -7.88 3.41
C VAL N 22 -50.23 -7.20 2.69
N SER N 23 -49.87 -6.02 3.20
CA SER N 23 -48.78 -5.27 2.64
C SER N 23 -47.55 -6.14 2.74
N ASP N 24 -46.75 -6.07 1.68
CA ASP N 24 -45.50 -6.79 1.53
C ASP N 24 -44.49 -5.76 1.07
N ARG N 25 -43.20 -6.07 1.17
CA ARG N 25 -42.17 -5.12 0.79
C ARG N 25 -42.33 -4.71 -0.67
N PHE N 26 -42.66 -5.66 -1.53
CA PHE N 26 -42.86 -5.36 -2.94
C PHE N 26 -44.04 -4.40 -3.13
N GLY N 27 -45.11 -4.63 -2.37
CA GLY N 27 -46.30 -3.81 -2.44
C GLY N 27 -47.53 -4.62 -2.06
N GLN N 28 -48.72 -4.02 -2.12
CA GLN N 28 -49.93 -4.76 -1.77
C GLN N 28 -50.52 -5.53 -2.93
N TYR N 29 -50.75 -6.82 -2.71
CA TYR N 29 -51.32 -7.64 -3.76
C TYR N 29 -52.74 -7.20 -4.05
N SER N 30 -53.00 -6.76 -5.28
CA SER N 30 -54.37 -6.39 -5.62
C SER N 30 -54.87 -7.51 -6.54
N PHE N 31 -56.11 -7.94 -6.32
CA PHE N 31 -56.68 -9.03 -7.10
C PHE N 31 -56.84 -8.70 -8.57
N VAL N 32 -56.64 -9.71 -9.42
CA VAL N 32 -56.76 -9.52 -10.86
C VAL N 32 -57.99 -10.25 -11.39
N ASN N 33 -59.16 -9.64 -11.19
CA ASN N 33 -60.44 -10.21 -11.63
C ASN N 33 -60.38 -10.61 -13.10
N GLU N 34 -61.19 -11.58 -13.46
CA GLU N 34 -61.26 -12.12 -14.82
C GLU N 34 -61.12 -11.12 -15.98
N GLY N 35 -61.93 -10.08 -15.99
CA GLY N 35 -61.92 -9.10 -17.06
C GLY N 35 -60.66 -8.24 -17.11
N MET N 36 -60.10 -7.93 -15.96
CA MET N 36 -58.90 -7.10 -15.92
C MET N 36 -57.69 -7.86 -16.47
N ARG N 37 -57.83 -9.18 -16.66
CA ARG N 37 -56.76 -9.96 -17.25
C ARG N 37 -56.93 -9.90 -18.75
N GLU N 38 -58.15 -9.61 -19.18
CA GLU N 38 -58.45 -9.49 -20.61
C GLU N 38 -57.72 -8.32 -21.18
N THR N 39 -57.65 -7.25 -20.42
CA THR N 39 -56.96 -6.07 -20.89
C THR N 39 -55.46 -6.31 -20.99
N PHE N 40 -54.81 -6.59 -19.86
CA PHE N 40 -53.37 -6.85 -19.84
C PHE N 40 -52.95 -7.98 -20.73
N SER N 41 -53.87 -8.86 -21.06
CA SER N 41 -53.54 -9.88 -22.01
C SER N 41 -53.68 -9.33 -23.41
N LYS N 42 -54.73 -8.53 -23.61
CA LYS N 42 -55.00 -7.93 -24.92
C LYS N 42 -53.91 -6.93 -25.27
N ALA N 43 -53.30 -6.33 -24.24
CA ALA N 43 -52.23 -5.34 -24.41
C ALA N 43 -50.94 -6.08 -24.75
N LEU N 44 -50.62 -7.11 -23.97
CA LEU N 44 -49.43 -7.91 -24.20
C LEU N 44 -49.59 -8.68 -25.52
N PHE N 45 -50.80 -9.10 -25.82
CA PHE N 45 -51.02 -9.84 -27.05
C PHE N 45 -50.62 -8.99 -28.25
N ASP N 46 -50.99 -7.72 -28.22
CA ASP N 46 -50.64 -6.81 -29.29
C ASP N 46 -49.14 -6.52 -29.37
N ILE N 47 -48.40 -6.88 -28.32
CA ILE N 47 -46.95 -6.65 -28.35
C ILE N 47 -46.26 -7.93 -28.82
N ASN N 48 -46.65 -9.08 -28.27
CA ASN N 48 -46.05 -10.34 -28.67
C ASN N 48 -46.09 -10.43 -30.19
N MET N 49 -47.18 -9.95 -30.79
CA MET N 49 -47.36 -9.97 -32.23
C MET N 49 -46.08 -9.53 -32.96
N TRP N 50 -45.45 -8.50 -32.44
CA TRP N 50 -44.23 -7.96 -33.03
C TRP N 50 -43.01 -8.76 -32.67
N GLN N 51 -43.17 -10.05 -32.39
CA GLN N 51 -42.04 -10.87 -31.98
C GLN N 51 -40.92 -10.91 -33.02
N PRO N 52 -41.25 -11.19 -34.29
CA PRO N 52 -40.25 -11.25 -35.37
C PRO N 52 -39.44 -10.00 -35.56
N LEU N 53 -39.94 -8.86 -35.10
CA LEU N 53 -39.16 -7.65 -35.27
C LEU N 53 -38.30 -7.36 -34.07
N PHE N 54 -38.63 -7.95 -32.92
CA PHE N 54 -37.85 -7.76 -31.69
C PHE N 54 -36.55 -8.54 -31.78
N GLN N 55 -36.61 -9.77 -32.30
CA GLN N 55 -35.40 -10.56 -32.42
C GLN N 55 -34.55 -9.93 -33.50
N ALA N 56 -35.14 -9.67 -34.66
CA ALA N 56 -34.37 -9.08 -35.77
C ALA N 56 -33.55 -7.94 -35.29
N THR N 57 -34.17 -7.05 -34.58
CA THR N 57 -33.39 -5.93 -34.12
C THR N 57 -32.81 -6.11 -32.70
N LYS N 58 -32.54 -7.33 -32.18
CA LYS N 58 -31.89 -7.53 -30.83
C LYS N 58 -32.45 -6.68 -29.62
N THR N 59 -33.58 -5.96 -29.77
CA THR N 59 -34.23 -5.22 -28.65
C THR N 59 -35.12 -6.22 -27.91
N GLY N 60 -36.21 -5.76 -27.34
CA GLY N 60 -37.11 -6.68 -26.68
C GLY N 60 -36.36 -7.51 -25.60
N CYS N 61 -36.74 -8.78 -25.46
CA CYS N 61 -36.20 -9.65 -24.41
C CYS N 61 -37.02 -10.94 -24.24
N GLY N 62 -37.66 -11.38 -25.32
CA GLY N 62 -38.48 -12.59 -25.27
C GLY N 62 -39.94 -12.17 -25.20
N PRO N 63 -40.91 -13.09 -25.35
CA PRO N 63 -42.34 -12.74 -25.30
C PRO N 63 -42.78 -12.43 -23.87
N ILE N 64 -43.60 -11.41 -23.69
CA ILE N 64 -44.06 -11.00 -22.36
C ILE N 64 -45.32 -11.75 -21.90
N VAL N 65 -45.15 -12.76 -21.04
CA VAL N 65 -46.30 -13.51 -20.53
C VAL N 65 -46.86 -12.77 -19.31
N LEU N 66 -48.18 -12.56 -19.29
CA LEU N 66 -48.75 -11.84 -18.16
C LEU N 66 -48.59 -12.64 -16.88
N SER N 67 -48.30 -13.93 -17.03
CA SER N 67 -48.12 -14.81 -15.88
C SER N 67 -46.76 -14.60 -15.23
N SER N 68 -46.04 -13.55 -15.64
CA SER N 68 -44.73 -13.31 -15.04
C SER N 68 -44.85 -12.14 -14.05
N PHE N 69 -45.97 -11.43 -14.08
CA PHE N 69 -46.16 -10.30 -13.17
C PHE N 69 -47.10 -10.61 -12.03
N THR N 70 -47.84 -11.71 -12.14
CA THR N 70 -48.79 -12.07 -11.09
C THR N 70 -48.25 -13.07 -10.06
N THR N 71 -49.15 -13.63 -9.27
CA THR N 71 -48.81 -14.61 -8.22
C THR N 71 -50.06 -15.44 -7.91
N THR N 72 -49.93 -16.39 -6.99
CA THR N 72 -51.08 -17.20 -6.64
C THR N 72 -51.27 -17.21 -5.13
N THR N 73 -51.56 -16.03 -4.58
CA THR N 73 -51.80 -15.93 -3.15
C THR N 73 -53.27 -16.32 -2.95
N SER N 74 -53.71 -16.28 -1.70
CA SER N 74 -55.10 -16.60 -1.34
C SER N 74 -55.42 -15.97 0.00
N GLY N 75 -56.63 -15.41 0.10
CA GLY N 75 -57.06 -14.78 1.32
C GLY N 75 -58.41 -14.18 0.99
N TYR N 76 -58.80 -13.13 1.71
CA TYR N 76 -60.07 -12.47 1.46
C TYR N 76 -59.76 -11.23 0.66
N VAL N 77 -60.47 -11.01 -0.44
CA VAL N 77 -60.17 -9.82 -1.23
C VAL N 77 -61.31 -8.84 -1.43
N GLY N 78 -61.21 -7.69 -0.78
CA GLY N 78 -62.26 -6.70 -0.94
C GLY N 78 -61.68 -5.29 -0.98
N ALA N 79 -62.55 -4.30 -0.75
CA ALA N 79 -62.12 -2.92 -0.75
C ALA N 79 -61.89 -2.48 0.68
N THR N 80 -62.53 -3.15 1.64
CA THR N 80 -62.33 -2.81 3.06
C THR N 80 -62.61 -4.05 3.92
N ALA N 81 -61.84 -4.20 5.00
CA ALA N 81 -61.99 -5.36 5.90
C ALA N 81 -63.44 -5.86 5.94
N GLY N 82 -64.37 -4.94 6.21
CA GLY N 82 -65.78 -5.31 6.27
C GLY N 82 -66.31 -6.09 5.08
N ASP N 83 -66.13 -5.56 3.88
CA ASP N 83 -66.64 -6.20 2.66
C ASP N 83 -65.68 -7.24 2.06
N ALA N 84 -64.41 -7.19 2.45
CA ALA N 84 -63.44 -8.13 1.92
C ALA N 84 -63.69 -9.47 2.56
N LEU N 85 -64.40 -9.45 3.69
CA LEU N 85 -64.71 -10.66 4.43
C LEU N 85 -65.65 -11.59 3.67
N ASP N 86 -66.38 -11.04 2.70
CA ASP N 86 -67.33 -11.81 1.90
C ASP N 86 -66.79 -12.20 0.53
N ASN N 87 -65.47 -12.35 0.41
CA ASN N 87 -64.87 -12.73 -0.88
C ASN N 87 -63.72 -13.68 -0.66
N PRO N 88 -63.89 -14.71 0.15
CA PRO N 88 -62.79 -15.64 0.39
C PRO N 88 -62.37 -16.24 -0.95
N VAL N 89 -61.17 -15.88 -1.41
CA VAL N 89 -60.67 -16.41 -2.67
C VAL N 89 -59.45 -17.29 -2.41
N THR N 90 -59.44 -18.50 -3.00
CA THR N 90 -58.31 -19.40 -2.79
C THR N 90 -57.45 -19.51 -4.03
N ASN N 91 -56.15 -19.27 -3.85
CA ASN N 91 -55.21 -19.32 -4.95
C ASN N 91 -55.69 -18.45 -6.10
N GLY N 92 -56.15 -17.24 -5.77
CA GLY N 92 -56.57 -16.32 -6.80
C GLY N 92 -55.28 -15.82 -7.44
N VAL N 93 -55.40 -15.00 -8.47
CA VAL N 93 -54.22 -14.47 -9.14
C VAL N 93 -54.11 -12.96 -8.87
N PHE N 94 -53.18 -12.57 -8.01
CA PHE N 94 -53.00 -11.16 -7.66
C PHE N 94 -51.71 -10.64 -8.24
N ILE N 95 -51.64 -9.32 -8.46
CA ILE N 95 -50.41 -8.72 -8.96
C ILE N 95 -49.96 -7.74 -7.88
N SER N 96 -48.75 -7.91 -7.34
CA SER N 96 -48.24 -7.03 -6.26
C SER N 96 -47.98 -5.61 -6.75
N THR N 97 -48.01 -4.62 -5.90
CA THR N 97 -47.76 -3.26 -6.35
C THR N 97 -46.50 -3.12 -7.21
N VAL N 98 -45.33 -3.50 -6.65
CA VAL N 98 -44.11 -3.38 -7.42
C VAL N 98 -44.21 -4.07 -8.77
N GLN N 99 -45.10 -5.05 -8.90
CA GLN N 99 -45.28 -5.73 -10.18
C GLN N 99 -46.19 -4.90 -11.06
N ILE N 100 -47.27 -4.39 -10.48
CA ILE N 100 -48.23 -3.53 -11.19
C ILE N 100 -47.40 -2.39 -11.74
N MET N 101 -46.15 -2.28 -11.29
CA MET N 101 -45.27 -1.23 -11.79
C MET N 101 -44.58 -1.66 -13.05
N ASN N 102 -44.06 -2.89 -13.09
CA ASN N 102 -43.37 -3.37 -14.28
C ASN N 102 -44.32 -3.67 -15.43
N LEU N 103 -45.36 -4.48 -15.16
CA LEU N 103 -46.31 -4.79 -16.21
C LEU N 103 -46.72 -3.48 -16.84
N GLN N 104 -46.55 -2.39 -16.08
CA GLN N 104 -46.86 -1.06 -16.55
C GLN N 104 -45.68 -0.53 -17.36
N ARG N 105 -44.56 -0.25 -16.73
CA ARG N 105 -43.41 0.25 -17.48
C ARG N 105 -42.85 -0.71 -18.53
N THR N 106 -43.28 -1.97 -18.54
CA THR N 106 -42.80 -2.88 -19.57
C THR N 106 -43.67 -2.61 -20.78
N ILE N 107 -44.98 -2.74 -20.58
CA ILE N 107 -45.94 -2.48 -21.64
C ILE N 107 -45.71 -1.08 -22.17
N ALA N 108 -45.14 -0.21 -21.35
CA ALA N 108 -44.84 1.15 -21.80
C ALA N 108 -43.54 1.13 -22.64
N ALA N 109 -42.47 0.56 -22.10
CA ALA N 109 -41.22 0.52 -22.84
C ALA N 109 -41.41 -0.20 -24.16
N ARG N 110 -41.99 -1.41 -24.13
CA ARG N 110 -42.24 -2.17 -25.36
C ARG N 110 -43.15 -1.41 -26.28
N MET N 111 -44.17 -0.76 -25.71
CA MET N 111 -45.09 0.02 -26.50
C MET N 111 -44.39 1.07 -27.34
N ARG N 112 -43.36 1.70 -26.80
CA ARG N 112 -42.59 2.64 -27.60
C ARG N 112 -41.94 1.85 -28.73
N ASP N 113 -41.12 0.88 -28.35
CA ASP N 113 -40.42 0.02 -29.32
C ASP N 113 -41.29 -0.28 -30.55
N VAL N 114 -42.44 -0.90 -30.33
CA VAL N 114 -43.32 -1.25 -31.43
C VAL N 114 -43.95 -0.02 -32.07
N ALA N 115 -44.47 0.90 -31.27
CA ALA N 115 -45.09 2.10 -31.80
C ALA N 115 -44.25 2.68 -32.93
N LEU N 116 -42.95 2.53 -32.83
CA LEU N 116 -42.07 3.06 -33.88
C LEU N 116 -42.12 2.20 -35.14
N TRP N 117 -41.69 0.94 -35.02
CA TRP N 117 -41.70 0.02 -36.16
C TRP N 117 -43.07 0.04 -36.81
N GLN N 118 -44.07 -0.23 -35.97
CA GLN N 118 -45.46 -0.26 -36.33
C GLN N 118 -45.83 0.95 -37.16
N LYS N 119 -45.07 2.04 -37.04
CA LYS N 119 -45.36 3.21 -37.84
C LYS N 119 -44.79 3.04 -39.27
N HIS N 120 -43.61 2.42 -39.38
CA HIS N 120 -42.95 2.15 -40.67
C HIS N 120 -43.74 1.11 -41.47
N LEU N 121 -44.17 0.07 -40.77
CA LEU N 121 -44.94 -1.01 -41.40
C LEU N 121 -46.13 -0.38 -42.07
N ASP N 122 -46.69 0.61 -41.40
CA ASP N 122 -47.86 1.29 -41.90
C ASP N 122 -47.68 2.17 -43.15
N THR N 123 -46.76 3.14 -43.09
CA THR N 123 -46.56 4.00 -44.24
C THR N 123 -46.38 3.16 -45.49
N ALA N 124 -46.07 1.87 -45.30
CA ALA N 124 -45.87 0.95 -46.42
C ALA N 124 -47.13 0.14 -46.68
N MET N 125 -47.82 -0.26 -45.61
CA MET N 125 -49.04 -1.03 -45.76
C MET N 125 -50.18 -0.21 -46.35
N THR N 126 -50.64 0.79 -45.62
CA THR N 126 -51.71 1.66 -46.11
C THR N 126 -51.25 2.28 -47.43
N MET N 127 -49.96 2.23 -47.72
CA MET N 127 -49.48 2.80 -48.98
C MET N 127 -49.87 1.93 -50.16
N LEU N 128 -50.99 1.22 -50.01
CA LEU N 128 -51.56 0.38 -51.06
C LEU N 128 -52.86 -0.21 -50.53
N THR N 129 -53.66 0.66 -49.94
CA THR N 129 -54.97 0.36 -49.36
C THR N 129 -55.30 -1.11 -49.29
N PRO N 130 -54.77 -1.81 -48.27
CA PRO N 130 -55.07 -3.24 -48.19
C PRO N 130 -56.50 -3.48 -47.68
N ASP N 131 -57.36 -2.48 -47.80
CA ASP N 131 -58.73 -2.68 -47.31
C ASP N 131 -59.88 -2.24 -48.21
N ILE N 132 -60.62 -3.23 -48.70
CA ILE N 132 -61.78 -2.99 -49.56
C ILE N 132 -63.00 -3.35 -48.71
N SER N 133 -64.21 -2.98 -49.15
CA SER N 133 -65.40 -3.29 -48.35
C SER N 133 -66.58 -3.94 -49.09
N ALA N 134 -66.32 -4.53 -50.25
CA ALA N 134 -67.35 -5.20 -51.04
C ALA N 134 -66.66 -6.18 -52.02
N GLY N 135 -66.98 -7.46 -51.89
CA GLY N 135 -66.35 -8.45 -52.76
C GLY N 135 -64.85 -8.44 -52.52
N SER N 136 -64.08 -9.08 -53.40
CA SER N 136 -62.63 -9.12 -53.23
C SER N 136 -61.91 -8.26 -54.25
N ALA N 137 -60.66 -8.60 -54.53
CA ALA N 137 -59.81 -7.89 -55.49
C ALA N 137 -58.34 -8.12 -55.16
N SER N 138 -57.64 -8.84 -56.04
CA SER N 138 -56.21 -9.14 -55.84
C SER N 138 -55.29 -8.14 -56.56
N CYS N 139 -54.00 -8.43 -56.53
CA CYS N 139 -52.98 -7.59 -57.17
C CYS N 139 -51.67 -8.36 -57.17
N ASN N 140 -51.46 -9.19 -58.19
CA ASN N 140 -50.27 -10.04 -58.28
C ASN N 140 -49.06 -9.54 -57.49
N TRP N 141 -48.78 -10.27 -56.40
CA TRP N 141 -47.72 -10.00 -55.44
C TRP N 141 -46.37 -9.50 -55.97
N LYS N 142 -45.81 -10.16 -56.99
CA LYS N 142 -44.54 -9.71 -57.56
C LYS N 142 -44.57 -8.20 -57.77
N SER N 143 -45.44 -7.76 -58.68
CA SER N 143 -45.60 -6.33 -59.00
C SER N 143 -45.65 -5.51 -57.74
N LEU N 144 -46.66 -5.79 -56.91
CA LEU N 144 -46.88 -5.11 -55.65
C LEU N 144 -45.55 -4.83 -54.92
N LEU N 145 -44.82 -5.91 -54.65
CA LEU N 145 -43.54 -5.79 -53.96
C LEU N 145 -42.57 -4.94 -54.78
N ALA N 146 -42.21 -5.37 -55.96
CA ALA N 146 -41.30 -4.64 -56.85
C ALA N 146 -41.70 -3.17 -56.99
N PHE N 147 -42.95 -2.86 -56.66
CA PHE N 147 -43.48 -1.50 -56.71
C PHE N 147 -43.10 -0.74 -55.43
N ALA N 148 -43.49 -1.26 -54.28
CA ALA N 148 -43.17 -0.61 -53.02
C ALA N 148 -41.65 -0.55 -52.85
N LYS N 149 -40.93 -1.43 -53.56
CA LYS N 149 -39.47 -1.41 -53.52
C LYS N 149 -39.02 -0.02 -53.93
N ASP N 150 -39.90 0.65 -54.67
CA ASP N 150 -39.69 2.02 -55.15
C ASP N 150 -40.23 3.00 -54.12
N ILE N 151 -41.49 3.36 -54.28
CA ILE N 151 -42.14 4.34 -53.44
C ILE N 151 -41.53 4.48 -52.05
N LEU N 152 -41.62 3.48 -51.18
CA LEU N 152 -41.08 3.57 -49.82
C LEU N 152 -39.76 4.41 -49.71
N PRO N 153 -39.78 5.59 -49.02
CA PRO N 153 -38.61 6.47 -48.85
C PRO N 153 -37.47 5.76 -48.11
N LEU N 154 -36.24 5.99 -48.53
CA LEU N 154 -35.03 5.35 -47.96
C LEU N 154 -34.86 5.27 -46.42
N ASP N 155 -35.79 5.82 -45.62
CA ASP N 155 -35.66 5.80 -44.16
C ASP N 155 -36.81 5.10 -43.47
N ASN N 156 -37.45 4.21 -44.20
CA ASN N 156 -38.53 3.46 -43.59
C ASN N 156 -37.90 2.46 -42.59
N LEU N 157 -38.30 1.20 -42.56
CA LEU N 157 -37.72 0.11 -41.76
C LEU N 157 -38.24 -1.17 -42.41
N CYS N 158 -39.08 -1.03 -43.47
CA CYS N 158 -39.71 -2.15 -44.25
C CYS N 158 -38.82 -2.54 -45.43
N LEU N 159 -37.71 -1.80 -45.57
CA LEU N 159 -36.70 -2.07 -46.58
C LEU N 159 -35.50 -2.71 -45.90
N THR N 160 -35.29 -2.42 -44.61
CA THR N 160 -34.16 -3.03 -43.89
C THR N 160 -34.54 -4.46 -43.37
N TYR N 161 -35.87 -4.83 -43.22
CA TYR N 161 -36.35 -6.15 -42.67
C TYR N 161 -37.56 -6.81 -43.45
N PRO N 162 -37.77 -6.57 -44.77
CA PRO N 162 -38.89 -7.09 -45.63
C PRO N 162 -39.72 -8.26 -45.07
N ASN N 163 -39.06 -9.39 -44.84
CA ASN N 163 -39.72 -10.52 -44.27
C ASN N 163 -39.26 -10.71 -42.84
N GLU N 164 -39.44 -9.58 -42.08
CA GLU N 164 -39.21 -9.51 -40.64
C GLU N 164 -40.29 -8.56 -40.16
N PHE N 165 -40.81 -7.81 -41.15
CA PHE N 165 -41.93 -6.87 -41.05
C PHE N 165 -43.10 -7.61 -41.68
N TYR N 166 -42.81 -8.31 -42.77
CA TYR N 166 -43.83 -9.08 -43.47
C TYR N 166 -44.54 -10.05 -42.48
N ASN N 167 -43.77 -10.76 -41.64
CA ASN N 167 -44.28 -11.70 -40.65
C ASN N 167 -45.08 -11.00 -39.58
N VAL N 168 -44.73 -9.76 -39.27
CA VAL N 168 -45.52 -9.00 -38.32
C VAL N 168 -46.80 -8.65 -39.05
N ALA N 169 -46.63 -8.12 -40.27
CA ALA N 169 -47.73 -7.69 -41.13
C ALA N 169 -48.78 -8.75 -41.36
N ILE N 170 -48.39 -9.93 -41.86
CA ILE N 170 -49.33 -11.01 -42.10
C ILE N 170 -50.37 -11.17 -40.99
N HIS N 171 -50.01 -10.80 -39.75
CA HIS N 171 -50.92 -10.90 -38.62
C HIS N 171 -51.79 -9.67 -38.43
N ARG N 172 -51.65 -8.67 -39.27
CA ARG N 172 -52.46 -7.48 -39.09
C ARG N 172 -53.30 -7.21 -40.31
N TYR N 173 -52.89 -7.74 -41.46
CA TYR N 173 -53.61 -7.50 -42.70
C TYR N 173 -54.10 -8.79 -43.34
N PRO N 174 -55.37 -9.14 -43.11
CA PRO N 174 -55.82 -10.38 -43.74
C PRO N 174 -55.88 -10.23 -45.25
N ALA N 175 -55.20 -9.19 -45.77
CA ALA N 175 -55.14 -9.01 -47.20
C ALA N 175 -53.94 -9.83 -47.69
N LEU N 176 -52.78 -9.66 -47.04
CA LEU N 176 -51.54 -10.40 -47.37
C LEU N 176 -51.66 -11.83 -46.86
N LYS N 177 -51.86 -12.80 -47.74
CA LYS N 177 -51.94 -14.20 -47.32
C LYS N 177 -50.61 -14.81 -47.74
N PRO N 178 -49.78 -15.27 -46.80
CA PRO N 178 -48.48 -15.84 -47.15
C PRO N 178 -48.65 -17.17 -47.86
N GLY N 179 -47.79 -17.45 -48.83
CA GLY N 179 -47.88 -18.69 -49.56
C GLY N 179 -47.40 -19.85 -48.70
N ASN N 180 -48.26 -20.84 -48.51
CA ASN N 180 -47.89 -21.98 -47.70
C ASN N 180 -46.63 -22.68 -48.19
N PRO N 181 -45.67 -22.98 -47.26
CA PRO N 181 -44.44 -23.71 -47.68
C PRO N 181 -44.62 -25.08 -48.39
N ASP N 182 -45.42 -26.06 -47.87
CA ASP N 182 -45.52 -27.40 -48.53
C ASP N 182 -46.79 -27.68 -49.42
N THR N 183 -46.96 -26.80 -50.45
CA THR N 183 -47.99 -26.81 -51.53
C THR N 183 -47.81 -25.50 -52.36
N LYS N 184 -46.85 -24.67 -51.91
CA LYS N 184 -46.43 -23.37 -52.47
C LYS N 184 -47.56 -22.52 -53.14
N LEU N 185 -48.77 -22.48 -52.51
CA LEU N 185 -50.05 -21.79 -52.93
C LEU N 185 -50.65 -20.98 -51.73
N PRO N 186 -51.53 -19.95 -51.94
CA PRO N 186 -52.10 -19.21 -50.80
C PRO N 186 -52.84 -20.11 -49.76
N ASP N 187 -54.09 -19.73 -49.36
CA ASP N 187 -54.88 -20.43 -48.30
C ASP N 187 -56.39 -20.10 -48.38
N ALA N 188 -56.80 -19.23 -49.29
CA ALA N 188 -58.22 -18.85 -49.37
C ALA N 188 -58.53 -18.01 -48.15
N GLN N 189 -58.67 -18.67 -47.00
CA GLN N 189 -58.87 -17.98 -45.75
C GLN N 189 -57.59 -17.22 -45.41
N ALA N 190 -57.72 -16.13 -44.72
CA ALA N 190 -56.56 -15.39 -44.24
C ALA N 190 -56.62 -15.46 -42.72
N HIS N 191 -55.51 -15.85 -42.06
CA HIS N 191 -55.49 -15.99 -40.61
C HIS N 191 -54.68 -14.94 -39.85
N PRO N 192 -55.20 -13.70 -39.76
CA PRO N 192 -54.47 -12.67 -39.02
C PRO N 192 -54.82 -12.80 -37.54
N LEU N 193 -53.86 -12.56 -36.64
CA LEU N 193 -54.12 -12.68 -35.21
C LEU N 193 -55.43 -12.04 -34.73
N GLY N 194 -55.89 -10.99 -35.41
CA GLY N 194 -57.14 -10.35 -35.03
C GLY N 194 -58.34 -11.03 -35.65
N GLU N 195 -58.20 -12.33 -35.88
CA GLU N 195 -59.21 -13.19 -36.49
C GLU N 195 -60.67 -12.76 -36.34
N VAL N 196 -61.13 -12.66 -35.09
CA VAL N 196 -62.51 -12.28 -34.81
C VAL N 196 -62.79 -10.81 -35.04
N ALA N 197 -62.06 -9.95 -34.33
CA ALA N 197 -62.23 -8.50 -34.47
C ALA N 197 -62.29 -8.08 -35.94
N GLY N 198 -61.33 -8.56 -36.73
CA GLY N 198 -61.31 -8.22 -38.15
C GLY N 198 -62.50 -8.79 -38.91
N ALA N 199 -63.10 -9.85 -38.39
CA ALA N 199 -64.26 -10.46 -39.04
C ALA N 199 -65.46 -9.59 -38.78
N PHE N 200 -65.56 -9.08 -37.55
CA PHE N 200 -66.65 -8.22 -37.13
C PHE N 200 -66.53 -6.74 -37.45
N ASN N 201 -65.70 -6.39 -38.42
CA ASN N 201 -65.59 -4.99 -38.77
C ASN N 201 -65.85 -4.85 -40.25
N ALA N 202 -65.71 -5.97 -40.96
CA ALA N 202 -65.96 -5.99 -42.39
C ALA N 202 -67.33 -5.34 -42.56
N ALA N 203 -67.50 -4.55 -43.61
CA ALA N 203 -68.80 -3.93 -43.84
C ALA N 203 -69.75 -5.03 -44.35
N THR N 204 -70.42 -5.74 -43.44
CA THR N 204 -71.33 -6.81 -43.83
C THR N 204 -72.46 -6.26 -44.68
N SER N 205 -72.60 -6.79 -45.90
CA SER N 205 -73.62 -6.31 -46.83
C SER N 205 -75.08 -6.29 -46.37
N GLU N 206 -75.41 -7.08 -45.34
CA GLU N 206 -76.79 -7.13 -44.83
C GLU N 206 -77.10 -5.83 -44.13
N VAL N 207 -76.16 -5.39 -43.30
CA VAL N 207 -76.33 -4.16 -42.56
C VAL N 207 -74.98 -3.44 -42.47
N GLY N 208 -74.92 -2.23 -43.04
CA GLY N 208 -73.68 -1.45 -43.04
C GLY N 208 -72.45 -2.06 -42.37
N SER N 209 -72.30 -1.79 -41.09
CA SER N 209 -71.18 -2.31 -40.31
C SER N 209 -71.54 -2.37 -38.83
N LEU N 210 -71.56 -3.56 -38.27
CA LEU N 210 -71.89 -3.71 -36.87
C LEU N 210 -71.08 -2.77 -35.99
N VAL N 211 -69.77 -2.70 -36.18
CA VAL N 211 -68.93 -1.80 -35.37
C VAL N 211 -69.34 -0.34 -35.50
N GLY N 212 -69.87 0.02 -36.67
CA GLY N 212 -70.32 1.39 -36.87
C GLY N 212 -71.67 1.59 -36.18
N SER N 213 -72.72 1.08 -36.82
CA SER N 213 -74.09 1.18 -36.32
C SER N 213 -74.21 0.95 -34.81
N SER N 214 -73.31 0.14 -34.25
CA SER N 214 -73.36 -0.15 -32.83
C SER N 214 -72.98 1.09 -32.05
N SER N 215 -71.84 1.69 -32.41
CA SER N 215 -71.35 2.87 -31.73
C SER N 215 -72.22 4.10 -31.96
N THR N 216 -72.53 4.39 -33.22
CA THR N 216 -73.38 5.56 -33.51
C THR N 216 -74.61 5.57 -32.59
N LEU N 217 -74.94 4.42 -32.01
CA LEU N 217 -76.06 4.29 -31.09
C LEU N 217 -75.61 4.54 -29.68
N SER N 218 -74.66 3.76 -29.19
CA SER N 218 -74.18 3.95 -27.83
C SER N 218 -73.71 5.39 -27.69
N GLN N 219 -73.18 5.95 -28.77
CA GLN N 219 -72.73 7.34 -28.75
C GLN N 219 -73.94 8.23 -28.46
N ALA N 220 -74.98 8.13 -29.27
CA ALA N 220 -76.18 8.93 -29.05
C ALA N 220 -76.75 8.69 -27.64
N ILE N 221 -76.75 7.43 -27.18
CA ILE N 221 -77.28 7.11 -25.86
C ILE N 221 -76.53 7.88 -24.79
N SER N 222 -75.22 8.02 -24.99
CA SER N 222 -74.40 8.75 -24.03
C SER N 222 -75.01 10.15 -23.90
N THR N 223 -75.01 10.92 -24.98
CA THR N 223 -75.57 12.27 -24.97
C THR N 223 -76.95 12.31 -24.32
N MET N 224 -77.89 11.52 -24.86
CA MET N 224 -79.26 11.49 -24.34
C MET N 224 -79.29 11.47 -22.82
N ALA N 225 -78.41 10.71 -22.19
CA ALA N 225 -78.44 10.68 -20.73
C ALA N 225 -77.59 11.77 -20.08
N GLY N 226 -76.48 12.05 -20.75
CA GLY N 226 -75.53 13.00 -20.36
C GLY N 226 -76.08 14.43 -20.29
N LYS N 227 -75.85 15.25 -21.30
CA LYS N 227 -76.25 16.66 -21.20
C LYS N 227 -77.57 16.85 -20.38
N ASP N 228 -78.54 15.95 -20.61
CA ASP N 228 -79.91 15.92 -20.02
C ASP N 228 -80.89 16.34 -21.09
N LEU N 229 -80.76 15.68 -22.24
CA LEU N 229 -81.70 15.99 -23.28
C LEU N 229 -83.07 15.60 -22.79
N ASP N 230 -83.12 14.50 -22.05
CA ASP N 230 -84.36 14.12 -21.45
C ASP N 230 -84.75 15.35 -20.62
N LEU N 231 -86.03 15.60 -20.42
CA LEU N 231 -86.42 16.76 -19.62
C LEU N 231 -86.15 18.08 -20.38
N ILE N 232 -86.07 18.00 -21.70
CA ILE N 232 -85.76 19.16 -22.54
C ILE N 232 -86.80 20.28 -22.56
N GLU N 233 -88.06 19.93 -22.32
CA GLU N 233 -89.09 20.96 -22.30
C GLU N 233 -89.86 20.88 -20.97
N ALA N 234 -89.12 20.52 -19.92
CA ALA N 234 -89.66 20.40 -18.58
C ALA N 234 -90.27 21.74 -18.16
N ASP N 235 -91.45 21.70 -17.56
CA ASP N 235 -92.09 22.94 -17.14
C ASP N 235 -91.88 23.22 -15.65
N THR N 236 -90.67 23.67 -15.28
CA THR N 236 -90.35 23.97 -13.89
C THR N 236 -88.89 24.41 -13.72
N PRO N 237 -88.66 25.40 -12.82
CA PRO N 237 -87.32 25.95 -12.54
C PRO N 237 -86.18 24.94 -12.59
N LEU N 238 -85.15 25.26 -13.36
CA LEU N 238 -83.97 24.41 -13.52
C LEU N 238 -82.69 25.24 -13.45
N PRO N 239 -81.79 24.89 -12.52
CA PRO N 239 -80.52 25.62 -12.35
C PRO N 239 -79.79 25.73 -13.70
N VAL N 240 -79.23 26.91 -14.00
CA VAL N 240 -78.53 27.06 -15.27
C VAL N 240 -77.47 25.97 -15.43
N SER N 241 -76.89 25.54 -14.31
CA SER N 241 -75.87 24.49 -14.31
C SER N 241 -76.35 23.25 -15.08
N VAL N 242 -77.63 22.92 -14.91
CA VAL N 242 -78.27 21.78 -15.58
C VAL N 242 -78.15 21.89 -17.09
N PHE N 243 -77.69 23.04 -17.57
CA PHE N 243 -77.51 23.28 -19.01
C PHE N 243 -76.05 23.35 -19.42
N THR N 244 -75.14 23.04 -18.51
CA THR N 244 -73.70 23.08 -18.77
C THR N 244 -73.26 24.10 -19.84
N PRO N 245 -73.65 25.37 -19.67
CA PRO N 245 -73.30 26.43 -20.63
C PRO N 245 -71.80 26.71 -20.56
N SER N 246 -71.11 26.50 -21.68
CA SER N 246 -69.66 26.72 -21.72
C SER N 246 -69.25 27.29 -23.06
N LEU N 247 -68.06 27.90 -23.09
CA LEU N 247 -67.55 28.46 -24.33
C LEU N 247 -68.67 29.23 -25.03
N ALA N 248 -69.38 30.10 -24.25
CA ALA N 248 -70.55 30.77 -24.80
C ALA N 248 -70.55 32.30 -24.88
N PRO N 249 -69.79 32.89 -25.82
CA PRO N 249 -69.78 34.33 -25.94
C PRO N 249 -70.32 34.86 -27.29
N ARG N 250 -71.62 35.12 -27.39
CA ARG N 250 -72.23 35.57 -28.65
C ARG N 250 -72.04 37.06 -28.95
N SER N 251 -71.88 37.38 -30.24
CA SER N 251 -71.67 38.77 -30.67
C SER N 251 -72.83 39.30 -31.52
N TYR N 252 -73.06 40.61 -31.46
CA TYR N 252 -74.12 41.25 -32.24
C TYR N 252 -73.72 42.38 -33.15
N ARG N 253 -74.73 43.31 -33.22
CA ARG N 253 -74.80 44.57 -33.99
C ARG N 253 -75.96 45.50 -33.50
N PRO N 254 -75.97 45.98 -32.21
CA PRO N 254 -77.03 46.89 -31.67
C PRO N 254 -77.17 48.17 -32.47
N ALA N 255 -77.96 49.13 -31.97
CA ALA N 255 -78.17 50.33 -32.76
C ALA N 255 -78.93 49.87 -34.01
N PHE N 256 -79.37 48.62 -33.93
CA PHE N 256 -80.17 47.99 -34.98
C PHE N 256 -81.21 47.13 -34.29
N ILE N 257 -80.82 46.40 -33.25
CA ILE N 257 -81.76 45.54 -32.52
C ILE N 257 -82.91 46.37 -31.92
N LYS N 258 -84.15 46.12 -32.35
CA LYS N 258 -85.26 46.87 -31.79
C LYS N 258 -85.35 46.59 -30.28
N PRO N 259 -85.73 47.62 -29.50
CA PRO N 259 -85.83 47.46 -28.05
C PRO N 259 -86.79 46.34 -27.62
N GLU N 260 -87.91 46.20 -28.32
CA GLU N 260 -88.88 45.15 -27.96
C GLU N 260 -88.43 43.76 -28.41
N ASP N 261 -87.48 43.70 -29.34
CA ASP N 261 -86.98 42.41 -29.84
C ASP N 261 -85.96 41.77 -28.90
N ALA N 262 -85.57 42.51 -27.85
CA ALA N 262 -84.58 42.02 -26.88
C ALA N 262 -84.45 42.95 -25.69
N LYS N 263 -85.19 42.69 -24.63
CA LYS N 263 -85.23 43.49 -23.41
C LYS N 263 -83.92 44.17 -22.96
N TRP N 264 -82.78 43.50 -23.16
CA TRP N 264 -81.51 44.07 -22.71
C TRP N 264 -81.00 45.23 -23.55
N ILE N 265 -81.87 46.01 -24.15
CA ILE N 265 -81.40 47.12 -24.98
C ILE N 265 -82.48 48.15 -25.25
N ALA N 266 -82.48 49.21 -24.44
CA ALA N 266 -83.45 50.30 -24.55
C ALA N 266 -82.94 51.46 -25.40
N GLU N 267 -83.85 52.29 -25.91
CA GLU N 267 -83.43 53.42 -26.74
C GLU N 267 -83.95 54.79 -26.33
N PHE N 268 -83.12 55.81 -26.56
CA PHE N 268 -83.46 57.20 -26.23
C PHE N 268 -84.36 57.83 -27.31
N ASN N 269 -85.56 57.31 -27.52
CA ASN N 269 -86.44 57.91 -28.54
C ASN N 269 -87.00 59.25 -28.07
N ASN N 270 -86.23 60.32 -28.35
CA ASN N 270 -86.61 61.69 -27.97
C ASN N 270 -86.61 62.63 -29.17
N SER N 271 -87.44 63.68 -29.11
CA SER N 271 -87.56 64.65 -30.20
C SER N 271 -86.24 65.20 -30.75
N SER N 272 -85.68 66.19 -30.06
CA SER N 272 -84.42 66.82 -30.48
C SER N 272 -83.18 66.03 -30.07
N LEU N 273 -82.03 66.70 -30.04
CA LEU N 273 -80.77 66.08 -29.62
C LEU N 273 -80.61 66.26 -28.13
N ILE N 274 -79.73 65.47 -27.52
CA ILE N 274 -79.54 65.60 -26.08
C ILE N 274 -78.06 65.80 -25.74
N ARG N 275 -77.44 66.85 -26.28
CA ARG N 275 -76.02 67.08 -26.01
C ARG N 275 -75.73 67.33 -24.53
N LYS N 276 -74.90 66.46 -23.96
CA LYS N 276 -74.51 66.53 -22.56
C LYS N 276 -73.01 66.80 -22.58
N THR N 277 -72.41 67.01 -21.41
CA THR N 277 -70.96 67.24 -21.34
C THR N 277 -70.35 66.38 -20.23
N LEU N 278 -69.02 66.32 -20.20
CA LEU N 278 -68.33 65.52 -19.19
C LEU N 278 -66.82 65.72 -19.30
N THR N 279 -66.19 66.07 -18.19
CA THR N 279 -64.75 66.26 -18.19
C THR N 279 -64.06 64.90 -18.15
N TYR N 280 -63.52 64.48 -19.28
CA TYR N 280 -62.83 63.21 -19.38
C TYR N 280 -61.36 63.45 -19.68
N SER N 281 -60.50 63.21 -18.71
CA SER N 281 -59.07 63.41 -18.88
C SER N 281 -58.82 64.90 -19.10
N GLY N 282 -59.44 65.72 -18.27
CA GLY N 282 -59.29 67.16 -18.40
C GLY N 282 -60.24 67.68 -19.47
N ALA N 283 -59.88 67.45 -20.72
CA ALA N 283 -60.69 67.87 -21.87
C ALA N 283 -62.19 67.60 -21.69
N THR N 284 -63.01 68.57 -22.10
CA THR N 284 -64.46 68.44 -21.99
C THR N 284 -65.08 67.99 -23.32
N TYR N 285 -65.74 66.84 -23.31
CA TYR N 285 -66.38 66.32 -24.51
C TYR N 285 -67.90 66.34 -24.38
N THR N 286 -68.58 66.20 -25.52
CA THR N 286 -70.03 66.21 -25.51
C THR N 286 -70.60 64.91 -26.09
N VAL N 287 -71.24 64.13 -25.23
CA VAL N 287 -71.92 62.92 -25.71
C VAL N 287 -73.12 63.43 -26.49
N GLN N 288 -73.49 62.80 -27.62
CA GLN N 288 -74.54 63.40 -28.47
C GLN N 288 -75.95 62.86 -28.31
N LEU N 289 -76.21 61.57 -28.55
CA LEU N 289 -77.56 60.99 -28.50
C LEU N 289 -78.35 61.61 -29.65
N GLY N 290 -77.64 61.85 -30.78
CA GLY N 290 -78.13 62.48 -32.03
C GLY N 290 -79.58 62.22 -32.48
N PRO N 291 -79.92 62.77 -33.65
CA PRO N 291 -81.22 62.75 -34.35
C PRO N 291 -82.07 61.49 -34.24
N GLY N 292 -81.46 60.34 -34.51
CA GLY N 292 -82.20 59.08 -34.44
C GLY N 292 -82.44 58.61 -33.00
N PRO N 293 -83.01 57.41 -32.82
CA PRO N 293 -83.31 56.92 -31.45
C PRO N 293 -82.11 56.45 -30.62
N THR N 294 -80.96 56.16 -31.22
CA THR N 294 -79.73 55.73 -30.51
C THR N 294 -80.03 54.61 -29.48
N ARG N 295 -80.14 53.37 -29.97
CA ARG N 295 -80.39 52.22 -29.10
C ARG N 295 -79.13 51.99 -28.27
N VAL N 296 -79.29 51.92 -26.94
CA VAL N 296 -78.16 51.71 -26.03
C VAL N 296 -78.35 50.44 -25.22
N ILE N 297 -77.24 49.75 -24.93
CA ILE N 297 -77.28 48.52 -24.12
C ILE N 297 -77.77 48.91 -22.73
N ASP N 298 -78.85 48.31 -22.29
CA ASP N 298 -79.30 48.63 -20.92
C ASP N 298 -78.34 47.94 -19.96
N MET N 299 -78.15 48.48 -18.75
CA MET N 299 -77.24 47.87 -17.79
C MET N 299 -77.92 46.88 -16.89
N ASN N 300 -79.10 47.21 -16.47
CA ASN N 300 -79.80 46.20 -15.73
C ASN N 300 -80.18 45.19 -16.81
N ALA N 301 -80.39 43.91 -16.40
CA ALA N 301 -80.65 42.89 -17.39
C ALA N 301 -79.42 42.90 -18.28
N MET N 302 -78.28 42.54 -17.69
CA MET N 302 -77.01 42.51 -18.40
C MET N 302 -75.94 41.64 -17.73
N ILE N 303 -76.31 40.48 -17.13
CA ILE N 303 -75.40 39.52 -16.48
C ILE N 303 -73.93 39.94 -16.51
N ASP N 304 -73.39 40.43 -15.39
CA ASP N 304 -72.00 40.90 -15.34
C ASP N 304 -71.10 40.18 -16.34
N SER N 305 -70.95 40.78 -17.51
CA SER N 305 -70.16 40.19 -18.59
C SER N 305 -68.89 40.95 -18.90
N VAL N 306 -68.44 40.68 -20.08
CA VAL N 306 -67.29 41.35 -20.65
C VAL N 306 -67.75 41.88 -21.99
N LEU N 307 -68.33 43.06 -21.96
CA LEU N 307 -68.79 43.73 -23.18
C LEU N 307 -67.58 44.23 -23.95
N THR N 308 -67.44 43.84 -25.20
CA THR N 308 -66.33 44.32 -25.99
C THR N 308 -66.84 44.78 -27.34
N LEU N 309 -67.19 46.07 -27.41
CA LEU N 309 -67.71 46.65 -28.64
C LEU N 309 -66.64 46.94 -29.66
N ASP N 310 -66.61 46.16 -30.74
CA ASP N 310 -65.63 46.39 -31.78
C ASP N 310 -66.19 47.39 -32.78
N VAL N 311 -65.38 48.36 -33.17
CA VAL N 311 -65.79 49.37 -34.14
C VAL N 311 -64.83 49.35 -35.29
N SER N 312 -65.08 48.51 -36.29
CA SER N 312 -64.16 48.46 -37.42
C SER N 312 -64.81 48.23 -38.79
N GLY N 313 -64.24 48.86 -39.81
CA GLY N 313 -64.76 48.72 -41.15
C GLY N 313 -66.04 49.51 -41.31
N THR N 314 -66.58 49.94 -40.17
CA THR N 314 -67.80 50.73 -40.16
C THR N 314 -67.44 52.16 -40.60
N ILE N 315 -68.36 52.82 -41.31
CA ILE N 315 -68.13 54.16 -41.82
C ILE N 315 -67.76 55.13 -40.71
N LEU N 316 -67.03 56.18 -41.08
CA LEU N 316 -66.56 57.22 -40.18
C LEU N 316 -66.48 58.48 -41.03
N PRO N 317 -67.62 59.15 -41.26
CA PRO N 317 -67.75 60.36 -42.08
C PRO N 317 -67.17 61.68 -41.55
N TYR N 318 -65.91 61.65 -41.09
CA TYR N 318 -65.29 62.88 -40.60
C TYR N 318 -65.03 63.80 -41.78
N ASP N 319 -65.24 63.28 -42.99
CA ASP N 319 -65.03 64.02 -44.23
C ASP N 319 -66.07 65.14 -44.36
N THR N 320 -67.34 64.81 -44.15
CA THR N 320 -68.40 65.80 -44.25
C THR N 320 -68.43 66.62 -42.96
N ASN N 321 -69.21 66.22 -41.96
CA ASN N 321 -69.26 66.97 -40.72
C ASN N 321 -67.88 66.87 -40.06
N PRO N 322 -67.08 67.94 -40.16
CA PRO N 322 -65.73 67.99 -39.59
C PRO N 322 -65.84 67.84 -38.07
N ASP N 323 -67.06 68.05 -37.59
CA ASP N 323 -67.39 67.96 -36.18
C ASP N 323 -67.03 66.58 -35.65
N LEU N 324 -67.30 65.55 -36.45
CA LEU N 324 -67.03 64.17 -36.06
C LEU N 324 -65.55 63.92 -35.83
N SER N 325 -64.70 64.38 -36.73
CA SER N 325 -63.26 64.19 -36.54
C SER N 325 -62.86 64.90 -35.26
N THR N 326 -61.73 64.49 -34.68
CA THR N 326 -61.22 65.08 -33.44
C THR N 326 -61.82 64.42 -32.20
N SER N 327 -62.98 63.79 -32.35
CA SER N 327 -63.65 63.15 -31.22
C SER N 327 -63.23 61.70 -31.01
N VAL N 328 -62.65 61.41 -29.84
CA VAL N 328 -62.20 60.06 -29.54
C VAL N 328 -63.41 59.17 -29.29
N PRO N 329 -63.62 58.15 -30.13
CA PRO N 329 -64.76 57.23 -29.95
C PRO N 329 -64.56 56.50 -28.63
N ALA N 330 -65.63 56.28 -27.87
CA ALA N 330 -65.50 55.61 -26.58
C ALA N 330 -66.78 55.06 -26.00
N PHE N 331 -66.69 53.85 -25.45
CA PHE N 331 -67.85 53.23 -24.81
C PHE N 331 -68.07 53.96 -23.47
N VAL N 332 -69.27 54.49 -23.26
CA VAL N 332 -69.58 55.26 -22.05
C VAL N 332 -70.91 54.89 -21.40
N LEU N 333 -70.92 54.72 -20.07
CA LEU N 333 -72.17 54.43 -19.36
C LEU N 333 -72.91 55.75 -19.20
N ILE N 334 -74.23 55.68 -19.05
CA ILE N 334 -75.05 56.89 -18.90
C ILE N 334 -76.15 56.67 -17.89
N GLN N 335 -75.99 57.22 -16.69
CA GLN N 335 -77.01 57.08 -15.67
C GLN N 335 -78.01 58.21 -15.85
N THR N 336 -79.26 57.87 -16.08
CA THR N 336 -80.32 58.87 -16.26
C THR N 336 -81.25 58.87 -15.04
N SER N 337 -81.80 60.03 -14.71
CA SER N 337 -82.72 60.13 -13.57
C SER N 337 -84.03 59.45 -13.95
N VAL N 338 -84.83 60.13 -14.76
CA VAL N 338 -86.08 59.55 -15.22
C VAL N 338 -85.69 58.36 -16.10
N PRO N 339 -86.51 57.29 -16.12
CA PRO N 339 -86.22 56.09 -16.94
C PRO N 339 -86.03 56.49 -18.40
N ILE N 340 -85.13 55.82 -19.11
CA ILE N 340 -84.91 56.13 -20.53
C ILE N 340 -86.29 55.94 -21.17
N GLN N 341 -86.46 56.33 -22.43
CA GLN N 341 -87.77 56.19 -23.07
C GLN N 341 -88.72 57.05 -22.28
N GLN N 342 -88.19 58.15 -21.77
CA GLN N 342 -88.93 59.11 -20.96
C GLN N 342 -87.93 60.21 -20.58
N VAL N 343 -86.69 60.03 -21.02
CA VAL N 343 -85.62 60.98 -20.78
C VAL N 343 -85.58 61.96 -21.95
N THR N 344 -86.13 63.16 -21.73
CA THR N 344 -86.21 64.18 -22.77
C THR N 344 -84.95 65.01 -23.03
N THR N 345 -84.52 65.77 -22.02
CA THR N 345 -83.35 66.62 -22.21
C THR N 345 -82.22 66.55 -21.17
N ALA N 346 -81.03 66.92 -21.62
CA ALA N 346 -79.79 66.94 -20.83
C ALA N 346 -79.91 66.95 -19.30
N ALA N 347 -80.78 67.81 -18.76
CA ALA N 347 -80.96 67.89 -17.31
C ALA N 347 -81.45 66.57 -16.71
N ASN N 348 -81.92 65.69 -17.59
CA ASN N 348 -82.45 64.39 -17.21
C ASN N 348 -81.34 63.35 -16.96
N ILE N 349 -80.27 63.44 -17.75
CA ILE N 349 -79.12 62.54 -17.62
C ILE N 349 -78.27 62.82 -16.37
N THR N 350 -78.45 62.02 -15.33
CA THR N 350 -77.69 62.17 -14.07
C THR N 350 -76.20 62.42 -14.34
N ALA N 351 -75.48 61.39 -14.77
CA ALA N 351 -74.06 61.52 -15.07
C ALA N 351 -73.65 60.64 -16.23
N ILE N 352 -72.41 60.79 -16.69
CA ILE N 352 -71.91 60.01 -17.81
C ILE N 352 -70.45 59.63 -17.60
N THR N 353 -70.19 58.33 -17.45
CA THR N 353 -68.82 57.86 -17.24
C THR N 353 -68.21 57.23 -18.47
N VAL N 354 -67.00 57.66 -18.82
CA VAL N 354 -66.30 57.11 -19.98
C VAL N 354 -65.62 55.84 -19.49
N VAL N 355 -66.34 54.71 -19.53
CA VAL N 355 -65.80 53.45 -19.06
C VAL N 355 -64.62 52.93 -19.89
N SER N 356 -64.40 53.51 -21.07
CA SER N 356 -63.30 53.05 -21.91
C SER N 356 -63.19 53.86 -23.19
N ALA N 357 -62.34 54.88 -23.20
CA ALA N 357 -62.19 55.71 -24.38
C ALA N 357 -61.08 55.18 -25.28
N ALA N 358 -61.02 55.70 -26.51
CA ALA N 358 -59.99 55.30 -27.45
C ALA N 358 -59.00 56.45 -27.59
N GLY N 359 -57.76 56.23 -27.17
CA GLY N 359 -56.77 57.28 -27.30
C GLY N 359 -56.62 57.65 -28.77
N ALA N 360 -56.54 58.96 -29.04
CA ALA N 360 -56.39 59.50 -30.41
C ALA N 360 -57.74 59.68 -31.10
N SER N 361 -57.96 60.95 -31.52
CA SER N 361 -59.22 61.40 -32.16
C SER N 361 -59.61 60.60 -33.39
N ALA N 362 -60.76 60.95 -33.99
CA ALA N 362 -61.32 60.32 -35.18
C ALA N 362 -60.76 60.96 -36.47
N ILE N 363 -59.49 60.64 -36.77
CA ILE N 363 -58.66 61.08 -37.91
C ILE N 363 -57.22 60.46 -37.83
N ASN N 364 -57.13 59.23 -37.22
CA ASN N 364 -55.93 58.37 -37.00
C ASN N 364 -56.42 56.92 -36.86
N LEU N 365 -57.71 56.87 -36.51
CA LEU N 365 -58.48 55.64 -36.38
C LEU N 365 -59.11 55.34 -37.73
N ALA N 366 -59.09 56.35 -38.58
CA ALA N 366 -59.64 56.24 -39.94
C ALA N 366 -58.66 55.49 -40.84
N ILE N 367 -59.06 55.33 -42.10
CA ILE N 367 -58.27 54.65 -43.12
C ILE N 367 -59.15 54.71 -44.37
N ASN N 368 -58.70 55.44 -45.38
CA ASN N 368 -59.49 55.58 -46.60
C ASN N 368 -59.59 54.29 -47.42
N VAL N 369 -60.81 53.79 -47.68
CA VAL N 369 -61.05 52.58 -48.48
C VAL N 369 -61.96 52.84 -49.71
N ARG N 370 -61.67 53.91 -50.44
CA ARG N 370 -62.43 54.33 -51.61
C ARG N 370 -63.39 55.48 -51.18
N GLY N 371 -62.84 56.67 -50.89
CA GLY N 371 -63.66 57.79 -50.46
C GLY N 371 -64.08 57.71 -48.97
N GLN N 372 -65.04 56.81 -48.71
CA GLN N 372 -65.65 56.46 -47.40
C GLN N 372 -64.63 55.96 -46.37
N PRO N 373 -64.07 56.84 -45.59
CA PRO N 373 -63.07 56.43 -44.61
C PRO N 373 -63.67 55.50 -43.55
N ARG N 374 -63.05 54.32 -43.36
CA ARG N 374 -63.54 53.34 -42.39
C ARG N 374 -62.83 53.45 -41.06
N PHE N 375 -63.18 52.55 -40.14
CA PHE N 375 -62.55 52.53 -38.82
C PHE N 375 -61.51 51.43 -38.69
N ASN N 376 -60.27 51.81 -38.41
CA ASN N 376 -59.20 50.84 -38.21
C ASN N 376 -59.67 49.96 -37.06
N MET N 377 -59.86 48.68 -37.37
CA MET N 377 -60.35 47.68 -36.41
C MET N 377 -59.76 47.83 -34.99
N LEU N 378 -60.56 48.32 -34.06
CA LEU N 378 -60.12 48.51 -32.67
C LEU N 378 -61.26 48.12 -31.70
N HIS N 379 -60.92 47.60 -30.53
CA HIS N 379 -61.96 47.16 -29.58
C HIS N 379 -62.07 47.91 -28.26
N LEU N 380 -63.10 48.74 -28.16
CA LEU N 380 -63.29 49.41 -26.90
C LEU N 380 -63.88 48.34 -25.97
N GLN N 381 -63.90 48.52 -24.63
CA GLN N 381 -64.44 47.39 -23.86
C GLN N 381 -64.52 47.56 -22.35
N ALA N 382 -65.74 47.53 -21.82
CA ALA N 382 -66.01 47.62 -20.39
C ALA N 382 -66.01 46.21 -19.79
N THR N 383 -66.33 46.14 -18.51
CA THR N 383 -66.39 44.86 -17.81
C THR N 383 -67.51 45.02 -16.80
N PHE N 384 -68.70 45.26 -17.33
CA PHE N 384 -69.88 45.44 -16.49
C PHE N 384 -70.02 44.38 -15.39
N GLU N 385 -70.42 44.81 -14.19
CA GLU N 385 -70.58 43.90 -13.05
C GLU N 385 -71.91 44.11 -12.31
N ARG N 386 -72.78 43.11 -12.38
CA ARG N 386 -74.09 43.14 -11.70
C ARG N 386 -74.29 44.26 -10.68
N GLU N 387 -73.50 44.22 -9.60
CA GLU N 387 -73.61 45.13 -8.45
C GLU N 387 -72.93 46.52 -8.61
N THR N 388 -71.99 46.71 -9.53
CA THR N 388 -71.43 48.07 -9.66
C THR N 388 -72.59 49.06 -10.02
N ILE N 389 -73.73 48.48 -10.50
CA ILE N 389 -74.97 49.22 -10.81
C ILE N 389 -76.06 48.93 -9.73
N THR N 390 -75.69 48.76 -8.42
CA THR N 390 -76.72 48.50 -7.36
C THR N 390 -77.55 49.76 -7.12
N GLY N 391 -78.86 49.64 -6.84
CA GLY N 391 -79.71 50.82 -6.58
C GLY N 391 -80.08 51.56 -7.85
N ILE N 392 -79.07 52.13 -8.48
CA ILE N 392 -79.15 52.84 -9.76
C ILE N 392 -80.22 52.25 -10.71
N PRO N 393 -81.48 52.71 -10.59
CA PRO N 393 -82.60 52.24 -11.40
C PRO N 393 -82.36 52.34 -12.90
N TYR N 394 -81.76 53.45 -13.34
CA TYR N 394 -81.51 53.62 -14.77
C TYR N 394 -80.07 53.95 -15.13
N ILE N 395 -79.51 53.12 -16.01
CA ILE N 395 -78.14 53.27 -16.46
C ILE N 395 -78.02 52.47 -17.76
N TYR N 396 -77.32 53.03 -18.73
CA TYR N 396 -77.18 52.37 -20.02
C TYR N 396 -75.77 52.44 -20.57
N GLY N 397 -75.34 51.35 -21.20
CA GLY N 397 -74.05 51.32 -21.81
C GLY N 397 -74.26 51.84 -23.20
N LEU N 398 -73.43 52.77 -23.66
CA LEU N 398 -73.57 53.36 -24.99
C LEU N 398 -72.19 53.51 -25.60
N GLY N 399 -71.98 52.92 -26.77
CA GLY N 399 -70.68 53.07 -27.43
C GLY N 399 -70.82 54.24 -28.38
N THR N 400 -70.74 55.46 -27.85
CA THR N 400 -70.91 56.68 -28.66
C THR N 400 -69.61 57.29 -29.19
N PHE N 401 -69.58 58.62 -29.32
CA PHE N 401 -68.38 59.22 -29.92
C PHE N 401 -67.58 60.17 -29.05
N LEU N 402 -68.21 60.94 -28.18
CA LEU N 402 -67.49 61.95 -27.34
C LEU N 402 -66.86 63.03 -28.22
N ILE N 403 -67.71 63.89 -28.77
CA ILE N 403 -67.27 64.99 -29.62
C ILE N 403 -66.66 66.10 -28.79
N PRO N 404 -65.47 66.59 -29.17
CA PRO N 404 -64.79 67.65 -28.43
C PRO N 404 -65.40 69.03 -28.64
N SER N 405 -66.41 69.10 -29.51
CA SER N 405 -67.07 70.39 -29.79
C SER N 405 -68.25 70.25 -30.75
N PRO N 406 -69.47 70.04 -30.21
CA PRO N 406 -70.67 69.90 -31.05
C PRO N 406 -70.91 71.10 -31.98
N THR N 407 -71.33 70.82 -33.22
CA THR N 407 -71.57 71.86 -34.22
C THR N 407 -72.84 71.59 -35.05
N SER N 408 -73.16 72.52 -35.93
CA SER N 408 -74.32 72.42 -36.81
C SER N 408 -74.17 71.24 -37.77
N SER N 409 -72.92 70.94 -38.14
CA SER N 409 -72.63 69.83 -39.05
C SER N 409 -73.11 68.51 -38.47
N SER N 410 -72.86 68.30 -37.17
CA SER N 410 -73.30 67.08 -36.49
C SER N 410 -74.68 67.32 -35.88
N ASN N 411 -75.62 67.71 -36.72
CA ASN N 411 -76.98 67.96 -36.25
C ASN N 411 -77.92 66.91 -36.78
N PHE N 412 -77.39 66.04 -37.64
CA PHE N 412 -78.17 64.96 -38.22
C PHE N 412 -77.30 63.71 -38.30
N SER N 413 -76.15 63.75 -37.63
CA SER N 413 -75.22 62.62 -37.64
C SER N 413 -75.54 61.51 -36.65
N ASN N 414 -75.57 61.83 -35.36
CA ASN N 414 -75.86 60.81 -34.36
C ASN N 414 -74.71 59.81 -34.34
N PRO N 415 -73.70 60.13 -33.49
CA PRO N 415 -72.43 59.38 -33.34
C PRO N 415 -72.46 58.03 -32.61
N THR N 416 -73.58 57.32 -32.64
CA THR N 416 -73.61 56.01 -31.95
C THR N 416 -72.69 55.03 -32.68
N LEU N 417 -71.63 54.57 -32.03
CA LEU N 417 -70.74 53.62 -32.68
C LEU N 417 -71.24 52.19 -32.52
N MET N 418 -72.47 52.07 -32.07
CA MET N 418 -73.11 50.77 -31.85
C MET N 418 -73.32 49.97 -33.12
N ASP N 419 -73.26 50.63 -34.28
CA ASP N 419 -73.42 49.91 -35.54
C ASP N 419 -72.28 48.88 -35.65
N GLY N 420 -71.30 48.98 -34.75
CA GLY N 420 -70.17 48.06 -34.74
C GLY N 420 -70.56 46.72 -34.16
N LEU N 421 -69.74 45.68 -34.41
CA LEU N 421 -70.03 44.33 -33.93
C LEU N 421 -69.62 44.09 -32.47
N LEU N 422 -70.55 44.37 -31.56
CA LEU N 422 -70.34 44.20 -30.12
C LEU N 422 -70.36 42.72 -29.73
N THR N 423 -69.46 42.33 -28.82
CA THR N 423 -69.41 40.92 -28.39
C THR N 423 -69.43 40.72 -26.88
N VAL N 424 -70.62 40.54 -26.32
CA VAL N 424 -70.78 40.30 -24.89
C VAL N 424 -70.42 38.85 -24.57
N THR N 425 -69.69 38.66 -23.47
CA THR N 425 -69.27 37.34 -23.03
C THR N 425 -69.56 37.18 -21.56
N PRO N 426 -70.66 36.47 -21.22
CA PRO N 426 -71.07 36.26 -19.82
C PRO N 426 -69.89 35.78 -18.98
N VAL N 427 -69.46 36.58 -18.01
CA VAL N 427 -68.33 36.17 -17.19
C VAL N 427 -68.79 35.80 -15.80
N LEU N 428 -69.56 34.74 -15.72
CA LEU N 428 -70.17 34.29 -14.46
C LEU N 428 -71.37 33.46 -14.84
N LEU N 429 -71.11 32.27 -15.36
CA LEU N 429 -72.16 31.32 -15.83
C LEU N 429 -73.37 31.08 -14.92
N ARG N 430 -73.16 30.89 -13.63
CA ARG N 430 -74.26 30.61 -12.71
C ARG N 430 -75.53 31.43 -12.98
N GLU N 431 -75.39 32.72 -13.30
CA GLU N 431 -76.56 33.60 -13.56
C GLU N 431 -76.96 33.80 -15.03
N THR N 432 -78.21 33.48 -15.33
CA THR N 432 -78.74 33.63 -16.68
C THR N 432 -79.63 34.87 -16.75
N THR N 433 -80.24 35.13 -17.91
CA THR N 433 -81.12 36.28 -18.09
C THR N 433 -82.35 35.91 -18.91
N TYR N 434 -83.54 36.35 -18.48
CA TYR N 434 -84.73 36.05 -19.26
C TYR N 434 -85.80 37.14 -19.28
N LYS N 435 -86.16 37.55 -20.49
CA LYS N 435 -87.16 38.59 -20.72
C LYS N 435 -86.75 39.90 -20.06
N GLY N 436 -85.46 40.06 -19.80
CA GLY N 436 -84.98 41.27 -19.16
C GLY N 436 -84.58 41.14 -17.71
N GLU N 437 -84.82 40.00 -17.09
CA GLU N 437 -84.45 39.81 -15.69
C GLU N 437 -83.33 38.79 -15.54
N VAL N 438 -82.55 38.94 -14.47
CA VAL N 438 -81.45 38.03 -14.21
C VAL N 438 -81.94 36.96 -13.23
N VAL N 439 -81.74 35.69 -13.58
CA VAL N 439 -82.19 34.60 -12.74
C VAL N 439 -81.12 33.53 -12.53
N ASP N 440 -81.48 32.49 -11.78
CA ASP N 440 -80.56 31.40 -11.51
C ASP N 440 -81.13 30.09 -12.04
N ALA N 441 -82.38 30.15 -12.51
CA ALA N 441 -83.04 28.97 -13.06
C ALA N 441 -83.99 29.34 -14.20
N ILE N 442 -84.08 28.45 -15.19
CA ILE N 442 -84.96 28.63 -16.33
C ILE N 442 -86.20 27.77 -16.15
N VAL N 443 -87.20 27.92 -17.02
CA VAL N 443 -88.38 27.08 -16.96
C VAL N 443 -88.65 26.55 -18.37
N PRO N 444 -87.62 25.99 -19.03
CA PRO N 444 -87.67 25.46 -20.39
C PRO N 444 -88.99 25.67 -21.17
N ALA N 445 -90.01 24.87 -20.86
CA ALA N 445 -91.31 24.97 -21.52
C ALA N 445 -91.76 26.41 -21.76
N THR N 446 -91.38 27.32 -20.86
CA THR N 446 -91.74 28.73 -21.00
C THR N 446 -91.09 29.37 -22.22
N VAL N 447 -89.83 29.05 -22.44
CA VAL N 447 -89.11 29.61 -23.57
C VAL N 447 -89.51 29.02 -24.94
N MET N 448 -90.37 28.00 -24.98
CA MET N 448 -90.77 27.43 -26.28
C MET N 448 -91.84 28.35 -26.87
N ALA N 449 -91.81 28.51 -28.20
CA ALA N 449 -92.77 29.37 -28.93
C ALA N 449 -93.16 30.58 -28.10
N ASN N 450 -92.15 31.31 -27.64
CA ASN N 450 -92.39 32.46 -26.80
C ASN N 450 -91.53 33.62 -27.27
N GLN N 451 -90.55 33.28 -28.13
CA GLN N 451 -89.69 34.29 -28.73
C GLN N 451 -90.29 34.55 -30.10
N THR N 452 -89.88 35.63 -30.75
CA THR N 452 -90.38 35.90 -32.10
C THR N 452 -89.24 35.58 -33.07
N SER N 453 -89.52 35.69 -34.37
CA SER N 453 -88.52 35.42 -35.38
C SER N 453 -87.12 35.83 -34.89
N GLU N 454 -87.02 37.13 -34.52
CA GLU N 454 -85.76 37.74 -34.12
C GLU N 454 -85.57 37.95 -32.60
N GLU N 455 -86.59 37.62 -31.79
CA GLU N 455 -86.47 37.69 -30.32
C GLU N 455 -85.57 36.50 -29.87
N VAL N 456 -85.05 35.78 -30.91
CA VAL N 456 -84.16 34.62 -30.81
C VAL N 456 -82.75 34.97 -31.29
N ALA N 457 -82.65 35.41 -32.54
CA ALA N 457 -81.36 35.82 -33.09
C ALA N 457 -80.78 37.04 -32.34
N SER N 458 -81.65 37.71 -31.59
CA SER N 458 -81.25 38.89 -30.81
C SER N 458 -81.02 38.52 -29.35
N ALA N 459 -81.02 37.22 -29.05
CA ALA N 459 -80.81 36.74 -27.68
C ALA N 459 -79.47 37.22 -27.17
N LEU N 460 -79.36 37.31 -25.85
CA LEU N 460 -78.12 37.78 -25.20
C LEU N 460 -77.26 36.62 -24.64
N ALA N 461 -76.07 36.44 -25.22
CA ALA N 461 -75.09 35.39 -24.85
C ALA N 461 -75.27 34.86 -23.44
N ASN N 462 -75.75 33.62 -23.37
CA ASN N 462 -76.04 32.92 -22.12
C ASN N 462 -77.24 33.50 -21.40
N ASP N 463 -78.39 33.44 -22.11
CA ASP N 463 -79.66 33.82 -21.55
C ASP N 463 -80.62 32.66 -21.79
N ALA N 464 -81.68 32.55 -21.03
CA ALA N 464 -82.53 31.39 -21.26
C ALA N 464 -82.60 30.98 -22.73
N ILE N 465 -83.10 31.87 -23.59
CA ILE N 465 -83.20 31.57 -25.02
C ILE N 465 -81.94 30.89 -25.57
N VAL N 466 -80.77 31.49 -25.33
CA VAL N 466 -79.51 30.93 -25.82
C VAL N 466 -79.17 29.63 -25.15
N LEU N 467 -79.75 29.39 -23.97
CA LEU N 467 -79.52 28.13 -23.25
C LEU N 467 -80.50 27.06 -23.75
N VAL N 468 -81.79 27.45 -23.93
CA VAL N 468 -82.90 26.58 -24.42
C VAL N 468 -82.81 26.39 -25.94
N SER N 469 -81.66 26.83 -26.47
CA SER N 469 -81.29 26.67 -27.88
C SER N 469 -80.09 25.74 -27.99
N ASN N 470 -79.14 25.83 -27.02
CA ASN N 470 -77.88 25.03 -26.89
C ASN N 470 -78.19 23.61 -26.48
N HIS N 471 -79.34 23.53 -25.84
CA HIS N 471 -79.90 22.28 -25.37
C HIS N 471 -80.59 21.57 -26.52
N LEU N 472 -81.59 22.21 -27.13
CA LEU N 472 -82.29 21.58 -28.25
C LEU N 472 -81.26 21.14 -29.28
N ASN N 473 -80.22 21.93 -29.44
CA ASN N 473 -79.16 21.64 -30.40
C ASN N 473 -78.46 20.30 -30.18
N LYS N 474 -78.33 19.86 -28.93
CA LYS N 474 -77.74 18.56 -28.65
C LYS N 474 -78.75 17.52 -29.07
N LEU N 475 -79.96 17.66 -28.55
CA LEU N 475 -81.03 16.74 -28.87
C LEU N 475 -81.29 16.73 -30.36
N ALA N 476 -80.99 17.83 -31.02
CA ALA N 476 -81.15 17.86 -32.43
C ALA N 476 -80.08 16.98 -33.12
N ASN N 477 -78.91 16.75 -32.49
CA ASN N 477 -77.84 15.97 -33.16
C ASN N 477 -77.92 14.51 -32.78
N VAL N 478 -78.68 14.25 -31.75
CA VAL N 478 -78.89 12.88 -31.38
C VAL N 478 -79.86 12.33 -32.38
N VAL N 479 -80.96 13.04 -32.67
CA VAL N 479 -81.91 12.52 -33.68
C VAL N 479 -81.24 12.54 -35.04
N GLY N 480 -80.74 13.71 -35.45
CA GLY N 480 -80.06 13.84 -36.73
C GLY N 480 -79.11 12.68 -36.97
N ASP N 481 -78.35 12.34 -35.93
CA ASP N 481 -77.36 11.26 -35.96
C ASP N 481 -77.96 9.85 -35.93
N ALA N 482 -78.37 9.40 -34.76
CA ALA N 482 -78.93 8.06 -34.58
C ALA N 482 -80.22 7.75 -35.34
N ILE N 483 -81.29 8.46 -35.00
CA ILE N 483 -82.59 8.25 -35.66
C ILE N 483 -82.60 8.68 -37.14
N PRO N 484 -83.38 7.97 -37.99
CA PRO N 484 -83.45 8.30 -39.43
C PRO N 484 -84.51 9.34 -39.81
N VAL N 485 -84.46 10.51 -39.20
CA VAL N 485 -85.44 11.56 -39.49
C VAL N 485 -85.22 12.20 -40.86
N ALA N 486 -84.50 11.52 -41.76
CA ALA N 486 -84.25 12.05 -43.09
C ALA N 486 -84.47 11.07 -44.24
N SER N 487 -85.56 10.32 -44.13
CA SER N 487 -85.98 9.37 -45.17
C SER N 487 -87.48 9.03 -44.96
N ARG N 488 -88.18 8.41 -45.94
CA ARG N 488 -89.61 8.15 -45.75
C ARG N 488 -89.89 7.00 -44.77
N THR N 489 -89.02 6.82 -43.77
CA THR N 489 -89.18 5.70 -42.85
C THR N 489 -90.01 5.94 -41.59
N ASP N 490 -90.87 6.96 -41.59
CA ASP N 490 -91.71 7.26 -40.42
C ASP N 490 -91.14 6.76 -39.10
N ASP N 491 -89.89 7.17 -38.86
CA ASP N 491 -89.07 6.83 -37.70
C ASP N 491 -89.71 7.09 -36.34
N SER N 492 -89.05 6.59 -35.30
CA SER N 492 -89.51 6.75 -33.91
C SER N 492 -89.74 8.21 -33.52
N ALA N 493 -88.94 9.11 -34.08
CA ALA N 493 -89.06 10.54 -33.79
C ALA N 493 -90.36 11.11 -34.36
N THR N 494 -90.48 11.11 -35.68
CA THR N 494 -91.68 11.64 -36.36
C THR N 494 -92.89 10.82 -35.99
N SER N 495 -92.68 9.72 -35.26
CA SER N 495 -93.78 8.84 -34.85
C SER N 495 -94.33 9.28 -33.51
N ALA N 496 -93.44 9.71 -32.62
CA ALA N 496 -93.86 10.18 -31.30
C ALA N 496 -94.77 11.38 -31.51
N ILE N 497 -94.41 12.24 -32.47
CA ILE N 497 -95.18 13.43 -32.76
C ILE N 497 -96.55 13.09 -33.38
N VAL N 498 -96.58 12.16 -34.33
CA VAL N 498 -97.84 11.77 -34.98
C VAL N 498 -98.88 11.35 -33.95
N SER N 499 -98.46 10.62 -32.92
CA SER N 499 -99.41 10.18 -31.91
C SER N 499 -99.96 11.37 -31.14
N ARG N 500 -99.18 12.45 -31.02
CA ARG N 500 -99.69 13.63 -30.33
C ARG N 500 -100.71 14.32 -31.24
N LEU N 501 -100.37 14.54 -32.50
CA LEU N 501 -101.30 15.20 -33.43
C LEU N 501 -102.63 14.49 -33.47
N ALA N 502 -102.62 13.16 -33.48
CA ALA N 502 -103.86 12.38 -33.49
C ALA N 502 -104.65 12.72 -32.22
N VAL N 503 -104.15 12.29 -31.05
CA VAL N 503 -104.78 12.55 -29.75
C VAL N 503 -105.22 13.98 -29.63
N GLN N 504 -104.54 14.88 -30.33
CA GLN N 504 -104.88 16.28 -30.28
C GLN N 504 -106.04 16.59 -31.22
N HIS N 505 -105.83 16.34 -32.51
CA HIS N 505 -106.87 16.57 -33.51
C HIS N 505 -108.11 15.72 -33.25
N LYS N 506 -107.96 14.67 -32.45
CA LYS N 506 -109.10 13.79 -32.19
C LYS N 506 -110.06 14.37 -31.17
N LEU N 507 -109.53 15.06 -30.16
CA LEU N 507 -110.43 15.62 -29.15
C LEU N 507 -110.98 16.96 -29.62
N SER N 508 -110.28 17.61 -30.54
CA SER N 508 -110.76 18.88 -31.05
C SER N 508 -111.96 18.60 -31.96
N GLN N 509 -112.13 17.33 -32.31
CA GLN N 509 -113.23 16.90 -33.15
C GLN N 509 -114.41 16.43 -32.29
N VAL N 510 -114.11 16.05 -31.04
CA VAL N 510 -115.14 15.61 -30.10
C VAL N 510 -116.10 16.78 -29.84
N GLY N 511 -117.39 16.48 -29.66
CA GLY N 511 -118.44 17.50 -29.47
C GLY N 511 -118.58 18.26 -30.82
N GLN N 512 -119.79 18.32 -31.43
CA GLN N 512 -120.07 18.92 -32.77
C GLN N 512 -120.02 17.77 -33.79
N ALA N 513 -120.85 17.82 -34.84
CA ALA N 513 -121.06 16.86 -35.96
C ALA N 513 -119.93 15.87 -36.32
N SER N 514 -118.74 16.09 -35.78
CA SER N 514 -117.57 15.24 -36.05
C SER N 514 -117.55 14.83 -37.53
N PRO N 515 -117.82 15.79 -38.42
CA PRO N 515 -117.89 15.52 -39.87
C PRO N 515 -116.55 15.09 -40.48
N THR N 516 -115.47 15.22 -39.72
CA THR N 516 -114.16 14.87 -40.23
C THR N 516 -113.42 13.77 -39.47
N PRO N 517 -113.51 12.52 -39.93
CA PRO N 517 -112.77 11.47 -39.28
C PRO N 517 -111.28 11.74 -39.45
N PRO N 518 -110.49 11.74 -38.38
CA PRO N 518 -109.06 11.99 -38.50
C PRO N 518 -108.43 11.39 -39.76
N ASP N 519 -107.45 12.09 -40.32
CA ASP N 519 -106.82 11.68 -41.56
C ASP N 519 -105.80 10.52 -41.41
N TYR N 520 -104.58 10.83 -40.93
CA TYR N 520 -103.50 9.84 -40.69
C TYR N 520 -102.48 9.76 -41.79
N PRO N 521 -102.85 9.44 -43.02
CA PRO N 521 -101.82 9.50 -44.06
C PRO N 521 -101.25 10.93 -44.10
N LEU N 522 -102.15 11.93 -43.88
CA LEU N 522 -101.87 13.41 -43.84
C LEU N 522 -101.23 13.84 -42.51
N LEU N 523 -101.58 13.13 -41.46
CA LEU N 523 -101.02 13.36 -40.13
C LEU N 523 -99.62 12.80 -40.02
N TRP N 524 -99.42 11.61 -40.57
CA TRP N 524 -98.10 11.02 -40.55
C TRP N 524 -97.15 11.94 -41.27
N ARG N 525 -97.58 12.37 -42.47
CA ARG N 525 -96.78 13.27 -43.30
C ARG N 525 -96.60 14.67 -42.68
N ARG N 526 -97.60 15.15 -41.94
CA ARG N 526 -97.45 16.47 -41.34
C ARG N 526 -96.48 16.41 -40.17
N ALA N 527 -96.52 15.32 -39.40
CA ALA N 527 -95.63 15.16 -38.27
C ALA N 527 -94.23 14.79 -38.71
N LYS N 528 -94.11 14.24 -39.92
CA LYS N 528 -92.80 13.86 -40.44
C LYS N 528 -91.99 15.11 -40.71
N ARG N 529 -92.64 16.14 -41.28
CA ARG N 529 -91.95 17.39 -41.58
C ARG N 529 -91.78 18.19 -40.29
N ALA N 530 -92.63 17.91 -39.31
CA ALA N 530 -92.52 18.61 -38.03
C ALA N 530 -91.25 18.11 -37.34
N ALA N 531 -91.09 16.79 -37.23
CA ALA N 531 -89.89 16.21 -36.60
C ALA N 531 -88.68 16.54 -37.46
N SER N 532 -88.90 16.58 -38.77
CA SER N 532 -87.82 16.89 -39.69
C SER N 532 -87.43 18.36 -39.58
N MET N 533 -88.42 19.26 -39.53
CA MET N 533 -88.10 20.68 -39.42
C MET N 533 -87.32 20.96 -38.14
N PHE N 534 -87.53 20.10 -37.14
CA PHE N 534 -86.83 20.27 -35.88
C PHE N 534 -85.36 19.88 -36.06
N VAL N 535 -85.08 18.63 -36.43
CA VAL N 535 -83.71 18.22 -36.66
C VAL N 535 -82.99 19.23 -37.47
N SER N 536 -83.71 19.76 -38.46
CA SER N 536 -83.16 20.76 -39.38
C SER N 536 -82.65 21.99 -38.66
N ASN N 537 -83.56 22.80 -38.15
CA ASN N 537 -83.20 24.00 -37.44
C ASN N 537 -83.77 23.96 -36.01
N PRO N 538 -83.08 23.26 -35.10
CA PRO N 538 -83.50 23.09 -33.71
C PRO N 538 -84.14 24.37 -33.10
N SER N 539 -83.55 25.52 -33.42
CA SER N 539 -84.01 26.81 -32.92
C SER N 539 -85.52 27.05 -33.05
N LEU N 540 -86.02 27.02 -34.29
CA LEU N 540 -87.44 27.25 -34.58
C LEU N 540 -88.42 26.97 -33.45
N ALA N 541 -88.26 25.83 -32.77
CA ALA N 541 -89.15 25.46 -31.66
C ALA N 541 -89.23 26.50 -30.55
N LEU N 542 -88.66 27.70 -30.76
CA LEU N 542 -88.73 28.79 -29.77
C LEU N 542 -89.60 29.92 -30.30
N GLN N 543 -89.73 29.97 -31.63
CA GLN N 543 -90.48 31.02 -32.29
C GLN N 543 -91.98 30.84 -32.37
N VAL N 544 -92.70 31.87 -31.93
CA VAL N 544 -94.17 31.85 -31.95
C VAL N 544 -94.64 31.79 -33.39
N GLY N 545 -95.44 30.77 -33.70
CA GLY N 545 -95.99 30.63 -35.05
C GLY N 545 -95.38 29.52 -35.87
N ILE N 546 -94.91 28.47 -35.23
CA ILE N 546 -94.36 27.34 -35.98
C ILE N 546 -95.27 26.12 -35.85
N PRO N 547 -95.81 25.66 -37.01
CA PRO N 547 -96.77 24.53 -37.11
C PRO N 547 -96.33 23.26 -36.37
N VAL N 548 -97.21 22.74 -35.51
CA VAL N 548 -96.93 21.54 -34.71
C VAL N 548 -95.88 21.81 -33.66
N LEU N 549 -94.62 21.72 -34.08
CA LEU N 549 -93.47 21.93 -33.21
C LEU N 549 -93.70 22.77 -31.95
N THR N 550 -94.47 23.87 -32.04
CA THR N 550 -94.63 24.75 -30.87
C THR N 550 -95.81 24.45 -29.95
N GLN N 551 -96.50 23.32 -30.12
CA GLN N 551 -97.60 23.01 -29.20
C GLN N 551 -96.89 22.36 -28.00
N SER N 552 -97.41 22.59 -26.79
CA SER N 552 -96.78 22.05 -25.58
C SER N 552 -96.42 20.55 -25.60
N GLY N 553 -97.25 19.72 -26.22
CA GLY N 553 -96.97 18.29 -26.28
C GLY N 553 -95.60 17.98 -26.86
N MET N 554 -95.48 18.13 -28.18
CA MET N 554 -94.24 17.88 -28.92
C MET N 554 -92.98 18.30 -28.16
N LEU N 555 -91.85 17.69 -28.53
CA LEU N 555 -90.55 17.97 -27.87
C LEU N 555 -90.51 17.22 -26.57
N SER N 556 -91.37 17.64 -25.65
CA SER N 556 -91.45 16.92 -24.41
C SER N 556 -91.74 15.50 -24.80
N ALA N 557 -92.54 15.40 -25.86
CA ALA N 557 -92.93 14.15 -26.49
C ALA N 557 -91.76 13.61 -27.30
N LEU N 558 -91.41 14.32 -28.37
CA LEU N 558 -90.30 13.91 -29.22
C LEU N 558 -89.16 13.26 -28.43
N THR N 559 -88.46 14.11 -27.64
CA THR N 559 -87.30 13.59 -26.90
C THR N 559 -87.63 12.25 -26.27
N SER N 560 -88.56 12.16 -25.32
CA SER N 560 -88.87 10.87 -24.66
C SER N 560 -89.14 9.70 -25.62
N GLY N 561 -89.37 10.01 -26.89
CA GLY N 561 -89.52 8.98 -27.89
C GLY N 561 -88.13 8.63 -28.31
N VAL N 562 -87.49 9.58 -29.01
CA VAL N 562 -86.11 9.46 -29.45
C VAL N 562 -85.30 8.76 -28.36
N GLY N 563 -85.68 9.03 -27.12
CA GLY N 563 -85.06 8.45 -25.97
C GLY N 563 -85.13 6.95 -26.10
N THR N 564 -86.29 6.38 -25.81
CA THR N 564 -86.45 4.93 -25.89
C THR N 564 -86.02 4.40 -27.26
N ALA N 565 -86.15 5.21 -28.29
CA ALA N 565 -85.77 4.78 -29.64
C ALA N 565 -84.28 4.37 -29.71
N LEU N 566 -83.42 5.13 -29.04
CA LEU N 566 -82.00 4.82 -29.05
C LEU N 566 -81.72 3.62 -28.18
N ARG N 567 -82.51 3.45 -27.12
CA ARG N 567 -82.28 2.32 -26.25
C ARG N 567 -82.91 1.04 -26.77
N THR N 568 -82.77 0.80 -28.10
CA THR N 568 -83.33 -0.43 -28.71
C THR N 568 -82.87 -0.61 -30.17
N GLY N 569 -82.17 0.41 -30.71
CA GLY N 569 -81.68 0.36 -32.09
C GLY N 569 -81.29 -1.04 -32.59
N SER N 570 -80.94 -1.96 -31.69
CA SER N 570 -80.47 -3.37 -31.91
C SER N 570 -78.94 -3.39 -32.11
N LEU N 571 -78.43 -3.42 -33.36
CA LEU N 571 -77.00 -3.32 -33.69
C LEU N 571 -77.03 -3.06 -35.20
N GLY N 572 -77.94 -3.76 -35.90
CA GLY N 572 -78.09 -3.66 -37.34
C GLY N 572 -79.02 -2.55 -37.80
N LYS N 573 -78.89 -1.37 -37.15
CA LYS N 573 -79.69 -0.20 -37.51
C LYS N 573 -79.27 0.30 -38.89
N GLY N 574 -78.04 -0.09 -39.20
CA GLY N 574 -77.44 0.26 -40.45
C GLY N 574 -78.15 -0.41 -41.61
N VAL N 575 -79.18 -1.22 -41.36
CA VAL N 575 -79.87 -1.87 -42.46
C VAL N 575 -80.57 -0.83 -43.31
N THR N 576 -80.71 0.38 -42.78
CA THR N 576 -81.36 1.47 -43.51
C THR N 576 -80.52 1.88 -44.73
N ASP N 577 -81.11 1.76 -45.91
CA ASP N 577 -80.41 2.11 -47.14
C ASP N 577 -79.08 1.38 -47.20
N ALA N 578 -79.05 0.17 -46.64
CA ALA N 578 -77.84 -0.65 -46.63
C ALA N 578 -77.73 -1.33 -47.99
N SER N 579 -78.65 -0.96 -48.88
CA SER N 579 -78.66 -1.50 -50.22
C SER N 579 -77.80 -0.63 -51.14
N GLU N 580 -78.12 0.67 -51.24
CA GLU N 580 -77.38 1.61 -52.07
C GLU N 580 -76.01 1.83 -51.45
N LYS N 581 -75.98 1.73 -50.12
CA LYS N 581 -74.75 1.89 -49.37
C LYS N 581 -73.84 0.75 -49.80
N LEU N 582 -74.41 -0.44 -49.93
CA LEU N 582 -73.66 -1.62 -50.32
C LEU N 582 -73.22 -1.45 -51.76
N ARG N 583 -74.17 -1.15 -52.62
CA ARG N 583 -73.91 -0.98 -54.04
C ARG N 583 -72.86 0.11 -54.30
N ALA N 584 -72.73 1.05 -53.37
CA ALA N 584 -71.72 2.11 -53.49
C ALA N 584 -70.35 1.58 -53.09
N ARG N 585 -70.31 0.66 -52.12
CA ARG N 585 -69.07 0.06 -51.69
C ARG N 585 -68.50 -0.85 -52.77
N GLN N 586 -69.38 -1.56 -53.47
CA GLN N 586 -68.92 -2.42 -54.55
C GLN N 586 -68.38 -1.52 -55.64
N SER N 587 -68.98 -0.34 -55.76
CA SER N 587 -68.57 0.63 -56.76
C SER N 587 -67.13 1.04 -56.52
N LEU N 588 -66.77 1.17 -55.25
CA LEU N 588 -65.42 1.60 -54.89
C LEU N 588 -64.40 0.48 -55.09
N THR N 589 -64.78 -0.72 -54.66
CA THR N 589 -63.88 -1.86 -54.81
C THR N 589 -63.62 -2.16 -56.30
N VAL N 590 -64.58 -1.81 -57.16
CA VAL N 590 -64.39 -2.03 -58.59
C VAL N 590 -63.38 -1.03 -59.12
N ALA N 591 -63.40 0.18 -58.57
CA ALA N 591 -62.46 1.21 -58.99
C ALA N 591 -61.09 0.95 -58.36
N LYS N 592 -61.07 0.42 -57.13
CA LYS N 592 -59.80 0.13 -56.47
C LYS N 592 -59.16 -1.10 -57.10
N GLN N 593 -59.97 -2.00 -57.64
CA GLN N 593 -59.43 -3.18 -58.29
C GLN N 593 -58.72 -2.66 -59.52
N ALA N 594 -59.30 -1.62 -60.11
CA ALA N 594 -58.76 -0.98 -61.31
C ALA N 594 -57.36 -0.41 -61.01
N PHE N 595 -57.17 0.10 -59.80
CA PHE N 595 -55.87 0.61 -59.38
C PHE N 595 -54.86 -0.54 -59.33
N PHE N 596 -55.14 -1.55 -58.49
CA PHE N 596 -54.26 -2.72 -58.38
C PHE N 596 -53.85 -3.27 -59.76
N ASP N 597 -54.74 -3.11 -60.75
CA ASP N 597 -54.45 -3.59 -62.09
C ASP N 597 -53.30 -2.84 -62.74
N GLN N 598 -53.13 -1.56 -62.39
CA GLN N 598 -52.01 -0.80 -62.95
C GLN N 598 -50.75 -1.09 -62.16
N ILE N 599 -50.88 -1.12 -60.84
CA ILE N 599 -49.72 -1.47 -60.02
C ILE N 599 -49.17 -2.77 -60.57
N GLY N 600 -50.08 -3.59 -61.04
CA GLY N 600 -49.80 -4.89 -61.60
C GLY N 600 -49.16 -4.86 -62.98
N SER N 601 -49.37 -3.80 -63.74
CA SER N 601 -48.76 -3.75 -65.08
C SER N 601 -47.50 -2.89 -65.08
N LEU N 602 -47.65 -1.60 -64.80
CA LEU N 602 -46.52 -0.67 -64.79
C LEU N 602 -45.27 -1.28 -64.15
N TRP N 603 -45.40 -1.74 -62.91
CA TRP N 603 -44.30 -2.41 -62.26
C TRP N 603 -44.52 -3.93 -62.34
N PRO N 604 -44.12 -4.52 -63.49
CA PRO N 604 -44.28 -5.94 -63.68
C PRO N 604 -43.33 -6.75 -62.77
N GLY O 2 -105.83 -7.78 -33.91
CA GLY O 2 -105.76 -8.32 -32.58
C GLY O 2 -106.44 -9.67 -32.49
N ASN O 3 -106.84 -10.17 -33.63
CA ASN O 3 -107.51 -11.44 -33.66
C ASN O 3 -106.75 -12.50 -32.88
N VAL O 4 -107.52 -13.20 -32.10
CA VAL O 4 -106.97 -14.26 -31.33
C VAL O 4 -106.08 -15.13 -32.19
N GLN O 5 -104.95 -15.50 -31.58
CA GLN O 5 -103.93 -16.40 -32.13
C GLN O 5 -104.13 -17.72 -31.36
N THR O 6 -103.41 -17.86 -30.21
CA THR O 6 -103.56 -18.97 -29.23
C THR O 6 -102.28 -19.65 -28.75
N SER O 7 -101.31 -19.98 -29.56
CA SER O 7 -100.19 -20.65 -28.94
C SER O 7 -98.86 -20.15 -29.47
N VAL O 8 -98.90 -19.63 -30.72
CA VAL O 8 -97.70 -19.16 -31.36
C VAL O 8 -96.82 -18.51 -30.31
N ASN O 9 -97.39 -17.58 -29.55
CA ASN O 9 -96.58 -16.90 -28.52
C ASN O 9 -97.32 -16.91 -27.10
N THR O 10 -96.66 -17.19 -25.93
CA THR O 10 -97.28 -17.30 -24.53
C THR O 10 -98.28 -16.21 -24.12
N TYR O 11 -98.45 -15.21 -24.95
CA TYR O 11 -99.37 -14.12 -24.64
C TYR O 11 -100.19 -13.69 -25.81
N ASN O 12 -101.46 -13.46 -25.54
CA ASN O 12 -102.37 -12.94 -26.55
C ASN O 12 -102.23 -11.43 -26.42
N ILE O 13 -102.45 -10.68 -27.47
CA ILE O 13 -102.33 -9.22 -27.31
C ILE O 13 -103.59 -8.69 -26.68
N THR O 14 -104.72 -9.07 -27.27
CA THR O 14 -106.04 -8.69 -26.76
C THR O 14 -106.38 -9.55 -25.55
N GLY O 15 -105.39 -10.35 -25.13
CA GLY O 15 -105.56 -11.23 -23.99
C GLY O 15 -106.14 -10.56 -22.76
N ASP O 16 -106.64 -11.39 -21.85
CA ASP O 16 -107.27 -10.95 -20.60
C ASP O 16 -106.32 -10.19 -19.66
N GLY O 17 -106.79 -9.07 -19.13
CA GLY O 17 -106.00 -8.30 -18.20
C GLY O 17 -104.55 -7.90 -18.46
N ASN O 18 -104.27 -7.44 -19.69
CA ASN O 18 -102.93 -6.96 -20.03
C ASN O 18 -102.83 -5.60 -19.41
N SER O 19 -101.75 -4.88 -19.63
CA SER O 19 -101.71 -3.56 -19.01
C SER O 19 -100.55 -2.67 -19.39
N PHE O 20 -100.79 -1.67 -20.21
CA PHE O 20 -99.75 -0.71 -20.54
C PHE O 20 -99.61 0.17 -19.31
N THR O 21 -98.40 0.32 -18.80
CA THR O 21 -98.17 1.13 -17.60
C THR O 21 -96.69 1.38 -17.31
N PRO O 22 -96.14 2.46 -17.88
CA PRO O 22 -94.73 2.83 -17.68
C PRO O 22 -94.45 3.11 -16.22
N THR O 23 -93.24 2.77 -15.79
CA THR O 23 -92.75 2.97 -14.44
C THR O 23 -91.43 3.65 -14.61
N SER O 24 -91.23 4.80 -13.98
CA SER O 24 -89.96 5.52 -14.10
C SER O 24 -88.80 4.62 -13.73
N ASP O 25 -89.14 3.51 -13.09
CA ASP O 25 -88.18 2.53 -12.58
C ASP O 25 -87.46 1.59 -13.58
N MET O 26 -88.09 1.25 -14.70
CA MET O 26 -87.46 0.27 -15.58
C MET O 26 -87.11 0.67 -17.03
N THR O 27 -86.95 1.97 -17.35
CA THR O 27 -86.62 2.41 -18.73
C THR O 27 -86.35 1.31 -19.77
N SER O 28 -87.38 0.98 -20.56
CA SER O 28 -87.32 -0.05 -21.60
C SER O 28 -86.09 0.05 -22.50
N THR O 29 -85.33 -1.04 -22.61
CA THR O 29 -84.11 -1.05 -23.45
C THR O 29 -83.55 -2.42 -23.86
N ALA O 30 -83.35 -2.63 -25.14
CA ALA O 30 -82.74 -3.87 -25.66
C ALA O 30 -81.22 -3.70 -25.63
N ALA O 31 -80.50 -4.24 -26.61
CA ALA O 31 -79.03 -4.15 -26.60
C ALA O 31 -78.44 -3.48 -27.83
N PRO O 32 -78.27 -2.15 -27.79
CA PRO O 32 -77.71 -1.40 -28.92
C PRO O 32 -76.22 -1.20 -28.80
N ALA O 33 -75.73 -0.75 -27.64
CA ALA O 33 -74.31 -0.45 -27.53
C ALA O 33 -73.36 -1.65 -27.40
N ILE O 34 -73.61 -2.76 -28.10
CA ILE O 34 -72.68 -3.89 -27.98
C ILE O 34 -71.32 -3.45 -28.50
N ASP O 35 -70.28 -3.68 -27.71
CA ASP O 35 -68.93 -3.29 -28.12
C ASP O 35 -68.30 -4.28 -29.08
N LEU O 36 -67.81 -3.77 -30.22
CA LEU O 36 -67.16 -4.63 -31.20
C LEU O 36 -65.84 -4.06 -31.70
N LYS O 37 -65.51 -2.83 -31.32
CA LYS O 37 -64.26 -2.21 -31.78
C LYS O 37 -63.02 -3.11 -31.57
N PRO O 38 -62.15 -3.11 -32.54
CA PRO O 38 -60.93 -3.92 -32.59
C PRO O 38 -60.30 -4.28 -31.25
N GLY O 39 -59.82 -3.27 -30.54
CA GLY O 39 -59.18 -3.55 -29.27
C GLY O 39 -60.12 -4.22 -28.27
N VAL O 40 -61.37 -3.73 -28.21
CA VAL O 40 -62.30 -4.27 -27.23
C VAL O 40 -62.94 -5.61 -27.57
N LEU O 41 -63.09 -5.98 -28.83
CA LEU O 41 -63.65 -7.30 -29.17
C LEU O 41 -62.54 -8.35 -29.15
N ASN O 42 -61.30 -7.88 -29.23
CA ASN O 42 -60.10 -8.74 -29.16
C ASN O 42 -59.12 -8.57 -30.32
N PRO P 1 -55.86 -16.52 -21.33
CA PRO P 1 -55.24 -16.73 -22.65
C PRO P 1 -56.01 -15.97 -23.70
N THR P 2 -55.45 -15.92 -24.91
CA THR P 2 -56.01 -15.22 -26.08
C THR P 2 -55.28 -15.70 -27.31
N GLY P 3 -55.76 -15.31 -28.49
CA GLY P 3 -55.11 -15.65 -29.73
C GLY P 3 -55.48 -17.05 -30.28
N LYS P 4 -54.77 -17.44 -31.35
CA LYS P 4 -55.00 -18.70 -31.97
C LYS P 4 -54.39 -19.79 -31.13
N LEU P 5 -54.93 -21.01 -31.19
CA LEU P 5 -54.39 -22.11 -30.39
C LEU P 5 -53.28 -22.81 -31.18
N TRP P 6 -52.24 -23.20 -30.49
CA TRP P 6 -51.11 -23.89 -31.08
C TRP P 6 -50.98 -25.26 -30.49
N ARG P 7 -50.27 -26.16 -31.16
CA ARG P 7 -50.04 -27.48 -30.61
C ARG P 7 -48.67 -27.98 -31.02
N PRO P 8 -48.03 -28.78 -30.16
CA PRO P 8 -46.68 -29.33 -30.42
C PRO P 8 -46.60 -30.11 -31.74
N VAL P 9 -46.14 -29.48 -32.82
CA VAL P 9 -46.03 -30.18 -34.10
C VAL P 9 -45.02 -31.32 -34.00
N GLY P 10 -43.99 -31.13 -33.18
CA GLY P 10 -42.96 -32.15 -32.98
C GLY P 10 -43.40 -33.21 -32.00
N THR P 11 -44.60 -33.05 -31.45
CA THR P 11 -45.20 -33.98 -30.50
C THR P 11 -44.64 -33.98 -29.08
N SER P 12 -45.51 -34.37 -28.14
CA SER P 12 -45.20 -34.45 -26.72
C SER P 12 -44.57 -33.19 -26.15
N VAL P 13 -43.24 -33.19 -26.09
CA VAL P 13 -42.50 -32.05 -25.58
C VAL P 13 -42.86 -30.78 -26.36
N ALA P 14 -43.52 -29.86 -25.67
CA ALA P 14 -43.87 -28.58 -26.24
C ALA P 14 -42.88 -27.54 -25.80
N THR P 15 -41.98 -27.17 -26.68
CA THR P 15 -41.00 -26.12 -26.37
C THR P 15 -41.42 -24.86 -27.18
N ILE P 16 -40.60 -23.78 -27.11
CA ILE P 16 -40.83 -22.51 -27.83
C ILE P 16 -40.37 -22.63 -29.30
N ASP P 17 -40.81 -23.68 -29.96
CA ASP P 17 -40.43 -23.96 -31.35
C ASP P 17 -41.05 -25.25 -31.86
N SER P 18 -41.39 -26.15 -30.94
CA SER P 18 -42.02 -27.41 -31.31
C SER P 18 -43.54 -27.18 -31.38
N LEU P 19 -43.94 -25.90 -31.42
CA LEU P 19 -45.31 -25.48 -31.51
C LEU P 19 -45.58 -25.09 -32.97
N ALA P 20 -46.82 -24.78 -33.23
CA ALA P 20 -47.25 -24.32 -34.53
C ALA P 20 -48.76 -24.09 -34.53
N ILE P 21 -49.20 -22.94 -35.06
CA ILE P 21 -50.64 -22.66 -35.09
C ILE P 21 -51.37 -23.89 -35.63
N VAL P 22 -52.21 -24.51 -34.79
CA VAL P 22 -52.95 -25.70 -35.20
C VAL P 22 -53.96 -25.36 -36.26
N SER P 23 -53.52 -25.20 -37.49
CA SER P 23 -54.47 -24.88 -38.56
C SER P 23 -54.96 -26.19 -39.19
N ASP P 24 -55.92 -26.09 -40.10
CA ASP P 24 -56.44 -27.26 -40.77
C ASP P 24 -57.59 -26.91 -41.70
N ARG P 25 -58.27 -27.95 -42.17
CA ARG P 25 -59.40 -27.85 -43.09
C ARG P 25 -60.49 -26.85 -42.72
N PHE P 26 -60.50 -26.40 -41.46
CA PHE P 26 -61.50 -25.44 -41.00
C PHE P 26 -60.95 -24.03 -40.81
N GLY P 27 -59.64 -23.88 -40.91
CA GLY P 27 -59.02 -22.58 -40.70
C GLY P 27 -58.28 -22.72 -39.38
N GLN P 28 -58.00 -21.63 -38.68
CA GLN P 28 -57.29 -21.74 -37.40
C GLN P 28 -58.16 -21.46 -36.20
N TYR P 29 -58.14 -22.40 -35.25
CA TYR P 29 -58.94 -22.22 -34.05
C TYR P 29 -58.39 -21.08 -33.24
N SER P 30 -59.21 -20.04 -33.04
CA SER P 30 -58.76 -18.93 -32.20
C SER P 30 -59.53 -19.07 -30.90
N PHE P 31 -58.84 -18.89 -29.77
CA PHE P 31 -59.46 -19.03 -28.46
C PHE P 31 -60.56 -18.02 -28.19
N VAL P 32 -61.61 -18.44 -27.48
CA VAL P 32 -62.72 -17.56 -27.16
C VAL P 32 -62.73 -17.25 -25.66
N ASN P 33 -61.86 -16.32 -25.25
CA ASN P 33 -61.73 -15.91 -23.86
C ASN P 33 -63.09 -15.52 -23.29
N GLU P 34 -63.22 -15.67 -21.97
CA GLU P 34 -64.47 -15.38 -21.26
C GLU P 34 -65.28 -14.17 -21.72
N GLY P 35 -64.66 -13.01 -21.78
CA GLY P 35 -65.36 -11.80 -22.17
C GLY P 35 -65.83 -11.75 -23.62
N MET P 36 -65.05 -12.34 -24.51
CA MET P 36 -65.42 -12.35 -25.93
C MET P 36 -66.63 -13.24 -26.17
N ARG P 37 -67.01 -14.04 -25.18
CA ARG P 37 -68.21 -14.85 -25.30
C ARG P 37 -69.39 -14.02 -24.86
N GLU P 38 -69.09 -13.00 -24.05
CA GLU P 38 -70.12 -12.09 -23.55
C GLU P 38 -70.70 -11.32 -24.69
N THR P 39 -69.86 -10.93 -25.64
CA THR P 39 -70.32 -10.19 -26.77
C THR P 39 -71.19 -11.05 -27.68
N PHE P 40 -70.61 -12.11 -28.25
CA PHE P 40 -71.35 -13.01 -29.13
C PHE P 40 -72.56 -13.61 -28.48
N SER P 41 -72.59 -13.65 -27.18
CA SER P 41 -73.78 -14.11 -26.52
C SER P 41 -74.77 -12.97 -26.43
N LYS P 42 -74.26 -11.77 -26.13
CA LYS P 42 -75.10 -10.59 -26.00
C LYS P 42 -75.69 -10.22 -27.36
N ALA P 43 -74.99 -10.56 -28.43
CA ALA P 43 -75.43 -10.28 -29.80
C ALA P 43 -76.51 -11.29 -30.18
N LEU P 44 -76.24 -12.58 -29.93
CA LEU P 44 -77.19 -13.64 -30.23
C LEU P 44 -78.40 -13.50 -29.30
N PHE P 45 -78.16 -13.06 -28.06
CA PHE P 45 -79.25 -12.92 -27.12
C PHE P 45 -80.27 -11.93 -27.68
N ASP P 46 -79.78 -10.83 -28.24
CA ASP P 46 -80.66 -9.82 -28.80
C ASP P 46 -81.39 -10.32 -30.07
N ILE P 47 -80.95 -11.43 -30.63
CA ILE P 47 -81.62 -11.96 -31.81
C ILE P 47 -82.63 -13.00 -31.38
N ASN P 48 -82.24 -13.92 -30.50
CA ASN P 48 -83.15 -14.94 -30.01
C ASN P 48 -84.43 -14.26 -29.56
N MET P 49 -84.30 -13.10 -28.92
CA MET P 49 -85.44 -12.35 -28.43
C MET P 49 -86.59 -12.30 -29.46
N TRP P 50 -86.22 -12.10 -30.70
CA TRP P 50 -87.18 -12.02 -31.79
C TRP P 50 -87.66 -13.37 -32.24
N GLN P 51 -87.62 -14.37 -31.37
CA GLN P 51 -88.01 -15.72 -31.76
C GLN P 51 -89.45 -15.80 -32.29
N PRO P 52 -90.42 -15.24 -31.56
CA PRO P 52 -91.83 -15.27 -31.97
C PRO P 52 -92.11 -14.65 -33.32
N LEU P 53 -91.21 -13.80 -33.81
CA LEU P 53 -91.47 -13.21 -35.11
C LEU P 53 -90.82 -13.99 -36.23
N PHE P 54 -89.81 -14.81 -35.89
CA PHE P 54 -89.11 -15.63 -36.87
C PHE P 54 -89.99 -16.80 -37.29
N GLN P 55 -90.67 -17.42 -36.33
CA GLN P 55 -91.54 -18.53 -36.66
C GLN P 55 -92.72 -17.98 -37.43
N ALA P 56 -93.36 -16.95 -36.89
CA ALA P 56 -94.53 -16.37 -37.54
C ALA P 56 -94.28 -16.16 -38.99
N THR P 57 -93.18 -15.54 -39.29
CA THR P 57 -92.91 -15.32 -40.68
C THR P 57 -92.04 -16.41 -41.34
N LYS P 58 -92.01 -17.69 -40.88
CA LYS P 58 -91.23 -18.79 -41.55
C LYS P 58 -89.74 -18.46 -41.99
N THR P 59 -89.15 -17.31 -41.60
CA THR P 59 -87.73 -16.99 -41.88
C THR P 59 -86.90 -17.63 -40.77
N GLY P 60 -85.77 -17.03 -40.41
CA GLY P 60 -84.99 -17.59 -39.34
C GLY P 60 -84.63 -19.06 -39.61
N CYS P 61 -84.59 -19.88 -38.55
CA CYS P 61 -84.18 -21.28 -38.64
C CYS P 61 -83.93 -21.91 -37.26
N GLY P 62 -84.63 -21.41 -36.24
CA GLY P 62 -84.46 -21.90 -34.89
C GLY P 62 -83.59 -20.92 -34.11
N PRO P 63 -83.47 -21.05 -32.78
CA PRO P 63 -82.64 -20.12 -31.98
C PRO P 63 -81.14 -20.36 -32.21
N ILE P 64 -80.38 -19.28 -32.33
CA ILE P 64 -78.93 -19.40 -32.58
C ILE P 64 -78.10 -19.55 -31.30
N VAL P 65 -77.69 -20.77 -30.99
CA VAL P 65 -76.86 -21.00 -29.80
C VAL P 65 -75.39 -20.77 -30.15
N LEU P 66 -74.68 -19.98 -29.35
CA LEU P 66 -73.29 -19.72 -29.68
C LEU P 66 -72.47 -20.98 -29.59
N SER P 67 -73.02 -22.00 -28.94
CA SER P 67 -72.33 -23.27 -28.78
C SER P 67 -72.41 -24.10 -30.06
N SER P 68 -72.86 -23.49 -31.14
CA SER P 68 -72.93 -24.23 -32.41
C SER P 68 -71.78 -23.80 -33.31
N PHE P 69 -71.10 -22.71 -32.96
CA PHE P 69 -70.00 -22.23 -33.76
C PHE P 69 -68.64 -22.53 -33.17
N THR P 70 -68.62 -22.93 -31.90
CA THR P 70 -67.35 -23.22 -31.24
C THR P 70 -66.98 -24.70 -31.23
N THR P 71 -65.98 -25.04 -30.41
CA THR P 71 -65.48 -26.42 -30.29
C THR P 71 -64.80 -26.57 -28.92
N THR P 72 -64.31 -27.77 -28.63
CA THR P 72 -63.62 -27.97 -27.36
C THR P 72 -62.26 -28.59 -27.59
N THR P 73 -61.39 -27.85 -28.28
CA THR P 73 -60.05 -28.34 -28.52
C THR P 73 -59.25 -28.01 -27.26
N SER P 74 -57.97 -28.35 -27.26
CA SER P 74 -57.08 -28.08 -26.15
C SER P 74 -55.63 -28.09 -26.64
N GLY P 75 -54.84 -27.15 -26.15
CA GLY P 75 -53.46 -27.05 -26.55
C GLY P 75 -52.94 -25.80 -25.88
N TYR P 76 -51.92 -25.18 -26.45
CA TYR P 76 -51.36 -23.96 -25.88
C TYR P 76 -51.91 -22.83 -26.71
N VAL P 77 -52.44 -21.79 -26.07
CA VAL P 77 -53.00 -20.69 -26.86
C VAL P 77 -52.39 -19.33 -26.62
N GLY P 78 -51.63 -18.84 -27.59
CA GLY P 78 -51.03 -17.52 -27.43
C GLY P 78 -51.02 -16.76 -28.74
N ALA P 79 -50.19 -15.72 -28.81
CA ALA P 79 -50.09 -14.91 -30.01
C ALA P 79 -48.90 -15.39 -30.81
N THR P 80 -47.93 -16.02 -30.16
CA THR P 80 -46.74 -16.55 -30.85
C THR P 80 -46.16 -17.73 -30.08
N ALA P 81 -45.66 -18.73 -30.80
CA ALA P 81 -45.08 -19.92 -30.17
C ALA P 81 -44.46 -19.60 -28.81
N GLY P 82 -43.58 -18.60 -28.79
CA GLY P 82 -42.92 -18.21 -27.55
C GLY P 82 -43.84 -17.96 -26.36
N ASP P 83 -44.82 -17.08 -26.54
CA ASP P 83 -45.75 -16.73 -25.46
C ASP P 83 -46.94 -17.68 -25.34
N ALA P 84 -47.23 -18.44 -26.39
CA ALA P 84 -48.36 -19.35 -26.35
C ALA P 84 -48.00 -20.53 -25.47
N LEU P 85 -46.70 -20.68 -25.25
CA LEU P 85 -46.19 -21.77 -24.42
C LEU P 85 -46.58 -21.64 -22.96
N ASP P 86 -46.94 -20.42 -22.54
CA ASP P 86 -47.31 -20.14 -21.16
C ASP P 86 -48.82 -20.03 -20.97
N ASN P 87 -49.60 -20.72 -21.79
CA ASN P 87 -51.06 -20.68 -21.67
C ASN P 87 -51.65 -22.05 -21.95
N PRO P 88 -51.11 -23.11 -21.35
CA PRO P 88 -51.66 -24.44 -21.61
C PRO P 88 -53.13 -24.45 -21.20
N VAL P 89 -54.01 -24.54 -22.18
CA VAL P 89 -55.44 -24.59 -21.90
C VAL P 89 -56.02 -25.96 -22.28
N THR P 90 -56.78 -26.56 -21.37
CA THR P 90 -57.36 -27.87 -21.66
C THR P 90 -58.85 -27.77 -21.90
N ASN P 91 -59.27 -28.33 -23.04
CA ASN P 91 -60.67 -28.29 -23.43
C ASN P 91 -61.22 -26.89 -23.35
N GLY P 92 -60.45 -25.93 -23.88
CA GLY P 92 -60.91 -24.57 -23.92
C GLY P 92 -61.96 -24.52 -25.01
N VAL P 93 -62.58 -23.36 -25.20
CA VAL P 93 -63.60 -23.25 -26.24
C VAL P 93 -63.10 -22.33 -27.35
N PHE P 94 -62.73 -22.90 -28.50
CA PHE P 94 -62.21 -22.12 -29.61
C PHE P 94 -63.20 -22.10 -30.75
N ILE P 95 -63.13 -21.07 -31.58
CA ILE P 95 -64.01 -20.99 -32.74
C ILE P 95 -63.11 -21.01 -33.97
N SER P 96 -63.27 -21.98 -34.86
CA SER P 96 -62.40 -22.09 -36.06
C SER P 96 -62.63 -20.95 -37.04
N THR P 97 -61.68 -20.62 -37.87
CA THR P 97 -61.88 -19.53 -38.82
C THR P 97 -63.18 -19.64 -39.61
N VAL P 98 -63.36 -20.75 -40.35
CA VAL P 98 -64.57 -20.89 -41.13
C VAL P 98 -65.83 -20.71 -40.28
N GLN P 99 -65.72 -20.93 -38.96
CA GLN P 99 -66.87 -20.74 -38.08
C GLN P 99 -66.99 -19.27 -37.75
N ILE P 100 -65.86 -18.63 -37.42
CA ILE P 100 -65.80 -17.20 -37.11
C ILE P 100 -66.41 -16.51 -38.32
N MET P 101 -66.61 -17.25 -39.41
CA MET P 101 -67.22 -16.69 -40.59
C MET P 101 -68.73 -16.74 -40.51
N ASN P 102 -69.29 -17.87 -40.09
CA ASN P 102 -70.74 -17.99 -39.98
C ASN P 102 -71.31 -17.20 -38.81
N LEU P 103 -70.76 -17.42 -37.61
CA LEU P 103 -71.25 -16.69 -36.45
C LEU P 103 -71.30 -15.22 -36.86
N GLN P 104 -70.49 -14.87 -37.86
CA GLN P 104 -70.43 -13.51 -38.38
C GLN P 104 -71.58 -13.31 -39.38
N ARG P 105 -71.53 -13.98 -40.53
CA ARG P 105 -72.61 -13.81 -41.50
C ARG P 105 -73.98 -14.28 -41.03
N THR P 106 -74.06 -14.98 -39.91
CA THR P 106 -75.37 -15.40 -39.41
C THR P 106 -75.91 -14.20 -38.66
N ILE P 107 -75.13 -13.75 -37.67
CA ILE P 107 -75.50 -12.58 -36.88
C ILE P 107 -75.76 -11.43 -37.82
N ALA P 108 -75.14 -11.46 -38.99
CA ALA P 108 -75.36 -10.40 -39.97
C ALA P 108 -76.69 -10.64 -40.70
N ALA P 109 -76.90 -11.84 -41.24
CA ALA P 109 -78.15 -12.13 -41.94
C ALA P 109 -79.32 -11.94 -41.01
N ARG P 110 -79.29 -12.55 -39.83
CA ARG P 110 -80.38 -12.41 -38.85
C ARG P 110 -80.54 -10.96 -38.45
N MET P 111 -79.41 -10.26 -38.29
CA MET P 111 -79.47 -8.86 -37.91
C MET P 111 -80.28 -8.04 -38.90
N ARG P 112 -80.19 -8.34 -40.18
CA ARG P 112 -81.02 -7.65 -41.13
C ARG P 112 -82.46 -8.00 -40.82
N ASP P 113 -82.77 -9.30 -40.89
CA ASP P 113 -84.11 -9.81 -40.60
C ASP P 113 -84.80 -9.02 -39.49
N VAL P 114 -84.19 -9.02 -38.30
CA VAL P 114 -84.77 -8.32 -37.17
C VAL P 114 -84.74 -6.81 -37.34
N ALA P 115 -83.59 -6.26 -37.76
CA ALA P 115 -83.48 -4.82 -37.95
C ALA P 115 -84.71 -4.28 -38.65
N LEU P 116 -85.30 -5.07 -39.52
CA LEU P 116 -86.48 -4.62 -40.25
C LEU P 116 -87.72 -4.62 -39.35
N TRP P 117 -88.11 -5.80 -38.88
CA TRP P 117 -89.27 -5.94 -38.01
C TRP P 117 -89.15 -4.95 -36.85
N GLN P 118 -88.01 -5.05 -36.17
CA GLN P 118 -87.64 -4.23 -35.05
C GLN P 118 -87.91 -2.76 -35.36
N LYS P 119 -87.93 -2.39 -36.63
CA LYS P 119 -88.20 -1.01 -36.98
C LYS P 119 -89.73 -0.74 -36.94
N HIS P 120 -90.52 -1.71 -37.37
CA HIS P 120 -92.00 -1.62 -37.35
C HIS P 120 -92.52 -1.61 -35.92
N LEU P 121 -91.95 -2.50 -35.10
CA LEU P 121 -92.36 -2.61 -33.70
C LEU P 121 -92.20 -1.25 -33.08
N ASP P 122 -91.14 -0.58 -33.48
CA ASP P 122 -90.84 0.73 -32.94
C ASP P 122 -91.79 1.88 -33.34
N THR P 123 -91.96 2.11 -34.63
CA THR P 123 -92.85 3.20 -35.06
C THR P 123 -94.19 3.08 -34.33
N ALA P 124 -94.46 1.91 -33.78
CA ALA P 124 -95.71 1.67 -33.05
C ALA P 124 -95.49 1.81 -31.55
N MET P 125 -94.35 1.35 -31.07
CA MET P 125 -94.05 1.44 -29.65
C MET P 125 -93.82 2.89 -29.20
N THR P 126 -92.74 3.49 -29.69
CA THR P 126 -92.46 4.89 -29.35
C THR P 126 -93.65 5.75 -29.75
N MET P 127 -94.53 5.22 -30.60
CA MET P 127 -95.70 5.99 -31.01
C MET P 127 -96.71 6.11 -29.87
N LEU P 128 -96.20 6.07 -28.64
CA LEU P 128 -96.99 6.23 -27.43
C LEU P 128 -96.05 6.19 -26.22
N THR P 129 -94.95 6.93 -26.37
CA THR P 129 -93.90 7.07 -25.36
C THR P 129 -94.01 6.13 -24.19
N PRO P 130 -93.58 4.88 -24.37
CA PRO P 130 -93.67 3.94 -23.25
C PRO P 130 -92.60 4.21 -22.20
N ASP P 131 -92.05 5.42 -22.17
CA ASP P 131 -91.03 5.72 -21.17
C ASP P 131 -91.13 7.03 -20.41
N ILE P 132 -91.41 6.90 -19.11
CA ILE P 132 -91.51 8.05 -18.22
C ILE P 132 -90.28 7.98 -17.31
N SER P 133 -89.99 9.05 -16.56
CA SER P 133 -88.80 9.03 -15.69
C SER P 133 -89.00 9.48 -14.24
N ALA P 134 -90.24 9.47 -13.77
CA ALA P 134 -90.56 9.87 -12.41
C ALA P 134 -91.93 9.28 -12.02
N GLY P 135 -91.96 8.43 -11.00
CA GLY P 135 -93.22 7.81 -10.61
C GLY P 135 -93.75 6.97 -11.75
N SER P 136 -95.01 6.54 -11.69
CA SER P 136 -95.57 5.72 -12.76
C SER P 136 -96.59 6.49 -13.57
N ALA P 137 -97.52 5.75 -14.20
CA ALA P 137 -98.58 6.32 -15.03
C ALA P 137 -99.07 5.27 -16.03
N SER P 138 -100.31 4.82 -15.86
CA SER P 138 -100.90 3.81 -16.75
C SER P 138 -101.73 4.43 -17.88
N CYS P 139 -102.41 3.57 -18.63
CA CYS P 139 -103.25 4.00 -19.75
C CYS P 139 -104.05 2.79 -20.21
N ASN P 140 -105.21 2.57 -19.57
CA ASN P 140 -106.06 1.41 -19.86
C ASN P 140 -105.85 0.81 -21.26
N TRP P 141 -105.24 -0.38 -21.26
CA TRP P 141 -104.88 -1.16 -22.44
C TRP P 141 -105.87 -1.20 -23.61
N LYS P 142 -107.15 -1.47 -23.34
CA LYS P 142 -108.15 -1.50 -24.42
C LYS P 142 -107.98 -0.28 -25.31
N SER P 143 -108.22 0.91 -24.74
CA SER P 143 -108.10 2.17 -25.47
C SER P 143 -106.82 2.20 -26.27
N LEU P 144 -105.70 2.11 -25.56
CA LEU P 144 -104.37 2.11 -26.16
C LEU P 144 -104.33 1.31 -27.47
N LEU P 145 -104.71 0.03 -27.38
CA LEU P 145 -104.73 -0.83 -28.55
C LEU P 145 -105.69 -0.29 -29.60
N ALA P 146 -106.97 -0.22 -29.29
CA ALA P 146 -107.99 0.29 -30.20
C ALA P 146 -107.59 1.63 -30.82
N PHE P 147 -106.63 2.30 -30.20
CA PHE P 147 -106.11 3.58 -30.68
C PHE P 147 -105.05 3.35 -31.77
N ALA P 148 -104.00 2.60 -31.42
CA ALA P 148 -102.94 2.33 -32.38
C ALA P 148 -103.53 1.55 -33.57
N LYS P 149 -104.66 0.89 -33.34
CA LYS P 149 -105.34 0.18 -34.42
C LYS P 149 -105.59 1.17 -35.54
N ASP P 150 -105.64 2.44 -35.16
CA ASP P 150 -105.85 3.56 -36.09
C ASP P 150 -104.50 4.06 -36.57
N ILE P 151 -103.94 5.01 -35.84
CA ILE P 151 -102.69 5.65 -36.21
C ILE P 151 -101.77 4.78 -37.09
N LEU P 152 -101.22 3.69 -36.59
CA LEU P 152 -100.32 2.85 -37.38
C LEU P 152 -100.69 2.77 -38.90
N PRO P 153 -99.82 3.31 -39.82
CA PRO P 153 -100.05 3.30 -41.26
C PRO P 153 -100.13 1.86 -41.82
N LEU P 154 -101.03 1.64 -42.75
CA LEU P 154 -101.29 0.31 -43.36
C LEU P 154 -100.08 -0.57 -43.82
N ASP P 155 -98.84 -0.08 -43.69
CA ASP P 155 -97.67 -0.86 -44.13
C ASP P 155 -96.68 -1.15 -43.01
N ASN P 156 -97.19 -1.13 -41.80
CA ASN P 156 -96.32 -1.44 -40.68
C ASN P 156 -96.00 -2.96 -40.75
N LEU P 157 -96.07 -3.70 -39.65
CA LEU P 157 -95.92 -5.16 -39.56
C LEU P 157 -96.49 -5.53 -38.19
N CYS P 158 -96.96 -4.50 -37.42
CA CYS P 158 -97.56 -4.66 -36.06
C CYS P 158 -99.08 -4.81 -36.16
N LEU P 159 -99.57 -4.75 -37.40
CA LEU P 159 -100.97 -4.96 -37.72
C LEU P 159 -101.12 -6.33 -38.33
N THR P 160 -100.07 -6.84 -39.00
CA THR P 160 -100.15 -8.19 -39.58
C THR P 160 -99.84 -9.29 -38.53
N TYR P 161 -99.15 -8.98 -37.36
CA TYR P 161 -98.75 -9.96 -36.30
C TYR P 161 -98.96 -9.49 -34.81
N PRO P 162 -99.93 -8.59 -34.48
CA PRO P 162 -100.24 -8.01 -33.12
C PRO P 162 -99.61 -8.72 -31.90
N ASN P 163 -100.00 -9.99 -31.71
CA ASN P 163 -99.45 -10.76 -30.65
C ASN P 163 -98.50 -11.80 -31.22
N GLU P 164 -97.52 -11.25 -31.99
CA GLU P 164 -96.40 -11.99 -32.57
C GLU P 164 -95.26 -10.99 -32.50
N PHE P 165 -95.68 -9.72 -32.37
CA PHE P 165 -94.84 -8.54 -32.18
C PHE P 165 -94.96 -8.20 -30.71
N TYR P 166 -96.17 -8.35 -30.20
CA TYR P 166 -96.44 -8.08 -28.79
C TYR P 166 -95.49 -8.91 -27.90
N ASN P 167 -95.31 -10.20 -28.21
CA ASN P 167 -94.43 -11.11 -27.47
C ASN P 167 -92.98 -10.72 -27.60
N VAL P 168 -92.62 -10.12 -28.73
CA VAL P 168 -91.26 -9.64 -28.89
C VAL P 168 -91.17 -8.41 -28.01
N ALA P 169 -92.17 -7.53 -28.17
CA ALA P 169 -92.27 -6.26 -27.44
C ALA P 169 -92.19 -6.42 -25.93
N ILE P 170 -93.06 -7.23 -25.35
CA ILE P 170 -93.06 -7.45 -23.89
C ILE P 170 -91.65 -7.58 -23.32
N HIS P 171 -90.70 -8.08 -24.13
CA HIS P 171 -89.32 -8.24 -23.68
C HIS P 171 -88.46 -7.01 -23.89
N ARG P 172 -89.01 -5.95 -24.43
CA ARG P 172 -88.20 -4.77 -24.64
C ARG P 172 -88.77 -3.58 -23.91
N TYR P 173 -90.05 -3.62 -23.59
CA TYR P 173 -90.70 -2.50 -22.92
C TYR P 173 -91.28 -2.90 -21.58
N PRO P 174 -90.56 -2.65 -20.48
CA PRO P 174 -91.14 -3.04 -19.21
C PRO P 174 -92.36 -2.17 -18.89
N ALA P 175 -92.90 -1.50 -19.92
CA ALA P 175 -94.10 -0.72 -19.73
C ALA P 175 -95.27 -1.68 -19.94
N LEU P 176 -95.25 -2.43 -21.07
CA LEU P 176 -96.30 -3.42 -21.40
C LEU P 176 -96.13 -4.65 -20.52
N LYS P 177 -96.99 -4.85 -19.53
CA LYS P 177 -96.91 -6.03 -18.68
C LYS P 177 -98.04 -6.92 -19.14
N PRO P 178 -97.76 -8.12 -19.67
CA PRO P 178 -98.82 -8.99 -20.17
C PRO P 178 -99.63 -9.55 -19.01
N GLY P 179 -100.92 -9.72 -19.21
CA GLY P 179 -101.78 -10.24 -18.17
C GLY P 179 -101.55 -11.72 -17.99
N ASN P 180 -101.19 -12.11 -16.78
CA ASN P 180 -100.93 -13.52 -16.50
C ASN P 180 -102.12 -14.42 -16.85
N PRO P 181 -101.88 -15.54 -17.57
CA PRO P 181 -102.98 -16.48 -17.89
C PRO P 181 -103.80 -17.06 -16.71
N ASP P 182 -103.21 -17.63 -15.62
CA ASP P 182 -104.02 -18.24 -14.53
C ASP P 182 -104.20 -17.41 -13.21
N THR P 183 -104.79 -16.19 -13.39
CA THR P 183 -105.21 -15.18 -12.38
C THR P 183 -105.70 -13.93 -13.15
N LYS P 184 -105.61 -14.00 -14.49
CA LYS P 184 -106.00 -12.98 -15.49
C LYS P 184 -105.82 -11.48 -15.07
N LEU P 185 -104.69 -11.17 -14.37
CA LEU P 185 -104.27 -9.83 -13.78
C LEU P 185 -102.79 -9.53 -14.15
N PRO P 186 -102.32 -8.23 -14.14
CA PRO P 186 -100.90 -7.95 -14.47
C PRO P 186 -99.86 -8.75 -13.61
N ASP P 187 -98.83 -8.05 -13.06
CA ASP P 187 -97.71 -8.69 -12.29
C ASP P 187 -96.97 -7.67 -11.38
N ALA P 188 -97.34 -6.39 -11.43
CA ALA P 188 -96.64 -5.38 -10.63
C ALA P 188 -95.27 -5.20 -11.25
N GLN P 189 -94.38 -6.16 -11.00
CA GLN P 189 -93.06 -6.15 -11.61
C GLN P 189 -93.24 -6.38 -13.11
N ALA P 190 -92.33 -5.84 -13.88
CA ALA P 190 -92.33 -6.10 -15.32
C ALA P 190 -91.03 -6.85 -15.60
N HIS P 191 -91.11 -7.99 -16.32
CA HIS P 191 -89.92 -8.79 -16.60
C HIS P 191 -89.43 -8.77 -18.04
N PRO P 192 -88.84 -7.65 -18.49
CA PRO P 192 -88.33 -7.61 -19.88
C PRO P 192 -86.93 -8.24 -19.90
N LEU P 193 -86.59 -8.95 -20.96
CA LEU P 193 -85.28 -9.60 -21.06
C LEU P 193 -84.09 -8.72 -20.64
N GLY P 194 -84.22 -7.41 -20.81
CA GLY P 194 -83.14 -6.51 -20.42
C GLY P 194 -83.23 -6.11 -18.95
N GLU P 195 -83.79 -7.04 -18.16
CA GLU P 195 -84.01 -6.88 -16.72
C GLU P 195 -83.07 -5.92 -15.98
N VAL P 196 -81.77 -6.21 -16.02
CA VAL P 196 -80.78 -5.40 -15.33
C VAL P 196 -80.50 -4.07 -16.01
N ALA P 197 -80.07 -4.13 -17.28
CA ALA P 197 -79.78 -2.93 -18.06
C ALA P 197 -80.90 -1.90 -17.92
N GLY P 198 -82.14 -2.34 -18.11
CA GLY P 198 -83.26 -1.43 -17.99
C GLY P 198 -83.47 -0.89 -16.58
N ALA P 199 -82.97 -1.63 -15.59
CA ALA P 199 -83.10 -1.20 -14.20
C ALA P 199 -82.09 -0.09 -13.95
N PHE P 200 -80.89 -0.27 -14.51
CA PHE P 200 -79.82 0.70 -14.36
C PHE P 200 -79.81 1.87 -15.33
N ASN P 201 -80.95 2.19 -15.91
CA ASN P 201 -81.01 3.33 -16.81
C ASN P 201 -82.08 4.26 -16.36
N ALA P 202 -83.00 3.71 -15.56
CA ALA P 202 -84.09 4.50 -15.02
C ALA P 202 -83.42 5.71 -14.40
N ALA P 203 -84.05 6.87 -14.52
CA ALA P 203 -83.49 8.07 -13.93
C ALA P 203 -83.70 7.98 -12.41
N THR P 204 -82.76 7.36 -11.70
CA THR P 204 -82.88 7.20 -10.25
C THR P 204 -82.93 8.57 -9.57
N SER P 205 -84.01 8.82 -8.83
CA SER P 205 -84.21 10.12 -8.18
C SER P 205 -83.10 10.62 -7.23
N GLU P 206 -82.24 9.72 -6.75
CA GLU P 206 -81.15 10.12 -5.85
C GLU P 206 -80.11 10.89 -6.62
N VAL P 207 -79.78 10.36 -7.79
CA VAL P 207 -78.79 10.98 -8.65
C VAL P 207 -79.21 10.81 -10.11
N GLY P 208 -79.45 11.93 -10.79
CA GLY P 208 -79.88 11.91 -12.19
C GLY P 208 -80.05 10.54 -12.85
N SER P 209 -78.97 10.04 -13.45
CA SER P 209 -78.98 8.75 -14.12
C SER P 209 -77.56 8.19 -14.18
N LEU P 210 -77.36 7.05 -13.54
CA LEU P 210 -76.05 6.44 -13.53
C LEU P 210 -75.48 6.30 -14.96
N VAL P 211 -76.26 5.81 -15.91
CA VAL P 211 -75.78 5.67 -17.30
C VAL P 211 -75.36 7.01 -17.90
N GLY P 212 -76.02 8.09 -17.46
CA GLY P 212 -75.67 9.41 -17.96
C GLY P 212 -74.39 9.87 -17.29
N SER P 213 -74.53 10.34 -16.05
CA SER P 213 -73.42 10.84 -15.24
C SER P 213 -72.14 10.01 -15.37
N SER P 214 -72.29 8.71 -15.64
CA SER P 214 -71.12 7.85 -15.77
C SER P 214 -70.36 8.20 -17.04
N SER P 215 -71.09 8.25 -18.14
CA SER P 215 -70.49 8.55 -19.44
C SER P 215 -69.99 9.99 -19.55
N THR P 216 -70.84 10.96 -19.20
CA THR P 216 -70.41 12.35 -19.26
C THR P 216 -69.02 12.52 -18.60
N LEU P 217 -68.64 11.57 -17.76
CA LEU P 217 -67.34 11.59 -17.10
C LEU P 217 -66.30 10.87 -17.93
N SER P 218 -66.53 9.61 -18.24
CA SER P 218 -65.58 8.87 -19.04
C SER P 218 -65.36 9.61 -20.35
N GLN P 219 -66.40 10.29 -20.83
CA GLN P 219 -66.30 11.08 -22.04
C GLN P 219 -65.26 12.18 -21.83
N ALA P 220 -65.47 13.00 -20.81
CA ALA P 220 -64.52 14.07 -20.50
C ALA P 220 -63.10 13.50 -20.28
N ILE P 221 -63.00 12.36 -19.59
CA ILE P 221 -61.69 11.77 -19.32
C ILE P 221 -60.99 11.45 -20.62
N SER P 222 -61.76 11.00 -21.60
CA SER P 222 -61.18 10.68 -22.90
C SER P 222 -60.46 11.94 -23.39
N THR P 223 -61.20 13.02 -23.63
CA THR P 223 -60.63 14.28 -24.10
C THR P 223 -59.40 14.68 -23.28
N MET P 224 -59.56 14.80 -21.95
CA MET P 224 -58.48 15.21 -21.08
C MET P 224 -57.17 14.49 -21.41
N ALA P 225 -57.24 13.21 -21.72
CA ALA P 225 -56.00 12.50 -22.03
C ALA P 225 -55.62 12.58 -23.51
N GLY P 226 -56.66 12.55 -24.33
CA GLY P 226 -56.58 12.60 -25.73
C GLY P 226 -55.93 13.88 -26.27
N LYS P 227 -56.72 14.85 -26.71
CA LYS P 227 -56.11 16.03 -27.35
C LYS P 227 -54.74 16.43 -26.73
N ASP P 228 -54.68 16.35 -25.39
CA ASP P 228 -53.51 16.72 -24.53
C ASP P 228 -53.84 18.01 -23.83
N LEU P 229 -55.03 18.01 -23.20
CA LEU P 229 -55.38 19.19 -22.46
C LEU P 229 -54.40 19.34 -21.35
N ASP P 230 -53.98 18.21 -20.78
CA ASP P 230 -52.96 18.25 -19.79
C ASP P 230 -51.80 18.95 -20.49
N LEU P 231 -50.95 19.66 -19.77
CA LEU P 231 -49.83 20.33 -20.45
C LEU P 231 -50.30 21.52 -21.30
N ILE P 232 -51.47 22.05 -20.98
CA ILE P 232 -52.08 23.14 -21.75
C ILE P 232 -51.33 24.48 -21.71
N GLU P 233 -50.59 24.74 -20.64
CA GLU P 233 -49.85 25.98 -20.55
C GLU P 233 -48.38 25.67 -20.28
N ALA P 234 -47.93 24.54 -20.83
CA ALA P 234 -46.55 24.09 -20.70
C ALA P 234 -45.61 25.16 -21.22
N ASP P 235 -44.53 25.42 -20.49
CA ASP P 235 -43.59 26.43 -20.93
C ASP P 235 -42.38 25.83 -21.63
N THR P 236 -42.55 25.40 -22.87
CA THR P 236 -41.46 24.79 -23.65
C THR P 236 -41.93 24.32 -25.04
N PRO P 237 -41.06 24.51 -26.06
CA PRO P 237 -41.34 24.12 -27.45
C PRO P 237 -42.17 22.85 -27.61
N LEU P 238 -43.26 22.95 -28.37
CA LEU P 238 -44.16 21.83 -28.65
C LEU P 238 -44.52 21.76 -30.12
N PRO P 239 -44.25 20.64 -30.78
CA PRO P 239 -44.56 20.47 -32.21
C PRO P 239 -46.03 20.83 -32.48
N VAL P 240 -46.30 21.56 -33.56
CA VAL P 240 -47.69 21.93 -33.86
C VAL P 240 -48.57 20.70 -33.88
N SER P 241 -48.00 19.57 -34.30
CA SER P 241 -48.73 18.29 -34.37
C SER P 241 -49.42 18.00 -33.04
N VAL P 242 -48.74 18.29 -31.94
CA VAL P 242 -49.23 18.09 -30.57
C VAL P 242 -50.55 18.83 -30.36
N PHE P 243 -50.93 19.68 -31.32
CA PHE P 243 -52.17 20.46 -31.24
C PHE P 243 -53.22 19.98 -32.25
N THR P 244 -52.96 18.87 -32.94
CA THR P 244 -53.87 18.32 -33.94
C THR P 244 -54.75 19.37 -34.64
N PRO P 245 -54.13 20.41 -35.23
CA PRO P 245 -54.88 21.47 -35.92
C PRO P 245 -55.49 20.90 -37.21
N SER P 246 -56.82 20.94 -37.31
CA SER P 246 -57.50 20.41 -38.48
C SER P 246 -58.71 21.27 -38.82
N LEU P 247 -59.18 21.13 -40.06
CA LEU P 247 -60.36 21.89 -40.50
C LEU P 247 -60.22 23.35 -40.00
N ALA P 248 -59.04 23.95 -40.24
CA ALA P 248 -58.77 25.28 -39.68
C ALA P 248 -58.49 26.43 -40.65
N PRO P 249 -59.53 26.94 -41.35
CA PRO P 249 -59.32 28.05 -42.26
C PRO P 249 -60.07 29.33 -41.87
N ARG P 250 -59.46 30.21 -41.08
CA ARG P 250 -60.13 31.44 -40.62
C ARG P 250 -60.15 32.58 -41.65
N SER P 251 -61.24 33.34 -41.65
CA SER P 251 -61.39 34.46 -42.59
C SER P 251 -61.44 35.82 -41.87
N TYR P 252 -60.98 36.86 -42.58
CA TYR P 252 -60.98 38.22 -42.02
C TYR P 252 -61.69 39.29 -42.82
N ARG P 253 -61.05 40.49 -42.66
CA ARG P 253 -61.38 41.82 -43.24
C ARG P 253 -60.20 42.82 -43.12
N PRO P 254 -58.99 42.57 -43.75
CA PRO P 254 -57.82 43.50 -43.70
C PRO P 254 -58.14 44.89 -44.21
N ALA P 255 -57.12 45.72 -44.39
CA ALA P 255 -57.42 47.09 -44.80
C ALA P 255 -58.20 47.73 -43.66
N PHE P 256 -58.21 46.98 -42.55
CA PHE P 256 -58.84 47.41 -41.32
C PHE P 256 -57.95 46.96 -40.17
N ILE P 257 -57.43 45.73 -40.23
CA ILE P 257 -56.53 45.22 -39.18
C ILE P 257 -55.30 46.11 -39.03
N LYS P 258 -55.10 46.74 -37.87
CA LYS P 258 -53.93 47.56 -37.69
C LYS P 258 -52.67 46.70 -37.81
N PRO P 259 -51.59 47.25 -38.39
CA PRO P 259 -50.35 46.49 -38.57
C PRO P 259 -49.78 45.95 -37.26
N GLU P 260 -49.86 46.72 -36.18
CA GLU P 260 -49.32 46.25 -34.90
C GLU P 260 -50.23 45.24 -34.21
N ASP P 261 -51.50 45.17 -34.63
CA ASP P 261 -52.44 44.22 -34.04
C ASP P 261 -52.29 42.81 -34.61
N ALA P 262 -51.41 42.65 -35.61
CA ALA P 262 -51.19 41.36 -36.25
C ALA P 262 -50.04 41.40 -37.25
N LYS P 263 -48.85 41.07 -36.80
CA LYS P 263 -47.62 41.10 -37.60
C LYS P 263 -47.73 40.73 -39.08
N TRP P 264 -48.59 39.79 -39.43
CA TRP P 264 -48.71 39.36 -40.83
C TRP P 264 -49.40 40.37 -41.74
N ILE P 265 -49.31 41.65 -41.47
CA ILE P 265 -49.99 42.61 -42.31
C ILE P 265 -49.47 44.04 -42.13
N ALA P 266 -48.55 44.42 -43.02
CA ALA P 266 -47.93 45.76 -42.98
C ALA P 266 -48.63 46.75 -43.89
N GLU P 267 -48.43 48.05 -43.63
CA GLU P 267 -49.08 49.06 -44.46
C GLU P 267 -48.18 50.12 -45.08
N PHE P 268 -48.55 50.58 -46.27
CA PHE P 268 -47.79 51.60 -47.00
C PHE P 268 -48.13 53.01 -46.49
N ASN P 269 -47.83 53.32 -45.24
CA ASN P 269 -48.14 54.67 -44.74
C ASN P 269 -47.17 55.71 -45.31
N ASN P 270 -47.54 56.25 -46.49
CA ASN P 270 -46.73 57.25 -47.19
C ASN P 270 -47.53 58.51 -47.50
N SER P 271 -46.84 59.66 -47.59
CA SER P 271 -47.49 60.94 -47.85
C SER P 271 -48.47 60.96 -49.03
N SER P 272 -47.94 61.07 -50.25
CA SER P 272 -48.76 61.13 -51.46
C SER P 272 -49.19 59.74 -51.95
N LEU P 273 -49.58 59.66 -53.23
CA LEU P 273 -49.97 58.40 -53.84
C LEU P 273 -48.76 57.74 -54.44
N ILE P 274 -48.84 56.44 -54.72
CA ILE P 274 -47.69 55.75 -55.30
C ILE P 274 -48.07 55.02 -56.57
N ARG P 275 -48.60 55.74 -57.56
CA ARG P 275 -49.00 55.09 -58.82
C ARG P 275 -47.84 54.42 -59.55
N LYS P 276 -47.95 53.11 -59.72
CA LYS P 276 -46.95 52.32 -60.40
C LYS P 276 -47.63 51.77 -61.65
N THR P 277 -46.88 51.08 -62.52
CA THR P 277 -47.48 50.51 -63.73
C THR P 277 -47.04 49.06 -63.89
N LEU P 278 -47.67 48.34 -64.81
CA LEU P 278 -47.34 46.94 -65.05
C LEU P 278 -48.11 46.40 -66.25
N THR P 279 -47.40 45.82 -67.21
CA THR P 279 -48.06 45.26 -68.38
C THR P 279 -48.65 43.91 -68.01
N TYR P 280 -49.98 43.88 -67.85
CA TYR P 280 -50.67 42.64 -67.50
C TYR P 280 -51.59 42.24 -68.65
N SER P 281 -51.23 41.18 -69.36
CA SER P 281 -52.03 40.70 -70.48
C SER P 281 -52.01 41.78 -71.57
N GLY P 282 -50.82 42.30 -71.85
CA GLY P 282 -50.68 43.34 -72.85
C GLY P 282 -51.01 44.69 -72.24
N ALA P 283 -52.29 44.95 -72.04
CA ALA P 283 -52.77 46.19 -71.45
C ALA P 283 -51.96 46.65 -70.23
N THR P 284 -51.69 47.96 -70.16
CA THR P 284 -50.92 48.51 -69.04
C THR P 284 -51.84 49.12 -67.99
N TYR P 285 -51.76 48.60 -66.77
CA TYR P 285 -52.59 49.10 -65.68
C TYR P 285 -51.74 49.80 -64.62
N THR P 286 -52.40 50.57 -63.76
CA THR P 286 -51.69 51.28 -62.71
C THR P 286 -52.19 50.89 -61.32
N VAL P 287 -51.32 50.22 -60.56
CA VAL P 287 -51.68 49.89 -59.18
C VAL P 287 -51.64 51.24 -58.44
N GLN P 288 -52.55 51.48 -57.49
CA GLN P 288 -52.62 52.84 -56.91
C GLN P 288 -51.92 53.06 -55.58
N LEU P 289 -52.30 52.35 -54.51
CA LEU P 289 -51.73 52.56 -53.16
C LEU P 289 -52.18 53.96 -52.71
N GLY P 290 -53.41 54.32 -53.09
CA GLY P 290 -54.09 55.61 -52.85
C GLY P 290 -53.83 56.34 -51.52
N PRO P 291 -54.53 57.46 -51.34
CA PRO P 291 -54.49 58.43 -50.21
C PRO P 291 -54.27 57.87 -48.81
N GLY P 292 -55.05 56.85 -48.45
CA GLY P 292 -54.91 56.25 -47.12
C GLY P 292 -53.69 55.35 -46.99
N PRO P 293 -53.54 54.66 -45.85
CA PRO P 293 -52.34 53.80 -45.66
C PRO P 293 -52.32 52.46 -46.43
N THR P 294 -53.45 51.99 -46.92
CA THR P 294 -53.55 50.73 -47.71
C THR P 294 -52.80 49.57 -47.02
N ARG P 295 -53.43 48.96 -46.02
CA ARG P 295 -52.83 47.82 -45.32
C ARG P 295 -52.78 46.64 -46.28
N VAL P 296 -51.60 46.04 -46.46
CA VAL P 296 -51.42 44.89 -47.36
C VAL P 296 -50.94 43.67 -46.60
N ILE P 297 -51.38 42.49 -47.03
CA ILE P 297 -50.96 41.22 -46.42
C ILE P 297 -49.46 41.09 -46.65
N ASP P 298 -48.69 40.96 -45.60
CA ASP P 298 -47.24 40.77 -45.80
C ASP P 298 -47.05 39.35 -46.29
N MET P 299 -46.00 39.07 -47.08
CA MET P 299 -45.78 37.72 -47.58
C MET P 299 -44.90 36.91 -46.67
N ASN P 300 -43.89 37.53 -46.13
CA ASN P 300 -43.16 36.77 -45.16
C ASN P 300 -44.11 36.73 -43.95
N ALA P 301 -43.96 35.71 -43.09
CA ALA P 301 -44.90 35.56 -42.00
C ALA P 301 -46.24 35.38 -42.68
N MET P 302 -46.38 34.29 -43.43
CA MET P 302 -47.60 33.98 -44.15
C MET P 302 -47.74 32.49 -44.52
N ILE P 303 -47.32 31.55 -43.66
CA ILE P 303 -47.43 30.09 -43.86
C ILE P 303 -48.08 29.69 -45.20
N ASP P 304 -47.29 29.26 -46.16
CA ASP P 304 -47.80 28.90 -47.49
C ASP P 304 -49.25 28.40 -47.43
N SER P 305 -50.17 29.32 -47.63
CA SER P 305 -51.60 29.03 -47.57
C SER P 305 -52.32 29.10 -48.90
N VAL P 306 -53.60 29.25 -48.76
CA VAL P 306 -54.48 29.45 -49.89
C VAL P 306 -55.27 30.70 -49.57
N LEU P 307 -54.70 31.83 -49.90
CA LEU P 307 -55.36 33.12 -49.71
C LEU P 307 -56.48 33.26 -50.72
N THR P 308 -57.70 33.49 -50.26
CA THR P 308 -58.79 33.68 -51.18
C THR P 308 -59.58 34.92 -50.77
N LEU P 309 -59.19 36.05 -51.33
CA LEU P 309 -59.84 37.32 -51.03
C LEU P 309 -61.16 37.49 -51.75
N ASP P 310 -62.25 37.43 -51.00
CA ASP P 310 -63.56 37.62 -51.61
C ASP P 310 -63.91 39.09 -51.59
N VAL P 311 -64.42 39.58 -52.71
CA VAL P 311 -64.81 40.98 -52.82
C VAL P 311 -66.25 41.05 -53.23
N SER P 312 -67.16 41.04 -52.26
CA SER P 312 -68.58 41.09 -52.60
C SER P 312 -69.47 41.87 -51.65
N GLY P 313 -70.47 42.54 -52.22
CA GLY P 313 -71.38 43.34 -51.42
C GLY P 313 -70.71 44.61 -50.97
N THR P 314 -69.39 44.66 -51.13
CA THR P 314 -68.62 45.83 -50.76
C THR P 314 -68.85 46.90 -51.82
N ILE P 315 -68.85 48.18 -51.41
CA ILE P 315 -69.10 49.28 -52.32
C ILE P 315 -68.10 49.28 -53.49
N LEU P 316 -68.55 49.87 -54.60
CA LEU P 316 -67.77 49.98 -55.84
C LEU P 316 -68.26 51.26 -56.50
N PRO P 317 -67.75 52.42 -56.05
CA PRO P 317 -68.11 53.76 -56.53
C PRO P 317 -67.65 54.19 -57.92
N TYR P 318 -67.87 53.34 -58.92
CA TYR P 318 -67.49 53.69 -60.29
C TYR P 318 -68.40 54.80 -60.79
N ASP P 319 -69.43 55.10 -60.00
CA ASP P 319 -70.42 56.12 -60.32
C ASP P 319 -69.78 57.52 -60.26
N THR P 320 -69.06 57.79 -59.18
CA THR P 320 -68.40 59.08 -59.03
C THR P 320 -67.12 59.09 -59.86
N ASN P 321 -65.99 58.71 -59.27
CA ASN P 321 -64.74 58.68 -60.03
C ASN P 321 -64.88 57.63 -61.12
N PRO P 322 -65.11 58.07 -62.37
CA PRO P 322 -65.27 57.17 -63.51
C PRO P 322 -63.97 56.39 -63.72
N ASP P 323 -62.92 56.91 -63.09
CA ASP P 323 -61.59 56.34 -63.14
C ASP P 323 -61.62 54.90 -62.64
N LEU P 324 -62.40 54.66 -61.58
CA LEU P 324 -62.52 53.34 -60.99
C LEU P 324 -63.09 52.31 -61.95
N SER P 325 -64.17 52.67 -62.64
CA SER P 325 -64.75 51.73 -63.60
C SER P 325 -63.70 51.45 -64.67
N THR P 326 -63.85 50.32 -65.36
CA THR P 326 -62.92 49.92 -66.42
C THR P 326 -61.72 49.14 -65.86
N SER P 327 -61.43 49.32 -64.58
CA SER P 327 -60.29 48.63 -63.96
C SER P 327 -60.65 47.26 -63.39
N VAL P 328 -60.02 46.22 -63.90
CA VAL P 328 -60.27 44.87 -63.44
C VAL P 328 -59.67 44.68 -62.05
N PRO P 329 -60.50 44.44 -61.03
CA PRO P 329 -60.01 44.24 -59.66
C PRO P 329 -59.15 42.98 -59.66
N ALA P 330 -58.04 42.98 -58.92
CA ALA P 330 -57.17 41.81 -58.92
C ALA P 330 -56.18 41.76 -57.77
N PHE P 331 -56.02 40.57 -57.19
CA PHE P 331 -55.06 40.39 -56.10
C PHE P 331 -53.66 40.39 -56.75
N VAL P 332 -52.78 41.27 -56.27
CA VAL P 332 -51.43 41.40 -56.84
C VAL P 332 -50.31 41.48 -55.79
N LEU P 333 -49.24 40.73 -56.01
CA LEU P 333 -48.10 40.79 -55.10
C LEU P 333 -47.29 42.04 -55.44
N ILE P 334 -46.54 42.57 -54.48
CA ILE P 334 -45.75 43.77 -54.70
C ILE P 334 -44.41 43.67 -54.01
N GLN P 335 -43.36 43.42 -54.78
CA GLN P 335 -42.03 43.34 -54.21
C GLN P 335 -41.44 44.74 -54.16
N THR P 336 -41.10 45.21 -52.97
CA THR P 336 -40.51 46.55 -52.81
C THR P 336 -39.04 46.43 -52.43
N SER P 337 -38.22 47.40 -52.86
CA SER P 337 -36.80 47.38 -52.54
C SER P 337 -36.64 47.69 -51.05
N VAL P 338 -36.78 48.96 -50.72
CA VAL P 338 -36.70 49.38 -49.33
C VAL P 338 -37.90 48.74 -48.62
N PRO P 339 -37.75 48.35 -47.34
CA PRO P 339 -38.85 47.73 -46.57
C PRO P 339 -40.09 48.62 -46.60
N ILE P 340 -41.27 48.02 -46.66
CA ILE P 340 -42.50 48.82 -46.66
C ILE P 340 -42.42 49.65 -45.39
N GLN P 341 -43.31 50.62 -45.21
CA GLN P 341 -43.25 51.46 -44.01
C GLN P 341 -41.92 52.19 -44.07
N GLN P 342 -41.51 52.49 -45.29
CA GLN P 342 -40.25 53.17 -45.57
C GLN P 342 -40.17 53.30 -47.10
N VAL P 343 -41.18 52.78 -47.77
CA VAL P 343 -41.29 52.83 -49.23
C VAL P 343 -42.07 54.09 -49.59
N THR P 344 -41.36 55.12 -50.02
CA THR P 344 -41.97 56.41 -50.36
C THR P 344 -42.60 56.52 -51.74
N THR P 345 -41.81 56.39 -52.79
CA THR P 345 -42.34 56.53 -54.15
C THR P 345 -42.03 55.43 -55.17
N ALA P 346 -42.90 55.33 -56.17
CA ALA P 346 -42.83 54.36 -57.27
C ALA P 346 -41.47 53.72 -57.56
N ALA P 347 -40.41 54.50 -57.62
CA ALA P 347 -39.08 53.95 -57.90
C ALA P 347 -38.63 52.96 -56.83
N ASN P 348 -39.34 52.96 -55.71
CA ASN P 348 -39.06 52.07 -54.58
C ASN P 348 -39.61 50.66 -54.78
N ILE P 349 -40.77 50.58 -55.43
CA ILE P 349 -41.44 49.29 -55.70
C ILE P 349 -40.73 48.49 -56.81
N THR P 350 -39.93 47.49 -56.42
CA THR P 350 -39.21 46.64 -57.37
C THR P 350 -40.10 46.22 -58.54
N ALA P 351 -41.04 45.31 -58.30
CA ALA P 351 -41.95 44.85 -59.35
C ALA P 351 -43.34 44.56 -58.79
N ILE P 352 -44.29 44.29 -59.67
CA ILE P 352 -45.66 44.00 -59.25
C ILE P 352 -46.27 42.91 -60.12
N THR P 353 -46.57 41.76 -59.52
CA THR P 353 -47.15 40.64 -60.24
C THR P 353 -48.64 40.48 -59.98
N VAL P 354 -49.42 40.36 -61.05
CA VAL P 354 -50.87 40.17 -60.92
C VAL P 354 -51.07 38.67 -60.70
N VAL P 355 -51.01 38.23 -59.46
CA VAL P 355 -51.16 36.81 -59.15
C VAL P 355 -52.54 36.25 -59.45
N SER P 356 -53.52 37.11 -59.71
CA SER P 356 -54.87 36.65 -60.01
C SER P 356 -55.82 37.81 -60.29
N ALA P 357 -56.00 38.13 -61.56
CA ALA P 357 -56.90 39.23 -61.91
C ALA P 357 -58.32 38.73 -62.14
N ALA P 358 -59.26 39.66 -62.23
CA ALA P 358 -60.65 39.32 -62.48
C ALA P 358 -60.99 39.74 -63.91
N GLY P 359 -61.29 38.77 -64.77
CA GLY P 359 -61.63 39.13 -66.13
C GLY P 359 -62.87 40.01 -66.12
N ALA P 360 -62.85 41.06 -66.95
CA ALA P 360 -63.95 42.03 -67.07
C ALA P 360 -63.84 43.16 -66.05
N SER P 361 -63.81 44.39 -66.59
CA SER P 361 -63.63 45.63 -65.82
C SER P 361 -64.66 45.82 -64.72
N ALA P 362 -64.53 46.92 -63.96
CA ALA P 362 -65.41 47.30 -62.86
C ALA P 362 -66.62 48.12 -63.36
N ILE P 363 -67.57 47.39 -63.99
CA ILE P 363 -68.84 47.86 -64.61
C ILE P 363 -69.60 46.66 -65.27
N ASN P 364 -69.41 45.43 -64.68
CA ASN P 364 -69.99 44.10 -65.07
C ASN P 364 -69.96 43.22 -63.81
N LEU P 365 -69.06 43.64 -62.91
CA LEU P 365 -68.86 43.06 -61.61
C LEU P 365 -69.75 43.79 -60.61
N ALA P 366 -70.26 44.93 -61.08
CA ALA P 366 -71.16 45.76 -60.28
C ALA P 366 -72.56 45.16 -60.29
N ILE P 367 -73.47 45.83 -59.58
CA ILE P 367 -74.87 45.44 -59.46
C ILE P 367 -75.49 46.50 -58.56
N ASN P 368 -76.39 47.30 -59.10
CA ASN P 368 -77.01 48.37 -58.32
C ASN P 368 -77.95 47.86 -57.22
N VAL P 369 -77.68 48.22 -55.96
CA VAL P 369 -78.52 47.83 -54.79
C VAL P 369 -79.05 49.04 -54.00
N ARG P 370 -79.57 50.03 -54.72
CA ARG P 370 -80.10 51.27 -54.16
C ARG P 370 -79.01 52.37 -54.31
N GLY P 371 -78.76 52.84 -55.54
CA GLY P 371 -77.75 53.86 -55.78
C GLY P 371 -76.31 53.29 -55.78
N GLN P 372 -75.82 52.98 -54.58
CA GLN P 372 -74.49 52.41 -54.23
C GLN P 372 -74.23 51.05 -54.90
N PRO P 373 -73.65 51.05 -56.07
CA PRO P 373 -73.39 49.80 -56.77
C PRO P 373 -72.43 48.90 -55.99
N ARG P 374 -72.82 47.65 -55.73
CA ARG P 374 -71.98 46.72 -54.98
C ARG P 374 -71.18 45.81 -55.88
N PHE P 375 -70.44 44.89 -55.28
CA PHE P 375 -69.63 43.93 -56.04
C PHE P 375 -70.27 42.56 -56.13
N ASN P 376 -70.55 42.10 -57.34
CA ASN P 376 -71.12 40.77 -57.54
C ASN P 376 -70.12 39.82 -56.92
N MET P 377 -70.57 39.11 -55.88
CA MET P 377 -69.75 38.17 -55.13
C MET P 377 -68.80 37.31 -55.99
N LEU P 378 -67.52 37.62 -55.96
CA LEU P 378 -66.51 36.89 -56.74
C LEU P 378 -65.24 36.70 -55.90
N HIS P 379 -64.51 35.58 -56.11
CA HIS P 379 -63.32 35.33 -55.30
C HIS P 379 -61.98 35.32 -56.03
N LEU P 380 -61.21 36.37 -55.82
CA LEU P 380 -59.89 36.35 -56.44
C LEU P 380 -59.07 35.41 -55.55
N GLN P 381 -57.87 34.92 -55.97
CA GLN P 381 -57.22 33.99 -55.06
C GLN P 381 -55.87 33.44 -55.48
N ALA P 382 -54.83 33.77 -54.69
CA ALA P 382 -53.48 33.28 -54.91
C ALA P 382 -53.30 31.97 -54.16
N THR P 383 -52.07 31.45 -54.20
CA THR P 383 -51.73 30.22 -53.50
C THR P 383 -50.31 30.41 -53.04
N PHE P 384 -50.11 31.41 -52.20
CA PHE P 384 -48.80 31.73 -51.66
C PHE P 384 -48.04 30.50 -51.15
N GLU P 385 -46.73 30.44 -51.43
CA GLU P 385 -45.89 29.31 -51.02
C GLU P 385 -44.58 29.75 -50.37
N ARG P 386 -44.43 29.49 -49.07
CA ARG P 386 -43.22 29.83 -48.31
C ARG P 386 -42.00 30.27 -49.14
N GLU P 387 -41.49 29.33 -49.96
CA GLU P 387 -40.26 29.50 -50.74
C GLU P 387 -40.41 30.27 -52.08
N THR P 388 -41.60 30.38 -52.67
CA THR P 388 -41.68 31.16 -53.92
C THR P 388 -41.20 32.62 -53.61
N ILE P 389 -41.18 33.00 -52.31
CA ILE P 389 -40.67 34.28 -51.81
C ILE P 389 -39.30 34.10 -51.10
N THR P 390 -38.41 33.16 -51.57
CA THR P 390 -37.07 32.97 -50.92
C THR P 390 -36.18 34.19 -51.19
N GLY P 391 -35.34 34.61 -50.23
CA GLY P 391 -34.44 35.76 -50.45
C GLY P 391 -35.16 37.08 -50.34
N ILE P 392 -36.07 37.30 -51.28
CA ILE P 392 -36.95 38.48 -51.37
C ILE P 392 -37.37 39.02 -49.99
N PRO P 393 -36.54 39.92 -49.40
CA PRO P 393 -36.79 40.51 -48.07
C PRO P 393 -38.15 41.18 -47.96
N TYR P 394 -38.58 41.90 -48.99
CA TYR P 394 -39.86 42.59 -48.93
C TYR P 394 -40.79 42.29 -50.09
N ILE P 395 -41.99 41.83 -49.75
CA ILE P 395 -43.00 41.48 -50.73
C ILE P 395 -44.33 41.46 -49.99
N TYR P 396 -45.37 41.98 -50.61
CA TYR P 396 -46.68 42.05 -49.97
C TYR P 396 -47.81 41.67 -50.90
N GLY P 397 -48.80 40.97 -50.36
CA GLY P 397 -49.94 40.60 -51.13
C GLY P 397 -50.91 41.74 -50.97
N LEU P 398 -51.48 42.23 -52.06
CA LEU P 398 -52.41 43.36 -52.01
C LEU P 398 -53.56 43.10 -52.95
N GLY P 399 -54.78 43.11 -52.44
CA GLY P 399 -55.93 42.90 -53.30
C GLY P 399 -56.42 44.28 -53.73
N THR P 400 -55.72 44.88 -54.70
CA THR P 400 -56.06 46.23 -55.17
C THR P 400 -56.99 46.30 -56.38
N PHE P 401 -56.83 47.32 -57.21
CA PHE P 401 -57.78 47.46 -58.32
C PHE P 401 -57.22 47.34 -59.73
N LEU P 402 -56.01 47.81 -59.99
CA LEU P 402 -55.42 47.79 -61.36
C LEU P 402 -56.22 48.69 -62.30
N ILE P 403 -56.08 50.00 -62.10
CA ILE P 403 -56.78 50.99 -62.92
C ILE P 403 -56.12 51.10 -64.28
N PRO P 404 -56.92 51.07 -65.37
CA PRO P 404 -56.38 51.16 -66.72
C PRO P 404 -55.95 52.57 -67.11
N SER P 405 -56.18 53.53 -66.22
CA SER P 405 -55.81 54.92 -66.49
C SER P 405 -56.07 55.85 -65.32
N PRO P 406 -55.08 56.04 -64.44
CA PRO P 406 -55.23 56.92 -63.27
C PRO P 406 -55.63 58.36 -63.64
N THR P 407 -56.53 58.94 -62.85
CA THR P 407 -57.04 60.30 -63.09
C THR P 407 -57.17 61.12 -61.81
N SER P 408 -57.56 62.38 -61.95
CA SER P 408 -57.76 63.28 -60.83
C SER P 408 -58.91 62.80 -59.94
N SER P 409 -59.89 62.15 -60.56
CA SER P 409 -61.05 61.63 -59.84
C SER P 409 -60.62 60.62 -58.78
N SER P 410 -59.69 59.73 -59.15
CA SER P 410 -59.18 58.73 -58.21
C SER P 410 -57.94 59.28 -57.51
N ASN P 411 -58.11 60.43 -56.87
CA ASN P 411 -56.99 61.06 -56.18
C ASN P 411 -57.22 61.00 -54.68
N PHE P 412 -58.40 60.51 -54.29
CA PHE P 412 -58.75 60.39 -52.89
C PHE P 412 -59.52 59.09 -52.69
N SER P 413 -59.51 58.22 -53.71
CA SER P 413 -60.23 56.95 -53.68
C SER P 413 -59.48 55.83 -52.95
N ASN P 414 -58.30 55.46 -53.46
CA ASN P 414 -57.54 54.39 -52.85
C ASN P 414 -58.30 53.09 -53.04
N PRO P 415 -58.01 52.43 -54.17
CA PRO P 415 -58.66 51.17 -54.65
C PRO P 415 -58.34 49.86 -53.95
N THR P 416 -57.97 49.89 -52.66
CA THR P 416 -57.68 48.64 -51.97
C THR P 416 -58.96 47.81 -51.82
N LEU P 417 -59.03 46.65 -52.46
CA LEU P 417 -60.23 45.82 -52.33
C LEU P 417 -60.17 44.95 -51.10
N MET P 418 -59.20 45.24 -50.23
CA MET P 418 -59.00 44.50 -48.99
C MET P 418 -60.15 44.63 -48.00
N ASP P 419 -61.02 45.63 -48.18
CA ASP P 419 -62.16 45.78 -47.30
C ASP P 419 -63.04 44.52 -47.43
N GLY P 420 -62.74 43.69 -48.44
CA GLY P 420 -63.49 42.46 -48.67
C GLY P 420 -63.10 41.39 -47.66
N LEU P 421 -63.94 40.36 -47.51
CA LEU P 421 -63.70 39.27 -46.55
C LEU P 421 -62.72 38.21 -47.05
N LEU P 422 -61.43 38.42 -46.78
CA LEU P 422 -60.36 37.52 -47.18
C LEU P 422 -60.35 36.27 -46.32
N THR P 423 -60.12 35.10 -46.93
CA THR P 423 -60.09 33.85 -46.17
C THR P 423 -58.85 32.99 -46.40
N VAL P 424 -57.83 33.17 -45.55
CA VAL P 424 -56.60 32.41 -45.63
C VAL P 424 -56.83 31.01 -45.04
N THR P 425 -56.30 29.99 -45.72
CA THR P 425 -56.43 28.62 -45.28
C THR P 425 -55.08 27.92 -45.33
N PRO P 426 -54.41 27.78 -44.16
CA PRO P 426 -53.09 27.17 -44.08
C PRO P 426 -53.05 25.85 -44.82
N VAL P 427 -52.27 25.77 -45.88
CA VAL P 427 -52.21 24.53 -46.64
C VAL P 427 -50.90 23.81 -46.42
N LEU P 428 -50.69 23.38 -45.20
CA LEU P 428 -49.42 22.75 -44.77
C LEU P 428 -49.35 22.91 -43.27
N LEU P 429 -50.19 22.15 -42.56
CA LEU P 429 -50.28 22.19 -41.08
C LEU P 429 -48.98 22.19 -40.27
N ARG P 430 -48.03 21.33 -40.63
CA ARG P 430 -46.80 21.24 -39.86
C ARG P 430 -46.21 22.58 -39.41
N GLU P 431 -46.27 23.61 -40.27
CA GLU P 431 -45.72 24.94 -39.92
C GLU P 431 -46.72 25.97 -39.40
N THR P 432 -46.44 26.50 -38.21
CA THR P 432 -47.29 27.51 -37.59
C THR P 432 -46.64 28.90 -37.73
N THR P 433 -47.27 29.92 -37.17
CA THR P 433 -46.73 31.28 -37.23
C THR P 433 -46.91 32.00 -35.90
N TYR P 434 -45.88 32.70 -35.43
CA TYR P 434 -46.02 33.44 -34.18
C TYR P 434 -45.27 34.77 -34.11
N LYS P 435 -46.04 35.82 -33.81
CA LYS P 435 -45.51 37.17 -33.70
C LYS P 435 -44.85 37.63 -35.00
N GLY P 436 -45.21 36.98 -36.10
CA GLY P 436 -44.65 37.34 -37.38
C GLY P 436 -43.65 36.36 -37.95
N GLU P 437 -43.26 35.34 -37.18
CA GLU P 437 -42.30 34.35 -37.69
C GLU P 437 -42.94 32.99 -37.88
N VAL P 438 -42.39 32.21 -38.79
CA VAL P 438 -42.90 30.87 -39.07
C VAL P 438 -42.08 29.88 -38.26
N VAL P 439 -42.76 29.01 -37.52
CA VAL P 439 -42.07 28.04 -36.68
C VAL P 439 -42.66 26.63 -36.83
N ASP P 440 -42.08 25.70 -36.08
CA ASP P 440 -42.54 24.32 -36.10
C ASP P 440 -43.00 23.90 -34.72
N ALA P 441 -42.79 24.76 -33.74
CA ALA P 441 -43.19 24.49 -32.37
C ALA P 441 -43.61 25.77 -31.63
N ILE P 442 -44.60 25.63 -30.76
CA ILE P 442 -45.09 26.74 -29.96
C ILE P 442 -44.53 26.63 -28.55
N VAL P 443 -44.75 27.63 -27.71
CA VAL P 443 -44.32 27.57 -26.33
C VAL P 443 -45.49 27.98 -25.44
N PRO P 444 -46.67 27.38 -25.66
CA PRO P 444 -47.92 27.67 -24.94
C PRO P 444 -47.89 28.83 -23.95
N ALA P 445 -47.31 28.60 -22.77
CA ALA P 445 -47.22 29.62 -21.72
C ALA P 445 -46.88 31.01 -22.26
N THR P 446 -46.10 31.07 -23.35
CA THR P 446 -45.73 32.34 -23.96
C THR P 446 -46.93 33.07 -24.54
N VAL P 447 -47.81 32.32 -25.20
CA VAL P 447 -48.97 32.92 -25.80
C VAL P 447 -50.08 33.33 -24.79
N MET P 448 -49.92 33.02 -23.50
CA MET P 448 -50.95 33.43 -22.53
C MET P 448 -50.72 34.89 -22.19
N ALA P 449 -51.82 35.64 -22.00
CA ALA P 449 -51.78 37.08 -21.67
C ALA P 449 -50.61 37.77 -22.37
N ASN P 450 -50.56 37.59 -23.69
CA ASN P 450 -49.47 38.14 -24.46
C ASN P 450 -50.04 38.79 -25.71
N GLN P 451 -51.31 38.48 -26.00
CA GLN P 451 -52.00 39.08 -27.12
C GLN P 451 -52.82 40.21 -26.53
N THR P 452 -53.32 41.11 -27.36
CA THR P 452 -54.15 42.19 -26.83
C THR P 452 -55.61 41.86 -27.23
N SER P 453 -56.54 42.71 -26.77
CA SER P 453 -57.94 42.49 -27.06
C SER P 453 -58.12 41.87 -28.47
N GLU P 454 -57.56 42.60 -29.46
CA GLU P 454 -57.70 42.23 -30.87
C GLU P 454 -56.46 41.58 -31.51
N GLU P 455 -55.36 41.44 -30.76
CA GLU P 455 -54.16 40.74 -31.25
C GLU P 455 -54.48 39.22 -31.25
N VAL P 456 -55.76 38.94 -30.92
CA VAL P 456 -56.38 37.59 -30.84
C VAL P 456 -57.38 37.40 -31.96
N ALA P 457 -58.40 38.26 -32.01
CA ALA P 457 -59.40 38.19 -33.07
C ALA P 457 -58.76 38.44 -34.46
N SER P 458 -57.56 39.01 -34.45
CA SER P 458 -56.84 39.31 -35.68
C SER P 458 -55.79 38.23 -35.98
N ALA P 459 -55.83 37.14 -35.21
CA ALA P 459 -54.89 36.03 -35.38
C ALA P 459 -54.99 35.48 -36.80
N LEU P 460 -53.92 34.86 -37.27
CA LEU P 460 -53.87 34.29 -38.61
C LEU P 460 -54.06 32.75 -38.64
N ALA P 461 -55.18 32.32 -39.24
CA ALA P 461 -55.57 30.90 -39.36
C ALA P 461 -54.41 29.93 -39.24
N ASN P 462 -54.40 29.21 -38.11
CA ASN P 462 -53.35 28.26 -37.77
C ASN P 462 -52.03 28.94 -37.44
N ASP P 463 -52.09 29.78 -36.39
CA ASP P 463 -50.91 30.42 -35.85
C ASP P 463 -50.91 30.15 -34.35
N ALA P 464 -49.78 30.22 -33.70
CA ALA P 464 -49.83 29.91 -32.28
C ALA P 464 -51.13 30.34 -31.61
N ILE P 465 -51.41 31.65 -31.61
CA ILE P 465 -52.63 32.16 -30.99
C ILE P 465 -53.87 31.30 -31.33
N VAL P 466 -54.09 31.06 -32.63
CA VAL P 466 -55.24 30.26 -33.05
C VAL P 466 -55.13 28.82 -32.63
N LEU P 467 -53.91 28.36 -32.34
CA LEU P 467 -53.69 27.00 -31.88
C LEU P 467 -53.88 26.93 -30.35
N VAL P 468 -53.32 27.93 -29.62
CA VAL P 468 -53.40 28.06 -28.14
C VAL P 468 -54.77 28.60 -27.72
N SER P 469 -55.67 28.61 -28.69
CA SER P 469 -57.08 29.00 -28.52
C SER P 469 -57.96 27.77 -28.75
N ASN P 470 -57.59 26.92 -29.74
CA ASN P 470 -58.27 25.65 -30.17
C ASN P 470 -58.09 24.58 -29.13
N HIS P 471 -57.00 24.76 -28.40
CA HIS P 471 -56.61 23.91 -27.32
C HIS P 471 -57.42 24.27 -26.07
N LEU P 472 -57.29 25.51 -25.60
CA LEU P 472 -58.05 25.93 -24.42
C LEU P 472 -59.52 25.59 -24.63
N ASN P 473 -59.97 25.74 -25.85
CA ASN P 473 -61.37 25.46 -26.19
C ASN P 473 -61.83 24.04 -25.89
N LYS P 474 -60.92 23.05 -26.01
CA LYS P 474 -61.27 21.68 -25.68
C LYS P 474 -61.37 21.62 -24.17
N LEU P 475 -60.31 22.07 -23.50
CA LEU P 475 -60.26 22.07 -22.06
C LEU P 475 -61.40 22.89 -21.49
N ALA P 476 -61.85 23.86 -22.27
CA ALA P 476 -62.96 24.64 -21.82
C ALA P 476 -64.27 23.80 -21.86
N ASN P 477 -64.35 22.75 -22.72
CA ASN P 477 -65.61 21.98 -22.82
C ASN P 477 -65.58 20.79 -21.92
N VAL P 478 -64.40 20.46 -21.46
CA VAL P 478 -64.29 19.39 -20.51
C VAL P 478 -64.78 19.94 -19.20
N VAL P 479 -64.34 21.14 -18.79
CA VAL P 479 -64.85 21.69 -17.53
C VAL P 479 -66.32 22.03 -17.69
N GLY P 480 -66.64 22.83 -18.71
CA GLY P 480 -68.02 23.21 -18.97
C GLY P 480 -68.94 22.01 -18.85
N ASP P 481 -68.51 20.88 -19.43
CA ASP P 481 -69.26 19.63 -19.45
C ASP P 481 -69.26 18.88 -18.12
N ALA P 482 -68.18 18.19 -17.82
CA ALA P 482 -68.06 17.40 -16.59
C ALA P 482 -68.14 18.18 -15.27
N ILE P 483 -67.17 19.06 -15.02
CA ILE P 483 -67.14 19.84 -13.80
C ILE P 483 -68.29 20.87 -13.70
N PRO P 484 -68.79 21.14 -12.47
CA PRO P 484 -69.90 22.09 -12.28
C PRO P 484 -69.48 23.56 -12.08
N VAL P 485 -68.72 24.10 -13.03
CA VAL P 485 -68.26 25.48 -12.92
C VAL P 485 -69.38 26.49 -13.16
N ALA P 486 -70.63 26.07 -13.01
CA ALA P 486 -71.76 26.97 -13.22
C ALA P 486 -72.85 26.90 -12.15
N SER P 487 -72.40 26.84 -10.89
CA SER P 487 -73.28 26.84 -9.72
C SER P 487 -72.46 27.23 -8.47
N ARG P 488 -73.08 27.59 -7.32
CA ARG P 488 -72.27 27.99 -6.16
C ARG P 488 -71.58 26.83 -5.45
N THR P 489 -71.19 25.80 -6.22
CA THR P 489 -70.59 24.62 -5.61
C THR P 489 -69.07 24.60 -5.47
N ASP P 490 -68.42 25.77 -5.50
CA ASP P 490 -66.95 25.86 -5.37
C ASP P 490 -66.23 24.57 -5.81
N ASP P 491 -66.55 24.14 -7.03
CA ASP P 491 -66.03 22.94 -7.69
C ASP P 491 -64.52 22.80 -7.73
N SER P 492 -64.06 21.62 -8.14
CA SER P 492 -62.65 21.30 -8.24
C SER P 492 -61.87 22.30 -9.11
N ALA P 493 -62.53 22.84 -10.14
CA ALA P 493 -61.91 23.80 -11.04
C ALA P 493 -61.63 25.13 -10.34
N THR P 494 -62.69 25.81 -9.92
CA THR P 494 -62.56 27.10 -9.22
C THR P 494 -61.84 26.93 -7.90
N SER P 495 -61.58 25.67 -7.52
CA SER P 495 -60.90 25.37 -6.27
C SER P 495 -59.40 25.33 -6.48
N ALA P 496 -58.98 24.78 -7.62
CA ALA P 496 -57.56 24.70 -7.93
C ALA P 496 -57.02 26.13 -8.01
N ILE P 497 -57.81 27.03 -8.59
CA ILE P 497 -57.42 28.42 -8.71
C ILE P 497 -57.35 29.14 -7.36
N VAL P 498 -58.36 28.91 -6.51
CA VAL P 498 -58.38 29.55 -5.18
C VAL P 498 -57.09 29.27 -4.41
N SER P 499 -56.59 28.04 -4.50
CA SER P 499 -55.38 27.70 -3.78
C SER P 499 -54.19 28.48 -4.34
N ARG P 500 -54.22 28.83 -5.62
CA ARG P 500 -53.14 29.61 -6.19
C ARG P 500 -53.24 31.05 -5.67
N LEU P 501 -54.43 31.64 -5.75
CA LEU P 501 -54.61 33.01 -5.27
C LEU P 501 -54.16 33.18 -3.83
N ALA P 502 -54.47 32.20 -2.98
CA ALA P 502 -54.06 32.24 -1.58
C ALA P 502 -52.52 32.27 -1.53
N VAL P 503 -51.88 31.16 -1.91
CA VAL P 503 -50.41 31.03 -1.94
C VAL P 503 -49.78 32.24 -2.57
N GLN P 504 -50.49 32.89 -3.47
CA GLN P 504 -49.97 34.07 -4.15
C GLN P 504 -50.14 35.31 -3.27
N HIS P 505 -51.39 35.64 -2.94
CA HIS P 505 -51.67 36.79 -2.10
C HIS P 505 -51.04 36.65 -0.71
N LYS P 506 -50.67 35.44 -0.34
CA LYS P 506 -50.10 35.22 0.99
C LYS P 506 -48.64 35.63 1.06
N LEU P 507 -47.88 35.40 -0.01
CA LEU P 507 -46.46 35.77 0.02
C LEU P 507 -46.29 37.22 -0.32
N SER P 508 -47.27 37.80 -1.02
CA SER P 508 -47.18 39.22 -1.37
C SER P 508 -47.43 40.03 -0.09
N GLN P 509 -47.92 39.34 0.94
CA GLN P 509 -48.21 39.97 2.23
C GLN P 509 -47.01 39.79 3.16
N VAL P 510 -46.19 38.78 2.89
CA VAL P 510 -44.99 38.51 3.68
C VAL P 510 -44.04 39.71 3.56
N GLY P 511 -43.33 40.04 4.64
CA GLY P 511 -42.43 41.21 4.70
C GLY P 511 -43.33 42.47 4.64
N GLN P 512 -43.25 43.41 5.62
CA GLN P 512 -44.10 44.62 5.77
C GLN P 512 -45.25 44.22 6.73
N ALA P 513 -45.72 45.18 7.56
CA ALA P 513 -46.79 45.11 8.61
C ALA P 513 -47.85 44.01 8.51
N SER P 514 -47.93 43.31 7.37
CA SER P 514 -48.93 42.26 7.14
C SER P 514 -50.26 42.65 7.75
N PRO P 515 -50.68 43.91 7.56
CA PRO P 515 -51.93 44.43 8.13
C PRO P 515 -53.19 43.75 7.59
N THR P 516 -53.04 42.96 6.54
CA THR P 516 -54.19 42.29 5.94
C THR P 516 -54.15 40.78 5.92
N PRO P 517 -54.78 40.12 6.90
CA PRO P 517 -54.82 38.68 6.89
C PRO P 517 -55.63 38.23 5.67
N PRO P 518 -55.11 37.34 4.84
CA PRO P 518 -55.85 36.88 3.66
C PRO P 518 -57.35 36.74 3.91
N ASP P 519 -58.14 37.03 2.89
CA ASP P 519 -59.59 37.00 3.00
C ASP P 519 -60.23 35.59 2.97
N TYR P 520 -60.34 35.00 1.77
CA TYR P 520 -60.88 33.62 1.57
C TYR P 520 -62.33 33.59 1.15
N PRO P 521 -63.26 34.13 1.92
CA PRO P 521 -64.63 34.16 1.40
C PRO P 521 -64.62 34.94 0.08
N LEU P 522 -63.77 36.02 0.03
CA LEU P 522 -63.54 36.94 -1.14
C LEU P 522 -62.62 36.31 -2.21
N LEU P 523 -61.72 35.46 -1.75
CA LEU P 523 -60.82 34.73 -2.63
C LEU P 523 -61.54 33.57 -3.32
N TRP P 524 -62.36 32.87 -2.55
CA TRP P 524 -63.12 31.78 -3.13
C TRP P 524 -63.99 32.33 -4.25
N ARG P 525 -64.69 33.43 -3.93
CA ARG P 525 -65.58 34.09 -4.88
C ARG P 525 -64.83 34.73 -6.05
N ARG P 526 -63.61 35.22 -5.83
CA ARG P 526 -62.87 35.82 -6.93
C ARG P 526 -62.39 34.75 -7.88
N ALA P 527 -61.95 33.61 -7.33
CA ALA P 527 -61.46 32.51 -8.16
C ALA P 527 -62.61 31.77 -8.82
N LYS P 528 -63.81 31.89 -8.26
CA LYS P 528 -64.97 31.22 -8.83
C LYS P 528 -65.31 31.86 -10.16
N ARG P 529 -65.25 33.20 -10.21
CA ARG P 529 -65.55 33.91 -11.45
C ARG P 529 -64.38 33.81 -12.40
N ALA P 530 -63.19 33.56 -11.85
CA ALA P 530 -62.00 33.40 -12.69
C ALA P 530 -62.16 32.10 -13.46
N ALA P 531 -62.43 30.99 -12.75
CA ALA P 531 -62.61 29.68 -13.40
C ALA P 531 -63.85 29.75 -14.28
N SER P 532 -64.84 30.50 -13.83
CA SER P 532 -66.07 30.65 -14.57
C SER P 532 -65.84 31.47 -15.84
N MET P 533 -65.12 32.59 -15.71
CA MET P 533 -64.86 33.43 -16.89
C MET P 533 -64.09 32.64 -17.94
N PHE P 534 -63.33 31.64 -17.48
CA PHE P 534 -62.59 30.82 -18.40
C PHE P 534 -63.53 29.90 -19.19
N VAL P 535 -64.26 29.03 -18.49
CA VAL P 535 -65.21 28.16 -19.16
C VAL P 535 -66.02 28.94 -20.12
N SER P 536 -66.39 30.16 -19.71
CA SER P 536 -67.20 31.04 -20.53
C SER P 536 -66.57 31.35 -21.88
N ASN P 537 -65.51 32.15 -21.85
CA ASN P 537 -64.81 32.52 -23.06
C ASN P 537 -63.35 32.09 -22.97
N PRO P 538 -63.07 30.80 -23.24
CA PRO P 538 -61.72 30.23 -23.18
C PRO P 538 -60.62 31.18 -23.67
N SER P 539 -60.92 31.88 -24.78
CA SER P 539 -59.98 32.82 -25.39
C SER P 539 -59.31 33.79 -24.42
N LEU P 540 -60.11 34.60 -23.73
CA LEU P 540 -59.62 35.61 -22.78
C LEU P 540 -58.25 35.34 -22.16
N ALA P 541 -58.01 34.11 -21.72
CA ALA P 541 -56.73 33.75 -21.11
C ALA P 541 -55.51 34.02 -22.00
N LEU P 542 -55.70 34.72 -23.13
CA LEU P 542 -54.59 35.08 -24.02
C LEU P 542 -54.36 36.58 -23.99
N GLN P 543 -55.41 37.31 -23.60
CA GLN P 543 -55.36 38.76 -23.57
C GLN P 543 -54.74 39.41 -22.35
N VAL P 544 -53.78 40.30 -22.59
CA VAL P 544 -53.09 41.02 -21.52
C VAL P 544 -54.10 41.88 -20.79
N GLY P 545 -54.21 41.68 -19.48
CA GLY P 545 -55.11 42.49 -18.65
C GLY P 545 -56.35 41.77 -18.18
N ILE P 546 -56.27 40.45 -17.99
CA ILE P 546 -57.42 39.73 -17.49
C ILE P 546 -57.15 39.22 -16.07
N PRO P 547 -57.95 39.69 -15.10
CA PRO P 547 -57.84 39.38 -13.65
C PRO P 547 -57.71 37.88 -13.33
N VAL P 548 -56.67 37.52 -12.57
CA VAL P 548 -56.40 36.13 -12.19
C VAL P 548 -55.96 35.32 -13.40
N LEU P 549 -56.94 34.83 -14.14
CA LEU P 549 -56.73 34.01 -15.33
C LEU P 549 -55.36 34.13 -16.02
N THR P 550 -54.81 35.37 -16.14
CA THR P 550 -53.56 35.53 -16.87
C THR P 550 -52.27 35.45 -16.05
N GLN P 551 -52.32 35.05 -14.79
CA GLN P 551 -51.08 34.91 -14.02
C GLN P 551 -50.56 33.53 -14.40
N SER P 552 -49.25 33.38 -14.47
CA SER P 552 -48.65 32.10 -14.87
C SER P 552 -49.17 30.84 -14.18
N GLY P 553 -49.48 30.93 -12.88
CA GLY P 553 -49.98 29.77 -12.16
C GLY P 553 -51.22 29.14 -12.80
N MET P 554 -52.35 29.83 -12.66
CA MET P 554 -53.64 29.39 -13.22
C MET P 554 -53.50 28.72 -14.58
N LEU P 555 -54.51 27.89 -14.92
CA LEU P 555 -54.52 27.15 -16.19
C LEU P 555 -53.61 25.96 -16.07
N SER P 556 -52.31 26.25 -15.95
CA SER P 556 -51.40 25.17 -15.72
C SER P 556 -51.90 24.46 -14.50
N ALA P 557 -52.43 25.29 -13.60
CA ALA P 557 -53.05 24.86 -12.36
C ALA P 557 -54.42 24.28 -12.66
N LEU P 558 -55.33 25.14 -13.11
CA LEU P 558 -56.69 24.71 -13.44
C LEU P 558 -56.71 23.30 -14.03
N THR P 559 -56.21 23.19 -15.29
CA THR P 559 -56.26 21.90 -15.97
C THR P 559 -55.87 20.78 -15.03
N SER P 560 -54.63 20.71 -14.54
CA SER P 560 -54.21 19.61 -13.64
C SER P 560 -55.16 19.34 -12.46
N GLY P 561 -56.04 20.29 -12.17
CA GLY P 561 -57.05 20.08 -11.15
C GLY P 561 -58.16 19.34 -11.83
N VAL P 562 -58.83 20.06 -12.73
CA VAL P 562 -59.91 19.50 -13.55
C VAL P 562 -59.55 18.08 -13.95
N GLY P 563 -58.25 17.88 -14.16
CA GLY P 563 -57.72 16.59 -14.52
C GLY P 563 -58.13 15.60 -13.46
N THR P 564 -57.44 15.61 -12.33
CA THR P 564 -57.76 14.66 -11.26
C THR P 564 -59.24 14.72 -10.89
N ALA P 565 -59.88 15.87 -11.08
CA ALA P 565 -61.29 16.00 -10.74
C ALA P 565 -62.16 15.01 -11.53
N LEU P 566 -61.85 14.83 -12.81
CA LEU P 566 -62.61 13.90 -13.64
C LEU P 566 -62.28 12.48 -13.26
N ARG P 567 -61.04 12.23 -12.87
CA ARG P 567 -60.67 10.89 -12.51
C ARG P 567 -61.10 10.51 -11.10
N THR P 568 -62.33 10.90 -10.73
CA THR P 568 -62.85 10.56 -9.38
C THR P 568 -64.35 10.90 -9.24
N GLY P 569 -64.91 11.55 -10.26
CA GLY P 569 -66.33 11.94 -10.25
C GLY P 569 -67.26 10.96 -9.51
N SER P 570 -66.88 9.68 -9.40
CA SER P 570 -67.61 8.54 -8.77
C SER P 570 -68.53 7.86 -9.81
N LEU P 571 -69.83 8.17 -9.86
CA LEU P 571 -70.80 7.71 -10.87
C LEU P 571 -71.99 8.64 -10.64
N GLY P 572 -72.30 8.91 -9.37
CA GLY P 572 -73.42 9.73 -8.97
C GLY P 572 -73.10 11.22 -8.91
N LYS P 573 -72.35 11.71 -9.90
CA LYS P 573 -72.01 13.13 -10.00
C LYS P 573 -73.26 13.94 -10.29
N GLY P 574 -74.21 13.20 -10.84
CA GLY P 574 -75.48 13.76 -11.20
C GLY P 574 -76.26 14.16 -9.97
N VAL P 575 -75.74 13.96 -8.76
CA VAL P 575 -76.47 14.34 -7.57
C VAL P 575 -76.63 15.86 -7.53
N THR P 576 -75.84 16.56 -8.35
CA THR P 576 -75.89 18.01 -8.40
C THR P 576 -77.23 18.48 -8.96
N ASP P 577 -77.98 19.25 -8.16
CA ASP P 577 -79.28 19.74 -8.60
C ASP P 577 -80.14 18.59 -9.08
N ALA P 578 -79.95 17.43 -8.46
CA ALA P 578 -80.71 16.23 -8.81
C ALA P 578 -82.06 16.32 -8.11
N SER P 579 -82.29 17.46 -7.48
CA SER P 579 -83.54 17.72 -6.78
C SER P 579 -84.54 18.36 -7.74
N GLU P 580 -84.17 19.52 -8.31
CA GLU P 580 -85.04 20.24 -9.26
C GLU P 580 -85.12 19.43 -10.55
N LYS P 581 -84.03 18.71 -10.83
CA LYS P 581 -83.96 17.87 -12.02
C LYS P 581 -85.02 16.80 -11.83
N LEU P 582 -85.12 16.26 -10.61
CA LEU P 582 -86.09 15.22 -10.30
C LEU P 582 -87.48 15.81 -10.38
N ARG P 583 -87.67 16.91 -9.67
CA ARG P 583 -88.96 17.59 -9.62
C ARG P 583 -89.44 17.98 -11.02
N ALA P 584 -88.51 18.17 -11.96
CA ALA P 584 -88.87 18.51 -13.33
C ALA P 584 -89.31 17.26 -14.09
N ARG P 585 -88.71 16.11 -13.76
CA ARG P 585 -89.09 14.87 -14.38
C ARG P 585 -90.48 14.42 -13.94
N GLN P 586 -90.80 14.67 -12.67
CA GLN P 586 -92.14 14.34 -12.19
C GLN P 586 -93.12 15.24 -12.89
N SER P 587 -92.65 16.45 -13.18
CA SER P 587 -93.48 17.44 -13.86
C SER P 587 -93.89 16.92 -15.23
N LEU P 588 -92.97 16.23 -15.88
CA LEU P 588 -93.22 15.72 -17.23
C LEU P 588 -94.14 14.50 -17.19
N THR P 589 -93.85 13.60 -16.25
CA THR P 589 -94.68 12.40 -16.14
C THR P 589 -96.13 12.77 -15.76
N VAL P 590 -96.31 13.89 -15.07
CA VAL P 590 -97.66 14.32 -14.72
C VAL P 590 -98.37 14.81 -15.97
N ALA P 591 -97.63 15.45 -16.87
CA ALA P 591 -98.21 15.94 -18.11
C ALA P 591 -98.40 14.77 -19.10
N LYS P 592 -97.49 13.80 -19.07
CA LYS P 592 -97.61 12.65 -19.96
C LYS P 592 -98.73 11.73 -19.48
N GLN P 593 -99.00 11.73 -18.18
CA GLN P 593 -100.07 10.90 -17.65
C GLN P 593 -101.34 11.52 -18.20
N ALA P 594 -101.33 12.85 -18.29
CA ALA P 594 -102.46 13.62 -18.82
C ALA P 594 -102.77 13.22 -20.26
N PHE P 595 -101.71 12.91 -21.03
CA PHE P 595 -101.87 12.47 -22.41
C PHE P 595 -102.58 11.10 -22.40
N PHE P 596 -101.97 10.09 -21.76
CA PHE P 596 -102.57 8.76 -21.68
C PHE P 596 -104.04 8.82 -21.27
N ASP P 597 -104.41 9.83 -20.49
CA ASP P 597 -105.80 9.98 -20.06
C ASP P 597 -106.73 10.27 -21.22
N GLN P 598 -106.25 10.97 -22.24
CA GLN P 598 -107.07 11.24 -23.41
C GLN P 598 -107.09 10.03 -24.34
N ILE P 599 -105.92 9.44 -24.55
CA ILE P 599 -105.87 8.22 -25.36
C ILE P 599 -106.89 7.27 -24.79
N GLY P 600 -107.02 7.34 -23.48
CA GLY P 600 -107.94 6.52 -22.72
C GLY P 600 -109.40 6.89 -22.86
N SER P 601 -109.71 8.13 -23.20
CA SER P 601 -111.12 8.50 -23.34
C SER P 601 -111.54 8.51 -24.82
N LEU P 602 -110.94 9.39 -25.61
CA LEU P 602 -111.28 9.52 -27.03
C LEU P 602 -111.48 8.16 -27.69
N TRP P 603 -110.47 7.29 -27.61
CA TRP P 603 -110.61 5.96 -28.14
C TRP P 603 -110.91 5.00 -26.97
N PRO P 604 -112.19 4.91 -26.60
CA PRO P 604 -112.61 4.03 -25.52
C PRO P 604 -112.48 2.56 -25.92
N GLY Q 2 -57.97 18.66 12.93
CA GLY Q 2 -56.99 17.60 12.90
C GLY Q 2 -56.90 16.89 14.24
N ASN Q 3 -57.77 17.26 15.14
CA ASN Q 3 -57.75 16.69 16.45
C ASN Q 3 -57.70 15.17 16.39
N VAL Q 4 -56.83 14.66 17.20
CA VAL Q 4 -56.68 13.25 17.30
C VAL Q 4 -58.04 12.59 17.43
N GLN Q 5 -58.16 11.47 16.69
CA GLN Q 5 -59.31 10.57 16.67
C GLN Q 5 -58.87 9.34 17.48
N THR Q 6 -58.27 8.35 16.78
CA THR Q 6 -57.62 7.14 17.35
C THR Q 6 -57.99 5.78 16.74
N SER Q 7 -59.23 5.46 16.45
CA SER Q 7 -59.40 4.13 15.91
C SER Q 7 -60.37 4.09 14.75
N VAL Q 8 -61.29 5.08 14.76
CA VAL Q 8 -62.31 5.16 13.75
C VAL Q 8 -61.71 4.70 12.43
N ASN Q 9 -60.58 5.29 12.06
CA ASN Q 9 -59.94 4.90 10.78
C ASN Q 9 -58.40 4.58 10.98
N THR Q 10 -57.78 3.50 10.40
CA THR Q 10 -56.32 3.06 10.56
C THR Q 10 -55.24 4.14 10.49
N TYR Q 11 -55.64 5.35 10.17
CA TYR Q 11 -54.69 6.44 10.06
C TYR Q 11 -55.18 7.73 10.67
N ASN Q 12 -54.29 8.38 11.37
CA ASN Q 12 -54.58 9.69 11.94
C ASN Q 12 -54.21 10.67 10.84
N ILE Q 13 -54.82 11.83 10.77
CA ILE Q 13 -54.41 12.74 9.70
C ILE Q 13 -53.15 13.46 10.13
N THR Q 14 -53.18 14.02 11.33
CA THR Q 14 -52.03 14.70 11.92
C THR Q 14 -51.04 13.65 12.42
N GLY Q 15 -51.34 12.39 12.11
CA GLY Q 15 -50.49 11.28 12.52
C GLY Q 15 -49.01 11.48 12.21
N ASP Q 16 -48.19 10.69 12.89
CA ASP Q 16 -46.73 10.72 12.75
C ASP Q 16 -46.23 10.36 11.34
N GLY Q 17 -45.30 11.17 10.83
CA GLY Q 17 -44.71 10.90 9.53
C GLY Q 17 -45.56 10.61 8.30
N ASN Q 18 -46.63 11.39 8.09
CA ASN Q 18 -47.46 11.23 6.89
C ASN Q 18 -46.68 11.89 5.79
N SER Q 19 -47.22 12.01 4.60
CA SER Q 19 -46.43 12.66 3.57
C SER Q 19 -47.12 12.91 2.25
N PHE Q 20 -47.47 14.15 1.98
CA PHE Q 20 -48.04 14.50 0.70
C PHE Q 20 -46.87 14.50 -0.28
N THR Q 21 -47.00 13.77 -1.38
CA THR Q 21 -45.91 13.68 -2.36
C THR Q 21 -46.33 13.00 -3.66
N PRO Q 22 -46.83 13.79 -4.62
CA PRO Q 22 -47.27 13.27 -5.93
C PRO Q 22 -46.11 12.65 -6.67
N THR Q 23 -46.41 11.61 -7.43
CA THR Q 23 -45.47 10.89 -8.25
C THR Q 23 -46.10 10.80 -9.60
N SER Q 24 -45.39 11.25 -10.64
CA SER Q 24 -45.95 11.21 -12.00
C SER Q 24 -46.41 9.81 -12.34
N ASP Q 25 -45.95 8.87 -11.54
CA ASP Q 25 -46.21 7.44 -11.74
C ASP Q 25 -47.61 6.87 -11.41
N MET Q 26 -48.33 7.46 -10.46
CA MET Q 26 -49.59 6.86 -10.06
C MET Q 26 -50.90 7.67 -10.22
N THR Q 27 -50.96 8.69 -11.09
CA THR Q 27 -52.19 9.51 -11.27
C THR Q 27 -53.44 9.06 -10.50
N SER Q 28 -53.68 9.70 -9.36
CA SER Q 28 -54.83 9.41 -8.48
C SER Q 28 -56.16 9.32 -9.21
N THR Q 29 -56.88 8.19 -9.03
CA THR Q 29 -58.17 7.98 -9.71
N ALA Q 30 -60.32 7.27 -8.83
CA ALA Q 30 -61.34 6.31 -8.34
C ALA Q 30 -62.01 5.67 -9.56
N ALA Q 31 -63.31 5.39 -9.49
CA ALA Q 31 -63.99 4.73 -10.61
C ALA Q 31 -65.17 5.51 -11.17
N PRO Q 32 -64.93 6.39 -12.17
CA PRO Q 32 -65.98 7.20 -12.77
C PRO Q 32 -66.56 6.56 -14.02
N ALA Q 33 -65.72 6.11 -14.94
CA ALA Q 33 -66.24 5.57 -16.18
C ALA Q 33 -66.87 4.17 -16.14
N ILE Q 34 -67.58 3.81 -15.07
CA ILE Q 34 -68.19 2.48 -15.04
C ILE Q 34 -69.19 2.38 -16.18
N ASP Q 35 -69.08 1.32 -16.99
CA ASP Q 35 -69.98 1.14 -18.11
C ASP Q 35 -71.34 0.57 -17.69
N LEU Q 36 -72.42 1.23 -18.10
CA LEU Q 36 -73.76 0.76 -17.77
C LEU Q 36 -74.69 0.77 -18.97
N LYS Q 37 -74.26 1.32 -20.10
CA LYS Q 37 -75.11 1.38 -21.29
C LYS Q 37 -75.74 0.02 -21.66
N PRO Q 38 -76.98 0.06 -22.06
CA PRO Q 38 -77.79 -1.11 -22.41
C PRO Q 38 -77.05 -2.32 -22.96
N GLY Q 39 -76.46 -2.14 -24.13
CA GLY Q 39 -75.76 -3.26 -24.72
C GLY Q 39 -74.61 -3.77 -23.86
N VAL Q 40 -73.85 -2.84 -23.28
CA VAL Q 40 -72.68 -3.23 -22.51
C VAL Q 40 -72.96 -3.75 -21.10
N LEU Q 41 -74.04 -3.34 -20.43
CA LEU Q 41 -74.35 -3.88 -19.10
C LEU Q 41 -75.09 -5.20 -19.23
N ASN Q 42 -75.66 -5.42 -20.42
CA ASN Q 42 -76.38 -6.67 -20.74
C ASN Q 42 -77.80 -6.47 -21.27
N PRO R 1 -73.57 -18.16 -20.74
CA PRO R 1 -75.03 -17.98 -20.71
C PRO R 1 -75.37 -16.55 -20.40
N THR R 2 -76.66 -16.22 -20.53
CA THR R 2 -77.22 -14.88 -20.29
C THR R 2 -78.72 -14.99 -20.21
N GLY R 3 -79.39 -13.91 -19.82
CA GLY R 3 -80.84 -13.90 -19.77
C GLY R 3 -81.44 -14.47 -18.47
N LYS R 4 -82.76 -14.59 -18.46
CA LYS R 4 -83.46 -15.12 -17.33
C LYS R 4 -83.29 -16.62 -17.28
N LEU R 5 -83.35 -17.21 -16.09
CA LEU R 5 -83.20 -18.65 -15.97
C LEU R 5 -84.55 -19.33 -16.13
N TRP R 6 -84.56 -20.46 -16.80
CA TRP R 6 -85.76 -21.23 -17.03
C TRP R 6 -85.64 -22.59 -16.38
N ARG R 7 -86.75 -23.27 -16.16
CA ARG R 7 -86.69 -24.61 -15.61
C ARG R 7 -87.82 -25.44 -16.18
N PRO R 8 -87.58 -26.76 -16.34
CA PRO R 8 -88.58 -27.69 -16.89
C PRO R 8 -89.90 -27.68 -16.12
N VAL R 9 -90.90 -26.92 -16.60
CA VAL R 9 -92.19 -26.87 -15.92
C VAL R 9 -92.85 -28.26 -15.94
N GLY R 10 -92.63 -29.01 -17.01
CA GLY R 10 -93.18 -30.36 -17.14
C GLY R 10 -92.37 -31.40 -16.39
N THR R 11 -91.29 -30.94 -15.76
CA THR R 11 -90.41 -31.79 -14.95
C THR R 11 -89.47 -32.74 -15.71
N SER R 12 -88.34 -33.04 -15.06
CA SER R 12 -87.31 -33.93 -15.58
C SER R 12 -86.86 -33.58 -17.00
N VAL R 13 -87.46 -34.25 -17.97
CA VAL R 13 -87.12 -34.03 -19.36
C VAL R 13 -87.33 -32.55 -19.73
N ALA R 14 -86.22 -31.88 -20.01
CA ALA R 14 -86.23 -30.51 -20.44
C ALA R 14 -86.11 -30.44 -21.95
N THR R 15 -87.21 -30.19 -22.62
CA THR R 15 -87.19 -30.06 -24.06
C THR R 15 -87.39 -28.54 -24.38
N ILE R 16 -87.49 -28.18 -25.69
CA ILE R 16 -87.70 -26.80 -26.16
C ILE R 16 -89.19 -26.41 -26.06
N ASP R 17 -89.77 -26.65 -24.90
CA ASP R 17 -91.19 -26.38 -24.66
C ASP R 17 -91.62 -26.78 -23.24
N SER R 18 -90.87 -27.70 -22.65
CA SER R 18 -91.17 -28.14 -21.29
C SER R 18 -90.42 -27.20 -20.32
N LEU R 19 -89.98 -26.05 -20.85
CA LEU R 19 -89.30 -25.04 -20.10
C LEU R 19 -90.31 -23.92 -19.80
N ALA R 20 -89.86 -22.96 -19.04
CA ALA R 20 -90.65 -21.80 -18.70
C ALA R 20 -89.86 -20.89 -17.75
N ILE R 21 -89.84 -19.59 -18.05
CA ILE R 21 -89.10 -18.67 -17.18
C ILE R 21 -89.48 -18.95 -15.73
N VAL R 22 -88.50 -19.39 -14.93
CA VAL R 22 -88.75 -19.70 -13.52
C VAL R 22 -89.09 -18.46 -12.75
N SER R 23 -90.31 -17.97 -12.86
CA SER R 23 -90.67 -16.76 -12.12
C SER R 23 -91.25 -17.18 -10.77
N ASP R 24 -91.54 -16.20 -9.92
CA ASP R 24 -92.12 -16.49 -8.60
C ASP R 24 -92.25 -15.22 -7.77
N ARG R 25 -92.57 -15.44 -6.49
CA ARG R 25 -92.77 -14.37 -5.52
C ARG R 25 -91.71 -13.29 -5.47
N PHE R 26 -90.54 -13.54 -6.06
CA PHE R 26 -89.44 -12.57 -6.06
C PHE R 26 -89.23 -11.90 -7.41
N GLY R 27 -89.93 -12.39 -8.43
CA GLY R 27 -89.75 -11.84 -9.78
C GLY R 27 -89.04 -12.93 -10.55
N GLN R 28 -88.33 -12.60 -11.62
CA GLN R 28 -87.63 -13.64 -12.37
C GLN R 28 -86.12 -13.59 -12.23
N TYR R 29 -85.54 -14.72 -11.87
CA TYR R 29 -84.09 -14.78 -11.70
C TYR R 29 -83.42 -14.59 -13.03
N SER R 30 -82.62 -13.53 -13.16
CA SER R 30 -81.89 -13.34 -14.40
C SER R 30 -80.43 -13.68 -14.08
N PHE R 31 -79.78 -14.42 -14.97
CA PHE R 31 -78.41 -14.84 -14.75
C PHE R 31 -77.41 -13.69 -14.67
N VAL R 32 -76.40 -13.84 -13.82
CA VAL R 32 -75.39 -12.79 -13.66
C VAL R 32 -74.05 -13.27 -14.21
N ASN R 33 -73.93 -13.21 -15.54
CA ASN R 33 -72.71 -13.63 -16.25
C ASN R 33 -71.49 -12.97 -15.65
N GLU R 34 -70.34 -13.62 -15.79
CA GLU R 34 -69.07 -13.15 -15.25
C GLU R 34 -68.79 -11.64 -15.32
N GLY R 35 -68.89 -11.06 -16.50
CA GLY R 35 -68.61 -9.65 -16.69
C GLY R 35 -69.59 -8.71 -16.02
N MET R 36 -70.86 -9.09 -15.98
CA MET R 36 -71.87 -8.25 -15.37
C MET R 36 -71.69 -8.18 -13.86
N ARG R 37 -70.84 -9.05 -13.30
CA ARG R 37 -70.55 -9.01 -11.88
C ARG R 37 -69.42 -8.03 -11.67
N GLU R 38 -68.64 -7.82 -12.74
CA GLU R 38 -67.52 -6.88 -12.71
C GLU R 38 -68.03 -5.48 -12.50
N THR R 39 -69.16 -5.18 -13.13
CA THR R 39 -69.73 -3.86 -13.00
C THR R 39 -70.25 -3.63 -11.59
N PHE R 40 -71.25 -4.42 -11.18
CA PHE R 40 -71.84 -4.30 -9.85
C PHE R 40 -70.85 -4.46 -8.74
N SER R 41 -69.74 -5.09 -9.02
CA SER R 41 -68.70 -5.16 -8.03
C SER R 41 -67.89 -3.89 -8.07
N LYS R 42 -67.62 -3.40 -9.28
CA LYS R 42 -66.84 -2.18 -9.47
C LYS R 42 -67.61 -0.98 -8.94
N ALA R 43 -68.94 -1.07 -8.97
CA ALA R 43 -69.82 0.00 -8.48
C ALA R 43 -69.84 -0.03 -6.96
N LEU R 44 -70.06 -1.22 -6.39
CA LEU R 44 -70.07 -1.39 -4.94
C LEU R 44 -68.68 -1.13 -4.39
N PHE R 45 -67.65 -1.52 -5.15
CA PHE R 45 -66.29 -1.33 -4.67
C PHE R 45 -66.04 0.16 -4.44
N ASP R 46 -66.51 0.99 -5.37
CA ASP R 46 -66.34 2.43 -5.25
C ASP R 46 -67.16 3.02 -4.09
N ILE R 47 -68.10 2.25 -3.55
CA ILE R 47 -68.90 2.76 -2.44
C ILE R 47 -68.27 2.28 -1.12
N ASN R 48 -67.92 1.00 -1.05
CA ASN R 48 -67.29 0.48 0.16
C ASN R 48 -66.13 1.38 0.54
N MET R 49 -65.40 1.86 -0.47
CA MET R 49 -64.26 2.75 -0.25
C MET R 49 -64.57 3.82 0.81
N TRP R 50 -65.75 4.38 0.72
CA TRP R 50 -66.18 5.43 1.64
C TRP R 50 -66.64 4.89 2.96
N GLN R 51 -66.14 3.73 3.37
CA GLN R 51 -66.59 3.12 4.62
C GLN R 51 -66.36 4.00 5.84
N PRO R 52 -65.13 4.55 6.00
CA PRO R 52 -64.81 5.41 7.14
C PRO R 52 -65.67 6.64 7.28
N LEU R 53 -66.33 7.06 6.20
CA LEU R 53 -67.18 8.23 6.32
C LEU R 53 -68.61 7.87 6.62
N PHE R 54 -68.99 6.61 6.34
CA PHE R 54 -70.35 6.14 6.60
C PHE R 54 -70.54 5.92 8.09
N GLN R 55 -69.53 5.34 8.76
CA GLN R 55 -69.64 5.11 10.18
C GLN R 55 -69.59 6.45 10.88
N ALA R 56 -68.59 7.26 10.54
CA ALA R 56 -68.44 8.58 11.18
C ALA R 56 -69.75 9.29 11.21
N THR R 57 -70.40 9.35 10.09
CA THR R 57 -71.65 10.03 10.09
C THR R 57 -72.87 9.13 10.32
N LYS R 58 -72.78 7.95 11.01
CA LYS R 58 -73.98 7.09 11.33
C LYS R 58 -75.00 6.81 10.15
N THR R 59 -74.70 7.18 8.89
CA THR R 59 -75.56 6.85 7.71
C THR R 59 -75.16 5.45 7.25
N GLY R 60 -75.28 5.17 5.97
CA GLY R 60 -74.88 3.86 5.49
C GLY R 60 -75.60 2.74 6.25
N CYS R 61 -74.91 1.62 6.48
CA CYS R 61 -75.51 0.44 7.11
C CYS R 61 -74.59 -0.79 6.99
N GLY R 62 -73.28 -0.57 6.92
CA GLY R 62 -72.34 -1.66 6.79
C GLY R 62 -71.88 -1.74 5.33
N PRO R 63 -70.85 -2.52 5.00
CA PRO R 63 -70.37 -2.63 3.61
C PRO R 63 -71.34 -3.43 2.73
N ILE R 64 -71.57 -2.96 1.51
CA ILE R 64 -72.50 -3.63 0.60
C ILE R 64 -71.86 -4.76 -0.21
N VAL R 65 -72.08 -6.00 0.19
CA VAL R 65 -71.53 -7.14 -0.54
C VAL R 65 -72.49 -7.51 -1.67
N LEU R 66 -71.98 -7.66 -2.89
CA LEU R 66 -72.86 -8.01 -4.00
C LEU R 66 -73.48 -9.38 -3.79
N SER R 67 -72.89 -10.16 -2.90
CA SER R 67 -73.37 -11.51 -2.62
C SER R 67 -74.61 -11.45 -1.72
N SER R 68 -75.17 -10.28 -1.51
CA SER R 68 -76.36 -10.19 -0.68
C SER R 68 -77.59 -10.00 -1.57
N PHE R 69 -77.38 -9.71 -2.84
CA PHE R 69 -78.49 -9.51 -3.76
C PHE R 69 -78.71 -10.68 -4.69
N THR R 70 -77.73 -11.57 -4.76
CA THR R 70 -77.85 -12.72 -5.65
C THR R 70 -78.36 -14.00 -4.98
N THR R 71 -78.23 -15.12 -5.67
CA THR R 71 -78.68 -16.44 -5.17
C THR R 71 -77.90 -17.53 -5.92
N THR R 72 -78.15 -18.78 -5.58
CA THR R 72 -77.45 -19.86 -6.25
C THR R 72 -78.45 -20.88 -6.78
N THR R 73 -79.28 -20.44 -7.72
CA THR R 73 -80.26 -21.34 -8.31
C THR R 73 -79.50 -22.09 -9.42
N SER R 74 -80.20 -22.96 -10.12
CA SER R 74 -79.63 -23.72 -11.23
C SER R 74 -80.76 -24.20 -12.13
N GLY R 75 -80.51 -24.14 -13.43
CA GLY R 75 -81.50 -24.56 -14.41
C GLY R 75 -80.90 -24.21 -15.76
N TYR R 76 -81.74 -23.99 -16.75
CA TYR R 76 -81.27 -23.63 -18.08
C TYR R 76 -81.45 -22.14 -18.21
N VAL R 77 -80.41 -21.43 -18.64
CA VAL R 77 -80.57 -19.98 -18.75
C VAL R 77 -80.35 -19.39 -20.14
N GLY R 78 -81.43 -18.94 -20.77
CA GLY R 78 -81.30 -18.36 -22.08
C GLY R 78 -82.23 -17.17 -22.26
N ALA R 79 -82.46 -16.79 -23.51
CA ALA R 79 -83.34 -15.68 -23.81
C ALA R 79 -84.71 -16.23 -24.17
N THR R 80 -84.77 -17.47 -24.63
CA THR R 80 -86.05 -18.11 -24.97
C THR R 80 -85.94 -19.62 -24.83
N ALA R 81 -87.02 -20.27 -24.37
CA ALA R 81 -87.03 -21.71 -24.18
C ALA R 81 -86.11 -22.43 -25.16
N GLY R 82 -86.30 -22.14 -26.45
CA GLY R 82 -85.49 -22.77 -27.49
C GLY R 82 -83.98 -22.70 -27.27
N ASP R 83 -83.46 -21.49 -27.08
CA ASP R 83 -82.02 -21.29 -26.90
C ASP R 83 -81.54 -21.46 -25.45
N ALA R 84 -82.46 -21.37 -24.51
CA ALA R 84 -82.09 -21.51 -23.10
C ALA R 84 -81.78 -22.96 -22.83
N LEU R 85 -82.26 -23.82 -23.72
CA LEU R 85 -82.06 -25.25 -23.59
C LEU R 85 -80.59 -25.66 -23.75
N ASP R 86 -79.81 -24.79 -24.38
CA ASP R 86 -78.38 -25.05 -24.63
C ASP R 86 -77.47 -24.34 -23.66
N ASN R 87 -77.94 -24.07 -22.45
CA ASN R 87 -77.12 -23.39 -21.45
C ASN R 87 -77.37 -23.96 -20.07
N PRO R 88 -77.37 -25.29 -19.92
CA PRO R 88 -77.62 -25.86 -18.61
C PRO R 88 -76.57 -25.36 -17.64
N VAL R 89 -76.99 -24.53 -16.68
CA VAL R 89 -76.06 -23.99 -15.69
C VAL R 89 -76.41 -24.54 -14.31
N THR R 90 -75.40 -25.02 -13.58
CA THR R 90 -75.66 -25.57 -12.26
C THR R 90 -75.13 -24.65 -11.18
N ASN R 91 -76.00 -24.31 -10.23
CA ASN R 91 -75.64 -23.42 -9.15
C ASN R 91 -74.99 -22.16 -9.69
N GLY R 92 -75.61 -21.58 -10.72
CA GLY R 92 -75.11 -20.34 -11.25
C GLY R 92 -75.51 -19.28 -10.25
N VAL R 93 -75.11 -18.04 -10.50
CA VAL R 93 -75.45 -16.96 -9.58
C VAL R 93 -76.44 -16.00 -10.28
N PHE R 94 -77.71 -16.06 -9.89
CA PHE R 94 -78.74 -15.22 -10.49
C PHE R 94 -79.21 -14.18 -9.50
N ILE R 95 -79.72 -13.06 -10.01
CA ILE R 95 -80.25 -12.02 -9.14
C ILE R 95 -81.73 -11.89 -9.49
N SER R 96 -82.62 -12.10 -8.52
CA SER R 96 -84.09 -12.03 -8.77
C SER R 96 -84.55 -10.62 -9.10
N THR R 97 -85.64 -10.45 -9.81
CA THR R 97 -86.10 -9.10 -10.13
C THR R 97 -86.15 -8.17 -8.92
N VAL R 98 -86.94 -8.54 -7.89
CA VAL R 98 -87.05 -7.69 -6.73
C VAL R 98 -85.67 -7.35 -6.15
N GLN R 99 -84.66 -8.18 -6.41
CA GLN R 99 -83.32 -7.89 -5.92
C GLN R 99 -82.65 -6.92 -6.86
N ILE R 100 -82.78 -7.17 -8.17
CA ILE R 100 -82.22 -6.29 -9.20
C ILE R 100 -82.80 -4.91 -8.92
N MET R 101 -83.77 -4.84 -8.02
CA MET R 101 -84.36 -3.57 -7.66
C MET R 101 -83.56 -2.90 -6.55
N ASN R 102 -83.19 -3.67 -5.52
CA ASN R 102 -82.43 -3.10 -4.42
C ASN R 102 -80.99 -2.80 -4.80
N LEU R 103 -80.29 -3.78 -5.36
CA LEU R 103 -78.91 -3.56 -5.76
C LEU R 103 -78.90 -2.28 -6.56
N GLN R 104 -80.06 -1.94 -7.14
CA GLN R 104 -80.22 -0.73 -7.92
C GLN R 104 -80.46 0.46 -6.96
N ARG R 105 -81.61 0.50 -6.30
CA ARG R 105 -81.87 1.61 -5.39
C ARG R 105 -80.91 1.70 -4.20
N THR R 106 -80.08 0.69 -3.97
CA THR R 106 -79.11 0.80 -2.87
C THR R 106 -77.95 1.58 -3.44
N ILE R 107 -77.39 1.06 -4.53
CA ILE R 107 -76.29 1.72 -5.21
C ILE R 107 -76.69 3.14 -5.55
N ALA R 108 -78.00 3.37 -5.68
CA ALA R 108 -78.47 4.72 -5.96
C ALA R 108 -78.50 5.54 -4.66
N ALA R 109 -79.12 5.02 -3.61
CA ALA R 109 -79.17 5.75 -2.34
C ALA R 109 -77.77 6.02 -1.84
N ARG R 110 -76.93 5.00 -1.77
CA ARG R 110 -75.54 5.17 -1.31
C ARG R 110 -74.80 6.12 -2.22
N MET R 111 -75.04 6.00 -3.53
CA MET R 111 -74.40 6.88 -4.49
C MET R 111 -74.65 8.34 -4.18
N ARG R 112 -75.84 8.68 -3.74
CA ARG R 112 -76.09 10.04 -3.35
C ARG R 112 -75.21 10.35 -2.15
N ASP R 113 -75.41 9.58 -1.08
CA ASP R 113 -74.63 9.73 0.15
C ASP R 113 -73.17 10.10 -0.13
N VAL R 114 -72.46 9.25 -0.87
CA VAL R 114 -71.07 9.50 -1.17
C VAL R 114 -70.90 10.68 -2.13
N ALA R 115 -71.68 10.72 -3.20
CA ALA R 115 -71.58 11.80 -4.17
C ALA R 115 -71.45 13.14 -3.45
N LEU R 116 -72.08 13.26 -2.31
CA LEU R 116 -72.01 14.52 -1.57
C LEU R 116 -70.64 14.70 -0.88
N TRP R 117 -70.33 13.79 0.04
CA TRP R 117 -69.06 13.86 0.76
C TRP R 117 -67.92 13.97 -0.24
N GLN R 118 -67.92 13.02 -1.18
CA GLN R 118 -66.97 12.90 -2.25
C GLN R 118 -66.77 14.26 -2.93
N LYS R 119 -67.76 15.13 -2.84
CA LYS R 119 -67.61 16.44 -3.44
C LYS R 119 -66.78 17.37 -2.52
N HIS R 120 -66.96 17.25 -1.20
CA HIS R 120 -66.21 18.03 -0.21
C HIS R 120 -64.75 17.62 -0.19
N LEU R 121 -64.53 16.29 -0.23
CA LEU R 121 -63.18 15.74 -0.21
C LEU R 121 -62.42 16.37 -1.34
N ASP R 122 -63.12 16.54 -2.46
CA ASP R 122 -62.52 17.10 -3.65
C ASP R 122 -62.14 18.59 -3.60
N THR R 123 -63.10 19.46 -3.31
CA THR R 123 -62.79 20.88 -3.26
C THR R 123 -61.55 21.10 -2.39
N ALA R 124 -61.21 20.11 -1.57
CA ALA R 124 -60.04 20.20 -0.69
C ALA R 124 -58.85 19.50 -1.31
N MET R 125 -59.10 18.36 -1.97
CA MET R 125 -58.02 17.61 -2.59
C MET R 125 -57.44 18.35 -3.80
N THR R 126 -58.24 18.50 -4.85
CA THR R 126 -57.78 19.21 -6.02
C THR R 126 -57.35 20.62 -5.62
N MET R 127 -57.75 21.07 -4.44
CA MET R 127 -57.35 22.39 -3.98
C MET R 127 -55.87 22.44 -3.62
N LEU R 128 -55.10 21.57 -4.26
CA LEU R 128 -53.64 21.50 -4.09
C LEU R 128 -53.10 20.44 -5.03
N THR R 129 -53.57 20.51 -6.27
CA THR R 129 -53.20 19.63 -7.37
C THR R 129 -52.38 18.42 -6.97
N PRO R 130 -53.03 17.39 -6.44
CA PRO R 130 -52.24 16.22 -6.04
C PRO R 130 -51.80 15.39 -7.26
N ASP R 131 -51.79 16.00 -8.43
CA ASP R 131 -51.37 15.24 -9.60
C ASP R 131 -50.39 15.89 -10.56
N ILE R 132 -49.18 15.31 -10.61
CA ILE R 132 -48.12 15.78 -11.49
C ILE R 132 -47.96 14.69 -12.56
N SER R 133 -47.24 14.97 -13.64
CA SER R 133 -47.09 13.96 -14.70
C SER R 133 -45.66 13.71 -15.21
N ALA R 134 -44.67 14.09 -14.42
CA ALA R 134 -43.26 13.88 -14.77
C ALA R 134 -42.41 13.93 -13.50
N GLY R 135 -41.72 12.84 -13.18
CA GLY R 135 -40.91 12.83 -11.98
C GLY R 135 -41.81 13.01 -10.76
N SER R 136 -41.24 13.28 -9.60
CA SER R 136 -42.05 13.47 -8.39
C SER R 136 -42.08 14.92 -7.94
N ALA R 137 -42.32 15.12 -6.65
CA ALA R 137 -42.38 16.46 -6.04
C ALA R 137 -43.22 16.40 -4.76
N SER R 138 -42.57 16.60 -3.62
CA SER R 138 -43.27 16.57 -2.32
C SER R 138 -43.68 17.97 -1.84
N CYS R 139 -44.18 18.03 -0.61
CA CYS R 139 -44.62 19.29 0.00
C CYS R 139 -44.89 19.02 1.47
N ASN R 140 -43.84 19.11 2.30
CA ASN R 140 -43.93 18.81 3.73
C ASN R 140 -45.35 18.95 4.31
N TRP R 141 -45.91 17.78 4.63
CA TRP R 141 -47.26 17.59 5.17
C TRP R 141 -47.77 18.59 6.20
N LYS R 142 -46.98 18.89 7.23
CA LYS R 142 -47.40 19.88 8.24
C LYS R 142 -47.98 21.10 7.55
N SER R 143 -47.11 21.82 6.83
CA SER R 143 -47.51 23.04 6.09
C SER R 143 -48.80 22.82 5.34
N LEU R 144 -48.76 21.85 4.42
CA LEU R 144 -49.91 21.50 3.61
C LEU R 144 -51.21 21.51 4.41
N LEU R 145 -51.25 20.73 5.49
CA LEU R 145 -52.41 20.65 6.34
C LEU R 145 -52.71 22.01 6.95
N ALA R 146 -51.81 22.54 7.75
CA ALA R 146 -51.98 23.85 8.39
C ALA R 146 -52.40 24.93 7.39
N PHE R 147 -52.18 24.66 6.11
CA PHE R 147 -52.56 25.57 5.02
C PHE R 147 -54.04 25.40 4.67
N ALA R 148 -54.42 24.17 4.31
CA ALA R 148 -55.82 23.91 3.96
C ALA R 148 -56.70 24.19 5.17
N LYS R 149 -56.11 24.16 6.37
CA LYS R 149 -56.85 24.48 7.59
C LYS R 149 -57.46 25.86 7.41
N ASP R 150 -56.82 26.64 6.52
CA ASP R 150 -57.25 27.99 6.18
C ASP R 150 -58.21 27.93 5.00
N ILE R 151 -57.64 28.01 3.80
CA ILE R 151 -58.42 28.03 2.59
C ILE R 151 -59.81 27.38 2.69
N LEU R 152 -59.91 26.07 2.87
CA LEU R 152 -61.19 25.39 2.95
C LEU R 152 -62.32 26.23 3.64
N PRO R 153 -63.40 26.64 2.89
CA PRO R 153 -64.50 27.43 3.42
C PRO R 153 -65.25 26.69 4.54
N LEU R 154 -65.66 27.40 5.57
CA LEU R 154 -66.34 26.84 6.76
C LEU R 154 -67.52 25.83 6.56
N ASP R 155 -67.90 25.50 5.31
CA ASP R 155 -69.02 24.58 5.09
C ASP R 155 -68.61 23.36 4.27
N ASN R 156 -67.34 23.04 4.33
CA ASN R 156 -66.89 21.86 3.63
C ASN R 156 -67.44 20.62 4.38
N LEU R 157 -66.64 19.59 4.64
CA LEU R 157 -66.97 18.41 5.46
C LEU R 157 -65.61 17.76 5.78
N CYS R 158 -64.51 18.38 5.27
CA CYS R 158 -63.09 17.92 5.46
C CYS R 158 -62.48 18.59 6.69
N LEU R 159 -63.27 19.47 7.30
CA LEU R 159 -62.91 20.15 8.53
C LEU R 159 -63.66 19.51 9.68
N THR R 160 -64.85 18.94 9.40
CA THR R 160 -65.61 18.28 10.47
C THR R 160 -65.12 16.81 10.71
N TYR R 161 -64.39 16.15 9.71
CA TYR R 161 -63.91 14.74 9.80
C TYR R 161 -62.43 14.48 9.29
N PRO R 162 -61.49 15.45 9.32
CA PRO R 162 -60.07 15.38 8.84
C PRO R 162 -59.50 13.97 8.55
N ASN R 163 -59.44 13.15 9.59
CA ASN R 163 -58.98 11.81 9.43
C ASN R 163 -60.14 10.85 9.56
N GLU R 164 -61.16 11.15 8.68
CA GLU R 164 -62.35 10.33 8.49
C GLU R 164 -62.64 10.47 7.00
N PHE R 165 -62.03 11.53 6.45
CA PHE R 165 -62.02 11.91 5.04
C PHE R 165 -60.63 11.51 4.55
N TYR R 166 -59.65 11.76 5.40
CA TYR R 166 -58.27 11.41 5.07
C TYR R 166 -58.16 9.92 4.69
N ASN R 167 -58.80 9.04 5.47
CA ASN R 167 -58.81 7.58 5.23
C ASN R 167 -59.53 7.23 3.98
N VAL R 168 -60.53 8.02 3.60
CA VAL R 168 -61.22 7.79 2.35
C VAL R 168 -60.24 8.23 1.27
N ALA R 169 -59.70 9.43 1.46
CA ALA R 169 -58.75 10.06 0.54
C ALA R 169 -57.55 9.19 0.21
N ILE R 170 -56.81 8.75 1.23
CA ILE R 170 -55.64 7.89 1.00
C ILE R 170 -55.87 6.83 -0.07
N HIS R 171 -57.12 6.39 -0.24
CA HIS R 171 -57.45 5.38 -1.25
C HIS R 171 -57.76 5.96 -2.61
N ARG R 172 -57.72 7.26 -2.76
CA ARG R 172 -58.03 7.83 -4.06
C ARG R 172 -56.86 8.64 -4.59
N TYR R 173 -55.99 9.08 -3.71
CA TYR R 173 -54.84 9.89 -4.13
C TYR R 173 -53.51 9.25 -3.77
N PRO R 174 -52.90 8.56 -4.73
CA PRO R 174 -51.61 7.96 -4.37
C PRO R 174 -50.56 9.04 -4.13
N ALA R 175 -51.03 10.26 -3.92
CA ALA R 175 -50.10 11.35 -3.60
C ALA R 175 -49.93 11.32 -2.08
N LEU R 176 -51.05 11.29 -1.34
CA LEU R 176 -51.05 11.24 0.14
C LEU R 176 -50.67 9.84 0.60
N LYS R 177 -49.45 9.65 1.11
CA LYS R 177 -49.03 8.33 1.60
C LYS R 177 -49.08 8.46 3.11
N PRO R 178 -49.94 7.70 3.81
CA PRO R 178 -50.03 7.81 5.25
C PRO R 178 -48.79 7.25 5.92
N GLY R 179 -48.37 7.85 7.02
CA GLY R 179 -47.19 7.40 7.71
C GLY R 179 -47.49 6.11 8.46
N ASN R 180 -46.72 5.08 8.15
CA ASN R 180 -46.93 3.80 8.81
C ASN R 180 -46.84 3.88 10.33
N PRO R 181 -47.82 3.29 11.05
CA PRO R 181 -47.77 3.28 12.54
C PRO R 181 -46.50 2.70 13.21
N ASP R 182 -45.99 1.48 12.88
CA ASP R 182 -44.82 0.91 13.60
C ASP R 182 -43.42 0.99 12.87
N THR R 183 -43.02 2.25 12.56
CA THR R 183 -41.74 2.71 11.96
C THR R 183 -41.87 4.24 11.69
N LYS R 184 -43.05 4.77 12.01
CA LYS R 184 -43.49 6.19 11.88
C LYS R 184 -42.88 6.99 10.68
N LEU R 185 -42.77 6.34 9.49
CA LEU R 185 -42.17 6.83 8.18
C LEU R 185 -43.15 6.50 7.00
N PRO R 186 -43.06 7.21 5.82
CA PRO R 186 -43.98 6.88 4.70
C PRO R 186 -43.93 5.38 4.24
N ASP R 187 -43.81 5.13 2.91
CA ASP R 187 -43.85 3.75 2.33
C ASP R 187 -43.21 3.70 0.91
N ALA R 188 -42.79 4.84 0.36
CA ALA R 188 -42.22 4.85 -0.99
C ALA R 188 -43.37 4.61 -1.95
N GLN R 189 -43.81 3.35 -2.04
CA GLN R 189 -44.97 3.02 -2.84
C GLN R 189 -46.19 3.64 -2.20
N ALA R 190 -47.17 3.96 -3.01
CA ALA R 190 -48.43 4.44 -2.50
C ALA R 190 -49.48 3.40 -2.89
N HIS R 191 -50.30 2.94 -1.91
CA HIS R 191 -51.30 1.91 -2.20
C HIS R 191 -52.75 2.38 -2.21
N PRO R 192 -53.17 3.11 -3.24
CA PRO R 192 -54.57 3.54 -3.30
C PRO R 192 -55.41 2.42 -3.90
N LEU R 193 -56.64 2.23 -3.43
CA LEU R 193 -57.50 1.18 -3.95
C LEU R 193 -57.52 1.03 -5.47
N GLY R 194 -57.31 2.14 -6.19
CA GLY R 194 -57.30 2.09 -7.64
C GLY R 194 -55.93 1.71 -8.19
N GLU R 195 -55.20 0.94 -7.39
CA GLU R 195 -53.85 0.48 -7.68
C GLU R 195 -53.46 0.37 -9.15
N VAL R 196 -54.19 -0.46 -9.91
CA VAL R 196 -53.90 -0.68 -11.32
C VAL R 196 -54.32 0.48 -12.19
N ALA R 197 -55.60 0.82 -12.15
CA ALA R 197 -56.13 1.93 -12.96
C ALA R 197 -55.25 3.17 -12.85
N GLY R 198 -54.90 3.54 -11.62
CA GLY R 198 -54.05 4.71 -11.42
C GLY R 198 -52.64 4.53 -11.96
N ALA R 199 -52.21 3.27 -12.09
CA ALA R 199 -50.87 2.99 -12.62
C ALA R 199 -50.91 3.19 -14.12
N PHE R 200 -52.00 2.74 -14.73
CA PHE R 200 -52.18 2.85 -16.17
C PHE R 200 -52.75 4.17 -16.69
N ASN R 201 -52.61 5.24 -15.93
CA ASN R 201 -53.09 6.52 -16.41
C ASN R 201 -51.98 7.51 -16.33
N ALA R 202 -50.98 7.18 -15.51
CA ALA R 202 -49.81 8.03 -15.36
C ALA R 202 -49.35 8.30 -16.79
N ALA R 203 -48.88 9.52 -17.05
CA ALA R 203 -48.39 9.84 -18.38
C ALA R 203 -47.02 9.15 -18.53
N THR R 204 -47.02 7.89 -18.98
CA THR R 204 -45.76 7.15 -19.15
C THR R 204 -44.86 7.85 -20.16
N SER R 205 -43.66 8.22 -19.73
CA SER R 205 -42.72 8.94 -20.58
C SER R 205 -42.35 8.33 -21.94
N GLU R 206 -42.56 7.02 -22.11
CA GLU R 206 -42.23 6.35 -23.38
C GLU R 206 -43.22 6.76 -24.42
N VAL R 207 -44.49 6.78 -24.04
CA VAL R 207 -45.56 7.15 -24.95
C VAL R 207 -46.62 7.93 -24.17
N GLY R 208 -46.83 9.19 -24.55
CA GLY R 208 -47.81 10.05 -23.88
C GLY R 208 -48.60 9.44 -22.71
N SER R 209 -49.73 8.84 -23.03
CA SER R 209 -50.59 8.21 -22.03
C SER R 209 -51.45 7.14 -22.67
N LEU R 210 -51.26 5.90 -22.25
CA LEU R 210 -52.04 4.81 -22.80
C LEU R 210 -53.54 5.11 -22.78
N VAL R 211 -54.08 5.59 -21.66
CA VAL R 211 -55.51 5.91 -21.58
C VAL R 211 -55.93 6.97 -22.59
N GLY R 212 -54.99 7.87 -22.92
CA GLY R 212 -55.31 8.90 -23.90
C GLY R 212 -55.24 8.30 -25.31
N SER R 213 -54.02 8.11 -25.80
CA SER R 213 -53.76 7.55 -27.13
C SER R 213 -54.69 6.38 -27.48
N SER R 214 -55.13 5.63 -26.48
CA SER R 214 -56.01 4.49 -26.74
C SER R 214 -57.36 4.98 -27.20
N SER R 215 -57.93 5.90 -26.43
CA SER R 215 -59.25 6.44 -26.74
C SER R 215 -59.26 7.29 -28.00
N THR R 216 -58.34 8.25 -28.09
CA THR R 216 -58.28 9.10 -29.29
C THR R 216 -58.37 8.24 -30.57
N LEU R 217 -58.05 6.95 -30.43
CA LEU R 217 -58.11 6.01 -31.55
C LEU R 217 -59.49 5.38 -31.65
N SER R 218 -59.92 4.72 -30.58
CA SER R 218 -61.23 4.08 -30.61
C SER R 218 -62.27 5.15 -30.93
N GLN R 219 -62.02 6.38 -30.48
CA GLN R 219 -62.92 7.48 -30.75
C GLN R 219 -62.99 7.68 -32.28
N ALA R 220 -61.84 7.89 -32.91
CA ALA R 220 -61.81 8.06 -34.36
C ALA R 220 -62.43 6.85 -35.07
N ILE R 221 -62.15 5.64 -34.58
CA ILE R 221 -62.69 4.44 -35.21
C ILE R 221 -64.21 4.48 -35.20
N SER R 222 -64.77 5.00 -34.12
CA SER R 222 -66.21 5.10 -34.01
C SER R 222 -66.70 5.89 -35.22
N THR R 223 -66.30 7.17 -35.31
CA THR R 223 -66.69 8.02 -36.43
C THR R 223 -66.51 7.32 -37.77
N MET R 224 -65.28 6.87 -38.07
CA MET R 224 -64.98 6.21 -39.33
C MET R 224 -66.04 5.22 -39.73
N ALA R 225 -66.57 4.45 -38.78
CA ALA R 225 -67.60 3.47 -39.15
C ALA R 225 -69.01 4.05 -39.10
N GLY R 226 -69.19 4.92 -38.13
CA GLY R 226 -70.42 5.60 -37.88
C GLY R 226 -70.89 6.46 -39.04
N LYS R 227 -70.67 7.78 -38.99
CA LYS R 227 -71.24 8.64 -40.02
C LYS R 227 -71.29 7.96 -41.42
N ASP R 228 -70.22 7.24 -41.77
CA ASP R 228 -69.96 6.53 -43.05
C ASP R 228 -68.92 7.30 -43.82
N LEU R 229 -67.82 7.59 -43.10
CA LEU R 229 -66.76 8.27 -43.79
C LEU R 229 -66.26 7.37 -44.88
N ASP R 230 -66.24 6.07 -44.59
CA ASP R 230 -65.88 5.14 -45.60
C ASP R 230 -66.88 5.41 -46.71
N LEU R 231 -66.54 5.17 -47.98
CA LEU R 231 -67.50 5.43 -49.05
C LEU R 231 -67.73 6.94 -49.26
N ILE R 232 -66.77 7.75 -48.83
CA ILE R 232 -66.87 9.21 -48.91
C ILE R 232 -66.91 9.81 -50.32
N GLU R 233 -66.29 9.12 -51.28
CA GLU R 233 -66.31 9.62 -52.64
C GLU R 233 -66.86 8.54 -53.57
N ALA R 234 -67.80 7.77 -53.04
CA ALA R 234 -68.45 6.69 -53.78
C ALA R 234 -69.12 7.27 -55.03
N ASP R 235 -68.97 6.58 -56.15
CA ASP R 235 -69.57 7.08 -57.38
C ASP R 235 -70.88 6.38 -57.70
N THR R 236 -71.94 6.73 -56.98
CA THR R 236 -73.27 6.13 -57.20
C THR R 236 -74.32 6.66 -56.21
N PRO R 237 -75.57 6.87 -56.71
CA PRO R 237 -76.68 7.38 -55.92
C PRO R 237 -76.70 6.94 -54.45
N LEU R 238 -76.80 7.90 -53.55
CA LEU R 238 -76.85 7.65 -52.11
C LEU R 238 -77.92 8.48 -51.44
N PRO R 239 -78.87 7.84 -50.75
CA PRO R 239 -79.97 8.55 -50.06
C PRO R 239 -79.40 9.66 -49.17
N VAL R 240 -80.02 10.84 -49.17
CA VAL R 240 -79.51 11.93 -48.34
C VAL R 240 -79.38 11.47 -46.89
N SER R 241 -80.27 10.56 -46.47
CA SER R 241 -80.26 10.02 -45.12
C SER R 241 -78.86 9.51 -44.74
N VAL R 242 -78.19 8.86 -45.70
CA VAL R 242 -76.84 8.31 -45.55
C VAL R 242 -75.86 9.40 -45.13
N PHE R 243 -76.29 10.66 -45.16
CA PHE R 243 -75.45 11.79 -44.78
C PHE R 243 -75.89 12.44 -43.47
N THR R 244 -76.85 11.82 -42.78
CA THR R 244 -77.39 12.35 -41.51
C THR R 244 -77.32 13.88 -41.37
N PRO R 245 -77.88 14.62 -42.35
CA PRO R 245 -77.87 16.09 -42.31
C PRO R 245 -78.78 16.58 -41.20
N SER R 246 -78.21 17.31 -40.24
CA SER R 246 -78.98 17.81 -39.11
C SER R 246 -78.49 19.20 -38.70
N LEU R 247 -79.35 19.92 -37.98
CA LEU R 247 -78.97 21.25 -37.51
C LEU R 247 -78.30 22.01 -38.65
N ALA R 248 -78.94 21.99 -39.85
CA ALA R 248 -78.30 22.56 -41.03
C ALA R 248 -79.00 23.74 -41.73
N PRO R 249 -78.96 24.94 -41.14
CA PRO R 249 -79.59 26.08 -41.79
C PRO R 249 -78.61 27.20 -42.15
N ARG R 250 -78.03 27.17 -43.36
CA ARG R 250 -77.05 28.18 -43.78
C ARG R 250 -77.65 29.51 -44.24
N SER R 251 -76.96 30.61 -43.96
CA SER R 251 -77.42 31.95 -44.33
C SER R 251 -76.50 32.62 -45.35
N TYR R 252 -77.07 33.49 -46.18
CA TYR R 252 -76.31 34.22 -47.19
C TYR R 252 -76.40 35.73 -47.16
N ARG R 253 -76.30 36.23 -48.44
CA ARG R 253 -76.33 37.63 -48.92
C ARG R 253 -76.58 37.73 -50.45
N PRO R 254 -77.75 37.25 -51.00
CA PRO R 254 -78.07 37.33 -52.46
C PRO R 254 -78.05 38.75 -53.00
N ALA R 255 -78.50 38.95 -54.23
CA ALA R 255 -78.40 40.29 -54.80
C ALA R 255 -76.90 40.60 -54.92
N PHE R 256 -76.13 39.53 -54.71
CA PHE R 256 -74.69 39.56 -54.83
C PHE R 256 -74.25 38.25 -55.47
N ILE R 257 -74.84 37.13 -55.04
CA ILE R 257 -74.48 35.83 -55.62
C ILE R 257 -74.78 35.79 -57.12
N LYS R 258 -73.74 35.61 -57.95
CA LYS R 258 -73.97 35.55 -59.38
C LYS R 258 -74.88 34.36 -59.70
N PRO R 259 -75.77 34.51 -60.70
CA PRO R 259 -76.70 33.43 -61.07
C PRO R 259 -75.99 32.13 -61.45
N GLU R 260 -74.86 32.23 -62.15
CA GLU R 260 -74.15 31.01 -62.56
C GLU R 260 -73.36 30.39 -61.41
N ASP R 261 -73.12 31.16 -60.35
CA ASP R 261 -72.37 30.64 -59.20
C ASP R 261 -73.23 29.81 -58.26
N ALA R 262 -74.54 29.75 -58.54
CA ALA R 262 -75.49 28.99 -57.72
C ALA R 262 -76.87 28.93 -58.33
N LYS R 263 -77.14 27.90 -59.10
CA LYS R 263 -78.40 27.69 -59.81
C LYS R 263 -79.69 28.18 -59.14
N TRP R 264 -79.79 28.08 -57.81
CA TRP R 264 -81.01 28.49 -57.11
C TRP R 264 -81.21 30.00 -57.03
N ILE R 265 -80.73 30.75 -57.99
CA ILE R 265 -80.90 32.20 -57.91
C ILE R 265 -80.68 32.90 -59.25
N ALA R 266 -81.79 33.16 -59.95
CA ALA R 266 -81.77 33.80 -61.27
C ALA R 266 -81.96 35.31 -61.17
N GLU R 267 -81.56 36.04 -62.21
CA GLU R 267 -81.72 37.49 -62.19
C GLU R 267 -82.44 38.12 -63.39
N PHE R 268 -83.17 39.20 -63.11
CA PHE R 268 -83.91 39.93 -64.14
C PHE R 268 -83.01 40.88 -64.92
N ASN R 269 -82.02 40.37 -65.65
CA ASN R 269 -81.14 41.27 -66.41
C ASN R 269 -81.87 41.83 -67.66
N ASN R 270 -82.57 42.96 -67.44
CA ASN R 270 -83.34 43.63 -68.50
C ASN R 270 -82.92 45.09 -68.66
N SER R 271 -83.07 45.62 -69.86
CA SER R 271 -82.69 47.02 -70.16
C SER R 271 -83.21 48.06 -69.17
N SER R 272 -84.47 48.47 -69.34
CA SER R 272 -85.08 49.49 -68.48
C SER R 272 -85.61 48.92 -67.15
N LEU R 273 -86.51 49.65 -66.50
CA LEU R 273 -87.11 49.21 -65.26
C LEU R 273 -88.36 48.42 -65.56
N ILE R 274 -88.85 47.64 -64.60
CA ILE R 274 -90.05 46.85 -64.84
C ILE R 274 -91.10 47.11 -63.78
N ARG R 275 -91.52 48.37 -63.62
CA ARG R 275 -92.54 48.69 -62.61
C ARG R 275 -93.87 47.97 -62.83
N LYS R 276 -94.25 47.14 -61.87
CA LYS R 276 -95.49 46.40 -61.91
C LYS R 276 -96.34 46.93 -60.76
N THR R 277 -97.59 46.48 -60.65
CA THR R 277 -98.46 46.92 -59.55
C THR R 277 -99.13 45.72 -58.90
N LEU R 278 -99.77 45.95 -57.75
CA LEU R 278 -100.44 44.87 -57.03
C LEU R 278 -101.20 45.42 -55.83
N THR R 279 -102.48 45.11 -55.73
CA THR R 279 -103.27 45.57 -54.60
C THR R 279 -102.98 44.70 -53.40
N TYR R 280 -102.20 45.25 -52.45
CA TYR R 280 -101.85 44.53 -51.25
C TYR R 280 -102.47 45.23 -50.03
N SER R 281 -103.47 44.61 -49.44
CA SER R 281 -104.13 45.19 -48.28
C SER R 281 -104.83 46.48 -48.72
N GLY R 282 -105.53 46.42 -49.84
CA GLY R 282 -106.21 47.58 -50.37
C GLY R 282 -105.22 48.43 -51.16
N ALA R 283 -104.38 49.16 -50.43
CA ALA R 283 -103.37 50.02 -51.04
C ALA R 283 -102.63 49.38 -52.23
N THR R 284 -102.41 50.16 -53.28
CA THR R 284 -101.72 49.67 -54.46
C THR R 284 -100.25 50.06 -54.45
N TYR R 285 -99.37 49.06 -54.46
CA TYR R 285 -97.93 49.31 -54.46
C TYR R 285 -97.29 48.91 -55.79
N THR R 286 -96.07 49.38 -56.02
CA THR R 286 -95.37 49.06 -57.24
C THR R 286 -94.05 48.36 -56.97
N VAL R 287 -93.98 47.09 -57.35
CA VAL R 287 -92.71 46.36 -57.23
C VAL R 287 -91.81 46.97 -58.31
N GLN R 288 -90.50 47.15 -58.04
CA GLN R 288 -89.66 47.90 -59.00
C GLN R 288 -88.84 47.09 -59.97
N LEU R 289 -87.90 46.24 -59.51
CA LEU R 289 -87.00 45.48 -60.39
C LEU R 289 -86.08 46.51 -61.07
N GLY R 290 -85.73 47.56 -60.32
CA GLY R 290 -84.90 48.71 -60.72
C GLY R 290 -83.74 48.49 -61.71
N PRO R 291 -83.00 49.57 -61.96
CA PRO R 291 -81.84 49.72 -62.89
C PRO R 291 -80.90 48.54 -63.03
N GLY R 292 -80.43 48.00 -61.91
CA GLY R 292 -79.52 46.87 -61.94
C GLY R 292 -80.20 45.55 -62.28
N PRO R 293 -79.47 44.42 -62.23
CA PRO R 293 -80.08 43.12 -62.59
C PRO R 293 -81.04 42.50 -61.56
N THR R 294 -81.02 42.94 -60.30
CA THR R 294 -81.91 42.44 -59.23
C THR R 294 -81.97 40.90 -59.20
N ARG R 295 -80.95 40.28 -58.60
CA ARG R 295 -80.90 38.83 -58.47
C ARG R 295 -82.00 38.40 -57.50
N VAL R 296 -82.85 37.46 -57.93
CA VAL R 296 -83.96 36.97 -57.09
C VAL R 296 -83.83 35.47 -56.85
N ILE R 297 -84.24 35.03 -55.66
CA ILE R 297 -84.21 33.60 -55.30
C ILE R 297 -85.16 32.88 -56.24
N ASP R 298 -84.68 31.91 -56.98
CA ASP R 298 -85.59 31.16 -57.86
C ASP R 298 -86.43 30.26 -56.95
N MET R 299 -87.66 29.92 -57.34
CA MET R 299 -88.50 29.06 -56.51
C MET R 299 -88.34 27.61 -56.85
N ASN R 300 -88.23 27.32 -58.12
CA ASN R 300 -87.93 25.94 -58.40
C ASN R 300 -86.47 25.80 -57.98
N ALA R 301 -86.04 24.57 -57.64
CA ALA R 301 -84.70 24.40 -57.13
C ALA R 301 -84.65 25.25 -55.89
N MET R 302 -85.46 24.86 -54.90
CA MET R 302 -85.54 25.59 -53.63
C MET R 302 -86.13 24.74 -52.48
N ILE R 303 -85.81 23.44 -52.38
CA ILE R 303 -86.25 22.52 -51.32
C ILE R 303 -87.16 23.18 -50.27
N ASP R 304 -88.47 22.94 -50.33
CA ASP R 304 -89.41 23.56 -49.39
C ASP R 304 -88.76 23.87 -48.04
N SER R 305 -88.29 25.10 -47.90
CA SER R 305 -87.61 25.55 -46.70
C SER R 305 -88.37 26.57 -45.90
N VAL R 306 -87.59 27.25 -45.10
CA VAL R 306 -88.08 28.36 -44.31
C VAL R 306 -87.13 29.52 -44.62
N LEU R 307 -87.45 30.22 -45.69
CA LEU R 307 -86.67 31.40 -46.09
C LEU R 307 -86.95 32.52 -45.12
N THR R 308 -85.91 33.08 -44.50
CA THR R 308 -86.12 34.19 -43.59
C THR R 308 -85.11 35.27 -43.93
N LEU R 309 -85.52 36.18 -44.80
CA LEU R 309 -84.67 37.29 -45.22
C LEU R 309 -84.60 38.40 -44.20
N ASP R 310 -83.45 38.53 -43.55
CA ASP R 310 -83.29 39.59 -42.58
C ASP R 310 -82.77 40.83 -43.28
N VAL R 311 -83.36 41.99 -42.95
CA VAL R 311 -82.94 43.24 -43.55
C VAL R 311 -82.57 44.20 -42.44
N SER R 312 -81.32 44.17 -42.00
CA SER R 312 -80.91 45.06 -40.93
C SER R 312 -79.50 45.63 -41.03
N GLY R 313 -79.35 46.87 -40.60
CA GLY R 313 -78.05 47.52 -40.63
C GLY R 313 -77.70 47.92 -42.06
N THR R 314 -78.48 47.37 -43.00
CA THR R 314 -78.28 47.68 -44.40
C THR R 314 -78.82 49.08 -44.67
N ILE R 315 -78.19 49.82 -45.58
CA ILE R 315 -78.58 51.17 -45.91
C ILE R 315 -80.05 51.25 -46.33
N LEU R 316 -80.65 52.42 -46.12
CA LEU R 316 -82.05 52.71 -46.44
C LEU R 316 -82.08 54.20 -46.76
N PRO R 317 -81.68 54.58 -47.98
CA PRO R 317 -81.62 55.96 -48.47
C PRO R 317 -82.93 56.72 -48.73
N TYR R 318 -83.86 56.69 -47.77
CA TYR R 318 -85.12 57.40 -47.94
C TYR R 318 -84.84 58.91 -47.88
N ASP R 319 -83.61 59.25 -47.52
CA ASP R 319 -83.17 60.64 -47.39
C ASP R 319 -83.12 61.31 -48.76
N THR R 320 -82.49 60.64 -49.72
CA THR R 320 -82.40 61.19 -51.07
C THR R 320 -83.72 60.96 -51.80
N ASN R 321 -83.85 59.85 -52.52
CA ASN R 321 -85.11 59.58 -53.22
C ASN R 321 -86.20 59.40 -52.17
N PRO R 322 -87.04 60.43 -51.98
CA PRO R 322 -88.13 60.39 -51.00
C PRO R 322 -89.11 59.29 -51.39
N ASP R 323 -88.97 58.85 -52.64
CA ASP R 323 -89.79 57.81 -53.22
C ASP R 323 -89.67 56.53 -52.40
N LEU R 324 -88.46 56.24 -51.94
CA LEU R 324 -88.19 55.04 -51.14
C LEU R 324 -88.96 55.03 -49.84
N SER R 325 -88.95 56.15 -49.12
CA SER R 325 -89.68 56.21 -47.85
C SER R 325 -91.16 55.99 -48.17
N THR R 326 -91.93 55.57 -47.16
CA THR R 326 -93.35 55.32 -47.32
C THR R 326 -93.64 53.90 -47.82
N SER R 327 -92.66 53.28 -48.47
CA SER R 327 -92.84 51.92 -49.00
C SER R 327 -92.49 50.82 -48.00
N VAL R 328 -93.48 50.00 -47.66
CA VAL R 328 -93.25 48.92 -46.72
C VAL R 328 -92.42 47.83 -47.38
N PRO R 329 -91.20 47.57 -46.87
CA PRO R 329 -90.33 46.53 -47.43
C PRO R 329 -91.03 45.19 -47.24
N ALA R 330 -90.94 44.30 -48.23
CA ALA R 330 -91.62 43.02 -48.11
C ALA R 330 -91.15 41.95 -49.08
N PHE R 331 -91.00 40.72 -48.57
CA PHE R 331 -90.59 39.61 -49.41
C PHE R 331 -91.82 39.22 -50.27
N VAL R 332 -91.64 39.22 -51.59
CA VAL R 332 -92.75 38.92 -52.51
C VAL R 332 -92.39 37.93 -53.62
N LEU R 333 -93.27 36.96 -53.88
CA LEU R 333 -93.04 36.01 -54.97
C LEU R 333 -93.44 36.70 -56.27
N ILE R 334 -92.87 36.26 -57.38
CA ILE R 334 -93.16 36.87 -58.68
C ILE R 334 -93.27 35.80 -59.75
N GLN R 335 -94.48 35.48 -60.17
CA GLN R 335 -94.65 34.48 -61.22
C GLN R 335 -94.58 35.20 -62.56
N THR R 336 -93.65 34.82 -63.40
CA THR R 336 -93.49 35.43 -64.73
C THR R 336 -93.92 34.44 -65.81
N SER R 337 -94.46 34.95 -66.91
CA SER R 337 -94.88 34.09 -68.02
C SER R 337 -93.64 33.54 -68.70
N VAL R 338 -93.00 34.37 -69.50
CA VAL R 338 -91.78 33.97 -70.17
C VAL R 338 -90.74 33.76 -69.06
N PRO R 339 -89.81 32.80 -69.24
CA PRO R 339 -88.77 32.51 -68.23
C PRO R 339 -87.99 33.79 -67.90
N ILE R 340 -87.60 33.96 -66.64
CA ILE R 340 -86.83 35.14 -66.26
C ILE R 340 -85.61 35.11 -67.18
N GLN R 341 -84.80 36.17 -67.19
CA GLN R 341 -83.63 36.19 -68.07
C GLN R 341 -84.15 36.09 -69.49
N GLN R 342 -85.33 36.69 -69.68
CA GLN R 342 -86.02 36.71 -70.95
C GLN R 342 -87.32 37.49 -70.74
N VAL R 343 -87.51 37.92 -69.49
CA VAL R 343 -88.68 38.70 -69.09
C VAL R 343 -88.32 40.18 -69.24
N THR R 344 -88.81 40.79 -70.33
CA THR R 344 -88.51 42.19 -70.62
C THR R 344 -89.34 43.24 -69.89
N THR R 345 -90.65 43.25 -70.13
CA THR R 345 -91.50 44.26 -69.51
C THR R 345 -92.76 43.78 -68.77
N ALA R 346 -93.21 44.61 -67.83
CA ALA R 346 -94.39 44.39 -66.99
C ALA R 346 -95.43 43.39 -67.48
N ALA R 347 -95.82 43.48 -68.75
CA ALA R 347 -96.84 42.57 -69.29
C ALA R 347 -96.38 41.10 -69.23
N ASN R 348 -95.08 40.92 -68.99
CA ASN R 348 -94.45 39.60 -68.91
C ASN R 348 -94.68 38.93 -67.55
N ILE R 349 -94.68 39.74 -66.49
CA ILE R 349 -94.87 39.26 -65.12
C ILE R 349 -96.33 38.85 -64.84
N THR R 350 -96.62 37.55 -64.87
CA THR R 350 -97.96 37.03 -64.62
C THR R 350 -98.62 37.71 -63.41
N ALA R 351 -98.15 37.39 -62.21
CA ALA R 351 -98.70 38.00 -60.99
C ALA R 351 -97.61 38.20 -59.94
N ILE R 352 -97.96 38.89 -58.86
CA ILE R 352 -97.01 39.14 -57.78
C ILE R 352 -97.68 39.06 -56.42
N THR R 353 -97.30 38.07 -55.61
CA THR R 353 -97.87 37.89 -54.29
C THR R 353 -96.97 38.37 -53.17
N VAL R 354 -97.51 39.18 -52.26
CA VAL R 354 -96.75 39.69 -51.13
C VAL R 354 -96.81 38.58 -50.07
N VAL R 355 -95.88 37.63 -50.14
CA VAL R 355 -95.86 36.52 -49.19
C VAL R 355 -95.57 36.93 -47.74
N SER R 356 -95.12 38.17 -47.54
CA SER R 356 -94.82 38.63 -46.19
C SER R 356 -94.33 40.07 -46.17
N ALA R 357 -95.25 41.01 -45.93
CA ALA R 357 -94.86 42.41 -45.90
C ALA R 357 -94.49 42.86 -44.50
N ALA R 358 -93.89 44.04 -44.41
CA ALA R 358 -93.50 44.58 -43.11
C ALA R 358 -94.45 45.74 -42.78
N GLY R 359 -95.25 45.58 -41.73
CA GLY R 359 -96.16 46.66 -41.37
C GLY R 359 -95.35 47.91 -41.05
N ALA R 360 -95.82 49.05 -41.54
CA ALA R 360 -95.17 50.36 -41.33
C ALA R 360 -94.11 50.65 -42.39
N SER R 361 -94.31 51.79 -43.07
CA SER R 361 -93.46 52.24 -44.19
C SER R 361 -91.98 52.37 -43.84
N ALA R 362 -91.17 52.75 -44.83
CA ALA R 362 -89.71 52.93 -44.70
C ALA R 362 -89.38 54.36 -44.23
N ILE R 363 -89.62 54.60 -42.92
CA ILE R 363 -89.41 55.85 -42.16
C ILE R 363 -89.87 55.66 -40.66
N ASN R 364 -89.74 54.39 -40.15
CA ASN R 364 -90.08 53.88 -38.78
C ASN R 364 -89.22 52.64 -38.54
N LEU R 365 -88.82 52.07 -39.69
CA LEU R 365 -87.93 50.92 -39.78
C LEU R 365 -86.51 51.42 -39.85
N ALA R 366 -86.40 52.72 -40.10
CA ALA R 366 -85.10 53.39 -40.18
C ALA R 366 -84.55 53.64 -38.77
N ILE R 367 -83.37 54.25 -38.73
CA ILE R 367 -82.67 54.58 -37.49
C ILE R 367 -81.37 55.23 -37.96
N ASN R 368 -81.21 56.52 -37.68
CA ASN R 368 -80.02 57.23 -38.10
C ASN R 368 -78.74 56.79 -37.38
N VAL R 369 -77.72 56.32 -38.11
CA VAL R 369 -76.43 55.90 -37.53
C VAL R 369 -75.23 56.67 -38.12
N ARG R 370 -75.35 57.98 -38.21
CA ARG R 370 -74.36 58.89 -38.77
C ARG R 370 -74.76 59.23 -40.23
N GLY R 371 -75.82 60.03 -40.40
CA GLY R 371 -76.28 60.40 -41.73
C GLY R 371 -77.11 59.29 -42.41
N GLN R 372 -76.40 58.24 -42.86
CA GLN R 372 -76.88 57.00 -43.54
C GLN R 372 -77.87 56.21 -42.69
N PRO R 373 -79.14 56.49 -42.82
CA PRO R 373 -80.15 55.77 -42.03
C PRO R 373 -80.16 54.27 -42.34
N ARG R 374 -80.02 53.43 -41.31
CA ARG R 374 -80.01 51.98 -41.51
C ARG R 374 -81.36 51.35 -41.28
N PHE R 375 -81.42 50.03 -41.37
CA PHE R 375 -82.67 49.30 -41.16
C PHE R 375 -82.73 48.65 -39.79
N ASN R 376 -83.73 49.02 -38.99
CA ASN R 376 -83.92 48.42 -37.67
C ASN R 376 -84.09 46.94 -37.94
N MET R 377 -83.15 46.15 -37.41
CA MET R 377 -83.12 44.71 -37.58
C MET R 377 -84.50 44.02 -37.51
N LEU R 378 -85.04 43.60 -38.65
CA LEU R 378 -86.35 42.94 -38.70
C LEU R 378 -86.30 41.79 -39.71
N HIS R 379 -87.08 40.71 -39.47
CA HIS R 379 -87.03 39.56 -40.38
C HIS R 379 -88.30 39.24 -41.15
N LEU R 380 -88.28 39.54 -42.44
CA LEU R 380 -89.42 39.17 -43.23
C LEU R 380 -89.29 37.66 -43.44
N GLN R 381 -90.34 36.92 -43.88
CA GLN R 381 -90.09 35.48 -43.98
C GLN R 381 -91.22 34.62 -44.50
N ALA R 382 -90.99 33.98 -45.65
CA ALA R 382 -91.94 33.07 -46.27
C ALA R 382 -91.70 31.65 -45.75
N THR R 383 -92.43 30.70 -46.29
CA THR R 383 -92.29 29.31 -45.92
C THR R 383 -92.55 28.52 -47.19
N PHE R 384 -91.71 28.76 -48.17
CA PHE R 384 -91.82 28.09 -49.47
C PHE R 384 -92.04 26.58 -49.35
N GLU R 385 -92.92 26.04 -50.19
CA GLU R 385 -93.23 24.60 -50.18
C GLU R 385 -93.22 23.97 -51.57
N ARG R 386 -92.26 23.08 -51.82
CA ARG R 386 -92.13 22.39 -53.11
C ARG R 386 -93.32 22.50 -54.06
N GLU R 387 -94.46 21.96 -53.63
CA GLU R 387 -95.69 21.86 -54.45
C GLU R 387 -96.58 23.12 -54.49
N THR R 388 -96.47 24.07 -53.56
CA THR R 388 -97.31 25.27 -53.71
C THR R 388 -96.96 25.97 -55.07
N ILE R 389 -95.78 25.60 -55.64
CA ILE R 389 -95.32 26.06 -56.96
C ILE R 389 -95.43 24.91 -58.01
N THR R 390 -96.47 24.02 -57.94
CA THR R 390 -96.62 22.91 -58.94
C THR R 390 -97.01 23.50 -60.31
N GLY R 391 -96.51 22.95 -61.42
CA GLY R 391 -96.87 23.45 -62.76
C GLY R 391 -96.13 24.72 -63.12
N ILE R 392 -96.44 25.77 -62.37
CA ILE R 392 -95.82 27.10 -62.47
C ILE R 392 -94.32 27.04 -62.86
N PRO R 393 -94.02 27.02 -64.17
CA PRO R 393 -92.66 26.94 -64.70
C PRO R 393 -91.75 28.04 -64.17
N TYR R 394 -92.25 29.26 -64.08
CA TYR R 394 -91.43 30.37 -63.60
C TYR R 394 -92.02 31.16 -62.46
N ILE R 395 -91.25 31.26 -61.37
CA ILE R 395 -91.66 31.96 -60.18
C ILE R 395 -90.40 32.23 -59.38
N TYR R 396 -90.30 33.42 -58.80
CA TYR R 396 -89.11 33.81 -58.06
C TYR R 396 -89.43 34.52 -56.77
N GLY R 397 -88.65 34.23 -55.73
CA GLY R 397 -88.83 34.89 -54.48
C GLY R 397 -87.96 36.12 -54.56
N LEU R 398 -88.50 37.27 -54.18
CA LEU R 398 -87.75 38.53 -54.26
C LEU R 398 -88.05 39.35 -53.02
N GLY R 399 -87.01 39.72 -52.27
CA GLY R 399 -87.24 40.55 -51.08
C GLY R 399 -87.06 41.99 -51.52
N THR R 400 -88.07 42.54 -52.17
CA THR R 400 -88.01 43.91 -52.68
C THR R 400 -88.56 45.00 -51.75
N PHE R 401 -89.12 46.07 -52.32
CA PHE R 401 -89.56 47.16 -51.45
C PHE R 401 -91.06 47.47 -51.42
N LEU R 402 -91.75 47.34 -52.55
CA LEU R 402 -93.20 47.69 -52.62
C LEU R 402 -93.40 49.19 -52.39
N ILE R 403 -93.01 49.99 -53.38
CA ILE R 403 -93.15 51.44 -53.32
C ILE R 403 -94.58 51.85 -53.54
N PRO R 404 -95.12 52.72 -52.67
CA PRO R 404 -96.51 53.17 -52.79
C PRO R 404 -96.74 54.17 -53.91
N SER R 405 -95.65 54.57 -54.59
CA SER R 405 -95.75 55.54 -55.68
C SER R 405 -94.42 55.79 -56.38
N PRO R 406 -94.11 55.02 -57.43
CA PRO R 406 -92.86 55.19 -58.17
C PRO R 406 -92.65 56.61 -58.72
N THR R 407 -91.42 57.11 -58.64
CA THR R 407 -91.08 58.46 -59.08
C THR R 407 -89.74 58.51 -59.83
N SER R 408 -89.39 59.69 -60.33
CA SER R 408 -88.15 59.91 -61.04
C SER R 408 -86.95 59.71 -60.12
N SER R 409 -87.14 60.00 -58.82
CA SER R 409 -86.09 59.85 -57.84
C SER R 409 -85.62 58.39 -57.76
N SER R 410 -86.58 57.47 -57.77
CA SER R 410 -86.26 56.04 -57.72
C SER R 410 -86.15 55.51 -59.15
N ASN R 411 -85.27 56.12 -59.93
CA ASN R 411 -85.08 55.71 -61.31
C ASN R 411 -83.72 55.06 -61.47
N PHE R 412 -82.93 55.10 -60.40
CA PHE R 412 -81.60 54.51 -60.42
C PHE R 412 -81.36 53.84 -59.06
N SER R 413 -82.42 53.70 -58.26
CA SER R 413 -82.33 53.09 -56.94
C SER R 413 -82.32 51.56 -56.93
N ASN R 414 -83.41 50.97 -57.42
CA ASN R 414 -83.50 49.51 -57.43
C ASN R 414 -83.58 49.02 -55.99
N PRO R 415 -84.83 48.94 -55.50
CA PRO R 415 -85.19 48.57 -54.10
C PRO R 415 -85.05 47.11 -53.66
N THR R 416 -84.14 46.35 -54.27
CA THR R 416 -83.99 44.96 -53.84
C THR R 416 -83.42 44.91 -52.42
N LEU R 417 -84.19 44.39 -51.47
CA LEU R 417 -83.68 44.31 -50.09
C LEU R 417 -82.87 43.05 -49.89
N MET R 418 -82.53 42.39 -50.99
CA MET R 418 -81.74 41.17 -50.95
C MET R 418 -80.32 41.35 -50.44
N ASP R 419 -79.83 42.59 -50.42
CA ASP R 419 -78.49 42.84 -49.90
C ASP R 419 -78.46 42.41 -48.42
N GLY R 420 -79.64 42.13 -47.86
CA GLY R 420 -79.75 41.70 -46.47
C GLY R 420 -79.32 40.25 -46.30
N LEU R 421 -79.03 39.84 -45.07
CA LEU R 421 -78.58 38.48 -44.77
C LEU R 421 -79.71 37.45 -44.69
N LEU R 422 -80.06 36.85 -45.82
CA LEU R 422 -81.13 35.86 -45.93
C LEU R 422 -80.67 34.52 -45.33
N THR R 423 -81.57 33.84 -44.61
CA THR R 423 -81.23 32.56 -44.01
C THR R 423 -82.21 31.44 -44.30
N VAL R 424 -81.94 30.67 -45.35
CA VAL R 424 -82.78 29.54 -45.73
C VAL R 424 -82.49 28.35 -44.81
N THR R 425 -83.54 27.67 -44.36
CA THR R 425 -83.42 26.52 -43.50
C THR R 425 -84.27 25.38 -44.03
N PRO R 426 -83.64 24.39 -44.70
CA PRO R 426 -84.35 23.25 -45.28
C PRO R 426 -85.29 22.63 -44.28
N VAL R 427 -86.59 22.69 -44.53
CA VAL R 427 -87.54 22.11 -43.59
C VAL R 427 -88.14 20.84 -44.14
N LEU R 428 -87.30 19.84 -44.31
CA LEU R 428 -87.71 18.57 -44.91
C LEU R 428 -86.44 17.93 -45.45
N LEU R 429 -85.60 17.45 -44.53
CA LEU R 429 -84.29 16.82 -44.85
C LEU R 429 -84.24 15.80 -45.99
N ARG R 430 -85.19 14.87 -46.02
CA ARG R 430 -85.17 13.83 -47.05
C ARG R 430 -84.77 14.32 -48.46
N GLU R 431 -85.23 15.51 -48.87
CA GLU R 431 -84.91 16.05 -50.20
C GLU R 431 -83.76 17.04 -50.28
N THR R 432 -82.77 16.73 -51.11
CA THR R 432 -81.60 17.59 -51.30
C THR R 432 -81.73 18.35 -52.62
N THR R 433 -80.73 19.14 -52.97
CA THR R 433 -80.73 19.90 -54.22
C THR R 433 -79.36 19.88 -54.88
N TYR R 434 -79.31 19.67 -56.20
CA TYR R 434 -78.02 19.68 -56.87
C TYR R 434 -78.02 20.26 -58.29
N LYS R 435 -77.16 21.26 -58.49
CA LYS R 435 -77.02 21.93 -59.77
C LYS R 435 -78.34 22.56 -60.22
N GLY R 436 -79.24 22.80 -59.26
CA GLY R 436 -80.51 23.40 -59.60
C GLY R 436 -81.70 22.45 -59.55
N GLU R 437 -81.47 21.15 -59.37
CA GLU R 437 -82.57 20.20 -59.30
C GLU R 437 -82.74 19.61 -57.91
N VAL R 438 -83.95 19.21 -57.58
CA VAL R 438 -84.23 18.61 -56.29
C VAL R 438 -84.18 17.09 -56.44
N VAL R 439 -83.41 16.44 -55.57
CA VAL R 439 -83.25 15.00 -55.64
C VAL R 439 -83.41 14.31 -54.28
N ASP R 440 -83.26 13.00 -54.28
CA ASP R 440 -83.37 12.23 -53.05
C ASP R 440 -82.08 11.49 -52.78
N ALA R 441 -81.16 11.55 -53.74
CA ALA R 441 -79.86 10.89 -53.61
C ALA R 441 -78.75 11.68 -54.30
N ILE R 442 -77.56 11.65 -53.73
CA ILE R 442 -76.40 12.32 -54.27
C ILE R 442 -75.50 11.30 -54.94
N VAL R 443 -74.46 11.74 -55.64
CA VAL R 443 -73.52 10.84 -56.26
C VAL R 443 -72.10 11.28 -55.90
N PRO R 444 -71.86 11.53 -54.60
CA PRO R 444 -70.58 12.01 -54.05
C PRO R 444 -69.49 12.36 -55.07
N ALA R 445 -68.82 11.35 -55.63
CA ALA R 445 -67.76 11.56 -56.60
C ALA R 445 -68.07 12.67 -57.62
N THR R 446 -69.35 12.84 -57.95
CA THR R 446 -69.77 13.88 -58.89
C THR R 446 -69.52 15.27 -58.35
N VAL R 447 -69.82 15.47 -57.07
CA VAL R 447 -69.61 16.77 -56.46
C VAL R 447 -68.13 17.13 -56.18
N MET R 448 -67.20 16.22 -56.41
CA MET R 448 -65.79 16.55 -56.16
C MET R 448 -65.28 17.35 -57.35
N ALA R 449 -64.41 18.35 -57.09
CA ALA R 449 -63.83 19.22 -58.11
C ALA R 449 -64.84 19.49 -59.23
N ASN R 450 -66.01 19.94 -58.83
CA ASN R 450 -67.07 20.19 -59.79
C ASN R 450 -67.71 21.54 -59.49
N GLN R 451 -67.41 22.07 -58.30
CA GLN R 451 -67.89 23.38 -57.91
C GLN R 451 -66.73 24.33 -58.19
N THR R 452 -66.99 25.63 -58.20
CA THR R 452 -65.90 26.58 -58.42
C THR R 452 -65.59 27.23 -57.07
N SER R 453 -64.56 28.09 -57.04
CA SER R 453 -64.18 28.75 -55.82
C SER R 453 -65.42 29.05 -54.95
N GLU R 454 -66.37 29.79 -55.57
CA GLU R 454 -67.58 30.26 -54.90
C GLU R 454 -68.87 29.47 -55.21
N GLU R 455 -68.81 28.48 -56.11
CA GLU R 455 -69.96 27.61 -56.40
C GLU R 455 -70.13 26.65 -55.20
N VAL R 456 -69.29 26.91 -54.15
CA VAL R 456 -69.23 26.19 -52.87
C VAL R 456 -69.73 27.08 -51.74
N ALA R 457 -69.09 28.23 -51.55
CA ALA R 457 -69.51 29.18 -50.52
C ALA R 457 -70.94 29.71 -50.80
N SER R 458 -71.40 29.53 -52.04
CA SER R 458 -72.72 29.98 -52.45
C SER R 458 -73.72 28.81 -52.44
N ALA R 459 -73.29 27.67 -51.89
CA ALA R 459 -74.15 26.48 -51.83
C ALA R 459 -75.41 26.81 -51.05
N LEU R 460 -76.47 26.06 -51.31
CA LEU R 460 -77.76 26.26 -50.64
C LEU R 460 -78.02 25.24 -49.51
N ALA R 461 -78.09 25.74 -48.27
CA ALA R 461 -78.33 24.96 -47.04
C ALA R 461 -79.00 23.62 -47.30
N ASN R 462 -78.21 22.56 -47.12
CA ASN R 462 -78.64 21.18 -47.34
C ASN R 462 -78.85 20.87 -48.82
N ASP R 463 -77.75 21.02 -49.58
CA ASP R 463 -77.73 20.66 -50.97
C ASP R 463 -76.51 19.75 -51.18
N ALA R 464 -76.50 18.95 -52.20
CA ALA R 464 -75.36 18.05 -52.31
C ALA R 464 -74.05 18.69 -51.81
N ILE R 465 -73.62 19.78 -52.45
CA ILE R 465 -72.39 20.46 -52.04
C ILE R 465 -72.28 20.60 -50.51
N VAL R 466 -73.31 21.15 -49.87
CA VAL R 466 -73.29 21.34 -48.43
C VAL R 466 -73.31 20.02 -47.67
N LEU R 467 -73.77 18.95 -48.34
CA LEU R 467 -73.78 17.62 -47.74
C LEU R 467 -72.42 16.95 -47.92
N VAL R 468 -71.85 17.05 -49.16
CA VAL R 468 -70.53 16.49 -49.56
C VAL R 468 -69.38 17.35 -49.01
N SER R 469 -69.77 18.27 -48.13
CA SER R 469 -68.85 19.15 -47.39
C SER R 469 -68.90 18.80 -45.91
N ASN R 470 -70.11 18.46 -45.39
CA ASN R 470 -70.42 18.08 -43.98
C ASN R 470 -69.87 16.70 -43.66
N HIS R 471 -69.74 15.96 -44.75
CA HIS R 471 -69.21 14.63 -44.76
C HIS R 471 -67.68 14.70 -44.71
N LEU R 472 -67.06 15.33 -45.71
CA LEU R 472 -65.61 15.44 -45.72
C LEU R 472 -65.15 16.01 -44.39
N ASN R 473 -65.93 16.92 -43.85
CA ASN R 473 -65.59 17.57 -42.58
C ASN R 473 -65.44 16.60 -41.41
N LYS R 474 -66.19 15.49 -41.40
CA LYS R 474 -66.06 14.50 -40.35
C LYS R 474 -64.75 13.79 -40.61
N LEU R 475 -64.60 13.28 -41.82
CA LEU R 475 -63.40 12.57 -42.21
C LEU R 475 -62.18 13.47 -42.06
N ALA R 476 -62.40 14.76 -42.17
CA ALA R 476 -61.32 15.66 -41.97
C ALA R 476 -60.90 15.71 -40.47
N ASN R 477 -61.81 15.39 -39.53
CA ASN R 477 -61.47 15.48 -38.10
C ASN R 477 -60.98 14.17 -37.57
N VAL R 478 -61.25 13.13 -38.33
CA VAL R 478 -60.73 11.84 -37.95
C VAL R 478 -59.27 11.87 -38.27
N VAL R 479 -58.88 12.33 -39.46
CA VAL R 479 -57.43 12.39 -39.77
C VAL R 479 -56.77 13.44 -38.87
N GLY R 480 -57.30 14.65 -38.91
CA GLY R 480 -56.76 15.73 -38.09
C GLY R 480 -56.49 15.26 -36.67
N ASP R 481 -57.44 14.50 -36.12
CA ASP R 481 -57.37 13.96 -34.76
C ASP R 481 -56.41 12.76 -34.60
N ALA R 482 -56.84 11.59 -35.03
CA ALA R 482 -56.04 10.37 -34.91
C ALA R 482 -54.71 10.35 -35.66
N ILE R 483 -54.78 10.41 -36.99
CA ILE R 483 -53.58 10.39 -37.83
C ILE R 483 -52.71 11.65 -37.67
N PRO R 484 -51.36 11.51 -37.79
CA PRO R 484 -50.46 12.66 -37.65
C PRO R 484 -50.16 13.43 -38.95
N VAL R 485 -51.21 13.91 -39.62
CA VAL R 485 -51.03 14.64 -40.86
C VAL R 485 -50.46 16.04 -40.65
N ALA R 486 -49.82 16.27 -39.49
CA ALA R 486 -49.24 17.58 -39.21
C ALA R 486 -47.83 17.55 -38.64
N SER R 487 -47.01 16.69 -39.24
CA SER R 487 -45.59 16.57 -38.89
C SER R 487 -44.85 15.86 -40.04
N ARG R 488 -43.49 15.88 -40.10
CA ARG R 488 -42.81 15.23 -41.24
C ARG R 488 -42.82 13.70 -41.17
N THR R 489 -43.88 13.12 -40.59
CA THR R 489 -43.91 11.68 -40.41
C THR R 489 -44.55 10.86 -41.54
N ASP R 490 -44.63 11.41 -42.76
CA ASP R 490 -45.20 10.69 -43.91
C ASP R 490 -46.21 9.61 -43.50
N ASP R 491 -47.18 10.03 -42.69
CA ASP R 491 -48.26 9.21 -42.13
C ASP R 491 -49.06 8.38 -43.13
N SER R 492 -49.89 7.50 -42.59
CA SER R 492 -50.74 6.62 -43.39
C SER R 492 -51.63 7.37 -44.38
N ALA R 493 -52.05 8.59 -43.99
CA ALA R 493 -52.90 9.41 -44.85
C ALA R 493 -52.15 9.91 -46.07
N THR R 494 -51.12 10.74 -45.84
CA THR R 494 -50.31 11.28 -46.93
C THR R 494 -49.59 10.17 -47.67
N SER R 495 -49.67 8.94 -47.15
CA SER R 495 -49.02 7.80 -47.76
C SER R 495 -49.92 7.13 -48.76
N ALA R 496 -51.21 7.07 -48.44
CA ALA R 496 -52.20 6.47 -49.34
C ALA R 496 -52.20 7.28 -50.63
N ILE R 497 -52.10 8.60 -50.49
CA ILE R 497 -52.09 9.49 -51.64
C ILE R 497 -50.82 9.34 -52.48
N VAL R 498 -49.66 9.27 -51.83
CA VAL R 498 -48.38 9.10 -52.55
C VAL R 498 -48.42 7.91 -53.48
N SER R 499 -49.01 6.81 -53.03
CA SER R 499 -49.07 5.61 -53.87
C SER R 499 -49.94 5.87 -55.10
N ARG R 500 -50.93 6.76 -54.98
CA ARG R 500 -51.76 7.06 -56.13
C ARG R 500 -50.96 7.92 -57.11
N LEU R 501 -50.30 8.98 -56.62
CA LEU R 501 -49.51 9.84 -57.48
C LEU R 501 -48.47 9.05 -58.27
N ALA R 502 -47.83 8.09 -57.62
CA ALA R 502 -46.84 7.25 -58.30
C ALA R 502 -47.54 6.50 -59.44
N VAL R 503 -48.41 5.54 -59.09
CA VAL R 503 -49.18 4.75 -60.07
C VAL R 503 -49.75 5.62 -61.16
N GLN R 504 -50.02 6.88 -60.83
CA GLN R 504 -50.58 7.81 -61.80
C GLN R 504 -49.48 8.39 -62.69
N HIS R 505 -48.52 9.07 -62.08
CA HIS R 505 -47.41 9.66 -62.83
C HIS R 505 -46.58 8.59 -63.53
N LYS R 506 -46.71 7.34 -63.11
CA LYS R 506 -45.93 6.27 -63.71
C LYS R 506 -46.48 5.82 -65.04
N LEU R 507 -47.81 5.79 -65.18
CA LEU R 507 -48.38 5.35 -66.45
C LEU R 507 -48.42 6.51 -67.43
N SER R 508 -48.41 7.73 -66.93
CA SER R 508 -48.43 8.89 -67.82
C SER R 508 -47.04 9.00 -68.46
N GLN R 509 -46.09 8.25 -67.92
CA GLN R 509 -44.73 8.23 -68.44
C GLN R 509 -44.56 7.08 -69.43
N VAL R 510 -45.42 6.06 -69.30
CA VAL R 510 -45.38 4.90 -70.19
C VAL R 510 -45.68 5.38 -71.62
N GLY R 511 -45.04 4.75 -72.61
CA GLY R 511 -45.17 5.15 -74.03
C GLY R 511 -44.49 6.53 -74.18
N GLN R 512 -43.49 6.71 -75.09
CA GLN R 512 -42.69 7.94 -75.28
C GLN R 512 -41.41 7.76 -74.42
N ALA R 513 -40.26 8.29 -74.90
CA ALA R 513 -38.88 8.26 -74.35
C ALA R 513 -38.68 8.02 -72.84
N SER R 514 -39.77 8.10 -72.06
CA SER R 514 -39.72 7.92 -70.61
C SER R 514 -38.46 8.57 -70.04
N PRO R 515 -38.14 9.79 -70.50
CA PRO R 515 -36.93 10.51 -70.08
C PRO R 515 -36.93 10.88 -68.59
N THR R 516 -38.07 10.73 -67.92
CA THR R 516 -38.16 11.10 -66.52
C THR R 516 -38.54 9.96 -65.57
N PRO R 517 -37.56 9.34 -64.93
CA PRO R 517 -37.87 8.32 -63.97
C PRO R 517 -38.60 8.96 -62.79
N PRO R 518 -39.75 8.44 -62.38
CA PRO R 518 -40.50 9.04 -61.27
C PRO R 518 -39.59 9.53 -60.15
N ASP R 519 -40.01 10.64 -59.51
CA ASP R 519 -39.21 11.27 -58.47
C ASP R 519 -39.25 10.56 -57.10
N TYR R 520 -40.34 10.75 -56.35
CA TYR R 520 -40.55 10.10 -55.01
C TYR R 520 -40.21 10.99 -53.84
N PRO R 521 -38.98 11.47 -53.70
CA PRO R 521 -38.75 12.40 -52.60
C PRO R 521 -39.71 13.60 -52.78
N LEU R 522 -39.92 14.00 -54.09
CA LEU R 522 -40.80 15.12 -54.55
C LEU R 522 -42.29 14.71 -54.55
N LEU R 523 -42.54 13.44 -54.77
CA LEU R 523 -43.89 12.88 -54.74
C LEU R 523 -44.37 12.71 -53.32
N TRP R 524 -43.48 12.24 -52.45
CA TRP R 524 -43.85 12.09 -51.05
C TRP R 524 -44.24 13.44 -50.50
N ARG R 525 -43.38 14.44 -50.77
CA ARG R 525 -43.61 15.80 -50.32
C ARG R 525 -44.82 16.46 -50.99
N ARG R 526 -45.10 16.12 -52.25
CA ARG R 526 -46.27 16.72 -52.89
C ARG R 526 -47.55 16.15 -52.33
N ALA R 527 -47.55 14.85 -52.04
CA ALA R 527 -48.74 14.20 -51.49
C ALA R 527 -48.91 14.53 -50.01
N LYS R 528 -47.82 14.94 -49.36
CA LYS R 528 -47.89 15.29 -47.95
C LYS R 528 -48.70 16.56 -47.79
N ARG R 529 -48.47 17.52 -48.68
CA ARG R 529 -49.21 18.79 -48.62
C ARG R 529 -50.61 18.59 -49.17
N ALA R 530 -50.78 17.56 -50.01
CA ALA R 530 -52.11 17.27 -50.56
C ALA R 530 -52.97 16.74 -49.42
N ALA R 531 -52.49 15.73 -48.68
CA ALA R 531 -53.24 15.18 -47.55
C ALA R 531 -53.37 16.25 -46.47
N SER R 532 -52.33 17.07 -46.35
CA SER R 532 -52.33 18.13 -45.37
C SER R 532 -53.33 19.22 -45.76
N MET R 533 -53.32 19.63 -47.03
CA MET R 533 -54.25 20.68 -47.47
C MET R 533 -55.69 20.22 -47.26
N PHE R 534 -55.90 18.90 -47.27
CA PHE R 534 -57.23 18.37 -47.06
C PHE R 534 -57.63 18.54 -45.59
N VAL R 535 -56.89 17.92 -44.68
CA VAL R 535 -57.19 18.07 -43.26
C VAL R 535 -57.44 19.50 -42.94
N SER R 536 -56.64 20.37 -43.56
CA SER R 536 -56.72 21.81 -43.33
C SER R 536 -58.10 22.37 -43.67
N ASN R 537 -58.43 22.42 -44.95
CA ASN R 537 -59.70 22.91 -45.39
C ASN R 537 -60.43 21.84 -46.20
N PRO R 538 -61.08 20.90 -45.51
CA PRO R 538 -61.81 19.78 -46.13
C PRO R 538 -62.56 20.19 -47.43
N SER R 539 -63.18 21.36 -47.39
CA SER R 539 -63.95 21.88 -48.52
C SER R 539 -63.23 21.81 -49.87
N LEU R 540 -62.08 22.47 -49.99
CA LEU R 540 -61.29 22.51 -51.22
C LEU R 540 -61.50 21.35 -52.20
N ALA R 541 -61.51 20.12 -51.68
CA ALA R 541 -61.70 18.95 -52.52
C ALA R 541 -62.99 18.97 -53.38
N LEU R 542 -63.68 20.10 -53.41
CA LEU R 542 -64.90 20.24 -54.21
C LEU R 542 -64.65 21.22 -55.36
N GLN R 543 -63.65 22.08 -55.16
CA GLN R 543 -63.33 23.11 -56.15
C GLN R 543 -62.44 22.69 -57.31
N VAL R 544 -62.92 23.00 -58.52
CA VAL R 544 -62.19 22.67 -59.74
C VAL R 544 -60.88 23.45 -59.75
N GLY R 545 -59.77 22.72 -59.86
CA GLY R 545 -58.46 23.37 -59.94
C GLY R 545 -57.62 23.23 -58.68
N ILE R 546 -57.78 22.14 -57.95
CA ILE R 546 -56.96 21.93 -56.77
C ILE R 546 -56.02 20.74 -56.98
N PRO R 547 -54.70 21.03 -56.94
CA PRO R 547 -53.60 20.06 -57.18
C PRO R 547 -53.72 18.74 -56.39
N VAL R 548 -53.68 17.61 -57.10
CA VAL R 548 -53.79 16.28 -56.49
C VAL R 548 -55.21 16.05 -55.99
N LEU R 549 -55.47 16.53 -54.77
CA LEU R 549 -56.76 16.38 -54.12
C LEU R 549 -57.97 16.13 -55.02
N THR R 550 -58.07 16.82 -56.18
CA THR R 550 -59.27 16.67 -57.01
C THR R 550 -59.21 15.60 -58.10
N GLN R 551 -58.20 14.73 -58.11
CA GLN R 551 -58.19 13.66 -59.10
C GLN R 551 -59.07 12.58 -58.50
N SER R 552 -59.81 11.85 -59.34
CA SER R 552 -60.73 10.82 -58.84
C SER R 552 -60.17 9.81 -57.83
N GLY R 553 -58.90 9.43 -57.98
CA GLY R 553 -58.31 8.48 -57.05
C GLY R 553 -58.38 8.93 -55.60
N MET R 554 -57.56 9.92 -55.24
CA MET R 554 -57.51 10.48 -53.90
C MET R 554 -58.88 10.58 -53.23
N LEU R 555 -58.86 10.63 -51.89
CA LEU R 555 -60.09 10.70 -51.08
C LEU R 555 -60.70 9.32 -51.01
N SER R 556 -61.15 8.83 -52.17
CA SER R 556 -61.66 7.50 -52.19
C SER R 556 -60.54 6.65 -51.67
N ALA R 557 -59.34 7.08 -52.04
CA ALA R 557 -58.09 6.48 -51.62
C ALA R 557 -57.80 6.87 -50.18
N LEU R 558 -57.54 8.16 -49.96
CA LEU R 558 -57.26 8.66 -48.62
C LEU R 558 -58.07 7.93 -47.54
N THR R 559 -59.40 8.20 -47.54
CA THR R 559 -60.24 7.60 -46.50
C THR R 559 -59.88 6.13 -46.29
N SER R 560 -60.08 5.25 -47.27
CA SER R 560 -59.78 3.82 -47.08
C SER R 560 -58.37 3.52 -46.52
N GLY R 561 -57.49 4.52 -46.56
CA GLY R 561 -56.20 4.37 -45.94
C GLY R 561 -56.40 4.69 -44.49
N VAL R 562 -56.66 5.98 -44.24
CA VAL R 562 -56.96 6.48 -42.90
C VAL R 562 -57.80 5.46 -42.15
N GLY R 563 -58.64 4.77 -42.90
CA GLY R 563 -59.49 3.74 -42.38
C GLY R 563 -58.63 2.72 -41.70
N THR R 564 -58.00 1.85 -42.49
CA THR R 564 -57.15 0.80 -41.90
C THR R 564 -56.10 1.39 -40.97
N ALA R 565 -55.69 2.63 -41.20
CA ALA R 565 -54.69 3.26 -40.34
C ALA R 565 -55.16 3.33 -38.88
N LEU R 566 -56.44 3.67 -38.67
CA LEU R 566 -56.98 3.76 -37.32
C LEU R 566 -57.14 2.37 -36.74
N ARG R 567 -57.46 1.40 -37.57
CA ARG R 567 -57.65 0.07 -37.06
C ARG R 567 -56.33 -0.68 -36.86
N THR R 568 -55.33 0.02 -36.30
CA THR R 568 -54.01 -0.59 -36.03
C THR R 568 -53.09 0.32 -35.20
N GLY R 569 -53.52 1.55 -34.96
CA GLY R 569 -52.74 2.52 -34.19
C GLY R 569 -51.88 1.91 -33.07
N SER R 570 -52.25 0.74 -32.55
CA SER R 570 -51.64 -0.05 -31.44
C SER R 570 -52.22 0.40 -30.09
N LEU R 571 -51.55 1.30 -29.34
CA LEU R 571 -52.05 1.91 -28.09
C LEU R 571 -51.07 3.06 -27.87
N GLY R 572 -49.78 2.80 -28.13
CA GLY R 572 -48.72 3.77 -27.95
C GLY R 572 -48.48 4.67 -29.16
N LYS R 573 -49.59 5.14 -29.77
CA LYS R 573 -49.50 6.05 -30.91
C LYS R 573 -48.96 7.39 -30.45
N GLY R 574 -49.14 7.58 -29.16
CA GLY R 574 -48.70 8.78 -28.51
C GLY R 574 -47.19 8.88 -28.50
N VAL R 575 -46.47 7.90 -29.04
CA VAL R 575 -45.02 7.96 -29.05
C VAL R 575 -44.57 9.12 -29.93
N THR R 576 -45.49 9.65 -30.75
CA THR R 576 -45.18 10.77 -31.63
C THR R 576 -44.89 12.03 -30.83
N ASP R 577 -43.68 12.57 -30.98
CA ASP R 577 -43.32 13.79 -30.25
C ASP R 577 -43.56 13.59 -28.76
N ALA R 578 -43.39 12.34 -28.30
CA ALA R 578 -43.58 12.01 -26.89
C ALA R 578 -42.32 12.40 -26.14
N SER R 579 -41.42 13.05 -26.87
CA SER R 579 -40.16 13.51 -26.31
C SER R 579 -40.34 14.94 -25.76
N GLU R 580 -40.75 15.87 -26.62
CA GLU R 580 -40.97 17.27 -26.23
C GLU R 580 -42.19 17.32 -25.34
N LYS R 581 -43.12 16.41 -25.59
CA LYS R 581 -44.35 16.32 -24.81
C LYS R 581 -43.92 15.96 -23.40
N LEU R 582 -42.96 15.04 -23.29
CA LEU R 582 -42.46 14.61 -21.99
C LEU R 582 -41.72 15.76 -21.34
N ARG R 583 -40.78 16.32 -22.08
CA ARG R 583 -39.96 17.42 -21.60
C ARG R 583 -40.81 18.61 -21.15
N ALA R 584 -42.02 18.73 -21.72
CA ALA R 584 -42.93 19.82 -21.35
C ALA R 584 -43.63 19.47 -20.03
N ARG R 585 -43.91 18.19 -19.80
CA ARG R 585 -44.52 17.75 -18.57
C ARG R 585 -43.57 17.90 -17.39
N GLN R 586 -42.29 17.64 -17.63
CA GLN R 586 -41.31 17.81 -16.56
C GLN R 586 -41.22 19.30 -16.27
N SER R 587 -41.42 20.10 -17.31
CA SER R 587 -41.37 21.53 -17.18
C SER R 587 -42.45 22.01 -16.21
N LEU R 588 -43.60 21.36 -16.29
CA LEU R 588 -44.73 21.75 -15.43
C LEU R 588 -44.54 21.29 -13.99
N THR R 589 -44.07 20.05 -13.85
CA THR R 589 -43.84 19.52 -12.50
C THR R 589 -42.74 20.32 -11.79
N VAL R 590 -41.83 20.91 -12.55
CA VAL R 590 -40.77 21.71 -11.93
C VAL R 590 -41.37 23.01 -11.42
N ALA R 591 -42.35 23.54 -12.15
CA ALA R 591 -43.01 24.78 -11.74
C ALA R 591 -44.00 24.49 -10.62
N LYS R 592 -44.65 23.32 -10.65
CA LYS R 592 -45.60 22.96 -9.61
C LYS R 592 -44.85 22.61 -8.31
N GLN R 593 -43.62 22.11 -8.45
CA GLN R 593 -42.84 21.78 -7.26
C GLN R 593 -42.55 23.12 -6.61
N ALA R 594 -42.34 24.14 -7.44
CA ALA R 594 -42.06 25.50 -7.00
C ALA R 594 -43.23 26.03 -6.17
N PHE R 595 -44.45 25.66 -6.54
CA PHE R 595 -45.64 26.07 -5.79
C PHE R 595 -45.60 25.41 -4.40
N PHE R 596 -45.58 24.07 -4.36
CA PHE R 596 -45.51 23.35 -3.09
C PHE R 596 -44.44 23.92 -2.16
N ASP R 597 -43.37 24.47 -2.73
CA ASP R 597 -42.30 25.05 -1.93
C ASP R 597 -42.76 26.28 -1.15
N GLN R 598 -43.71 27.03 -1.70
CA GLN R 598 -44.23 28.19 -0.99
C GLN R 598 -45.27 27.76 0.02
N ILE R 599 -46.16 26.85 -0.40
CA ILE R 599 -47.13 26.32 0.55
C ILE R 599 -46.37 25.86 1.76
N GLY R 600 -45.19 25.35 1.50
CA GLY R 600 -44.28 24.83 2.50
C GLY R 600 -43.60 25.87 3.36
N SER R 601 -43.47 27.11 2.87
CA SER R 601 -42.83 28.13 3.68
C SER R 601 -43.85 29.05 4.34
N LEU R 602 -44.62 29.78 3.54
CA LEU R 602 -45.64 30.70 4.05
C LEU R 602 -46.40 30.13 5.24
N TRP R 603 -47.02 28.96 5.04
CA TRP R 603 -47.70 28.30 6.13
C TRP R 603 -46.78 27.20 6.68
N PRO R 604 -45.86 27.59 7.58
CA PRO R 604 -44.94 26.63 8.17
C PRO R 604 -45.66 25.68 9.13
N GLY S 2 -9.05 -18.73 -66.42
CA GLY S 2 -10.05 -19.41 -65.62
C GLY S 2 -10.12 -20.88 -65.96
N ASN S 3 -9.20 -21.32 -66.78
CA ASN S 3 -9.18 -22.70 -67.18
C ASN S 3 -9.27 -23.62 -65.98
N VAL S 4 -10.12 -24.59 -66.16
CA VAL S 4 -10.30 -25.58 -65.15
C VAL S 4 -8.95 -26.08 -64.67
N GLN S 5 -8.88 -26.23 -63.34
CA GLN S 5 -7.74 -26.78 -62.60
C GLN S 5 -8.18 -28.20 -62.20
N THR S 6 -8.83 -28.31 -61.00
CA THR S 6 -9.48 -29.54 -60.47
C THR S 6 -9.15 -29.95 -59.03
N SER S 7 -7.93 -29.91 -58.55
CA SER S 7 -7.81 -30.35 -57.17
C SER S 7 -6.87 -29.48 -56.37
N VAL S 8 -5.94 -28.83 -57.09
CA VAL S 8 -4.95 -28.01 -56.46
C VAL S 8 -5.61 -27.30 -55.29
N ASN S 9 -6.74 -26.64 -55.54
CA ASN S 9 -7.42 -25.92 -54.45
C ASN S 9 -8.97 -26.31 -54.39
N THR S 10 -9.63 -26.56 -53.20
CA THR S 10 -11.09 -27.00 -53.03
C THR S 10 -12.14 -26.26 -53.85
N TYR S 11 -11.73 -25.23 -54.56
CA TYR S 11 -12.67 -24.45 -55.35
C TYR S 11 -12.13 -24.08 -56.71
N ASN S 12 -12.98 -24.21 -57.70
CA ASN S 12 -12.65 -23.79 -59.05
C ASN S 12 -13.05 -22.33 -59.10
N ILE S 13 -12.41 -21.52 -59.92
CA ILE S 13 -12.84 -20.11 -59.95
C ILE S 13 -14.07 -20.00 -60.82
N THR S 14 -13.98 -20.56 -62.02
CA THR S 14 -15.10 -20.59 -62.96
C THR S 14 -16.09 -21.66 -62.52
N GLY S 15 -15.83 -22.24 -61.35
CA GLY S 15 -16.69 -23.26 -60.80
C GLY S 15 -18.17 -22.92 -60.80
N ASP S 16 -18.98 -23.96 -60.66
CA ASP S 16 -20.44 -23.85 -60.66
C ASP S 16 -21.00 -23.02 -59.49
N GLY S 17 -21.93 -22.12 -59.81
CA GLY S 17 -22.56 -21.31 -58.79
C GLY S 17 -21.76 -20.54 -57.75
N ASN S 18 -20.69 -19.87 -58.16
CA ASN S 18 -19.91 -19.04 -57.25
C ASN S 18 -20.71 -17.78 -57.07
N SER S 19 -20.20 -16.79 -56.37
CA SER S 19 -21.01 -15.59 -56.24
C SER S 19 -20.38 -14.42 -55.55
N PHE S 20 -20.00 -13.40 -56.32
CA PHE S 20 -19.48 -12.19 -55.73
C PHE S 20 -20.68 -11.46 -55.15
N THR S 21 -20.60 -11.09 -53.87
CA THR S 21 -21.72 -10.41 -53.22
C THR S 21 -21.36 -9.84 -51.84
N PRO S 22 -20.87 -8.60 -51.82
CA PRO S 22 -20.50 -7.93 -50.56
C PRO S 22 -21.69 -7.79 -49.65
N THR S 23 -21.43 -7.86 -48.35
CA THR S 23 -22.42 -7.71 -47.30
C THR S 23 -21.85 -6.72 -46.36
N SER S 24 -22.56 -5.65 -46.06
CA SER S 24 -22.06 -4.63 -45.13
C SER S 24 -21.64 -5.26 -43.82
N ASP S 25 -22.09 -6.50 -43.63
CA ASP S 25 -21.87 -7.26 -42.40
C ASP S 25 -20.47 -7.86 -42.12
N MET S 26 -19.71 -8.20 -43.16
CA MET S 26 -18.44 -8.88 -42.91
C MET S 26 -17.13 -8.22 -43.38
N THR S 27 -17.06 -6.88 -43.60
CA THR S 27 -15.84 -6.20 -44.07
C THR S 27 -14.57 -7.06 -44.16
N SER S 28 -14.26 -7.52 -45.38
CA SER S 28 -13.11 -8.36 -45.69
C SER S 28 -11.80 -7.85 -45.09
N THR S 29 -11.10 -8.70 -44.32
CA THR S 29 -9.83 -8.30 -43.68
C THR S 29 -8.91 -9.43 -43.19
N ALA S 30 -7.66 -9.41 -43.62
CA ALA S 30 -6.66 -10.39 -43.16
C ALA S 30 -6.04 -9.85 -41.86
N ALA S 31 -4.74 -10.06 -41.65
CA ALA S 31 -4.12 -9.62 -40.39
C ALA S 31 -2.94 -8.68 -40.59
N PRO S 32 -3.20 -7.36 -40.62
CA PRO S 32 -2.15 -6.35 -40.81
C PRO S 32 -1.63 -5.81 -39.51
N ALA S 33 -2.51 -5.41 -38.59
CA ALA S 33 -2.04 -4.79 -37.36
C ALA S 33 -1.44 -5.72 -36.30
N ILE S 34 -0.69 -6.77 -36.69
CA ILE S 34 -0.12 -7.64 -35.66
C ILE S 34 0.85 -6.81 -34.81
N ASP S 35 0.68 -6.89 -33.49
CA ASP S 35 1.55 -6.13 -32.60
C ASP S 35 2.91 -6.80 -32.37
N LEU S 36 3.98 -6.04 -32.59
CA LEU S 36 5.32 -6.59 -32.39
C LEU S 36 6.22 -5.65 -31.58
N LYS S 37 5.75 -4.42 -31.30
CA LYS S 37 6.56 -3.47 -30.55
C LYS S 37 7.15 -4.06 -29.25
N PRO S 38 8.39 -3.71 -28.98
CA PRO S 38 9.16 -4.19 -27.83
C PRO S 38 8.37 -4.55 -26.58
N GLY S 39 7.75 -3.56 -25.98
CA GLY S 39 7.00 -3.83 -24.76
C GLY S 39 5.87 -4.84 -24.98
N VAL S 40 5.15 -4.69 -26.09
CA VAL S 40 4.01 -5.55 -26.33
C VAL S 40 4.32 -6.96 -26.83
N LEU S 41 5.43 -7.18 -27.53
CA LEU S 41 5.77 -8.54 -27.97
C LEU S 41 6.49 -9.29 -26.85
N ASN S 42 7.01 -8.52 -25.89
CA ASN S 42 7.70 -9.07 -24.70
C ASN S 42 9.09 -8.51 -24.45
N PRO T 1 4.66 -16.51 -16.03
CA PRO T 1 6.12 -16.39 -16.12
C PRO T 1 6.51 -15.71 -17.42
N THR T 2 7.80 -15.37 -17.53
CA THR T 2 8.39 -14.69 -18.68
C THR T 2 9.89 -14.80 -18.59
N GLY T 3 10.59 -14.40 -19.65
CA GLY T 3 12.04 -14.41 -19.64
C GLY T 3 12.67 -15.77 -20.01
N LYS T 4 13.99 -15.83 -19.87
CA LYS T 4 14.71 -17.02 -20.18
C LYS T 4 14.52 -18.03 -19.07
N LEU T 5 14.61 -19.32 -19.38
CA LEU T 5 14.42 -20.35 -18.36
C LEU T 5 15.76 -20.65 -17.68
N TRP T 6 15.73 -20.85 -16.39
CA TRP T 6 16.91 -21.16 -15.62
C TRP T 6 16.78 -22.53 -14.99
N ARG T 7 17.88 -23.13 -14.58
CA ARG T 7 17.81 -24.41 -13.91
C ARG T 7 18.90 -24.50 -12.86
N PRO T 8 18.70 -25.30 -11.82
CA PRO T 8 19.68 -25.33 -10.74
C PRO T 8 21.09 -25.62 -11.24
N VAL T 9 22.06 -24.84 -10.76
CA VAL T 9 23.45 -25.02 -11.18
C VAL T 9 24.39 -25.27 -10.00
N GLY T 10 25.20 -26.33 -10.11
CA GLY T 10 26.18 -26.65 -9.09
C GLY T 10 25.64 -27.42 -7.90
N THR T 11 26.48 -27.70 -6.92
CA THR T 11 26.02 -28.48 -5.77
C THR T 11 25.25 -27.66 -4.73
N SER T 12 24.05 -28.15 -4.40
CA SER T 12 23.23 -27.53 -3.37
C SER T 12 21.75 -27.66 -3.66
N VAL T 13 20.93 -27.18 -2.73
CA VAL T 13 19.48 -27.17 -2.89
C VAL T 13 19.11 -26.03 -3.82
N ALA T 14 17.93 -26.09 -4.42
CA ALA T 14 17.52 -25.00 -5.30
C ALA T 14 17.49 -23.76 -4.44
N THR T 15 17.99 -22.65 -4.96
CA THR T 15 18.06 -21.42 -4.18
C THR T 15 18.29 -20.24 -5.09
N ILE T 16 18.23 -19.03 -4.55
CA ILE T 16 18.43 -17.85 -5.36
C ILE T 16 19.93 -17.66 -5.52
N ASP T 17 20.51 -18.47 -6.39
CA ASP T 17 21.92 -18.42 -6.74
C ASP T 17 22.34 -19.81 -7.18
N SER T 18 21.48 -20.78 -6.89
CA SER T 18 21.64 -22.13 -7.39
C SER T 18 21.41 -22.04 -8.90
N LEU T 19 20.45 -21.19 -9.25
CA LEU T 19 20.01 -20.99 -10.63
C LEU T 19 21.01 -20.32 -11.57
N ALA T 20 20.90 -20.69 -12.85
CA ALA T 20 21.72 -20.19 -13.92
C ALA T 20 20.98 -20.33 -15.26
N ILE T 21 20.97 -19.27 -16.06
CA ILE T 21 20.30 -19.36 -17.35
C ILE T 21 20.71 -20.64 -18.05
N VAL T 22 19.76 -21.54 -18.27
CA VAL T 22 20.05 -22.82 -18.93
C VAL T 22 20.43 -22.60 -20.37
N SER T 23 21.65 -22.18 -20.62
CA SER T 23 22.07 -21.97 -22.00
C SER T 23 22.69 -23.27 -22.54
N ASP T 24 23.02 -23.28 -23.82
CA ASP T 24 23.64 -24.46 -24.42
C ASP T 24 23.83 -24.28 -25.91
N ARG T 25 24.17 -25.38 -26.57
CA ARG T 25 24.45 -25.44 -28.00
C ARG T 25 23.40 -24.79 -28.90
N PHE T 26 22.20 -24.53 -28.37
CA PHE T 26 21.13 -23.91 -29.15
C PHE T 26 20.89 -22.46 -28.80
N GLY T 27 21.53 -21.97 -27.75
CA GLY T 27 21.33 -20.60 -27.30
C GLY T 27 20.57 -20.72 -26.01
N GLN T 28 19.83 -19.70 -25.60
CA GLN T 28 19.08 -19.80 -24.35
C GLN T 28 17.58 -19.90 -24.54
N TYR T 29 16.99 -20.91 -23.92
CA TYR T 29 15.55 -21.10 -24.03
C TYR T 29 14.83 -19.96 -23.34
N SER T 30 14.06 -19.19 -24.11
CA SER T 30 13.28 -18.13 -23.47
C SER T 30 11.83 -18.63 -23.48
N PHE T 31 11.13 -18.43 -22.36
CA PHE T 31 9.76 -18.89 -22.24
C PHE T 31 8.80 -18.22 -23.21
N VAL T 32 7.81 -18.97 -23.68
CA VAL T 32 6.83 -18.44 -24.62
C VAL T 32 5.46 -18.34 -23.95
N ASN T 33 5.29 -17.28 -23.14
CA ASN T 33 4.05 -17.04 -22.41
C ASN T 33 2.86 -17.08 -23.35
N GLU T 34 1.69 -17.42 -22.80
CA GLU T 34 0.45 -17.53 -23.56
C GLU T 34 0.20 -16.51 -24.68
N GLY T 35 0.26 -15.24 -24.35
CA GLY T 35 0.00 -14.19 -25.32
C GLY T 35 1.04 -14.07 -26.43
N MET T 36 2.29 -14.34 -26.12
CA MET T 36 3.34 -14.25 -27.12
C MET T 36 3.22 -15.37 -28.16
N ARG T 37 2.37 -16.36 -27.87
CA ARG T 37 2.12 -17.42 -28.84
C ARG T 37 1.01 -16.96 -29.75
N GLU T 38 0.22 -16.02 -29.26
CA GLU T 38 -0.88 -15.45 -30.04
C GLU T 38 -0.34 -14.72 -31.22
N THR T 39 0.76 -14.02 -31.01
CA THR T 39 1.37 -13.26 -32.09
C THR T 39 1.95 -14.19 -33.13
N PHE T 40 2.94 -14.99 -32.76
CA PHE T 40 3.59 -15.92 -33.68
C PHE T 40 2.63 -16.89 -34.31
N SER T 41 1.48 -17.09 -33.70
CA SER T 41 0.49 -17.93 -34.33
C SER T 41 -0.30 -17.07 -35.30
N LYS T 42 -0.59 -15.84 -34.90
CA LYS T 42 -1.36 -14.91 -35.74
C LYS T 42 -0.55 -14.54 -36.97
N ALA T 43 0.77 -14.55 -36.84
CA ALA T 43 1.69 -14.22 -37.94
C ALA T 43 1.77 -15.41 -38.89
N LEU T 44 1.97 -16.60 -38.34
CA LEU T 44 2.04 -17.82 -39.14
C LEU T 44 0.66 -18.10 -39.74
N PHE T 45 -0.40 -17.79 -39.00
CA PHE T 45 -1.73 -18.04 -39.50
C PHE T 45 -1.94 -17.26 -40.80
N ASP T 46 -1.49 -16.01 -40.82
CA ASP T 46 -1.64 -15.18 -42.01
C ASP T 46 -0.76 -15.67 -43.17
N ILE T 47 0.18 -16.56 -42.90
CA ILE T 47 1.03 -17.09 -43.97
C ILE T 47 0.44 -18.40 -44.47
N ASN T 48 0.06 -19.29 -43.55
CA ASN T 48 -0.54 -20.56 -43.95
C ASN T 48 -1.66 -20.28 -44.93
N MET T 49 -2.41 -19.21 -44.68
CA MET T 49 -3.53 -18.83 -45.55
C MET T 49 -3.17 -18.93 -47.03
N TRP T 50 -1.97 -18.49 -47.35
CA TRP T 50 -1.49 -18.51 -48.74
C TRP T 50 -1.00 -19.87 -49.15
N GLN T 51 -1.51 -20.94 -48.54
CA GLN T 51 -1.04 -22.27 -48.87
C GLN T 51 -1.20 -22.64 -50.34
N PRO T 52 -2.41 -22.43 -50.91
CA PRO T 52 -2.68 -22.75 -52.31
C PRO T 52 -1.78 -22.05 -53.30
N LEU T 53 -1.15 -20.95 -52.91
CA LEU T 53 -0.28 -20.28 -53.85
C LEU T 53 1.15 -20.72 -53.71
N PHE T 54 1.50 -21.30 -52.56
CA PHE T 54 2.85 -21.80 -52.32
C PHE T 54 3.09 -23.08 -53.10
N GLN T 55 2.10 -23.97 -53.12
CA GLN T 55 2.25 -25.21 -53.86
C GLN T 55 2.25 -24.87 -55.34
N ALA T 56 1.24 -24.10 -55.78
CA ALA T 56 1.15 -23.75 -57.19
C ALA T 56 2.46 -23.29 -57.72
N THR T 57 3.09 -22.39 -57.01
CA THR T 57 4.35 -21.94 -57.49
C THR T 57 5.57 -22.68 -56.90
N LYS T 58 5.48 -23.97 -56.45
CA LYS T 58 6.66 -24.74 -55.94
C LYS T 58 7.64 -24.01 -54.94
N THR T 59 7.30 -22.81 -54.42
CA THR T 59 8.11 -22.11 -53.38
C THR T 59 7.68 -22.68 -52.03
N GLY T 60 7.74 -21.87 -50.97
CA GLY T 60 7.29 -22.35 -49.69
C GLY T 60 8.03 -23.65 -49.30
N CYS T 61 7.32 -24.55 -48.62
CA CYS T 61 7.91 -25.79 -48.09
C CYS T 61 6.97 -26.50 -47.11
N GLY T 62 5.66 -26.33 -47.29
CA GLY T 62 4.69 -26.94 -46.39
C GLY T 62 4.19 -25.89 -45.42
N PRO T 63 3.13 -26.14 -44.65
CA PRO T 63 2.59 -25.16 -43.69
C PRO T 63 3.52 -24.99 -42.48
N ILE T 64 3.72 -23.75 -42.04
CA ILE T 64 4.61 -23.48 -40.90
C ILE T 64 3.92 -23.59 -39.55
N VAL T 65 4.12 -24.70 -38.85
CA VAL T 65 3.52 -24.88 -37.51
C VAL T 65 4.44 -24.23 -36.48
N LEU T 66 3.88 -23.41 -35.59
CA LEU T 66 4.72 -22.77 -34.59
C LEU T 66 5.32 -23.80 -33.65
N SER T 67 4.74 -25.00 -33.65
CA SER T 67 5.22 -26.08 -32.78
C SER T 67 6.47 -26.72 -33.35
N SER T 68 7.07 -26.10 -34.37
CA SER T 68 8.29 -26.66 -34.93
C SER T 68 9.49 -25.85 -34.45
N PHE T 69 9.24 -24.70 -33.86
CA PHE T 69 10.33 -23.85 -33.39
C PHE T 69 10.49 -23.88 -31.88
N THR T 70 9.50 -24.43 -31.18
CA THR T 70 9.56 -24.48 -29.73
C THR T 70 10.08 -25.81 -29.17
N THR T 71 9.89 -26.01 -27.86
CA THR T 71 10.33 -27.23 -27.17
C THR T 71 9.50 -27.38 -25.90
N THR T 72 9.75 -28.44 -25.14
CA THR T 72 9.01 -28.64 -23.91
C THR T 72 9.96 -28.87 -22.75
N THR T 73 10.77 -27.86 -22.46
CA THR T 73 11.70 -27.97 -21.35
C THR T 73 10.89 -27.61 -20.10
N SER T 74 11.55 -27.63 -18.94
CA SER T 74 10.94 -27.29 -17.67
C SER T 74 12.02 -26.89 -16.67
N GLY T 75 11.73 -25.86 -15.90
CA GLY T 75 12.68 -25.36 -14.91
C GLY T 75 12.03 -24.12 -14.34
N TYR T 76 12.85 -23.21 -13.83
CA TYR T 76 12.34 -21.96 -13.27
C TYR T 76 12.53 -20.90 -14.32
N VAL T 77 11.51 -20.13 -14.62
CA VAL T 77 11.68 -19.10 -15.64
C VAL T 77 11.43 -17.67 -15.22
N GLY T 78 12.50 -16.89 -15.11
CA GLY T 78 12.33 -15.50 -14.73
C GLY T 78 13.29 -14.60 -15.48
N ALA T 79 13.48 -13.38 -14.95
CA ALA T 79 14.37 -12.43 -15.58
C ALA T 79 15.71 -12.49 -14.87
N THR T 80 15.73 -12.94 -13.63
CA THR T 80 16.99 -13.07 -12.87
C THR T 80 16.85 -14.15 -11.81
N ALA T 81 17.93 -14.90 -11.57
CA ALA T 81 17.92 -15.99 -10.59
C ALA T 81 16.96 -15.70 -9.44
N GLY T 82 17.10 -14.53 -8.83
CA GLY T 82 16.24 -14.16 -7.72
C GLY T 82 14.74 -14.30 -7.96
N ASP T 83 14.25 -13.67 -9.03
CA ASP T 83 12.83 -13.70 -9.35
C ASP T 83 12.40 -14.92 -10.16
N ALA T 84 13.35 -15.58 -10.82
CA ALA T 84 13.02 -16.75 -11.62
C ALA T 84 12.69 -17.90 -10.71
N LEU T 85 13.13 -17.76 -9.46
CA LEU T 85 12.89 -18.79 -8.45
C LEU T 85 11.42 -18.94 -8.09
N ASP T 86 10.63 -17.91 -8.38
CA ASP T 86 9.20 -17.91 -8.07
C ASP T 86 8.34 -18.20 -9.28
N ASN T 87 8.85 -18.95 -10.25
CA ASN T 87 8.07 -19.29 -11.44
C ASN T 87 8.37 -20.71 -11.87
N PRO T 88 8.35 -21.67 -10.97
CA PRO T 88 8.62 -23.05 -11.36
C PRO T 88 7.62 -23.47 -12.41
N VAL T 89 8.09 -23.67 -13.64
CA VAL T 89 7.20 -24.08 -14.72
C VAL T 89 7.58 -25.49 -15.19
N THR T 90 6.60 -26.38 -15.31
CA THR T 90 6.89 -27.75 -15.74
C THR T 90 6.42 -27.99 -17.16
N ASN T 91 7.32 -28.47 -17.99
CA ASN T 91 7.02 -28.73 -19.39
C ASN T 91 6.37 -27.53 -20.03
N GLY T 92 6.96 -26.35 -19.78
CA GLY T 92 6.48 -25.14 -20.40
C GLY T 92 6.93 -25.22 -21.84
N VAL T 93 6.55 -24.24 -22.65
CA VAL T 93 6.95 -24.24 -24.05
C VAL T 93 7.92 -23.08 -24.31
N PHE T 94 9.21 -23.40 -24.46
CA PHE T 94 10.23 -22.38 -24.69
C PHE T 94 10.76 -22.46 -26.09
N ILE T 95 11.27 -21.34 -26.60
CA ILE T 95 11.85 -21.33 -27.95
C ILE T 95 13.32 -20.96 -27.76
N SER T 96 14.25 -21.82 -28.19
CA SER T 96 15.70 -21.56 -28.02
C SER T 96 16.18 -20.40 -28.87
N THR T 97 17.24 -19.73 -28.50
CA THR T 97 17.71 -18.61 -29.32
C THR T 97 17.83 -18.94 -30.80
N VAL T 98 18.65 -19.96 -31.14
CA VAL T 98 18.80 -20.29 -32.54
C VAL T 98 17.46 -20.53 -33.23
N GLN T 99 16.44 -20.88 -32.46
CA GLN T 99 15.11 -21.09 -33.05
C GLN T 99 14.43 -19.75 -33.21
N ILE T 100 14.51 -18.91 -32.18
CA ILE T 100 13.93 -17.56 -32.20
C ILE T 100 14.54 -16.88 -33.41
N MET T 101 15.56 -17.51 -34.00
CA MET T 101 16.17 -16.96 -35.20
C MET T 101 15.43 -17.39 -36.44
N ASN T 102 15.08 -18.67 -36.54
CA ASN T 102 14.36 -19.15 -37.71
C ASN T 102 12.92 -18.69 -37.75
N LEU T 103 12.18 -18.92 -36.66
CA LEU T 103 10.80 -18.48 -36.63
C LEU T 103 10.78 -17.03 -37.09
N GLN T 104 11.93 -16.37 -36.94
CA GLN T 104 12.09 -14.98 -37.36
C GLN T 104 12.38 -14.95 -38.85
N ARG T 105 13.55 -15.41 -39.28
CA ARG T 105 13.86 -15.39 -40.70
C ARG T 105 12.95 -16.26 -41.58
N THR T 106 12.11 -17.09 -40.99
CA THR T 106 11.19 -17.88 -41.81
C THR T 106 10.02 -16.95 -42.08
N ILE T 107 9.40 -16.46 -41.01
CA ILE T 107 8.30 -15.53 -41.12
C ILE T 107 8.72 -14.36 -41.97
N ALA T 108 10.02 -14.09 -42.01
CA ALA T 108 10.52 -13.00 -42.84
C ALA T 108 10.60 -13.47 -44.30
N ALA T 109 11.25 -14.60 -44.57
CA ALA T 109 11.36 -15.09 -45.93
C ALA T 109 9.98 -15.31 -46.52
N ARG T 110 9.11 -16.04 -45.81
CA ARG T 110 7.76 -16.30 -46.28
C ARG T 110 7.00 -15.00 -46.45
N MET T 111 7.20 -14.08 -45.52
CA MET T 111 6.53 -12.79 -45.59
C MET T 111 6.83 -12.07 -46.89
N ARG T 112 8.04 -12.18 -47.40
CA ARG T 112 8.34 -11.59 -48.68
C ARG T 112 7.49 -12.32 -49.72
N ASP T 113 7.71 -13.63 -49.82
CA ASP T 113 6.98 -14.49 -50.75
C ASP T 113 5.52 -14.05 -50.91
N VAL T 114 4.77 -14.05 -49.80
CA VAL T 114 3.37 -13.67 -49.86
C VAL T 114 3.19 -12.19 -50.14
N ALA T 115 3.94 -11.33 -49.46
CA ALA T 115 3.83 -9.88 -49.67
C ALA T 115 3.75 -9.58 -51.16
N LEU T 116 4.41 -10.37 -51.96
CA LEU T 116 4.40 -10.13 -53.40
C LEU T 116 3.07 -10.54 -54.02
N TRP T 117 2.76 -11.85 -53.95
CA TRP T 117 1.52 -12.37 -54.50
C TRP T 117 0.36 -11.54 -53.98
N GLN T 118 0.30 -11.44 -52.65
CA GLN T 118 -0.70 -10.71 -51.91
C GLN T 118 -0.89 -9.33 -52.51
N LYS T 119 0.12 -8.81 -53.21
CA LYS T 119 -0.02 -7.50 -53.83
C LYS T 119 -0.81 -7.63 -55.16
N HIS T 120 -0.58 -8.71 -55.91
CA HIS T 120 -1.28 -8.97 -57.18
C HIS T 120 -2.75 -9.28 -56.92
N LEU T 121 -2.99 -10.10 -55.90
CA LEU T 121 -4.35 -10.49 -55.54
C LEU T 121 -5.13 -9.23 -55.31
N ASP T 122 -4.47 -8.26 -54.70
CA ASP T 122 -5.10 -7.00 -54.38
C ASP T 122 -5.45 -6.08 -55.56
N THR T 123 -4.47 -5.73 -56.39
CA THR T 123 -4.75 -4.86 -57.52
C THR T 123 -5.95 -5.39 -58.29
N ALA T 124 -6.29 -6.66 -58.08
CA ALA T 124 -7.41 -7.29 -58.76
C ALA T 124 -8.64 -7.29 -57.85
N MET T 125 -8.44 -7.52 -56.57
CA MET T 125 -9.55 -7.53 -55.63
C MET T 125 -10.16 -6.15 -55.44
N THR T 126 -9.40 -5.24 -54.84
CA THR T 126 -9.87 -3.88 -54.65
C THR T 126 -10.27 -3.29 -56.00
N MET T 127 -9.82 -3.90 -57.08
CA MET T 127 -10.18 -3.40 -58.40
C MET T 127 -11.64 -3.67 -58.73
N LEU T 128 -12.45 -3.76 -57.69
CA LEU T 128 -13.90 -3.95 -57.79
C LEU T 128 -14.50 -3.91 -56.40
N THR T 129 -14.06 -2.91 -55.64
CA THR T 129 -14.49 -2.64 -54.27
C THR T 129 -15.33 -3.74 -53.63
N PRO T 130 -14.68 -4.81 -53.16
CA PRO T 130 -15.47 -5.88 -52.56
C PRO T 130 -15.96 -5.49 -51.16
N ASP T 131 -16.01 -4.19 -50.86
CA ASP T 131 -16.48 -3.79 -49.54
C ASP T 131 -17.49 -2.66 -49.45
N ILE T 132 -18.70 -3.00 -49.03
CA ILE T 132 -19.79 -2.04 -48.85
C ILE T 132 -20.00 -1.93 -47.35
N SER T 133 -20.76 -0.93 -46.89
CA SER T 133 -20.97 -0.78 -45.45
C SER T 133 -22.41 -0.57 -44.97
N ALA T 134 -23.38 -0.95 -45.80
CA ALA T 134 -24.79 -0.82 -45.47
C ALA T 134 -25.60 -1.77 -46.38
N GLY T 135 -26.30 -2.74 -45.77
CA GLY T 135 -27.07 -3.68 -46.57
C GLY T 135 -26.12 -4.47 -47.45
N SER T 136 -26.64 -5.20 -48.43
CA SER T 136 -25.79 -5.99 -49.32
C SER T 136 -25.72 -5.39 -50.71
N ALA T 137 -25.42 -6.24 -51.69
CA ALA T 137 -25.32 -5.85 -53.10
C ALA T 137 -24.43 -6.85 -53.85
N SER T 138 -25.04 -7.61 -54.76
CA SER T 138 -24.31 -8.60 -55.55
C SER T 138 -23.85 -8.07 -56.91
N CYS T 139 -23.31 -8.96 -57.73
CA CYS T 139 -22.82 -8.63 -59.07
C CYS T 139 -22.51 -9.91 -59.80
N ASN T 140 -23.52 -10.49 -60.45
CA ASN T 140 -23.39 -11.78 -61.13
C ASN T 140 -21.95 -12.13 -61.56
N TRP T 141 -21.40 -13.12 -60.84
CA TRP T 141 -20.04 -13.63 -61.00
C TRP T 141 -19.48 -13.76 -62.42
N LYS T 142 -20.22 -14.36 -63.33
CA LYS T 142 -19.74 -14.50 -64.72
C LYS T 142 -19.17 -13.17 -65.20
N SER T 143 -20.04 -12.17 -65.31
CA SER T 143 -19.66 -10.83 -65.75
C SER T 143 -18.39 -10.37 -65.05
N LEU T 144 -18.48 -10.29 -63.73
CA LEU T 144 -17.36 -9.87 -62.88
C LEU T 144 -16.04 -10.47 -63.37
N LEU T 145 -15.99 -11.79 -63.45
CA LEU T 145 -14.79 -12.48 -63.91
C LEU T 145 -14.44 -12.06 -65.33
N ALA T 146 -15.31 -12.35 -66.29
CA ALA T 146 -15.10 -11.99 -67.69
C ALA T 146 -14.68 -10.53 -67.86
N PHE T 147 -14.95 -9.72 -66.84
CA PHE T 147 -14.59 -8.30 -66.82
C PHE T 147 -13.13 -8.13 -66.40
N ALA T 148 -12.77 -8.63 -65.22
CA ALA T 148 -11.40 -8.52 -64.74
C ALA T 148 -10.47 -9.24 -65.69
N LYS T 149 -11.02 -10.18 -66.47
CA LYS T 149 -10.23 -10.90 -67.47
C LYS T 149 -9.61 -9.87 -68.39
N ASP T 150 -10.26 -8.70 -68.43
CA ASP T 150 -9.82 -7.56 -69.23
C ASP T 150 -8.90 -6.68 -68.39
N ILE T 151 -9.50 -5.73 -67.70
CA ILE T 151 -8.77 -4.77 -66.90
C ILE T 151 -7.39 -5.25 -66.42
N LEU T 152 -7.31 -6.24 -65.54
CA LEU T 152 -6.04 -6.72 -65.01
C LEU T 152 -4.87 -6.69 -66.06
N PRO T 153 -3.82 -5.84 -65.85
CA PRO T 153 -2.67 -5.72 -66.76
C PRO T 153 -1.90 -7.04 -66.88
N LEU T 154 -1.44 -7.37 -68.07
CA LEU T 154 -0.73 -8.62 -68.39
C LEU T 154 0.41 -9.10 -67.45
N ASP T 155 0.75 -8.36 -66.38
CA ASP T 155 1.83 -8.77 -65.49
C ASP T 155 1.37 -8.94 -64.04
N ASN T 156 0.10 -9.20 -63.89
CA ASN T 156 -0.40 -9.43 -62.54
C ASN T 156 0.16 -10.81 -62.07
N LEU T 157 -0.65 -11.67 -61.48
CA LEU T 157 -0.32 -13.06 -61.08
C LEU T 157 -1.68 -13.73 -60.85
N CYS T 158 -2.78 -12.96 -61.03
CA CYS T 158 -4.19 -13.42 -60.86
C CYS T 158 -4.76 -13.94 -62.19
N LEU T 159 -3.93 -13.83 -63.22
CA LEU T 159 -4.23 -14.33 -64.54
C LEU T 159 -3.45 -15.62 -64.76
N THR T 160 -2.29 -15.76 -64.11
CA THR T 160 -1.50 -16.99 -64.26
C THR T 160 -2.02 -18.13 -63.31
N TYR T 161 -2.80 -17.80 -62.20
CA TYR T 161 -3.30 -18.79 -61.19
C TYR T 161 -4.80 -18.59 -60.71
N PRO T 162 -5.72 -17.99 -61.52
CA PRO T 162 -7.16 -17.68 -61.19
C PRO T 162 -7.77 -18.37 -59.96
N ASN T 163 -7.80 -19.71 -60.01
CA ASN T 163 -8.30 -20.45 -58.89
C ASN T 163 -7.14 -21.15 -58.20
N GLU T 164 -6.16 -20.28 -57.82
CA GLU T 164 -4.99 -20.65 -57.02
C GLU T 164 -4.75 -19.42 -56.17
N PHE T 165 -5.36 -18.31 -56.66
CA PHE T 165 -5.41 -16.99 -56.03
C PHE T 165 -6.82 -16.90 -55.46
N TYR T 166 -7.77 -17.39 -56.23
CA TYR T 166 -9.17 -17.38 -55.81
C TYR T 166 -9.31 -18.06 -54.42
N ASN T 167 -8.66 -19.22 -54.23
CA ASN T 167 -8.70 -19.98 -52.97
C ASN T 167 -8.02 -19.23 -51.86
N VAL T 168 -7.02 -18.41 -52.18
CA VAL T 168 -6.38 -17.60 -51.18
C VAL T 168 -7.39 -16.52 -50.85
N ALA T 169 -7.90 -15.89 -51.92
CA ALA T 169 -8.87 -14.79 -51.84
C ALA T 169 -10.09 -15.11 -51.01
N ILE T 170 -10.81 -16.18 -51.35
CA ILE T 170 -12.00 -16.59 -50.60
C ILE T 170 -11.83 -16.45 -49.09
N HIS T 171 -10.60 -16.57 -48.59
CA HIS T 171 -10.32 -16.45 -47.16
C HIS T 171 -10.04 -15.04 -46.71
N ARG T 172 -10.07 -14.08 -47.62
CA ARG T 172 -9.78 -12.72 -47.20
C ARG T 172 -10.95 -11.81 -47.51
N TYR T 173 -11.79 -12.20 -48.46
CA TYR T 173 -12.93 -11.38 -48.86
C TYR T 173 -14.26 -12.09 -48.64
N PRO T 174 -14.93 -11.79 -47.52
CA PRO T 174 -16.20 -12.49 -47.33
C PRO T 174 -17.22 -11.98 -48.36
N ALA T 175 -16.74 -11.35 -49.42
CA ALA T 175 -17.63 -10.91 -50.49
C ALA T 175 -17.74 -12.09 -51.44
N LEU T 176 -16.60 -12.66 -51.86
CA LEU T 176 -16.55 -13.82 -52.77
C LEU T 176 -16.94 -15.08 -52.01
N LYS T 177 -18.14 -15.62 -52.24
CA LYS T 177 -18.57 -16.84 -51.56
C LYS T 177 -18.47 -17.92 -52.64
N PRO T 178 -17.61 -18.92 -52.47
CA PRO T 178 -17.46 -19.96 -53.48
C PRO T 178 -18.69 -20.84 -53.53
N GLY T 179 -19.06 -21.30 -54.71
CA GLY T 179 -20.23 -22.13 -54.86
C GLY T 179 -19.93 -23.53 -54.34
N ASN T 180 -20.73 -23.98 -53.38
CA ASN T 180 -20.52 -25.30 -52.82
C ASN T 180 -20.55 -26.41 -53.87
N PRO T 181 -19.57 -27.34 -53.83
CA PRO T 181 -19.56 -28.48 -54.79
C PRO T 181 -20.82 -29.38 -54.83
N ASP T 182 -21.36 -29.92 -53.70
CA ASP T 182 -22.52 -30.86 -53.77
C ASP T 182 -23.94 -30.27 -53.42
N THR T 183 -24.33 -29.21 -54.19
CA THR T 183 -25.62 -28.48 -54.20
C THR T 183 -25.48 -27.30 -55.20
N LYS T 184 -24.26 -27.17 -55.76
CA LYS T 184 -23.80 -26.16 -56.74
C LYS T 184 -24.44 -24.74 -56.61
N LEU T 185 -24.61 -24.24 -55.35
CA LEU T 185 -25.24 -22.93 -54.90
C LEU T 185 -24.30 -22.23 -53.86
N PRO T 186 -24.41 -20.87 -53.64
CA PRO T 186 -23.54 -20.21 -52.64
C PRO T 186 -23.63 -20.83 -51.20
N ASP T 187 -23.81 -19.98 -50.16
CA ASP T 187 -23.82 -20.41 -48.72
C ASP T 187 -24.50 -19.37 -47.79
N ALA T 188 -24.93 -18.24 -48.33
CA ALA T 188 -25.54 -17.19 -47.49
C ALA T 188 -24.42 -16.60 -46.64
N GLN T 189 -24.02 -17.34 -45.61
CA GLN T 189 -22.90 -16.93 -44.78
C GLN T 189 -21.63 -16.99 -45.63
N ALA T 190 -20.68 -16.17 -45.32
CA ALA T 190 -19.39 -16.22 -45.97
C ALA T 190 -18.38 -16.58 -44.89
N HIS T 191 -17.53 -17.60 -45.13
CA HIS T 191 -16.57 -18.05 -44.12
C HIS T 191 -15.11 -17.72 -44.43
N PRO T 192 -14.71 -16.45 -44.30
CA PRO T 192 -13.30 -16.10 -44.55
C PRO T 192 -12.50 -16.36 -43.26
N LEU T 193 -11.27 -16.82 -43.38
CA LEU T 193 -10.45 -17.10 -42.20
C LEU T 193 -10.48 -16.03 -41.11
N GLY T 194 -10.69 -14.77 -41.51
CA GLY T 194 -10.75 -13.70 -40.53
C GLY T 194 -12.14 -13.53 -39.95
N GLU T 195 -12.87 -14.65 -39.90
CA GLU T 195 -14.24 -14.74 -39.41
C GLU T 195 -14.68 -13.69 -38.39
N VAL T 196 -13.99 -13.64 -37.25
CA VAL T 196 -14.33 -12.70 -36.18
C VAL T 196 -13.91 -11.28 -36.49
N ALA T 197 -12.62 -11.07 -36.72
CA ALA T 197 -12.10 -9.74 -37.04
C ALA T 197 -12.96 -9.04 -38.09
N GLY T 198 -13.26 -9.74 -39.17
CA GLY T 198 -14.08 -9.16 -40.23
C GLY T 198 -15.50 -8.89 -39.79
N ALA T 199 -15.97 -9.59 -38.77
CA ALA T 199 -17.32 -9.38 -38.26
C ALA T 199 -17.34 -8.11 -37.44
N PHE T 200 -16.27 -7.91 -36.66
CA PHE T 200 -16.14 -6.74 -35.82
C PHE T 200 -15.56 -5.49 -36.46
N ASN T 201 -15.65 -5.38 -37.78
CA ASN T 201 -15.16 -4.19 -38.43
C ASN T 201 -16.26 -3.62 -39.28
N ALA T 202 -17.23 -4.48 -39.60
CA ALA T 202 -18.38 -4.06 -40.38
C ALA T 202 -18.88 -2.80 -39.69
N ALA T 203 -19.33 -1.82 -40.47
CA ALA T 203 -19.87 -0.61 -39.88
C ALA T 203 -21.26 -0.95 -39.30
N THR T 204 -21.30 -1.42 -38.06
CA THR T 204 -22.57 -1.78 -37.42
C THR T 204 -23.50 -0.57 -37.34
N SER T 205 -24.67 -0.68 -37.95
CA SER T 205 -25.63 0.43 -37.99
C SER T 205 -26.06 1.06 -36.66
N GLU T 206 -25.88 0.35 -35.54
CA GLU T 206 -26.26 0.88 -34.22
C GLU T 206 -25.29 1.97 -33.83
N VAL T 207 -24.01 1.70 -34.04
CA VAL T 207 -22.97 2.65 -33.70
C VAL T 207 -21.88 2.57 -34.76
N GLY T 208 -21.65 3.68 -35.47
CA GLY T 208 -20.63 3.73 -36.51
C GLY T 208 -19.82 2.46 -36.78
N SER T 209 -18.70 2.32 -36.06
CA SER T 209 -17.82 1.17 -36.21
C SER T 209 -17.01 0.98 -34.94
N LEU T 210 -17.21 -0.15 -34.27
CA LEU T 210 -16.47 -0.41 -33.05
C LEU T 210 -14.97 -0.21 -33.25
N VAL T 211 -14.38 -0.75 -34.30
CA VAL T 211 -12.94 -0.59 -34.55
C VAL T 211 -12.54 0.86 -34.69
N GLY T 212 -13.46 1.69 -35.20
CA GLY T 212 -13.17 3.11 -35.35
C GLY T 212 -13.29 3.79 -33.98
N SER T 213 -14.53 4.03 -33.57
CA SER T 213 -14.84 4.68 -32.30
C SER T 213 -13.95 4.22 -31.14
N SER T 214 -13.49 2.97 -31.19
CA SER T 214 -12.65 2.44 -30.13
C SER T 214 -11.30 3.13 -30.15
N SER T 215 -10.68 3.14 -31.33
CA SER T 215 -9.37 3.74 -31.50
C SER T 215 -9.38 5.25 -31.34
N THR T 216 -10.28 5.94 -32.04
CA THR T 216 -10.37 7.40 -31.92
C THR T 216 -10.35 7.82 -30.43
N LEU T 217 -10.68 6.88 -29.55
CA LEU T 217 -10.67 7.13 -28.12
C LEU T 217 -9.32 6.81 -27.52
N SER T 218 -8.86 5.58 -27.68
CA SER T 218 -7.57 5.20 -27.13
C SER T 218 -6.52 6.14 -27.70
N GLN T 219 -6.74 6.60 -28.93
CA GLN T 219 -5.82 7.53 -29.57
C GLN T 219 -5.79 8.82 -28.74
N ALA T 220 -6.96 9.43 -28.54
CA ALA T 220 -7.04 10.65 -27.74
C ALA T 220 -6.46 10.42 -26.33
N ILE T 221 -6.74 9.27 -25.73
CA ILE T 221 -6.26 8.97 -24.38
C ILE T 221 -4.74 9.02 -24.37
N SER T 222 -4.13 8.52 -25.45
CA SER T 222 -2.69 8.53 -25.54
C SER T 222 -2.22 9.98 -25.34
N THR T 223 -2.60 10.86 -26.26
CA THR T 223 -2.23 12.27 -26.18
C THR T 223 -2.47 12.85 -24.79
N MET T 224 -3.72 12.76 -24.31
CA MET T 224 -4.07 13.29 -23.01
C MET T 224 -3.04 12.97 -21.95
N ALA T 225 -2.51 11.75 -21.95
CA ALA T 225 -1.51 11.43 -20.93
C ALA T 225 -0.08 11.79 -21.34
N GLY T 226 0.15 11.61 -22.63
CA GLY T 226 1.40 11.87 -23.27
C GLY T 226 1.85 13.32 -23.16
N LYS T 227 1.66 14.12 -24.20
CA LYS T 227 2.20 15.48 -24.19
C LYS T 227 2.19 16.11 -22.76
N ASP T 228 1.09 15.89 -22.03
CA ASP T 228 0.78 16.41 -20.66
C ASP T 228 -0.27 17.48 -20.81
N LEU T 229 -1.34 17.11 -21.51
CA LEU T 229 -2.41 18.06 -21.64
C LEU T 229 -2.97 18.30 -20.27
N ASP T 230 -3.01 17.24 -19.47
CA ASP T 230 -3.40 17.41 -18.11
C ASP T 230 -2.44 18.45 -17.56
N LEU T 231 -2.84 19.27 -16.59
CA LEU T 231 -1.90 20.25 -16.06
C LEU T 231 -1.65 21.39 -17.06
N ILE T 232 -2.58 21.57 -18.01
CA ILE T 232 -2.45 22.58 -19.05
C ILE T 232 -2.45 24.04 -18.61
N GLU T 233 -3.11 24.32 -17.48
CA GLU T 233 -3.14 25.70 -16.99
C GLU T 233 -2.63 25.71 -15.55
N ALA T 234 -1.69 24.82 -15.26
CA ALA T 234 -1.09 24.70 -13.94
C ALA T 234 -0.45 26.03 -13.55
N ASP T 235 -0.66 26.45 -12.31
CA ASP T 235 -0.09 27.71 -11.88
C ASP T 235 1.20 27.53 -11.09
N THR T 236 2.30 27.22 -11.77
CA THR T 236 3.59 27.02 -11.13
C THR T 236 4.69 26.63 -12.13
N PRO T 237 5.92 27.15 -11.92
CA PRO T 237 7.08 26.89 -12.79
C PRO T 237 7.13 25.49 -13.38
N LEU T 238 7.28 25.41 -14.70
CA LEU T 238 7.37 24.15 -15.45
C LEU T 238 8.49 24.20 -16.47
N PRO T 239 9.45 23.26 -16.38
CA PRO T 239 10.57 23.21 -17.33
C PRO T 239 10.06 23.24 -18.77
N VAL T 240 10.71 24.00 -19.64
CA VAL T 240 10.25 24.06 -21.04
C VAL T 240 10.16 22.66 -21.62
N SER T 241 11.04 21.77 -21.17
CA SER T 241 11.06 20.38 -21.62
C SER T 241 9.67 19.74 -21.52
N VAL T 242 8.96 20.06 -20.44
CA VAL T 242 7.61 19.56 -20.18
C VAL T 242 6.66 19.92 -21.30
N PHE T 243 7.12 20.77 -22.23
CA PHE T 243 6.32 21.20 -23.38
C PHE T 243 6.81 20.62 -24.70
N THR T 244 7.78 19.71 -24.64
CA THR T 244 8.37 19.08 -25.83
C THR T 244 8.33 19.96 -27.10
N PRO T 245 8.88 21.19 -27.01
CA PRO T 245 8.90 22.11 -28.15
C PRO T 245 9.86 21.60 -29.21
N SER T 246 9.33 21.32 -30.41
CA SER T 246 10.15 20.79 -31.49
C SER T 246 9.71 21.36 -32.83
N LEU T 247 10.60 21.29 -33.81
CA LEU T 247 10.27 21.78 -35.16
C LEU T 247 9.56 23.14 -35.02
N ALA T 248 10.16 24.04 -34.21
CA ALA T 248 9.51 25.31 -33.91
C ALA T 248 10.20 26.62 -34.33
N PRO T 249 10.21 26.93 -35.64
CA PRO T 249 10.83 28.17 -36.06
C PRO T 249 9.87 29.17 -36.73
N ARG T 250 9.25 30.06 -35.95
CA ARG T 250 8.27 31.02 -36.49
C ARG T 250 8.89 32.23 -37.18
N SER T 251 8.22 32.71 -38.23
CA SER T 251 8.70 33.88 -39.00
C SER T 251 7.75 35.08 -38.89
N TYR T 252 8.31 36.28 -39.00
CA TYR T 252 7.53 37.52 -38.93
C TYR T 252 7.64 38.47 -40.10
N ARG T 253 7.51 39.76 -39.66
CA ARG T 253 7.56 41.03 -40.42
C ARG T 253 7.76 42.27 -39.51
N PRO T 254 8.90 42.40 -38.74
CA PRO T 254 9.17 43.56 -37.85
C PRO T 254 9.16 44.90 -38.59
N ALA T 255 9.57 45.97 -37.93
CA ALA T 255 9.47 47.26 -38.60
C ALA T 255 7.99 47.53 -38.81
N PHE T 256 7.20 46.67 -38.16
CA PHE T 256 5.76 46.77 -38.16
C PHE T 256 5.27 46.41 -36.76
N ILE T 257 5.85 45.37 -36.16
CA ILE T 257 5.46 44.95 -34.80
C ILE T 257 5.69 46.09 -33.80
N LYS T 258 4.62 46.60 -33.16
CA LYS T 258 4.80 47.66 -32.18
C LYS T 258 5.69 47.14 -31.05
N PRO T 259 6.54 48.02 -30.48
CA PRO T 259 7.42 47.62 -29.39
C PRO T 259 6.68 47.07 -28.17
N GLU T 260 5.53 47.64 -27.83
CA GLU T 260 4.79 47.17 -26.67
C GLU T 260 4.02 45.87 -26.96
N ASP T 261 3.82 45.55 -28.24
CA ASP T 261 3.11 44.33 -28.62
C ASP T 261 3.99 43.09 -28.55
N ALA T 262 5.29 43.28 -28.27
CA ALA T 262 6.24 42.17 -28.19
C ALA T 262 7.61 42.63 -27.70
N LYS T 263 7.83 42.55 -26.40
CA LYS T 263 9.06 42.97 -25.74
C LYS T 263 10.38 42.80 -26.50
N TRP T 264 10.52 41.71 -27.27
CA TRP T 264 11.77 41.46 -28.00
C TRP T 264 12.00 42.37 -29.19
N ILE T 265 11.51 43.59 -29.18
CA ILE T 265 11.71 44.46 -30.32
C ILE T 265 11.46 45.93 -30.01
N ALA T 266 12.55 46.65 -29.71
CA ALA T 266 12.49 48.08 -29.35
C ALA T 266 12.72 48.98 -30.56
N GLU T 267 12.30 50.24 -30.46
CA GLU T 267 12.49 51.16 -31.58
C GLU T 267 13.18 52.48 -31.27
N PHE T 268 13.93 52.98 -32.24
CA PHE T 268 14.67 54.24 -32.11
C PHE T 268 13.75 55.45 -32.36
N ASN T 269 12.73 55.66 -31.54
CA ASN T 269 11.85 56.82 -31.77
C ASN T 269 12.54 58.13 -31.37
N ASN T 270 13.27 58.70 -32.35
CA ASN T 270 14.01 59.95 -32.14
C ASN T 270 13.62 61.01 -33.18
N SER T 271 13.74 62.29 -32.81
CA SER T 271 13.39 63.40 -33.70
C SER T 271 13.95 63.33 -35.11
N SER T 272 15.21 63.73 -35.27
CA SER T 272 15.87 63.73 -36.57
C SER T 272 16.43 62.36 -36.97
N LEU T 273 17.37 62.36 -37.92
CA LEU T 273 18.01 61.12 -38.36
C LEU T 273 19.23 60.86 -37.52
N ILE T 274 19.73 59.64 -37.52
CA ILE T 274 20.90 59.33 -36.71
C ILE T 274 22.00 58.70 -37.56
N ARG T 275 22.45 59.39 -38.61
CA ARG T 275 23.50 58.83 -39.46
C ARG T 275 24.81 58.56 -38.72
N LYS T 276 25.21 57.29 -38.70
CA LYS T 276 26.44 56.87 -38.05
C LYS T 276 27.34 56.35 -39.17
N THR T 277 28.58 55.98 -38.86
CA THR T 277 29.48 55.43 -39.86
C THR T 277 30.16 54.18 -39.34
N LEU T 278 30.83 53.45 -40.23
CA LEU T 278 31.51 52.21 -39.84
C LEU T 278 32.32 51.66 -41.01
N THR T 279 33.60 51.41 -40.78
CA THR T 279 34.44 50.85 -41.84
C THR T 279 34.17 49.36 -41.96
N TYR T 280 33.44 48.99 -43.01
CA TYR T 280 33.12 47.59 -43.25
C TYR T 280 33.78 47.12 -44.55
N SER T 281 34.81 46.29 -44.42
CA SER T 281 35.52 45.78 -45.58
C SER T 281 36.22 46.95 -46.27
N GLY T 282 36.88 47.79 -45.46
CA GLY T 282 37.56 48.94 -45.99
C GLY T 282 36.57 50.08 -46.17
N ALA T 283 35.76 49.98 -47.23
CA ALA T 283 34.74 50.99 -47.53
C ALA T 283 33.96 51.48 -46.30
N THR T 284 33.72 52.78 -46.24
CA THR T 284 32.98 53.36 -45.12
C THR T 284 31.51 53.59 -45.49
N TYR T 285 30.62 52.94 -44.74
CA TYR T 285 29.19 53.08 -45.00
C TYR T 285 28.49 53.82 -43.85
N THR T 286 27.28 54.29 -44.11
CA THR T 286 26.53 55.02 -43.10
C THR T 286 25.20 54.33 -42.78
N VAL T 287 25.10 53.81 -41.57
CA VAL T 287 23.82 53.23 -41.14
C VAL T 287 22.89 54.43 -40.94
N GLN T 288 21.60 54.32 -41.31
CA GLN T 288 20.74 55.53 -41.29
C GLN T 288 19.87 55.74 -40.08
N LEU T 289 18.93 54.83 -39.76
CA LEU T 289 17.99 55.00 -38.65
C LEU T 289 17.06 56.16 -39.03
N GLY T 290 16.76 56.26 -40.34
CA GLY T 290 15.95 57.30 -40.98
C GLY T 290 14.75 57.90 -40.22
N PRO T 291 14.01 58.78 -40.92
CA PRO T 291 12.83 59.58 -40.47
C PRO T 291 11.86 58.90 -39.50
N GLY T 292 11.42 57.69 -39.84
CA GLY T 292 10.49 56.98 -38.98
C GLY T 292 11.13 56.39 -37.73
N PRO T 293 10.38 55.63 -36.93
CA PRO T 293 10.95 55.07 -35.68
C PRO T 293 11.93 53.89 -35.84
N THR T 294 11.96 53.22 -36.99
CA THR T 294 12.89 52.08 -37.26
C THR T 294 12.90 51.06 -36.10
N ARG T 295 11.90 50.19 -36.06
CA ARG T 295 11.83 49.16 -35.03
C ARG T 295 12.95 48.15 -35.27
N VAL T 296 13.77 47.90 -34.26
CA VAL T 296 14.89 46.95 -34.37
C VAL T 296 14.74 45.79 -33.39
N ILE T 297 15.18 44.61 -33.80
CA ILE T 297 15.14 43.42 -32.94
C ILE T 297 16.04 43.69 -31.76
N ASP T 298 15.51 43.62 -30.55
CA ASP T 298 16.38 43.82 -29.38
C ASP T 298 17.23 42.55 -29.25
N MET T 299 18.44 42.66 -28.69
CA MET T 299 19.29 41.47 -28.54
C MET T 299 19.08 40.79 -27.21
N ASN T 300 18.93 41.57 -26.18
CA ASN T 300 18.60 40.89 -24.97
C ASN T 300 17.14 40.46 -25.18
N ALA T 301 16.70 39.41 -24.47
CA ALA T 301 15.38 38.89 -24.72
C ALA T 301 15.40 38.48 -26.17
N MET T 302 16.23 37.49 -26.49
CA MET T 302 16.37 36.99 -27.85
C MET T 302 16.97 35.58 -27.92
N ILE T 303 16.63 34.65 -27.00
CA ILE T 303 17.09 33.25 -26.96
C ILE T 303 18.05 32.90 -28.11
N ASP T 304 19.35 32.80 -27.84
CA ASP T 304 20.34 32.50 -28.88
C ASP T 304 19.74 31.65 -30.01
N SER T 305 19.30 32.34 -31.06
CA SER T 305 18.66 31.70 -32.20
C SER T 305 19.47 31.76 -33.48
N VAL T 306 18.75 31.57 -34.53
CA VAL T 306 19.27 31.69 -35.87
C VAL T 306 18.35 32.66 -36.59
N LEU T 307 18.64 33.93 -36.43
CA LEU T 307 17.87 34.98 -37.09
C LEU T 307 18.19 34.98 -38.58
N THR T 308 17.19 34.84 -39.43
CA THR T 308 17.45 34.87 -40.86
C THR T 308 16.46 35.81 -41.52
N LEU T 309 16.86 37.07 -41.63
CA LEU T 309 16.01 38.09 -42.23
C LEU T 309 15.99 38.02 -43.75
N ASP T 310 14.88 37.60 -44.31
CA ASP T 310 14.77 37.53 -45.75
C ASP T 310 14.25 38.86 -46.26
N VAL T 311 14.87 39.36 -47.33
CA VAL T 311 14.46 40.62 -47.93
C VAL T 311 14.15 40.39 -49.39
N SER T 312 12.91 40.03 -49.69
CA SER T 312 12.56 39.78 -51.08
C SER T 312 11.16 40.19 -51.50
N GLY T 313 11.04 40.66 -52.74
CA GLY T 313 9.76 41.09 -53.25
C GLY T 313 9.37 42.43 -52.65
N THR T 314 10.10 42.81 -51.61
CA THR T 314 9.85 44.08 -50.94
C THR T 314 10.43 45.19 -51.82
N ILE T 315 9.77 46.37 -51.81
CA ILE T 315 10.18 47.49 -52.63
C ILE T 315 11.63 47.87 -52.37
N LEU T 316 12.26 48.47 -53.38
CA LEU T 316 13.65 48.93 -53.34
C LEU T 316 13.70 50.12 -54.28
N PRO T 317 13.28 51.31 -53.79
CA PRO T 317 13.22 52.57 -54.54
C PRO T 317 14.53 53.27 -54.89
N TYR T 318 15.49 52.53 -55.45
CA TYR T 318 16.76 53.14 -55.84
C TYR T 318 16.53 54.05 -57.05
N ASP T 319 15.31 53.98 -57.59
CA ASP T 319 14.91 54.77 -58.74
C ASP T 319 14.82 56.25 -58.38
N THR T 320 14.15 56.56 -57.27
CA THR T 320 14.01 57.93 -56.83
C THR T 320 15.31 58.37 -56.14
N ASN T 321 15.40 58.20 -54.81
CA ASN T 321 16.62 58.58 -54.12
C ASN T 321 17.75 57.67 -54.60
N PRO T 322 18.61 58.20 -55.49
CA PRO T 322 19.74 57.45 -56.05
C PRO T 322 20.68 57.04 -54.92
N ASP T 323 20.48 57.72 -53.79
CA ASP T 323 21.26 57.50 -52.59
C ASP T 323 21.15 56.04 -52.13
N LEU T 324 19.95 55.49 -52.26
CA LEU T 324 19.68 54.11 -51.86
C LEU T 324 20.49 53.11 -52.66
N SER T 325 20.52 53.28 -53.99
CA SER T 325 21.30 52.36 -54.82
C SER T 325 22.77 52.48 -54.40
N THR T 326 23.55 51.45 -54.69
CA THR T 326 24.98 51.44 -54.34
C THR T 326 25.22 50.91 -52.93
N SER T 327 24.20 50.99 -52.07
CA SER T 327 24.34 50.52 -50.69
C SER T 327 24.00 49.04 -50.51
N VAL T 328 24.98 48.26 -50.05
CA VAL T 328 24.76 46.84 -49.84
C VAL T 328 23.89 46.64 -48.62
N PRO T 329 22.69 46.06 -48.80
CA PRO T 329 21.77 45.81 -47.67
C PRO T 329 22.45 44.81 -46.74
N ALA T 330 22.31 45.00 -45.43
CA ALA T 330 22.97 44.08 -44.49
C ALA T 330 22.45 44.13 -43.07
N PHE T 331 22.29 42.96 -42.47
CA PHE T 331 21.83 42.86 -41.09
C PHE T 331 23.02 43.29 -40.21
N VAL T 332 22.80 44.30 -39.35
CA VAL T 332 23.87 44.82 -38.49
C VAL T 332 23.46 45.03 -37.04
N LEU T 333 24.30 44.61 -36.09
CA LEU T 333 24.01 44.83 -34.67
C LEU T 333 24.39 46.27 -34.35
N ILE T 334 23.77 46.83 -33.32
CA ILE T 334 24.03 48.22 -32.93
C ILE T 334 24.07 48.36 -31.43
N GLN T 335 25.27 48.48 -30.86
CA GLN T 335 25.39 48.64 -29.42
C GLN T 335 25.29 50.14 -29.12
N THR T 336 24.32 50.52 -28.31
CA THR T 336 24.13 51.92 -27.93
C THR T 336 24.50 52.13 -26.46
N SER T 337 25.01 53.30 -26.12
CA SER T 337 25.37 53.59 -24.74
C SER T 337 24.10 53.74 -23.93
N VAL T 338 23.45 54.89 -24.07
CA VAL T 338 22.20 55.12 -23.38
C VAL T 338 21.19 54.13 -23.97
N PRO T 339 20.24 53.63 -23.15
CA PRO T 339 19.23 52.66 -23.62
C PRO T 339 18.49 53.22 -24.85
N ILE T 340 18.14 52.35 -25.80
CA ILE T 340 17.41 52.82 -26.98
C ILE T 340 16.16 53.49 -26.41
N GLN T 341 15.38 54.17 -27.24
CA GLN T 341 14.17 54.84 -26.73
C GLN T 341 14.64 55.86 -25.72
N GLN T 342 15.83 56.41 -26.01
CA GLN T 342 16.48 57.41 -25.18
C GLN T 342 17.79 57.77 -25.87
N VAL T 343 18.04 57.09 -26.99
CA VAL T 343 19.24 57.31 -27.80
C VAL T 343 18.90 58.37 -28.84
N THR T 344 19.35 59.59 -28.59
CA THR T 344 19.09 60.73 -29.49
C THR T 344 19.96 60.85 -30.73
N THR T 345 21.26 61.05 -30.54
CA THR T 345 22.15 61.24 -31.67
C THR T 345 23.43 60.39 -31.75
N ALA T 346 23.92 60.22 -32.97
CA ALA T 346 25.12 59.45 -33.29
C ALA T 346 26.13 59.19 -32.18
N ALA T 347 26.48 60.21 -31.41
CA ALA T 347 27.45 60.05 -30.32
C ALA T 347 26.96 59.06 -29.26
N ASN T 348 25.68 58.75 -29.32
CA ASN T 348 25.03 57.82 -28.40
C ASN T 348 25.28 56.36 -28.75
N ILE T 349 25.34 56.07 -30.05
CA ILE T 349 25.57 54.71 -30.56
C ILE T 349 27.02 54.25 -30.37
N THR T 350 27.28 53.44 -29.35
CA THR T 350 28.64 52.93 -29.06
C THR T 350 29.34 52.45 -30.34
N ALA T 351 28.90 51.32 -30.88
CA ALA T 351 29.51 50.79 -32.11
C ALA T 351 28.46 50.11 -32.98
N ILE T 352 28.86 49.73 -34.19
CA ILE T 352 27.95 49.05 -35.11
C ILE T 352 28.67 47.97 -35.89
N THR T 353 28.29 46.71 -35.68
CA THR T 353 28.91 45.58 -36.37
C THR T 353 28.04 45.03 -37.49
N VAL T 354 28.64 44.86 -38.66
CA VAL T 354 27.92 44.31 -39.81
C VAL T 354 28.00 42.79 -39.66
N VAL T 355 27.05 42.22 -38.92
CA VAL T 355 27.04 40.77 -38.68
C VAL T 355 26.81 39.94 -39.94
N SER T 356 26.39 40.57 -41.02
CA SER T 356 26.15 39.82 -42.25
C SER T 356 25.70 40.74 -43.39
N ALA T 357 26.62 41.17 -44.23
CA ALA T 357 26.27 42.05 -45.33
C ALA T 357 25.96 41.25 -46.59
N ALA T 358 25.39 41.93 -47.58
CA ALA T 358 25.05 41.29 -48.84
C ALA T 358 26.03 41.80 -49.90
N GLY T 359 26.87 40.91 -50.42
CA GLY T 359 27.80 41.33 -51.45
C GLY T 359 27.04 41.89 -52.65
N ALA T 360 27.52 43.00 -53.18
CA ALA T 360 26.90 43.69 -54.35
C ALA T 360 25.81 44.66 -53.93
N SER T 361 26.01 45.92 -54.34
CA SER T 361 25.13 47.06 -54.01
C SER T 361 23.66 46.85 -54.38
N ALA T 362 22.82 47.84 -54.07
CA ALA T 362 21.38 47.85 -54.34
C ALA T 362 21.08 48.40 -55.75
N ILE T 363 21.37 47.55 -56.76
CA ILE T 363 21.22 47.77 -58.22
C ILE T 363 21.72 46.52 -59.02
N ASN T 364 21.60 45.31 -58.38
CA ASN T 364 21.96 43.94 -58.87
C ASN T 364 21.10 42.93 -58.09
N LEU T 365 20.63 43.44 -56.94
CA LEU T 365 19.73 42.76 -56.03
C LEU T 365 18.31 43.12 -56.43
N ALA T 366 18.21 44.15 -57.27
CA ALA T 366 16.93 44.62 -57.77
C ALA T 366 16.44 43.70 -58.88
N ILE T 367 15.27 44.04 -59.42
CA ILE T 367 14.62 43.30 -60.50
C ILE T 367 13.32 44.06 -60.75
N ASN T 368 13.20 44.67 -61.92
CA ASN T 368 12.00 45.43 -62.24
C ASN T 368 10.75 44.59 -62.41
N VAL T 369 9.69 44.83 -61.62
CA VAL T 369 8.41 44.10 -61.71
C VAL T 369 7.20 45.03 -61.96
N ARG T 370 7.36 45.94 -62.92
CA ARG T 370 6.35 46.94 -63.29
C ARG T 370 6.72 48.28 -62.60
N GLY T 371 7.79 48.95 -63.06
CA GLY T 371 8.21 50.21 -62.46
C GLY T 371 8.99 50.02 -61.14
N GLN T 372 8.24 49.67 -60.08
CA GLN T 372 8.68 49.41 -58.68
C GLN T 372 9.68 48.26 -58.58
N PRO T 373 10.96 48.55 -58.66
CA PRO T 373 11.96 47.50 -58.58
C PRO T 373 11.94 46.78 -57.24
N ARG T 374 11.82 45.44 -57.26
CA ARG T 374 11.77 44.66 -56.03
C ARG T 374 13.12 44.10 -55.64
N PHE T 375 13.15 43.31 -54.57
CA PHE T 375 14.39 42.69 -54.11
C PHE T 375 14.49 41.23 -54.49
N ASN T 376 15.52 40.87 -55.25
CA ASN T 376 15.74 39.49 -55.63
C ASN T 376 15.87 38.73 -54.32
N MET T 377 14.93 37.81 -54.10
CA MET T 377 14.87 37.01 -52.88
C MET T 377 16.24 36.53 -52.36
N LEU T 378 16.72 37.14 -51.28
CA LEU T 378 18.02 36.77 -50.70
C LEU T 378 17.92 36.80 -49.15
N HIS T 379 18.68 35.93 -48.47
CA HIS T 379 18.58 35.88 -47.00
C HIS T 379 19.81 36.28 -46.21
N LEU T 380 19.75 37.47 -45.61
CA LEU T 380 20.87 37.84 -44.79
C LEU T 380 20.70 37.04 -43.49
N GLN T 381 21.71 36.91 -42.60
CA GLN T 381 21.43 36.05 -41.45
C GLN T 381 22.53 35.91 -40.42
N ALA T 382 22.25 36.38 -39.19
CA ALA T 382 23.16 36.28 -38.06
C ALA T 382 22.90 34.96 -37.33
N THR T 383 23.60 34.77 -36.22
CA THR T 383 23.44 33.57 -35.41
C THR T 383 23.64 34.05 -33.98
N PHE T 384 22.77 34.95 -33.56
CA PHE T 384 22.84 35.51 -32.21
C PHE T 384 23.03 34.44 -31.12
N GLU T 385 23.86 34.75 -30.13
CA GLU T 385 24.14 33.82 -29.03
C GLU T 385 24.08 34.48 -27.65
N ARG T 386 23.08 34.09 -26.85
CA ARG T 386 22.90 34.62 -25.50
C ARG T 386 24.05 35.43 -24.92
N GLU T 387 25.21 34.78 -24.74
CA GLU T 387 26.41 35.34 -24.09
C GLU T 387 27.32 36.22 -24.99
N THR T 388 27.25 36.10 -26.32
CA THR T 388 28.11 37.00 -27.12
C THR T 388 27.74 38.49 -26.79
N ILE T 389 26.53 38.67 -26.18
CA ILE T 389 26.03 39.97 -25.70
C ILE T 389 26.08 40.04 -24.14
N THR T 390 27.10 39.42 -23.48
CA THR T 390 27.20 39.47 -21.97
C THR T 390 27.55 40.90 -21.53
N GLY T 391 27.00 41.40 -20.40
CA GLY T 391 27.33 42.74 -19.91
C GLY T 391 26.61 43.83 -20.69
N ILE T 392 26.95 43.94 -21.95
CA ILE T 392 26.36 44.86 -22.94
C ILE T 392 24.86 45.10 -22.69
N PRO T 393 24.51 46.09 -21.84
CA PRO T 393 23.12 46.42 -21.50
C PRO T 393 22.26 46.71 -22.70
N TYR T 394 22.79 47.44 -23.68
CA TYR T 394 22.00 47.78 -24.87
C TYR T 394 22.64 47.42 -26.18
N ILE T 395 21.92 46.64 -26.98
CA ILE T 395 22.39 46.18 -28.27
C ILE T 395 21.16 45.74 -29.05
N TYR T 396 21.10 46.06 -30.33
CA TYR T 396 19.94 45.72 -31.15
C TYR T 396 20.32 45.20 -32.51
N GLY T 397 19.58 44.21 -32.99
CA GLY T 397 19.81 43.68 -34.28
C GLY T 397 18.96 44.52 -35.21
N LEU T 398 19.53 44.99 -36.32
CA LEU T 398 18.80 45.84 -37.25
C LEU T 398 19.17 45.42 -38.67
N GLY T 399 18.17 45.08 -39.47
CA GLY T 399 18.44 44.71 -40.86
C GLY T 399 18.27 45.96 -41.69
N THR T 400 19.28 46.83 -41.66
CA THR T 400 19.23 48.11 -42.37
C THR T 400 19.83 48.10 -43.78
N PHE T 401 20.39 49.23 -44.21
CA PHE T 401 20.88 49.27 -45.59
C PHE T 401 22.38 49.48 -45.79
N LEU T 402 23.04 50.26 -44.93
CA LEU T 402 24.49 50.57 -45.11
C LEU T 402 24.72 51.36 -46.39
N ILE T 403 24.31 52.63 -46.38
CA ILE T 403 24.49 53.52 -47.53
C ILE T 403 25.93 53.96 -47.65
N PRO T 404 26.51 53.87 -48.86
CA PRO T 404 27.90 54.27 -49.07
C PRO T 404 28.10 55.78 -49.11
N SER T 405 27.01 56.53 -49.01
CA SER T 405 27.09 57.99 -49.05
C SER T 405 25.74 58.67 -48.84
N PRO T 406 25.38 58.98 -47.58
CA PRO T 406 24.10 59.64 -47.28
C PRO T 406 23.91 60.97 -48.02
N THR T 407 22.69 61.21 -48.50
CA THR T 407 22.36 62.42 -49.26
C THR T 407 21.00 63.01 -48.86
N SER T 408 20.67 64.14 -49.46
CA SER T 408 19.39 64.82 -49.22
C SER T 408 18.23 63.96 -49.70
N SER T 409 18.47 63.17 -50.75
CA SER T 409 17.44 62.29 -51.31
C SER T 409 16.95 61.29 -50.26
N SER T 410 17.89 60.71 -49.51
CA SER T 410 17.55 59.75 -48.46
C SER T 410 17.38 60.50 -47.14
N ASN T 411 16.49 61.48 -47.14
CA ASN T 411 16.24 62.26 -45.94
C ASN T 411 14.86 61.95 -45.40
N PHE T 412 14.11 61.16 -46.14
CA PHE T 412 12.77 60.76 -45.73
C PHE T 412 12.55 59.29 -46.10
N SER T 413 13.64 58.61 -46.46
CA SER T 413 13.58 57.20 -46.86
C SER T 413 13.55 56.21 -45.70
N ASN T 414 14.60 56.22 -44.88
CA ASN T 414 14.66 55.29 -43.76
C ASN T 414 14.78 53.87 -44.31
N PRO T 415 16.05 53.46 -44.52
CA PRO T 415 16.46 52.16 -45.11
C PRO T 415 16.30 50.88 -44.29
N THR T 416 15.36 50.83 -43.36
CA THR T 416 15.18 49.61 -42.57
C THR T 416 14.67 48.49 -43.47
N LEU T 417 15.45 47.44 -43.66
CA LEU T 417 14.99 46.33 -44.51
C LEU T 417 14.16 45.35 -43.71
N MET T 418 13.77 45.75 -42.50
CA MET T 418 12.97 44.93 -41.61
C MET T 418 11.57 44.64 -42.14
N ASP T 419 11.11 45.41 -43.12
CA ASP T 419 9.79 45.16 -43.69
C ASP T 419 9.80 43.76 -44.32
N GLY T 420 10.99 43.16 -44.42
CA GLY T 420 11.14 41.83 -44.98
C GLY T 420 10.69 40.76 -44.00
N LEU T 421 10.44 39.55 -44.50
CA LEU T 421 9.97 38.43 -43.65
C LEU T 421 11.09 37.72 -42.89
N LEU T 422 11.38 38.21 -41.69
CA LEU T 422 12.41 37.66 -40.82
C LEU T 422 11.96 36.34 -40.20
N THR T 423 12.87 35.36 -40.12
CA THR T 423 12.51 34.07 -39.53
C THR T 423 13.47 33.57 -38.45
N VAL T 424 13.15 33.89 -37.19
CA VAL T 424 13.96 33.46 -36.06
C VAL T 424 13.67 31.99 -35.75
N THR T 425 14.73 31.23 -35.48
CA THR T 425 14.61 29.81 -35.16
C THR T 425 15.41 29.50 -33.91
N PRO T 426 14.75 29.37 -32.76
CA PRO T 426 15.41 29.09 -31.48
C PRO T 426 16.37 27.93 -31.61
N VAL T 427 17.66 28.19 -31.45
CA VAL T 427 18.63 27.10 -31.58
C VAL T 427 19.20 26.71 -30.24
N LEU T 428 18.33 26.18 -29.39
CA LEU T 428 18.69 25.83 -28.00
C LEU T 428 17.38 25.81 -27.23
N LEU T 429 16.57 24.79 -27.49
CA LEU T 429 15.24 24.61 -26.85
C LEU T 429 15.13 24.82 -25.34
N ARG T 430 16.06 24.28 -24.56
CA ARG T 430 15.99 24.39 -23.11
C ARG T 430 15.54 25.76 -22.59
N GLU T 431 16.02 26.85 -23.21
CA GLU T 431 15.67 28.22 -22.79
C GLU T 431 14.53 28.90 -23.54
N THR T 432 13.51 29.33 -22.80
CA THR T 432 12.35 30.00 -23.38
C THR T 432 12.46 31.51 -23.10
N THR T 433 11.45 32.27 -23.52
CA THR T 433 11.42 33.72 -23.30
C THR T 433 10.03 34.19 -22.91
N TYR T 434 9.93 35.06 -21.90
CA TYR T 434 8.62 35.57 -21.52
C TYR T 434 8.59 37.02 -21.05
N LYS T 435 7.74 37.81 -21.72
CA LYS T 435 7.56 39.21 -21.42
C LYS T 435 8.87 39.98 -21.57
N GLY T 436 9.81 39.41 -22.31
CA GLY T 436 11.09 40.07 -22.52
C GLY T 436 12.26 39.44 -21.78
N GLU T 437 12.01 38.46 -20.92
CA GLU T 437 13.10 37.82 -20.18
C GLU T 437 13.29 36.38 -20.63
N VAL T 438 14.52 35.88 -20.48
CA VAL T 438 14.83 34.50 -20.85
C VAL T 438 14.74 33.64 -19.60
N VAL T 439 13.99 32.55 -19.68
CA VAL T 439 13.80 31.67 -18.54
C VAL T 439 13.99 30.20 -18.89
N ASP T 440 13.82 29.34 -17.89
CA ASP T 440 13.96 27.91 -18.09
C ASP T 440 12.65 27.21 -17.74
N ALA T 441 11.70 27.97 -17.21
CA ALA T 441 10.40 27.43 -16.85
C ALA T 441 9.28 28.45 -17.03
N ILE T 442 8.11 27.97 -17.43
CA ILE T 442 6.95 28.80 -17.63
C ILE T 442 6.01 28.66 -16.45
N VAL T 443 4.95 29.46 -16.37
CA VAL T 443 3.97 29.33 -15.33
C VAL T 443 2.58 29.32 -15.95
N PRO T 444 2.38 28.49 -16.99
CA PRO T 444 1.13 28.36 -17.75
C PRO T 444 0.02 29.36 -17.40
N ALA T 445 -0.69 29.12 -16.30
CA ALA T 445 -1.79 29.99 -15.87
C ALA T 445 -1.48 31.48 -16.05
N THR T 446 -0.22 31.86 -15.92
CA THR T 446 0.19 33.26 -16.09
C THR T 446 -0.02 33.74 -17.52
N VAL T 447 0.33 32.89 -18.48
CA VAL T 447 0.18 33.26 -19.89
C VAL T 447 -1.28 33.25 -20.39
N MET T 448 -2.25 32.82 -19.57
CA MET T 448 -3.65 32.83 -20.04
C MET T 448 -4.18 34.26 -19.91
N ALA T 449 -5.01 34.68 -20.87
CA ALA T 449 -5.61 36.03 -20.90
C ALA T 449 -4.64 37.07 -20.35
N ASN T 450 -3.44 37.08 -20.91
CA ASN T 450 -2.41 37.98 -20.44
C ASN T 450 -1.73 38.63 -21.64
N GLN T 451 -1.98 38.04 -22.82
CA GLN T 451 -1.47 38.60 -24.06
C GLN T 451 -2.61 39.41 -24.64
N THR T 452 -2.33 40.26 -25.62
CA THR T 452 -3.41 41.03 -26.25
C THR T 452 -3.65 40.40 -27.63
N SER T 453 -4.66 40.92 -28.33
CA SER T 453 -4.99 40.41 -29.65
C SER T 453 -3.72 39.96 -30.39
N GLU T 454 -2.77 40.93 -30.52
CA GLU T 454 -1.53 40.73 -31.27
C GLU T 454 -0.28 40.48 -30.42
N GLU T 455 -0.39 40.53 -29.08
CA GLU T 455 0.74 40.21 -28.19
C GLU T 455 0.93 38.67 -28.23
N VAL T 456 0.13 38.03 -29.13
CA VAL T 456 0.10 36.59 -29.41
C VAL T 456 0.66 36.30 -30.80
N ALA T 457 0.06 36.89 -31.82
CA ALA T 457 0.52 36.71 -33.19
C ALA T 457 1.95 37.29 -33.36
N SER T 458 2.36 38.13 -32.41
CA SER T 458 3.69 38.74 -32.44
C SER T 458 4.66 38.00 -31.52
N ALA T 459 4.22 36.85 -31.01
CA ALA T 459 5.05 36.03 -30.12
C ALA T 459 6.36 35.66 -30.82
N LEU T 460 7.39 35.40 -30.04
CA LEU T 460 8.70 35.03 -30.56
C LEU T 460 8.99 33.51 -30.51
N ALA T 461 9.10 32.90 -31.70
CA ALA T 461 9.37 31.45 -31.87
C ALA T 461 10.00 30.78 -30.67
N ASN T 462 9.20 29.96 -29.99
CA ASN T 462 9.59 29.26 -28.79
C ASN T 462 9.76 30.19 -27.59
N ASP T 463 8.63 30.85 -27.26
CA ASP T 463 8.55 31.68 -26.09
C ASP T 463 7.31 31.23 -25.31
N ALA T 464 7.26 31.50 -24.03
CA ALA T 464 6.08 31.00 -23.31
C ALA T 464 4.81 31.00 -24.17
N ILE T 465 4.38 32.19 -24.61
CA ILE T 465 3.18 32.30 -25.44
C ILE T 465 3.12 31.22 -26.53
N VAL T 466 4.19 31.09 -27.33
CA VAL T 466 4.22 30.10 -28.40
C VAL T 466 4.24 28.68 -27.88
N LEU T 467 4.64 28.52 -26.61
CA LEU T 467 4.66 27.19 -26.00
C LEU T 467 3.28 26.88 -25.40
N VAL T 468 2.67 27.89 -24.71
CA VAL T 468 1.32 27.81 -24.07
C VAL T 468 0.21 27.94 -25.12
N SER T 469 0.65 27.85 -26.38
CA SER T 469 -0.22 27.85 -27.56
C SER T 469 -0.14 26.49 -28.24
N ASN T 470 1.08 25.90 -28.27
CA ASN T 470 1.43 24.57 -28.88
C ASN T 470 0.87 23.44 -28.05
N HIS T 471 0.69 23.79 -26.79
CA HIS T 471 0.13 22.92 -25.79
C HIS T 471 -1.39 22.92 -25.92
N LEU T 472 -2.03 24.07 -25.79
CA LEU T 472 -3.48 24.14 -25.92
C LEU T 472 -3.89 23.49 -27.23
N ASN T 473 -3.07 23.67 -28.24
CA ASN T 473 -3.35 23.11 -29.56
C ASN T 473 -3.49 21.59 -29.59
N LYS T 474 -2.75 20.88 -28.72
CA LYS T 474 -2.87 19.43 -28.65
C LYS T 474 -4.20 19.15 -27.99
N LEU T 475 -4.40 19.75 -26.81
CA LEU T 475 -5.62 19.57 -26.07
C LEU T 475 -6.82 20.02 -26.89
N ALA T 476 -6.57 20.94 -27.81
CA ALA T 476 -7.64 21.36 -28.66
C ALA T 476 -8.00 20.24 -29.68
N ASN T 477 -7.07 19.33 -30.01
CA ASN T 477 -7.36 18.28 -31.02
C ASN T 477 -7.84 17.02 -30.36
N VAL T 478 -7.64 16.95 -29.08
CA VAL T 478 -8.17 15.81 -28.36
C VAL T 478 -9.64 16.05 -28.23
N VAL T 479 -10.06 17.26 -27.83
CA VAL T 479 -11.51 17.51 -27.73
C VAL T 479 -12.12 17.49 -29.12
N GLY T 480 -11.57 18.31 -30.02
CA GLY T 480 -12.06 18.37 -31.39
C GLY T 480 -12.29 16.98 -31.95
N ASP T 481 -11.33 16.08 -31.69
CA ASP T 481 -11.38 14.69 -32.15
C ASP T 481 -12.35 13.80 -31.38
N ALA T 482 -11.95 13.37 -30.18
CA ALA T 482 -12.78 12.47 -29.37
C ALA T 482 -14.14 13.03 -28.91
N ILE T 483 -14.11 14.08 -28.09
CA ILE T 483 -15.34 14.69 -27.58
C ILE T 483 -16.18 15.37 -28.69
N PRO T 484 -17.52 15.35 -28.55
CA PRO T 484 -18.40 15.98 -29.55
C PRO T 484 -18.73 17.46 -29.32
N VAL T 485 -17.70 18.29 -29.21
CA VAL T 485 -17.90 19.71 -28.97
C VAL T 485 -18.43 20.44 -30.21
N ALA T 486 -19.02 19.70 -31.15
CA ALA T 486 -19.57 20.33 -32.36
C ALA T 486 -20.97 19.85 -32.76
N SER T 487 -21.83 19.75 -31.74
CA SER T 487 -23.23 19.38 -31.93
C SER T 487 -24.04 19.79 -30.67
N ARG T 488 -25.38 19.83 -30.70
CA ARG T 488 -26.12 20.27 -29.49
C ARG T 488 -26.14 19.23 -28.38
N THR T 489 -25.08 18.44 -28.26
CA THR T 489 -25.05 17.36 -27.27
C THR T 489 -24.47 17.70 -25.89
N ASP T 490 -24.43 18.99 -25.53
CA ASP T 490 -23.89 19.41 -24.21
C ASP T 490 -22.91 18.41 -23.61
N ASP T 491 -21.90 18.09 -24.41
CA ASP T 491 -20.82 17.15 -24.11
C ASP T 491 -20.07 17.38 -22.82
N SER T 492 -19.24 16.41 -22.45
CA SER T 492 -18.43 16.47 -21.23
C SER T 492 -17.56 17.73 -21.14
N ALA T 493 -17.10 18.22 -22.29
CA ALA T 493 -16.27 19.41 -22.35
C ALA T 493 -17.06 20.66 -21.96
N THR T 494 -18.05 21.01 -22.79
CA THR T 494 -18.89 22.19 -22.52
C THR T 494 -19.66 22.02 -21.23
N SER T 495 -19.59 20.84 -20.63
CA SER T 495 -20.28 20.55 -19.39
C SER T 495 -19.42 20.89 -18.20
N ALA T 496 -18.12 20.63 -18.30
CA ALA T 496 -17.18 20.95 -17.23
C ALA T 496 -17.21 22.45 -17.03
N ILE T 497 -17.28 23.20 -18.13
CA ILE T 497 -17.31 24.65 -18.06
C ILE T 497 -18.62 25.18 -17.45
N VAL T 498 -19.76 24.62 -17.86
CA VAL T 498 -21.05 25.05 -17.33
C VAL T 498 -21.07 24.99 -15.80
N SER T 499 -20.49 23.94 -15.24
CA SER T 499 -20.48 23.82 -13.78
C SER T 499 -19.64 24.93 -13.15
N ARG T 500 -18.64 25.43 -13.86
CA ARG T 500 -17.84 26.52 -13.32
C ARG T 500 -18.67 27.80 -13.39
N LEU T 501 -19.27 28.10 -14.54
CA LEU T 501 -20.09 29.30 -14.66
C LEU T 501 -21.16 29.39 -13.59
N ALA T 502 -21.81 28.26 -13.30
CA ALA T 502 -22.84 28.23 -12.27
C ALA T 502 -22.19 28.63 -10.92
N VAL T 503 -21.32 27.75 -10.39
CA VAL T 503 -20.61 28.00 -9.13
C VAL T 503 -20.06 29.40 -9.08
N GLN T 504 -19.75 29.97 -10.24
CA GLN T 504 -19.19 31.32 -10.29
C GLN T 504 -20.32 32.35 -10.20
N HIS T 505 -21.24 32.31 -11.16
CA HIS T 505 -22.37 33.25 -11.17
C HIS T 505 -23.24 33.09 -9.92
N LYS T 506 -23.11 31.97 -9.23
CA LYS T 506 -23.94 31.73 -8.07
C LYS T 506 -23.44 32.46 -6.84
N LEU T 507 -22.12 32.56 -6.68
CA LEU T 507 -21.61 33.26 -5.50
C LEU T 507 -21.58 34.75 -5.75
N SER T 508 -21.55 35.15 -7.02
CA SER T 508 -21.53 36.58 -7.33
C SER T 508 -22.93 37.13 -7.05
N GLN T 509 -23.88 36.22 -6.86
CA GLN T 509 -25.26 36.59 -6.56
C GLN T 509 -25.49 36.59 -5.05
N VAL T 510 -24.64 35.85 -4.32
CA VAL T 510 -24.74 35.79 -2.86
C VAL T 510 -24.47 37.19 -2.30
N GLY T 511 -25.16 37.54 -1.21
CA GLY T 511 -25.08 38.87 -0.59
C GLY T 511 -25.72 39.87 -1.57
N GLN T 512 -26.76 40.67 -1.17
CA GLN T 512 -27.55 41.60 -2.02
C GLN T 512 -28.80 40.82 -2.47
N ALA T 513 -29.95 41.51 -2.61
CA ALA T 513 -31.31 41.05 -3.00
C ALA T 513 -31.46 39.74 -3.80
N SER T 514 -30.35 39.20 -4.32
CA SER T 514 -30.36 37.97 -5.12
C SER T 514 -31.58 37.94 -6.03
N PRO T 515 -31.89 39.08 -6.67
CA PRO T 515 -33.07 39.19 -7.54
C PRO T 515 -33.02 38.30 -8.79
N THR T 516 -31.85 37.72 -9.06
CA THR T 516 -31.70 36.87 -10.24
C THR T 516 -31.31 35.43 -9.97
N PRO T 517 -32.29 34.51 -9.93
CA PRO T 517 -31.96 33.14 -9.76
C PRO T 517 -31.18 32.65 -10.98
N PRO T 518 -30.02 32.03 -10.81
CA PRO T 518 -29.24 31.55 -11.95
C PRO T 518 -30.10 31.02 -13.09
N ASP T 519 -29.63 31.24 -14.32
CA ASP T 519 -30.39 30.85 -15.50
C ASP T 519 -30.30 29.34 -15.84
N TYR T 520 -29.19 28.90 -16.43
CA TYR T 520 -28.94 27.47 -16.79
C TYR T 520 -29.22 27.14 -18.24
N PRO T 521 -30.44 27.32 -18.74
CA PRO T 521 -30.61 27.08 -20.17
C PRO T 521 -29.64 28.02 -20.93
N LEU T 522 -29.47 29.26 -20.38
CA LEU T 522 -28.57 30.36 -20.90
C LEU T 522 -27.10 30.11 -20.55
N LEU T 523 -26.89 29.45 -19.42
CA LEU T 523 -25.56 29.08 -18.97
C LEU T 523 -25.03 27.90 -19.74
N TRP T 524 -25.88 26.91 -19.96
CA TRP T 524 -25.47 25.76 -20.74
C TRP T 524 -25.04 26.22 -22.11
N ARG T 525 -25.89 27.06 -22.73
CA ARG T 525 -25.62 27.60 -24.05
C ARG T 525 -24.42 28.55 -24.08
N ARG T 526 -24.18 29.30 -23.00
CA ARG T 526 -23.03 30.19 -23.00
C ARG T 526 -21.73 29.40 -22.88
N ALA T 527 -21.75 28.35 -22.07
CA ALA T 527 -20.56 27.52 -21.88
C ALA T 527 -20.34 26.61 -23.08
N LYS T 528 -21.39 26.36 -23.86
CA LYS T 528 -21.27 25.51 -25.03
C LYS T 528 -20.43 26.21 -26.07
N ARG T 529 -20.66 27.52 -26.24
CA ARG T 529 -19.91 28.29 -27.22
C ARG T 529 -18.53 28.61 -26.66
N ALA T 530 -18.40 28.59 -25.34
CA ALA T 530 -17.10 28.84 -24.71
C ALA T 530 -16.21 27.63 -25.01
N ALA T 531 -16.69 26.42 -24.74
CA ALA T 531 -15.91 25.20 -25.01
C ALA T 531 -15.73 25.07 -26.51
N SER T 532 -16.73 25.49 -27.25
CA SER T 532 -16.69 25.43 -28.70
C SER T 532 -15.68 26.44 -29.25
N MET T 533 -15.72 27.67 -28.74
CA MET T 533 -14.78 28.69 -29.22
C MET T 533 -13.35 28.26 -28.95
N PHE T 534 -13.17 27.42 -27.93
CA PHE T 534 -11.84 26.94 -27.61
C PHE T 534 -11.39 25.93 -28.67
N VAL T 535 -12.12 24.83 -28.81
CA VAL T 535 -11.76 23.84 -29.83
C VAL T 535 -11.47 24.51 -31.12
N SER T 536 -12.28 25.54 -31.41
CA SER T 536 -12.16 26.30 -32.65
C SER T 536 -10.78 26.92 -32.81
N ASN T 537 -10.50 27.95 -32.02
CA ASN T 537 -9.23 28.63 -32.07
C ASN T 537 -8.55 28.57 -30.70
N PRO T 538 -7.89 27.43 -30.39
CA PRO T 538 -7.21 27.20 -29.12
C PRO T 538 -6.50 28.46 -28.56
N SER T 539 -5.85 29.20 -29.47
CA SER T 539 -5.11 30.41 -29.11
C SER T 539 -5.87 31.39 -28.20
N LEU T 540 -7.02 31.87 -28.68
CA LEU T 540 -7.84 32.84 -27.95
C LEU T 540 -7.69 32.84 -26.43
N ALA T 541 -7.68 31.66 -25.81
CA ALA T 541 -7.55 31.54 -24.37
C ALA T 541 -6.30 32.23 -23.79
N LEU T 542 -5.57 32.99 -24.61
CA LEU T 542 -4.39 33.73 -24.15
C LEU T 542 -4.66 35.22 -24.17
N GLN T 543 -5.62 35.61 -24.99
CA GLN T 543 -5.98 37.02 -25.16
C GLN T 543 -6.90 37.63 -24.12
N VAL T 544 -6.46 38.75 -23.57
CA VAL T 544 -7.25 39.47 -22.55
C VAL T 544 -8.52 39.96 -23.18
N GLY T 545 -9.66 39.56 -22.60
CA GLY T 545 -10.95 40.02 -23.10
C GLY T 545 -11.76 38.96 -23.83
N ILE T 546 -11.58 37.70 -23.47
CA ILE T 546 -12.37 36.65 -24.09
C ILE T 546 -13.35 36.04 -23.08
N PRO T 547 -14.66 36.17 -23.37
CA PRO T 547 -15.78 35.72 -22.52
C PRO T 547 -15.66 34.27 -22.03
N VAL T 548 -15.75 34.08 -20.70
CA VAL T 548 -15.64 32.76 -20.07
C VAL T 548 -14.22 32.24 -20.15
N LEU T 549 -13.90 31.63 -21.30
CA LEU T 549 -12.60 31.05 -21.56
C LEU T 549 -11.42 31.60 -20.74
N THR T 550 -11.34 32.93 -20.53
CA THR T 550 -10.19 33.49 -19.83
C THR T 550 -10.30 33.62 -18.32
N GLN T 551 -11.32 33.05 -17.68
CA GLN T 551 -11.39 33.12 -16.22
C GLN T 551 -10.50 31.98 -15.75
N SER T 552 -9.82 32.16 -14.62
CA SER T 552 -8.89 31.13 -14.12
C SER T 552 -9.45 29.70 -14.03
N GLY T 553 -10.72 29.55 -13.68
CA GLY T 553 -11.31 28.22 -13.58
C GLY T 553 -11.17 27.40 -14.85
N MET T 554 -11.96 27.75 -15.87
CA MET T 554 -11.95 27.09 -17.17
C MET T 554 -10.56 26.65 -17.62
N LEU T 555 -10.53 25.66 -18.52
CA LEU T 555 -9.27 25.11 -19.05
C LEU T 555 -8.68 24.17 -18.01
N SER T 556 -8.28 24.75 -16.89
CA SER T 556 -7.81 23.92 -15.83
C SER T 556 -8.92 22.96 -15.56
N ALA T 557 -10.13 23.50 -15.69
CA ALA T 557 -11.38 22.78 -15.55
C ALA T 557 -11.61 21.92 -16.79
N LEU T 558 -11.83 22.58 -17.92
CA LEU T 558 -12.06 21.88 -19.19
C LEU T 558 -11.23 20.60 -19.29
N THR T 559 -9.90 20.78 -19.44
CA THR T 559 -9.02 19.61 -19.63
C THR T 559 -9.40 18.50 -18.66
N SER T 560 -9.26 18.68 -17.35
CA SER T 560 -9.59 17.61 -16.37
C SER T 560 -10.98 16.96 -16.56
N GLY T 561 -11.83 17.62 -17.34
CA GLY T 561 -13.12 17.04 -17.66
C GLY T 561 -12.86 16.15 -18.84
N VAL T 562 -12.55 16.79 -19.97
CA VAL T 562 -12.21 16.09 -21.21
C VAL T 562 -11.36 14.87 -20.88
N GLY T 563 -10.56 15.01 -19.83
CA GLY T 563 -9.71 13.97 -19.36
C GLY T 563 -10.57 12.77 -19.04
N THR T 564 -11.25 12.81 -17.90
CA THR T 564 -12.09 11.68 -17.50
C THR T 564 -13.10 11.32 -18.59
N ALA T 565 -13.50 12.29 -19.41
CA ALA T 565 -14.45 12.03 -20.48
C ALA T 565 -13.93 10.96 -21.46
N LEU T 566 -12.64 11.04 -21.80
CA LEU T 566 -12.05 10.07 -22.72
C LEU T 566 -11.89 8.73 -22.03
N ARG T 567 -11.63 8.76 -20.74
CA ARG T 567 -11.45 7.50 -20.04
C ARG T 567 -12.77 6.86 -19.65
N THR T 568 -13.75 6.87 -20.59
CA THR T 568 -15.07 6.24 -20.32
C THR T 568 -15.94 6.18 -21.59
N GLY T 569 -15.46 6.80 -22.67
CA GLY T 569 -16.20 6.83 -23.95
C GLY T 569 -17.03 5.57 -24.23
N SER T 570 -16.66 4.42 -23.65
CA SER T 570 -17.26 3.05 -23.79
C SER T 570 -16.63 2.33 -24.99
N LEU T 571 -17.25 2.31 -26.18
CA LEU T 571 -16.70 1.76 -27.43
C LEU T 571 -17.64 2.31 -28.49
N GLY T 572 -18.95 2.34 -28.17
CA GLY T 572 -19.98 2.80 -29.07
C GLY T 572 -20.25 4.31 -28.99
N LYS T 573 -19.15 5.09 -28.91
CA LYS T 573 -19.26 6.55 -28.88
C LYS T 573 -19.75 7.06 -30.22
N GLY T 574 -19.53 6.19 -31.19
CA GLY T 574 -19.92 6.46 -32.54
C GLY T 574 -21.43 6.50 -32.67
N VAL T 575 -22.18 6.27 -31.60
CA VAL T 575 -23.64 6.30 -31.69
C VAL T 575 -24.09 7.72 -32.05
N THR T 576 -23.20 8.68 -31.88
CA THR T 576 -23.51 10.08 -32.17
C THR T 576 -23.74 10.28 -33.67
N ASP T 577 -24.95 10.72 -34.04
CA ASP T 577 -25.27 10.94 -35.44
C ASP T 577 -24.98 9.68 -36.24
N ALA T 578 -25.15 8.53 -35.59
CA ALA T 578 -24.92 7.24 -36.24
C ALA T 578 -26.15 6.91 -37.07
N SER T 579 -27.07 7.87 -37.13
CA SER T 579 -28.28 7.72 -37.90
C SER T 579 -28.06 8.21 -39.33
N GLU T 580 -27.67 9.49 -39.47
CA GLU T 580 -27.41 10.09 -40.78
C GLU T 580 -26.15 9.47 -41.36
N LYS T 581 -25.25 9.07 -40.45
CA LYS T 581 -24.00 8.43 -40.84
C LYS T 581 -24.38 7.12 -41.49
N LEU T 582 -25.36 6.43 -40.91
CA LEU T 582 -25.82 5.15 -41.43
C LEU T 582 -26.51 5.39 -42.74
N ARG T 583 -27.48 6.30 -42.73
CA ARG T 583 -28.26 6.63 -43.92
C ARG T 583 -27.35 7.07 -45.07
N ALA T 584 -26.17 7.60 -44.77
CA ALA T 584 -25.23 8.02 -45.80
C ALA T 584 -24.48 6.80 -46.36
N ARG T 585 -24.23 5.80 -45.51
CA ARG T 585 -23.58 4.60 -45.94
C ARG T 585 -24.49 3.77 -46.86
N GLN T 586 -25.78 3.77 -46.54
CA GLN T 586 -26.72 3.06 -47.41
C GLN T 586 -26.77 3.78 -48.73
N SER T 587 -26.58 5.09 -48.67
CA SER T 587 -26.61 5.92 -49.86
C SER T 587 -25.49 5.50 -50.79
N LEU T 588 -24.35 5.16 -50.22
CA LEU T 588 -23.18 4.77 -51.02
C LEU T 588 -23.34 3.37 -51.60
N THR T 589 -23.82 2.46 -50.76
CA THR T 589 -24.02 1.08 -51.23
C THR T 589 -25.08 1.04 -52.34
N VAL T 590 -26.01 1.98 -52.34
CA VAL T 590 -27.02 2.01 -53.38
C VAL T 590 -26.39 2.48 -54.68
N ALA T 591 -25.42 3.38 -54.58
CA ALA T 591 -24.72 3.88 -55.76
C ALA T 591 -23.69 2.84 -56.24
N LYS T 592 -23.08 2.12 -55.29
CA LYS T 592 -22.09 1.11 -55.67
C LYS T 592 -22.81 -0.12 -56.25
N GLN T 593 -24.05 -0.35 -55.83
CA GLN T 593 -24.80 -1.48 -56.37
C GLN T 593 -25.04 -1.12 -57.82
N ALA T 594 -25.26 0.17 -58.06
CA ALA T 594 -25.49 0.70 -59.40
C ALA T 594 -24.29 0.42 -60.31
N PHE T 595 -23.09 0.49 -59.75
CA PHE T 595 -21.86 0.20 -60.48
C PHE T 595 -21.87 -1.29 -60.87
N PHE T 596 -21.93 -2.18 -59.88
CA PHE T 596 -21.95 -3.62 -60.16
C PHE T 596 -22.98 -3.99 -61.23
N ASP T 597 -24.06 -3.21 -61.31
CA ASP T 597 -25.09 -3.45 -62.32
C ASP T 597 -24.58 -3.26 -63.73
N GLN T 598 -23.63 -2.34 -63.93
CA GLN T 598 -23.06 -2.13 -65.26
C GLN T 598 -22.00 -3.16 -65.54
N ILE T 599 -21.15 -3.42 -64.54
CA ILE T 599 -20.14 -4.48 -64.71
C ILE T 599 -20.88 -5.71 -65.16
N GLY T 600 -22.08 -5.85 -64.64
CA GLY T 600 -22.96 -6.96 -64.93
C GLY T 600 -23.59 -6.95 -66.31
N SER T 601 -23.71 -5.79 -66.94
CA SER T 601 -24.31 -5.76 -68.27
C SER T 601 -23.24 -5.66 -69.35
N LEU T 602 -22.49 -4.56 -69.37
CA LEU T 602 -21.45 -4.34 -70.37
C LEU T 602 -20.66 -5.61 -70.67
N TRP T 603 -20.07 -6.21 -69.62
CA TRP T 603 -19.36 -7.45 -69.79
C TRP T 603 -20.27 -8.60 -69.33
N PRO T 604 -21.16 -9.04 -70.24
CA PRO T 604 -22.07 -10.13 -69.93
C PRO T 604 -21.34 -11.46 -69.79
N GLY U 2 -33.96 12.34 -6.44
CA GLY U 2 -33.26 11.55 -5.46
C GLY U 2 -34.20 10.74 -4.60
N ASN U 3 -35.46 10.76 -4.97
CA ASN U 3 -36.44 10.03 -4.22
C ASN U 3 -36.01 8.60 -3.98
N VAL U 4 -36.21 8.22 -2.75
CA VAL U 4 -35.91 6.88 -2.37
C VAL U 4 -36.47 5.90 -3.37
N GLN U 5 -35.63 4.90 -3.66
CA GLN U 5 -35.93 3.75 -4.53
C GLN U 5 -36.13 2.57 -3.55
N THR U 6 -35.03 1.85 -3.24
CA THR U 6 -34.95 0.78 -2.21
C THR U 6 -34.28 -0.54 -2.61
N SER U 7 -34.51 -1.12 -3.77
CA SER U 7 -33.81 -2.36 -3.98
C SER U 7 -33.26 -2.49 -5.38
N VAL U 8 -33.90 -1.76 -6.31
CA VAL U 8 -33.51 -1.82 -7.69
C VAL U 8 -32.00 -1.94 -7.75
N ASN U 9 -31.29 -1.04 -7.06
CA ASN U 9 -29.82 -1.08 -7.08
C ASN U 9 -29.22 -1.04 -5.60
N THR U 10 -28.19 -1.85 -5.20
CA THR U 10 -27.58 -1.94 -3.80
C THR U 10 -27.28 -0.63 -3.08
N TYR U 11 -27.46 0.48 -3.76
CA TYR U 11 -27.18 1.77 -3.17
C TYR U 11 -28.23 2.81 -3.48
N ASN U 12 -28.58 3.57 -2.47
CA ASN U 12 -29.51 4.68 -2.64
C ASN U 12 -28.62 5.85 -3.00
N ILE U 13 -29.10 6.81 -3.75
CA ILE U 13 -28.21 7.94 -4.06
C ILE U 13 -28.17 8.89 -2.88
N THR U 14 -29.35 9.24 -2.41
CA THR U 14 -29.49 10.12 -1.23
C THR U 14 -29.24 9.29 0.02
N GLY U 15 -28.82 8.04 -0.19
CA GLY U 15 -28.53 7.14 0.91
C GLY U 15 -27.65 7.72 2.00
N ASP U 16 -27.68 7.08 3.16
CA ASP U 16 -26.91 7.48 4.33
C ASP U 16 -25.38 7.44 4.12
N GLY U 17 -24.71 8.51 4.55
CA GLY U 17 -23.27 8.57 4.45
C GLY U 17 -22.52 8.23 3.17
N ASN U 18 -23.00 8.75 2.03
CA ASN U 18 -22.31 8.56 0.75
C ASN U 18 -21.16 9.53 0.79
N SER U 19 -20.40 9.66 -0.29
CA SER U 19 -19.31 10.61 -0.21
C SER U 19 -18.54 10.86 -1.48
N PHE U 20 -18.75 12.00 -2.11
CA PHE U 20 -17.98 12.35 -3.27
C PHE U 20 -16.61 12.77 -2.75
N THR U 21 -15.55 12.17 -3.29
CA THR U 21 -14.20 12.48 -2.82
C THR U 21 -13.10 11.90 -3.71
N PRO U 22 -12.69 12.66 -4.74
CA PRO U 22 -11.64 12.23 -5.67
C PRO U 22 -10.34 12.00 -4.94
N THR U 23 -9.58 11.03 -5.43
CA THR U 23 -8.26 10.67 -4.89
C THR U 23 -7.37 10.62 -6.08
N SER U 24 -6.26 11.36 -6.06
CA SER U 24 -5.33 11.36 -7.20
C SER U 24 -4.91 9.94 -7.55
N ASP U 25 -5.18 9.03 -6.62
CA ASP U 25 -4.80 7.63 -6.72
C ASP U 25 -5.59 6.70 -7.67
N MET U 26 -6.87 6.97 -7.91
CA MET U 26 -7.64 6.02 -8.71
C MET U 26 -8.28 6.50 -10.03
N THR U 27 -7.79 7.58 -10.67
CA THR U 27 -8.38 8.10 -11.93
C THR U 27 -9.50 7.26 -12.56
N SER U 28 -10.75 7.66 -12.32
CA SER U 28 -11.96 6.99 -12.82
C SER U 28 -11.90 6.66 -14.30
N THR U 29 -12.12 5.39 -14.66
CA THR U 29 -12.07 4.96 -16.07
C THR U 29 -12.74 3.62 -16.41
N ALA U 30 -13.64 3.63 -17.38
CA ALA U 30 -14.29 2.40 -17.86
C ALA U 30 -13.39 1.77 -18.94
N ALA U 31 -13.98 1.19 -19.98
CA ALA U 31 -13.16 0.52 -21.01
C ALA U 31 -13.40 1.06 -22.41
N PRO U 32 -12.63 2.09 -22.82
CA PRO U 32 -12.77 2.69 -24.16
C PRO U 32 -11.81 2.09 -25.16
N ALA U 33 -10.53 1.98 -24.82
CA ALA U 33 -9.57 1.50 -25.80
C ALA U 33 -9.57 0.00 -26.10
N ILE U 34 -10.73 -0.66 -26.13
CA ILE U 34 -10.71 -2.09 -26.44
C ILE U 34 -10.16 -2.29 -27.85
N ASP U 35 -9.18 -3.17 -27.98
CA ASP U 35 -8.58 -3.42 -29.28
C ASP U 35 -9.41 -4.35 -30.15
N LEU U 36 -9.71 -3.93 -31.37
CA LEU U 36 -10.48 -4.76 -32.29
C LEU U 36 -9.87 -4.82 -33.69
N LYS U 37 -8.83 -4.04 -33.95
CA LYS U 37 -8.20 -4.04 -35.27
C LYS U 37 -7.86 -5.45 -35.78
N PRO U 38 -8.08 -5.67 -37.05
CA PRO U 38 -7.87 -6.94 -37.74
C PRO U 38 -6.78 -7.85 -37.19
N GLY U 39 -5.54 -7.39 -37.28
CA GLY U 39 -4.45 -8.21 -36.80
C GLY U 39 -4.57 -8.53 -35.31
N VAL U 40 -4.93 -7.53 -34.52
CA VAL U 40 -4.99 -7.71 -33.08
C VAL U 40 -6.21 -8.47 -32.55
N LEU U 41 -7.36 -8.43 -33.21
CA LEU U 41 -8.52 -9.18 -32.74
C LEU U 41 -8.44 -10.62 -33.24
N ASN U 42 -7.63 -10.82 -34.28
CA ASN U 42 -7.38 -12.16 -34.86
C ASN U 42 -7.61 -12.25 -36.37
N PRO V 1 -3.47 -22.50 -30.69
CA PRO V 1 -4.18 -22.69 -31.96
C PRO V 1 -4.95 -21.44 -32.32
N THR V 2 -5.48 -21.42 -33.54
CA THR V 2 -6.25 -20.30 -34.11
C THR V 2 -6.97 -20.79 -35.34
N GLY V 3 -7.86 -19.97 -35.89
CA GLY V 3 -8.57 -20.32 -37.11
C GLY V 3 -9.82 -21.18 -36.90
N LYS V 4 -10.39 -21.63 -38.01
CA LYS V 4 -11.57 -22.45 -37.98
C LYS V 4 -11.19 -23.85 -37.58
N LEU V 5 -12.10 -24.59 -36.96
CA LEU V 5 -11.80 -25.96 -36.54
C LEU V 5 -12.11 -26.92 -37.68
N TRP V 6 -11.28 -27.92 -37.84
CA TRP V 6 -11.44 -28.93 -38.86
C TRP V 6 -11.63 -30.28 -38.24
N ARG V 7 -12.17 -31.23 -38.98
CA ARG V 7 -12.31 -32.58 -38.45
C ARG V 7 -12.13 -33.59 -39.57
N PRO V 8 -11.59 -34.77 -39.25
CA PRO V 8 -11.34 -35.83 -40.23
C PRO V 8 -12.60 -36.25 -41.00
N VAL V 9 -12.81 -35.71 -42.19
CA VAL V 9 -14.00 -36.06 -42.98
C VAL V 9 -13.96 -37.56 -43.35
N GLY V 10 -12.76 -38.09 -43.56
CA GLY V 10 -12.59 -39.50 -43.90
C GLY V 10 -12.63 -40.40 -42.67
N THR V 11 -12.79 -39.78 -41.50
CA THR V 11 -12.88 -40.47 -40.22
C THR V 11 -11.59 -41.06 -39.65
N SER V 12 -11.58 -41.16 -38.32
CA SER V 12 -10.46 -41.69 -37.55
C SER V 12 -9.12 -41.07 -37.91
N VAL V 13 -8.38 -41.73 -38.79
CA VAL V 13 -7.09 -41.25 -39.22
C VAL V 13 -7.21 -39.84 -39.81
N ALA V 14 -6.62 -38.88 -39.10
CA ALA V 14 -6.57 -37.52 -39.53
C ALA V 14 -5.24 -37.22 -40.17
N THR V 15 -5.21 -37.17 -41.47
CA THR V 15 -3.98 -36.84 -42.20
C THR V 15 -4.14 -35.40 -42.75
N ILE V 16 -3.16 -34.90 -43.52
CA ILE V 16 -3.15 -33.57 -44.16
C ILE V 16 -4.01 -33.57 -45.44
N ASP V 17 -5.21 -34.10 -45.34
CA ASP V 17 -6.12 -34.22 -46.48
C ASP V 17 -7.44 -34.89 -46.09
N SER V 18 -7.41 -35.67 -45.02
CA SER V 18 -8.61 -36.34 -44.54
C SER V 18 -9.33 -35.38 -43.57
N LEU V 19 -8.94 -34.10 -43.63
CA LEU V 19 -9.52 -33.04 -42.83
C LEU V 19 -10.49 -32.27 -43.73
N ALA V 20 -11.16 -31.33 -43.11
CA ALA V 20 -12.08 -30.46 -43.79
C ALA V 20 -12.75 -29.51 -42.80
N ILE V 21 -12.79 -28.22 -43.11
CA ILE V 21 -13.42 -27.26 -42.21
C ILE V 21 -14.77 -27.82 -41.77
N VAL V 22 -14.92 -28.10 -40.48
CA VAL V 22 -16.18 -28.65 -39.95
C VAL V 22 -17.28 -27.63 -40.04
N SER V 23 -17.85 -27.44 -41.23
CA SER V 23 -18.92 -26.47 -41.36
C SER V 23 -20.27 -27.19 -41.14
N ASP V 24 -21.35 -26.43 -41.11
CA ASP V 24 -22.67 -27.02 -40.93
C ASP V 24 -23.74 -25.95 -40.83
N ARG V 25 -24.93 -26.39 -40.44
CA ARG V 25 -26.12 -25.55 -40.30
C ARG V 25 -25.92 -24.24 -39.52
N PHE V 26 -24.83 -24.13 -38.76
CA PHE V 26 -24.56 -22.93 -37.97
C PHE V 26 -23.46 -22.06 -38.57
N GLY V 27 -22.77 -22.56 -39.59
CA GLY V 27 -21.67 -21.82 -40.18
C GLY V 27 -20.43 -22.60 -39.78
N GLN V 28 -19.27 -21.96 -39.74
CA GLN V 28 -18.06 -22.69 -39.35
C GLN V 28 -17.52 -22.28 -37.99
N TYR V 29 -17.30 -23.28 -37.15
CA TYR V 29 -16.78 -23.01 -35.82
C TYR V 29 -15.37 -22.48 -35.92
N SER V 30 -15.15 -21.25 -35.45
CA SER V 30 -13.78 -20.74 -35.46
C SER V 30 -13.34 -20.75 -34.00
N PHE V 31 -12.10 -21.18 -33.77
CA PHE V 31 -11.57 -21.27 -32.41
C PHE V 31 -11.45 -19.94 -31.70
N VAL V 32 -11.71 -19.94 -30.39
CA VAL V 32 -11.63 -18.71 -29.61
C VAL V 32 -10.43 -18.77 -28.66
N ASN V 33 -9.25 -18.51 -29.21
CA ASN V 33 -7.99 -18.52 -28.45
C ASN V 33 -8.12 -17.66 -27.21
N GLU V 34 -7.33 -18.00 -26.19
CA GLU V 34 -7.33 -17.30 -24.90
C GLU V 34 -7.49 -15.77 -24.93
N GLY V 35 -6.65 -15.08 -25.68
CA GLY V 35 -6.68 -13.63 -25.75
C GLY V 35 -7.91 -13.06 -26.41
N MET V 36 -8.44 -13.75 -27.41
CA MET V 36 -9.62 -13.27 -28.12
C MET V 36 -10.86 -13.35 -27.23
N ARG V 37 -10.75 -14.05 -26.11
CA ARG V 37 -11.86 -14.12 -25.16
C ARG V 37 -11.74 -12.93 -24.23
N GLU V 38 -10.53 -12.40 -24.13
CA GLU V 38 -10.26 -11.23 -23.29
C GLU V 38 -10.99 -10.04 -23.84
N THR V 39 -11.03 -9.93 -25.16
CA THR V 39 -11.71 -8.83 -25.79
C THR V 39 -13.21 -8.93 -25.59
N PHE V 40 -13.83 -9.97 -26.13
CA PHE V 40 -15.27 -10.17 -26.00
C PHE V 40 -15.74 -10.23 -24.58
N SER V 41 -14.86 -10.53 -23.66
CA SER V 41 -15.24 -10.47 -22.27
C SER V 41 -15.13 -9.04 -21.80
N LYS V 42 -14.07 -8.36 -22.24
CA LYS V 42 -13.84 -6.96 -21.84
C LYS V 42 -14.91 -6.06 -22.43
N ALA V 43 -15.48 -6.47 -23.57
CA ALA V 43 -16.54 -5.73 -24.25
C ALA V 43 -17.86 -5.95 -23.52
N LEU V 44 -18.16 -7.23 -23.24
CA LEU V 44 -19.38 -7.58 -22.52
C LEU V 44 -19.28 -7.06 -21.09
N PHE V 45 -18.08 -7.09 -20.52
CA PHE V 45 -17.92 -6.62 -19.15
C PHE V 45 -18.35 -5.16 -19.05
N ASP V 46 -17.96 -4.37 -20.04
CA ASP V 46 -18.31 -2.96 -20.04
C ASP V 46 -19.82 -2.74 -20.28
N ILE V 47 -20.53 -3.77 -20.71
CA ILE V 47 -21.97 -3.63 -20.92
C ILE V 47 -22.71 -4.11 -19.66
N ASN V 48 -22.32 -5.26 -19.12
CA ASN V 48 -22.95 -5.77 -17.92
C ASN V 48 -22.97 -4.66 -16.87
N MET V 49 -21.89 -3.90 -16.81
CA MET V 49 -21.76 -2.79 -15.86
C MET V 49 -23.06 -1.96 -15.77
N TRP V 50 -23.65 -1.72 -16.92
CA TRP V 50 -24.88 -0.93 -17.00
C TRP V 50 -26.10 -1.73 -16.66
N GLN V 51 -25.95 -2.78 -15.86
CA GLN V 51 -27.08 -3.63 -15.52
C GLN V 51 -28.24 -2.88 -14.87
N PRO V 52 -27.96 -2.08 -13.83
CA PRO V 52 -29.00 -1.33 -13.12
C PRO V 52 -29.78 -0.37 -13.98
N LEU V 53 -29.26 0.01 -15.14
CA LEU V 53 -30.01 0.92 -15.98
C LEU V 53 -30.83 0.17 -17.00
N PHE V 54 -30.47 -1.08 -17.29
CA PHE V 54 -31.21 -1.91 -18.24
C PHE V 54 -32.52 -2.36 -17.65
N GLN V 55 -32.50 -2.76 -16.37
CA GLN V 55 -33.72 -3.19 -15.72
C GLN V 55 -34.62 -1.98 -15.55
N ALA V 56 -34.05 -0.91 -14.98
CA ALA V 56 -34.85 0.31 -14.74
C ALA V 56 -35.63 0.67 -15.96
N THR V 57 -34.97 0.71 -17.07
CA THR V 57 -35.70 1.06 -18.25
C THR V 57 -36.24 -0.14 -19.05
N LYS V 58 -36.52 -1.34 -18.46
CA LYS V 58 -37.13 -2.50 -19.18
C LYS V 58 -36.51 -2.86 -20.61
N THR V 59 -35.37 -2.27 -21.03
CA THR V 59 -34.67 -2.65 -22.29
C THR V 59 -33.77 -3.84 -21.96
N GLY V 60 -32.65 -3.97 -22.64
CA GLY V 60 -31.75 -5.06 -22.33
C GLY V 60 -32.48 -6.42 -22.42
N CYS V 61 -32.11 -7.35 -21.52
CA CYS V 61 -32.64 -8.72 -21.55
C CYS V 61 -31.84 -9.66 -20.65
N GLY V 62 -31.25 -9.12 -19.58
CA GLY V 62 -30.45 -9.92 -18.67
C GLY V 62 -28.98 -9.69 -18.98
N PRO V 63 -28.04 -10.14 -18.13
CA PRO V 63 -26.60 -9.96 -18.39
C PRO V 63 -26.09 -10.84 -19.52
N ILE V 64 -25.26 -10.29 -20.40
CA ILE V 64 -24.73 -11.04 -21.55
C ILE V 64 -23.49 -11.86 -21.23
N VAL V 65 -23.64 -13.17 -21.01
CA VAL V 65 -22.49 -14.03 -20.73
C VAL V 65 -21.87 -14.48 -22.05
N LEU V 66 -20.56 -14.34 -22.19
CA LEU V 66 -19.93 -14.74 -23.44
C LEU V 66 -20.06 -16.23 -23.65
N SER V 67 -20.38 -16.96 -22.59
CA SER V 67 -20.54 -18.41 -22.66
C SER V 67 -21.88 -18.78 -23.29
N SER V 68 -22.58 -17.81 -23.85
CA SER V 68 -23.87 -18.12 -24.48
C SER V 68 -23.69 -18.14 -26.00
N PHE V 69 -22.56 -17.64 -26.48
CA PHE V 69 -22.32 -17.60 -27.92
C PHE V 69 -21.34 -18.66 -28.38
N THR V 70 -20.64 -19.28 -27.45
CA THR V 70 -19.65 -20.29 -27.81
C THR V 70 -20.18 -21.72 -27.73
N THR V 71 -19.26 -22.69 -27.78
CA THR V 71 -19.58 -24.12 -27.72
C THR V 71 -18.34 -24.88 -27.23
N THR V 72 -18.45 -26.18 -27.10
CA THR V 72 -17.31 -26.97 -26.66
C THR V 72 -17.07 -28.12 -27.63
N THR V 73 -16.73 -27.78 -28.87
CA THR V 73 -16.45 -28.80 -29.86
C THR V 73 -14.99 -29.20 -29.63
N SER V 74 -14.50 -30.12 -30.45
CA SER V 74 -13.11 -30.57 -30.39
C SER V 74 -12.73 -31.19 -31.73
N GLY V 75 -11.51 -30.90 -32.16
CA GLY V 75 -11.01 -31.41 -33.42
C GLY V 75 -9.67 -30.76 -33.62
N TYR V 76 -9.23 -30.62 -34.87
CA TYR V 76 -7.96 -29.99 -35.16
C TYR V 76 -8.27 -28.59 -35.61
N VAL V 77 -7.60 -27.59 -35.04
CA VAL V 77 -7.90 -26.23 -35.45
C VAL V 77 -6.76 -25.43 -36.03
N GLY V 78 -6.80 -25.19 -37.33
CA GLY V 78 -5.74 -24.41 -37.96
C GLY V 78 -6.29 -23.48 -39.03
N ALA V 79 -5.39 -23.01 -39.89
CA ALA V 79 -5.80 -22.12 -40.97
C ALA V 79 -5.97 -22.93 -42.23
N THR V 80 -5.31 -24.09 -42.31
CA THR V 80 -5.46 -24.96 -43.49
C THR V 80 -5.18 -26.42 -43.10
N ALA V 81 -5.91 -27.35 -43.70
CA ALA V 81 -5.75 -28.77 -43.39
C ALA V 81 -4.31 -29.11 -42.97
N GLY V 82 -3.35 -28.72 -43.81
CA GLY V 82 -1.95 -28.97 -43.52
C GLY V 82 -1.48 -28.57 -42.13
N ASP V 83 -1.68 -27.30 -41.78
CA ASP V 83 -1.24 -26.79 -40.49
C ASP V 83 -2.23 -27.01 -39.34
N ALA V 84 -3.48 -27.28 -39.67
CA ALA V 84 -4.49 -27.50 -38.65
C ALA V 84 -4.24 -28.86 -38.03
N LEU V 85 -3.50 -29.68 -38.75
CA LEU V 85 -3.19 -31.03 -38.28
C LEU V 85 -2.29 -31.05 -37.05
N ASP V 86 -1.59 -29.93 -36.82
CA ASP V 86 -0.68 -29.80 -35.68
C ASP V 86 -1.27 -29.02 -34.53
N ASN V 87 -2.59 -29.03 -34.38
CA ASN V 87 -3.24 -28.31 -33.29
C ASN V 87 -4.41 -29.10 -32.74
N PRO V 88 -4.23 -30.38 -32.47
CA PRO V 88 -5.34 -31.18 -31.95
C PRO V 88 -5.82 -30.55 -30.64
N VAL V 89 -7.02 -29.98 -30.66
CA VAL V 89 -7.58 -29.37 -29.46
C VAL V 89 -8.81 -30.16 -29.00
N THR V 90 -8.86 -30.48 -27.71
CA THR V 90 -10.00 -31.24 -27.19
C THR V 90 -10.91 -30.36 -26.35
N ASN V 91 -12.19 -30.38 -26.69
CA ASN V 91 -13.17 -29.57 -25.99
C ASN V 91 -12.71 -28.13 -25.89
N GLY V 92 -12.22 -27.59 -27.01
CA GLY V 92 -11.82 -26.20 -27.03
C GLY V 92 -13.11 -25.41 -27.04
N VAL V 93 -13.02 -24.09 -27.02
CA VAL V 93 -14.21 -23.26 -27.02
C VAL V 93 -14.28 -22.49 -28.36
N PHE V 94 -15.17 -22.91 -29.25
CA PHE V 94 -15.31 -22.27 -30.56
C PHE V 94 -16.61 -21.51 -30.64
N ILE V 95 -16.66 -20.49 -31.50
CA ILE V 95 -17.90 -19.74 -31.68
C ILE V 95 -18.29 -19.94 -33.14
N SER V 96 -19.48 -20.48 -33.41
CA SER V 96 -19.93 -20.75 -34.79
C SER V 96 -20.19 -19.45 -35.57
N THR V 97 -20.10 -19.48 -36.87
CA THR V 97 -20.35 -18.24 -37.63
C THR V 97 -21.63 -17.52 -37.23
N VAL V 98 -22.78 -18.21 -37.34
CA VAL V 98 -24.04 -17.57 -36.99
C VAL V 98 -24.00 -16.97 -35.59
N GLN V 99 -23.13 -17.49 -34.72
CA GLN V 99 -23.00 -16.95 -33.37
C GLN V 99 -22.12 -15.72 -33.40
N ILE V 100 -20.99 -15.82 -34.12
CA ILE V 100 -20.05 -14.72 -34.28
C ILE V 100 -20.87 -13.57 -34.84
N MET V 101 -22.10 -13.86 -35.26
CA MET V 101 -22.97 -12.82 -35.77
C MET V 101 -23.72 -12.13 -34.65
N ASN V 102 -24.27 -12.91 -33.71
CA ASN V 102 -25.01 -12.32 -32.60
C ASN V 102 -24.10 -11.62 -31.60
N LEU V 103 -23.08 -12.33 -31.12
CA LEU V 103 -22.16 -11.73 -30.17
C LEU V 103 -21.76 -10.39 -30.75
N GLN V 104 -21.87 -10.27 -32.08
CA GLN V 104 -21.55 -9.04 -32.80
C GLN V 104 -22.74 -8.09 -32.71
N ARG V 105 -23.85 -8.42 -33.37
CA ARG V 105 -25.01 -7.54 -33.32
C ARG V 105 -25.62 -7.36 -31.93
N THR V 106 -25.21 -8.16 -30.94
CA THR V 106 -25.75 -7.96 -29.59
C THR V 106 -24.91 -6.85 -29.00
N ILE V 107 -23.60 -7.07 -28.97
CA ILE V 107 -22.67 -6.08 -28.45
C ILE V 107 -22.90 -4.77 -29.19
N ALA V 108 -23.42 -4.85 -30.40
CA ALA V 108 -23.70 -3.65 -31.16
C ALA V 108 -25.03 -3.03 -30.66
N ALA V 109 -26.09 -3.82 -30.60
CA ALA V 109 -27.38 -3.29 -30.15
C ALA V 109 -27.24 -2.75 -28.75
N ARG V 110 -26.68 -3.54 -27.82
CA ARG V 110 -26.50 -3.09 -26.43
C ARG V 110 -25.59 -1.87 -26.39
N MET V 111 -24.55 -1.89 -27.22
CA MET V 111 -23.63 -0.76 -27.26
C MET V 111 -24.35 0.55 -27.56
N ARG V 112 -25.34 0.52 -28.42
CA ARG V 112 -26.12 1.73 -28.66
C ARG V 112 -26.82 2.07 -27.35
N ASP V 113 -27.66 1.15 -26.88
CA ASP V 113 -28.40 1.32 -25.63
C ASP V 113 -27.58 2.08 -24.57
N VAL V 114 -26.43 1.53 -24.20
CA VAL V 114 -25.60 2.16 -23.19
C VAL V 114 -24.96 3.45 -23.69
N ALA V 115 -24.40 3.43 -24.90
CA ALA V 115 -23.78 4.63 -25.44
C ALA V 115 -24.64 5.86 -25.19
N LEU V 116 -25.94 5.66 -25.18
CA LEU V 116 -26.84 6.80 -24.96
C LEU V 116 -26.86 7.21 -23.49
N TRP V 117 -27.31 6.30 -22.62
CA TRP V 117 -27.35 6.58 -21.18
C TRP V 117 -26.01 7.10 -20.72
N GLN V 118 -24.98 6.30 -21.02
CA GLN V 118 -23.61 6.57 -20.72
C GLN V 118 -23.25 7.99 -21.09
N LYS V 119 -23.97 8.59 -22.02
CA LYS V 119 -23.69 9.97 -22.40
C LYS V 119 -24.31 10.94 -21.37
N HIS V 120 -25.51 10.61 -20.87
CA HIS V 120 -26.21 11.42 -19.85
C HIS V 120 -25.47 11.36 -18.53
N LEU V 121 -25.04 10.16 -18.15
CA LEU V 121 -24.32 9.96 -16.90
C LEU V 121 -23.14 10.89 -16.90
N ASP V 122 -22.53 11.03 -18.07
CA ASP V 122 -21.37 11.86 -18.22
C ASP V 122 -21.58 13.38 -18.10
N THR V 123 -22.46 13.95 -18.92
CA THR V 123 -22.70 15.39 -18.84
C THR V 123 -22.94 15.79 -17.40
N ALA V 124 -23.26 14.82 -16.54
CA ALA V 124 -23.52 15.07 -15.13
C ALA V 124 -22.28 14.76 -14.30
N MET V 125 -21.57 13.71 -14.66
CA MET V 125 -20.37 13.33 -13.92
C MET V 125 -19.23 14.34 -14.12
N THR V 126 -18.73 14.42 -15.35
CA THR V 126 -17.66 15.37 -15.65
C THR V 126 -18.14 16.77 -15.29
N MET V 127 -19.45 16.95 -15.12
CA MET V 127 -19.96 18.26 -14.77
C MET V 127 -19.63 18.62 -13.32
N LEU V 128 -18.52 18.06 -12.84
CA LEU V 128 -18.01 18.33 -11.50
C LEU V 128 -16.70 17.56 -11.33
N THR V 129 -15.86 17.68 -12.36
CA THR V 129 -14.54 17.06 -12.44
C THR V 129 -14.24 16.06 -11.35
N PRO V 130 -14.74 14.83 -11.49
CA PRO V 130 -14.46 13.85 -10.44
C PRO V 130 -13.03 13.32 -10.54
N ASP V 131 -12.14 14.06 -11.20
CA ASP V 131 -10.78 13.58 -11.30
C ASP V 131 -9.65 14.57 -11.01
N ILE V 132 -8.93 14.32 -9.92
CA ILE V 132 -7.80 15.15 -9.51
C ILE V 132 -6.56 14.28 -9.73
N SER V 133 -5.37 14.87 -9.68
CA SER V 133 -4.16 14.07 -9.92
C SER V 133 -3.01 14.24 -8.91
N ALA V 134 -3.33 14.74 -7.72
CA ALA V 134 -2.34 14.93 -6.66
C ALA V 134 -3.07 15.04 -5.30
N GLY V 135 -2.78 14.11 -4.39
CA GLY V 135 -3.46 14.14 -3.11
C GLY V 135 -4.95 13.94 -3.32
N SER V 136 -5.76 14.18 -2.29
CA SER V 136 -7.21 14.01 -2.43
C SER V 136 -7.94 15.34 -2.45
N ALA V 137 -9.21 15.30 -2.06
CA ALA V 137 -10.07 16.50 -2.02
C ALA V 137 -11.54 16.07 -2.10
N SER V 138 -12.28 16.27 -1.02
CA SER V 138 -13.70 15.92 -0.97
C SER V 138 -14.63 17.09 -1.30
N CYS V 139 -15.93 16.87 -1.15
CA CYS V 139 -16.95 17.88 -1.42
C CYS V 139 -18.28 17.36 -0.87
N ASN V 140 -18.53 17.61 0.41
CA ASN V 140 -19.74 17.11 1.08
C ASN V 140 -20.91 16.81 0.13
N TRP V 141 -21.17 15.51 -0.02
CA TRP V 141 -22.19 14.93 -0.89
C TRP V 141 -23.55 15.64 -0.97
N LYS V 142 -24.15 15.99 0.16
CA LYS V 142 -25.44 16.70 0.15
C LYS V 142 -25.39 17.83 -0.87
N SER V 143 -24.54 18.82 -0.60
CA SER V 143 -24.37 19.99 -1.47
C SER V 143 -24.25 19.56 -2.92
N LEU V 144 -23.22 18.76 -3.19
CA LEU V 144 -22.95 18.24 -4.52
C LEU V 144 -24.23 17.84 -5.25
N LEU V 145 -24.99 16.93 -4.63
CA LEU V 145 -26.24 16.46 -5.20
C LEU V 145 -27.22 17.62 -5.38
N ALA V 146 -27.62 18.24 -4.28
CA ALA V 146 -28.56 19.38 -4.31
C ALA V 146 -28.13 20.44 -5.33
N PHE V 147 -26.86 20.40 -5.73
CA PHE V 147 -26.32 21.32 -6.72
C PHE V 147 -26.64 20.84 -8.15
N ALA V 148 -26.21 19.62 -8.47
CA ALA V 148 -26.48 19.07 -9.78
C ALA V 148 -27.98 18.97 -10.00
N LYS V 149 -28.74 18.93 -8.90
CA LYS V 149 -30.20 18.89 -8.99
C LYS V 149 -30.63 20.09 -9.81
N ASP V 150 -29.77 21.11 -9.82
CA ASP V 150 -29.98 22.35 -10.56
C ASP V 150 -29.38 22.21 -11.95
N ILE V 151 -28.11 22.58 -12.06
CA ILE V 151 -27.41 22.56 -13.33
C ILE V 151 -27.97 21.59 -14.37
N LEU V 152 -27.88 20.29 -14.16
CA LEU V 152 -28.38 19.30 -15.13
C LEU V 152 -29.67 19.74 -15.88
N PRO V 153 -29.60 19.97 -17.23
CA PRO V 153 -30.75 20.39 -18.04
C PRO V 153 -31.87 19.35 -18.02
N LEU V 154 -33.11 19.80 -17.98
CA LEU V 154 -34.32 18.94 -17.91
C LEU V 154 -34.43 17.71 -18.85
N ASP V 155 -33.46 17.47 -19.74
CA ASP V 155 -33.56 16.33 -20.67
C ASP V 155 -32.38 15.37 -20.53
N ASN V 156 -31.79 15.37 -19.36
CA ASN V 156 -30.70 14.42 -19.13
C ASN V 156 -31.32 13.01 -19.05
N LEU V 157 -30.94 12.18 -18.09
CA LEU V 157 -31.52 10.85 -17.79
C LEU V 157 -31.04 10.53 -16.37
N CYS V 158 -30.24 11.46 -15.76
CA CYS V 158 -29.67 11.33 -14.39
C CYS V 158 -30.60 11.98 -13.35
N LEU V 159 -31.70 12.54 -13.87
CA LEU V 159 -32.74 13.12 -13.06
C LEU V 159 -33.94 12.18 -13.05
N THR V 160 -34.09 11.37 -14.11
CA THR V 160 -35.21 10.41 -14.14
C THR V 160 -34.85 9.10 -13.38
N TYR V 161 -33.51 8.77 -13.14
CA TYR V 161 -33.04 7.51 -12.47
C TYR V 161 -31.87 7.69 -11.42
N PRO V 162 -31.70 8.85 -10.73
CA PRO V 162 -30.62 9.19 -9.75
C PRO V 162 -29.79 8.02 -9.18
N ASN V 163 -30.48 7.12 -8.49
CA ASN V 163 -29.81 5.96 -7.97
C ASN V 163 -30.23 4.73 -8.77
N GLU V 164 -30.01 4.88 -10.11
CA GLU V 164 -30.19 3.83 -11.10
C GLU V 164 -29.07 4.08 -12.09
N PHE V 165 -28.57 5.34 -12.00
CA PHE V 165 -27.43 5.88 -12.75
C PHE V 165 -26.30 5.89 -11.74
N TYR V 166 -26.64 6.27 -10.52
CA TYR V 166 -25.64 6.32 -9.43
C TYR V 166 -24.93 4.96 -9.31
N ASN V 167 -25.69 3.85 -9.33
CA ASN V 167 -25.15 2.48 -9.23
C ASN V 167 -24.31 2.13 -10.42
N VAL V 168 -24.62 2.68 -11.59
CA VAL V 168 -23.79 2.46 -12.75
C VAL V 168 -22.53 3.27 -12.50
N ALA V 169 -22.73 4.53 -12.13
CA ALA V 169 -21.65 5.49 -11.86
C ALA V 169 -20.63 4.99 -10.86
N ILE V 170 -21.06 4.61 -9.66
CA ILE V 170 -20.15 4.11 -8.63
C ILE V 170 -19.08 3.16 -9.19
N HIS V 171 -19.39 2.46 -10.29
CA HIS V 171 -18.44 1.54 -10.90
C HIS V 171 -17.54 2.19 -11.93
N ARG V 172 -17.69 3.48 -12.16
CA ARG V 172 -16.84 4.12 -13.15
C ARG V 172 -16.04 5.25 -12.54
N TYR V 173 -16.51 5.78 -11.42
CA TYR V 173 -15.83 6.89 -10.77
C TYR V 173 -15.38 6.54 -9.36
N PRO V 174 -14.11 6.17 -9.19
CA PRO V 174 -13.71 5.84 -7.83
C PRO V 174 -13.70 7.12 -6.97
N ALA V 175 -14.37 8.16 -7.45
CA ALA V 175 -14.48 9.38 -6.66
C ALA V 175 -15.71 9.19 -5.76
N LEU V 176 -16.84 8.80 -6.37
CA LEU V 176 -18.10 8.56 -5.63
C LEU V 176 -18.00 7.25 -4.87
N LYS V 177 -17.86 7.29 -3.54
CA LYS V 177 -17.78 6.07 -2.74
C LYS V 177 -19.13 5.98 -2.06
N PRO V 178 -19.95 4.96 -2.33
CA PRO V 178 -21.26 4.85 -1.73
C PRO V 178 -21.15 4.53 -0.25
N GLY V 179 -22.04 5.07 0.55
CA GLY V 179 -22.00 4.84 1.98
C GLY V 179 -22.48 3.43 2.29
N ASN V 180 -21.63 2.66 2.95
CA ASN V 180 -21.99 1.30 3.30
C ASN V 180 -23.29 1.20 4.10
N PRO V 181 -24.22 0.29 3.71
CA PRO V 181 -25.47 0.11 4.47
C PRO V 181 -25.34 -0.22 5.99
N ASP V 182 -24.55 -1.22 6.44
CA ASP V 182 -24.51 -1.59 7.89
C ASP V 182 -23.28 -1.07 8.72
N THR V 183 -23.11 0.29 8.72
CA THR V 183 -22.12 1.12 9.45
C THR V 183 -22.31 2.58 8.98
N LYS V 184 -23.23 2.76 8.03
CA LYS V 184 -23.64 4.03 7.38
C LYS V 184 -22.53 5.11 7.20
N LEU V 185 -21.29 4.66 6.80
CA LEU V 185 -20.01 5.46 6.60
C LEU V 185 -19.36 5.06 5.24
N PRO V 186 -18.47 5.91 4.62
CA PRO V 186 -17.83 5.51 3.33
C PRO V 186 -17.07 4.15 3.38
N ASP V 187 -15.81 4.11 2.87
CA ASP V 187 -15.00 2.85 2.76
C ASP V 187 -13.49 3.14 2.62
N ALA V 188 -13.09 4.40 2.55
CA ALA V 188 -11.67 4.74 2.37
C ALA V 188 -11.30 4.34 0.94
N GLN V 189 -11.14 3.05 0.73
CA GLN V 189 -10.89 2.53 -0.61
C GLN V 189 -12.14 2.74 -1.45
N ALA V 190 -11.95 2.91 -2.72
CA ALA V 190 -13.08 3.02 -3.65
C ALA V 190 -12.97 1.81 -4.58
N HIS V 191 -14.07 1.04 -4.73
CA HIS V 191 -14.04 -0.16 -5.56
C HIS V 191 -14.80 -0.06 -6.88
N PRO V 192 -14.26 0.66 -7.87
CA PRO V 192 -14.95 0.75 -9.16
C PRO V 192 -14.54 -0.47 -10.01
N LEU V 193 -15.46 -1.01 -10.80
CA LEU V 193 -15.17 -2.16 -11.63
C LEU V 193 -13.83 -2.11 -12.37
N GLY V 194 -13.37 -0.90 -12.71
CA GLY V 194 -12.10 -0.76 -13.42
C GLY V 194 -10.93 -0.71 -12.44
N GLU V 195 -11.10 -1.38 -11.31
CA GLU V 195 -10.13 -1.45 -10.21
C GLU V 195 -8.66 -1.27 -10.59
N VAL V 196 -8.15 -2.15 -11.45
CA VAL V 196 -6.75 -2.10 -11.87
C VAL V 196 -6.45 -0.98 -12.84
N ALA V 197 -7.15 -0.98 -13.98
CA ALA V 197 -6.95 0.06 -14.99
C ALA V 197 -6.93 1.46 -14.36
N GLY V 198 -7.92 1.74 -13.52
CA GLY V 198 -7.98 3.04 -12.87
C GLY V 198 -6.84 3.28 -11.90
N ALA V 199 -6.24 2.20 -11.41
CA ALA V 199 -5.12 2.33 -10.47
C ALA V 199 -3.89 2.70 -11.27
N PHE V 200 -3.74 2.08 -12.44
CA PHE V 200 -2.61 2.33 -13.32
C PHE V 200 -2.72 3.53 -14.26
N ASN V 201 -3.57 4.49 -13.93
CA ASN V 201 -3.67 5.66 -14.77
C ASN V 201 -3.45 6.88 -13.92
N ALA V 202 -3.64 6.70 -12.62
CA ALA V 202 -3.44 7.79 -11.68
C ALA V 202 -2.07 8.34 -12.01
N ALA V 203 -1.91 9.66 -11.93
CA ALA V 203 -0.61 10.27 -12.20
C ALA V 203 0.30 9.96 -11.00
N THR V 204 0.98 8.81 -11.03
CA THR V 204 1.86 8.42 -9.92
C THR V 204 2.97 9.46 -9.75
N SER V 205 3.06 10.04 -8.56
CA SER V 205 4.04 11.08 -8.28
C SER V 205 5.53 10.76 -8.54
N GLU V 206 5.88 9.47 -8.60
CA GLU V 206 7.27 9.07 -8.83
C GLU V 206 7.63 9.36 -10.27
N VAL V 207 6.73 9.01 -11.17
CA VAL V 207 6.95 9.22 -12.59
C VAL V 207 5.63 9.62 -13.23
N GLY V 208 5.56 10.82 -13.80
CA GLY V 208 4.34 11.32 -14.44
C GLY V 208 3.12 10.40 -14.45
N SER V 209 3.02 9.58 -15.48
CA SER V 209 1.91 8.63 -15.63
C SER V 209 2.33 7.48 -16.53
N LEU V 210 2.34 6.28 -15.97
CA LEU V 210 2.72 5.12 -16.74
C LEU V 210 1.95 5.03 -18.06
N VAL V 211 0.64 5.21 -18.05
CA VAL V 211 -0.16 5.15 -19.28
C VAL V 211 0.28 6.20 -20.30
N GLY V 212 0.78 7.34 -19.80
CA GLY V 212 1.25 8.38 -20.70
C GLY V 212 2.62 7.99 -21.25
N SER V 213 3.65 8.18 -20.41
CA SER V 213 5.02 7.88 -20.76
C SER V 213 5.19 6.57 -21.54
N SER V 214 4.30 5.62 -21.32
CA SER V 214 4.39 4.34 -22.03
C SER V 214 4.06 4.53 -23.48
N SER V 215 2.93 5.19 -23.74
CA SER V 215 2.47 5.41 -25.11
C SER V 215 3.36 6.40 -25.86
N THR V 216 3.65 7.56 -25.27
CA THR V 216 4.50 8.54 -25.94
C THR V 216 5.77 7.86 -26.50
N LEU V 217 6.09 6.68 -25.96
CA LEU V 217 7.24 5.91 -26.42
C LEU V 217 6.85 4.97 -27.55
N SER V 218 5.89 4.10 -27.30
CA SER V 218 5.46 3.17 -28.33
C SER V 218 5.03 3.98 -29.55
N GLN V 219 4.47 5.16 -29.30
CA GLN V 219 4.05 6.04 -30.39
C GLN V 219 5.28 6.40 -31.22
N ALA V 220 6.29 6.98 -30.58
CA ALA V 220 7.51 7.34 -31.29
C ALA V 220 8.13 6.11 -31.99
N ILE V 221 8.12 4.95 -31.32
CA ILE V 221 8.70 3.75 -31.91
C ILE V 221 7.99 3.41 -33.21
N SER V 222 6.68 3.64 -33.23
CA SER V 222 5.92 3.37 -34.44
C SER V 222 6.56 4.17 -35.57
N THR V 223 6.53 5.49 -35.47
CA THR V 223 7.11 6.36 -36.48
C THR V 223 8.52 5.91 -36.88
N MET V 224 9.43 5.83 -35.90
CA MET V 224 10.80 5.42 -36.16
C MET V 224 10.90 4.26 -37.12
N ALA V 225 10.02 3.27 -36.98
CA ALA V 225 10.10 2.13 -37.90
C ALA V 225 9.30 2.32 -39.18
N GLY V 226 8.17 3.00 -39.00
CA GLY V 226 7.25 3.32 -40.02
C GLY V 226 7.83 4.18 -41.14
N LYS V 227 7.58 5.48 -41.11
CA LYS V 227 8.02 6.32 -42.23
C LYS V 227 9.35 5.83 -42.86
N ASP V 228 10.30 5.45 -42.00
CA ASP V 228 11.70 4.98 -42.31
C ASP V 228 12.64 6.09 -41.90
N LEU V 229 12.46 6.54 -40.66
CA LEU V 229 13.37 7.54 -40.19
C LEU V 229 14.75 6.95 -40.15
N ASP V 230 14.80 5.67 -39.79
CA ASP V 230 16.05 4.98 -39.85
C ASP V 230 16.49 5.14 -41.29
N LEU V 231 17.79 5.17 -41.57
CA LEU V 231 18.22 5.32 -42.95
C LEU V 231 17.95 6.74 -43.50
N ILE V 232 17.83 7.70 -42.58
CA ILE V 232 17.52 9.08 -42.94
C ILE V 232 18.57 9.83 -43.74
N GLU V 233 19.84 9.44 -43.58
CA GLU V 233 20.90 10.10 -44.34
C GLU V 233 21.70 9.05 -45.11
N ALA V 234 20.99 8.01 -45.53
CA ALA V 234 21.58 6.91 -46.29
C ALA V 234 22.22 7.46 -47.56
N ASP V 235 23.42 6.99 -47.88
CA ASP V 235 24.10 7.48 -49.07
C ASP V 235 23.94 6.51 -50.24
N THR V 236 22.76 6.51 -50.87
CA THR V 236 22.49 5.63 -52.01
C THR V 236 21.05 5.76 -52.52
N PRO V 237 20.86 5.71 -53.86
CA PRO V 237 19.55 5.83 -54.51
C PRO V 237 18.38 5.20 -53.74
N LEU V 238 17.34 5.99 -53.53
CA LEU V 238 16.14 5.55 -52.82
C LEU V 238 14.88 6.00 -53.55
N PRO V 239 14.01 5.07 -53.93
CA PRO V 239 12.76 5.39 -54.63
C PRO V 239 11.99 6.48 -53.88
N VAL V 240 11.43 7.45 -54.59
CA VAL V 240 10.69 8.52 -53.92
C VAL V 240 9.61 7.93 -53.02
N SER V 241 9.07 6.78 -53.44
CA SER V 241 8.02 6.08 -52.68
C SER V 241 8.45 5.89 -51.22
N VAL V 242 9.72 5.56 -51.02
CA VAL V 242 10.32 5.34 -49.71
C VAL V 242 10.15 6.57 -48.82
N PHE V 243 9.69 7.68 -49.41
CA PHE V 243 9.48 8.93 -48.67
C PHE V 243 8.01 9.27 -48.51
N THR V 244 7.12 8.36 -48.90
CA THR V 244 5.66 8.57 -48.81
C THR V 244 5.22 10.04 -48.92
N PRO V 245 5.65 10.73 -49.99
CA PRO V 245 5.28 12.14 -50.19
C PRO V 245 3.79 12.25 -50.50
N SER V 246 3.05 12.96 -49.65
CA SER V 246 1.61 13.11 -49.84
C SER V 246 1.16 14.50 -49.43
N LEU V 247 -0.01 14.89 -49.92
CA LEU V 247 -0.56 16.21 -49.57
C LEU V 247 0.56 17.25 -49.67
N ALA V 248 1.31 17.22 -50.80
CA ALA V 248 2.48 18.08 -50.93
C ALA V 248 2.50 19.13 -52.05
N PRO V 249 1.73 20.23 -51.91
CA PRO V 249 1.74 21.25 -52.93
C PRO V 249 2.24 22.62 -52.45
N ARG V 250 3.54 22.89 -52.54
CA ARG V 250 4.11 24.14 -52.06
C ARG V 250 3.94 25.34 -53.00
N SER V 251 3.74 26.52 -52.43
CA SER V 251 3.55 27.75 -53.22
C SER V 251 4.69 28.76 -53.03
N TYR V 252 4.94 29.56 -54.06
CA TYR V 252 5.99 30.58 -54.01
C TYR V 252 5.58 32.01 -54.31
N ARG V 253 6.61 32.67 -54.92
CA ARG V 253 6.69 34.07 -55.40
C ARG V 253 7.86 34.31 -56.38
N PRO V 254 7.93 33.63 -57.58
CA PRO V 254 9.02 33.81 -58.58
C PRO V 254 9.17 35.27 -59.05
N ALA V 255 9.99 35.50 -60.07
CA ALA V 255 10.20 36.88 -60.46
C ALA V 255 10.91 37.56 -59.28
N PHE V 256 11.33 36.69 -58.36
CA PHE V 256 12.07 37.10 -57.18
C PHE V 256 13.12 36.03 -56.93
N ILE V 257 12.75 34.75 -57.04
CA ILE V 257 13.71 33.65 -56.83
C ILE V 257 14.88 33.76 -57.80
N LYS V 258 16.11 33.93 -57.29
CA LYS V 258 17.25 34.00 -58.18
C LYS V 258 17.39 32.68 -58.94
N PRO V 259 17.81 32.74 -60.22
CA PRO V 259 17.96 31.52 -61.02
C PRO V 259 18.91 30.50 -60.41
N GLU V 260 20.01 30.96 -59.79
CA GLU V 260 20.96 30.02 -59.20
C GLU V 260 20.47 29.46 -57.86
N ASP V 261 19.48 30.11 -57.25
CA ASP V 261 18.95 29.66 -55.96
C ASP V 261 17.94 28.53 -56.13
N ALA V 262 17.61 28.18 -57.38
CA ALA V 262 16.65 27.12 -57.66
C ALA V 262 16.57 26.80 -59.15
N LYS V 263 17.35 25.85 -59.60
CA LYS V 263 17.44 25.43 -60.99
C LYS V 263 16.16 25.50 -61.84
N TRP V 264 15.00 25.20 -61.27
CA TRP V 264 13.75 25.21 -62.03
C TRP V 264 13.24 26.59 -62.40
N ILE V 265 14.10 27.56 -62.56
CA ILE V 265 13.63 28.90 -62.90
C ILE V 265 14.72 29.80 -63.47
N ALA V 266 14.76 29.86 -64.81
CA ALA V 266 15.77 30.66 -65.53
C ALA V 266 15.25 32.05 -65.88
N GLU V 267 16.15 32.99 -66.16
CA GLU V 267 15.73 34.34 -66.51
C GLU V 267 16.28 34.91 -67.80
N PHE V 268 15.48 35.75 -68.46
CA PHE V 268 15.85 36.39 -69.71
C PHE V 268 16.72 37.63 -69.48
N ASN V 269 17.91 37.48 -68.90
CA ASN V 269 18.76 38.65 -68.67
C ASN V 269 19.36 39.17 -69.97
N ASN V 270 18.60 40.06 -70.65
CA ASN V 270 19.02 40.65 -71.92
C ASN V 270 19.00 42.18 -71.87
N SER V 271 19.85 42.82 -72.67
CA SER V 271 19.95 44.28 -72.71
C SER V 271 18.62 45.03 -72.82
N SER V 272 18.11 45.13 -74.05
CA SER V 272 16.85 45.85 -74.31
C SER V 272 15.60 45.00 -74.02
N LEU V 273 14.47 45.41 -74.59
CA LEU V 273 13.22 44.66 -74.43
C LEU V 273 13.11 43.64 -75.53
N ILE V 274 12.24 42.66 -75.35
CA ILE V 274 12.09 41.63 -76.38
C ILE V 274 10.64 41.48 -76.80
N ARG V 275 10.02 42.57 -77.28
CA ARG V 275 8.62 42.49 -77.70
C ARG V 275 8.38 41.51 -78.85
N LYS V 276 7.56 40.50 -78.58
CA LYS V 276 7.22 39.48 -79.56
C LYS V 276 5.72 39.64 -79.80
N THR V 277 5.16 38.89 -80.74
CA THR V 277 3.73 38.95 -81.01
C THR V 277 3.13 37.54 -81.09
N LEU V 278 1.81 37.46 -81.11
CA LEU V 278 1.13 36.17 -81.18
C LEU V 278 -0.38 36.35 -81.31
N THR V 279 -0.97 35.73 -82.32
CA THR V 279 -2.41 35.83 -82.52
C THR V 279 -3.11 34.91 -81.54
N TYR V 280 -3.69 35.50 -80.52
CA TYR V 280 -4.41 34.74 -79.51
C TYR V 280 -5.89 35.10 -79.55
N SER V 281 -6.72 34.19 -80.02
CA SER V 281 -8.16 34.42 -80.11
C SER V 281 -8.39 35.56 -81.12
N GLY V 282 -7.71 35.47 -82.26
CA GLY V 282 -7.84 36.50 -83.27
C GLY V 282 -6.92 37.66 -82.94
N ALA V 283 -7.32 38.46 -81.97
CA ALA V 283 -6.55 39.63 -81.53
C ALA V 283 -5.05 39.34 -81.38
N THR V 284 -4.23 40.29 -81.83
CA THR V 284 -2.78 40.14 -81.74
C THR V 284 -2.21 40.87 -80.53
N TYR V 285 -1.56 40.13 -79.64
CA TYR V 285 -0.98 40.72 -78.44
C TYR V 285 0.54 40.66 -78.47
N THR V 286 1.19 41.44 -77.62
CA THR V 286 2.64 41.46 -77.57
C THR V 286 3.16 41.08 -76.19
N VAL V 287 3.82 39.93 -76.12
CA VAL V 287 4.45 39.52 -74.86
C VAL V 287 5.64 40.47 -74.71
N GLN V 288 5.95 40.92 -73.49
CA GLN V 288 6.98 41.97 -73.35
C GLN V 288 8.39 41.53 -72.99
N LEU V 289 8.61 40.88 -71.84
CA LEU V 289 9.95 40.49 -71.37
C LEU V 289 10.71 41.78 -71.08
N GLY V 290 9.97 42.78 -70.57
CA GLY V 290 10.42 44.15 -70.24
C GLY V 290 11.86 44.35 -69.69
N PRO V 291 12.16 45.60 -69.34
CA PRO V 291 13.44 46.15 -68.82
C PRO V 291 14.27 45.26 -67.90
N GLY V 292 13.62 44.71 -66.87
CA GLY V 292 14.34 43.85 -65.94
C GLY V 292 14.63 42.46 -66.49
N PRO V 293 15.17 41.56 -65.66
CA PRO V 293 15.51 40.20 -66.16
C PRO V 293 14.33 39.23 -66.38
N THR V 294 13.16 39.50 -65.81
CA THR V 294 11.94 38.66 -65.98
C THR V 294 12.25 37.16 -65.77
N ARG V 295 12.32 36.74 -64.51
CA ARG V 295 12.58 35.34 -64.18
C ARG V 295 11.34 34.53 -64.59
N VAL V 296 11.55 33.48 -65.39
CA VAL V 296 10.44 32.62 -65.85
C VAL V 296 10.64 31.18 -65.40
N ILE V 297 9.53 30.50 -65.10
CA ILE V 297 9.57 29.10 -64.68
C ILE V 297 10.12 28.29 -65.85
N ASP V 298 11.20 27.58 -65.64
CA ASP V 298 11.71 26.74 -66.74
C ASP V 298 10.76 25.56 -66.87
N MET V 299 10.63 24.98 -68.08
CA MET V 299 9.73 23.84 -68.25
C MET V 299 10.43 22.52 -68.06
N ASN V 300 11.63 22.44 -68.54
CA ASN V 300 12.33 21.23 -68.21
C ASN V 300 12.65 21.40 -66.73
N ALA V 301 12.85 20.27 -66.01
CA ALA V 301 13.06 20.38 -64.58
C ALA V 301 11.79 21.04 -64.06
N MET V 302 10.67 20.34 -64.22
CA MET V 302 9.38 20.85 -63.77
C MET V 302 8.31 19.75 -63.58
N ILE V 303 8.68 18.57 -63.06
CA ILE V 303 7.77 17.43 -62.78
C ILE V 303 6.30 17.71 -63.14
N ASP V 304 5.82 17.16 -64.26
CA ASP V 304 4.44 17.40 -64.70
C ASP V 304 3.50 17.69 -63.53
N SER V 305 3.31 18.97 -63.25
CA SER V 305 2.48 19.42 -62.13
C SER V 305 1.21 20.11 -62.56
N VAL V 306 0.72 20.85 -61.61
CA VAL V 306 -0.44 21.68 -61.80
C VAL V 306 -0.02 23.07 -61.33
N LEU V 307 0.59 23.81 -62.23
CA LEU V 307 1.02 25.18 -61.94
C LEU V 307 -0.20 26.07 -61.87
N THR V 308 -0.39 26.78 -60.76
CA THR V 308 -1.52 27.67 -60.67
C THR V 308 -1.03 29.02 -60.13
N LEU V 309 -0.68 29.90 -61.05
CA LEU V 309 -0.18 31.22 -60.69
C LEU V 309 -1.29 32.17 -60.30
N ASP V 310 -1.36 32.50 -59.02
CA ASP V 310 -2.38 33.43 -58.56
C ASP V 310 -1.82 34.84 -58.65
N VAL V 311 -2.64 35.76 -59.17
CA VAL V 311 -2.23 37.15 -59.30
C VAL V 311 -3.23 38.01 -58.58
N SER V 312 -3.04 38.24 -57.29
CA SER V 312 -3.99 39.06 -56.55
C SER V 312 -3.40 39.95 -55.48
N GLY V 313 -3.99 41.13 -55.32
CA GLY V 313 -3.52 42.08 -54.33
C GLY V 313 -2.22 42.72 -54.79
N THR V 314 -1.64 42.14 -55.83
CA THR V 314 -0.41 42.67 -56.39
C THR V 314 -0.75 43.91 -57.21
N ILE V 315 0.16 44.90 -57.23
CA ILE V 315 -0.06 46.14 -57.94
C ILE V 315 -0.38 45.91 -59.41
N LEU V 316 -1.10 46.87 -60.00
CA LEU V 316 -1.52 46.84 -61.40
C LEU V 316 -1.60 48.30 -61.80
N PRO V 317 -0.45 48.92 -62.13
CA PRO V 317 -0.33 50.33 -62.53
C PRO V 317 -0.87 50.77 -63.89
N TYR V 318 -2.10 50.38 -64.22
CA TYR V 318 -2.70 50.79 -65.49
C TYR V 318 -2.98 52.29 -65.45
N ASP V 319 -2.81 52.88 -64.27
CA ASP V 319 -3.04 54.30 -64.03
C ASP V 319 -2.00 55.14 -64.77
N THR V 320 -0.73 54.78 -64.60
CA THR V 320 0.35 55.50 -65.26
C THR V 320 0.44 55.05 -66.72
N ASN V 321 1.25 54.04 -67.02
CA ASN V 321 1.35 53.57 -68.40
C ASN V 321 -0.01 52.99 -68.79
N PRO V 322 -0.78 53.75 -69.58
CA PRO V 322 -2.11 53.31 -70.03
C PRO V 322 -1.96 52.06 -70.89
N ASP V 323 -0.72 51.85 -71.32
CA ASP V 323 -0.34 50.71 -72.15
C ASP V 323 -0.70 49.41 -71.45
N LEU V 324 -0.48 49.37 -70.13
CA LEU V 324 -0.77 48.18 -69.34
C LEU V 324 -2.24 47.82 -69.34
N SER V 325 -3.12 48.79 -69.15
CA SER V 325 -4.55 48.51 -69.18
C SER V 325 -4.89 47.98 -70.57
N THR V 326 -6.02 47.26 -70.67
CA THR V 326 -6.46 46.69 -71.93
C THR V 326 -5.84 45.32 -72.21
N SER V 327 -4.69 45.05 -71.58
CA SER V 327 -3.99 43.77 -71.79
C SER V 327 -4.45 42.67 -70.84
N VAL V 328 -4.99 41.59 -71.39
CA VAL V 328 -5.46 40.48 -70.57
C VAL V 328 -4.26 39.73 -70.02
N PRO V 329 -4.09 39.71 -68.68
CA PRO V 329 -2.97 39.01 -68.04
C PRO V 329 -3.14 37.51 -68.35
N ALA V 330 -2.04 36.81 -68.62
CA ALA V 330 -2.15 35.39 -68.96
C ALA V 330 -0.86 34.61 -68.86
N PHE V 331 -0.95 33.40 -68.29
CA PHE V 331 0.22 32.53 -68.18
C PHE V 331 0.50 31.99 -69.59
N VAL V 332 1.72 32.19 -70.09
CA VAL V 332 2.08 31.75 -71.45
C VAL V 332 3.43 31.04 -71.53
N LEU V 333 3.48 29.91 -72.26
CA LEU V 333 4.74 29.20 -72.45
C LEU V 333 5.52 29.93 -73.54
N ILE V 334 6.84 29.79 -73.54
CA ILE V 334 7.68 30.47 -74.52
C ILE V 334 8.81 29.57 -74.96
N GLN V 335 8.70 29.01 -76.16
CA GLN V 335 9.75 28.15 -76.66
C GLN V 335 10.77 29.02 -77.38
N THR V 336 12.02 29.00 -76.92
CA THR V 336 13.09 29.79 -77.53
C THR V 336 14.05 28.89 -78.28
N SER V 337 14.64 29.39 -79.37
CA SER V 337 15.60 28.60 -80.14
C SER V 337 16.88 28.46 -79.32
N VAL V 338 17.66 29.52 -79.29
CA VAL V 338 18.89 29.53 -78.52
C VAL V 338 18.45 29.43 -77.05
N PRO V 339 19.24 28.76 -76.19
CA PRO V 339 18.91 28.61 -74.76
C PRO V 339 18.68 29.98 -74.12
N ILE V 340 17.73 30.08 -73.19
CA ILE V 340 17.47 31.36 -72.53
C ILE V 340 18.82 31.74 -71.92
N GLN V 341 18.95 32.96 -71.39
CA GLN V 341 20.23 33.38 -70.82
C GLN V 341 21.24 33.34 -71.96
N GLN V 342 20.74 33.65 -73.15
CA GLN V 342 21.53 33.66 -74.37
C GLN V 342 20.57 34.07 -75.50
N VAL V 343 19.31 34.27 -75.12
CA VAL V 343 18.26 34.69 -76.05
C VAL V 343 18.21 36.21 -76.04
N THR V 344 18.79 36.82 -77.08
CA THR V 344 18.84 38.27 -77.19
C THR V 344 17.60 38.99 -77.71
N THR V 345 17.21 38.71 -78.94
CA THR V 345 16.05 39.39 -79.53
C THR V 345 14.96 38.53 -80.17
N ALA V 346 13.76 39.10 -80.21
CA ALA V 346 12.56 38.49 -80.79
C ALA V 346 12.73 37.33 -81.77
N ALA V 347 13.63 37.48 -82.74
CA ALA V 347 13.85 36.43 -83.73
C ALA V 347 14.36 35.12 -83.08
N ASN V 348 14.77 35.23 -81.83
CA ASN V 348 15.29 34.11 -81.05
C ASN V 348 14.16 33.24 -80.48
N ILE V 349 13.06 33.88 -80.08
CA ILE V 349 11.91 33.19 -79.50
C ILE V 349 11.11 32.41 -80.55
N THR V 350 11.30 31.09 -80.61
CA THR V 350 10.59 30.22 -81.56
C THR V 350 9.10 30.56 -81.64
N ALA V 351 8.35 30.21 -80.60
CA ALA V 351 6.91 30.51 -80.57
C ALA V 351 6.46 30.82 -79.15
N ILE V 352 5.20 31.27 -79.02
CA ILE V 352 4.65 31.61 -77.72
C ILE V 352 3.19 31.18 -77.62
N THR V 353 2.91 30.23 -76.74
CA THR V 353 1.53 29.73 -76.56
C THR V 353 0.87 30.28 -75.30
N VAL V 354 -0.34 30.80 -75.46
CA VAL V 354 -1.09 31.33 -74.32
C VAL V 354 -1.78 30.13 -73.68
N VAL V 355 -1.09 29.44 -72.77
CA VAL V 355 -1.64 28.26 -72.13
C VAL V 355 -2.84 28.54 -71.23
N SER V 356 -3.10 29.80 -70.93
CA SER V 356 -4.24 30.14 -70.09
C SER V 356 -4.36 31.64 -69.88
N ALA V 357 -5.20 32.29 -70.69
CA ALA V 357 -5.38 33.73 -70.56
C ALA V 357 -6.53 34.07 -69.61
N ALA V 358 -6.62 35.33 -69.24
CA ALA V 358 -7.68 35.79 -68.36
C ALA V 358 -8.65 36.62 -69.18
N GLY V 359 -9.89 36.14 -69.33
CA GLY V 359 -10.85 36.90 -70.09
C GLY V 359 -11.06 38.27 -69.44
N ALA V 360 -11.12 39.32 -70.26
CA ALA V 360 -11.30 40.71 -69.80
C ALA V 360 -9.97 41.38 -69.45
N SER V 361 -9.74 42.50 -70.13
CA SER V 361 -8.49 43.30 -70.02
C SER V 361 -8.16 43.74 -68.60
N ALA V 362 -7.03 44.43 -68.44
CA ALA V 362 -6.53 44.94 -67.16
C ALA V 362 -7.11 46.34 -66.86
N ILE V 363 -8.40 46.34 -66.46
CA ILE V 363 -9.26 47.49 -66.10
C ILE V 363 -10.70 47.01 -65.73
N ASN V 364 -10.80 45.75 -65.18
CA ASN V 364 -12.01 45.00 -64.72
C ASN V 364 -11.55 43.97 -63.68
N LEU V 365 -10.24 43.69 -63.80
CA LEU V 365 -9.50 42.82 -62.92
C LEU V 365 -8.91 43.65 -61.80
N ALA V 366 -8.95 44.97 -62.03
CA ALA V 366 -8.45 45.93 -61.05
C ALA V 366 -9.46 46.12 -59.94
N ILE V 367 -9.12 46.98 -58.99
CA ILE V 367 -9.95 47.32 -57.84
C ILE V 367 -9.11 48.33 -57.05
N ASN V 368 -9.57 49.56 -56.97
CA ASN V 368 -8.84 50.60 -56.26
C ASN V 368 -8.79 50.40 -54.75
N VAL V 369 -7.58 50.28 -54.16
CA VAL V 369 -7.40 50.12 -52.70
C VAL V 369 -6.53 51.24 -52.08
N ARG V 370 -6.82 52.48 -52.43
CA ARG V 370 -6.09 53.67 -51.98
C ARG V 370 -5.11 54.09 -53.09
N GLY V 371 -5.61 54.62 -54.22
CA GLY V 371 -4.76 55.03 -55.32
C GLY V 371 -4.29 53.84 -56.20
N GLN V 372 -3.33 53.08 -55.64
CA GLN V 372 -2.68 51.85 -56.20
C GLN V 372 -3.68 50.74 -56.51
N PRO V 373 -4.20 50.71 -57.71
CA PRO V 373 -5.17 49.67 -58.07
C PRO V 373 -4.56 48.27 -58.01
N ARG V 374 -5.19 47.36 -57.25
CA ARG V 374 -4.68 46.00 -57.11
C ARG V 374 -5.34 45.04 -58.08
N PHE V 375 -4.99 43.76 -57.97
CA PHE V 375 -5.56 42.72 -58.83
C PHE V 375 -6.62 41.91 -58.10
N ASN V 376 -7.85 41.92 -58.63
CA ASN V 376 -8.93 41.12 -58.06
C ASN V 376 -8.43 39.69 -58.10
N MET V 377 -8.28 39.10 -56.92
CA MET V 377 -7.79 37.73 -56.77
C MET V 377 -8.31 36.73 -57.80
N LEU V 378 -7.48 36.35 -58.75
CA LEU V 378 -7.87 35.40 -59.81
C LEU V 378 -6.71 34.43 -60.08
N HIS V 379 -7.02 33.18 -60.46
CA HIS V 379 -5.95 32.19 -60.68
C HIS V 379 -5.78 31.68 -62.11
N LEU V 380 -4.73 32.14 -62.76
CA LEU V 380 -4.48 31.61 -64.08
C LEU V 380 -3.88 30.21 -63.84
N GLN V 381 -3.82 29.31 -64.85
CA GLN V 381 -3.28 28.00 -64.46
C GLN V 381 -3.14 26.95 -65.56
N ALA V 382 -1.90 26.55 -65.83
CA ALA V 382 -1.58 25.52 -66.81
C ALA V 382 -1.59 24.15 -66.11
N THR V 383 -1.23 23.12 -66.87
CA THR V 383 -1.17 21.77 -66.35
C THR V 383 -0.01 21.12 -67.07
N PHE V 384 1.16 21.69 -66.88
CA PHE V 384 2.37 21.19 -67.50
C PHE V 384 2.52 19.66 -67.41
N GLU V 385 2.98 19.03 -68.49
CA GLU V 385 3.17 17.57 -68.52
C GLU V 385 4.51 17.15 -69.10
N ARG V 386 5.37 16.57 -68.27
CA ARG V 386 6.71 16.10 -68.67
C ARG V 386 6.96 16.04 -70.18
N GLU V 387 6.20 15.18 -70.87
CA GLU V 387 6.37 14.89 -72.31
C GLU V 387 5.72 15.89 -73.30
N THR V 388 4.74 16.71 -72.88
CA THR V 388 4.21 17.68 -73.86
C THR V 388 5.37 18.60 -74.34
N ILE V 389 6.48 18.61 -73.55
CA ILE V 389 7.73 19.34 -73.86
C ILE V 389 8.85 18.34 -74.30
N THR V 390 8.52 17.23 -75.02
CA THR V 390 9.57 16.26 -75.47
C THR V 390 10.45 16.90 -76.56
N GLY V 391 11.76 16.64 -76.60
CA GLY V 391 12.64 17.21 -77.64
C GLY V 391 12.99 18.65 -77.37
N ILE V 392 11.96 19.49 -77.44
CA ILE V 392 12.01 20.93 -77.15
C ILE V 392 13.04 21.29 -76.05
N PRO V 393 14.31 21.52 -76.43
CA PRO V 393 15.39 21.85 -75.50
C PRO V 393 15.10 23.05 -74.64
N TYR V 394 14.50 24.10 -75.22
CA TYR V 394 14.21 25.30 -74.44
C TYR V 394 12.78 25.76 -74.51
N ILE V 395 12.17 25.90 -73.34
CA ILE V 395 10.79 26.32 -73.21
C ILE V 395 10.61 26.80 -71.77
N TYR V 396 9.87 27.89 -71.59
CA TYR V 396 9.68 28.45 -70.25
C TYR V 396 8.26 28.89 -70.01
N GLY V 397 7.78 28.67 -68.80
CA GLY V 397 6.48 29.09 -68.42
C GLY V 397 6.65 30.50 -67.91
N LEU V 398 5.82 31.43 -68.37
CA LEU V 398 5.92 32.83 -67.95
C LEU V 398 4.54 33.38 -67.73
N GLY V 399 4.26 33.89 -66.53
CA GLY V 399 2.96 34.47 -66.27
C GLY V 399 3.08 35.97 -66.55
N THR V 400 3.05 36.34 -67.83
CA THR V 400 3.21 37.73 -68.22
C THR V 400 1.90 38.52 -68.41
N PHE V 401 1.90 39.48 -69.33
CA PHE V 401 0.69 40.31 -69.45
C PHE V 401 -0.06 40.24 -70.77
N LEU V 402 0.61 40.09 -71.90
CA LEU V 402 -0.06 40.08 -73.23
C LEU V 402 -0.69 41.44 -73.53
N ILE V 403 0.15 42.43 -73.80
CA ILE V 403 -0.29 43.78 -74.10
C ILE V 403 -0.86 43.86 -75.50
N PRO V 404 -2.06 44.45 -75.67
CA PRO V 404 -2.68 44.55 -76.99
C PRO V 404 -2.04 45.61 -77.89
N SER V 405 -1.06 46.35 -77.35
CA SER V 405 -0.39 47.39 -78.12
C SER V 405 0.76 48.06 -77.35
N PRO V 406 1.98 47.52 -77.50
CA PRO V 406 3.15 48.08 -76.80
C PRO V 406 3.39 49.57 -77.11
N THR V 407 3.76 50.34 -76.09
CA THR V 407 3.98 51.78 -76.23
C THR V 407 5.21 52.25 -75.44
N SER V 408 5.52 53.54 -75.58
CA SER V 408 6.65 54.16 -74.88
C SER V 408 6.44 54.12 -73.37
N SER V 409 5.18 54.21 -72.95
CA SER V 409 4.83 54.18 -71.53
C SER V 409 5.31 52.88 -70.87
N SER V 410 5.11 51.76 -71.56
CA SER V 410 5.54 50.46 -71.05
C SER V 410 6.94 50.17 -71.57
N ASN V 411 7.87 51.07 -71.29
CA ASN V 411 9.24 50.89 -71.75
C ASN V 411 10.14 50.63 -70.56
N PHE V 412 9.57 50.72 -69.36
CA PHE V 412 10.32 50.48 -68.14
C PHE V 412 9.41 49.73 -67.16
N SER V 413 8.28 49.22 -67.66
CA SER V 413 7.32 48.50 -66.83
C SER V 413 7.67 47.03 -66.61
N ASN V 414 7.74 46.25 -67.68
CA ASN V 414 8.05 44.83 -67.54
C ASN V 414 6.88 44.16 -66.83
N PRO V 415 5.91 43.70 -67.65
CA PRO V 415 4.63 43.08 -67.22
C PRO V 415 4.65 41.65 -66.66
N THR V 416 5.76 41.22 -66.06
CA THR V 416 5.79 39.87 -65.50
C THR V 416 4.82 39.78 -64.32
N LEU V 417 3.77 38.97 -64.41
CA LEU V 417 2.84 38.84 -63.30
C LEU V 417 3.31 37.80 -62.31
N MET V 418 4.57 37.39 -62.46
CA MET V 418 5.18 36.41 -61.58
C MET V 418 5.34 36.87 -60.14
N ASP V 419 5.25 38.17 -59.91
CA ASP V 419 5.35 38.67 -58.53
C ASP V 419 4.19 38.08 -57.72
N GLY V 420 3.24 37.44 -58.42
CA GLY V 420 2.09 36.84 -57.76
C GLY V 420 2.47 35.51 -57.09
N LEU V 421 1.64 35.04 -56.17
CA LEU V 421 1.91 33.79 -55.43
C LEU V 421 1.55 32.53 -56.20
N LEU V 422 2.51 32.02 -56.96
CA LEU V 422 2.35 30.80 -57.77
C LEU V 422 2.35 29.55 -56.90
N THR V 423 1.47 28.60 -57.20
CA THR V 423 1.42 27.36 -56.41
C THR V 423 1.47 26.08 -57.23
N VAL V 424 2.69 25.55 -57.40
CA VAL V 424 2.90 24.30 -58.14
C VAL V 424 2.51 23.12 -57.26
N THR V 425 1.81 22.16 -57.83
CA THR V 425 1.38 20.96 -57.13
C THR V 425 1.71 19.72 -57.94
N PRO V 426 2.81 19.02 -57.58
CA PRO V 426 3.26 17.82 -58.31
C PRO V 426 2.12 16.86 -58.52
N VAL V 427 1.73 16.63 -59.77
CA VAL V 427 0.63 15.73 -60.03
C VAL V 427 1.11 14.42 -60.63
N LEU V 428 1.87 13.69 -59.84
CA LEU V 428 2.51 12.45 -60.28
C LEU V 428 3.69 12.22 -59.35
N LEU V 429 3.38 11.84 -58.12
CA LEU V 429 4.40 11.60 -57.05
C LEU V 429 5.64 10.78 -57.41
N ARG V 430 5.45 9.66 -58.11
CA ARG V 430 6.59 8.80 -58.44
C ARG V 430 7.88 9.55 -58.85
N GLU V 431 7.75 10.63 -59.63
CA GLU V 431 8.92 11.40 -60.10
C GLU V 431 9.27 12.65 -59.29
N THR V 432 10.50 12.70 -58.80
CA THR V 432 10.99 13.83 -58.03
C THR V 432 11.90 14.70 -58.90
N THR V 433 12.47 15.75 -58.33
CA THR V 433 13.37 16.66 -59.06
C THR V 433 14.57 17.05 -58.21
N TYR V 434 15.78 17.02 -58.77
CA TYR V 434 16.94 17.44 -58.01
C TYR V 434 18.02 18.18 -58.79
N LYS V 435 18.34 19.38 -58.29
CA LYS V 435 19.36 20.23 -58.91
C LYS V 435 19.01 20.57 -60.35
N GLY V 436 17.73 20.44 -60.69
CA GLY V 436 17.30 20.75 -62.04
C GLY V 436 16.94 19.55 -62.89
N GLU V 437 17.19 18.33 -62.41
CA GLU V 437 16.85 17.13 -63.18
C GLU V 437 15.72 16.35 -62.54
N VAL V 438 14.98 15.63 -63.37
CA VAL V 438 13.86 14.81 -62.89
C VAL V 438 14.38 13.38 -62.68
N VAL V 439 14.12 12.84 -61.49
CA VAL V 439 14.59 11.49 -61.17
C VAL V 439 13.50 10.63 -60.54
N ASP V 440 13.87 9.40 -60.20
CA ASP V 440 12.94 8.47 -59.58
C ASP V 440 13.47 8.04 -58.23
N ALA V 441 14.69 8.46 -57.92
CA ALA V 441 15.32 8.12 -56.64
C ALA V 441 16.23 9.24 -56.15
N ILE V 442 16.27 9.43 -54.83
CA ILE V 442 17.11 10.43 -54.21
C ILE V 442 18.34 9.75 -53.62
N VAL V 443 19.31 10.53 -53.13
CA VAL V 443 20.48 9.97 -52.48
C VAL V 443 20.69 10.69 -51.16
N PRO V 444 19.63 10.83 -50.35
CA PRO V 444 19.62 11.53 -49.07
C PRO V 444 20.91 12.27 -48.68
N ALA V 445 21.93 11.53 -48.23
CA ALA V 445 23.21 12.12 -47.82
C ALA V 445 23.69 13.23 -48.76
N THR V 446 23.35 13.13 -50.04
CA THR V 446 23.73 14.15 -51.02
C THR V 446 23.06 15.49 -50.75
N VAL V 447 21.77 15.44 -50.41
CA VAL V 447 21.03 16.66 -50.14
C VAL V 447 21.38 17.32 -48.79
N MET V 448 22.21 16.71 -47.95
CA MET V 448 22.55 17.35 -46.67
C MET V 448 23.63 18.40 -46.95
N ALA V 449 23.56 19.51 -46.22
CA ALA V 449 24.51 20.64 -46.36
C ALA V 449 24.95 20.79 -47.82
N ASN V 450 23.98 20.90 -48.70
CA ASN V 450 24.26 21.00 -50.11
C ASN V 450 23.41 22.10 -50.72
N GLN V 451 22.40 22.52 -49.96
CA GLN V 451 21.53 23.62 -50.37
C GLN V 451 22.09 24.84 -49.67
N THR V 452 21.68 26.03 -50.09
CA THR V 452 22.13 27.24 -49.41
C THR V 452 20.95 27.77 -48.59
N SER V 453 21.20 28.83 -47.82
CA SER V 453 20.16 29.41 -46.99
C SER V 453 18.79 29.28 -47.68
N GLU V 454 18.72 29.85 -48.91
CA GLU V 454 17.48 29.91 -49.69
C GLU V 454 17.36 28.88 -50.82
N GLU V 455 18.39 28.06 -51.06
CA GLU V 455 18.33 26.98 -52.06
C GLU V 455 17.42 25.85 -51.48
N VAL V 456 16.85 26.18 -50.29
CA VAL V 456 15.93 25.33 -49.49
C VAL V 456 14.53 25.92 -49.50
N ALA V 457 14.39 27.15 -49.05
CA ALA V 457 13.09 27.83 -49.04
C ALA V 457 12.56 28.03 -50.49
N SER V 458 13.47 27.90 -51.45
CA SER V 458 13.12 28.06 -52.86
C SER V 458 12.93 26.70 -53.53
N ALA V 459 12.92 25.63 -52.73
CA ALA V 459 12.75 24.28 -53.24
C ALA V 459 11.44 24.18 -54.00
N LEU V 460 11.36 23.22 -54.93
CA LEU V 460 10.16 23.02 -55.74
C LEU V 460 9.29 21.83 -55.25
N ALA V 461 8.08 22.14 -54.78
CA ALA V 461 7.10 21.16 -54.26
C ALA V 461 7.32 19.75 -54.75
N ASN V 462 7.77 18.90 -53.83
CA ASN V 462 8.09 17.50 -54.09
C ASN V 462 9.34 17.34 -54.96
N ASP V 463 10.45 17.86 -54.41
CA ASP V 463 11.75 17.69 -55.01
C ASP V 463 12.68 17.14 -53.93
N ALA V 464 13.75 16.50 -54.30
CA ALA V 464 14.58 15.94 -53.23
C ALA V 464 14.59 16.81 -51.97
N ILE V 465 15.08 18.05 -52.07
CA ILE V 465 15.12 18.95 -50.92
C ILE V 465 13.82 18.91 -50.09
N VAL V 466 12.68 19.10 -50.76
CA VAL V 466 11.39 19.10 -50.06
C VAL V 466 11.04 17.73 -49.51
N LEU V 467 11.66 16.67 -50.06
CA LEU V 467 11.44 15.32 -49.58
C LEU V 467 12.38 15.03 -48.39
N VAL V 468 13.67 15.43 -48.52
CA VAL V 468 14.74 15.27 -47.50
C VAL V 468 14.59 16.30 -46.38
N SER V 469 13.44 16.97 -46.42
CA SER V 469 13.01 17.95 -45.41
C SER V 469 11.79 17.40 -44.67
N ASN V 470 10.88 16.72 -45.39
CA ASN V 470 9.61 16.09 -44.91
C ASN V 470 9.91 14.87 -44.09
N HIS V 471 11.08 14.33 -44.40
CA HIS V 471 11.63 13.18 -43.73
C HIS V 471 12.26 13.61 -42.41
N LEU V 472 13.26 14.50 -42.46
CA LEU V 472 13.90 14.96 -41.24
C LEU V 472 12.82 15.45 -40.28
N ASN V 473 11.80 16.07 -40.81
CA ASN V 473 10.71 16.60 -40.01
C ASN V 473 9.99 15.56 -39.16
N LYS V 474 9.89 14.31 -39.63
CA LYS V 474 9.28 13.25 -38.85
C LYS V 474 10.26 12.93 -37.74
N LEU V 475 11.49 12.64 -38.14
CA LEU V 475 12.53 12.29 -37.19
C LEU V 475 12.73 13.43 -36.21
N ALA V 476 12.43 14.65 -36.65
CA ALA V 476 12.54 15.75 -35.75
C ALA V 476 11.44 15.69 -34.67
N ASN V 477 10.28 15.05 -34.94
CA ASN V 477 9.18 15.04 -33.96
C ASN V 477 9.25 13.81 -33.08
N VAL V 478 10.02 12.86 -33.52
CA VAL V 478 10.22 11.70 -32.69
C VAL V 478 11.16 12.13 -31.59
N VAL V 479 12.26 12.82 -31.92
CA VAL V 479 13.15 13.27 -30.84
C VAL V 479 12.44 14.32 -30.00
N GLY V 480 11.95 15.37 -30.66
CA GLY V 480 11.24 16.43 -29.95
C GLY V 480 10.25 15.85 -28.95
N ASP V 481 9.51 14.82 -29.38
CA ASP V 481 8.51 14.14 -28.57
C ASP V 481 9.08 13.21 -27.50
N ALA V 482 9.52 12.03 -27.89
CA ALA V 482 10.06 11.04 -26.95
C ALA V 482 11.32 11.44 -26.18
N ILE V 483 12.41 11.66 -26.90
CA ILE V 483 13.68 12.04 -26.28
C ILE V 483 13.65 13.45 -25.64
N PRO V 484 14.39 13.66 -24.53
CA PRO V 484 14.42 14.96 -23.85
C PRO V 484 15.48 15.94 -24.35
N VAL V 485 15.48 16.23 -25.65
CA VAL V 485 16.46 17.14 -26.22
C VAL V 485 16.21 18.60 -25.84
N ALA V 486 15.46 18.83 -24.77
CA ALA V 486 15.16 20.19 -24.33
C ALA V 486 15.32 20.44 -22.83
N SER V 487 16.41 19.88 -22.29
CA SER V 487 16.77 20.08 -20.87
C SER V 487 18.27 19.72 -20.69
N ARG V 488 18.92 20.09 -19.58
CA ARG V 488 20.36 19.77 -19.44
C ARG V 488 20.65 18.29 -19.18
N THR V 489 19.80 17.41 -19.72
CA THR V 489 19.97 15.98 -19.45
C THR V 489 20.85 15.18 -20.41
N ASP V 490 21.74 15.86 -21.16
CA ASP V 490 22.63 15.16 -22.11
C ASP V 490 22.08 13.82 -22.61
N ASP V 491 20.84 13.89 -23.11
CA ASP V 491 20.07 12.77 -23.63
C ASP V 491 20.75 11.91 -24.69
N SER V 492 20.12 10.78 -25.00
CA SER V 492 20.63 9.83 -25.98
C SER V 492 20.91 10.47 -27.35
N ALA V 493 20.10 11.48 -27.71
CA ALA V 493 20.26 12.17 -28.99
C ALA V 493 21.55 13.00 -29.01
N THR V 494 21.62 14.02 -28.15
CA THR V 494 22.81 14.88 -28.07
C THR V 494 24.02 14.08 -27.64
N SER V 495 23.82 12.81 -27.27
CA SER V 495 24.90 11.96 -26.83
C SER V 495 25.51 11.22 -28.00
N ALA V 496 24.66 10.80 -28.93
CA ALA V 496 25.14 10.11 -30.13
C ALA V 496 26.06 11.05 -30.88
N ILE V 497 25.68 12.33 -30.94
CA ILE V 497 26.46 13.33 -31.63
C ILE V 497 27.80 13.61 -30.92
N VAL V 498 27.78 13.74 -29.60
CA VAL V 498 29.01 13.98 -28.83
C VAL V 498 30.08 12.95 -29.13
N SER V 499 29.68 11.69 -29.26
CA SER V 499 30.66 10.64 -29.54
C SER V 499 31.25 10.83 -30.92
N ARG V 500 30.51 11.42 -31.85
CA ARG V 500 31.06 11.66 -33.18
C ARG V 500 32.07 12.81 -33.09
N LEU V 501 31.67 13.92 -32.45
CA LEU V 501 32.59 15.05 -32.32
C LEU V 501 33.91 14.65 -31.70
N ALA V 502 33.87 13.80 -30.68
CA ALA V 502 35.09 13.34 -30.04
C ALA V 502 35.94 12.58 -31.08
N VAL V 503 35.47 11.41 -31.51
CA VAL V 503 36.14 10.59 -32.53
C VAL V 503 36.62 11.43 -33.70
N GLN V 504 35.93 12.53 -33.96
CA GLN V 504 36.30 13.39 -35.05
C GLN V 504 37.43 14.34 -34.63
N HIS V 505 37.17 15.16 -33.62
CA HIS V 505 38.19 16.09 -33.12
C HIS V 505 39.42 15.36 -32.59
N LYS V 506 39.28 14.06 -32.31
CA LYS V 506 40.40 13.31 -31.76
C LYS V 506 41.40 12.91 -32.82
N LEU V 507 40.93 12.58 -34.02
CA LEU V 507 41.87 12.18 -35.06
C LEU V 507 42.43 13.41 -35.76
N SER V 508 41.71 14.52 -35.69
CA SER V 508 42.20 15.75 -36.33
C SER V 508 43.36 16.27 -35.47
N GLN V 509 43.49 15.72 -34.27
CA GLN V 509 44.56 16.10 -33.36
C GLN V 509 45.76 15.16 -33.51
N VAL V 510 45.50 13.96 -34.03
CA VAL V 510 46.55 12.97 -34.26
C VAL V 510 47.53 13.54 -35.30
N GLY V 511 48.82 13.22 -35.13
CA GLY V 511 49.89 13.76 -36.00
C GLY V 511 50.01 15.27 -35.70
N GLN V 512 51.20 15.80 -35.30
CA GLN V 512 51.45 17.21 -34.90
C GLN V 512 51.33 17.24 -33.36
N ALA V 513 52.14 18.09 -32.69
CA ALA V 513 52.28 18.33 -31.22
C ALA V 513 51.13 17.95 -30.28
N SER V 514 49.95 17.66 -30.84
CA SER V 514 48.76 17.31 -30.06
C SER V 514 48.69 18.18 -28.81
N PRO V 515 48.95 19.48 -28.95
CA PRO V 515 48.96 20.42 -27.81
C PRO V 515 47.60 20.58 -27.13
N THR V 516 46.54 20.08 -27.77
CA THR V 516 45.20 20.22 -27.21
C THR V 516 44.47 18.92 -26.90
N PRO V 517 44.52 18.46 -25.64
CA PRO V 517 43.78 17.29 -25.28
C PRO V 517 42.29 17.57 -25.43
N PRO V 518 41.53 16.74 -26.15
CA PRO V 518 40.11 16.98 -26.32
C PRO V 518 39.44 17.54 -25.07
N ASP V 519 38.45 18.41 -25.29
CA ASP V 519 37.75 19.08 -24.18
C ASP V 519 36.72 18.20 -23.44
N TYR V 520 35.54 18.03 -24.03
CA TYR V 520 34.45 17.19 -23.47
C TYR V 520 33.38 17.97 -22.74
N PRO V 521 33.70 18.71 -21.69
CA PRO V 521 32.64 19.52 -21.10
C PRO V 521 32.10 20.47 -22.19
N LEU V 522 33.02 20.96 -23.07
CA LEU V 522 32.78 21.88 -24.23
C LEU V 522 32.19 21.13 -25.44
N LEU V 523 32.56 19.87 -25.57
CA LEU V 523 32.06 18.99 -26.62
C LEU V 523 30.65 18.53 -26.32
N TRP V 524 30.41 18.18 -25.05
CA TRP V 524 29.07 17.77 -24.66
C TRP V 524 28.12 18.89 -24.94
N ARG V 525 28.51 20.10 -24.48
CA ARG V 525 27.70 21.31 -24.67
C ARG V 525 27.58 21.72 -26.14
N ARG V 526 28.61 21.49 -26.94
CA ARG V 526 28.51 21.87 -28.36
C ARG V 526 27.57 20.93 -29.09
N ALA V 527 27.62 19.64 -28.76
CA ALA V 527 26.76 18.65 -29.40
C ALA V 527 25.33 18.74 -28.87
N LYS V 528 25.17 19.32 -27.68
CA LYS V 528 23.84 19.45 -27.11
C LYS V 528 23.05 20.45 -27.91
N ARG V 529 23.69 21.56 -28.31
CA ARG V 529 23.01 22.58 -29.09
C ARG V 529 22.91 22.12 -30.54
N ALA V 530 23.78 21.19 -30.94
CA ALA V 530 23.73 20.66 -32.30
C ALA V 530 22.47 19.80 -32.40
N ALA V 531 22.30 18.85 -31.47
CA ALA V 531 21.11 17.98 -31.48
C ALA V 531 19.88 18.84 -31.22
N SER V 532 20.05 19.87 -30.40
CA SER V 532 18.95 20.76 -30.08
C SER V 532 18.59 21.62 -31.29
N MET V 533 19.59 22.17 -31.97
CA MET V 533 19.31 23.00 -33.15
C MET V 533 18.59 22.18 -34.21
N PHE V 534 18.81 20.87 -34.20
CA PHE V 534 18.15 20.01 -35.15
C PHE V 534 16.66 19.88 -34.81
N VAL V 535 16.35 19.35 -33.62
CA VAL V 535 14.97 19.24 -33.21
C VAL V 535 14.24 20.50 -33.48
N SER V 536 14.94 21.62 -33.22
CA SER V 536 14.38 22.95 -33.42
C SER V 536 13.91 23.19 -34.85
N ASN V 537 14.85 23.33 -35.76
CA ASN V 537 14.55 23.56 -37.15
C ASN V 537 15.17 22.45 -38.02
N PRO V 538 14.49 21.30 -38.08
CA PRO V 538 14.96 20.12 -38.84
C PRO V 538 15.65 20.50 -40.18
N SER V 539 15.06 21.48 -40.88
CA SER V 539 15.57 21.93 -42.17
C SER V 539 17.07 22.21 -42.21
N LEU V 540 17.54 23.14 -41.37
CA LEU V 540 18.94 23.53 -41.31
C LEU V 540 19.96 22.49 -41.79
N ALA V 541 19.79 21.24 -41.36
CA ALA V 541 20.71 20.17 -41.75
C ALA V 541 20.86 19.99 -43.27
N LEU V 542 20.31 20.91 -44.06
CA LEU V 542 20.43 20.86 -45.53
C LEU V 542 21.30 22.00 -46.02
N GLN V 543 21.38 23.05 -45.20
CA GLN V 543 22.14 24.25 -45.55
C GLN V 543 23.63 24.21 -45.31
N VAL V 544 24.39 24.54 -46.36
CA VAL V 544 25.85 24.57 -46.27
C VAL V 544 26.27 25.63 -45.29
N GLY V 545 27.03 25.23 -44.27
CA GLY V 545 27.54 26.18 -43.28
C GLY V 545 26.87 26.09 -41.92
N ILE V 546 26.41 24.90 -41.54
CA ILE V 546 25.81 24.75 -40.22
C ILE V 546 26.70 23.87 -39.33
N PRO V 547 27.20 24.47 -38.22
CA PRO V 547 28.12 23.83 -37.25
C PRO V 547 27.69 22.43 -36.77
N VAL V 548 28.58 21.46 -36.91
CA VAL V 548 28.31 20.07 -36.50
C VAL V 548 27.29 19.43 -37.44
N LEU V 549 26.02 19.67 -37.14
CA LEU V 549 24.91 19.13 -37.90
C LEU V 549 25.19 18.70 -39.34
N THR V 550 25.99 19.49 -40.11
CA THR V 550 26.21 19.17 -41.52
C THR V 550 27.41 18.28 -41.84
N GLN V 551 28.08 17.70 -40.85
CA GLN V 551 29.19 16.81 -41.16
C GLN V 551 28.52 15.48 -41.46
N SER V 552 29.09 14.70 -42.38
CA SER V 552 28.48 13.42 -42.78
C SER V 552 28.09 12.47 -41.64
N GLY V 553 28.89 12.42 -40.57
CA GLY V 553 28.57 11.54 -39.46
C GLY V 553 27.17 11.75 -38.88
N MET V 554 27.01 12.87 -38.16
CA MET V 554 25.74 13.26 -37.54
C MET V 554 24.53 12.92 -38.40
N LEU V 555 23.37 12.79 -37.74
CA LEU V 555 22.10 12.45 -38.41
C LEU V 555 22.09 10.97 -38.68
N SER V 556 22.98 10.55 -39.56
CA SER V 556 23.10 9.14 -39.81
C SER V 556 23.35 8.53 -38.46
N ALA V 557 24.10 9.29 -37.67
CA ALA V 557 24.44 8.97 -36.30
C ALA V 557 23.25 9.23 -35.41
N LEU V 558 22.87 10.50 -35.28
CA LEU V 558 21.72 10.87 -34.45
C LEU V 558 20.60 9.83 -34.51
N THR V 559 19.93 9.77 -35.69
CA THR V 559 18.80 8.85 -35.81
C THR V 559 19.12 7.51 -35.18
N SER V 560 20.07 6.74 -35.70
CA SER V 560 20.39 5.40 -35.13
C SER V 560 20.59 5.39 -33.60
N GLY V 561 20.79 6.57 -33.02
CA GLY V 561 20.89 6.67 -31.57
C GLY V 561 19.47 6.74 -31.09
N VAL V 562 18.84 7.88 -31.40
CA VAL V 562 17.44 8.12 -31.07
C VAL V 562 16.65 6.82 -31.26
N GLY V 563 17.08 6.06 -32.25
CA GLY V 563 16.48 4.80 -32.57
C GLY V 563 16.52 3.93 -31.34
N THR V 564 17.69 3.35 -31.05
CA THR V 564 17.81 2.48 -29.87
C THR V 564 17.33 3.17 -28.60
N ALA V 565 17.43 4.50 -28.55
CA ALA V 565 17.00 5.24 -27.37
C ALA V 565 15.51 5.01 -27.07
N LEU V 566 14.68 4.98 -28.12
CA LEU V 566 13.25 4.77 -27.93
C LEU V 566 12.99 3.33 -27.57
N ARG V 567 13.79 2.42 -28.11
CA ARG V 567 13.58 1.02 -27.81
C ARG V 567 14.17 0.60 -26.47
N THR V 568 13.97 1.46 -25.44
CA THR V 568 14.49 1.15 -24.08
C THR V 568 13.97 2.14 -23.03
N GLY V 569 13.28 3.18 -23.48
CA GLY V 569 12.74 4.21 -22.58
C GLY V 569 12.31 3.69 -21.20
N SER V 570 11.96 2.41 -21.08
CA SER V 570 11.46 1.67 -19.88
C SER V 570 9.93 1.78 -19.79
N LEU V 571 9.38 2.70 -18.99
CA LEU V 571 7.94 3.00 -18.89
C LEU V 571 7.92 4.33 -18.13
N GLY V 572 8.79 4.43 -17.11
CA GLY V 572 8.89 5.59 -16.25
C GLY V 572 9.83 6.66 -16.78
N LYS V 573 9.75 6.93 -18.09
CA LYS V 573 10.56 7.98 -18.72
C LYS V 573 10.10 9.33 -18.24
N GLY V 574 8.86 9.31 -17.79
CA GLY V 574 8.22 10.48 -17.27
C GLY V 574 8.88 10.95 -15.99
N VAL V 575 9.90 10.25 -15.49
CA VAL V 575 10.54 10.67 -14.26
C VAL V 575 11.23 12.01 -14.49
N THR V 576 11.40 12.38 -15.74
CA THR V 576 12.05 13.66 -16.09
C THR V 576 11.19 14.83 -15.64
N ASP V 577 11.73 15.67 -14.76
CA ASP V 577 11.00 16.83 -14.27
C ASP V 577 9.65 16.39 -13.72
N ALA V 578 9.61 15.18 -13.16
CA ALA V 578 8.39 14.63 -12.58
C ALA V 578 8.23 15.22 -11.20
N SER V 579 9.10 16.17 -10.87
CA SER V 579 9.07 16.84 -9.60
C SER V 579 8.19 18.09 -9.70
N GLU V 580 8.54 19.00 -10.61
CA GLU V 580 7.78 20.24 -10.82
C GLU V 580 6.44 19.88 -11.44
N LYS V 581 6.45 18.81 -12.22
CA LYS V 581 5.25 18.32 -12.88
C LYS V 581 4.31 17.89 -11.76
N LEU V 582 4.86 17.23 -10.75
CA LEU V 582 4.07 16.76 -9.62
C LEU V 582 3.57 17.96 -8.83
N ARG V 583 4.51 18.84 -8.47
CA ARG V 583 4.21 20.04 -7.70
C ARG V 583 3.17 20.90 -8.41
N ALA V 584 3.08 20.80 -9.73
CA ALA V 584 2.10 21.57 -10.50
C ALA V 584 0.72 20.90 -10.41
N ARG V 585 0.70 19.57 -10.34
CA ARG V 585 -0.53 18.84 -10.20
C ARG V 585 -1.16 19.06 -8.82
N GLN V 586 -0.32 19.16 -7.80
CA GLN V 586 -0.83 19.43 -6.46
C GLN V 586 -1.38 20.83 -6.47
N SER V 587 -0.77 21.69 -7.27
CA SER V 587 -1.19 23.06 -7.38
C SER V 587 -2.61 23.13 -7.90
N LEU V 588 -2.93 22.24 -8.84
CA LEU V 588 -4.26 22.22 -9.45
C LEU V 588 -5.31 21.65 -8.51
N THR V 589 -4.93 20.54 -7.85
CA THR V 589 -5.87 19.92 -6.91
C THR V 589 -6.18 20.86 -5.73
N VAL V 590 -5.24 21.76 -5.41
CA VAL V 590 -5.48 22.70 -4.33
C VAL V 590 -6.49 23.73 -4.79
N ALA V 591 -6.43 24.10 -6.07
CA ALA V 591 -7.37 25.08 -6.62
C ALA V 591 -8.72 24.41 -6.88
N LYS V 592 -8.71 23.13 -7.27
CA LYS V 592 -9.95 22.42 -7.52
C LYS V 592 -10.65 22.09 -6.20
N GLN V 593 -9.87 21.93 -5.13
CA GLN V 593 -10.45 21.66 -3.83
C GLN V 593 -11.20 22.93 -3.46
N ALA V 594 -10.62 24.06 -3.85
CA ALA V 594 -11.19 25.38 -3.60
C ALA V 594 -12.56 25.51 -4.26
N PHE V 595 -12.70 24.90 -5.44
CA PHE V 595 -13.97 24.90 -6.16
C PHE V 595 -15.00 24.10 -5.35
N PHE V 596 -14.72 22.82 -5.10
CA PHE V 596 -15.62 21.97 -4.31
C PHE V 596 -16.07 22.66 -3.03
N ASP V 597 -15.22 23.52 -2.48
CA ASP V 597 -15.57 24.24 -1.25
C ASP V 597 -16.72 25.21 -1.45
N GLN V 598 -16.86 25.77 -2.66
CA GLN V 598 -17.98 26.67 -2.93
C GLN V 598 -19.22 25.86 -3.26
N ILE V 599 -19.05 24.82 -4.08
CA ILE V 599 -20.19 23.95 -4.37
C ILE V 599 -20.78 23.54 -3.05
N GLY V 600 -19.89 23.37 -2.10
CA GLY V 600 -20.23 22.97 -0.74
C GLY V 600 -20.91 24.03 0.10
N SER V 601 -20.70 25.31 -0.22
CA SER V 601 -21.36 26.34 0.58
C SER V 601 -22.60 26.88 -0.12
N LEU V 602 -22.42 27.50 -1.28
CA LEU V 602 -23.53 28.08 -2.04
C LEU V 602 -24.77 27.19 -2.04
N TRP V 603 -24.61 25.93 -2.48
CA TRP V 603 -25.70 24.99 -2.42
C TRP V 603 -25.51 24.09 -1.20
N PRO V 604 -25.96 24.58 -0.03
CA PRO V 604 -25.83 23.80 1.19
C PRO V 604 -26.76 22.58 1.19
N GLY W 2 36.65 0.69 -14.28
CA GLY W 2 36.61 -0.68 -14.74
C GLY W 2 37.26 -1.61 -13.74
N ASN W 3 37.63 -1.06 -12.59
CA ASN W 3 38.27 -1.85 -11.59
C ASN W 3 37.52 -3.13 -11.31
N VAL W 4 38.30 -4.17 -11.23
CA VAL W 4 37.75 -5.45 -10.94
C VAL W 4 36.80 -5.37 -9.75
N GLN W 5 35.69 -6.08 -9.92
CA GLN W 5 34.64 -6.26 -8.91
C GLN W 5 34.84 -7.69 -8.39
N THR W 6 34.17 -8.68 -9.04
CA THR W 6 34.33 -10.15 -8.82
C THR W 6 33.05 -10.97 -8.65
N SER W 7 32.04 -10.56 -7.91
CA SER W 7 30.92 -11.48 -7.85
C SER W 7 29.59 -10.77 -7.95
N VAL W 8 29.59 -9.49 -7.54
CA VAL W 8 28.39 -8.71 -7.53
C VAL W 8 27.55 -9.11 -8.73
N ASN W 9 28.17 -9.08 -9.91
CA ASN W 9 27.42 -9.44 -11.13
C ASN W 9 28.20 -10.52 -11.99
N THR W 10 27.58 -11.61 -12.57
CA THR W 10 28.24 -12.73 -13.36
C THR W 10 29.27 -12.34 -14.42
N TYR W 11 29.44 -11.05 -14.65
CA TYR W 11 30.38 -10.59 -15.65
C TYR W 11 31.17 -9.40 -15.19
N ASN W 12 32.46 -9.45 -15.49
CA ASN W 12 33.35 -8.31 -15.21
C ASN W 12 33.23 -7.45 -16.45
N ILE W 13 33.44 -6.15 -16.34
CA ILE W 13 33.35 -5.35 -17.56
C ILE W 13 34.65 -5.47 -18.32
N THR W 14 35.74 -5.24 -17.61
CA THR W 14 37.08 -5.37 -18.18
C THR W 14 37.45 -6.85 -18.29
N GLY W 15 36.46 -7.70 -17.99
CA GLY W 15 36.64 -9.13 -18.04
C GLY W 15 37.29 -9.64 -19.33
N ASP W 16 37.81 -10.85 -19.25
CA ASP W 16 38.49 -11.52 -20.37
C ASP W 16 37.58 -11.76 -21.59
N GLY W 17 38.09 -11.44 -22.77
CA GLY W 17 37.35 -11.67 -24.00
C GLY W 17 35.90 -11.23 -24.17
N ASN W 18 35.58 -9.99 -23.76
CA ASN W 18 34.24 -9.45 -23.94
C ASN W 18 34.19 -9.04 -25.40
N SER W 19 33.12 -8.42 -25.85
CA SER W 19 33.13 -8.04 -27.25
C SER W 19 31.97 -7.20 -27.73
N PHE W 20 32.20 -5.92 -27.96
CA PHE W 20 31.17 -5.07 -28.51
C PHE W 20 31.10 -5.44 -29.99
N THR W 21 29.90 -5.76 -30.47
CA THR W 21 29.73 -6.14 -31.87
C THR W 21 28.26 -6.23 -32.31
N PRO W 22 27.72 -5.10 -32.79
CA PRO W 22 26.33 -5.04 -33.25
C PRO W 22 26.10 -5.98 -34.41
N THR W 23 24.90 -6.54 -34.47
CA THR W 23 24.46 -7.44 -35.52
C THR W 23 23.15 -6.90 -35.98
N SER W 24 22.99 -6.64 -37.27
CA SER W 24 21.73 -6.10 -37.80
C SER W 24 20.57 -6.98 -37.38
N ASP W 25 20.91 -8.18 -36.93
CA ASP W 25 19.95 -9.21 -36.55
C ASP W 25 19.17 -9.07 -35.22
N MET W 26 19.76 -8.42 -34.21
CA MET W 26 19.08 -8.39 -32.92
C MET W 26 18.69 -7.03 -32.30
N THR W 27 18.54 -5.95 -33.09
CA THR W 27 18.19 -4.61 -32.55
C THR W 27 17.85 -4.53 -31.06
N SER W 28 18.83 -4.13 -30.26
CA SER W 28 18.73 -3.99 -28.81
C SER W 28 17.47 -3.26 -28.34
N THR W 29 16.68 -3.88 -27.46
CA THR W 29 15.44 -3.27 -26.97
N ALA W 30 14.59 -3.00 -24.69
CA ALA W 30 13.93 -3.41 -23.44
C ALA W 30 12.42 -3.35 -23.64
N ALA W 31 11.66 -2.95 -22.63
CA ALA W 31 10.19 -2.92 -22.76
C ALA W 31 9.57 -1.57 -22.50
N PRO W 32 9.42 -0.73 -23.55
CA PRO W 32 8.85 0.60 -23.41
C PRO W 32 7.36 0.62 -23.71
N ALA W 33 6.93 0.02 -24.80
CA ALA W 33 5.52 0.10 -25.16
C ALA W 33 4.54 -0.78 -24.37
N ILE W 34 4.75 -0.96 -23.06
CA ILE W 34 3.81 -1.78 -22.30
C ILE W 34 2.43 -1.12 -22.35
N ASP W 35 1.42 -1.90 -22.72
CA ASP W 35 0.07 -1.35 -22.82
C ASP W 35 -0.62 -1.25 -21.46
N LEU W 36 -1.14 -0.07 -21.13
CA LEU W 36 -1.83 0.12 -19.87
C LEU W 36 -3.16 0.86 -20.03
N LYS W 37 -3.46 1.35 -21.23
CA LYS W 37 -4.70 2.09 -21.45
C LYS W 37 -5.95 1.32 -20.95
N PRO W 38 -6.85 2.07 -20.35
CA PRO W 38 -8.09 1.55 -19.76
C PRO W 38 -8.68 0.29 -20.37
N GLY W 39 -9.12 0.40 -21.60
CA GLY W 39 -9.72 -0.76 -22.23
C GLY W 39 -8.76 -1.94 -22.33
N VAL W 40 -7.50 -1.67 -22.69
CA VAL W 40 -6.54 -2.74 -22.88
C VAL W 40 -5.96 -3.34 -21.61
N LEU W 41 -5.85 -2.61 -20.51
CA LEU W 41 -5.33 -3.20 -19.27
C LEU W 41 -6.45 -3.90 -18.52
N ASN W 42 -7.69 -3.55 -18.88
CA ASN W 42 -8.91 -4.18 -18.30
C ASN W 42 -9.91 -3.20 -17.72
N PRO X 1 -13.03 -15.24 -17.56
CA PRO X 1 -13.69 -14.36 -16.57
C PRO X 1 -12.95 -13.07 -16.44
N THR X 2 -13.55 -12.12 -15.72
CA THR X 2 -13.01 -10.77 -15.48
C THR X 2 -13.79 -10.14 -14.35
N GLY X 3 -13.34 -8.99 -13.87
CA GLY X 3 -14.05 -8.27 -12.83
C GLY X 3 -13.73 -8.73 -11.40
N LYS X 4 -14.47 -8.19 -10.45
CA LYS X 4 -14.29 -8.52 -9.06
C LYS X 4 -14.89 -9.88 -8.80
N LEU X 5 -14.38 -10.60 -7.82
CA LEU X 5 -14.92 -11.93 -7.50
C LEU X 5 -16.06 -11.79 -6.50
N TRP X 6 -17.09 -12.58 -6.69
CA TRP X 6 -18.25 -12.59 -5.82
C TRP X 6 -18.40 -13.94 -5.15
N ARG X 7 -19.14 -14.01 -4.07
CA ARG X 7 -19.37 -15.29 -3.42
C ARG X 7 -20.77 -15.30 -2.82
N PRO X 8 -21.40 -16.49 -2.79
CA PRO X 8 -22.76 -16.66 -2.25
C PRO X 8 -22.90 -16.16 -0.81
N VAL X 9 -23.38 -14.93 -0.61
CA VAL X 9 -23.54 -14.40 0.74
C VAL X 9 -24.59 -15.23 1.51
N GLY X 10 -25.58 -15.75 0.80
CA GLY X 10 -26.62 -16.57 1.42
C GLY X 10 -26.18 -18.01 1.62
N THR X 11 -24.96 -18.30 1.17
CA THR X 11 -24.34 -19.62 1.30
C THR X 11 -24.85 -20.71 0.37
N SER X 12 -23.95 -21.67 0.09
CA SER X 12 -24.21 -22.82 -0.78
C SER X 12 -24.80 -22.44 -2.12
N VAL X 13 -26.14 -22.51 -2.22
CA VAL X 13 -26.82 -22.17 -3.45
C VAL X 13 -26.47 -20.75 -3.89
N ALA X 14 -25.77 -20.68 -5.02
CA ALA X 14 -25.41 -19.42 -5.62
C ALA X 14 -26.37 -19.10 -6.74
N THR X 15 -27.28 -18.20 -6.48
CA THR X 15 -28.24 -17.77 -7.52
C THR X 15 -27.82 -16.34 -7.95
N ILE X 16 -28.60 -15.70 -8.86
CA ILE X 16 -28.39 -14.32 -9.35
C ILE X 16 -28.89 -13.29 -8.33
N ASP X 17 -28.50 -13.46 -7.08
CA ASP X 17 -28.94 -12.58 -6.00
C ASP X 17 -28.36 -13.01 -4.64
N SER X 18 -28.00 -14.28 -4.54
CA SER X 18 -27.41 -14.81 -3.32
C SER X 18 -25.89 -14.58 -3.40
N LEU X 19 -25.47 -13.73 -4.33
CA LEU X 19 -24.09 -13.37 -4.54
C LEU X 19 -23.87 -12.00 -3.89
N ALA X 20 -22.63 -11.58 -3.92
CA ALA X 20 -22.23 -10.29 -3.40
C ALA X 20 -20.72 -10.12 -3.54
N ILE X 21 -20.27 -8.97 -4.05
CA ILE X 21 -18.84 -8.75 -4.20
C ILE X 21 -18.15 -9.11 -2.89
N VAL X 22 -17.29 -10.14 -2.92
CA VAL X 22 -16.59 -10.59 -1.72
C VAL X 22 -15.61 -9.54 -1.26
N SER X 23 -16.09 -8.50 -0.60
CA SER X 23 -15.16 -7.47 -0.12
C SER X 23 -14.72 -7.82 1.30
N ASP X 24 -13.80 -7.05 1.84
CA ASP X 24 -13.32 -7.29 3.20
C ASP X 24 -12.19 -6.34 3.56
N ARG X 25 -11.56 -6.63 4.69
CA ARG X 25 -10.45 -5.85 5.24
C ARG X 25 -9.33 -5.47 4.27
N PHE X 26 -9.27 -6.15 3.12
CA PHE X 26 -8.23 -5.87 2.13
C PHE X 26 -8.75 -5.12 0.92
N GLY X 27 -10.06 -4.96 0.82
CA GLY X 27 -10.65 -4.29 -0.33
C GLY X 27 -11.35 -5.40 -1.10
N GLN X 28 -11.57 -5.24 -2.41
CA GLN X 28 -12.25 -6.29 -3.16
C GLN X 28 -11.34 -7.02 -4.12
N TYR X 29 -11.34 -8.35 -4.01
CA TYR X 29 -10.51 -9.14 -4.89
C TYR X 29 -10.99 -9.03 -6.31
N SER X 30 -10.15 -8.51 -7.20
CA SER X 30 -10.55 -8.45 -8.61
C SER X 30 -9.73 -9.52 -9.31
N PHE X 31 -10.38 -10.28 -10.20
CA PHE X 31 -9.72 -11.36 -10.91
C PHE X 31 -8.59 -10.89 -11.83
N VAL X 32 -7.53 -11.70 -11.91
CA VAL X 32 -6.39 -11.36 -12.75
C VAL X 32 -6.32 -12.30 -13.95
N ASN X 33 -7.16 -12.03 -14.96
CA ASN X 33 -7.23 -12.84 -16.18
C ASN X 33 -5.85 -13.01 -16.78
N GLU X 34 -5.67 -14.10 -17.51
CA GLU X 34 -4.40 -14.44 -18.15
C GLU X 34 -3.58 -13.29 -18.75
N GLY X 35 -4.17 -12.51 -19.62
CA GLY X 35 -3.47 -11.42 -20.28
C GLY X 35 -3.06 -10.28 -19.36
N MET X 36 -3.87 -9.99 -18.36
CA MET X 36 -3.55 -8.91 -17.43
C MET X 36 -2.36 -9.27 -16.55
N ARG X 37 -1.96 -10.54 -16.56
CA ARG X 37 -0.79 -10.96 -15.81
C ARG X 37 0.42 -10.74 -16.69
N GLU X 38 0.18 -10.72 -18.01
CA GLU X 38 1.24 -10.49 -18.98
C GLU X 38 1.79 -9.11 -18.81
N THR X 39 0.92 -8.16 -18.53
CA THR X 39 1.36 -6.80 -18.36
C THR X 39 2.18 -6.66 -17.09
N PHE X 40 1.57 -6.91 -15.92
CA PHE X 40 2.26 -6.79 -14.64
C PHE X 40 3.48 -7.67 -14.55
N SER X 41 3.55 -8.69 -15.37
CA SER X 41 4.76 -9.48 -15.39
C SER X 41 5.77 -8.79 -16.28
N LYS X 42 5.29 -8.26 -17.41
CA LYS X 42 6.15 -7.58 -18.37
C LYS X 42 6.71 -6.30 -17.76
N ALA X 43 5.96 -5.71 -16.83
CA ALA X 43 6.37 -4.48 -16.14
C ALA X 43 7.41 -4.83 -15.08
N LEU X 44 7.12 -5.84 -14.27
CA LEU X 44 8.05 -6.30 -13.24
C LEU X 44 9.28 -6.89 -13.90
N PHE X 45 9.09 -7.57 -15.03
CA PHE X 45 10.22 -8.18 -15.71
C PHE X 45 11.25 -7.09 -16.07
N ASP X 46 10.75 -5.96 -16.56
CA ASP X 46 11.63 -4.87 -16.95
C ASP X 46 12.31 -4.22 -15.73
N ILE X 47 11.82 -4.51 -14.53
CA ILE X 47 12.44 -3.94 -13.34
C ILE X 47 13.45 -4.93 -12.78
N ASN X 48 13.06 -6.20 -12.66
CA ASN X 48 13.98 -7.22 -12.16
C ASN X 48 15.29 -7.11 -12.92
N MET X 49 15.20 -6.85 -14.22
CA MET X 49 16.38 -6.72 -15.08
C MET X 49 17.49 -5.89 -14.41
N TRP X 50 17.07 -4.82 -13.77
CA TRP X 50 18.01 -3.92 -13.10
C TRP X 50 18.44 -4.44 -11.75
N GLN X 51 18.41 -5.75 -11.56
CA GLN X 51 18.77 -6.32 -10.25
C GLN X 51 20.17 -5.95 -9.80
N PRO X 52 21.18 -6.13 -10.67
CA PRO X 52 22.58 -5.81 -10.33
C PRO X 52 22.83 -4.37 -9.92
N LEU X 53 21.93 -3.46 -10.28
CA LEU X 53 22.15 -2.08 -9.89
C LEU X 53 21.44 -1.76 -8.60
N PHE X 54 20.44 -2.55 -8.24
CA PHE X 54 19.69 -2.34 -6.99
C PHE X 54 20.53 -2.76 -5.80
N GLN X 55 21.22 -3.88 -5.92
CA GLN X 55 22.06 -4.34 -4.83
C GLN X 55 23.23 -3.39 -4.71
N ALA X 56 23.91 -3.13 -5.83
CA ALA X 56 25.07 -2.23 -5.80
C ALA X 56 24.76 -0.98 -5.04
N THR X 57 23.67 -0.37 -5.35
CA THR X 57 23.36 0.83 -4.63
C THR X 57 22.44 0.62 -3.41
N LYS X 58 22.40 -0.57 -2.73
CA LYS X 58 21.58 -0.77 -1.49
C LYS X 58 20.08 -0.24 -1.51
N THR X 59 19.53 0.19 -2.66
CA THR X 59 18.10 0.60 -2.78
C THR X 59 17.31 -0.68 -3.03
N GLY X 60 16.20 -0.58 -3.76
CA GLY X 60 15.44 -1.77 -4.07
C GLY X 60 15.05 -2.52 -2.77
N CYS X 61 15.04 -3.85 -2.84
CA CYS X 61 14.59 -4.70 -1.72
C CYS X 61 14.37 -6.15 -2.14
N GLY X 62 15.12 -6.60 -3.16
CA GLY X 62 14.98 -7.96 -3.65
C GLY X 62 14.15 -7.93 -4.93
N PRO X 63 14.08 -9.03 -5.69
CA PRO X 63 13.30 -9.06 -6.94
C PRO X 63 11.79 -9.06 -6.68
N ILE X 64 11.03 -8.28 -7.46
CA ILE X 64 9.59 -8.19 -7.26
C ILE X 64 8.80 -9.27 -8.00
N VAL X 65 8.36 -10.31 -7.27
CA VAL X 65 7.59 -11.38 -7.90
C VAL X 65 6.10 -10.96 -7.90
N LEU X 66 5.44 -11.08 -9.04
CA LEU X 66 4.05 -10.68 -9.09
C LEU X 66 3.20 -11.58 -8.21
N SER X 67 3.76 -12.73 -7.83
CA SER X 67 3.04 -13.68 -6.98
C SER X 67 3.06 -13.23 -5.53
N SER X 68 3.49 -12.00 -5.27
CA SER X 68 3.50 -11.51 -3.90
C SER X 68 2.32 -10.55 -3.68
N PHE X 69 1.68 -10.14 -4.77
CA PHE X 69 0.57 -9.22 -4.66
C PHE X 69 -0.78 -9.88 -4.86
N THR X 70 -0.77 -11.11 -5.37
CA THR X 70 -2.00 -11.82 -5.63
C THR X 70 -2.42 -12.78 -4.52
N THR X 71 -3.39 -13.65 -4.82
CA THR X 71 -3.91 -14.64 -3.86
C THR X 71 -4.55 -15.78 -4.65
N THR X 72 -5.06 -16.79 -3.95
CA THR X 72 -5.70 -17.90 -4.63
C THR X 72 -7.08 -18.15 -4.06
N THR X 73 -7.95 -17.16 -4.21
CA THR X 73 -9.31 -17.30 -3.73
C THR X 73 -10.06 -18.06 -4.83
N SER X 74 -11.35 -18.30 -4.61
CA SER X 74 -12.20 -18.98 -5.58
C SER X 74 -13.67 -18.64 -5.29
N GLY X 75 -14.42 -18.41 -6.36
CA GLY X 75 -15.82 -18.07 -6.24
C GLY X 75 -16.28 -17.78 -7.64
N TYR X 76 -17.31 -16.95 -7.79
CA TYR X 76 -17.82 -16.60 -9.11
C TYR X 76 -17.29 -15.24 -9.42
N VAL X 77 -16.70 -15.05 -10.60
CA VAL X 77 -16.16 -13.74 -10.90
C VAL X 77 -16.73 -13.05 -12.13
N GLY X 78 -17.52 -12.00 -11.91
CA GLY X 78 -18.09 -11.29 -13.04
C GLY X 78 -18.12 -9.78 -12.78
N ALA X 79 -18.93 -9.08 -13.56
CA ALA X 79 -19.06 -7.65 -13.41
C ALA X 79 -20.28 -7.35 -12.58
N THR X 80 -21.25 -8.27 -12.55
CA THR X 80 -22.46 -8.09 -11.74
C THR X 80 -23.04 -9.45 -11.36
N ALA X 81 -23.60 -9.56 -10.15
CA ALA X 81 -24.17 -10.81 -9.67
C ALA X 81 -24.74 -11.66 -10.81
N GLY X 82 -25.60 -11.04 -11.62
CA GLY X 82 -26.20 -11.74 -12.74
C GLY X 82 -25.23 -12.48 -13.66
N ASP X 83 -24.24 -11.76 -14.18
CA ASP X 83 -23.27 -12.34 -15.10
C ASP X 83 -22.10 -13.04 -14.42
N ALA X 84 -21.85 -12.72 -13.15
CA ALA X 84 -20.74 -13.33 -12.43
C ALA X 84 -21.10 -14.76 -12.13
N LEU X 85 -22.39 -15.05 -12.18
CA LEU X 85 -22.89 -16.38 -11.90
C LEU X 85 -22.45 -17.41 -12.95
N ASP X 86 -22.06 -16.93 -14.12
CA ASP X 86 -21.63 -17.81 -15.22
C ASP X 86 -20.12 -17.86 -15.37
N ASN X 87 -19.39 -17.68 -14.27
CA ASN X 87 -17.92 -17.72 -14.32
C ASN X 87 -17.37 -18.38 -13.09
N PRO X 88 -17.91 -19.53 -12.67
CA PRO X 88 -17.39 -20.18 -11.47
C PRO X 88 -15.92 -20.48 -11.68
N VAL X 89 -15.06 -19.78 -10.93
CA VAL X 89 -13.62 -20.01 -11.04
C VAL X 89 -13.10 -20.59 -9.73
N THR X 90 -12.30 -21.66 -9.82
CA THR X 90 -11.76 -22.29 -8.61
C THR X 90 -10.29 -22.01 -8.47
N ASN X 91 -9.91 -21.49 -7.30
CA ASN X 91 -8.52 -21.16 -7.03
C ASN X 91 -7.95 -20.30 -8.14
N GLY X 92 -8.71 -19.29 -8.55
CA GLY X 92 -8.23 -18.37 -9.55
C GLY X 92 -7.21 -17.50 -8.84
N VAL X 93 -6.58 -16.59 -9.57
CA VAL X 93 -5.59 -15.72 -8.97
C VAL X 93 -6.12 -14.27 -8.97
N PHE X 94 -6.54 -13.78 -7.81
CA PHE X 94 -7.08 -12.43 -7.71
C PHE X 94 -6.12 -11.54 -6.95
N ILE X 95 -6.20 -10.23 -7.20
CA ILE X 95 -5.36 -9.28 -6.49
C ILE X 95 -6.31 -8.37 -5.73
N SER X 96 -6.19 -8.32 -4.39
CA SER X 96 -7.10 -7.47 -3.57
C SER X 96 -6.88 -5.99 -3.79
N THR X 97 -7.85 -5.16 -3.56
CA THR X 97 -7.66 -3.72 -3.77
C THR X 97 -6.39 -3.17 -3.13
N VAL X 98 -6.26 -3.32 -1.80
CA VAL X 98 -5.08 -2.81 -1.14
C VAL X 98 -3.79 -3.32 -1.78
N GLN X 99 -3.85 -4.46 -2.46
CA GLN X 99 -2.69 -5.00 -3.15
C GLN X 99 -2.52 -4.31 -4.48
N ILE X 100 -3.63 -4.16 -5.21
CA ILE X 100 -3.64 -3.48 -6.50
C ILE X 100 -3.06 -2.10 -6.23
N MET X 101 -2.91 -1.75 -4.96
CA MET X 101 -2.33 -0.46 -4.61
C MET X 101 -0.82 -0.55 -4.56
N ASN X 102 -0.27 -1.59 -3.95
CA ASN X 102 1.17 -1.73 -3.87
C ASN X 102 1.80 -2.10 -5.21
N LEU X 103 1.29 -3.16 -5.83
CA LEU X 103 1.83 -3.57 -7.12
C LEU X 103 1.90 -2.31 -7.98
N GLN X 104 1.06 -1.34 -7.63
CA GLN X 104 1.01 -0.06 -8.33
C GLN X 104 2.13 0.84 -7.81
N ARG X 105 2.03 1.29 -6.56
CA ARG X 105 3.07 2.16 -6.03
C ARG X 105 4.46 1.51 -5.91
N THR X 106 4.56 0.19 -6.10
CA THR X 106 5.87 -0.43 -6.04
C THR X 106 6.46 -0.22 -7.43
N ILE X 107 5.74 -0.70 -8.44
CA ILE X 107 6.15 -0.55 -9.82
C ILE X 107 6.39 0.92 -10.10
N ALA X 108 5.74 1.79 -9.34
CA ALA X 108 5.94 3.22 -9.52
C ALA X 108 7.25 3.64 -8.80
N ALA X 109 7.41 3.28 -7.54
CA ALA X 109 8.63 3.65 -6.81
C ALA X 109 9.84 3.08 -7.52
N ARG X 110 9.83 1.77 -7.82
CA ARG X 110 10.96 1.13 -8.51
C ARG X 110 11.16 1.77 -9.87
N MET X 111 10.06 2.07 -10.55
CA MET X 111 10.15 2.69 -11.86
C MET X 111 10.94 3.99 -11.82
N ARG X 112 10.80 4.77 -10.77
CA ARG X 112 11.61 5.96 -10.65
C ARG X 112 13.06 5.52 -10.53
N ASP X 113 13.34 4.73 -9.48
CA ASP X 113 14.68 4.20 -9.23
C ASP X 113 15.42 3.85 -10.52
N VAL X 114 14.85 2.95 -11.31
CA VAL X 114 15.49 2.55 -12.55
C VAL X 114 15.47 3.65 -13.61
N ALA X 115 14.33 4.30 -13.79
CA ALA X 115 14.23 5.38 -14.77
C ALA X 115 15.45 6.28 -14.69
N LEU X 116 15.99 6.44 -13.50
CA LEU X 116 17.16 7.30 -13.34
C LEU X 116 18.44 6.64 -13.87
N TRP X 117 18.81 5.51 -13.25
CA TRP X 117 20.00 4.78 -13.67
C TRP X 117 19.94 4.54 -15.17
N GLN X 118 18.82 3.93 -15.59
CA GLN X 118 18.51 3.60 -16.95
C GLN X 118 18.79 4.78 -17.86
N LYS X 119 18.77 6.00 -17.31
CA LYS X 119 19.06 7.16 -18.13
C LYS X 119 20.59 7.32 -18.31
N HIS X 120 21.36 7.03 -17.25
CA HIS X 120 22.84 7.09 -17.29
C HIS X 120 23.40 6.02 -18.20
N LEU X 121 22.85 4.81 -18.06
CA LEU X 121 23.30 3.68 -18.87
C LEU X 121 23.19 4.07 -20.31
N ASP X 122 22.13 4.80 -20.62
CA ASP X 122 21.88 5.23 -21.97
C ASP X 122 22.83 6.28 -22.55
N THR X 123 22.97 7.42 -21.89
CA THR X 123 23.86 8.46 -22.41
C THR X 123 25.21 7.85 -22.74
N ALA X 124 25.48 6.67 -22.19
CA ALA X 124 26.75 5.98 -22.43
C ALA X 124 26.59 4.92 -23.51
N MET X 125 25.45 4.24 -23.52
CA MET X 125 25.20 3.20 -24.51
C MET X 125 25.02 3.80 -25.91
N THR X 126 23.94 4.55 -26.10
CA THR X 126 23.70 5.18 -27.39
C THR X 126 24.89 6.06 -27.75
N MET X 127 25.73 6.37 -26.76
CA MET X 127 26.89 7.20 -27.05
C MET X 127 27.94 6.42 -27.84
N LEU X 128 27.48 5.44 -28.61
CA LEU X 128 28.31 4.64 -29.49
C LEU X 128 27.42 3.68 -30.27
N THR X 129 26.33 4.25 -30.79
CA THR X 129 25.32 3.55 -31.59
C THR X 129 25.44 2.05 -31.61
N PRO X 130 24.98 1.38 -30.54
CA PRO X 130 25.10 -0.08 -30.56
C PRO X 130 24.07 -0.72 -31.48
N ASP X 131 23.54 0.03 -32.44
CA ASP X 131 22.56 -0.56 -33.34
C ASP X 131 22.72 -0.30 -34.83
N ILE X 132 23.02 -1.36 -35.57
CA ILE X 132 23.18 -1.30 -37.02
C ILE X 132 21.99 -2.06 -37.59
N SER X 133 21.74 -1.95 -38.90
CA SER X 133 20.59 -2.64 -39.48
C SER X 133 20.84 -3.45 -40.76
N ALA X 134 22.10 -3.80 -41.01
CA ALA X 134 22.47 -4.60 -42.18
C ALA X 134 23.85 -5.24 -41.92
N GLY X 135 23.89 -6.58 -41.93
CA GLY X 135 25.15 -7.26 -41.67
C GLY X 135 25.63 -6.91 -40.28
N SER X 136 26.87 -7.23 -39.93
CA SER X 136 27.39 -6.92 -38.60
C SER X 136 28.39 -5.80 -38.62
N ALA X 137 29.27 -5.79 -37.62
CA ALA X 137 30.33 -4.77 -37.49
C ALA X 137 30.76 -4.67 -36.01
N SER X 138 31.99 -5.07 -35.74
CA SER X 138 32.53 -5.03 -34.37
C SER X 138 33.34 -3.76 -34.08
N CYS X 139 33.98 -3.72 -32.92
CA CYS X 139 34.78 -2.58 -32.49
C CYS X 139 35.56 -3.01 -31.25
N ASN X 140 36.72 -3.62 -31.45
CA ASN X 140 37.54 -4.13 -30.34
C ASN X 140 37.27 -3.45 -28.99
N TRP X 141 36.64 -4.23 -28.11
CA TRP X 141 36.22 -3.83 -26.76
C TRP X 141 37.17 -2.95 -25.93
N LYS X 142 38.45 -3.32 -25.86
CA LYS X 142 39.42 -2.50 -25.11
C LYS X 142 39.24 -1.03 -25.47
N SER X 143 39.53 -0.70 -26.73
CA SER X 143 39.40 0.67 -27.24
C SER X 143 38.10 1.29 -26.79
N LEU X 144 37.00 0.66 -27.22
CA LEU X 144 35.66 1.11 -26.88
C LEU X 144 35.55 1.59 -25.44
N LEU X 145 35.90 0.72 -24.50
CA LEU X 145 35.87 1.04 -23.09
C LEU X 145 36.80 2.20 -22.78
N ALA X 146 38.10 2.02 -22.99
CA ALA X 146 39.10 3.08 -22.76
C ALA X 146 38.70 4.41 -23.39
N PHE X 147 37.77 4.35 -24.35
CA PHE X 147 37.27 5.54 -25.03
C PHE X 147 36.17 6.20 -24.20
N ALA X 148 35.11 5.45 -23.89
CA ALA X 148 34.02 5.99 -23.10
C ALA X 148 34.54 6.40 -21.73
N LYS X 149 35.68 5.83 -21.32
CA LYS X 149 36.30 6.19 -20.05
C LYS X 149 36.54 7.69 -20.08
N ASP X 150 36.62 8.23 -21.30
CA ASP X 150 36.82 9.65 -21.55
C ASP X 150 35.46 10.33 -21.68
N ILE X 151 34.95 10.37 -22.88
CA ILE X 151 33.70 11.04 -23.18
C ILE X 151 32.74 11.16 -21.99
N LEU X 152 32.19 10.07 -21.49
CA LEU X 152 31.24 10.11 -20.37
C LEU X 152 31.55 11.22 -19.32
N PRO X 153 30.66 12.27 -19.18
CA PRO X 153 30.84 13.37 -18.23
C PRO X 153 30.88 12.87 -16.78
N LEU X 154 31.74 13.45 -15.97
CA LEU X 154 31.95 13.05 -14.55
C LEU X 154 30.71 12.83 -13.63
N ASP X 155 29.48 13.02 -14.13
CA ASP X 155 28.29 12.84 -13.29
C ASP X 155 27.33 11.79 -13.84
N ASN X 156 27.88 10.88 -14.61
CA ASN X 156 27.04 9.81 -15.13
C ASN X 156 26.69 8.88 -13.93
N LEU X 157 26.78 7.57 -14.07
CA LEU X 157 26.61 6.55 -13.01
C LEU X 157 27.22 5.27 -13.59
N CYS X 158 27.73 5.36 -14.85
CA CYS X 158 28.38 4.23 -15.60
C CYS X 158 29.89 4.22 -15.35
N LEU X 159 30.33 5.22 -14.58
CA LEU X 159 31.72 5.34 -14.17
C LEU X 159 31.82 4.93 -12.71
N THR X 160 30.74 5.10 -11.95
CA THR X 160 30.77 4.68 -10.53
C THR X 160 30.48 3.16 -10.37
N TYR X 161 29.83 2.46 -11.40
CA TYR X 161 29.46 1.00 -11.34
C TYR X 161 29.72 0.17 -12.65
N PRO X 162 30.73 0.51 -13.52
CA PRO X 162 31.09 -0.15 -14.82
C PRO X 162 30.49 -1.54 -15.09
N ASN X 163 30.86 -2.49 -14.23
CA ASN X 163 30.33 -3.82 -14.34
C ASN X 163 29.34 -4.07 -13.22
N GLU X 164 28.35 -3.13 -13.18
CA GLU X 164 27.20 -3.19 -12.27
C GLU X 164 26.07 -2.60 -13.12
N PHE X 165 26.52 -1.89 -14.16
CA PHE X 165 25.71 -1.27 -15.22
C PHE X 165 25.89 -2.18 -16.42
N TYR X 166 27.11 -2.65 -16.59
CA TYR X 166 27.44 -3.56 -17.69
C TYR X 166 26.50 -4.77 -17.67
N ASN X 167 26.28 -5.37 -16.49
CA ASN X 167 25.41 -6.55 -16.31
C ASN X 167 23.98 -6.20 -16.57
N VAL X 168 23.57 -4.96 -16.31
CA VAL X 168 22.23 -4.56 -16.63
C VAL X 168 22.19 -4.43 -18.14
N ALA X 169 23.20 -3.74 -18.68
CA ALA X 169 23.35 -3.48 -20.11
C ALA X 169 23.32 -4.72 -20.96
N ILE X 170 24.20 -5.68 -20.69
CA ILE X 170 24.23 -6.93 -21.45
C ILE X 170 22.84 -7.48 -21.77
N HIS X 171 21.86 -7.20 -20.91
CA HIS X 171 20.49 -7.66 -21.13
C HIS X 171 19.64 -6.72 -21.97
N ARG X 172 20.20 -5.61 -22.41
CA ARG X 172 19.41 -4.69 -23.21
C ARG X 172 20.03 -4.48 -24.57
N TYR X 173 21.32 -4.73 -24.68
CA TYR X 173 22.01 -4.52 -25.95
C TYR X 173 22.64 -5.80 -26.49
N PRO X 174 21.94 -6.48 -27.42
CA PRO X 174 22.57 -7.70 -27.92
C PRO X 174 23.81 -7.37 -28.73
N ALA X 175 24.32 -6.15 -28.57
CA ALA X 175 25.55 -5.76 -29.25
C ALA X 175 26.69 -6.21 -28.32
N LEU X 176 26.62 -5.83 -27.03
CA LEU X 176 27.64 -6.20 -26.03
C LEU X 176 27.47 -7.67 -25.65
N LYS X 177 28.37 -8.54 -26.10
CA LYS X 177 28.29 -9.96 -25.75
C LYS X 177 29.40 -10.16 -24.73
N PRO X 178 29.06 -10.52 -23.49
CA PRO X 178 30.09 -10.70 -22.46
C PRO X 178 30.93 -11.93 -22.75
N GLY X 179 32.20 -11.87 -22.44
CA GLY X 179 33.08 -12.98 -22.68
C GLY X 179 32.83 -14.09 -21.67
N ASN X 180 32.51 -15.27 -22.16
CA ASN X 180 32.24 -16.39 -21.28
C ASN X 180 33.39 -16.69 -20.33
N PRO X 181 33.10 -16.87 -19.01
CA PRO X 181 34.18 -17.22 -18.04
C PRO X 181 35.03 -18.47 -18.34
N ASP X 182 34.45 -19.68 -18.63
CA ASP X 182 35.29 -20.90 -18.82
C ASP X 182 35.54 -21.37 -20.30
N THR X 183 36.15 -20.43 -21.10
CA THR X 183 36.61 -20.55 -22.51
C THR X 183 37.10 -19.15 -22.95
N LYS X 184 36.97 -18.18 -22.04
CA LYS X 184 37.34 -16.75 -22.15
C LYS X 184 37.21 -16.11 -23.57
N LEU X 185 36.11 -16.46 -24.31
CA LEU X 185 35.74 -16.06 -25.73
C LEU X 185 34.25 -15.59 -25.77
N PRO X 186 33.80 -14.78 -26.79
CA PRO X 186 32.38 -14.35 -26.84
C PRO X 186 31.35 -15.54 -26.83
N ASP X 187 30.35 -15.53 -27.76
CA ASP X 187 29.25 -16.54 -27.81
C ASP X 187 28.56 -16.58 -29.19
N ALA X 188 28.96 -15.73 -30.12
CA ALA X 188 28.31 -15.70 -31.45
C ALA X 188 26.91 -15.12 -31.24
N GLN X 189 26.02 -15.94 -30.69
CA GLN X 189 24.69 -15.48 -30.35
C GLN X 189 24.80 -14.49 -29.21
N ALA X 190 23.89 -13.56 -29.15
CA ALA X 190 23.83 -12.64 -28.04
C ALA X 190 22.50 -12.91 -27.33
N HIS X 191 22.53 -13.10 -25.99
CA HIS X 191 21.32 -13.42 -25.24
C HIS X 191 20.79 -12.30 -24.35
N PRO X 192 20.20 -11.26 -24.93
CA PRO X 192 19.65 -10.18 -24.09
C PRO X 192 18.24 -10.58 -23.65
N LEU X 193 17.84 -10.23 -22.43
CA LEU X 193 16.51 -10.59 -21.93
C LEU X 193 15.37 -10.36 -22.91
N GLY X 194 15.51 -9.38 -23.81
CA GLY X 194 14.46 -9.11 -24.78
C GLY X 194 14.61 -9.98 -26.02
N GLU X 195 15.18 -11.17 -25.81
CA GLU X 195 15.45 -12.17 -26.84
C GLU X 195 14.56 -12.13 -28.08
N VAL X 196 13.25 -12.31 -27.89
CA VAL X 196 12.30 -12.32 -28.99
C VAL X 196 12.03 -10.95 -29.57
N ALA X 197 11.55 -10.03 -28.73
CA ALA X 197 11.25 -8.66 -29.16
C ALA X 197 12.40 -8.08 -30.00
N GLY X 198 13.63 -8.21 -29.50
CA GLY X 198 14.77 -7.69 -30.23
C GLY X 198 15.03 -8.43 -31.53
N ALA X 199 14.55 -9.66 -31.63
CA ALA X 199 14.75 -10.45 -32.85
C ALA X 199 13.76 -9.94 -33.89
N PHE X 200 12.54 -9.64 -33.44
CA PHE X 200 11.50 -9.14 -34.31
C PHE X 200 11.48 -7.64 -34.58
N ASN X 201 12.60 -6.98 -34.41
CA ASN X 201 12.64 -5.56 -34.70
C ASN X 201 13.76 -5.30 -35.66
N ALA X 202 14.69 -6.25 -35.72
CA ALA X 202 15.81 -6.14 -36.63
C ALA X 202 15.19 -5.84 -37.99
N ALA X 203 15.84 -4.99 -38.77
CA ALA X 203 15.31 -4.67 -40.10
C ALA X 203 15.58 -5.90 -41.00
N THR X 204 14.66 -6.85 -41.00
CA THR X 204 14.83 -8.07 -41.82
C THR X 204 14.92 -7.70 -43.30
N SER X 205 16.03 -8.08 -43.92
CA SER X 205 16.27 -7.75 -45.32
C SER X 205 15.21 -8.15 -46.36
N GLU X 206 14.34 -9.12 -46.02
CA GLU X 206 13.30 -9.57 -46.94
C GLU X 206 12.25 -8.49 -47.07
N VAL X 207 11.87 -7.95 -45.92
CA VAL X 207 10.86 -6.90 -45.89
C VAL X 207 11.23 -5.89 -44.81
N GLY X 208 11.47 -4.64 -45.21
CA GLY X 208 11.85 -3.58 -44.27
C GLY X 208 11.98 -3.96 -42.80
N SER X 209 10.86 -3.84 -42.08
CA SER X 209 10.82 -4.15 -40.66
C SER X 209 9.39 -4.49 -40.24
N LEU X 210 9.19 -5.72 -39.79
CA LEU X 210 7.87 -6.12 -39.37
C LEU X 210 7.25 -5.14 -38.38
N VAL X 211 7.99 -4.71 -37.36
CA VAL X 211 7.46 -3.76 -36.38
C VAL X 211 7.05 -2.43 -37.02
N GLY X 212 7.73 -2.07 -38.10
CA GLY X 212 7.39 -0.84 -38.79
C GLY X 212 6.15 -1.07 -39.64
N SER X 213 6.34 -1.72 -40.80
CA SER X 213 5.27 -2.03 -41.73
C SER X 213 3.97 -2.48 -41.07
N SER X 214 4.07 -3.11 -39.90
CA SER X 214 2.89 -3.58 -39.19
C SER X 214 2.10 -2.40 -38.67
N SER X 215 2.80 -1.50 -37.97
CA SER X 215 2.15 -0.33 -37.38
C SER X 215 1.68 0.67 -38.43
N THR X 216 2.55 1.04 -39.37
CA THR X 216 2.15 1.98 -40.42
C THR X 216 0.80 1.58 -41.03
N LEU X 217 0.42 0.31 -40.84
CA LEU X 217 -0.85 -0.21 -41.33
C LEU X 217 -1.93 -0.04 -40.29
N SER X 218 -1.73 -0.62 -39.12
CA SER X 218 -2.74 -0.49 -38.08
C SER X 218 -2.98 0.98 -37.82
N GLN X 219 -1.94 1.79 -37.98
CA GLN X 219 -2.07 3.24 -37.80
C GLN X 219 -3.08 3.77 -38.82
N ALA X 220 -2.82 3.52 -40.10
CA ALA X 220 -3.74 3.96 -41.15
C ALA X 220 -5.15 3.41 -40.91
N ILE X 221 -5.26 2.14 -40.49
CA ILE X 221 -6.57 1.53 -40.25
C ILE X 221 -7.32 2.31 -39.20
N SER X 222 -6.59 2.79 -38.19
CA SER X 222 -7.22 3.57 -37.14
C SER X 222 -7.93 4.74 -37.81
N THR X 223 -7.17 5.63 -38.46
CA THR X 223 -7.75 6.79 -39.14
C THR X 223 -8.94 6.40 -40.01
N MET X 224 -8.72 5.48 -40.95
CA MET X 224 -9.78 5.05 -41.87
C MET X 224 -11.09 4.83 -41.16
N ALA X 225 -11.07 4.24 -39.97
CA ALA X 225 -12.34 4.00 -39.28
C ALA X 225 -12.76 5.18 -38.40
N GLY X 226 -11.75 5.80 -37.81
CA GLY X 226 -11.88 6.92 -36.95
C GLY X 226 -12.53 8.13 -37.61
N LYS X 227 -11.73 9.11 -38.04
CA LYS X 227 -12.32 10.35 -38.55
C LYS X 227 -13.67 10.11 -39.30
N ASP X 228 -13.70 9.04 -40.11
CA ASP X 228 -14.83 8.60 -40.99
C ASP X 228 -14.44 8.89 -42.42
N LEU X 229 -13.24 8.44 -42.78
CA LEU X 229 -12.84 8.64 -44.13
C LEU X 229 -13.78 7.87 -45.01
N ASP X 230 -14.19 6.70 -44.52
CA ASP X 230 -15.18 5.96 -45.23
C ASP X 230 -16.35 6.93 -45.35
N LEU X 231 -17.17 6.83 -46.40
CA LEU X 231 -18.30 7.76 -46.51
C LEU X 231 -17.83 9.18 -46.85
N ILE X 232 -16.63 9.30 -47.42
CA ILE X 232 -16.04 10.59 -47.75
C ILE X 232 -16.75 11.42 -48.81
N GLU X 233 -17.45 10.75 -49.73
CA GLU X 233 -18.17 11.48 -50.77
C GLU X 233 -19.63 11.04 -50.76
N ALA X 234 -20.12 10.74 -49.55
CA ALA X 234 -21.50 10.32 -49.35
C ALA X 234 -22.44 11.40 -49.86
N ASP X 235 -23.48 11.00 -50.58
CA ASP X 235 -24.42 11.98 -51.10
C ASP X 235 -25.67 12.10 -50.24
N THR X 236 -25.54 12.78 -49.09
CA THR X 236 -26.68 12.98 -48.18
C THR X 236 -26.27 13.74 -46.91
N PRO X 237 -27.17 14.62 -46.41
CA PRO X 237 -26.94 15.43 -45.22
C PRO X 237 -26.13 14.75 -44.11
N LEU X 238 -25.08 15.42 -43.66
CA LEU X 238 -24.21 14.91 -42.59
C LEU X 238 -23.90 16.01 -41.58
N PRO X 239 -24.21 15.78 -40.31
CA PRO X 239 -23.95 16.77 -39.25
C PRO X 239 -22.49 17.23 -39.29
N VAL X 240 -22.24 18.54 -39.14
CA VAL X 240 -20.86 19.02 -39.19
C VAL X 240 -20.00 18.25 -38.20
N SER X 241 -20.60 17.84 -37.07
CA SER X 241 -19.91 17.08 -36.03
C SER X 241 -19.17 15.87 -36.64
N VAL X 242 -19.82 15.22 -37.60
CA VAL X 242 -19.27 14.05 -38.30
C VAL X 242 -17.95 14.37 -38.96
N PHE X 243 -17.58 15.67 -38.98
CA PHE X 243 -16.32 16.12 -39.57
C PHE X 243 -15.31 16.60 -38.52
N THR X 244 -15.63 16.41 -37.25
CA THR X 244 -14.75 16.84 -36.14
C THR X 244 -13.87 18.06 -36.46
N PRO X 245 -14.50 19.17 -36.89
CA PRO X 245 -13.76 20.39 -37.23
C PRO X 245 -13.20 21.01 -35.95
N SER X 246 -11.88 21.13 -35.87
CA SER X 246 -11.24 21.69 -34.69
C SER X 246 -10.02 22.52 -35.07
N LEU X 247 -9.61 23.40 -34.16
CA LEU X 247 -8.43 24.24 -34.41
C LEU X 247 -8.51 24.79 -35.84
N ALA X 248 -9.70 25.34 -36.20
CA ALA X 248 -9.92 25.77 -37.58
C ALA X 248 -10.21 27.26 -37.84
N PRO X 249 -9.18 28.12 -37.75
CA PRO X 249 -9.40 29.53 -38.02
C PRO X 249 -8.61 30.08 -39.22
N ARG X 250 -9.18 30.03 -40.43
CA ARG X 250 -8.47 30.48 -41.63
C ARG X 250 -8.46 31.99 -41.84
N SER X 251 -7.36 32.51 -42.38
CA SER X 251 -7.21 33.95 -42.63
C SER X 251 -7.12 34.28 -44.13
N TYR X 252 -7.58 35.48 -44.50
CA TYR X 252 -7.53 35.93 -45.89
C TYR X 252 -6.83 37.24 -46.16
N ARG X 253 -7.44 37.88 -47.20
CA ARG X 253 -7.10 39.18 -47.84
C ARG X 253 -8.27 39.73 -48.73
N PRO X 254 -9.49 40.02 -48.17
CA PRO X 254 -10.64 40.57 -48.96
C PRO X 254 -10.31 41.87 -49.68
N ALA X 255 -11.33 42.52 -50.24
CA ALA X 255 -11.01 43.72 -51.01
C ALA X 255 -10.17 43.27 -52.20
N PHE X 256 -10.14 41.94 -52.34
CA PHE X 256 -9.46 41.28 -53.44
C PHE X 256 -10.33 40.11 -53.88
N ILE X 257 -10.88 39.35 -52.91
CA ILE X 257 -11.73 38.21 -53.24
C ILE X 257 -12.95 38.65 -54.06
N LYS X 258 -13.09 38.16 -55.29
CA LYS X 258 -14.25 38.54 -56.08
C LYS X 258 -15.52 38.06 -55.38
N PRO X 259 -16.61 38.85 -55.48
CA PRO X 259 -17.87 38.48 -54.83
C PRO X 259 -18.40 37.12 -55.27
N GLU X 260 -18.27 36.79 -56.56
CA GLU X 260 -18.78 35.51 -57.04
C GLU X 260 -17.87 34.34 -56.67
N ASP X 261 -16.62 34.63 -56.31
CA ASP X 261 -15.68 33.58 -55.93
C ASP X 261 -15.87 33.11 -54.49
N ALA X 262 -16.78 33.76 -53.76
CA ALA X 262 -17.05 33.41 -52.36
C ALA X 262 -18.24 34.18 -51.79
N LYS X 263 -19.42 33.61 -51.88
CA LYS X 263 -20.67 34.22 -51.44
C LYS X 263 -20.63 35.12 -50.20
N TRP X 264 -19.80 34.80 -49.21
CA TRP X 264 -19.73 35.60 -47.98
C TRP X 264 -19.05 36.94 -48.14
N ILE X 265 -19.10 37.56 -49.30
CA ILE X 265 -18.43 38.84 -49.47
C ILE X 265 -18.92 39.61 -50.69
N ALA X 266 -19.87 40.53 -50.45
CA ALA X 266 -20.47 41.34 -51.52
C ALA X 266 -19.77 42.69 -51.67
N GLU X 267 -19.94 43.33 -52.83
CA GLU X 267 -19.29 44.62 -53.04
C GLU X 267 -20.20 45.77 -53.49
N PHE X 268 -19.86 46.98 -53.06
CA PHE X 268 -20.61 48.18 -53.40
C PHE X 268 -20.23 48.71 -54.79
N ASN X 269 -20.48 47.95 -55.86
CA ASN X 269 -20.13 48.44 -57.19
C ASN X 269 -21.10 49.54 -57.65
N ASN X 270 -20.77 50.79 -57.29
CA ASN X 270 -21.58 51.95 -57.63
C ASN X 270 -20.76 53.02 -58.37
N SER X 271 -21.43 53.81 -59.21
CA SER X 271 -20.75 54.85 -60.00
C SER X 271 -19.83 55.78 -59.22
N SER X 272 -20.40 56.77 -58.55
CA SER X 272 -19.61 57.74 -57.77
C SER X 272 -19.22 57.23 -56.38
N LEU X 273 -18.88 58.16 -55.49
CA LEU X 273 -18.54 57.82 -54.11
C LEU X 273 -19.78 57.84 -53.26
N ILE X 274 -19.74 57.22 -52.09
CA ILE X 274 -20.92 57.20 -51.24
C ILE X 274 -20.59 57.71 -49.84
N ARG X 275 -20.08 58.94 -49.73
CA ARG X 275 -19.74 59.48 -48.42
C ARG X 275 -20.94 59.59 -47.48
N LYS X 276 -20.86 58.88 -46.36
CA LYS X 276 -21.91 58.88 -45.35
C LYS X 276 -21.27 59.50 -44.11
N THR X 277 -22.06 59.70 -43.06
CA THR X 277 -21.52 60.27 -41.81
C THR X 277 -22.00 59.45 -40.61
N LEU X 278 -21.41 59.70 -39.44
CA LEU X 278 -21.78 58.98 -38.23
C LEU X 278 -21.05 59.55 -37.03
N THR X 279 -21.81 59.90 -35.98
CA THR X 279 -21.20 60.44 -34.79
C THR X 279 -20.62 59.30 -33.97
N TYR X 280 -19.30 59.17 -34.00
CA TYR X 280 -18.62 58.13 -33.25
C TYR X 280 -17.73 58.76 -32.17
N SER X 281 -18.14 58.61 -30.91
CA SER X 281 -17.40 59.16 -29.80
C SER X 281 -17.43 60.70 -29.92
N GLY X 282 -18.62 61.23 -30.19
CA GLY X 282 -18.77 62.66 -30.34
C GLY X 282 -18.40 63.07 -31.76
N ALA X 283 -17.09 63.10 -32.03
CA ALA X 283 -16.58 63.46 -33.34
C ALA X 283 -17.34 62.81 -34.51
N THR X 284 -17.58 63.59 -35.56
CA THR X 284 -18.30 63.09 -36.73
C THR X 284 -17.34 62.69 -37.85
N TYR X 285 -17.38 61.41 -38.23
CA TYR X 285 -16.51 60.91 -39.29
C TYR X 285 -17.31 60.55 -40.53
N THR X 286 -16.60 60.39 -41.65
CA THR X 286 -17.27 60.04 -42.90
C THR X 286 -16.72 58.73 -43.47
N VAL X 287 -17.57 57.71 -43.48
CA VAL X 287 -17.19 56.45 -44.11
C VAL X 287 -17.17 56.74 -45.61
N GLN X 288 -16.22 56.20 -46.37
CA GLN X 288 -16.10 56.61 -47.79
C GLN X 288 -16.75 55.74 -48.84
N LEU X 289 -16.36 54.47 -48.97
CA LEU X 289 -16.88 53.57 -50.02
C LEU X 289 -16.38 54.12 -51.37
N GLY X 290 -15.15 54.67 -51.34
CA GLY X 290 -14.44 55.32 -52.47
C GLY X 290 -14.65 54.77 -53.89
N PRO X 291 -13.91 55.37 -54.84
CA PRO X 291 -13.89 55.13 -56.30
C PRO X 291 -14.08 53.69 -56.77
N GLY X 292 -13.30 52.77 -56.22
CA GLY X 292 -13.42 51.36 -56.61
C GLY X 292 -14.65 50.67 -56.05
N PRO X 293 -14.78 49.36 -56.27
CA PRO X 293 -15.98 48.63 -55.79
C PRO X 293 -16.06 48.36 -54.27
N THR X 294 -14.95 48.45 -53.54
CA THR X 294 -14.90 48.24 -52.06
C THR X 294 -15.66 46.96 -51.65
N ARG X 295 -15.01 45.81 -51.80
CA ARG X 295 -15.60 44.54 -51.41
C ARG X 295 -15.70 44.51 -49.88
N VAL X 296 -16.90 44.23 -49.35
CA VAL X 296 -17.13 44.18 -47.91
C VAL X 296 -17.62 42.80 -47.48
N ILE X 297 -17.21 42.38 -46.28
CA ILE X 297 -17.64 41.09 -45.73
C ILE X 297 -19.15 41.16 -45.53
N ASP X 298 -19.88 40.26 -46.14
CA ASP X 298 -21.34 40.27 -45.91
C ASP X 298 -21.57 39.73 -44.51
N MET X 299 -22.65 40.15 -43.84
CA MET X 299 -22.92 39.66 -42.49
C MET X 299 -23.78 38.42 -42.48
N ASN X 300 -24.76 38.40 -43.35
CA ASN X 300 -25.47 37.16 -43.43
C ASN X 300 -24.48 36.23 -44.14
N ALA X 301 -24.63 34.90 -43.91
CA ALA X 301 -23.66 33.99 -44.47
C ALA X 301 -22.34 34.41 -43.85
N MET X 302 -22.26 34.27 -42.52
CA MET X 302 -21.05 34.65 -41.78
C MET X 302 -20.96 33.97 -40.39
N ILE X 303 -21.36 32.70 -40.24
CA ILE X 303 -21.30 31.91 -38.99
C ILE X 303 -20.70 32.68 -37.81
N ASP X 304 -21.54 33.14 -36.87
CA ASP X 304 -21.07 33.92 -35.73
C ASP X 304 -19.64 33.57 -35.34
N SER X 305 -18.69 34.35 -35.87
CA SER X 305 -17.27 34.12 -35.64
C SER X 305 -16.61 35.19 -34.81
N VAL X 306 -15.32 35.20 -34.96
CA VAL X 306 -14.47 36.20 -34.36
C VAL X 306 -13.63 36.78 -35.49
N LEU X 307 -14.21 37.76 -36.16
CA LEU X 307 -13.51 38.44 -37.25
C LEU X 307 -12.42 39.33 -36.67
N THR X 308 -11.19 39.14 -37.10
CA THR X 308 -10.12 39.98 -36.60
C THR X 308 -9.30 40.46 -37.78
N LEU X 309 -9.68 41.62 -38.30
CA LEU X 309 -8.99 42.22 -39.45
C LEU X 309 -7.70 42.90 -39.06
N ASP X 310 -6.59 42.30 -39.45
CA ASP X 310 -5.30 42.90 -39.16
C ASP X 310 -4.92 43.84 -40.29
N VAL X 311 -4.43 45.03 -39.93
CA VAL X 311 -4.03 46.02 -40.91
C VAL X 311 -2.59 46.40 -40.65
N SER X 312 -1.65 45.65 -41.22
CA SER X 312 -0.24 45.97 -40.98
C SER X 312 0.70 45.76 -42.17
N GLY X 313 1.69 46.64 -42.27
CA GLY X 313 2.64 46.55 -43.36
C GLY X 313 2.02 47.02 -44.66
N THR X 314 0.69 47.15 -44.63
CA THR X 314 -0.05 47.62 -45.79
C THR X 314 0.17 49.12 -45.92
N ILE X 315 0.21 49.63 -47.16
CA ILE X 315 0.44 51.04 -47.41
C ILE X 315 -0.58 51.92 -46.69
N LEU X 316 -0.17 53.16 -46.42
CA LEU X 316 -0.99 54.16 -45.73
C LEU X 316 -0.49 55.50 -46.27
N PRO X 317 -0.96 55.89 -47.46
CA PRO X 317 -0.60 57.13 -48.16
C PRO X 317 -1.09 58.47 -47.60
N TYR X 318 -0.92 58.69 -46.30
CA TYR X 318 -1.34 59.96 -45.70
C TYR X 318 -0.42 61.07 -46.20
N ASP X 319 0.64 60.67 -46.90
CA ASP X 319 1.63 61.58 -47.45
C ASP X 319 1.02 62.43 -48.57
N THR X 320 0.34 61.77 -49.50
CA THR X 320 -0.28 62.47 -50.61
C THR X 320 -1.60 63.10 -50.13
N ASN X 321 -2.71 62.38 -50.26
CA ASN X 321 -3.98 62.93 -49.79
C ASN X 321 -3.91 63.09 -48.28
N PRO X 322 -3.71 64.33 -47.81
CA PRO X 322 -3.60 64.63 -46.38
C PRO X 322 -4.92 64.27 -45.70
N ASP X 323 -5.94 64.10 -46.54
CA ASP X 323 -7.28 63.76 -46.12
C ASP X 323 -7.27 62.45 -45.34
N LEU X 324 -6.45 61.50 -45.81
CA LEU X 324 -6.35 60.19 -45.18
C LEU X 324 -5.83 60.28 -43.75
N SER X 325 -4.76 61.05 -43.53
CA SER X 325 -4.24 61.19 -42.18
C SER X 325 -5.33 61.81 -41.31
N THR X 326 -5.22 61.62 -40.00
CA THR X 326 -6.19 62.15 -39.05
C THR X 326 -7.38 61.20 -38.86
N SER X 327 -7.64 60.33 -39.84
CA SER X 327 -8.76 59.40 -39.75
C SER X 327 -8.41 58.08 -39.06
N VAL X 328 -9.09 57.80 -37.95
CA VAL X 328 -8.83 56.58 -37.22
C VAL X 328 -9.39 55.40 -37.99
N PRO X 329 -8.53 54.47 -38.43
CA PRO X 329 -8.98 53.28 -39.16
C PRO X 329 -9.87 52.46 -38.24
N ALA X 330 -10.95 51.88 -38.76
CA ALA X 330 -11.84 51.11 -37.90
C ALA X 330 -12.81 50.19 -38.64
N PHE X 331 -12.96 48.98 -38.11
CA PHE X 331 -13.88 48.02 -38.70
C PHE X 331 -15.30 48.49 -38.34
N VAL X 332 -16.14 48.68 -39.34
CA VAL X 332 -17.51 49.18 -39.13
C VAL X 332 -18.59 48.42 -39.91
N LEU X 333 -19.70 48.09 -39.23
CA LEU X 333 -20.81 47.40 -39.92
C LEU X 333 -21.59 48.47 -40.68
N ILE X 334 -22.30 48.07 -41.72
CA ILE X 334 -23.06 49.00 -42.53
C ILE X 334 -24.39 48.39 -42.95
N GLN X 335 -25.47 48.81 -42.31
CA GLN X 335 -26.79 48.29 -42.66
C GLN X 335 -27.34 49.15 -43.78
N THR X 336 -27.63 48.54 -44.92
CA THR X 336 -28.18 49.27 -46.07
C THR X 336 -29.65 48.89 -46.27
N SER X 337 -30.46 49.83 -46.76
CA SER X 337 -31.87 49.55 -47.02
C SER X 337 -31.98 48.62 -48.21
N VAL X 338 -31.80 49.18 -49.40
CA VAL X 338 -31.83 48.38 -50.61
C VAL X 338 -30.62 47.44 -50.53
N PRO X 339 -30.72 46.22 -51.08
CA PRO X 339 -29.62 45.24 -51.05
C PRO X 339 -28.36 45.86 -51.67
N ILE X 340 -27.19 45.53 -51.12
CA ILE X 340 -25.94 46.06 -51.68
C ILE X 340 -25.97 45.62 -53.15
N GLN X 341 -25.05 46.13 -53.97
CA GLN X 341 -25.04 45.75 -55.38
C GLN X 341 -26.36 46.24 -55.95
N GLN X 342 -26.82 47.36 -55.41
CA GLN X 342 -28.07 48.01 -55.80
C GLN X 342 -28.21 49.25 -54.92
N VAL X 343 -27.22 49.44 -54.05
CA VAL X 343 -27.16 50.59 -53.15
C VAL X 343 -26.36 51.69 -53.85
N THR X 344 -27.08 52.67 -54.40
CA THR X 344 -26.45 53.78 -55.13
C THR X 344 -25.86 54.91 -54.30
N THR X 345 -26.70 55.62 -53.55
CA THR X 345 -26.21 56.75 -52.77
C THR X 345 -26.58 56.82 -51.28
N ALA X 346 -25.74 57.53 -50.53
CA ALA X 346 -25.87 57.74 -49.09
C ALA X 346 -27.24 57.53 -48.45
N ALA X 347 -28.29 58.07 -49.05
CA ALA X 347 -29.65 57.92 -48.50
C ALA X 347 -30.08 56.46 -48.44
N ASN X 348 -29.34 55.60 -49.14
CA ASN X 348 -29.59 54.17 -49.22
C ASN X 348 -29.07 53.42 -47.98
N ILE X 349 -27.94 53.86 -47.45
CA ILE X 349 -27.31 53.27 -46.27
C ILE X 349 -28.07 53.58 -44.97
N THR X 350 -28.87 52.63 -44.49
CA THR X 350 -29.65 52.80 -43.25
C THR X 350 -28.80 53.44 -42.14
N ALA X 351 -27.87 52.68 -41.58
CA ALA X 351 -27.00 53.20 -40.52
C ALA X 351 -25.60 52.60 -40.60
N ILE X 352 -24.69 53.12 -39.79
CA ILE X 352 -23.31 52.62 -39.78
C ILE X 352 -22.76 52.59 -38.37
N THR X 353 -22.46 51.40 -37.87
CA THR X 353 -21.93 51.24 -36.53
C THR X 353 -20.43 50.95 -36.51
N VAL X 354 -19.69 51.71 -35.71
CA VAL X 354 -18.25 51.50 -35.59
C VAL X 354 -18.06 50.38 -34.57
N VAL X 355 -18.09 49.13 -35.04
CA VAL X 355 -17.96 47.98 -34.15
C VAL X 355 -16.59 47.87 -33.47
N SER X 356 -15.62 48.64 -33.93
CA SER X 356 -14.29 48.58 -33.33
C SER X 356 -13.32 49.56 -34.01
N ALA X 357 -13.17 50.74 -33.42
CA ALA X 357 -12.27 51.73 -34.00
C ALA X 357 -10.87 51.61 -33.42
N ALA X 358 -9.92 52.28 -34.05
CA ALA X 358 -8.54 52.28 -33.57
C ALA X 358 -8.24 53.64 -32.96
N GLY X 359 -7.99 53.68 -31.65
CA GLY X 359 -7.68 54.95 -31.03
C GLY X 359 -6.43 55.53 -31.67
N ALA X 360 -6.45 56.85 -31.94
CA ALA X 360 -5.34 57.58 -32.56
C ALA X 360 -5.39 57.52 -34.08
N SER X 361 -5.42 58.73 -34.67
CA SER X 361 -5.55 58.94 -36.13
C SER X 361 -4.47 58.23 -36.96
N ALA X 362 -4.56 58.36 -38.29
CA ALA X 362 -3.63 57.77 -39.25
C ALA X 362 -2.42 58.70 -39.51
N ILE X 363 -1.51 58.73 -38.51
CA ILE X 363 -0.26 59.52 -38.43
C ILE X 363 0.46 59.26 -37.05
N ASN X 364 0.27 58.02 -36.49
CA ASN X 364 0.80 57.45 -35.22
C ASN X 364 0.81 55.92 -35.36
N LEU X 365 -0.06 55.50 -36.29
CA LEU X 365 -0.23 54.12 -36.69
C LEU X 365 0.71 53.85 -37.86
N ALA X 366 1.23 54.94 -38.41
CA ALA X 366 2.16 54.88 -39.51
C ALA X 366 3.56 54.52 -39.01
N ILE X 367 4.50 54.43 -39.94
CA ILE X 367 5.89 54.10 -39.67
C ILE X 367 6.56 54.10 -41.04
N ASN X 368 7.47 55.04 -41.26
CA ASN X 368 8.13 55.15 -42.55
C ASN X 368 9.09 53.99 -42.85
N VAL X 369 8.88 53.25 -43.95
CA VAL X 369 9.74 52.12 -44.36
C VAL X 369 10.32 52.31 -45.77
N ARG X 370 10.85 53.49 -46.06
CA ARG X 370 11.41 53.88 -47.34
C ARG X 370 10.34 54.69 -48.13
N GLY X 371 10.06 55.92 -47.69
CA GLY X 371 9.06 56.75 -48.37
C GLY X 371 7.61 56.38 -47.99
N GLN X 372 7.16 55.24 -48.54
CA GLN X 372 5.83 54.58 -48.37
C GLN X 372 5.53 54.23 -46.92
N PRO X 373 4.91 55.11 -46.19
CA PRO X 373 4.60 54.83 -44.78
C PRO X 373 3.64 53.65 -44.63
N ARG X 374 4.02 52.64 -43.83
CA ARG X 374 3.19 51.46 -43.63
C ARG X 374 2.34 51.56 -42.38
N PHE X 375 1.59 50.49 -42.09
CA PHE X 375 0.75 50.45 -40.90
C PHE X 375 1.36 49.64 -39.79
N ASN X 376 1.59 50.27 -38.63
CA ASN X 376 2.12 49.57 -37.47
C ASN X 376 1.12 48.46 -37.18
N MET X 377 1.60 47.23 -37.30
CA MET X 377 0.78 46.04 -37.09
C MET X 377 -0.21 46.13 -35.92
N LEU X 378 -1.49 46.29 -36.22
CA LEU X 378 -2.53 46.39 -35.19
C LEU X 378 -3.78 45.62 -35.63
N HIS X 379 -4.53 45.04 -34.67
CA HIS X 379 -5.70 44.25 -35.05
C HIS X 379 -7.07 44.77 -34.62
N LEU X 380 -7.81 45.30 -35.58
CA LEU X 380 -9.14 45.74 -35.22
C LEU X 380 -9.96 44.43 -35.11
N GLN X 381 -11.17 44.43 -34.50
CA GLN X 381 -11.81 43.12 -34.41
C GLN X 381 -13.19 43.07 -33.76
N ALA X 382 -14.20 42.66 -34.55
CA ALA X 382 -15.56 42.50 -34.09
C ALA X 382 -15.75 41.08 -33.57
N THR X 383 -16.99 40.76 -33.21
CA THR X 383 -17.32 39.43 -32.73
C THR X 383 -18.73 39.18 -33.22
N PHE X 384 -18.88 39.18 -34.54
CA PHE X 384 -20.16 38.95 -35.17
C PHE X 384 -20.93 37.76 -34.58
N GLU X 385 -22.25 37.92 -34.42
CA GLU X 385 -23.09 36.86 -33.85
C GLU X 385 -24.37 36.64 -34.65
N ARG X 386 -24.48 35.47 -35.29
CA ARG X 386 -25.66 35.09 -36.09
C ARG X 386 -26.89 35.98 -35.92
N GLU X 387 -27.46 36.00 -34.71
CA GLU X 387 -28.71 36.71 -34.38
C GLU X 387 -28.59 38.23 -34.10
N THR X 388 -27.41 38.76 -33.76
CA THR X 388 -27.37 40.22 -33.55
C THR X 388 -27.80 40.93 -34.88
N ILE X 389 -27.77 40.16 -36.00
CA ILE X 389 -28.24 40.60 -37.33
C ILE X 389 -29.59 39.92 -37.69
N THR X 390 -30.51 39.68 -36.71
CA THR X 390 -31.84 39.04 -37.02
C THR X 390 -32.70 40.01 -37.82
N GLY X 391 -33.51 39.54 -38.79
CA GLY X 391 -34.39 40.44 -39.57
C GLY X 391 -33.63 41.22 -40.62
N ILE X 392 -32.76 42.09 -40.15
CA ILE X 392 -31.86 42.93 -40.96
C ILE X 392 -31.39 42.22 -42.24
N PRO X 393 -32.17 42.34 -43.35
CA PRO X 393 -31.86 41.71 -44.64
C PRO X 393 -30.49 42.07 -45.18
N TYR X 394 -30.08 43.33 -45.04
CA TYR X 394 -28.79 43.75 -45.55
C TYR X 394 -27.90 44.45 -44.55
N ILE X 395 -26.70 43.92 -44.38
CA ILE X 395 -25.74 44.46 -43.45
C ILE X 395 -24.38 43.88 -43.85
N TYR X 396 -23.34 44.72 -43.81
CA TYR X 396 -22.02 44.28 -44.23
C TYR X 396 -20.93 44.77 -43.29
N GLY X 397 -19.93 43.91 -43.07
CA GLY X 397 -18.83 44.27 -42.25
C GLY X 397 -17.84 44.90 -43.20
N LEU X 398 -17.29 46.06 -42.84
CA LEU X 398 -16.34 46.75 -43.71
C LEU X 398 -15.22 47.32 -42.85
N GLY X 399 -13.98 46.96 -43.15
CA GLY X 399 -12.86 47.50 -42.39
C GLY X 399 -12.37 48.73 -43.15
N THR X 400 -13.08 49.84 -43.00
CA THR X 400 -12.74 51.07 -43.73
C THR X 400 -11.84 52.06 -42.96
N PHE X 401 -12.02 53.35 -43.22
CA PHE X 401 -11.11 54.29 -42.57
C PHE X 401 -11.71 55.30 -41.59
N LEU X 402 -12.92 55.78 -41.83
CA LEU X 402 -13.56 56.81 -40.96
C LEU X 402 -12.77 58.12 -41.01
N ILE X 403 -12.87 58.81 -42.15
CA ILE X 403 -12.20 60.08 -42.34
C ILE X 403 -12.89 61.19 -41.59
N PRO X 404 -12.13 62.01 -40.83
CA PRO X 404 -12.72 63.09 -40.05
C PRO X 404 -13.13 64.29 -40.90
N SER X 405 -12.86 64.24 -42.19
CA SER X 405 -13.20 65.33 -43.09
C SER X 405 -12.88 65.04 -44.56
N PRO X 406 -13.84 64.47 -45.30
CA PRO X 406 -13.63 64.15 -46.72
C PRO X 406 -13.21 65.36 -47.57
N THR X 407 -12.27 65.15 -48.49
CA THR X 407 -11.76 66.22 -49.35
C THR X 407 -11.55 65.76 -50.79
N SER X 408 -11.15 66.70 -51.65
CA SER X 408 -10.89 66.42 -53.06
C SER X 408 -9.74 65.45 -53.22
N SER X 409 -8.78 65.51 -52.28
CA SER X 409 -7.60 64.64 -52.31
C SER X 409 -8.02 63.17 -52.23
N SER X 410 -8.97 62.86 -51.36
CA SER X 410 -9.47 61.49 -51.21
C SER X 410 -10.67 61.31 -52.13
N ASN X 411 -10.47 61.56 -53.41
CA ASN X 411 -11.54 61.41 -54.39
C ASN X 411 -11.28 60.23 -55.29
N PHE X 412 -10.09 59.65 -55.13
CA PHE X 412 -9.70 58.49 -55.92
C PHE X 412 -8.94 57.51 -55.02
N SER X 413 -9.00 57.74 -53.71
CA SER X 413 -8.31 56.90 -52.74
C SER X 413 -9.05 55.62 -52.37
N ASN X 414 -10.26 55.76 -51.81
CA ASN X 414 -11.02 54.57 -51.41
C ASN X 414 -10.29 53.89 -50.26
N PRO X 415 -10.63 54.34 -49.03
CA PRO X 415 -10.02 53.90 -47.74
C PRO X 415 -10.35 52.51 -47.21
N THR X 416 -10.67 51.55 -48.07
CA THR X 416 -10.96 50.20 -47.56
C THR X 416 -9.70 49.58 -46.99
N LEU X 417 -9.67 49.31 -45.68
CA LEU X 417 -8.48 48.70 -45.08
C LEU X 417 -8.53 47.19 -45.22
N MET X 418 -9.46 46.71 -46.04
CA MET X 418 -9.62 45.28 -46.28
C MET X 418 -8.44 44.62 -46.97
N ASP X 419 -7.56 45.41 -47.58
CA ASP X 419 -6.38 44.85 -48.22
C ASP X 419 -5.53 44.16 -47.14
N GLY X 420 -5.89 44.38 -45.87
CA GLY X 420 -5.17 43.77 -44.76
C GLY X 420 -5.54 42.31 -44.61
N LEU X 421 -4.72 41.55 -43.87
CA LEU X 421 -4.95 40.11 -43.67
C LEU X 421 -5.97 39.79 -42.57
N LEU X 422 -7.23 39.71 -42.96
CA LEU X 422 -8.34 39.42 -42.06
C LEU X 422 -8.35 37.94 -41.65
N THR X 423 -8.63 37.66 -40.38
CA THR X 423 -8.65 36.27 -39.92
C THR X 423 -9.92 35.89 -39.15
N VAL X 424 -10.89 35.33 -39.87
CA VAL X 424 -12.15 34.88 -39.27
C VAL X 424 -11.92 33.54 -38.58
N THR X 425 -12.49 33.39 -37.39
CA THR X 425 -12.38 32.17 -36.61
C THR X 425 -13.74 31.75 -36.11
N PRO X 426 -14.37 30.75 -36.78
CA PRO X 426 -15.71 30.28 -36.41
C PRO X 426 -15.79 29.99 -34.92
N VAL X 427 -16.62 30.74 -34.20
CA VAL X 427 -16.73 30.53 -32.77
C VAL X 427 -18.05 29.87 -32.42
N LEU X 428 -18.22 28.65 -32.88
CA LEU X 428 -19.47 27.91 -32.71
C LEU X 428 -19.49 26.86 -33.81
N LEU X 429 -18.65 25.84 -33.66
CA LEU X 429 -18.50 24.74 -34.64
C LEU X 429 -19.78 24.10 -35.21
N ARG X 430 -20.75 23.80 -34.36
CA ARG X 430 -21.96 23.15 -34.82
C ARG X 430 -22.51 23.66 -36.17
N GLU X 431 -22.46 24.98 -36.40
CA GLU X 431 -22.96 25.57 -37.66
C GLU X 431 -21.94 25.85 -38.74
N THR X 432 -22.16 25.27 -39.92
CA THR X 432 -21.27 25.46 -41.06
C THR X 432 -21.90 26.45 -42.05
N THR X 433 -21.23 26.69 -43.17
CA THR X 433 -21.74 27.60 -44.20
C THR X 433 -21.51 27.05 -45.60
N TYR X 434 -22.51 27.14 -46.47
CA TYR X 434 -22.31 26.66 -47.83
C TYR X 434 -23.03 27.45 -48.92
N LYS X 435 -22.23 27.91 -49.89
CA LYS X 435 -22.73 28.69 -51.02
C LYS X 435 -23.42 29.96 -50.55
N GLY X 436 -23.11 30.40 -49.33
CA GLY X 436 -23.71 31.60 -48.81
C GLY X 436 -24.75 31.39 -47.72
N GLU X 437 -25.14 30.14 -47.46
CA GLU X 437 -26.13 29.87 -46.42
C GLU X 437 -25.52 29.15 -45.23
N VAL X 438 -26.12 29.35 -44.06
CA VAL X 438 -25.64 28.70 -42.84
C VAL X 438 -26.46 27.43 -42.63
N VAL X 439 -25.77 26.32 -42.43
CA VAL X 439 -26.44 25.04 -42.24
C VAL X 439 -25.89 24.24 -41.06
N ASP X 440 -26.46 23.06 -40.84
CA ASP X 440 -26.03 22.20 -39.76
C ASP X 440 -25.52 20.87 -40.30
N ALA X 441 -25.70 20.69 -41.61
CA ALA X 441 -25.25 19.46 -42.27
C ALA X 441 -24.78 19.73 -43.70
N ILE X 442 -23.77 18.98 -44.12
CA ILE X 442 -23.22 19.09 -45.46
C ILE X 442 -23.73 17.94 -46.30
N VAL X 443 -23.47 17.95 -47.61
CA VAL X 443 -23.85 16.85 -48.47
C VAL X 443 -22.65 16.44 -49.31
N PRO X 444 -21.48 16.25 -48.67
CA PRO X 444 -20.20 15.90 -49.30
C PRO X 444 -20.18 15.88 -50.83
N ALA X 445 -20.73 14.82 -51.44
CA ALA X 445 -20.76 14.68 -52.90
C ALA X 445 -21.10 15.99 -53.62
N THR X 446 -21.90 16.84 -53.00
CA THR X 446 -22.28 18.12 -53.58
C THR X 446 -21.08 19.06 -53.73
N VAL X 447 -20.25 19.09 -52.70
CA VAL X 447 -19.07 19.96 -52.73
C VAL X 447 -17.93 19.46 -53.65
N MET X 448 -18.06 18.28 -54.24
CA MET X 448 -16.98 17.81 -55.14
C MET X 448 -17.17 18.50 -56.49
N ALA X 449 -16.05 18.84 -57.14
CA ALA X 449 -16.05 19.52 -58.46
C ALA X 449 -17.22 20.48 -58.57
N ASN X 450 -17.33 21.36 -57.59
CA ASN X 450 -18.43 22.30 -57.55
C ASN X 450 -17.90 23.68 -57.22
N GLN X 451 -16.65 23.71 -56.75
CA GLN X 451 -15.97 24.97 -56.46
C GLN X 451 -15.12 25.26 -57.69
N THR X 452 -14.62 26.47 -57.82
CA THR X 452 -13.76 26.79 -58.96
C THR X 452 -12.33 26.89 -58.39
N SER X 453 -11.36 27.10 -59.30
CA SER X 453 -9.97 27.21 -58.89
C SER X 453 -9.85 27.88 -57.51
N GLU X 454 -10.43 29.11 -57.44
CA GLU X 454 -10.35 29.95 -56.26
C GLU X 454 -11.62 30.00 -55.38
N GLU X 455 -12.70 29.32 -55.80
CA GLU X 455 -13.93 29.23 -55.00
C GLU X 455 -13.64 28.25 -53.82
N VAL X 456 -12.36 27.82 -53.78
CA VAL X 456 -11.76 26.91 -52.77
C VAL X 456 -10.80 27.66 -51.87
N ALA X 457 -9.78 28.27 -52.46
CA ALA X 457 -8.81 29.05 -51.68
C ALA X 457 -9.48 30.26 -51.00
N SER X 458 -10.68 30.60 -51.49
CA SER X 458 -11.43 31.73 -50.95
C SER X 458 -12.51 31.24 -49.97
N ALA X 459 -12.46 29.96 -49.63
CA ALA X 459 -13.44 29.36 -48.71
C ALA X 459 -13.39 30.09 -47.38
N LEU X 460 -14.49 30.04 -46.64
CA LEU X 460 -14.60 30.69 -45.34
C LEU X 460 -14.43 29.73 -44.15
N ALA X 461 -13.35 29.92 -43.38
CA ALA X 461 -12.99 29.11 -42.20
C ALA X 461 -14.17 28.37 -41.58
N ASN X 462 -14.15 27.05 -41.77
CA ASN X 462 -15.20 26.15 -41.30
C ASN X 462 -16.50 26.32 -42.08
N ASP X 463 -16.39 26.07 -43.38
CA ASP X 463 -17.53 26.05 -44.27
C ASP X 463 -17.48 24.73 -45.04
N ALA X 464 -18.59 24.27 -45.55
CA ALA X 464 -18.51 22.98 -46.22
C ALA X 464 -17.18 22.76 -46.94
N ILE X 465 -16.87 23.60 -47.92
CA ILE X 465 -15.62 23.47 -48.66
C ILE X 465 -14.41 23.20 -47.74
N VAL X 466 -14.24 24.03 -46.71
CA VAL X 466 -13.11 23.87 -45.79
C VAL X 466 -13.24 22.61 -44.96
N LEU X 467 -14.46 22.08 -44.85
CA LEU X 467 -14.68 20.84 -44.11
C LEU X 467 -14.45 19.63 -45.03
N VAL X 468 -14.97 19.71 -46.29
CA VAL X 468 -14.83 18.68 -47.34
C VAL X 468 -13.44 18.71 -47.97
N SER X 469 -12.57 19.48 -47.32
CA SER X 469 -11.15 19.61 -47.67
C SER X 469 -10.30 19.01 -46.55
N ASN X 470 -10.74 19.21 -45.28
CA ASN X 470 -10.08 18.73 -44.01
C ASN X 470 -10.25 17.25 -43.86
N HIS X 471 -11.31 16.80 -44.51
CA HIS X 471 -11.68 15.40 -44.58
C HIS X 471 -10.83 14.69 -45.62
N LEU X 472 -10.90 15.14 -46.88
CA LEU X 472 -10.10 14.51 -47.93
C LEU X 472 -8.65 14.48 -47.48
N ASN X 473 -8.23 15.51 -46.79
CA ASN X 473 -6.85 15.61 -46.31
C ASN X 473 -6.42 14.47 -45.40
N LYS X 474 -7.34 13.91 -44.61
CA LYS X 474 -7.01 12.78 -43.76
C LYS X 474 -6.86 11.59 -44.68
N LEU X 475 -7.89 11.36 -45.49
CA LEU X 475 -7.89 10.25 -46.41
C LEU X 475 -6.71 10.36 -47.36
N ALA X 476 -6.27 11.59 -47.60
CA ALA X 476 -5.13 11.77 -48.43
C ALA X 476 -3.84 11.27 -47.73
N ASN X 477 -3.81 11.25 -46.37
CA ASN X 477 -2.57 10.84 -45.66
C ASN X 477 -2.60 9.38 -45.33
N VAL X 478 -3.77 8.81 -45.43
CA VAL X 478 -3.86 7.39 -45.21
C VAL X 478 -3.31 6.75 -46.47
N VAL X 479 -3.73 7.20 -47.65
CA VAL X 479 -3.16 6.60 -48.88
C VAL X 479 -1.68 6.97 -48.98
N GLY X 480 -1.39 8.26 -48.92
CA GLY X 480 -0.01 8.72 -49.00
C GLY X 480 0.90 7.88 -48.12
N ASP X 481 0.42 7.59 -46.90
CA ASP X 481 1.15 6.80 -45.90
C ASP X 481 1.18 5.29 -46.18
N ALA X 482 0.09 4.62 -45.89
CA ALA X 482 -0.01 3.16 -46.08
C ALA X 482 0.14 2.65 -47.52
N ILE X 483 -0.80 3.03 -48.38
CA ILE X 483 -0.77 2.60 -49.78
C ILE X 483 0.41 3.19 -50.58
N PRO X 484 0.94 2.43 -51.56
CA PRO X 484 2.08 2.92 -52.37
C PRO X 484 1.69 3.70 -53.63
N VAL X 485 0.92 4.77 -53.46
CA VAL X 485 0.48 5.56 -54.61
C VAL X 485 1.61 6.42 -55.20
N ALA X 486 2.87 6.05 -54.91
CA ALA X 486 4.00 6.79 -55.43
C ALA X 486 5.12 5.95 -56.03
N SER X 487 4.71 4.95 -56.81
CA SER X 487 5.63 4.07 -57.52
C SER X 487 4.87 3.35 -58.66
N ARG X 488 5.53 2.72 -59.64
CA ARG X 488 4.77 2.08 -60.74
C ARG X 488 4.08 0.78 -60.33
N THR X 489 3.65 0.69 -59.05
CA THR X 489 3.04 -0.55 -58.58
C THR X 489 1.52 -0.68 -58.71
N ASP X 490 0.91 0.09 -59.60
CA ASP X 490 -0.56 0.02 -59.80
C ASP X 490 -1.32 -0.48 -58.57
N ASP X 491 -1.05 0.18 -57.45
CA ASP X 491 -1.62 -0.09 -56.13
C ASP X 491 -3.13 -0.18 -56.04
N SER X 492 -3.62 -0.63 -54.89
CA SER X 492 -5.05 -0.77 -54.64
C SER X 492 -5.84 0.52 -54.87
N ALA X 493 -5.20 1.66 -54.60
CA ALA X 493 -5.84 2.97 -54.77
C ALA X 493 -6.05 3.27 -56.24
N THR X 494 -4.97 3.41 -57.00
CA THR X 494 -5.05 3.71 -58.44
C THR X 494 -5.73 2.57 -59.17
N SER X 495 -6.00 1.47 -58.47
CA SER X 495 -6.65 0.32 -59.08
C SER X 495 -8.15 0.42 -58.97
N ALA X 496 -8.63 0.94 -57.84
CA ALA X 496 -10.05 1.12 -57.62
C ALA X 496 -10.56 2.08 -58.68
N ILE X 497 -9.78 3.12 -58.97
CA ILE X 497 -10.15 4.11 -59.96
C ILE X 497 -10.15 3.53 -61.38
N VAL X 498 -9.13 2.75 -61.74
CA VAL X 498 -9.05 2.15 -63.06
C VAL X 498 -10.31 1.35 -63.40
N SER X 499 -10.83 0.62 -62.42
CA SER X 499 -12.04 -0.16 -62.67
C SER X 499 -13.22 0.75 -62.95
N ARG X 500 -13.22 1.96 -62.39
CA ARG X 500 -14.32 2.88 -62.66
C ARG X 500 -14.17 3.41 -64.09
N LEU X 501 -12.97 3.87 -64.45
CA LEU X 501 -12.75 4.38 -65.80
C LEU X 501 -13.14 3.39 -66.87
N ALA X 502 -12.82 2.12 -66.65
CA ALA X 502 -13.19 1.08 -67.61
C ALA X 502 -14.73 1.03 -67.71
N VAL X 503 -15.40 0.59 -66.65
CA VAL X 503 -16.87 0.51 -66.59
C VAL X 503 -17.51 1.77 -67.13
N GLN X 504 -16.80 2.89 -67.03
CA GLN X 504 -17.33 4.15 -67.50
C GLN X 504 -17.10 4.28 -69.01
N HIS X 505 -15.84 4.26 -69.43
CA HIS X 505 -15.50 4.36 -70.84
C HIS X 505 -16.09 3.20 -71.65
N LYS X 506 -16.47 2.13 -70.97
CA LYS X 506 -17.00 0.97 -71.68
C LYS X 506 -18.44 1.16 -72.09
N LEU X 507 -19.25 1.81 -71.25
CA LEU X 507 -20.65 2.01 -71.61
C LEU X 507 -20.80 3.21 -72.52
N SER X 508 -19.84 4.13 -72.47
CA SER X 508 -19.91 5.31 -73.34
C SER X 508 -19.60 4.85 -74.76
N GLN X 509 -19.09 3.64 -74.88
CA GLN X 509 -18.75 3.06 -76.17
C GLN X 509 -19.92 2.21 -76.69
N VAL X 510 -20.77 1.76 -75.77
CA VAL X 510 -21.95 0.96 -76.12
C VAL X 510 -22.87 1.82 -77.00
N GLY X 511 -23.54 1.19 -77.96
CA GLY X 511 -24.41 1.89 -78.94
C GLY X 511 -23.49 2.75 -79.83
N GLN X 512 -23.51 2.61 -81.18
CA GLN X 512 -22.63 3.29 -82.17
C GLN X 512 -21.46 2.32 -82.44
N ALA X 513 -20.95 2.30 -83.69
CA ALA X 513 -19.86 1.46 -84.27
C ALA X 513 -18.82 0.84 -83.32
N SER X 514 -18.79 1.27 -82.06
CA SER X 514 -17.82 0.78 -81.06
C SER X 514 -16.45 0.59 -81.72
N PRO X 515 -16.03 1.56 -82.54
CA PRO X 515 -14.74 1.46 -83.26
C PRO X 515 -13.52 1.46 -82.34
N THR X 516 -13.72 1.75 -81.05
CA THR X 516 -12.59 1.80 -80.12
C THR X 516 -12.68 0.82 -78.96
N PRO X 517 -12.02 -0.33 -79.06
CA PRO X 517 -12.01 -1.24 -77.95
C PRO X 517 -11.25 -0.60 -76.79
N PRO X 518 -11.81 -0.54 -75.60
CA PRO X 518 -11.12 0.07 -74.46
C PRO X 518 -9.62 -0.20 -74.46
N ASP X 519 -8.85 0.79 -73.99
CA ASP X 519 -7.40 0.71 -73.99
C ASP X 519 -6.80 -0.17 -72.86
N TYR X 520 -6.75 0.36 -71.64
CA TYR X 520 -6.23 -0.36 -70.44
C TYR X 520 -4.80 -0.03 -70.08
N PRO X 521 -3.84 -0.27 -70.97
CA PRO X 521 -2.49 0.15 -70.60
C PRO X 521 -2.53 1.67 -70.34
N LEU X 522 -3.36 2.40 -71.17
CA LEU X 522 -3.60 3.89 -71.13
C LEU X 522 -4.57 4.28 -70.00
N LEU X 523 -5.47 3.37 -69.68
CA LEU X 523 -6.41 3.56 -68.58
C LEU X 523 -5.75 3.36 -67.24
N TRP X 524 -4.91 2.32 -67.15
CA TRP X 524 -4.19 2.08 -65.92
C TRP X 524 -3.36 3.29 -65.59
N ARG X 525 -2.61 3.77 -66.61
CA ARG X 525 -1.75 4.93 -66.48
C ARG X 525 -2.53 6.23 -66.23
N ARG X 526 -3.72 6.35 -66.80
CA ARG X 526 -4.49 7.57 -66.57
C ARG X 526 -5.03 7.61 -65.16
N ALA X 527 -5.47 6.45 -64.66
CA ALA X 527 -6.02 6.37 -63.31
C ALA X 527 -4.90 6.42 -62.26
N LYS X 528 -3.68 6.07 -62.68
CA LYS X 528 -2.55 6.10 -61.75
C LYS X 528 -2.24 7.53 -61.38
N ARG X 529 -2.28 8.43 -62.37
CA ARG X 529 -2.00 9.84 -62.10
C ARG X 529 -3.22 10.49 -61.46
N ALA X 530 -4.39 9.89 -61.66
CA ALA X 530 -5.61 10.42 -61.05
C ALA X 530 -5.50 10.16 -59.55
N ALA X 531 -5.23 8.91 -59.16
CA ALA X 531 -5.10 8.57 -57.73
C ALA X 531 -3.88 9.30 -57.16
N SER X 532 -2.87 9.44 -58.00
CA SER X 532 -1.66 10.14 -57.58
C SER X 532 -1.91 11.62 -57.41
N MET X 533 -2.60 12.24 -58.36
CA MET X 533 -2.89 13.67 -58.26
C MET X 533 -3.72 13.96 -57.01
N PHE X 534 -4.48 12.96 -56.57
CA PHE X 534 -5.27 13.13 -55.37
C PHE X 534 -4.37 13.15 -54.13
N VAL X 535 -3.64 12.06 -53.89
CA VAL X 535 -2.72 12.02 -52.75
C VAL X 535 -1.93 13.28 -52.70
N SER X 536 -1.53 13.74 -53.88
CA SER X 536 -0.72 14.96 -54.01
C SER X 536 -1.39 16.17 -53.40
N ASN X 537 -2.44 16.66 -54.05
CA ASN X 537 -3.16 17.81 -53.59
C ASN X 537 -4.63 17.45 -53.38
N PRO X 538 -4.95 16.82 -52.22
CA PRO X 538 -6.30 16.38 -51.88
C PRO X 538 -7.40 17.37 -52.32
N SER X 539 -7.13 18.66 -52.14
CA SER X 539 -8.07 19.72 -52.50
C SER X 539 -8.69 19.60 -53.89
N LEU X 540 -7.84 19.60 -54.94
CA LEU X 540 -8.28 19.52 -56.32
C LEU X 540 -9.64 18.86 -56.57
N ALA X 541 -9.89 17.72 -55.93
CA ALA X 541 -11.15 17.01 -56.08
C ALA X 541 -12.41 17.84 -55.78
N LEU X 542 -12.23 19.15 -55.57
CA LEU X 542 -13.37 20.06 -55.31
C LEU X 542 -13.57 20.99 -56.49
N GLN X 543 -12.49 21.19 -57.26
CA GLN X 543 -12.50 22.10 -58.39
C GLN X 543 -13.07 21.56 -59.68
N VAL X 544 -14.01 22.32 -60.25
CA VAL X 544 -14.65 21.95 -61.50
C VAL X 544 -13.62 21.96 -62.61
N GLY X 545 -13.46 20.83 -63.29
CA GLY X 545 -12.52 20.74 -64.41
C GLY X 545 -11.27 19.93 -64.12
N ILE X 546 -11.38 18.94 -63.24
CA ILE X 546 -10.22 18.09 -62.96
C ILE X 546 -10.46 16.68 -63.49
N PRO X 547 -9.61 16.25 -64.45
CA PRO X 547 -9.68 14.95 -65.15
C PRO X 547 -9.83 13.73 -64.22
N VAL X 548 -10.85 12.92 -64.47
CA VAL X 548 -11.13 11.72 -63.66
C VAL X 548 -11.62 12.11 -62.28
N LEU X 549 -10.67 12.38 -61.38
CA LEU X 549 -10.95 12.75 -60.01
C LEU X 549 -12.34 13.34 -59.71
N THR X 550 -12.87 14.23 -60.60
CA THR X 550 -14.15 14.87 -60.29
C THR X 550 -15.40 14.17 -60.80
N GLN X 551 -15.31 12.94 -61.32
CA GLN X 551 -16.53 12.26 -61.75
C GLN X 551 -17.09 11.65 -60.47
N SER X 552 -18.41 11.59 -60.35
CA SER X 552 -19.05 11.07 -59.14
C SER X 552 -18.53 9.72 -58.61
N GLY X 553 -18.17 8.80 -59.49
CA GLY X 553 -17.67 7.50 -59.06
C GLY X 553 -16.47 7.61 -58.12
N MET X 554 -15.32 7.95 -58.69
CA MET X 554 -14.06 8.12 -57.94
C MET X 554 -14.26 8.73 -56.56
N LEU X 555 -13.28 8.47 -55.68
CA LEU X 555 -13.32 8.96 -54.28
C LEU X 555 -14.26 8.09 -53.50
N SER X 556 -15.54 8.16 -53.84
CA SER X 556 -16.47 7.28 -53.19
C SER X 556 -15.95 5.90 -53.43
N ALA X 557 -15.36 5.75 -54.62
CA ALA X 557 -14.71 4.54 -55.07
C ALA X 557 -13.36 4.41 -54.39
N LEU X 558 -12.44 5.32 -54.71
CA LEU X 558 -11.11 5.31 -54.11
C LEU X 558 -11.13 4.87 -52.65
N THR X 559 -11.68 5.75 -51.78
CA THR X 559 -11.68 5.43 -50.35
C THR X 559 -12.06 3.98 -50.12
N SER X 560 -13.28 3.55 -50.43
CA SER X 560 -13.70 2.15 -50.18
C SER X 560 -12.71 1.08 -50.70
N GLY X 561 -11.80 1.49 -51.57
CA GLY X 561 -10.76 0.59 -52.04
C GLY X 561 -9.69 0.65 -50.99
N VAL X 562 -9.03 1.81 -50.94
CA VAL X 562 -7.99 2.09 -49.95
C VAL X 562 -8.41 1.47 -48.61
N GLY X 563 -9.71 1.48 -48.37
CA GLY X 563 -10.28 0.92 -47.17
C GLY X 563 -9.86 -0.52 -47.08
N THR X 564 -10.50 -1.38 -47.85
CA THR X 564 -10.16 -2.81 -47.80
C THR X 564 -8.67 -3.05 -48.02
N ALA X 565 -8.02 -2.15 -48.77
CA ALA X 565 -6.58 -2.30 -49.02
C ALA X 565 -5.77 -2.32 -47.72
N LEU X 566 -6.13 -1.46 -46.78
CA LEU X 566 -5.41 -1.41 -45.51
C LEU X 566 -5.76 -2.62 -44.68
N ARG X 567 -6.99 -3.11 -44.79
CA ARG X 567 -7.37 -4.25 -44.00
C ARG X 567 -6.92 -5.56 -44.61
N THR X 568 -5.65 -5.58 -45.09
CA THR X 568 -5.09 -6.82 -45.69
C THR X 568 -3.59 -6.70 -45.97
N GLY X 569 -3.04 -5.49 -45.80
CA GLY X 569 -1.62 -5.23 -46.05
C GLY X 569 -0.69 -6.41 -45.75
N SER X 570 -1.08 -7.33 -44.85
CA SER X 570 -0.37 -8.54 -44.35
C SER X 570 0.50 -8.16 -43.13
N LEU X 571 1.81 -7.90 -43.30
CA LEU X 571 2.73 -7.42 -42.26
C LEU X 571 3.96 -6.98 -43.06
N GLY X 572 4.31 -7.77 -44.08
CA GLY X 572 5.46 -7.53 -44.92
C GLY X 572 5.18 -6.63 -46.11
N LYS X 573 4.41 -5.56 -45.87
CA LYS X 573 4.08 -4.58 -46.91
C LYS X 573 5.35 -3.81 -47.30
N GLY X 574 6.25 -3.86 -46.34
CA GLY X 574 7.52 -3.21 -46.49
C GLY X 574 8.36 -3.87 -47.56
N VAL X 575 7.87 -4.93 -48.20
CA VAL X 575 8.66 -5.60 -49.23
C VAL X 575 8.83 -4.65 -50.42
N THR X 576 8.03 -3.58 -50.45
CA THR X 576 8.12 -2.60 -51.53
C THR X 576 9.45 -1.86 -51.48
N ASP X 577 10.23 -1.95 -52.54
CA ASP X 577 11.53 -1.28 -52.60
C ASP X 577 12.35 -1.66 -51.38
N ALA X 578 12.16 -2.88 -50.89
CA ALA X 578 12.88 -3.38 -49.72
C ALA X 578 14.26 -3.83 -50.19
N SER X 579 14.53 -3.57 -51.47
CA SER X 579 15.81 -3.92 -52.06
C SER X 579 16.79 -2.76 -51.90
N GLU X 580 16.42 -1.59 -52.42
CA GLU X 580 17.27 -0.39 -52.34
C GLU X 580 17.29 0.08 -50.89
N LYS X 581 16.18 -0.18 -50.20
CA LYS X 581 16.05 0.18 -48.79
C LYS X 581 17.09 -0.64 -48.05
N LEU X 582 17.22 -1.91 -48.43
CA LEU X 582 18.18 -2.81 -47.80
C LEU X 582 19.57 -2.35 -48.14
N ARG X 583 19.82 -2.18 -49.44
CA ARG X 583 21.12 -1.77 -49.94
C ARG X 583 21.57 -0.44 -49.31
N ALA X 584 20.60 0.38 -48.89
CA ALA X 584 20.92 1.67 -48.25
C ALA X 584 21.32 1.44 -46.79
N ARG X 585 20.70 0.44 -46.14
CA ARG X 585 21.03 0.12 -44.78
C ARG X 585 22.43 -0.48 -44.68
N GLN X 586 22.81 -1.29 -45.67
CA GLN X 586 24.16 -1.86 -45.67
C GLN X 586 25.12 -0.72 -45.89
N SER X 587 24.67 0.28 -46.64
CA SER X 587 25.50 1.44 -46.92
C SER X 587 25.84 2.15 -45.64
N LEU X 588 24.89 2.21 -44.73
CA LEU X 588 25.09 2.90 -43.45
C LEU X 588 25.97 2.11 -42.50
N THR X 589 25.71 0.80 -42.44
CA THR X 589 26.52 -0.06 -41.56
C THR X 589 27.99 -0.08 -42.03
N VAL X 590 28.21 0.12 -43.33
CA VAL X 590 29.58 0.14 -43.83
C VAL X 590 30.26 1.42 -43.37
N ALA X 591 29.50 2.51 -43.30
CA ALA X 591 30.05 3.78 -42.86
C ALA X 591 30.18 3.79 -41.34
N LYS X 592 29.25 3.13 -40.63
CA LYS X 592 29.32 3.08 -39.18
C LYS X 592 30.44 2.13 -38.74
N GLN X 593 30.75 1.13 -39.58
CA GLN X 593 31.82 0.22 -39.24
C GLN X 593 33.09 1.05 -39.32
N ALA X 594 33.10 1.98 -40.26
CA ALA X 594 34.22 2.89 -40.48
C ALA X 594 34.47 3.74 -39.23
N PHE X 595 33.38 4.11 -38.55
CA PHE X 595 33.49 4.88 -37.30
C PHE X 595 34.17 4.01 -36.24
N PHE X 596 33.56 2.86 -35.91
CA PHE X 596 34.13 1.95 -34.92
C PHE X 596 35.62 1.69 -35.17
N ASP X 597 36.03 1.75 -36.43
CA ASP X 597 37.44 1.53 -36.77
C ASP X 597 38.34 2.62 -36.21
N GLN X 598 37.83 3.86 -36.10
CA GLN X 598 38.63 4.93 -35.53
C GLN X 598 38.59 4.86 -34.02
N ILE X 599 37.40 4.62 -33.47
CA ILE X 599 37.30 4.46 -32.02
C ILE X 599 38.32 3.42 -31.62
N GLY X 600 38.49 2.47 -32.50
CA GLY X 600 39.42 1.37 -32.34
C GLY X 600 40.88 1.73 -32.48
N SER X 601 41.21 2.80 -33.19
CA SER X 601 42.61 3.16 -33.33
C SER X 601 42.99 4.30 -32.38
N LEU X 602 42.38 5.47 -32.56
CA LEU X 602 42.67 6.64 -31.73
C LEU X 602 42.83 6.28 -30.26
N TRP X 603 41.80 5.64 -29.69
CA TRP X 603 41.90 5.18 -28.31
C TRP X 603 42.22 3.68 -28.32
N PRO X 604 43.51 3.36 -28.45
CA PRO X 604 43.94 1.97 -28.47
C PRO X 604 43.77 1.32 -27.08
N GLY Y 2 65.06 -1.02 4.10
CA GLY Y 2 64.10 -2.01 3.71
C GLY Y 2 64.70 -3.41 3.74
N ASN Y 3 65.92 -3.49 4.23
CA ASN Y 3 66.59 -4.76 4.28
C ASN Y 3 65.71 -5.82 4.90
N VAL Y 4 65.73 -6.94 4.24
CA VAL Y 4 65.00 -8.06 4.71
C VAL Y 4 65.27 -8.27 6.20
N GLN Y 5 64.17 -8.58 6.89
CA GLN Y 5 64.12 -8.93 8.31
C GLN Y 5 63.90 -10.45 8.33
N THR Y 6 62.62 -10.88 8.35
CA THR Y 6 62.16 -12.29 8.22
C THR Y 6 61.13 -12.79 9.23
N SER Y 7 61.21 -12.52 10.51
CA SER Y 7 60.15 -13.10 11.32
C SER Y 7 59.65 -12.14 12.38
N VAL Y 8 60.53 -11.19 12.75
CA VAL Y 8 60.19 -10.23 13.77
C VAL Y 8 58.73 -9.87 13.63
N ASN Y 9 58.31 -9.49 12.41
CA ASN Y 9 56.91 -9.11 12.20
C ASN Y 9 56.29 -9.88 10.95
N THR Y 10 55.04 -10.44 10.95
CA THR Y 10 54.37 -11.24 9.83
C THR Y 10 54.48 -10.68 8.42
N TYR Y 11 55.03 -9.50 8.28
CA TYR Y 11 55.15 -8.88 6.97
C TYR Y 11 56.49 -8.21 6.76
N ASN Y 12 57.02 -8.41 5.57
CA ASN Y 12 58.26 -7.76 5.18
C ASN Y 12 57.79 -6.44 4.58
N ILE Y 13 58.59 -5.40 4.62
CA ILE Y 13 58.12 -4.15 4.01
C ILE Y 13 58.33 -4.23 2.51
N THR Y 14 59.54 -4.58 2.14
CA THR Y 14 59.90 -4.76 0.72
C THR Y 14 59.35 -6.09 0.23
N GLY Y 15 58.57 -6.74 1.10
CA GLY Y 15 57.96 -8.01 0.77
C GLY Y 15 57.26 -8.05 -0.59
N ASP Y 16 57.04 -9.26 -1.06
CA ASP Y 16 56.39 -9.53 -2.35
C ASP Y 16 54.94 -9.02 -2.44
N GLY Y 17 54.63 -8.35 -3.54
CA GLY Y 17 53.28 -7.85 -3.75
C GLY Y 17 52.51 -7.06 -2.69
N ASN Y 18 53.18 -6.10 -2.06
CA ASN Y 18 52.51 -5.24 -1.08
C ASN Y 18 51.74 -4.25 -1.91
N SER Y 19 51.10 -3.26 -1.30
CA SER Y 19 50.37 -2.33 -2.14
C SER Y 19 49.76 -1.14 -1.46
N PHE Y 20 50.35 0.03 -1.64
CA PHE Y 20 49.79 1.24 -1.11
C PHE Y 20 48.60 1.57 -2.01
N THR Y 21 47.43 1.77 -1.41
CA THR Y 21 46.23 2.06 -2.20
C THR Y 21 45.03 2.51 -1.35
N PRO Y 22 44.93 3.82 -1.10
CA PRO Y 22 43.84 4.39 -0.31
C PRO Y 22 42.50 4.11 -0.95
N THR Y 23 41.50 3.92 -0.11
CA THR Y 23 40.11 3.68 -0.52
C THR Y 23 39.29 4.65 0.27
N SER Y 24 38.48 5.46 -0.40
CA SER Y 24 37.65 6.44 0.30
C SER Y 24 36.82 5.76 1.38
N ASP Y 25 36.75 4.44 1.27
CA ASP Y 25 35.95 3.60 2.15
C ASP Y 25 36.43 3.33 3.60
N MET Y 26 37.74 3.33 3.84
CA MET Y 26 38.20 2.97 5.17
C MET Y 26 39.02 3.99 6.00
N THR Y 27 38.93 5.30 5.73
CA THR Y 27 39.70 6.33 6.48
C THR Y 27 40.52 5.83 7.68
N SER Y 28 41.81 5.63 7.45
CA SER Y 28 42.77 5.16 8.47
C SER Y 28 42.68 5.89 9.79
N THR Y 29 42.49 5.14 10.89
CA THR Y 29 42.38 5.75 12.23
C THR Y 29 42.59 4.83 13.45
N ALA Y 30 43.50 5.22 14.33
CA ALA Y 30 43.74 4.47 15.57
C ALA Y 30 42.73 4.96 16.63
N ALA Y 31 43.14 5.05 17.89
CA ALA Y 31 42.20 5.46 18.95
C ALA Y 31 42.65 6.68 19.74
N PRO Y 32 42.26 7.90 19.27
CA PRO Y 32 42.64 9.14 19.95
C PRO Y 32 41.59 9.62 20.91
N ALA Y 33 40.32 9.66 20.50
CA ALA Y 33 39.30 10.20 21.38
C ALA Y 33 38.84 9.32 22.54
N ILE Y 34 39.72 8.55 23.18
CA ILE Y 34 39.27 7.72 24.30
C ILE Y 34 38.75 8.63 25.40
N ASP Y 35 37.54 8.35 25.88
CA ASP Y 35 36.94 9.17 26.92
C ASP Y 35 37.47 8.83 28.31
N LEU Y 36 37.94 9.86 29.03
CA LEU Y 36 38.45 9.64 30.38
C LEU Y 36 37.91 10.66 31.38
N LYS Y 37 37.17 11.67 30.92
CA LYS Y 37 36.64 12.70 31.82
C LYS Y 37 35.89 12.09 33.02
N PRO Y 38 36.09 12.70 34.17
CA PRO Y 38 35.51 12.28 35.45
C PRO Y 38 34.17 11.57 35.39
N GLY Y 39 33.14 12.29 34.97
CA GLY Y 39 31.83 11.68 34.92
C GLY Y 39 31.78 10.46 34.00
N VAL Y 40 32.40 10.58 32.84
CA VAL Y 40 32.35 9.50 31.86
C VAL Y 40 33.24 8.29 32.14
N LEU Y 41 34.37 8.44 32.82
CA LEU Y 41 35.21 7.28 33.13
C LEU Y 41 34.71 6.60 34.39
N ASN Y 42 33.91 7.34 35.17
CA ASN Y 42 33.28 6.82 36.40
C ASN Y 42 33.53 7.66 37.65
N PRO Z 1 26.12 -2.24 38.95
CA PRO Z 1 26.79 -1.75 40.17
C PRO Z 1 27.92 -0.82 39.79
N THR Z 2 28.49 -0.18 40.81
CA THR Z 2 29.59 0.80 40.68
C THR Z 2 30.18 1.04 42.06
N GLY Z 3 31.30 1.75 42.11
CA GLY Z 3 31.90 2.10 43.39
C GLY Z 3 32.81 1.00 43.99
N LYS Z 4 33.25 1.24 45.22
CA LYS Z 4 34.10 0.33 45.89
C LYS Z 4 33.28 -0.84 46.40
N LEU Z 5 33.89 -2.01 46.54
CA LEU Z 5 33.16 -3.18 47.01
C LEU Z 5 33.20 -3.23 48.54
N TRP Z 6 32.10 -3.61 49.14
CA TRP Z 6 31.98 -3.72 50.58
C TRP Z 6 31.70 -5.14 50.96
N ARG Z 7 31.94 -5.50 52.23
CA ARG Z 7 31.62 -6.84 52.68
C ARG Z 7 31.18 -6.79 54.13
N PRO Z 8 30.27 -7.71 54.52
CA PRO Z 8 29.74 -7.77 55.89
C PRO Z 8 30.84 -7.92 56.95
N VAL Z 9 31.27 -6.81 57.57
CA VAL Z 9 32.31 -6.88 58.60
C VAL Z 9 31.80 -7.70 59.80
N GLY Z 10 30.51 -7.63 60.08
CA GLY Z 10 29.91 -8.38 61.18
C GLY Z 10 29.62 -9.82 60.81
N THR Z 11 29.92 -10.17 59.56
CA THR Z 11 29.75 -11.52 59.03
C THR Z 11 28.31 -11.96 58.73
N SER Z 12 28.21 -12.88 57.77
CA SER Z 12 26.95 -13.46 57.32
C SER Z 12 25.88 -12.42 56.97
N VAL Z 13 25.02 -12.14 57.94
CA VAL Z 13 23.96 -11.16 57.74
C VAL Z 13 24.55 -9.81 57.32
N ALA Z 14 24.14 -9.32 56.16
CA ALA Z 14 24.49 -7.97 55.74
C ALA Z 14 23.24 -7.11 55.96
N THR Z 15 23.34 -6.12 56.83
CA THR Z 15 22.18 -5.27 57.19
C THR Z 15 22.15 -3.83 56.68
N ILE Z 16 23.10 -3.48 55.82
CA ILE Z 16 23.23 -2.14 55.27
C ILE Z 16 24.09 -1.30 56.21
N ASP Z 17 24.34 -1.86 57.38
CA ASP Z 17 25.20 -1.21 58.38
C ASP Z 17 26.41 -2.09 58.64
N SER Z 18 26.21 -3.40 58.49
CA SER Z 18 27.28 -4.37 58.69
C SER Z 18 28.37 -4.16 57.66
N LEU Z 19 27.97 -3.88 56.43
CA LEU Z 19 28.90 -3.66 55.33
C LEU Z 19 29.88 -2.52 55.60
N ALA Z 20 31.12 -2.75 55.18
CA ALA Z 20 32.20 -1.79 55.32
C ALA Z 20 33.07 -1.93 54.08
N ILE Z 21 33.65 -0.84 53.62
CA ILE Z 21 34.52 -0.91 52.45
C ILE Z 21 35.60 -1.95 52.69
N VAL Z 22 35.60 -3.02 51.90
CA VAL Z 22 36.59 -4.10 52.06
C VAL Z 22 37.96 -3.59 51.69
N SER Z 23 38.61 -2.85 52.57
CA SER Z 23 39.95 -2.36 52.27
C SER Z 23 40.97 -3.38 52.78
N ASP Z 24 42.25 -3.14 52.48
CA ASP Z 24 43.31 -4.04 52.92
C ASP Z 24 44.65 -3.61 52.38
N ARG Z 25 45.63 -4.50 52.55
CA ARG Z 25 47.01 -4.30 52.13
C ARG Z 25 47.21 -3.82 50.70
N PHE Z 26 46.18 -3.93 49.86
CA PHE Z 26 46.27 -3.50 48.46
C PHE Z 26 45.52 -2.21 48.18
N GLY Z 27 44.76 -1.72 49.16
CA GLY Z 27 43.97 -0.51 48.95
C GLY Z 27 42.54 -0.99 48.91
N GLN Z 28 41.63 -0.26 48.29
CA GLN Z 28 40.24 -0.70 48.23
C GLN Z 28 39.80 -1.14 46.85
N TYR Z 29 39.24 -2.35 46.78
CA TYR Z 29 38.79 -2.87 45.51
C TYR Z 29 37.62 -2.05 45.01
N SER Z 30 37.77 -1.40 43.85
CA SER Z 30 36.65 -0.66 43.30
C SER Z 30 36.16 -1.49 42.11
N PHE Z 31 34.84 -1.63 41.98
CA PHE Z 31 34.25 -2.42 40.92
C PHE Z 31 34.55 -1.88 39.53
N VAL Z 32 34.72 -2.80 38.57
CA VAL Z 32 35.00 -2.40 37.19
C VAL Z 32 33.81 -2.73 36.29
N ASN Z 33 32.80 -1.87 36.35
CA ASN Z 33 31.57 -2.04 35.56
C ASN Z 33 31.91 -2.25 34.09
N GLU Z 34 31.01 -2.93 33.38
CA GLU Z 34 31.19 -3.26 31.97
C GLU Z 34 31.82 -2.18 31.07
N GLY Z 35 31.28 -0.99 31.07
CA GLY Z 35 31.77 0.09 30.23
C GLY Z 35 33.15 0.60 30.60
N MET Z 36 33.46 0.61 31.88
CA MET Z 36 34.77 1.09 32.32
C MET Z 36 35.88 0.12 31.92
N ARG Z 37 35.50 -1.07 31.47
CA ARG Z 37 36.49 -2.02 30.98
C ARG Z 37 36.73 -1.74 29.51
N GLU Z 38 35.74 -1.10 28.89
CA GLU Z 38 35.82 -0.72 27.48
C GLU Z 38 36.92 0.28 27.29
N THR Z 39 37.04 1.19 28.24
CA THR Z 39 38.06 2.21 28.15
C THR Z 39 39.45 1.60 28.32
N PHE Z 40 39.72 1.04 29.49
CA PHE Z 40 41.02 0.43 29.78
C PHE Z 40 41.39 -0.66 28.80
N SER Z 41 40.42 -1.22 28.13
CA SER Z 41 40.73 -2.17 27.10
C SER Z 41 41.06 -1.42 25.83
N LYS Z 42 40.30 -0.37 25.56
CA LYS Z 42 40.50 0.44 24.35
C LYS Z 42 41.83 1.17 24.43
N ALA Z 43 42.28 1.46 25.65
CA ALA Z 43 43.56 2.15 25.89
C ALA Z 43 44.70 1.16 25.71
N LEU Z 44 44.57 -0.01 26.33
CA LEU Z 44 45.58 -1.05 26.21
C LEU Z 44 45.60 -1.58 24.78
N PHE Z 45 44.43 -1.64 24.16
CA PHE Z 45 44.37 -2.14 22.79
C PHE Z 45 45.24 -1.28 21.89
N ASP Z 46 45.16 0.04 22.07
CA ASP Z 46 45.94 0.95 21.26
C ASP Z 46 47.45 0.85 21.58
N ILE Z 47 47.82 0.20 22.67
CA ILE Z 47 49.23 0.06 22.99
C ILE Z 47 49.73 -1.28 22.45
N ASN Z 48 48.96 -2.36 22.69
CA ASN Z 48 49.36 -3.66 22.19
C ASN Z 48 49.68 -3.55 20.71
N MET Z 49 48.89 -2.75 20.00
CA MET Z 49 49.09 -2.54 18.56
C MET Z 49 50.58 -2.35 18.21
N TRP Z 50 51.25 -1.59 19.03
CA TRP Z 50 52.67 -1.30 18.82
C TRP Z 50 53.57 -2.42 19.27
N GLN Z 51 53.06 -3.65 19.28
CA GLN Z 51 53.86 -4.78 19.77
C GLN Z 51 55.16 -4.97 19.00
N PRO Z 52 55.10 -5.00 17.66
CA PRO Z 52 56.30 -5.18 16.82
C PRO Z 52 57.38 -4.15 17.04
N LEU Z 53 57.04 -3.00 17.59
CA LEU Z 53 58.09 -2.01 17.80
C LEU Z 53 58.67 -2.10 19.19
N PHE Z 54 57.94 -2.73 20.12
CA PHE Z 54 58.42 -2.89 21.49
C PHE Z 54 59.49 -3.96 21.55
N GLN Z 55 59.29 -5.05 20.82
CA GLN Z 55 60.30 -6.11 20.80
C GLN Z 55 61.51 -5.59 20.06
N ALA Z 56 61.30 -5.04 18.87
CA ALA Z 56 62.42 -4.53 18.06
C ALA Z 56 63.33 -3.70 18.91
N THR Z 57 62.76 -2.78 19.62
CA THR Z 57 63.62 -1.96 20.44
C THR Z 57 63.78 -2.46 21.88
N LYS Z 58 63.64 -3.77 22.22
CA LYS Z 58 63.88 -4.30 23.61
C LYS Z 58 63.23 -3.49 24.82
N THR Z 59 62.36 -2.49 24.57
CA THR Z 59 61.63 -1.76 25.64
C THR Z 59 60.38 -2.57 25.98
N GLY Z 60 59.31 -1.93 26.38
CA GLY Z 60 58.10 -2.67 26.67
C GLY Z 60 58.36 -3.79 27.70
N CYS Z 61 57.68 -4.93 27.54
CA CYS Z 61 57.76 -6.04 28.49
C CYS Z 61 56.66 -7.08 28.25
N GLY Z 62 56.22 -7.22 26.99
CA GLY Z 62 55.17 -8.16 26.66
C GLY Z 62 53.87 -7.40 26.50
N PRO Z 63 52.80 -8.03 25.97
CA PRO Z 63 51.50 -7.34 25.79
C PRO Z 63 50.80 -7.11 27.12
N ILE Z 64 50.22 -5.92 27.30
CA ILE Z 64 49.53 -5.60 28.56
C ILE Z 64 48.07 -6.05 28.59
N VAL Z 65 47.79 -7.17 29.28
CA VAL Z 65 46.42 -7.67 29.39
C VAL Z 65 45.75 -6.97 30.58
N LEU Z 66 44.55 -6.43 30.36
CA LEU Z 66 43.88 -5.74 31.45
C LEU Z 66 43.54 -6.71 32.57
N SER Z 67 43.57 -8.01 32.26
CA SER Z 67 43.26 -9.03 33.25
C SER Z 67 44.43 -9.26 34.19
N SER Z 68 45.43 -8.39 34.14
CA SER Z 68 46.57 -8.55 35.03
C SER Z 68 46.48 -7.53 36.18
N PHE Z 69 45.58 -6.56 36.04
CA PHE Z 69 45.42 -5.54 37.07
C PHE Z 69 44.18 -5.74 37.91
N THR Z 70 43.27 -6.60 37.46
CA THR Z 70 42.04 -6.84 38.19
C THR Z 70 42.07 -8.06 39.11
N THR Z 71 40.90 -8.47 39.59
CA THR Z 71 40.75 -9.62 40.49
C THR Z 71 39.32 -10.14 40.37
N THR Z 72 39.00 -11.20 41.10
CA THR Z 72 37.65 -11.74 41.06
C THR Z 72 37.10 -11.88 42.46
N THR Z 73 36.95 -10.75 43.14
CA THR Z 73 36.39 -10.77 44.49
C THR Z 73 34.87 -10.80 44.30
N SER Z 74 34.15 -10.81 45.42
CA SER Z 74 32.69 -10.80 45.40
C SER Z 74 32.18 -10.29 46.74
N GLY Z 75 31.14 -9.47 46.69
CA GLY Z 75 30.55 -8.89 47.89
C GLY Z 75 29.50 -7.93 47.40
N TYR Z 76 29.19 -6.92 48.19
CA TYR Z 76 28.19 -5.94 47.79
C TYR Z 76 28.94 -4.73 47.32
N VAL Z 77 28.59 -4.19 46.15
CA VAL Z 77 29.34 -3.04 45.67
C VAL Z 77 28.52 -1.78 45.42
N GLY Z 78 28.70 -0.78 46.27
CA GLY Z 78 27.97 0.46 46.09
C GLY Z 78 28.82 1.67 46.42
N ALA Z 79 28.16 2.81 46.63
CA ALA Z 79 28.86 4.02 46.98
C ALA Z 79 28.82 4.21 48.47
N THR Z 80 27.84 3.61 49.14
CA THR Z 80 27.74 3.70 50.61
C THR Z 80 27.01 2.48 51.16
N ALA Z 81 27.43 1.99 52.33
CA ALA Z 81 26.81 0.82 52.95
C ALA Z 81 25.33 0.70 52.59
N GLY Z 82 24.58 1.78 52.82
CA GLY Z 82 23.16 1.78 52.51
C GLY Z 82 22.78 1.30 51.11
N ASP Z 83 23.35 1.93 50.10
CA ASP Z 83 23.05 1.59 48.71
C ASP Z 83 23.87 0.43 48.15
N ALA Z 84 24.99 0.11 48.79
CA ALA Z 84 25.84 -0.98 48.31
C ALA Z 84 25.14 -2.28 48.64
N LEU Z 85 24.20 -2.22 49.57
CA LEU Z 85 23.46 -3.39 49.99
C LEU Z 85 22.56 -3.96 48.90
N ASP Z 86 22.24 -3.13 47.92
CA ASP Z 86 21.36 -3.52 46.81
C ASP Z 86 22.13 -3.86 45.54
N ASN Z 87 23.37 -4.32 45.66
CA ASN Z 87 24.17 -4.67 44.50
C ASN Z 87 25.00 -5.90 44.78
N PRO Z 88 24.41 -6.95 45.33
CA PRO Z 88 25.20 -8.16 45.62
C PRO Z 88 25.80 -8.67 44.32
N VAL Z 89 27.11 -8.57 44.20
CA VAL Z 89 27.79 -9.05 42.99
C VAL Z 89 28.69 -10.24 43.34
N THR Z 90 28.58 -11.32 42.56
CA THR Z 90 29.40 -12.50 42.84
C THR Z 90 30.50 -12.66 41.80
N ASN Z 91 31.72 -12.79 42.29
CA ASN Z 91 32.88 -12.93 41.43
C ASN Z 91 32.90 -11.84 40.38
N GLY Z 92 32.65 -10.60 40.81
CA GLY Z 92 32.71 -9.48 39.91
C GLY Z 92 34.18 -9.25 39.65
N VAL Z 93 34.51 -8.29 38.79
CA VAL Z 93 35.91 -8.01 38.49
C VAL Z 93 36.27 -6.62 39.05
N PHE Z 94 37.01 -6.58 40.14
CA PHE Z 94 37.40 -5.32 40.77
C PHE Z 94 38.88 -5.08 40.58
N ILE Z 95 39.29 -3.81 40.62
CA ILE Z 95 40.71 -3.48 40.51
C ILE Z 95 41.07 -2.79 41.82
N SER Z 96 42.05 -3.33 42.56
CA SER Z 96 42.45 -2.74 43.86
C SER Z 96 43.12 -1.39 43.71
N THR Z 97 43.10 -0.55 44.70
CA THR Z 97 43.75 0.76 44.56
C THR Z 97 45.18 0.68 44.02
N VAL Z 98 46.05 -0.05 44.74
CA VAL Z 98 47.43 -0.14 44.28
C VAL Z 98 47.53 -0.61 42.83
N GLN Z 99 46.51 -1.31 42.35
CA GLN Z 99 46.50 -1.76 40.96
C GLN Z 99 46.05 -0.62 40.07
N ILE Z 100 44.97 0.07 40.48
CA ILE Z 100 44.45 1.22 39.76
C ILE Z 100 45.61 2.19 39.62
N MET Z 101 46.70 1.92 40.33
CA MET Z 101 47.88 2.76 40.23
C MET Z 101 48.76 2.32 39.08
N ASN Z 102 48.99 1.02 38.94
CA ASN Z 102 49.83 0.54 37.84
C ASN Z 102 49.15 0.63 36.49
N LEU Z 103 47.94 0.08 36.39
CA LEU Z 103 47.22 0.15 35.12
C LEU Z 103 47.29 1.60 34.67
N GLN Z 104 47.48 2.50 35.63
CA GLN Z 104 47.60 3.93 35.36
C GLN Z 104 49.04 4.23 34.91
N ARG Z 105 50.00 4.13 35.81
CA ARG Z 105 51.38 4.42 35.42
C ARG Z 105 51.96 3.48 34.36
N THR Z 106 51.28 2.40 34.03
CA THR Z 106 51.79 1.53 32.98
C THR Z 106 51.33 2.16 31.68
N ILE Z 107 50.01 2.33 31.57
CA ILE Z 107 49.42 2.97 30.40
C ILE Z 107 50.07 4.31 30.18
N ALA Z 108 50.60 4.90 31.26
CA ALA Z 108 51.28 6.18 31.13
C ALA Z 108 52.71 5.95 30.60
N ALA Z 109 53.47 5.06 31.23
CA ALA Z 109 54.83 4.79 30.78
C ALA Z 109 54.82 4.31 29.35
N ARG Z 110 54.01 3.31 29.03
CA ARG Z 110 53.91 2.79 27.66
C ARG Z 110 53.43 3.87 26.72
N MET Z 111 52.48 4.68 27.18
CA MET Z 111 51.97 5.75 26.36
C MET Z 111 53.08 6.69 25.90
N ARG Z 112 54.05 6.97 26.73
CA ARG Z 112 55.16 7.77 26.31
C ARG Z 112 55.90 7.00 25.21
N ASP Z 113 56.38 5.80 25.58
CA ASP Z 113 57.08 4.93 24.63
C ASP Z 113 56.50 5.01 23.22
N VAL Z 114 55.22 4.68 23.08
CA VAL Z 114 54.60 4.71 21.77
C VAL Z 114 54.42 6.12 21.24
N ALA Z 115 53.94 7.04 22.07
CA ALA Z 115 53.74 8.42 21.64
C ALA Z 115 54.94 8.89 20.84
N LEU Z 116 56.11 8.40 21.18
CA LEU Z 116 57.31 8.83 20.47
C LEU Z 116 57.40 8.18 19.08
N TRP Z 117 57.50 6.84 19.06
CA TRP Z 117 57.58 6.11 17.80
C TRP Z 117 56.45 6.55 16.89
N GLN Z 118 55.23 6.44 17.44
CA GLN Z 118 54.00 6.81 16.80
C GLN Z 118 54.13 8.17 16.13
N LYS Z 119 55.05 9.01 16.61
CA LYS Z 119 55.22 10.31 15.99
C LYS Z 119 56.08 10.18 14.71
N HIS Z 120 57.10 9.29 14.74
CA HIS Z 120 57.97 9.03 13.58
C HIS Z 120 57.20 8.33 12.47
N LEU Z 121 56.39 7.36 12.86
CA LEU Z 121 55.59 6.60 11.90
C LEU Z 121 54.77 7.58 11.11
N ASP Z 122 54.29 8.59 11.82
CA ASP Z 122 53.45 9.60 11.22
C ASP Z 122 54.13 10.55 10.22
N THR Z 123 55.19 11.25 10.64
CA THR Z 123 55.86 12.17 9.73
C THR Z 123 56.15 11.47 8.41
N ALA Z 124 56.12 10.14 8.42
CA ALA Z 124 56.38 9.34 7.23
C ALA Z 124 55.07 8.92 6.57
N MET Z 125 54.08 8.57 7.38
CA MET Z 125 52.79 8.16 6.84
C MET Z 125 52.05 9.31 6.18
N THR Z 126 51.65 10.29 6.97
CA THR Z 126 50.96 11.45 6.42
C THR Z 126 51.83 12.11 5.37
N MET Z 127 53.12 11.77 5.36
CA MET Z 127 54.02 12.34 4.36
C MET Z 127 53.75 11.76 2.97
N LEU Z 128 52.50 11.34 2.75
CA LEU Z 128 52.03 10.81 1.47
C LEU Z 128 50.55 10.51 1.59
N THR Z 129 49.83 11.48 2.15
CA THR Z 129 48.39 11.44 2.38
C THR Z 129 47.75 10.10 2.12
N PRO Z 130 47.84 9.18 3.07
CA PRO Z 130 47.22 7.87 2.83
C PRO Z 130 45.71 7.94 2.98
N ASP Z 131 45.13 9.12 2.86
CA ASP Z 131 43.67 9.21 3.00
C ASP Z 131 42.91 10.04 1.98
N ILE Z 132 42.11 9.35 1.17
CA ILE Z 132 41.28 9.98 0.14
C ILE Z 132 39.84 9.83 0.64
N SER Z 133 38.90 10.55 0.03
CA SER Z 133 37.50 10.45 0.49
C SER Z 133 36.43 10.23 -0.59
N ALA Z 134 36.84 9.74 -1.75
CA ALA Z 134 35.92 9.45 -2.85
C ALA Z 134 36.59 8.47 -3.82
N GLY Z 135 35.99 7.29 -4.00
CA GLY Z 135 36.58 6.30 -4.89
C GLY Z 135 37.94 5.90 -4.33
N SER Z 136 38.75 5.19 -5.13
CA SER Z 136 40.06 4.78 -4.66
C SER Z 136 41.18 5.54 -5.34
N ALA Z 137 42.36 4.93 -5.40
CA ALA Z 137 43.54 5.52 -6.03
C ALA Z 137 44.81 4.88 -5.44
N SER Z 138 45.53 4.13 -6.27
CA SER Z 138 46.77 3.47 -5.83
C SER Z 138 48.03 4.27 -6.14
N CYS Z 139 49.19 3.66 -5.90
CA CYS Z 139 50.49 4.29 -6.14
C CYS Z 139 51.55 3.21 -6.00
N ASN Z 140 51.83 2.50 -7.09
CA ASN Z 140 52.78 1.39 -7.09
C ASN Z 140 53.84 1.48 -5.97
N TRP Z 141 53.67 0.56 -5.01
CA TRP Z 141 54.50 0.43 -3.80
C TRP Z 141 56.01 0.63 -3.94
N LYS Z 142 56.64 -0.01 -4.92
CA LYS Z 142 58.09 0.16 -5.13
C LYS Z 142 58.44 1.65 -5.06
N SER Z 143 57.95 2.41 -6.03
CA SER Z 143 58.19 3.85 -6.11
C SER Z 143 57.99 4.50 -4.75
N LEU Z 144 56.77 4.39 -4.24
CA LEU Z 144 56.42 4.94 -2.95
C LEU Z 144 57.53 4.78 -1.91
N LEU Z 145 57.94 3.52 -1.70
CA LEU Z 145 58.99 3.21 -0.74
C LEU Z 145 60.29 3.90 -1.17
N ALA Z 146 60.83 3.53 -2.31
CA ALA Z 146 62.08 4.12 -2.83
C ALA Z 146 62.05 5.65 -2.79
N PHE Z 147 60.85 6.22 -2.68
CA PHE Z 147 60.66 7.67 -2.60
C PHE Z 147 60.87 8.14 -1.14
N ALA Z 148 60.10 7.59 -0.22
CA ALA Z 148 60.23 7.98 1.18
C ALA Z 148 61.63 7.64 1.67
N LYS Z 149 62.30 6.70 0.99
CA LYS Z 149 63.67 6.34 1.33
C LYS Z 149 64.50 7.62 1.29
N ASP Z 150 64.00 8.58 0.51
CA ASP Z 150 64.63 9.89 0.34
C ASP Z 150 64.06 10.85 1.39
N ILE Z 151 62.99 11.51 1.03
CA ILE Z 151 62.37 12.52 1.89
C ILE Z 151 62.65 12.33 3.39
N LEU Z 152 62.13 11.29 4.02
CA LEU Z 152 62.32 11.07 5.45
C LEU Z 152 63.72 11.53 5.99
N PRO Z 153 63.79 12.58 6.86
CA PRO Z 153 65.04 13.09 7.42
C PRO Z 153 65.77 12.03 8.24
N LEU Z 154 67.08 12.00 8.15
CA LEU Z 154 67.95 11.00 8.83
C LEU Z 154 67.72 10.70 10.34
N ASP Z 155 66.76 11.36 11.00
CA ASP Z 155 66.52 11.12 12.43
C ASP Z 155 65.09 10.65 12.72
N ASN Z 156 64.48 10.06 11.72
CA ASN Z 156 63.15 9.53 11.95
C ASN Z 156 63.29 8.29 12.87
N LEU Z 157 62.62 7.17 12.58
CA LEU Z 157 62.74 5.88 13.27
C LEU Z 157 62.12 4.86 12.31
N CYS Z 158 61.63 5.35 11.13
CA CYS Z 158 61.00 4.53 10.05
C CYS Z 158 62.04 4.08 9.03
N LEU Z 159 63.28 4.53 9.26
CA LEU Z 159 64.42 4.15 8.47
C LEU Z 159 65.25 3.14 9.25
N THR Z 160 65.19 3.20 10.59
CA THR Z 160 65.94 2.23 11.41
C THR Z 160 65.15 0.89 11.58
N TYR Z 161 63.77 0.86 11.36
CA TYR Z 161 62.90 -0.35 11.55
C TYR Z 161 61.81 -0.58 10.44
N PRO Z 162 61.99 -0.14 9.15
CA PRO Z 162 61.03 -0.24 8.00
C PRO Z 162 59.85 -1.23 8.15
N ASN Z 163 60.18 -2.51 8.31
CA ASN Z 163 59.17 -3.49 8.51
C ASN Z 163 59.21 -3.97 9.95
N GLU Z 164 59.09 -2.94 10.84
CA GLU Z 164 58.97 -3.11 12.30
C GLU Z 164 58.03 -1.98 12.70
N PHE Z 165 57.95 -1.01 11.77
CA PHE Z 165 57.07 0.16 11.80
C PHE Z 165 55.96 -0.17 10.82
N TYR Z 166 56.36 -0.78 9.71
CA TYR Z 166 55.39 -1.18 8.68
C TYR Z 166 54.27 -2.04 9.30
N ASN Z 167 54.64 -3.01 10.15
CA ASN Z 167 53.70 -3.92 10.82
C ASN Z 167 52.83 -3.18 11.80
N VAL Z 168 53.35 -2.12 12.40
CA VAL Z 168 52.55 -1.31 13.29
C VAL Z 168 51.60 -0.56 12.38
N ALA Z 169 52.17 0.05 11.34
CA ALA Z 169 51.44 0.86 10.35
C ALA Z 169 50.27 0.13 9.72
N ILE Z 170 50.51 -1.03 9.11
CA ILE Z 170 49.44 -1.81 8.48
C ILE Z 170 48.16 -1.82 9.31
N HIS Z 171 48.27 -1.72 10.63
CA HIS Z 171 47.11 -1.72 11.51
C HIS Z 171 46.50 -0.36 11.74
N ARG Z 172 47.07 0.68 11.15
CA ARG Z 172 46.51 2.00 11.36
C ARG Z 172 46.08 2.63 10.04
N TYR Z 173 46.64 2.16 8.94
CA TYR Z 173 46.32 2.72 7.64
C TYR Z 173 45.74 1.68 6.69
N PRO Z 174 44.40 1.64 6.58
CA PRO Z 174 43.86 0.65 5.66
C PRO Z 174 44.22 1.01 4.22
N ALA Z 175 45.20 1.89 4.05
CA ALA Z 175 45.66 2.23 2.72
C ALA Z 175 46.73 1.19 2.36
N LEU Z 176 47.71 0.99 3.26
CA LEU Z 176 48.80 0.01 3.07
C LEU Z 176 48.25 -1.40 3.28
N LYS Z 177 48.07 -2.18 2.21
CA LYS Z 177 47.58 -3.55 2.35
C LYS Z 177 48.81 -4.41 2.11
N PRO Z 178 49.26 -5.18 3.10
CA PRO Z 178 50.46 -6.00 2.94
C PRO Z 178 50.19 -7.16 1.98
N GLY Z 179 51.17 -7.53 1.19
CA GLY Z 179 51.00 -8.60 0.24
C GLY Z 179 50.99 -9.94 0.96
N ASN Z 180 49.93 -10.69 0.78
CA ASN Z 180 49.82 -11.99 1.43
C ASN Z 180 50.98 -12.92 1.10
N PRO Z 181 51.58 -13.56 2.13
CA PRO Z 181 52.69 -14.53 1.86
C PRO Z 181 52.40 -15.70 0.89
N ASP Z 182 51.31 -16.51 1.03
CA ASP Z 182 51.09 -17.68 0.15
C ASP Z 182 50.05 -17.52 -1.03
N THR Z 183 50.33 -16.50 -1.90
CA THR Z 183 49.63 -16.11 -3.14
C THR Z 183 50.29 -14.81 -3.66
N LYS Z 184 51.26 -14.31 -2.89
CA LYS Z 184 52.08 -13.10 -3.10
C LYS Z 184 51.37 -11.91 -3.83
N LEU Z 185 50.08 -11.64 -3.47
CA LEU Z 185 49.12 -10.60 -4.03
C LEU Z 185 48.43 -9.84 -2.85
N PRO Z 186 47.89 -8.59 -3.06
CA PRO Z 186 47.21 -7.88 -1.95
C PRO Z 186 46.05 -8.68 -1.26
N ASP Z 187 44.87 -8.04 -1.07
CA ASP Z 187 43.70 -8.66 -0.34
C ASP Z 187 42.37 -7.95 -0.68
N ALA Z 188 42.39 -6.90 -1.48
CA ALA Z 188 41.16 -6.16 -1.80
C ALA Z 188 40.75 -5.43 -0.53
N GLN Z 189 40.19 -6.18 0.42
CA GLN Z 189 39.84 -5.62 1.71
C GLN Z 189 41.13 -5.26 2.43
N ALA Z 190 41.06 -4.27 3.27
CA ALA Z 190 42.20 -3.91 4.11
C ALA Z 190 41.75 -4.15 5.55
N HIS Z 191 42.56 -4.89 6.35
CA HIS Z 191 42.18 -5.21 7.72
C HIS Z 191 42.98 -4.49 8.80
N PRO Z 192 42.74 -3.18 9.00
CA PRO Z 192 43.48 -2.48 10.06
C PRO Z 192 42.75 -2.70 11.39
N LEU Z 193 43.48 -2.82 12.49
CA LEU Z 193 42.86 -3.04 13.80
C LEU Z 193 41.65 -2.17 14.09
N GLY Z 194 41.61 -0.96 13.53
CA GLY Z 194 40.48 -0.07 13.76
C GLY Z 194 39.34 -0.34 12.78
N GLU Z 195 39.25 -1.60 12.36
CA GLU Z 195 38.26 -2.09 11.39
C GLU Z 195 36.94 -1.33 11.31
N VAL Z 196 36.21 -1.27 12.43
CA VAL Z 196 34.92 -0.59 12.47
C VAL Z 196 35.04 0.91 12.47
N ALA Z 197 35.74 1.46 13.45
CA ALA Z 197 35.93 2.92 13.55
C ALA Z 197 36.32 3.52 12.20
N GLY Z 198 37.31 2.92 11.55
CA GLY Z 198 37.76 3.41 10.26
C GLY Z 198 36.71 3.27 9.16
N ALA Z 199 35.78 2.34 9.36
CA ALA Z 199 34.72 2.13 8.37
C ALA Z 199 33.71 3.24 8.53
N PHE Z 200 33.42 3.59 9.78
CA PHE Z 200 32.46 4.64 10.10
C PHE Z 200 32.98 6.06 10.10
N ASN Z 201 34.07 6.31 9.41
CA ASN Z 201 34.58 7.66 9.33
C ASN Z 201 34.73 8.06 7.89
N ALA Z 202 34.79 7.04 7.05
CA ALA Z 202 34.91 7.26 5.62
C ALA Z 202 33.79 8.24 5.28
N ALA Z 203 34.06 9.18 4.38
CA ALA Z 203 33.04 10.14 3.99
C ALA Z 203 32.03 9.39 3.09
N THR Z 204 31.02 8.76 3.70
CA THR Z 204 30.01 8.01 2.95
C THR Z 204 29.28 8.94 1.99
N SER Z 205 29.33 8.62 0.70
CA SER Z 205 28.72 9.45 -0.33
C SER Z 205 27.22 9.78 -0.19
N GLU Z 206 26.48 8.98 0.59
CA GLU Z 206 25.04 9.22 0.78
C GLU Z 206 24.85 10.46 1.63
N VAL Z 207 25.64 10.53 2.69
CA VAL Z 207 25.56 11.67 3.60
C VAL Z 207 26.96 12.01 4.08
N GLY Z 208 27.42 13.21 3.78
CA GLY Z 208 28.77 13.65 4.18
C GLY Z 208 29.63 12.68 4.96
N SER Z 209 29.50 12.73 6.29
CA SER Z 209 30.26 11.85 7.17
C SER Z 209 29.54 11.71 8.50
N LEU Z 210 29.13 10.49 8.83
CA LEU Z 210 28.44 10.26 10.07
C LEU Z 210 29.19 10.84 11.26
N VAL Z 211 30.49 10.60 11.37
CA VAL Z 211 31.27 11.15 12.49
C VAL Z 211 31.23 12.67 12.53
N GLY Z 212 31.10 13.30 11.37
CA GLY Z 212 31.02 14.75 11.32
C GLY Z 212 29.62 15.20 11.73
N SER Z 213 28.67 15.06 10.80
CA SER Z 213 27.28 15.44 11.02
C SER Z 213 26.74 15.06 12.40
N SER Z 214 27.28 13.98 12.98
CA SER Z 214 26.82 13.54 14.29
C SER Z 214 27.25 14.54 15.34
N SER Z 215 28.54 14.87 15.33
CA SER Z 215 29.10 15.78 16.32
C SER Z 215 28.60 17.22 16.14
N THR Z 216 28.68 17.74 14.91
CA THR Z 216 28.21 19.10 14.66
C THR Z 216 26.81 19.31 15.29
N LEU Z 217 26.11 18.22 15.57
CA LEU Z 217 24.80 18.26 16.19
C LEU Z 217 24.91 18.21 17.69
N SER Z 218 25.54 17.17 18.22
CA SER Z 218 25.69 17.05 19.66
C SER Z 218 26.41 18.30 20.16
N GLN Z 219 27.30 18.84 19.33
CA GLN Z 219 28.03 20.05 19.69
C GLN Z 219 27.01 21.18 19.89
N ALA Z 220 26.20 21.46 18.86
CA ALA Z 220 25.19 22.50 18.97
C ALA Z 220 24.25 22.22 20.15
N ILE Z 221 23.86 20.97 20.37
CA ILE Z 221 22.96 20.62 21.47
C ILE Z 221 23.57 21.04 22.80
N SER Z 222 24.89 20.86 22.90
CA SER Z 222 25.58 21.24 24.13
C SER Z 222 25.27 22.72 24.38
N THR Z 223 25.71 23.59 23.48
CA THR Z 223 25.47 25.03 23.62
C THR Z 223 24.02 25.34 23.96
N MET Z 224 23.09 24.88 23.11
CA MET Z 224 21.67 25.13 23.31
C MET Z 224 21.25 24.93 24.75
N ALA Z 225 21.77 23.91 25.42
CA ALA Z 225 21.36 23.69 26.81
C ALA Z 225 22.24 24.44 27.80
N GLY Z 226 23.52 24.51 27.44
CA GLY Z 226 24.53 25.15 28.19
C GLY Z 226 24.29 26.65 28.41
N LYS Z 227 24.94 27.49 27.62
CA LYS Z 227 24.83 28.94 27.89
C LYS Z 227 23.44 29.36 28.44
N ASP Z 228 22.38 28.77 27.85
CA ASP Z 228 20.94 29.01 28.13
C ASP Z 228 20.38 29.80 26.97
N LEU Z 229 20.63 29.27 25.77
CA LEU Z 229 20.07 29.93 24.63
C LEU Z 229 18.58 29.85 24.74
N ASP Z 230 18.10 28.71 25.24
CA ASP Z 230 16.70 28.59 25.49
C ASP Z 230 16.39 29.75 26.42
N LEU Z 231 15.19 30.30 26.39
CA LEU Z 231 14.88 31.42 27.29
C LEU Z 231 15.60 32.71 26.85
N ILE Z 232 15.99 32.77 25.59
CA ILE Z 232 16.74 33.91 25.06
C ILE Z 232 16.01 35.25 25.02
N GLU Z 233 14.68 35.22 24.92
CA GLU Z 233 13.92 36.45 24.91
C GLU Z 233 12.86 36.40 26.00
N ALA Z 234 13.22 35.74 27.10
CA ALA Z 234 12.34 35.60 28.27
C ALA Z 234 11.96 36.98 28.78
N ASP Z 235 10.69 37.17 29.10
CA ASP Z 235 10.25 38.47 29.59
C ASP Z 235 10.14 38.49 31.11
N THR Z 236 11.28 38.57 31.80
CA THR Z 236 11.31 38.60 33.27
C THR Z 236 12.74 38.64 33.83
N PRO Z 237 12.95 39.42 34.91
CA PRO Z 237 14.26 39.57 35.56
C PRO Z 237 15.13 38.32 35.57
N LEU Z 238 16.37 38.46 35.10
CA LEU Z 238 17.34 37.37 35.04
C LEU Z 238 18.70 37.83 35.53
N PRO Z 239 19.25 37.16 36.55
CA PRO Z 239 20.56 37.51 37.11
C PRO Z 239 21.61 37.61 36.00
N VAL Z 240 22.47 38.62 36.03
CA VAL Z 240 23.48 38.75 34.99
C VAL Z 240 24.28 37.46 34.86
N SER Z 241 24.46 36.76 35.98
CA SER Z 241 25.19 35.49 36.02
C SER Z 241 24.67 34.53 34.95
N VAL Z 242 23.34 34.50 34.77
CA VAL Z 242 22.65 33.66 33.80
C VAL Z 242 23.16 33.93 32.39
N PHE Z 243 23.97 34.97 32.23
CA PHE Z 243 24.54 35.34 30.94
C PHE Z 243 26.04 35.09 30.85
N THR Z 244 26.61 34.44 31.87
CA THR Z 244 28.05 34.15 31.93
C THR Z 244 28.94 35.16 31.18
N PRO Z 245 28.80 36.45 31.49
CA PRO Z 245 29.60 37.50 30.83
C PRO Z 245 31.06 37.38 31.27
N SER Z 246 31.95 37.15 30.30
CA SER Z 246 33.37 36.98 30.60
C SER Z 246 34.23 37.60 29.51
N LEU Z 247 35.48 37.88 29.84
CA LEU Z 247 36.40 38.45 28.86
C LEU Z 247 35.68 39.56 28.09
N ALA Z 248 35.01 40.47 28.84
CA ALA Z 248 34.18 41.49 28.19
C ALA Z 248 34.53 42.97 28.40
N PRO Z 249 35.60 43.45 27.75
CA PRO Z 249 35.97 44.85 27.90
C PRO Z 249 35.91 45.66 26.59
N ARG Z 250 34.75 46.26 26.27
CA ARG Z 250 34.59 47.00 25.01
C ARG Z 250 35.17 48.41 25.04
N SER Z 251 35.71 48.85 23.89
CA SER Z 251 36.32 50.18 23.76
C SER Z 251 35.55 51.08 22.80
N TYR Z 252 35.60 52.40 23.04
CA TYR Z 252 34.93 53.38 22.19
C TYR Z 252 35.78 54.47 21.60
N ARG Z 253 35.05 55.63 21.49
CA ARG Z 253 35.44 56.95 20.96
C ARG Z 253 34.43 58.08 21.37
N PRO Z 254 34.20 58.38 22.69
CA PRO Z 254 33.27 59.45 23.14
C PRO Z 254 33.60 60.82 22.58
N ALA Z 255 32.95 61.86 23.07
CA ALA Z 255 33.20 63.17 22.47
C ALA Z 255 32.69 63.09 21.03
N PHE Z 256 31.99 61.98 20.80
CA PHE Z 256 31.36 61.72 19.51
C PHE Z 256 30.01 61.06 19.79
N ILE Z 257 29.96 60.12 20.74
CA ILE Z 257 28.71 59.46 21.08
C ILE Z 257 27.67 60.47 21.57
N LYS Z 258 26.54 60.60 20.85
CA LYS Z 258 25.51 61.53 21.29
C LYS Z 258 24.99 61.10 22.67
N PRO Z 259 24.67 62.08 23.53
CA PRO Z 259 24.17 61.77 24.88
C PRO Z 259 22.92 60.89 24.88
N GLU Z 260 22.01 61.12 23.94
CA GLU Z 260 20.79 60.32 23.90
C GLU Z 260 21.01 58.92 23.30
N ASP Z 261 22.13 58.74 22.59
CA ASP Z 261 22.44 57.44 21.99
C ASP Z 261 23.04 56.46 23.00
N ALA Z 262 23.29 56.93 24.22
CA ALA Z 262 23.88 56.09 25.27
C ALA Z 262 23.92 56.79 26.62
N LYS Z 263 22.89 56.61 27.42
CA LYS Z 263 22.74 57.23 28.74
C LYS Z 263 24.00 57.49 29.56
N TRP Z 264 24.99 56.59 29.51
CA TRP Z 264 26.20 56.75 30.30
C TRP Z 264 27.14 57.85 29.81
N ILE Z 265 26.63 58.88 29.19
CA ILE Z 265 27.52 59.93 28.70
C ILE Z 265 26.80 61.24 28.38
N ALA Z 266 26.84 62.15 29.35
CA ALA Z 266 26.16 63.45 29.24
C ALA Z 266 27.12 64.54 28.74
N GLU Z 267 26.56 65.64 28.21
CA GLU Z 267 27.40 66.71 27.70
C GLU Z 267 27.11 68.11 28.25
N PHE Z 268 28.17 68.91 28.38
CA PHE Z 268 28.07 70.28 28.87
C PHE Z 268 27.63 71.25 27.76
N ASN Z 269 26.43 71.08 27.22
CA ASN Z 269 25.99 72.01 26.16
C ASN Z 269 25.63 73.38 26.74
N ASN Z 270 26.67 74.25 26.83
CA ASN Z 270 26.51 75.61 27.37
C ASN Z 270 27.01 76.67 26.38
N SER Z 271 26.44 77.87 26.45
CA SER Z 271 26.81 78.96 25.54
C SER Z 271 28.31 79.24 25.40
N SER Z 272 28.88 79.95 26.36
CA SER Z 272 30.30 80.28 26.34
C SER Z 272 31.20 79.16 26.85
N LEU Z 273 32.43 79.51 27.24
CA LEU Z 273 33.38 78.55 27.79
C LEU Z 273 33.21 78.49 29.29
N ILE Z 274 33.71 77.44 29.93
CA ILE Z 274 33.57 77.34 31.37
C ILE Z 274 34.91 77.11 32.04
N ARG Z 275 35.86 78.03 31.84
CA ARG Z 275 37.18 77.87 32.45
C ARG Z 275 37.15 77.83 33.98
N LYS Z 276 37.59 76.71 34.54
CA LYS Z 276 37.64 76.52 35.98
C LYS Z 276 39.12 76.39 36.33
N THR Z 277 39.45 76.31 37.62
CA THR Z 277 40.84 76.14 38.03
C THR Z 277 40.95 75.02 39.07
N LEU Z 278 42.18 74.62 39.36
CA LEU Z 278 42.42 73.55 40.33
C LEU Z 278 43.91 73.38 40.59
N THR Z 279 44.31 73.41 41.85
CA THR Z 279 45.72 73.24 42.19
C THR Z 279 46.06 71.75 42.13
N TYR Z 280 46.76 71.36 41.08
CA TYR Z 280 47.16 69.97 40.90
C TYR Z 280 48.67 69.86 40.97
N SER Z 281 49.18 69.29 42.05
CA SER Z 281 50.62 69.14 42.22
C SER Z 281 51.25 70.53 42.33
N GLY Z 282 50.62 71.38 43.14
CA GLY Z 282 51.12 72.74 43.30
C GLY Z 282 50.59 73.61 42.17
N ALA Z 283 51.19 73.46 40.99
CA ALA Z 283 50.81 74.21 39.80
C ALA Z 283 49.28 74.31 39.60
N THR Z 284 48.83 75.50 39.22
CA THR Z 284 47.40 75.72 38.98
C THR Z 284 47.05 75.62 37.51
N TYR Z 285 46.17 74.68 37.17
CA TYR Z 285 45.75 74.50 35.79
C TYR Z 285 44.29 74.88 35.59
N THR Z 286 43.90 75.06 34.33
CA THR Z 286 42.53 75.44 34.04
C THR Z 286 41.86 74.41 33.13
N VAL Z 287 40.86 73.72 33.67
CA VAL Z 287 40.08 72.78 32.85
C VAL Z 287 39.24 73.68 31.94
N GLN Z 288 39.05 73.30 30.66
CA GLN Z 288 38.39 74.25 29.72
C GLN Z 288 36.91 74.08 29.50
N LEU Z 289 36.45 72.93 28.97
CA LEU Z 289 35.03 72.71 28.63
C LEU Z 289 34.71 73.65 27.46
N GLY Z 290 35.70 73.84 26.58
CA GLY Z 290 35.69 74.73 25.40
C GLY Z 290 34.37 74.90 24.61
N PRO Z 291 34.48 75.66 23.51
CA PRO Z 291 33.41 76.07 22.55
C PRO Z 291 32.31 75.06 22.26
N GLY Z 292 32.70 73.83 21.92
CA GLY Z 292 31.72 72.79 21.61
C GLY Z 292 31.02 72.24 22.85
N PRO Z 293 30.18 71.20 22.69
CA PRO Z 293 29.46 70.64 23.85
C PRO Z 293 30.28 69.77 24.82
N THR Z 294 31.44 69.28 24.42
CA THR Z 294 32.34 68.46 25.29
C THR Z 294 31.57 67.34 26.01
N ARG Z 295 31.31 66.24 25.29
CA ARG Z 295 30.61 65.10 25.87
C ARG Z 295 31.54 64.44 26.89
N VAL Z 296 31.05 64.26 28.12
CA VAL Z 296 31.84 63.65 29.19
C VAL Z 296 31.18 62.37 29.70
N ILE Z 297 32.01 61.40 30.09
CA ILE Z 297 31.51 60.14 30.64
C ILE Z 297 30.78 60.45 31.93
N ASP Z 298 29.53 60.09 32.03
CA ASP Z 298 28.82 60.34 33.31
C ASP Z 298 29.35 59.32 34.31
N MET Z 299 29.34 59.64 35.60
CA MET Z 299 29.84 58.70 36.61
C MET Z 299 28.75 57.82 37.15
N ASN Z 300 27.60 58.39 37.37
CA ASN Z 300 26.55 57.50 37.75
C ASN Z 300 26.22 56.75 36.45
N ALA Z 301 25.66 55.53 36.56
CA ALA Z 301 25.44 54.74 35.37
C ALA Z 301 26.82 54.55 34.78
N MET Z 302 27.67 53.84 35.53
CA MET Z 302 29.04 53.59 35.10
C MET Z 302 29.70 52.39 35.82
N ILE Z 303 28.95 51.30 36.10
CA ILE Z 303 29.44 50.06 36.75
C ILE Z 303 30.93 50.10 37.10
N ASP Z 304 31.26 50.29 38.37
CA ASP Z 304 32.66 50.39 38.81
C ASP Z 304 33.59 49.58 37.91
N SER Z 305 34.17 50.27 36.92
CA SER Z 305 35.05 49.65 35.95
C SER Z 305 36.50 50.09 36.05
N VAL Z 306 37.15 49.86 34.96
CA VAL Z 306 38.53 50.29 34.79
C VAL Z 306 38.55 51.08 33.49
N LEU Z 307 38.23 52.36 33.62
CA LEU Z 307 38.25 53.26 32.47
C LEU Z 307 39.68 53.54 32.08
N THR Z 308 40.05 53.28 30.83
CA THR Z 308 41.40 53.56 30.39
C THR Z 308 41.34 54.30 29.07
N LEU Z 309 41.32 55.63 29.16
CA LEU Z 309 41.26 56.48 27.97
C LEU Z 309 42.59 56.61 27.28
N ASP Z 310 42.71 56.00 26.11
CA ASP Z 310 43.94 56.11 25.36
C ASP Z 310 43.87 57.33 24.45
N VAL Z 311 44.96 58.10 24.42
CA VAL Z 311 45.02 59.29 23.59
C VAL Z 311 46.21 59.18 22.68
N SER Z 312 46.04 58.56 21.52
CA SER Z 312 47.17 58.42 20.62
C SER Z 312 46.85 58.52 19.13
N GLY Z 313 47.79 59.12 18.38
CA GLY Z 313 47.59 59.28 16.95
C GLY Z 313 46.60 60.39 16.68
N THR Z 314 45.90 60.80 17.73
CA THR Z 314 44.91 61.86 17.62
C THR Z 314 45.67 63.19 17.54
N ILE Z 315 45.12 64.15 16.78
CA ILE Z 315 45.75 65.43 16.58
C ILE Z 315 46.04 66.14 17.91
N LEU Z 316 47.06 67.01 17.89
CA LEU Z 316 47.49 67.78 19.05
C LEU Z 316 48.07 69.06 18.47
N PRO Z 317 47.18 70.03 18.13
CA PRO Z 317 47.53 71.32 17.54
C PRO Z 317 48.24 72.37 18.41
N TYR Z 318 49.29 71.97 19.10
CA TYR Z 318 50.03 72.93 19.93
C TYR Z 318 50.77 73.91 19.02
N ASP Z 319 50.76 73.61 17.73
CA ASP Z 319 51.42 74.42 16.72
C ASP Z 319 50.72 75.77 16.56
N THR Z 320 49.39 75.74 16.44
CA THR Z 320 48.63 76.98 16.30
C THR Z 320 48.47 77.61 17.69
N ASN Z 321 47.39 77.30 18.40
CA ASN Z 321 47.20 77.87 19.73
C ASN Z 321 48.31 77.35 20.63
N PRO Z 322 49.33 78.19 20.89
CA PRO Z 322 50.47 77.82 21.74
C PRO Z 322 49.96 77.52 23.15
N ASP Z 323 48.74 77.97 23.39
CA ASP Z 323 48.05 77.79 24.66
C ASP Z 323 47.96 76.30 25.00
N LEU Z 324 47.68 75.49 23.98
CA LEU Z 324 47.55 74.05 24.16
C LEU Z 324 48.82 73.40 24.65
N SER Z 325 49.95 73.74 24.05
CA SER Z 325 51.22 73.16 24.49
C SER Z 325 51.44 73.59 25.95
N THR Z 326 52.27 72.84 26.67
CA THR Z 326 52.58 73.12 28.07
C THR Z 326 51.55 72.49 29.02
N SER Z 327 50.35 72.19 28.51
CA SER Z 327 49.30 71.59 29.34
C SER Z 327 49.34 70.08 29.36
N VAL Z 328 49.54 69.51 30.56
CA VAL Z 328 49.59 68.07 30.69
C VAL Z 328 48.20 67.48 30.53
N PRO Z 329 47.98 66.66 29.49
CA PRO Z 329 46.67 66.05 29.25
C PRO Z 329 46.36 65.13 30.44
N ALA Z 330 45.11 65.09 30.89
CA ALA Z 330 44.78 64.25 32.05
C ALA Z 330 43.30 63.98 32.24
N PHE Z 331 42.98 62.72 32.56
CA PHE Z 331 41.60 62.35 32.82
C PHE Z 331 41.22 62.94 34.19
N VAL Z 332 40.16 63.72 34.23
CA VAL Z 332 39.72 64.38 35.48
C VAL Z 332 38.23 64.29 35.75
N LEU Z 333 37.85 63.97 37.00
CA LEU Z 333 36.44 63.91 37.36
C LEU Z 333 35.97 65.35 37.60
N ILE Z 334 34.68 65.60 37.45
CA ILE Z 334 34.14 66.94 37.63
C ILE Z 334 32.80 66.88 38.34
N GLN Z 335 32.78 67.22 39.62
CA GLN Z 335 31.52 67.21 40.37
C GLN Z 335 30.87 68.58 40.19
N THR Z 336 29.66 68.59 39.64
CA THR Z 336 28.93 69.84 39.42
C THR Z 336 27.75 69.94 40.40
N SER Z 337 27.40 71.15 40.80
CA SER Z 337 26.27 71.33 41.73
C SER Z 337 24.98 71.05 40.96
N VAL Z 338 24.57 72.00 40.13
CA VAL Z 338 23.39 71.83 39.32
C VAL Z 338 23.71 70.70 38.34
N PRO Z 339 22.71 69.88 37.96
CA PRO Z 339 22.92 68.76 37.02
C PRO Z 339 23.55 69.27 35.72
N ILE Z 340 24.44 68.49 35.12
CA ILE Z 340 25.05 68.92 33.86
C ILE Z 340 23.87 69.16 32.92
N GLN Z 341 24.11 69.73 31.75
CA GLN Z 341 23.01 70.01 30.82
C GLN Z 341 22.09 70.98 31.54
N GLN Z 342 22.71 71.83 32.35
CA GLN Z 342 22.02 72.85 33.14
C GLN Z 342 23.11 73.60 33.91
N VAL Z 343 24.35 73.16 33.71
CA VAL Z 343 25.51 73.77 34.35
C VAL Z 343 26.04 74.86 33.41
N THR Z 344 25.73 76.11 33.72
CA THR Z 344 26.14 77.25 32.89
C THR Z 344 27.57 77.75 33.06
N THR Z 345 27.90 78.25 34.25
CA THR Z 345 29.23 78.80 34.47
C THR Z 345 30.02 78.30 35.69
N ALA Z 346 31.34 78.42 35.58
CA ALA Z 346 32.31 78.03 36.61
C ALA Z 346 31.82 77.88 38.04
N ALA Z 347 31.05 78.85 38.55
CA ALA Z 347 30.55 78.79 39.91
C ALA Z 347 29.64 77.58 40.14
N ASN Z 348 29.22 76.95 39.04
CA ASN Z 348 28.35 75.79 39.05
C ASN Z 348 29.11 74.49 39.34
N ILE Z 349 30.34 74.40 38.84
CA ILE Z 349 31.19 73.23 39.03
C ILE Z 349 31.75 73.13 40.46
N THR Z 350 31.14 72.28 41.28
CA THR Z 350 31.59 72.07 42.68
C THR Z 350 33.11 71.96 42.78
N ALA Z 351 33.67 70.85 42.33
CA ALA Z 351 35.12 70.66 42.38
C ALA Z 351 35.60 69.84 41.17
N ILE Z 352 36.92 69.75 41.03
CA ILE Z 352 37.50 69.00 39.91
C ILE Z 352 38.74 68.25 40.36
N THR Z 353 38.67 66.91 40.32
CA THR Z 353 39.80 66.08 40.73
C THR Z 353 40.55 65.48 39.55
N VAL Z 354 41.88 65.63 39.56
CA VAL Z 354 42.71 65.08 38.49
C VAL Z 354 42.95 63.62 38.86
N VAL Z 355 42.05 62.73 38.47
CA VAL Z 355 42.16 61.32 38.81
C VAL Z 355 43.36 60.62 38.17
N SER Z 356 43.99 61.27 37.20
CA SER Z 356 45.14 60.66 36.53
C SER Z 356 45.73 61.57 35.46
N ALA Z 357 46.77 62.33 35.83
CA ALA Z 357 47.39 63.24 34.87
C ALA Z 357 48.53 62.56 34.15
N ALA Z 358 49.01 63.21 33.08
CA ALA Z 358 50.12 62.68 32.30
C ALA Z 358 51.34 63.54 32.59
N GLY Z 359 52.36 62.96 33.22
CA GLY Z 359 53.55 63.75 33.49
C GLY Z 359 54.14 64.25 32.19
N ALA Z 360 54.57 65.51 32.18
CA ALA Z 360 55.17 66.16 30.99
C ALA Z 360 54.11 66.78 30.08
N SER Z 361 54.28 68.08 29.86
CA SER Z 361 53.34 68.92 29.06
C SER Z 361 53.11 68.40 27.65
N ALA Z 362 52.25 69.11 26.89
CA ALA Z 362 51.88 68.79 25.51
C ALA Z 362 52.86 69.44 24.52
N ILE Z 363 54.07 68.83 24.44
CA ILE Z 363 55.23 69.20 23.60
C ILE Z 363 56.44 68.23 23.87
N ASN Z 364 56.10 66.95 24.24
CA ASN Z 364 56.99 65.78 24.56
C ASN Z 364 56.19 64.51 24.32
N LEU Z 365 54.87 64.73 24.36
CA LEU Z 365 53.85 63.73 24.11
C LEU Z 365 53.51 63.78 22.63
N ALA Z 366 53.97 64.85 22.00
CA ALA Z 366 53.76 65.05 20.57
C ALA Z 366 54.75 64.20 19.77
N ILE Z 367 54.65 64.30 18.45
CA ILE Z 367 55.49 63.58 17.50
C ILE Z 367 54.99 64.01 16.13
N ASN Z 368 55.82 64.73 15.38
CA ASN Z 368 55.41 65.21 14.08
C ASN Z 368 55.24 64.10 13.03
N VAL Z 369 54.05 63.97 12.43
CA VAL Z 369 53.75 62.96 11.39
C VAL Z 369 53.26 63.59 10.07
N ARG Z 370 53.94 64.64 9.62
CA ARG Z 370 53.60 65.39 8.42
C ARG Z 370 52.85 66.67 8.83
N GLY Z 371 53.54 67.64 9.45
CA GLY Z 371 52.91 68.88 9.90
C GLY Z 371 52.13 68.72 11.21
N GLN Z 372 50.96 68.06 11.10
CA GLN Z 372 49.97 67.72 12.17
C GLN Z 372 50.59 66.85 13.27
N PRO Z 373 51.12 67.46 14.30
CA PRO Z 373 51.71 66.69 15.39
C PRO Z 373 50.70 65.81 16.11
N ARG Z 374 50.98 64.50 16.21
CA ARG Z 374 50.06 63.57 16.86
C ARG Z 374 50.42 63.32 18.30
N PHE Z 375 49.66 62.43 18.95
CA PHE Z 375 49.92 62.09 20.34
C PHE Z 375 50.64 60.76 20.50
N ASN Z 376 51.83 60.77 21.09
CA ASN Z 376 52.57 59.55 21.34
C ASN Z 376 51.66 58.68 22.18
N MET Z 377 51.28 57.53 21.61
CA MET Z 377 50.37 56.59 22.26
C MET Z 377 50.59 56.40 23.77
N LEU Z 378 49.71 56.95 24.58
CA LEU Z 378 49.83 56.85 26.05
C LEU Z 378 48.44 56.63 26.66
N HIS Z 379 48.35 55.90 27.77
CA HIS Z 379 47.04 55.63 28.37
C HIS Z 379 46.77 56.23 29.75
N LEU Z 380 45.94 57.26 29.78
CA LEU Z 380 45.59 57.79 31.08
C LEU Z 380 44.57 56.79 31.65
N GLN Z 381 44.26 56.81 32.97
CA GLN Z 381 43.32 55.76 33.39
C GLN Z 381 42.92 55.76 34.86
N ALA Z 382 41.61 55.97 35.10
CA ALA Z 382 41.03 55.94 36.44
C ALA Z 382 40.58 54.52 36.76
N THR Z 383 39.94 54.37 37.90
CA THR Z 383 39.44 53.07 38.33
C THR Z 383 38.16 53.38 39.10
N PHE Z 384 37.21 53.98 38.39
CA PHE Z 384 35.94 54.34 38.97
C PHE Z 384 35.30 53.23 39.80
N GLU Z 385 34.71 53.59 40.95
CA GLU Z 385 34.08 52.62 41.84
C GLU Z 385 32.69 53.06 42.31
N ARG Z 386 31.66 52.33 41.89
CA ARG Z 386 30.27 52.61 42.26
C ARG Z 386 30.07 53.60 43.41
N GLU Z 387 30.55 53.23 44.60
CA GLU Z 387 30.36 53.99 45.86
C GLU Z 387 31.32 55.18 46.09
N THR Z 388 32.49 55.23 45.45
CA THR Z 388 33.34 56.41 45.68
C THR Z 388 32.55 57.68 45.27
N ILE Z 389 31.48 57.49 44.46
CA ILE Z 389 30.53 58.55 44.04
C ILE Z 389 29.17 58.42 44.79
N THR Z 390 29.16 57.99 46.10
CA THR Z 390 27.87 57.87 46.85
C THR Z 390 27.30 59.26 47.14
N GLY Z 391 25.97 59.44 47.10
CA GLY Z 391 25.36 60.76 47.39
C GLY Z 391 25.49 61.71 46.24
N ILE Z 392 26.72 62.08 45.93
CA ILE Z 392 27.11 62.95 44.81
C ILE Z 392 26.22 62.77 43.58
N PRO Z 393 25.09 63.52 43.50
CA PRO Z 393 24.13 63.45 42.40
C PRO Z 393 24.76 63.68 41.04
N TYR Z 394 25.67 64.64 40.94
CA TYR Z 394 26.30 64.93 39.65
C TYR Z 394 27.81 64.92 39.66
N ILE Z 395 28.38 64.10 38.80
CA ILE Z 395 29.82 63.95 38.67
C ILE Z 395 30.08 63.31 37.31
N TYR Z 396 31.11 63.79 36.62
CA TYR Z 396 31.42 63.28 35.29
C TYR Z 396 32.90 63.06 35.08
N GLY Z 397 33.23 62.00 34.36
CA GLY Z 397 34.59 61.71 34.05
C GLY Z 397 34.85 62.44 32.75
N LEU Z 398 35.95 63.17 32.67
CA LEU Z 398 36.28 63.94 31.46
C LEU Z 398 37.77 63.81 31.19
N GLY Z 399 38.12 63.35 30.01
CA GLY Z 399 39.55 63.25 29.67
C GLY Z 399 39.91 64.52 28.93
N THR Z 400 40.11 65.60 29.68
CA THR Z 400 40.42 66.91 29.11
C THR Z 400 41.91 67.24 28.98
N PHE Z 401 42.26 68.52 29.10
CA PHE Z 401 43.66 68.87 28.87
C PHE Z 401 44.42 69.46 30.07
N LEU Z 402 43.78 70.27 30.91
CA LEU Z 402 44.47 70.93 32.04
C LEU Z 402 45.51 71.93 31.53
N ILE Z 403 45.03 73.04 30.97
CA ILE Z 403 45.89 74.09 30.45
C ILE Z 403 46.51 74.89 31.57
N PRO Z 404 47.83 75.10 31.54
CA PRO Z 404 48.52 75.86 32.60
C PRO Z 404 48.28 77.37 32.51
N SER Z 405 47.57 77.81 31.48
CA SER Z 405 47.29 79.23 31.30
C SER Z 405 46.38 79.52 30.11
N PRO Z 406 45.06 79.56 30.33
CA PRO Z 406 44.10 79.83 29.25
C PRO Z 406 44.36 81.16 28.52
N THR Z 407 44.21 81.16 27.20
CA THR Z 407 44.47 82.33 26.36
C THR Z 407 43.41 82.50 25.26
N SER Z 408 43.53 83.59 24.51
CA SER Z 408 42.63 83.89 23.40
C SER Z 408 42.75 82.84 22.30
N SER Z 409 43.96 82.28 22.15
CA SER Z 409 44.23 81.26 21.14
C SER Z 409 43.33 80.04 21.36
N SER Z 410 43.20 79.62 22.61
CA SER Z 410 42.36 78.47 22.95
C SER Z 410 40.96 78.97 23.29
N ASN Z 411 40.35 79.70 22.36
CA ASN Z 411 39.02 80.23 22.57
C ASN Z 411 38.03 79.52 21.68
N PHE Z 412 38.56 78.66 20.80
CA PHE Z 412 37.72 77.89 19.88
C PHE Z 412 38.30 76.48 19.76
N SER Z 413 39.22 76.14 20.66
CA SER Z 413 39.88 74.83 20.64
C SER Z 413 39.07 73.71 21.31
N ASN Z 414 38.80 73.87 22.60
CA ASN Z 414 38.05 72.85 23.33
C ASN Z 414 38.91 71.59 23.41
N PRO Z 415 39.72 71.54 24.48
CA PRO Z 415 40.72 70.47 24.77
C PRO Z 415 40.22 69.09 25.22
N THR Z 416 39.02 68.69 24.83
CA THR Z 416 38.53 67.37 25.24
C THR Z 416 39.37 66.28 24.56
N LEU Z 417 40.11 65.49 25.33
CA LEU Z 417 40.92 64.43 24.71
C LEU Z 417 40.09 63.18 24.51
N MET Z 418 38.78 63.32 24.67
CA MET Z 418 37.85 62.21 24.50
C MET Z 418 37.79 61.65 23.10
N ASP Z 419 38.28 62.40 22.12
CA ASP Z 419 38.29 61.92 20.74
C ASP Z 419 39.17 60.66 20.68
N GLY Z 420 39.90 60.39 21.77
CA GLY Z 420 40.76 59.22 21.86
C GLY Z 420 39.95 57.96 22.09
N LEU Z 421 40.56 56.79 21.83
CA LEU Z 421 39.88 55.50 21.99
C LEU Z 421 39.84 54.99 23.43
N LEU Z 422 38.81 55.37 24.16
CA LEU Z 422 38.61 54.98 25.56
C LEU Z 422 38.18 53.52 25.66
N THR Z 423 38.70 52.79 26.65
CA THR Z 423 38.34 51.39 26.82
C THR Z 423 37.91 51.01 28.23
N VAL Z 424 36.60 51.06 28.47
CA VAL Z 424 36.05 50.70 29.78
C VAL Z 424 36.00 49.18 29.90
N THR Z 425 36.38 48.67 31.08
CA THR Z 425 36.37 47.24 31.34
C THR Z 425 35.70 46.97 32.68
N PRO Z 426 34.42 46.53 32.65
CA PRO Z 426 33.65 46.25 33.86
C PRO Z 426 34.45 45.39 34.82
N VAL Z 427 34.78 45.93 35.99
CA VAL Z 427 35.56 45.16 36.94
C VAL Z 427 34.70 44.74 38.12
N LEU Z 428 33.72 43.91 37.85
CA LEU Z 428 32.73 43.47 38.85
C LEU Z 428 31.51 43.03 38.07
N LEU Z 429 31.63 41.88 37.41
CA LEU Z 429 30.55 41.29 36.57
C LEU Z 429 29.13 41.26 37.14
N ARG Z 430 28.97 40.86 38.40
CA ARG Z 430 27.64 40.76 38.99
C ARG Z 430 26.68 41.90 38.62
N GLU Z 431 27.18 43.15 38.56
CA GLU Z 431 26.34 44.31 38.23
C GLU Z 431 26.36 44.78 36.78
N THR Z 432 25.19 44.84 36.16
CA THR Z 432 25.05 45.29 34.78
C THR Z 432 24.50 46.72 34.76
N THR Z 433 24.27 47.25 33.56
CA THR Z 433 23.74 48.61 33.41
C THR Z 433 22.68 48.66 32.29
N TYR Z 434 21.57 49.34 32.53
CA TYR Z 434 20.56 49.45 31.49
C TYR Z 434 19.80 50.77 31.44
N LYS Z 435 19.85 51.40 30.26
CA LYS Z 435 19.19 52.68 30.02
C LYS Z 435 19.69 53.76 30.98
N GLY Z 436 20.87 53.54 31.53
CA GLY Z 436 21.44 54.51 32.46
C GLY Z 436 21.42 54.10 33.92
N GLU Z 437 20.78 52.99 34.26
CA GLU Z 437 20.76 52.53 35.65
C GLU Z 437 21.56 51.26 35.84
N VAL Z 438 22.06 51.07 37.06
CA VAL Z 438 22.84 49.87 37.39
C VAL Z 438 21.90 48.86 38.02
N VAL Z 439 21.91 47.64 37.50
CA VAL Z 439 21.03 46.60 38.01
C VAL Z 439 21.76 45.27 38.25
N ASP Z 440 21.00 44.27 38.70
CA ASP Z 440 21.56 42.96 38.96
C ASP Z 440 20.88 41.91 38.09
N ALA Z 441 19.83 42.35 37.38
CA ALA Z 441 19.08 41.46 36.51
C ALA Z 441 18.56 42.18 35.27
N ILE Z 442 18.52 41.49 34.15
CA ILE Z 442 18.01 42.02 32.90
C ILE Z 442 16.61 41.49 32.65
N VAL Z 443 15.91 41.99 31.64
CA VAL Z 443 14.60 41.48 31.29
C VAL Z 443 14.58 41.21 29.79
N PRO Z 444 15.59 40.50 29.27
CA PRO Z 444 15.77 40.17 27.85
C PRO Z 444 14.77 40.81 26.87
N ALA Z 445 13.55 40.25 26.81
CA ALA Z 445 12.51 40.76 25.91
C ALA Z 445 12.46 42.29 25.85
N THR Z 446 12.78 42.95 26.96
CA THR Z 446 12.79 44.41 27.01
C THR Z 446 13.85 45.02 26.09
N VAL Z 447 15.02 44.43 26.08
CA VAL Z 447 16.10 44.93 25.25
C VAL Z 447 15.94 44.62 23.74
N MET Z 448 14.91 43.87 23.34
CA MET Z 448 14.73 43.59 21.90
C MET Z 448 14.07 44.81 21.27
N ALA Z 449 14.46 45.13 20.03
CA ALA Z 449 13.92 46.29 19.28
C ALA Z 449 13.61 47.44 20.22
N ASN Z 450 14.60 47.83 21.00
CA ASN Z 450 14.42 48.89 21.97
C ASN Z 450 15.61 49.83 21.91
N GLN Z 451 16.67 49.38 21.23
CA GLN Z 451 17.84 50.20 21.02
C GLN Z 451 17.68 50.77 19.62
N THR Z 452 18.46 51.79 19.28
CA THR Z 452 18.38 52.34 17.92
C THR Z 452 19.64 51.87 17.18
N SER Z 453 19.71 52.21 15.89
CA SER Z 453 20.84 51.82 15.08
C SER Z 453 22.13 51.80 15.92
N GLU Z 454 22.43 52.97 16.53
CA GLU Z 454 23.64 53.19 17.29
C GLU Z 454 23.48 53.14 18.82
N GLU Z 455 22.26 52.99 19.34
CA GLU Z 455 22.02 52.84 20.78
C GLU Z 455 22.50 51.42 21.19
N VAL Z 456 23.08 50.74 20.17
CA VAL Z 456 23.66 49.36 20.25
C VAL Z 456 25.17 49.42 20.14
N ALA Z 457 25.68 49.97 19.05
CA ALA Z 457 27.13 50.10 18.86
C ALA Z 457 27.74 51.03 19.93
N SER Z 458 26.89 51.81 20.59
CA SER Z 458 27.33 52.74 21.63
C SER Z 458 27.10 52.14 23.03
N ALA Z 459 26.74 50.85 23.07
CA ALA Z 459 26.50 50.17 24.33
C ALA Z 459 27.74 50.23 25.20
N LEU Z 460 27.55 50.12 26.52
CA LEU Z 460 28.65 50.17 27.48
C LEU Z 460 29.07 48.78 27.99
N ALA Z 461 30.31 48.37 27.65
CA ALA Z 461 30.91 47.07 28.03
C ALA Z 461 30.27 46.43 29.24
N ASN Z 462 29.54 45.36 28.99
CA ASN Z 462 28.80 44.61 30.00
C ASN Z 462 27.61 45.38 30.55
N ASP Z 463 26.69 45.69 29.61
CA ASP Z 463 25.43 46.32 29.94
C ASP Z 463 24.33 45.47 29.30
N ALA Z 464 23.13 45.54 29.79
CA ALA Z 464 22.12 44.67 29.18
C ALA Z 464 22.33 44.49 27.67
N ILE Z 465 22.27 45.57 26.90
CA ILE Z 465 22.46 45.49 25.46
C ILE Z 465 23.65 44.59 25.07
N VAL Z 466 24.83 44.84 25.66
CA VAL Z 466 26.01 44.04 25.35
C VAL Z 466 25.88 42.61 25.84
N LEU Z 467 24.99 42.38 26.81
CA LEU Z 467 24.76 41.03 27.31
C LEU Z 467 23.72 40.31 26.43
N VAL Z 468 22.62 41.03 26.05
CA VAL Z 468 21.52 40.54 25.18
C VAL Z 468 21.94 40.52 23.72
N SER Z 469 23.25 40.73 23.53
CA SER Z 469 23.92 40.67 22.23
C SER Z 469 24.87 39.47 22.21
N ASN Z 470 25.55 39.20 23.36
CA ASN Z 470 26.54 38.10 23.60
C ASN Z 470 25.83 36.76 23.67
N HIS Z 471 24.57 36.90 24.03
CA HIS Z 471 23.65 35.78 24.14
C HIS Z 471 23.14 35.42 22.76
N LEU Z 472 22.48 36.36 22.08
CA LEU Z 472 21.97 36.07 20.74
C LEU Z 472 23.09 35.52 19.89
N ASN Z 473 24.28 36.03 20.09
CA ASN Z 473 25.46 35.60 19.34
C ASN Z 473 25.77 34.12 19.45
N LYS Z 474 25.49 33.50 20.61
CA LYS Z 474 25.70 32.07 20.77
C LYS Z 474 24.63 31.38 19.96
N LEU Z 475 23.38 31.76 20.22
CA LEU Z 475 22.25 31.18 19.53
C LEU Z 475 22.37 31.42 18.04
N ALA Z 476 23.07 32.50 17.68
CA ALA Z 476 23.27 32.74 16.28
C ALA Z 476 24.26 31.71 15.69
N ASN Z 477 25.16 31.11 16.50
CA ASN Z 477 26.15 30.18 15.94
C ASN Z 477 25.67 28.76 16.02
N VAL Z 478 24.65 28.57 16.81
CA VAL Z 478 24.06 27.25 16.87
C VAL Z 478 23.27 27.11 15.60
N VAL Z 479 22.46 28.10 15.22
CA VAL Z 479 21.70 27.96 13.97
C VAL Z 479 22.68 27.99 12.80
N GLY Z 480 23.50 29.03 12.73
CA GLY Z 480 24.49 29.15 11.66
C GLY Z 480 25.20 27.82 11.43
N ASP Z 481 25.58 27.17 12.52
CA ASP Z 481 26.29 25.89 12.50
C ASP Z 481 25.42 24.68 12.16
N ALA Z 482 24.64 24.21 13.11
CA ALA Z 482 23.77 23.04 12.92
C ALA Z 482 22.68 23.17 11.85
N ILE Z 483 21.73 24.08 12.08
CA ILE Z 483 20.62 24.30 11.14
C ILE Z 483 21.07 24.88 9.79
N PRO Z 484 20.40 24.51 8.69
CA PRO Z 484 20.76 25.03 7.35
C PRO Z 484 20.08 26.34 6.94
N VAL Z 485 20.22 27.37 7.76
CA VAL Z 485 19.60 28.66 7.47
C VAL Z 485 20.29 29.40 6.31
N ALA Z 486 21.04 28.67 5.48
CA ALA Z 486 21.73 29.29 4.34
C ALA Z 486 21.59 28.55 3.02
N SER Z 487 20.37 28.08 2.75
CA SER Z 487 20.03 27.41 1.49
C SER Z 487 18.49 27.45 1.31
N ARG Z 488 17.93 27.15 0.12
CA ARG Z 488 16.47 27.23 -0.05
C ARG Z 488 15.72 26.08 0.63
N THR Z 489 16.25 25.56 1.74
CA THR Z 489 15.63 24.41 2.39
C THR Z 489 14.60 24.69 3.47
N ASP Z 490 14.00 25.89 3.46
CA ASP Z 490 12.97 26.25 4.47
C ASP Z 490 13.09 25.46 5.77
N ASP Z 491 14.30 25.50 6.34
CA ASP Z 491 14.70 24.83 7.57
C ASP Z 491 13.82 25.06 8.78
N SER Z 492 14.08 24.29 9.83
CA SER Z 492 13.33 24.38 11.09
C SER Z 492 13.33 25.79 11.68
N ALA Z 493 14.42 26.53 11.47
CA ALA Z 493 14.55 27.89 11.99
C ALA Z 493 13.60 28.84 11.27
N THR Z 494 13.81 29.03 9.97
CA THR Z 494 12.95 29.92 9.16
C THR Z 494 11.53 29.41 9.12
N SER Z 495 11.31 28.20 9.66
CA SER Z 495 10.00 27.59 9.66
C SER Z 495 9.23 27.98 10.91
N ALA Z 496 9.94 28.06 12.03
CA ALA Z 496 9.32 28.44 13.30
C ALA Z 496 8.77 29.86 13.13
N ILE Z 497 9.54 30.71 12.44
CA ILE Z 497 9.14 32.09 12.21
C ILE Z 497 7.93 32.19 11.26
N VAL Z 498 7.93 31.41 10.17
CA VAL Z 498 6.83 31.43 9.22
C VAL Z 498 5.49 31.17 9.91
N SER Z 499 5.48 30.23 10.86
CA SER Z 499 4.24 29.93 11.55
C SER Z 499 3.79 31.11 12.39
N ARG Z 500 4.72 31.94 12.86
CA ARG Z 500 4.33 33.11 13.62
C ARG Z 500 3.74 34.15 12.68
N LEU Z 501 4.42 34.43 11.57
CA LEU Z 501 3.92 35.41 10.60
C LEU Z 501 2.51 35.07 10.15
N ALA Z 502 2.24 33.79 9.91
CA ALA Z 502 0.90 33.37 9.49
C ALA Z 502 -0.10 33.73 10.61
N VAL Z 503 0.00 33.04 11.75
CA VAL Z 503 -0.85 33.28 12.92
C VAL Z 503 -0.99 34.77 13.20
N GLN Z 504 0.01 35.54 12.84
CA GLN Z 504 -0.01 36.97 13.07
C GLN Z 504 -0.81 37.67 11.98
N HIS Z 505 -0.34 37.53 10.73
CA HIS Z 505 -1.03 38.15 9.60
C HIS Z 505 -2.45 37.62 9.43
N LYS Z 506 -2.74 36.47 10.04
CA LYS Z 506 -4.06 35.88 9.89
C LYS Z 506 -5.09 36.55 10.77
N LEU Z 507 -4.70 36.95 11.98
CA LEU Z 507 -5.67 37.60 12.87
C LEU Z 507 -5.79 39.07 12.54
N SER Z 508 -4.76 39.63 11.91
CA SER Z 508 -4.81 41.05 11.56
C SER Z 508 -5.78 41.18 10.38
N GLN Z 509 -6.13 40.05 9.78
CA GLN Z 509 -7.06 40.03 8.66
C GLN Z 509 -8.48 39.77 9.15
N VAL Z 510 -8.59 39.18 10.34
CA VAL Z 510 -9.89 38.89 10.95
C VAL Z 510 -10.60 40.23 11.20
N GLY Z 511 -11.93 40.25 11.06
CA GLY Z 511 -12.74 41.47 11.20
C GLY Z 511 -12.38 42.40 10.02
N GLN Z 512 -13.36 42.84 9.18
CA GLN Z 512 -13.17 43.66 7.94
C GLN Z 512 -13.11 42.66 6.77
N ALA Z 513 -13.63 43.05 5.59
CA ALA Z 513 -13.76 42.32 4.30
C ALA Z 513 -12.82 41.14 4.02
N SER Z 514 -11.78 40.98 4.84
CA SER Z 514 -10.78 39.90 4.66
C SER Z 514 -10.50 39.69 3.17
N PRO Z 515 -10.32 40.79 2.42
CA PRO Z 515 -10.09 40.73 0.98
C PRO Z 515 -8.76 40.05 0.59
N THR Z 516 -7.90 39.81 1.58
CA THR Z 516 -6.60 39.19 1.29
C THR Z 516 -6.34 37.87 1.99
N PRO Z 517 -6.58 36.75 1.30
CA PRO Z 517 -6.27 35.47 1.88
C PRO Z 517 -4.76 35.37 2.09
N PRO Z 518 -4.28 35.04 3.27
CA PRO Z 518 -2.85 34.94 3.52
C PRO Z 518 -2.08 34.36 2.32
N ASP Z 519 -0.86 34.86 2.13
CA ASP Z 519 -0.04 34.45 0.98
C ASP Z 519 0.63 33.06 1.14
N TYR Z 520 1.73 33.00 1.91
CA TYR Z 520 2.47 31.73 2.19
C TYR Z 520 3.70 31.55 1.34
N PRO Z 521 3.59 31.49 0.01
CA PRO Z 521 4.82 31.40 -0.76
C PRO Z 521 5.68 32.64 -0.41
N LEU Z 522 5.00 33.80 -0.22
CA LEU Z 522 5.57 35.14 0.15
C LEU Z 522 5.93 35.23 1.64
N LEU Z 523 5.19 34.50 2.46
CA LEU Z 523 5.44 34.42 3.89
C LEU Z 523 6.61 33.51 4.19
N TRP Z 524 6.67 32.39 3.49
CA TRP Z 524 7.80 31.48 3.68
C TRP Z 524 9.07 32.22 3.35
N ARG Z 525 9.06 32.90 2.19
CA ARG Z 525 10.21 33.65 1.73
C ARG Z 525 10.52 34.88 2.61
N ARG Z 526 9.51 35.50 3.19
CA ARG Z 526 9.78 36.64 4.05
C ARG Z 526 10.40 36.19 5.36
N ALA Z 527 9.93 35.07 5.89
CA ALA Z 527 10.46 34.54 7.15
C ALA Z 527 11.82 33.89 6.94
N LYS Z 528 12.11 33.49 5.70
CA LYS Z 528 13.38 32.86 5.41
C LYS Z 528 14.49 33.88 5.55
N ARG Z 529 14.24 35.10 5.05
CA ARG Z 529 15.24 36.17 5.14
C ARG Z 529 15.25 36.73 6.55
N ALA Z 530 14.15 36.56 7.27
CA ALA Z 530 14.08 37.04 8.66
C ALA Z 530 15.00 36.15 9.49
N ALA Z 531 14.83 34.82 9.39
CA ALA Z 531 15.69 33.88 10.14
C ALA Z 531 17.12 34.01 9.63
N SER Z 532 17.25 34.26 8.33
CA SER Z 532 18.55 34.42 7.73
C SER Z 532 19.21 35.71 8.19
N MET Z 533 18.47 36.81 8.19
CA MET Z 533 19.06 38.08 8.61
C MET Z 533 19.53 37.98 10.07
N PHE Z 534 18.89 37.09 10.83
CA PHE Z 534 19.28 36.92 12.21
C PHE Z 534 20.64 36.20 12.29
N VAL Z 535 20.71 34.98 11.76
CA VAL Z 535 21.98 34.26 11.76
C VAL Z 535 23.08 35.15 11.30
N SER Z 536 22.76 35.98 10.29
CA SER Z 536 23.72 36.90 9.72
C SER Z 536 24.29 37.86 10.74
N ASN Z 537 23.48 38.80 11.19
CA ASN Z 537 23.89 39.78 12.16
C ASN Z 537 23.00 39.71 13.40
N PRO Z 538 23.27 38.74 14.29
CA PRO Z 538 22.50 38.52 15.51
C PRO Z 538 22.02 39.82 16.18
N SER Z 539 22.91 40.82 16.22
CA SER Z 539 22.63 42.10 16.84
C SER Z 539 21.30 42.74 16.44
N LEU Z 540 21.12 42.99 15.13
CA LEU Z 540 19.90 43.61 14.60
C LEU Z 540 18.63 43.44 15.43
N ALA Z 541 18.37 42.23 15.90
CA ALA Z 541 17.18 41.96 16.71
C ALA Z 541 17.05 42.85 17.96
N LEU Z 542 17.89 43.87 18.08
CA LEU Z 542 17.82 44.81 19.22
C LEU Z 542 17.37 46.18 18.73
N GLN Z 543 17.60 46.43 17.44
CA GLN Z 543 17.28 47.71 16.83
C GLN Z 543 15.84 47.92 16.42
N VAL Z 544 15.27 49.05 16.87
CA VAL Z 544 13.89 49.40 16.54
C VAL Z 544 13.78 49.64 15.05
N GLY Z 545 12.90 48.90 14.39
CA GLY Z 545 12.67 49.08 12.96
C GLY Z 545 13.22 47.97 12.09
N ILE Z 546 13.27 46.75 12.62
CA ILE Z 546 13.73 45.63 11.80
C ILE Z 546 12.57 44.67 11.52
N PRO Z 547 12.25 44.51 10.22
CA PRO Z 547 11.13 43.68 9.70
C PRO Z 547 11.08 42.25 10.28
N VAL Z 548 9.93 41.87 10.84
CA VAL Z 548 9.73 40.55 11.43
C VAL Z 548 10.52 40.42 12.73
N LEU Z 549 11.80 40.06 12.57
CA LEU Z 549 12.71 39.85 13.68
C LEU Z 549 12.37 40.56 15.00
N THR Z 550 11.90 41.84 14.95
CA THR Z 550 11.65 42.56 16.19
C THR Z 550 10.24 42.46 16.77
N GLN Z 551 9.38 41.58 16.27
CA GLN Z 551 8.05 41.44 16.87
C GLN Z 551 8.28 40.49 18.03
N SER Z 552 7.54 40.69 19.13
CA SER Z 552 7.72 39.86 20.33
C SER Z 552 7.75 38.34 20.11
N GLY Z 553 6.93 37.82 19.19
CA GLY Z 553 6.90 36.39 18.94
C GLY Z 553 8.27 35.81 18.61
N MET Z 554 8.74 36.10 17.40
CA MET Z 554 10.05 35.64 16.90
C MET Z 554 11.13 35.62 17.98
N LEU Z 555 12.16 34.80 17.76
CA LEU Z 555 13.28 34.65 18.70
C LEU Z 555 12.83 33.76 19.83
N SER Z 556 11.89 34.26 20.62
CA SER Z 556 11.35 33.43 21.65
C SER Z 556 10.86 32.20 20.96
N ALA Z 557 10.35 32.44 19.76
CA ALA Z 557 9.87 31.42 18.84
C ALA Z 557 11.05 30.71 18.21
N LEU Z 558 11.80 31.44 17.38
CA LEU Z 558 12.97 30.87 16.73
C LEU Z 558 13.71 29.86 17.61
N THR Z 559 14.37 30.40 18.67
CA THR Z 559 15.16 29.51 19.53
C THR Z 559 14.41 28.22 19.83
N SER Z 560 13.27 28.25 20.53
CA SER Z 560 12.54 27.02 20.86
C SER Z 560 12.27 26.08 19.67
N GLY Z 561 12.43 26.60 18.45
CA GLY Z 561 12.31 25.77 17.28
C GLY Z 561 13.66 25.13 17.11
N VAL Z 562 14.63 25.98 16.75
CA VAL Z 562 16.02 25.56 16.58
C VAL Z 562 16.37 24.55 17.68
N GLY Z 563 15.76 24.75 18.84
CA GLY Z 563 15.94 23.88 19.97
C GLY Z 563 15.58 22.48 19.55
N THR Z 564 14.28 22.20 19.49
CA THR Z 564 13.84 20.86 19.11
C THR Z 564 14.46 20.41 17.79
N ALA Z 565 14.78 21.36 16.91
CA ALA Z 565 15.38 21.00 15.62
C ALA Z 565 16.71 20.25 15.80
N LEU Z 566 17.53 20.69 16.76
CA LEU Z 566 18.80 20.02 17.00
C LEU Z 566 18.58 18.69 17.67
N ARG Z 567 17.55 18.60 18.49
CA ARG Z 567 17.29 17.35 19.18
C ARG Z 567 16.55 16.34 18.31
N THR Z 568 16.96 16.25 17.02
CA THR Z 568 16.32 15.29 16.10
C THR Z 568 17.08 15.18 14.76
N GLY Z 569 18.09 16.03 14.57
CA GLY Z 569 18.88 16.04 13.34
C GLY Z 569 19.08 14.67 12.68
N SER Z 570 18.99 13.58 13.46
CA SER Z 570 19.17 12.14 13.09
C SER Z 570 20.66 11.75 13.22
N LEU Z 571 21.44 11.75 12.12
CA LEU Z 571 22.90 11.53 12.11
C LEU Z 571 23.30 11.96 10.71
N GLY Z 572 22.47 11.62 9.72
CA GLY Z 572 22.71 11.93 8.33
C GLY Z 572 22.19 13.30 7.89
N LYS Z 573 22.39 14.31 8.75
CA LYS Z 573 21.98 15.69 8.44
C LYS Z 573 22.84 16.22 7.31
N GLY Z 574 23.99 15.58 7.19
CA GLY Z 574 24.94 15.92 6.18
C GLY Z 574 24.41 15.61 4.81
N VAL Z 575 23.21 15.06 4.67
CA VAL Z 575 22.68 14.74 3.36
C VAL Z 575 22.46 16.02 2.58
N THR Z 576 22.47 17.15 3.28
CA THR Z 576 22.27 18.46 2.64
C THR Z 576 23.45 18.78 1.72
N ASP Z 577 23.16 18.97 0.43
CA ASP Z 577 24.20 19.28 -0.54
C ASP Z 577 25.31 18.25 -0.45
N ALA Z 578 24.94 17.02 -0.12
CA ALA Z 578 25.91 15.93 -0.01
C ALA Z 578 26.19 15.41 -1.41
N SER Z 579 25.63 16.12 -2.39
CA SER Z 579 25.83 15.77 -3.78
C SER Z 579 27.06 16.49 -4.33
N GLU Z 580 27.07 17.83 -4.25
CA GLU Z 580 28.18 18.65 -4.72
C GLU Z 580 29.36 18.44 -3.80
N LYS Z 581 29.04 18.17 -2.53
CA LYS Z 581 30.05 17.91 -1.52
C LYS Z 581 30.77 16.65 -1.94
N LEU Z 582 29.99 15.66 -2.41
CA LEU Z 582 30.55 14.39 -2.85
C LEU Z 582 31.37 14.62 -4.10
N ARG Z 583 30.74 15.27 -5.08
CA ARG Z 583 31.38 15.54 -6.37
C ARG Z 583 32.67 16.35 -6.17
N ALA Z 584 32.77 17.11 -5.08
CA ALA Z 584 33.98 17.88 -4.81
C ALA Z 584 35.07 16.97 -4.23
N ARG Z 585 34.66 15.96 -3.45
CA ARG Z 585 35.59 15.02 -2.89
C ARG Z 585 36.20 14.13 -3.97
N GLN Z 586 35.39 13.76 -4.95
CA GLN Z 586 35.91 12.96 -6.05
C GLN Z 586 36.88 13.82 -6.83
N SER Z 587 36.60 15.12 -6.85
CA SER Z 587 37.44 16.07 -7.54
C SER Z 587 38.84 16.07 -6.93
N LEU Z 588 38.88 15.95 -5.62
CA LEU Z 588 40.17 15.97 -4.91
C LEU Z 588 40.94 14.67 -5.09
N THR Z 589 40.21 13.55 -4.97
CA THR Z 589 40.85 12.24 -5.14
C THR Z 589 41.40 12.09 -6.57
N VAL Z 590 40.78 12.77 -7.53
CA VAL Z 590 41.27 12.69 -8.91
C VAL Z 590 42.57 13.46 -9.02
N ALA Z 591 42.68 14.55 -8.28
CA ALA Z 591 43.89 15.36 -8.29
C ALA Z 591 44.98 14.69 -7.44
N LYS Z 592 44.58 14.03 -6.36
CA LYS Z 592 45.55 13.34 -5.50
C LYS Z 592 46.05 12.07 -6.20
N GLN Z 593 45.21 11.48 -7.06
CA GLN Z 593 45.63 10.29 -7.78
C GLN Z 593 46.72 10.76 -8.72
N ALA Z 594 46.55 11.98 -9.23
CA ALA Z 594 47.49 12.61 -10.14
C ALA Z 594 48.86 12.76 -9.46
N PHE Z 595 48.85 13.05 -8.16
CA PHE Z 595 50.08 13.17 -7.39
C PHE Z 595 50.77 11.80 -7.33
N PHE Z 596 50.08 10.79 -6.78
CA PHE Z 596 50.64 9.44 -6.70
C PHE Z 596 51.24 8.98 -8.03
N ASP Z 597 50.68 9.48 -9.14
CA ASP Z 597 51.18 9.11 -10.45
C ASP Z 597 52.59 9.63 -10.70
N GLN Z 598 52.94 10.77 -10.10
CA GLN Z 598 54.31 11.29 -10.26
C GLN Z 598 55.24 10.58 -9.29
N ILE Z 599 54.78 10.42 -8.05
CA ILE Z 599 55.60 9.68 -7.08
C ILE Z 599 55.97 8.37 -7.73
N GLY Z 600 55.05 7.88 -8.52
CA GLY Z 600 55.17 6.63 -9.24
C GLY Z 600 56.12 6.67 -10.42
N SER Z 601 56.35 7.84 -11.01
CA SER Z 601 57.25 7.90 -12.15
C SER Z 601 58.64 8.40 -11.73
N LEU Z 602 58.71 9.65 -11.26
CA LEU Z 602 59.97 10.24 -10.84
C LEU Z 602 60.87 9.27 -10.09
N TRP Z 603 60.34 8.70 -8.99
CA TRP Z 603 61.07 7.69 -8.26
C TRP Z 603 60.55 6.31 -8.66
N PRO Z 604 61.08 5.79 -9.78
CA PRO Z 604 60.67 4.48 -10.26
C PRO Z 604 61.17 3.37 -9.34
N GLY AA 2 -5.22 14.59 5.03
CA GLY AA 2 -5.61 13.88 6.22
C GLY AA 2 -6.56 12.74 5.91
N ASN AA 3 -6.78 12.50 4.65
CA ASN AA 3 -7.67 11.46 4.25
C ASN AA 3 -7.37 10.16 4.96
N VAL AA 4 -8.45 9.58 5.42
CA VAL AA 4 -8.35 8.32 6.09
C VAL AA 4 -7.48 7.37 5.29
N GLN AA 5 -6.64 6.66 6.05
CA GLN AA 5 -5.74 5.60 5.58
C GLN AA 5 -6.41 4.29 6.03
N THR AA 6 -6.05 3.83 7.26
CA THR AA 6 -6.68 2.68 7.98
C THR AA 6 -5.73 1.64 8.58
N SER AA 7 -4.68 1.19 7.94
CA SER AA 7 -3.91 0.19 8.65
C SER AA 7 -2.43 0.39 8.52
N VAL AA 8 -2.04 1.06 7.41
CA VAL AA 8 -0.65 1.28 7.12
C VAL AA 8 0.07 1.55 8.43
N ASN AA 9 -0.46 2.50 9.22
CA ASN AA 9 0.19 2.82 10.50
C ASN AA 9 -0.87 2.81 11.70
N THR AA 10 -0.60 2.23 12.92
CA THR AA 10 -1.55 2.11 14.12
C THR AA 10 -2.35 3.35 14.50
N TYR AA 11 -2.09 4.46 13.84
CA TYR AA 11 -2.80 5.69 14.15
C TYR AA 11 -3.20 6.46 12.92
N ASN AA 12 -4.41 6.97 12.96
CA ASN AA 12 -4.91 7.83 11.90
C ASN AA 12 -4.48 9.22 12.31
N ILE AA 13 -4.26 10.13 11.40
CA ILE AA 13 -3.87 11.48 11.85
C ILE AA 13 -5.11 12.23 12.28
N THR AA 14 -6.10 12.23 11.40
CA THR AA 14 -7.40 12.86 11.68
C THR AA 14 -8.20 11.96 12.62
N GLY AA 15 -7.55 10.90 13.08
CA GLY AA 15 -8.18 9.96 13.99
C GLY AA 15 -8.90 10.60 15.17
N ASP AA 16 -9.78 9.81 15.78
CA ASP AA 16 -10.58 10.24 16.93
C ASP AA 16 -9.74 10.60 18.17
N GLY AA 17 -10.08 11.74 18.78
CA GLY AA 17 -9.40 12.16 19.99
C GLY AA 17 -7.88 12.20 20.10
N ASN AA 18 -7.21 12.73 19.08
CA ASN AA 18 -5.76 12.89 19.12
C ASN AA 18 -5.53 14.10 19.98
N SER AA 19 -4.28 14.55 20.13
CA SER AA 19 -4.12 15.73 20.96
C SER AA 19 -2.73 16.32 21.02
N PHE AA 20 -2.53 17.44 20.35
CA PHE AA 20 -1.27 18.14 20.42
C PHE AA 20 -1.26 18.81 21.79
N THR AA 21 -0.20 18.57 22.57
CA THR AA 21 -0.11 19.14 23.91
C THR AA 21 1.27 18.97 24.56
N PRO AA 22 2.17 19.94 24.31
CA PRO AA 22 3.53 19.91 24.87
C PRO AA 22 3.48 19.92 26.39
N THR AA 23 4.45 19.24 26.99
CA THR AA 23 4.62 19.15 28.43
C THR AA 23 6.06 19.48 28.67
N SER AA 24 6.33 20.46 29.53
CA SER AA 24 7.72 20.85 29.81
C SER AA 24 8.53 19.63 30.24
N ASP AA 25 7.81 18.58 30.59
CA ASP AA 25 8.38 17.33 31.10
C ASP AA 25 9.11 16.37 30.13
N MET AA 26 8.71 16.35 28.85
CA MET AA 26 9.31 15.36 27.96
C MET AA 26 10.09 15.83 26.72
N THR AA 27 10.61 17.08 26.67
CA THR AA 27 11.35 17.60 25.50
C THR AA 27 11.62 16.60 24.36
N SER AA 28 10.78 16.63 23.33
CA SER AA 28 10.88 15.77 22.15
C SER AA 28 12.27 15.66 21.57
N THR AA 29 12.79 14.44 21.41
CA THR AA 29 14.15 14.22 20.87
C THR AA 29 14.48 12.81 20.34
N ALA AA 30 14.94 12.73 19.11
CA ALA AA 30 15.38 11.45 18.53
C ALA AA 30 16.84 11.22 18.91
N ALA AA 31 17.65 10.65 18.02
CA ALA AA 31 19.05 10.36 18.35
C ALA AA 31 20.05 11.00 17.42
N PRO AA 32 20.51 12.24 17.73
CA PRO AA 32 21.47 12.95 16.90
C PRO AA 32 22.89 12.76 17.37
N ALA AA 33 23.16 12.92 18.66
CA ALA AA 33 24.53 12.82 19.12
C ALA AA 33 25.15 11.42 19.24
N ILE AA 34 24.84 10.51 18.32
CA ILE AA 34 25.44 9.17 18.41
C ILE AA 34 26.96 9.32 18.27
N ASP AA 35 27.69 8.73 19.21
CA ASP AA 35 29.14 8.81 19.19
C ASP AA 35 29.77 7.83 18.21
N LEU AA 36 30.63 8.33 17.31
CA LEU AA 36 31.29 7.47 16.35
C LEU AA 36 32.79 7.75 16.25
N LYS AA 37 33.27 8.79 16.91
CA LYS AA 37 34.70 9.13 16.85
C LYS AA 37 35.62 7.92 17.15
N PRO AA 38 36.69 7.82 16.39
CA PRO AA 38 37.67 6.75 16.46
C PRO AA 38 37.86 6.07 17.82
N GLY AA 39 38.36 6.83 18.78
CA GLY AA 39 38.58 6.25 20.08
C GLY AA 39 37.30 5.71 20.72
N VAL AA 40 36.22 6.49 20.61
CA VAL AA 40 34.98 6.10 21.25
C VAL AA 40 34.17 5.00 20.55
N LEU AA 41 34.27 4.85 19.24
CA LEU AA 41 33.53 3.76 18.56
C LEU AA 41 34.33 2.48 18.62
N ASN AA 42 35.64 2.62 18.89
CA ASN AA 42 36.56 1.48 19.05
C ASN AA 42 37.81 1.54 18.18
N PRO BA 1 36.95 -8.03 26.06
CA PRO BA 1 37.80 -8.22 24.88
C PRO BA 1 37.50 -7.17 23.85
N THR BA 2 38.34 -7.12 22.81
CA THR BA 2 38.26 -6.16 21.71
C THR BA 2 39.15 -6.64 20.59
N GLY BA 3 39.06 -6.00 19.42
CA GLY BA 3 39.91 -6.34 18.30
C GLY BA 3 39.41 -7.52 17.45
N LYS BA 4 40.24 -7.94 16.50
CA LYS BA 4 39.91 -9.01 15.63
C LYS BA 4 40.05 -10.32 16.37
N LEU BA 5 39.29 -11.34 15.98
CA LEU BA 5 39.37 -12.64 16.65
C LEU BA 5 40.45 -13.49 16.01
N TRP BA 6 41.18 -14.21 16.82
CA TRP BA 6 42.24 -15.08 16.36
C TRP BA 6 41.93 -16.51 16.71
N ARG BA 7 42.56 -17.46 16.06
CA ARG BA 7 42.36 -18.86 16.39
C ARG BA 7 43.65 -19.63 16.20
N PRO BA 8 43.86 -20.67 17.01
CA PRO BA 8 45.08 -21.51 16.94
C PRO BA 8 45.32 -22.12 15.56
N VAL BA 9 46.15 -21.48 14.73
CA VAL BA 9 46.43 -22.01 13.39
C VAL BA 9 47.11 -23.39 13.50
N GLY BA 10 47.92 -23.57 14.53
CA GLY BA 10 48.62 -24.83 14.76
C GLY BA 10 47.73 -25.87 15.43
N THR BA 11 46.50 -25.47 15.73
CA THR BA 11 45.49 -26.34 16.34
C THR BA 11 45.67 -26.66 17.83
N SER BA 12 44.53 -26.93 18.47
CA SER BA 12 44.45 -27.26 19.90
C SER BA 12 45.19 -26.28 20.79
N VAL BA 13 46.43 -26.62 21.13
CA VAL BA 13 47.24 -25.78 21.98
C VAL BA 13 47.36 -24.37 21.38
N ALA BA 14 46.77 -23.41 22.08
CA ALA BA 14 46.85 -22.03 21.69
C ALA BA 14 47.91 -21.33 22.52
N THR BA 15 49.06 -21.10 21.92
CA THR BA 15 50.14 -20.38 22.61
C THR BA 15 50.22 -18.96 21.98
N ILE BA 16 51.20 -18.13 22.41
CA ILE BA 16 51.44 -16.77 21.90
C ILE BA 16 52.20 -16.82 20.57
N ASP BA 17 51.74 -17.63 19.65
CA ASP BA 17 52.38 -17.82 18.35
C ASP BA 17 51.64 -18.84 17.49
N SER BA 18 50.90 -19.72 18.14
CA SER BA 18 50.12 -20.73 17.42
C SER BA 18 48.76 -20.11 17.07
N LEU BA 19 48.67 -18.79 17.19
CA LEU BA 19 47.48 -18.02 16.88
C LEU BA 19 47.67 -17.41 15.50
N ALA BA 20 46.63 -16.75 15.05
CA ALA BA 20 46.65 -16.05 13.78
C ALA BA 20 45.28 -15.44 13.51
N ILE BA 21 45.24 -14.16 13.11
CA ILE BA 21 43.96 -13.53 12.83
C ILE BA 21 43.13 -14.45 11.95
N VAL BA 22 42.00 -14.94 12.46
CA VAL BA 22 41.14 -15.84 11.70
C VAL BA 22 40.52 -15.12 10.52
N SER BA 23 41.28 -14.92 9.45
CA SER BA 23 40.71 -14.25 8.29
C SER BA 23 40.12 -15.29 7.34
N ASP BA 24 39.46 -14.84 6.28
CA ASP BA 24 38.88 -15.76 5.32
C ASP BA 24 38.09 -15.01 4.25
N ARG BA 25 37.35 -15.78 3.47
CA ARG BA 25 36.55 -15.28 2.36
C ARG BA 25 35.64 -14.09 2.67
N PHE BA 26 35.41 -13.81 3.96
CA PHE BA 26 34.55 -12.70 4.36
C PHE BA 26 35.33 -11.52 4.91
N GLY BA 27 36.63 -11.69 5.12
CA GLY BA 27 37.45 -10.62 5.69
C GLY BA 27 37.79 -11.12 7.08
N GLN BA 28 38.11 -10.22 8.02
CA GLN BA 28 38.44 -10.67 9.37
C GLN BA 28 37.39 -10.33 10.40
N TYR BA 29 36.97 -11.35 11.14
CA TYR BA 29 35.96 -11.13 12.16
C TYR BA 29 36.52 -10.27 13.27
N SER BA 30 35.92 -9.09 13.47
CA SER BA 30 36.38 -8.26 14.57
C SER BA 30 35.29 -8.36 15.64
N PHE BA 31 35.70 -8.50 16.90
CA PHE BA 31 34.76 -8.64 18.00
C PHE BA 31 33.88 -7.42 18.21
N VAL BA 32 32.63 -7.66 18.60
CA VAL BA 32 31.68 -6.56 18.83
C VAL BA 32 31.37 -6.45 20.32
N ASN BA 33 32.29 -5.83 21.06
CA ASN BA 33 32.15 -5.65 22.51
C ASN BA 33 30.81 -5.01 22.84
N GLU BA 34 30.32 -5.28 24.04
CA GLU BA 34 29.04 -4.77 24.53
C GLU BA 34 28.65 -3.35 24.12
N GLY BA 35 29.49 -2.38 24.40
CA GLY BA 35 29.20 -0.98 24.11
C GLY BA 35 29.13 -0.64 22.63
N MET BA 36 29.96 -1.31 21.83
CA MET BA 36 29.96 -1.04 20.39
C MET BA 36 28.69 -1.55 19.73
N ARG BA 37 27.90 -2.35 20.46
CA ARG BA 37 26.63 -2.81 19.94
C ARG BA 37 25.58 -1.77 20.27
N GLU BA 38 25.88 -0.96 21.30
CA GLU BA 38 24.99 0.11 21.72
C GLU BA 38 24.88 1.14 20.64
N THR BA 39 26.01 1.41 19.99
CA THR BA 39 26.02 2.39 18.93
C THR BA 39 25.22 1.89 17.73
N PHE BA 40 25.68 0.81 17.10
CA PHE BA 40 25.01 0.23 15.94
C PHE BA 40 23.57 -0.13 16.19
N SER BA 41 23.21 -0.31 17.44
CA SER BA 41 21.82 -0.54 17.74
C SER BA 41 21.12 0.80 17.83
N LYS BA 42 21.79 1.77 18.43
CA LYS BA 42 21.23 3.12 18.59
C LYS BA 42 21.07 3.79 17.23
N ALA BA 43 21.94 3.42 16.28
CA ALA BA 43 21.91 3.96 14.92
C ALA BA 43 20.77 3.31 14.15
N LEU BA 44 20.68 1.99 14.22
CA LEU BA 44 19.62 1.25 13.55
C LEU BA 44 18.29 1.57 14.21
N PHE BA 45 18.30 1.76 15.52
CA PHE BA 45 17.07 2.07 16.21
C PHE BA 45 16.46 3.35 15.64
N ASP BA 46 17.31 4.35 15.41
CA ASP BA 46 16.83 5.61 14.87
C ASP BA 46 16.36 5.48 13.42
N ILE BA 47 16.67 4.37 12.76
CA ILE BA 47 16.21 4.18 11.38
C ILE BA 47 14.92 3.37 11.40
N ASN BA 48 14.87 2.29 12.18
CA ASN BA 48 13.67 1.48 12.26
C ASN BA 48 12.49 2.39 12.54
N MET BA 49 12.71 3.40 13.40
CA MET BA 49 11.67 4.35 13.76
C MET BA 49 10.86 4.81 12.54
N TRP BA 50 11.56 5.06 11.46
CA TRP BA 50 10.94 5.52 10.22
C TRP BA 50 10.31 4.40 9.44
N GLN BA 51 9.90 3.33 10.11
CA GLN BA 51 9.34 2.18 9.40
C GLN BA 51 8.11 2.53 8.58
N PRO BA 52 7.12 3.23 9.18
CA PRO BA 52 5.89 3.60 8.48
C PRO BA 52 6.10 4.44 7.24
N LEU BA 53 7.25 5.09 7.11
CA LEU BA 53 7.45 5.88 5.91
C LEU BA 53 8.18 5.11 4.84
N PHE BA 54 8.86 4.03 5.23
CA PHE BA 54 9.58 3.18 4.28
C PHE BA 54 8.62 2.34 3.48
N GLN BA 55 7.60 1.79 4.15
CA GLN BA 55 6.62 0.99 3.45
C GLN BA 55 5.80 1.91 2.56
N ALA BA 56 5.29 2.99 3.14
CA ALA BA 56 4.48 3.94 2.36
C ALA BA 56 5.12 4.25 1.06
N THR BA 57 6.37 4.60 1.12
CA THR BA 57 7.02 4.92 -0.12
C THR BA 57 7.77 3.73 -0.77
N LYS BA 58 7.41 2.44 -0.54
CA LYS BA 58 8.06 1.28 -1.22
C LYS BA 58 9.65 1.27 -1.28
N THR BA 59 10.36 2.16 -0.57
CA THR BA 59 11.85 2.15 -0.49
C THR BA 59 12.21 1.19 0.64
N GLY BA 60 13.31 1.43 1.33
CA GLY BA 60 13.68 0.57 2.43
C GLY BA 60 13.75 -0.90 1.97
N CYS BA 61 13.34 -1.83 2.86
CA CYS BA 61 13.46 -3.27 2.60
C CYS BA 61 13.22 -4.10 3.86
N GLY BA 62 12.41 -3.57 4.79
CA GLY BA 62 12.13 -4.27 6.04
C GLY BA 62 12.97 -3.64 7.13
N PRO BA 63 12.73 -3.95 8.42
CA PRO BA 63 13.51 -3.37 9.53
C PRO BA 63 14.93 -3.95 9.59
N ILE BA 64 15.92 -3.10 9.84
CA ILE BA 64 17.32 -3.54 9.87
C ILE BA 64 17.76 -4.06 11.25
N VAL BA 65 17.80 -5.38 11.41
CA VAL BA 65 18.23 -5.96 12.69
C VAL BA 65 19.76 -6.05 12.70
N LEU BA 66 20.40 -5.58 13.75
CA LEU BA 66 21.86 -5.64 13.79
C LEU BA 66 22.33 -7.08 13.82
N SER BA 67 21.44 -7.99 14.14
CA SER BA 67 21.77 -9.41 14.21
C SER BA 67 21.84 -10.02 12.82
N SER BA 68 21.82 -9.19 11.78
CA SER BA 68 21.89 -9.72 10.43
C SER BA 68 23.31 -9.49 9.88
N PHE BA 69 24.09 -8.66 10.56
CA PHE BA 69 25.44 -8.37 10.09
C PHE BA 69 26.51 -9.08 10.91
N THR BA 70 26.13 -9.63 12.06
CA THR BA 70 27.09 -10.31 12.91
C THR BA 70 27.13 -11.83 12.73
N THR BA 71 27.79 -12.51 13.66
CA THR BA 71 27.92 -13.98 13.64
C THR BA 71 28.20 -14.46 15.06
N THR BA 72 28.34 -15.78 15.24
CA THR BA 72 28.62 -16.30 16.56
C THR BA 72 29.83 -17.21 16.52
N THR BA 73 30.97 -16.63 16.17
CA THR BA 73 32.20 -17.41 16.13
C THR BA 73 32.71 -17.45 17.57
N SER BA 74 33.85 -18.11 17.78
CA SER BA 74 34.48 -18.21 19.09
C SER BA 74 35.96 -18.53 18.91
N GLY BA 75 36.79 -17.89 19.72
CA GLY BA 75 38.22 -18.09 19.66
C GLY BA 75 38.81 -17.11 20.63
N TYR BA 76 40.05 -16.70 20.41
CA TYR BA 76 40.70 -15.73 21.29
C TYR BA 76 40.64 -14.41 20.58
N VAL BA 77 40.19 -13.36 21.27
CA VAL BA 77 40.11 -12.07 20.60
C VAL BA 77 40.92 -10.94 21.20
N GLY BA 78 41.99 -10.54 20.52
CA GLY BA 78 42.80 -9.46 21.04
C GLY BA 78 43.29 -8.56 19.92
N ALA BA 79 44.32 -7.76 20.22
CA ALA BA 79 44.89 -6.87 19.23
C ALA BA 79 46.11 -7.53 18.62
N THR BA 80 46.72 -8.46 19.34
CA THR BA 80 47.90 -9.18 18.83
C THR BA 80 48.01 -10.55 19.49
N ALA BA 81 48.45 -11.55 18.71
CA ALA BA 81 48.57 -12.92 19.23
C ALA BA 81 48.89 -12.94 20.73
N GLY BA 82 49.93 -12.21 21.11
CA GLY BA 82 50.32 -12.15 22.51
C GLY BA 82 49.21 -11.83 23.50
N ASP BA 83 48.53 -10.72 23.29
CA ASP BA 83 47.46 -10.28 24.19
C ASP BA 83 46.10 -10.90 23.89
N ALA BA 84 45.92 -11.42 22.67
CA ALA BA 84 44.64 -12.03 22.30
C ALA BA 84 44.52 -13.35 23.03
N LEU BA 85 45.65 -13.86 23.47
CA LEU BA 85 45.69 -15.14 24.18
C LEU BA 85 44.99 -15.09 25.54
N ASP BA 86 44.82 -13.87 26.07
CA ASP BA 86 44.18 -13.68 27.37
C ASP BA 86 42.73 -13.23 27.26
N ASN BA 87 42.05 -13.59 26.17
CA ASN BA 87 40.65 -13.20 25.99
C ASN BA 87 39.88 -14.33 25.36
N PRO BA 88 40.00 -15.55 25.85
CA PRO BA 88 39.25 -16.66 25.25
C PRO BA 88 37.77 -16.35 25.33
N VAL BA 89 37.16 -16.10 24.17
CA VAL BA 89 35.72 -15.81 24.14
C VAL BA 89 34.98 -16.93 23.42
N THR BA 90 33.90 -17.42 24.01
CA THR BA 90 33.14 -18.50 23.38
C THR BA 90 31.82 -18.00 22.84
N ASN BA 91 31.58 -18.29 21.57
CA ASN BA 91 30.37 -17.85 20.90
C ASN BA 91 30.13 -16.37 21.12
N GLY BA 92 31.19 -15.58 20.94
CA GLY BA 92 31.07 -14.15 21.06
C GLY BA 92 30.36 -13.71 19.80
N VAL BA 93 30.07 -12.42 19.68
CA VAL BA 93 29.38 -11.92 18.50
C VAL BA 93 30.35 -11.01 17.70
N PHE BA 94 30.85 -11.52 16.58
CA PHE BA 94 31.79 -10.77 15.75
C PHE BA 94 31.13 -10.35 14.46
N ILE BA 95 31.63 -9.27 13.86
CA ILE BA 95 31.09 -8.83 12.57
C ILE BA 95 32.26 -8.92 11.59
N SER BA 96 32.11 -9.70 10.51
CA SER BA 96 33.21 -9.88 9.52
C SER BA 96 33.48 -8.60 8.73
N THR BA 97 34.66 -8.42 8.21
CA THR BA 97 34.94 -7.20 7.45
C THR BA 97 33.88 -6.88 6.40
N VAL BA 98 33.66 -7.81 5.44
CA VAL BA 98 32.67 -7.55 4.41
C VAL BA 98 31.32 -7.16 5.00
N GLN BA 99 31.04 -7.56 6.24
CA GLN BA 99 29.78 -7.19 6.89
C GLN BA 99 29.91 -5.79 7.45
N ILE BA 100 31.03 -5.52 8.11
CA ILE BA 100 31.32 -4.20 8.68
C ILE BA 100 31.19 -3.23 7.52
N MET BA 101 31.11 -3.75 6.30
CA MET BA 101 30.95 -2.90 5.14
C MET BA 101 29.49 -2.58 4.89
N ASN BA 102 28.62 -3.58 4.97
CA ASN BA 102 27.20 -3.35 4.75
C ASN BA 102 26.54 -2.59 5.89
N LEU BA 103 26.71 -3.09 7.11
CA LEU BA 103 26.12 -2.40 8.26
C LEU BA 103 26.50 -0.93 8.12
N GLN BA 104 27.59 -0.67 7.40
CA GLN BA 104 28.06 0.68 7.15
C GLN BA 104 27.27 1.28 5.99
N ARG BA 105 27.47 0.78 4.78
CA ARG BA 105 26.72 1.33 3.65
C ARG BA 105 25.20 1.17 3.73
N THR BA 106 24.69 0.37 4.66
CA THR BA 106 23.24 0.24 4.78
C THR BA 106 22.81 1.44 5.61
N ILE BA 107 23.39 1.55 6.80
CA ILE BA 107 23.10 2.66 7.70
C ILE BA 107 23.35 3.95 6.95
N ALA BA 108 24.21 3.92 5.95
CA ALA BA 108 24.48 5.12 5.15
C ALA BA 108 23.34 5.30 4.13
N ALA BA 109 23.02 4.27 3.35
CA ALA BA 109 21.95 4.39 2.36
C ALA BA 109 20.66 4.76 3.03
N ARG BA 110 20.27 4.02 4.08
CA ARG BA 110 19.03 4.31 4.81
C ARG BA 110 19.09 5.70 5.42
N MET BA 111 20.26 6.05 5.94
CA MET BA 111 20.42 7.36 6.54
C MET BA 111 20.08 8.48 5.57
N ARG BA 112 20.42 8.33 4.31
CA ARG BA 112 20.02 9.32 3.34
C ARG BA 112 18.50 9.32 3.27
N ASP BA 113 17.95 8.15 2.91
CA ASP BA 113 16.50 7.97 2.81
C ASP BA 113 15.74 8.75 3.88
N VAL BA 114 16.03 8.46 5.14
CA VAL BA 114 15.35 9.13 6.24
C VAL BA 114 15.75 10.59 6.35
N ALA BA 115 17.04 10.89 6.29
CA ALA BA 115 17.53 12.26 6.39
C ALA BA 115 16.65 13.18 5.55
N LEU BA 116 16.14 12.67 4.45
CA LEU BA 116 15.30 13.51 3.59
C LEU BA 116 13.90 13.71 4.19
N TRP BA 117 13.16 12.61 4.35
CA TRP BA 117 11.83 12.67 4.92
C TRP BA 117 11.87 13.44 6.22
N GLN BA 118 12.75 12.98 7.10
CA GLN BA 118 13.00 13.53 8.40
C GLN BA 118 13.15 15.04 8.32
N LYS BA 119 13.52 15.55 7.16
CA LYS BA 119 13.65 16.99 7.02
C LYS BA 119 12.26 17.64 6.78
N HIS BA 120 11.40 16.95 6.02
CA HIS BA 120 10.02 17.42 5.76
C HIS BA 120 9.18 17.37 7.02
N LEU BA 121 9.31 16.28 7.76
CA LEU BA 121 8.57 16.10 9.00
C LEU BA 121 8.85 17.28 9.88
N ASP BA 122 10.10 17.72 9.84
CA ASP BA 122 10.53 18.83 10.66
C ASP BA 122 9.99 20.22 10.29
N THR BA 123 10.19 20.65 9.04
CA THR BA 123 9.70 21.97 8.64
C THR BA 123 8.23 22.10 9.04
N ALA BA 124 7.58 20.97 9.30
CA ALA BA 124 6.16 20.97 9.69
C ALA BA 124 6.03 20.86 11.20
N MET BA 125 6.89 20.07 11.82
CA MET BA 125 6.84 19.91 13.27
C MET BA 125 7.26 21.19 14.00
N THR BA 126 8.53 21.55 13.88
CA THR BA 126 9.02 22.77 14.52
C THR BA 126 8.18 23.95 14.03
N MET BA 127 7.44 23.77 12.93
CA MET BA 127 6.61 24.85 12.44
C MET BA 127 5.39 25.09 13.34
N LEU BA 128 5.57 24.76 14.62
CA LEU BA 128 4.55 24.97 15.66
C LEU BA 128 5.13 24.54 16.99
N THR BA 129 6.36 24.99 17.23
CA THR BA 129 7.13 24.74 18.44
C THR BA 129 6.54 23.70 19.38
N PRO BA 130 6.72 22.41 19.07
CA PRO BA 130 6.16 21.41 19.95
C PRO BA 130 6.96 21.27 21.24
N ASP BA 131 7.73 22.29 21.59
CA ASP BA 131 8.51 22.18 22.82
C ASP BA 131 8.51 23.36 23.77
N ILE BA 132 7.91 23.15 24.94
CA ILE BA 132 7.84 24.17 25.99
C ILE BA 132 8.76 23.68 27.11
N SER BA 133 9.08 24.54 28.08
CA SER BA 133 9.97 24.11 29.15
C SER BA 133 9.53 24.41 30.59
N ALA BA 134 8.24 24.65 30.78
CA ALA BA 134 7.68 24.95 32.09
C ALA BA 134 6.17 24.68 32.07
N GLY BA 135 5.70 23.74 32.89
CA GLY BA 135 4.27 23.43 32.90
C GLY BA 135 3.87 22.89 31.53
N SER BA 136 2.58 22.79 31.25
CA SER BA 136 2.13 22.29 29.95
C SER BA 136 1.54 23.38 29.08
N ALA BA 137 0.67 22.98 28.16
CA ALA BA 137 0.00 23.91 27.25
C ALA BA 137 -0.45 23.15 25.99
N SER BA 138 -1.76 23.01 25.81
CA SER BA 138 -2.31 22.31 24.65
C SER BA 138 -2.68 23.25 23.49
N CYS BA 139 -3.32 22.69 22.48
CA CYS BA 139 -3.74 23.44 21.30
C CYS BA 139 -4.66 22.55 20.47
N ASN BA 140 -5.95 22.55 20.79
CA ASN BA 140 -6.93 21.69 20.13
C ASN BA 140 -6.52 21.24 18.72
N TRP BA 141 -6.20 19.94 18.64
CA TRP BA 141 -5.73 19.25 17.44
C TRP BA 141 -6.40 19.60 16.10
N LYS BA 142 -7.72 19.64 16.04
CA LYS BA 142 -8.42 20.00 14.80
C LYS BA 142 -7.76 21.24 14.18
N SER BA 143 -7.88 22.36 14.89
CA SER BA 143 -7.30 23.64 14.46
C SER BA 143 -5.89 23.44 13.97
N LEU BA 144 -5.03 22.98 14.86
CA LEU BA 144 -3.63 22.72 14.57
C LEU BA 144 -3.44 22.11 13.18
N LEU BA 145 -4.09 20.97 12.94
CA LEU BA 145 -4.01 20.29 11.67
C LEU BA 145 -4.55 21.18 10.55
N ALA BA 146 -5.81 21.53 10.59
CA ALA BA 146 -6.44 22.40 9.60
C ALA BA 146 -5.61 23.66 9.31
N PHE BA 147 -4.72 23.99 10.24
CA PHE BA 147 -3.83 25.14 10.13
C PHE BA 147 -2.61 24.78 9.26
N ALA BA 148 -1.86 23.77 9.68
CA ALA BA 148 -0.69 23.35 8.93
C ALA BA 148 -1.11 22.90 7.53
N LYS BA 149 -2.39 22.53 7.38
CA LYS BA 149 -2.91 22.15 6.07
C LYS BA 149 -2.66 23.31 5.13
N ASP BA 150 -2.52 24.50 5.71
CA ASP BA 150 -2.24 25.73 4.98
C ASP BA 150 -0.74 25.94 4.89
N ILE BA 151 -0.20 26.61 5.89
CA ILE BA 151 1.21 26.94 5.91
C ILE BA 151 2.11 26.00 5.10
N LEU BA 152 2.28 24.75 5.49
CA LEU BA 152 3.14 23.81 4.77
C LEU BA 152 3.16 24.01 3.22
N PRO BA 153 4.32 24.43 2.62
CA PRO BA 153 4.45 24.66 1.18
C PRO BA 153 4.20 23.38 0.37
N LEU BA 154 3.54 23.50 -0.76
CA LEU BA 154 3.17 22.37 -1.63
C LEU BA 154 4.22 21.28 -1.97
N ASP BA 155 5.47 21.41 -1.50
CA ASP BA 155 6.51 20.42 -1.82
C ASP BA 155 7.11 19.77 -0.58
N ASN BA 156 6.33 19.76 0.48
CA ASN BA 156 6.80 19.11 1.68
C ASN BA 156 6.80 17.57 1.41
N LEU BA 157 6.30 16.74 2.31
CA LEU BA 157 6.10 15.29 2.16
C LEU BA 157 5.13 14.91 3.29
N CYS BA 158 4.73 15.91 4.11
CA CYS BA 158 3.79 15.76 5.26
C CYS BA 158 2.34 15.99 4.82
N LEU BA 159 2.21 16.34 3.54
CA LEU BA 159 0.92 16.53 2.91
C LEU BA 159 0.63 15.33 2.03
N THR BA 160 1.67 14.66 1.53
CA THR BA 160 1.46 13.46 0.69
C THR BA 160 1.24 12.19 1.57
N TYR BA 161 1.68 12.17 2.91
CA TYR BA 161 1.58 10.99 3.83
C TYR BA 161 1.11 11.31 5.30
N PRO BA 162 0.31 12.38 5.57
CA PRO BA 162 -0.19 12.84 6.92
C PRO BA 162 -0.06 11.85 8.09
N ASN BA 163 -0.74 10.71 7.96
CA ASN BA 163 -0.66 9.70 8.96
C ASN BA 163 0.15 8.52 8.43
N GLU BA 164 1.39 8.90 7.99
CA GLU BA 164 2.42 7.98 7.54
C GLU BA 164 3.71 8.64 8.02
N PHE BA 165 3.55 9.95 8.30
CA PHE BA 165 4.56 10.85 8.86
C PHE BA 165 4.15 11.02 10.31
N TYR BA 166 2.84 11.12 10.52
CA TYR BA 166 2.30 11.27 11.87
C TYR BA 166 2.80 10.13 12.77
N ASN BA 167 2.76 8.88 12.27
CA ASN BA 167 3.21 7.68 13.01
C ASN BA 167 4.69 7.72 13.26
N VAL BA 168 5.46 8.33 12.35
CA VAL BA 168 6.87 8.48 12.58
C VAL BA 168 7.01 9.52 13.66
N ALA BA 169 6.29 10.64 13.47
CA ALA BA 169 6.29 11.79 14.37
C ALA BA 169 5.97 11.43 15.81
N ILE BA 170 4.82 10.79 16.04
CA ILE BA 170 4.42 10.41 17.39
C ILE BA 170 5.58 9.84 18.22
N HIS BA 171 6.57 9.23 17.56
CA HIS BA 171 7.72 8.67 18.25
C HIS BA 171 8.86 9.66 18.45
N ARG BA 172 8.70 10.89 18.01
CA ARG BA 172 9.77 11.85 18.19
C ARG BA 172 9.32 13.04 18.99
N TYR BA 173 8.01 13.28 19.01
CA TYR BA 173 7.48 14.43 19.73
C TYR BA 173 6.50 14.02 20.83
N PRO BA 174 6.98 13.95 22.07
CA PRO BA 174 6.03 13.57 23.10
C PRO BA 174 4.98 14.67 23.31
N ALA BA 175 4.88 15.57 22.33
CA ALA BA 175 3.86 16.61 22.40
C ALA BA 175 2.61 16.01 21.77
N LEU BA 176 2.74 15.42 20.57
CA LEU BA 176 1.62 14.78 19.85
C LEU BA 176 1.29 13.45 20.50
N LYS BA 177 0.18 13.35 21.23
CA LYS BA 177 -0.20 12.09 21.86
C LYS BA 177 -1.36 11.58 21.00
N PRO BA 178 -1.21 10.43 20.33
CA PRO BA 178 -2.28 9.92 19.49
C PRO BA 178 -3.45 9.44 20.32
N GLY BA 179 -4.66 9.64 19.82
CA GLY BA 179 -5.83 9.22 20.55
C GLY BA 179 -5.99 7.72 20.50
N ASN BA 180 -6.03 7.09 21.67
CA ASN BA 180 -6.16 5.65 21.74
C ASN BA 180 -7.39 5.14 20.99
N PRO BA 181 -7.23 4.09 20.15
CA PRO BA 181 -8.40 3.49 19.43
C PRO BA 181 -9.59 3.01 20.30
N ASP BA 182 -9.42 2.18 21.36
CA ASP BA 182 -10.59 1.64 22.13
C ASP BA 182 -10.92 2.34 23.51
N THR BA 183 -11.17 3.68 23.43
CA THR BA 183 -11.58 4.63 24.50
C THR BA 183 -11.59 6.05 23.88
N LYS BA 184 -11.19 6.12 22.60
CA LYS BA 184 -11.08 7.32 21.74
C LYS BA 184 -10.70 8.66 22.45
N LEU BA 185 -9.73 8.59 23.43
CA LEU BA 185 -9.20 9.69 24.32
C LEU BA 185 -7.63 9.66 24.32
N PRO BA 186 -6.91 10.77 24.68
CA PRO BA 186 -5.43 10.73 24.70
C PRO BA 186 -4.83 9.59 25.60
N ASP BA 187 -3.85 9.94 26.48
CA ASP BA 187 -3.12 8.94 27.34
C ASP BA 187 -2.42 9.62 28.54
N ALA BA 188 -2.49 10.94 28.66
CA ALA BA 188 -1.80 11.63 29.76
C ALA BA 188 -0.31 11.54 29.48
N GLN BA 189 0.25 10.36 29.74
CA GLN BA 189 1.65 10.11 29.42
C GLN BA 189 1.80 10.12 27.91
N ALA BA 190 2.96 10.50 27.46
CA ALA BA 190 3.27 10.44 26.04
C ALA BA 190 4.41 9.44 25.90
N HIS BA 191 4.26 8.44 24.98
CA HIS BA 191 5.29 7.41 24.82
C HIS BA 191 6.11 7.49 23.53
N PRO BA 192 7.03 8.46 23.44
CA PRO BA 192 7.84 8.54 22.23
C PRO BA 192 9.05 7.59 22.39
N LEU BA 193 9.48 6.95 21.31
CA LEU BA 193 10.60 6.03 21.37
C LEU BA 193 11.80 6.51 22.18
N GLY BA 194 12.01 7.83 22.23
CA GLY BA 194 13.13 8.37 22.99
C GLY BA 194 12.77 8.58 24.46
N GLU BA 195 11.84 7.74 24.94
CA GLU BA 195 11.31 7.77 26.30
C GLU BA 195 12.21 8.36 27.37
N VAL BA 196 13.39 7.75 27.57
CA VAL BA 196 14.34 8.20 28.59
C VAL BA 196 15.05 9.48 28.22
N ALA BA 197 15.75 9.47 27.09
CA ALA BA 197 16.49 10.65 26.62
C ALA BA 197 15.62 11.91 26.71
N GLY BA 198 14.40 11.83 26.19
CA GLY BA 198 13.51 12.97 26.22
C GLY BA 198 13.07 13.36 27.64
N ALA BA 199 13.14 12.40 28.56
CA ALA BA 199 12.77 12.67 29.94
C ALA BA 199 13.90 13.45 30.60
N PHE BA 200 15.13 13.05 30.28
CA PHE BA 200 16.32 13.68 30.82
C PHE BA 200 16.82 14.92 30.10
N ASN BA 201 15.96 15.59 29.36
CA ASN BA 201 16.38 16.80 28.69
C ASN BA 201 15.44 17.91 29.07
N ALA BA 202 14.27 17.52 29.54
CA ALA BA 202 13.27 18.49 29.97
C ALA BA 202 14.02 19.40 30.93
N ALA BA 203 13.70 20.70 30.89
CA ALA BA 203 14.35 21.64 31.80
C ALA BA 203 13.75 21.41 33.20
N THR BA 204 14.32 20.47 33.97
CA THR BA 204 13.81 20.18 35.31
C THR BA 204 13.90 21.41 36.19
N SER BA 205 12.76 21.84 36.72
CA SER BA 205 12.68 23.05 37.54
C SER BA 205 13.60 23.14 38.77
N GLU BA 206 14.11 21.99 39.26
CA GLU BA 206 14.99 21.98 40.43
C GLU BA 206 16.33 22.55 40.03
N VAL BA 207 16.82 22.11 38.89
CA VAL BA 207 18.11 22.57 38.38
C VAL BA 207 18.02 22.70 36.87
N GLY BA 208 18.22 23.92 36.36
CA GLY BA 208 18.15 24.18 34.93
C GLY BA 208 17.86 22.98 34.01
N SER BA 209 18.92 22.31 33.57
CA SER BA 209 18.80 21.16 32.69
C SER BA 209 20.03 20.26 32.83
N LEU BA 210 19.82 19.05 33.28
CA LEU BA 210 20.93 18.13 33.45
C LEU BA 210 21.78 18.04 32.18
N VAL BA 211 21.17 17.89 31.01
CA VAL BA 211 21.94 17.79 29.76
C VAL BA 211 22.77 19.05 29.50
N GLY BA 212 22.28 20.19 29.98
CA GLY BA 212 23.03 21.42 29.81
C GLY BA 212 24.17 21.48 30.82
N SER BA 213 23.82 21.80 32.07
CA SER BA 213 24.78 21.90 33.16
C SER BA 213 25.85 20.78 33.16
N SER BA 214 25.49 19.61 32.63
CA SER BA 214 26.44 18.51 32.59
C SER BA 214 27.54 18.81 31.60
N SER BA 215 27.13 19.18 30.39
CA SER BA 215 28.09 19.48 29.33
C SER BA 215 28.90 20.74 29.59
N THR BA 216 28.22 21.84 29.92
CA THR BA 216 28.94 23.09 30.21
C THR BA 216 30.13 22.82 31.16
N LEU BA 217 30.07 21.70 31.88
CA LEU BA 217 31.14 21.30 32.80
C LEU BA 217 32.18 20.46 32.08
N SER BA 218 31.76 19.35 31.51
CA SER BA 218 32.70 18.50 30.81
C SER BA 218 33.39 19.32 29.74
N GLN BA 219 32.67 20.29 29.18
CA GLN BA 219 33.24 21.17 28.17
C GLN BA 219 34.40 21.94 28.80
N ALA BA 220 34.13 22.66 29.88
CA ALA BA 220 35.19 23.39 30.57
C ALA BA 220 36.35 22.47 30.98
N ILE BA 221 36.03 21.27 31.46
CA ILE BA 221 37.06 20.32 31.89
C ILE BA 221 37.98 20.01 30.72
N SER BA 222 37.40 19.90 29.53
CA SER BA 222 38.19 19.61 28.36
C SER BA 222 39.28 20.69 28.26
N THR BA 223 38.87 21.95 28.08
CA THR BA 223 39.80 23.06 27.98
C THR BA 223 40.85 23.03 29.10
N MET BA 224 40.39 23.03 30.35
CA MET BA 224 41.28 23.03 31.50
C MET BA 224 42.43 22.06 31.32
N ALA BA 225 42.17 20.87 30.78
CA ALA BA 225 43.27 19.93 30.61
C ALA BA 225 44.02 20.09 29.28
N GLY BA 226 43.22 20.43 28.28
CA GLY BA 226 43.67 20.64 26.95
C GLY BA 226 44.68 21.77 26.81
N LYS BA 227 44.26 22.95 26.39
CA LYS BA 227 45.24 24.01 26.12
C LYS BA 227 46.47 23.96 27.08
N ASP BA 228 46.20 23.71 28.36
CA ASP BA 228 47.16 23.66 29.51
C ASP BA 228 46.94 24.89 30.35
N LEU BA 229 45.68 25.11 30.69
CA LEU BA 229 45.42 26.24 31.53
C LEU BA 229 46.10 26.00 32.84
N ASP BA 230 46.10 24.74 33.28
CA ASP BA 230 46.84 24.40 34.45
C ASP BA 230 48.25 24.85 34.15
N LEU BA 231 49.04 25.24 35.15
CA LEU BA 231 50.40 25.67 34.86
C LEU BA 231 50.43 27.04 34.15
N ILE BA 232 49.35 27.81 34.31
CA ILE BA 232 49.22 29.11 33.64
C ILE BA 232 50.19 30.20 34.07
N GLU BA 233 50.68 30.12 35.31
CA GLU BA 233 51.63 31.11 35.78
C GLU BA 233 52.88 30.41 36.29
N ALA BA 234 53.20 29.29 35.65
CA ALA BA 234 54.37 28.48 35.99
C ALA BA 234 55.63 29.34 35.88
N ASP BA 235 56.51 29.22 36.85
CA ASP BA 235 57.74 30.02 36.81
C ASP BA 235 58.92 29.22 36.29
N THR BA 236 58.97 29.00 34.98
CA THR BA 236 60.06 28.25 34.35
C THR BA 236 59.87 28.08 32.84
N PRO BA 237 60.98 28.17 32.07
CA PRO BA 237 60.97 28.04 30.60
C PRO BA 237 59.96 27.06 30.04
N LEU BA 238 59.13 27.52 29.10
CA LEU BA 238 58.12 26.71 28.45
C LEU BA 238 58.12 26.93 26.94
N PRO BA 239 58.30 25.85 26.16
CA PRO BA 239 58.33 25.96 24.69
C PRO BA 239 57.08 26.70 24.19
N VAL BA 240 57.25 27.61 23.22
CA VAL BA 240 56.11 28.36 22.72
C VAL BA 240 55.00 27.39 22.28
N SER BA 241 55.40 26.22 21.79
CA SER BA 241 54.45 25.19 21.35
C SER BA 241 53.39 24.91 22.41
N VAL BA 242 53.84 24.89 23.68
CA VAL BA 242 52.99 24.65 24.84
C VAL BA 242 51.85 25.66 24.90
N PHE BA 243 51.92 26.69 24.06
CA PHE BA 243 50.89 27.73 24.01
C PHE BA 243 50.06 27.68 22.74
N THR BA 244 50.24 26.63 21.94
CA THR BA 244 49.50 26.46 20.67
C THR BA 244 49.06 27.78 20.00
N PRO BA 245 50.02 28.69 19.76
CA PRO BA 245 49.71 29.98 19.13
C PRO BA 245 49.34 29.76 17.66
N SER BA 246 48.12 30.15 17.30
CA SER BA 246 47.65 29.96 15.93
C SER BA 246 46.77 31.13 15.50
N LEU BA 247 46.62 31.28 14.19
CA LEU BA 247 45.78 32.35 13.65
C LEU BA 247 46.10 33.65 14.42
N ALA BA 248 47.40 33.96 14.55
CA ALA BA 248 47.81 35.09 15.38
C ALA BA 248 48.56 36.25 14.71
N PRO BA 249 47.85 37.09 13.93
CA PRO BA 249 48.53 38.21 13.29
C PRO BA 249 47.99 39.59 13.74
N ARG BA 250 48.56 40.18 14.79
CA ARG BA 250 48.09 41.47 15.31
C ARG BA 250 48.56 42.69 14.52
N SER BA 251 47.71 43.71 14.43
CA SER BA 251 48.03 44.94 13.70
C SER BA 251 48.12 46.16 14.62
N TYR BA 252 48.95 47.14 14.24
CA TYR BA 252 49.11 48.36 15.02
C TYR BA 252 48.86 49.67 14.29
N ARG BA 253 49.68 50.64 14.80
CA ARG BA 253 49.81 52.07 14.42
C ARG BA 253 51.11 52.72 14.96
N PRO BA 254 52.35 52.25 14.57
CA PRO BA 254 53.65 52.83 15.03
C PRO BA 254 53.78 54.32 14.71
N ALA BA 255 54.97 54.88 14.92
CA ALA BA 255 55.07 56.32 14.70
C ALA BA 255 54.19 56.99 15.74
N PHE BA 256 53.75 56.13 16.68
CA PHE BA 256 52.94 56.54 17.80
C PHE BA 256 53.41 55.75 19.02
N ILE BA 257 53.65 54.45 18.85
CA ILE BA 257 54.11 53.61 19.96
C ILE BA 257 55.44 54.12 20.51
N LYS BA 258 55.46 54.53 21.78
CA LYS BA 258 56.72 55.00 22.36
C LYS BA 258 57.74 53.87 22.35
N PRO BA 259 59.03 54.20 22.12
CA PRO BA 259 60.07 53.18 22.07
C PRO BA 259 60.17 52.35 23.35
N GLU BA 260 60.00 52.97 24.51
CA GLU BA 260 60.09 52.23 25.77
C GLU BA 260 58.84 51.39 26.05
N ASP BA 261 57.74 51.70 25.37
CA ASP BA 261 56.49 50.96 25.57
C ASP BA 261 56.46 49.64 24.80
N ALA BA 262 57.51 49.40 23.99
CA ALA BA 262 57.60 48.17 23.19
C ALA BA 262 58.94 48.05 22.48
N LYS BA 263 59.88 47.38 23.11
CA LYS BA 263 61.23 47.19 22.60
C LYS BA 263 61.44 47.05 21.09
N TRP BA 264 60.50 46.40 20.40
CA TRP BA 264 60.64 46.21 18.95
C TRP BA 264 60.43 47.46 18.12
N ILE BA 265 60.73 48.63 18.64
CA ILE BA 265 60.50 49.83 17.85
C ILE BA 265 61.25 51.05 18.39
N ALA BA 266 62.43 51.30 17.81
CA ALA BA 266 63.30 52.40 18.21
C ALA BA 266 63.07 53.66 17.38
N GLU BA 267 63.48 54.82 17.89
CA GLU BA 267 63.29 56.06 17.14
C GLU BA 267 64.53 56.92 16.93
N PHE BA 268 64.58 57.61 15.79
CA PHE BA 268 65.69 58.49 15.43
C PHE BA 268 65.55 59.86 16.11
N ASN BA 269 65.59 59.93 17.44
CA ASN BA 269 65.46 61.23 18.10
C ASN BA 269 66.75 62.06 17.94
N ASN BA 270 66.81 62.82 16.82
CA ASN BA 270 67.97 63.66 16.50
C ASN BA 270 67.56 65.11 16.26
N SER BA 271 68.48 66.04 16.53
CA SER BA 271 68.21 67.47 16.37
C SER BA 271 67.59 67.89 15.04
N SER BA 272 68.42 68.02 14.00
CA SER BA 272 67.95 68.43 12.67
C SER BA 272 67.37 67.26 11.86
N LEU BA 273 67.30 67.45 10.54
CA LEU BA 273 66.80 66.41 9.64
C LEU BA 273 67.95 65.55 9.20
N ILE BA 274 67.67 64.36 8.68
CA ILE BA 274 68.75 63.48 8.24
C ILE BA 274 68.54 63.04 6.80
N ARG BA 275 68.44 63.98 5.86
CA ARG BA 275 68.24 63.62 4.47
C ARG BA 275 69.37 62.77 3.88
N LYS BA 276 69.03 61.56 3.46
CA LYS BA 276 69.98 60.63 2.87
C LYS BA 276 69.52 60.45 1.42
N THR BA 277 70.28 59.70 0.62
CA THR BA 277 69.91 59.46 -0.77
C THR BA 277 70.05 57.97 -1.09
N LEU BA 278 69.53 57.56 -2.24
CA LEU BA 278 69.60 56.16 -2.66
C LEU BA 278 69.03 55.99 -4.07
N THR BA 279 69.83 55.36 -4.94
CA THR BA 279 69.37 55.14 -6.30
C THR BA 279 68.43 53.95 -6.33
N TYR BA 280 67.13 54.24 -6.44
CA TYR BA 280 66.12 53.19 -6.49
C TYR BA 280 65.44 53.19 -7.86
N SER BA 281 65.73 52.16 -8.66
CA SER BA 281 65.15 52.04 -9.98
C SER BA 281 65.68 53.21 -10.83
N GLY BA 282 66.99 53.44 -10.76
CA GLY BA 282 67.59 54.53 -11.50
C GLY BA 282 67.42 55.83 -10.74
N ALA BA 283 66.21 56.38 -10.77
CA ALA BA 283 65.88 57.62 -10.08
C ALA BA 283 66.45 57.70 -8.65
N THR BA 284 66.97 58.87 -8.30
CA THR BA 284 67.54 59.07 -6.97
C THR BA 284 66.54 59.76 -6.03
N TYR BA 285 66.19 59.08 -4.94
CA TYR BA 285 65.26 59.64 -3.97
C TYR BA 285 65.94 59.96 -2.65
N THR BA 286 65.28 60.76 -1.82
CA THR BA 286 65.84 61.13 -0.54
C THR BA 286 64.95 60.71 0.62
N VAL BA 287 65.42 59.76 1.41
CA VAL BA 287 64.68 59.35 2.61
C VAL BA 287 64.83 60.53 3.56
N GLN BA 288 63.78 60.88 4.33
CA GLN BA 288 63.86 62.13 5.12
C GLN BA 288 64.24 62.00 6.58
N LEU BA 289 63.46 61.29 7.41
CA LEU BA 289 63.72 61.17 8.86
C LEU BA 289 63.47 62.57 9.45
N GLY BA 290 62.49 63.27 8.88
CA GLY BA 290 62.07 64.66 9.22
C GLY BA 290 62.15 65.12 10.68
N PRO BA 291 61.68 66.36 10.91
CA PRO BA 291 61.64 67.13 12.17
C PRO BA 291 61.38 66.36 13.46
N GLY BA 292 60.33 65.54 13.47
CA GLY BA 292 60.01 64.77 14.66
C GLY BA 292 60.94 63.57 14.88
N PRO BA 293 60.66 62.73 15.88
CA PRO BA 293 61.55 61.58 16.17
C PRO BA 293 61.47 60.39 15.20
N THR BA 294 60.41 60.28 14.38
CA THR BA 294 60.24 59.20 13.38
C THR BA 294 60.54 57.81 13.99
N ARG BA 295 59.56 57.25 14.71
CA ARG BA 295 59.71 55.92 15.30
C ARG BA 295 59.72 54.90 14.17
N VAL BA 296 60.75 54.05 14.15
CA VAL BA 296 60.90 53.01 13.11
C VAL BA 296 60.91 51.62 13.72
N ILE BA 297 60.34 50.65 13.01
CA ILE BA 297 60.32 49.26 13.45
C ILE BA 297 61.75 48.77 13.52
N ASP BA 298 62.19 48.33 14.68
CA ASP BA 298 63.57 47.80 14.75
C ASP BA 298 63.56 46.45 14.06
N MET BA 299 64.69 46.02 13.47
CA MET BA 299 64.72 44.73 12.79
C MET BA 299 65.15 43.61 13.70
N ASN BA 300 66.11 43.90 14.54
CA ASN BA 300 66.40 42.86 15.50
C ASN BA 300 65.19 42.91 16.45
N ALA BA 301 64.90 41.79 17.12
CA ALA BA 301 63.71 41.74 17.95
C ALA BA 301 62.57 42.00 16.98
N MET BA 302 62.39 41.07 16.05
CA MET BA 302 61.34 41.18 15.03
C MET BA 302 60.98 39.84 14.37
N ILE BA 303 60.96 38.72 15.12
CA ILE BA 303 60.59 37.36 14.64
C ILE BA 303 60.22 37.32 13.15
N ASP BA 304 61.12 36.82 12.29
CA ASP BA 304 60.88 36.77 10.86
C ASP BA 304 59.40 36.65 10.52
N SER BA 305 58.77 37.80 10.29
CA SER BA 305 57.34 37.87 10.00
C SER BA 305 57.01 38.28 8.59
N VAL BA 306 55.80 38.73 8.47
CA VAL BA 306 55.29 39.28 7.24
C VAL BA 306 54.73 40.65 7.60
N LEU BA 307 55.61 41.63 7.60
CA LEU BA 307 55.22 43.01 7.89
C LEU BA 307 54.44 43.55 6.71
N THR BA 308 53.22 44.03 6.94
CA THR BA 308 52.45 44.61 5.85
C THR BA 308 51.88 45.93 6.31
N LEU BA 309 52.64 47.00 6.06
CA LEU BA 309 52.23 48.34 6.45
C LEU BA 309 51.18 48.93 5.51
N ASP BA 310 49.96 49.06 5.98
CA ASP BA 310 48.92 49.64 5.16
C ASP BA 310 48.91 51.14 5.36
N VAL BA 311 48.80 51.89 4.27
CA VAL BA 311 48.77 53.34 4.33
C VAL BA 311 47.52 53.82 3.65
N SER BA 312 46.42 53.91 4.39
CA SER BA 312 45.18 54.36 3.76
C SER BA 312 44.27 55.23 4.64
N GLY BA 313 43.62 56.19 4.00
CA GLY BA 313 42.72 57.08 4.72
C GLY BA 313 43.52 58.08 5.53
N THR BA 314 44.81 57.81 5.65
CA THR BA 314 45.71 58.69 6.38
C THR BA 314 45.99 59.91 5.51
N ILE BA 315 46.16 61.08 6.13
CA ILE BA 315 46.40 62.31 5.42
C ILE BA 315 47.62 62.21 4.50
N LEU BA 316 47.60 63.04 3.44
CA LEU BA 316 48.67 63.09 2.44
C LEU BA 316 48.65 64.53 1.93
N PRO BA 317 49.27 65.45 2.69
CA PRO BA 317 49.35 66.89 2.39
C PRO BA 317 50.21 67.36 1.22
N TYR BA 318 50.07 66.73 0.05
CA TYR BA 318 50.84 67.13 -1.11
C TYR BA 318 50.35 68.51 -1.59
N ASP BA 319 49.24 68.95 -0.99
CA ASP BA 319 48.62 70.22 -1.32
C ASP BA 319 49.50 71.39 -0.87
N THR BA 320 49.97 71.33 0.37
CA THR BA 320 50.84 72.38 0.90
C THR BA 320 52.26 72.17 0.36
N ASN BA 321 53.10 71.44 1.10
CA ASN BA 321 54.45 71.19 0.63
C ASN BA 321 54.37 70.35 -0.64
N PRO BA 322 54.55 71.00 -1.80
CA PRO BA 322 54.49 70.31 -3.11
C PRO BA 322 55.60 69.27 -3.17
N ASP BA 323 56.55 69.42 -2.25
CA ASP BA 323 57.69 68.55 -2.12
C ASP BA 323 57.23 67.11 -1.90
N LEU BA 324 56.18 66.95 -1.10
CA LEU BA 324 55.64 65.63 -0.79
C LEU BA 324 55.11 64.91 -2.02
N SER BA 325 54.34 65.61 -2.85
CA SER BA 325 53.83 64.99 -4.07
C SER BA 325 55.03 64.58 -4.93
N THR BA 326 54.81 63.63 -5.83
CA THR BA 326 55.87 63.13 -6.72
C THR BA 326 56.69 62.02 -6.06
N SER BA 327 56.68 61.95 -4.74
CA SER BA 327 57.46 60.93 -4.03
C SER BA 327 56.68 59.63 -3.80
N VAL BA 328 57.18 58.54 -4.36
CA VAL BA 328 56.52 57.25 -4.20
C VAL BA 328 56.71 56.74 -2.78
N PRO BA 329 55.61 56.59 -2.02
CA PRO BA 329 55.69 56.10 -0.63
C PRO BA 329 56.24 54.68 -0.68
N ALA BA 330 57.10 54.31 0.26
CA ALA BA 330 57.67 52.96 0.24
C ALA BA 330 58.32 52.52 1.54
N PHE BA 331 58.07 51.27 1.92
CA PHE BA 331 58.65 50.71 3.13
C PHE BA 331 60.13 50.43 2.80
N VAL BA 332 61.04 51.00 3.61
CA VAL BA 332 62.48 50.85 3.37
C VAL BA 332 63.30 50.51 4.62
N LEU BA 333 64.21 49.55 4.50
CA LEU BA 333 65.08 49.20 5.64
C LEU BA 333 66.19 50.24 5.70
N ILE BA 334 66.77 50.44 6.87
CA ILE BA 334 67.82 51.42 7.05
C ILE BA 334 68.91 50.90 7.98
N GLN BA 335 70.04 50.49 7.42
CA GLN BA 335 71.13 49.99 8.24
C GLN BA 335 71.98 51.19 8.66
N THR BA 336 72.11 51.42 9.96
CA THR BA 336 72.91 52.51 10.48
C THR BA 336 74.18 51.99 11.13
N SER BA 337 75.26 52.77 11.06
CA SER BA 337 76.53 52.34 11.66
C SER BA 337 76.38 52.41 13.18
N VAL BA 338 76.44 53.63 13.71
CA VAL BA 338 76.27 53.83 15.13
C VAL BA 338 74.82 53.43 15.44
N PRO BA 339 74.56 52.87 16.64
CA PRO BA 339 73.19 52.46 17.04
C PRO BA 339 72.22 53.62 16.90
N ILE BA 340 70.99 53.36 16.49
CA ILE BA 340 70.00 54.44 16.37
C ILE BA 340 69.95 55.06 17.76
N GLN BA 341 69.27 56.19 17.92
CA GLN BA 341 69.20 56.83 19.24
C GLN BA 341 70.63 57.20 19.59
N GLN BA 342 71.39 57.53 18.56
CA GLN BA 342 72.79 57.90 18.68
C GLN BA 342 73.29 58.21 17.26
N VAL BA 343 72.37 58.04 16.30
CA VAL BA 343 72.65 58.30 14.89
C VAL BA 343 72.27 59.75 14.61
N THR BA 344 73.28 60.61 14.53
CA THR BA 344 73.07 62.04 14.30
C THR BA 344 72.84 62.49 12.86
N THR BA 345 73.83 62.28 11.99
CA THR BA 345 73.68 62.73 10.61
C THR BA 345 73.99 61.72 9.49
N ALA BA 346 73.39 61.98 8.34
CA ALA BA 346 73.52 61.17 7.12
C ALA BA 346 74.73 60.23 7.01
N ALA BA 347 75.92 60.73 7.32
CA ALA BA 347 77.13 59.89 7.23
C ALA BA 347 77.08 58.70 8.17
N ASN BA 348 76.13 58.73 9.10
CA ASN BA 348 75.92 57.68 10.09
C ASN BA 348 75.15 56.48 9.51
N ILE BA 349 74.18 56.78 8.63
CA ILE BA 349 73.36 55.75 8.00
C ILE BA 349 74.12 54.94 6.94
N THR BA 350 74.56 53.73 7.31
CA THR BA 350 75.29 52.85 6.38
C THR BA 350 74.66 52.82 4.99
N ALA BA 351 73.51 52.16 4.87
CA ALA BA 351 72.81 52.08 3.59
C ALA BA 351 71.30 52.09 3.78
N ILE BA 352 70.56 52.17 2.68
CA ILE BA 352 69.10 52.19 2.74
C ILE BA 352 68.50 51.41 1.59
N THR BA 353 67.82 50.30 1.89
CA THR BA 353 67.21 49.47 0.87
C THR BA 353 65.70 49.65 0.77
N VAL BA 354 65.20 49.88 -0.44
CA VAL BA 354 63.77 50.04 -0.65
C VAL BA 354 63.19 48.63 -0.76
N VAL BA 355 62.85 48.03 0.37
CA VAL BA 355 62.32 46.68 0.38
C VAL BA 355 60.96 46.52 -0.31
N SER BA 356 60.30 47.63 -0.60
CA SER BA 356 59.01 47.55 -1.26
C SER BA 356 58.42 48.94 -1.52
N ALA BA 357 58.63 49.46 -2.72
CA ALA BA 357 58.10 50.78 -3.04
C ALA BA 357 56.72 50.69 -3.67
N ALA BA 358 56.06 51.84 -3.77
CA ALA BA 358 54.73 51.90 -4.37
C ALA BA 358 54.85 52.56 -5.74
N GLY BA 359 54.58 51.82 -6.79
CA GLY BA 359 54.66 52.41 -8.12
C GLY BA 359 53.69 53.58 -8.22
N ALA BA 360 54.14 54.68 -8.81
CA ALA BA 360 53.33 55.90 -8.99
C ALA BA 360 53.43 56.83 -7.78
N SER BA 361 53.87 58.07 -8.07
CA SER BA 361 54.11 59.12 -7.06
C SER BA 361 52.91 59.43 -6.19
N ALA BA 362 53.09 60.36 -5.23
CA ALA BA 362 52.06 60.81 -4.29
C ALA BA 362 51.22 61.96 -4.88
N ILE BA 363 50.32 61.58 -5.82
CA ILE BA 363 49.39 62.43 -6.59
C ILE BA 363 48.56 61.55 -7.60
N ASN BA 364 48.33 60.26 -7.23
CA ASN BA 364 47.59 59.18 -7.95
C ASN BA 364 47.10 58.16 -6.90
N LEU BA 365 47.83 58.23 -5.78
CA LEU BA 365 47.57 57.46 -4.58
C LEU BA 365 46.64 58.26 -3.69
N ALA BA 366 46.53 59.53 -4.04
CA ALA BA 366 45.66 60.46 -3.31
C ALA BA 366 44.20 60.25 -3.71
N ILE BA 367 43.33 61.03 -3.11
CA ILE BA 367 41.88 60.99 -3.35
C ILE BA 367 41.31 62.05 -2.42
N ASN BA 368 40.76 63.12 -3.00
CA ASN BA 368 40.22 64.20 -2.19
C ASN BA 368 38.96 63.81 -1.41
N VAL BA 369 38.96 63.93 -0.08
CA VAL BA 369 37.80 63.62 0.79
C VAL BA 369 37.37 64.82 1.66
N ARG BA 370 37.27 65.98 1.04
CA ARG BA 370 36.91 67.25 1.69
C ARG BA 370 38.20 68.05 1.97
N GLY BA 371 38.85 68.58 0.93
CA GLY BA 371 40.08 69.33 1.09
C GLY BA 371 41.31 68.43 1.29
N GLN BA 372 41.41 67.86 2.50
CA GLN BA 372 42.46 66.92 3.01
C GLN BA 372 42.56 65.64 2.17
N PRO BA 373 43.41 65.64 1.17
CA PRO BA 373 43.56 64.46 0.33
C PRO BA 373 44.08 63.26 1.11
N ARG BA 374 43.37 62.13 1.05
CA ARG BA 374 43.77 60.93 1.79
C ARG BA 374 44.56 59.97 0.92
N PHE BA 375 44.91 58.82 1.49
CA PHE BA 375 45.65 57.80 0.75
C PHE BA 375 44.77 56.65 0.29
N ASN BA 376 44.71 56.43 -1.01
CA ASN BA 376 43.94 55.33 -1.57
C ASN BA 376 44.52 54.07 -0.93
N MET BA 377 43.69 53.39 -0.15
CA MET BA 377 44.07 52.18 0.57
C MET BA 377 44.98 51.23 -0.21
N LEU BA 378 46.26 51.20 0.14
CA LEU BA 378 47.24 50.32 -0.53
C LEU BA 378 48.20 49.71 0.51
N HIS BA 379 48.68 48.50 0.27
CA HIS BA 379 49.57 47.85 1.25
C HIS BA 379 51.00 47.59 0.82
N LEU BA 380 51.91 48.38 1.37
CA LEU BA 380 53.30 48.10 1.06
C LEU BA 380 53.66 46.89 1.92
N GLN BA 381 54.78 46.16 1.67
CA GLN BA 381 54.97 44.99 2.53
C GLN BA 381 56.23 44.17 2.30
N ALA BA 382 57.09 44.12 3.33
CA ALA BA 382 58.32 43.34 3.32
C ALA BA 382 58.01 41.94 3.84
N THR BA 383 59.07 41.14 3.97
CA THR BA 383 58.95 39.79 4.49
C THR BA 383 60.23 39.55 5.26
N PHE BA 384 60.42 40.35 6.30
CA PHE BA 384 61.59 40.26 7.15
C PHE BA 384 61.92 38.82 7.57
N GLU BA 385 63.21 38.48 7.57
CA GLU BA 385 63.65 37.13 7.95
C GLU BA 385 64.83 37.14 8.93
N ARG BA 386 64.59 36.68 10.16
CA ARG BA 386 65.61 36.61 11.20
C ARG BA 386 67.06 36.81 10.74
N GLU BA 387 67.55 35.90 9.90
CA GLU BA 387 68.95 35.85 9.42
C GLU BA 387 69.30 36.79 8.24
N THR BA 388 68.34 37.28 7.46
CA THR BA 388 68.75 38.20 6.38
C THR BA 388 69.45 39.44 7.03
N ILE BA 389 69.21 39.62 8.36
CA ILE BA 389 69.85 40.67 9.18
C ILE BA 389 70.94 40.06 10.12
N THR BA 390 71.68 39.00 9.69
CA THR BA 390 72.75 38.39 10.56
C THR BA 390 73.92 39.37 10.70
N GLY BA 391 74.57 39.44 11.89
CA GLY BA 391 75.72 40.34 12.07
C GLY BA 391 75.30 41.78 12.26
N ILE BA 392 74.72 42.34 11.20
CA ILE BA 392 74.16 43.70 11.15
C ILE BA 392 73.56 44.15 12.50
N PRO BA 393 74.37 44.73 13.40
CA PRO BA 393 73.93 45.20 14.71
C PRO BA 393 72.77 46.16 14.67
N TYR BA 394 72.79 47.09 13.71
CA TYR BA 394 71.71 48.08 13.62
C TYR BA 394 71.06 48.17 12.25
N ILE BA 395 69.74 47.99 12.24
CA ILE BA 395 68.95 48.04 11.03
C ILE BA 395 67.51 48.25 11.46
N TYR BA 396 66.79 49.10 10.73
CA TYR BA 396 65.40 49.41 11.08
C TYR BA 396 64.49 49.45 9.88
N GLY BA 397 63.27 48.95 10.07
CA GLY BA 397 62.30 48.99 9.03
C GLY BA 397 61.60 50.31 9.19
N LEU BA 398 61.43 51.06 8.10
CA LEU BA 398 60.79 52.37 8.16
C LEU BA 398 59.88 52.53 6.96
N GLY BA 399 58.60 52.79 7.20
CA GLY BA 399 57.68 53.00 6.09
C GLY BA 399 57.63 54.48 5.83
N THR BA 400 58.65 55.01 5.15
CA THR BA 400 58.75 56.44 4.88
C THR BA 400 58.18 56.90 3.53
N PHE BA 401 58.77 57.94 2.94
CA PHE BA 401 58.17 58.45 1.71
C PHE BA 401 59.03 58.38 0.44
N LEU BA 402 60.34 58.54 0.53
CA LEU BA 402 61.23 58.55 -0.66
C LEU BA 402 60.90 59.75 -1.56
N ILE BA 403 61.26 60.94 -1.11
CA ILE BA 403 61.03 62.17 -1.87
C ILE BA 403 62.00 62.28 -3.01
N PRO BA 404 61.52 62.59 -4.23
CA PRO BA 404 62.39 62.70 -5.40
C PRO BA 404 63.19 63.99 -5.43
N SER BA 405 62.97 64.86 -4.45
CA SER BA 405 63.68 66.14 -4.38
C SER BA 405 63.34 66.96 -3.14
N PRO BA 406 64.10 66.77 -2.05
CA PRO BA 406 63.85 67.51 -0.80
C PRO BA 406 63.88 69.04 -0.98
N THR BA 407 62.96 69.72 -0.30
CA THR BA 407 62.85 71.19 -0.40
C THR BA 407 62.57 71.84 0.95
N SER BA 408 62.51 73.18 0.96
CA SER BA 408 62.25 73.95 2.17
C SER BA 408 60.84 73.67 2.68
N SER BA 409 59.92 73.37 1.76
CA SER BA 409 58.53 73.07 2.12
C SER BA 409 58.45 71.85 3.05
N SER BA 410 59.23 70.82 2.74
CA SER BA 410 59.26 69.61 3.56
C SER BA 410 60.38 69.74 4.59
N ASN BA 411 60.32 70.80 5.37
CA ASN BA 411 61.34 71.05 6.40
C ASN BA 411 60.74 70.85 7.78
N PHE BA 412 59.42 70.64 7.81
CA PHE BA 412 58.71 70.42 9.07
C PHE BA 412 57.65 69.35 8.85
N SER BA 413 57.74 68.65 7.71
CA SER BA 413 56.77 67.60 7.38
C SER BA 413 57.05 66.24 8.02
N ASN BA 414 58.22 65.66 7.71
CA ASN BA 414 58.54 64.35 8.27
C ASN BA 414 57.58 63.32 7.69
N PRO BA 415 58.00 62.76 6.54
CA PRO BA 415 57.23 61.79 5.72
C PRO BA 415 57.07 60.36 6.23
N THR BA 416 57.11 60.13 7.54
CA THR BA 416 56.95 58.77 8.04
C THR BA 416 55.53 58.28 7.77
N LEU BA 417 55.37 57.26 6.93
CA LEU BA 417 54.02 56.75 6.65
C LEU BA 417 53.59 55.74 7.69
N MET BA 418 54.34 55.68 8.78
CA MET BA 418 54.06 54.77 9.87
C MET BA 418 52.76 55.05 10.60
N ASP BA 419 52.20 56.25 10.43
CA ASP BA 419 50.93 56.58 11.06
C ASP BA 419 49.87 55.61 10.52
N GLY BA 420 50.22 54.85 9.48
CA GLY BA 420 49.30 53.90 8.88
C GLY BA 420 49.18 52.65 9.73
N LEU BA 421 48.14 51.85 9.50
CA LEU BA 421 47.89 50.62 10.28
C LEU BA 421 48.70 49.42 9.81
N LEU BA 422 49.90 49.28 10.38
CA LEU BA 422 50.82 48.19 10.07
C LEU BA 422 50.34 46.87 10.67
N THR BA 423 50.46 45.77 9.93
CA THR BA 423 50.03 44.47 10.43
C THR BA 423 51.07 43.36 10.31
N VAL BA 424 51.85 43.17 11.38
CA VAL BA 424 52.87 42.13 11.41
C VAL BA 424 52.21 40.77 11.68
N THR BA 425 52.65 39.75 10.96
CA THR BA 425 52.13 38.41 11.10
C THR BA 425 53.26 37.41 11.22
N PRO BA 426 53.57 36.97 12.46
CA PRO BA 426 54.67 36.02 12.70
C PRO BA 426 54.60 34.84 11.76
N VAL BA 427 55.59 34.69 10.89
CA VAL BA 427 55.56 33.59 9.94
C VAL BA 427 56.59 32.53 10.31
N LEU BA 428 56.39 31.91 11.45
CA LEU BA 428 57.34 30.94 12.01
C LEU BA 428 57.07 30.89 13.49
N LEU BA 429 55.94 30.29 13.86
CA LEU BA 429 55.49 30.17 15.27
C LEU BA 429 56.52 29.73 16.33
N ARG BA 430 57.31 28.72 16.03
CA ARG BA 430 58.28 28.21 17.01
C ARG BA 430 59.01 29.30 17.80
N GLU BA 431 59.38 30.40 17.16
CA GLU BA 431 60.11 31.50 17.84
C GLU BA 431 59.26 32.68 18.32
N THR BA 432 59.35 32.97 19.62
CA THR BA 432 58.60 34.08 20.22
C THR BA 432 59.56 35.25 20.47
N THR BA 433 59.05 36.32 21.07
CA THR BA 433 59.87 37.51 21.37
C THR BA 433 59.52 38.07 22.74
N TYR BA 434 60.54 38.42 23.53
CA TYR BA 434 60.25 39.01 24.83
C TYR BA 434 61.23 40.08 25.30
N LYS BA 435 60.66 41.25 25.62
CA LYS BA 435 61.42 42.40 26.08
C LYS BA 435 62.46 42.83 25.06
N GLY BA 436 62.25 42.44 23.80
CA GLY BA 436 63.18 42.81 22.76
C GLY BA 436 64.06 41.68 22.24
N GLU BA 437 64.02 40.51 22.88
CA GLU BA 437 64.83 39.38 22.43
C GLU BA 437 63.97 38.27 21.85
N VAL BA 438 64.56 37.49 20.95
CA VAL BA 438 63.85 36.37 20.33
C VAL BA 438 64.22 35.11 21.10
N VAL BA 439 63.19 34.36 21.52
CA VAL BA 439 63.42 33.14 22.29
C VAL BA 439 62.61 31.95 21.77
N ASP BA 440 62.76 30.82 22.44
CA ASP BA 440 62.03 29.61 22.07
C ASP BA 440 61.16 29.16 23.22
N ALA BA 441 61.31 29.82 24.37
CA ALA BA 441 60.53 29.48 25.56
C ALA BA 441 60.22 30.72 26.40
N ILE BA 442 59.05 30.73 27.01
CA ILE BA 442 58.63 31.81 27.88
C ILE BA 442 58.77 31.39 29.33
N VAL BA 443 58.58 32.31 30.28
CA VAL BA 443 58.62 31.97 31.67
C VAL BA 443 57.40 32.54 32.36
N PRO BA 444 56.20 32.30 31.78
CA PRO BA 444 54.91 32.80 32.26
C PRO BA 444 54.94 33.78 33.44
N ALA BA 445 55.15 33.26 34.66
CA ALA BA 445 55.19 34.09 35.86
C ALA BA 445 55.96 35.40 35.66
N THR BA 446 56.97 35.39 34.80
CA THR BA 446 57.75 36.60 34.52
C THR BA 446 56.92 37.67 33.84
N VAL BA 447 56.10 37.27 32.89
CA VAL BA 447 55.26 38.21 32.16
C VAL BA 447 54.06 38.76 32.98
N MET BA 448 53.83 38.26 34.20
CA MET BA 448 52.70 38.79 34.98
C MET BA 448 53.15 40.10 35.62
N ALA BA 449 52.22 41.06 35.71
CA ALA BA 449 52.49 42.39 36.29
C ALA BA 449 53.92 42.84 35.99
N ASN BA 450 54.25 42.82 34.71
CA ASN BA 450 55.59 43.18 34.30
C ASN BA 450 55.51 44.10 33.09
N GLN BA 451 54.32 44.15 32.50
CA GLN BA 451 54.06 45.05 31.37
C GLN BA 451 53.40 46.27 31.99
N THR BA 452 53.32 47.36 31.24
CA THR BA 452 52.64 48.55 31.76
C THR BA 452 51.29 48.64 31.03
N SER BA 453 50.48 49.63 31.42
CA SER BA 453 49.19 49.82 30.80
C SER BA 453 49.24 49.45 29.30
N GLU BA 454 50.16 50.13 28.59
CA GLU BA 454 50.30 49.99 27.15
C GLU BA 454 51.49 49.13 26.68
N GLU BA 455 52.33 48.62 27.60
CA GLU BA 455 53.43 47.71 27.25
C GLU BA 455 52.79 46.33 26.92
N VAL BA 456 51.43 46.34 26.92
CA VAL BA 456 50.54 45.19 26.62
C VAL BA 456 49.83 45.41 25.29
N ALA BA 457 49.07 46.49 25.18
CA ALA BA 457 48.37 46.82 23.94
C ALA BA 457 49.37 47.07 22.79
N SER BA 458 50.63 47.30 23.15
CA SER BA 458 51.68 47.57 22.17
C SER BA 458 52.51 46.30 21.92
N ALA BA 459 52.04 45.17 22.45
CA ALA BA 459 52.74 43.89 22.28
C ALA BA 459 52.87 43.57 20.80
N LEU BA 460 53.87 42.76 20.47
CA LEU BA 460 54.13 42.37 19.08
C LEU BA 460 53.60 40.95 18.74
N ALA BA 461 52.61 40.89 17.84
CA ALA BA 461 51.96 39.64 17.37
C ALA BA 461 52.82 38.40 17.57
N ASN BA 462 52.40 37.57 18.53
CA ASN BA 462 53.09 36.34 18.92
C ASN BA 462 54.40 36.62 19.62
N ASP BA 463 54.27 37.32 20.77
CA ASP BA 463 55.39 37.56 21.65
C ASP BA 463 54.96 37.12 23.05
N ALA BA 464 55.88 36.82 23.92
CA ALA BA 464 55.42 36.34 25.22
C ALA BA 464 54.12 37.01 25.67
N ILE BA 465 54.13 38.33 25.86
CA ILE BA 465 52.93 39.05 26.28
C ILE BA 465 51.67 38.59 25.53
N VAL BA 466 51.72 38.57 24.20
CA VAL BA 466 50.57 38.16 23.40
C VAL BA 466 50.26 36.68 23.56
N LEU BA 467 51.24 35.90 24.03
CA LEU BA 467 51.03 34.48 24.27
C LEU BA 467 50.46 34.27 25.68
N VAL BA 468 51.03 34.99 26.68
CA VAL BA 468 50.61 34.97 28.11
C VAL BA 468 49.33 35.77 28.33
N SER BA 469 48.73 36.14 27.20
CA SER BA 469 47.44 36.84 27.15
C SER BA 469 46.40 35.91 26.51
N ASN BA 470 46.82 35.13 25.49
CA ASN BA 470 46.00 34.14 24.69
C ASN BA 470 45.68 32.93 25.55
N HIS BA 471 46.56 32.74 26.50
CA HIS BA 471 46.48 31.69 27.48
C HIS BA 471 45.49 32.08 28.56
N LEU BA 472 45.75 33.18 29.27
CA LEU BA 472 44.84 33.63 30.31
C LEU BA 472 43.44 33.71 29.74
N ASN BA 473 43.33 34.11 28.50
CA ASN BA 473 42.04 34.24 27.83
C ASN BA 473 41.23 32.96 27.76
N LYS BA 474 41.90 31.80 27.67
CA LYS BA 474 41.20 30.52 27.66
C LYS BA 474 40.71 30.30 29.08
N LEU BA 475 41.65 30.38 30.02
CA LEU BA 475 41.33 30.19 31.41
C LEU BA 475 40.29 31.20 31.87
N ALA BA 476 40.27 32.34 31.21
CA ALA BA 476 39.28 33.31 31.54
C ALA BA 476 37.88 32.84 31.08
N ASN BA 477 37.78 31.97 30.05
CA ASN BA 477 36.45 31.56 29.55
C ASN BA 477 36.00 30.28 30.21
N VAL BA 478 36.93 29.62 30.83
CA VAL BA 478 36.56 28.44 31.58
C VAL BA 478 35.88 28.94 32.83
N VAL BA 479 36.47 29.92 33.53
CA VAL BA 479 35.81 30.42 34.74
C VAL BA 479 34.51 31.14 34.33
N GLY BA 480 34.64 32.12 33.43
CA GLY BA 480 33.48 32.86 32.96
C GLY BA 480 32.32 31.92 32.65
N ASP BA 481 32.63 30.81 31.99
CA ASP BA 481 31.65 29.80 31.59
C ASP BA 481 31.16 28.91 32.73
N ALA BA 482 31.97 27.94 33.12
CA ALA BA 482 31.60 26.99 34.18
C ALA BA 482 31.36 27.60 35.57
N ILE BA 483 32.40 28.17 36.17
CA ILE BA 483 32.30 28.77 37.50
C ILE BA 483 31.41 30.02 37.54
N PRO BA 484 30.69 30.25 38.66
CA PRO BA 484 29.81 31.43 38.79
C PRO BA 484 30.47 32.70 39.33
N VAL BA 485 31.54 33.15 38.68
CA VAL BA 485 32.25 34.34 39.13
C VAL BA 485 31.47 35.63 38.85
N ALA BA 486 30.16 35.52 38.65
CA ALA BA 486 29.34 36.70 38.38
C ALA BA 486 28.03 36.78 39.17
N SER BA 487 28.14 36.44 40.45
CA SER BA 487 27.01 36.52 41.38
C SER BA 487 27.56 36.53 42.84
N ARG BA 488 26.77 36.88 43.87
CA ARG BA 488 27.33 36.93 45.23
C ARG BA 488 27.56 35.53 45.84
N THR BA 489 27.89 34.55 45.00
CA THR BA 489 28.04 33.19 45.51
C THR BA 489 29.45 32.77 45.95
N ASP BA 490 30.32 33.74 46.27
CA ASP BA 490 31.69 33.43 46.72
C ASP BA 490 32.20 32.07 46.23
N ASP BA 491 32.11 31.89 44.90
CA ASP BA 491 32.51 30.70 44.17
C ASP BA 491 33.91 30.18 44.43
N SER BA 492 34.18 28.98 43.91
CA SER BA 492 35.49 28.33 44.05
C SER BA 492 36.65 29.19 43.56
N ALA BA 493 36.40 30.01 42.53
CA ALA BA 493 37.41 30.89 41.97
C ALA BA 493 37.79 32.00 42.94
N THR BA 494 36.83 32.88 43.24
CA THR BA 494 37.06 33.99 44.18
C THR BA 494 37.38 33.47 45.56
N SER BA 495 37.26 32.16 45.75
CA SER BA 495 37.53 31.54 47.04
C SER BA 495 38.98 31.14 47.16
N ALA BA 496 39.54 30.66 46.06
CA ALA BA 496 40.94 30.27 46.03
C ALA BA 496 41.78 31.50 46.33
N ILE BA 497 41.37 32.64 45.78
CA ILE BA 497 42.08 33.89 45.98
C ILE BA 497 41.96 34.39 47.42
N VAL BA 498 40.76 34.33 48.00
CA VAL BA 498 40.55 34.77 49.38
C VAL BA 498 41.50 34.08 50.34
N SER BA 499 41.73 32.79 50.14
CA SER BA 499 42.63 32.07 51.03
C SER BA 499 44.05 32.58 50.89
N ARG BA 500 44.42 33.09 49.71
CA ARG BA 500 45.75 33.63 49.54
C ARG BA 500 45.83 34.98 50.27
N LEU BA 501 44.86 35.85 50.05
CA LEU BA 501 44.86 37.16 50.72
C LEU BA 501 44.98 37.02 52.23
N ALA BA 502 44.25 36.05 52.80
CA ALA BA 502 44.32 35.82 54.24
C ALA BA 502 45.76 35.45 54.61
N VAL BA 503 46.21 34.26 54.20
CA VAL BA 503 47.57 33.78 54.45
C VAL BA 503 48.60 34.85 54.20
N GLN BA 504 48.28 35.78 53.30
CA GLN BA 504 49.21 36.85 52.96
C GLN BA 504 49.10 37.98 54.00
N HIS BA 505 47.91 38.57 54.11
CA HIS BA 505 47.68 39.64 55.07
C HIS BA 505 47.90 39.17 56.51
N LYS BA 506 47.90 37.87 56.73
CA LYS BA 506 48.06 37.35 58.08
C LYS BA 506 49.50 37.36 58.53
N LEU BA 507 50.44 37.08 57.62
CA LEU BA 507 51.84 37.07 58.02
C LEU BA 507 52.40 38.48 57.99
N SER BA 508 51.78 39.36 57.21
CA SER BA 508 52.26 40.74 57.15
C SER BA 508 51.88 41.42 58.48
N GLN BA 509 51.01 40.75 59.24
CA GLN BA 509 50.57 41.27 60.53
C GLN BA 509 51.43 40.68 61.65
N VAL BA 510 52.05 39.54 61.37
CA VAL BA 510 52.92 38.87 62.35
C VAL BA 510 54.11 39.81 62.63
N GLY BA 511 54.59 39.80 63.89
CA GLY BA 511 55.67 40.69 64.35
C GLY BA 511 55.11 42.13 64.33
N GLN BA 512 55.15 42.88 65.47
CA GLN BA 512 54.56 44.25 65.65
C GLN BA 512 53.17 44.04 66.25
N ALA BA 513 52.72 44.96 67.13
CA ALA BA 513 51.44 45.04 67.89
C ALA BA 513 50.22 44.27 67.38
N SER BA 514 50.28 43.76 66.14
CA SER BA 514 49.17 43.03 65.51
C SER BA 514 47.83 43.67 65.90
N PRO BA 515 47.76 45.01 65.85
CA PRO BA 515 46.56 45.75 66.23
C PRO BA 515 45.36 45.49 65.32
N THR BA 516 45.58 44.82 64.19
CA THR BA 516 44.49 44.55 63.25
C THR BA 516 44.22 43.08 62.97
N PRO BA 517 43.24 42.49 63.66
CA PRO BA 517 42.89 41.13 63.38
C PRO BA 517 42.33 41.05 61.96
N PRO BA 518 42.83 40.17 61.11
CA PRO BA 518 42.33 40.07 59.73
C PRO BA 518 40.81 40.27 59.64
N ASP BA 519 40.38 40.88 58.54
CA ASP BA 519 38.97 41.21 58.34
C ASP BA 519 38.08 40.01 57.91
N TYR BA 520 38.15 39.63 56.64
CA TYR BA 520 37.38 38.47 56.08
C TYR BA 520 36.12 38.86 55.36
N PRO BA 521 35.16 39.52 56.01
CA PRO BA 521 34.00 39.96 55.23
C PRO BA 521 34.52 40.87 54.09
N LEU BA 522 35.57 41.69 54.42
CA LEU BA 522 36.27 42.66 53.52
C LEU BA 522 37.26 41.96 52.57
N LEU BA 523 37.81 40.87 53.05
CA LEU BA 523 38.72 40.05 52.26
C LEU BA 523 37.98 39.20 51.24
N TRP BA 524 36.84 38.64 51.67
CA TRP BA 524 36.04 37.86 50.75
C TRP BA 524 35.62 38.75 49.61
N ARG BA 525 35.10 39.94 49.97
CA ARG BA 525 34.65 40.91 48.98
C ARG BA 525 35.79 41.49 48.13
N ARG BA 526 36.98 41.62 48.70
CA ARG BA 526 38.09 42.14 47.89
C ARG BA 526 38.56 41.11 46.88
N ALA BA 527 38.58 39.85 47.29
CA ALA BA 527 39.02 38.78 46.41
C ALA BA 527 37.93 38.43 45.39
N LYS BA 528 36.69 38.78 45.71
CA LYS BA 528 35.58 38.50 44.79
C LYS BA 528 35.73 39.37 43.56
N ARG BA 529 36.10 40.65 43.76
CA ARG BA 529 36.26 41.57 42.64
C ARG BA 529 37.60 41.28 41.96
N ALA BA 530 38.53 40.68 42.68
CA ALA BA 530 39.82 40.34 42.10
C ALA BA 530 39.58 39.21 41.10
N ALA BA 531 38.91 38.14 41.52
CA ALA BA 531 38.61 37.01 40.62
C ALA BA 531 37.67 37.49 39.53
N SER BA 532 36.79 38.40 39.89
CA SER BA 532 35.84 38.95 38.94
C SER BA 532 36.55 39.84 37.93
N MET BA 533 37.45 40.72 38.40
CA MET BA 533 38.17 41.60 37.47
C MET BA 533 38.98 40.78 36.48
N PHE BA 534 39.36 39.57 36.90
CA PHE BA 534 40.12 38.71 36.02
C PHE BA 534 39.22 38.17 34.91
N VAL BA 535 38.18 37.43 35.27
CA VAL BA 535 37.26 36.92 34.26
C VAL BA 535 36.90 38.00 33.30
N SER BA 536 36.71 39.21 33.85
CA SER BA 536 36.34 40.37 33.05
C SER BA 536 37.34 40.67 31.95
N ASN BA 537 38.51 41.16 32.33
CA ASN BA 537 39.54 41.49 31.39
C ASN BA 537 40.81 40.70 31.71
N PRO BA 538 40.87 39.43 31.27
CA PRO BA 538 42.00 38.52 31.52
C PRO BA 538 43.37 39.22 31.44
N SER BA 539 43.51 40.11 30.45
CA SER BA 539 44.75 40.85 30.22
C SER BA 539 45.35 41.49 31.47
N LEU BA 540 44.60 42.39 32.11
CA LEU BA 540 45.06 43.10 33.31
C LEU BA 540 46.13 42.43 34.15
N ALA BA 541 45.97 41.13 34.40
CA ALA BA 541 46.96 40.38 35.19
C ALA BA 541 48.40 40.45 34.65
N LEU BA 542 48.64 41.30 33.65
CA LEU BA 542 49.99 41.48 33.09
C LEU BA 542 50.52 42.86 33.44
N GLN BA 543 49.60 43.77 33.72
CA GLN BA 543 49.95 45.16 34.03
C GLN BA 543 50.37 45.46 35.45
N VAL BA 544 51.53 46.11 35.56
CA VAL BA 544 52.06 46.47 36.87
C VAL BA 544 51.13 47.48 37.53
N GLY BA 545 50.66 47.14 38.73
CA GLY BA 545 49.77 48.05 39.47
C GLY BA 545 48.33 47.61 39.53
N ILE BA 546 48.07 46.31 39.50
CA ILE BA 546 46.70 45.84 39.61
C ILE BA 546 46.50 45.10 40.93
N PRO BA 547 45.60 45.64 41.78
CA PRO BA 547 45.29 45.13 43.13
C PRO BA 547 45.00 43.61 43.21
N VAL BA 548 45.72 42.92 44.09
CA VAL BA 548 45.58 41.46 44.26
C VAL BA 548 46.11 40.72 43.05
N LEU BA 549 45.26 40.60 42.03
CA LEU BA 549 45.58 39.90 40.79
C LEU BA 549 47.08 39.77 40.44
N THR BA 550 47.89 40.83 40.66
CA THR BA 550 49.30 40.76 40.25
C THR BA 550 50.29 40.24 41.29
N GLN BA 551 49.83 39.72 42.43
CA GLN BA 551 50.78 39.17 43.41
C GLN BA 551 51.07 37.77 42.89
N SER BA 552 52.30 37.29 43.08
CA SER BA 552 52.68 35.97 42.58
C SER BA 552 51.74 34.80 42.92
N GLY BA 553 51.15 34.81 44.11
CA GLY BA 553 50.24 33.73 44.50
C GLY BA 553 49.11 33.53 43.50
N MET BA 554 48.15 34.45 43.52
CA MET BA 554 46.98 34.43 42.64
C MET BA 554 47.29 33.92 41.23
N LEU BA 555 46.26 33.43 40.55
CA LEU BA 555 46.39 32.88 39.18
C LEU BA 555 46.97 31.48 39.28
N SER BA 556 48.22 31.42 39.73
CA SER BA 556 48.80 30.13 39.94
C SER BA 556 47.87 29.42 40.88
N ALA BA 557 47.32 30.24 41.78
CA ALA BA 557 46.33 29.83 42.76
C ALA BA 557 44.99 29.66 42.08
N LEU BA 558 44.42 30.77 41.61
CA LEU BA 558 43.12 30.74 40.93
C LEU BA 558 42.95 29.47 40.10
N THR BA 559 43.72 29.40 38.98
CA THR BA 559 43.56 28.25 38.08
C THR BA 559 43.46 26.96 38.87
N SER BA 560 44.49 26.52 39.59
CA SER BA 560 44.42 25.24 40.33
C SER BA 560 43.17 25.07 41.23
N GLY BA 561 42.47 26.18 41.48
CA GLY BA 561 41.23 26.10 42.21
C GLY BA 561 40.19 25.76 41.19
N VAL BA 562 39.92 26.74 40.31
CA VAL BA 562 38.99 26.57 39.20
C VAL BA 562 39.13 25.16 38.63
N GLY BA 563 40.36 24.67 38.67
CA GLY BA 563 40.67 23.35 38.21
C GLY BA 563 39.81 22.36 38.95
N THR BA 564 40.18 22.06 40.20
CA THR BA 564 39.40 21.10 40.98
C THR BA 564 37.93 21.48 41.04
N ALA BA 565 37.62 22.77 40.93
CA ALA BA 565 36.23 23.21 40.98
C ALA BA 565 35.39 22.58 39.85
N LEU BA 566 35.97 22.49 38.66
CA LEU BA 566 35.25 21.91 37.53
C LEU BA 566 35.16 20.40 37.71
N ARG BA 567 36.18 19.81 38.30
CA ARG BA 567 36.15 18.38 38.48
C ARG BA 567 35.31 17.94 39.68
N THR BA 568 34.14 18.58 39.85
CA THR BA 568 33.24 18.22 40.97
C THR BA 568 31.87 18.90 40.85
N GLY BA 569 31.72 19.81 39.87
CA GLY BA 569 30.47 20.53 39.65
C GLY BA 569 29.20 19.74 39.99
N SER BA 570 29.25 18.40 39.94
CA SER BA 570 28.16 17.40 40.19
C SER BA 570 27.40 17.12 38.87
N LEU BA 571 26.26 17.76 38.61
CA LEU BA 571 25.50 17.69 37.35
C LEU BA 571 24.51 18.84 37.48
N GLY BA 572 23.96 19.02 38.69
CA GLY BA 572 22.99 20.04 38.98
C GLY BA 572 23.59 21.39 39.38
N LYS BA 573 24.65 21.80 38.67
CA LYS BA 573 25.31 23.08 38.91
C LYS BA 573 24.37 24.21 38.51
N GLY BA 574 23.45 23.81 37.64
CA GLY BA 574 22.46 24.71 37.14
C GLY BA 574 21.51 25.15 38.22
N VAL BA 575 21.66 24.67 39.46
CA VAL BA 575 20.76 25.07 40.52
C VAL BA 575 20.92 26.55 40.80
N THR BA 576 22.02 27.12 40.31
CA THR BA 576 22.30 28.55 40.51
C THR BA 576 21.27 29.40 39.78
N ASP BA 577 20.54 30.23 40.52
CA ASP BA 577 19.53 31.09 39.91
C ASP BA 577 18.58 30.26 39.07
N ALA BA 578 18.36 29.02 39.49
CA ALA BA 578 17.46 28.11 38.78
C ALA BA 578 16.04 28.45 39.17
N SER BA 579 15.91 29.53 39.95
CA SER BA 579 14.62 29.99 40.40
C SER BA 579 14.05 31.00 39.38
N GLU BA 580 14.79 32.07 39.11
CA GLU BA 580 14.36 33.10 38.16
C GLU BA 580 14.44 32.51 36.76
N LYS BA 581 15.37 31.58 36.58
CA LYS BA 581 15.55 30.90 35.32
C LYS BA 581 14.28 30.12 35.07
N LEU BA 582 13.76 29.48 36.12
CA LEU BA 582 12.54 28.69 36.04
C LEU BA 582 11.38 29.61 35.77
N ARG BA 583 11.26 30.63 36.61
CA ARG BA 583 10.17 31.60 36.50
C ARG BA 583 10.15 32.28 35.13
N ALA BA 584 11.31 32.33 34.46
CA ALA BA 584 11.38 32.93 33.12
C ALA BA 584 10.88 31.93 32.08
N ARG BA 585 11.12 30.63 32.31
CA ARG BA 585 10.65 29.62 31.41
C ARG BA 585 9.12 29.50 31.47
N GLN BA 586 8.56 29.65 32.65
CA GLN BA 586 7.11 29.61 32.78
C GLN BA 586 6.55 30.81 32.06
N SER BA 587 7.32 31.89 32.10
CA SER BA 587 6.92 33.13 31.46
C SER BA 587 6.76 32.91 29.96
N LEU BA 588 7.65 32.10 29.40
CA LEU BA 588 7.63 31.84 27.95
C LEU BA 588 6.50 30.89 27.58
N THR BA 589 6.33 29.85 28.38
CA THR BA 589 5.27 28.89 28.10
C THR BA 589 3.88 29.56 28.23
N VAL BA 590 3.79 30.60 29.05
CA VAL BA 590 2.52 31.31 29.18
C VAL BA 590 2.26 32.11 27.92
N ALA BA 591 3.32 32.65 27.32
CA ALA BA 591 3.19 33.42 26.10
C ALA BA 591 3.00 32.48 24.91
N LYS BA 592 3.64 31.32 24.94
CA LYS BA 592 3.50 30.35 23.85
C LYS BA 592 2.12 29.70 23.91
N GLN BA 593 1.55 29.59 25.11
CA GLN BA 593 0.23 29.00 25.23
C GLN BA 593 -0.71 29.99 24.56
N ALA BA 594 -0.38 31.27 24.70
CA ALA BA 594 -1.15 32.36 24.11
C ALA BA 594 -1.17 32.23 22.58
N PHE BA 595 -0.05 31.78 22.02
CA PHE BA 595 0.04 31.56 20.57
C PHE BA 595 -0.92 30.42 20.18
N PHE BA 596 -0.71 29.22 20.75
CA PHE BA 596 -1.59 28.09 20.45
C PHE BA 596 -3.07 28.46 20.55
N ASP BA 597 -3.40 29.43 21.40
CA ASP BA 597 -4.78 29.87 21.55
C ASP BA 597 -5.31 30.53 20.29
N GLN BA 598 -4.45 31.20 19.53
CA GLN BA 598 -4.89 31.82 18.29
C GLN BA 598 -4.94 30.78 17.18
N ILE BA 599 -3.90 29.95 17.12
CA ILE BA 599 -3.92 28.87 16.13
C ILE BA 599 -5.22 28.15 16.28
N GLY BA 600 -5.66 28.08 17.52
CA GLY BA 600 -6.89 27.43 17.92
C GLY BA 600 -8.16 28.17 17.55
N SER BA 601 -8.10 29.48 17.38
CA SER BA 601 -9.31 30.21 17.00
C SER BA 601 -9.34 30.51 15.51
N LEU BA 602 -8.39 31.31 15.03
CA LEU BA 602 -8.32 31.68 13.62
C LEU BA 602 -8.65 30.52 12.69
N TRP BA 603 -7.90 29.42 12.83
CA TRP BA 603 -8.19 28.24 12.05
C TRP BA 603 -8.97 27.26 12.93
N PRO BA 604 -10.30 27.45 13.00
CA PRO BA 604 -11.15 26.57 13.79
C PRO BA 604 -11.25 25.17 13.17
N GLY CA 2 34.08 21.96 64.90
CA GLY CA 2 34.77 20.69 64.88
C GLY CA 2 34.38 19.83 66.05
N ASN CA 3 33.41 20.30 66.82
CA ASN CA 3 32.98 19.56 67.97
C ASN CA 3 32.71 18.11 67.64
N VAL CA 4 33.21 17.30 68.52
CA VAL CA 4 33.03 15.90 68.39
C VAL CA 4 31.57 15.59 68.10
N GLN CA 5 31.41 14.64 67.17
CA GLN CA 5 30.12 14.08 66.74
C GLN CA 5 30.08 12.69 67.39
N THR CA 6 30.60 11.67 66.66
CA THR CA 6 30.81 10.27 67.14
C THR CA 6 30.31 9.13 66.23
N SER CA 7 29.14 9.18 65.62
CA SER CA 7 28.84 8.00 64.83
C SER CA 7 28.19 8.37 63.51
N VAL CA 8 27.54 9.55 63.50
CA VAL CA 8 26.85 9.99 62.33
C VAL CA 8 27.64 9.57 61.10
N ASN CA 9 28.93 9.90 61.09
CA ASN CA 9 29.76 9.54 59.92
C ASN CA 9 31.10 8.80 60.39
N THR CA 10 31.60 7.69 59.75
CA THR CA 10 32.83 6.88 60.15
C THR CA 10 34.10 7.64 60.49
N TYR CA 11 34.06 8.96 60.33
CA TYR CA 11 35.23 9.77 60.62
C TYR CA 11 34.90 11.06 61.33
N ASN CA 12 35.71 11.37 62.32
CA ASN CA 12 35.58 12.62 63.03
C ASN CA 12 36.41 13.60 62.24
N ILE CA 13 36.10 14.88 62.25
CA ILE CA 13 36.95 15.79 61.47
C ILE CA 13 38.19 16.10 62.28
N THR CA 14 37.98 16.49 63.52
CA THR CA 14 39.07 16.78 64.46
C THR CA 14 39.66 15.47 64.95
N GLY CA 15 39.17 14.37 64.37
CA GLY CA 15 39.64 13.04 64.74
C GLY CA 15 41.15 12.90 64.79
N ASP CA 16 41.59 11.85 65.47
CA ASP CA 16 43.00 11.52 65.66
C ASP CA 16 43.76 11.23 64.34
N GLY CA 17 44.92 11.83 64.19
CA GLY CA 17 45.75 11.59 63.02
C GLY CA 17 45.18 11.67 61.60
N ASN CA 18 44.40 12.72 61.32
CA ASN CA 18 43.88 12.93 59.97
C ASN CA 18 45.04 13.51 59.19
N SER CA 19 44.84 13.90 57.95
CA SER CA 19 45.98 14.45 57.26
C SER CA 19 45.72 15.03 55.88
N PHE CA 20 45.72 16.35 55.77
CA PHE CA 20 45.58 16.99 54.48
C PHE CA 20 46.92 16.81 53.79
N THR CA 21 46.92 16.28 52.57
CA THR CA 21 48.17 16.05 51.85
C THR CA 21 47.96 15.66 50.38
N PRO CA 22 47.89 16.66 49.50
CA PRO CA 22 47.68 16.45 48.07
C PRO CA 22 48.84 15.65 47.49
N THR CA 23 48.50 14.82 46.50
CA THR CA 23 49.45 13.98 45.78
C THR CA 23 49.17 14.24 44.33
N SER CA 24 50.19 14.63 43.56
CA SER CA 24 49.99 14.89 42.13
C SER CA 24 49.33 13.71 41.45
N ASP CA 25 49.36 12.58 42.14
CA ASP CA 25 48.86 11.31 41.65
C ASP CA 25 47.33 11.08 41.57
N MET CA 26 46.54 11.70 42.44
CA MET CA 26 45.12 11.40 42.44
C MET CA 26 44.10 12.52 42.16
N THR CA 27 44.48 13.63 41.50
CA THR CA 27 43.55 14.75 41.21
C THR CA 27 42.08 14.54 41.61
N SER CA 28 41.70 15.07 42.76
CA SER CA 28 40.34 14.97 43.32
C SER CA 28 39.25 15.31 42.32
N THR CA 29 38.29 14.39 42.14
CA THR CA 29 37.18 14.61 41.18
N ALA CA 30 34.77 14.35 41.45
CA ALA CA 30 33.49 13.62 41.52
C ALA CA 30 33.02 13.33 40.09
N ALA CA 31 31.72 13.39 39.82
CA ALA CA 31 31.21 13.08 38.48
C ALA CA 31 30.40 14.18 37.85
N PRO CA 32 31.07 15.10 37.10
CA PRO CA 32 30.40 16.21 36.44
C PRO CA 32 30.03 15.90 35.01
N ALA CA 33 30.95 15.37 34.22
CA ALA CA 33 30.65 15.14 32.82
C ALA CA 33 29.75 13.95 32.47
N ILE CA 34 28.72 13.65 33.28
CA ILE CA 34 27.85 12.53 32.94
C ILE CA 34 27.16 12.83 31.61
N ASP CA 35 27.25 11.88 30.68
CA ASP CA 35 26.63 12.09 29.37
C ASP CA 35 25.13 11.82 29.38
N LEU CA 36 24.36 12.79 28.89
CA LEU CA 36 22.91 12.62 28.84
C LEU CA 36 22.31 13.02 27.48
N LYS CA 37 23.13 13.58 26.59
CA LYS CA 37 22.63 14.01 25.29
C LYS CA 37 21.84 12.90 24.55
N PRO CA 38 20.77 13.31 23.92
CA PRO CA 38 19.84 12.44 23.19
C PRO CA 38 20.42 11.16 22.60
N GLY CA 39 21.30 11.32 21.63
CA GLY CA 39 21.87 10.14 21.00
C GLY CA 39 22.62 9.26 21.99
N VAL CA 40 23.40 9.88 22.87
CA VAL CA 40 24.23 9.12 23.79
C VAL CA 40 23.50 8.52 24.99
N LEU CA 41 22.41 9.09 25.47
CA LEU CA 41 21.67 8.49 26.60
C LEU CA 41 20.71 7.44 26.08
N ASN CA 42 20.42 7.51 24.78
CA ASN CA 42 19.55 6.53 24.08
C ASN CA 42 18.39 7.15 23.31
N PRO DA 1 19.71 -5.19 22.60
CA PRO DA 1 18.36 -4.66 22.35
C PRO DA 1 18.27 -3.24 22.84
N THR DA 2 17.16 -2.58 22.50
CA THR DA 2 16.87 -1.18 22.85
C THR DA 2 15.40 -0.92 22.59
N GLY DA 3 14.91 0.23 23.03
CA GLY DA 3 13.53 0.61 22.78
C GLY DA 3 12.52 0.05 23.78
N LYS DA 4 11.24 0.26 23.49
CA LYS DA 4 10.19 -0.20 24.34
C LYS DA 4 10.01 -1.69 24.15
N LEU DA 5 9.52 -2.39 25.18
CA LEU DA 5 9.33 -3.84 25.06
C LEU DA 5 7.95 -4.12 24.50
N TRP DA 6 7.86 -5.12 23.65
CA TRP DA 6 6.61 -5.52 23.03
C TRP DA 6 6.28 -6.93 23.43
N ARG DA 7 5.03 -7.34 23.30
CA ARG DA 7 4.65 -8.70 23.60
C ARG DA 7 3.55 -9.15 22.65
N PRO DA 8 3.53 -10.45 22.32
CA PRO DA 8 2.53 -11.02 21.40
C PRO DA 8 1.09 -10.78 21.87
N VAL DA 9 0.43 -9.74 21.33
CA VAL DA 9 -0.95 -9.45 21.73
C VAL DA 9 -1.87 -10.60 21.31
N GLY DA 10 -1.55 -11.26 20.20
CA GLY DA 10 -2.34 -12.38 19.71
C GLY DA 10 -1.99 -13.68 20.42
N THR DA 11 -1.03 -13.60 21.34
CA THR DA 11 -0.57 -14.73 22.14
C THR DA 11 0.29 -15.79 21.44
N SER DA 12 1.13 -16.43 22.25
CA SER DA 12 2.04 -17.49 21.81
C SER DA 12 2.89 -17.09 20.61
N VAL DA 13 2.43 -17.47 19.41
CA VAL DA 13 3.13 -17.16 18.19
C VAL DA 13 3.35 -15.65 18.06
N ALA DA 14 4.62 -15.25 18.15
CA ALA DA 14 5.00 -13.88 17.98
C ALA DA 14 5.52 -13.65 16.58
N THR DA 15 4.69 -13.05 15.75
CA THR DA 15 5.10 -12.74 14.37
C THR DA 15 5.32 -11.20 14.31
N ILE DA 16 5.64 -10.67 13.10
CA ILE DA 16 5.85 -9.23 12.84
C ILE DA 16 4.50 -8.50 12.70
N ASP DA 17 3.60 -8.73 13.65
CA ASP DA 17 2.27 -8.14 13.63
C ASP DA 17 1.42 -8.58 14.83
N SER DA 18 1.78 -9.73 15.39
CA SER DA 18 1.07 -10.25 16.55
C SER DA 18 1.73 -9.65 17.81
N LEU DA 19 2.54 -8.61 17.61
CA LEU DA 19 3.22 -7.89 18.65
C LEU DA 19 2.43 -6.61 18.93
N ALA DA 20 2.87 -5.89 19.92
CA ALA DA 20 2.29 -4.63 20.30
C ALA DA 20 3.00 -4.06 21.53
N ILE DA 21 3.38 -2.78 21.49
CA ILE DA 21 4.05 -2.20 22.65
C ILE DA 21 3.28 -2.56 23.92
N VAL DA 22 3.90 -3.32 24.80
CA VAL DA 22 3.25 -3.74 26.05
C VAL DA 22 3.02 -2.55 26.95
N SER DA 23 1.99 -1.75 26.67
CA SER DA 23 1.73 -0.61 27.52
C SER DA 23 0.75 -1.03 28.62
N ASP DA 24 0.48 -0.13 29.56
CA ASP DA 24 -0.45 -0.42 30.64
C ASP DA 24 -0.52 0.73 31.65
N ARG DA 25 -1.16 0.45 32.76
CA ARG DA 25 -1.37 1.40 33.85
C ARG DA 25 -0.13 2.16 34.32
N PHE DA 26 1.06 1.69 33.96
CA PHE DA 26 2.30 2.35 34.36
C PHE DA 26 2.98 3.10 33.24
N GLY DA 27 2.47 2.95 32.00
CA GLY DA 27 3.08 3.60 30.86
C GLY DA 27 3.71 2.46 30.07
N GLN DA 28 4.72 2.74 29.25
CA GLN DA 28 5.35 1.65 28.48
C GLN DA 28 6.75 1.31 28.96
N TYR DA 29 6.96 0.02 29.22
CA TYR DA 29 8.26 -0.42 29.67
C TYR DA 29 9.28 -0.24 28.57
N SER DA 30 10.29 0.59 28.81
CA SER DA 30 11.34 0.74 27.80
C SER DA 30 12.55 -0.01 28.37
N PHE DA 31 13.23 -0.77 27.51
CA PHE DA 31 14.39 -1.54 27.94
C PHE DA 31 15.55 -0.69 28.42
N VAL DA 32 16.26 -1.20 29.44
CA VAL DA 32 17.40 -0.48 29.99
C VAL DA 32 18.70 -1.20 29.65
N ASN DA 33 19.16 -1.01 28.42
CA ASN DA 33 20.39 -1.63 27.91
C ASN DA 33 21.54 -1.37 28.87
N GLU DA 34 22.51 -2.28 28.86
CA GLU DA 34 23.69 -2.21 29.73
C GLU DA 34 24.30 -0.83 29.99
N GLY DA 35 24.62 -0.10 28.95
CA GLY DA 35 25.25 1.20 29.08
C GLY DA 35 24.35 2.28 29.68
N MET DA 36 23.06 2.22 29.39
CA MET DA 36 22.13 3.21 29.91
C MET DA 36 21.94 3.04 31.41
N ARG DA 37 22.42 1.92 31.97
CA ARG DA 37 22.35 1.72 33.40
C ARG DA 37 23.58 2.34 34.02
N GLU DA 38 24.63 2.48 33.20
CA GLU DA 38 25.87 3.09 33.64
C GLU DA 38 25.64 4.52 33.98
N THR DA 39 24.80 5.19 33.18
CA THR DA 39 24.52 6.58 33.43
C THR DA 39 23.72 6.75 34.72
N PHE DA 40 22.51 6.20 34.76
CA PHE DA 40 21.65 6.30 35.92
C PHE DA 40 22.27 5.76 37.18
N SER DA 41 23.27 4.90 37.03
CA SER DA 41 23.97 4.45 38.20
C SER DA 41 25.02 5.48 38.55
N LYS DA 42 25.68 6.02 37.53
CA LYS DA 42 26.73 7.01 37.73
C LYS DA 42 26.14 8.30 38.30
N ALA DA 43 24.87 8.56 37.98
CA ALA DA 43 24.15 9.75 38.46
C ALA DA 43 23.74 9.53 39.90
N LEU DA 44 23.15 8.37 40.19
CA LEU DA 44 22.73 8.03 41.54
C LEU DA 44 23.97 7.85 42.41
N PHE DA 45 25.04 7.31 41.83
CA PHE DA 45 26.25 7.10 42.61
C PHE DA 45 26.75 8.43 43.16
N ASP DA 46 26.71 9.46 42.32
CA ASP DA 46 27.16 10.78 42.74
C ASP DA 46 26.23 11.41 43.78
N ILE DA 47 25.04 10.85 43.96
CA ILE DA 47 24.12 11.40 44.96
C ILE DA 47 24.28 10.62 46.26
N ASN DA 48 24.32 9.29 46.18
CA ASN DA 48 24.50 8.47 47.36
C ASN DA 48 25.69 9.00 48.15
N MET DA 49 26.74 9.40 47.43
CA MET DA 49 27.95 9.94 48.04
C MET DA 49 27.64 10.91 49.18
N TRP DA 50 26.66 11.76 48.94
CA TRP DA 50 26.25 12.76 49.93
C TRP DA 50 25.38 12.20 51.00
N GLN DA 51 25.49 10.89 51.28
CA GLN DA 51 24.63 10.27 52.28
C GLN DA 51 24.73 10.91 53.66
N PRO DA 52 25.97 11.11 54.17
CA PRO DA 52 26.17 11.71 55.49
C PRO DA 52 25.59 13.09 55.66
N LEU DA 53 25.33 13.79 54.57
CA LEU DA 53 24.76 15.11 54.72
C LEU DA 53 23.26 15.09 54.65
N PHE DA 54 22.69 14.03 54.06
CA PHE DA 54 21.24 13.87 53.95
C PHE DA 54 20.64 13.53 55.30
N GLN DA 55 21.30 12.63 56.04
CA GLN DA 55 20.80 12.26 57.35
C GLN DA 55 20.96 13.45 58.27
N ALA DA 56 22.17 14.01 58.29
CA ALA DA 56 22.43 15.15 59.18
C ALA DA 56 21.35 16.17 59.06
N THR DA 57 21.02 16.53 57.87
CA THR DA 57 19.99 17.51 57.72
C THR DA 57 18.57 16.91 57.53
N LYS DA 58 18.24 15.68 57.99
CA LYS DA 58 16.86 15.11 57.88
C LYS DA 58 16.11 15.25 56.49
N THR DA 59 16.79 15.68 55.40
CA THR DA 59 16.20 15.73 54.04
C THR DA 59 16.38 14.35 53.42
N GLY DA 60 16.53 14.27 52.12
CA GLY DA 60 16.76 12.98 51.50
C GLY DA 60 15.62 11.99 51.88
N CYS DA 61 15.98 10.71 52.05
CA CYS DA 61 15.01 9.65 52.31
C CYS DA 61 15.63 8.26 52.17
N GLY DA 62 16.94 8.15 52.42
CA GLY DA 62 17.63 6.87 52.29
C GLY DA 62 18.39 6.87 50.98
N PRO DA 63 19.29 5.89 50.73
CA PRO DA 63 20.06 5.84 49.48
C PRO DA 63 19.19 5.43 48.29
N ILE DA 64 19.37 6.09 47.15
CA ILE DA 64 18.58 5.80 45.95
C ILE DA 64 19.13 4.66 45.10
N VAL DA 65 18.57 3.46 45.22
CA VAL DA 65 19.03 2.33 44.43
C VAL DA 65 18.31 2.35 43.07
N LEU DA 66 19.06 2.23 41.98
CA LEU DA 66 18.43 2.27 40.67
C LEU DA 66 17.50 1.09 40.49
N SER DA 67 17.67 0.07 41.34
CA SER DA 67 16.85 -1.13 41.26
C SER DA 67 15.47 -0.88 41.87
N SER DA 68 15.14 0.36 42.15
CA SER DA 68 13.83 0.65 42.73
C SER DA 68 12.93 1.25 41.65
N PHE DA 69 13.51 1.63 40.52
CA PHE DA 69 12.73 2.22 39.44
C PHE DA 69 12.51 1.27 38.29
N THR DA 70 13.24 0.17 38.26
CA THR DA 70 13.11 -0.79 37.18
C THR DA 70 12.18 -1.96 37.48
N THR DA 71 12.23 -2.99 36.64
CA THR DA 71 11.41 -4.20 36.79
C THR DA 71 12.09 -5.35 36.05
N THR DA 72 11.49 -6.53 36.08
CA THR DA 72 12.08 -7.67 35.39
C THR DA 72 11.05 -8.32 34.49
N THR DA 73 10.59 -7.56 33.50
CA THR DA 73 9.63 -8.10 32.55
C THR DA 73 10.46 -8.88 31.52
N SER DA 74 9.78 -9.45 30.53
CA SER DA 74 10.42 -10.19 29.45
C SER DA 74 9.47 -10.25 28.25
N GLY DA 75 10.05 -10.09 27.07
CA GLY DA 75 9.26 -10.12 25.85
C GLY DA 75 10.24 -9.77 24.75
N TYR DA 76 9.75 -9.21 23.65
CA TYR DA 76 10.60 -8.82 22.54
C TYR DA 76 10.78 -7.34 22.65
N VAL DA 77 12.03 -6.86 22.58
CA VAL DA 77 12.22 -5.42 22.70
C VAL DA 77 12.89 -4.74 21.52
N GLY DA 78 12.12 -3.96 20.77
CA GLY DA 78 12.71 -3.26 19.64
C GLY DA 78 12.12 -1.87 19.49
N ALA DA 79 12.30 -1.28 18.31
CA ALA DA 79 11.79 0.04 18.04
C ALA DA 79 10.47 -0.09 17.31
N THR DA 80 10.26 -1.21 16.62
CA THR DA 80 8.99 -1.45 15.91
C THR DA 80 8.73 -2.96 15.79
N ALA DA 81 7.46 -3.35 15.89
CA ALA DA 81 7.08 -4.77 15.82
C ALA DA 81 8.04 -5.56 14.93
N GLY DA 82 8.25 -5.08 13.70
CA GLY DA 82 9.15 -5.75 12.77
C GLY DA 82 10.52 -6.10 13.31
N ASP DA 83 11.23 -5.09 13.82
CA ASP DA 83 12.59 -5.29 14.33
C ASP DA 83 12.64 -5.75 15.79
N ALA DA 84 11.56 -5.55 16.52
CA ALA DA 84 11.53 -5.96 17.93
C ALA DA 84 11.44 -7.47 17.99
N LEU DA 85 11.02 -8.06 16.88
CA LEU DA 85 10.87 -9.50 16.79
C LEU DA 85 12.21 -10.23 16.86
N ASP DA 86 13.30 -9.52 16.58
CA ASP DA 86 14.64 -10.10 16.59
C ASP DA 86 15.42 -9.77 17.85
N ASN DA 87 14.72 -9.54 18.97
CA ASN DA 87 15.40 -9.22 20.23
C ASN DA 87 14.70 -9.89 21.39
N PRO DA 88 14.38 -11.17 21.29
CA PRO DA 88 13.69 -11.83 22.41
C PRO DA 88 14.55 -11.73 23.65
N VAL DA 89 14.10 -10.95 24.61
CA VAL DA 89 14.85 -10.80 25.86
C VAL DA 89 14.06 -11.40 27.03
N THR DA 90 14.72 -12.22 27.84
CA THR DA 90 14.03 -12.84 28.97
C THR DA 90 14.47 -12.23 30.28
N ASN DA 91 13.48 -11.80 31.07
CA ASN DA 91 13.74 -11.17 32.34
C ASN DA 91 14.76 -10.06 32.20
N GLY DA 92 14.57 -9.22 31.18
CA GLY DA 92 15.43 -8.09 30.99
C GLY DA 92 15.04 -7.09 32.06
N VAL DA 93 15.74 -5.97 32.13
CA VAL DA 93 15.42 -4.96 33.14
C VAL DA 93 14.88 -3.71 32.44
N PHE DA 94 13.56 -3.49 32.53
CA PHE DA 94 12.92 -2.35 31.89
C PHE DA 94 12.46 -1.35 32.92
N ILE DA 95 12.35 -0.09 32.53
CA ILE DA 95 11.86 0.94 33.44
C ILE DA 95 10.58 1.47 32.82
N SER DA 96 9.44 1.38 33.53
CA SER DA 96 8.15 1.85 32.98
C SER DA 96 8.09 3.37 32.82
N THR DA 97 7.28 3.89 31.95
CA THR DA 97 7.22 5.34 31.79
C THR DA 97 7.07 6.09 33.10
N VAL DA 98 5.98 5.80 33.86
CA VAL DA 98 5.79 6.51 35.11
C VAL DA 98 7.01 6.42 36.02
N GLN DA 99 7.84 5.40 35.84
CA GLN DA 99 9.06 5.27 36.63
C GLN DA 99 10.14 6.15 36.05
N ILE DA 100 10.28 6.11 34.72
CA ILE DA 100 11.26 6.93 34.00
C ILE DA 100 10.94 8.36 34.40
N MET DA 101 9.81 8.57 35.07
CA MET DA 101 9.44 9.90 35.53
C MET DA 101 10.06 10.19 36.88
N ASN DA 102 9.99 9.24 37.81
CA ASN DA 102 10.56 9.45 39.13
C ASN DA 102 12.09 9.43 39.13
N LEU DA 103 12.66 8.37 38.56
CA LEU DA 103 14.12 8.28 38.51
C LEU DA 103 14.61 9.62 37.96
N GLN DA 104 13.72 10.30 37.23
CA GLN DA 104 14.02 11.61 36.67
C GLN DA 104 13.83 12.67 37.74
N ARG DA 105 12.59 12.93 38.15
CA ARG DA 105 12.36 13.94 39.17
C ARG DA 105 12.99 13.65 40.53
N THR DA 106 13.50 12.44 40.76
CA THR DA 106 14.16 12.16 42.03
C THR DA 106 15.56 12.68 41.87
N ILE DA 107 16.26 12.18 40.85
CA ILE DA 107 17.61 12.61 40.54
C ILE DA 107 17.61 14.13 40.39
N ALA DA 108 16.47 14.70 40.03
CA ALA DA 108 16.37 16.15 39.90
C ALA DA 108 16.21 16.76 41.29
N ALA DA 109 15.25 16.30 42.08
CA ALA DA 109 15.05 16.85 43.41
C ALA DA 109 16.30 16.70 44.25
N ARG DA 110 16.86 15.49 44.30
CA ARG DA 110 18.09 15.25 45.07
C ARG DA 110 19.22 16.09 44.51
N MET DA 111 19.28 16.20 43.19
CA MET DA 111 20.33 16.99 42.57
C MET DA 111 20.33 18.43 43.07
N ARG DA 112 19.17 19.00 43.30
CA ARG DA 112 19.13 20.33 43.87
C ARG DA 112 19.73 20.24 45.27
N ASP DA 113 19.12 19.42 46.13
CA ASP DA 113 19.59 19.21 47.49
C ASP DA 113 21.11 19.24 47.59
N VAL DA 114 21.77 18.33 46.87
CA VAL DA 114 23.22 18.26 46.93
C VAL DA 114 23.88 19.46 46.26
N ALA DA 115 23.41 19.83 45.07
CA ALA DA 115 23.97 20.97 44.36
C ALA DA 115 24.21 22.13 45.32
N LEU DA 116 23.37 22.25 46.30
CA LEU DA 116 23.51 23.36 47.26
C LEU DA 116 24.67 23.10 48.23
N TRP DA 117 24.54 22.03 49.03
CA TRP DA 117 25.58 21.68 50.00
C TRP DA 117 26.93 21.64 49.29
N GLN DA 118 26.95 20.83 48.23
CA GLN DA 118 28.10 20.62 47.38
C GLN DA 118 28.73 21.94 47.01
N LYS DA 119 27.98 23.03 47.05
CA LYS DA 119 28.55 24.32 46.73
C LYS DA 119 29.31 24.89 47.97
N HIS DA 120 28.78 24.66 49.16
CA HIS DA 120 29.42 25.09 50.42
C HIS DA 120 30.69 24.31 50.68
N LEU DA 121 30.63 23.00 50.45
CA LEU DA 121 31.78 22.13 50.65
C LEU DA 121 32.91 22.68 49.83
N ASP DA 122 32.57 23.16 48.65
CA ASP DA 122 33.56 23.69 47.73
C ASP DA 122 34.22 25.01 48.12
N THR DA 123 33.43 26.05 48.36
CA THR DA 123 34.01 27.34 48.73
C THR DA 123 35.02 27.13 49.86
N ALA DA 124 34.93 25.99 50.55
CA ALA DA 124 35.83 25.67 51.65
C ALA DA 124 36.96 24.76 51.18
N MET DA 125 36.64 23.83 50.30
CA MET DA 125 37.64 22.91 49.79
C MET DA 125 38.66 23.62 48.89
N THR DA 126 38.20 24.10 47.74
CA THR DA 126 39.08 24.81 46.83
C THR DA 126 39.69 26.01 47.56
N MET DA 127 39.11 26.39 48.70
CA MET DA 127 39.66 27.50 49.45
C MET DA 127 40.98 27.12 50.13
N LEU DA 128 41.68 26.17 49.52
CA LEU DA 128 42.99 25.72 49.97
C LEU DA 128 43.52 24.68 48.99
N THR DA 129 43.39 25.03 47.71
CA THR DA 129 43.82 24.22 46.58
C THR DA 129 44.24 22.81 46.92
N PRO DA 130 43.27 21.91 47.10
CA PRO DA 130 43.66 20.55 47.44
C PRO DA 130 44.19 19.79 46.21
N ASP DA 131 44.64 20.52 45.20
CA ASP DA 131 45.15 19.83 44.02
C ASP DA 131 46.46 20.32 43.43
N ILE DA 132 47.48 19.47 43.52
CA ILE DA 132 48.81 19.76 42.99
C ILE DA 132 48.99 18.81 41.80
N SER DA 133 50.00 19.03 40.97
CA SER DA 133 50.19 18.17 39.80
C SER DA 133 51.60 17.62 39.56
N ALA DA 134 52.43 17.62 40.60
CA ALA DA 134 53.80 17.12 40.51
C ALA DA 134 54.30 16.80 41.94
N GLY DA 135 54.63 15.53 42.19
CA GLY DA 135 55.09 15.16 43.51
C GLY DA 135 53.98 15.41 44.52
N SER DA 136 54.29 15.38 45.81
CA SER DA 136 53.27 15.62 46.83
C SER DA 136 53.44 16.95 47.52
N ALA DA 137 52.94 17.05 48.75
CA ALA DA 137 53.02 18.28 49.56
C ALA DA 137 51.90 18.27 50.60
N SER DA 138 52.27 18.16 51.88
CA SER DA 138 51.29 18.15 52.96
C SER DA 138 51.07 19.53 53.60
N CYS DA 139 50.31 19.56 54.68
CA CYS DA 139 50.02 20.80 55.41
C CYS DA 139 49.35 20.42 56.72
N ASN DA 140 50.15 20.15 57.74
CA ASN DA 140 49.64 19.71 59.05
C ASN DA 140 48.18 20.12 59.33
N TRP DA 141 47.33 19.09 59.31
CA TRP DA 141 45.87 19.19 59.50
C TRP DA 141 45.36 20.15 60.57
N LYS DA 142 45.91 20.12 61.78
CA LYS DA 142 45.47 21.04 62.84
C LYS DA 142 45.37 22.45 62.28
N SER DA 143 46.53 23.01 61.90
CA SER DA 143 46.59 24.36 61.33
C SER DA 143 45.51 24.57 60.29
N LEU DA 144 45.57 23.76 59.24
CA LEU DA 144 44.61 23.81 58.15
C LEU DA 144 43.18 24.05 58.65
N LEU DA 145 42.71 23.17 59.54
CA LEU DA 145 41.38 23.29 60.10
C LEU DA 145 41.25 24.59 60.87
N ALA DA 146 42.01 24.77 61.93
CA ALA DA 146 41.99 26.00 62.74
C ALA DA 146 42.06 27.26 61.88
N PHE DA 147 42.53 27.11 60.65
CA PHE DA 147 42.64 28.21 59.70
C PHE DA 147 41.29 28.46 59.02
N ALA DA 148 40.75 27.43 58.36
CA ALA DA 148 39.47 27.57 57.69
C ALA DA 148 38.39 27.92 58.71
N LYS DA 149 38.65 27.59 59.98
CA LYS DA 149 37.72 27.93 61.05
C LYS DA 149 37.48 29.43 61.00
N ASP DA 150 38.47 30.13 60.43
CA ASP DA 150 38.44 31.58 60.25
C ASP DA 150 37.83 31.91 58.91
N ILE DA 151 38.67 31.98 57.89
CA ILE DA 151 38.24 32.35 56.56
C ILE DA 151 36.76 32.07 56.24
N LEU DA 152 36.34 30.81 56.16
CA LEU DA 152 34.96 30.48 55.84
C LEU DA 152 33.91 31.48 56.42
N PRO DA 153 33.17 32.24 55.55
CA PRO DA 153 32.16 33.21 55.98
C PRO DA 153 31.02 32.55 56.76
N LEU DA 154 30.53 33.21 57.78
CA LEU DA 154 29.47 32.70 58.68
C LEU DA 154 28.20 32.05 58.06
N ASP DA 155 28.07 32.00 56.73
CA ASP DA 155 26.88 31.42 56.10
C ASP DA 155 27.19 30.25 55.18
N ASN DA 156 28.32 29.62 55.45
CA ASN DA 156 28.66 28.45 54.66
C ASN DA 156 27.68 27.31 55.05
N LEU DA 157 28.14 26.09 55.27
CA LEU DA 157 27.37 24.93 55.77
C LEU DA 157 28.44 23.93 56.25
N CYS DA 158 29.74 24.31 56.11
CA CYS DA 158 30.92 23.49 56.50
C CYS DA 158 31.35 23.82 57.93
N LEU DA 159 30.63 24.78 58.52
CA LEU DA 159 30.83 25.19 59.90
C LEU DA 159 29.69 24.63 60.73
N THR DA 160 28.51 24.41 60.11
CA THR DA 160 27.38 23.84 60.86
C THR DA 160 27.48 22.27 60.92
N TYR DA 161 28.26 21.59 60.00
CA TYR DA 161 28.38 20.09 59.93
C TYR DA 161 29.85 19.53 59.70
N PRO DA 162 30.95 20.23 60.11
CA PRO DA 162 32.40 19.86 59.93
C PRO DA 162 32.70 18.40 59.52
N ASN DA 163 32.32 17.46 60.38
CA ASN DA 163 32.51 16.07 60.08
C ASN DA 163 31.16 15.44 59.78
N GLU DA 164 30.49 16.09 58.78
CA GLU DA 164 29.22 15.63 58.20
C GLU DA 164 29.35 16.02 56.73
N PHE DA 165 30.30 16.97 56.53
CA PHE DA 165 30.74 17.50 55.24
C PHE DA 165 32.08 16.82 54.99
N TYR DA 166 32.86 16.71 56.06
CA TYR DA 166 34.17 16.07 55.97
C TYR DA 166 34.04 14.65 55.36
N ASN DA 167 33.05 13.88 55.81
CA ASN DA 167 32.78 12.51 55.33
C ASN DA 167 32.34 12.51 53.90
N VAL DA 168 31.66 13.56 53.47
CA VAL DA 168 31.27 13.68 52.08
C VAL DA 168 32.55 13.98 51.33
N ALA DA 169 33.29 14.97 51.85
CA ALA DA 169 34.55 15.45 51.28
C ALA DA 169 35.58 14.37 51.06
N ILE DA 170 35.92 13.62 52.11
CA ILE DA 170 36.90 12.53 51.98
C ILE DA 170 36.72 11.71 50.71
N HIS DA 171 35.49 11.62 50.20
CA HIS DA 171 35.21 10.86 48.98
C HIS DA 171 35.37 11.67 47.71
N ARG DA 172 35.73 12.93 47.82
CA ARG DA 172 35.88 13.71 46.61
C ARG DA 172 37.29 14.26 46.48
N TYR DA 173 38.00 14.35 47.60
CA TYR DA 173 39.35 14.90 47.58
C TYR DA 173 40.39 13.89 48.09
N PRO DA 174 41.06 13.20 47.17
CA PRO DA 174 42.04 12.25 47.68
C PRO DA 174 43.20 12.99 48.33
N ALA DA 175 42.99 14.26 48.66
CA ALA DA 175 44.02 15.03 49.36
C ALA DA 175 43.79 14.76 50.85
N LEU DA 176 42.54 14.93 51.32
CA LEU DA 176 42.17 14.69 52.73
C LEU DA 176 42.12 13.19 52.99
N LYS DA 177 43.09 12.64 53.71
CA LYS DA 177 43.08 11.20 54.02
C LYS DA 177 42.69 11.15 55.49
N PRO DA 178 41.54 10.55 55.84
CA PRO DA 178 41.12 10.50 57.24
C PRO DA 178 42.00 9.57 58.04
N GLY DA 179 42.26 9.90 59.28
CA GLY DA 179 43.10 9.09 60.11
C GLY DA 179 42.37 7.83 60.54
N ASN DA 180 42.93 6.68 60.23
CA ASN DA 180 42.30 5.42 60.57
C ASN DA 180 42.03 5.30 62.07
N PRO DA 181 40.78 4.88 62.45
CA PRO DA 181 40.47 4.68 63.89
C PRO DA 181 41.38 3.72 64.70
N ASP DA 182 41.66 2.45 64.26
CA ASP DA 182 42.47 1.51 65.10
C ASP DA 182 43.98 1.33 64.71
N THR DA 183 44.73 2.48 64.72
CA THR DA 183 46.18 2.67 64.50
C THR DA 183 46.46 4.20 64.50
N LYS DA 184 45.37 4.98 64.64
CA LYS DA 184 45.29 6.46 64.68
C LYS DA 184 46.35 7.22 63.82
N LEU DA 185 46.61 6.73 62.57
CA LEU DA 185 47.60 7.20 61.52
C LEU DA 185 46.90 7.28 60.12
N PRO DA 186 47.43 8.09 59.14
CA PRO DA 186 46.76 8.15 57.81
C PRO DA 186 46.60 6.76 57.11
N ASP DA 187 46.99 6.65 55.81
CA ASP DA 187 46.80 5.42 54.98
C ASP DA 187 47.74 5.38 53.75
N ALA DA 188 48.53 6.43 53.53
CA ALA DA 188 49.41 6.47 52.34
C ALA DA 188 48.50 6.66 51.14
N GLN DA 189 47.83 5.57 50.73
CA GLN DA 189 46.87 5.63 49.65
C GLN DA 189 45.69 6.46 50.12
N ALA DA 190 45.04 7.11 49.20
CA ALA DA 190 43.82 7.85 49.51
C ALA DA 190 42.70 7.16 48.73
N HIS DA 191 41.59 6.81 49.41
CA HIS DA 191 40.49 6.09 48.74
C HIS DA 191 39.22 6.92 48.51
N PRO DA 192 39.24 7.86 47.55
CA PRO DA 192 38.03 8.64 47.29
C PRO DA 192 37.14 7.84 46.33
N LEU DA 193 35.83 7.91 46.49
CA LEU DA 193 34.91 7.18 45.62
C LEU DA 193 35.24 7.24 44.13
N GLY DA 194 35.86 8.33 43.68
CA GLY DA 194 36.21 8.47 42.27
C GLY DA 194 37.56 7.83 41.97
N GLU DA 195 37.88 6.81 42.76
CA GLU DA 195 39.14 6.06 42.68
C GLU DA 195 39.85 6.04 41.32
N VAL DA 196 39.16 5.52 40.30
CA VAL DA 196 39.74 5.42 38.96
C VAL DA 196 39.81 6.74 38.24
N ALA DA 197 38.66 7.39 38.06
CA ALA DA 197 38.59 8.69 37.39
C ALA DA 197 39.68 9.64 37.91
N GLY DA 198 39.79 9.76 39.22
CA GLY DA 198 40.79 10.63 39.80
C GLY DA 198 42.22 10.17 39.56
N ALA DA 199 42.38 8.88 39.29
CA ALA DA 199 43.71 8.33 39.02
C ALA DA 199 44.09 8.72 37.61
N PHE DA 200 43.12 8.64 36.70
CA PHE DA 200 43.33 8.97 35.30
C PHE DA 200 43.21 10.44 34.92
N ASN DA 201 43.38 11.33 35.87
CA ASN DA 201 43.32 12.75 35.54
C ASN DA 201 44.58 13.41 36.03
N ALA DA 202 45.24 12.74 36.97
CA ALA DA 202 46.48 13.24 37.51
C ALA DA 202 47.34 13.56 36.29
N ALA DA 203 48.10 14.64 36.36
CA ALA DA 203 48.97 14.99 35.25
C ALA DA 203 50.16 14.01 35.26
N THR DA 204 50.00 12.85 34.60
CA THR DA 204 51.07 11.84 34.57
C THR DA 204 52.32 12.42 33.91
N SER DA 205 53.42 12.41 34.65
CA SER DA 205 54.68 12.97 34.17
C SER DA 205 55.23 12.46 32.82
N GLU DA 206 54.79 11.28 32.39
CA GLU DA 206 55.26 10.71 31.12
C GLU DA 206 54.68 11.49 29.97
N VAL DA 207 53.40 11.78 30.07
CA VAL DA 207 52.69 12.52 29.05
C VAL DA 207 51.67 13.44 29.71
N GLY DA 208 51.83 14.75 29.52
CA GLY DA 208 50.93 15.73 30.12
C GLY DA 208 49.77 15.20 30.96
N SER DA 209 48.64 14.95 30.32
CA SER DA 209 47.45 14.44 30.98
C SER DA 209 46.57 13.72 29.99
N LEU DA 210 46.37 12.42 30.20
CA LEU DA 210 45.54 11.65 29.31
C LEU DA 210 44.18 12.31 29.07
N VAL DA 211 43.50 12.76 30.12
CA VAL DA 211 42.19 13.42 29.95
C VAL DA 211 42.28 14.67 29.09
N GLY DA 212 43.43 15.34 29.13
CA GLY DA 212 43.62 16.53 28.31
C GLY DA 212 43.89 16.11 26.87
N SER DA 213 45.13 15.68 26.62
CA SER DA 213 45.57 15.26 25.29
C SER DA 213 44.54 14.40 24.54
N SER DA 214 43.71 13.67 25.27
CA SER DA 214 42.70 12.84 24.64
C SER DA 214 41.65 13.70 24.01
N SER DA 215 41.10 14.64 24.79
CA SER DA 215 40.05 15.52 24.31
C SER DA 215 40.54 16.50 23.25
N THR DA 216 41.64 17.20 23.52
CA THR DA 216 42.18 18.15 22.54
C THR DA 216 42.23 17.51 21.14
N LEU DA 217 42.21 16.17 21.11
CA LEU DA 217 42.22 15.43 19.85
C LEU DA 217 40.82 15.18 19.36
N SER DA 218 40.00 14.53 20.16
CA SER DA 218 38.63 14.25 19.75
C SER DA 218 37.97 15.57 19.41
N GLN DA 219 38.36 16.63 20.12
CA GLN DA 219 37.81 17.96 19.86
C GLN DA 219 38.16 18.36 18.42
N ALA DA 220 39.45 18.36 18.10
CA ALA DA 220 39.88 18.68 16.74
C ALA DA 220 39.20 17.77 15.71
N ILE DA 221 39.09 16.48 16.01
CA ILE DA 221 38.46 15.53 15.08
C ILE DA 221 37.05 15.96 14.77
N SER DA 222 36.36 16.47 15.80
CA SER DA 222 34.99 16.91 15.62
C SER DA 222 35.00 17.96 14.49
N THR DA 223 35.68 19.08 14.71
CA THR DA 223 35.77 20.14 13.72
C THR DA 223 36.14 19.59 12.33
N MET DA 224 37.26 18.89 12.23
CA MET DA 224 37.72 18.34 10.97
C MET DA 224 36.59 17.70 10.18
N ALA DA 225 35.70 16.98 10.83
CA ALA DA 225 34.62 16.35 10.10
C ALA DA 225 33.39 17.25 9.94
N GLY DA 226 33.16 18.02 10.99
CA GLY DA 226 32.09 18.94 11.10
C GLY DA 226 32.12 20.04 10.03
N LYS DA 227 32.60 21.23 10.38
CA LYS DA 227 32.51 22.34 9.42
C LYS DA 227 32.66 21.88 7.93
N ASP DA 228 33.60 20.95 7.71
CA ASP DA 228 34.00 20.37 6.39
C ASP DA 228 35.35 20.94 6.03
N LEU DA 229 36.28 20.85 6.98
CA LEU DA 229 37.59 21.32 6.68
C LEU DA 229 38.14 20.46 5.57
N ASP DA 230 37.82 19.18 5.63
CA ASP DA 230 38.19 18.32 4.54
C ASP DA 230 37.58 18.97 3.32
N LEU DA 231 38.18 18.82 2.15
CA LEU DA 231 37.58 19.45 0.96
C LEU DA 231 37.75 20.97 0.98
N ILE DA 232 38.72 21.45 1.74
CA ILE DA 232 38.96 22.89 1.90
C ILE DA 232 39.41 23.65 0.65
N GLU DA 233 40.07 22.95 -0.27
CA GLU DA 233 40.51 23.61 -1.49
C GLU DA 233 39.98 22.83 -2.69
N ALA DA 234 38.80 22.26 -2.52
CA ALA DA 234 38.13 21.49 -3.56
C ALA DA 234 37.94 22.37 -4.80
N ASP DA 235 38.21 21.81 -5.97
CA ASP DA 235 38.06 22.59 -7.19
C ASP DA 235 36.74 22.28 -7.90
N THR DA 236 35.64 22.81 -7.37
CA THR DA 236 34.32 22.59 -7.96
C THR DA 236 33.20 23.25 -7.15
N PRO DA 237 32.18 23.82 -7.85
CA PRO DA 237 31.04 24.50 -7.23
C PRO DA 237 30.57 23.89 -5.91
N LEU DA 238 30.46 24.72 -4.88
CA LEU DA 238 30.00 24.32 -3.55
C LEU DA 238 28.99 25.31 -2.99
N PRO DA 239 27.79 24.84 -2.64
CA PRO DA 239 26.75 25.71 -2.08
C PRO DA 239 27.29 26.53 -0.90
N VAL DA 240 26.97 27.81 -0.82
CA VAL DA 240 27.47 28.62 0.28
C VAL DA 240 27.14 27.96 1.61
N SER DA 241 26.00 27.28 1.67
CA SER DA 241 25.56 26.58 2.88
C SER DA 241 26.68 25.69 3.44
N VAL DA 242 27.40 25.03 2.53
CA VAL DA 242 28.52 24.14 2.87
C VAL DA 242 29.57 24.87 3.67
N PHE DA 243 29.45 26.19 3.78
CA PHE DA 243 30.39 27.02 4.53
C PHE DA 243 29.79 27.59 5.81
N THR DA 244 28.58 27.16 6.17
CA THR DA 244 27.88 27.65 7.37
C THR DA 244 28.24 29.07 7.79
N PRO DA 245 28.11 30.04 6.86
CA PRO DA 245 28.43 31.45 7.17
C PRO DA 245 27.41 32.01 8.13
N SER DA 246 27.86 32.44 9.32
CA SER DA 246 26.95 32.98 10.32
C SER DA 246 27.62 34.12 11.07
N LEU DA 247 26.79 34.95 11.72
CA LEU DA 247 27.32 36.07 12.49
C LEU DA 247 28.40 36.77 11.66
N ALA DA 248 28.09 37.07 10.39
CA ALA DA 248 29.11 37.60 9.49
C ALA DA 248 28.88 39.00 8.87
N PRO DA 249 29.03 40.07 9.67
CA PRO DA 249 28.85 41.40 9.13
C PRO DA 249 30.10 42.28 9.17
N ARG DA 250 30.93 42.25 8.13
CA ARG DA 250 32.19 43.03 8.12
C ARG DA 250 32.02 44.50 7.79
N SER DA 251 32.84 45.35 8.41
CA SER DA 251 32.79 46.80 8.20
C SER DA 251 34.07 47.34 7.54
N TYR DA 252 33.92 48.43 6.77
CA TYR DA 252 35.05 49.06 6.09
C TYR DA 252 35.29 50.53 6.38
N ARG DA 253 35.80 51.13 5.26
CA ARG DA 253 36.20 52.55 5.04
C ARG DA 253 36.36 52.90 3.54
N PRO DA 254 35.30 52.80 2.67
CA PRO DA 254 35.37 53.15 1.22
C PRO DA 254 35.83 54.58 0.97
N ALA DA 255 35.75 55.03 -0.28
CA ALA DA 255 36.28 56.36 -0.55
C ALA DA 255 37.79 56.29 -0.30
N PHE DA 256 38.22 55.04 -0.13
CA PHE DA 256 39.63 54.73 0.07
C PHE DA 256 39.92 53.44 -0.70
N ILE DA 257 39.02 52.46 -0.61
CA ILE DA 257 39.20 51.19 -1.32
C ILE DA 257 39.30 51.42 -2.84
N LYS DA 258 40.45 51.09 -3.44
CA LYS DA 258 40.56 51.27 -4.88
C LYS DA 258 39.52 50.39 -5.60
N PRO DA 259 38.97 50.89 -6.72
CA PRO DA 259 37.96 50.13 -7.45
C PRO DA 259 38.44 48.76 -7.91
N GLU DA 260 39.70 48.65 -8.33
CA GLU DA 260 40.20 47.36 -8.80
C GLU DA 260 40.53 46.41 -7.63
N ASP DA 261 40.67 46.95 -6.43
CA ASP DA 261 40.97 46.13 -5.26
C ASP DA 261 39.74 45.43 -4.69
N ALA DA 262 38.56 45.73 -5.25
CA ALA DA 262 37.30 45.15 -4.79
C ALA DA 262 36.14 45.51 -5.68
N LYS DA 263 35.84 44.69 -6.66
CA LYS DA 263 34.78 44.90 -7.65
C LYS DA 263 33.51 45.62 -7.18
N TRP DA 264 33.06 45.38 -5.96
CA TRP DA 264 31.83 45.99 -5.46
C TRP DA 264 31.95 47.48 -5.15
N ILE DA 265 32.80 48.21 -5.83
CA ILE DA 265 32.93 49.62 -5.54
C ILE DA 265 33.62 50.41 -6.65
N ALA DA 266 32.81 51.03 -7.51
CA ALA DA 266 33.30 51.79 -8.66
C ALA DA 266 33.41 53.29 -8.34
N GLU DA 267 34.20 54.01 -9.12
CA GLU DA 267 34.38 55.44 -8.86
C GLU DA 267 34.12 56.37 -10.04
N PHE DA 268 33.60 57.56 -9.74
CA PHE DA 268 33.30 58.58 -10.75
C PHE DA 268 34.56 59.36 -11.15
N ASN DA 269 35.57 58.71 -11.74
CA ASN DA 269 36.77 59.45 -12.12
C ASN DA 269 36.52 60.33 -13.36
N ASN DA 270 36.05 61.56 -13.09
CA ASN DA 270 35.74 62.53 -14.16
C ASN DA 270 36.48 63.85 -13.96
N SER DA 271 36.76 64.55 -15.05
CA SER DA 271 37.49 65.83 -15.00
C SER DA 271 36.99 66.84 -13.97
N SER DA 272 35.92 67.56 -14.33
CA SER DA 272 35.35 68.59 -13.44
C SER DA 272 34.41 68.01 -12.38
N LEU DA 273 33.56 68.86 -11.81
CA LEU DA 273 32.57 68.43 -10.83
C LEU DA 273 31.30 68.03 -11.52
N ILE DA 274 30.44 67.29 -10.85
CA ILE DA 274 29.20 66.86 -11.48
C ILE DA 274 27.99 67.25 -10.64
N ARG DA 275 27.82 68.54 -10.34
CA ARG DA 275 26.69 68.97 -9.52
C ARG DA 275 25.33 68.65 -10.15
N LYS DA 276 24.55 67.83 -9.45
CA LYS DA 276 23.22 67.44 -9.89
C LYS DA 276 22.26 68.02 -8.86
N THR DA 277 20.96 67.89 -9.10
CA THR DA 277 19.96 68.39 -8.15
C THR DA 277 18.89 67.32 -7.88
N LEU DA 278 18.06 67.56 -6.88
CA LEU DA 278 17.01 66.61 -6.52
C LEU DA 278 16.12 67.18 -5.42
N THR DA 279 14.82 67.19 -5.66
CA THR DA 279 13.89 67.70 -4.66
C THR DA 279 13.68 66.63 -3.59
N TYR DA 280 14.30 66.85 -2.43
CA TYR DA 280 14.17 65.92 -1.32
C TYR DA 280 13.45 66.60 -0.16
N SER DA 281 12.21 66.18 0.08
CA SER DA 281 11.42 66.76 1.16
C SER DA 281 11.15 68.23 0.83
N GLY DA 282 10.76 68.48 -0.41
CA GLY DA 282 10.50 69.84 -0.84
C GLY DA 282 11.81 70.51 -1.25
N ALA DA 283 12.59 70.89 -0.23
CA ALA DA 283 13.88 71.54 -0.45
C ALA DA 283 14.73 70.89 -1.55
N THR DA 284 15.37 71.72 -2.37
CA THR DA 284 16.21 71.22 -3.45
C THR DA 284 17.69 71.22 -3.05
N TYR DA 285 18.30 70.05 -3.07
CA TYR DA 285 19.70 69.92 -2.72
C TYR DA 285 20.55 69.54 -3.92
N THR DA 286 21.86 69.71 -3.81
CA THR DA 286 22.76 69.38 -4.90
C THR DA 286 23.79 68.33 -4.48
N VAL DA 287 23.68 67.15 -5.06
CA VAL DA 287 24.69 66.11 -4.81
C VAL DA 287 25.94 66.60 -5.54
N GLN DA 288 27.14 66.40 -4.98
CA GLN DA 288 28.33 67.04 -5.59
C GLN DA 288 29.18 66.17 -6.50
N LEU DA 289 29.76 65.06 -6.01
CA LEU DA 289 30.67 64.22 -6.80
C LEU DA 289 31.92 65.05 -7.08
N GLY DA 290 32.30 65.88 -6.09
CA GLY DA 290 33.43 66.83 -6.09
C GLY DA 290 34.73 66.44 -6.84
N PRO DA 291 35.72 67.33 -6.72
CA PRO DA 291 37.07 67.30 -7.35
C PRO DA 291 37.74 65.93 -7.50
N GLY DA 292 37.79 65.16 -6.41
CA GLY DA 292 38.42 63.84 -6.47
C GLY DA 292 37.57 62.80 -7.18
N PRO DA 293 38.01 61.53 -7.18
CA PRO DA 293 37.24 60.47 -7.89
C PRO DA 293 35.94 60.00 -7.21
N THR DA 294 35.75 60.26 -5.91
CA THR DA 294 34.52 59.87 -5.17
C THR DA 294 34.14 58.40 -5.43
N ARG DA 295 34.81 57.47 -4.74
CA ARG DA 295 34.51 56.05 -4.87
C ARG DA 295 33.14 55.80 -4.25
N VAL DA 296 32.24 55.17 -5.02
CA VAL DA 296 30.87 54.87 -4.54
C VAL DA 296 30.61 53.36 -4.54
N ILE DA 297 29.83 52.90 -3.57
CA ILE DA 297 29.46 51.48 -3.49
C ILE DA 297 28.64 51.15 -4.72
N ASP DA 298 29.07 50.19 -5.50
CA ASP DA 298 28.26 49.81 -6.66
C ASP DA 298 27.06 49.04 -6.13
N MET DA 299 25.92 49.08 -6.83
CA MET DA 299 24.74 48.36 -6.37
C MET DA 299 24.66 46.96 -6.92
N ASN DA 300 25.00 46.82 -8.16
CA ASN DA 300 25.06 45.46 -8.62
C ASN DA 300 26.31 44.91 -7.93
N ALA DA 301 26.36 43.57 -7.75
CA ALA DA 301 27.47 43.01 -7.00
C ALA DA 301 27.38 43.65 -5.64
N MET DA 302 26.28 43.36 -4.93
CA MET DA 302 26.05 43.92 -3.60
C MET DA 302 25.03 43.11 -2.77
N ILE DA 303 25.02 41.77 -2.85
CA ILE DA 303 24.15 40.87 -2.08
C ILE DA 303 23.17 41.60 -1.14
N ASP DA 304 21.90 41.70 -1.52
CA ASP DA 304 20.91 42.42 -0.71
C ASP DA 304 21.25 42.39 0.78
N SER DA 305 21.93 43.43 1.23
CA SER DA 305 22.38 43.53 2.62
C SER DA 305 21.69 44.61 3.40
N VAL DA 306 22.37 44.96 4.46
CA VAL DA 306 21.95 46.05 5.32
C VAL DA 306 23.17 46.97 5.42
N LEU DA 307 23.29 47.85 4.46
CA LEU DA 307 24.38 48.83 4.45
C LEU DA 307 24.12 49.86 5.53
N THR DA 308 25.06 50.04 6.44
CA THR DA 308 24.89 51.06 7.47
C THR DA 308 26.15 51.89 7.57
N LEU DA 309 26.18 52.98 6.80
CA LEU DA 309 27.33 53.87 6.77
C LEU DA 309 27.39 54.79 7.98
N ASP DA 310 28.33 54.54 8.86
CA ASP DA 310 28.48 55.39 10.03
C ASP DA 310 29.41 56.54 9.68
N VAL DA 311 29.02 57.76 10.09
CA VAL DA 311 29.83 58.94 9.83
C VAL DA 311 30.12 59.62 11.14
N SER DA 312 31.19 59.22 11.82
CA SER DA 312 31.50 59.84 13.10
C SER DA 312 32.98 60.03 13.40
N GLY DA 313 33.29 61.14 14.08
CA GLY DA 313 34.66 61.43 14.43
C GLY DA 313 35.42 61.90 13.21
N THR DA 314 34.82 61.70 12.05
CA THR DA 314 35.41 62.11 10.79
C THR DA 314 35.27 63.63 10.67
N ILE DA 315 36.26 64.30 10.06
CA ILE DA 315 36.25 65.73 9.92
C ILE DA 315 34.99 66.23 9.22
N LEU DA 316 34.63 67.48 9.50
CA LEU DA 316 33.45 68.15 8.95
C LEU DA 316 33.82 69.63 8.91
N PRO DA 317 34.58 70.05 7.88
CA PRO DA 317 35.06 71.42 7.69
C PRO DA 317 34.05 72.51 7.30
N TYR DA 318 32.93 72.59 8.01
CA TYR DA 318 31.94 73.62 7.71
C TYR DA 318 32.50 74.98 8.11
N ASP DA 319 33.65 74.96 8.77
CA ASP DA 319 34.35 76.16 9.24
C ASP DA 319 34.88 76.96 8.06
N THR DA 320 35.57 76.28 7.14
CA THR DA 320 36.11 76.95 5.97
C THR DA 320 34.99 77.16 4.94
N ASN DA 321 34.80 76.22 4.03
CA ASN DA 321 33.73 76.37 3.05
C ASN DA 321 32.39 76.34 3.79
N PRO DA 322 31.78 77.51 3.97
CA PRO DA 322 30.50 77.63 4.67
C PRO DA 322 29.44 76.87 3.90
N ASP DA 323 29.78 76.57 2.65
CA ASP DA 323 28.93 75.85 1.72
C ASP DA 323 28.56 74.49 2.31
N LEU DA 324 29.53 73.84 2.96
CA LEU DA 324 29.32 72.53 3.56
C LEU DA 324 28.27 72.55 4.65
N SER DA 325 28.35 73.53 5.55
CA SER DA 325 27.35 73.61 6.61
C SER DA 325 25.99 73.82 5.96
N THR DA 326 24.93 73.49 6.69
CA THR DA 326 23.56 73.63 6.19
C THR DA 326 23.11 72.41 5.39
N SER DA 327 24.06 71.64 4.87
CA SER DA 327 23.73 70.45 4.07
C SER DA 327 23.57 69.18 4.92
N VAL DA 328 22.38 68.60 4.88
CA VAL DA 328 22.12 67.39 5.63
C VAL DA 328 22.84 66.21 4.98
N PRO DA 329 23.80 65.60 5.69
CA PRO DA 329 24.54 64.44 5.14
C PRO DA 329 23.54 63.31 4.93
N ALA DA 330 23.68 62.56 3.83
CA ALA DA 330 22.72 61.48 3.57
C ALA DA 330 23.17 60.46 2.54
N PHE DA 331 22.93 59.19 2.85
CA PHE DA 331 23.28 58.11 1.92
C PHE DA 331 22.26 58.17 0.78
N VAL DA 332 22.74 58.28 -0.47
CA VAL DA 332 21.87 58.40 -1.63
C VAL DA 332 22.27 57.50 -2.80
N LEU DA 333 21.28 56.81 -3.41
CA LEU DA 333 21.57 55.99 -4.58
C LEU DA 333 21.66 56.91 -5.79
N ILE DA 334 22.38 56.48 -6.82
CA ILE DA 334 22.55 57.29 -8.02
C ILE DA 334 22.50 56.43 -9.26
N GLN DA 335 21.38 56.49 -9.98
CA GLN DA 335 21.27 55.71 -11.21
C GLN DA 335 21.82 56.55 -12.35
N THR DA 336 22.83 56.05 -13.03
CA THR DA 336 23.44 56.76 -14.15
C THR DA 336 23.09 56.06 -15.47
N SER DA 337 22.96 56.82 -16.55
CA SER DA 337 22.65 56.24 -17.85
C SER DA 337 23.87 55.48 -18.35
N VAL DA 338 24.86 56.22 -18.83
CA VAL DA 338 26.09 55.61 -19.29
C VAL DA 338 26.74 55.00 -18.04
N PRO DA 339 27.46 53.87 -18.18
CA PRO DA 339 28.13 53.21 -17.06
C PRO DA 339 29.06 54.19 -16.34
N ILE DA 340 29.15 54.10 -15.01
CA ILE DA 340 30.04 54.99 -14.27
C ILE DA 340 31.42 54.76 -14.90
N GLN DA 341 32.42 55.58 -14.56
CA GLN DA 341 33.75 55.41 -15.15
C GLN DA 341 33.57 55.63 -16.64
N GLN DA 342 32.64 56.52 -16.96
CA GLN DA 342 32.31 56.88 -18.33
C GLN DA 342 31.20 57.93 -18.26
N VAL DA 343 30.80 58.24 -17.02
CA VAL DA 343 29.77 59.23 -16.74
C VAL DA 343 30.46 60.58 -16.55
N THR DA 344 30.42 61.42 -17.58
CA THR DA 344 31.06 62.73 -17.55
C THR DA 344 30.33 63.85 -16.83
N THR DA 345 29.15 64.22 -17.34
CA THR DA 345 28.42 65.32 -16.73
C THR DA 345 26.94 65.10 -16.37
N ALA DA 346 26.46 65.89 -15.41
CA ALA DA 346 25.10 65.87 -14.89
C ALA DA 346 24.01 65.24 -15.77
N ALA DA 347 23.97 65.58 -17.05
CA ALA DA 347 22.96 65.02 -17.95
C ALA DA 347 23.06 63.50 -18.06
N ASN DA 348 24.18 62.97 -17.60
CA ASN DA 348 24.46 61.53 -17.62
C ASN DA 348 23.78 60.78 -16.48
N ILE DA 349 23.70 61.42 -15.31
CA ILE DA 349 23.05 60.84 -14.13
C ILE DA 349 21.52 60.78 -14.24
N THR DA 350 20.98 59.60 -14.57
CA THR DA 350 19.54 59.41 -14.70
C THR DA 350 18.76 60.08 -13.55
N ALA DA 351 18.84 59.51 -12.36
CA ALA DA 351 18.16 60.08 -11.20
C ALA DA 351 18.96 59.86 -9.92
N ILE DA 352 18.51 60.48 -8.83
CA ILE DA 352 19.19 60.35 -7.55
C ILE DA 352 18.20 60.26 -6.40
N THR DA 353 18.16 59.12 -5.72
CA THR DA 353 17.25 58.92 -4.61
C THR DA 353 17.93 59.02 -3.25
N VAL DA 354 17.36 59.82 -2.36
CA VAL DA 354 17.91 59.96 -1.01
C VAL DA 354 17.35 58.79 -0.19
N VAL DA 355 18.04 57.66 -0.25
CA VAL DA 355 17.58 56.46 0.47
C VAL DA 355 17.59 56.61 1.99
N SER DA 356 18.23 57.65 2.51
CA SER DA 356 18.27 57.84 3.95
C SER DA 356 19.04 59.10 4.32
N ALA DA 357 18.32 60.20 4.54
CA ALA DA 357 18.99 61.45 4.90
C ALA DA 357 19.08 61.60 6.41
N ALA DA 358 19.88 62.57 6.84
CA ALA DA 358 20.04 62.84 8.27
C ALA DA 358 19.32 64.14 8.59
N GLY DA 359 18.27 64.06 9.40
CA GLY DA 359 17.56 65.28 9.76
C GLY DA 359 18.51 66.24 10.46
N ALA DA 360 18.43 67.52 10.09
CA ALA DA 360 19.28 68.58 10.67
C ALA DA 360 20.61 68.72 9.93
N SER DA 361 20.83 69.95 9.43
CA SER DA 361 22.02 70.31 8.62
C SER DA 361 23.35 70.02 9.29
N ALA DA 362 24.45 70.30 8.58
CA ALA DA 362 25.83 70.09 9.04
C ALA DA 362 26.34 71.31 9.82
N ILE DA 363 25.84 71.44 11.08
CA ILE DA 363 26.12 72.49 12.08
C ILE DA 363 25.28 72.23 13.38
N ASN DA 364 24.99 70.93 13.67
CA ASN DA 364 24.22 70.35 14.83
C ASN DA 364 24.70 68.90 15.01
N LEU DA 365 25.25 68.40 13.89
CA LEU DA 365 25.85 67.09 13.78
C LEU DA 365 27.33 67.22 14.11
N ALA DA 366 27.78 68.47 14.12
CA ALA DA 366 29.17 68.79 14.44
C ALA DA 366 29.39 68.72 15.95
N ILE DA 367 30.62 69.00 16.35
CA ILE DA 367 31.05 68.99 17.75
C ILE DA 367 32.53 69.34 17.70
N ASN DA 368 32.89 70.50 18.23
CA ASN DA 368 34.27 70.93 18.20
C ASN DA 368 35.20 70.10 19.10
N VAL DA 369 36.25 69.48 18.52
CA VAL DA 369 37.24 68.67 19.27
C VAL DA 369 38.69 69.18 19.09
N ARG DA 370 38.87 70.49 19.22
CA ARG DA 370 40.15 71.17 19.07
C ARG DA 370 40.20 71.79 17.64
N GLY DA 371 39.42 72.84 17.40
CA GLY DA 371 39.39 73.48 16.07
C GLY DA 371 38.54 72.70 15.06
N GLN DA 372 39.10 71.58 14.59
CA GLN DA 372 38.54 70.60 13.60
C GLN DA 372 37.22 69.98 14.07
N PRO DA 373 36.12 70.58 13.72
CA PRO DA 373 34.82 70.05 14.14
C PRO DA 373 34.55 68.66 13.57
N ARG DA 374 34.25 67.68 14.43
CA ARG DA 374 34.00 66.31 13.99
C ARG DA 374 32.53 66.03 13.80
N PHE DA 375 32.20 64.78 13.46
CA PHE DA 375 30.81 64.38 13.28
C PHE DA 375 30.27 63.60 14.46
N ASN DA 376 29.21 64.10 15.09
CA ASN DA 376 28.58 63.41 16.20
C ASN DA 376 28.16 62.07 15.65
N MET DA 377 28.75 61.01 16.21
CA MET DA 377 28.49 59.63 15.78
C MET DA 377 27.03 59.32 15.45
N LEU DA 378 26.72 59.20 14.16
CA LEU DA 378 25.35 58.90 13.71
C LEU DA 378 25.40 57.90 12.54
N HIS DA 379 24.38 57.05 12.41
CA HIS DA 379 24.38 56.04 11.35
C HIS DA 379 23.32 56.15 10.27
N LEU DA 380 23.72 56.60 9.10
CA LEU DA 380 22.76 56.63 8.03
C LEU DA 380 22.61 55.17 7.58
N GLN DA 381 21.57 54.79 6.81
CA GLN DA 381 21.52 53.35 6.49
C GLN DA 381 20.38 52.89 5.61
N ALA DA 382 20.75 52.35 4.43
CA ALA DA 382 19.81 51.79 3.47
C ALA DA 382 19.61 50.31 3.78
N THR DA 383 18.84 49.65 2.91
CA THR DA 383 18.58 48.23 3.06
C THR DA 383 18.48 47.70 1.64
N PHE DA 384 19.57 47.84 0.91
CA PHE DA 384 19.64 47.39 -0.47
C PHE DA 384 19.07 45.98 -0.68
N GLU DA 385 18.34 45.79 -1.77
CA GLU DA 385 17.73 44.48 -2.09
C GLU DA 385 17.95 44.05 -3.54
N ARG DA 386 18.73 42.99 -3.74
CA ARG DA 386 19.02 42.45 -5.07
C ARG DA 386 18.16 42.98 -6.21
N GLU DA 387 16.85 42.70 -6.14
CA GLU DA 387 15.86 43.01 -7.20
C GLU DA 387 15.32 44.46 -7.22
N THR DA 388 15.39 45.22 -6.11
CA THR DA 388 14.90 46.61 -6.22
C THR DA 388 15.71 47.35 -7.33
N ILE DA 389 16.88 46.78 -7.68
CA ILE DA 389 17.75 47.27 -8.78
C ILE DA 389 17.66 46.32 -10.02
N THR DA 390 16.47 45.72 -10.32
CA THR DA 390 16.33 44.82 -11.52
C THR DA 390 16.44 45.65 -12.81
N GLY DA 391 17.06 45.13 -13.88
CA GLY DA 391 17.17 45.87 -15.15
C GLY DA 391 18.22 46.95 -15.11
N ILE DA 392 17.98 47.95 -14.26
CA ILE DA 392 18.87 49.08 -13.98
C ILE DA 392 20.37 48.69 -14.05
N PRO DA 393 20.98 48.76 -15.26
CA PRO DA 393 22.38 48.41 -15.48
C PRO DA 393 23.34 49.16 -14.59
N TYR DA 394 23.10 50.45 -14.38
CA TYR DA 394 24.01 51.24 -13.56
C TYR DA 394 23.34 52.01 -12.44
N ILE DA 395 23.81 51.77 -11.22
CA ILE DA 395 23.28 52.40 -10.03
C ILE DA 395 24.34 52.24 -8.95
N TYR DA 396 24.55 53.28 -8.16
CA TYR DA 396 25.57 53.26 -7.13
C TYR DA 396 25.10 53.86 -5.82
N GLY DA 397 25.51 53.26 -4.71
CA GLY DA 397 25.18 53.78 -3.43
C GLY DA 397 26.28 54.75 -3.10
N LEU DA 398 25.94 55.95 -2.64
CA LEU DA 398 26.93 56.97 -2.33
C LEU DA 398 26.52 57.68 -1.05
N GLY DA 399 27.39 57.68 -0.04
CA GLY DA 399 27.07 58.38 1.20
C GLY DA 399 27.66 59.76 1.08
N THR DA 400 26.97 60.65 0.34
CA THR DA 400 27.46 62.00 0.11
C THR DA 400 26.95 63.07 1.08
N PHE DA 401 26.79 64.31 0.61
CA PHE DA 401 26.40 65.35 1.55
C PHE DA 401 25.05 66.03 1.31
N LEU DA 402 24.63 66.22 0.06
CA LEU DA 402 23.37 66.94 -0.25
C LEU DA 402 23.45 68.40 0.20
N ILE DA 403 24.23 69.18 -0.53
CA ILE DA 403 24.40 70.60 -0.24
C ILE DA 403 23.19 71.39 -0.66
N PRO DA 404 22.65 72.26 0.21
CA PRO DA 404 21.47 73.05 -0.11
C PRO DA 404 21.75 74.21 -1.05
N SER DA 405 23.03 74.40 -1.40
CA SER DA 405 23.41 75.49 -2.30
C SER DA 405 24.90 75.48 -2.64
N PRO DA 406 25.28 74.79 -3.74
CA PRO DA 406 26.70 74.74 -4.15
C PRO DA 406 27.33 76.11 -4.38
N THR DA 407 28.59 76.26 -3.95
CA THR DA 407 29.31 77.54 -4.06
C THR DA 407 30.76 77.34 -4.48
N SER DA 408 31.47 78.45 -4.68
CA SER DA 408 32.88 78.44 -5.06
C SER DA 408 33.73 77.81 -3.95
N SER DA 409 33.30 77.99 -2.71
CA SER DA 409 34.02 77.45 -1.55
C SER DA 409 34.12 75.92 -1.65
N SER DA 410 33.01 75.28 -2.02
CA SER DA 410 33.00 73.83 -2.17
C SER DA 410 33.34 73.47 -3.62
N ASN DA 411 34.50 73.93 -4.07
CA ASN DA 411 34.93 73.65 -5.43
C ASN DA 411 36.11 72.71 -5.41
N PHE DA 412 36.60 72.42 -4.22
CA PHE DA 412 37.74 71.51 -4.05
C PHE DA 412 37.48 70.64 -2.82
N SER DA 413 36.25 70.67 -2.31
CA SER DA 413 35.89 69.90 -1.12
C SER DA 413 35.55 68.43 -1.39
N ASN DA 414 34.52 68.20 -2.20
CA ASN DA 414 34.12 66.82 -2.50
C ASN DA 414 33.58 66.19 -1.21
N PRO DA 415 32.25 66.37 -1.02
CA PRO DA 415 31.48 65.94 0.18
C PRO DA 415 31.19 64.44 0.37
N THR DA 416 32.04 63.56 -0.16
CA THR DA 416 31.78 62.13 0.03
C THR DA 416 31.95 61.76 1.50
N LEU DA 417 30.88 61.33 2.17
CA LEU DA 417 31.00 60.97 3.58
C LEU DA 417 31.45 59.53 3.72
N MET DA 418 31.88 58.94 2.62
CA MET DA 418 32.36 57.57 2.59
C MET DA 418 33.61 57.31 3.41
N ASP DA 419 34.33 58.38 3.77
CA ASP DA 419 35.52 58.21 4.59
C ASP DA 419 35.09 57.62 5.94
N GLY DA 420 33.78 57.57 6.18
CA GLY DA 420 33.25 57.02 7.42
C GLY DA 420 33.29 55.50 7.40
N LEU DA 421 33.17 54.87 8.57
CA LEU DA 421 33.23 53.42 8.71
C LEU DA 421 31.91 52.70 8.37
N LEU DA 422 31.75 52.36 7.10
CA LEU DA 422 30.55 51.69 6.59
C LEU DA 422 30.53 50.22 7.01
N THR DA 423 29.36 49.71 7.40
CA THR DA 423 29.26 48.31 7.82
C THR DA 423 28.16 47.51 7.13
N VAL DA 424 28.51 46.84 6.03
CA VAL DA 424 27.55 46.02 5.29
C VAL DA 424 27.36 44.69 6.02
N THR DA 425 26.10 44.25 6.10
CA THR DA 425 25.75 43.00 6.75
C THR DA 425 24.83 42.19 5.86
N PRO DA 426 25.39 41.18 5.17
CA PRO DA 426 24.61 40.33 4.24
C PRO DA 426 23.33 39.84 4.90
N VAL DA 427 22.18 40.26 4.40
CA VAL DA 427 20.93 39.84 5.00
C VAL DA 427 20.21 38.83 4.11
N LEU DA 428 20.83 37.69 3.94
CA LEU DA 428 20.33 36.64 3.04
C LEU DA 428 21.52 35.77 2.69
N LEU DA 429 21.98 34.99 3.66
CA LEU DA 429 23.16 34.09 3.51
C LEU DA 429 23.26 33.23 2.24
N ARG DA 430 22.18 32.60 1.83
CA ARG DA 430 22.22 31.73 0.66
C ARG DA 430 23.06 32.27 -0.51
N GLU DA 431 22.98 33.57 -0.79
CA GLU DA 431 23.74 34.18 -1.90
C GLU DA 431 25.06 34.85 -1.56
N THR DA 432 26.13 34.40 -2.20
CA THR DA 432 27.46 34.96 -1.97
C THR DA 432 27.83 35.88 -3.14
N THR DA 433 29.04 36.44 -3.12
CA THR DA 433 29.51 37.33 -4.19
C THR DA 433 30.97 37.03 -4.53
N TYR DA 434 31.30 36.98 -5.82
CA TYR DA 434 32.68 36.75 -6.21
C TYR DA 434 33.16 37.49 -7.46
N LYS DA 435 34.24 38.26 -7.28
CA LYS DA 435 34.83 39.02 -8.36
C LYS DA 435 33.84 40.02 -8.96
N GLY DA 436 32.80 40.35 -8.20
CA GLY DA 436 31.80 41.29 -8.67
C GLY DA 436 30.47 40.67 -9.05
N GLU DA 437 30.36 39.34 -9.06
CA GLU DA 437 29.10 38.70 -9.41
C GLU DA 437 28.48 38.01 -8.20
N VAL DA 438 27.15 37.89 -8.22
CA VAL DA 438 26.43 37.23 -7.14
C VAL DA 438 26.19 35.77 -7.55
N VAL DA 439 26.57 34.84 -6.67
CA VAL DA 439 26.41 33.42 -6.97
C VAL DA 439 25.79 32.65 -5.81
N ASP DA 440 25.64 31.34 -6.02
CA ASP DA 440 25.06 30.47 -5.00
C ASP DA 440 26.06 29.40 -4.61
N ALA DA 441 27.18 29.35 -5.33
CA ALA DA 441 28.22 28.38 -5.04
C ALA DA 441 29.62 28.94 -5.33
N ILE DA 442 30.60 28.54 -4.52
CA ILE DA 442 31.96 28.95 -4.68
C ILE DA 442 32.76 27.83 -5.34
N VAL DA 443 34.01 28.08 -5.71
CA VAL DA 443 34.87 27.04 -6.27
C VAL DA 443 36.20 27.07 -5.53
N PRO DA 444 36.17 27.09 -4.19
CA PRO DA 444 37.34 27.16 -3.31
C PRO DA 444 38.70 27.35 -4.00
N ALA DA 445 39.25 26.28 -4.57
CA ALA DA 445 40.54 26.33 -5.25
C ALA DA 445 40.74 27.60 -6.09
N THR DA 446 39.65 28.13 -6.65
CA THR DA 446 39.72 29.35 -7.44
C THR DA 446 40.13 30.56 -6.62
N VAL DA 447 39.57 30.66 -5.42
CA VAL DA 447 39.88 31.79 -4.55
C VAL DA 447 41.29 31.71 -3.91
N MET DA 448 42.04 30.63 -4.10
CA MET DA 448 43.38 30.56 -3.50
C MET DA 448 44.33 31.36 -4.39
N ALA DA 449 45.29 32.05 -3.77
CA ALA DA 449 46.28 32.87 -4.48
C ALA DA 449 45.68 33.53 -5.72
N ASN DA 450 44.56 34.22 -5.50
CA ASN DA 450 43.85 34.84 -6.60
C ASN DA 450 43.46 36.25 -6.20
N GLN DA 451 43.57 36.53 -4.90
CA GLN DA 451 43.31 37.87 -4.39
C GLN DA 451 44.67 38.52 -4.24
N THR DA 452 44.72 39.83 -4.07
CA THR DA 452 46.01 40.50 -3.88
C THR DA 452 46.10 40.87 -2.40
N SER DA 453 47.24 41.43 -2.01
CA SER DA 453 47.45 41.82 -0.63
C SER DA 453 46.13 42.31 0.00
N GLU DA 454 45.55 43.33 -0.66
CA GLU DA 454 44.35 44.01 -0.18
C GLU DA 454 43.03 43.62 -0.90
N GLU DA 455 43.11 42.77 -1.93
CA GLU DA 455 41.90 42.26 -2.61
C GLU DA 455 41.23 41.23 -1.66
N VAL DA 456 41.82 41.14 -0.45
CA VAL DA 456 41.40 40.27 0.68
C VAL DA 456 40.84 41.11 1.82
N ALA DA 457 41.65 42.03 2.34
CA ALA DA 457 41.19 42.91 3.42
C ALA DA 457 40.04 43.82 2.94
N SER DA 458 39.87 43.92 1.63
CA SER DA 458 38.82 44.74 1.03
C SER DA 458 37.62 43.87 0.62
N ALA DA 459 37.64 42.60 1.03
CA ALA DA 459 36.56 41.67 0.70
C ALA DA 459 35.25 42.20 1.24
N LEU DA 460 34.14 41.78 0.62
CA LEU DA 460 32.81 42.21 1.02
C LEU DA 460 32.06 41.17 1.87
N ALA DA 461 31.79 41.51 3.15
CA ALA DA 461 31.10 40.67 4.14
C ALA DA 461 30.23 39.58 3.51
N ASN DA 462 30.70 38.34 3.65
CA ASN DA 462 30.06 37.16 3.09
C ASN DA 462 30.15 37.10 1.58
N ASP DA 463 31.41 37.07 1.11
CA ASP DA 463 31.71 36.89 -0.29
C ASP DA 463 32.71 35.72 -0.40
N ALA DA 464 32.80 35.08 -1.52
CA ALA DA 464 33.71 33.95 -1.55
C ALA DA 464 34.96 34.17 -0.69
N ILE DA 465 35.76 35.19 -1.00
CA ILE DA 465 36.96 35.46 -0.23
C ILE DA 465 36.73 35.38 1.29
N VAL DA 466 35.71 36.10 1.78
CA VAL DA 466 35.40 36.08 3.21
C VAL DA 466 34.91 34.73 3.69
N LEU DA 467 34.43 33.91 2.77
CA LEU DA 467 33.97 32.57 3.10
C LEU DA 467 35.16 31.59 3.08
N VAL DA 468 36.02 31.70 2.04
CA VAL DA 468 37.25 30.88 1.83
C VAL DA 468 38.38 31.35 2.75
N SER DA 469 38.00 32.21 3.68
CA SER DA 469 38.87 32.74 4.75
C SER DA 469 38.38 32.23 6.10
N ASN DA 470 37.04 32.14 6.28
CA ASN DA 470 36.30 31.68 7.51
C ASN DA 470 36.46 30.17 7.66
N HIS DA 471 36.68 29.58 6.51
CA HIS DA 471 36.91 28.16 6.39
C HIS DA 471 38.34 27.84 6.76
N LEU DA 472 39.31 28.40 6.04
CA LEU DA 472 40.71 28.14 6.36
C LEU DA 472 40.94 28.41 7.83
N ASN DA 473 40.28 29.42 8.36
CA ASN DA 473 40.41 29.79 9.77
C ASN DA 473 40.05 28.68 10.75
N LYS DA 474 39.10 27.81 10.40
CA LYS DA 474 38.75 26.69 11.26
C LYS DA 474 39.91 25.70 11.16
N LEU DA 475 40.23 25.34 9.92
CA LEU DA 475 41.30 24.39 9.68
C LEU DA 475 42.60 24.92 10.25
N ALA DA 476 42.71 26.24 10.33
CA ALA DA 476 43.89 26.81 10.91
C ALA DA 476 43.91 26.55 12.44
N ASN DA 477 42.75 26.36 13.10
CA ASN DA 477 42.75 26.18 14.57
C ASN DA 477 42.78 24.74 14.93
N VAL DA 478 42.50 23.91 13.96
CA VAL DA 478 42.61 22.49 14.20
C VAL DA 478 44.08 22.18 14.21
N VAL DA 479 44.85 22.68 13.23
CA VAL DA 479 46.29 22.40 13.25
C VAL DA 479 46.92 23.12 14.44
N GLY DA 480 46.70 24.44 14.52
CA GLY DA 480 47.24 25.23 15.62
C GLY DA 480 47.04 24.53 16.95
N ASP DA 481 45.84 23.97 17.14
CA ASP DA 481 45.45 23.26 18.36
C ASP DA 481 46.05 21.87 18.50
N ALA DA 482 45.51 20.89 17.79
CA ALA DA 482 45.97 19.51 17.86
C ALA DA 482 47.40 19.25 17.39
N ILE DA 483 47.68 19.48 16.13
CA ILE DA 483 49.02 19.27 15.56
C ILE DA 483 50.08 20.23 16.13
N PRO DA 484 51.34 19.78 16.27
CA PRO DA 484 52.41 20.63 16.81
C PRO DA 484 53.18 21.46 15.76
N VAL DA 485 52.47 22.26 14.99
CA VAL DA 485 53.09 23.08 13.96
C VAL DA 485 53.89 24.25 14.54
N ALA DA 486 54.25 24.17 15.81
CA ALA DA 486 55.01 25.25 16.45
C ALA DA 486 56.21 24.78 17.29
N SER DA 487 56.94 23.83 16.74
CA SER DA 487 58.17 23.31 17.35
C SER DA 487 59.00 22.58 16.28
N ARG DA 488 60.29 22.27 16.50
CA ARG DA 488 61.09 21.61 15.44
C ARG DA 488 60.73 20.13 15.23
N THR DA 489 59.46 19.79 15.45
CA THR DA 489 59.06 18.38 15.35
C THR DA 489 58.57 17.90 13.99
N ASP DA 490 58.92 18.59 12.91
CA ASP DA 490 58.49 18.20 11.55
C ASP DA 490 57.22 17.36 11.54
N ASP DA 491 56.19 17.92 12.18
CA ASP DA 491 54.86 17.32 12.34
C ASP DA 491 54.16 16.86 11.07
N SER DA 492 53.05 16.16 11.25
CA SER DA 492 52.26 15.63 10.14
C SER DA 492 51.82 16.70 9.14
N ALA DA 493 51.60 17.92 9.64
CA ALA DA 493 51.18 19.04 8.79
C ALA DA 493 52.31 19.48 7.86
N THR DA 494 53.40 19.98 8.44
CA THR DA 494 54.56 20.44 7.67
C THR DA 494 55.18 19.28 6.91
N SER DA 495 54.70 18.06 7.18
CA SER DA 495 55.23 16.87 6.52
C SER DA 495 54.47 16.59 5.24
N ALA DA 496 53.17 16.81 5.27
CA ALA DA 496 52.33 16.60 4.10
C ALA DA 496 52.82 17.55 3.00
N ILE DA 497 53.17 18.77 3.39
CA ILE DA 497 53.66 19.76 2.45
C ILE DA 497 55.04 19.39 1.88
N VAL DA 498 55.96 18.95 2.74
CA VAL DA 498 57.29 18.56 2.29
C VAL DA 498 57.24 17.54 1.17
N SER DA 499 56.33 16.58 1.27
CA SER DA 499 56.22 15.55 0.24
C SER DA 499 55.76 16.17 -1.07
N ARG DA 500 54.99 17.26 -1.01
CA ARG DA 500 54.56 17.91 -2.24
C ARG DA 500 55.74 18.65 -2.85
N LEU DA 501 56.46 19.43 -2.04
CA LEU DA 501 57.62 20.17 -2.55
C LEU DA 501 58.61 19.25 -3.24
N ALA DA 502 58.86 18.08 -2.64
CA ALA DA 502 59.79 17.12 -3.24
C ALA DA 502 59.24 16.71 -4.63
N VAL DA 503 58.12 15.98 -4.65
CA VAL DA 503 57.47 15.54 -5.89
C VAL DA 503 57.39 16.65 -6.90
N GLN DA 504 57.33 17.88 -6.41
CA GLN DA 504 57.24 19.03 -7.30
C GLN DA 504 58.62 19.42 -7.81
N HIS DA 505 59.53 19.76 -6.90
CA HIS DA 505 60.88 20.13 -7.28
C HIS DA 505 61.62 18.98 -7.97
N LYS DA 506 61.11 17.78 -7.83
CA LYS DA 506 61.77 16.62 -8.43
C LYS DA 506 61.48 16.49 -9.90
N LEU DA 507 60.26 16.82 -10.33
CA LEU DA 507 59.94 16.70 -11.74
C LEU DA 507 60.39 17.94 -12.49
N SER DA 508 60.54 19.05 -11.78
CA SER DA 508 60.99 20.28 -12.43
C SER DA 508 62.49 20.12 -12.74
N GLN DA 509 63.09 19.09 -12.15
CA GLN DA 509 64.50 18.79 -12.37
C GLN DA 509 64.65 17.77 -13.49
N VAL DA 510 63.60 16.99 -13.74
CA VAL DA 510 63.59 15.98 -14.79
C VAL DA 510 63.77 16.70 -16.14
N GLY DA 511 64.48 16.05 -17.07
CA GLY DA 511 64.81 16.64 -18.39
C GLY DA 511 65.78 17.81 -18.14
N GLN DA 512 66.99 17.85 -18.76
CA GLN DA 512 68.07 18.85 -18.55
C GLN DA 512 69.02 18.25 -17.51
N ALA DA 513 70.33 18.53 -17.62
CA ALA DA 513 71.50 18.08 -16.80
C ALA DA 513 71.26 17.61 -15.35
N SER DA 514 70.06 17.87 -14.82
CA SER DA 514 69.70 17.50 -13.44
C SER DA 514 70.89 17.73 -12.51
N PRO DA 515 71.57 18.88 -12.67
CA PRO DA 515 72.76 19.20 -11.87
C PRO DA 515 72.47 19.38 -10.39
N THR DA 516 71.20 19.44 -10.02
CA THR DA 516 70.84 19.64 -8.61
C THR DA 516 70.00 18.53 -7.98
N PRO DA 517 70.64 17.59 -7.28
CA PRO DA 517 69.89 16.58 -6.61
C PRO DA 517 69.04 17.23 -5.51
N PRO DA 518 67.75 16.98 -5.46
CA PRO DA 518 66.89 17.59 -4.44
C PRO DA 518 67.58 17.70 -3.09
N ASP DA 519 67.26 18.78 -2.36
CA ASP DA 519 67.90 19.06 -1.07
C ASP DA 519 67.36 18.21 0.11
N TYR DA 520 66.20 18.58 0.64
CA TYR DA 520 65.52 17.84 1.75
C TYR DA 520 65.74 18.47 3.11
N PRO DA 521 66.97 18.60 3.58
CA PRO DA 521 67.12 19.30 4.87
C PRO DA 521 66.53 20.71 4.70
N LEU DA 522 66.73 21.31 3.48
CA LEU DA 522 66.25 22.66 3.05
C LEU DA 522 64.76 22.65 2.66
N LEU DA 523 64.31 21.52 2.17
CA LEU DA 523 62.91 21.31 1.82
C LEU DA 523 62.06 21.10 3.05
N TRP DA 524 62.58 20.32 3.99
CA TRP DA 524 61.85 20.09 5.23
C TRP DA 524 61.64 21.41 5.91
N ARG DA 525 62.74 22.19 6.01
CA ARG DA 525 62.70 23.51 6.65
C ARG DA 525 61.87 24.52 5.86
N ARG DA 526 61.84 24.42 4.54
CA ARG DA 526 61.03 25.37 3.78
C ARG DA 526 59.55 25.09 3.95
N ALA DA 527 59.20 23.80 3.99
CA ALA DA 527 57.80 23.41 4.16
C ALA DA 527 57.36 23.58 5.60
N LYS DA 528 58.30 23.62 6.53
CA LYS DA 528 57.96 23.79 7.94
C LYS DA 528 57.44 25.19 8.14
N ARG DA 529 58.08 26.18 7.51
CA ARG DA 529 57.64 27.56 7.65
C ARG DA 529 56.41 27.79 6.78
N ALA DA 530 56.23 26.97 5.75
CA ALA DA 530 55.06 27.09 4.90
C ALA DA 530 53.84 26.66 5.71
N ALA DA 531 53.91 25.48 6.34
CA ALA DA 531 52.78 25.00 7.17
C ALA DA 531 52.64 25.92 8.36
N SER DA 532 53.76 26.43 8.85
CA SER DA 532 53.74 27.33 9.99
C SER DA 532 53.14 28.67 9.59
N MET DA 533 53.54 29.22 8.46
CA MET DA 533 53.00 30.51 8.03
C MET DA 533 51.49 30.41 7.84
N PHE DA 534 51.01 29.20 7.54
CA PHE DA 534 49.59 29.00 7.38
C PHE DA 534 48.89 29.08 8.72
N VAL DA 535 49.23 28.19 9.65
CA VAL DA 535 48.62 28.23 10.98
C VAL DA 535 48.62 29.62 11.49
N SER DA 536 49.72 30.33 11.23
CA SER DA 536 49.89 31.71 11.67
C SER DA 536 48.79 32.63 11.18
N ASN DA 537 48.82 32.93 9.88
CA ASN DA 537 47.83 33.78 9.28
C ASN DA 537 47.11 33.05 8.14
N PRO DA 538 46.12 32.21 8.51
CA PRO DA 538 45.34 31.40 7.56
C PRO DA 538 45.05 32.14 6.23
N SER DA 539 44.71 33.43 6.34
CA SER DA 539 44.38 34.26 5.19
C SER DA 539 45.36 34.17 4.03
N LEU DA 540 46.62 34.52 4.28
CA LEU DA 540 47.68 34.52 3.26
C LEU DA 540 47.48 33.58 2.09
N ALA DA 541 47.07 32.34 2.35
CA ALA DA 541 46.85 31.36 1.28
C ALA DA 541 45.86 31.82 0.20
N LEU DA 542 45.45 33.10 0.23
CA LEU DA 542 44.53 33.64 -0.78
C LEU DA 542 45.27 34.65 -1.65
N GLN DA 543 46.34 35.21 -1.10
CA GLN DA 543 47.12 36.23 -1.78
C GLN DA 543 48.14 35.76 -2.78
N VAL DA 544 48.07 36.32 -4.00
CA VAL DA 544 48.99 35.97 -5.07
C VAL DA 544 50.39 36.39 -4.68
N GLY DA 545 51.31 35.43 -4.67
CA GLY DA 545 52.71 35.73 -4.35
C GLY DA 545 53.17 35.21 -2.99
N ILE DA 546 52.58 34.13 -2.52
CA ILE DA 546 53.02 33.57 -1.25
C ILE DA 546 53.71 32.22 -1.47
N PRO DA 547 55.01 32.15 -1.10
CA PRO DA 547 55.89 30.97 -1.28
C PRO DA 547 55.30 29.64 -0.79
N VAL DA 548 55.27 28.64 -1.66
CA VAL DA 548 54.73 27.31 -1.34
C VAL DA 548 53.21 27.38 -1.19
N LEU DA 549 52.77 27.76 0.00
CA LEU DA 549 51.36 27.86 0.33
C LEU DA 549 50.38 28.04 -0.84
N THR DA 550 50.72 28.88 -1.85
CA THR DA 550 49.77 29.13 -2.93
C THR DA 550 49.86 28.22 -4.14
N GLN DA 551 50.62 27.14 -4.11
CA GLN DA 551 50.65 26.23 -5.25
C GLN DA 551 49.43 25.35 -5.05
N SER DA 552 48.79 24.94 -6.15
CA SER DA 552 47.57 24.12 -6.06
C SER DA 552 47.64 22.88 -5.14
N GLY DA 553 48.78 22.22 -5.10
CA GLY DA 553 48.92 21.04 -4.24
C GLY DA 553 48.57 21.31 -2.79
N MET DA 554 49.48 22.00 -2.09
CA MET DA 554 49.32 22.37 -0.69
C MET DA 554 47.88 22.72 -0.31
N LEU DA 555 47.57 22.60 0.99
CA LEU DA 555 46.22 22.88 1.52
C LEU DA 555 45.33 21.70 1.20
N SER DA 556 45.08 21.49 -0.09
CA SER DA 556 44.33 20.34 -0.46
C SER DA 556 45.06 19.18 0.12
N ALA DA 557 46.39 19.33 0.10
CA ALA DA 557 47.34 18.39 0.66
C ALA DA 557 47.34 18.51 2.17
N LEU DA 558 47.80 19.65 2.67
CA LEU DA 558 47.84 19.89 4.11
C LEU DA 558 46.65 19.27 4.84
N THR DA 559 45.46 19.85 4.62
CA THR DA 559 44.27 19.36 5.32
C THR DA 559 44.24 17.84 5.34
N SER DA 560 44.11 17.16 4.20
CA SER DA 560 44.03 15.68 4.18
C SER DA 560 45.15 14.97 4.97
N GLY DA 561 46.21 15.72 5.30
CA GLY DA 561 47.26 15.17 6.13
C GLY DA 561 46.77 15.35 7.54
N VAL DA 562 46.74 16.62 7.96
CA VAL DA 562 46.25 17.01 9.27
C VAL DA 562 45.04 16.15 9.63
N GLY DA 563 44.28 15.79 8.60
CA GLY DA 563 43.13 14.95 8.74
C GLY DA 563 43.55 13.66 9.39
N THR DA 564 44.15 12.77 8.61
CA THR DA 564 44.58 11.49 9.16
C THR DA 564 45.46 11.66 10.39
N ALA DA 565 46.17 12.78 10.48
CA ALA DA 565 47.05 13.02 11.63
C ALA DA 565 46.25 13.04 12.95
N LEU DA 566 45.07 13.65 12.93
CA LEU DA 566 44.24 13.71 14.14
C LEU DA 566 43.65 12.35 14.41
N ARG DA 567 43.34 11.60 13.36
CA ARG DA 567 42.75 10.29 13.57
C ARG DA 567 43.78 9.23 13.91
N THR DA 568 44.75 9.58 14.79
CA THR DA 568 45.79 8.61 15.21
C THR DA 568 46.64 9.15 16.36
N GLY DA 569 46.44 10.42 16.72
CA GLY DA 569 47.20 11.05 17.81
C GLY DA 569 47.60 10.11 18.95
N SER DA 570 46.87 9.02 19.17
CA SER DA 570 47.00 7.97 20.22
C SER DA 570 46.21 8.38 21.48
N LEU DA 571 46.85 8.97 22.50
CA LEU DA 571 46.21 9.53 23.70
C LEU DA 571 47.32 10.36 24.33
N GLY DA 572 48.55 9.81 24.30
CA GLY DA 572 49.72 10.45 24.88
C GLY DA 572 50.44 11.41 23.94
N LYS DA 573 49.65 12.21 23.20
CA LYS DA 573 50.21 13.20 22.28
C LYS DA 573 50.89 14.31 23.08
N GLY DA 574 50.45 14.36 24.33
CA GLY DA 574 50.97 15.32 25.27
C GLY DA 574 52.41 15.03 25.59
N VAL DA 575 53.01 13.98 25.05
CA VAL DA 575 54.40 13.68 25.36
C VAL DA 575 55.29 14.78 24.83
N THR DA 576 54.75 15.62 23.94
CA THR DA 576 55.49 16.72 23.35
C THR DA 576 55.84 17.76 24.42
N ASP DA 577 57.13 18.00 24.63
CA ASP DA 577 57.56 18.97 25.63
C ASP DA 577 56.92 18.66 26.97
N ALA DA 578 56.70 17.37 27.22
CA ALA DA 578 56.09 16.92 28.48
C ALA DA 578 57.19 16.88 29.53
N SER DA 579 58.36 17.37 29.14
CA SER DA 579 59.51 17.43 30.04
C SER DA 579 59.50 18.77 30.78
N GLU DA 580 59.54 19.88 30.03
CA GLU DA 580 59.54 21.22 30.61
C GLU DA 580 58.18 21.48 31.22
N LYS DA 581 57.17 20.86 30.62
CA LYS DA 581 55.80 20.99 31.09
C LYS DA 581 55.76 20.36 32.48
N LEU DA 582 56.45 19.23 32.62
CA LEU DA 582 56.50 18.52 33.89
C LEU DA 582 57.29 19.35 34.88
N ARG DA 583 58.49 19.75 34.47
CA ARG DA 583 59.38 20.54 35.31
C ARG DA 583 58.71 21.83 35.76
N ALA DA 584 57.74 22.33 34.98
CA ALA DA 584 57.02 23.56 35.35
C ALA DA 584 55.96 23.24 36.41
N ARG DA 585 55.36 22.04 36.33
CA ARG DA 585 54.39 21.64 37.30
C ARG DA 585 55.02 21.38 38.67
N GLN DA 586 56.23 20.84 38.66
CA GLN DA 586 56.94 20.63 39.93
C GLN DA 586 57.27 21.98 40.50
N SER DA 587 57.51 22.94 39.59
CA SER DA 587 57.84 24.29 40.00
C SER DA 587 56.69 24.90 40.78
N LEU DA 588 55.47 24.57 40.35
CA LEU DA 588 54.28 25.12 41.01
C LEU DA 588 54.00 24.45 42.35
N THR DA 589 54.14 23.13 42.36
CA THR DA 589 53.91 22.39 43.59
C THR DA 589 54.95 22.79 44.66
N VAL DA 590 56.13 23.22 44.23
CA VAL DA 590 57.14 23.64 45.19
C VAL DA 590 56.73 24.98 45.79
N ALA DA 591 56.10 25.82 44.98
CA ALA DA 591 55.65 27.12 45.46
C ALA DA 591 54.36 26.96 46.28
N LYS DA 592 53.51 26.00 45.90
CA LYS DA 592 52.27 25.78 46.63
C LYS DA 592 52.58 25.09 47.97
N GLN DA 593 53.67 24.31 48.00
CA GLN DA 593 54.04 23.66 49.25
C GLN DA 593 54.45 24.78 50.19
N ALA DA 594 55.07 25.81 49.61
CA ALA DA 594 55.52 26.98 50.34
C ALA DA 594 54.34 27.68 51.00
N PHE DA 595 53.19 27.69 50.31
CA PHE DA 595 51.97 28.28 50.84
C PHE DA 595 51.52 27.48 52.08
N PHE DA 596 51.24 26.18 51.88
CA PHE DA 596 50.83 25.31 52.98
C PHE DA 596 51.73 25.47 54.21
N ASP DA 597 53.00 25.81 53.98
CA ASP DA 597 53.93 25.98 55.07
C ASP DA 597 53.57 27.18 55.95
N GLN DA 598 52.98 28.21 55.36
CA GLN DA 598 52.56 29.37 56.15
C GLN DA 598 51.23 29.09 56.83
N ILE DA 599 50.31 28.49 56.08
CA ILE DA 599 49.04 28.12 56.68
C ILE DA 599 49.35 27.32 57.92
N GLY DA 600 50.42 26.57 57.82
CA GLY DA 600 50.92 25.72 58.87
C GLY DA 600 51.57 26.45 60.04
N SER DA 601 52.09 27.65 59.81
CA SER DA 601 52.72 28.36 60.92
C SER DA 601 51.78 29.42 61.50
N LEU DA 602 51.41 30.42 60.70
CA LEU DA 602 50.54 31.50 61.14
C LEU DA 602 49.39 31.00 62.03
N TRP DA 603 48.61 30.05 61.50
CA TRP DA 603 47.56 29.46 62.28
C TRP DA 603 48.03 28.09 62.80
N PRO DA 604 48.77 28.13 63.92
CA PRO DA 604 49.28 26.90 64.51
C PRO DA 604 48.15 26.06 65.12
N ALA EA 2 35.75 -28.95 82.60
CA ALA EA 2 36.20 -29.20 81.21
C ALA EA 2 37.00 -28.02 80.66
N GLN EA 3 36.72 -27.64 79.42
CA GLN EA 3 37.39 -26.54 78.75
C GLN EA 3 36.62 -26.14 77.48
N ARG EA 4 36.05 -24.94 77.47
CA ARG EA 4 35.27 -24.48 76.31
C ARG EA 4 35.80 -23.21 75.67
N GLN EA 5 37.00 -23.28 75.11
CA GLN EA 5 37.58 -22.10 74.48
C GLN EA 5 38.93 -22.41 73.79
N PHE EA 6 38.94 -22.40 72.46
CA PHE EA 6 40.17 -22.66 71.72
C PHE EA 6 40.32 -21.68 70.55
N PHE EA 7 41.54 -21.21 70.32
CA PHE EA 7 41.79 -20.28 69.22
C PHE EA 7 42.80 -20.84 68.24
N GLY EA 8 42.37 -20.99 66.98
CA GLY EA 8 43.26 -21.54 65.97
C GLY EA 8 43.69 -20.60 64.86
N LEU EA 9 44.68 -21.04 64.09
CA LEU EA 9 45.22 -20.30 62.97
C LEU EA 9 45.55 -21.32 61.88
N THR EA 10 45.03 -21.13 60.67
CA THR EA 10 45.25 -22.05 59.56
C THR EA 10 46.67 -22.00 58.98
N TYR EA 11 47.02 -23.02 58.21
CA TYR EA 11 48.34 -23.08 57.57
C TYR EA 11 48.46 -21.93 56.58
N ASN EA 12 49.67 -21.70 56.10
CA ASN EA 12 49.93 -20.62 55.14
C ASN EA 12 50.15 -21.20 53.76
N PHE EA 13 49.33 -20.76 52.79
CA PHE EA 13 49.48 -21.24 51.41
C PHE EA 13 50.81 -20.67 50.93
N TYR EA 14 51.89 -21.33 51.33
CA TYR EA 14 53.25 -20.90 50.96
C TYR EA 14 53.32 -20.35 49.54
N GLY EA 15 53.31 -19.02 49.44
CA GLY EA 15 53.38 -18.37 48.13
C GLY EA 15 52.62 -19.14 47.06
N GLN EA 16 51.46 -19.68 47.43
CA GLN EA 16 50.64 -20.46 46.52
C GLN EA 16 49.19 -19.98 46.55
N PRO EA 17 48.40 -20.36 45.54
CA PRO EA 17 46.98 -19.98 45.47
C PRO EA 17 46.10 -20.61 46.55
N ALA EA 18 45.40 -21.68 46.19
CA ALA EA 18 44.49 -22.38 47.10
C ALA EA 18 45.23 -23.21 48.15
N PRO EA 19 44.48 -23.86 49.08
CA PRO EA 19 45.11 -24.70 50.12
C PRO EA 19 45.82 -25.91 49.52
N LEU EA 20 47.11 -26.05 49.85
CA LEU EA 20 47.94 -27.13 49.34
C LEU EA 20 47.59 -28.56 49.74
N PHE EA 21 46.40 -29.00 49.35
CA PHE EA 21 45.97 -30.37 49.64
C PHE EA 21 45.12 -30.84 48.46
N ASP EA 22 45.38 -32.06 48.01
CA ASP EA 22 44.68 -32.66 46.88
C ASP EA 22 43.34 -33.29 47.26
N LEU EA 23 42.44 -33.43 46.28
CA LEU EA 23 41.14 -34.06 46.51
C LEU EA 23 41.38 -35.53 46.84
N ASN EA 24 42.48 -36.04 46.27
CA ASN EA 24 42.89 -37.42 46.46
C ASN EA 24 43.30 -37.58 47.93
N ASP EA 25 43.56 -36.46 48.59
CA ASP EA 25 43.96 -36.44 50.00
C ASP EA 25 42.72 -36.45 50.89
N LEU EA 26 41.76 -35.61 50.56
CA LEU EA 26 40.53 -35.52 51.34
C LEU EA 26 39.92 -36.91 51.51
N GLN EA 27 40.08 -37.76 50.49
CA GLN EA 27 39.56 -39.11 50.54
C GLN EA 27 40.69 -40.07 50.88
N GLU EA 28 41.63 -39.59 51.68
CA GLU EA 28 42.78 -40.40 52.07
C GLU EA 28 43.04 -40.26 53.56
N LEU EA 29 42.37 -39.29 54.18
CA LEU EA 29 42.50 -39.03 55.60
C LEU EA 29 41.11 -38.68 56.15
N ALA EA 30 40.46 -37.71 55.53
CA ALA EA 30 39.13 -37.27 55.95
C ALA EA 30 38.01 -37.99 55.19
N GLY EA 31 38.39 -38.98 54.37
CA GLY EA 31 37.40 -39.72 53.60
C GLY EA 31 36.81 -40.92 54.32
N CYS EA 32 36.21 -41.83 53.55
CA CYS EA 32 35.60 -43.03 54.10
C CYS EA 32 34.37 -42.66 54.92
N TYR EA 33 34.09 -41.36 55.00
CA TYR EA 33 32.95 -40.82 55.77
C TYR EA 33 33.12 -40.87 57.27
N ALA EA 34 34.08 -41.67 57.75
CA ALA EA 34 34.33 -41.76 59.19
C ALA EA 34 34.81 -40.38 59.63
N ARG EA 35 34.69 -40.07 60.92
CA ARG EA 35 35.12 -38.78 61.42
C ARG EA 35 36.65 -38.62 61.37
N PRO EA 36 37.13 -37.80 60.42
CA PRO EA 36 38.56 -37.51 60.20
C PRO EA 36 39.26 -36.90 61.40
N TRP EA 37 38.51 -36.70 62.48
CA TRP EA 37 39.04 -36.08 63.69
C TRP EA 37 40.22 -36.78 64.36
N THR EA 38 39.98 -37.42 65.50
CA THR EA 38 41.06 -38.09 66.23
C THR EA 38 41.65 -39.27 65.46
N SER EA 39 42.14 -38.98 64.26
CA SER EA 39 42.73 -39.98 63.38
C SER EA 39 44.22 -39.69 63.15
N ARG EA 40 44.62 -38.44 63.37
CA ARG EA 40 46.00 -38.01 63.20
C ARG EA 40 47.03 -39.07 63.55
N PHE EA 41 46.81 -39.73 64.69
CA PHE EA 41 47.75 -40.73 65.16
C PHE EA 41 47.72 -42.12 64.52
N SER EA 42 46.65 -42.48 63.84
CA SER EA 42 46.57 -43.80 63.21
C SER EA 42 47.43 -43.90 61.94
N HIS EA 43 48.52 -43.15 61.89
CA HIS EA 43 49.43 -43.18 60.73
C HIS EA 43 50.87 -43.27 61.23
N LEU EA 44 51.04 -43.69 62.48
CA LEU EA 44 52.37 -43.79 63.07
C LEU EA 44 52.62 -45.19 63.63
N ALA EA 45 53.87 -45.63 63.60
CA ALA EA 45 54.23 -46.95 64.09
C ALA EA 45 55.19 -46.87 65.26
N ILE EA 46 55.65 -48.03 65.71
CA ILE EA 46 56.58 -48.08 66.83
C ILE EA 46 57.83 -47.28 66.43
N SER EA 47 58.05 -47.17 65.12
CA SER EA 47 59.19 -46.43 64.56
C SER EA 47 58.85 -45.96 63.15
N THR EA 48 59.89 -45.75 62.33
CA THR EA 48 59.69 -45.29 60.96
C THR EA 48 59.78 -46.43 59.94
N GLY EA 49 60.59 -47.44 60.24
CA GLY EA 49 60.74 -48.56 59.33
C GLY EA 49 59.50 -49.42 59.18
N SER EA 50 58.41 -49.01 59.83
CA SER EA 50 57.15 -49.76 59.74
C SER EA 50 56.05 -48.94 59.09
N LEU EA 51 56.43 -47.88 58.37
CA LEU EA 51 55.44 -47.03 57.72
C LEU EA 51 55.72 -46.76 56.25
N PRO EA 52 54.66 -46.46 55.47
CA PRO EA 52 54.80 -46.17 54.05
C PRO EA 52 55.21 -44.70 53.91
N VAL EA 53 56.04 -44.25 54.85
CA VAL EA 53 56.50 -42.87 54.90
C VAL EA 53 57.76 -42.56 54.09
N TRP EA 54 58.04 -43.36 53.07
CA TRP EA 54 59.20 -43.10 52.21
C TRP EA 54 58.67 -42.78 50.82
N SER EA 55 59.40 -43.17 49.78
CA SER EA 55 58.95 -42.90 48.42
C SER EA 55 57.49 -43.35 48.27
N ALA EA 56 56.58 -42.37 48.19
CA ALA EA 56 55.14 -42.65 48.04
C ALA EA 56 54.33 -41.36 47.99
N ARG EA 57 53.00 -41.49 48.04
CA ARG EA 57 52.10 -40.33 48.00
C ARG EA 57 52.44 -39.36 49.14
N TYR EA 58 52.85 -39.91 50.28
CA TYR EA 58 53.21 -39.09 51.44
C TYR EA 58 54.59 -39.58 51.93
N PRO EA 59 55.67 -39.09 51.31
CA PRO EA 59 57.03 -39.48 51.66
C PRO EA 59 57.59 -38.87 52.93
N SER EA 60 56.95 -39.12 54.06
CA SER EA 60 57.45 -38.56 55.32
C SER EA 60 56.70 -39.07 56.53
N VAL EA 61 57.43 -39.29 57.62
CA VAL EA 61 56.84 -39.78 58.85
C VAL EA 61 55.95 -38.72 59.47
N ALA EA 62 55.92 -37.54 58.85
CA ALA EA 62 55.11 -36.42 59.31
C ALA EA 62 54.38 -35.79 58.14
N SER EA 63 54.53 -36.39 56.96
CA SER EA 63 53.89 -35.88 55.75
C SER EA 63 52.37 -36.04 55.82
N ARG EA 64 51.89 -36.91 56.70
CA ARG EA 64 50.45 -37.11 56.84
C ARG EA 64 49.83 -35.89 57.53
N ASN EA 65 50.16 -35.70 58.79
CA ASN EA 65 49.63 -34.58 59.57
C ASN EA 65 49.81 -33.23 58.88
N ILE EA 66 50.95 -33.05 58.22
CA ILE EA 66 51.21 -31.81 57.53
C ILE EA 66 50.20 -31.60 56.40
N VAL EA 67 49.61 -32.70 55.94
CA VAL EA 67 48.60 -32.64 54.88
C VAL EA 67 47.20 -32.53 55.48
N VAL EA 68 46.89 -33.43 56.40
CA VAL EA 68 45.59 -33.42 57.06
C VAL EA 68 45.38 -32.03 57.67
N ASN EA 69 46.47 -31.39 58.09
CA ASN EA 69 46.39 -30.06 58.68
C ASN EA 69 46.01 -29.00 57.66
N THR EA 70 46.49 -29.18 56.43
CA THR EA 70 46.16 -28.22 55.38
C THR EA 70 44.68 -28.41 55.03
N LEU EA 71 44.28 -29.67 54.95
CA LEU EA 71 42.91 -30.04 54.61
C LEU EA 71 41.93 -29.48 55.65
N LEU EA 72 42.39 -29.37 56.90
CA LEU EA 72 41.53 -28.84 57.96
C LEU EA 72 41.30 -27.34 57.79
N GLY EA 73 42.31 -26.65 57.25
CA GLY EA 73 42.19 -25.22 57.04
C GLY EA 73 41.03 -24.85 56.12
N ALA EA 74 40.92 -25.57 55.01
CA ALA EA 74 39.87 -25.31 54.03
C ALA EA 74 38.46 -25.64 54.50
N HIS EA 75 38.35 -26.42 55.58
CA HIS EA 75 37.03 -26.78 56.09
C HIS EA 75 36.75 -26.33 57.51
N LEU EA 76 37.29 -25.17 57.89
CA LEU EA 76 37.08 -24.64 59.22
C LEU EA 76 36.46 -23.26 59.21
N ASN EA 77 35.87 -22.88 58.06
CA ASN EA 77 35.25 -21.58 57.95
C ASN EA 77 34.28 -21.24 59.08
N PRO EA 78 33.56 -22.25 59.62
CA PRO EA 78 32.63 -21.92 60.71
C PRO EA 78 33.31 -21.10 61.80
N PHE EA 79 34.42 -21.61 62.32
CA PHE EA 79 35.17 -20.92 63.37
C PHE EA 79 35.76 -19.60 62.90
N ALA EA 80 35.83 -19.43 61.58
CA ALA EA 80 36.37 -18.20 61.00
C ALA EA 80 35.28 -17.13 61.02
N GLY EA 81 34.16 -17.43 60.36
CA GLY EA 81 33.04 -16.51 60.31
C GLY EA 81 31.92 -17.04 61.19
N GLY EA 82 31.13 -17.96 60.65
CA GLY EA 82 30.03 -18.54 61.39
C GLY EA 82 29.32 -19.67 60.68
N GLN EA 83 29.20 -19.55 59.36
CA GLN EA 83 28.54 -20.57 58.53
C GLN EA 83 29.46 -21.73 58.20
N ILE EA 84 28.89 -22.80 57.64
CA ILE EA 84 29.66 -24.01 57.31
C ILE EA 84 30.50 -23.95 56.01
N THR EA 85 29.93 -23.41 54.94
CA THR EA 85 30.64 -23.30 53.65
C THR EA 85 31.16 -24.63 53.09
N SER EA 86 31.69 -24.57 51.87
CA SER EA 86 32.21 -25.77 51.20
C SER EA 86 33.33 -25.48 50.20
N HIS EA 87 34.41 -26.26 50.31
CA HIS EA 87 35.58 -26.11 49.45
C HIS EA 87 35.70 -27.22 48.40
N GLN EA 88 35.24 -26.92 47.19
CA GLN EA 88 35.29 -27.84 46.05
C GLN EA 88 34.39 -29.07 46.18
N GLY EA 89 33.08 -28.84 46.18
CA GLY EA 89 32.13 -29.93 46.28
C GLY EA 89 32.20 -30.71 47.59
N ILE EA 90 32.81 -30.10 48.61
CA ILE EA 90 32.93 -30.75 49.92
C ILE EA 90 32.57 -29.83 51.08
N THR EA 91 31.77 -30.34 51.99
CA THR EA 91 31.33 -29.58 53.17
C THR EA 91 30.81 -30.54 54.23
N TRP EA 92 31.12 -30.26 55.51
CA TRP EA 92 30.66 -31.13 56.58
C TRP EA 92 29.19 -31.49 56.35
N ARG EA 93 28.83 -32.71 56.69
CA ARG EA 93 27.46 -33.20 56.51
C ARG EA 93 26.45 -32.45 57.37
N ASP EA 94 26.81 -32.26 58.64
CA ASP EA 94 25.92 -31.60 59.61
C ASP EA 94 26.61 -30.49 60.41
N PRO EA 95 25.83 -29.78 61.26
CA PRO EA 95 26.35 -28.69 62.10
C PRO EA 95 27.42 -29.13 63.09
N VAL EA 96 27.44 -30.41 63.43
CA VAL EA 96 28.41 -30.96 64.37
C VAL EA 96 29.76 -31.25 63.72
N LEU EA 97 29.86 -30.97 62.41
CA LEU EA 97 31.10 -31.18 61.66
C LEU EA 97 31.64 -32.59 61.89
N SER EA 98 30.77 -33.58 61.98
CA SER EA 98 31.17 -34.96 62.21
C SER EA 98 32.19 -35.44 61.16
N SER EA 99 31.95 -35.13 59.89
CA SER EA 99 32.84 -35.54 58.81
C SER EA 99 32.60 -34.72 57.54
N LEU EA 100 33.33 -35.05 56.48
CA LEU EA 100 33.18 -34.34 55.22
C LEU EA 100 32.35 -35.20 54.26
N ALA EA 101 31.82 -34.58 53.22
CA ALA EA 101 31.00 -35.28 52.23
C ALA EA 101 30.65 -34.35 51.07
N PRO EA 102 30.47 -34.91 49.87
CA PRO EA 102 30.14 -34.11 48.68
C PRO EA 102 28.96 -33.17 48.93
N VAL EA 103 29.05 -31.95 48.41
CA VAL EA 103 27.98 -30.97 48.57
C VAL EA 103 26.67 -31.65 48.21
N PRO EA 104 25.60 -31.40 48.99
CA PRO EA 104 24.28 -32.00 48.75
C PRO EA 104 23.88 -32.01 47.28
N ALA EA 105 22.97 -31.12 46.89
CA ALA EA 105 22.51 -31.06 45.50
C ALA EA 105 21.53 -29.91 45.31
N ILE EA 106 20.60 -29.78 46.26
CA ILE EA 106 19.59 -28.73 46.20
C ILE EA 106 19.79 -27.65 47.25
N GLN EA 107 20.42 -28.01 48.37
CA GLN EA 107 20.66 -27.07 49.45
C GLN EA 107 22.16 -27.02 49.78
N PRO EA 108 22.99 -26.63 48.80
CA PRO EA 108 24.44 -26.54 48.99
C PRO EA 108 24.90 -25.37 49.84
N PRO EA 109 25.95 -25.57 50.66
CA PRO EA 109 26.47 -24.50 51.51
C PRO EA 109 27.21 -23.48 50.64
N PRO EA 110 27.18 -22.20 51.02
CA PRO EA 110 27.88 -21.18 50.24
C PRO EA 110 29.36 -21.53 50.04
N VAL EA 111 29.78 -21.65 48.79
CA VAL EA 111 31.15 -21.99 48.45
C VAL EA 111 32.17 -21.20 49.29
N TRP EA 112 33.03 -21.93 50.01
CA TRP EA 112 34.05 -21.31 50.86
C TRP EA 112 34.80 -20.20 50.13
N ALA EA 113 35.50 -19.38 50.90
CA ALA EA 113 36.26 -18.27 50.34
C ALA EA 113 37.74 -18.58 50.55
N VAL EA 114 38.42 -18.98 49.49
CA VAL EA 114 39.83 -19.31 49.57
C VAL EA 114 40.68 -18.17 50.15
N ALA EA 115 40.95 -18.23 51.44
CA ALA EA 115 41.76 -17.23 52.14
C ALA EA 115 42.77 -17.96 53.01
N GLU EA 116 44.00 -17.48 53.06
CA GLU EA 116 45.05 -18.14 53.85
C GLU EA 116 45.29 -17.53 55.23
N ASN EA 117 45.58 -18.40 56.20
CA ASN EA 117 45.86 -17.99 57.58
C ASN EA 117 44.70 -17.35 58.32
N VAL EA 118 43.51 -17.93 58.19
CA VAL EA 118 42.34 -17.38 58.87
C VAL EA 118 42.36 -17.78 60.34
N LEU EA 119 42.19 -16.80 61.22
CA LEU EA 119 42.17 -17.08 62.66
C LEU EA 119 40.89 -17.84 62.97
N LEU EA 120 40.80 -18.41 64.16
CA LEU EA 120 39.61 -19.17 64.53
C LEU EA 120 39.23 -18.91 65.98
N ASP EA 121 37.93 -18.90 66.24
CA ASP EA 121 37.44 -18.69 67.60
C ASP EA 121 36.31 -19.67 67.88
N SER EA 122 36.54 -20.57 68.84
CA SER EA 122 35.54 -21.57 69.21
C SER EA 122 34.26 -20.89 69.69
N ASN EA 123 34.18 -19.58 69.48
CA ASN EA 123 33.01 -18.79 69.86
C ASN EA 123 32.22 -18.39 68.63
N ASN EA 124 32.92 -18.11 67.52
CA ASN EA 124 32.29 -17.72 66.28
C ASN EA 124 31.29 -18.79 65.83
N TYR EA 125 31.24 -19.88 66.56
CA TYR EA 125 30.34 -20.97 66.22
C TYR EA 125 29.52 -21.37 67.46
N PRO EA 126 28.49 -20.58 67.79
CA PRO EA 126 27.59 -20.80 68.93
C PRO EA 126 27.08 -22.22 69.17
N THR EA 127 27.23 -23.11 68.19
CA THR EA 127 26.75 -24.49 68.37
C THR EA 127 27.83 -25.37 68.99
N TYR EA 128 29.09 -25.06 68.67
CA TYR EA 128 30.22 -25.82 69.18
C TYR EA 128 30.13 -26.06 70.68
N VAL EA 129 30.21 -24.98 71.45
CA VAL EA 129 30.16 -25.05 72.91
C VAL EA 129 28.84 -25.60 73.44
N LEU EA 130 27.75 -25.41 72.68
CA LEU EA 130 26.45 -25.90 73.11
C LEU EA 130 26.38 -27.42 73.04
N ASN EA 131 27.37 -28.02 72.38
CA ASN EA 131 27.45 -29.48 72.24
C ASN EA 131 28.75 -30.02 72.82
N LEU EA 132 29.68 -29.10 73.07
CA LEU EA 132 31.02 -29.41 73.58
C LEU EA 132 31.35 -30.90 73.59
N SER EA 133 30.77 -31.64 74.54
CA SER EA 133 31.03 -33.07 74.65
C SER EA 133 31.20 -33.72 73.27
N SER EA 134 30.12 -33.79 72.51
CA SER EA 134 30.13 -34.40 71.17
C SER EA 134 31.32 -34.01 70.31
N MET EA 135 31.29 -32.82 69.74
CA MET EA 135 32.38 -32.37 68.88
C MET EA 135 33.60 -31.89 69.67
N TRP EA 136 33.82 -32.49 70.83
CA TRP EA 136 34.97 -32.15 71.65
C TRP EA 136 36.24 -32.26 70.81
N PRO EA 137 36.45 -33.41 70.14
CA PRO EA 137 37.62 -33.64 69.29
C PRO EA 137 38.06 -32.46 68.42
N ILE EA 138 37.14 -31.91 67.62
CA ILE EA 138 37.48 -30.79 66.75
C ILE EA 138 38.32 -29.72 67.46
N ASN EA 139 38.20 -29.66 68.78
CA ASN EA 139 38.97 -28.70 69.56
C ASN EA 139 40.44 -29.09 69.54
N GLN EA 140 40.75 -30.17 70.24
CA GLN EA 140 42.11 -30.68 70.32
C GLN EA 140 42.81 -30.75 68.95
N ASP EA 141 42.02 -30.92 67.89
CA ASP EA 141 42.58 -30.99 66.55
C ASP EA 141 42.96 -29.63 66.00
N VAL EA 142 42.02 -28.70 66.00
CA VAL EA 142 42.33 -27.35 65.51
C VAL EA 142 43.58 -26.90 66.27
N HIS EA 143 43.71 -27.39 67.51
CA HIS EA 143 44.85 -27.05 68.33
C HIS EA 143 46.13 -27.65 67.75
N ILE EA 144 46.08 -28.93 67.39
CA ILE EA 144 47.25 -29.60 66.82
C ILE EA 144 47.63 -28.83 65.56
N MET EA 145 46.62 -28.37 64.84
CA MET EA 145 46.83 -27.60 63.63
C MET EA 145 47.60 -26.31 63.97
N THR EA 146 46.94 -25.43 64.69
CA THR EA 146 47.48 -24.14 65.10
C THR EA 146 48.87 -24.17 65.73
N MET EA 147 49.33 -25.35 66.12
CA MET EA 147 50.66 -25.46 66.73
C MET EA 147 51.68 -25.83 65.67
N TRP EA 148 51.19 -26.11 64.46
CA TRP EA 148 52.06 -26.45 63.35
C TRP EA 148 52.00 -25.27 62.39
N ALA EA 149 50.86 -24.57 62.42
CA ALA EA 149 50.62 -23.41 61.56
C ALA EA 149 51.40 -22.19 62.03
N LEU EA 150 51.38 -21.93 63.33
CA LEU EA 150 52.09 -20.78 63.87
C LEU EA 150 53.56 -20.93 63.56
N SER EA 151 53.95 -22.12 63.11
CA SER EA 151 55.33 -22.40 62.75
C SER EA 151 55.42 -22.65 61.26
N ASP EA 152 56.65 -22.71 60.75
CA ASP EA 152 56.88 -22.98 59.34
C ASP EA 152 57.83 -24.17 59.20
N GLN EA 153 58.75 -24.28 60.15
CA GLN EA 153 59.72 -25.34 60.13
C GLN EA 153 59.71 -26.13 61.45
N GLY EA 154 58.65 -26.91 61.67
CA GLY EA 154 58.57 -27.70 62.89
C GLY EA 154 57.58 -27.17 63.91
N PRO EA 155 56.62 -28.00 64.35
CA PRO EA 155 55.58 -27.65 65.32
C PRO EA 155 56.12 -26.97 66.57
N ILE EA 156 55.29 -26.15 67.20
CA ILE EA 156 55.69 -25.43 68.41
C ILE EA 156 54.89 -25.87 69.63
N TYR EA 157 55.42 -26.81 70.41
CA TYR EA 157 54.72 -27.28 71.61
C TYR EA 157 55.08 -26.45 72.85
N HIS EA 158 54.74 -26.96 74.02
CA HIS EA 158 55.00 -26.25 75.28
C HIS EA 158 55.57 -27.15 76.38
N LEU EA 159 56.41 -26.58 77.25
CA LEU EA 159 57.03 -27.34 78.33
C LEU EA 159 56.77 -26.74 79.72
N GLU EA 160 56.66 -27.63 80.71
CA GLU EA 160 56.42 -27.21 82.10
C GLU EA 160 57.17 -28.06 83.11
N VAL EA 161 57.04 -27.69 84.38
CA VAL EA 161 57.65 -28.38 85.51
C VAL EA 161 57.23 -27.69 86.80
N PRO EA 162 56.12 -28.14 87.40
CA PRO EA 162 55.69 -27.49 88.65
C PRO EA 162 56.85 -27.59 89.63
N VAL EA 163 56.98 -26.62 90.53
CA VAL EA 163 58.07 -26.65 91.50
C VAL EA 163 57.92 -27.81 92.51
N ASP EA 164 56.83 -28.56 92.38
CA ASP EA 164 56.54 -29.69 93.27
C ASP EA 164 57.05 -31.01 92.71
N PRO EA 165 56.97 -32.09 93.49
CA PRO EA 165 57.41 -33.41 93.04
C PRO EA 165 56.28 -34.04 92.22
N MET EA 166 56.60 -34.99 91.35
CA MET EA 166 55.58 -35.63 90.52
C MET EA 166 54.34 -36.10 91.30
N PRO EA 167 53.15 -35.62 90.89
CA PRO EA 167 51.83 -35.90 91.46
C PRO EA 167 51.45 -37.35 91.80
N ALA EA 168 52.30 -38.05 92.57
CA ALA EA 168 52.05 -39.43 92.98
C ALA EA 168 51.34 -40.29 91.91
N ALA EA 169 50.02 -40.10 91.77
CA ALA EA 169 49.23 -40.81 90.77
C ALA EA 169 49.69 -40.41 89.37
N THR EA 170 50.91 -39.88 89.28
CA THR EA 170 51.52 -39.43 88.04
C THR EA 170 52.86 -40.15 87.92
N THR EA 171 53.26 -40.78 89.02
CA THR EA 171 54.49 -41.56 89.05
C THR EA 171 54.03 -42.99 88.95
N ALA EA 172 52.73 -43.20 89.23
CA ALA EA 172 52.13 -44.52 89.16
C ALA EA 172 51.60 -44.77 87.75
N ALA EA 173 51.12 -43.71 87.11
CA ALA EA 173 50.61 -43.80 85.75
C ALA EA 173 51.76 -43.99 84.75
N LEU EA 174 52.90 -43.37 85.04
CA LEU EA 174 54.06 -43.49 84.16
C LEU EA 174 54.75 -44.83 84.32
N MET EA 175 54.85 -45.32 85.55
CA MET EA 175 55.49 -46.60 85.82
C MET EA 175 54.74 -47.78 85.21
N ALA EA 176 53.75 -47.48 84.38
CA ALA EA 176 52.97 -48.51 83.72
C ALA EA 176 53.05 -48.25 82.21
N TYR EA 177 54.00 -47.40 81.85
CA TYR EA 177 54.27 -47.01 80.46
C TYR EA 177 55.77 -47.07 80.20
N THR EA 178 56.50 -47.79 81.04
CA THR EA 178 57.94 -47.89 80.91
C THR EA 178 58.44 -48.36 79.54
N GLY EA 179 58.46 -49.67 79.31
CA GLY EA 179 58.94 -50.20 78.03
C GLY EA 179 58.39 -49.51 76.79
N VAL EA 180 57.17 -48.98 76.89
CA VAL EA 180 56.51 -48.30 75.78
C VAL EA 180 57.39 -47.25 75.06
N PRO EA 181 57.37 -47.26 73.70
CA PRO EA 181 58.14 -46.35 72.83
C PRO EA 181 57.50 -44.96 72.78
N ILE EA 182 58.33 -43.94 72.51
CA ILE EA 182 57.86 -42.55 72.43
C ILE EA 182 56.60 -42.43 71.56
N ALA EA 183 56.53 -43.27 70.52
CA ALA EA 183 55.39 -43.26 69.61
C ALA EA 183 54.08 -43.61 70.33
N HIS EA 184 54.03 -44.78 70.94
CA HIS EA 184 52.84 -45.24 71.65
C HIS EA 184 52.53 -44.39 72.89
N LEU EA 185 53.46 -43.51 73.27
CA LEU EA 185 53.23 -42.65 74.42
C LEU EA 185 52.40 -41.46 73.95
N ALA EA 186 52.83 -40.85 72.85
CA ALA EA 186 52.10 -39.74 72.29
C ALA EA 186 50.73 -40.33 71.94
N GLN EA 187 50.74 -41.61 71.58
CA GLN EA 187 49.53 -42.35 71.24
C GLN EA 187 48.52 -42.10 72.36
N THR EA 188 48.75 -42.73 73.50
CA THR EA 188 47.88 -42.57 74.67
C THR EA 188 47.64 -41.10 74.92
N ALA EA 189 48.70 -40.31 74.83
CA ALA EA 189 48.63 -38.87 75.04
C ALA EA 189 47.55 -38.26 74.14
N TYR EA 190 47.75 -38.41 72.83
CA TYR EA 190 46.82 -37.90 71.83
C TYR EA 190 45.42 -38.50 71.99
N ARG EA 191 45.36 -39.83 71.86
CA ARG EA 191 44.12 -40.60 71.99
C ARG EA 191 43.31 -40.15 73.21
N PHE EA 192 44.03 -39.80 74.28
CA PHE EA 192 43.41 -39.35 75.52
C PHE EA 192 42.68 -38.02 75.39
N ALA EA 193 43.44 -36.94 75.27
CA ALA EA 193 42.89 -35.59 75.15
C ALA EA 193 42.12 -35.36 73.83
N GLY EA 194 41.52 -36.43 73.31
CA GLY EA 194 40.76 -36.32 72.06
C GLY EA 194 39.45 -37.08 72.06
N GLN EA 195 38.63 -36.84 73.09
CA GLN EA 195 37.31 -37.46 73.25
C GLN EA 195 36.80 -37.22 74.68
N LEU EA 196 35.63 -36.60 74.81
CA LEU EA 196 35.04 -36.29 76.11
C LEU EA 196 35.88 -35.22 76.81
N PRO EA 197 35.35 -33.99 76.92
CA PRO EA 197 36.08 -32.89 77.57
C PRO EA 197 36.59 -33.26 78.96
N GLN EA 198 37.89 -33.51 79.07
CA GLN EA 198 38.49 -33.85 80.35
C GLN EA 198 38.98 -32.59 81.06
N SER EA 199 38.64 -32.47 82.34
CA SER EA 199 39.05 -31.32 83.12
C SER EA 199 40.59 -31.26 83.21
N PRO EA 200 41.18 -30.06 83.01
CA PRO EA 200 42.64 -29.95 83.07
C PRO EA 200 43.16 -30.46 84.43
N ASP EA 201 42.24 -30.65 85.36
CA ASP EA 201 42.56 -31.15 86.70
C ASP EA 201 42.75 -32.65 86.69
N SER EA 202 42.15 -33.31 85.70
CA SER EA 202 42.23 -34.77 85.57
C SER EA 202 43.66 -35.28 85.65
N THR EA 203 43.83 -36.40 86.36
CA THR EA 203 45.12 -37.03 86.56
C THR EA 203 45.97 -37.05 85.29
N MET EA 204 45.45 -37.74 84.27
CA MET EA 204 46.12 -37.90 82.99
C MET EA 204 46.86 -36.67 82.47
N VAL EA 205 46.26 -35.50 82.54
CA VAL EA 205 46.90 -34.29 82.05
C VAL EA 205 48.24 -34.00 82.71
N SER EA 206 48.33 -34.26 84.02
CA SER EA 206 49.58 -34.03 84.72
C SER EA 206 50.59 -35.04 84.19
N THR EA 207 50.19 -36.31 84.23
CA THR EA 207 51.03 -37.40 83.76
C THR EA 207 51.54 -37.17 82.34
N ILE EA 208 50.63 -36.95 81.40
CA ILE EA 208 51.01 -36.71 80.00
C ILE EA 208 51.69 -35.37 79.79
N ARG EA 209 51.64 -34.51 80.79
CA ARG EA 209 52.30 -33.21 80.70
C ARG EA 209 53.70 -33.35 81.28
N TRP EA 210 53.87 -34.31 82.19
CA TRP EA 210 55.16 -34.58 82.80
C TRP EA 210 55.96 -35.44 81.83
N LEU EA 211 55.24 -36.22 81.02
CA LEU EA 211 55.87 -37.11 80.05
C LEU EA 211 56.37 -36.31 78.85
N SER EA 212 56.02 -35.03 78.82
CA SER EA 212 56.46 -34.14 77.73
C SER EA 212 57.59 -33.26 78.25
N ALA EA 213 57.80 -33.30 79.56
CA ALA EA 213 58.86 -32.53 80.19
C ALA EA 213 60.08 -33.41 80.32
N ILE EA 214 59.86 -34.71 80.58
CA ILE EA 214 60.94 -35.67 80.71
C ILE EA 214 61.54 -35.95 79.33
N TRP EA 215 60.67 -36.14 78.34
CA TRP EA 215 61.11 -36.39 76.97
C TRP EA 215 62.09 -35.32 76.54
N PHE EA 216 61.81 -34.07 76.91
CA PHE EA 216 62.67 -32.95 76.56
C PHE EA 216 64.00 -33.00 77.29
N GLY EA 217 63.96 -33.34 78.58
CA GLY EA 217 65.19 -33.42 79.36
C GLY EA 217 66.13 -34.44 78.74
N SER EA 218 65.56 -35.54 78.23
CA SER EA 218 66.34 -36.59 77.61
C SER EA 218 66.91 -36.09 76.30
N LEU EA 219 66.05 -35.45 75.50
CA LEU EA 219 66.45 -34.92 74.20
C LEU EA 219 67.61 -33.95 74.31
N THR EA 220 67.96 -33.58 75.54
CA THR EA 220 69.07 -32.67 75.78
C THR EA 220 69.91 -33.22 76.92
N GLY EA 221 70.31 -34.48 76.78
CA GLY EA 221 71.13 -35.15 77.79
C GLY EA 221 70.64 -35.11 79.23
N ARG EA 222 70.67 -33.93 79.84
CA ARG EA 222 70.27 -33.71 81.24
C ARG EA 222 69.51 -34.85 81.91
N LEU EA 223 68.28 -35.12 81.45
CA LEU EA 223 67.51 -36.21 82.02
C LEU EA 223 67.95 -37.50 81.37
N ASN EA 224 69.17 -37.94 81.68
CA ASN EA 224 69.71 -39.16 81.11
C ASN EA 224 69.61 -40.38 82.03
N ARG EA 225 70.18 -41.49 81.56
CA ARG EA 225 70.20 -42.74 82.30
C ARG EA 225 70.70 -42.55 83.73
N SER EA 226 71.53 -41.53 83.93
CA SER EA 226 72.08 -41.23 85.25
C SER EA 226 71.17 -40.26 86.01
N ARG EA 227 71.03 -39.05 85.47
CA ARG EA 227 70.19 -38.02 86.09
C ARG EA 227 68.75 -38.11 85.58
N THR EA 228 67.93 -38.89 86.29
CA THR EA 228 66.54 -39.09 85.92
C THR EA 228 65.65 -38.00 86.54
N CYS EA 229 64.38 -37.97 86.15
CA CYS EA 229 63.44 -37.00 86.71
C CYS EA 229 63.08 -37.52 88.08
N ASN EA 230 61.86 -38.04 88.23
CA ASN EA 230 61.43 -38.60 89.52
C ASN EA 230 61.92 -40.04 89.55
N GLY EA 231 62.48 -40.46 88.41
CA GLY EA 231 63.01 -41.81 88.28
C GLY EA 231 63.02 -42.18 86.82
N PHE EA 232 62.42 -41.32 85.98
CA PHE EA 232 62.34 -41.57 84.55
C PHE EA 232 63.28 -40.73 83.69
N TYR EA 233 63.46 -41.17 82.45
CA TYR EA 233 64.31 -40.52 81.47
C TYR EA 233 64.17 -41.38 80.22
N PHE EA 234 64.36 -40.80 79.05
CA PHE EA 234 64.26 -41.55 77.80
C PHE EA 234 65.63 -41.99 77.27
N GLU EA 235 65.73 -43.26 76.91
CA GLU EA 235 66.97 -43.79 76.37
C GLU EA 235 66.82 -43.85 74.85
N PHE EA 236 67.66 -43.11 74.13
CA PHE EA 236 67.59 -43.10 72.67
C PHE EA 236 68.43 -44.23 72.08
N ALA EA 237 67.93 -44.81 70.99
CA ALA EA 237 68.64 -45.89 70.32
C ALA EA 237 70.02 -45.44 69.89
N LYS EA 238 71.01 -46.32 70.04
CA LYS EA 238 72.39 -46.01 69.67
C LYS EA 238 72.45 -45.70 68.17
N PRO EA 239 72.89 -44.47 67.82
CA PRO EA 239 72.99 -44.09 66.41
C PRO EA 239 73.98 -44.98 65.66
N ALA EA 240 73.44 -45.73 64.71
CA ALA EA 240 74.21 -46.65 63.89
C ALA EA 240 73.18 -47.63 63.37
N LEU EA 241 72.04 -47.65 64.05
CA LEU EA 241 70.94 -48.53 63.70
C LEU EA 241 69.62 -47.76 63.81
N ASN EA 242 69.66 -46.45 63.54
CA ASN EA 242 68.47 -45.59 63.63
C ASN EA 242 68.28 -45.13 65.07
N PRO EA 243 68.87 -43.98 65.44
CA PRO EA 243 68.77 -43.42 66.79
C PRO EA 243 67.49 -42.63 66.97
N ASP EA 244 66.68 -42.59 65.92
CA ASP EA 244 65.42 -41.86 65.92
C ASP EA 244 64.36 -42.58 66.76
N GLN EA 245 64.82 -43.14 67.88
CA GLN EA 245 63.96 -43.87 68.79
C GLN EA 245 63.82 -43.15 70.11
N ALA EA 246 63.11 -43.78 71.04
CA ALA EA 246 62.89 -43.23 72.37
C ALA EA 246 61.96 -44.14 73.18
N VAL EA 247 62.45 -44.60 74.33
CA VAL EA 247 61.66 -45.45 75.20
C VAL EA 247 61.75 -44.95 76.63
N LEU EA 248 60.63 -44.87 77.32
CA LEU EA 248 60.60 -44.41 78.70
C LEU EA 248 61.23 -45.49 79.59
N LYS EA 249 62.05 -45.08 80.55
CA LYS EA 249 62.72 -46.05 81.42
C LYS EA 249 62.93 -45.56 82.84
N TRP EA 250 62.10 -46.03 83.77
CA TRP EA 250 62.23 -45.64 85.17
C TRP EA 250 63.46 -46.37 85.69
N ASN EA 251 64.46 -45.60 86.10
CA ASN EA 251 65.72 -46.13 86.63
C ASN EA 251 65.76 -46.04 88.17
N ASP EA 252 66.84 -45.47 88.70
CA ASP EA 252 67.02 -45.30 90.14
C ASP EA 252 68.34 -44.62 90.47
N GLY EA 253 68.81 -43.78 89.55
CA GLY EA 253 70.05 -43.04 89.76
C GLY EA 253 69.68 -41.69 90.33
N ALA EA 254 70.68 -40.90 90.72
CA ALA EA 254 70.45 -39.57 91.28
C ALA EA 254 69.25 -38.90 90.64
N ARG EA 255 68.34 -38.37 91.46
CA ARG EA 255 67.14 -37.70 90.95
C ARG EA 255 67.42 -36.21 90.69
N ALA EA 256 67.30 -35.78 89.44
CA ALA EA 256 67.55 -34.38 89.12
C ALA EA 256 66.67 -33.53 90.02
N ALA EA 257 67.31 -32.85 90.97
CA ALA EA 257 66.58 -31.99 91.91
C ALA EA 257 65.60 -31.04 91.19
N PRO EA 258 64.47 -30.74 91.83
CA PRO EA 258 63.42 -29.87 91.28
C PRO EA 258 63.93 -28.45 91.03
N PRO EA 259 63.42 -27.79 89.99
CA PRO EA 259 63.82 -26.41 89.64
C PRO EA 259 63.46 -25.42 90.75
N ALA EA 260 64.11 -24.26 90.73
CA ALA EA 260 63.88 -23.23 91.73
C ALA EA 260 62.61 -22.40 91.46
N ALA EA 261 61.94 -22.66 90.35
CA ALA EA 261 60.73 -21.93 90.01
C ALA EA 261 59.98 -22.57 88.84
N ALA EA 262 58.92 -21.92 88.40
CA ALA EA 262 58.12 -22.41 87.28
C ALA EA 262 58.92 -22.23 86.00
N GLN EA 263 59.22 -23.33 85.34
CA GLN EA 263 59.98 -23.27 84.10
C GLN EA 263 59.11 -23.52 82.87
N SER EA 264 58.70 -22.43 82.22
CA SER EA 264 57.86 -22.49 81.03
C SER EA 264 58.60 -21.96 79.80
N SER EA 265 58.35 -22.59 78.65
CA SER EA 265 58.99 -22.20 77.40
C SER EA 265 58.43 -22.95 76.21
N TYR EA 266 58.31 -22.25 75.09
CA TYR EA 266 57.80 -22.86 73.86
C TYR EA 266 58.96 -23.29 72.98
N ILE EA 267 59.11 -24.59 72.79
CA ILE EA 267 60.19 -25.13 71.98
C ILE EA 267 59.68 -25.82 70.72
N ARG EA 268 60.32 -25.53 69.60
CA ARG EA 268 59.93 -26.13 68.32
C ARG EA 268 61.16 -26.62 67.58
N CYS EA 269 61.04 -27.75 66.90
CA CYS EA 269 62.18 -28.27 66.13
C CYS EA 269 62.42 -27.19 65.09
N ILE EA 270 63.68 -26.86 64.81
CA ILE EA 270 63.97 -25.77 63.85
C ILE EA 270 64.39 -26.16 62.43
N SER EA 271 65.08 -27.29 62.27
CA SER EA 271 65.52 -27.72 60.95
C SER EA 271 64.50 -28.68 60.32
N PRO EA 272 64.52 -28.81 58.99
CA PRO EA 272 63.59 -29.69 58.29
C PRO EA 272 63.60 -31.11 58.89
N HIS EA 273 64.71 -31.47 59.51
CA HIS EA 273 64.86 -32.78 60.13
C HIS EA 273 63.61 -33.26 60.84
N TRP EA 274 62.91 -32.34 61.50
CA TRP EA 274 61.69 -32.72 62.24
C TRP EA 274 60.69 -33.51 61.41
N GLN EA 275 60.51 -33.12 60.15
CA GLN EA 275 59.55 -33.76 59.25
C GLN EA 275 59.71 -35.26 59.07
N HIS EA 276 60.84 -35.83 59.46
CA HIS EA 276 60.99 -37.27 59.26
C HIS EA 276 61.43 -38.05 60.50
N GLN EA 277 61.55 -37.37 61.63
CA GLN EA 277 61.96 -38.05 62.87
C GLN EA 277 60.75 -38.41 63.73
N ILE EA 278 60.27 -39.65 63.58
CA ILE EA 278 59.10 -40.16 64.30
C ILE EA 278 59.10 -39.80 65.79
N VAL EA 279 60.28 -39.51 66.33
CA VAL EA 279 60.41 -39.14 67.74
C VAL EA 279 60.31 -37.63 67.93
N GLU EA 280 60.76 -36.87 66.93
CA GLU EA 280 60.70 -35.41 66.98
C GLU EA 280 59.26 -34.96 66.69
N VAL EA 281 58.40 -35.91 66.32
CA VAL EA 281 56.99 -35.63 66.04
C VAL EA 281 56.13 -36.21 67.14
N ALA EA 282 56.29 -37.50 67.41
CA ALA EA 282 55.52 -38.15 68.46
C ALA EA 282 55.72 -37.38 69.77
N GLY EA 283 56.91 -36.79 69.92
CA GLY EA 283 57.20 -36.03 71.12
C GLY EA 283 56.50 -34.69 71.08
N ALA EA 284 56.80 -33.89 70.06
CA ALA EA 284 56.18 -32.58 69.89
C ALA EA 284 54.66 -32.72 69.88
N LEU EA 285 54.16 -33.63 69.05
CA LEU EA 285 52.72 -33.90 68.92
C LEU EA 285 52.12 -34.15 70.31
N MET EA 286 52.84 -34.91 71.13
CA MET EA 286 52.43 -35.26 72.48
C MET EA 286 52.38 -34.05 73.41
N SER EA 287 53.43 -33.24 73.39
CA SER EA 287 53.49 -32.05 74.21
C SER EA 287 52.29 -31.16 73.86
N GLN EA 288 51.77 -31.31 72.65
CA GLN EA 288 50.62 -30.53 72.19
C GLN EA 288 49.31 -31.12 72.69
N SER EA 289 49.33 -32.41 73.04
CA SER EA 289 48.13 -33.08 73.56
C SER EA 289 47.72 -32.39 74.85
N VAL EA 290 48.72 -31.94 75.60
CA VAL EA 290 48.54 -31.23 76.86
C VAL EA 290 47.84 -29.89 76.66
N THR EA 291 48.47 -29.02 75.89
CA THR EA 291 47.93 -27.69 75.61
C THR EA 291 46.47 -27.74 75.15
N ALA EA 292 46.18 -28.69 74.25
CA ALA EA 292 44.83 -28.88 73.71
C ALA EA 292 43.72 -28.91 74.77
N VAL EA 293 43.97 -29.61 75.88
CA VAL EA 293 43.00 -29.68 76.96
C VAL EA 293 43.43 -28.81 78.12
N THR EA 294 43.71 -27.54 77.83
CA THR EA 294 44.12 -26.60 78.86
C THR EA 294 44.27 -25.18 78.30
N GLY EA 295 43.66 -24.96 77.15
CA GLY EA 295 43.71 -23.64 76.52
C GLY EA 295 45.00 -23.36 75.80
N LEU EA 296 45.95 -22.76 76.52
CA LEU EA 296 47.25 -22.41 75.96
C LEU EA 296 47.97 -21.63 77.06
N PRO EA 297 48.91 -22.29 77.76
CA PRO EA 297 49.66 -21.64 78.85
C PRO EA 297 49.56 -20.12 78.82
N ALA EA 298 50.15 -19.52 77.79
CA ALA EA 298 50.11 -18.06 77.61
C ALA EA 298 50.24 -17.78 76.12
N LEU EA 299 50.91 -16.68 75.79
CA LEU EA 299 51.12 -16.33 74.39
C LEU EA 299 52.53 -16.76 74.02
N ILE EA 300 52.67 -17.44 72.88
CA ILE EA 300 54.00 -17.87 72.43
C ILE EA 300 54.74 -16.64 71.95
N ASP EA 301 55.99 -16.49 72.38
CA ASP EA 301 56.80 -15.35 71.99
C ASP EA 301 56.75 -15.14 70.47
N GLU EA 302 56.81 -13.88 70.05
CA GLU EA 302 56.75 -13.53 68.64
C GLU EA 302 58.11 -13.63 67.94
N ALA EA 303 59.13 -13.00 68.54
CA ALA EA 303 60.50 -12.97 68.02
C ALA EA 303 60.77 -13.99 66.91
N THR EA 304 61.34 -15.12 67.27
CA THR EA 304 61.64 -16.17 66.31
C THR EA 304 60.35 -16.90 65.93
N LEU EA 305 59.81 -16.55 64.77
CA LEU EA 305 58.58 -17.16 64.25
C LEU EA 305 58.37 -16.61 62.84
N PRO EA 306 57.64 -17.35 61.98
CA PRO EA 306 57.40 -16.88 60.61
C PRO EA 306 56.73 -15.50 60.54
N ALA EA 307 56.56 -14.99 59.32
CA ALA EA 307 55.95 -13.67 59.09
C ALA EA 307 54.43 -13.64 59.24
N TRP EA 308 53.78 -14.78 59.01
CA TRP EA 308 52.32 -14.86 59.10
C TRP EA 308 51.84 -15.21 60.50
N SER EA 309 52.74 -15.11 61.48
CA SER EA 309 52.39 -15.45 62.87
C SER EA 309 52.63 -14.31 63.86
N GLN EA 310 52.44 -13.07 63.41
CA GLN EA 310 52.66 -11.91 64.28
C GLN EA 310 51.42 -11.47 65.04
N GLY EA 311 51.59 -11.23 66.34
CA GLY EA 311 50.49 -10.80 67.18
C GLY EA 311 49.21 -11.56 66.93
N VAL EA 312 49.35 -12.81 66.49
CA VAL EA 312 48.20 -13.65 66.21
C VAL EA 312 47.31 -13.70 67.44
N ALA EA 313 46.30 -12.83 67.45
CA ALA EA 313 45.36 -12.72 68.56
C ALA EA 313 45.15 -14.06 69.29
N ASN EA 314 45.33 -14.02 70.61
CA ASN EA 314 45.16 -15.19 71.48
C ASN EA 314 46.33 -16.16 71.47
N LEU EA 315 47.02 -16.26 70.33
CA LEU EA 315 48.15 -17.17 70.21
C LEU EA 315 49.48 -16.48 70.44
N THR EA 316 49.99 -15.82 69.39
CA THR EA 316 51.27 -15.13 69.48
C THR EA 316 51.17 -13.90 70.40
N GLY EA 317 52.33 -13.40 70.82
CA GLY EA 317 52.36 -12.24 71.68
C GLY EA 317 53.45 -11.27 71.27
N ASN EA 318 54.15 -10.70 72.26
CA ASN EA 318 55.24 -9.76 72.02
C ASN EA 318 55.59 -9.03 73.32
N GLY EA 319 54.60 -8.90 74.19
CA GLY EA 319 54.80 -8.20 75.46
C GLY EA 319 55.20 -9.01 76.66
N GLN EA 320 54.38 -8.97 77.70
CA GLN EA 320 54.65 -9.69 78.95
C GLN EA 320 54.02 -11.07 79.01
N GLY EA 321 52.78 -11.18 78.55
CA GLY EA 321 52.10 -12.46 78.57
C GLY EA 321 52.74 -13.47 77.64
N VAL EA 322 54.01 -13.26 77.31
CA VAL EA 322 54.72 -14.18 76.42
C VAL EA 322 55.80 -14.99 77.14
N VAL EA 323 56.24 -16.04 76.46
CA VAL EA 323 57.27 -16.94 76.98
C VAL EA 323 58.28 -17.16 75.86
N PRO EA 324 59.54 -16.76 76.07
CA PRO EA 324 60.57 -16.94 75.04
C PRO EA 324 60.50 -18.32 74.37
N CYS EA 325 60.32 -18.33 73.05
CA CYS EA 325 60.22 -19.57 72.29
C CYS EA 325 61.55 -20.02 71.66
N LEU EA 326 62.05 -21.18 72.11
CA LEU EA 326 63.31 -21.72 71.63
C LEU EA 326 63.10 -22.77 70.53
N ASP EA 327 64.08 -22.88 69.64
CA ASP EA 327 64.00 -23.84 68.54
C ASP EA 327 65.34 -24.55 68.41
N TYR EA 328 65.33 -25.87 68.55
CA TYR EA 328 66.57 -26.65 68.46
C TYR EA 328 66.69 -27.39 67.13
N ASN EA 329 67.91 -27.81 66.83
CA ASN EA 329 68.21 -28.54 65.59
C ASN EA 329 68.72 -29.93 65.99
N PRO EA 330 68.02 -30.99 65.55
CA PRO EA 330 68.39 -32.38 65.87
C PRO EA 330 69.88 -32.66 66.00
N VAL EA 331 70.68 -32.24 65.02
CA VAL EA 331 72.12 -32.49 65.08
C VAL EA 331 72.85 -31.61 66.08
N PRO EA 332 72.77 -30.27 65.94
CA PRO EA 332 73.46 -29.40 66.90
C PRO EA 332 72.98 -29.78 68.30
N MET EA 333 71.77 -30.34 68.34
CA MET EA 333 71.14 -30.78 69.59
C MET EA 333 71.82 -32.05 70.09
N ALA EA 334 71.56 -33.16 69.41
CA ALA EA 334 72.13 -34.46 69.75
C ALA EA 334 73.59 -34.37 70.15
N ALA EA 335 74.36 -33.55 69.44
CA ALA EA 335 75.77 -33.38 69.75
C ALA EA 335 75.92 -33.06 71.24
N ALA EA 336 75.20 -32.04 71.70
CA ALA EA 336 75.25 -31.64 73.10
C ALA EA 336 74.61 -32.71 73.97
N ARG EA 337 73.59 -33.37 73.42
CA ARG EA 337 72.89 -34.42 74.15
C ARG EA 337 73.92 -35.51 74.49
N HIS EA 338 74.89 -35.69 73.60
CA HIS EA 338 75.95 -36.67 73.81
C HIS EA 338 76.96 -36.12 74.79
N LEU EA 339 77.40 -34.87 74.56
CA LEU EA 339 78.37 -34.24 75.45
C LEU EA 339 77.90 -34.34 76.91
N GLN EA 340 76.59 -34.20 77.11
CA GLN EA 340 76.03 -34.31 78.45
C GLN EA 340 76.34 -35.71 78.97
N TRP EA 341 75.98 -36.74 78.22
CA TRP EA 341 76.24 -38.12 78.61
C TRP EA 341 77.72 -38.28 78.91
N ARG EA 342 78.56 -37.77 78.02
CA ARG EA 342 80.01 -37.86 78.16
C ARG EA 342 80.50 -37.24 79.46
N GLN EA 343 79.86 -36.15 79.90
CA GLN EA 343 80.24 -35.49 81.15
C GLN EA 343 79.81 -36.26 82.40
N ASP EA 344 78.65 -36.91 82.33
CA ASP EA 344 78.15 -37.70 83.45
C ASP EA 344 78.75 -39.10 83.45
N GLY EA 345 79.93 -39.22 82.86
CA GLY EA 345 80.61 -40.50 82.79
C GLY EA 345 79.79 -41.56 82.07
N LEU EA 346 78.59 -41.20 81.62
CA LEU EA 346 77.72 -42.14 80.91
C LEU EA 346 78.46 -42.89 79.82
N ILE EA 347 79.33 -42.18 79.10
CA ILE EA 347 80.11 -42.78 78.03
C ILE EA 347 81.56 -42.34 78.14
N THR EA 348 82.42 -42.90 77.28
CA THR EA 348 83.84 -42.59 77.26
C THR EA 348 84.08 -41.21 76.64
N ALA EA 349 85.25 -40.65 76.88
CA ALA EA 349 85.61 -39.34 76.33
C ALA EA 349 85.88 -39.44 74.83
N ALA EA 350 86.21 -40.65 74.37
CA ALA EA 350 86.49 -40.89 72.96
C ALA EA 350 85.29 -41.51 72.24
N GLN EA 351 84.19 -41.70 72.98
CA GLN EA 351 82.97 -42.27 72.42
C GLN EA 351 81.97 -41.23 71.95
N GLU EA 352 82.11 -39.99 72.41
CA GLU EA 352 81.18 -38.93 72.00
C GLU EA 352 81.63 -38.32 70.67
N ALA EA 353 82.92 -38.38 70.39
CA ALA EA 353 83.45 -37.85 69.13
C ALA EA 353 83.13 -38.85 68.03
N GLN EA 354 82.49 -39.94 68.43
CA GLN EA 354 82.08 -41.00 67.50
C GLN EA 354 80.56 -41.07 67.51
N LEU EA 355 79.96 -40.98 68.70
CA LEU EA 355 78.50 -41.01 68.82
C LEU EA 355 77.93 -39.98 67.87
N ASN EA 356 78.61 -38.84 67.77
CA ASN EA 356 78.17 -37.79 66.86
C ASN EA 356 78.33 -38.26 65.43
N ASN EA 357 79.50 -38.84 65.11
CA ASN EA 357 79.71 -39.35 63.77
C ASN EA 357 78.52 -40.24 63.47
N ASP EA 358 78.34 -41.26 64.30
CA ASP EA 358 77.23 -42.19 64.15
C ASP EA 358 75.92 -41.48 63.84
N TYR EA 359 75.49 -40.61 64.75
CA TYR EA 359 74.24 -39.87 64.59
C TYR EA 359 74.27 -38.81 63.49
N THR EA 360 75.38 -38.09 63.36
CA THR EA 360 75.48 -37.04 62.36
C THR EA 360 75.30 -37.60 60.95
N ALA EA 361 75.80 -38.81 60.73
CA ALA EA 361 75.67 -39.46 59.43
C ALA EA 361 74.18 -39.80 59.26
N TYR EA 362 73.56 -40.18 60.36
CA TYR EA 362 72.14 -40.53 60.37
C TYR EA 362 71.31 -39.33 59.91
N ALA EA 363 71.61 -38.16 60.47
CA ALA EA 363 70.89 -36.96 60.12
C ALA EA 363 71.14 -36.60 58.66
N LEU EA 364 72.30 -37.01 58.14
CA LEU EA 364 72.66 -36.74 56.76
C LEU EA 364 71.87 -37.65 55.81
N THR EA 365 71.22 -38.65 56.40
CA THR EA 365 70.41 -39.61 55.65
C THR EA 365 68.96 -39.14 55.63
N ILE EA 366 68.51 -38.61 56.76
CA ILE EA 366 67.15 -38.10 56.87
C ILE EA 366 67.18 -36.70 56.31
N GLU EA 367 68.19 -36.44 55.48
CA GLU EA 367 68.41 -35.14 54.85
C GLU EA 367 68.44 -35.24 53.33
N ARG EA 368 69.11 -36.26 52.82
CA ARG EA 368 69.18 -36.47 51.38
C ARG EA 368 67.86 -37.10 50.95
N HIS EA 369 67.03 -37.42 51.95
CA HIS EA 369 65.73 -38.01 51.70
C HIS EA 369 64.62 -36.98 51.61
N LEU EA 370 64.61 -36.02 52.54
CA LEU EA 370 63.60 -34.97 52.53
C LEU EA 370 63.82 -34.07 51.33
N THR EA 371 65.08 -33.78 51.04
CA THR EA 371 65.42 -32.95 49.89
C THR EA 371 64.93 -33.65 48.63
N ALA EA 372 65.14 -34.95 48.57
CA ALA EA 372 64.71 -35.73 47.42
C ALA EA 372 63.18 -35.62 47.27
N MET EA 373 62.44 -35.89 48.35
CA MET EA 373 60.99 -35.82 48.32
C MET EA 373 60.51 -34.39 48.06
N LEU EA 374 61.34 -33.42 48.45
CA LEU EA 374 61.00 -32.02 48.25
C LEU EA 374 61.11 -31.72 46.75
N VAL EA 375 62.21 -32.16 46.14
CA VAL EA 375 62.42 -31.94 44.71
C VAL EA 375 61.76 -33.10 43.94
N ALA EA 376 60.70 -33.65 44.53
CA ALA EA 376 59.93 -34.75 43.93
C ALA EA 376 58.47 -34.30 43.93
N ASN EA 377 58.05 -33.71 45.04
CA ASN EA 377 56.69 -33.19 45.19
C ASN EA 377 56.83 -31.68 45.25
N PRO EA 378 57.08 -31.03 44.08
CA PRO EA 378 57.26 -29.57 43.96
C PRO EA 378 56.60 -28.71 45.02
N ILE EA 379 55.36 -28.30 44.75
CA ILE EA 379 54.55 -27.49 45.66
C ILE EA 379 53.60 -26.70 44.77
N ALA EA 380 54.08 -26.35 43.58
CA ALA EA 380 53.26 -25.62 42.62
C ALA EA 380 52.24 -26.65 42.14
N ALA EA 381 52.45 -27.89 42.57
CA ALA EA 381 51.57 -29.01 42.23
C ALA EA 381 50.38 -29.02 43.18
N GLY EA 382 50.09 -27.86 43.78
CA GLY EA 382 48.97 -27.73 44.69
C GLY EA 382 49.01 -28.58 45.93
N ARG EA 383 50.09 -29.33 46.13
CA ARG EA 383 50.21 -30.19 47.30
C ARG EA 383 51.42 -29.83 48.18
N MET EA 384 51.38 -30.28 49.43
CA MET EA 384 52.46 -30.01 50.37
C MET EA 384 52.70 -31.15 51.36
N PRO EA 385 53.16 -32.31 50.87
CA PRO EA 385 53.42 -33.43 51.76
C PRO EA 385 54.77 -33.26 52.47
N ILE EA 386 55.66 -32.52 51.82
CA ILE EA 386 56.99 -32.29 52.37
C ILE EA 386 57.18 -30.92 53.00
N GLN EA 387 56.42 -29.93 52.55
CA GLN EA 387 56.54 -28.58 53.08
C GLN EA 387 57.92 -28.01 52.73
N PRO EA 388 57.96 -27.00 51.84
CA PRO EA 388 59.20 -26.36 51.39
C PRO EA 388 60.14 -26.03 52.54
N PHE EA 389 61.45 -26.04 52.27
CA PHE EA 389 62.41 -25.74 53.31
C PHE EA 389 63.75 -25.19 52.84
N ASN EA 390 63.98 -25.21 51.53
CA ASN EA 390 65.23 -24.69 50.96
C ASN EA 390 66.48 -25.27 51.62
N ALA EA 391 67.22 -26.08 50.86
CA ALA EA 391 68.45 -26.70 51.33
C ALA EA 391 69.33 -25.69 52.07
N ALA EA 392 69.03 -25.49 53.34
CA ALA EA 392 69.77 -24.55 54.18
C ALA EA 392 69.48 -24.80 55.66
N ASP EA 393 68.21 -24.65 56.04
CA ASP EA 393 67.79 -24.86 57.42
C ASP EA 393 68.38 -26.10 58.06
N PHE EA 394 68.74 -27.08 57.24
CA PHE EA 394 69.30 -28.33 57.75
C PHE EA 394 70.48 -28.15 58.70
N GLY EA 395 71.39 -27.26 58.37
CA GLY EA 395 72.54 -27.01 59.22
C GLY EA 395 72.20 -25.95 60.25
N GLN EA 396 71.32 -25.03 59.87
CA GLN EA 396 70.86 -23.93 60.71
C GLN EA 396 70.93 -24.21 62.23
N ALA EA 397 71.98 -23.68 62.86
CA ALA EA 397 72.16 -23.87 64.30
C ALA EA 397 71.26 -22.90 65.07
N GLY EA 398 69.95 -23.18 65.04
CA GLY EA 398 68.99 -22.32 65.73
C GLY EA 398 69.27 -22.12 67.21
N GLN EA 399 68.27 -21.64 67.95
CA GLN EA 399 68.40 -21.41 69.38
C GLN EA 399 69.31 -22.48 69.99
N THR EA 400 68.88 -23.73 69.89
CA THR EA 400 69.61 -24.89 70.39
C THR EA 400 70.33 -24.61 71.71
N ALA EA 401 71.48 -23.95 71.62
CA ALA EA 401 72.28 -23.62 72.79
C ALA EA 401 71.41 -23.07 73.93
N ALA EA 402 70.36 -22.34 73.58
CA ALA EA 402 69.45 -21.77 74.56
C ALA EA 402 68.60 -22.83 75.25
N ALA EA 403 68.01 -23.73 74.47
CA ALA EA 403 67.16 -24.79 75.01
C ALA EA 403 67.97 -25.82 75.81
N VAL EA 404 69.25 -25.96 75.47
CA VAL EA 404 70.14 -26.87 76.17
C VAL EA 404 70.33 -26.35 77.59
N ALA EA 405 70.13 -25.05 77.76
CA ALA EA 405 70.26 -24.40 79.07
C ALA EA 405 68.89 -24.40 79.76
N LEU EA 406 67.83 -24.24 78.96
CA LEU EA 406 66.48 -24.22 79.47
C LEU EA 406 66.14 -25.61 80.01
N ALA EA 407 66.92 -26.60 79.60
CA ALA EA 407 66.72 -27.97 80.05
C ALA EA 407 67.31 -28.14 81.44
N GLN EA 408 68.50 -27.57 81.65
CA GLN EA 408 69.16 -27.66 82.95
C GLN EA 408 68.38 -26.96 84.05
N ALA EA 409 67.90 -25.75 83.77
CA ALA EA 409 67.13 -25.01 84.75
C ALA EA 409 65.80 -25.72 85.00
N MET EA 410 65.37 -26.54 84.05
CA MET EA 410 64.11 -27.27 84.15
C MET EA 410 64.28 -28.55 84.97
N PHE EA 411 65.51 -29.06 85.01
CA PHE EA 411 65.85 -30.25 85.77
C PHE EA 411 67.21 -30.00 86.41
N VAL EA 412 67.21 -29.19 87.46
CA VAL EA 412 68.43 -28.82 88.18
C VAL EA 412 69.08 -30.02 88.88
N ALA FA 2 22.10 -63.42 -34.24
CA ALA FA 2 22.05 -62.54 -33.03
C ALA FA 2 22.79 -61.22 -33.26
N GLN FA 3 24.02 -61.13 -32.75
CA GLN FA 3 24.84 -59.93 -32.89
C GLN FA 3 26.32 -60.24 -32.68
N ARG FA 4 27.16 -59.71 -33.58
CA ARG FA 4 28.61 -59.91 -33.50
C ARG FA 4 29.37 -58.82 -34.25
N GLN FA 5 29.69 -57.74 -33.55
CA GLN FA 5 30.43 -56.60 -34.10
C GLN FA 5 30.63 -55.50 -33.05
N PHE FA 6 31.25 -55.85 -31.93
CA PHE FA 6 31.48 -54.88 -30.86
C PHE FA 6 32.78 -54.08 -31.00
N PHE FA 7 32.65 -52.77 -31.15
CA PHE FA 7 33.82 -51.90 -31.27
C PHE FA 7 34.20 -51.41 -29.87
N GLY FA 8 35.38 -51.83 -29.41
CA GLY FA 8 35.82 -51.43 -28.07
C GLY FA 8 36.89 -50.35 -28.00
N LEU FA 9 37.50 -50.22 -26.83
CA LEU FA 9 38.55 -49.24 -26.57
C LEU FA 9 39.20 -49.56 -25.20
N THR FA 10 40.51 -49.76 -25.20
CA THR FA 10 41.23 -50.09 -23.98
C THR FA 10 41.40 -48.93 -23.00
N TYR FA 11 41.45 -49.26 -21.71
CA TYR FA 11 41.60 -48.28 -20.63
C TYR FA 11 42.84 -47.39 -20.77
N ASN FA 12 42.73 -46.18 -20.26
CA ASN FA 12 43.83 -45.21 -20.29
C ASN FA 12 44.87 -45.52 -19.22
N PHE FA 13 46.12 -45.13 -19.48
CA PHE FA 13 47.21 -45.37 -18.53
C PHE FA 13 47.43 -44.23 -17.53
N TYR FA 14 46.85 -43.06 -17.80
CA TYR FA 14 46.97 -41.89 -16.93
C TYR FA 14 48.40 -41.37 -16.82
N GLY FA 15 49.23 -41.75 -17.80
CA GLY FA 15 50.60 -41.32 -17.83
C GLY FA 15 51.56 -42.32 -17.20
N GLN FA 16 51.07 -43.51 -16.90
CA GLN FA 16 51.88 -44.58 -16.30
C GLN FA 16 52.49 -45.46 -17.38
N PRO FA 17 53.64 -46.10 -17.08
CA PRO FA 17 54.32 -46.96 -18.05
C PRO FA 17 53.43 -48.09 -18.60
N ALA FA 18 53.29 -49.16 -17.82
CA ALA FA 18 52.48 -50.31 -18.21
C ALA FA 18 51.06 -50.17 -17.66
N PRO FA 19 50.16 -51.11 -18.01
CA PRO FA 19 48.76 -51.07 -17.54
C PRO FA 19 48.70 -51.23 -16.02
N LEU FA 20 47.87 -50.39 -15.41
CA LEU FA 20 47.70 -50.34 -13.96
C LEU FA 20 47.21 -51.58 -13.23
N PHE FA 21 48.05 -52.60 -13.16
CA PHE FA 21 47.71 -53.85 -12.47
C PHE FA 21 48.93 -54.78 -12.53
N ASP FA 22 49.14 -55.57 -11.49
CA ASP FA 22 50.27 -56.48 -11.50
C ASP FA 22 49.92 -57.96 -11.74
N LEU FA 23 50.77 -58.86 -11.23
CA LEU FA 23 50.57 -60.29 -11.39
C LEU FA 23 49.52 -60.88 -10.46
N ASN FA 24 49.50 -60.42 -9.21
CA ASN FA 24 48.54 -60.92 -8.21
C ASN FA 24 47.06 -60.72 -8.54
N ASP FA 25 46.74 -59.76 -9.41
CA ASP FA 25 45.35 -59.51 -9.78
C ASP FA 25 44.73 -60.65 -10.56
N LEU FA 26 45.56 -61.44 -11.23
CA LEU FA 26 45.07 -62.56 -12.01
C LEU FA 26 44.56 -63.71 -11.16
N GLN FA 27 45.21 -63.96 -10.02
CA GLN FA 27 44.80 -65.07 -9.16
C GLN FA 27 44.05 -64.61 -7.90
N GLU FA 28 43.29 -63.53 -8.03
CA GLU FA 28 42.52 -63.00 -6.89
C GLU FA 28 41.06 -62.79 -7.27
N LEU FA 29 40.80 -62.68 -8.58
CA LEU FA 29 39.44 -62.48 -9.09
C LEU FA 29 38.48 -63.54 -8.58
N ALA FA 30 37.29 -63.11 -8.17
CA ALA FA 30 36.27 -64.01 -7.65
C ALA FA 30 35.66 -64.89 -8.73
N GLY FA 31 35.03 -65.98 -8.31
CA GLY FA 31 34.39 -66.88 -9.25
C GLY FA 31 35.29 -67.89 -9.93
N CYS FA 32 35.41 -67.79 -11.25
CA CYS FA 32 36.21 -68.70 -12.03
C CYS FA 32 37.69 -68.34 -12.18
N TYR FA 33 38.51 -68.91 -11.29
CA TYR FA 33 39.96 -68.72 -11.27
C TYR FA 33 40.49 -67.37 -11.76
N ALA FA 34 41.13 -67.38 -12.93
CA ALA FA 34 41.70 -66.17 -13.52
C ALA FA 34 40.87 -65.66 -14.70
N ARG FA 35 39.71 -66.28 -14.90
CA ARG FA 35 38.79 -65.91 -15.98
C ARG FA 35 38.12 -64.56 -15.67
N PRO FA 36 38.52 -63.50 -16.38
CA PRO FA 36 37.96 -62.15 -16.17
C PRO FA 36 36.53 -62.04 -16.69
N TRP FA 37 36.17 -62.94 -17.60
CA TRP FA 37 34.85 -62.99 -18.21
C TRP FA 37 33.82 -63.48 -17.19
N THR FA 38 32.64 -62.85 -17.19
CA THR FA 38 31.54 -63.20 -16.29
C THR FA 38 31.95 -63.02 -14.82
N SER FA 39 32.75 -61.99 -14.55
CA SER FA 39 33.21 -61.69 -13.19
C SER FA 39 32.36 -60.62 -12.52
N ARG FA 40 32.81 -59.36 -12.64
CA ARG FA 40 32.15 -58.18 -12.07
C ARG FA 40 31.28 -58.42 -10.82
N PHE FA 41 30.03 -58.86 -11.02
CA PHE FA 41 29.11 -59.13 -9.91
C PHE FA 41 29.30 -60.53 -9.31
N SER FA 42 30.54 -60.96 -9.13
CA SER FA 42 30.81 -62.28 -8.55
C SER FA 42 30.98 -62.20 -7.04
N HIS FA 43 31.70 -61.18 -6.58
CA HIS FA 43 31.94 -60.98 -5.14
C HIS FA 43 30.65 -60.56 -4.42
N LEU FA 44 29.57 -60.41 -5.18
CA LEU FA 44 28.29 -60.01 -4.62
C LEU FA 44 27.26 -61.12 -4.76
N ALA FA 45 27.68 -62.30 -5.24
CA ALA FA 45 26.81 -63.44 -5.44
C ALA FA 45 26.04 -63.85 -4.18
N ILE FA 46 26.68 -63.71 -3.01
CA ILE FA 46 26.03 -64.07 -1.76
C ILE FA 46 25.97 -62.88 -0.79
N SER FA 47 24.76 -62.34 -0.63
CA SER FA 47 24.54 -61.20 0.23
C SER FA 47 24.47 -61.55 1.73
N THR FA 48 25.25 -60.83 2.54
CA THR FA 48 25.27 -61.04 3.98
C THR FA 48 24.55 -59.90 4.69
N GLY FA 49 24.68 -58.69 4.13
CA GLY FA 49 24.03 -57.53 4.72
C GLY FA 49 24.07 -56.30 3.83
N SER FA 50 23.72 -55.15 4.40
CA SER FA 50 23.71 -53.88 3.68
C SER FA 50 25.11 -53.32 3.39
N LEU FA 51 26.03 -53.52 4.33
CA LEU FA 51 27.41 -53.03 4.20
C LEU FA 51 28.08 -53.39 2.86
N PRO FA 52 28.55 -52.39 2.11
CA PRO FA 52 29.22 -52.56 0.81
C PRO FA 52 30.51 -53.40 0.90
N VAL FA 53 30.58 -54.42 0.05
CA VAL FA 53 31.71 -55.34 0.01
C VAL FA 53 32.99 -54.74 -0.57
N TRP FA 54 33.95 -54.47 0.32
CA TRP FA 54 35.23 -53.90 -0.08
C TRP FA 54 36.31 -54.26 0.94
N SER FA 55 37.43 -54.81 0.47
CA SER FA 55 38.52 -55.21 1.36
C SER FA 55 39.66 -54.20 1.46
N ALA FA 56 40.89 -54.70 1.64
CA ALA FA 56 42.06 -53.83 1.75
C ALA FA 56 42.58 -53.39 0.39
N ARG FA 57 42.81 -54.36 -0.49
CA ARG FA 57 43.31 -54.06 -1.83
C ARG FA 57 42.25 -53.36 -2.67
N TYR FA 58 40.99 -53.76 -2.48
CA TYR FA 58 39.87 -53.15 -3.19
C TYR FA 58 39.14 -52.23 -2.20
N PRO FA 59 39.59 -50.97 -2.10
CA PRO FA 59 39.02 -49.96 -1.20
C PRO FA 59 37.63 -49.42 -1.54
N SER FA 60 36.98 -49.96 -2.56
CA SER FA 60 35.65 -49.48 -2.93
C SER FA 60 34.79 -50.45 -3.74
N VAL FA 61 33.57 -50.04 -4.03
CA VAL FA 61 32.61 -50.84 -4.78
C VAL FA 61 33.01 -51.04 -6.25
N ALA FA 62 33.33 -49.94 -6.93
CA ALA FA 62 33.73 -50.00 -8.32
C ALA FA 62 35.20 -50.39 -8.45
N SER FA 63 35.81 -50.76 -7.33
CA SER FA 63 37.21 -51.16 -7.29
C SER FA 63 37.42 -52.52 -7.97
N ARG FA 64 36.49 -53.44 -7.76
CA ARG FA 64 36.58 -54.76 -8.37
C ARG FA 64 36.54 -54.68 -9.89
N ASN FA 65 35.67 -53.81 -10.40
CA ASN FA 65 35.51 -53.62 -11.84
C ASN FA 65 36.61 -52.78 -12.45
N ILE FA 66 36.98 -51.69 -11.77
CA ILE FA 66 38.02 -50.80 -12.26
C ILE FA 66 39.33 -51.54 -12.50
N VAL FA 67 39.56 -52.60 -11.74
CA VAL FA 67 40.77 -53.40 -11.86
C VAL FA 67 40.65 -54.44 -12.98
N VAL FA 68 39.49 -55.07 -13.08
CA VAL FA 68 39.28 -56.07 -14.13
C VAL FA 68 39.25 -55.41 -15.51
N ASN FA 69 39.29 -54.08 -15.53
CA ASN FA 69 39.29 -53.31 -16.77
C ASN FA 69 40.69 -53.20 -17.38
N THR FA 70 41.65 -52.70 -16.61
CA THR FA 70 43.01 -52.58 -17.11
C THR FA 70 43.62 -53.97 -17.31
N LEU FA 71 43.16 -54.93 -16.49
CA LEU FA 71 43.60 -56.32 -16.57
C LEU FA 71 43.02 -56.92 -17.84
N LEU FA 72 41.84 -56.44 -18.22
CA LEU FA 72 41.16 -56.91 -19.42
C LEU FA 72 41.86 -56.38 -20.67
N GLY FA 73 42.02 -55.07 -20.75
CA GLY FA 73 42.67 -54.44 -21.89
C GLY FA 73 44.10 -54.87 -22.10
N ALA FA 74 44.82 -55.16 -21.01
CA ALA FA 74 46.21 -55.58 -21.10
C ALA FA 74 46.36 -56.91 -21.81
N HIS FA 75 45.25 -57.61 -21.99
CA HIS FA 75 45.25 -58.90 -22.66
C HIS FA 75 44.18 -58.93 -23.74
N LEU FA 76 44.18 -57.90 -24.58
CA LEU FA 76 43.20 -57.80 -25.66
C LEU FA 76 43.85 -57.54 -27.02
N ASN FA 77 44.89 -58.28 -27.34
CA ASN FA 77 45.53 -58.11 -28.64
C ASN FA 77 44.54 -58.53 -29.73
N PRO FA 78 43.77 -59.62 -29.50
CA PRO FA 78 42.81 -60.03 -30.51
C PRO FA 78 41.80 -58.89 -30.70
N PHE FA 79 41.08 -58.90 -31.81
CA PHE FA 79 40.10 -57.85 -32.11
C PHE FA 79 40.82 -56.56 -32.49
N ALA FA 80 42.09 -56.44 -32.08
CA ALA FA 80 42.89 -55.25 -32.36
C ALA FA 80 44.22 -55.59 -33.03
N GLY FA 81 44.44 -56.87 -33.31
CA GLY FA 81 45.68 -57.30 -33.94
C GLY FA 81 45.57 -58.66 -34.59
N GLY FA 82 44.72 -59.52 -34.03
CA GLY FA 82 44.54 -60.86 -34.56
C GLY FA 82 45.29 -61.93 -33.80
N GLN FA 83 46.45 -61.57 -33.26
CA GLN FA 83 47.28 -62.50 -32.49
C GLN FA 83 46.73 -62.70 -31.08
N ILE FA 84 47.46 -63.44 -30.25
CA ILE FA 84 47.02 -63.69 -28.88
C ILE FA 84 47.96 -63.00 -27.88
N THR FA 85 49.24 -62.88 -28.25
CA THR FA 85 50.27 -62.26 -27.43
C THR FA 85 50.32 -62.72 -25.96
N SER FA 86 51.06 -61.98 -25.14
CA SER FA 86 51.21 -62.31 -23.73
C SER FA 86 51.85 -61.16 -22.96
N HIS FA 87 51.26 -60.81 -21.82
CA HIS FA 87 51.77 -59.72 -21.00
C HIS FA 87 52.35 -60.18 -19.66
N GLN FA 88 53.68 -60.08 -19.54
CA GLN FA 88 54.41 -60.48 -18.34
C GLN FA 88 54.31 -61.97 -18.03
N GLY FA 89 54.27 -62.77 -19.09
CA GLY FA 89 54.19 -64.21 -18.95
C GLY FA 89 52.79 -64.73 -18.66
N ILE FA 90 51.78 -64.05 -19.16
CA ILE FA 90 50.39 -64.46 -18.95
C ILE FA 90 49.63 -64.42 -20.26
N THR FA 91 48.95 -65.51 -20.59
CA THR FA 91 48.17 -65.60 -21.82
C THR FA 91 46.90 -66.44 -21.63
N TRP FA 92 46.03 -66.42 -22.63
CA TRP FA 92 44.78 -67.19 -22.59
C TRP FA 92 45.09 -68.66 -22.92
N ARG FA 93 44.22 -69.56 -22.48
CA ARG FA 93 44.43 -70.99 -22.74
C ARG FA 93 44.38 -71.35 -24.23
N ASP FA 94 43.27 -71.00 -24.87
CA ASP FA 94 43.10 -71.27 -26.30
C ASP FA 94 42.20 -70.23 -26.98
N PRO FA 95 41.96 -70.37 -28.30
CA PRO FA 95 41.12 -69.43 -29.07
C PRO FA 95 39.78 -69.00 -28.45
N VAL FA 96 39.17 -69.86 -27.64
CA VAL FA 96 37.89 -69.55 -27.01
C VAL FA 96 38.06 -68.39 -26.03
N LEU FA 97 39.27 -68.25 -25.49
CA LEU FA 97 39.63 -67.20 -24.54
C LEU FA 97 38.90 -67.32 -23.20
N SER FA 98 39.32 -68.28 -22.38
CA SER FA 98 38.72 -68.49 -21.06
C SER FA 98 39.58 -67.86 -19.96
N SER FA 99 40.15 -68.67 -19.07
CA SER FA 99 40.99 -68.14 -18.00
C SER FA 99 42.42 -67.89 -18.47
N LEU FA 100 43.14 -67.06 -17.73
CA LEU FA 100 44.52 -66.73 -18.07
C LEU FA 100 45.53 -67.57 -17.28
N ALA FA 101 46.33 -68.35 -18.00
CA ALA FA 101 47.35 -69.20 -17.39
C ALA FA 101 48.74 -68.71 -17.83
N PRO FA 102 49.80 -69.15 -17.13
CA PRO FA 102 51.14 -68.71 -17.52
C PRO FA 102 51.51 -69.20 -18.92
N VAL FA 103 52.28 -68.39 -19.66
CA VAL FA 103 52.69 -68.71 -21.02
C VAL FA 103 53.17 -70.16 -21.20
N PRO FA 104 52.46 -70.94 -22.03
CA PRO FA 104 52.79 -72.34 -22.30
C PRO FA 104 54.14 -72.48 -22.96
N ALA FA 105 54.89 -73.51 -22.56
CA ALA FA 105 56.21 -73.76 -23.12
C ALA FA 105 56.08 -74.44 -24.49
N ILE FA 106 57.22 -74.69 -25.12
CA ILE FA 106 57.27 -75.33 -26.44
C ILE FA 106 56.82 -74.41 -27.57
N GLN FA 107 55.72 -73.69 -27.37
CA GLN FA 107 55.22 -72.77 -28.39
C GLN FA 107 54.59 -71.52 -27.78
N PRO FA 108 55.42 -70.64 -27.17
CA PRO FA 108 54.97 -69.40 -26.53
C PRO FA 108 54.52 -68.32 -27.52
N PRO FA 109 53.46 -67.56 -27.16
CA PRO FA 109 52.92 -66.47 -27.99
C PRO FA 109 53.87 -65.28 -28.03
N PRO FA 110 53.66 -64.34 -28.97
CA PRO FA 110 54.52 -63.16 -29.07
C PRO FA 110 54.22 -62.17 -27.95
N VAL FA 111 55.27 -61.51 -27.44
CA VAL FA 111 55.10 -60.53 -26.36
C VAL FA 111 54.28 -59.32 -26.80
N TRP FA 112 53.26 -59.01 -26.01
CA TRP FA 112 52.37 -57.88 -26.29
C TRP FA 112 53.09 -56.54 -26.22
N ALA FA 113 52.89 -55.71 -27.24
CA ALA FA 113 53.51 -54.39 -27.29
C ALA FA 113 52.64 -53.40 -26.51
N VAL FA 114 53.04 -53.12 -25.27
CA VAL FA 114 52.30 -52.19 -24.41
C VAL FA 114 51.93 -50.91 -25.15
N ALA FA 115 50.64 -50.62 -25.18
CA ALA FA 115 50.10 -49.43 -25.85
C ALA FA 115 48.86 -48.91 -25.15
N GLU FA 116 48.69 -47.59 -25.15
CA GLU FA 116 47.56 -46.93 -24.51
C GLU FA 116 46.39 -46.65 -25.47
N ASN FA 117 45.18 -47.04 -25.06
CA ASN FA 117 43.96 -46.83 -25.84
C ASN FA 117 43.98 -47.51 -27.22
N VAL FA 118 44.02 -48.84 -27.25
CA VAL FA 118 44.03 -49.57 -28.52
C VAL FA 118 42.60 -49.85 -29.01
N LEU FA 119 42.27 -49.32 -30.17
CA LEU FA 119 40.94 -49.49 -30.77
C LEU FA 119 40.65 -50.95 -31.11
N LEU FA 120 39.55 -51.47 -30.59
CA LEU FA 120 39.14 -52.85 -30.85
C LEU FA 120 38.14 -52.88 -32.01
N ASP FA 121 38.42 -53.71 -33.01
CA ASP FA 121 37.57 -53.82 -34.19
C ASP FA 121 36.64 -55.04 -34.14
N SER FA 122 37.01 -56.04 -33.34
CA SER FA 122 36.25 -57.27 -33.16
C SER FA 122 36.32 -58.22 -34.36
N ASN FA 123 36.01 -57.73 -35.56
CA ASN FA 123 36.05 -58.55 -36.76
C ASN FA 123 37.48 -58.92 -37.14
N ASN FA 124 38.44 -58.24 -36.52
CA ASN FA 124 39.85 -58.50 -36.79
C ASN FA 124 40.23 -59.91 -36.33
N TYR FA 125 39.46 -60.45 -35.39
CA TYR FA 125 39.67 -61.79 -34.86
C TYR FA 125 38.56 -62.70 -35.41
N PRO FA 126 38.77 -63.29 -36.61
CA PRO FA 126 37.85 -64.18 -37.30
C PRO FA 126 37.35 -65.37 -36.51
N THR FA 127 38.10 -65.78 -35.49
CA THR FA 127 37.72 -66.92 -34.67
C THR FA 127 36.50 -66.61 -33.79
N TYR FA 128 36.27 -65.35 -33.49
CA TYR FA 128 35.15 -64.92 -32.66
C TYR FA 128 33.79 -65.27 -33.27
N VAL FA 129 33.57 -64.85 -34.51
CA VAL FA 129 32.31 -65.12 -35.19
C VAL FA 129 32.14 -66.61 -35.50
N LEU FA 130 33.26 -67.31 -35.65
CA LEU FA 130 33.24 -68.74 -35.96
C LEU FA 130 33.14 -69.59 -34.68
N ASN FA 131 32.83 -68.93 -33.57
CA ASN FA 131 32.70 -69.59 -32.27
C ASN FA 131 32.00 -68.61 -31.33
N LEU FA 132 30.88 -68.05 -31.81
CA LEU FA 132 30.10 -67.07 -31.06
C LEU FA 132 29.36 -67.60 -29.83
N SER FA 133 28.66 -68.72 -29.98
CA SER FA 133 27.91 -69.28 -28.86
C SER FA 133 28.73 -69.70 -27.64
N SER FA 134 30.05 -69.77 -27.79
CA SER FA 134 30.91 -70.15 -26.67
C SER FA 134 31.58 -68.95 -26.00
N MET FA 135 32.14 -68.04 -26.81
CA MET FA 135 32.81 -66.86 -26.27
C MET FA 135 31.92 -65.60 -26.33
N TRP FA 136 30.65 -65.77 -26.02
CA TRP FA 136 29.70 -64.65 -26.05
C TRP FA 136 29.85 -63.66 -24.88
N PRO FA 137 30.08 -64.15 -23.65
CA PRO FA 137 30.22 -63.24 -22.52
C PRO FA 137 31.28 -62.17 -22.77
N ILE FA 138 32.34 -62.57 -23.46
CA ILE FA 138 33.44 -61.65 -23.78
C ILE FA 138 32.99 -60.39 -24.51
N ASN FA 139 31.88 -60.49 -25.23
CA ASN FA 139 31.31 -59.36 -25.97
C ASN FA 139 30.69 -58.35 -25.00
N GLN FA 140 29.94 -58.86 -24.03
CA GLN FA 140 29.27 -58.05 -23.03
C GLN FA 140 30.31 -57.33 -22.16
N ASP FA 141 31.32 -58.07 -21.72
CA ASP FA 141 32.39 -57.53 -20.88
C ASP FA 141 33.21 -56.45 -21.55
N VAL FA 142 33.67 -56.71 -22.78
CA VAL FA 142 34.46 -55.73 -23.52
C VAL FA 142 33.65 -54.44 -23.70
N HIS FA 143 32.36 -54.59 -23.93
CA HIS FA 143 31.48 -53.44 -24.08
C HIS FA 143 31.49 -52.62 -22.81
N ILE FA 144 31.53 -53.30 -21.67
CA ILE FA 144 31.56 -52.63 -20.37
C ILE FA 144 32.83 -51.79 -20.28
N MET FA 145 33.96 -52.42 -20.55
CA MET FA 145 35.26 -51.77 -20.51
C MET FA 145 35.30 -50.56 -21.44
N THR FA 146 34.56 -50.62 -22.54
CA THR FA 146 34.50 -49.52 -23.50
C THR FA 146 33.78 -48.31 -22.90
N MET FA 147 32.63 -48.56 -22.27
CA MET FA 147 31.83 -47.52 -21.64
C MET FA 147 32.56 -46.92 -20.45
N TRP FA 148 33.42 -47.73 -19.83
CA TRP FA 148 34.18 -47.26 -18.69
C TRP FA 148 35.43 -46.52 -19.14
N ALA FA 149 35.96 -46.92 -20.29
CA ALA FA 149 37.17 -46.31 -20.83
C ALA FA 149 36.92 -44.94 -21.45
N LEU FA 150 35.75 -44.78 -22.06
CA LEU FA 150 35.40 -43.51 -22.70
C LEU FA 150 34.95 -42.46 -21.68
N SER FA 151 35.53 -42.50 -20.49
CA SER FA 151 35.20 -41.54 -19.43
C SER FA 151 36.21 -41.58 -18.29
N ASP FA 152 36.62 -40.41 -17.82
CA ASP FA 152 37.56 -40.35 -16.71
C ASP FA 152 36.83 -40.10 -15.39
N GLN FA 153 35.50 -40.02 -15.46
CA GLN FA 153 34.66 -39.78 -14.29
C GLN FA 153 33.27 -40.44 -14.38
N GLY FA 154 33.21 -41.75 -14.11
CA GLY FA 154 31.92 -42.45 -14.16
C GLY FA 154 31.52 -43.04 -15.49
N PRO FA 155 31.09 -44.32 -15.53
CA PRO FA 155 30.66 -45.07 -16.72
C PRO FA 155 29.48 -44.45 -17.48
N ILE FA 156 29.69 -44.18 -18.77
CA ILE FA 156 28.67 -43.58 -19.61
C ILE FA 156 27.69 -44.58 -20.24
N TYR FA 157 26.53 -44.79 -19.60
CA TYR FA 157 25.52 -45.72 -20.12
C TYR FA 157 24.58 -45.03 -21.12
N HIS FA 158 23.38 -45.57 -21.33
CA HIS FA 158 22.46 -44.96 -22.29
C HIS FA 158 20.95 -45.19 -22.10
N LEU FA 159 20.23 -44.11 -21.79
CA LEU FA 159 18.77 -44.16 -21.61
C LEU FA 159 18.09 -43.99 -22.98
N GLU FA 160 16.79 -44.28 -23.06
CA GLU FA 160 16.08 -44.15 -24.34
C GLU FA 160 14.57 -43.80 -24.27
N VAL FA 161 13.74 -44.82 -24.06
CA VAL FA 161 12.26 -44.72 -24.01
C VAL FA 161 11.60 -44.32 -25.34
N PRO FA 162 10.78 -45.21 -25.90
CA PRO FA 162 10.06 -44.98 -27.17
C PRO FA 162 9.00 -43.90 -27.05
N VAL FA 163 8.35 -43.60 -28.18
CA VAL FA 163 7.29 -42.59 -28.22
C VAL FA 163 5.97 -43.19 -27.74
N ASP FA 164 5.81 -44.49 -27.90
CA ASP FA 164 4.60 -45.19 -27.47
C ASP FA 164 4.78 -45.92 -26.14
N PRO FA 165 3.67 -46.33 -25.49
CA PRO FA 165 3.73 -47.03 -24.21
C PRO FA 165 4.35 -48.43 -24.26
N MET FA 166 4.72 -48.93 -23.07
CA MET FA 166 5.34 -50.24 -22.91
C MET FA 166 4.58 -51.37 -23.59
N PRO FA 167 5.30 -52.22 -24.36
CA PRO FA 167 4.69 -53.35 -25.06
C PRO FA 167 3.88 -54.25 -24.14
N ALA FA 168 3.06 -55.11 -24.73
CA ALA FA 168 2.22 -56.02 -23.96
C ALA FA 168 2.99 -57.22 -23.42
N ALA FA 169 4.17 -57.47 -23.98
CA ALA FA 169 5.02 -58.57 -23.55
C ALA FA 169 6.01 -58.08 -22.50
N THR FA 170 6.23 -56.77 -22.48
CA THR FA 170 7.16 -56.14 -21.54
C THR FA 170 6.53 -56.01 -20.16
N THR FA 171 5.29 -55.54 -20.12
CA THR FA 171 4.57 -55.36 -18.86
C THR FA 171 4.37 -56.68 -18.11
N ALA FA 172 4.33 -57.78 -18.85
CA ALA FA 172 4.12 -59.10 -18.25
C ALA FA 172 5.43 -59.74 -17.78
N ALA FA 173 6.53 -59.29 -18.36
CA ALA FA 173 7.85 -59.80 -18.02
C ALA FA 173 8.44 -59.03 -16.83
N LEU FA 174 8.16 -57.74 -16.79
CA LEU FA 174 8.64 -56.87 -15.72
C LEU FA 174 7.99 -57.16 -14.37
N MET FA 175 6.78 -57.70 -14.39
CA MET FA 175 6.07 -58.01 -13.15
C MET FA 175 6.63 -59.30 -12.58
N ALA FA 176 7.94 -59.30 -12.32
CA ALA FA 176 8.65 -60.44 -11.75
C ALA FA 176 9.88 -59.96 -11.00
N TYR FA 177 10.23 -58.70 -11.23
CA TYR FA 177 11.38 -58.09 -10.58
C TYR FA 177 10.87 -57.01 -9.62
N THR FA 178 9.76 -57.30 -8.95
CA THR FA 178 9.15 -56.35 -8.01
C THR FA 178 10.04 -56.05 -6.81
N GLY FA 179 10.01 -56.93 -5.81
CA GLY FA 179 10.83 -56.73 -4.62
C GLY FA 179 12.28 -57.07 -4.88
N VAL FA 180 12.93 -56.29 -5.74
CA VAL FA 180 14.33 -56.50 -6.10
C VAL FA 180 15.08 -55.18 -6.15
N PRO FA 181 16.01 -54.95 -5.20
CA PRO FA 181 16.81 -53.73 -5.14
C PRO FA 181 17.54 -53.47 -6.45
N ILE FA 182 17.91 -52.21 -6.67
CA ILE FA 182 18.63 -51.83 -7.90
C ILE FA 182 19.98 -52.53 -7.95
N ALA FA 183 20.54 -52.82 -6.77
CA ALA FA 183 21.82 -53.51 -6.69
C ALA FA 183 21.69 -54.91 -7.29
N HIS FA 184 20.54 -55.54 -7.06
CA HIS FA 184 20.28 -56.87 -7.58
C HIS FA 184 19.80 -56.88 -9.03
N LEU FA 185 19.13 -55.80 -9.44
CA LEU FA 185 18.66 -55.69 -10.81
C LEU FA 185 19.83 -55.58 -11.77
N ALA FA 186 20.93 -55.03 -11.26
CA ALA FA 186 22.14 -54.86 -12.06
C ALA FA 186 22.83 -56.20 -12.21
N GLN FA 187 22.70 -57.03 -11.18
CA GLN FA 187 23.29 -58.36 -11.16
C GLN FA 187 22.52 -59.33 -12.05
N THR FA 188 21.18 -59.21 -12.05
CA THR FA 188 20.36 -60.08 -12.87
C THR FA 188 20.39 -59.65 -14.35
N ALA FA 189 20.55 -58.34 -14.57
CA ALA FA 189 20.59 -57.79 -15.92
C ALA FA 189 21.88 -58.22 -16.62
N TYR FA 190 22.99 -57.97 -15.95
CA TYR FA 190 24.32 -58.30 -16.46
C TYR FA 190 24.51 -59.80 -16.68
N ARG FA 191 24.17 -60.61 -15.68
CA ARG FA 191 24.30 -62.06 -15.75
C ARG FA 191 23.41 -62.65 -16.85
N PHE FA 192 22.46 -61.85 -17.32
CA PHE FA 192 21.55 -62.26 -18.38
C PHE FA 192 22.21 -62.15 -19.75
N ALA FA 193 22.58 -60.94 -20.11
CA ALA FA 193 23.21 -60.66 -21.40
C ALA FA 193 24.66 -61.14 -21.51
N GLY FA 194 25.12 -61.92 -20.53
CA GLY FA 194 26.49 -62.40 -20.56
C GLY FA 194 26.67 -63.89 -20.41
N GLN FA 195 25.91 -64.68 -21.17
CA GLN FA 195 26.03 -66.13 -21.10
C GLN FA 195 25.46 -66.89 -22.31
N LEU FA 196 24.73 -66.19 -23.18
CA LEU FA 196 24.14 -66.82 -24.36
C LEU FA 196 23.67 -65.74 -25.32
N PRO FA 197 24.10 -65.82 -26.60
CA PRO FA 197 23.75 -64.86 -27.66
C PRO FA 197 22.24 -64.61 -27.81
N GLN FA 198 21.82 -63.42 -27.38
CA GLN FA 198 20.42 -63.04 -27.47
C GLN FA 198 20.21 -62.12 -28.68
N SER FA 199 18.94 -61.82 -28.97
CA SER FA 199 18.61 -60.94 -30.10
C SER FA 199 18.32 -59.51 -29.64
N PRO FA 200 18.56 -58.53 -30.53
CA PRO FA 200 18.32 -57.12 -30.20
C PRO FA 200 16.85 -56.82 -29.91
N ASP FA 201 15.96 -57.66 -30.44
CA ASP FA 201 14.53 -57.45 -30.20
C ASP FA 201 13.90 -58.51 -29.30
N SER FA 202 14.71 -59.12 -28.44
CA SER FA 202 14.25 -60.13 -27.50
C SER FA 202 13.43 -59.46 -26.39
N THR FA 203 12.47 -60.20 -25.85
CA THR FA 203 11.58 -59.70 -24.80
C THR FA 203 12.34 -59.24 -23.54
N MET FA 204 13.34 -60.01 -23.13
CA MET FA 204 14.11 -59.67 -21.94
C MET FA 204 15.06 -58.50 -22.15
N VAL FA 205 15.25 -58.10 -23.41
CA VAL FA 205 16.13 -56.98 -23.72
C VAL FA 205 15.39 -55.63 -23.68
N SER FA 206 14.19 -55.59 -24.25
CA SER FA 206 13.41 -54.36 -24.25
C SER FA 206 12.80 -54.07 -22.88
N THR FA 207 12.73 -55.10 -22.02
CA THR FA 207 12.18 -54.95 -20.69
C THR FA 207 13.25 -54.47 -19.72
N ILE FA 208 14.48 -54.96 -19.91
CA ILE FA 208 15.58 -54.58 -19.04
C ILE FA 208 16.00 -53.14 -19.35
N ARG FA 209 15.76 -52.72 -20.60
CA ARG FA 209 16.08 -51.36 -21.03
C ARG FA 209 14.99 -50.45 -20.50
N TRP FA 210 13.76 -50.96 -20.50
CA TRP FA 210 12.62 -50.22 -19.99
C TRP FA 210 12.74 -50.13 -18.48
N LEU FA 211 13.52 -51.03 -17.89
CA LEU FA 211 13.73 -51.07 -16.44
C LEU FA 211 14.84 -50.11 -16.03
N SER FA 212 15.74 -49.81 -16.96
CA SER FA 212 16.85 -48.91 -16.68
C SER FA 212 16.41 -47.46 -16.76
N ALA FA 213 15.71 -47.11 -17.82
CA ALA FA 213 15.21 -45.76 -18.02
C ALA FA 213 14.09 -45.47 -17.02
N ILE FA 214 13.46 -46.53 -16.53
CA ILE FA 214 12.39 -46.41 -15.54
C ILE FA 214 13.03 -46.16 -14.17
N TRP FA 215 14.32 -46.48 -14.07
CA TRP FA 215 15.09 -46.29 -12.84
C TRP FA 215 15.64 -44.87 -12.76
N PHE FA 216 16.00 -44.30 -13.90
CA PHE FA 216 16.54 -42.95 -13.96
C PHE FA 216 15.51 -41.94 -13.47
N GLY FA 217 14.27 -42.12 -13.88
CA GLY FA 217 13.20 -41.22 -13.47
C GLY FA 217 13.02 -41.25 -11.96
N SER FA 218 13.21 -42.43 -11.38
CA SER FA 218 13.08 -42.59 -9.94
C SER FA 218 14.27 -41.91 -9.25
N LEU FA 219 15.46 -42.08 -9.83
CA LEU FA 219 16.68 -41.49 -9.31
C LEU FA 219 16.62 -39.97 -9.34
N THR FA 220 15.84 -39.45 -10.28
CA THR FA 220 15.66 -38.00 -10.43
C THR FA 220 14.46 -37.55 -9.59
N GLY FA 221 13.58 -38.49 -9.26
CA GLY FA 221 12.40 -38.18 -8.48
C GLY FA 221 11.13 -38.04 -9.31
N ARG FA 222 11.29 -37.92 -10.63
CA ARG FA 222 10.15 -37.78 -11.54
C ARG FA 222 9.20 -38.98 -11.45
N LEU FA 223 9.76 -40.18 -11.33
CA LEU FA 223 8.94 -41.38 -11.22
C LEU FA 223 8.87 -41.86 -9.78
N ASN FA 224 8.21 -41.09 -8.92
CA ASN FA 224 8.08 -41.45 -7.51
C ASN FA 224 6.89 -42.37 -7.22
N ARG FA 225 6.37 -42.30 -6.01
CA ARG FA 225 5.23 -43.12 -5.60
C ARG FA 225 3.92 -42.67 -6.24
N SER FA 226 3.83 -41.40 -6.60
CA SER FA 226 2.61 -40.85 -7.20
C SER FA 226 2.69 -40.60 -8.71
N ARG FA 227 3.74 -41.09 -9.35
CA ARG FA 227 3.90 -40.90 -10.80
C ARG FA 227 4.70 -42.04 -11.44
N THR FA 228 4.01 -43.13 -11.77
CA THR FA 228 4.68 -44.28 -12.39
C THR FA 228 4.77 -44.17 -13.90
N CYS FA 229 5.73 -44.88 -14.49
CA CYS FA 229 5.90 -44.89 -15.93
C CYS FA 229 4.81 -45.77 -16.53
N ASN FA 230 4.55 -46.89 -15.86
CA ASN FA 230 3.52 -47.82 -16.30
C ASN FA 230 3.21 -48.77 -15.15
N GLY FA 231 3.19 -48.22 -13.94
CA GLY FA 231 2.93 -48.99 -12.75
C GLY FA 231 4.20 -49.42 -12.03
N PHE FA 232 5.35 -48.98 -12.52
CA PHE FA 232 6.63 -49.37 -11.89
C PHE FA 232 7.44 -48.14 -11.49
N TYR FA 233 8.07 -48.19 -10.33
CA TYR FA 233 8.91 -47.11 -9.84
C TYR FA 233 9.92 -47.67 -8.83
N PHE FA 234 10.55 -46.79 -8.07
CA PHE FA 234 11.54 -47.18 -7.06
C PHE FA 234 11.39 -46.35 -5.79
N GLU FA 235 10.93 -46.98 -4.70
CA GLU FA 235 10.76 -46.27 -3.43
C GLU FA 235 12.11 -46.14 -2.71
N PHE FA 236 12.49 -44.91 -2.39
CA PHE FA 236 13.76 -44.66 -1.71
C PHE FA 236 13.60 -44.48 -0.20
N ALA FA 237 14.45 -45.17 0.56
CA ALA FA 237 14.41 -45.08 2.02
C ALA FA 237 15.16 -43.84 2.50
N LYS FA 238 15.25 -43.67 3.82
CA LYS FA 238 15.97 -42.53 4.38
C LYS FA 238 17.44 -42.63 3.98
N PRO FA 239 18.05 -41.50 3.60
CA PRO FA 239 19.46 -41.47 3.19
C PRO FA 239 20.41 -41.80 4.35
N ALA FA 240 19.94 -41.57 5.57
CA ALA FA 240 20.74 -41.86 6.77
C ALA FA 240 20.55 -43.32 7.18
N LEU FA 241 19.59 -43.98 6.55
CA LEU FA 241 19.29 -45.38 6.83
C LEU FA 241 19.43 -46.24 5.58
N ASN FA 242 20.61 -46.18 4.95
CA ASN FA 242 20.91 -46.96 3.74
C ASN FA 242 20.07 -46.52 2.52
N PRO FA 243 20.56 -45.50 1.78
CA PRO FA 243 19.89 -44.97 0.59
C PRO FA 243 20.09 -45.85 -0.64
N ASP FA 244 20.92 -46.88 -0.49
CA ASP FA 244 21.22 -47.82 -1.59
C ASP FA 244 20.00 -48.64 -1.98
N GLN FA 245 19.09 -48.83 -1.03
CA GLN FA 245 17.87 -49.59 -1.25
C GLN FA 245 16.95 -48.85 -2.22
N ALA FA 246 16.56 -49.53 -3.29
CA ALA FA 246 15.68 -48.94 -4.29
C ALA FA 246 14.39 -49.75 -4.42
N VAL FA 247 14.50 -50.95 -4.98
CA VAL FA 247 13.36 -51.85 -5.17
C VAL FA 247 12.34 -51.30 -6.16
N LEU FA 248 11.90 -52.16 -7.08
CA LEU FA 248 10.94 -51.80 -8.10
C LEU FA 248 9.50 -52.09 -7.65
N LYS FA 249 8.92 -51.19 -6.86
CA LYS FA 249 7.55 -51.37 -6.36
C LYS FA 249 6.50 -51.13 -7.45
N TRP FA 250 5.39 -51.86 -7.36
CA TRP FA 250 4.31 -51.72 -8.32
C TRP FA 250 3.08 -51.07 -7.68
N ASN FA 251 2.51 -50.08 -8.36
CA ASN FA 251 1.34 -49.38 -7.84
C ASN FA 251 0.29 -49.17 -8.94
N ASP FA 252 -0.81 -48.53 -8.57
CA ASP FA 252 -1.89 -48.22 -9.51
C ASP FA 252 -2.30 -46.74 -9.49
N GLY FA 253 -1.32 -45.86 -9.27
CA GLY FA 253 -1.58 -44.43 -9.23
C GLY FA 253 -1.75 -43.75 -10.59
N ALA FA 254 -1.42 -42.46 -10.64
CA ALA FA 254 -1.54 -41.70 -11.87
C ALA FA 254 -0.27 -41.78 -12.71
N ARG FA 255 -0.28 -42.63 -13.73
CA ARG FA 255 0.89 -42.79 -14.62
C ARG FA 255 1.18 -41.47 -15.33
N ALA FA 256 2.37 -41.42 -15.93
CA ALA FA 256 2.80 -40.24 -16.69
C ALA FA 256 2.22 -40.30 -18.10
N ALA FA 257 3.08 -40.20 -19.11
CA ALA FA 257 2.63 -40.22 -20.49
C ALA FA 257 3.81 -40.32 -21.45
N PRO FA 258 3.66 -41.12 -22.52
CA PRO FA 258 4.73 -41.28 -23.51
C PRO FA 258 5.11 -39.94 -24.14
N PRO FA 259 6.41 -39.61 -24.18
CA PRO FA 259 6.91 -38.35 -24.76
C PRO FA 259 6.61 -38.16 -26.23
N ALA FA 260 6.64 -36.92 -26.68
CA ALA FA 260 6.37 -36.58 -28.08
C ALA FA 260 7.39 -37.19 -29.04
N ALA FA 261 8.61 -37.39 -28.55
CA ALA FA 261 9.67 -37.96 -29.35
C ALA FA 261 10.61 -38.86 -28.53
N ALA FA 262 11.56 -39.50 -29.20
CA ALA FA 262 12.52 -40.37 -28.53
C ALA FA 262 13.48 -39.52 -27.70
N GLN FA 263 13.78 -39.99 -26.49
CA GLN FA 263 14.68 -39.29 -25.58
C GLN FA 263 16.00 -40.03 -25.40
N SER FA 264 16.56 -40.52 -26.51
CA SER FA 264 17.83 -41.24 -26.48
C SER FA 264 18.89 -40.28 -25.95
N SER FA 265 19.59 -40.68 -24.89
CA SER FA 265 20.61 -39.82 -24.29
C SER FA 265 21.55 -40.55 -23.34
N TYR FA 266 22.85 -40.38 -23.56
CA TYR FA 266 23.88 -40.99 -22.73
C TYR FA 266 24.02 -40.19 -21.44
N ILE FA 267 24.20 -40.89 -20.33
CA ILE FA 267 24.33 -40.24 -19.03
C ILE FA 267 25.64 -40.67 -18.35
N ARG FA 268 26.16 -39.78 -17.51
CA ARG FA 268 27.41 -40.02 -16.79
C ARG FA 268 27.37 -39.42 -15.37
N CYS FA 269 28.26 -39.88 -14.51
CA CYS FA 269 28.31 -39.38 -13.15
C CYS FA 269 29.66 -38.72 -12.86
N ILE FA 270 29.83 -37.47 -13.28
CA ILE FA 270 31.08 -36.72 -13.11
C ILE FA 270 31.72 -36.82 -11.72
N SER FA 271 30.91 -36.75 -10.68
CA SER FA 271 31.41 -36.83 -9.32
C SER FA 271 31.99 -38.21 -9.03
N PRO FA 272 33.25 -38.27 -8.54
CA PRO FA 272 33.97 -39.50 -8.19
C PRO FA 272 33.26 -40.33 -7.13
N HIS FA 273 32.04 -39.93 -6.77
CA HIS FA 273 31.26 -40.64 -5.77
C HIS FA 273 30.81 -42.01 -6.23
N TRP FA 274 30.61 -42.16 -7.55
CA TRP FA 274 30.17 -43.44 -8.12
C TRP FA 274 31.06 -44.60 -7.69
N GLN FA 275 32.32 -44.30 -7.41
CA GLN FA 275 33.29 -45.32 -7.01
C GLN FA 275 32.87 -46.17 -5.81
N HIS FA 276 32.41 -45.53 -4.74
CA HIS FA 276 32.02 -46.25 -3.54
C HIS FA 276 30.52 -46.52 -3.43
N GLN FA 277 29.71 -45.94 -4.31
CA GLN FA 277 28.27 -46.14 -4.28
C GLN FA 277 27.80 -47.32 -5.13
N ILE FA 278 27.34 -48.37 -4.46
CA ILE FA 278 26.86 -49.57 -5.13
C ILE FA 278 25.61 -49.28 -5.96
N VAL FA 279 24.92 -48.19 -5.61
CA VAL FA 279 23.71 -47.81 -6.33
C VAL FA 279 24.02 -47.16 -7.69
N GLU FA 280 25.10 -46.37 -7.74
CA GLU FA 280 25.53 -45.71 -8.98
C GLU FA 280 26.17 -46.70 -9.94
N VAL FA 281 27.01 -47.58 -9.40
CA VAL FA 281 27.70 -48.61 -10.19
C VAL FA 281 26.68 -49.59 -10.76
N ALA FA 282 25.61 -49.85 -10.00
CA ALA FA 282 24.55 -50.76 -10.43
C ALA FA 282 23.72 -50.12 -11.52
N GLY FA 283 23.39 -48.85 -11.37
CA GLY FA 283 22.60 -48.16 -12.36
C GLY FA 283 23.33 -48.06 -13.68
N ALA FA 284 24.65 -47.93 -13.62
CA ALA FA 284 25.47 -47.83 -14.82
C ALA FA 284 25.56 -49.16 -15.56
N LEU FA 285 25.96 -50.21 -14.84
CA LEU FA 285 26.10 -51.53 -15.42
C LEU FA 285 24.80 -52.20 -15.82
N MET FA 286 23.69 -51.71 -15.24
CA MET FA 286 22.36 -52.26 -15.54
C MET FA 286 21.89 -51.79 -16.91
N SER FA 287 22.35 -50.60 -17.31
CA SER FA 287 22.02 -50.03 -18.61
C SER FA 287 22.98 -50.56 -19.67
N GLN FA 288 24.23 -50.78 -19.28
CA GLN FA 288 25.25 -51.30 -20.19
C GLN FA 288 24.90 -52.69 -20.72
N SER FA 289 24.13 -53.44 -19.95
CA SER FA 289 23.71 -54.79 -20.35
C SER FA 289 22.90 -54.73 -21.64
N VAL FA 290 22.18 -53.63 -21.83
CA VAL FA 290 21.34 -53.45 -23.01
C VAL FA 290 22.14 -53.05 -24.24
N THR FA 291 23.03 -52.06 -24.09
CA THR FA 291 23.85 -51.60 -25.20
C THR FA 291 24.88 -52.67 -25.61
N ALA FA 292 24.84 -53.80 -24.92
CA ALA FA 292 25.74 -54.90 -25.20
C ALA FA 292 25.16 -55.76 -26.33
N VAL FA 293 23.97 -56.31 -26.10
CA VAL FA 293 23.31 -57.12 -27.13
C VAL FA 293 22.94 -56.27 -28.33
N THR FA 294 22.80 -54.97 -28.10
CA THR FA 294 22.46 -54.02 -29.15
C THR FA 294 23.49 -52.90 -29.10
N GLY FA 295 24.45 -52.93 -30.02
CA GLY FA 295 25.48 -51.92 -30.06
C GLY FA 295 24.93 -50.50 -30.00
N LEU FA 296 25.78 -49.56 -29.57
CA LEU FA 296 25.42 -48.14 -29.45
C LEU FA 296 24.40 -47.65 -30.47
N PRO FA 297 23.23 -47.18 -29.99
CA PRO FA 297 22.16 -46.68 -30.85
C PRO FA 297 22.66 -45.57 -31.78
N ALA FA 298 23.70 -44.88 -31.33
CA ALA FA 298 24.33 -43.80 -32.09
C ALA FA 298 25.74 -43.57 -31.55
N LEU FA 299 26.36 -42.46 -31.93
CA LEU FA 299 27.69 -42.14 -31.44
C LEU FA 299 27.57 -41.25 -30.21
N ILE FA 300 28.64 -41.17 -29.43
CA ILE FA 300 28.65 -40.35 -28.22
C ILE FA 300 29.20 -38.96 -28.53
N ASP FA 301 28.68 -37.95 -27.83
CA ASP FA 301 29.08 -36.57 -28.02
C ASP FA 301 30.50 -36.33 -27.51
N GLU FA 302 31.28 -35.58 -28.28
CA GLU FA 302 32.67 -35.26 -27.94
C GLU FA 302 32.72 -33.97 -27.11
N ALA FA 303 31.55 -33.36 -26.90
CA ALA FA 303 31.41 -32.11 -26.14
C ALA FA 303 32.41 -31.94 -24.99
N THR FA 304 32.44 -32.89 -24.06
CA THR FA 304 33.35 -32.83 -22.93
C THR FA 304 34.26 -34.06 -22.93
N LEU FA 305 33.96 -35.03 -22.07
CA LEU FA 305 34.72 -36.28 -21.97
C LEU FA 305 36.23 -36.08 -21.74
N PRO FA 306 36.98 -37.16 -21.49
CA PRO FA 306 38.42 -37.05 -21.28
C PRO FA 306 39.19 -36.68 -22.54
N ALA FA 307 40.46 -36.36 -22.37
CA ALA FA 307 41.33 -35.97 -23.48
C ALA FA 307 41.79 -37.12 -24.38
N TRP FA 308 41.43 -38.35 -24.02
CA TRP FA 308 41.83 -39.51 -24.81
C TRP FA 308 40.70 -40.13 -25.64
N SER FA 309 39.46 -39.85 -25.25
CA SER FA 309 38.30 -40.38 -25.96
C SER FA 309 37.90 -39.47 -27.12
N GLN FA 310 38.76 -38.51 -27.43
CA GLN FA 310 38.52 -37.55 -28.51
C GLN FA 310 38.55 -38.22 -29.89
N GLY FA 311 37.39 -38.28 -30.54
CA GLY FA 311 37.29 -38.87 -31.87
C GLY FA 311 37.73 -40.32 -32.01
N VAL FA 312 36.94 -41.23 -31.43
CA VAL FA 312 37.22 -42.66 -31.50
C VAL FA 312 36.75 -43.19 -32.86
N ALA FA 313 37.16 -44.42 -33.19
CA ALA FA 313 36.79 -45.05 -34.45
C ALA FA 313 35.28 -45.07 -34.68
N ASN FA 314 34.57 -45.91 -33.93
CA ASN FA 314 33.12 -46.01 -34.05
C ASN FA 314 32.43 -45.96 -32.69
N LEU FA 315 32.91 -45.08 -31.82
CA LEU FA 315 32.35 -44.94 -30.49
C LEU FA 315 31.94 -43.50 -30.19
N THR FA 316 32.92 -42.60 -30.24
CA THR FA 316 32.66 -41.18 -29.98
C THR FA 316 32.90 -40.36 -31.24
N GLY FA 317 31.85 -39.69 -31.70
CA GLY FA 317 31.96 -38.85 -32.87
C GLY FA 317 31.92 -37.37 -32.55
N ASN FA 318 31.47 -36.56 -33.51
CA ASN FA 318 31.38 -35.12 -33.32
C ASN FA 318 30.42 -34.47 -34.32
N GLY FA 319 29.90 -35.27 -35.24
CA GLY FA 319 28.99 -34.76 -36.25
C GLY FA 319 27.55 -34.60 -35.81
N GLN FA 320 26.64 -35.01 -36.68
CA GLN FA 320 25.21 -34.93 -36.40
C GLN FA 320 24.62 -36.28 -35.98
N GLY FA 321 25.39 -37.35 -36.21
CA GLY FA 321 24.92 -38.68 -35.85
C GLY FA 321 25.22 -39.04 -34.40
N VAL FA 322 25.63 -38.05 -33.63
CA VAL FA 322 25.96 -38.26 -32.21
C VAL FA 322 24.79 -37.90 -31.29
N VAL FA 323 24.80 -38.47 -30.09
CA VAL FA 323 23.78 -38.22 -29.08
C VAL FA 323 24.47 -37.55 -27.89
N PRO FA 324 23.97 -36.38 -27.47
CA PRO FA 324 24.54 -35.65 -26.33
C PRO FA 324 24.62 -36.48 -25.05
N CYS FA 325 25.65 -36.22 -24.25
CA CYS FA 325 25.84 -36.94 -22.99
C CYS FA 325 25.58 -35.98 -21.83
N LEU FA 326 24.50 -36.21 -21.11
CA LEU FA 326 24.12 -35.39 -19.97
C LEU FA 326 24.65 -36.02 -18.68
N ASP FA 327 25.73 -35.45 -18.18
CA ASP FA 327 26.38 -35.93 -16.98
C ASP FA 327 25.85 -35.20 -15.75
N TYR FA 328 25.76 -35.92 -14.63
CA TYR FA 328 25.27 -35.32 -13.39
C TYR FA 328 26.24 -35.47 -12.21
N ASN FA 329 25.72 -35.25 -11.01
CA ASN FA 329 26.49 -35.34 -9.77
C ASN FA 329 25.55 -35.85 -8.69
N PRO FA 330 25.89 -36.99 -8.06
CA PRO FA 330 25.10 -37.62 -6.99
C PRO FA 330 24.46 -36.69 -5.96
N VAL FA 331 25.26 -35.83 -5.34
CA VAL FA 331 24.74 -34.92 -4.32
C VAL FA 331 23.65 -33.97 -4.84
N PRO FA 332 23.93 -33.19 -5.90
CA PRO FA 332 22.92 -32.26 -6.45
C PRO FA 332 21.75 -33.00 -7.10
N MET FA 333 22.01 -34.20 -7.60
CA MET FA 333 20.97 -35.01 -8.22
C MET FA 333 19.96 -35.46 -7.18
N ALA FA 334 20.44 -35.97 -6.06
CA ALA FA 334 19.56 -36.42 -4.99
C ALA FA 334 18.95 -35.22 -4.27
N ALA FA 335 19.63 -34.09 -4.33
CA ALA FA 335 19.14 -32.86 -3.71
C ALA FA 335 17.97 -32.33 -4.53
N ALA FA 336 17.98 -32.65 -5.81
CA ALA FA 336 16.91 -32.25 -6.72
C ALA FA 336 15.85 -33.35 -6.75
N ARG FA 337 16.25 -34.55 -6.34
CA ARG FA 337 15.38 -35.71 -6.29
C ARG FA 337 14.42 -35.57 -5.11
N HIS FA 338 14.91 -34.99 -4.02
CA HIS FA 338 14.10 -34.77 -2.83
C HIS FA 338 13.15 -33.62 -3.10
N LEU FA 339 13.62 -32.66 -3.90
CA LEU FA 339 12.84 -31.48 -4.27
C LEU FA 339 11.61 -31.85 -5.10
N GLN FA 340 11.69 -32.98 -5.78
CA GLN FA 340 10.56 -33.43 -6.61
C GLN FA 340 9.48 -33.99 -5.69
N TRP FA 341 9.90 -34.72 -4.67
CA TRP FA 341 9.00 -35.33 -3.70
C TRP FA 341 8.17 -34.28 -2.95
N ARG FA 342 8.78 -33.14 -2.67
CA ARG FA 342 8.11 -32.06 -1.95
C ARG FA 342 7.10 -31.34 -2.84
N GLN FA 343 7.40 -31.24 -4.13
CA GLN FA 343 6.54 -30.57 -5.09
C GLN FA 343 5.15 -31.22 -5.18
N ASP FA 344 5.13 -32.55 -5.24
CA ASP FA 344 3.86 -33.28 -5.33
C ASP FA 344 3.20 -33.60 -4.00
N GLY FA 345 3.90 -33.31 -2.90
CA GLY FA 345 3.35 -33.57 -1.58
C GLY FA 345 3.63 -34.91 -0.91
N LEU FA 346 4.74 -35.55 -1.26
CA LEU FA 346 5.11 -36.83 -0.66
C LEU FA 346 5.74 -36.56 0.70
N ILE FA 347 6.62 -35.57 0.75
CA ILE FA 347 7.29 -35.19 2.00
C ILE FA 347 6.90 -33.76 2.39
N THR FA 348 6.99 -33.46 3.68
CA THR FA 348 6.65 -32.13 4.18
C THR FA 348 7.76 -31.14 3.78
N ALA FA 349 7.44 -29.85 3.82
CA ALA FA 349 8.41 -28.81 3.47
C ALA FA 349 9.54 -28.76 4.50
N ALA FA 350 9.36 -29.51 5.59
CA ALA FA 350 10.35 -29.58 6.65
C ALA FA 350 11.32 -30.73 6.39
N GLN FA 351 10.82 -31.78 5.74
CA GLN FA 351 11.63 -32.93 5.40
C GLN FA 351 12.41 -32.67 4.11
N GLU FA 352 12.18 -31.49 3.52
CA GLU FA 352 12.86 -31.06 2.30
C GLU FA 352 14.32 -30.74 2.67
N ALA FA 353 14.50 -29.78 3.56
CA ALA FA 353 15.83 -29.38 3.99
C ALA FA 353 16.41 -30.36 5.01
N GLN FA 354 15.65 -31.38 5.36
CA GLN FA 354 16.10 -32.39 6.32
C GLN FA 354 16.84 -33.49 5.57
N LEU FA 355 16.20 -34.02 4.53
CA LEU FA 355 16.79 -35.08 3.73
C LEU FA 355 18.07 -34.63 3.01
N ASN FA 356 18.22 -33.32 2.85
CA ASN FA 356 19.39 -32.74 2.19
C ASN FA 356 20.60 -32.83 3.11
N ASN FA 357 20.39 -32.52 4.39
CA ASN FA 357 21.48 -32.57 5.37
C ASN FA 357 21.85 -34.02 5.72
N ASP FA 358 20.86 -34.91 5.68
CA ASP FA 358 21.09 -36.33 5.99
C ASP FA 358 21.81 -37.04 4.84
N TYR FA 359 21.65 -36.51 3.63
CA TYR FA 359 22.27 -37.09 2.45
C TYR FA 359 23.64 -36.48 2.19
N THR FA 360 23.74 -35.16 2.30
CA THR FA 360 25.00 -34.48 2.08
C THR FA 360 26.04 -34.94 3.11
N ALA FA 361 25.57 -35.47 4.23
CA ALA FA 361 26.44 -35.98 5.28
C ALA FA 361 26.87 -37.38 4.85
N TYR FA 362 25.97 -38.09 4.20
CA TYR FA 362 26.23 -39.44 3.70
C TYR FA 362 27.22 -39.38 2.54
N ALA FA 363 26.97 -38.47 1.60
CA ALA FA 363 27.83 -38.31 0.44
C ALA FA 363 29.20 -37.78 0.86
N LEU FA 364 29.26 -37.23 2.07
CA LEU FA 364 30.49 -36.71 2.62
C LEU FA 364 31.34 -37.91 3.03
N THR FA 365 30.69 -38.93 3.55
CA THR FA 365 31.37 -40.16 3.97
C THR FA 365 31.98 -40.82 2.74
N ILE FA 366 31.30 -40.66 1.61
CA ILE FA 366 31.78 -41.22 0.35
C ILE FA 366 33.04 -40.48 -0.08
N GLU FA 367 33.03 -39.16 0.10
CA GLU FA 367 34.17 -38.31 -0.25
C GLU FA 367 35.36 -38.49 0.70
N ARG FA 368 35.07 -38.55 2.00
CA ARG FA 368 36.10 -38.72 3.02
C ARG FA 368 36.80 -40.08 2.86
N HIS FA 369 36.09 -41.02 2.26
CA HIS FA 369 36.63 -42.36 2.04
C HIS FA 369 37.56 -42.46 0.84
N LEU FA 370 37.11 -41.98 -0.31
CA LEU FA 370 37.89 -42.02 -1.54
C LEU FA 370 39.17 -41.19 -1.46
N THR FA 371 39.09 -40.01 -0.87
CA THR FA 371 40.24 -39.13 -0.72
C THR FA 371 41.30 -39.81 0.16
N ALA FA 372 40.84 -40.55 1.16
CA ALA FA 372 41.73 -41.24 2.06
C ALA FA 372 42.32 -42.51 1.45
N MET FA 373 41.69 -42.99 0.38
CA MET FA 373 42.14 -44.20 -0.30
C MET FA 373 43.11 -43.88 -1.44
N LEU FA 374 42.89 -42.76 -2.12
CA LEU FA 374 43.77 -42.36 -3.22
C LEU FA 374 45.15 -42.02 -2.69
N VAL FA 375 45.19 -41.44 -1.50
CA VAL FA 375 46.46 -41.07 -0.87
C VAL FA 375 47.18 -42.35 -0.42
N ALA FA 376 46.43 -43.31 0.08
CA ALA FA 376 46.98 -44.58 0.53
C ALA FA 376 47.50 -45.37 -0.67
N ASN FA 377 46.72 -45.38 -1.74
CA ASN FA 377 47.06 -46.07 -2.98
C ASN FA 377 47.13 -45.06 -4.11
N PRO FA 378 48.29 -44.39 -4.28
CA PRO FA 378 48.54 -43.37 -5.31
C PRO FA 378 48.15 -43.77 -6.75
N ILE FA 379 49.15 -44.10 -7.56
CA ILE FA 379 48.92 -44.49 -8.96
C ILE FA 379 50.25 -44.95 -9.56
N ALA FA 380 51.33 -44.27 -9.17
CA ALA FA 380 52.66 -44.61 -9.67
C ALA FA 380 53.18 -45.87 -8.97
N ALA FA 381 52.44 -46.32 -7.96
CA ALA FA 381 52.80 -47.51 -7.21
C ALA FA 381 52.71 -48.76 -8.09
N GLY FA 382 51.66 -48.84 -8.89
CA GLY FA 382 51.47 -49.98 -9.77
C GLY FA 382 50.04 -50.14 -10.25
N ARG FA 383 49.12 -50.42 -9.33
CA ARG FA 383 47.71 -50.63 -9.65
C ARG FA 383 46.90 -49.34 -9.66
N MET FA 384 45.60 -49.47 -9.94
CA MET FA 384 44.69 -48.33 -9.99
C MET FA 384 43.29 -48.71 -9.47
N PRO FA 385 43.20 -49.14 -8.21
CA PRO FA 385 41.90 -49.52 -7.63
C PRO FA 385 41.01 -48.31 -7.34
N ILE FA 386 41.60 -47.12 -7.35
CA ILE FA 386 40.87 -45.90 -7.07
C ILE FA 386 40.60 -45.03 -8.29
N GLN FA 387 41.58 -44.93 -9.19
CA GLN FA 387 41.47 -44.09 -10.38
C GLN FA 387 41.65 -42.65 -9.91
N PRO FA 388 42.81 -42.05 -10.21
CA PRO FA 388 43.15 -40.67 -9.83
C PRO FA 388 42.13 -39.62 -10.27
N PHE FA 389 41.24 -39.26 -9.36
CA PHE FA 389 40.19 -38.28 -9.62
C PHE FA 389 40.54 -36.85 -9.22
N ASN FA 390 41.49 -36.72 -8.29
CA ASN FA 390 41.94 -35.42 -7.76
C ASN FA 390 40.93 -34.89 -6.75
N ALA FA 391 41.41 -34.12 -5.78
CA ALA FA 391 40.55 -33.57 -4.73
C ALA FA 391 40.03 -32.17 -5.05
N ALA FA 392 40.25 -31.70 -6.26
CA ALA FA 392 39.78 -30.39 -6.66
C ALA FA 392 38.32 -30.46 -7.10
N ASP FA 393 37.82 -31.68 -7.29
CA ASP FA 393 36.44 -31.93 -7.72
C ASP FA 393 35.49 -32.28 -6.56
N PHE FA 394 34.75 -33.38 -6.70
CA PHE FA 394 33.79 -33.86 -5.69
C PHE FA 394 32.56 -32.97 -5.50
N GLY FA 395 32.56 -31.80 -6.15
CA GLY FA 395 31.43 -30.91 -5.99
C GLY FA 395 31.46 -29.74 -6.96
N GLN FA 396 31.65 -30.06 -8.24
CA GLN FA 396 31.71 -29.05 -9.30
C GLN FA 396 30.62 -29.31 -10.33
N ALA FA 397 29.54 -29.97 -9.89
CA ALA FA 397 28.38 -30.37 -10.70
C ALA FA 397 28.26 -29.73 -12.08
N GLY FA 398 28.38 -30.55 -13.09
CA GLY FA 398 28.29 -30.07 -14.46
C GLY FA 398 26.85 -29.77 -14.82
N GLN FA 399 26.40 -30.27 -15.96
CA GLN FA 399 25.02 -30.04 -16.38
C GLN FA 399 24.05 -31.05 -15.77
N THR FA 400 24.09 -31.18 -14.44
CA THR FA 400 23.19 -32.08 -13.72
C THR FA 400 21.78 -31.53 -13.86
N ALA FA 401 21.68 -30.20 -13.89
CA ALA FA 401 20.42 -29.51 -14.02
C ALA FA 401 19.75 -29.83 -15.36
N ALA FA 402 20.55 -30.28 -16.32
CA ALA FA 402 20.04 -30.63 -17.65
C ALA FA 402 19.61 -32.10 -17.71
N ALA FA 403 20.17 -32.90 -16.81
CA ALA FA 403 19.84 -34.31 -16.74
C ALA FA 403 18.46 -34.44 -16.09
N VAL FA 404 18.18 -33.54 -15.16
CA VAL FA 404 16.91 -33.51 -14.46
C VAL FA 404 15.82 -33.06 -15.44
N ALA FA 405 16.17 -32.10 -16.28
CA ALA FA 405 15.24 -31.59 -17.28
C ALA FA 405 14.99 -32.64 -18.37
N LEU FA 406 15.85 -33.65 -18.42
CA LEU FA 406 15.73 -34.73 -19.37
C LEU FA 406 14.70 -35.73 -18.86
N ALA FA 407 14.67 -35.92 -17.54
CA ALA FA 407 13.73 -36.84 -16.91
C ALA FA 407 12.31 -36.28 -16.97
N GLN FA 408 12.19 -34.95 -16.89
CA GLN FA 408 10.89 -34.29 -16.95
C GLN FA 408 10.34 -34.38 -18.37
N ALA FA 409 11.26 -34.44 -19.34
CA ALA FA 409 10.90 -34.55 -20.75
C ALA FA 409 10.70 -36.00 -21.16
N MET FA 410 11.40 -36.90 -20.47
CA MET FA 410 11.32 -38.33 -20.75
C MET FA 410 10.01 -38.93 -20.25
N PHE FA 411 9.35 -38.23 -19.32
CA PHE FA 411 8.09 -38.67 -18.73
C PHE FA 411 7.19 -37.46 -18.54
N VAL FA 412 6.50 -37.05 -19.60
CA VAL FA 412 5.60 -35.90 -19.56
C VAL FA 412 4.21 -36.26 -19.06
N ALA GA 2 15.28 2.40 66.34
CA ALA GA 2 15.06 1.08 65.68
C ALA GA 2 14.02 0.26 66.44
N ALA GA 3 13.83 -0.98 66.02
CA ALA GA 3 12.87 -1.86 66.68
C ALA GA 3 13.26 -3.33 66.58
N VAL GA 4 13.12 -4.03 67.70
CA VAL GA 4 13.43 -5.45 67.75
C VAL GA 4 12.13 -6.23 67.86
N PHE GA 5 11.72 -6.84 66.75
CA PHE GA 5 10.47 -7.60 66.72
C PHE GA 5 9.34 -6.62 66.98
N GLY GA 6 8.45 -6.95 67.92
CA GLY GA 6 7.35 -6.06 68.22
C GLY GA 6 7.72 -4.88 69.10
N ILE GA 7 8.82 -4.97 69.84
CA ILE GA 7 9.23 -3.89 70.72
C ILE GA 7 9.97 -2.76 70.00
N GLN GA 8 9.66 -1.52 70.37
CA GLN GA 8 10.28 -0.34 69.79
C GLN GA 8 11.28 0.22 70.80
N LEU GA 9 12.49 0.51 70.35
CA LEU GA 9 13.53 1.02 71.25
C LEU GA 9 13.94 2.47 70.96
N VAL GA 10 13.73 3.35 71.93
CA VAL GA 10 14.11 4.76 71.77
C VAL GA 10 15.62 4.87 71.55
N PRO GA 11 16.04 5.73 70.62
CA PRO GA 11 17.42 6.01 70.21
C PRO GA 11 18.49 6.10 71.30
N LYS GA 12 18.23 6.91 72.32
CA LYS GA 12 19.18 7.12 73.40
C LYS GA 12 19.51 5.89 74.26
N LEU GA 13 20.81 5.68 74.48
CA LEU GA 13 21.28 4.58 75.31
C LEU GA 13 21.65 5.14 76.68
N ASN GA 14 21.17 4.51 77.74
CA ASN GA 14 21.46 5.01 79.07
C ASN GA 14 21.47 3.91 80.13
N THR GA 15 22.63 3.74 80.77
CA THR GA 15 22.78 2.74 81.83
C THR GA 15 23.50 3.35 83.03
N SER GA 16 23.39 2.69 84.18
CA SER GA 16 24.06 3.16 85.39
C SER GA 16 25.55 3.10 85.03
N THR GA 17 26.37 3.96 85.60
CA THR GA 17 27.78 3.96 85.25
C THR GA 17 28.76 3.40 86.28
N THR GA 18 28.25 2.91 87.40
CA THR GA 18 29.10 2.32 88.43
C THR GA 18 28.38 1.24 89.20
N ARG GA 19 29.15 0.38 89.85
CA ARG GA 19 28.57 -0.71 90.64
C ARG GA 19 29.01 -0.62 92.09
N ARG GA 20 28.03 -0.68 92.99
CA ARG GA 20 28.32 -0.62 94.42
C ARG GA 20 29.01 -1.91 94.82
N THR GA 21 30.13 -1.80 95.53
CA THR GA 21 30.88 -2.97 95.99
C THR GA 21 29.94 -3.84 96.82
N PHE GA 22 29.91 -5.14 96.55
CA PHE GA 22 29.03 -6.02 97.30
C PHE GA 22 29.32 -5.93 98.78
N LEU GA 23 28.30 -5.55 99.56
CA LEU GA 23 28.46 -5.44 101.00
C LEU GA 23 27.73 -6.56 101.72
N PRO GA 24 28.46 -7.35 102.52
CA PRO GA 24 27.84 -8.46 103.24
C PRO GA 24 27.25 -7.94 104.55
N LEU GA 25 26.01 -8.31 104.84
CA LEU GA 25 25.33 -7.86 106.05
C LEU GA 25 26.05 -8.33 107.33
N ARG GA 26 26.31 -7.41 108.25
CA ARG GA 26 26.95 -7.78 109.51
C ARG GA 26 25.99 -8.68 110.30
N PHE GA 27 26.49 -9.35 111.33
CA PHE GA 27 25.64 -10.24 112.11
C PHE GA 27 24.59 -9.54 112.95
N ASP GA 28 24.89 -8.31 113.37
CA ASP GA 28 23.95 -7.55 114.18
C ASP GA 28 22.82 -7.02 113.31
N LEU GA 29 23.17 -6.38 112.20
CA LEU GA 29 22.17 -5.84 111.28
C LEU GA 29 21.18 -6.94 110.88
N LEU GA 30 21.70 -8.14 110.64
CA LEU GA 30 20.87 -9.28 110.26
C LEU GA 30 19.94 -9.60 111.43
N LEU GA 31 20.44 -9.36 112.64
CA LEU GA 31 19.70 -9.60 113.87
C LEU GA 31 18.59 -8.58 114.12
N ASP GA 32 18.79 -7.36 113.63
CA ASP GA 32 17.81 -6.30 113.80
C ASP GA 32 16.78 -6.39 112.69
N ARG GA 33 17.26 -6.61 111.47
CA ARG GA 33 16.39 -6.74 110.32
C ARG GA 33 15.33 -7.78 110.69
N LEU GA 34 15.78 -8.93 111.22
CA LEU GA 34 14.89 -10.00 111.63
C LEU GA 34 14.03 -9.68 112.86
N GLN GA 35 14.63 -9.07 113.88
CA GLN GA 35 13.88 -8.73 115.09
C GLN GA 35 13.41 -7.29 115.14
N SER GA 36 12.73 -6.83 114.10
CA SER GA 36 12.22 -5.47 114.09
C SER GA 36 10.73 -5.52 114.42
N THR GA 37 10.17 -4.41 114.86
CA THR GA 37 8.75 -4.36 115.20
C THR GA 37 7.90 -4.95 114.08
N ASN GA 38 8.04 -4.39 112.89
CA ASN GA 38 7.29 -4.86 111.72
C ASN GA 38 8.24 -5.41 110.66
N LEU GA 39 8.03 -6.67 110.29
CA LEU GA 39 8.86 -7.31 109.29
C LEU GA 39 8.49 -6.79 107.90
N HIS GA 40 7.24 -6.41 107.72
CA HIS GA 40 6.78 -5.90 106.43
C HIS GA 40 7.60 -4.68 105.99
N GLY GA 41 8.35 -4.85 104.90
CA GLY GA 41 9.19 -3.79 104.40
C GLY GA 41 10.64 -4.13 104.74
N VAL GA 42 10.83 -4.56 105.97
CA VAL GA 42 12.15 -4.94 106.47
C VAL GA 42 12.58 -6.28 105.88
N LEU GA 43 11.66 -7.24 105.84
CA LEU GA 43 11.94 -8.58 105.34
C LEU GA 43 11.12 -8.91 104.10
N TYR GA 44 9.79 -8.92 104.25
CA TYR GA 44 8.89 -9.22 103.14
C TYR GA 44 8.11 -7.94 102.85
N ARG GA 45 7.40 -7.91 101.73
CA ARG GA 45 6.61 -6.72 101.39
C ARG GA 45 5.42 -7.03 100.47
N ALA GA 46 4.20 -6.90 101.02
CA ALA GA 46 2.98 -7.16 100.25
C ALA GA 46 3.03 -6.33 98.98
N LEU GA 47 2.95 -7.01 97.84
CA LEU GA 47 3.02 -6.35 96.54
C LEU GA 47 1.81 -5.48 96.30
N ASP GA 48 0.63 -6.01 96.61
CA ASP GA 48 -0.60 -5.25 96.43
C ASP GA 48 -1.50 -5.41 97.65
N PHE GA 49 -1.10 -4.79 98.76
CA PHE GA 49 -1.87 -4.86 99.99
C PHE GA 49 -3.12 -4.00 99.88
N ASN GA 50 -4.27 -4.62 100.12
CA ASN GA 50 -5.54 -3.93 100.04
C ASN GA 50 -5.78 -3.12 101.31
N PRO GA 51 -6.04 -1.81 101.18
CA PRO GA 51 -6.28 -0.96 102.34
C PRO GA 51 -7.49 -1.43 103.15
N VAL GA 52 -8.66 -1.46 102.52
CA VAL GA 52 -9.90 -1.88 103.16
C VAL GA 52 -9.66 -2.98 104.19
N ASP GA 53 -9.19 -4.13 103.72
CA ASP GA 53 -8.92 -5.25 104.62
C ASP GA 53 -7.48 -5.71 104.49
N ARG GA 54 -6.89 -6.12 105.62
CA ARG GA 54 -5.52 -6.59 105.61
C ARG GA 54 -5.42 -7.84 104.74
N SER GA 55 -5.43 -7.63 103.42
CA SER GA 55 -5.36 -8.72 102.47
C SER GA 55 -4.34 -8.42 101.38
N ALA GA 56 -3.57 -9.44 100.99
CA ALA GA 56 -2.56 -9.29 99.96
C ALA GA 56 -2.49 -10.56 99.09
N THR GA 57 -2.76 -10.39 97.80
CA THR GA 57 -2.74 -11.50 96.85
C THR GA 57 -1.34 -12.10 96.77
N VAL GA 58 -0.37 -11.25 96.46
CA VAL GA 58 1.02 -11.70 96.36
C VAL GA 58 1.93 -10.86 97.25
N ILE GA 59 3.06 -11.44 97.63
CA ILE GA 59 4.03 -10.76 98.47
C ILE GA 59 5.44 -11.02 97.96
N GLN GA 60 6.12 -9.96 97.53
CA GLN GA 60 7.49 -10.11 97.06
C GLN GA 60 8.37 -10.03 98.31
N THR GA 61 9.36 -10.91 98.40
CA THR GA 61 10.21 -10.93 99.56
C THR GA 61 11.66 -10.53 99.31
N TYR GA 62 12.35 -10.15 100.38
CA TYR GA 62 13.74 -9.72 100.32
C TYR GA 62 14.68 -10.79 100.93
N PRO GA 63 16.01 -10.60 100.81
CA PRO GA 63 17.11 -11.45 101.29
C PRO GA 63 16.95 -12.67 102.23
N PRO GA 64 17.19 -12.51 103.56
CA PRO GA 64 17.04 -13.71 104.39
C PRO GA 64 15.74 -14.48 104.26
N LEU GA 65 14.84 -14.00 103.41
CA LEU GA 65 13.56 -14.66 103.22
C LEU GA 65 13.38 -15.15 101.79
N ASN GA 66 13.83 -14.35 100.82
CA ASN GA 66 13.71 -14.68 99.41
C ASN GA 66 14.39 -16.00 99.08
N ALA GA 67 15.34 -16.41 99.91
CA ALA GA 67 16.06 -17.67 99.70
C ALA GA 67 15.12 -18.87 99.90
N TRP GA 68 14.39 -18.83 101.00
CA TRP GA 68 13.43 -19.86 101.38
C TRP GA 68 12.47 -20.32 100.30
N SER GA 69 12.27 -21.64 100.24
CA SER GA 69 11.34 -22.26 99.30
C SER GA 69 10.51 -23.23 100.14
N PRO GA 70 9.23 -22.91 100.35
CA PRO GA 70 8.25 -23.70 101.13
C PRO GA 70 8.18 -25.17 100.76
N HIS GA 71 7.69 -25.99 101.70
CA HIS GA 71 7.51 -27.41 101.48
C HIS GA 71 6.05 -27.56 101.05
N HIS GA 72 5.69 -28.70 100.47
CA HIS GA 72 4.32 -28.93 100.01
C HIS GA 72 3.19 -28.50 100.94
N ALA GA 73 3.30 -28.80 102.23
CA ALA GA 73 2.25 -28.45 103.19
C ALA GA 73 1.93 -26.95 103.28
N PHE GA 74 2.88 -26.11 102.91
CA PHE GA 74 2.66 -24.66 102.95
C PHE GA 74 1.98 -24.17 101.68
N ILE GA 75 2.29 -24.80 100.54
CA ILE GA 75 1.71 -24.44 99.25
C ILE GA 75 0.22 -24.77 99.27
N GLU GA 76 -0.09 -26.02 99.59
CA GLU GA 76 -1.48 -26.45 99.67
C GLU GA 76 -2.05 -25.83 100.96
N ASN GA 77 -3.18 -25.13 100.82
CA ASN GA 77 -3.80 -24.48 101.98
C ASN GA 77 -2.96 -23.28 102.41
N PRO GA 78 -2.79 -22.29 101.50
CA PRO GA 78 -2.01 -21.08 101.79
C PRO GA 78 -2.69 -20.23 102.86
N LEU GA 79 -1.92 -19.44 103.58
CA LEU GA 79 -2.46 -18.59 104.63
C LEU GA 79 -2.86 -17.20 104.10
N ASP GA 80 -3.62 -16.47 104.92
CA ASP GA 80 -4.09 -15.12 104.58
C ASP GA 80 -3.11 -14.08 105.12
N TYR GA 81 -3.07 -12.91 104.51
CA TYR GA 81 -2.15 -11.87 104.95
C TYR GA 81 -2.20 -11.61 106.45
N ARG GA 82 -3.24 -12.14 107.11
CA ARG GA 82 -3.38 -11.96 108.55
C ARG GA 82 -2.36 -12.82 109.27
N ASP GA 83 -2.55 -14.14 109.21
CA ASP GA 83 -1.65 -15.07 109.86
C ASP GA 83 -0.26 -15.14 109.20
N TRP GA 84 -0.14 -14.58 108.01
CA TRP GA 84 1.16 -14.59 107.33
C TRP GA 84 2.11 -13.65 108.05
N THR GA 85 1.65 -12.42 108.32
CA THR GA 85 2.49 -11.47 109.02
C THR GA 85 2.79 -12.13 110.37
N GLU GA 86 1.76 -12.73 110.97
CA GLU GA 86 1.90 -13.39 112.26
C GLU GA 86 2.88 -14.56 112.20
N PHE GA 87 2.77 -15.38 111.17
CA PHE GA 87 3.66 -16.52 111.00
C PHE GA 87 5.11 -16.07 111.03
N ILE GA 88 5.46 -15.12 110.15
CA ILE GA 88 6.82 -14.59 110.10
C ILE GA 88 7.19 -13.79 111.34
N HIS GA 89 6.37 -12.81 111.71
CA HIS GA 89 6.63 -12.01 112.91
C HIS GA 89 6.96 -12.92 114.09
N ASP GA 90 6.60 -14.19 113.94
CA ASP GA 90 6.86 -15.20 114.96
C ASP GA 90 8.18 -15.90 114.61
N ARG GA 91 8.17 -16.67 113.53
CA ARG GA 91 9.35 -17.41 113.08
C ARG GA 91 10.61 -16.59 112.87
N ALA GA 92 10.47 -15.36 112.40
CA ALA GA 92 11.63 -14.51 112.19
C ALA GA 92 12.30 -14.28 113.54
N LEU GA 93 11.47 -14.10 114.56
CA LEU GA 93 11.94 -13.88 115.93
C LEU GA 93 12.50 -15.18 116.50
N ALA GA 94 11.66 -16.20 116.53
CA ALA GA 94 12.04 -17.51 117.05
C ALA GA 94 13.27 -18.10 116.35
N PHE GA 95 13.58 -17.60 115.17
CA PHE GA 95 14.75 -18.07 114.43
C PHE GA 95 15.97 -17.33 114.95
N VAL GA 96 15.79 -16.03 115.21
CA VAL GA 96 16.88 -15.24 115.74
C VAL GA 96 17.36 -15.90 117.03
N GLY GA 97 16.44 -16.54 117.73
CA GLY GA 97 16.81 -17.21 118.96
C GLY GA 97 17.77 -18.33 118.66
N VAL GA 98 17.31 -19.32 117.89
CA VAL GA 98 18.13 -20.47 117.52
C VAL GA 98 19.53 -20.05 117.11
N LEU GA 99 19.58 -19.07 116.21
CA LEU GA 99 20.84 -18.57 115.67
C LEU GA 99 21.68 -17.72 116.63
N THR GA 100 21.04 -16.95 117.51
CA THR GA 100 21.78 -16.10 118.42
C THR GA 100 22.31 -16.82 119.66
N GLN GA 101 21.65 -17.91 120.06
CA GLN GA 101 22.09 -18.66 121.23
C GLN GA 101 23.34 -19.46 120.89
N ARG GA 102 23.62 -19.59 119.60
CA ARG GA 102 24.80 -20.33 119.15
C ARG GA 102 25.93 -19.34 118.89
N TYR GA 103 25.59 -18.05 118.88
CA TYR GA 103 26.54 -16.98 118.63
C TYR GA 103 26.14 -15.72 119.40
N PRO GA 104 26.41 -15.69 120.72
CA PRO GA 104 26.05 -14.52 121.52
C PRO GA 104 26.44 -13.21 120.83
N LEU GA 105 25.43 -12.45 120.43
CA LEU GA 105 25.62 -11.18 119.72
C LEU GA 105 26.68 -10.25 120.31
N THR GA 106 26.61 -10.00 121.61
CA THR GA 106 27.55 -9.12 122.30
C THR GA 106 29.02 -9.33 121.93
N GLN GA 107 29.45 -10.59 121.85
CA GLN GA 107 30.85 -10.89 121.53
C GLN GA 107 31.17 -10.96 120.05
N ASN GA 108 30.25 -11.49 119.25
CA ASN GA 108 30.51 -11.62 117.82
C ASN GA 108 29.39 -11.08 116.94
N ALA GA 109 29.24 -9.76 116.92
CA ALA GA 109 28.22 -9.13 116.09
C ALA GA 109 28.93 -8.54 114.88
N GLN GA 110 30.19 -8.16 115.08
CA GLN GA 110 31.01 -7.58 114.02
C GLN GA 110 31.54 -8.63 113.07
N ARG GA 111 30.75 -9.66 112.78
CA ARG GA 111 31.19 -10.70 111.87
C ARG GA 111 30.15 -10.86 110.77
N TYR GA 112 30.57 -10.66 109.53
CA TYR GA 112 29.66 -10.76 108.39
C TYR GA 112 29.05 -12.13 108.20
N THR GA 113 27.72 -12.18 108.16
CA THR GA 113 27.03 -13.44 107.93
C THR GA 113 27.26 -13.81 106.47
N ASN GA 114 27.11 -15.10 106.14
CA ASN GA 114 27.32 -15.54 104.76
C ASN GA 114 26.00 -15.57 103.99
N PRO GA 115 25.81 -14.60 103.09
CA PRO GA 115 24.60 -14.48 102.27
C PRO GA 115 23.94 -15.81 101.96
N LEU GA 116 24.71 -16.72 101.37
CA LEU GA 116 24.21 -18.03 100.99
C LEU GA 116 23.71 -18.87 102.15
N VAL GA 117 24.62 -19.31 103.03
CA VAL GA 117 24.20 -20.13 104.15
C VAL GA 117 23.04 -19.51 104.95
N LEU GA 118 23.13 -18.21 105.21
CA LEU GA 118 22.10 -17.51 105.96
C LEU GA 118 20.75 -17.74 105.30
N GLY GA 119 20.74 -17.72 103.97
CA GLY GA 119 19.50 -17.94 103.25
C GLY GA 119 18.96 -19.35 103.50
N ALA GA 120 19.76 -20.36 103.13
CA ALA GA 120 19.38 -21.75 103.31
C ALA GA 120 19.15 -22.06 104.78
N ALA GA 121 19.94 -21.42 105.65
CA ALA GA 121 19.81 -21.63 107.09
C ALA GA 121 18.50 -21.10 107.62
N PHE GA 122 17.97 -20.06 106.96
CA PHE GA 122 16.71 -19.48 107.40
C PHE GA 122 15.54 -20.15 106.68
N GLY GA 123 15.73 -20.43 105.39
CA GLY GA 123 14.67 -21.07 104.64
C GLY GA 123 14.42 -22.47 105.18
N ASP GA 124 15.49 -23.14 105.62
CA ASP GA 124 15.36 -24.49 106.16
C ASP GA 124 14.72 -24.44 107.54
N PHE GA 125 14.91 -23.34 108.24
CA PHE GA 125 14.31 -23.17 109.56
C PHE GA 125 12.79 -23.10 109.44
N LEU GA 126 12.31 -22.33 108.45
CA LEU GA 126 10.87 -22.19 108.23
C LEU GA 126 10.26 -23.53 107.87
N ASN GA 127 10.84 -24.22 106.90
CA ASN GA 127 10.33 -25.53 106.52
C ASN GA 127 10.41 -26.51 107.69
N ALA GA 128 10.99 -26.06 108.80
CA ALA GA 128 11.13 -26.85 110.01
C ALA GA 128 12.12 -27.99 109.91
N ARG GA 129 13.20 -27.79 109.17
CA ARG GA 129 14.24 -28.82 109.04
C ARG GA 129 15.37 -28.50 110.01
N SER GA 130 15.97 -29.52 110.62
CA SER GA 130 17.07 -29.30 111.56
C SER GA 130 18.03 -28.29 110.94
N ILE GA 131 18.41 -27.26 111.71
CA ILE GA 131 19.30 -26.22 111.20
C ILE GA 131 20.71 -26.30 111.81
N ASP GA 132 21.01 -27.42 112.48
CA ASP GA 132 22.31 -27.61 113.11
C ASP GA 132 23.52 -27.36 112.21
N ILE GA 133 23.58 -28.05 111.09
CA ILE GA 133 24.72 -27.94 110.17
C ILE GA 133 25.02 -26.54 109.62
N PHE GA 134 23.99 -25.80 109.23
CA PHE GA 134 24.21 -24.46 108.67
C PHE GA 134 24.92 -23.49 109.60
N LEU GA 135 24.59 -23.56 110.89
CA LEU GA 135 25.19 -22.68 111.88
C LEU GA 135 26.72 -22.73 111.92
N ASP GA 136 27.29 -23.93 111.88
CA ASP GA 136 28.74 -24.10 111.93
C ASP GA 136 29.53 -23.04 111.17
N ARG GA 137 29.01 -22.61 110.02
CA ARG GA 137 29.68 -21.61 109.18
C ARG GA 137 28.76 -20.46 108.77
N LEU GA 138 27.98 -19.97 109.72
CA LEU GA 138 27.05 -18.87 109.44
C LEU GA 138 27.79 -17.56 109.19
N PHE GA 139 29.11 -17.60 109.32
CA PHE GA 139 29.93 -16.40 109.10
C PHE GA 139 31.09 -16.71 108.18
N TYR GA 140 31.75 -15.68 107.68
CA TYR GA 140 32.88 -15.87 106.78
C TYR GA 140 33.62 -14.55 106.59
N ASP GA 141 34.95 -14.62 106.53
CA ASP GA 141 35.77 -13.44 106.35
C ASP GA 141 35.66 -12.99 104.88
N PRO GA 142 35.33 -11.71 104.65
CA PRO GA 142 35.18 -11.17 103.30
C PRO GA 142 36.25 -11.60 102.30
N THR GA 143 37.47 -11.84 102.78
CA THR GA 143 38.56 -12.26 101.90
C THR GA 143 38.23 -13.58 101.18
N GLN GA 144 37.80 -14.59 101.93
CA GLN GA 144 37.43 -15.89 101.33
C GLN GA 144 36.11 -15.64 100.61
N ASP GA 145 36.00 -16.07 99.36
CA ASP GA 145 34.78 -15.85 98.58
C ASP GA 145 33.54 -16.23 99.37
N SER GA 146 32.45 -15.53 99.10
CA SER GA 146 31.18 -15.82 99.77
C SER GA 146 30.76 -17.27 99.44
N PRO GA 147 30.90 -17.69 98.17
CA PRO GA 147 30.53 -19.04 97.75
C PRO GA 147 31.63 -20.06 98.07
N ILE GA 148 32.84 -19.57 98.36
CA ILE GA 148 33.96 -20.46 98.68
C ILE GA 148 33.87 -20.98 100.11
N THR GA 149 33.50 -20.10 101.05
CA THR GA 149 33.40 -20.53 102.43
C THR GA 149 32.39 -21.67 102.51
N ALA GA 150 31.39 -21.64 101.65
CA ALA GA 150 30.39 -22.69 101.65
C ALA GA 150 31.09 -24.01 101.30
N ILE GA 151 32.12 -23.95 100.47
CA ILE GA 151 32.85 -25.17 100.08
C ILE GA 151 34.02 -25.51 101.01
N THR GA 152 34.89 -24.53 101.24
CA THR GA 152 36.07 -24.73 102.09
C THR GA 152 35.70 -25.28 103.46
N LYS GA 153 34.74 -24.65 104.15
CA LYS GA 153 34.33 -25.11 105.46
C LYS GA 153 33.95 -26.58 105.45
N PHE GA 154 33.27 -27.00 104.38
CA PHE GA 154 32.85 -28.39 104.25
C PHE GA 154 32.27 -28.75 102.88
N PRO GA 155 32.65 -29.91 102.33
CA PRO GA 155 32.16 -30.38 101.02
C PRO GA 155 31.05 -31.41 101.33
N TYR GA 156 30.00 -30.95 102.00
CA TYR GA 156 28.85 -31.78 102.39
C TYR GA 156 27.75 -31.95 101.32
N GLN GA 157 27.85 -33.05 100.56
CA GLN GA 157 26.93 -33.34 99.47
C GLN GA 157 25.64 -34.07 99.86
N TRP GA 158 25.01 -33.75 100.99
CA TRP GA 158 23.78 -34.48 101.35
C TRP GA 158 22.56 -33.66 101.74
N THR GA 159 22.75 -32.58 102.50
CA THR GA 159 21.63 -31.75 102.92
C THR GA 159 20.80 -31.24 101.75
N ILE GA 160 19.58 -31.77 101.61
CA ILE GA 160 18.69 -31.36 100.53
C ILE GA 160 18.58 -29.83 100.50
N ASP GA 161 18.65 -29.25 99.30
CA ASP GA 161 18.55 -27.80 99.10
C ASP GA 161 19.82 -27.01 99.42
N SER GA 162 20.95 -27.70 99.54
CA SER GA 162 22.22 -27.03 99.80
C SER GA 162 23.35 -28.06 99.69
N ASN GA 163 23.42 -28.73 98.54
CA ASN GA 163 24.46 -29.71 98.29
C ASN GA 163 25.76 -28.99 97.97
N VAL GA 164 26.70 -29.07 98.89
CA VAL GA 164 27.97 -28.42 98.69
C VAL GA 164 28.99 -29.44 98.20
N THR GA 165 29.52 -29.22 97.01
CA THR GA 165 30.54 -30.12 96.49
C THR GA 165 31.82 -29.31 96.60
N THR GA 166 32.89 -29.75 95.97
CA THR GA 166 34.15 -29.01 96.05
C THR GA 166 34.10 -27.69 95.28
N ASP GA 167 33.44 -27.67 94.13
CA ASP GA 167 33.37 -26.46 93.33
C ASP GA 167 32.00 -25.79 93.19
N SER GA 168 30.92 -26.50 93.48
CA SER GA 168 29.59 -25.91 93.35
C SER GA 168 28.64 -26.21 94.50
N VAL GA 169 27.67 -25.32 94.70
CA VAL GA 169 26.68 -25.47 95.76
C VAL GA 169 25.26 -25.47 95.18
N ARG GA 170 24.72 -26.66 94.89
CA ARG GA 170 23.38 -26.76 94.32
C ARG GA 170 22.23 -26.56 95.31
N THR GA 171 21.61 -25.39 95.26
CA THR GA 171 20.48 -25.07 96.14
C THR GA 171 19.27 -24.66 95.30
N SER GA 172 18.07 -24.86 95.86
CA SER GA 172 16.85 -24.47 95.15
C SER GA 172 16.73 -22.95 95.19
N ALA GA 173 16.55 -22.35 94.01
CA ALA GA 173 16.40 -20.90 93.90
C ALA GA 173 15.42 -20.40 94.95
N GLY GA 174 15.52 -19.12 95.28
CA GLY GA 174 14.62 -18.57 96.25
C GLY GA 174 13.20 -18.51 95.70
N CYS GA 175 12.38 -17.66 96.29
CA CYS GA 175 11.00 -17.48 95.85
C CYS GA 175 10.67 -16.01 96.05
N LYS GA 176 11.23 -15.18 95.18
CA LYS GA 176 11.04 -13.75 95.24
C LYS GA 176 9.57 -13.36 95.36
N TYR GA 177 8.69 -14.36 95.33
CA TYR GA 177 7.25 -14.13 95.43
C TYR GA 177 6.53 -15.32 96.07
N ILE GA 178 5.80 -15.07 97.15
CA ILE GA 178 5.01 -16.13 97.77
C ILE GA 178 3.57 -15.64 97.63
N THR GA 179 2.65 -16.56 97.39
CA THR GA 179 1.25 -16.16 97.20
C THR GA 179 0.31 -16.60 98.31
N LEU GA 180 -0.17 -15.62 99.08
CA LEU GA 180 -1.10 -15.89 100.17
C LEU GA 180 -2.47 -16.26 99.60
N TYR GA 181 -3.12 -17.24 100.23
CA TYR GA 181 -4.43 -17.71 99.80
C TYR GA 181 -5.31 -16.57 99.29
N GLY GA 182 -5.83 -16.74 98.07
CA GLY GA 182 -6.68 -15.73 97.48
C GLY GA 182 -5.99 -15.11 96.28
N TYR GA 183 -4.99 -15.83 95.77
CA TYR GA 183 -4.23 -15.36 94.62
C TYR GA 183 -4.62 -16.11 93.36
N ASP GA 184 -4.67 -15.39 92.24
CA ASP GA 184 -5.02 -15.98 90.96
C ASP GA 184 -4.35 -15.24 89.81
N PRO GA 185 -3.66 -16.00 88.92
CA PRO GA 185 -2.99 -15.37 87.78
C PRO GA 185 -4.04 -14.93 86.76
N SER GA 186 -5.30 -15.22 87.05
CA SER GA 186 -6.41 -14.87 86.17
C SER GA 186 -6.54 -13.35 86.00
N ARG GA 187 -6.80 -12.64 87.10
CA ARG GA 187 -6.95 -11.18 87.06
C ARG GA 187 -5.75 -10.51 86.42
N PRO GA 188 -6.00 -9.54 85.52
CA PRO GA 188 -4.91 -8.82 84.85
C PRO GA 188 -4.21 -7.87 85.82
N SER GA 189 -4.89 -7.59 86.94
CA SER GA 189 -4.38 -6.68 87.96
C SER GA 189 -3.31 -7.23 88.90
N THR GA 190 -3.46 -8.48 89.35
CA THR GA 190 -2.48 -9.08 90.26
C THR GA 190 -1.07 -8.90 89.71
N PRO GA 191 -0.10 -8.57 90.58
CA PRO GA 191 1.29 -8.36 90.15
C PRO GA 191 1.93 -9.60 89.54
N ALA GA 192 2.63 -9.40 88.42
CA ALA GA 192 3.30 -10.48 87.70
C ALA GA 192 4.28 -11.21 88.62
N THR GA 193 3.89 -12.40 89.05
CA THR GA 193 4.72 -13.19 89.94
C THR GA 193 5.87 -13.92 89.22
N TYR GA 194 5.65 -14.26 87.94
CA TYR GA 194 6.65 -14.95 87.13
C TYR GA 194 6.84 -16.42 87.47
N GLY GA 195 5.83 -17.01 88.09
CA GLY GA 195 5.93 -18.41 88.45
C GLY GA 195 6.74 -18.65 89.71
N LYS GA 196 7.47 -17.64 90.18
CA LYS GA 196 8.26 -17.80 91.39
C LYS GA 196 7.39 -18.01 92.63
N HIS GA 197 6.08 -17.91 92.49
CA HIS GA 197 5.23 -18.14 93.65
C HIS GA 197 5.35 -19.64 93.93
N ARG GA 198 5.87 -20.37 92.94
CA ARG GA 198 6.08 -21.81 93.05
C ARG GA 198 7.32 -22.03 93.91
N PRO GA 199 7.52 -23.26 94.43
CA PRO GA 199 8.69 -23.53 95.26
C PRO GA 199 9.93 -23.86 94.45
N THR GA 200 9.78 -24.82 93.54
CA THR GA 200 10.87 -25.27 92.70
C THR GA 200 10.67 -24.91 91.22
N TYR GA 201 11.03 -23.69 90.86
CA TYR GA 201 10.90 -23.21 89.50
C TYR GA 201 12.30 -23.07 88.92
N ALA GA 202 13.28 -23.01 89.81
CA ALA GA 202 14.67 -22.87 89.40
C ALA GA 202 15.61 -23.70 90.28
N THR GA 203 16.88 -23.68 89.95
CA THR GA 203 17.89 -24.41 90.69
C THR GA 203 19.21 -23.66 90.56
N VAL GA 204 19.44 -22.72 91.46
CA VAL GA 204 20.66 -21.92 91.44
C VAL GA 204 21.88 -22.76 91.77
N PHE GA 205 22.78 -22.91 90.79
CA PHE GA 205 24.03 -23.65 90.96
C PHE GA 205 25.15 -22.62 91.16
N TYR GA 206 25.70 -22.55 92.37
CA TYR GA 206 26.79 -21.60 92.61
C TYR GA 206 28.11 -22.29 92.30
N TYR GA 207 29.01 -21.62 91.59
CA TYR GA 207 30.29 -22.24 91.29
C TYR GA 207 31.48 -21.47 91.86
N SER GA 208 32.56 -22.20 92.14
CA SER GA 208 33.77 -21.61 92.73
C SER GA 208 34.71 -20.93 91.74
N THR GA 209 35.15 -21.66 90.71
CA THR GA 209 36.06 -21.12 89.71
C THR GA 209 35.48 -21.37 88.32
N LEU GA 210 36.06 -20.75 87.29
CA LEU GA 210 35.58 -20.96 85.94
C LEU GA 210 35.65 -22.42 85.49
N PRO GA 211 36.79 -23.10 85.74
CA PRO GA 211 36.85 -24.51 85.33
C PRO GA 211 35.79 -25.30 86.08
N ALA GA 212 35.46 -24.83 87.28
CA ALA GA 212 34.45 -25.46 88.12
C ALA GA 212 33.09 -25.31 87.45
N ARG GA 213 32.96 -24.25 86.67
CA ARG GA 213 31.73 -23.94 85.95
C ARG GA 213 31.59 -24.78 84.67
N SER GA 214 32.68 -24.97 83.94
CA SER GA 214 32.63 -25.78 82.72
C SER GA 214 32.09 -27.15 83.12
N ARG GA 215 32.69 -27.70 84.16
CA ARG GA 215 32.30 -29.01 84.68
C ARG GA 215 30.82 -29.04 85.05
N LEU GA 216 30.27 -27.88 85.44
CA LEU GA 216 28.86 -27.79 85.77
C LEU GA 216 28.00 -27.79 84.50
N LEU GA 217 28.17 -26.79 83.65
CA LEU GA 217 27.41 -26.71 82.39
C LEU GA 217 27.44 -28.05 81.69
N ALA GA 218 28.65 -28.59 81.54
CA ALA GA 218 28.84 -29.87 80.87
C ALA GA 218 27.90 -30.91 81.45
N ASN GA 219 27.88 -31.01 82.78
CA ASN GA 219 27.04 -31.99 83.45
C ASN GA 219 25.52 -31.73 83.36
N LEU GA 220 25.11 -30.47 83.32
CA LEU GA 220 23.69 -30.16 83.24
C LEU GA 220 23.31 -29.67 81.83
N ALA GA 221 23.94 -30.25 80.82
CA ALA GA 221 23.67 -29.86 79.43
C ALA GA 221 22.36 -30.42 78.88
N ALA GA 222 21.78 -31.40 79.59
CA ALA GA 222 20.52 -32.00 79.15
C ALA GA 222 19.32 -31.12 79.54
N GLY GA 223 19.49 -30.35 80.61
CA GLY GA 223 18.44 -29.46 81.09
C GLY GA 223 18.01 -28.42 80.06
N PRO GA 224 16.70 -28.21 79.92
CA PRO GA 224 16.08 -27.26 78.98
C PRO GA 224 16.94 -26.08 78.58
N THR GA 225 17.41 -25.32 79.56
CA THR GA 225 18.26 -24.16 79.31
C THR GA 225 18.86 -23.74 80.63
N VAL GA 226 19.97 -23.02 80.56
CA VAL GA 226 20.62 -22.57 81.77
C VAL GA 226 20.95 -21.10 81.71
N LEU GA 227 20.19 -20.31 82.45
CA LEU GA 227 20.40 -18.87 82.50
C LEU GA 227 21.50 -18.56 83.52
N GLU GA 228 22.29 -17.53 83.26
CA GLU GA 228 23.37 -17.16 84.15
C GLU GA 228 23.63 -15.67 84.10
N HIS GA 229 23.79 -15.04 85.26
CA HIS GA 229 24.06 -13.61 85.33
C HIS GA 229 25.54 -13.27 85.16
N PHE GA 230 25.88 -12.72 84.00
CA PHE GA 230 27.27 -12.36 83.74
C PHE GA 230 27.70 -11.09 84.46
N ASP GA 231 26.78 -10.13 84.61
CA ASP GA 231 27.11 -8.88 85.28
C ASP GA 231 26.98 -9.06 86.78
N SER GA 232 28.09 -8.88 87.49
CA SER GA 232 28.15 -8.99 88.95
C SER GA 232 27.05 -9.84 89.59
N PRO GA 233 27.13 -11.18 89.47
CA PRO GA 233 26.09 -12.02 90.08
C PRO GA 233 25.86 -11.60 91.53
N THR GA 234 24.76 -12.03 92.14
CA THR GA 234 24.45 -11.62 93.51
C THR GA 234 25.40 -12.01 94.64
N TYR GA 235 25.49 -13.31 94.95
CA TYR GA 235 26.34 -13.75 96.04
C TYR GA 235 27.61 -14.42 95.56
N GLY GA 236 27.81 -14.35 94.26
CA GLY GA 236 28.95 -15.00 93.65
C GLY GA 236 28.32 -15.56 92.41
N PRO GA 237 29.10 -15.92 91.39
CA PRO GA 237 28.53 -16.47 90.16
C PRO GA 237 27.57 -17.64 90.35
N HIS GA 238 26.28 -17.42 90.06
CA HIS GA 238 25.31 -18.52 90.18
C HIS GA 238 25.03 -19.10 88.80
N LEU GA 239 24.14 -20.09 88.71
CA LEU GA 239 23.84 -20.70 87.42
C LEU GA 239 22.42 -21.25 87.36
N LEU GA 240 21.44 -20.34 87.43
CA LEU GA 240 20.02 -20.65 87.39
C LEU GA 240 19.59 -21.70 86.35
N LEU GA 241 18.83 -22.69 86.78
CA LEU GA 241 18.35 -23.73 85.87
C LEU GA 241 16.84 -23.85 86.08
N PRO GA 242 16.05 -23.29 85.15
CA PRO GA 242 14.59 -23.33 85.24
C PRO GA 242 14.05 -24.74 85.03
N GLN GA 243 13.05 -25.14 85.83
CA GLN GA 243 12.47 -26.47 85.67
C GLN GA 243 11.79 -26.47 84.30
N THR GA 244 11.43 -27.66 83.81
CA THR GA 244 10.81 -27.78 82.48
C THR GA 244 9.42 -27.19 82.30
N GLY GA 245 8.58 -27.27 83.35
CA GLY GA 245 7.23 -26.73 83.24
C GLY GA 245 7.17 -25.30 82.71
N ASP GA 246 6.01 -24.88 82.25
CA ASP GA 246 5.80 -23.53 81.72
C ASP GA 246 4.60 -22.84 82.39
N VAL GA 247 4.76 -21.57 82.70
CA VAL GA 247 3.69 -20.82 83.37
C VAL GA 247 2.45 -20.52 82.52
N LEU GA 248 1.32 -20.40 83.20
CA LEU GA 248 0.03 -20.11 82.59
C LEU GA 248 -0.34 -18.66 82.89
N GLY GA 249 -0.74 -17.92 81.86
CA GLY GA 249 -1.15 -16.54 82.11
C GLY GA 249 -0.53 -15.44 81.26
N TYR GA 250 0.78 -15.50 81.05
CA TYR GA 250 1.47 -14.47 80.28
C TYR GA 250 1.22 -14.49 78.79
N SER GA 251 1.06 -15.68 78.22
CA SER GA 251 0.80 -15.81 76.80
C SER GA 251 -0.26 -16.89 76.61
N SER GA 252 -1.06 -16.75 75.57
CA SER GA 252 -2.08 -17.74 75.29
C SER GA 252 -1.34 -19.08 75.13
N SER GA 253 -0.14 -18.99 74.56
CA SER GA 253 0.72 -20.16 74.36
C SER GA 253 1.56 -20.28 75.61
N LEU GA 254 1.38 -21.35 76.36
CA LEU GA 254 2.14 -21.54 77.60
C LEU GA 254 3.63 -21.27 77.40
N ILE GA 255 4.12 -20.24 78.08
CA ILE GA 255 5.52 -19.85 78.00
C ILE GA 255 6.35 -20.70 78.97
N SER GA 256 7.38 -21.35 78.46
CA SER GA 256 8.26 -22.18 79.29
C SER GA 256 8.91 -21.39 80.41
N GLN GA 257 8.94 -21.97 81.61
CA GLN GA 257 9.53 -21.31 82.78
C GLN GA 257 10.91 -20.78 82.44
N ALA GA 258 11.59 -21.47 81.52
CA ALA GA 258 12.93 -21.08 81.09
C ALA GA 258 12.91 -19.73 80.38
N ALA GA 259 11.99 -19.56 79.44
CA ALA GA 259 11.88 -18.33 78.68
C ALA GA 259 11.23 -17.20 79.48
N LEU GA 260 10.34 -17.55 80.41
CA LEU GA 260 9.68 -16.52 81.19
C LEU GA 260 10.68 -15.76 82.05
N LEU GA 261 11.63 -16.47 82.63
CA LEU GA 261 12.65 -15.85 83.46
C LEU GA 261 13.41 -14.80 82.67
N MET GA 262 13.62 -15.09 81.38
CA MET GA 262 14.32 -14.16 80.51
C MET GA 262 13.51 -12.87 80.39
N VAL GA 263 12.26 -13.00 79.96
CA VAL GA 263 11.40 -11.84 79.82
C VAL GA 263 11.41 -11.00 81.09
N GLU GA 264 11.15 -11.62 82.23
CA GLU GA 264 11.10 -10.92 83.50
C GLU GA 264 12.37 -10.14 83.79
N SER GA 265 13.51 -10.65 83.31
CA SER GA 265 14.76 -9.95 83.56
C SER GA 265 15.01 -8.94 82.45
N VAL GA 266 14.86 -9.37 81.20
CA VAL GA 266 15.07 -8.47 80.07
C VAL GA 266 14.19 -7.25 80.29
N MET GA 267 13.03 -7.47 80.89
CA MET GA 267 12.08 -6.41 81.17
C MET GA 267 12.55 -5.55 82.34
N ASP GA 268 13.76 -5.84 82.83
CA ASP GA 268 14.36 -5.09 83.91
C ASP GA 268 15.45 -4.24 83.31
N ALA GA 269 16.41 -4.91 82.65
CA ALA GA 269 17.50 -4.22 81.99
C ALA GA 269 16.91 -3.09 81.15
N LEU GA 270 15.67 -3.27 80.70
CA LEU GA 270 15.01 -2.24 79.90
C LEU GA 270 14.44 -1.15 80.78
N ARG GA 271 13.69 -1.55 81.81
CA ARG GA 271 13.09 -0.59 82.73
C ARG GA 271 14.15 0.09 83.58
N ASP GA 272 15.25 -0.60 83.82
CA ASP GA 272 16.36 -0.06 84.61
C ASP GA 272 17.14 0.94 83.77
N ASN GA 273 17.40 0.60 82.51
CA ASN GA 273 18.10 1.52 81.62
C ASN GA 273 17.27 2.78 81.57
N ALA GA 274 15.97 2.58 81.47
CA ALA GA 274 15.01 3.67 81.40
C ALA GA 274 15.35 4.81 82.34
N ASN GA 275 15.52 4.50 83.62
CA ASN GA 275 15.81 5.54 84.60
C ASN GA 275 17.18 5.50 85.27
N ALA GA 276 18.06 4.61 84.85
CA ALA GA 276 19.39 4.57 85.46
C ALA GA 276 20.02 5.92 85.17
N SER GA 277 20.67 6.51 86.17
CA SER GA 277 21.31 7.82 85.97
C SER GA 277 22.80 7.76 86.27
N ALA GA 278 23.51 8.80 85.87
CA ALA GA 278 24.94 8.88 86.06
C ALA GA 278 25.32 8.94 87.54
N SER GA 279 24.64 9.79 88.29
CA SER GA 279 24.93 9.96 89.72
C SER GA 279 24.71 8.72 90.58
N THR GA 280 23.83 7.82 90.15
CA THR GA 280 23.56 6.61 90.92
C THR GA 280 24.49 5.45 90.62
N ALA GA 281 24.74 4.61 91.63
CA ALA GA 281 25.60 3.45 91.47
C ALA GA 281 24.75 2.20 91.73
N VAL GA 282 24.58 1.39 90.70
CA VAL GA 282 23.78 0.18 90.81
C VAL GA 282 24.62 -1.07 91.05
N THR GA 283 23.99 -2.10 91.60
CA THR GA 283 24.66 -3.37 91.86
C THR GA 283 25.23 -3.93 90.57
N ARG GA 284 24.35 -4.12 89.58
CA ARG GA 284 24.75 -4.64 88.29
C ARG GA 284 24.50 -3.63 87.19
N LEU GA 285 25.46 -3.51 86.27
CA LEU GA 285 25.34 -2.58 85.16
C LEU GA 285 24.22 -3.01 84.20
N ASP GA 286 23.59 -4.13 84.52
CA ASP GA 286 22.47 -4.66 83.73
C ASP GA 286 21.86 -5.84 84.48
N GLN GA 287 20.56 -6.05 84.33
CA GLN GA 287 19.88 -7.12 85.02
C GLN GA 287 19.44 -8.28 84.12
N SER GA 288 19.72 -8.17 82.83
CA SER GA 288 19.32 -9.19 81.88
C SER GA 288 19.99 -10.56 82.06
N TYR GA 289 19.18 -11.62 81.95
CA TYR GA 289 19.70 -12.99 82.09
C TYR GA 289 20.39 -13.38 80.80
N HIS GA 290 20.89 -14.61 80.74
CA HIS GA 290 21.58 -15.04 79.54
C HIS GA 290 21.59 -16.56 79.42
N PRO GA 291 21.09 -17.10 78.31
CA PRO GA 291 21.03 -18.56 78.06
C PRO GA 291 22.44 -19.11 77.78
N VAL GA 292 22.80 -20.20 78.45
CA VAL GA 292 24.13 -20.76 78.27
C VAL GA 292 24.12 -22.19 77.76
N THR GA 293 22.95 -22.84 77.76
CA THR GA 293 22.87 -24.23 77.28
C THR GA 293 21.51 -24.60 76.72
N SER GA 294 21.51 -25.56 75.79
CA SER GA 294 20.29 -26.05 75.16
C SER GA 294 19.50 -24.89 74.57
N PHE GA 295 20.20 -23.92 73.99
CA PHE GA 295 19.57 -22.76 73.41
C PHE GA 295 19.87 -22.68 71.93
N ASP GA 296 18.84 -22.52 71.10
CA ASP GA 296 19.04 -22.44 69.66
C ASP GA 296 19.43 -21.02 69.29
N PRO GA 297 20.69 -20.81 68.90
CA PRO GA 297 21.22 -19.50 68.53
C PRO GA 297 20.75 -18.91 67.19
N SER GA 298 20.42 -19.77 66.23
CA SER GA 298 20.02 -19.30 64.89
C SER GA 298 18.58 -18.81 64.72
N THR GA 299 17.61 -19.69 64.89
CA THR GA 299 16.20 -19.32 64.71
C THR GA 299 15.70 -18.26 65.69
N PHE GA 300 14.48 -17.77 65.47
CA PHE GA 300 13.87 -16.75 66.32
C PHE GA 300 12.38 -17.03 66.53
N ASN GA 301 12.07 -18.22 67.01
CA ASN GA 301 10.70 -18.64 67.25
C ASN GA 301 10.37 -18.60 68.74
N THR GA 302 10.93 -19.57 69.47
CA THR GA 302 10.72 -19.66 70.91
C THR GA 302 10.81 -18.28 71.53
N LEU GA 303 9.90 -17.99 72.45
CA LEU GA 303 9.89 -16.69 73.11
C LEU GA 303 11.30 -16.43 73.65
N LEU GA 304 11.95 -17.49 74.15
CA LEU GA 304 13.30 -17.39 74.70
C LEU GA 304 14.29 -16.82 73.69
N GLN GA 305 14.42 -17.47 72.53
CA GLN GA 305 15.34 -17.00 71.49
C GLN GA 305 15.08 -15.53 71.17
N ARG GA 306 13.80 -15.17 71.01
CA ARG GA 306 13.43 -13.78 70.72
C ARG GA 306 13.83 -12.87 71.87
N ALA GA 307 13.60 -13.32 73.10
CA ALA GA 307 13.95 -12.52 74.27
C ALA GA 307 15.48 -12.38 74.35
N THR GA 308 16.18 -13.51 74.26
CA THR GA 308 17.63 -13.50 74.31
C THR GA 308 18.15 -12.48 73.32
N ASN GA 309 17.77 -12.67 72.06
CA ASN GA 309 18.17 -11.79 70.99
C ASN GA 309 17.98 -10.32 71.37
N LEU GA 310 16.95 -10.03 72.14
CA LEU GA 310 16.68 -8.67 72.56
C LEU GA 310 17.50 -8.22 73.78
N ALA GA 311 18.02 -9.17 74.55
CA ALA GA 311 18.82 -8.82 75.72
C ALA GA 311 20.24 -8.42 75.33
N LEU GA 312 20.74 -8.99 74.24
CA LEU GA 312 22.09 -8.69 73.78
C LEU GA 312 22.13 -7.23 73.37
N LEU GA 313 20.94 -6.67 73.19
CA LEU GA 313 20.76 -5.28 72.79
C LEU GA 313 20.45 -4.46 74.05
N ALA GA 314 19.69 -5.07 74.96
CA ALA GA 314 19.30 -4.41 76.21
C ALA GA 314 20.48 -4.17 77.15
N VAL GA 315 21.65 -4.70 76.80
CA VAL GA 315 22.84 -4.52 77.63
C VAL GA 315 23.57 -3.24 77.19
N GLN GA 316 23.10 -2.62 76.11
CA GLN GA 316 23.72 -1.41 75.59
C GLN GA 316 23.18 -0.15 76.23
N GLY GA 317 22.01 -0.24 76.84
CA GLY GA 317 21.41 0.92 77.48
C GLY GA 317 20.16 1.35 76.77
N VAL GA 318 19.75 0.56 75.80
CA VAL GA 318 18.54 0.85 75.03
C VAL GA 318 17.34 0.82 75.96
N GLN GA 319 16.38 1.72 75.73
CA GLN GA 319 15.19 1.77 76.57
C GLN GA 319 13.95 1.64 75.70
N SER GA 320 12.94 0.96 76.23
CA SER GA 320 11.68 0.76 75.51
C SER GA 320 10.89 2.07 75.47
N GLU GA 321 10.34 2.41 74.32
CA GLU GA 321 9.57 3.64 74.19
C GLU GA 321 8.40 3.58 75.18
N SER GA 322 7.77 2.42 75.26
CA SER GA 322 6.64 2.21 76.17
C SER GA 322 7.18 2.02 77.59
N ALA GA 323 6.86 2.97 78.46
CA ALA GA 323 7.31 2.92 79.85
C ALA GA 323 6.96 1.59 80.53
N ILE GA 324 7.98 0.91 81.03
CA ILE GA 324 7.78 -0.36 81.72
C ILE GA 324 7.52 -0.07 83.20
N PRO GA 325 6.32 -0.41 83.69
CA PRO GA 325 5.98 -0.16 85.10
C PRO GA 325 6.99 -0.64 86.12
N ALA GA 326 7.09 0.08 87.23
CA ALA GA 326 8.01 -0.25 88.31
C ALA GA 326 7.69 -1.63 88.89
N ILE GA 327 6.41 -1.90 89.07
CA ILE GA 327 5.95 -3.19 89.58
C ILE GA 327 5.20 -3.89 88.45
N PRO GA 328 5.94 -4.55 87.54
CA PRO GA 328 5.29 -5.25 86.43
C PRO GA 328 4.10 -6.07 86.90
N THR GA 329 2.98 -5.90 86.21
CA THR GA 329 1.77 -6.63 86.53
C THR GA 329 1.48 -7.58 85.38
N MET GA 330 0.83 -8.70 85.68
CA MET GA 330 0.53 -9.69 84.66
C MET GA 330 -0.03 -9.07 83.38
N SER GA 331 -0.94 -8.11 83.52
CA SER GA 331 -1.49 -7.46 82.35
C SER GA 331 -0.34 -6.86 81.55
N ASP GA 332 0.57 -6.17 82.25
CA ASP GA 332 1.73 -5.54 81.62
C ASP GA 332 2.75 -6.55 81.06
N VAL GA 333 3.17 -7.52 81.87
CA VAL GA 333 4.12 -8.52 81.41
C VAL GA 333 3.62 -9.15 80.13
N ARG GA 334 2.32 -9.48 80.13
CA ARG GA 334 1.68 -10.09 78.98
C ARG GA 334 1.70 -9.15 77.77
N SER GA 335 1.59 -7.84 78.02
CA SER GA 335 1.61 -6.84 76.94
C SER GA 335 3.02 -6.63 76.41
N PHE GA 336 3.98 -7.23 77.08
CA PHE GA 336 5.36 -7.12 76.66
C PHE GA 336 5.69 -8.44 75.95
N VAL GA 337 5.26 -9.54 76.56
CA VAL GA 337 5.50 -10.86 75.98
C VAL GA 337 4.69 -10.98 74.69
N ALA GA 338 3.75 -10.08 74.52
CA ALA GA 338 2.92 -10.08 73.32
C ALA GA 338 3.69 -9.30 72.25
N ARG GA 339 4.22 -8.16 72.66
CA ARG GA 339 4.99 -7.32 71.75
C ARG GA 339 6.24 -8.05 71.27
N LEU GA 340 6.74 -8.96 72.09
CA LEU GA 340 7.93 -9.73 71.74
C LEU GA 340 7.62 -10.78 70.68
N MET GA 341 6.46 -11.41 70.80
CA MET GA 341 6.05 -12.44 69.85
C MET GA 341 5.69 -11.91 68.47
N ALA GA 342 5.12 -10.71 68.43
CA ALA GA 342 4.73 -10.07 67.17
C ALA GA 342 5.87 -10.12 66.16
N GLU GA 343 5.56 -10.60 64.95
CA GLU GA 343 6.56 -10.70 63.88
C GLU GA 343 7.36 -9.42 63.75
N GLY GA 344 8.67 -9.58 63.69
CA GLY GA 344 9.57 -8.45 63.57
C GLY GA 344 10.95 -8.88 63.10
N ASP GA 345 11.91 -7.98 63.21
CA ASP GA 345 13.28 -8.27 62.79
C ASP GA 345 14.20 -8.46 63.99
N PRO GA 346 14.71 -9.69 64.19
CA PRO GA 346 15.60 -9.92 65.32
C PRO GA 346 16.85 -9.06 65.20
N GLN GA 347 17.02 -8.13 66.13
CA GLN GA 347 18.17 -7.24 66.15
C GLN GA 347 19.42 -8.01 65.69
N GLN GA 348 20.24 -7.39 64.83
CA GLN GA 348 21.42 -8.07 64.33
C GLN GA 348 22.76 -7.39 64.57
N TRP GA 349 22.76 -6.22 65.18
CA TRP GA 349 24.01 -5.52 65.43
C TRP GA 349 24.97 -6.35 66.26
N PHE GA 350 24.47 -6.89 67.38
CA PHE GA 350 25.31 -7.70 68.25
C PHE GA 350 25.02 -9.19 68.17
N PRO GA 351 25.87 -9.95 67.46
CA PRO GA 351 25.72 -11.41 67.30
C PRO GA 351 25.79 -12.06 68.67
N TYR GA 352 25.18 -13.23 68.81
CA TYR GA 352 25.18 -13.93 70.10
C TYR GA 352 26.33 -14.92 70.31
N ARG GA 353 26.79 -15.00 71.56
CA ARG GA 353 27.86 -15.90 71.95
C ARG GA 353 27.36 -16.69 73.14
N VAL GA 354 28.04 -17.78 73.49
CA VAL GA 354 27.58 -18.57 74.62
C VAL GA 354 28.32 -18.20 75.91
N ASP GA 355 29.51 -17.63 75.77
CA ASP GA 355 30.28 -17.25 76.96
C ASP GA 355 30.66 -15.78 77.00
N GLN GA 356 30.16 -15.00 76.04
CA GLN GA 356 30.50 -13.59 76.01
C GLN GA 356 29.41 -12.68 75.52
N ILE GA 357 29.24 -11.56 76.21
CA ILE GA 357 28.26 -10.57 75.81
C ILE GA 357 29.03 -9.43 75.17
N LEU GA 358 28.86 -9.27 73.86
CA LEU GA 358 29.54 -8.19 73.16
C LEU GA 358 28.83 -6.89 73.53
N TYR GA 359 29.60 -5.94 74.06
CA TYR GA 359 29.04 -4.65 74.43
C TYR GA 359 29.71 -3.55 73.60
N TRP GA 360 28.90 -2.62 73.09
CA TRP GA 360 29.41 -1.52 72.29
C TRP GA 360 30.43 -0.71 73.08
N PRO GA 361 31.61 -0.45 72.50
CA PRO GA 361 32.63 0.33 73.21
C PRO GA 361 32.09 1.74 73.44
N GLU GA 362 31.47 2.26 72.39
CA GLU GA 362 30.88 3.60 72.39
C GLU GA 362 29.53 3.58 73.11
N SER GA 363 29.46 2.90 74.25
CA SER GA 363 28.21 2.79 75.00
C SER GA 363 28.43 2.98 76.50
N PRO GA 364 27.43 3.59 77.18
CA PRO GA 364 27.44 3.86 78.63
C PRO GA 364 27.91 2.69 79.48
N PHE GA 365 27.46 1.49 79.12
CA PHE GA 365 27.81 0.27 79.86
C PHE GA 365 29.32 0.06 79.98
N VAL GA 366 29.78 -0.06 81.23
CA VAL GA 366 31.20 -0.30 81.48
C VAL GA 366 31.33 -1.74 82.00
N PRO GA 367 32.02 -2.60 81.24
CA PRO GA 367 32.21 -4.01 81.61
C PRO GA 367 32.78 -4.24 83.00
N PRO GA 368 32.21 -5.21 83.74
CA PRO GA 368 32.61 -5.59 85.10
C PRO GA 368 34.12 -5.84 85.25
N ILE GA 369 34.56 -7.06 84.97
CA ILE GA 369 35.99 -7.39 85.07
C ILE GA 369 36.34 -8.63 84.25
N GLY GA 370 36.06 -9.80 84.84
CA GLY GA 370 36.34 -11.09 84.24
C GLY GA 370 36.27 -11.29 82.74
N PRO GA 371 36.23 -12.56 82.32
CA PRO GA 371 36.16 -12.88 80.89
C PRO GA 371 34.77 -13.18 80.35
N PHE GA 372 33.84 -12.23 80.48
CA PHE GA 372 32.48 -12.43 79.99
C PHE GA 372 32.05 -11.33 79.03
N TYR GA 373 32.78 -10.22 79.05
CA TYR GA 373 32.43 -9.09 78.20
C TYR GA 373 33.47 -8.65 77.17
N ALA GA 374 33.18 -8.93 75.90
CA ALA GA 374 34.06 -8.55 74.81
C ALA GA 374 33.56 -7.21 74.27
N PRO GA 375 34.48 -6.28 74.00
CA PRO GA 375 34.09 -4.96 73.48
C PRO GA 375 33.85 -4.94 71.98
N PHE GA 376 32.94 -5.78 71.50
CA PHE GA 376 32.63 -5.84 70.07
C PHE GA 376 31.92 -4.59 69.58
N ARG GA 377 32.31 -4.11 68.41
CA ARG GA 377 31.71 -2.92 67.83
C ARG GA 377 31.08 -3.21 66.47
N PRO GA 378 29.73 -3.14 66.39
CA PRO GA 378 29.10 -3.41 65.10
C PRO GA 378 29.62 -2.42 64.06
N VAL GA 379 29.38 -2.70 62.78
CA VAL GA 379 29.84 -1.80 61.73
C VAL GA 379 29.10 -0.46 61.76
N ASN GA 380 27.81 -0.48 62.14
CA ASN GA 380 27.02 0.76 62.19
C ASN GA 380 25.85 0.75 63.16
N PHE GA 381 26.13 0.95 64.44
CA PHE GA 381 25.06 0.99 65.44
C PHE GA 381 24.36 2.34 65.30
N PRO GA 382 23.02 2.34 65.17
CA PRO GA 382 22.24 3.58 65.02
C PRO GA 382 21.96 4.37 66.30
N PHE GA 383 22.14 3.75 67.46
CA PHE GA 383 21.86 4.43 68.71
C PHE GA 383 22.97 5.34 69.22
N THR GA 384 22.58 6.46 69.80
CA THR GA 384 23.52 7.40 70.40
C THR GA 384 23.09 7.37 71.86
N THR GA 385 23.80 8.05 72.76
CA THR GA 385 23.40 8.00 74.16
C THR GA 385 22.57 9.20 74.64
N GLY GA 386 22.21 9.16 75.92
CA GLY GA 386 21.39 10.20 76.51
C GLY GA 386 20.19 9.53 77.14
N SER GA 387 19.43 10.24 77.96
CA SER GA 387 18.27 9.63 78.60
C SER GA 387 16.96 10.28 78.18
N TYR GA 388 15.90 9.99 78.93
CA TYR GA 388 14.58 10.54 78.66
C TYR GA 388 13.82 10.71 79.96
N THR GA 389 13.37 11.93 80.24
CA THR GA 389 12.60 12.18 81.45
C THR GA 389 11.16 11.76 81.20
N VAL GA 390 10.64 10.90 82.07
CA VAL GA 390 9.28 10.38 81.94
C VAL GA 390 8.22 11.47 82.02
N VAL GA 391 7.23 11.37 81.16
CA VAL GA 391 6.12 12.33 81.11
C VAL GA 391 4.80 11.59 81.34
N PRO GA 392 3.93 12.14 82.20
CA PRO GA 392 2.62 11.56 82.54
C PRO GA 392 1.65 11.38 81.36
N ASP GA 393 0.76 10.41 81.49
CA ASP GA 393 -0.23 10.08 80.46
C ASP GA 393 -1.23 11.19 80.12
N ALA GA 394 -1.25 11.60 78.85
CA ALA GA 394 -2.14 12.64 78.37
C ALA GA 394 -3.60 12.33 78.66
N SER GA 395 -4.29 13.25 79.34
CA SER GA 395 -5.70 13.08 79.70
C SER GA 395 -6.64 13.13 78.52
N ARG GA 396 -6.19 13.64 77.39
CA ARG GA 396 -7.03 13.71 76.21
C ARG GA 396 -6.20 13.68 74.93
N PRO GA 397 -6.79 13.22 73.81
CA PRO GA 397 -6.05 13.16 72.54
C PRO GA 397 -5.39 14.49 72.19
N LEU GA 398 -4.06 14.49 72.14
CA LEU GA 398 -3.30 15.70 71.83
C LEU GA 398 -3.10 15.94 70.34
N ARG GA 399 -3.50 17.13 69.88
CA ARG GA 399 -3.39 17.50 68.48
C ARG GA 399 -1.91 17.73 68.18
N LEU GA 400 -1.53 17.48 66.92
CA LEU GA 400 -0.14 17.63 66.51
C LEU GA 400 0.04 18.47 65.25
N LEU GA 401 0.57 19.68 65.41
CA LEU GA 401 0.79 20.54 64.25
C LEU GA 401 1.69 19.75 63.30
N PRO GA 402 1.43 19.84 61.99
CA PRO GA 402 2.29 19.09 61.07
C PRO GA 402 3.40 19.90 60.43
N GLN GA 403 4.64 19.49 60.69
CA GLN GA 403 5.82 20.13 60.12
C GLN GA 403 6.40 19.08 59.17
N TYR GA 404 6.66 19.48 57.94
CA TYR GA 404 7.15 18.55 56.92
C TYR GA 404 8.64 18.27 56.82
N ARG GA 405 8.95 17.13 56.20
CA ARG GA 405 10.32 16.68 56.01
C ARG GA 405 10.69 16.96 54.55
N ASN GA 406 11.75 16.33 54.06
CA ASN GA 406 12.15 16.55 52.68
C ASN GA 406 11.59 15.55 51.68
N ALA GA 407 11.88 14.27 51.88
CA ALA GA 407 11.37 13.25 50.96
C ALA GA 407 9.85 13.32 50.91
N THR GA 408 9.29 13.08 49.73
CA THR GA 408 7.83 13.10 49.57
C THR GA 408 7.41 11.82 48.87
N ILE GA 409 6.29 11.25 49.31
CA ILE GA 409 5.78 10.04 48.70
C ILE GA 409 4.92 10.39 47.49
N THR GA 410 4.87 9.47 46.53
CA THR GA 410 4.09 9.64 45.31
C THR GA 410 2.63 9.32 45.58
N VAL GA 411 1.74 10.24 45.20
CA VAL GA 411 0.30 10.08 45.42
C VAL GA 411 -0.17 8.62 45.38
N GLN GA 412 0.27 7.87 44.37
CA GLN GA 412 -0.12 6.46 44.21
C GLN GA 412 0.26 5.60 45.41
N GLN GA 413 1.53 5.70 45.80
CA GLN GA 413 2.08 4.96 46.93
C GLN GA 413 1.60 5.53 48.27
N ALA GA 414 1.47 6.85 48.33
CA ALA GA 414 1.03 7.52 49.55
C ALA GA 414 -0.48 7.41 49.68
N ASP GA 415 -1.09 6.56 48.87
CA ASP GA 415 -2.54 6.39 48.93
C ASP GA 415 -2.85 5.05 49.56
N ASP GA 416 -2.45 3.97 48.89
CA ASP GA 416 -2.69 2.63 49.41
C ASP GA 416 -2.02 2.53 50.77
N ALA GA 417 -0.89 3.21 50.94
CA ALA GA 417 -0.16 3.21 52.20
C ALA GA 417 -1.16 3.57 53.29
N TYR GA 418 -2.01 4.54 52.97
CA TYR GA 418 -3.05 5.00 53.86
C TYR GA 418 -4.17 3.96 53.90
N GLU GA 419 -4.55 3.49 52.71
CA GLU GA 419 -5.62 2.52 52.54
C GLU GA 419 -5.29 1.10 53.00
N ASP GA 420 -4.06 0.91 53.49
CA ASP GA 420 -3.62 -0.39 54.00
C ASP GA 420 -3.70 -0.37 55.50
N THR GA 421 -3.79 0.82 56.08
CA THR GA 421 -3.85 0.98 57.54
C THR GA 421 -4.85 2.03 58.02
N ALA GA 422 -5.75 2.46 57.14
CA ALA GA 422 -6.73 3.47 57.53
C ALA GA 422 -7.98 2.82 58.09
N LEU GA 423 -8.68 3.56 58.95
CA LEU GA 423 -9.92 3.08 59.53
C LEU GA 423 -11.02 3.61 58.61
N SER GA 424 -11.34 2.84 57.56
CA SER GA 424 -12.35 3.26 56.59
C SER GA 424 -13.78 3.41 57.10
N PRO GA 425 -14.56 2.32 57.23
CA PRO GA 425 -15.92 2.51 57.73
C PRO GA 425 -15.90 2.87 59.21
N LEU GA 426 -15.33 4.03 59.51
CA LEU GA 426 -15.17 4.54 60.87
C LEU GA 426 -16.39 5.18 61.51
N ILE GA 427 -16.96 4.55 62.53
CA ILE GA 427 -18.13 5.10 63.21
C ILE GA 427 -17.75 6.42 63.90
N THR GA 428 -18.57 7.46 63.71
CA THR GA 428 -18.26 8.76 64.34
C THR GA 428 -19.47 9.50 64.93
N THR GA 429 -19.25 10.14 66.08
CA THR GA 429 -20.30 10.91 66.75
C THR GA 429 -20.39 12.28 66.08
N HIS GA 430 -21.56 12.91 66.16
CA HIS GA 430 -21.74 14.23 65.56
C HIS GA 430 -21.58 15.37 66.54
N GLY GA 431 -22.11 15.18 67.75
CA GLY GA 431 -22.03 16.23 68.73
C GLY GA 431 -23.04 17.29 68.32
N PHE GA 432 -22.73 18.55 68.57
CA PHE GA 432 -23.65 19.63 68.21
C PHE GA 432 -22.92 20.76 67.50
N CYS GA 433 -23.33 21.04 66.27
CA CYS GA 433 -22.71 22.09 65.47
C CYS GA 433 -23.18 23.50 65.85
N VAL GA 434 -24.37 23.63 66.40
CA VAL GA 434 -24.90 24.93 66.81
C VAL GA 434 -25.33 24.87 68.28
N THR GA 435 -24.89 25.84 69.05
CA THR GA 435 -25.21 25.88 70.46
C THR GA 435 -25.69 27.25 70.92
N GLY GA 436 -25.50 28.25 70.06
CA GLY GA 436 -25.87 29.61 70.40
C GLY GA 436 -27.35 29.90 70.47
N GLY GA 437 -27.67 31.14 70.84
CA GLY GA 437 -29.05 31.55 70.94
C GLY GA 437 -29.70 31.68 69.57
N VAL GA 438 -30.57 32.66 69.41
CA VAL GA 438 -31.25 32.88 68.14
C VAL GA 438 -30.65 34.06 67.38
N PHE GA 439 -30.97 34.16 66.10
CA PHE GA 439 -30.50 35.26 65.25
C PHE GA 439 -31.75 36.02 64.77
N THR GA 440 -32.60 36.41 65.71
CA THR GA 440 -33.83 37.14 65.43
C THR GA 440 -33.68 38.32 64.47
N SER GA 441 -34.75 38.62 63.73
CA SER GA 441 -34.74 39.71 62.77
C SER GA 441 -36.13 40.33 62.57
N ILE GA 442 -36.36 41.48 63.19
CA ILE GA 442 -37.63 42.18 63.08
C ILE GA 442 -37.80 42.79 61.68
N TYR GA 443 -39.05 43.04 61.28
CA TYR GA 443 -39.38 43.61 59.99
C TYR GA 443 -40.75 44.29 60.10
N ASP GA 444 -40.81 45.60 59.91
CA ASP GA 444 -42.08 46.31 60.00
C ASP GA 444 -42.81 46.30 58.67
N ILE GA 445 -43.94 45.60 58.61
CA ILE GA 445 -44.72 45.53 57.39
C ILE GA 445 -45.65 46.74 57.30
N SER GA 446 -46.17 47.16 58.45
CA SER GA 446 -47.05 48.33 58.48
C SER GA 446 -46.14 49.56 58.40
N GLY GA 447 -44.87 49.38 58.73
CA GLY GA 447 -43.91 50.47 58.69
C GLY GA 447 -43.67 51.03 57.31
N ASP GA 448 -43.21 50.19 56.38
CA ASP GA 448 -42.93 50.63 55.01
C ASP GA 448 -44.12 51.30 54.35
N PRO GA 449 -43.91 52.50 53.77
CA PRO GA 449 -44.97 53.25 53.10
C PRO GA 449 -45.18 52.88 51.62
N THR GA 450 -44.55 51.80 51.17
CA THR GA 450 -44.69 51.40 49.76
C THR GA 450 -45.59 50.19 49.57
N ALA GA 451 -46.53 50.29 48.66
CA ALA GA 451 -47.44 49.19 48.37
C ALA GA 451 -46.73 48.15 47.52
N TYR GA 452 -46.88 46.88 47.89
CA TYR GA 452 -46.24 45.80 47.14
C TYR GA 452 -47.25 44.69 46.87
N PRO GA 453 -47.74 44.59 45.62
CA PRO GA 453 -48.71 43.58 45.18
C PRO GA 453 -48.54 42.23 45.87
N PRO GA 454 -49.47 41.89 46.80
CA PRO GA 454 -49.43 40.62 47.54
C PRO GA 454 -49.42 39.37 46.67
N ALA GA 455 -49.73 39.53 45.38
CA ALA GA 455 -49.74 38.40 44.47
C ALA GA 455 -48.33 38.01 44.05
N GLN GA 456 -47.45 39.01 43.95
CA GLN GA 456 -46.08 38.79 43.53
C GLN GA 456 -44.99 38.89 44.61
N LEU GA 457 -45.12 38.11 45.68
CA LEU GA 457 -44.11 38.09 46.73
C LEU GA 457 -43.21 36.92 46.38
N VAL GA 458 -42.15 36.69 47.15
CA VAL GA 458 -41.28 35.57 46.86
C VAL GA 458 -41.96 34.32 47.42
N ASP GA 459 -42.68 33.59 46.57
CA ASP GA 459 -43.40 32.39 46.98
C ASP GA 459 -42.45 31.29 47.40
N ALA GA 460 -42.90 30.44 48.33
CA ALA GA 460 -42.09 29.33 48.84
C ALA GA 460 -41.28 28.70 47.71
N PRO GA 461 -39.94 28.61 47.89
CA PRO GA 461 -39.07 28.02 46.86
C PRO GA 461 -39.42 26.56 46.63
N ASN GA 462 -39.47 26.17 45.36
CA ASN GA 462 -39.81 24.81 44.96
C ASN GA 462 -39.17 23.70 45.81
N ASP GA 463 -37.85 23.56 45.67
CA ASP GA 463 -37.08 22.55 46.40
C ASP GA 463 -37.51 22.33 47.84
N TYR GA 464 -37.84 23.41 48.54
CA TYR GA 464 -38.22 23.38 49.95
C TYR GA 464 -38.83 22.08 50.46
N PHE GA 465 -39.95 21.65 49.86
CA PHE GA 465 -40.58 20.40 50.27
C PHE GA 465 -39.99 19.31 49.41
N ASP GA 466 -39.04 18.57 49.97
CA ASP GA 466 -38.38 17.53 49.21
C ASP GA 466 -37.55 16.60 50.10
N ARG GA 467 -37.54 15.31 49.76
CA ARG GA 467 -36.80 14.30 50.50
C ARG GA 467 -35.38 14.74 50.85
N GLU GA 468 -34.70 15.36 49.88
CA GLU GA 468 -33.32 15.80 50.07
C GLU GA 468 -33.21 17.04 50.95
N ARG GA 469 -33.98 18.08 50.63
CA ARG GA 469 -33.97 19.32 51.38
C ARG GA 469 -34.50 19.12 52.81
N MET GA 470 -35.67 18.51 52.94
CA MET GA 470 -36.25 18.26 54.26
C MET GA 470 -35.30 17.42 55.12
N ALA GA 471 -34.70 16.40 54.51
CA ALA GA 471 -33.78 15.54 55.24
C ALA GA 471 -32.75 16.42 55.94
N ARG GA 472 -32.18 17.37 55.21
CA ARG GA 472 -31.19 18.29 55.76
C ARG GA 472 -31.79 19.27 56.75
N ARG GA 473 -32.92 19.88 56.38
CA ARG GA 473 -33.56 20.84 57.27
C ARG GA 473 -33.79 20.19 58.62
N ASP GA 474 -34.05 18.88 58.59
CA ASP GA 474 -34.27 18.11 59.82
C ASP GA 474 -32.94 17.80 60.50
N LEU GA 475 -31.97 17.32 59.72
CA LEU GA 475 -30.65 16.99 60.26
C LEU GA 475 -30.06 18.18 61.01
N PHE GA 476 -30.06 19.34 60.38
CA PHE GA 476 -29.53 20.56 60.99
C PHE GA 476 -30.21 20.80 62.33
N ARG GA 477 -31.52 20.60 62.34
CA ARG GA 477 -32.35 20.78 63.52
C ARG GA 477 -31.80 20.05 64.74
N ARG GA 478 -31.47 18.77 64.57
CA ARG GA 478 -30.94 17.95 65.66
C ARG GA 478 -29.48 18.25 65.98
N LEU GA 479 -28.76 18.81 65.00
CA LEU GA 479 -27.36 19.15 65.21
C LEU GA 479 -27.24 20.38 66.10
N ARG GA 480 -28.34 20.77 66.74
CA ARG GA 480 -28.34 21.93 67.62
C ARG GA 480 -28.54 21.53 69.08
N ALA GA 481 -27.44 21.57 69.85
CA ALA GA 481 -27.47 21.22 71.27
C ALA GA 481 -28.61 21.92 71.99
N PRO GA 482 -29.64 21.15 72.41
CA PRO GA 482 -30.78 21.73 73.12
C PRO GA 482 -30.70 21.52 74.62
N ARG GA 485 -36.78 24.58 72.54
CA ARG GA 485 -36.21 25.68 71.79
C ARG GA 485 -37.08 26.92 71.90
N SER GA 486 -38.34 26.73 72.27
CA SER GA 486 -39.27 27.85 72.43
C SER GA 486 -38.76 28.81 73.49
N ALA GA 487 -38.09 28.28 74.50
CA ALA GA 487 -37.53 29.10 75.57
C ALA GA 487 -36.80 30.28 74.91
N ILE GA 488 -36.17 30.00 73.77
CA ILE GA 488 -35.42 31.00 73.03
C ILE GA 488 -36.36 31.78 72.12
N LYS GA 489 -37.00 31.08 71.20
CA LYS GA 489 -37.95 31.67 70.25
C LYS GA 489 -38.99 32.51 70.99
N ASP GA 490 -39.78 31.84 71.82
CA ASP GA 490 -40.82 32.51 72.60
C ASP GA 490 -40.27 33.76 73.27
N ARG GA 491 -39.17 33.61 74.00
CA ARG GA 491 -38.56 34.74 74.68
C ARG GA 491 -38.17 35.79 73.66
N ALA GA 492 -37.66 35.34 72.51
CA ALA GA 492 -37.24 36.23 71.43
C ALA GA 492 -38.39 37.13 70.97
N VAL GA 493 -39.55 36.52 70.76
CA VAL GA 493 -40.74 37.25 70.33
C VAL GA 493 -41.16 38.26 71.40
N PHE GA 494 -41.02 37.88 72.66
CA PHE GA 494 -41.40 38.77 73.75
C PHE GA 494 -40.36 39.88 73.95
N ASP GA 495 -39.12 39.61 73.59
CA ASP GA 495 -38.09 40.64 73.72
C ASP GA 495 -38.57 41.78 72.84
N PHE GA 496 -39.17 41.41 71.72
CA PHE GA 496 -39.69 42.39 70.78
C PHE GA 496 -41.06 42.91 71.20
N LEU GA 497 -41.97 41.99 71.52
CA LEU GA 497 -43.32 42.36 71.95
C LEU GA 497 -43.28 43.40 73.06
N ALA GA 498 -42.17 43.45 73.78
CA ALA GA 498 -42.00 44.39 74.87
C ALA GA 498 -41.85 45.82 74.36
N SER GA 499 -41.60 45.97 73.06
CA SER GA 499 -41.42 47.30 72.46
C SER GA 499 -42.74 47.89 71.96
N LEU GA 500 -43.75 47.04 71.79
CA LEU GA 500 -45.06 47.50 71.32
C LEU GA 500 -45.99 47.82 72.48
N VAL GA 501 -45.43 47.88 73.69
CA VAL GA 501 -46.24 48.16 74.87
C VAL GA 501 -46.41 49.66 75.14
N ASN GA 502 -47.67 50.11 75.11
CA ASN GA 502 -47.99 51.51 75.36
C ASN GA 502 -48.71 51.58 76.71
N PRO GA 503 -48.09 52.22 77.70
CA PRO GA 503 -48.62 52.39 79.06
C PRO GA 503 -49.70 53.45 79.27
N THR GA 504 -49.75 54.44 78.39
CA THR GA 504 -50.73 55.52 78.52
C THR GA 504 -52.19 55.11 78.37
N THR GA 505 -53.08 55.95 78.90
CA THR GA 505 -54.52 55.72 78.84
C THR GA 505 -55.08 56.01 77.45
N ALA GA 506 -54.53 57.02 76.79
CA ALA GA 506 -54.97 57.42 75.45
C ALA GA 506 -55.28 56.19 74.59
N ASN GA 507 -54.33 55.25 74.52
CA ASN GA 507 -54.50 54.03 73.74
C ASN GA 507 -53.53 52.96 74.24
N PRO GA 508 -53.90 52.26 75.33
CA PRO GA 508 -53.06 51.22 75.91
C PRO GA 508 -52.89 49.97 75.05
N VAL GA 509 -51.69 49.39 75.13
CA VAL GA 509 -51.35 48.18 74.40
C VAL GA 509 -50.49 47.36 75.34
N LEU GA 510 -51.05 46.25 75.83
CA LEU GA 510 -50.36 45.38 76.77
C LEU GA 510 -50.18 46.12 78.09
N ASP GA 511 -51.11 47.02 78.40
CA ASP GA 511 -51.04 47.80 79.63
C ASP GA 511 -51.06 46.86 80.84
N THR GA 512 -50.25 47.19 81.84
CA THR GA 512 -50.11 46.39 83.06
C THR GA 512 -51.36 45.60 83.45
N SER GA 513 -51.15 44.33 83.75
CA SER GA 513 -52.22 43.43 84.16
C SER GA 513 -53.11 43.02 82.99
N PHE GA 514 -52.61 43.17 81.76
CA PHE GA 514 -53.38 42.79 80.59
C PHE GA 514 -53.54 41.27 80.63
N SER GA 515 -54.70 40.77 80.22
CA SER GA 515 -54.93 39.33 80.21
C SER GA 515 -54.19 38.74 79.01
N MET GA 516 -53.74 37.50 79.14
CA MET GA 516 -53.02 36.84 78.06
C MET GA 516 -53.53 35.44 77.75
N ALA GA 517 -53.68 35.15 76.46
CA ALA GA 517 -54.10 33.82 76.01
C ALA GA 517 -52.85 33.15 75.48
N TYR GA 518 -52.74 31.84 75.67
CA TYR GA 518 -51.56 31.14 75.20
C TYR GA 518 -51.98 29.78 74.66
N LEU GA 519 -51.53 29.45 73.45
CA LEU GA 519 -51.88 28.16 72.86
C LEU GA 519 -50.66 27.31 72.54
N GLY GA 520 -50.63 26.11 73.11
CA GLY GA 520 -49.51 25.20 72.90
C GLY GA 520 -48.63 25.09 74.12
N ALA GA 521 -48.57 23.89 74.70
CA ALA GA 521 -47.75 23.65 75.88
C ALA GA 521 -47.35 22.17 75.96
N SER GA 522 -46.20 21.90 76.56
CA SER GA 522 -45.71 20.53 76.69
C SER GA 522 -45.72 20.06 78.14
N ASP GA 529 -43.67 20.81 81.60
CA ASP GA 529 -45.11 20.94 81.76
C ASP GA 529 -45.61 22.17 81.01
N GLU GA 530 -45.98 23.22 81.74
CA GLU GA 530 -46.46 24.45 81.10
C GLU GA 530 -45.24 25.12 80.48
N PRO GA 531 -45.43 25.85 79.37
CA PRO GA 531 -44.30 26.52 78.74
C PRO GA 531 -43.44 27.21 79.79
N VAL GA 532 -42.12 27.08 79.66
CA VAL GA 532 -41.20 27.67 80.62
C VAL GA 532 -41.28 29.19 80.65
N ILE GA 533 -41.71 29.78 79.55
CA ILE GA 533 -41.82 31.23 79.46
C ILE GA 533 -42.93 31.78 80.35
N LEU GA 534 -43.99 30.99 80.55
CA LEU GA 534 -45.11 31.41 81.39
C LEU GA 534 -44.66 31.85 82.78
N ALA GA 535 -43.77 31.08 83.38
CA ALA GA 535 -43.25 31.40 84.71
C ALA GA 535 -42.70 32.82 84.69
N ASP GA 536 -41.95 33.13 83.64
CA ASP GA 536 -41.33 34.44 83.48
C ASP GA 536 -42.27 35.62 83.24
N ILE GA 537 -43.31 35.42 82.42
CA ILE GA 537 -44.24 36.51 82.18
C ILE GA 537 -44.92 36.94 83.48
N ARG GA 538 -45.29 35.96 84.30
CA ARG GA 538 -45.94 36.22 85.58
C ARG GA 538 -44.95 36.78 86.59
N SER GA 539 -43.65 36.56 86.32
CA SER GA 539 -42.59 37.05 87.19
C SER GA 539 -42.21 38.48 86.83
N GLY GA 540 -42.62 38.90 85.63
CA GLY GA 540 -42.28 40.24 85.18
C GLY GA 540 -40.80 40.18 84.85
N SER GA 541 -40.30 38.95 84.82
CA SER GA 541 -38.90 38.66 84.54
C SER GA 541 -38.40 39.33 83.26
N ILE GA 542 -39.15 39.19 82.17
CA ILE GA 542 -38.76 39.79 80.89
C ILE GA 542 -38.92 41.31 80.99
N PRO GA 543 -37.79 42.02 81.14
CA PRO GA 543 -37.73 43.49 81.26
C PRO GA 543 -38.39 44.28 80.14
N GLY GA 544 -39.28 45.20 80.53
CA GLY GA 544 -39.97 46.03 79.56
C GLY GA 544 -41.45 45.68 79.45
N LEU GA 545 -41.75 44.41 79.66
CA LEU GA 545 -43.12 43.90 79.58
C LEU GA 545 -43.73 43.81 80.99
N PRO GA 546 -44.90 44.45 81.20
CA PRO GA 546 -45.54 44.41 82.53
C PRO GA 546 -46.13 43.04 82.86
N ILE GA 547 -46.35 42.79 84.15
CA ILE GA 547 -46.89 41.51 84.60
C ILE GA 547 -48.39 41.41 84.30
N PRO GA 548 -48.78 40.46 83.45
CA PRO GA 548 -50.20 40.27 83.09
C PRO GA 548 -51.05 39.79 84.26
N ARG GA 549 -52.31 40.24 84.30
CA ARG GA 549 -53.24 39.86 85.36
C ARG GA 549 -53.37 38.35 85.47
N ARG GA 550 -53.80 37.72 84.38
CA ARG GA 550 -53.98 36.27 84.36
C ARG GA 550 -53.65 35.71 82.98
N ILE GA 551 -53.15 34.48 82.96
CA ILE GA 551 -52.79 33.82 81.72
C ILE GA 551 -53.70 32.61 81.50
N VAL GA 552 -54.39 32.60 80.36
CA VAL GA 552 -55.28 31.49 80.04
C VAL GA 552 -54.68 30.65 78.93
N GLN GA 553 -54.27 29.42 79.27
CA GLN GA 553 -53.66 28.53 78.29
C GLN GA 553 -54.69 27.74 77.46
N PHE GA 554 -54.27 27.35 76.26
CA PHE GA 554 -55.09 26.58 75.33
C PHE GA 554 -54.19 25.65 74.53
N GLY GA 555 -54.65 25.21 73.36
CA GLY GA 555 -53.83 24.32 72.55
C GLY GA 555 -54.29 22.88 72.55
N TYR GA 556 -53.42 21.98 72.07
CA TYR GA 556 -53.76 20.56 72.00
C TYR GA 556 -53.32 19.73 73.20
N ASP GA 557 -52.37 20.25 73.98
CA ASP GA 557 -51.90 19.54 75.17
C ASP GA 557 -51.61 20.52 76.31
N VAL GA 558 -52.46 21.54 76.43
CA VAL GA 558 -52.33 22.57 77.45
C VAL GA 558 -52.09 22.04 78.86
N VAL GA 559 -52.91 21.09 79.30
CA VAL GA 559 -52.77 20.48 80.63
C VAL GA 559 -53.18 21.43 81.77
N HIS GA 560 -53.59 22.65 81.42
CA HIS GA 560 -54.03 23.63 82.41
C HIS GA 560 -55.20 24.47 81.94
N GLY GA 561 -55.53 24.38 80.66
CA GLY GA 561 -56.64 25.12 80.11
C GLY GA 561 -57.42 24.20 79.18
N SER GA 562 -58.52 24.69 78.63
CA SER GA 562 -59.30 23.86 77.72
C SER GA 562 -58.50 23.64 76.43
N LEU GA 563 -58.83 22.58 75.69
CA LEU GA 563 -58.14 22.29 74.44
C LEU GA 563 -58.91 22.85 73.25
N LEU GA 564 -58.35 23.85 72.59
CA LEU GA 564 -59.00 24.46 71.45
C LEU GA 564 -58.25 24.16 70.17
N ASP GA 565 -58.93 24.29 69.04
CA ASP GA 565 -58.34 24.06 67.73
C ASP GA 565 -58.50 25.37 66.97
N LEU GA 566 -57.47 26.19 67.00
CA LEU GA 566 -57.50 27.49 66.34
C LEU GA 566 -57.96 27.52 64.89
N SER GA 567 -58.09 26.35 64.26
CA SER GA 567 -58.54 26.31 62.87
C SER GA 567 -59.98 26.85 62.87
N ARG GA 568 -60.84 26.19 63.65
CA ARG GA 568 -62.24 26.59 63.74
C ARG GA 568 -62.48 27.66 64.79
N ALA GA 569 -63.75 27.86 65.16
CA ALA GA 569 -64.13 28.87 66.15
C ALA GA 569 -63.77 28.49 67.59
N VAL GA 570 -63.61 29.51 68.43
CA VAL GA 570 -63.27 29.33 69.84
C VAL GA 570 -64.40 29.85 70.75
N PRO GA 571 -64.66 29.16 71.87
CA PRO GA 571 -65.73 29.62 72.77
C PRO GA 571 -65.26 30.51 73.92
N THR GA 572 -64.09 31.13 73.79
CA THR GA 572 -63.57 31.97 74.88
C THR GA 572 -63.63 33.48 74.65
N GLY GA 573 -63.35 34.23 75.72
CA GLY GA 573 -63.36 35.68 75.66
C GLY GA 573 -62.06 36.26 75.14
N THR GA 574 -62.02 37.59 75.02
CA THR GA 574 -60.83 38.27 74.49
C THR GA 574 -59.66 38.42 75.48
N PHE GA 575 -58.51 38.81 74.94
CA PHE GA 575 -57.29 39.00 75.72
C PHE GA 575 -56.46 40.11 75.11
N GLY GA 576 -55.73 40.86 75.93
CA GLY GA 576 -54.89 41.92 75.42
C GLY GA 576 -53.86 41.34 74.46
N LEU GA 577 -53.20 40.28 74.91
CA LEU GA 577 -52.18 39.60 74.13
C LEU GA 577 -52.64 38.16 73.90
N VAL GA 578 -52.74 37.77 72.63
CA VAL GA 578 -53.16 36.42 72.29
C VAL GA 578 -52.08 35.70 71.52
N TYR GA 579 -50.93 35.51 72.17
CA TYR GA 579 -49.78 34.83 71.59
C TYR GA 579 -50.11 33.42 71.10
N ALA GA 580 -50.12 33.25 69.78
CA ALA GA 580 -50.42 31.95 69.17
C ALA GA 580 -49.13 31.33 68.63
N ASP GA 581 -48.85 30.08 68.99
CA ASP GA 581 -47.62 29.45 68.53
C ASP GA 581 -47.80 28.06 67.90
N LEU GA 582 -49.04 27.72 67.54
CA LEU GA 582 -49.33 26.42 66.95
C LEU GA 582 -48.66 26.19 65.58
N ASP GA 583 -48.41 24.92 65.26
CA ASP GA 583 -47.77 24.53 64.00
C ASP GA 583 -48.76 24.24 62.89
N GLN GA 584 -48.31 24.45 61.64
CA GLN GA 584 -49.17 24.22 60.48
C GLN GA 584 -49.02 22.78 59.96
N VAL GA 585 -47.92 22.14 60.31
CA VAL GA 585 -47.65 20.76 59.88
C VAL GA 585 -46.98 19.97 61.00
N ASP GA 591 -50.48 19.20 50.80
CA ASP GA 591 -49.82 19.47 52.07
C ASP GA 591 -49.30 20.91 52.05
N MET GA 592 -49.99 21.76 51.30
CA MET GA 592 -49.61 23.16 51.19
C MET GA 592 -50.82 24.08 51.03
N PRO GA 593 -51.81 23.67 50.22
CA PRO GA 593 -53.00 24.51 50.03
C PRO GA 593 -53.93 24.46 51.25
N ALA GA 594 -54.15 23.25 51.77
CA ALA GA 594 -55.00 23.06 52.93
C ALA GA 594 -54.20 23.51 54.15
N ALA GA 595 -52.88 23.52 54.03
CA ALA GA 595 -51.99 23.94 55.10
C ALA GA 595 -52.06 25.47 55.19
N ASN GA 596 -52.28 26.12 54.05
CA ASN GA 596 -52.41 27.56 54.00
C ASN GA 596 -53.74 27.91 54.65
N ARG GA 597 -54.76 27.11 54.32
CA ARG GA 597 -56.09 27.30 54.87
C ARG GA 597 -56.00 27.15 56.37
N ALA GA 598 -55.24 26.17 56.82
CA ALA GA 598 -55.05 25.94 58.25
C ALA GA 598 -54.54 27.23 58.91
N ALA GA 599 -53.47 27.79 58.35
CA ALA GA 599 -52.87 29.00 58.88
C ALA GA 599 -53.81 30.20 58.77
N ILE GA 600 -54.30 30.48 57.57
CA ILE GA 600 -55.21 31.60 57.37
C ILE GA 600 -56.36 31.53 58.35
N ALA GA 601 -56.83 30.31 58.62
CA ALA GA 601 -57.93 30.10 59.56
C ALA GA 601 -57.48 30.41 61.00
N MET GA 602 -56.38 29.77 61.43
CA MET GA 602 -55.86 29.96 62.78
C MET GA 602 -55.66 31.43 63.12
N LEU GA 603 -54.98 32.16 62.24
CA LEU GA 603 -54.75 33.57 62.47
C LEU GA 603 -56.09 34.29 62.56
N GLY GA 604 -57.07 33.80 61.80
CA GLY GA 604 -58.39 34.40 61.80
C GLY GA 604 -59.06 34.37 63.15
N THR GA 605 -58.89 33.28 63.89
CA THR GA 605 -59.51 33.14 65.20
C THR GA 605 -58.62 33.73 66.30
N ALA GA 606 -57.31 33.76 66.05
CA ALA GA 606 -56.37 34.31 67.02
C ALA GA 606 -56.50 35.83 66.99
N LEU GA 607 -56.78 36.34 65.79
CA LEU GA 607 -56.96 37.78 65.59
C LEU GA 607 -58.42 38.06 65.92
N GLN GA 608 -59.04 37.11 66.59
CA GLN GA 608 -60.44 37.21 66.99
C GLN GA 608 -60.52 37.22 68.51
N MET GA 609 -59.68 36.39 69.14
CA MET GA 609 -59.64 36.27 70.58
C MET GA 609 -59.04 37.50 71.28
N THR GA 610 -58.40 38.37 70.50
CA THR GA 610 -57.78 39.57 71.07
C THR GA 610 -58.76 40.67 71.45
N THR GA 611 -58.55 41.26 72.62
CA THR GA 611 -59.41 42.35 73.09
C THR GA 611 -59.29 43.46 72.05
N ALA GA 612 -60.35 44.25 71.90
CA ALA GA 612 -60.33 45.34 70.94
C ALA GA 612 -59.17 46.27 71.33
N GLY GA 613 -58.17 46.35 70.47
CA GLY GA 613 -57.01 47.17 70.76
C GLY GA 613 -55.96 46.31 71.44
N GLY GA 614 -55.96 45.02 71.10
CA GLY GA 614 -55.02 44.07 71.68
C GLY GA 614 -53.83 43.76 70.78
N VAL GA 615 -53.18 42.62 71.03
CA VAL GA 615 -52.01 42.21 70.26
C VAL GA 615 -51.96 40.72 69.97
N SER GA 616 -52.43 40.32 68.79
CA SER GA 616 -52.40 38.91 68.41
C SER GA 616 -51.02 38.57 67.85
N VAL GA 617 -50.45 37.45 68.27
CA VAL GA 617 -49.13 37.04 67.82
C VAL GA 617 -49.12 35.64 67.23
N LEU GA 618 -49.71 35.47 66.05
CA LEU GA 618 -49.74 34.18 65.39
C LEU GA 618 -48.34 33.80 64.89
N LYS GA 619 -48.17 32.53 64.51
CA LYS GA 619 -46.90 32.02 63.99
C LYS GA 619 -47.14 31.18 62.73
N VAL GA 620 -46.88 31.76 61.57
CA VAL GA 620 -47.07 31.04 60.31
C VAL GA 620 -45.90 30.10 60.08
N ASN GA 621 -46.17 28.94 59.48
CA ASN GA 621 -45.09 27.98 59.22
C ASN GA 621 -44.51 28.17 57.83
N PHE GA 622 -45.36 28.48 56.85
CA PHE GA 622 -44.91 28.66 55.49
C PHE GA 622 -45.53 29.94 54.91
N PRO GA 623 -44.95 31.10 55.20
CA PRO GA 623 -45.45 32.38 54.71
C PRO GA 623 -45.39 32.45 53.19
N THR GA 624 -46.24 31.65 52.53
CA THR GA 624 -46.29 31.60 51.07
C THR GA 624 -47.02 32.80 50.51
N ARG GA 625 -46.64 33.20 49.30
CA ARG GA 625 -47.29 34.34 48.64
C ARG GA 625 -48.69 33.89 48.20
N ALA GA 626 -49.13 32.78 48.79
CA ALA GA 626 -50.45 32.20 48.55
C ALA GA 626 -51.29 32.53 49.79
N PHE GA 627 -50.61 32.60 50.92
CA PHE GA 627 -51.24 32.92 52.19
C PHE GA 627 -51.18 34.44 52.40
N TRP GA 628 -50.18 35.08 51.80
CA TRP GA 628 -50.00 36.52 51.95
C TRP GA 628 -51.03 37.35 51.20
N THR GA 629 -51.92 36.68 50.48
CA THR GA 629 -52.97 37.38 49.75
C THR GA 629 -54.23 37.20 50.58
N GLN GA 630 -54.40 35.99 51.10
CA GLN GA 630 -55.55 35.66 51.93
C GLN GA 630 -55.53 36.44 53.24
N VAL GA 631 -54.34 36.60 53.81
CA VAL GA 631 -54.17 37.32 55.07
C VAL GA 631 -54.42 38.81 54.91
N PHE GA 632 -53.80 39.41 53.89
CA PHE GA 632 -53.96 40.84 53.64
C PHE GA 632 -55.29 41.16 53.01
N ASN GA 633 -56.13 40.14 52.85
CA ASN GA 633 -57.45 40.33 52.29
C ASN GA 633 -58.50 40.20 53.39
N LEU GA 634 -58.49 39.08 54.09
CA LEU GA 634 -59.45 38.86 55.17
C LEU GA 634 -59.27 39.85 56.31
N TYR GA 635 -58.06 39.89 56.87
CA TYR GA 635 -57.76 40.76 58.00
C TYR GA 635 -57.10 42.07 57.60
N ALA GA 636 -57.35 42.51 56.38
CA ALA GA 636 -56.78 43.75 55.88
C ALA GA 636 -57.18 44.91 56.79
N THR GA 637 -58.16 44.67 57.66
CA THR GA 637 -58.65 45.69 58.59
C THR GA 637 -58.29 45.40 60.04
N HIS GA 638 -58.71 44.24 60.52
CA HIS GA 638 -58.51 43.79 61.89
C HIS GA 638 -57.50 44.47 62.83
N ALA GA 639 -56.26 44.70 62.38
CA ALA GA 639 -55.27 45.34 63.25
C ALA GA 639 -54.58 46.56 62.62
N THR GA 640 -53.84 47.30 63.44
CA THR GA 640 -53.15 48.52 62.98
C THR GA 640 -51.72 48.32 62.48
N THR GA 641 -50.86 47.71 63.29
CA THR GA 641 -49.48 47.49 62.87
C THR GA 641 -49.23 46.02 62.55
N LEU GA 642 -48.01 45.71 62.12
CA LEU GA 642 -47.67 44.34 61.78
C LEU GA 642 -46.18 44.18 61.51
N HIS GA 643 -45.53 43.31 62.27
CA HIS GA 643 -44.10 43.06 62.09
C HIS GA 643 -43.80 41.57 62.02
N LEU GA 644 -42.88 41.19 61.15
CA LEU GA 644 -42.46 39.80 61.04
C LEU GA 644 -41.30 39.67 62.00
N VAL GA 645 -41.33 38.66 62.86
CA VAL GA 645 -40.27 38.46 63.82
C VAL GA 645 -39.68 37.07 63.71
N LYS GA 646 -38.91 36.82 62.65
CA LYS GA 646 -38.31 35.51 62.43
C LYS GA 646 -37.10 35.21 63.33
N PRO GA 647 -37.31 34.44 64.39
CA PRO GA 647 -36.25 34.07 65.30
C PRO GA 647 -35.59 32.76 64.86
N THR GA 648 -34.53 32.87 64.07
CA THR GA 648 -33.86 31.69 63.53
C THR GA 648 -33.06 30.89 64.58
N ILE GA 649 -33.72 29.90 65.19
CA ILE GA 649 -33.06 29.02 66.15
C ILE GA 649 -32.39 27.89 65.38
N VAL GA 650 -33.11 27.37 64.40
CA VAL GA 650 -32.69 26.31 63.53
C VAL GA 650 -33.13 26.74 62.13
N ASN GA 651 -32.80 25.96 61.10
CA ASN GA 651 -33.21 26.32 59.74
C ASN GA 651 -34.65 25.93 59.42
N SER GA 652 -35.54 26.90 59.47
CA SER GA 652 -36.95 26.69 59.17
C SER GA 652 -37.46 28.04 58.67
N SER GA 653 -38.61 28.05 58.00
CA SER GA 653 -39.13 29.30 57.49
C SER GA 653 -40.32 29.83 58.27
N GLU GA 654 -40.58 29.24 59.44
CA GLU GA 654 -41.71 29.70 60.24
C GLU GA 654 -41.45 31.08 60.83
N VAL GA 655 -42.27 32.04 60.45
CA VAL GA 655 -42.14 33.42 60.93
C VAL GA 655 -43.27 33.81 61.87
N PHE GA 656 -43.01 34.78 62.74
CA PHE GA 656 -44.01 35.26 63.68
C PHE GA 656 -44.56 36.60 63.20
N LEU GA 657 -45.89 36.78 63.31
CA LEU GA 657 -46.50 38.03 62.92
C LEU GA 657 -47.25 38.57 64.11
N VAL GA 658 -47.07 39.85 64.37
CA VAL GA 658 -47.75 40.49 65.49
C VAL GA 658 -48.65 41.59 64.93
N PHE GA 659 -49.85 41.69 65.46
CA PHE GA 659 -50.78 42.70 64.99
C PHE GA 659 -50.88 43.84 65.99
N GLY GA 660 -50.80 45.07 65.47
CA GLY GA 660 -50.86 46.26 66.31
C GLY GA 660 -52.08 46.40 67.19
N GLY GA 661 -52.95 47.32 66.82
CA GLY GA 661 -54.16 47.54 67.59
C GLY GA 661 -55.31 46.80 66.95
N ARG GA 662 -55.82 45.80 67.64
CA ARG GA 662 -56.94 45.00 67.14
C ARG GA 662 -58.21 45.84 66.99
N GLN GA 663 -58.12 46.88 66.16
CA GLN GA 663 -59.25 47.76 65.89
C GLN GA 663 -59.83 47.38 64.53
N SER GA 664 -61.16 47.38 64.44
CA SER GA 664 -61.88 47.02 63.23
C SER GA 664 -61.53 47.71 61.92
N ASN GA 665 -61.21 49.01 61.95
CA ASN GA 665 -60.91 49.73 60.72
C ASN GA 665 -59.45 50.02 60.43
N GLY GA 666 -58.62 48.99 60.49
CA GLY GA 666 -57.20 49.17 60.19
C GLY GA 666 -56.96 49.01 58.71
N ALA GA 667 -55.70 49.12 58.29
CA ALA GA 667 -55.35 48.97 56.88
C ALA GA 667 -53.95 48.38 56.74
N LEU GA 668 -53.84 47.08 56.96
CA LEU GA 668 -52.55 46.39 56.87
C LEU GA 668 -52.28 45.98 55.43
N ARG GA 669 -51.71 46.90 54.65
CA ARG GA 669 -51.40 46.65 53.26
C ARG GA 669 -50.03 45.99 53.14
N SER GA 670 -49.88 45.10 52.16
CA SER GA 670 -48.60 44.43 51.96
C SER GA 670 -47.63 45.48 51.43
N THR GA 671 -46.53 45.68 52.13
CA THR GA 671 -45.54 46.67 51.71
C THR GA 671 -44.25 46.04 51.19
N THR GA 672 -43.36 46.87 50.67
CA THR GA 672 -42.09 46.38 50.13
C THR GA 672 -41.26 45.77 51.26
N ALA GA 673 -41.58 46.16 52.49
CA ALA GA 673 -40.87 45.63 53.65
C ALA GA 673 -41.02 44.12 53.60
N LEU GA 674 -42.27 43.67 53.54
CA LEU GA 674 -42.60 42.27 53.48
C LEU GA 674 -41.78 41.55 52.40
N GLN GA 675 -41.80 42.11 51.19
CA GLN GA 675 -41.06 41.52 50.09
C GLN GA 675 -39.60 41.32 50.46
N ARG GA 676 -39.03 42.30 51.17
CA ARG GA 676 -37.63 42.23 51.58
C ARG GA 676 -37.43 41.23 52.71
N ALA GA 677 -38.29 41.34 53.72
CA ALA GA 677 -38.24 40.45 54.88
C ALA GA 677 -38.33 39.01 54.40
N LEU GA 678 -39.41 38.71 53.71
CA LEU GA 678 -39.70 37.39 53.18
C LEU GA 678 -38.51 36.89 52.34
N LEU GA 679 -38.04 37.77 51.45
CA LEU GA 679 -36.91 37.48 50.56
C LEU GA 679 -35.60 37.17 51.30
N SER GA 680 -35.34 37.88 52.39
CA SER GA 680 -34.13 37.66 53.18
C SER GA 680 -34.20 36.27 53.81
N LEU GA 681 -35.39 35.93 54.29
CA LEU GA 681 -35.63 34.64 54.92
C LEU GA 681 -35.14 33.52 54.00
N TYR GA 682 -35.77 33.38 52.85
CA TYR GA 682 -35.40 32.34 51.91
C TYR GA 682 -33.91 32.42 51.52
N ALA GA 683 -33.47 33.63 51.16
CA ALA GA 683 -32.08 33.85 50.78
C ALA GA 683 -31.11 33.18 51.75
N ARG GA 684 -31.59 32.97 52.97
CA ARG GA 684 -30.78 32.33 54.00
C ARG GA 684 -30.94 30.81 54.06
N ASN GA 685 -32.13 30.30 53.73
CA ASN GA 685 -32.32 28.86 53.75
C ASN GA 685 -31.55 28.16 52.64
N ALA GA 686 -31.24 28.92 51.59
CA ALA GA 686 -30.46 28.37 50.49
C ALA GA 686 -29.04 28.32 51.03
N ALA GA 687 -28.69 29.36 51.79
CA ALA GA 687 -27.36 29.48 52.41
C ALA GA 687 -27.17 28.44 53.51
N ILE GA 688 -28.18 28.32 54.37
CA ILE GA 688 -28.10 27.36 55.47
C ILE GA 688 -28.19 25.93 54.94
N ASP GA 689 -28.99 25.71 53.90
CA ASP GA 689 -29.10 24.36 53.35
C ASP GA 689 -27.78 24.01 52.64
N ARG GA 690 -27.42 24.81 51.64
CA ARG GA 690 -26.18 24.56 50.89
C ARG GA 690 -25.04 24.28 51.86
N ALA GA 691 -25.08 24.94 53.01
CA ALA GA 691 -24.06 24.78 54.03
C ALA GA 691 -24.11 23.39 54.67
N VAL GA 692 -25.30 22.99 55.11
CA VAL GA 692 -25.48 21.70 55.76
C VAL GA 692 -25.23 20.49 54.86
N THR GA 693 -25.23 20.69 53.54
CA THR GA 693 -25.00 19.58 52.62
C THR GA 693 -23.68 18.87 52.96
N HIS GA 694 -22.71 19.63 53.45
CA HIS GA 694 -21.39 19.08 53.80
C HIS GA 694 -21.41 18.14 55.00
N ILE GA 695 -22.57 17.91 55.60
CA ILE GA 695 -22.64 17.05 56.78
C ILE GA 695 -23.37 15.72 56.60
N PRO GA 696 -22.79 14.63 57.15
CA PRO GA 696 -23.32 13.26 57.09
C PRO GA 696 -24.60 13.09 57.93
N PHE GA 697 -25.44 12.15 57.55
CA PHE GA 697 -26.68 11.88 58.27
C PHE GA 697 -26.36 11.05 59.50
N PHE GA 698 -27.00 11.37 60.62
CA PHE GA 698 -26.74 10.65 61.87
C PHE GA 698 -26.74 9.13 61.74
N GLY GA 699 -26.02 8.49 62.64
CA GLY GA 699 -25.94 7.03 62.67
C GLY GA 699 -25.51 6.29 61.42
N VAL GA 700 -24.75 6.94 60.54
CA VAL GA 700 -24.28 6.27 59.33
C VAL GA 700 -22.77 6.03 59.41
N PRO GA 701 -22.32 4.77 59.23
CA PRO GA 701 -20.88 4.50 59.29
C PRO GA 701 -20.13 5.46 58.38
N ASP GA 702 -18.98 5.96 58.84
CA ASP GA 702 -18.20 6.89 58.03
C ASP GA 702 -17.62 6.23 56.79
N ASP GA 703 -17.92 6.82 55.65
CA ASP GA 703 -17.44 6.33 54.37
C ASP GA 703 -16.51 7.43 53.87
N GLY GA 704 -16.19 7.40 52.57
CA GLY GA 704 -15.33 8.43 52.02
C GLY GA 704 -16.22 9.47 51.37
N THR GA 705 -17.49 9.10 51.20
CA THR GA 705 -18.49 9.95 50.57
C THR GA 705 -18.75 11.24 51.36
N SER GA 706 -19.12 11.09 52.64
CA SER GA 706 -19.41 12.25 53.47
C SER GA 706 -18.33 13.31 53.33
N ASP GA 707 -18.73 14.56 53.15
CA ASP GA 707 -17.78 15.64 53.01
C ASP GA 707 -17.04 15.91 54.33
N LEU GA 708 -17.80 16.01 55.41
CA LEU GA 708 -17.24 16.28 56.75
C LEU GA 708 -16.74 15.06 57.51
N GLY GA 709 -16.68 13.91 56.83
CA GLY GA 709 -16.23 12.67 57.47
C GLY GA 709 -14.87 12.69 58.15
N ILE GA 710 -14.80 12.07 59.32
CA ILE GA 710 -13.56 11.98 60.08
C ILE GA 710 -12.78 10.73 59.71
N ASP GA 711 -11.68 10.90 58.99
CA ASP GA 711 -10.86 9.77 58.57
C ASP GA 711 -9.56 9.65 59.35
N ALA GA 712 -9.30 8.46 59.88
CA ALA GA 712 -8.10 8.20 60.66
C ALA GA 712 -7.20 7.12 60.07
N VAL GA 713 -6.17 6.77 60.83
CA VAL GA 713 -5.19 5.75 60.46
C VAL GA 713 -4.65 5.12 61.72
N ARG GA 714 -5.13 3.94 62.07
CA ARG GA 714 -4.65 3.25 63.26
C ARG GA 714 -3.49 2.33 62.94
N LEU GA 715 -2.35 2.60 63.55
CA LEU GA 715 -1.16 1.80 63.34
C LEU GA 715 -0.89 1.03 64.62
N PHE GA 716 -0.22 -0.12 64.52
CA PHE GA 716 0.09 -0.91 65.70
C PHE GA 716 1.59 -0.94 65.96
N ASP GA 717 1.99 -0.26 67.04
CA ASP GA 717 3.39 -0.15 67.40
C ASP GA 717 4.16 0.37 66.19
N PRO GA 718 3.64 1.45 65.56
CA PRO GA 718 4.24 2.06 64.38
C PRO GA 718 5.65 2.59 64.62
N MET GA 719 6.56 2.23 63.73
CA MET GA 719 7.95 2.65 63.83
C MET GA 719 8.20 3.87 62.93
N PHE GA 720 7.67 5.02 63.33
CA PHE GA 720 7.87 6.24 62.55
C PHE GA 720 9.36 6.51 62.46
N SER GA 721 9.92 6.33 61.28
CA SER GA 721 11.35 6.56 61.09
C SER GA 721 11.62 7.67 60.10
N ASP GA 722 12.63 8.48 60.40
CA ASP GA 722 13.03 9.58 59.53
C ASP GA 722 13.93 8.99 58.47
N ALA GA 723 13.81 9.49 57.24
CA ALA GA 723 14.63 9.02 56.12
C ALA GA 723 14.28 7.64 55.57
N VAL GA 724 13.16 7.07 56.00
CA VAL GA 724 12.75 5.76 55.51
C VAL GA 724 11.25 5.78 55.22
N ALA GA 725 10.87 5.24 54.06
CA ALA GA 725 9.47 5.22 53.66
C ALA GA 725 8.71 4.01 54.19
N ASN GA 726 9.09 3.53 55.37
CA ASN GA 726 8.42 2.38 55.97
C ASN GA 726 6.95 2.72 56.21
N LEU GA 727 6.08 1.79 55.82
CA LEU GA 727 4.63 1.95 55.94
C LEU GA 727 4.12 2.81 57.10
N PRO GA 728 4.44 2.44 58.35
CA PRO GA 728 3.98 3.23 59.50
C PRO GA 728 4.19 4.74 59.31
N SER GA 729 5.34 5.10 58.75
CA SER GA 729 5.67 6.51 58.50
C SER GA 729 5.13 6.96 57.14
N ASN GA 730 4.73 6.00 56.31
CA ASN GA 730 4.21 6.30 54.99
C ASN GA 730 2.73 6.64 55.06
N ALA GA 731 2.02 5.99 55.99
CA ALA GA 731 0.60 6.23 56.19
C ALA GA 731 0.40 7.58 56.84
N LEU GA 732 1.38 7.97 57.65
CA LEU GA 732 1.35 9.24 58.35
C LEU GA 732 1.26 10.38 57.34
N ALA GA 733 1.93 10.20 56.21
CA ALA GA 733 1.92 11.20 55.15
C ALA GA 733 0.50 11.48 54.66
N SER GA 734 -0.04 10.53 53.91
CA SER GA 734 -1.39 10.62 53.34
C SER GA 734 -2.38 11.28 54.28
N LEU GA 735 -2.54 10.65 55.44
CA LEU GA 735 -3.44 11.11 56.47
C LEU GA 735 -3.40 12.61 56.71
N VAL GA 736 -2.21 13.14 56.96
CA VAL GA 736 -2.03 14.57 57.20
C VAL GA 736 -2.30 15.38 55.93
N SER GA 737 -2.06 14.76 54.78
CA SER GA 737 -2.28 15.39 53.49
C SER GA 737 -3.78 15.44 53.22
N ARG GA 738 -4.49 14.43 53.70
CA ARG GA 738 -5.94 14.34 53.53
C ARG GA 738 -6.71 15.20 54.52
N VAL GA 739 -6.02 15.80 55.47
CA VAL GA 739 -6.70 16.61 56.47
C VAL GA 739 -5.85 17.78 56.97
N VAL GA 740 -5.19 18.51 56.07
CA VAL GA 740 -4.34 19.61 56.51
C VAL GA 740 -5.08 20.70 57.28
N PRO GA 741 -5.76 21.63 56.59
CA PRO GA 741 -6.41 22.62 57.46
C PRO GA 741 -7.53 21.91 58.22
N SER GA 742 -7.21 21.46 59.43
CA SER GA 742 -8.20 20.74 60.23
C SER GA 742 -7.85 20.62 61.69
N SER GA 743 -7.08 19.60 62.06
CA SER GA 743 -6.71 19.41 63.45
C SER GA 743 -5.59 18.38 63.62
N ILE GA 744 -5.83 17.16 63.14
CA ILE GA 744 -4.85 16.09 63.24
C ILE GA 744 -4.48 15.76 64.67
N MET GA 745 -5.29 14.93 65.32
CA MET GA 745 -5.05 14.54 66.69
C MET GA 745 -4.54 13.09 66.77
N PHE GA 746 -3.39 12.92 67.42
CA PHE GA 746 -2.78 11.60 67.56
C PHE GA 746 -2.90 11.06 69.00
N THR GA 747 -3.27 9.78 69.13
CA THR GA 747 -3.41 9.14 70.45
C THR GA 747 -2.67 7.81 70.53
N ARG GA 748 -2.43 7.35 71.76
CA ARG GA 748 -1.74 6.08 71.99
C ARG GA 748 -2.31 5.29 73.16
N VAL GA 749 -3.24 4.38 72.88
CA VAL GA 749 -3.82 3.57 73.95
C VAL GA 749 -3.08 2.25 74.07
N PRO GA 750 -2.69 1.88 75.30
CA PRO GA 750 -1.96 0.63 75.54
C PRO GA 750 -2.82 -0.60 75.75
N SER GA 751 -2.90 -1.45 74.74
CA SER GA 751 -3.65 -2.70 74.84
C SER GA 751 -2.70 -3.67 75.55
N ASN GA 752 -3.25 -4.68 76.22
CA ASN GA 752 -2.39 -5.64 76.91
C ASN GA 752 -1.61 -6.43 75.84
N GLY GA 753 -1.82 -6.06 74.58
CA GLY GA 753 -1.10 -6.70 73.49
C GLY GA 753 -0.13 -5.65 72.99
N PRO GA 754 -0.36 -5.06 71.81
CA PRO GA 754 0.54 -4.03 71.28
C PRO GA 754 0.01 -2.66 71.72
N VAL GA 755 0.57 -1.59 71.15
CA VAL GA 755 0.12 -0.23 71.48
C VAL GA 755 -0.37 0.48 70.23
N SER GA 756 -1.68 0.47 70.01
CA SER GA 756 -2.28 1.11 68.85
C SER GA 756 -2.16 2.63 68.93
N THR GA 757 -2.13 3.28 67.77
CA THR GA 757 -2.00 4.73 67.74
C THR GA 757 -2.80 5.38 66.60
N THR GA 758 -4.11 5.52 66.77
CA THR GA 758 -4.91 6.15 65.72
C THR GA 758 -4.44 7.59 65.53
N ILE GA 759 -4.73 8.16 64.36
CA ILE GA 759 -4.33 9.53 64.06
C ILE GA 759 -5.39 10.21 63.18
N TYR GA 760 -6.58 10.40 63.72
CA TYR GA 760 -7.68 11.00 62.97
C TYR GA 760 -7.54 12.48 62.64
N GLY GA 761 -8.61 13.02 62.05
CA GLY GA 761 -8.67 14.42 61.65
C GLY GA 761 -9.96 14.64 60.87
N LYS GA 762 -10.56 15.82 61.00
CA LYS GA 762 -11.82 16.11 60.30
C LYS GA 762 -11.65 16.45 58.83
N ARG GA 763 -11.61 15.43 57.98
CA ARG GA 763 -11.48 15.64 56.54
C ARG GA 763 -12.69 16.43 56.06
N THR GA 764 -12.47 17.67 55.63
CA THR GA 764 -13.56 18.53 55.14
C THR GA 764 -13.39 18.78 53.66
N PHE GA 765 -14.07 19.80 53.15
CA PHE GA 765 -13.95 20.12 51.74
C PHE GA 765 -12.82 21.14 51.59
N LEU GA 766 -12.35 21.66 52.72
CA LEU GA 766 -11.27 22.62 52.74
C LEU GA 766 -9.93 21.91 52.61
N SER GA 767 -9.97 20.59 52.74
CA SER GA 767 -8.76 19.79 52.62
C SER GA 767 -8.77 19.21 51.21
N ASN GA 768 -9.94 18.85 50.72
CA ASN GA 768 -10.07 18.28 49.37
C ASN GA 768 -9.57 19.30 48.34
N ARG GA 769 -9.80 20.58 48.62
CA ARG GA 769 -9.35 21.65 47.74
C ARG GA 769 -7.83 21.79 47.79
N ARG GA 770 -7.29 21.69 48.99
CA ARG GA 770 -5.87 21.79 49.22
C ARG GA 770 -5.12 20.57 48.70
N ARG GA 771 -5.55 19.40 49.16
CA ARG GA 771 -4.95 18.13 48.75
C ARG GA 771 -4.89 17.97 47.23
N ALA GA 772 -5.91 18.49 46.55
CA ALA GA 772 -5.96 18.42 45.09
C ALA GA 772 -4.79 19.18 44.47
N ARG GA 773 -4.50 20.35 45.00
CA ARG GA 773 -3.40 21.18 44.51
C ARG GA 773 -2.03 20.51 44.75
N LEU GA 774 -1.99 19.60 45.71
CA LEU GA 774 -0.76 18.88 46.03
C LEU GA 774 -0.41 17.98 44.85
N ARG GA 775 0.86 17.98 44.46
CA ARG GA 775 1.29 17.12 43.36
C ARG GA 775 1.88 15.87 43.99
N ASP GA 776 2.36 16.02 45.22
CA ASP GA 776 2.95 14.92 45.96
C ASP GA 776 2.60 15.03 47.43
N VAL GA 777 2.70 13.92 48.15
CA VAL GA 777 2.37 13.92 49.56
C VAL GA 777 3.66 13.95 50.37
N PRO GA 778 4.03 15.13 50.91
CA PRO GA 778 5.25 15.29 51.71
C PRO GA 778 5.25 14.51 53.02
N MET GA 779 6.44 14.28 53.56
CA MET GA 779 6.62 13.57 54.82
C MET GA 779 6.51 14.55 56.00
N LEU GA 780 6.38 13.99 57.20
CA LEU GA 780 6.28 14.81 58.39
C LEU GA 780 7.42 14.44 59.33
N ILE GA 781 8.05 15.45 59.93
CA ILE GA 781 9.13 15.20 60.86
C ILE GA 781 8.58 14.32 61.99
N THR GA 782 8.81 13.01 61.89
CA THR GA 782 8.30 12.07 62.88
C THR GA 782 8.97 12.18 64.26
N THR GA 783 9.87 13.13 64.43
CA THR GA 783 10.54 13.29 65.72
C THR GA 783 9.56 13.55 66.85
N THR GA 784 8.69 14.54 66.64
CA THR GA 784 7.68 14.90 67.64
C THR GA 784 6.85 13.68 68.03
N LEU GA 785 6.52 12.83 67.06
CA LEU GA 785 5.74 11.63 67.33
C LEU GA 785 6.58 10.57 68.03
N VAL GA 786 7.83 10.44 67.59
CA VAL GA 786 8.76 9.47 68.17
C VAL GA 786 9.11 9.85 69.60
N HIS GA 787 8.95 11.12 69.92
CA HIS GA 787 9.25 11.63 71.26
C HIS GA 787 8.20 11.26 72.31
N GLN GA 788 6.93 11.39 71.94
CA GLN GA 788 5.81 11.09 72.84
C GLN GA 788 6.08 10.05 73.92
N ARG GA 789 5.96 8.78 73.54
CA ARG GA 789 6.18 7.65 74.43
C ARG GA 789 5.36 7.67 75.75
N ARG GA 790 4.12 8.13 75.66
CA ARG GA 790 3.22 8.17 76.83
C ARG GA 790 1.83 7.86 76.31
N PHE GA 791 1.03 7.17 77.11
CA PHE GA 791 -0.31 6.82 76.67
C PHE GA 791 -1.33 7.90 76.93
N THR GA 792 -2.08 8.23 75.88
CA THR GA 792 -3.12 9.24 75.94
C THR GA 792 -4.46 8.52 76.03
N THR GA 793 -5.56 9.28 75.97
CA THR GA 793 -6.87 8.67 76.04
C THR GA 793 -7.25 8.13 74.66
N PRO GA 794 -8.25 7.24 74.59
CA PRO GA 794 -8.67 6.68 73.31
C PRO GA 794 -9.22 7.75 72.37
N PRO GA 795 -9.16 7.50 71.05
CA PRO GA 795 -9.67 8.46 70.05
C PRO GA 795 -11.17 8.69 70.22
N THR GA 796 -11.71 9.73 69.60
CA THR GA 796 -13.13 10.03 69.74
C THR GA 796 -13.92 10.00 68.43
N PHE GA 797 -13.37 10.61 67.38
CA PHE GA 797 -14.04 10.66 66.09
C PHE GA 797 -15.38 11.41 66.21
N THR GA 798 -15.33 12.74 66.28
CA THR GA 798 -16.56 13.54 66.37
C THR GA 798 -16.57 14.70 65.38
N LEU GA 799 -17.51 14.68 64.44
CA LEU GA 799 -17.61 15.72 63.41
C LEU GA 799 -17.40 17.15 63.89
N PHE GA 800 -17.85 17.46 65.10
CA PHE GA 800 -17.72 18.80 65.63
C PHE GA 800 -16.98 18.88 66.94
N SER GA 801 -16.33 20.01 67.18
CA SER GA 801 -15.62 20.22 68.44
C SER GA 801 -16.75 20.61 69.39
N SER GA 802 -16.45 20.84 70.67
CA SER GA 802 -17.51 21.17 71.62
C SER GA 802 -17.91 22.64 71.81
N GLU GA 803 -16.97 23.58 71.65
CA GLU GA 803 -17.30 25.00 71.87
C GLU GA 803 -17.47 25.84 70.61
N ALA GA 804 -18.32 26.86 70.73
CA ALA GA 804 -18.60 27.78 69.64
C ALA GA 804 -17.39 28.65 69.32
N VAL GA 805 -16.96 28.61 68.06
CA VAL GA 805 -15.81 29.38 67.61
C VAL GA 805 -15.88 30.86 67.98
N PRO GA 806 -14.71 31.50 68.15
CA PRO GA 806 -14.57 32.91 68.51
C PRO GA 806 -15.18 33.85 67.46
N VAL GA 807 -15.88 34.89 67.91
CA VAL GA 807 -16.49 35.86 66.99
C VAL GA 807 -15.55 36.21 65.85
N THR GA 808 -14.25 36.18 66.13
CA THR GA 808 -13.23 36.50 65.14
C THR GA 808 -13.17 35.48 64.01
N THR GA 809 -13.39 34.21 64.35
CA THR GA 809 -13.36 33.15 63.34
C THR GA 809 -14.61 33.19 62.46
N LEU GA 810 -15.75 33.52 63.06
CA LEU GA 810 -17.00 33.61 62.30
C LEU GA 810 -16.81 34.60 61.17
N VAL GA 811 -15.92 35.58 61.40
CA VAL GA 811 -15.61 36.62 60.42
C VAL GA 811 -14.56 36.13 59.43
N ALA GA 812 -13.52 35.49 59.93
CA ALA GA 812 -12.46 34.98 59.08
C ALA GA 812 -13.02 33.95 58.10
N ALA GA 813 -13.79 32.99 58.62
CA ALA GA 813 -14.38 31.96 57.78
C ALA GA 813 -15.48 32.61 56.95
N GLY GA 814 -15.52 33.93 56.99
CA GLY GA 814 -16.50 34.69 56.23
C GLY GA 814 -15.83 35.27 55.00
N TYR GA 815 -14.52 35.16 54.95
CA TYR GA 815 -13.74 35.63 53.82
C TYR GA 815 -13.19 34.44 53.08
N ASN GA 816 -12.91 33.37 53.83
CA ASN GA 816 -12.41 32.16 53.21
C ASN GA 816 -13.47 31.63 52.26
N SER GA 817 -14.67 32.19 52.38
CA SER GA 817 -15.80 31.81 51.53
C SER GA 817 -15.89 32.89 50.45
N PHE GA 818 -15.50 34.11 50.82
CA PHE GA 818 -15.52 35.23 49.91
C PHE GA 818 -14.37 35.16 48.90
N ILE GA 819 -13.15 34.90 49.40
CA ILE GA 819 -11.99 34.81 48.53
C ILE GA 819 -12.15 33.56 47.66
N SER GA 820 -12.83 32.57 48.23
CA SER GA 820 -13.09 31.33 47.53
C SER GA 820 -13.94 31.60 46.30
N GLU GA 821 -15.01 32.37 46.49
CA GLU GA 821 -15.92 32.72 45.39
C GLU GA 821 -15.32 33.72 44.40
N GLN GA 822 -14.39 34.56 44.86
CA GLN GA 822 -13.75 35.52 43.97
C GLN GA 822 -12.69 34.85 43.11
N THR GA 823 -11.85 34.04 43.75
CA THR GA 823 -10.79 33.32 43.06
C THR GA 823 -11.34 32.25 42.13
N ARG GA 824 -12.59 31.85 42.37
CA ARG GA 824 -13.22 30.83 41.54
C ARG GA 824 -13.45 31.35 40.13
N ASN GA 825 -13.37 32.67 39.97
CA ASN GA 825 -13.56 33.32 38.67
C ASN GA 825 -12.44 32.95 37.71
N PRO GA 826 -12.80 32.50 36.49
CA PRO GA 826 -11.84 32.10 35.46
C PRO GA 826 -10.79 33.13 35.03
N ASN GA 827 -11.23 34.23 34.41
CA ASN GA 827 -10.31 35.25 33.91
C ASN GA 827 -9.26 35.75 34.92
N LEU GA 828 -9.42 35.39 36.19
CA LEU GA 828 -8.49 35.85 37.23
C LEU GA 828 -7.03 35.49 36.97
N ALA GA 829 -6.79 34.32 36.38
CA ALA GA 829 -5.43 33.88 36.07
C ALA GA 829 -4.48 33.80 37.27
N HIS GA 830 -3.32 34.44 37.13
CA HIS GA 830 -2.29 34.45 38.16
C HIS GA 830 -2.57 35.41 39.32
N LEU GA 831 -2.56 34.88 40.54
CA LEU GA 831 -2.84 35.65 41.75
C LEU GA 831 -1.75 35.52 42.82
N LEU GA 832 -1.50 36.59 43.56
CA LEU GA 832 -0.51 36.53 44.63
C LEU GA 832 -1.16 36.98 45.93
N ASP GA 833 -0.58 36.55 47.04
CA ASP GA 833 -1.12 36.91 48.34
C ASP GA 833 -0.08 37.63 49.19
N LEU GA 834 -0.27 38.93 49.38
CA LEU GA 834 0.65 39.72 50.16
C LEU GA 834 0.48 39.38 51.64
N GLY GA 835 1.41 38.58 52.17
CA GLY GA 835 1.35 38.20 53.56
C GLY GA 835 0.45 37.04 53.91
N THR GA 836 0.49 35.96 53.12
CA THR GA 836 -0.32 34.80 53.44
C THR GA 836 0.19 34.34 54.81
N GLY GA 837 -0.46 33.36 55.42
CA GLY GA 837 0.02 32.90 56.72
C GLY GA 837 1.40 32.29 56.61
N PRO GA 838 2.03 31.90 57.73
CA PRO GA 838 3.37 31.30 57.63
C PRO GA 838 3.22 30.10 56.73
N GLU GA 839 2.03 29.50 56.81
CA GLU GA 839 1.65 28.35 56.02
C GLU GA 839 0.45 28.78 55.19
N CYS GA 840 0.64 28.85 53.89
CA CYS GA 840 -0.39 29.28 52.94
C CYS GA 840 -1.76 28.69 53.31
N ARG GA 841 -2.64 29.54 53.82
CA ARG GA 841 -3.98 29.13 54.19
C ARG GA 841 -4.92 29.43 53.04
N ILE GA 842 -4.40 30.12 52.03
CA ILE GA 842 -5.19 30.50 50.87
C ILE GA 842 -5.26 29.39 49.81
N LEU GA 843 -4.36 28.41 49.90
CA LEU GA 843 -4.35 27.31 48.93
C LEU GA 843 -5.62 26.49 48.92
N SER GA 844 -6.38 26.57 49.99
CA SER GA 844 -7.63 25.81 50.10
C SER GA 844 -8.77 26.58 49.45
N LEU GA 845 -8.66 27.91 49.42
CA LEU GA 845 -9.70 28.77 48.89
C LEU GA 845 -9.50 29.16 47.42
N ILE GA 846 -8.78 28.34 46.67
CA ILE GA 846 -8.51 28.63 45.27
C ILE GA 846 -8.71 27.39 44.40
N PRO GA 847 -9.26 27.56 43.20
CA PRO GA 847 -9.46 26.41 42.31
C PRO GA 847 -8.09 25.78 42.02
N PRO GA 848 -7.96 24.47 42.29
CA PRO GA 848 -6.71 23.72 42.08
C PRO GA 848 -5.97 23.99 40.77
N THR GA 849 -6.55 24.82 39.90
CA THR GA 849 -5.92 25.13 38.63
C THR GA 849 -5.28 26.53 38.56
N LEU GA 850 -5.85 27.49 39.29
CA LEU GA 850 -5.31 28.85 39.29
C LEU GA 850 -3.88 28.91 39.82
N GLN GA 851 -3.05 29.73 39.19
CA GLN GA 851 -1.65 29.89 39.59
C GLN GA 851 -1.46 31.01 40.61
N VAL GA 852 -1.30 30.63 41.87
CA VAL GA 852 -1.13 31.60 42.95
C VAL GA 852 0.28 31.58 43.55
N THR GA 853 0.67 32.70 44.16
CA THR GA 853 2.00 32.81 44.77
C THR GA 853 1.95 33.49 46.14
N MET GA 854 1.73 32.70 47.19
CA MET GA 854 1.67 33.24 48.56
C MET GA 854 3.06 33.71 49.01
N SER GA 855 3.08 34.78 49.83
CA SER GA 855 4.33 35.33 50.33
C SER GA 855 4.21 35.74 51.80
N ASP GA 856 5.32 35.67 52.53
CA ASP GA 856 5.32 36.03 53.95
C ASP GA 856 6.76 36.20 54.43
N SER GA 857 6.95 37.04 55.44
CA SER GA 857 8.29 37.26 55.99
C SER GA 857 8.85 35.93 56.49
N ARG GA 858 8.09 35.26 57.35
CA ARG GA 858 8.46 33.97 57.91
C ARG GA 858 8.52 32.94 56.77
N PRO GA 859 9.20 31.80 56.99
CA PRO GA 859 9.33 30.73 55.99
C PRO GA 859 8.05 29.89 55.89
N CYS GA 860 7.71 29.42 54.68
CA CYS GA 860 6.48 28.63 54.50
C CYS GA 860 6.51 27.30 55.25
N ALA GA 861 5.42 27.00 55.96
CA ALA GA 861 5.32 25.78 56.75
C ALA GA 861 5.19 24.49 55.95
N GLU GA 862 4.62 24.57 54.75
CA GLU GA 862 4.46 23.38 53.93
C GLU GA 862 5.61 23.28 52.94
N LEU GA 863 6.13 22.07 52.74
CA LEU GA 863 7.23 21.86 51.81
C LEU GA 863 6.79 22.34 50.42
N MET GA 864 7.15 23.58 50.08
CA MET GA 864 6.78 24.16 48.80
C MET GA 864 7.11 23.29 47.59
N ALA GA 865 7.98 22.31 47.78
CA ALA GA 865 8.39 21.41 46.72
C ALA GA 865 7.29 20.46 46.24
N SER GA 866 6.46 20.00 47.17
CA SER GA 866 5.38 19.07 46.83
C SER GA 866 4.35 19.66 45.84
N PHE GA 867 4.24 20.98 45.79
CA PHE GA 867 3.30 21.61 44.86
C PHE GA 867 3.99 21.89 43.53
N ASP GA 868 3.24 21.77 42.43
CA ASP GA 868 3.81 22.04 41.12
C ASP GA 868 4.28 23.49 41.07
N PRO GA 869 5.58 23.71 40.82
CA PRO GA 869 6.14 25.06 40.75
C PRO GA 869 5.34 26.02 39.88
N ALA GA 870 4.98 25.57 38.68
CA ALA GA 870 4.22 26.42 37.78
C ALA GA 870 2.95 26.98 38.41
N LEU GA 871 2.20 26.12 39.10
CA LEU GA 871 0.95 26.53 39.73
C LEU GA 871 1.04 27.29 41.06
N THR GA 872 2.01 26.92 41.91
CA THR GA 872 2.15 27.60 43.20
C THR GA 872 3.57 28.13 43.39
N ALA GA 873 3.68 29.42 43.73
CA ALA GA 873 4.99 30.02 43.95
C ALA GA 873 5.04 30.60 45.35
N TYR GA 874 6.23 30.66 45.94
CA TYR GA 874 6.36 31.21 47.29
C TYR GA 874 7.54 32.18 47.42
N VAL GA 875 7.22 33.41 47.81
CA VAL GA 875 8.23 34.46 47.97
C VAL GA 875 8.37 34.89 49.44
N GLN GA 876 9.59 34.89 49.96
CA GLN GA 876 9.84 35.28 51.35
C GLN GA 876 10.18 36.76 51.48
N GLY GA 877 10.04 37.28 52.70
CA GLY GA 877 10.31 38.68 52.95
C GLY GA 877 9.00 39.44 52.87
N ASP GA 878 8.93 40.60 53.50
CA ASP GA 878 7.71 41.39 53.49
C ASP GA 878 7.50 42.19 52.21
N TYR GA 879 6.25 42.59 51.98
CA TYR GA 879 5.88 43.37 50.82
C TYR GA 879 5.91 44.85 51.22
N SER GA 880 6.00 45.08 52.52
CA SER GA 880 6.04 46.44 53.04
C SER GA 880 7.31 47.14 52.53
N THR GA 881 8.37 46.36 52.33
CA THR GA 881 9.65 46.89 51.86
C THR GA 881 9.72 46.95 50.34
N ALA GA 882 10.13 48.10 49.82
CA ALA GA 882 10.24 48.33 48.38
C ALA GA 882 10.96 47.24 47.59
N ALA GA 883 12.02 46.69 48.15
CA ALA GA 883 12.81 45.66 47.49
C ALA GA 883 11.99 44.47 46.98
N PHE GA 884 11.25 43.83 47.89
CA PHE GA 884 10.42 42.67 47.58
C PHE GA 884 9.66 42.72 46.25
N TRP GA 885 9.27 43.92 45.82
CA TRP GA 885 8.51 44.07 44.59
C TRP GA 885 9.26 44.00 43.26
N ASN GA 886 10.46 43.45 43.27
CA ASN GA 886 11.23 43.34 42.04
C ASN GA 886 11.06 41.99 41.38
N GLY GA 887 10.36 41.98 40.25
CA GLY GA 887 10.14 40.74 39.52
C GLY GA 887 8.95 39.91 39.96
N ILE GA 888 7.99 40.51 40.64
CA ILE GA 888 6.80 39.79 41.07
C ILE GA 888 5.57 40.37 40.38
N ARG GA 889 5.16 39.76 39.27
CA ARG GA 889 4.00 40.25 38.55
C ARG GA 889 2.83 39.27 38.56
N CYS GA 890 1.73 39.72 39.14
CA CYS GA 890 0.50 38.96 39.26
C CYS GA 890 -0.63 39.92 38.87
N ASP GA 891 -1.58 39.42 38.09
CA ASP GA 891 -2.69 40.26 37.64
C ASP GA 891 -3.68 40.58 38.76
N SER GA 892 -3.53 39.92 39.92
CA SER GA 892 -4.42 40.18 41.04
C SER GA 892 -3.79 39.86 42.38
N ALA GA 893 -3.91 40.80 43.31
CA ALA GA 893 -3.35 40.63 44.63
C ALA GA 893 -4.46 40.60 45.67
N THR GA 894 -4.17 39.98 46.80
CA THR GA 894 -5.11 39.88 47.90
C THR GA 894 -4.35 40.05 49.22
N ALA GA 895 -4.62 41.14 49.91
CA ALA GA 895 -3.96 41.44 51.17
C ALA GA 895 -4.95 41.31 52.33
N ILE GA 896 -5.49 40.11 52.52
CA ILE GA 896 -6.43 39.87 53.60
C ILE GA 896 -5.72 39.30 54.82
N PHE GA 897 -5.97 39.92 55.97
CA PHE GA 897 -5.38 39.51 57.26
C PHE GA 897 -3.97 40.06 57.48
N THR GA 898 -3.41 40.74 56.49
CA THR GA 898 -2.05 41.27 56.63
C THR GA 898 -1.98 42.79 56.62
N ILE GA 899 -2.60 43.39 55.62
CA ILE GA 899 -2.59 44.83 55.45
C ILE GA 899 -2.70 45.64 56.75
N GLY GA 900 -3.42 45.11 57.73
CA GLY GA 900 -3.56 45.82 58.99
C GLY GA 900 -2.33 45.70 59.86
N ALA GA 901 -1.71 44.53 59.84
CA ALA GA 901 -0.51 44.26 60.62
C ALA GA 901 0.73 44.94 60.07
N ALA GA 902 0.74 45.19 58.76
CA ALA GA 902 1.87 45.83 58.12
C ALA GA 902 1.94 47.31 58.51
N ALA GA 903 0.79 47.97 58.54
CA ALA GA 903 0.73 49.38 58.91
C ALA GA 903 1.24 49.53 60.34
N ALA GA 904 0.90 48.55 61.18
CA ALA GA 904 1.31 48.56 62.58
C ALA GA 904 2.79 48.17 62.73
N ALA GA 905 3.19 47.15 61.98
CA ALA GA 905 4.58 46.68 62.01
C ALA GA 905 5.51 47.77 61.51
N ALA GA 906 5.20 48.33 60.35
CA ALA GA 906 6.01 49.40 59.77
C ALA GA 906 5.72 50.70 60.50
N GLY GA 907 5.03 50.59 61.64
CA GLY GA 907 4.68 51.75 62.44
C GLY GA 907 4.27 52.95 61.60
N THR GA 908 3.42 52.72 60.61
CA THR GA 908 2.96 53.79 59.73
C THR GA 908 1.44 54.01 59.74
N ASP GA 909 1.03 55.15 59.19
CA ASP GA 909 -0.38 55.52 59.08
C ASP GA 909 -1.07 54.58 58.08
N LEU GA 910 -2.29 54.17 58.39
CA LEU GA 910 -3.02 53.24 57.52
C LEU GA 910 -3.25 53.77 56.10
N ILE GA 911 -3.69 55.02 55.97
CA ILE GA 911 -3.93 55.59 54.64
C ILE GA 911 -2.61 55.68 53.87
N ALA GA 912 -1.58 56.19 54.53
CA ALA GA 912 -0.26 56.34 53.93
C ALA GA 912 0.32 55.00 53.52
N PHE GA 913 -0.01 53.93 54.25
CA PHE GA 913 0.52 52.61 53.93
C PHE GA 913 -0.01 52.08 52.59
N VAL GA 914 -1.33 51.97 52.49
CA VAL GA 914 -1.96 51.47 51.27
C VAL GA 914 -1.69 52.44 50.12
N GLN GA 915 -1.27 53.65 50.47
CA GLN GA 915 -0.96 54.69 49.50
C GLN GA 915 0.28 54.27 48.69
N GLN GA 916 1.11 53.42 49.30
CA GLN GA 916 2.33 52.94 48.66
C GLN GA 916 2.17 51.49 48.19
N LEU GA 917 1.18 50.79 48.72
CA LEU GA 917 0.97 49.39 48.33
C LEU GA 917 0.13 49.28 47.06
N ILE GA 918 -0.99 50.00 47.03
CA ILE GA 918 -1.87 49.96 45.86
C ILE GA 918 -1.08 50.27 44.58
N PRO GA 919 -0.27 51.34 44.58
CA PRO GA 919 0.51 51.68 43.38
C PRO GA 919 1.51 50.59 43.00
N ARG GA 920 1.97 49.80 43.98
CA ARG GA 920 2.90 48.71 43.70
C ARG GA 920 2.16 47.57 43.01
N ILE GA 921 0.93 47.33 43.42
CA ILE GA 921 0.11 46.28 42.82
C ILE GA 921 -0.24 46.66 41.38
N VAL GA 922 -0.36 47.96 41.12
CA VAL GA 922 -0.67 48.45 39.79
C VAL GA 922 0.53 48.16 38.90
N ALA GA 923 1.72 48.44 39.42
CA ALA GA 923 2.96 48.21 38.71
C ALA GA 923 3.22 46.70 38.61
N ALA GA 924 2.90 45.98 39.68
CA ALA GA 924 3.09 44.54 39.70
C ALA GA 924 2.26 43.92 38.58
N GLY GA 925 1.43 44.76 37.95
CA GLY GA 925 0.56 44.30 36.88
C GLY GA 925 -0.66 43.63 37.45
N GLY GA 926 -1.45 44.38 38.21
CA GLY GA 926 -2.64 43.84 38.83
C GLY GA 926 -3.96 44.47 38.38
N THR GA 927 -4.88 43.61 37.95
CA THR GA 927 -6.19 44.04 37.49
C THR GA 927 -7.18 44.11 38.66
N ARG GA 928 -7.06 43.18 39.61
CA ARG GA 928 -7.95 43.12 40.76
C ARG GA 928 -7.21 43.22 42.09
N MET GA 929 -7.93 43.64 43.13
CA MET GA 929 -7.36 43.75 44.46
C MET GA 929 -8.40 43.52 45.55
N TRP GA 930 -7.97 42.87 46.62
CA TRP GA 930 -8.81 42.56 47.76
C TRP GA 930 -7.94 42.75 49.00
N LEU GA 931 -8.28 43.72 49.83
CA LEU GA 931 -7.49 44.00 51.03
C LEU GA 931 -8.37 44.10 52.27
N GLN GA 932 -8.13 43.24 53.25
CA GLN GA 932 -8.92 43.26 54.49
C GLN GA 932 -8.57 44.49 55.32
N LEU GA 933 -8.88 45.68 54.80
CA LEU GA 933 -8.63 46.93 55.50
C LEU GA 933 -9.59 47.02 56.68
N ASN GA 934 -9.16 47.70 57.73
CA ASN GA 934 -10.01 47.85 58.92
C ASN GA 934 -10.46 49.30 59.14
N THR GA 935 -11.54 49.69 58.47
CA THR GA 935 -12.09 51.04 58.60
C THR GA 935 -13.56 50.97 59.02
N PRO GA 936 -13.99 51.88 59.91
CA PRO GA 936 -15.37 51.91 60.38
C PRO GA 936 -16.30 52.56 59.36
N LEU GA 937 -16.70 51.81 58.33
CA LEU GA 937 -17.57 52.37 57.32
C LEU GA 937 -19.03 52.46 57.76
N TYR GA 938 -19.48 51.49 58.55
CA TYR GA 938 -20.87 51.50 59.01
C TYR GA 938 -21.04 52.49 60.16
N GLU GA 939 -20.22 52.36 61.19
CA GLU GA 939 -20.27 53.24 62.35
C GLU GA 939 -18.92 53.31 63.05
N VAL GA 940 -18.71 54.38 63.81
CA VAL GA 940 -17.47 54.54 64.55
C VAL GA 940 -17.67 53.83 65.89
N SER GA 941 -18.80 53.14 66.02
CA SER GA 941 -19.11 52.40 67.25
C SER GA 941 -18.25 51.14 67.28
N SER GA 942 -17.81 50.73 68.46
CA SER GA 942 -16.97 49.55 68.60
C SER GA 942 -17.61 48.43 69.40
N LEU GA 943 -16.90 47.30 69.45
CA LEU GA 943 -17.35 46.14 70.18
C LEU GA 943 -16.62 46.15 71.53
N PRO GA 944 -17.36 45.89 72.62
CA PRO GA 944 -16.80 45.88 73.97
C PRO GA 944 -15.58 44.99 74.20
N ASP GA 945 -15.64 43.75 73.70
CA ASP GA 945 -14.56 42.81 73.90
C ASP GA 945 -13.75 42.47 72.64
N LEU GA 946 -14.34 42.67 71.47
CA LEU GA 946 -13.65 42.34 70.23
C LEU GA 946 -12.75 43.41 69.61
N ILE GA 947 -13.22 44.65 69.54
CA ILE GA 947 -12.41 45.71 68.95
C ILE GA 947 -12.66 47.07 69.59
N GLU GA 948 -11.60 47.70 70.10
CA GLU GA 948 -11.73 49.01 70.70
C GLU GA 948 -11.20 50.01 69.69
N ILE GA 949 -11.94 51.10 69.48
CA ILE GA 949 -11.53 52.10 68.50
C ILE GA 949 -10.97 53.39 69.12
N ASP GA 950 -9.71 53.35 69.52
CA ASP GA 950 -9.03 54.51 70.09
C ASP GA 950 -9.17 55.64 69.08
N LEU GA 951 -9.79 56.75 69.50
CA LEU GA 951 -9.97 57.88 68.58
C LEU GA 951 -8.90 58.95 68.62
N ARG GA 952 -8.12 59.01 69.69
CA ARG GA 952 -7.06 59.99 69.78
C ARG GA 952 -6.07 59.71 68.65
N ASP GA 953 -5.85 58.42 68.41
CA ASP GA 953 -4.96 57.97 67.34
C ASP GA 953 -5.69 56.87 66.57
N HIS GA 954 -5.95 57.12 65.29
CA HIS GA 954 -6.64 56.15 64.45
C HIS GA 954 -6.02 54.77 64.62
N VAL GA 955 -6.59 53.97 65.53
CA VAL GA 955 -6.07 52.64 65.77
C VAL GA 955 -7.09 51.70 66.41
N TYR GA 956 -6.89 50.40 66.22
CA TYR GA 956 -7.78 49.40 66.79
C TYR GA 956 -7.09 48.65 67.91
N ARG GA 957 -7.85 47.79 68.57
CA ARG GA 957 -7.35 46.98 69.64
C ARG GA 957 -8.13 45.68 69.72
N PHE GA 958 -7.83 44.79 68.77
CA PHE GA 958 -8.48 43.50 68.70
C PHE GA 958 -8.19 42.79 70.01
N ASN GA 959 -9.23 42.64 70.83
CA ASN GA 959 -9.08 42.01 72.14
C ASN GA 959 -8.27 42.95 73.03
N GLY GA 960 -8.50 44.25 72.84
CA GLY GA 960 -7.83 45.29 73.60
C GLY GA 960 -6.41 44.99 74.03
N GLY GA 961 -5.47 45.06 73.09
CA GLY GA 961 -4.08 44.80 73.44
C GLY GA 961 -3.44 43.69 72.65
N GLU GA 962 -4.05 42.50 72.68
CA GLU GA 962 -3.54 41.33 71.97
C GLU GA 962 -2.85 41.68 70.66
N ARG GA 963 -3.31 42.76 70.04
CA ARG GA 963 -2.73 43.26 68.80
C ARG GA 963 -3.36 44.61 68.50
N VAL GA 964 -2.54 45.56 68.09
CA VAL GA 964 -3.01 46.91 67.78
C VAL GA 964 -2.64 47.26 66.35
N GLU GA 965 -3.64 47.64 65.56
CA GLU GA 965 -3.39 47.99 64.16
C GLU GA 965 -4.15 49.25 63.77
N PRO GA 966 -3.45 50.24 63.18
CA PRO GA 966 -4.05 51.51 62.76
C PRO GA 966 -5.14 51.29 61.71
N TYR GA 967 -6.06 52.26 61.63
CA TYR GA 967 -7.15 52.18 60.67
C TYR GA 967 -7.31 53.48 59.90
N ALA GA 968 -8.26 53.49 58.97
CA ALA GA 968 -8.54 54.67 58.17
C ALA GA 968 -10.02 54.96 58.36
N ASP GA 969 -10.51 56.00 57.69
CA ASP GA 969 -11.92 56.35 57.80
C ASP GA 969 -12.60 55.96 56.50
N PRO GA 970 -13.92 55.73 56.52
CA PRO GA 970 -14.60 55.36 55.28
C PRO GA 970 -14.37 56.38 54.17
N VAL GA 971 -14.64 57.65 54.46
CA VAL GA 971 -14.49 58.71 53.47
C VAL GA 971 -13.04 59.08 53.08
N PRO GA 972 -12.17 59.42 54.04
CA PRO GA 972 -10.80 59.77 53.67
C PRO GA 972 -10.06 58.67 52.90
N LEU GA 973 -10.15 57.45 53.41
CA LEU GA 973 -9.49 56.31 52.78
C LEU GA 973 -10.13 56.02 51.42
N GLN GA 974 -11.42 56.29 51.32
CA GLN GA 974 -12.17 56.07 50.09
C GLN GA 974 -11.65 56.92 48.94
N GLN GA 975 -11.47 58.21 49.21
CA GLN GA 975 -11.00 59.18 48.22
C GLN GA 975 -9.51 59.03 47.95
N ALA GA 976 -8.77 58.58 48.96
CA ALA GA 976 -7.34 58.40 48.79
C ALA GA 976 -7.06 57.27 47.79
N ILE GA 977 -7.88 56.21 47.86
CA ILE GA 977 -7.71 55.08 46.95
C ILE GA 977 -8.30 55.40 45.57
N ALA GA 978 -9.31 56.26 45.54
CA ALA GA 978 -9.93 56.66 44.29
C ALA GA 978 -8.98 57.58 43.53
N ALA GA 979 -8.14 58.28 44.28
CA ALA GA 979 -7.16 59.19 43.70
C ALA GA 979 -5.97 58.39 43.19
N LEU GA 980 -5.73 57.23 43.81
CA LEU GA 980 -4.64 56.35 43.42
C LEU GA 980 -5.03 55.72 42.08
N LEU GA 981 -6.12 54.96 42.10
CA LEU GA 981 -6.65 54.32 40.89
C LEU GA 981 -7.92 55.04 40.51
N PRO GA 982 -7.82 56.11 39.71
CA PRO GA 982 -8.99 56.87 39.29
C PRO GA 982 -10.02 56.12 38.44
N ALA GA 983 -9.55 55.34 37.49
CA ALA GA 983 -10.45 54.60 36.60
C ALA GA 983 -11.01 53.31 37.21
N ALA GA 984 -10.38 52.80 38.25
CA ALA GA 984 -10.81 51.56 38.89
C ALA GA 984 -12.11 51.70 39.67
N ALA GA 985 -12.95 50.66 39.62
CA ALA GA 985 -14.22 50.65 40.34
C ALA GA 985 -14.05 49.96 41.69
N LEU GA 986 -14.41 50.68 42.76
CA LEU GA 986 -14.28 50.16 44.12
C LEU GA 986 -15.62 49.62 44.64
N SER GA 987 -15.55 48.76 45.66
CA SER GA 987 -16.75 48.17 46.26
C SER GA 987 -16.40 47.44 47.55
N TRP GA 988 -17.24 47.60 48.57
CA TRP GA 988 -17.00 46.96 49.86
C TRP GA 988 -17.81 45.69 50.08
N HIS GA 989 -17.13 44.55 50.11
CA HIS GA 989 -17.85 43.31 50.37
C HIS GA 989 -17.68 43.06 51.87
N THR GA 990 -18.74 42.64 52.53
CA THR GA 990 -18.67 42.39 53.97
C THR GA 990 -19.55 41.20 54.34
N LEU GA 991 -19.17 40.48 55.40
CA LEU GA 991 -19.93 39.32 55.88
C LEU GA 991 -21.45 39.58 55.84
N SER GA 992 -22.12 39.04 54.82
CA SER GA 992 -23.57 39.22 54.62
C SER GA 992 -24.47 38.39 55.53
N PRO GA 993 -25.41 39.05 56.23
CA PRO GA 993 -26.38 38.46 57.16
C PRO GA 993 -27.02 37.15 56.70
N THR GA 994 -26.96 36.86 55.40
CA THR GA 994 -27.54 35.61 54.88
C THR GA 994 -26.79 34.40 55.43
N CYS GA 995 -25.64 34.66 56.05
CA CYS GA 995 -24.79 33.61 56.61
C CYS GA 995 -24.52 32.50 55.62
N ASP GA 996 -24.44 32.87 54.33
CA ASP GA 996 -24.16 31.94 53.24
C ASP GA 996 -22.74 31.40 53.30
N TRP GA 997 -21.90 32.07 54.07
CA TRP GA 997 -20.50 31.70 54.26
C TRP GA 997 -20.44 30.43 55.12
N LEU GA 998 -21.55 30.12 55.77
CA LEU GA 998 -21.66 28.98 56.66
C LEU GA 998 -20.96 27.68 56.32
N PRO GA 999 -20.88 27.31 55.04
CA PRO GA 999 -20.19 26.05 54.76
C PRO GA 999 -18.69 26.16 55.04
N TYR GA 1000 -18.33 27.04 55.96
CA TYR GA 1000 -16.94 27.24 56.35
C TYR GA 1000 -16.75 27.13 57.85
N ILE GA 1001 -17.86 27.11 58.57
CA ILE GA 1001 -17.85 26.99 60.01
C ILE GA 1001 -18.53 25.66 60.34
N ILE GA 1002 -19.70 25.45 59.74
CA ILE GA 1002 -20.44 24.21 59.93
C ILE GA 1002 -19.84 23.23 58.93
N GLY GA 1003 -19.12 23.77 57.94
CA GLY GA 1003 -18.50 22.95 56.92
C GLY GA 1003 -17.18 22.31 57.35
N VAL GA 1004 -16.46 22.96 58.26
CA VAL GA 1004 -15.20 22.42 58.74
C VAL GA 1004 -15.42 21.66 60.06
N GLY GA 1005 -16.61 21.81 60.62
CA GLY GA 1005 -16.92 21.11 61.87
C GLY GA 1005 -16.70 21.92 63.13
N SER GA 1006 -17.18 23.15 63.14
CA SER GA 1006 -17.03 24.01 64.31
C SER GA 1006 -18.36 24.56 64.78
N PRO GA 1007 -18.63 24.49 66.09
CA PRO GA 1007 -19.87 25.00 66.65
C PRO GA 1007 -19.92 26.53 66.55
N LEU GA 1008 -21.07 27.11 66.89
CA LEU GA 1008 -21.22 28.56 66.84
C LEU GA 1008 -22.50 28.99 67.56
N ASN GA 1009 -22.67 30.31 67.69
CA ASN GA 1009 -23.85 30.87 68.35
C ASN GA 1009 -24.64 31.70 67.35
N LEU GA 1010 -25.86 31.28 67.05
CA LEU GA 1010 -26.68 32.02 66.11
C LEU GA 1010 -26.81 33.47 66.53
N SER GA 1011 -26.46 33.76 67.77
CA SER GA 1011 -26.53 35.12 68.30
C SER GA 1011 -25.28 35.93 67.94
N ASP GA 1012 -24.17 35.23 67.71
CA ASP GA 1012 -22.91 35.88 67.37
C ASP GA 1012 -22.84 36.31 65.90
N ILE GA 1013 -23.61 35.65 65.05
CA ILE GA 1013 -23.64 35.99 63.64
C ILE GA 1013 -23.80 37.51 63.61
N ASN GA 1014 -24.58 38.02 64.55
CA ASN GA 1014 -24.84 39.44 64.68
C ASN GA 1014 -23.55 40.19 65.03
N THR GA 1015 -22.78 39.61 65.95
CA THR GA 1015 -21.51 40.21 66.37
C THR GA 1015 -20.57 40.30 65.19
N ALA GA 1016 -20.35 39.18 64.51
CA ALA GA 1016 -19.46 39.11 63.36
C ALA GA 1016 -19.91 39.97 62.17
N ILE GA 1017 -21.23 40.12 61.97
CA ILE GA 1017 -21.73 40.94 60.88
C ILE GA 1017 -21.52 42.41 61.29
N SER GA 1018 -21.07 42.58 62.53
CA SER GA 1018 -20.80 43.89 63.10
C SER GA 1018 -19.29 44.05 63.23
N TYR GA 1019 -18.58 42.92 63.20
CA TYR GA 1019 -17.12 42.90 63.30
C TYR GA 1019 -16.62 42.95 61.86
N SER GA 1020 -17.46 42.49 60.94
CA SER GA 1020 -17.11 42.50 59.53
C SER GA 1020 -17.26 43.94 59.05
N ARG GA 1021 -18.20 44.66 59.67
CA ARG GA 1021 -18.43 46.05 59.31
C ARG GA 1021 -17.31 46.95 59.82
N LEU GA 1022 -16.60 46.49 60.84
CA LEU GA 1022 -15.50 47.27 61.38
C LEU GA 1022 -14.27 47.08 60.51
N THR GA 1023 -14.25 45.97 59.77
CA THR GA 1023 -13.11 45.67 58.89
C THR GA 1023 -13.58 45.08 57.57
N PRO GA 1024 -14.08 45.92 56.66
CA PRO GA 1024 -14.56 45.44 55.36
C PRO GA 1024 -13.42 44.97 54.46
N ILE GA 1025 -13.76 44.46 53.29
CA ILE GA 1025 -12.76 44.01 52.32
C ILE GA 1025 -12.94 44.89 51.09
N LEU GA 1026 -12.12 45.93 51.00
CA LEU GA 1026 -12.19 46.84 49.89
C LEU GA 1026 -11.75 46.13 48.61
N HIS GA 1027 -12.73 45.83 47.76
CA HIS GA 1027 -12.52 45.14 46.49
C HIS GA 1027 -12.38 46.15 45.35
N ILE GA 1028 -11.17 46.31 44.83
CA ILE GA 1028 -10.92 47.23 43.73
C ILE GA 1028 -10.98 46.46 42.42
N ASP GA 1029 -11.22 47.18 41.32
CA ASP GA 1029 -11.26 46.54 40.00
C ASP GA 1029 -10.92 47.57 38.93
N THR GA 1030 -9.63 47.64 38.60
CA THR GA 1030 -9.13 48.58 37.59
C THR GA 1030 -9.73 48.28 36.22
N THR GA 1031 -10.24 47.07 36.06
CA THR GA 1031 -10.81 46.63 34.78
C THR GA 1031 -12.18 47.22 34.40
N THR GA 1032 -12.74 48.07 35.25
CA THR GA 1032 -14.05 48.67 34.96
C THR GA 1032 -14.21 50.09 35.49
N PRO GA 1033 -15.15 50.86 34.93
CA PRO GA 1033 -15.41 52.24 35.36
C PRO GA 1033 -16.05 52.27 36.73
N PRO GA 1034 -15.64 53.20 37.60
CA PRO GA 1034 -16.20 53.31 38.95
C PRO GA 1034 -17.54 54.03 38.98
N LEU GA 1035 -18.28 53.88 40.08
CA LEU GA 1035 -19.58 54.52 40.23
C LEU GA 1035 -19.48 56.03 40.46
N ARG GA 1036 -20.64 56.67 40.55
CA ARG GA 1036 -20.71 58.12 40.77
C ARG GA 1036 -21.92 58.42 41.64
N VAL GA 1037 -21.69 58.68 42.92
CA VAL GA 1037 -22.79 58.98 43.84
C VAL GA 1037 -22.83 60.49 44.10
N ASN GA 1038 -23.90 61.15 43.66
CA ASN GA 1038 -24.04 62.60 43.81
C ASN GA 1038 -24.05 63.17 45.22
N PRO GA 1039 -24.37 62.35 46.23
CA PRO GA 1039 -24.37 62.94 47.57
C PRO GA 1039 -23.03 62.74 48.28
N VAL GA 1040 -22.29 61.72 47.87
CA VAL GA 1040 -20.99 61.37 48.45
C VAL GA 1040 -21.23 60.78 49.85
N PRO GA 1041 -21.35 61.62 50.90
CA PRO GA 1041 -21.60 60.92 52.17
C PRO GA 1041 -23.10 60.66 52.26
N THR GA 1042 -23.62 60.04 51.20
CA THR GA 1042 -25.04 59.71 51.04
C THR GA 1042 -25.85 59.52 52.33
N PRO GA 1043 -26.83 60.41 52.57
CA PRO GA 1043 -27.67 60.33 53.76
C PRO GA 1043 -28.94 59.52 53.51
N LEU GA 1044 -29.31 58.69 54.48
CA LEU GA 1044 -30.51 57.86 54.38
C LEU GA 1044 -31.76 58.71 54.18
N ASN GA 1045 -32.61 58.32 53.24
CA ASN GA 1045 -33.86 59.03 52.95
C ASN GA 1045 -33.75 60.25 52.03
N GLN GA 1046 -32.62 60.38 51.34
CA GLN GA 1046 -32.42 61.48 50.40
C GLN GA 1046 -32.19 60.88 49.02
N GLN GA 1047 -32.83 61.45 48.02
CA GLN GA 1047 -32.67 60.97 46.66
C GLN GA 1047 -31.23 61.24 46.21
N CYS GA 1048 -30.57 60.20 45.73
CA CYS GA 1048 -29.19 60.34 45.28
C CYS GA 1048 -29.06 59.93 43.81
N ALA GA 1049 -28.04 60.46 43.15
CA ALA GA 1049 -27.82 60.14 41.76
C ALA GA 1049 -26.64 59.17 41.63
N ILE GA 1050 -26.91 58.01 41.06
CA ILE GA 1050 -25.89 56.99 40.85
C ILE GA 1050 -25.81 56.78 39.36
N ARG GA 1051 -24.60 56.63 38.83
CA ARG GA 1051 -24.44 56.46 37.38
C ARG GA 1051 -23.44 55.38 36.96
N ILE GA 1052 -23.96 54.30 36.39
CA ILE GA 1052 -23.14 53.21 35.90
C ILE GA 1052 -22.90 53.46 34.42
N THR GA 1053 -21.63 53.66 34.03
CA THR GA 1053 -21.32 53.92 32.64
C THR GA 1053 -21.10 52.70 31.77
N SER GA 1054 -22.20 52.11 31.30
CA SER GA 1054 -22.13 50.93 30.43
C SER GA 1054 -22.61 51.32 29.04
N LEU GA 1055 -21.78 51.03 28.04
CA LEU GA 1055 -22.08 51.37 26.64
C LEU GA 1055 -23.41 50.81 26.10
N ASP GA 1056 -23.80 49.63 26.55
CA ASP GA 1056 -25.03 49.01 26.07
C ASP GA 1056 -26.27 49.26 26.93
N PRO GA 1057 -27.32 49.86 26.34
CA PRO GA 1057 -28.56 50.15 27.06
C PRO GA 1057 -29.29 48.85 27.38
N ALA GA 1058 -28.98 47.82 26.61
CA ALA GA 1058 -29.59 46.51 26.76
C ALA GA 1058 -28.98 45.68 27.89
N ALA GA 1059 -28.91 46.28 29.09
CA ALA GA 1059 -28.36 45.59 30.25
C ALA GA 1059 -29.39 45.59 31.38
N VAL GA 1060 -29.19 44.71 32.35
CA VAL GA 1060 -30.11 44.62 33.49
C VAL GA 1060 -29.47 45.07 34.79
N LEU GA 1061 -29.98 46.17 35.33
CA LEU GA 1061 -29.46 46.72 36.58
C LEU GA 1061 -30.04 45.94 37.76
N SER GA 1062 -29.16 45.44 38.63
CA SER GA 1062 -29.61 44.68 39.79
C SER GA 1062 -28.74 44.88 41.03
N VAL GA 1063 -28.97 46.01 41.72
CA VAL GA 1063 -28.24 46.34 42.94
C VAL GA 1063 -28.73 45.47 44.10
N GLN GA 1064 -27.80 44.78 44.74
CA GLN GA 1064 -28.15 43.92 45.87
C GLN GA 1064 -27.35 44.22 47.14
N HIS GA 1065 -28.07 44.37 48.25
CA HIS GA 1065 -27.46 44.67 49.54
C HIS GA 1065 -27.82 43.59 50.57
N ASN GA 1066 -26.81 43.05 51.23
CA ASN GA 1066 -26.97 42.00 52.25
C ASN GA 1066 -27.03 40.59 51.70
N GLY GA 1067 -26.66 40.41 50.44
CA GLY GA 1067 -26.70 39.09 49.85
C GLY GA 1067 -28.08 38.80 49.32
N VAL GA 1068 -28.89 39.85 49.26
CA VAL GA 1068 -30.26 39.78 48.77
C VAL GA 1068 -30.38 40.91 47.76
N GLU GA 1069 -30.91 40.64 46.58
CA GLU GA 1069 -31.07 41.71 45.59
C GLU GA 1069 -32.23 42.58 46.05
N VAL GA 1070 -32.15 43.88 45.78
CA VAL GA 1070 -33.21 44.78 46.21
C VAL GA 1070 -33.76 45.64 45.08
N ILE GA 1071 -32.92 45.90 44.07
CA ILE GA 1071 -33.34 46.71 42.94
C ILE GA 1071 -32.94 46.04 41.63
N GLY GA 1072 -33.92 45.57 40.87
CA GLY GA 1072 -33.60 44.92 39.61
C GLY GA 1072 -34.55 45.24 38.48
N GLY GA 1073 -34.00 45.50 37.30
CA GLY GA 1073 -34.85 45.79 36.15
C GLY GA 1073 -34.28 46.79 35.15
N THR GA 1074 -34.42 46.46 33.87
CA THR GA 1074 -33.98 47.28 32.76
C THR GA 1074 -34.61 48.67 32.98
N PRO GA 1075 -34.02 49.74 32.40
CA PRO GA 1075 -34.56 51.09 32.57
C PRO GA 1075 -36.07 51.21 32.79
N GLY GA 1076 -36.85 50.77 31.80
CA GLY GA 1076 -38.30 50.85 31.92
C GLY GA 1076 -38.84 50.50 33.29
N ASN GA 1077 -38.77 49.23 33.66
CA ASN GA 1077 -39.27 48.76 34.94
C ASN GA 1077 -38.19 48.38 35.93
N VAL GA 1078 -38.29 48.92 37.14
CA VAL GA 1078 -37.32 48.63 38.19
C VAL GA 1078 -38.02 48.37 39.51
N ILE GA 1079 -37.92 47.13 39.98
CA ILE GA 1079 -38.51 46.73 41.24
C ILE GA 1079 -37.55 47.12 42.34
N SER GA 1080 -37.98 48.02 43.22
CA SER GA 1080 -37.12 48.49 44.30
C SER GA 1080 -37.72 48.31 45.69
N VAL GA 1081 -37.03 47.56 46.53
CA VAL GA 1081 -37.45 47.29 47.89
C VAL GA 1081 -36.62 48.11 48.88
N ALA GA 1082 -35.68 48.87 48.34
CA ALA GA 1082 -34.81 49.71 49.16
C ALA GA 1082 -35.30 51.15 49.15
N GLY GA 1083 -36.32 51.40 48.33
CA GLY GA 1083 -36.87 52.74 48.22
C GLY GA 1083 -37.21 53.03 46.77
N ALA GA 1084 -37.69 54.24 46.50
CA ALA GA 1084 -38.06 54.63 45.14
C ALA GA 1084 -36.83 54.68 44.23
N ALA GA 1085 -36.72 53.71 43.32
CA ALA GA 1085 -35.60 53.63 42.40
C ALA GA 1085 -36.06 53.78 40.95
N ALA GA 1086 -35.74 54.91 40.34
CA ALA GA 1086 -36.13 55.18 38.95
C ALA GA 1086 -34.91 55.11 38.03
N LEU GA 1087 -34.70 53.95 37.42
CA LEU GA 1087 -33.57 53.73 36.53
C LEU GA 1087 -33.90 53.99 35.06
N GLN GA 1088 -33.05 54.75 34.38
CA GLN GA 1088 -33.26 55.08 32.96
C GLN GA 1088 -31.94 55.33 32.24
N TYR GA 1089 -31.61 54.47 31.28
CA TYR GA 1089 -30.37 54.59 30.51
C TYR GA 1089 -30.33 55.85 29.64
N ILE GA 1090 -29.45 56.78 29.98
CA ILE GA 1090 -29.30 58.00 29.19
C ILE GA 1090 -28.33 57.71 28.04
N LEU GA 1091 -28.80 57.93 26.82
CA LEU GA 1091 -28.00 57.67 25.63
C LEU GA 1091 -26.76 58.56 25.55
N ALA GA 1092 -26.96 59.85 25.77
CA ALA GA 1092 -25.87 60.82 25.70
C ALA GA 1092 -24.58 60.35 26.38
N ASN GA 1093 -24.59 60.26 27.70
CA ASN GA 1093 -23.41 59.83 28.47
C ASN GA 1093 -23.16 58.34 28.32
N GLN GA 1094 -24.21 57.58 28.02
CA GLN GA 1094 -24.12 56.13 27.87
C GLN GA 1094 -24.06 55.46 29.22
N GLU GA 1095 -24.74 56.06 30.21
CA GLU GA 1095 -24.76 55.50 31.55
C GLU GA 1095 -26.16 55.55 32.14
N PHE GA 1096 -26.60 54.44 32.72
CA PHE GA 1096 -27.93 54.38 33.31
C PHE GA 1096 -27.94 55.28 34.55
N LEU GA 1097 -28.65 56.40 34.49
CA LEU GA 1097 -28.72 57.30 35.62
C LEU GA 1097 -29.81 56.80 36.56
N LEU GA 1098 -29.41 56.36 37.75
CA LEU GA 1098 -30.36 55.84 38.73
C LEU GA 1098 -30.78 56.85 39.78
N GLN GA 1099 -32.02 57.31 39.69
CA GLN GA 1099 -32.56 58.25 40.66
C GLN GA 1099 -33.09 57.38 41.80
N PHE GA 1100 -32.22 57.13 42.78
CA PHE GA 1100 -32.58 56.27 43.90
C PHE GA 1100 -32.59 56.94 45.27
N THR GA 1101 -33.63 56.65 46.05
CA THR GA 1101 -33.76 57.18 47.40
C THR GA 1101 -33.96 55.98 48.33
N PRO GA 1102 -32.97 55.69 49.18
CA PRO GA 1102 -33.02 54.57 50.12
C PRO GA 1102 -33.72 54.84 51.46
N THR GA 1103 -34.25 53.78 52.06
CA THR GA 1103 -34.91 53.87 53.35
C THR GA 1103 -34.15 52.96 54.32
N LEU GA 1104 -33.17 52.24 53.77
CA LEU GA 1104 -32.34 51.36 54.59
C LEU GA 1104 -30.86 51.66 54.34
N PRO GA 1105 -30.10 51.94 55.41
CA PRO GA 1105 -28.68 52.23 55.21
C PRO GA 1105 -27.94 50.93 54.96
N GLY GA 1106 -26.77 51.00 54.33
CA GLY GA 1106 -26.02 49.79 54.05
C GLY GA 1106 -24.92 49.91 53.02
N ILE GA 1107 -24.55 48.78 52.43
CA ILE GA 1107 -23.50 48.74 51.42
C ILE GA 1107 -24.04 48.01 50.20
N PHE GA 1108 -24.68 48.76 49.30
CA PHE GA 1108 -25.27 48.20 48.08
C PHE GA 1108 -24.25 47.92 46.98
N ASP GA 1109 -24.10 46.64 46.63
CA ASP GA 1109 -23.16 46.26 45.57
C ASP GA 1109 -23.90 46.28 44.23
N VAL GA 1110 -23.74 47.37 43.48
CA VAL GA 1110 -24.39 47.51 42.18
C VAL GA 1110 -23.94 46.45 41.19
N PHE GA 1111 -24.92 45.76 40.59
CA PHE GA 1111 -24.64 44.72 39.62
C PHE GA 1111 -25.29 45.04 38.28
N LEU GA 1112 -24.47 45.18 37.25
CA LEU GA 1112 -24.99 45.46 35.92
C LEU GA 1112 -24.68 44.23 35.08
N THR GA 1113 -25.69 43.42 34.82
CA THR GA 1113 -25.52 42.21 34.04
C THR GA 1113 -26.05 42.33 32.61
N THR GA 1114 -25.25 41.89 31.64
CA THR GA 1114 -25.64 41.93 30.24
C THR GA 1114 -26.53 40.73 29.94
N LEU GA 1115 -27.38 40.87 28.92
CA LEU GA 1115 -28.28 39.79 28.55
C LEU GA 1115 -27.57 38.45 28.47
N GLY GA 1116 -26.38 38.45 27.89
CA GLY GA 1116 -25.61 37.22 27.77
C GLY GA 1116 -24.38 37.26 28.66
N GLN GA 1117 -24.10 36.17 29.37
CA GLN GA 1117 -22.95 36.13 30.24
C GLN GA 1117 -23.29 36.37 31.70
N PRO GA 1118 -22.39 36.01 32.63
CA PRO GA 1118 -22.60 36.19 34.07
C PRO GA 1118 -22.75 37.65 34.47
N PRO GA 1119 -23.42 37.91 35.61
CA PRO GA 1119 -23.62 39.28 36.10
C PRO GA 1119 -22.29 39.90 36.49
N VAL GA 1120 -22.05 41.14 36.06
CA VAL GA 1120 -20.80 41.81 36.38
C VAL GA 1120 -20.94 42.97 37.34
N PRO GA 1121 -20.16 42.94 38.44
CA PRO GA 1121 -20.19 44.00 39.47
C PRO GA 1121 -19.59 45.30 38.94
N ARG GA 1122 -20.26 46.41 39.22
CA ARG GA 1122 -19.81 47.71 38.76
C ARG GA 1122 -19.62 48.74 39.88
N GLY GA 1123 -19.10 48.30 41.01
CA GLY GA 1123 -18.88 49.22 42.12
C GLY GA 1123 -19.90 49.10 43.25
N SER GA 1124 -19.65 49.81 44.34
CA SER GA 1124 -20.55 49.77 45.48
C SER GA 1124 -20.61 51.07 46.29
N PHE GA 1125 -21.79 51.68 46.35
CA PHE GA 1125 -22.02 52.91 47.10
C PHE GA 1125 -22.59 52.51 48.46
N THR GA 1126 -22.50 53.40 49.46
CA THR GA 1126 -23.03 53.06 50.78
C THR GA 1126 -23.87 54.13 51.47
N ILE GA 1127 -25.17 53.89 51.54
CA ILE GA 1127 -26.07 54.82 52.21
C ILE GA 1127 -25.78 54.68 53.70
N THR GA 1128 -25.26 55.74 54.30
CA THR GA 1128 -24.90 55.74 55.71
C THR GA 1128 -26.06 56.05 56.66
N PRO GA 1129 -26.13 55.33 57.79
CA PRO GA 1129 -27.19 55.54 58.78
C PRO GA 1129 -27.32 57.02 59.16
N PRO GA 1130 -28.55 57.46 59.50
CA PRO GA 1130 -28.80 58.85 59.88
C PRO GA 1130 -28.09 59.29 61.16
N PRO GA 1131 -27.85 60.61 61.31
CA PRO GA 1131 -27.17 61.22 62.46
C PRO GA 1131 -27.72 60.86 63.83
N THR GA 1132 -27.09 59.88 64.47
CA THR GA 1132 -27.50 59.42 65.80
C THR GA 1132 -27.28 60.47 66.90
N THR GA 1133 -28.38 61.03 67.39
CA THR GA 1133 -28.34 62.04 68.44
C THR GA 1133 -29.72 62.13 69.11
N VAL GA 1134 -29.78 62.66 70.33
CA VAL GA 1134 -31.04 62.75 71.05
C VAL GA 1134 -31.29 64.01 71.89
N ALA GA 1135 -32.29 64.78 71.48
CA ALA GA 1135 -32.68 66.00 72.18
C ALA GA 1135 -34.07 65.81 72.76
N LEU GA 1136 -34.31 66.29 73.97
CA LEU GA 1136 -35.61 66.13 74.62
C LEU GA 1136 -36.21 67.47 75.08
N ASN GA 1137 -37.46 67.71 74.71
CA ASN GA 1137 -38.15 68.93 75.12
C ASN GA 1137 -38.52 68.79 76.59
N MET GA 1138 -37.50 68.69 77.44
CA MET GA 1138 -37.69 68.55 78.89
C MET GA 1138 -38.61 69.63 79.45
N PRO GA 1139 -39.66 69.22 80.18
CA PRO GA 1139 -40.61 70.17 80.78
C PRO GA 1139 -40.03 70.99 81.93
N PRO GA 1140 -40.49 72.23 82.10
CA PRO GA 1140 -40.04 73.14 83.16
C PRO GA 1140 -40.41 72.62 84.55
N PRO GA 1141 -39.61 72.98 85.57
CA PRO GA 1141 -39.88 72.54 86.94
C PRO GA 1141 -41.35 72.67 87.27
N ARG GA 1142 -41.93 73.82 86.92
CA ARG GA 1142 -43.34 74.06 87.14
C ARG GA 1142 -44.04 73.61 85.86
N GLN GA 1143 -45.23 73.06 86.00
CA GLN GA 1143 -46.03 72.53 84.90
C GLN GA 1143 -45.61 71.06 84.77
N LEU GA 1144 -44.59 70.70 85.54
CA LEU GA 1144 -44.06 69.35 85.61
C LEU GA 1144 -44.32 68.89 87.04
N ASP GA 1145 -44.97 67.75 87.19
CA ASP GA 1145 -45.27 67.24 88.52
C ASP GA 1145 -44.77 65.83 88.82
N PHE GA 1146 -44.78 65.52 90.12
CA PHE GA 1146 -44.34 64.23 90.64
C PHE GA 1146 -45.59 63.41 90.96
N THR GA 1147 -46.73 63.90 90.46
CA THR GA 1147 -48.00 63.23 90.66
C THR GA 1147 -48.02 61.96 89.81
N ASP GA 1148 -49.16 61.27 89.78
CA ASP GA 1148 -49.25 60.04 89.00
C ASP GA 1148 -49.10 60.28 87.50
N VAL GA 1149 -49.84 61.24 86.97
CA VAL GA 1149 -49.76 61.54 85.54
C VAL GA 1149 -48.31 61.93 85.22
N GLY GA 1150 -47.63 61.07 84.47
CA GLY GA 1150 -46.24 61.34 84.14
C GLY GA 1150 -46.01 62.39 83.08
N ASN GA 1151 -45.14 63.35 83.37
CA ASN GA 1151 -44.83 64.40 82.41
C ASN GA 1151 -44.10 63.73 81.26
N ASP GA 1152 -44.19 64.29 80.07
CA ASP GA 1152 -43.52 63.70 78.92
C ASP GA 1152 -42.81 64.70 78.03
N ALA GA 1153 -41.49 64.59 77.96
CA ALA GA 1153 -40.70 65.48 77.13
C ALA GA 1153 -40.53 64.84 75.77
N ARG GA 1154 -40.95 65.55 74.71
CA ARG GA 1154 -40.83 65.02 73.36
C ARG GA 1154 -39.37 64.84 72.96
N ILE GA 1155 -39.00 63.62 72.61
CA ILE GA 1155 -37.62 63.32 72.23
C ILE GA 1155 -37.36 63.44 70.74
N THR GA 1156 -36.33 64.21 70.38
CA THR GA 1156 -35.95 64.41 68.99
C THR GA 1156 -34.86 63.43 68.60
N CYS GA 1157 -35.22 62.49 67.72
CA CYS GA 1157 -34.28 61.48 67.25
C CYS GA 1157 -34.81 60.97 65.91
N ASP GA 1158 -33.90 60.56 65.03
CA ASP GA 1158 -34.30 60.04 63.73
C ASP GA 1158 -35.30 58.90 63.88
N PRO GA 1159 -36.39 58.95 63.11
CA PRO GA 1159 -37.42 57.90 63.18
C PRO GA 1159 -36.79 56.53 62.99
N TYR GA 1160 -35.69 56.51 62.25
CA TYR GA 1160 -34.95 55.29 61.94
C TYR GA 1160 -34.64 54.44 63.17
N TYR GA 1161 -34.12 55.09 64.21
CA TYR GA 1161 -33.76 54.40 65.44
C TYR GA 1161 -34.93 54.29 66.41
N GLN GA 1162 -35.19 53.08 66.91
CA GLN GA 1162 -36.27 52.89 67.88
C GLN GA 1162 -35.65 53.03 69.26
N LEU GA 1163 -36.15 53.99 70.05
CA LEU GA 1163 -35.62 54.20 71.39
C LEU GA 1163 -36.47 53.56 72.46
N ALA GA 1164 -35.80 53.07 73.51
CA ALA GA 1164 -36.48 52.43 74.64
C ALA GA 1164 -35.77 52.79 75.94
N VAL GA 1165 -36.54 53.23 76.91
CA VAL GA 1165 -36.00 53.61 78.22
C VAL GA 1165 -35.50 52.39 78.98
N CYS GA 1166 -34.42 52.57 79.73
CA CYS GA 1166 -33.86 51.48 80.52
C CYS GA 1166 -32.74 52.02 81.39
N ILE GA 1167 -32.25 51.17 82.30
CA ILE GA 1167 -31.17 51.54 83.21
C ILE GA 1167 -29.98 50.65 82.88
N PHE GA 1168 -28.76 51.15 83.13
CA PHE GA 1168 -27.58 50.36 82.83
C PHE GA 1168 -27.15 49.50 84.02
N LYS GA 1169 -27.66 48.27 84.06
CA LYS GA 1169 -27.36 47.33 85.12
C LYS GA 1169 -26.32 46.31 84.68
N ASP GA 1170 -25.17 46.30 85.34
CA ASP GA 1170 -24.10 45.37 85.02
C ASP GA 1170 -23.46 45.68 83.66
N GLY GA 1171 -23.30 44.67 82.82
CA GLY GA 1171 -22.71 44.89 81.52
C GLY GA 1171 -23.72 45.22 80.44
N GLN GA 1172 -24.96 44.80 80.66
CA GLN GA 1172 -26.01 45.05 79.68
C GLN GA 1172 -27.01 46.12 80.11
N TYR GA 1173 -27.99 46.36 79.25
CA TYR GA 1173 -29.04 47.34 79.51
C TYR GA 1173 -30.33 46.59 79.83
N VAL GA 1174 -31.00 47.00 80.89
CA VAL GA 1174 -32.24 46.34 81.26
C VAL GA 1174 -33.41 47.29 81.10
N ARG GA 1175 -34.32 46.97 80.18
CA ARG GA 1175 -35.49 47.81 79.95
C ARG GA 1175 -36.22 48.18 81.24
N VAL GA 1176 -36.40 49.47 81.48
CA VAL GA 1176 -37.11 49.91 82.67
C VAL GA 1176 -38.57 49.55 82.44
N ASN GA 1177 -39.34 49.41 83.52
CA ASN GA 1177 -40.74 49.06 83.39
C ASN GA 1177 -41.48 50.23 82.73
N PRO GA 1178 -42.45 49.93 81.85
CA PRO GA 1178 -43.25 50.93 81.12
C PRO GA 1178 -43.99 52.00 81.94
N GLU GA 1179 -44.38 51.67 83.17
CA GLU GA 1179 -45.09 52.63 84.00
C GLU GA 1179 -44.15 53.72 84.56
N LYS GA 1180 -42.89 53.36 84.77
CA LYS GA 1180 -41.89 54.30 85.29
C LYS GA 1180 -41.49 55.30 84.20
N ALA GA 1181 -41.22 54.77 83.01
CA ALA GA 1181 -40.84 55.56 81.87
C ALA GA 1181 -41.17 54.74 80.62
N SER GA 1182 -41.22 55.38 79.46
CA SER GA 1182 -41.53 54.66 78.22
C SER GA 1182 -41.49 55.62 77.04
N VAL GA 1183 -41.47 55.06 75.84
CA VAL GA 1183 -41.42 55.88 74.64
C VAL GA 1183 -42.76 55.86 73.90
N VAL GA 1184 -43.74 56.58 74.44
CA VAL GA 1184 -45.05 56.67 73.85
C VAL GA 1184 -44.88 57.46 72.55
N THR GA 1185 -45.26 56.86 71.42
CA THR GA 1185 -45.08 57.53 70.14
C THR GA 1185 -46.36 57.90 69.39
N ASN GA 1186 -46.51 59.18 69.11
CA ASN GA 1186 -47.64 59.67 68.34
C ASN GA 1186 -47.06 59.77 66.94
N ALA GA 1187 -47.89 59.60 65.91
CA ALA GA 1187 -47.37 59.71 64.56
C ALA GA 1187 -46.57 61.01 64.40
N PRO GA 1188 -47.07 62.12 64.98
CA PRO GA 1188 -46.38 63.41 64.89
C PRO GA 1188 -45.01 63.46 65.55
N ASN GA 1189 -44.83 62.66 66.60
CA ASN GA 1189 -43.55 62.67 67.32
C ASN GA 1189 -43.40 61.57 68.35
N ARG GA 1190 -42.16 61.15 68.58
CA ARG GA 1190 -41.84 60.12 69.56
C ARG GA 1190 -41.60 60.86 70.87
N ASP GA 1191 -42.26 60.43 71.94
CA ASP GA 1191 -42.10 61.11 73.23
C ASP GA 1191 -41.62 60.22 74.36
N LEU GA 1192 -40.96 60.84 75.33
CA LEU GA 1192 -40.47 60.12 76.50
C LEU GA 1192 -41.44 60.38 77.64
N HIS GA 1193 -42.23 59.37 77.96
CA HIS GA 1193 -43.19 59.48 79.05
C HIS GA 1193 -42.50 59.01 80.33
N PHE GA 1194 -42.60 59.79 81.40
CA PHE GA 1194 -41.96 59.41 82.66
C PHE GA 1194 -42.73 59.90 83.88
N VAL GA 1195 -42.60 59.14 84.97
CA VAL GA 1195 -43.26 59.47 86.22
C VAL GA 1195 -42.15 59.67 87.25
N LEU GA 1196 -42.07 60.87 87.82
CA LEU GA 1196 -41.04 61.19 88.80
C LEU GA 1196 -41.13 60.41 90.10
N ASP GA 1197 -40.00 59.81 90.50
CA ASP GA 1197 -39.89 59.03 91.71
C ASP GA 1197 -38.64 59.50 92.46
N LEU GA 1198 -38.64 59.41 93.79
CA LEU GA 1198 -37.48 59.84 94.56
C LEU GA 1198 -36.24 59.07 94.13
N ALA GA 1199 -36.45 57.88 93.57
CA ALA GA 1199 -35.36 57.02 93.11
C ALA GA 1199 -34.67 57.56 91.86
N ASP GA 1200 -35.31 58.51 91.19
CA ASP GA 1200 -34.78 59.11 89.96
C ASP GA 1200 -33.44 59.83 90.09
N ASN GA 1201 -33.14 60.37 91.27
CA ASN GA 1201 -31.88 61.07 91.48
C ASN GA 1201 -30.69 60.14 91.57
N HIS GA 1202 -30.92 58.95 92.12
CA HIS GA 1202 -29.86 57.97 92.26
C HIS GA 1202 -29.66 57.15 91.01
N VAL GA 1203 -30.74 56.56 90.51
CA VAL GA 1203 -30.69 55.74 89.31
C VAL GA 1203 -31.13 56.57 88.10
N LEU GA 1204 -30.34 56.57 87.03
CA LEU GA 1204 -30.70 57.34 85.83
C LEU GA 1204 -31.18 56.44 84.69
N LEU GA 1205 -31.90 57.05 83.75
CA LEU GA 1205 -32.43 56.33 82.59
C LEU GA 1205 -31.69 56.65 81.30
N TYR GA 1206 -31.76 55.71 80.36
CA TYR GA 1206 -31.10 55.85 79.06
C TYR GA 1206 -32.05 55.52 77.91
N LEU GA 1207 -32.07 56.38 76.89
CA LEU GA 1207 -32.87 56.10 75.71
C LEU GA 1207 -31.92 55.24 74.89
N CYS GA 1208 -32.32 54.03 74.55
CA CYS GA 1208 -31.43 53.14 73.82
C CYS GA 1208 -31.95 52.53 72.51
N ASP GA 1209 -31.04 52.44 71.54
CA ASP GA 1209 -31.33 51.89 70.22
C ASP GA 1209 -31.80 50.44 70.33
N VAL GA 1210 -33.08 50.22 70.11
CA VAL GA 1210 -33.68 48.88 70.17
C VAL GA 1210 -33.50 48.14 68.86
N THR GA 1211 -32.69 47.10 68.88
CA THR GA 1211 -32.45 46.28 67.71
C THR GA 1211 -32.59 44.82 68.10
N PRO GA 1212 -32.59 43.90 67.11
CA PRO GA 1212 -32.72 42.47 67.43
C PRO GA 1212 -31.59 42.08 68.38
N SER GA 1213 -30.47 42.81 68.28
CA SER GA 1213 -29.31 42.59 69.11
C SER GA 1213 -29.60 43.17 70.50
N GLY GA 1214 -28.62 43.14 71.39
CA GLY GA 1214 -28.82 43.69 72.73
C GLY GA 1214 -29.13 45.15 72.54
N LEU GA 1215 -30.23 45.64 73.12
CA LEU GA 1215 -30.60 47.04 72.95
C LEU GA 1215 -29.61 48.07 73.47
N GLY GA 1216 -29.70 49.26 72.89
CA GLY GA 1216 -28.86 50.38 73.27
C GLY GA 1216 -27.41 50.44 72.91
N ASP GA 1217 -27.03 49.96 71.72
CA ASP GA 1217 -25.62 50.01 71.34
C ASP GA 1217 -25.28 51.23 70.49
N ARG GA 1218 -26.12 51.55 69.51
CA ARG GA 1218 -25.87 52.70 68.66
C ARG GA 1218 -26.00 54.00 69.44
N ILE GA 1219 -27.13 54.18 70.11
CA ILE GA 1219 -27.36 55.38 70.90
C ILE GA 1219 -27.82 54.98 72.30
N ALA GA 1220 -26.99 55.26 73.30
CA ALA GA 1220 -27.31 54.92 74.67
C ALA GA 1220 -27.24 56.13 75.59
N PHE GA 1221 -27.50 57.32 75.04
CA PHE GA 1221 -27.46 58.56 75.80
C PHE GA 1221 -28.26 58.48 77.10
N PRO GA 1222 -27.69 58.98 78.21
CA PRO GA 1222 -28.33 58.97 79.51
C PRO GA 1222 -29.10 60.27 79.78
N ILE GA 1223 -30.36 60.13 80.20
CA ILE GA 1223 -31.15 61.30 80.50
C ILE GA 1223 -30.64 61.81 81.84
N VAL GA 1224 -30.00 62.98 81.82
CA VAL GA 1224 -29.45 63.56 83.03
C VAL GA 1224 -30.38 64.63 83.60
N ASP GA 1225 -31.50 64.85 82.91
CA ASP GA 1225 -32.47 65.85 83.35
C ASP GA 1225 -33.48 65.25 84.32
N ILE GA 1226 -34.16 64.19 83.90
CA ILE GA 1226 -35.12 63.51 84.75
C ILE GA 1226 -34.34 62.96 85.94
N TYR GA 1227 -33.02 63.00 85.81
CA TYR GA 1227 -32.10 62.52 86.83
C TYR GA 1227 -31.78 63.57 87.88
N ARG GA 1228 -32.04 64.84 87.56
CA ARG GA 1228 -31.76 65.93 88.48
C ARG GA 1228 -32.98 66.67 89.00
N ILE GA 1229 -34.13 66.50 88.33
CA ILE GA 1229 -35.36 67.16 88.75
C ILE GA 1229 -35.46 67.14 90.27
N ALA GA 1230 -35.23 68.30 90.89
CA ALA GA 1230 -35.27 68.43 92.34
C ALA GA 1230 -36.67 68.32 92.92
N PHE GA 1231 -36.84 67.42 93.87
CA PHE GA 1231 -38.13 67.21 94.52
C PHE GA 1231 -38.34 68.23 95.64
N PRO GA 1232 -39.41 69.04 95.53
CA PRO GA 1232 -39.79 70.09 96.48
C PRO GA 1232 -40.33 69.61 97.83
N ARG GA 1233 -40.89 70.55 98.58
CA ARG GA 1233 -41.43 70.27 99.90
C ARG GA 1233 -42.95 70.33 99.93
N ASN GA 1234 -43.54 71.05 98.98
CA ASN GA 1234 -44.98 71.21 98.91
C ASN GA 1234 -45.67 70.35 97.86
N THR GA 1235 -45.65 69.02 98.04
CA THR GA 1235 -46.28 68.10 97.10
C THR GA 1235 -46.01 66.65 97.46
N PRO GA 1236 -46.88 65.74 97.01
CA PRO GA 1236 -46.70 64.31 97.28
C PRO GA 1236 -45.60 63.79 96.35
N VAL GA 1237 -44.84 62.81 96.83
CA VAL GA 1237 -43.76 62.23 96.02
C VAL GA 1237 -43.80 60.72 96.12
N ARG GA 1238 -43.48 60.05 95.02
CA ARG GA 1238 -43.49 58.59 95.00
C ARG GA 1238 -42.13 57.95 95.26
N ALA GA 1239 -42.02 57.26 96.39
CA ALA GA 1239 -40.78 56.59 96.74
C ALA GA 1239 -40.92 55.13 96.28
N SER GA 1240 -40.17 54.78 95.24
CA SER GA 1240 -40.21 53.43 94.71
C SER GA 1240 -38.95 52.68 95.14
N LEU GA 1241 -38.65 51.60 94.43
CA LEU GA 1241 -37.45 50.83 94.72
C LEU GA 1241 -36.54 51.04 93.50
N PRO GA 1242 -35.23 51.17 93.71
CA PRO GA 1242 -34.28 51.38 92.62
C PRO GA 1242 -34.30 50.34 91.50
N TYR GA 1243 -34.19 49.08 91.88
CA TYR GA 1243 -34.21 47.99 90.90
C TYR GA 1243 -34.54 46.66 91.55
N THR GA 1244 -34.58 45.61 90.75
CA THR GA 1244 -34.91 44.27 91.23
C THR GA 1244 -33.98 43.74 92.32
N GLY GA 1245 -32.76 44.25 92.39
CA GLY GA 1245 -31.84 43.76 93.41
C GLY GA 1245 -31.32 44.80 94.37
N GLY GA 1246 -32.02 45.93 94.49
CA GLY GA 1246 -31.57 46.98 95.38
C GLY GA 1246 -32.58 47.40 96.44
N GLY GA 1247 -32.06 47.72 97.62
CA GLY GA 1247 -32.91 48.15 98.72
C GLY GA 1247 -32.66 49.61 99.03
N ALA GA 1248 -33.65 50.26 99.62
CA ALA GA 1248 -33.51 51.68 99.95
C ALA GA 1248 -34.23 52.05 101.24
N HIS GA 1249 -34.21 53.33 101.57
CA HIS GA 1249 -34.85 53.85 102.76
C HIS GA 1249 -34.85 55.37 102.68
N LEU GA 1250 -35.92 55.99 103.16
CA LEU GA 1250 -36.02 57.44 103.13
C LEU GA 1250 -35.66 58.01 104.50
N THR GA 1251 -35.06 59.20 104.51
CA THR GA 1251 -34.67 59.84 105.76
C THR GA 1251 -34.88 61.35 105.67
N SER GA 1252 -36.05 61.81 106.12
CA SER GA 1252 -36.39 63.23 106.09
C SER GA 1252 -35.66 64.06 107.15
N GLY GA 1253 -34.87 65.03 106.69
CA GLY GA 1253 -34.14 65.89 107.58
C GLY GA 1253 -33.05 65.21 108.42
N GLY GA 1254 -32.50 64.12 107.89
CA GLY GA 1254 -31.46 63.40 108.62
C GLY GA 1254 -32.04 62.51 109.70
N ASN GA 1255 -33.22 61.97 109.46
CA ASN GA 1255 -33.88 61.09 110.41
C ASN GA 1255 -34.52 59.92 109.65
N PRO GA 1256 -34.20 58.67 110.05
CA PRO GA 1256 -34.75 57.47 109.41
C PRO GA 1256 -36.28 57.48 109.35
N PHE GA 1257 -36.82 58.18 108.35
CA PHE GA 1257 -38.27 58.32 108.16
C PHE GA 1257 -39.02 57.05 107.74
N MET GA 1258 -38.45 56.28 106.81
CA MET GA 1258 -39.10 55.06 106.35
C MET GA 1258 -38.13 54.20 105.55
N SER GA 1259 -38.53 52.98 105.24
CA SER GA 1259 -37.70 52.07 104.48
C SER GA 1259 -38.46 51.35 103.36
N LEU GA 1260 -37.98 51.51 102.14
CA LEU GA 1260 -38.60 50.88 100.97
C LEU GA 1260 -38.30 49.39 100.91
N THR GA 1261 -37.06 49.03 101.28
CA THR GA 1261 -36.63 47.63 101.26
C THR GA 1261 -37.51 46.76 102.15
N THR GA 1262 -37.85 47.26 103.32
CA THR GA 1262 -38.71 46.54 104.26
C THR GA 1262 -39.97 47.37 104.54
N PRO GA 1263 -41.14 46.85 104.16
CA PRO GA 1263 -42.42 47.53 104.38
C PRO GA 1263 -42.71 47.73 105.87
N PRO GA 1264 -42.84 48.98 106.32
CA PRO GA 1264 -43.13 49.24 107.73
C PRO GA 1264 -44.45 48.61 108.15
N ALA GA 1265 -44.40 47.72 109.14
CA ALA GA 1265 -45.60 47.03 109.64
C ALA GA 1265 -46.81 47.96 109.61
N VAL GA 1266 -46.55 49.22 109.92
CA VAL GA 1266 -47.55 50.27 109.90
C VAL GA 1266 -46.89 51.47 109.21
N LEU GA 1267 -47.50 51.93 108.13
CA LEU GA 1267 -46.94 53.05 107.39
C LEU GA 1267 -47.01 54.38 108.14
N PRO GA 1268 -46.01 55.25 107.94
CA PRO GA 1268 -45.92 56.57 108.57
C PRO GA 1268 -47.08 57.49 108.17
N ALA GA 1269 -47.35 58.49 109.01
CA ALA GA 1269 -48.44 59.43 108.78
C ALA GA 1269 -48.48 60.02 107.36
N GLY GA 1270 -49.52 59.66 106.62
CA GLY GA 1270 -49.69 60.16 105.27
C GLY GA 1270 -48.98 59.38 104.18
N VAL GA 1271 -48.76 58.09 104.40
CA VAL GA 1271 -48.09 57.26 103.40
C VAL GA 1271 -48.95 56.06 103.02
N ALA GA 1272 -49.08 55.82 101.72
CA ALA GA 1272 -49.88 54.71 101.21
C ALA GA 1272 -49.28 54.18 99.91
N LEU GA 1273 -49.84 53.09 99.39
CA LEU GA 1273 -49.35 52.53 98.14
C LEU GA 1273 -49.92 53.35 96.97
N ALA GA 1274 -49.16 53.46 95.90
CA ALA GA 1274 -49.62 54.23 94.74
C ALA GA 1274 -50.63 53.48 93.90
N ALA GA 1275 -51.26 54.20 92.98
CA ALA GA 1275 -52.26 53.60 92.08
C ALA GA 1275 -51.52 52.69 91.11
N LEU GA 1276 -50.36 53.12 90.67
CA LEU GA 1276 -49.53 52.35 89.74
C LEU GA 1276 -48.37 51.72 90.51
N SER GA 1277 -47.49 51.05 89.77
CA SER GA 1277 -46.32 50.41 90.35
C SER GA 1277 -45.11 51.00 89.65
N THR GA 1278 -45.04 52.33 89.64
CA THR GA 1278 -43.99 53.09 88.98
C THR GA 1278 -42.55 52.63 89.22
N SER GA 1279 -42.32 51.86 90.27
CA SER GA 1279 -40.97 51.36 90.57
C SER GA 1279 -40.30 50.84 89.30
N VAL GA 1280 -39.04 51.20 89.09
CA VAL GA 1280 -38.32 50.77 87.90
C VAL GA 1280 -38.41 49.27 87.65
N ALA GA 1281 -38.49 48.48 88.72
CA ALA GA 1281 -38.54 47.02 88.59
C ALA GA 1281 -39.93 46.45 88.25
N THR GA 1282 -40.97 47.30 88.31
CA THR GA 1282 -42.34 46.90 88.02
C THR GA 1282 -42.95 45.82 88.93
N GLN GA 1283 -42.10 45.15 89.71
CA GLN GA 1283 -42.58 44.11 90.61
C GLN GA 1283 -42.46 44.56 92.06
N TYR GA 1284 -42.53 45.87 92.28
CA TYR GA 1284 -42.43 46.44 93.62
C TYR GA 1284 -43.47 47.53 93.83
N PRO GA 1285 -43.91 47.72 95.08
CA PRO GA 1285 -44.90 48.75 95.41
C PRO GA 1285 -44.23 50.11 95.32
N THR GA 1286 -45.03 51.18 95.24
CA THR GA 1286 -44.47 52.52 95.15
C THR GA 1286 -45.21 53.51 96.05
N TYR GA 1287 -44.85 53.50 97.33
CA TYR GA 1287 -45.43 54.35 98.36
C TYR GA 1287 -45.37 55.84 98.05
N THR GA 1288 -46.47 56.54 98.28
CA THR GA 1288 -46.52 57.98 98.05
C THR GA 1288 -46.49 58.68 99.41
N LEU GA 1289 -45.53 59.57 99.58
CA LEU GA 1289 -45.39 60.30 100.84
C LEU GA 1289 -46.12 61.64 100.78
N PRO GA 1290 -46.34 62.27 101.94
CA PRO GA 1290 -47.05 63.56 101.99
C PRO GA 1290 -46.22 64.63 101.31
N ALA GA 1291 -45.66 65.53 102.13
CA ALA GA 1291 -44.81 66.61 101.65
C ALA GA 1291 -43.68 66.72 102.66
N GLY GA 1292 -42.46 66.94 102.18
CA GLY GA 1292 -41.34 67.04 103.10
C GLY GA 1292 -39.98 67.14 102.44
N VAL GA 1293 -38.96 66.63 103.12
CA VAL GA 1293 -37.59 66.66 102.60
C VAL GA 1293 -36.94 65.27 102.63
N TYR GA 1294 -37.68 64.28 102.14
CA TYR GA 1294 -37.22 62.89 102.11
C TYR GA 1294 -35.85 62.75 101.44
N GLU GA 1295 -35.07 61.75 101.86
CA GLU GA 1295 -33.76 61.53 101.28
C GLU GA 1295 -33.54 60.08 100.90
N TYR GA 1296 -33.84 59.76 99.64
CA TYR GA 1296 -33.67 58.42 99.11
C TYR GA 1296 -32.22 57.99 99.31
N VAL GA 1297 -32.01 56.80 99.86
CA VAL GA 1297 -30.66 56.30 100.09
C VAL GA 1297 -30.60 54.84 99.67
N ILE GA 1298 -30.19 54.62 98.42
CA ILE GA 1298 -30.11 53.28 97.86
C ILE GA 1298 -28.98 52.42 98.44
N ALA HA 188 31.35 -66.50 76.68
CA ALA HA 188 32.10 -65.21 76.47
C ALA HA 188 32.46 -65.01 74.99
N ASN HA 189 31.75 -64.11 74.31
CA ASN HA 189 32.07 -63.87 72.91
C ASN HA 189 32.72 -62.50 72.67
N GLY HA 190 34.00 -62.40 73.02
CA GLY HA 190 34.75 -61.16 72.81
C GLY HA 190 35.73 -61.46 71.70
N PRO HA 191 35.96 -60.52 70.78
CA PRO HA 191 36.91 -60.78 69.68
C PRO HA 191 38.29 -61.24 70.18
N GLU HA 192 38.85 -62.29 69.58
CA GLU HA 192 40.17 -62.78 70.00
C GLU HA 192 41.28 -61.82 69.56
N LEU HA 193 41.43 -60.71 70.28
CA LEU HA 193 42.43 -59.70 69.98
C LEU HA 193 43.89 -60.14 70.06
N ILE HA 194 44.43 -60.35 71.26
CA ILE HA 194 45.84 -60.72 71.38
C ILE HA 194 46.13 -62.10 70.78
N ILE HA 195 47.01 -62.14 69.79
CA ILE HA 195 47.39 -63.34 69.12
C ILE HA 195 48.84 -63.29 68.68
N GLU HA 196 49.70 -63.61 69.63
CA GLU HA 196 51.14 -63.62 69.43
C GLU HA 196 51.55 -64.61 68.35
N ASP HA 197 52.68 -64.33 67.73
CA ASP HA 197 53.23 -65.21 66.70
C ASP HA 197 54.76 -65.14 66.85
N THR HA 198 55.36 -66.28 67.19
CA THR HA 198 56.81 -66.34 67.36
C THR HA 198 57.52 -66.44 65.99
N GLY HA 199 57.21 -67.50 65.23
CA GLY HA 199 57.81 -67.69 63.91
C GLY HA 199 57.88 -66.39 63.13
N LEU HA 200 58.99 -66.20 62.42
CA LEU HA 200 59.23 -64.97 61.64
C LEU HA 200 58.10 -64.56 60.69
N CYS HA 201 57.52 -63.39 60.98
CA CYS HA 201 56.41 -62.82 60.21
C CYS HA 201 56.81 -62.46 58.78
N THR HA 202 56.29 -63.21 57.84
CA THR HA 202 56.58 -62.97 56.44
C THR HA 202 55.46 -63.65 55.69
N SER HA 203 55.06 -63.11 54.56
CA SER HA 203 53.97 -63.72 53.82
C SER HA 203 54.22 -63.88 52.33
N PHE HA 204 55.49 -64.02 51.96
CA PHE HA 204 55.85 -64.22 50.58
C PHE HA 204 57.05 -65.12 50.64
N MET HA 205 56.85 -66.43 50.51
CA MET HA 205 57.97 -67.35 50.58
C MET HA 205 58.61 -67.56 49.21
N LEU HA 206 59.93 -67.74 49.19
CA LEU HA 206 60.64 -67.97 47.95
C LEU HA 206 60.43 -69.45 47.72
N LEU HA 207 59.27 -69.79 47.18
CA LEU HA 207 58.93 -71.18 46.89
C LEU HA 207 59.74 -71.67 45.70
N ASP HA 208 60.70 -72.55 45.96
CA ASP HA 208 61.48 -73.10 44.86
C ASP HA 208 60.55 -73.91 43.95
N ASN HA 209 60.38 -73.43 42.71
CA ASN HA 209 59.52 -74.11 41.75
C ASN HA 209 60.29 -75.15 40.93
N ILE HA 210 60.17 -75.11 39.61
CA ILE HA 210 60.88 -76.04 38.72
C ILE HA 210 62.25 -76.34 39.33
N PRO HA 211 62.43 -77.56 39.85
CA PRO HA 211 63.68 -78.00 40.48
C PRO HA 211 64.83 -78.17 39.49
N SER HA 212 66.07 -78.00 39.97
CA SER HA 212 67.26 -78.17 39.12
C SER HA 212 67.42 -79.67 39.00
N ALA HA 213 67.68 -80.16 37.81
CA ALA HA 213 67.81 -81.60 37.62
C ALA HA 213 69.06 -82.18 38.28
N HIS HA 214 68.89 -83.14 39.18
CA HIS HA 214 70.05 -83.78 39.81
C HIS HA 214 70.55 -84.60 38.64
N LEU HA 215 71.75 -84.29 38.14
CA LEU HA 215 72.30 -85.02 37.01
C LEU HA 215 73.66 -85.56 37.43
N THR HA 216 73.90 -86.85 37.16
CA THR HA 216 75.16 -87.45 37.56
C THR HA 216 75.98 -88.06 36.41
N LYS HA 217 75.30 -88.58 35.39
CA LYS HA 217 76.01 -89.16 34.26
C LYS HA 217 76.95 -88.14 33.61
N GLU HA 218 76.35 -87.11 33.02
CA GLU HA 218 77.10 -86.08 32.35
C GLU HA 218 77.20 -84.77 33.10
N LEU HA 219 77.96 -83.85 32.52
CA LEU HA 219 78.22 -82.50 33.07
C LEU HA 219 78.03 -82.38 34.58
N ILE HA 220 78.91 -83.08 35.31
CA ILE HA 220 78.92 -83.09 36.77
C ILE HA 220 79.55 -81.80 37.29
N GLY HA 221 79.14 -81.37 38.48
CA GLY HA 221 79.69 -80.16 39.06
C GLY HA 221 78.96 -78.88 38.72
N PHE HA 222 78.32 -78.84 37.55
CA PHE HA 222 77.60 -77.63 37.16
C PHE HA 222 76.62 -77.14 38.23
N THR HA 223 75.90 -78.05 38.89
CA THR HA 223 74.95 -77.63 39.90
C THR HA 223 75.09 -78.35 41.25
N TRP HA 224 75.39 -77.59 42.30
CA TRP HA 224 75.59 -78.12 43.65
C TRP HA 224 74.37 -77.99 44.56
N PHE HA 225 74.08 -79.04 45.32
CA PHE HA 225 72.94 -78.97 46.24
C PHE HA 225 73.39 -78.94 47.69
N MET HA 226 72.95 -77.92 48.43
CA MET HA 226 73.30 -77.83 49.84
C MET HA 226 73.08 -79.21 50.47
N GLN HA 227 72.15 -79.97 49.92
CA GLN HA 227 71.85 -81.30 50.43
C GLN HA 227 73.06 -82.24 50.60
N MET HA 228 74.03 -82.21 49.68
CA MET HA 228 75.18 -83.10 49.82
C MET HA 228 76.03 -82.78 51.05
N TYR HA 229 75.85 -81.58 51.61
CA TYR HA 229 76.56 -81.18 52.82
C TYR HA 229 75.57 -81.20 53.96
N GLN HA 230 74.64 -82.16 53.95
CA GLN HA 230 73.64 -82.25 55.01
C GLN HA 230 73.35 -80.89 55.62
N MET HA 231 73.00 -79.91 54.79
CA MET HA 231 72.71 -78.56 55.29
C MET HA 231 71.70 -77.81 54.40
N THR HA 232 70.47 -77.62 54.90
CA THR HA 232 69.42 -76.95 54.10
C THR HA 232 69.78 -75.53 53.56
N PRO HA 233 69.57 -75.33 52.25
CA PRO HA 233 69.87 -74.05 51.57
C PRO HA 233 68.95 -72.94 52.06
N PRO HA 234 69.52 -71.77 52.36
CA PRO HA 234 68.71 -70.65 52.83
C PRO HA 234 67.70 -70.20 51.78
N LEU HA 235 68.19 -70.02 50.55
CA LEU HA 235 67.34 -69.62 49.43
C LEU HA 235 66.91 -70.86 48.66
N PRO HA 236 65.71 -70.82 48.04
CA PRO HA 236 65.24 -71.97 47.27
C PRO HA 236 66.22 -72.30 46.13
N GLU HA 237 66.42 -73.60 45.88
CA GLU HA 237 67.33 -74.05 44.82
C GLU HA 237 66.66 -74.85 43.72
N GLY HA 238 66.29 -74.18 42.65
CA GLY HA 238 65.64 -74.87 41.56
C GLY HA 238 65.89 -74.16 40.26
N ALA HA 239 65.54 -74.81 39.16
CA ALA HA 239 65.73 -74.20 37.86
C ALA HA 239 64.91 -72.92 37.78
N VAL HA 240 63.88 -72.79 38.60
CA VAL HA 240 63.07 -71.56 38.59
C VAL HA 240 62.46 -71.36 39.96
N ASN HA 241 62.82 -70.26 40.63
CA ASN HA 241 62.28 -70.02 41.96
C ASN HA 241 61.38 -68.78 42.05
N ARG HA 242 60.07 -69.02 41.99
CA ARG HA 242 59.06 -67.96 42.07
C ARG HA 242 58.91 -67.47 43.52
N ILE HA 243 58.52 -66.21 43.70
CA ILE HA 243 58.27 -65.71 45.06
C ILE HA 243 56.75 -65.67 45.13
N VAL HA 244 56.14 -66.80 45.48
CA VAL HA 244 54.69 -66.82 45.59
C VAL HA 244 54.35 -66.32 46.99
N CYS HA 245 53.09 -65.94 47.21
CA CYS HA 245 52.69 -65.43 48.53
C CYS HA 245 51.78 -66.38 49.33
N MET HA 246 52.22 -66.63 50.55
CA MET HA 246 51.51 -67.49 51.49
C MET HA 246 51.60 -66.79 52.84
N THR HA 247 50.45 -66.33 53.30
CA THR HA 247 50.36 -65.67 54.58
C THR HA 247 50.73 -66.72 55.62
N ASN HA 248 51.71 -66.39 56.46
CA ASN HA 248 52.17 -67.27 57.54
C ASN HA 248 52.89 -68.56 57.13
N TRP HA 249 53.37 -68.64 55.88
CA TRP HA 249 54.03 -69.85 55.45
C TRP HA 249 54.96 -70.33 56.53
N ALA HA 250 55.84 -69.44 56.97
CA ALA HA 250 56.79 -69.77 58.03
C ALA HA 250 56.35 -69.16 59.34
N SER HA 251 55.14 -69.52 59.80
CA SER HA 251 54.62 -68.99 61.06
C SER HA 251 54.34 -70.10 62.07
N LEU HA 252 55.39 -70.55 62.76
CA LEU HA 252 55.27 -71.63 63.77
C LEU HA 252 54.63 -71.11 65.04
N GLY HA 253 54.70 -69.77 65.20
CA GLY HA 253 54.13 -69.12 66.35
C GLY HA 253 52.81 -69.78 66.69
N ASP HA 254 52.66 -70.13 67.96
CA ASP HA 254 51.44 -70.80 68.42
C ASP HA 254 50.14 -70.03 68.12
N GLU HA 255 49.13 -70.80 67.71
CA GLU HA 255 47.78 -70.30 67.43
C GLU HA 255 47.51 -69.66 66.07
N GLY HA 256 46.56 -70.24 65.33
CA GLY HA 256 46.19 -69.71 64.03
C GLY HA 256 45.21 -68.54 64.11
N ARG HA 257 45.11 -67.75 63.04
CA ARG HA 257 44.18 -66.62 63.00
C ARG HA 257 42.85 -67.10 62.42
N GLY HA 258 42.86 -68.30 61.85
CA GLY HA 258 41.65 -68.83 61.27
C GLY HA 258 41.63 -68.81 59.75
N LEU HA 259 41.84 -67.65 59.16
CA LEU HA 259 41.81 -67.60 57.70
C LEU HA 259 43.09 -67.08 57.08
N GLU HA 260 43.46 -67.68 55.95
CA GLU HA 260 44.67 -67.32 55.21
C GLU HA 260 44.48 -67.38 53.70
N VAL HA 261 45.48 -66.89 52.97
CA VAL HA 261 45.44 -66.86 51.52
C VAL HA 261 46.75 -67.34 50.94
N ARG HA 262 46.76 -68.59 50.46
CA ARG HA 262 47.98 -69.16 49.90
C ARG HA 262 47.82 -69.47 48.41
N LEU HA 263 48.35 -68.59 47.56
CA LEU HA 263 48.27 -68.81 46.12
C LEU HA 263 49.25 -69.94 45.75
N PRO HA 264 48.82 -70.89 44.89
CA PRO HA 264 49.74 -71.98 44.51
C PRO HA 264 50.61 -71.44 43.37
N PRO HA 265 51.92 -71.80 43.34
CA PRO HA 265 52.79 -71.28 42.27
C PRO HA 265 52.12 -71.22 40.89
N PRO HA 266 52.50 -70.23 40.07
CA PRO HA 266 51.93 -70.07 38.73
C PRO HA 266 51.82 -71.42 38.00
N THR HA 267 52.80 -72.30 38.21
CA THR HA 267 52.78 -73.61 37.60
C THR HA 267 51.42 -74.27 37.86
N ASP HA 268 50.84 -73.95 39.02
CA ASP HA 268 49.53 -74.46 39.41
C ASP HA 268 48.44 -73.68 38.71
N SER HA 269 47.19 -73.96 39.06
CA SER HA 269 46.08 -73.25 38.44
C SER HA 269 45.93 -71.84 39.04
N SER HA 270 45.51 -71.76 40.31
CA SER HA 270 45.35 -70.49 41.03
C SER HA 270 43.96 -69.82 41.07
N VAL HA 271 43.24 -69.83 39.96
CA VAL HA 271 41.93 -69.19 39.93
C VAL HA 271 41.00 -69.48 41.11
N HIS HA 272 41.14 -70.63 41.75
CA HIS HA 272 40.26 -70.94 42.88
C HIS HA 272 40.42 -69.88 44.01
N ALA HA 273 41.57 -69.23 44.05
CA ALA HA 273 41.82 -68.24 45.08
C ALA HA 273 41.18 -66.88 44.81
N TYR HA 274 40.60 -66.68 43.63
CA TYR HA 274 39.99 -65.40 43.30
C TYR HA 274 38.49 -65.41 43.15
N LYS HA 275 37.85 -66.54 43.39
CA LYS HA 275 36.41 -66.60 43.23
C LYS HA 275 35.65 -66.41 44.55
N THR HA 276 36.15 -65.55 45.42
CA THR HA 276 35.46 -65.35 46.71
C THR HA 276 34.13 -64.59 46.62
N VAL HA 277 33.73 -64.18 45.43
CA VAL HA 277 32.48 -63.45 45.25
C VAL HA 277 32.08 -63.54 43.76
N LEU HA 278 30.88 -63.07 43.40
CA LEU HA 278 30.42 -63.10 42.01
C LEU HA 278 31.01 -64.22 41.14
N SER HA 279 31.00 -65.45 41.65
CA SER HA 279 31.51 -66.61 40.93
C SER HA 279 30.81 -67.87 41.40
N ARG HA 280 31.12 -68.26 42.64
CA ARG HA 280 30.55 -69.45 43.29
C ARG HA 280 29.81 -70.39 42.34
N GLY HA 281 28.54 -70.06 42.05
CA GLY HA 281 27.78 -70.94 41.17
C GLY HA 281 27.41 -70.38 39.81
N TYR HA 282 28.40 -69.84 39.09
CA TYR HA 282 28.13 -69.24 37.79
C TYR HA 282 29.30 -69.41 36.81
N ILE HA 283 30.50 -68.98 37.22
CA ILE HA 283 31.70 -69.14 36.40
C ILE HA 283 32.36 -70.48 36.76
N ASP HA 284 32.43 -71.37 35.76
CA ASP HA 284 33.02 -72.70 35.90
C ASP HA 284 34.42 -72.75 36.48
N ASN HA 285 34.71 -73.81 37.24
CA ASN HA 285 36.03 -74.02 37.86
C ASN HA 285 37.22 -73.44 37.10
N ALA HA 286 37.57 -74.13 36.02
CA ALA HA 286 38.68 -73.75 35.15
C ALA HA 286 38.94 -72.24 35.11
N GLN HA 287 37.88 -71.45 34.96
CA GLN HA 287 38.00 -69.99 34.85
C GLN HA 287 38.02 -69.13 36.12
N PHE HA 288 38.10 -67.82 35.87
CA PHE HA 288 38.08 -66.77 36.89
C PHE HA 288 37.25 -65.66 36.25
N ASN HA 289 36.25 -65.17 36.98
CA ASN HA 289 35.35 -64.12 36.48
C ASN HA 289 36.11 -62.83 36.23
N PRO HA 290 36.50 -62.57 34.97
CA PRO HA 290 37.26 -61.37 34.63
C PRO HA 290 36.46 -60.09 34.82
N LEU HA 291 35.13 -60.16 34.71
CA LEU HA 291 34.33 -58.96 34.87
C LEU HA 291 34.38 -58.45 36.29
N ALA HA 292 34.22 -59.35 37.26
CA ALA HA 292 34.27 -58.98 38.67
C ALA HA 292 35.66 -59.18 39.27
N LEU HA 293 36.70 -58.87 38.50
CA LEU HA 293 38.06 -59.08 38.99
C LEU HA 293 38.42 -58.26 40.23
N ARG HA 294 38.25 -56.95 40.19
CA ARG HA 294 38.60 -56.13 41.36
C ARG HA 294 37.81 -56.54 42.60
N SER HA 295 36.53 -56.75 42.44
CA SER HA 295 35.72 -57.17 43.56
C SER HA 295 36.32 -58.37 44.29
N ASN HA 296 37.11 -59.17 43.57
CA ASN HA 296 37.75 -60.35 44.16
C ASN HA 296 39.18 -60.16 44.64
N VAL HA 297 40.00 -59.44 43.87
CA VAL HA 297 41.37 -59.21 44.26
C VAL HA 297 41.39 -58.28 45.47
N LEU HA 298 40.24 -57.68 45.79
CA LEU HA 298 40.12 -56.79 46.93
C LEU HA 298 39.58 -57.59 48.11
N LEU HA 299 38.55 -58.38 47.85
CA LEU HA 299 37.91 -59.20 48.87
C LEU HA 299 38.88 -60.23 49.40
N MET HA 300 39.89 -60.52 48.59
CA MET HA 300 40.93 -61.47 48.96
C MET HA 300 42.11 -60.78 49.65
N LEU HA 301 42.31 -59.49 49.36
CA LEU HA 301 43.38 -58.71 50.00
C LEU HA 301 42.95 -58.35 51.39
N LEU HA 302 41.64 -58.15 51.58
CA LEU HA 302 41.15 -57.85 52.90
C LEU HA 302 41.50 -59.12 53.64
N GLN HA 303 41.26 -60.24 52.97
CA GLN HA 303 41.53 -61.57 53.52
C GLN HA 303 43.00 -61.72 53.87
N PHE HA 304 43.87 -61.13 53.04
CA PHE HA 304 45.31 -61.18 53.24
C PHE HA 304 45.72 -60.35 54.45
N THR HA 305 44.91 -59.38 54.81
CA THR HA 305 45.23 -58.53 55.94
C THR HA 305 44.83 -59.16 57.25
N LEU HA 306 43.53 -59.39 57.44
CA LEU HA 306 43.04 -60.01 58.67
C LEU HA 306 43.90 -61.21 59.04
N SER HA 307 44.32 -61.99 58.06
CA SER HA 307 45.16 -63.16 58.34
C SER HA 307 46.50 -62.76 58.99
N ASN HA 308 46.92 -61.53 58.76
CA ASN HA 308 48.17 -61.03 59.30
C ASN HA 308 47.99 -60.19 60.57
N LEU HA 309 46.80 -60.19 61.16
CA LEU HA 309 46.58 -59.40 62.36
C LEU HA 309 47.01 -60.10 63.63
N LYS HA 310 48.28 -60.44 63.73
CA LYS HA 310 48.83 -61.10 64.91
C LYS HA 310 49.90 -60.19 65.47
N ILE HA 311 50.24 -60.33 66.76
CA ILE HA 311 51.30 -59.52 67.36
C ILE HA 311 52.62 -60.27 67.19
N ASN HA 312 53.72 -59.57 66.90
CA ASN HA 312 55.00 -60.24 66.75
C ASN HA 312 55.59 -60.51 68.12
N LYS HA 313 55.37 -61.70 68.68
CA LYS HA 313 55.92 -61.99 70.00
C LYS HA 313 57.40 -62.26 69.91
N SER HA 314 58.13 -61.83 70.95
CA SER HA 314 59.58 -62.02 71.00
C SER HA 314 59.97 -63.45 71.39
N SER HA 315 61.07 -63.93 70.80
CA SER HA 315 61.55 -65.28 71.09
C SER HA 315 62.81 -65.20 71.93
N THR HA 316 63.47 -66.34 72.10
CA THR HA 316 64.69 -66.39 72.90
C THR HA 316 65.97 -66.24 72.07
N PHE HA 317 66.55 -65.03 72.07
CA PHE HA 317 67.76 -64.80 71.30
C PHE HA 317 69.00 -65.31 72.01
N THR HA 318 69.59 -66.39 71.49
CA THR HA 318 70.80 -66.95 72.09
C THR HA 318 72.02 -66.56 71.27
N SER HA 319 73.21 -66.59 71.89
CA SER HA 319 74.45 -66.22 71.19
C SER HA 319 74.81 -67.26 70.15
N ASP HA 320 75.92 -67.04 69.47
CA ASP HA 320 76.34 -68.00 68.47
C ASP HA 320 77.74 -68.54 68.73
N VAL HA 321 77.81 -69.64 69.47
CA VAL HA 321 79.09 -70.21 69.79
C VAL HA 321 79.79 -70.71 68.52
N THR HA 322 79.01 -70.98 67.46
CA THR HA 322 79.58 -71.45 66.19
C THR HA 322 80.30 -70.32 65.44
N THR HA 323 81.27 -70.65 64.59
CA THR HA 323 82.01 -69.58 63.89
C THR HA 323 81.28 -68.88 62.75
N ILE HA 324 80.12 -69.38 62.35
CA ILE HA 324 79.38 -68.74 61.26
C ILE HA 324 79.02 -67.26 61.54
N THR HA 325 78.76 -66.93 62.81
CA THR HA 325 78.42 -65.55 63.18
C THR HA 325 79.22 -65.10 64.41
N SER HA 326 80.15 -65.97 64.82
CA SER HA 326 81.04 -65.73 65.95
C SER HA 326 80.48 -64.93 67.14
N GLY HA 327 79.53 -65.50 67.87
CA GLY HA 327 79.01 -64.82 69.04
C GLY HA 327 77.64 -64.18 68.91
N ARG HA 328 77.38 -63.54 67.78
CA ARG HA 328 76.11 -62.86 67.46
C ARG HA 328 74.82 -63.30 68.20
N MET HA 329 73.77 -62.49 68.07
CA MET HA 329 72.52 -62.76 68.74
C MET HA 329 71.38 -63.42 67.96
N ILE HA 330 71.67 -64.20 66.92
CA ILE HA 330 70.61 -64.84 66.13
C ILE HA 330 69.54 -65.42 67.04
N ARG HA 331 68.30 -65.37 66.58
CA ARG HA 331 67.19 -65.87 67.38
C ARG HA 331 66.97 -67.34 67.11
N ALA HA 332 67.35 -68.20 68.05
CA ALA HA 332 67.16 -69.65 67.87
C ALA HA 332 65.67 -69.98 67.80
N PHE HA 333 65.27 -70.89 66.91
CA PHE HA 333 63.86 -71.24 66.82
C PHE HA 333 63.54 -72.59 67.47
N PRO HA 337 63.31 -74.96 65.08
CA PRO HA 337 63.79 -76.19 64.43
C PRO HA 337 64.61 -75.86 63.15
N GLU HA 338 63.97 -76.05 61.99
CA GLU HA 338 64.63 -75.78 60.70
C GLU HA 338 64.30 -74.40 60.19
N LEU HA 339 63.32 -73.78 60.84
CA LEU HA 339 62.88 -72.45 60.47
C LEU HA 339 64.04 -71.45 60.61
N LEU HA 340 65.08 -71.84 61.35
CA LEU HA 340 66.25 -70.99 61.54
C LEU HA 340 66.90 -70.73 60.19
N ALA HA 341 67.43 -71.80 59.61
CA ALA HA 341 68.07 -71.71 58.30
C ALA HA 341 67.30 -70.70 57.45
N LEU HA 342 65.99 -70.93 57.30
CA LEU HA 342 65.14 -70.07 56.49
C LEU HA 342 65.04 -68.61 56.93
N ALA HA 343 65.18 -68.34 58.22
CA ALA HA 343 65.12 -66.97 58.71
C ALA HA 343 66.38 -66.29 58.22
N TYR HA 344 67.37 -66.16 59.10
CA TYR HA 344 68.64 -65.52 58.75
C TYR HA 344 69.26 -66.16 57.53
N PRO HA 345 69.26 -65.46 56.37
CA PRO HA 345 69.85 -65.98 55.13
C PRO HA 345 71.35 -65.81 55.25
N GLY HA 346 71.77 -64.80 56.01
CA GLY HA 346 73.18 -64.53 56.20
C GLY HA 346 74.01 -65.68 56.78
N ARG HA 347 73.45 -66.41 57.74
CA ARG HA 347 74.19 -67.51 58.36
C ARG HA 347 74.51 -68.67 57.42
N ALA HA 348 74.24 -68.49 56.13
CA ALA HA 348 74.48 -69.55 55.14
C ALA HA 348 75.95 -69.90 54.91
N VAL HA 349 76.21 -71.21 54.80
CA VAL HA 349 77.56 -71.72 54.53
C VAL HA 349 77.66 -72.04 53.03
N LEU HA 350 78.53 -71.32 52.32
CA LEU HA 350 78.68 -71.48 50.88
C LEU HA 350 79.91 -72.29 50.43
N PRO HA 351 79.69 -73.53 49.97
CA PRO HA 351 80.84 -74.31 49.54
C PRO HA 351 81.35 -73.87 48.15
N THR HA 352 80.45 -73.75 47.17
CA THR HA 352 80.84 -73.34 45.82
C THR HA 352 80.12 -72.09 45.33
N GLN HA 353 80.72 -71.42 44.36
CA GLN HA 353 80.18 -70.19 43.78
C GLN HA 353 78.87 -70.43 43.07
N THR HA 354 77.87 -70.93 43.79
CA THR HA 354 76.56 -71.18 43.21
C THR HA 354 75.79 -69.86 43.11
N LYS HA 355 75.05 -69.66 42.03
CA LYS HA 355 74.28 -68.42 41.84
C LYS HA 355 73.73 -67.85 43.16
N ASN HA 356 73.26 -68.69 44.07
CA ASN HA 356 72.76 -68.19 45.35
C ASN HA 356 73.97 -67.61 46.05
N ALA HA 357 74.91 -68.50 46.35
CA ALA HA 357 76.15 -68.10 47.02
C ALA HA 357 76.70 -66.88 46.28
N GLN HA 358 76.33 -66.71 45.02
CA GLN HA 358 76.80 -65.57 44.25
C GLN HA 358 76.26 -64.34 44.98
N PHE HA 359 74.98 -64.41 45.34
CA PHE HA 359 74.26 -63.35 46.03
C PHE HA 359 74.56 -63.30 47.52
N LEU HA 360 74.11 -64.31 48.27
CA LEU HA 360 74.35 -64.34 49.71
C LEU HA 360 75.76 -63.87 50.03
N SER HA 361 76.73 -64.31 49.24
CA SER HA 361 78.11 -63.90 49.46
C SER HA 361 78.16 -62.47 49.98
N THR HA 362 77.39 -61.58 49.35
CA THR HA 362 77.39 -60.18 49.76
C THR HA 362 76.97 -59.89 51.20
N ALA HA 363 75.81 -60.39 51.62
CA ALA HA 363 75.27 -60.16 52.96
C ALA HA 363 76.23 -59.49 53.97
N ILE HA 364 75.89 -58.27 54.40
CA ILE HA 364 76.70 -57.53 55.37
C ILE HA 364 76.71 -58.34 56.67
N ALA HA 365 77.88 -58.87 57.03
CA ALA HA 365 78.06 -59.69 58.24
C ALA HA 365 77.22 -59.31 59.48
N ASP HA 366 77.34 -58.06 59.91
CA ASP HA 366 76.65 -57.53 61.10
C ASP HA 366 75.14 -57.34 61.00
N ARG HA 367 74.56 -57.59 59.83
CA ARG HA 367 73.12 -57.38 59.67
C ARG HA 367 72.25 -58.54 60.12
N ILE HA 368 72.77 -59.42 60.97
CA ILE HA 368 71.99 -60.56 61.40
C ILE HA 368 71.29 -60.35 62.74
N GLY HA 369 71.15 -61.44 63.49
CA GLY HA 369 70.55 -61.47 64.82
C GLY HA 369 69.66 -60.32 65.26
N ARG HA 370 69.78 -59.94 66.53
CA ARG HA 370 68.97 -58.84 67.05
C ARG HA 370 69.81 -57.57 67.13
N LEU HA 371 69.20 -56.50 67.63
CA LEU HA 371 69.91 -55.23 67.75
C LEU HA 371 69.74 -54.58 69.11
N ASP HA 372 68.53 -54.12 69.45
CA ASP HA 372 68.36 -53.45 70.74
C ASP HA 372 67.33 -53.97 71.72
N ARG HA 373 67.68 -55.01 72.46
CA ARG HA 373 66.76 -55.54 73.45
C ARG HA 373 66.58 -54.43 74.50
N ALA HA 374 65.43 -53.77 74.51
CA ALA HA 374 65.19 -52.71 75.49
C ALA HA 374 64.44 -53.32 76.68
N ASN HA 375 65.21 -53.69 77.71
CA ASN HA 375 64.66 -54.30 78.93
C ASN HA 375 64.77 -53.34 80.13
N LEU HA 376 63.75 -53.38 81.01
CA LEU HA 376 63.68 -52.49 82.17
C LEU HA 376 63.98 -53.17 83.50
N ILE HA 377 63.04 -53.94 84.02
CA ILE HA 377 63.25 -54.63 85.29
C ILE HA 377 64.37 -55.63 85.06
N GLY HA 378 65.49 -55.42 85.75
CA GLY HA 378 66.61 -56.33 85.58
C GLY HA 378 66.25 -57.71 86.11
N GLY HA 379 66.12 -58.69 85.21
CA GLY HA 379 65.77 -60.02 85.65
C GLY HA 379 64.37 -60.43 85.21
N GLU HA 380 63.60 -59.48 84.69
CA GLU HA 380 62.27 -59.75 84.20
C GLU HA 380 62.41 -59.81 82.68
N VAL HA 381 61.45 -60.40 81.98
CA VAL HA 381 61.57 -60.51 80.51
C VAL HA 381 61.59 -59.16 79.80
N SER HA 382 62.43 -59.08 78.76
CA SER HA 382 62.59 -57.87 77.96
C SER HA 382 61.27 -57.41 77.32
N ALA HA 383 61.03 -56.09 77.31
CA ALA HA 383 59.79 -55.52 76.75
C ALA HA 383 59.60 -55.80 75.26
N MET HA 384 60.51 -55.22 74.47
CA MET HA 384 60.48 -55.39 73.02
C MET HA 384 61.93 -55.45 72.53
N VAL HA 385 62.32 -56.60 72.00
CA VAL HA 385 63.68 -56.75 71.47
C VAL HA 385 63.53 -56.26 70.06
N GLU HA 386 64.63 -55.94 69.40
CA GLU HA 386 64.51 -55.44 68.03
C GLU HA 386 65.48 -56.21 67.16
N CYS HA 387 65.05 -56.69 66.01
CA CYS HA 387 65.97 -57.48 65.21
C CYS HA 387 65.71 -57.59 63.71
N MET HA 388 66.79 -57.72 62.95
CA MET HA 388 66.69 -57.89 61.51
C MET HA 388 66.50 -59.40 61.36
N GLU HA 389 65.60 -59.80 60.47
CA GLU HA 389 65.30 -61.21 60.27
C GLU HA 389 64.33 -61.30 59.10
N LEU HA 390 64.62 -62.17 58.14
CA LEU HA 390 63.75 -62.33 56.97
C LEU HA 390 62.26 -62.10 57.25
N CYS HA 391 61.74 -60.99 56.72
CA CYS HA 391 60.33 -60.65 56.89
C CYS HA 391 59.99 -59.49 55.94
N ASP HA 392 58.93 -59.66 55.15
CA ASP HA 392 58.54 -58.63 54.19
C ASP HA 392 57.96 -57.35 54.80
N ALA HA 393 58.49 -56.22 54.33
CA ALA HA 393 58.07 -54.90 54.78
C ALA HA 393 56.56 -54.75 54.91
N LEU HA 394 55.83 -55.50 54.08
CA LEU HA 394 54.37 -55.47 54.03
C LEU HA 394 53.70 -56.17 55.20
N THR HA 395 53.99 -57.46 55.39
CA THR HA 395 53.41 -58.17 56.51
C THR HA 395 53.79 -57.36 57.72
N LEU HA 396 55.08 -57.01 57.81
CA LEU HA 396 55.55 -56.23 58.93
C LEU HA 396 54.63 -55.05 59.17
N HIS HA 397 54.43 -54.22 58.16
CA HIS HA 397 53.57 -53.04 58.27
C HIS HA 397 52.22 -53.35 58.92
N ILE HA 398 51.44 -54.24 58.30
CA ILE HA 398 50.13 -54.62 58.84
C ILE HA 398 50.26 -55.05 60.30
N ARG HA 399 51.12 -56.04 60.51
CA ARG HA 399 51.42 -56.63 61.82
C ARG HA 399 51.78 -55.64 62.89
N GLU HA 400 52.17 -54.45 62.48
CA GLU HA 400 52.57 -53.44 63.45
C GLU HA 400 51.60 -52.26 63.45
N THR HA 401 50.68 -52.24 62.48
CA THR HA 401 49.64 -51.21 62.43
C THR HA 401 48.52 -51.87 63.21
N TYR HA 402 48.87 -52.97 63.86
CA TYR HA 402 47.92 -53.70 64.65
C TYR HA 402 48.29 -53.40 66.10
N ILE HA 403 49.59 -53.36 66.40
CA ILE HA 403 50.04 -53.04 67.75
C ILE HA 403 49.57 -51.62 67.95
N MET HA 404 49.67 -50.82 66.90
CA MET HA 404 49.22 -49.43 66.96
C MET HA 404 47.75 -49.42 67.35
N LEU HA 405 46.99 -50.42 66.88
CA LEU HA 405 45.57 -50.53 67.20
C LEU HA 405 45.32 -50.96 68.64
N LEU HA 406 45.95 -52.06 69.05
CA LEU HA 406 45.76 -52.55 70.41
C LEU HA 406 46.03 -51.44 71.41
N ARG HA 407 46.78 -50.43 70.98
CA ARG HA 407 47.10 -49.29 71.82
C ARG HA 407 45.91 -48.34 71.87
N SER HA 408 45.36 -48.07 70.68
CA SER HA 408 44.22 -47.18 70.53
C SER HA 408 43.08 -47.63 71.44
N MET HA 409 43.29 -48.74 72.13
CA MET HA 409 42.27 -49.23 73.02
C MET HA 409 42.89 -49.80 74.29
N HIS HA 410 43.83 -49.05 74.86
CA HIS HA 410 44.54 -49.42 76.10
C HIS HA 410 44.53 -48.27 77.14
N GLN HA 411 44.80 -48.58 78.40
CA GLN HA 411 44.81 -47.57 79.47
C GLN HA 411 45.73 -47.98 80.62
N ASP HA 412 46.70 -47.14 80.96
CA ASP HA 412 47.60 -47.45 82.08
C ASP HA 412 46.75 -47.82 83.31
N PRO HA 413 47.36 -48.43 84.34
CA PRO HA 413 46.58 -48.78 85.53
C PRO HA 413 45.84 -47.64 86.25
N THR HA 414 46.55 -46.58 86.66
CA THR HA 414 45.87 -45.47 87.35
C THR HA 414 44.62 -45.00 86.60
N GLN HA 415 44.47 -45.43 85.35
CA GLN HA 415 43.29 -45.09 84.56
C GLN HA 415 42.25 -46.16 84.79
N ILE HA 416 42.49 -47.34 84.22
CA ILE HA 416 41.55 -48.45 84.34
C ILE HA 416 41.03 -48.61 85.74
N VAL HA 417 41.64 -47.95 86.73
CA VAL HA 417 41.13 -48.08 88.08
C VAL HA 417 39.94 -47.16 88.24
N GLN HA 418 40.09 -45.90 87.83
CA GLN HA 418 39.00 -44.92 87.94
C GLN HA 418 37.84 -45.30 87.04
N ILE HA 419 38.17 -45.64 85.79
CA ILE HA 419 37.17 -46.05 84.83
C ILE HA 419 36.28 -47.05 85.53
N VAL HA 420 36.89 -47.87 86.39
CA VAL HA 420 36.18 -48.86 87.18
C VAL HA 420 35.49 -48.22 88.39
N ASN HA 421 36.21 -47.39 89.14
CA ASN HA 421 35.63 -46.71 90.29
C ASN HA 421 34.38 -46.00 89.85
N GLU HA 422 34.55 -44.90 89.13
CA GLU HA 422 33.44 -44.10 88.62
C GLU HA 422 32.27 -44.96 88.18
N CYS HA 423 32.58 -46.05 87.48
CA CYS HA 423 31.55 -46.96 86.99
C CYS HA 423 30.63 -47.53 88.06
N ALA HA 424 31.10 -47.57 89.31
CA ALA HA 424 30.27 -48.07 90.40
C ALA HA 424 30.06 -46.92 91.37
N ASN HA 425 30.30 -45.71 90.89
CA ASN HA 425 30.18 -44.51 91.70
C ASN HA 425 31.07 -44.54 92.93
N ASN HA 426 32.37 -44.70 92.67
CA ASN HA 426 33.40 -44.72 93.70
C ASN HA 426 33.18 -45.71 94.83
N LEU HA 427 31.93 -46.10 95.08
CA LEU HA 427 31.69 -47.08 96.12
C LEU HA 427 32.25 -48.33 95.48
N LEU HA 428 32.74 -49.27 96.29
CA LEU HA 428 33.35 -50.50 95.79
C LEU HA 428 34.88 -50.30 95.87
N ASN HA 429 35.46 -50.83 96.93
CA ASN HA 429 36.90 -50.75 97.22
C ASN HA 429 37.89 -51.54 96.31
N SER HA 430 38.60 -50.83 95.44
CA SER HA 430 39.58 -51.48 94.57
C SER HA 430 40.88 -50.67 94.66
N THR HA 431 42.00 -51.37 94.79
CA THR HA 431 43.28 -50.68 94.92
C THR HA 431 44.35 -51.12 93.91
N ILE HA 432 45.06 -50.14 93.37
CA ILE HA 432 46.15 -50.38 92.41
C ILE HA 432 47.48 -50.17 93.14
N PRO HA 433 48.46 -51.05 92.90
CA PRO HA 433 49.77 -50.92 93.55
C PRO HA 433 50.71 -49.93 92.84
N ILE HA 434 51.09 -48.84 93.50
CA ILE HA 434 52.00 -47.87 92.88
C ILE HA 434 53.39 -48.48 92.78
N SER HA 435 53.71 -49.04 91.61
CA SER HA 435 55.02 -49.66 91.40
C SER HA 435 55.15 -49.97 89.91
N LEU HA 436 56.37 -49.85 89.38
CA LEU HA 436 56.55 -50.06 87.96
C LEU HA 436 56.15 -51.45 87.49
N ARG HA 437 55.14 -51.52 86.61
CA ARG HA 437 54.69 -52.79 86.04
C ARG HA 437 55.22 -52.82 84.62
N PRO HA 438 56.40 -53.41 84.42
CA PRO HA 438 57.14 -53.56 83.15
C PRO HA 438 56.37 -53.12 81.91
N THR HA 439 55.42 -53.95 81.49
CA THR HA 439 54.60 -53.66 80.33
C THR HA 439 53.29 -54.42 80.46
N ILE HA 440 52.20 -53.78 80.04
CA ILE HA 440 50.91 -54.43 80.13
C ILE HA 440 49.97 -53.92 79.08
N LEU HA 441 49.93 -54.60 77.95
CA LEU HA 441 49.04 -54.21 76.86
C LEU HA 441 47.72 -54.87 77.18
N CYS HA 442 46.76 -54.09 77.65
CA CYS HA 442 45.42 -54.63 77.98
C CYS HA 442 44.34 -53.82 77.24
N PRO HA 443 44.07 -54.20 75.99
CA PRO HA 443 43.10 -53.56 75.11
C PRO HA 443 41.65 -53.75 75.55
N TRP HA 444 41.22 -53.04 76.58
CA TRP HA 444 39.85 -53.19 77.01
C TRP HA 444 38.97 -52.03 76.62
N PHE HA 445 39.57 -50.91 76.24
CA PHE HA 445 38.77 -49.74 75.93
C PHE HA 445 38.58 -49.25 74.52
N ALA HA 446 37.37 -48.82 74.25
CA ALA HA 446 37.04 -48.29 72.95
C ALA HA 446 36.61 -46.85 73.20
N SER HA 447 36.94 -45.96 72.26
CA SER HA 447 36.57 -44.55 72.39
C SER HA 447 35.05 -44.46 72.54
N SER HA 448 34.55 -43.26 72.85
CA SER HA 448 33.11 -43.07 72.97
C SER HA 448 32.45 -43.24 71.60
N GLU HA 449 33.19 -42.86 70.55
CA GLU HA 449 32.70 -42.94 69.18
C GLU HA 449 32.62 -44.37 68.66
N ASP HA 450 33.65 -45.16 68.94
CA ASP HA 450 33.69 -46.58 68.54
C ASP HA 450 32.49 -47.26 69.19
N LEU HA 451 32.10 -46.77 70.37
CA LEU HA 451 30.96 -47.31 71.11
C LEU HA 451 29.65 -47.05 70.41
N ARG HA 452 29.32 -45.78 70.22
CA ARG HA 452 28.08 -45.40 69.58
C ARG HA 452 27.89 -46.10 68.25
N LEU HA 453 28.97 -46.31 67.50
CA LEU HA 453 28.86 -46.96 66.19
C LEU HA 453 28.33 -48.36 66.31
N GLN HA 454 28.39 -48.89 67.52
CA GLN HA 454 27.92 -50.24 67.74
C GLN HA 454 26.59 -50.24 68.49
N GLN HA 455 26.25 -49.13 69.13
CA GLN HA 455 24.98 -49.02 69.85
C GLN HA 455 23.85 -48.86 68.86
N VAL HA 456 24.05 -48.03 67.84
CA VAL HA 456 23.03 -47.81 66.82
C VAL HA 456 23.01 -49.13 66.07
N MET HA 457 24.22 -49.61 65.81
CA MET HA 457 24.45 -50.86 65.09
C MET HA 457 23.67 -52.03 65.73
N HIS HA 458 23.61 -51.99 67.05
CA HIS HA 458 22.92 -53.02 67.82
C HIS HA 458 21.41 -52.83 67.77
N LEU HA 459 20.98 -51.59 67.54
CA LEU HA 459 19.56 -51.24 67.48
C LEU HA 459 18.98 -51.56 66.11
N VAL HA 460 19.84 -51.86 65.16
CA VAL HA 460 19.38 -52.18 63.82
C VAL HA 460 18.93 -53.64 63.81
N ASN HA 461 19.73 -54.51 64.41
CA ASN HA 461 19.35 -55.90 64.43
C ASN HA 461 18.15 -56.11 65.35
N ILE HA 462 18.09 -55.34 66.44
CA ILE HA 462 16.96 -55.47 67.36
C ILE HA 462 15.68 -55.14 66.57
N SER HA 463 14.70 -56.05 66.64
CA SER HA 463 13.42 -55.88 65.93
C SER HA 463 12.57 -54.77 66.59
N SER HA 464 12.32 -53.68 65.85
CA SER HA 464 11.55 -52.57 66.40
C SER HA 464 10.30 -53.02 67.20
N ASN HA 465 9.89 -54.27 67.01
CA ASN HA 465 8.73 -54.79 67.71
C ASN HA 465 8.96 -54.80 69.23
N THR HA 466 7.85 -54.70 69.97
CA THR HA 466 7.85 -54.67 71.44
C THR HA 466 8.49 -55.91 72.08
N ALA HA 467 8.49 -57.01 71.33
CA ALA HA 467 9.06 -58.25 71.82
C ALA HA 467 10.59 -58.20 71.95
N ALA HA 468 11.26 -57.50 71.02
CA ALA HA 468 12.73 -57.42 71.05
C ALA HA 468 13.25 -56.43 72.09
N ALA HA 469 12.35 -55.58 72.57
CA ALA HA 469 12.71 -54.59 73.59
C ALA HA 469 12.31 -55.13 74.98
N LEU HA 470 11.66 -56.29 75.01
CA LEU HA 470 11.23 -56.88 76.27
C LEU HA 470 12.39 -57.60 76.99
N PRO HA 471 13.33 -58.16 76.23
CA PRO HA 471 14.46 -58.84 76.86
C PRO HA 471 15.55 -57.78 76.97
N LEU HA 472 15.11 -56.52 77.03
CA LEU HA 472 16.01 -55.39 77.14
C LEU HA 472 15.67 -54.66 78.43
N VAL HA 473 14.39 -54.68 78.80
CA VAL HA 473 13.90 -54.07 80.05
C VAL HA 473 13.95 -55.12 81.14
N GLU HA 474 13.38 -56.29 80.84
CA GLU HA 474 13.35 -57.40 81.78
C GLU HA 474 14.78 -57.77 82.17
N ALA HA 475 15.75 -57.44 81.32
CA ALA HA 475 17.16 -57.73 81.63
C ALA HA 475 17.60 -56.77 82.72
N LEU HA 476 17.19 -55.52 82.59
CA LEU HA 476 17.54 -54.48 83.56
C LEU HA 476 16.68 -54.63 84.80
N SER HA 477 15.55 -55.30 84.68
CA SER HA 477 14.67 -55.49 85.83
C SER HA 477 15.08 -56.67 86.69
N THR HA 478 15.53 -57.77 86.09
CA THR HA 478 15.91 -58.88 86.93
C THR HA 478 17.14 -58.43 87.68
N LEU HA 479 17.97 -57.61 87.04
CA LEU HA 479 19.15 -57.12 87.73
C LEU HA 479 18.83 -56.05 88.76
N LEU HA 480 17.92 -55.13 88.41
CA LEU HA 480 17.55 -54.09 89.35
C LEU HA 480 17.18 -54.73 90.68
N ARG HA 481 16.36 -55.77 90.63
CA ARG HA 481 15.95 -56.44 91.86
C ARG HA 481 17.09 -57.20 92.47
N SER HA 482 17.81 -57.97 91.65
CA SER HA 482 18.96 -58.73 92.12
C SER HA 482 19.67 -57.96 93.24
N VAL HA 483 19.85 -56.66 93.02
CA VAL HA 483 20.50 -55.80 94.01
C VAL HA 483 19.64 -54.57 94.31
N THR HA 484 19.07 -54.50 95.49
CA THR HA 484 18.24 -53.36 95.84
C THR HA 484 17.74 -53.41 97.28
N PRO HA 485 18.05 -52.37 98.06
CA PRO HA 485 17.63 -52.28 99.45
C PRO HA 485 16.16 -51.92 99.57
N LEU HA 486 15.34 -52.31 98.60
CA LEU HA 486 13.93 -51.97 98.69
C LEU HA 486 13.01 -53.18 98.74
N VAL HA 487 12.61 -53.54 99.95
CA VAL HA 487 11.72 -54.67 100.18
C VAL HA 487 10.28 -54.22 100.01
N LEU HA 488 9.53 -54.91 99.16
CA LEU HA 488 8.11 -54.58 98.98
C LEU HA 488 7.32 -55.36 100.03
N ASP HA 489 6.45 -54.69 100.78
CA ASP HA 489 5.74 -55.44 101.82
C ASP HA 489 4.25 -55.14 102.01
N PRO HA 490 3.40 -55.71 101.14
CA PRO HA 490 1.93 -55.55 101.15
C PRO HA 490 1.37 -55.26 102.54
N THR HA 491 1.56 -56.21 103.46
CA THR HA 491 1.08 -56.11 104.84
C THR HA 491 1.01 -54.67 105.36
N VAL HA 492 2.09 -53.91 105.14
CA VAL HA 492 2.15 -52.51 105.56
C VAL HA 492 0.87 -51.80 105.15
N LEU HA 493 0.68 -51.67 103.83
CA LEU HA 493 -0.50 -51.02 103.25
C LEU HA 493 -1.76 -51.69 103.79
N THR HA 494 -1.95 -52.97 103.47
CA THR HA 494 -3.11 -53.75 103.92
C THR HA 494 -3.48 -53.37 105.35
N ASN HA 495 -2.46 -53.43 106.20
CA ASN HA 495 -2.62 -53.10 107.61
C ASN HA 495 -3.12 -51.67 107.81
N ALA HA 496 -2.37 -50.69 107.30
CA ALA HA 496 -2.73 -49.27 107.42
C ALA HA 496 -4.16 -48.98 106.96
N ILE HA 497 -4.65 -49.76 105.99
CA ILE HA 497 -6.02 -49.60 105.47
C ILE HA 497 -7.04 -50.41 106.27
N THR HA 498 -6.69 -51.65 106.59
CA THR HA 498 -7.60 -52.48 107.36
C THR HA 498 -8.00 -51.79 108.69
N THR HA 499 -7.15 -50.87 109.17
CA THR HA 499 -7.45 -50.22 110.44
C THR HA 499 -8.20 -48.89 110.40
N ILE HA 500 -9.12 -48.76 109.45
CA ILE HA 500 -9.97 -47.56 109.38
C ILE HA 500 -11.36 -48.12 109.73
N SER HA 501 -12.05 -47.47 110.65
CA SER HA 501 -13.37 -47.96 111.05
C SER HA 501 -14.35 -47.87 109.88
N GLU HA 502 -15.26 -48.82 109.79
CA GLU HA 502 -16.27 -48.82 108.73
C GLU HA 502 -17.54 -49.53 109.18
N SER HA 503 -18.62 -48.78 109.42
CA SER HA 503 -19.87 -49.41 109.86
C SER HA 503 -20.26 -50.51 108.87
N THR HA 504 -20.77 -51.63 109.38
CA THR HA 504 -21.18 -52.72 108.50
C THR HA 504 -22.70 -52.75 108.29
N THR HA 505 -23.33 -51.62 108.60
CA THR HA 505 -24.76 -51.46 108.36
C THR HA 505 -24.78 -50.72 107.02
N GLN HA 506 -23.71 -50.94 106.24
CA GLN HA 506 -23.57 -50.33 104.93
C GLN HA 506 -23.34 -51.40 103.88
N THR HA 507 -23.85 -51.18 102.67
CA THR HA 507 -23.69 -52.15 101.58
C THR HA 507 -22.36 -51.99 100.85
N ILE HA 508 -22.12 -50.80 100.30
CA ILE HA 508 -20.86 -50.57 99.62
C ILE HA 508 -19.80 -50.66 100.72
N SER HA 509 -18.69 -51.34 100.46
CA SER HA 509 -17.64 -51.47 101.48
C SER HA 509 -16.38 -50.69 101.04
N PRO HA 510 -16.37 -49.38 101.28
CA PRO HA 510 -15.23 -48.52 100.91
C PRO HA 510 -13.90 -49.23 101.10
N ILE HA 511 -13.77 -49.94 102.22
CA ILE HA 511 -12.55 -50.68 102.53
C ILE HA 511 -12.38 -51.93 101.65
N SER HA 512 -13.39 -52.79 101.68
CA SER HA 512 -13.36 -54.01 100.87
C SER HA 512 -13.05 -53.72 99.41
N GLU HA 513 -13.40 -52.52 98.94
CA GLU HA 513 -13.15 -52.12 97.55
C GLU HA 513 -11.67 -52.08 97.18
N ILE HA 514 -10.97 -51.02 97.59
CA ILE HA 514 -9.56 -50.94 97.26
C ILE HA 514 -8.89 -52.27 97.60
N LEU HA 515 -9.25 -52.82 98.77
CA LEU HA 515 -8.64 -54.08 99.20
C LEU HA 515 -8.70 -55.10 98.10
N ARG HA 516 -9.67 -54.95 97.21
CA ARG HA 516 -9.81 -55.83 96.06
C ARG HA 516 -8.99 -55.22 94.91
N LEU HA 517 -9.46 -54.08 94.40
CA LEU HA 517 -8.80 -53.38 93.29
C LEU HA 517 -7.28 -53.43 93.43
N LEU HA 518 -6.78 -52.77 94.47
CA LEU HA 518 -5.35 -52.71 94.76
C LEU HA 518 -4.78 -54.10 95.04
N GLN HA 519 -4.80 -55.01 94.05
CA GLN HA 519 -4.33 -56.37 94.27
C GLN HA 519 -3.84 -57.27 93.09
N PRO HA 520 -4.13 -56.89 91.82
CA PRO HA 520 -3.68 -57.74 90.70
C PRO HA 520 -2.21 -58.21 90.82
N ASP HA 524 3.15 -58.89 89.12
CA ASP HA 524 3.26 -58.59 90.56
C ASP HA 524 4.58 -57.92 90.85
N TYR HA 525 4.53 -56.62 91.17
CA TYR HA 525 5.74 -55.82 91.49
C TYR HA 525 6.70 -55.93 90.31
N ALA HA 526 6.35 -56.82 89.38
CA ALA HA 526 7.11 -56.98 88.18
C ALA HA 526 6.85 -55.61 87.57
N ALA HA 527 5.63 -55.11 87.77
CA ALA HA 527 5.22 -53.80 87.25
C ALA HA 527 5.97 -52.61 87.83
N PHE HA 528 6.26 -52.62 89.13
CA PHE HA 528 7.00 -51.48 89.67
C PHE HA 528 8.38 -51.41 89.06
N TRP HA 529 9.12 -52.49 89.18
CA TRP HA 529 10.47 -52.52 88.65
C TRP HA 529 10.51 -52.13 87.19
N LYS HA 530 9.86 -52.90 86.33
CA LYS HA 530 9.85 -52.59 84.92
C LYS HA 530 9.64 -51.10 84.62
N CYS HA 531 8.73 -50.46 85.36
CA CYS HA 531 8.48 -49.01 85.19
C CYS HA 531 9.83 -48.29 85.25
N ILE HA 532 10.61 -48.63 86.28
CA ILE HA 532 11.95 -48.07 86.50
C ILE HA 532 12.85 -48.50 85.35
N ALA HA 533 13.12 -49.81 85.29
CA ALA HA 533 13.95 -50.39 84.25
C ALA HA 533 13.59 -49.82 82.89
N SER HA 534 12.31 -49.56 82.69
CA SER HA 534 11.86 -49.00 81.43
C SER HA 534 12.45 -47.61 81.19
N TRP HA 535 12.71 -46.86 82.27
CA TRP HA 535 13.29 -45.51 82.14
C TRP HA 535 14.64 -45.55 81.45
N ALA HA 536 15.42 -46.59 81.73
CA ALA HA 536 16.75 -46.75 81.13
C ALA HA 536 16.71 -46.88 79.62
N TYR HA 537 15.60 -47.37 79.07
CA TYR HA 537 15.48 -47.52 77.63
C TYR HA 537 14.24 -46.88 77.04
N ASN HA 538 13.84 -45.70 77.52
CA ASN HA 538 12.65 -45.08 76.97
C ASN HA 538 12.77 -44.95 75.46
N GLY HA 539 13.98 -44.72 74.96
CA GLY HA 539 14.15 -44.60 73.53
C GLY HA 539 13.46 -45.76 72.79
N LEU HA 540 13.79 -46.98 73.20
CA LEU HA 540 13.22 -48.18 72.61
C LEU HA 540 11.78 -48.40 73.00
N VAL HA 541 11.55 -48.53 74.30
CA VAL HA 541 10.21 -48.79 74.79
C VAL HA 541 9.75 -47.89 75.92
N THR HA 542 8.58 -47.25 75.76
CA THR HA 542 8.07 -46.43 76.86
C THR HA 542 6.87 -47.19 77.44
N THR HA 543 6.88 -47.36 78.76
CA THR HA 543 5.79 -48.04 79.46
C THR HA 543 4.48 -47.27 79.28
N VAL HA 544 3.37 -47.90 79.66
CA VAL HA 544 2.06 -47.28 79.50
C VAL HA 544 1.07 -47.82 80.54
N LEU HA 545 0.05 -47.01 80.86
CA LEU HA 545 -0.97 -47.47 81.79
C LEU HA 545 -1.74 -48.53 81.02
N SER HA 546 -1.87 -49.73 81.58
CA SER HA 546 -2.59 -50.81 80.90
C SER HA 546 -4.07 -50.47 80.70
N GLU HA 547 -4.45 -50.29 79.43
CA GLU HA 547 -5.81 -49.93 79.02
C GLU HA 547 -6.94 -50.47 79.92
N ASP HA 548 -6.85 -51.76 80.24
CA ASP HA 548 -7.83 -52.45 81.09
C ASP HA 548 -7.98 -51.82 82.47
N ALA HA 549 -6.88 -51.26 82.99
CA ALA HA 549 -6.92 -50.65 84.31
C ALA HA 549 -7.37 -49.18 84.32
N PHE HA 550 -8.45 -48.90 83.60
CA PHE HA 550 -9.03 -47.56 83.58
C PHE HA 550 -10.49 -47.73 83.98
N PRO HA 551 -11.02 -46.82 84.81
CA PRO HA 551 -12.43 -47.00 85.17
C PRO HA 551 -13.17 -47.08 83.83
N ASP HA 552 -14.02 -48.09 83.64
CA ASP HA 552 -14.73 -48.24 82.35
C ASP HA 552 -15.69 -47.08 82.04
N SER HA 553 -15.79 -46.70 80.76
CA SER HA 553 -16.64 -45.58 80.37
C SER HA 553 -18.15 -45.77 80.36
N SER HA 554 -18.68 -46.50 81.35
CA SER HA 554 -20.13 -46.70 81.42
C SER HA 554 -20.62 -46.17 82.75
N GLN HA 555 -19.68 -45.81 83.61
CA GLN HA 555 -20.07 -45.31 84.93
C GLN HA 555 -19.58 -43.91 85.18
N SER HA 556 -20.30 -43.18 86.03
CA SER HA 556 -19.89 -41.83 86.41
C SER HA 556 -19.15 -41.95 87.78
N ILE HA 557 -18.88 -40.83 88.43
CA ILE HA 557 -18.14 -40.91 89.69
C ILE HA 557 -18.92 -41.29 90.95
N THR HA 558 -20.20 -41.65 90.80
CA THR HA 558 -20.97 -42.09 91.98
C THR HA 558 -20.57 -43.55 92.22
N HIS HA 559 -20.05 -44.17 91.16
CA HIS HA 559 -19.58 -45.56 91.18
C HIS HA 559 -18.30 -45.53 92.04
N LEU HA 560 -18.29 -46.27 93.14
CA LEU HA 560 -17.13 -46.26 94.02
C LEU HA 560 -15.94 -47.13 93.61
N PRO HA 561 -16.18 -48.15 92.76
CA PRO HA 561 -15.06 -49.01 92.35
C PRO HA 561 -14.26 -48.30 91.25
N SER HA 562 -14.87 -47.27 90.67
CA SER HA 562 -14.24 -46.48 89.61
C SER HA 562 -13.55 -45.26 90.21
N MET HA 563 -13.92 -44.94 91.44
CA MET HA 563 -13.35 -43.80 92.10
C MET HA 563 -11.98 -44.25 92.59
N TRP HA 564 -11.90 -45.50 93.02
CA TRP HA 564 -10.63 -46.04 93.49
C TRP HA 564 -9.76 -46.41 92.29
N LYS HA 565 -10.40 -46.91 91.23
CA LYS HA 565 -9.67 -47.30 90.02
C LYS HA 565 -8.96 -46.10 89.47
N CYS HA 566 -9.69 -44.98 89.45
CA CYS HA 566 -9.15 -43.72 88.94
C CYS HA 566 -8.11 -43.06 89.85
N LEU HA 567 -8.19 -43.31 91.16
CA LEU HA 567 -7.21 -42.75 92.09
C LEU HA 567 -5.86 -43.43 91.80
N PHE HA 568 -5.92 -44.75 91.61
CA PHE HA 568 -4.74 -45.58 91.31
C PHE HA 568 -4.16 -45.34 89.93
N LEU HA 569 -4.89 -44.64 89.07
CA LEU HA 569 -4.35 -44.32 87.77
C LEU HA 569 -3.41 -43.17 88.03
N THR HA 570 -3.89 -42.18 88.78
CA THR HA 570 -3.11 -40.99 89.10
C THR HA 570 -1.79 -41.27 89.78
N LEU HA 571 -1.84 -41.80 91.00
CA LEU HA 571 -0.61 -42.10 91.73
C LEU HA 571 0.44 -42.75 90.82
N ALA HA 572 0.06 -43.87 90.20
CA ALA HA 572 0.97 -44.60 89.31
C ALA HA 572 1.29 -43.83 88.00
N GLY HA 573 0.69 -42.66 87.83
CA GLY HA 573 0.89 -41.87 86.63
C GLY HA 573 2.34 -41.58 86.29
N PRO HA 574 3.06 -40.81 87.12
CA PRO HA 574 4.46 -40.47 86.89
C PRO HA 574 5.40 -41.66 86.71
N MET HA 575 5.03 -42.79 87.29
CA MET HA 575 5.85 -43.99 87.17
C MET HA 575 6.14 -44.41 85.72
N THR HA 576 5.08 -44.52 84.92
CA THR HA 576 5.22 -44.91 83.53
C THR HA 576 5.91 -43.82 82.72
N SER HA 577 6.81 -44.23 81.83
CA SER HA 577 7.59 -43.32 80.98
C SER HA 577 6.83 -42.72 79.82
N ASP HA 578 5.63 -43.23 79.57
CA ASP HA 578 4.79 -42.77 78.47
C ASP HA 578 4.53 -41.27 78.35
N PRO HA 579 4.90 -40.69 77.20
CA PRO HA 579 4.76 -39.28 76.85
C PRO HA 579 3.33 -38.72 76.98
N HIS HA 580 2.43 -39.51 77.54
CA HIS HA 580 1.03 -39.08 77.69
C HIS HA 580 0.42 -39.29 79.05
N SER HA 581 0.99 -40.18 79.85
CA SER HA 581 0.45 -40.45 81.18
C SER HA 581 -0.29 -39.25 81.74
N PRO HA 582 0.30 -38.05 81.68
CA PRO HA 582 -0.42 -36.88 82.21
C PRO HA 582 -1.82 -36.75 81.57
N VAL HA 583 -1.90 -36.57 80.25
CA VAL HA 583 -3.21 -36.44 79.60
C VAL HA 583 -4.16 -37.61 79.87
N LYS HA 584 -3.64 -38.84 79.77
CA LYS HA 584 -4.45 -40.02 80.03
C LYS HA 584 -4.99 -39.98 81.45
N VAL HA 585 -4.16 -39.54 82.40
CA VAL HA 585 -4.61 -39.44 83.79
C VAL HA 585 -5.66 -38.36 83.88
N PHE HA 586 -5.43 -37.24 83.22
CA PHE HA 586 -6.42 -36.18 83.28
C PHE HA 586 -7.74 -36.67 82.74
N MET HA 587 -7.71 -37.33 81.58
CA MET HA 587 -8.94 -37.83 80.99
C MET HA 587 -9.62 -38.84 81.91
N ALA HA 588 -8.92 -39.91 82.26
CA ALA HA 588 -9.45 -40.95 83.15
C ALA HA 588 -10.52 -40.40 84.09
N LEU HA 589 -10.25 -39.26 84.73
CA LEU HA 589 -11.23 -38.64 85.61
C LEU HA 589 -12.12 -37.71 84.79
N ALA HA 590 -11.49 -36.76 84.11
CA ALA HA 590 -12.24 -35.81 83.27
C ALA HA 590 -13.30 -36.63 82.57
N ASN HA 591 -12.89 -37.80 82.15
CA ASN HA 591 -13.78 -38.72 81.47
C ASN HA 591 -14.89 -39.21 82.35
N LEU HA 592 -14.53 -39.90 83.41
CA LEU HA 592 -15.49 -40.46 84.34
C LEU HA 592 -16.50 -39.48 84.97
N LEU HA 593 -16.16 -38.20 85.09
CA LEU HA 593 -17.12 -37.25 85.67
C LEU HA 593 -17.62 -36.25 84.60
N ALA HA 594 -17.96 -36.79 83.42
CA ALA HA 594 -18.44 -35.98 82.31
C ALA HA 594 -19.73 -35.24 82.58
N GLN HA 595 -20.76 -35.98 82.98
CA GLN HA 595 -22.09 -35.41 83.28
C GLN HA 595 -22.02 -34.12 84.09
N PRO HA 596 -21.22 -34.11 85.17
CA PRO HA 596 -21.16 -32.87 85.96
C PRO HA 596 -20.19 -31.87 85.32
N GLU HA 597 -18.98 -32.34 85.06
CA GLU HA 597 -17.89 -31.52 84.51
C GLU HA 597 -17.55 -31.59 83.00
N PRO HA 598 -18.00 -30.59 82.21
CA PRO HA 598 -17.71 -30.57 80.76
C PRO HA 598 -16.42 -29.77 80.49
N ILE HA 599 -15.57 -30.27 79.59
CA ILE HA 599 -14.30 -29.60 79.24
C ILE HA 599 -14.05 -29.61 77.73
N ALA HA 600 -13.11 -28.77 77.28
CA ALA HA 600 -12.80 -28.68 75.87
C ALA HA 600 -12.03 -29.91 75.39
N ILE HA 601 -12.48 -30.52 74.28
CA ILE HA 601 -11.83 -31.71 73.70
C ILE HA 601 -11.55 -31.50 72.18
N GLY HA 602 -10.34 -31.03 71.88
CA GLY HA 602 -9.88 -30.76 70.52
C GLY HA 602 -10.48 -31.36 69.24
N VAL HA 603 -9.92 -32.47 68.76
CA VAL HA 603 -10.38 -33.09 67.50
C VAL HA 603 -11.74 -33.82 67.52
N PRO HA 604 -12.43 -33.83 66.36
CA PRO HA 604 -13.75 -34.48 66.16
C PRO HA 604 -13.59 -36.00 66.29
N GLY HA 605 -14.59 -36.64 66.87
CA GLY HA 605 -14.51 -38.08 67.05
C GLY HA 605 -13.70 -38.39 68.31
N MET HA 606 -13.75 -37.45 69.25
CA MET HA 606 -13.04 -37.55 70.52
C MET HA 606 -13.86 -36.80 71.56
N HIS HA 607 -14.94 -37.39 72.05
CA HIS HA 607 -15.73 -36.70 73.04
C HIS HA 607 -15.17 -36.90 74.45
N GLN HA 608 -15.53 -36.00 75.35
CA GLN HA 608 -15.07 -36.09 76.72
C GLN HA 608 -15.39 -37.42 77.37
N THR HA 609 -16.18 -38.24 76.69
CA THR HA 609 -16.54 -39.54 77.20
C THR HA 609 -15.85 -40.64 76.41
N THR HA 610 -14.81 -40.26 75.66
CA THR HA 610 -14.02 -41.22 74.87
C THR HA 610 -13.10 -41.98 75.82
N PRO HA 611 -13.22 -43.31 75.87
CA PRO HA 611 -12.44 -44.23 76.73
C PRO HA 611 -11.02 -43.77 77.03
N ALA HA 612 -10.88 -42.84 77.98
CA ALA HA 612 -9.60 -42.25 78.38
C ALA HA 612 -8.40 -42.79 77.60
N SER HA 613 -7.96 -44.00 77.93
CA SER HA 613 -6.81 -44.64 77.27
C SER HA 613 -6.61 -44.25 75.79
N GLN HA 614 -7.71 -44.08 75.06
CA GLN HA 614 -7.62 -43.73 73.64
C GLN HA 614 -7.18 -42.30 73.36
N PHE HA 615 -6.33 -41.73 74.23
CA PHE HA 615 -5.85 -40.35 74.07
C PHE HA 615 -4.34 -40.23 73.77
N SER HA 616 -3.82 -41.21 73.02
CA SER HA 616 -2.39 -41.28 72.69
C SER HA 616 -1.72 -40.23 71.82
N HIS HA 617 -2.46 -39.56 70.94
CA HIS HA 617 -1.79 -38.58 70.09
C HIS HA 617 -1.56 -37.25 70.80
N PRO HA 618 -0.42 -36.58 70.53
CA PRO HA 618 -0.10 -35.28 71.14
C PRO HA 618 -1.12 -34.19 70.83
N GLY HA 619 -1.54 -34.13 69.57
CA GLY HA 619 -2.52 -33.12 69.17
C GLY HA 619 -3.87 -33.15 69.87
N VAL HA 620 -4.27 -34.28 70.45
CA VAL HA 620 -5.57 -34.35 71.10
C VAL HA 620 -5.54 -34.24 72.62
N TRP HA 621 -4.99 -33.13 73.13
CA TRP HA 621 -4.94 -32.89 74.57
C TRP HA 621 -6.03 -31.87 74.84
N PRO HA 622 -6.88 -32.12 75.84
CA PRO HA 622 -7.96 -31.16 76.15
C PRO HA 622 -7.45 -29.71 76.15
N PRO HA 623 -8.07 -28.81 75.36
CA PRO HA 623 -7.62 -27.41 75.31
C PRO HA 623 -7.51 -26.85 76.74
N GLY HA 624 -8.41 -27.29 77.60
CA GLY HA 624 -8.41 -26.88 78.99
C GLY HA 624 -7.23 -27.49 79.75
N PHE HA 625 -6.91 -28.74 79.44
CA PHE HA 625 -5.81 -29.42 80.11
C PHE HA 625 -4.47 -28.70 79.94
N LEU HA 626 -4.14 -28.26 78.73
CA LEU HA 626 -2.87 -27.55 78.54
C LEU HA 626 -2.94 -26.33 79.43
N ASN HA 627 -3.86 -25.43 79.08
CA ASN HA 627 -4.06 -24.18 79.80
C ASN HA 627 -5.33 -24.26 80.64
N PRO HA 628 -5.20 -24.56 81.95
CA PRO HA 628 -6.34 -24.69 82.90
C PRO HA 628 -7.08 -23.37 83.10
N GLN HA 629 -6.44 -22.30 82.65
CA GLN HA 629 -7.04 -20.98 82.70
C GLN HA 629 -8.42 -21.15 82.06
N LEU HA 630 -8.42 -21.87 80.95
CA LEU HA 630 -9.62 -22.16 80.14
C LEU HA 630 -10.78 -22.84 80.81
N ILE HA 631 -10.52 -23.91 81.56
CA ILE HA 631 -11.62 -24.60 82.25
C ILE HA 631 -12.27 -23.68 83.29
N ASN HA 632 -13.58 -23.46 83.19
CA ASN HA 632 -14.20 -22.56 84.16
C ASN HA 632 -14.68 -23.28 85.43
N PRO HA 633 -14.45 -22.65 86.60
CA PRO HA 633 -14.85 -23.20 87.91
C PRO HA 633 -16.37 -23.43 88.01
N GLN HA 634 -17.15 -22.37 87.79
CA GLN HA 634 -18.62 -22.42 87.84
C GLN HA 634 -19.24 -23.50 86.88
N GLN HA 635 -18.38 -24.34 86.31
CA GLN HA 635 -18.88 -25.40 85.44
C GLN HA 635 -18.16 -26.73 85.66
N ALA HA 636 -16.84 -26.66 85.80
CA ALA HA 636 -16.04 -27.88 86.02
C ALA HA 636 -15.02 -27.68 87.12
N PRO HA 637 -15.46 -27.17 88.29
CA PRO HA 637 -14.54 -26.93 89.42
C PRO HA 637 -13.60 -28.11 89.62
N LEU HA 638 -14.18 -29.21 90.10
CA LEU HA 638 -13.48 -30.47 90.37
C LEU HA 638 -12.43 -30.81 89.31
N LEU HA 639 -12.87 -30.83 88.05
CA LEU HA 639 -11.99 -31.14 86.91
C LEU HA 639 -10.90 -30.10 86.68
N ARG HA 640 -11.23 -28.83 86.93
CA ARG HA 640 -10.25 -27.77 86.76
C ARG HA 640 -9.16 -27.87 87.83
N ALA HA 641 -9.55 -28.30 89.03
CA ALA HA 641 -8.59 -28.45 90.11
C ALA HA 641 -7.75 -29.67 89.85
N PHE HA 642 -8.24 -30.55 88.98
CA PHE HA 642 -7.46 -31.74 88.63
C PHE HA 642 -6.39 -31.32 87.62
N ALA HA 643 -6.81 -30.63 86.55
CA ALA HA 643 -5.87 -30.14 85.56
C ALA HA 643 -4.86 -29.28 86.30
N GLU HA 644 -5.38 -28.39 87.14
CA GLU HA 644 -4.57 -27.49 87.95
C GLU HA 644 -3.54 -28.28 88.75
N HIS HA 645 -3.95 -29.44 89.25
CA HIS HA 645 -3.09 -30.28 90.05
C HIS HA 645 -1.99 -30.98 89.28
N ILE HA 646 -2.35 -31.72 88.24
CA ILE HA 646 -1.37 -32.45 87.43
C ILE HA 646 -0.22 -31.55 86.97
N ARG HA 647 -0.55 -30.33 86.54
CA ARG HA 647 0.47 -29.39 86.07
C ARG HA 647 1.38 -28.96 87.20
N ALA HA 648 0.80 -28.58 88.33
CA ALA HA 648 1.63 -28.17 89.45
C ALA HA 648 2.48 -29.29 90.07
N ASN HA 649 2.05 -30.55 89.96
CA ASN HA 649 2.81 -31.63 90.62
C ASN HA 649 3.37 -32.80 89.85
N TRP HA 650 3.47 -32.72 88.54
CA TRP HA 650 4.06 -33.85 87.84
C TRP HA 650 5.58 -33.68 88.03
N PRO HA 651 6.29 -34.73 88.47
CA PRO HA 651 7.73 -34.78 88.74
C PRO HA 651 8.63 -34.07 87.72
N GLN HA 652 9.54 -33.23 88.19
CA GLN HA 652 10.46 -32.53 87.28
C GLN HA 652 11.59 -33.47 86.85
N PRO HA 653 11.77 -33.69 85.55
CA PRO HA 653 12.84 -34.59 85.10
C PRO HA 653 14.20 -34.00 85.47
N SER HA 654 15.21 -34.86 85.57
CA SER HA 654 16.58 -34.44 85.91
C SER HA 654 17.58 -35.48 85.45
N GLU HA 655 18.84 -35.09 85.32
CA GLU HA 655 19.84 -36.03 84.83
C GLU HA 655 21.02 -36.24 85.76
N PHE HA 656 21.63 -37.41 85.70
CA PHE HA 656 22.79 -37.71 86.53
C PHE HA 656 23.88 -38.39 85.70
N GLY HA 657 25.08 -38.53 86.27
CA GLY HA 657 26.15 -39.16 85.52
C GLY HA 657 26.04 -40.66 85.65
N TYR HA 658 26.83 -41.39 84.86
CA TYR HA 658 26.86 -42.86 84.87
C TYR HA 658 28.05 -43.27 84.01
N GLY HA 659 28.84 -44.25 84.48
CA GLY HA 659 29.99 -44.72 83.72
C GLY HA 659 31.19 -43.79 83.82
N SER HA 660 32.31 -44.19 83.21
CA SER HA 660 33.50 -43.35 83.27
C SER HA 660 33.69 -42.43 82.07
N THR HA 661 34.11 -41.21 82.33
CA THR HA 661 34.32 -40.25 81.26
C THR HA 661 35.55 -40.59 80.42
N LEU HA 662 36.48 -41.37 80.99
CA LEU HA 662 37.68 -41.76 80.26
C LEU HA 662 37.33 -42.90 79.30
N GLN HA 663 36.17 -43.49 79.48
CA GLN HA 663 35.76 -44.59 78.64
C GLN HA 663 34.46 -44.26 77.93
N GLY HA 664 34.46 -43.15 77.20
CA GLY HA 664 33.26 -42.75 76.47
C GLY HA 664 31.92 -43.16 77.06
N SER HA 665 31.01 -43.62 76.19
CA SER HA 665 29.65 -44.04 76.57
C SER HA 665 28.81 -44.28 75.31
N ALA HA 666 27.69 -44.99 75.45
CA ALA HA 666 26.86 -45.29 74.29
C ALA HA 666 25.66 -44.35 74.10
N ASN HA 667 25.83 -43.06 74.39
CA ASN HA 667 24.69 -42.16 74.25
C ASN HA 667 24.45 -41.57 72.87
N LEU HA 668 23.18 -41.56 72.45
CA LEU HA 668 22.83 -41.04 71.15
C LEU HA 668 21.99 -39.76 71.24
N PHE HA 669 21.41 -39.48 72.40
CA PHE HA 669 20.59 -38.29 72.52
C PHE HA 669 20.81 -37.53 73.83
N ILE HA 670 21.70 -38.05 74.65
CA ILE HA 670 22.01 -37.42 75.94
C ILE HA 670 23.53 -37.22 75.98
N PRO HA 671 24.02 -36.22 76.71
CA PRO HA 671 25.48 -36.06 76.74
C PRO HA 671 26.10 -37.39 77.18
N SER HA 672 27.38 -37.58 76.89
CA SER HA 672 28.08 -38.82 77.26
C SER HA 672 28.11 -38.99 78.78
N ASN HA 673 27.87 -40.21 79.26
CA ASN HA 673 27.90 -40.46 80.70
C ASN HA 673 26.76 -39.74 81.43
N ARG HA 674 25.61 -39.60 80.78
CA ARG HA 674 24.47 -38.93 81.40
C ARG HA 674 23.22 -39.76 81.11
N MET HA 675 22.25 -39.71 82.02
CA MET HA 675 20.97 -40.40 81.85
C MET HA 675 19.86 -39.48 82.33
N VAL HA 676 18.92 -39.12 81.45
CA VAL HA 676 17.81 -38.28 81.88
C VAL HA 676 16.99 -39.15 82.83
N TYR HA 677 16.21 -38.54 83.70
CA TYR HA 677 15.47 -39.30 84.69
C TYR HA 677 14.19 -38.58 85.15
N PRO HA 678 13.05 -39.26 85.14
CA PRO HA 678 11.75 -38.70 85.55
C PRO HA 678 11.68 -37.90 86.85
N TRP HA 679 12.12 -38.48 87.95
CA TRP HA 679 12.07 -37.82 89.25
C TRP HA 679 13.28 -36.97 89.64
N PRO HA 680 13.05 -35.91 90.45
CA PRO HA 680 14.20 -35.08 90.84
C PRO HA 680 15.18 -36.02 91.54
N ASN HA 681 16.47 -35.79 91.34
CA ASN HA 681 17.48 -36.66 91.91
C ASN HA 681 18.43 -36.16 93.04
N GLN HA 682 18.69 -37.04 94.00
CA GLN HA 682 19.56 -36.69 95.13
C GLN HA 682 20.74 -37.65 95.22
N PRO HA 683 21.89 -37.18 95.74
CA PRO HA 683 23.10 -38.01 95.88
C PRO HA 683 22.88 -39.16 96.89
N LEU HA 684 23.48 -40.32 96.65
CA LEU HA 684 23.32 -41.46 97.56
C LEU HA 684 23.79 -41.11 98.97
N PRO HA 685 23.02 -41.48 100.01
CA PRO HA 685 23.38 -41.19 101.40
C PRO HA 685 24.17 -42.34 102.05
N ARG HA 686 25.28 -41.98 102.73
CA ARG HA 686 26.16 -42.97 103.37
C ARG HA 686 25.86 -43.16 104.87
N LEU HA 687 24.69 -42.69 105.32
CA LEU HA 687 24.29 -42.83 106.74
C LEU HA 687 23.14 -43.82 106.93
N THR HA 688 22.08 -43.38 107.62
CA THR HA 688 20.90 -44.22 107.88
C THR HA 688 19.63 -43.60 107.27
N VAL HA 689 18.86 -44.40 106.52
CA VAL HA 689 17.63 -43.88 105.92
C VAL HA 689 16.37 -44.19 106.70
N ALA HA 690 15.38 -43.29 106.58
CA ALA HA 690 14.08 -43.43 107.24
C ALA HA 690 13.06 -42.81 106.29
N PRO HA 691 12.00 -43.56 105.93
CA PRO HA 691 11.00 -43.00 105.01
C PRO HA 691 10.67 -41.52 105.30
N THR HA 692 11.07 -40.62 104.41
CA THR HA 692 10.83 -39.18 104.62
C THR HA 692 9.62 -38.71 103.84
N TYR HA 693 8.96 -37.66 104.30
CA TYR HA 693 7.78 -37.21 103.59
C TYR HA 693 7.99 -36.06 102.65
N ASP HA 694 9.26 -35.78 102.34
CA ASP HA 694 9.59 -34.71 101.38
C ASP HA 694 9.89 -35.49 100.12
N SER HA 695 10.22 -34.78 99.03
CA SER HA 695 10.57 -35.38 97.71
C SER HA 695 9.41 -35.48 96.72
N ALA HA 696 9.72 -35.21 95.45
CA ALA HA 696 8.74 -35.27 94.37
C ALA HA 696 7.84 -36.50 94.54
N MET HA 697 8.44 -37.68 94.54
CA MET HA 697 7.63 -38.89 94.70
C MET HA 697 6.64 -38.67 95.84
N SER HA 698 7.16 -38.64 97.07
CA SER HA 698 6.34 -38.48 98.27
C SER HA 698 5.31 -37.37 98.17
N ASN HA 699 5.74 -36.20 97.72
CA ASN HA 699 4.84 -35.07 97.57
C ASN HA 699 3.74 -35.38 96.57
N TRP HA 700 4.11 -36.01 95.45
CA TRP HA 700 3.16 -36.37 94.42
C TRP HA 700 2.04 -37.26 94.95
N ILE HA 701 2.37 -38.12 95.90
CA ILE HA 701 1.40 -39.02 96.51
C ILE HA 701 0.57 -38.26 97.52
N SER HA 702 1.19 -37.28 98.16
CA SER HA 702 0.50 -36.51 99.18
C SER HA 702 -0.48 -35.48 98.68
N THR HA 703 -0.16 -34.83 97.55
CA THR HA 703 -1.04 -33.82 96.99
C THR HA 703 -2.15 -34.45 96.20
N THR HA 704 -1.81 -35.53 95.49
CA THR HA 704 -2.79 -36.23 94.69
C THR HA 704 -3.80 -36.93 95.58
N ILE HA 705 -3.33 -37.49 96.68
CA ILE HA 705 -4.22 -38.18 97.60
C ILE HA 705 -5.04 -37.11 98.32
N ALA HA 706 -4.58 -35.86 98.19
CA ALA HA 706 -5.25 -34.72 98.80
C ALA HA 706 -6.29 -34.24 97.83
N PHE HA 707 -6.09 -34.54 96.55
CA PHE HA 707 -7.05 -34.14 95.56
C PHE HA 707 -8.27 -35.05 95.60
N PHE HA 708 -8.04 -36.35 95.58
CA PHE HA 708 -9.16 -37.28 95.62
C PHE HA 708 -9.88 -37.26 96.96
N ILE HA 709 -9.30 -36.57 97.94
CA ILE HA 709 -9.96 -36.46 99.23
C ILE HA 709 -10.91 -35.28 99.02
N ARG HA 710 -10.58 -34.43 98.05
CA ARG HA 710 -11.41 -33.28 97.74
C ARG HA 710 -12.54 -33.71 96.81
N VAL HA 711 -12.25 -34.68 95.94
CA VAL HA 711 -13.24 -35.21 95.01
C VAL HA 711 -14.35 -35.88 95.82
N VAL HA 712 -13.94 -36.52 96.92
CA VAL HA 712 -14.87 -37.22 97.79
C VAL HA 712 -15.70 -36.29 98.67
N ASN HA 713 -15.13 -35.17 99.09
CA ASN HA 713 -15.87 -34.21 99.93
C ASN HA 713 -16.44 -33.09 99.07
N SER HA 714 -16.63 -33.35 97.79
CA SER HA 714 -17.16 -32.32 96.91
C SER HA 714 -18.69 -32.37 96.82
N VAL HA 715 -19.27 -31.32 96.24
CA VAL HA 715 -20.72 -31.21 96.04
C VAL HA 715 -21.31 -32.50 95.51
N ASN HA 716 -20.93 -32.87 94.27
CA ASN HA 716 -21.40 -34.11 93.64
C ASN HA 716 -21.43 -35.24 94.66
N MET HA 717 -20.23 -35.67 95.02
CA MET HA 717 -20.06 -36.74 95.98
C MET HA 717 -20.99 -36.59 97.20
N THR HA 718 -20.85 -35.46 97.88
CA THR HA 718 -21.63 -35.16 99.08
C THR HA 718 -23.14 -35.34 98.96
N ALA HA 719 -23.71 -35.01 97.81
CA ALA HA 719 -25.14 -35.16 97.61
C ALA HA 719 -25.52 -36.63 97.38
N THR HA 720 -24.81 -37.29 96.46
CA THR HA 720 -25.12 -38.68 96.17
C THR HA 720 -24.59 -39.62 97.26
N VAL HA 721 -23.41 -40.20 97.05
CA VAL HA 721 -22.80 -41.12 98.02
C VAL HA 721 -23.26 -40.80 99.43
N ASN HA 722 -23.52 -41.86 100.19
CA ASN HA 722 -23.96 -41.74 101.58
C ASN HA 722 -22.97 -40.89 102.39
N ASP HA 723 -23.25 -40.64 103.67
CA ASP HA 723 -22.36 -39.85 104.51
C ASP HA 723 -21.23 -40.60 105.25
N LEU HA 724 -21.63 -41.45 106.20
CA LEU HA 724 -20.68 -42.22 107.00
C LEU HA 724 -19.71 -42.99 106.09
N THR HA 725 -20.20 -43.43 104.93
CA THR HA 725 -19.34 -44.17 104.01
C THR HA 725 -18.28 -43.22 103.46
N ARG HA 726 -18.71 -42.02 103.07
CA ARG HA 726 -17.81 -41.00 102.54
C ARG HA 726 -16.71 -40.62 103.56
N ARG HA 727 -16.95 -40.86 104.85
CA ARG HA 727 -15.91 -40.55 105.82
C ARG HA 727 -14.87 -41.66 105.68
N THR HA 728 -15.33 -42.90 105.63
CA THR HA 728 -14.45 -44.07 105.49
C THR HA 728 -13.49 -43.89 104.35
N MET HA 729 -13.96 -43.29 103.26
CA MET HA 729 -13.12 -43.05 102.10
C MET HA 729 -12.03 -42.02 102.35
N THR HA 730 -12.34 -41.01 103.15
CA THR HA 730 -11.37 -39.99 103.51
C THR HA 730 -10.31 -40.67 104.37
N GLY HA 731 -10.76 -41.52 105.29
CA GLY HA 731 -9.86 -42.26 106.16
C GLY HA 731 -9.03 -43.23 105.35
N VAL HA 732 -9.67 -43.99 104.46
CA VAL HA 732 -8.96 -44.96 103.64
C VAL HA 732 -7.92 -44.30 102.76
N MET HA 733 -8.04 -43.00 102.54
CA MET HA 733 -7.04 -42.33 101.72
C MET HA 733 -5.99 -41.71 102.61
N THR HA 734 -6.42 -40.99 103.64
CA THR HA 734 -5.45 -40.36 104.53
C THR HA 734 -4.46 -41.41 105.01
N ALA HA 735 -4.97 -42.61 105.33
CA ALA HA 735 -4.11 -43.70 105.81
C ALA HA 735 -2.98 -43.85 104.80
N MET HA 736 -3.35 -44.06 103.55
CA MET HA 736 -2.39 -44.20 102.46
C MET HA 736 -1.41 -43.03 102.41
N ARG HA 737 -1.95 -41.81 102.29
CA ARG HA 737 -1.12 -40.62 102.21
C ARG HA 737 -0.31 -40.37 103.49
N GLN HA 738 -0.35 -41.33 104.43
CA GLN HA 738 0.38 -41.26 105.70
C GLN HA 738 1.09 -42.55 106.08
N VAL HA 739 1.18 -43.52 105.17
CA VAL HA 739 1.89 -44.76 105.45
C VAL HA 739 3.37 -44.41 105.35
N LYS HA 740 4.21 -44.96 106.23
CA LYS HA 740 5.63 -44.64 106.14
C LYS HA 740 6.27 -45.47 105.05
N THR HA 741 5.99 -45.09 103.80
CA THR HA 741 6.56 -45.80 102.68
C THR HA 741 8.00 -45.33 102.48
N MET HA 742 8.92 -46.29 102.38
CA MET HA 742 10.33 -45.97 102.20
C MET HA 742 10.65 -45.78 100.72
N THR HA 743 9.71 -46.11 99.84
CA THR HA 743 9.91 -45.98 98.39
C THR HA 743 10.09 -44.56 97.85
N PRO HA 744 9.25 -43.61 98.28
CA PRO HA 744 9.37 -42.22 97.81
C PRO HA 744 10.83 -41.79 97.89
N PHE HA 745 11.47 -42.21 98.97
CA PHE HA 745 12.86 -41.92 99.23
C PHE HA 745 13.67 -42.59 98.14
N TYR HA 746 13.57 -43.90 98.13
CA TYR HA 746 14.28 -44.74 97.17
C TYR HA 746 14.27 -44.21 95.73
N ILE HA 747 13.07 -43.98 95.18
CA ILE HA 747 12.98 -43.49 93.80
C ILE HA 747 13.74 -42.21 93.61
N GLN HA 748 14.19 -41.58 94.69
CA GLN HA 748 14.94 -40.34 94.56
C GLN HA 748 16.40 -40.35 95.04
N HIS HA 749 16.78 -41.30 95.88
CA HIS HA 749 18.16 -41.37 96.36
C HIS HA 749 18.91 -42.62 95.85
N MET HA 750 18.51 -43.79 96.33
CA MET HA 750 19.15 -45.04 95.95
C MET HA 750 18.89 -45.56 94.54
N CYS HA 751 17.73 -45.27 93.98
CA CYS HA 751 17.42 -45.77 92.66
C CYS HA 751 18.38 -45.23 91.60
N PRO HA 752 18.68 -43.93 91.65
CA PRO HA 752 19.60 -43.27 90.70
C PRO HA 752 20.99 -43.90 90.72
N THR HA 753 21.45 -44.30 91.89
CA THR HA 753 22.75 -44.95 92.04
C THR HA 753 22.69 -46.27 91.28
N GLU HA 754 21.66 -47.08 91.58
CA GLU HA 754 21.48 -48.37 90.94
C GLU HA 754 21.36 -48.30 89.44
N LEU HA 755 20.62 -47.34 88.92
CA LEU HA 755 20.52 -47.25 87.48
C LEU HA 755 21.87 -46.87 86.89
N SER HA 756 22.57 -45.95 87.54
CA SER HA 756 23.88 -45.53 87.08
C SER HA 756 24.89 -46.67 87.08
N VAL HA 757 25.04 -47.32 88.23
CA VAL HA 757 25.99 -48.43 88.35
C VAL HA 757 25.52 -49.62 87.51
N LEU HA 758 24.21 -49.85 87.48
CA LEU HA 758 23.62 -50.95 86.71
C LEU HA 758 23.59 -50.65 85.22
N ALA HA 759 23.93 -49.43 84.83
CA ALA HA 759 23.93 -49.08 83.41
C ALA HA 759 25.28 -49.43 82.79
N SER HA 760 26.01 -50.34 83.44
CA SER HA 760 27.30 -50.78 82.94
C SER HA 760 27.32 -52.29 82.96
N VAL HA 761 26.84 -52.88 84.05
CA VAL HA 761 26.80 -54.34 84.12
C VAL HA 761 25.86 -54.84 83.02
N THR HA 762 24.79 -54.09 82.74
CA THR HA 762 23.81 -54.44 81.70
C THR HA 762 24.42 -54.83 80.37
N VAL HA 763 23.89 -55.89 79.76
CA VAL HA 763 24.40 -56.39 78.49
C VAL HA 763 24.07 -55.54 77.25
N THR HA 764 23.49 -54.36 77.49
CA THR HA 764 23.15 -53.39 76.43
C THR HA 764 23.10 -52.06 77.13
N PRO HA 765 23.94 -51.10 76.69
CA PRO HA 765 24.01 -49.75 77.28
C PRO HA 765 22.64 -49.05 77.23
N PRO HA 766 22.35 -48.15 78.19
CA PRO HA 766 21.07 -47.44 78.20
C PRO HA 766 20.93 -46.57 76.95
N PHE HA 767 19.71 -46.55 76.39
CA PHE HA 767 19.38 -45.79 75.18
C PHE HA 767 18.23 -44.82 75.46
N GLN HA 768 18.54 -43.60 75.96
CA GLN HA 768 17.49 -42.63 76.32
C GLN HA 768 17.25 -41.36 75.47
N VAL HA 769 16.04 -40.83 75.58
CA VAL HA 769 15.66 -39.60 74.88
C VAL HA 769 15.05 -38.70 75.96
N PRO HA 770 15.47 -37.41 76.02
CA PRO HA 770 15.01 -36.40 77.00
C PRO HA 770 13.57 -36.58 77.47
N PHE HA 771 13.37 -36.68 78.80
CA PHE HA 771 12.04 -36.81 79.38
C PHE HA 771 11.34 -35.45 79.42
N THR HA 772 10.18 -35.31 78.77
CA THR HA 772 9.48 -34.02 78.73
C THR HA 772 8.28 -33.83 79.65
N ARG HA 773 8.55 -33.28 80.83
CA ARG HA 773 7.56 -33.06 81.88
C ARG HA 773 6.32 -32.22 81.54
N LEU HA 774 5.46 -32.69 80.63
CA LEU HA 774 4.24 -31.96 80.27
C LEU HA 774 4.45 -30.82 79.29
N VAL HA 775 5.40 -30.93 78.37
CA VAL HA 775 5.59 -29.80 77.46
C VAL HA 775 5.04 -30.06 76.05
N GLN HA 776 3.75 -29.77 75.88
CA GLN HA 776 3.01 -29.96 74.62
C GLN HA 776 3.80 -30.32 73.37
N ASN HA 777 4.64 -29.39 72.93
CA ASN HA 777 5.48 -29.54 71.73
C ASN HA 777 6.65 -30.50 71.75
N ASP HA 778 7.23 -30.72 72.92
CA ASP HA 778 8.39 -31.60 73.03
C ASP HA 778 8.04 -33.03 73.37
N VAL HA 779 6.84 -33.45 73.00
CA VAL HA 779 6.45 -34.82 73.24
C VAL HA 779 7.13 -35.59 72.11
N ILE HA 780 7.90 -36.63 72.42
CA ILE HA 780 8.61 -37.38 71.37
C ILE HA 780 7.70 -38.40 70.68
N THR HA 781 7.16 -38.08 69.52
CA THR HA 781 6.31 -39.04 68.84
C THR HA 781 7.10 -40.23 68.28
N ASN HA 782 8.33 -40.00 67.79
CA ASN HA 782 9.14 -41.07 67.23
C ASN HA 782 10.64 -40.98 67.48
N VAL HA 783 11.24 -42.09 67.90
CA VAL HA 783 12.70 -42.19 68.11
C VAL HA 783 13.14 -43.06 66.95
N LEU HA 784 13.64 -42.46 65.88
CA LEU HA 784 14.02 -43.23 64.71
C LEU HA 784 15.51 -43.50 64.49
N VAL HA 785 15.77 -44.52 63.68
CA VAL HA 785 17.13 -44.94 63.30
C VAL HA 785 17.15 -45.03 61.77
N ALA HA 786 18.33 -45.12 61.16
CA ALA HA 786 18.40 -45.23 59.69
C ALA HA 786 19.45 -46.24 59.26
N ARG HA 787 19.07 -47.18 58.42
CA ARG HA 787 20.03 -48.16 57.93
C ARG HA 787 20.74 -47.52 56.73
N VAL HA 788 19.96 -46.94 55.82
CA VAL HA 788 20.55 -46.27 54.66
C VAL HA 788 20.59 -44.78 54.98
N ASP HA 789 21.34 -44.01 54.20
CA ASP HA 789 21.37 -42.56 54.42
C ASP HA 789 20.43 -41.88 53.42
N PRO HA 790 19.66 -40.88 53.88
CA PRO HA 790 18.76 -40.23 52.93
C PRO HA 790 19.50 -39.31 51.98
N ALA HA 791 20.82 -39.50 51.90
CA ALA HA 791 21.61 -38.68 51.01
C ALA HA 791 21.67 -39.31 49.63
N GLN HA 792 22.14 -40.57 49.56
CA GLN HA 792 22.27 -41.31 48.30
C GLN HA 792 20.98 -41.44 47.53
N ARG HA 793 19.94 -41.94 48.19
CA ARG HA 793 18.66 -41.98 47.52
C ARG HA 793 18.26 -40.51 47.74
N GLY HA 794 17.69 -39.86 46.72
CA GLY HA 794 17.30 -38.46 46.86
C GLY HA 794 16.22 -38.28 47.92
N ASP HA 795 16.65 -38.17 49.17
CA ASP HA 795 15.71 -38.05 50.29
C ASP HA 795 16.13 -36.92 51.24
N ALA HA 796 16.98 -36.04 50.75
CA ALA HA 796 17.49 -34.94 51.55
C ALA HA 796 16.34 -34.11 52.16
N ALA HA 797 15.29 -33.88 51.38
CA ALA HA 797 14.17 -33.07 51.87
C ALA HA 797 13.08 -33.84 52.63
N VAL HA 798 12.62 -34.96 52.06
CA VAL HA 798 11.56 -35.79 52.64
C VAL HA 798 11.62 -35.89 54.15
N ASP HA 799 10.45 -35.84 54.79
CA ASP HA 799 10.36 -35.88 56.26
C ASP HA 799 11.02 -37.08 56.94
N ILE HA 800 11.50 -36.83 58.16
CA ILE HA 800 12.20 -37.83 58.97
C ILE HA 800 11.40 -39.08 59.27
N ARG HA 801 10.14 -38.90 59.62
CA ARG HA 801 9.27 -40.01 59.95
C ARG HA 801 9.17 -41.02 58.82
N ALA HA 802 9.51 -40.62 57.60
CA ALA HA 802 9.42 -41.51 56.45
C ALA HA 802 10.75 -42.05 55.90
N THR HA 803 11.88 -41.56 56.40
CA THR HA 803 13.19 -42.03 55.90
C THR HA 803 13.89 -42.94 56.90
N HIS HA 804 13.46 -42.91 58.15
CA HIS HA 804 14.04 -43.73 59.22
C HIS HA 804 12.98 -44.69 59.79
N ALA HA 805 13.41 -45.76 60.45
CA ALA HA 805 12.51 -46.74 61.07
C ALA HA 805 12.13 -46.19 62.44
N THR HA 806 10.92 -46.48 62.93
CA THR HA 806 10.54 -45.95 64.26
C THR HA 806 10.32 -47.05 65.27
N PHE HA 807 11.19 -47.16 66.28
CA PHE HA 807 11.00 -48.19 67.29
C PHE HA 807 9.58 -48.14 67.82
N ALA HA 808 8.86 -49.25 67.76
CA ALA HA 808 7.49 -49.27 68.26
C ALA HA 808 7.37 -50.40 69.29
N ALA HA 809 7.77 -50.13 70.53
CA ALA HA 809 7.70 -51.14 71.58
C ALA HA 809 7.14 -50.55 72.86
N ALA HA 810 5.94 -50.97 73.26
CA ALA HA 810 5.36 -50.43 74.48
C ALA HA 810 4.93 -51.50 75.49
N LEU HA 811 5.22 -51.27 76.77
CA LEU HA 811 4.85 -52.21 77.83
C LEU HA 811 3.57 -51.77 78.58
N PRO HA 812 2.68 -52.73 78.82
CA PRO HA 812 1.43 -52.43 79.54
C PRO HA 812 1.57 -52.58 81.05
N VAL HA 813 2.07 -51.55 81.72
CA VAL HA 813 2.23 -51.60 83.16
C VAL HA 813 0.85 -51.48 83.80
N ASP HA 814 0.68 -52.07 84.98
CA ASP HA 814 -0.60 -52.01 85.68
C ASP HA 814 -0.56 -51.09 86.92
N PRO HA 815 -1.45 -50.09 86.98
CA PRO HA 815 -1.57 -49.11 88.07
C PRO HA 815 -1.64 -49.78 89.45
N ALA HA 816 -2.35 -50.90 89.53
CA ALA HA 816 -2.48 -51.63 90.79
C ALA HA 816 -1.07 -51.86 91.35
N ALA HA 817 -0.29 -52.71 90.67
CA ALA HA 817 1.08 -53.02 91.10
C ALA HA 817 1.85 -51.75 91.48
N ILE HA 818 2.01 -50.83 90.53
CA ILE HA 818 2.71 -49.58 90.80
C ILE HA 818 2.41 -49.12 92.23
N VAL HA 819 1.21 -48.58 92.44
CA VAL HA 819 0.77 -48.09 93.75
C VAL HA 819 1.13 -49.02 94.89
N VAL HA 820 0.63 -50.25 94.88
CA VAL HA 820 0.94 -51.20 95.96
C VAL HA 820 2.43 -51.15 96.32
N ALA HA 821 3.29 -51.01 95.31
CA ALA HA 821 4.72 -50.95 95.53
C ALA HA 821 5.06 -49.54 96.00
N MET HA 822 5.10 -48.61 95.05
CA MET HA 822 5.36 -47.19 95.30
C MET HA 822 5.02 -46.81 96.70
N LEU HA 823 3.74 -47.00 97.02
CA LEU HA 823 3.15 -46.66 98.31
C LEU HA 823 3.31 -47.76 99.38
N CYS HA 824 4.38 -48.55 99.32
CA CYS HA 824 4.57 -49.62 100.31
C CYS HA 824 5.96 -50.32 100.32
N GLY HA 825 7.01 -49.51 100.37
CA GLY HA 825 8.36 -50.05 100.40
C GLY HA 825 8.98 -49.88 101.78
N GLN HA 826 9.58 -50.96 102.28
CA GLN HA 826 10.23 -50.89 103.58
C GLN HA 826 11.64 -51.43 103.43
N THR HA 827 12.56 -50.93 104.25
CA THR HA 827 13.95 -51.38 104.15
C THR HA 827 14.44 -52.10 105.42
N GLU HA 828 15.75 -52.27 105.51
CA GLU HA 828 16.33 -52.90 106.68
C GLU HA 828 16.71 -51.79 107.68
N THR HA 829 15.86 -51.59 108.70
CA THR HA 829 16.04 -50.53 109.76
C THR HA 829 17.48 -50.06 109.99
N ASN HA 830 18.39 -51.03 110.07
CA ASN HA 830 19.80 -50.74 110.27
C ASN HA 830 20.42 -50.97 108.88
N LEU HA 831 20.44 -49.93 108.05
CA LEU HA 831 21.00 -50.06 106.71
C LEU HA 831 21.78 -48.83 106.25
N ILE HA 832 22.96 -49.06 105.68
CA ILE HA 832 23.77 -47.98 105.15
C ILE HA 832 23.58 -48.10 103.63
N PRO HA 833 22.79 -47.20 103.02
CA PRO HA 833 22.59 -47.29 101.56
C PRO HA 833 23.87 -47.62 100.78
N SER HA 834 24.87 -46.76 100.87
CA SER HA 834 26.14 -46.99 100.17
C SER HA 834 26.66 -48.39 100.49
N HIS HA 835 26.78 -48.71 101.78
CA HIS HA 835 27.27 -50.03 102.17
C HIS HA 835 26.55 -51.15 101.44
N HIS HA 836 25.22 -51.17 101.53
CA HIS HA 836 24.44 -52.23 100.87
C HIS HA 836 24.70 -52.33 99.37
N TYR HA 837 25.16 -51.24 98.77
CA TYR HA 837 25.48 -51.28 97.35
C TYR HA 837 26.91 -51.77 97.19
N GLY HA 838 27.83 -51.13 97.91
CA GLY HA 838 29.23 -51.52 97.83
C GLY HA 838 29.32 -53.04 97.90
N LYS HA 839 28.26 -53.64 98.44
CA LYS HA 839 28.17 -55.08 98.59
C LYS HA 839 27.52 -55.70 97.35
N ALA HA 840 26.38 -55.12 96.98
CA ALA HA 840 25.59 -55.60 95.84
C ALA HA 840 26.26 -55.43 94.48
N PHE HA 841 27.34 -54.67 94.42
CA PHE HA 841 28.02 -54.47 93.14
C PHE HA 841 29.35 -55.21 93.04
N ALA HA 842 29.94 -55.50 94.20
CA ALA HA 842 31.23 -56.20 94.26
C ALA HA 842 31.44 -57.16 93.09
N PRO HA 843 30.59 -58.21 92.95
CA PRO HA 843 30.72 -59.20 91.87
C PRO HA 843 30.70 -58.61 90.45
N LEU HA 844 29.54 -58.13 90.01
CA LEU HA 844 29.41 -57.55 88.68
C LEU HA 844 30.20 -56.23 88.56
N PHE HA 845 31.50 -56.32 88.81
CA PHE HA 845 32.40 -55.16 88.73
C PHE HA 845 33.80 -55.57 89.11
N ALA HA 846 33.93 -56.83 89.53
CA ALA HA 846 35.21 -57.38 89.92
C ALA HA 846 35.88 -58.00 88.70
N SER HA 847 35.09 -58.54 87.78
CA SER HA 847 35.64 -59.13 86.56
C SER HA 847 35.56 -58.10 85.44
N ASN HA 848 36.38 -58.31 84.39
CA ASN HA 848 36.38 -57.40 83.23
C ASN HA 848 35.46 -57.91 82.10
N ALA HA 849 34.22 -58.22 82.48
CA ALA HA 849 33.20 -58.66 81.53
C ALA HA 849 32.69 -57.35 80.92
N MET HA 850 32.69 -56.32 81.76
CA MET HA 850 32.28 -54.96 81.40
C MET HA 850 33.18 -54.44 80.30
N PHE HA 851 34.43 -54.89 80.33
CA PHE HA 851 35.42 -54.49 79.35
C PHE HA 851 35.24 -55.21 78.03
N THR HA 852 34.54 -56.34 78.04
CA THR HA 852 34.33 -57.10 76.81
C THR HA 852 33.55 -56.33 75.77
N ARG HA 853 32.32 -55.94 76.11
CA ARG HA 853 31.52 -55.21 75.14
C ARG HA 853 32.33 -54.04 74.60
N ASN HA 854 33.27 -53.58 75.41
CA ASN HA 854 34.12 -52.47 75.03
C ASN HA 854 34.96 -52.77 73.78
N GLN HA 855 35.17 -54.04 73.47
CA GLN HA 855 35.94 -54.47 72.30
C GLN HA 855 35.02 -54.88 71.18
N ARG HA 856 33.93 -55.56 71.53
CA ARG HA 856 32.99 -55.96 70.53
C ARG HA 856 32.67 -54.69 69.77
N ALA HA 857 32.82 -53.54 70.46
CA ALA HA 857 32.57 -52.23 69.85
C ALA HA 857 33.67 -51.94 68.83
N VAL HA 858 34.94 -51.99 69.26
CA VAL HA 858 36.05 -51.75 68.33
C VAL HA 858 35.97 -52.65 67.08
N ILE HA 859 35.83 -53.96 67.26
CA ILE HA 859 35.74 -54.85 66.11
C ILE HA 859 34.60 -54.48 65.19
N THR HA 860 33.55 -53.89 65.75
CA THR HA 860 32.40 -53.46 64.97
C THR HA 860 32.77 -52.22 64.17
N ARG HA 861 33.43 -51.26 64.80
CA ARG HA 861 33.83 -50.06 64.10
C ARG HA 861 34.77 -50.40 62.95
N GLU HA 862 35.41 -51.57 63.01
CA GLU HA 862 36.30 -51.98 61.94
C GLU HA 862 35.50 -52.65 60.83
N ALA HA 863 34.92 -53.81 61.15
CA ALA HA 863 34.11 -54.55 60.20
C ALA HA 863 33.28 -53.59 59.34
N PHE HA 864 32.73 -52.56 59.97
CA PHE HA 864 31.91 -51.59 59.28
C PHE HA 864 32.68 -50.69 58.32
N VAL HA 865 33.82 -50.17 58.78
CA VAL HA 865 34.64 -49.29 57.96
C VAL HA 865 35.29 -50.02 56.81
N CYS HA 866 35.47 -51.33 56.95
CA CYS HA 866 36.05 -52.11 55.89
C CYS HA 866 34.97 -52.37 54.84
N ALA HA 867 33.79 -52.79 55.31
CA ALA HA 867 32.66 -53.05 54.43
C ALA HA 867 32.40 -51.80 53.63
N ARG HA 868 32.21 -50.67 54.31
CA ARG HA 868 31.99 -49.38 53.63
C ARG HA 868 33.04 -49.18 52.54
N SER HA 869 34.29 -49.56 52.85
CA SER HA 869 35.38 -49.43 51.88
C SER HA 869 35.23 -50.49 50.79
N ALA HA 870 35.13 -51.75 51.21
CA ALA HA 870 34.99 -52.87 50.31
C ALA HA 870 33.91 -52.64 49.29
N VAL HA 871 32.69 -52.36 49.75
CA VAL HA 871 31.59 -52.14 48.82
C VAL HA 871 31.83 -50.94 47.91
N ALA HA 872 32.22 -49.81 48.50
CA ALA HA 872 32.46 -48.59 47.71
C ALA HA 872 33.61 -48.70 46.71
N GLN HA 873 34.59 -49.55 46.97
CA GLN HA 873 35.67 -49.71 46.01
C GLN HA 873 35.12 -50.48 44.81
N CYS HA 874 34.51 -51.63 45.11
CA CYS HA 874 33.92 -52.49 44.11
C CYS HA 874 32.74 -51.83 43.47
N GLN HA 875 32.25 -50.79 44.14
CA GLN HA 875 31.16 -49.99 43.63
C GLN HA 875 31.86 -49.00 42.70
N ASP HA 876 31.18 -47.93 42.34
CA ASP HA 876 31.86 -46.97 41.50
C ASP HA 876 31.64 -45.54 41.95
N ALA HA 877 32.54 -45.07 42.81
CA ALA HA 877 32.51 -43.72 43.38
C ALA HA 877 31.30 -43.54 44.34
N GLY HA 878 31.56 -43.70 45.64
CA GLY HA 878 30.53 -43.55 46.66
C GLY HA 878 31.11 -42.77 47.83
N PHE HA 879 30.82 -43.16 49.07
CA PHE HA 879 31.39 -42.43 50.21
C PHE HA 879 32.87 -42.32 49.92
N LEU HA 880 33.36 -41.11 49.69
CA LEU HA 880 34.76 -40.84 49.36
C LEU HA 880 35.75 -41.85 49.96
N VAL HA 881 35.92 -43.01 49.32
CA VAL HA 881 36.86 -44.02 49.80
C VAL HA 881 37.95 -44.19 48.77
N PRO HA 882 39.16 -43.72 49.08
CA PRO HA 882 40.32 -43.80 48.18
C PRO HA 882 40.44 -45.17 47.53
N ARG HA 883 40.20 -45.24 46.22
CA ARG HA 883 40.30 -46.53 45.51
C ARG HA 883 41.64 -46.68 44.80
N PRO HA 884 42.58 -47.40 45.43
CA PRO HA 884 43.89 -47.61 44.83
C PRO HA 884 43.82 -48.77 43.84
N LEU HA 885 42.60 -49.27 43.64
CA LEU HA 885 42.39 -50.37 42.72
C LEU HA 885 41.44 -49.97 41.62
N ASP HA 886 41.61 -48.77 41.08
CA ASP HA 886 40.68 -48.36 40.04
C ASP HA 886 40.96 -48.98 38.68
N ALA HA 887 42.21 -49.37 38.44
CA ALA HA 887 42.59 -50.01 37.18
C ALA HA 887 41.84 -51.34 36.96
N LEU HA 888 41.83 -52.21 37.98
CA LEU HA 888 41.12 -53.49 37.88
C LEU HA 888 39.68 -53.27 37.44
N ARG HA 889 39.03 -54.32 36.96
CA ARG HA 889 37.65 -54.26 36.45
C ARG HA 889 36.52 -54.35 37.50
N GLN HA 890 35.28 -54.38 37.01
CA GLN HA 890 34.08 -54.50 37.84
C GLN HA 890 32.86 -54.10 37.03
N PHE HA 891 32.08 -55.06 36.56
CA PHE HA 891 30.91 -54.70 35.79
C PHE HA 891 29.61 -55.07 36.50
N ASP HA 892 29.73 -55.55 37.74
CA ASP HA 892 28.54 -55.87 38.50
C ASP HA 892 28.47 -54.97 39.73
N VAL HA 893 27.71 -53.89 39.60
CA VAL HA 893 27.58 -52.91 40.66
C VAL HA 893 26.20 -52.99 41.29
N THR HA 894 25.45 -53.99 40.85
CA THR HA 894 24.10 -54.24 41.33
C THR HA 894 24.13 -54.60 42.81
N SER HA 895 23.10 -54.21 43.56
CA SER HA 895 23.02 -54.51 44.97
C SER HA 895 23.52 -55.91 45.27
N ALA HA 896 22.95 -56.92 44.62
CA ALA HA 896 23.40 -58.30 44.86
C ALA HA 896 24.93 -58.30 45.02
N ALA HA 897 25.60 -57.62 44.10
CA ALA HA 897 27.04 -57.51 44.12
C ALA HA 897 27.54 -56.89 45.42
N ALA HA 898 26.78 -55.94 45.96
CA ALA HA 898 27.16 -55.29 47.20
C ALA HA 898 26.97 -56.29 48.33
N ALA HA 899 25.74 -56.76 48.52
CA ALA HA 899 25.46 -57.72 49.58
C ALA HA 899 26.51 -58.85 49.54
N GLU HA 900 26.82 -59.35 48.34
CA GLU HA 900 27.82 -60.42 48.22
C GLU HA 900 29.15 -59.95 48.77
N ILE HA 901 29.62 -58.79 48.29
CA ILE HA 901 30.88 -58.20 48.73
C ILE HA 901 30.77 -57.98 50.23
N MET HA 902 29.85 -57.09 50.59
CA MET HA 902 29.57 -56.70 51.97
C MET HA 902 29.35 -57.88 52.90
N HIS HA 903 29.14 -59.06 52.31
CA HIS HA 903 28.89 -60.27 53.08
C HIS HA 903 30.18 -60.98 53.44
N ALA HA 904 31.01 -61.25 52.45
CA ALA HA 904 32.28 -61.92 52.70
C ALA HA 904 33.05 -61.13 53.77
N VAL HA 905 33.09 -59.82 53.60
CA VAL HA 905 33.77 -58.93 54.54
C VAL HA 905 33.26 -59.18 55.95
N ASN HA 906 31.96 -59.44 56.07
CA ASN HA 906 31.34 -59.70 57.36
C ASN HA 906 31.69 -61.09 57.85
N ASP HA 907 32.27 -61.89 56.96
CA ASP HA 907 32.69 -63.25 57.31
C ASP HA 907 34.14 -63.15 57.72
N ALA HA 908 34.94 -62.64 56.79
CA ALA HA 908 36.36 -62.46 57.03
C ALA HA 908 36.59 -61.99 58.48
N PHE HA 909 35.74 -61.10 58.97
CA PHE HA 909 35.90 -60.62 60.34
C PHE HA 909 35.30 -61.62 61.33
N LYS HA 910 34.10 -62.13 61.03
CA LYS HA 910 33.45 -63.09 61.91
C LYS HA 910 34.34 -64.29 62.10
N THR HA 911 35.17 -64.56 61.09
CA THR HA 911 36.09 -65.70 61.09
C THR HA 911 37.40 -65.27 61.74
N ALA HA 912 37.85 -64.07 61.39
CA ALA HA 912 39.11 -63.55 61.90
C ALA HA 912 39.13 -63.36 63.40
N PHE HA 913 38.09 -62.74 63.95
CA PHE HA 913 38.08 -62.52 65.38
C PHE HA 913 37.19 -63.50 66.09
N ASP HA 914 36.44 -64.27 65.31
CA ASP HA 914 35.52 -65.28 65.83
C ASP HA 914 34.55 -64.68 66.86
N LEU HA 915 33.33 -64.43 66.39
CA LEU HA 915 32.33 -63.86 67.27
C LEU HA 915 30.92 -64.13 66.73
N ASP HA 916 30.29 -65.13 67.33
CA ASP HA 916 28.94 -65.54 66.99
C ASP HA 916 27.95 -64.36 66.89
N GLY HA 917 28.03 -63.44 67.87
CA GLY HA 917 27.17 -62.27 67.90
C GLY HA 917 27.00 -61.59 66.55
N ALA HA 918 25.80 -61.11 66.27
CA ALA HA 918 25.54 -60.43 65.00
C ALA HA 918 26.35 -59.14 64.90
N LEU HA 919 27.28 -59.09 63.95
CA LEU HA 919 28.12 -57.92 63.72
C LEU HA 919 27.99 -57.56 62.25
N LEU HA 920 27.86 -56.27 61.94
CA LEU HA 920 27.76 -55.84 60.54
C LEU HA 920 26.54 -56.45 59.79
N ASP HA 921 25.71 -57.21 60.50
CA ASP HA 921 24.52 -57.78 59.89
C ASP HA 921 23.51 -56.64 59.98
N GLY HA 922 22.24 -56.92 59.67
CA GLY HA 922 21.23 -55.89 59.77
C GLY HA 922 21.42 -54.70 58.84
N LEU HA 923 22.66 -54.23 58.66
CA LEU HA 923 22.92 -53.13 57.75
C LEU HA 923 22.23 -53.49 56.43
N ALA HA 924 22.37 -54.76 56.03
CA ALA HA 924 21.75 -55.27 54.80
C ALA HA 924 20.23 -55.08 54.80
N LEU HA 925 19.54 -55.86 55.64
CA LEU HA 925 18.08 -55.84 55.77
C LEU HA 925 17.32 -55.35 54.54
N TYR HA 926 17.37 -54.04 54.28
CA TYR HA 926 16.71 -53.46 53.11
C TYR HA 926 17.40 -53.85 51.82
N GLY HA 927 18.15 -54.95 51.86
CA GLY HA 927 18.86 -55.45 50.68
C GLY HA 927 19.64 -54.44 49.84
N ASP HA 928 20.65 -53.77 50.43
CA ASP HA 928 21.42 -52.82 49.66
C ASP HA 928 22.57 -52.22 50.45
N PRO HA 929 23.75 -52.85 50.39
CA PRO HA 929 24.93 -52.35 51.11
C PRO HA 929 25.43 -51.04 50.47
N ARG HA 930 25.32 -50.97 49.14
CA ARG HA 930 25.76 -49.83 48.36
C ARG HA 930 25.63 -48.50 49.08
N ILE HA 931 24.59 -48.35 49.90
CA ILE HA 931 24.40 -47.09 50.64
C ILE HA 931 24.29 -47.34 52.13
N ALA HA 932 25.19 -48.11 52.70
CA ALA HA 932 25.09 -48.36 54.14
C ALA HA 932 25.43 -47.09 54.91
N ASP HA 933 24.52 -46.64 55.76
CA ASP HA 933 24.82 -45.45 56.54
C ASP HA 933 23.98 -45.28 57.78
N LEU HA 934 24.65 -45.18 58.93
CA LEU HA 934 23.96 -45.05 60.20
C LEU HA 934 23.52 -43.65 60.64
N SER HA 935 22.43 -43.61 61.39
CA SER HA 935 21.89 -42.35 61.87
C SER HA 935 20.67 -42.60 62.79
N ALA HA 936 20.67 -42.00 63.97
CA ALA HA 936 19.56 -42.13 64.91
C ALA HA 936 18.95 -40.74 64.97
N ALA HA 937 17.71 -40.59 65.46
CA ALA HA 937 17.11 -39.24 65.51
C ALA HA 937 15.64 -39.24 65.88
N TYR HA 938 15.28 -38.60 67.00
CA TYR HA 938 13.87 -38.56 67.38
C TYR HA 938 13.12 -37.36 66.79
N LEU HA 939 11.83 -37.26 67.06
CA LEU HA 939 11.05 -36.17 66.50
C LEU HA 939 9.97 -35.72 67.48
N GLN HA 940 10.13 -34.54 68.07
CA GLN HA 940 9.12 -34.00 69.00
C GLN HA 940 7.94 -33.49 68.20
N TYR HA 941 6.72 -33.79 68.67
CA TYR HA 941 5.49 -33.38 68.02
C TYR HA 941 5.57 -32.01 67.34
N GLY HA 942 6.04 -31.00 68.10
CA GLY HA 942 6.16 -29.65 67.57
C GLY HA 942 6.77 -29.54 66.17
N GLY HA 943 8.04 -29.86 66.05
CA GLY HA 943 8.69 -29.79 64.76
C GLY HA 943 10.10 -30.37 64.84
N ASN HA 944 10.89 -29.80 65.74
CA ASN HA 944 12.28 -30.20 66.02
C ASN HA 944 12.55 -31.69 65.73
N VAL HA 945 13.56 -31.97 64.90
CA VAL HA 945 13.86 -33.35 64.54
C VAL HA 945 15.23 -33.90 65.01
N VAL HA 946 16.00 -33.08 65.70
CA VAL HA 946 17.31 -33.53 66.21
C VAL HA 946 18.34 -34.18 65.24
N ARG HA 947 18.22 -35.49 64.97
CA ARG HA 947 19.18 -36.17 64.07
C ARG HA 947 20.53 -36.24 64.76
N GLU HA 948 21.23 -37.35 64.57
CA GLU HA 948 22.49 -37.54 65.25
C GLU HA 948 23.14 -38.73 64.57
N HIS HA 949 23.61 -38.54 63.34
CA HIS HA 949 24.17 -39.67 62.61
C HIS HA 949 25.59 -40.07 62.93
N VAL HA 950 25.67 -41.12 63.74
CA VAL HA 950 26.91 -41.71 64.17
C VAL HA 950 27.72 -42.15 62.96
N PRO HA 951 28.88 -41.51 62.74
CA PRO HA 951 29.71 -41.90 61.60
C PRO HA 951 30.78 -42.82 62.19
N PRO HA 952 31.37 -43.71 61.39
CA PRO HA 952 32.40 -44.61 61.93
C PRO HA 952 33.53 -43.80 62.52
N GLY HA 953 34.10 -44.27 63.63
CA GLY HA 953 35.21 -43.55 64.23
C GLY HA 953 36.40 -43.68 63.30
N PRO HA 954 37.52 -42.96 63.54
CA PRO HA 954 38.72 -43.05 62.67
C PRO HA 954 39.42 -44.39 62.91
N SER HA 955 39.10 -45.39 62.07
CA SER HA 955 39.62 -46.75 62.23
C SER HA 955 41.02 -47.11 61.68
N HIS HA 956 41.61 -48.13 62.31
CA HIS HA 956 42.95 -48.62 61.96
C HIS HA 956 43.13 -49.57 60.78
N ILE HA 957 42.05 -50.15 60.26
CA ILE HA 957 42.18 -51.05 59.12
C ILE HA 957 41.79 -50.37 57.81
N HIS HA 958 41.03 -49.28 57.91
CA HIS HA 958 40.67 -48.50 56.73
C HIS HA 958 42.01 -47.88 56.27
N ARG HA 959 43.11 -48.34 56.90
CA ARG HA 959 44.46 -47.90 56.55
C ARG HA 959 45.10 -49.16 55.98
N ALA HA 960 45.53 -50.04 56.87
CA ALA HA 960 46.19 -51.31 56.53
C ALA HA 960 45.76 -51.89 55.19
N LEU HA 961 44.49 -52.31 55.08
CA LEU HA 961 43.96 -52.88 53.84
C LEU HA 961 44.32 -51.93 52.69
N GLN HA 962 43.91 -50.67 52.85
CA GLN HA 962 44.19 -49.63 51.88
C GLN HA 962 45.66 -49.71 51.50
N GLN HA 963 46.50 -49.73 52.54
CA GLN HA 963 47.94 -49.80 52.40
C GLN HA 963 48.41 -51.00 51.60
N VAL HA 964 47.67 -52.11 51.71
CA VAL HA 964 48.00 -53.34 51.00
C VAL HA 964 47.61 -53.19 49.54
N GLU HA 965 46.50 -52.53 49.27
CA GLU HA 965 46.05 -52.36 47.91
C GLU HA 965 46.94 -51.38 47.18
N SER HA 966 47.60 -50.50 47.90
CA SER HA 966 48.48 -49.57 47.22
C SER HA 966 49.60 -50.44 46.70
N THR HA 967 50.14 -51.27 47.60
CA THR HA 967 51.24 -52.15 47.27
C THR HA 967 50.85 -53.34 46.43
N PHE HA 968 49.61 -53.81 46.55
CA PHE HA 968 49.24 -54.94 45.72
C PHE HA 968 49.46 -54.47 44.28
N MET HA 969 48.75 -53.41 43.91
CA MET HA 969 48.83 -52.81 42.58
C MET HA 969 50.25 -52.87 42.04
N ALA HA 970 51.20 -52.41 42.86
CA ALA HA 970 52.61 -52.39 42.48
C ALA HA 970 53.20 -53.77 42.18
N GLU HA 971 52.99 -54.73 43.09
CA GLU HA 971 53.54 -56.07 42.93
C GLU HA 971 52.50 -57.21 42.75
N MET HA 972 51.65 -57.09 41.71
CA MET HA 972 50.61 -58.09 41.43
C MET HA 972 51.17 -59.48 41.23
N ASN HA 973 52.04 -59.60 40.24
CA ASN HA 973 52.70 -60.85 39.91
C ASN HA 973 52.88 -61.77 41.11
N LEU HA 974 53.35 -61.23 42.23
CA LEU HA 974 53.54 -62.05 43.43
C LEU HA 974 52.25 -62.75 43.90
N PHE HA 975 51.12 -62.52 43.21
CA PHE HA 975 49.83 -63.13 43.54
C PHE HA 975 49.24 -63.82 42.31
N ASN HA 976 50.04 -63.99 41.26
CA ASN HA 976 49.59 -64.61 40.03
C ASN HA 976 48.65 -63.67 39.28
N VAL HA 977 49.03 -62.43 39.04
CA VAL HA 977 48.09 -61.56 38.33
C VAL HA 977 48.67 -60.55 37.34
N ALA HA 978 49.40 -61.02 36.33
CA ALA HA 978 49.99 -60.14 35.31
C ALA HA 978 49.06 -59.00 34.92
N ARG HA 979 49.63 -57.87 34.52
CA ARG HA 979 48.83 -56.72 34.08
C ARG HA 979 48.96 -56.57 32.55
N GLY HA 980 49.05 -55.34 32.06
CA GLY HA 980 49.17 -55.14 30.62
C GLY HA 980 48.18 -55.93 29.80
N ASN HA 981 48.56 -56.28 28.57
CA ASN HA 981 47.69 -57.05 27.70
C ASN HA 981 48.37 -58.34 27.30
N LEU HA 982 47.77 -59.06 26.36
CA LEU HA 982 48.31 -60.33 25.90
C LEU HA 982 48.43 -60.34 24.39
N TYR HA 983 49.62 -60.61 23.88
CA TYR HA 983 49.80 -60.65 22.44
C TYR HA 983 49.71 -62.07 21.88
N LEU HA 984 49.24 -62.17 20.65
CA LEU HA 984 49.14 -63.46 19.99
C LEU HA 984 49.80 -63.31 18.63
N VAL HA 985 51.09 -63.64 18.55
CA VAL HA 985 51.79 -63.55 17.29
C VAL HA 985 52.61 -64.83 17.14
N GLN HA 986 52.61 -65.41 15.95
CA GLN HA 986 53.37 -66.64 15.76
C GLN HA 986 54.87 -66.41 15.66
N THR HA 987 55.53 -66.25 16.80
CA THR HA 987 56.97 -66.08 16.78
C THR HA 987 57.53 -67.47 17.00
N ALA HA 988 58.24 -68.01 16.03
CA ALA HA 988 58.82 -69.34 16.17
C ALA HA 988 60.31 -69.16 16.28
N THR HA 989 60.79 -68.97 17.51
CA THR HA 989 62.21 -68.76 17.72
C THR HA 989 62.98 -70.01 18.14
N ASN HA 990 64.21 -69.75 18.59
CA ASN HA 990 65.12 -70.79 19.04
C ASN HA 990 65.91 -70.27 20.25
N GLY HA 991 65.88 -68.95 20.44
CA GLY HA 991 66.59 -68.34 21.55
C GLY HA 991 65.83 -68.34 22.87
N ASN HA 992 66.26 -67.52 23.81
CA ASN HA 992 65.58 -67.48 25.10
C ASN HA 992 64.21 -66.84 25.03
N TRP HA 993 63.20 -67.59 24.61
CA TRP HA 993 61.83 -67.06 24.56
C TRP HA 993 61.49 -66.58 25.96
N SER HA 994 60.86 -65.41 26.09
CA SER HA 994 60.54 -64.90 27.42
C SER HA 994 59.16 -64.24 27.49
N PRO HA 995 58.10 -65.06 27.53
CA PRO HA 995 56.72 -64.56 27.58
C PRO HA 995 56.51 -63.44 28.58
N MET HA 996 56.96 -63.64 29.82
CA MET HA 996 56.77 -62.65 30.87
C MET HA 996 57.49 -61.32 30.62
N ALA HA 997 58.75 -61.21 31.02
CA ALA HA 997 59.52 -59.98 30.82
C ALA HA 997 59.93 -59.92 29.34
N PRO HA 998 59.17 -59.17 28.53
CA PRO HA 998 59.41 -59.02 27.09
C PRO HA 998 60.47 -57.96 26.72
N VAL HA 999 61.54 -58.37 26.06
CA VAL HA 999 62.57 -57.44 25.65
C VAL HA 999 62.03 -56.65 24.45
N ALA HA 1000 62.50 -55.42 24.28
CA ALA HA 1000 62.08 -54.53 23.17
C ALA HA 1000 60.62 -54.03 23.26
N ALA HA 1001 60.26 -53.14 22.33
CA ALA HA 1001 58.90 -52.59 22.29
C ALA HA 1001 57.91 -53.66 21.77
N PRO HA 1002 56.69 -53.69 22.33
CA PRO HA 1002 55.70 -54.68 21.88
C PRO HA 1002 55.29 -54.39 20.42
N PRO HA 1003 55.20 -55.41 19.58
CA PRO HA 1003 54.81 -55.10 18.20
C PRO HA 1003 53.37 -54.60 18.18
N PHE HA 1004 53.10 -53.65 17.29
CA PHE HA 1004 51.78 -53.02 17.09
C PHE HA 1004 50.88 -52.72 18.32
N VAL HA 1005 51.04 -51.53 18.89
CA VAL HA 1005 50.21 -51.12 20.02
C VAL HA 1005 48.85 -50.65 19.47
N ARG HA 1006 47.84 -50.52 20.34
CA ARG HA 1006 46.52 -50.06 19.89
C ARG HA 1006 46.59 -48.71 19.18
N GLY HA 1007 45.75 -48.51 18.17
CA GLY HA 1007 45.76 -47.25 17.46
C GLY HA 1007 47.04 -46.98 16.69
N GLY HA 1008 47.79 -48.05 16.38
CA GLY HA 1008 49.02 -47.91 15.62
C GLY HA 1008 48.69 -47.92 14.12
N PRO HA 1009 49.68 -47.66 13.23
CA PRO HA 1009 49.39 -47.67 11.79
C PRO HA 1009 48.75 -48.99 11.36
N ASN HA 1010 47.60 -48.88 10.68
CA ASN HA 1010 46.82 -50.03 10.22
C ASN HA 1010 46.71 -51.13 11.28
N VAL HA 1011 46.01 -50.80 12.36
CA VAL HA 1011 45.79 -51.73 13.48
C VAL HA 1011 44.33 -51.62 13.94
N ARG HA 1012 43.42 -52.13 13.12
CA ARG HA 1012 41.98 -52.07 13.42
C ARG HA 1012 41.52 -52.90 14.60
N VAL HA 1013 40.57 -52.32 15.34
CA VAL HA 1013 39.97 -52.96 16.51
C VAL HA 1013 38.85 -53.89 16.06
N VAL HA 1014 38.23 -54.62 16.99
CA VAL HA 1014 37.13 -55.50 16.64
C VAL HA 1014 35.83 -54.86 17.12
N GLY HA 1015 34.90 -54.61 16.20
CA GLY HA 1015 33.63 -54.00 16.57
C GLY HA 1015 32.95 -54.86 17.62
N ARG HA 1016 32.44 -54.21 18.67
CA ARG HA 1016 31.74 -54.85 19.81
C ARG HA 1016 31.22 -56.27 19.65
N PHE HA 1017 30.39 -56.53 18.63
CA PHE HA 1017 29.85 -57.88 18.40
C PHE HA 1017 30.92 -58.92 18.03
N GLY HA 1018 31.91 -58.51 17.23
CA GLY HA 1018 32.98 -59.42 16.81
C GLY HA 1018 32.59 -60.32 15.67
N THR HA 1019 31.45 -60.01 15.06
CA THR HA 1019 30.91 -60.80 13.97
C THR HA 1019 31.81 -60.83 12.75
N ILE HA 1020 31.78 -61.94 12.01
CA ILE HA 1020 32.56 -62.14 10.79
C ILE HA 1020 31.64 -62.36 9.62
N VAL HA 1021 31.61 -61.43 8.67
CA VAL HA 1021 30.74 -61.62 7.52
C VAL HA 1021 31.49 -62.41 6.46
N PRO HA 1022 30.88 -63.51 5.96
CA PRO HA 1022 31.50 -64.34 4.93
C PRO HA 1022 31.36 -63.70 3.54
N ARG HA 1023 32.29 -63.97 2.63
CA ARG HA 1023 32.22 -63.41 1.26
C ARG HA 1023 32.18 -64.54 0.22
N PRO HA 1024 31.41 -64.35 -0.85
CA PRO HA 1024 31.25 -65.34 -1.94
C PRO HA 1024 32.53 -65.82 -2.63
N ASN HA 1025 32.36 -66.51 -3.75
CA ASN HA 1025 33.45 -67.08 -4.56
C ASN HA 1025 34.87 -66.71 -4.16
N GLY HA 1026 35.44 -67.48 -3.25
CA GLY HA 1026 36.80 -67.25 -2.81
C GLY HA 1026 37.25 -65.84 -2.50
N LEU HA 1027 36.75 -65.28 -1.40
CA LEU HA 1027 37.14 -63.95 -0.94
C LEU HA 1027 37.28 -64.10 0.58
N GLU HA 1028 38.24 -63.39 1.16
CA GLU HA 1028 38.46 -63.45 2.60
C GLU HA 1028 37.25 -63.08 3.44
N PRO HA 1029 36.98 -63.84 4.51
CA PRO HA 1029 35.84 -63.51 5.37
C PRO HA 1029 36.20 -62.19 6.09
N GLN HA 1030 35.42 -61.13 5.87
CA GLN HA 1030 35.70 -59.86 6.54
C GLN HA 1030 35.30 -59.95 8.02
N LEU HA 1031 36.16 -59.41 8.89
CA LEU HA 1031 35.93 -59.39 10.33
C LEU HA 1031 35.39 -57.99 10.62
N ILE HA 1032 34.10 -57.86 10.97
CA ILE HA 1032 33.51 -56.54 11.23
C ILE HA 1032 34.36 -55.80 12.25
N ASP HA 1033 35.06 -54.76 11.78
CA ASP HA 1033 35.92 -53.96 12.64
C ASP HA 1033 35.12 -53.05 13.57
N ASP HA 1034 35.83 -52.27 14.38
CA ASP HA 1034 35.18 -51.38 15.31
C ASP HA 1034 34.22 -50.34 14.73
N GLY HA 1035 34.70 -49.51 13.80
CA GLY HA 1035 33.86 -48.49 13.18
C GLY HA 1035 32.59 -49.04 12.54
N ASN HA 1036 32.50 -50.37 12.50
CA ASN HA 1036 31.37 -51.08 11.92
C ASN HA 1036 31.45 -51.06 10.39
N VAL HA 1037 32.61 -51.52 9.90
CA VAL HA 1037 32.92 -51.59 8.47
C VAL HA 1037 33.83 -52.80 8.29
N PRO HA 1038 33.24 -53.99 8.09
CA PRO HA 1038 33.98 -55.24 7.92
C PRO HA 1038 35.36 -55.08 7.27
N ARG HA 1039 36.40 -55.47 7.99
CA ARG HA 1039 37.75 -55.41 7.45
C ARG HA 1039 38.28 -56.83 7.33
N ASP HA 1040 39.50 -57.02 6.83
CA ASP HA 1040 40.00 -58.38 6.65
C ASP HA 1040 41.01 -58.88 7.67
N ILE HA 1041 40.84 -60.15 8.03
CA ILE HA 1041 41.64 -60.84 9.02
C ILE HA 1041 43.17 -60.81 8.90
N ALA HA 1042 43.70 -60.83 7.67
CA ALA HA 1042 45.15 -60.79 7.53
C ALA HA 1042 45.67 -59.39 7.85
N GLY HA 1043 45.94 -59.13 9.13
CA GLY HA 1043 46.44 -57.82 9.51
C GLY HA 1043 46.82 -57.77 10.99
N ASP HA 1044 46.55 -56.65 11.66
CA ASP HA 1044 46.84 -56.53 13.09
C ASP HA 1044 45.59 -56.13 13.83
N TRP HA 1045 45.10 -57.02 14.67
CA TRP HA 1045 43.87 -56.72 15.38
C TRP HA 1045 44.01 -56.43 16.86
N VAL HA 1046 43.07 -55.66 17.39
CA VAL HA 1046 43.07 -55.34 18.81
C VAL HA 1046 41.74 -55.85 19.34
N TYR HA 1047 41.77 -56.98 20.04
CA TYR HA 1047 40.57 -57.62 20.58
C TYR HA 1047 40.07 -57.23 21.96
N PRO HA 1048 39.15 -56.24 22.06
CA PRO HA 1048 38.66 -55.86 23.39
C PRO HA 1048 38.15 -57.13 24.07
N SER HA 1049 38.93 -57.65 25.02
CA SER HA 1049 38.60 -58.87 25.75
C SER HA 1049 37.13 -59.25 25.81
N ASP HA 1050 36.29 -58.38 26.35
CA ASP HA 1050 34.85 -58.68 26.43
C ASP HA 1050 34.39 -59.26 25.11
N VAL HA 1051 34.72 -58.59 24.00
CA VAL HA 1051 34.34 -59.07 22.67
C VAL HA 1051 34.72 -60.55 22.52
N LEU HA 1052 35.98 -60.83 22.81
CA LEU HA 1052 36.51 -62.19 22.71
C LEU HA 1052 35.75 -63.21 23.55
N GLN HA 1053 34.92 -62.75 24.48
CA GLN HA 1053 34.17 -63.68 25.32
C GLN HA 1053 32.84 -64.12 24.70
N VAL HA 1054 32.18 -63.22 24.02
CA VAL HA 1054 30.92 -63.55 23.37
C VAL HA 1054 31.22 -63.84 21.93
N SER HA 1055 32.44 -64.27 21.64
CA SER HA 1055 32.77 -64.47 20.25
C SER HA 1055 33.71 -65.60 19.91
N VAL HA 1056 34.44 -66.14 20.89
CA VAL HA 1056 35.41 -67.21 20.60
C VAL HA 1056 34.97 -68.17 19.48
N ALA HA 1057 33.77 -68.75 19.60
CA ALA HA 1057 33.27 -69.68 18.57
C ALA HA 1057 33.70 -69.19 17.17
N VAL HA 1058 33.73 -67.87 16.98
CA VAL HA 1058 34.16 -67.27 15.73
C VAL HA 1058 35.67 -67.12 15.74
N PHE HA 1059 36.19 -66.37 16.71
CA PHE HA 1059 37.63 -66.16 16.82
C PHE HA 1059 38.40 -67.39 16.41
N ARG HA 1060 38.16 -68.49 17.11
CA ARG HA 1060 38.84 -69.75 16.84
C ARG HA 1060 38.63 -70.31 15.43
N ASP HA 1061 37.55 -69.93 14.77
CA ASP HA 1061 37.29 -70.46 13.43
C ASP HA 1061 37.74 -69.61 12.26
N TYR HA 1062 38.13 -68.37 12.49
CA TYR HA 1062 38.54 -67.57 11.35
C TYR HA 1062 39.78 -66.77 11.60
N VAL HA 1063 39.93 -66.20 12.80
CA VAL HA 1063 41.13 -65.44 13.05
C VAL HA 1063 42.21 -66.37 13.57
N TRP HA 1064 41.83 -67.37 14.35
CA TRP HA 1064 42.82 -68.29 14.88
C TRP HA 1064 43.58 -69.03 13.78
N PRO HA 1065 42.87 -69.68 12.84
CA PRO HA 1065 43.58 -70.39 11.78
C PRO HA 1065 44.51 -69.41 11.08
N MET HA 1066 44.18 -68.14 11.21
CA MET HA 1066 44.97 -67.09 10.58
C MET HA 1066 46.26 -66.78 11.35
N VAL HA 1067 46.14 -66.61 12.67
CA VAL HA 1067 47.31 -66.31 13.50
C VAL HA 1067 48.36 -67.40 13.38
N LYS HA 1068 47.93 -68.65 13.34
CA LYS HA 1068 48.89 -69.73 13.24
C LYS HA 1068 49.66 -69.60 11.95
N ALA HA 1069 48.95 -69.33 10.85
CA ALA HA 1069 49.60 -69.19 9.56
C ALA HA 1069 50.64 -68.10 9.64
N GLY HA 1070 50.61 -67.34 10.74
CA GLY HA 1070 51.58 -66.28 10.91
C GLY HA 1070 51.28 -65.11 10.00
N ARG HA 1071 50.02 -64.69 9.98
CA ARG HA 1071 49.62 -63.56 9.15
C ARG HA 1071 48.58 -62.66 9.78
N THR HA 1072 48.50 -62.67 11.11
CA THR HA 1072 47.52 -61.81 11.76
C THR HA 1072 47.76 -61.62 13.26
N ARG HA 1073 48.87 -60.99 13.61
CA ARG HA 1073 49.20 -60.74 15.00
C ARG HA 1073 47.99 -60.06 15.63
N VAL HA 1074 47.47 -60.62 16.72
CA VAL HA 1074 46.32 -60.02 17.41
C VAL HA 1074 46.67 -59.71 18.85
N LEU HA 1075 46.17 -58.59 19.34
CA LEU HA 1075 46.39 -58.17 20.72
C LEU HA 1075 45.09 -58.38 21.47
N VAL HA 1076 45.04 -59.36 22.37
CA VAL HA 1076 43.82 -59.55 23.16
C VAL HA 1076 44.02 -58.54 24.28
N GLU HA 1077 43.11 -57.58 24.36
CA GLU HA 1077 43.22 -56.50 25.32
C GLU HA 1077 42.35 -56.71 26.55
N LEU HA 1078 42.92 -57.35 27.55
CA LEU HA 1078 42.24 -57.61 28.81
C LEU HA 1078 43.03 -56.96 29.94
N GLY HA 1079 42.36 -56.17 30.78
CA GLY HA 1079 43.01 -55.47 31.88
C GLY HA 1079 44.06 -56.17 32.75
N HIS HA 1080 43.61 -56.96 33.71
CA HIS HA 1080 44.57 -57.67 34.56
C HIS HA 1080 44.07 -59.08 34.64
N TYR HA 1081 44.84 -60.04 34.14
CA TYR HA 1081 44.39 -61.42 34.19
C TYR HA 1081 45.20 -62.26 35.16
N VAL HA 1082 44.70 -63.46 35.41
CA VAL HA 1082 45.41 -64.40 36.27
C VAL HA 1082 46.32 -65.08 35.23
N TYR HA 1083 47.54 -65.50 35.60
CA TYR HA 1083 48.41 -66.09 34.59
C TYR HA 1083 49.13 -67.39 34.94
N THR HA 1084 48.74 -68.48 34.29
CA THR HA 1084 49.38 -69.79 34.50
C THR HA 1084 50.66 -69.91 33.66
N LEU HA 1085 51.72 -70.43 34.27
CA LEU HA 1085 52.97 -70.62 33.54
C LEU HA 1085 53.08 -72.10 33.22
N HIS HA 1086 53.99 -72.44 32.31
CA HIS HA 1086 54.20 -73.82 31.91
C HIS HA 1086 55.63 -73.91 31.42
N TYR HA 1087 56.54 -74.36 32.28
CA TYR HA 1087 57.93 -74.48 31.87
C TYR HA 1087 58.15 -75.75 31.06
N TYR HA 1088 58.63 -75.61 29.83
CA TYR HA 1088 58.90 -76.77 28.99
C TYR HA 1088 60.41 -76.88 28.91
N ASP HA 1089 60.90 -77.86 28.16
CA ASP HA 1089 62.34 -78.05 28.04
C ASP HA 1089 62.92 -77.69 26.66
N PRO HA 1090 63.65 -76.57 26.56
CA PRO HA 1090 64.27 -76.08 25.31
C PRO HA 1090 65.05 -77.12 24.52
N GLN HA 1091 65.50 -78.18 25.18
CA GLN HA 1091 66.22 -79.24 24.50
C GLN HA 1091 65.30 -79.78 23.43
N ILE HA 1092 64.27 -80.49 23.89
CA ILE HA 1092 63.25 -81.12 23.05
C ILE HA 1092 62.41 -80.07 22.31
N SER HA 1093 61.77 -80.47 21.21
CA SER HA 1093 60.93 -79.56 20.42
C SER HA 1093 59.52 -79.47 21.01
N LEU HA 1094 58.83 -78.35 20.76
CA LEU HA 1094 57.48 -78.15 21.30
C LEU HA 1094 56.74 -77.07 20.55
N ASP HA 1095 55.44 -77.23 20.39
CA ASP HA 1095 54.70 -76.19 19.71
C ASP HA 1095 53.53 -75.71 20.55
N GLU HA 1096 53.74 -74.57 21.19
CA GLU HA 1096 52.78 -73.93 22.09
C GLU HA 1096 51.35 -73.70 21.58
N ALA HA 1097 50.99 -74.26 20.43
CA ALA HA 1097 49.66 -74.03 19.90
C ALA HA 1097 48.51 -74.65 20.69
N PRO HA 1098 48.60 -75.95 21.04
CA PRO HA 1098 47.51 -76.61 21.80
C PRO HA 1098 47.32 -76.18 23.25
N ILE HA 1099 48.37 -75.68 23.89
CA ILE HA 1099 48.24 -75.19 25.26
C ILE HA 1099 47.65 -73.79 25.19
N LEU HA 1100 47.13 -73.44 24.01
CA LEU HA 1100 46.54 -72.14 23.76
C LEU HA 1100 45.17 -72.37 23.20
N GLU HA 1101 45.09 -73.27 22.22
CA GLU HA 1101 43.82 -73.60 21.58
C GLU HA 1101 42.85 -74.12 22.63
N GLU HA 1102 43.40 -74.82 23.62
CA GLU HA 1102 42.58 -75.36 24.69
C GLU HA 1102 42.07 -74.22 25.57
N TRP HA 1103 42.96 -73.28 25.87
CA TRP HA 1103 42.60 -72.13 26.68
C TRP HA 1103 41.48 -71.37 26.00
N LEU HA 1104 41.51 -71.30 24.66
CA LEU HA 1104 40.47 -70.62 23.92
C LEU HA 1104 39.14 -71.35 24.09
N SER HA 1105 39.19 -72.68 24.05
CA SER HA 1105 37.98 -73.50 24.17
C SER HA 1105 37.45 -73.55 25.59
N LYS HA 1106 37.93 -72.65 26.43
CA LYS HA 1106 37.46 -72.60 27.81
C LYS HA 1106 37.07 -71.18 28.16
N ILE HA 1107 36.70 -70.39 27.15
CA ILE HA 1107 36.30 -69.01 27.35
C ILE HA 1107 34.81 -68.87 27.07
N ASN HA 1108 33.98 -68.68 28.09
CA ASN HA 1108 32.54 -68.51 27.86
C ASN HA 1108 32.26 -67.03 27.84
N PRO HA 1109 31.00 -66.67 27.53
CA PRO HA 1109 30.65 -65.25 27.53
C PRO HA 1109 30.68 -64.91 29.02
N ALA HA 1110 30.88 -65.94 29.83
CA ALA HA 1110 30.95 -65.82 31.29
C ALA HA 1110 32.38 -65.58 31.82
N GLY HA 1111 33.22 -66.61 31.79
CA GLY HA 1111 34.57 -66.43 32.31
C GLY HA 1111 35.71 -67.07 31.53
N ILE HA 1112 36.89 -66.46 31.59
CA ILE HA 1112 38.07 -66.96 30.88
C ILE HA 1112 39.10 -67.60 31.84
N PRO HA 1113 39.76 -68.70 31.41
CA PRO HA 1113 40.76 -69.36 32.27
C PRO HA 1113 42.03 -68.55 32.36
N PRO HA 1114 42.78 -68.67 33.47
CA PRO HA 1114 44.02 -67.90 33.61
C PRO HA 1114 44.95 -68.05 32.41
N VAL HA 1115 45.15 -66.96 31.67
CA VAL HA 1115 46.03 -66.91 30.49
C VAL HA 1115 47.29 -67.76 30.69
N PRO HA 1116 47.48 -68.81 29.87
CA PRO HA 1116 48.69 -69.63 30.08
C PRO HA 1116 49.86 -69.25 29.17
N PHE HA 1117 51.05 -69.08 29.75
CA PHE HA 1117 52.26 -68.75 28.99
C PHE HA 1117 53.30 -69.87 29.10
N CYS HA 1118 53.76 -70.44 27.99
CA CYS HA 1118 54.81 -71.45 28.08
C CYS HA 1118 56.16 -70.75 28.28
N ILE HA 1119 57.06 -71.34 29.06
CA ILE HA 1119 58.39 -70.74 29.30
C ILE HA 1119 59.44 -71.83 29.40
N PRO HA 1120 60.52 -71.74 28.59
CA PRO HA 1120 61.60 -72.76 28.63
C PRO HA 1120 62.28 -72.82 30.02
N ILE HA 1121 62.58 -74.02 30.53
CA ILE HA 1121 63.26 -74.09 31.82
C ILE HA 1121 64.72 -73.69 31.59
N PRO HA 1122 65.21 -72.64 32.29
CA PRO HA 1122 66.61 -72.20 32.14
C PRO HA 1122 67.70 -73.24 32.44
N GLN HA 1123 68.45 -73.60 31.40
CA GLN HA 1123 69.52 -74.61 31.48
C GLN HA 1123 70.84 -74.13 32.10
N VAL HA 1124 71.72 -75.07 32.43
CA VAL HA 1124 73.02 -74.70 33.01
C VAL HA 1124 74.08 -74.56 31.92
N TYR HA 1125 74.13 -75.51 31.00
CA TYR HA 1125 75.11 -75.48 29.91
C TYR HA 1125 74.57 -74.79 28.64
N PRO HA 1126 75.39 -74.72 27.58
CA PRO HA 1126 74.92 -74.08 26.35
C PRO HA 1126 74.37 -75.17 25.41
N CYS HA 1127 73.18 -75.68 25.72
CA CYS HA 1127 72.49 -76.75 24.95
C CYS HA 1127 72.01 -76.38 23.55
N ILE HA 1128 71.88 -77.38 22.65
CA ILE HA 1128 71.37 -77.10 21.31
C ILE HA 1128 69.86 -77.14 21.50
N THR HA 1129 69.14 -76.16 20.95
CA THR HA 1129 67.69 -76.08 21.16
C THR HA 1129 66.80 -76.31 19.95
N ALA HA 1130 65.65 -76.96 20.15
CA ALA HA 1130 64.72 -77.25 19.05
C ALA HA 1130 63.77 -76.08 18.75
N ARG HA 1131 63.74 -75.59 17.51
CA ARG HA 1131 62.84 -74.47 17.15
C ARG HA 1131 61.37 -74.66 17.54
N ARG HA 1132 60.96 -74.06 18.66
CA ARG HA 1132 59.59 -74.15 19.14
C ARG HA 1132 58.80 -73.00 18.54
N VAL HA 1133 57.48 -73.17 18.44
CA VAL HA 1133 56.62 -72.11 17.92
C VAL HA 1133 55.77 -71.60 19.06
N HIS HA 1134 55.87 -70.32 19.38
CA HIS HA 1134 55.06 -69.75 20.46
C HIS HA 1134 54.06 -68.72 19.92
N TYR HA 1135 53.04 -68.41 20.71
CA TYR HA 1135 52.05 -67.42 20.28
C TYR HA 1135 51.73 -66.39 21.37
N ALA HA 1136 51.51 -66.86 22.58
CA ALA HA 1136 51.18 -65.98 23.70
C ALA HA 1136 52.39 -65.33 24.34
N PHE HA 1137 52.37 -64.01 24.50
CA PHE HA 1137 53.47 -63.28 25.14
C PHE HA 1137 52.95 -61.90 25.54
N THR HA 1138 53.02 -61.59 26.83
CA THR HA 1138 52.54 -60.31 27.34
C THR HA 1138 53.38 -59.08 27.05
N SER HA 1139 52.72 -57.93 26.93
CA SER HA 1139 53.38 -56.65 26.64
C SER HA 1139 54.03 -56.04 27.89
N GLU HA 1140 53.26 -55.94 28.96
CA GLU HA 1140 53.74 -55.38 30.21
C GLU HA 1140 54.78 -56.31 30.85
N ASN HA 1141 55.75 -55.78 31.59
CA ASN HA 1141 56.73 -56.67 32.23
C ASN HA 1141 56.12 -57.34 33.45
N ASN HA 1142 55.51 -58.50 33.23
CA ASN HA 1142 54.87 -59.21 34.32
C ASN HA 1142 55.74 -60.27 34.95
N ASN HA 1143 57.05 -60.16 34.74
CA ASN HA 1143 58.00 -61.10 35.32
C ASN HA 1143 58.54 -60.46 36.57
N ASP HA 1144 57.76 -60.50 37.65
CA ASP HA 1144 58.15 -59.84 38.88
C ASP HA 1144 58.30 -60.73 40.09
N SER HA 1145 58.15 -62.03 39.89
CA SER HA 1145 58.26 -62.98 40.98
C SER HA 1145 59.23 -64.08 40.59
N LEU HA 1146 60.01 -63.85 39.53
CA LEU HA 1146 60.96 -64.86 39.08
C LEU HA 1146 61.99 -65.19 40.17
N PHE HA 1147 62.33 -64.19 40.99
CA PHE HA 1147 63.28 -64.30 42.12
C PHE HA 1147 64.67 -64.81 41.71
N SER HA 1148 64.72 -66.02 41.22
CA SER HA 1148 66.02 -66.57 40.86
C SER HA 1148 65.95 -67.46 39.64
N THR HA 1149 67.06 -67.51 38.89
CA THR HA 1149 67.02 -68.32 37.67
C THR HA 1149 67.65 -69.68 37.79
N ASN HA 1150 68.71 -69.83 38.56
CA ASN HA 1150 69.31 -71.13 38.71
C ASN HA 1150 69.99 -71.10 40.04
N ALA HA 1151 69.24 -71.32 41.09
CA ALA HA 1151 69.79 -71.27 42.44
C ALA HA 1151 71.11 -72.03 42.48
N ALA HA 1152 71.03 -73.34 42.51
CA ALA HA 1152 72.17 -74.26 42.64
C ALA HA 1152 73.20 -74.27 41.50
N SER HA 1153 72.75 -74.05 40.27
CA SER HA 1153 73.65 -74.04 39.10
C SER HA 1153 74.78 -73.01 39.25
N ILE HA 1154 76.01 -73.37 38.85
CA ILE HA 1154 77.13 -72.43 38.99
C ILE HA 1154 76.94 -71.28 38.01
N ASP HA 1155 75.92 -71.36 37.16
CA ASP HA 1155 75.69 -70.33 36.15
C ASP HA 1155 74.67 -70.83 35.13
N THR HA 1156 73.63 -70.05 34.86
CA THR HA 1156 72.62 -70.45 33.87
C THR HA 1156 73.27 -70.17 32.49
N ALA HA 1157 73.02 -71.03 31.50
CA ALA HA 1157 73.63 -70.81 30.18
C ALA HA 1157 72.64 -70.50 29.06
N PHE HA 1158 71.55 -71.26 28.97
CA PHE HA 1158 70.59 -70.94 27.92
C PHE HA 1158 69.35 -70.24 28.49
N GLY HA 1159 68.93 -70.64 29.69
CA GLY HA 1159 67.78 -69.99 30.28
C GLY HA 1159 68.10 -68.53 30.53
N GLU HA 1160 67.15 -67.76 31.05
CA GLU HA 1160 67.43 -66.35 31.34
C GLU HA 1160 67.95 -66.20 32.76
N ASN HA 1161 69.27 -66.06 32.88
CA ASN HA 1161 69.89 -65.86 34.19
C ASN HA 1161 69.10 -64.75 34.89
N ALA HA 1162 68.80 -64.95 36.16
CA ALA HA 1162 68.06 -63.97 36.92
C ALA HA 1162 68.62 -63.98 38.33
N ALA HA 1163 69.85 -63.48 38.47
CA ALA HA 1163 70.52 -63.43 39.78
C ALA HA 1163 69.57 -62.82 40.81
N VAL HA 1164 69.53 -63.40 42.01
CA VAL HA 1164 68.67 -62.89 43.08
C VAL HA 1164 68.79 -61.37 43.16
N SER HA 1165 67.73 -60.68 42.77
CA SER HA 1165 67.74 -59.21 42.78
C SER HA 1165 68.05 -58.64 44.17
N PRO HA 1166 69.10 -57.81 44.26
CA PRO HA 1166 69.47 -57.21 45.55
C PRO HA 1166 68.42 -56.19 46.00
N LEU HA 1167 67.77 -55.54 45.03
CA LEU HA 1167 66.75 -54.55 45.33
C LEU HA 1167 65.68 -55.10 46.26
N ARG HA 1168 65.59 -56.42 46.36
CA ARG HA 1168 64.60 -57.05 47.21
C ARG HA 1168 65.07 -57.13 48.66
N TRP HA 1169 66.39 -57.22 48.85
CA TRP HA 1169 66.99 -57.37 50.16
C TRP HA 1169 67.84 -56.19 50.61
N PRO HA 1170 67.30 -54.97 50.56
CA PRO HA 1170 68.12 -53.85 50.98
C PRO HA 1170 68.75 -54.09 52.32
N GLY HA 1171 67.90 -54.41 53.30
CA GLY HA 1171 68.39 -54.69 54.63
C GLY HA 1171 69.56 -55.67 54.62
N LEU HA 1172 69.39 -56.80 53.94
CA LEU HA 1172 70.42 -57.83 53.87
C LEU HA 1172 71.73 -57.57 53.12
N VAL HA 1173 71.71 -56.79 52.04
CA VAL HA 1173 73.00 -56.61 51.30
C VAL HA 1173 73.44 -55.20 50.97
N ASP HA 1174 72.64 -54.17 51.25
CA ASP HA 1174 73.06 -52.81 50.89
C ASP HA 1174 73.83 -52.09 51.98
N PRO HA 1175 75.02 -51.57 51.66
CA PRO HA 1175 75.87 -50.81 52.59
C PRO HA 1175 75.14 -49.58 53.09
N ASN HA 1176 74.53 -48.83 52.16
CA ASN HA 1176 73.82 -47.62 52.50
C ASN HA 1176 72.50 -47.86 53.22
N TYR HA 1177 71.96 -49.08 53.18
CA TYR HA 1177 70.70 -49.35 53.87
C TYR HA 1177 70.81 -48.92 55.33
N ARG HA 1178 69.72 -48.34 55.84
CA ARG HA 1178 69.68 -47.88 57.22
C ARG HA 1178 68.56 -48.62 57.91
N VAL HA 1179 68.85 -49.25 59.06
CA VAL HA 1179 67.84 -50.01 59.80
C VAL HA 1179 66.62 -49.18 60.19
N GLY HA 1180 65.56 -49.33 59.40
CA GLY HA 1180 64.32 -48.59 59.66
C GLY HA 1180 63.80 -47.86 58.43
N THR HA 1181 64.04 -48.39 57.23
CA THR HA 1181 63.59 -47.76 55.99
C THR HA 1181 63.08 -48.85 55.05
N ASN HA 1182 62.03 -48.59 54.30
CA ASN HA 1182 61.45 -49.59 53.42
C ASN HA 1182 60.58 -48.96 52.35
N ASP HA 1183 60.91 -49.13 51.07
CA ASP HA 1183 60.06 -48.57 50.02
C ASP HA 1183 58.80 -49.42 50.04
N LEU HA 1184 57.96 -49.19 51.06
CA LEU HA 1184 56.78 -50.00 51.24
C LEU HA 1184 55.70 -49.95 50.18
N PRO HA 1185 55.69 -48.92 49.33
CA PRO HA 1185 54.59 -48.99 48.35
C PRO HA 1185 55.09 -49.18 46.93
N ASN HA 1186 56.10 -50.05 46.75
CA ASN HA 1186 56.69 -50.34 45.44
C ASN HA 1186 57.33 -51.71 45.33
N ARG HA 1187 58.16 -52.05 46.30
CA ARG HA 1187 58.84 -53.35 46.34
C ARG HA 1187 58.49 -53.92 47.72
N ILE HA 1188 58.89 -55.16 47.97
CA ILE HA 1188 58.63 -55.73 49.29
C ILE HA 1188 59.91 -56.34 49.85
N THR HA 1189 60.67 -55.55 50.58
CA THR HA 1189 61.93 -56.04 51.14
C THR HA 1189 61.76 -57.28 52.04
N LEU HA 1190 61.98 -58.46 51.46
CA LEU HA 1190 61.86 -59.72 52.17
C LEU HA 1190 62.82 -59.91 53.35
N TYR HA 1191 63.43 -58.82 53.83
CA TYR HA 1191 64.37 -58.92 54.95
C TYR HA 1191 64.55 -57.59 55.61
N ASN HA 1192 63.74 -57.28 56.60
CA ASN HA 1192 63.85 -55.99 57.29
C ASN HA 1192 64.23 -56.14 58.75
N SER HA 1193 64.10 -55.03 59.47
CA SER HA 1193 64.34 -54.99 60.90
C SER HA 1193 62.91 -54.94 61.44
N LEU HA 1194 62.70 -55.26 62.72
CA LEU HA 1194 61.35 -55.22 63.25
C LEU HA 1194 61.33 -55.50 64.73
N TYR HA 1195 60.55 -54.72 65.47
CA TYR HA 1195 60.43 -54.86 66.92
C TYR HA 1195 59.51 -56.00 67.35
N ARG HA 1196 60.04 -57.04 67.99
CA ARG HA 1196 59.20 -58.12 68.49
C ARG HA 1196 58.99 -57.84 69.97
N TYR HA 1197 57.74 -57.88 70.44
CA TYR HA 1197 57.44 -57.58 71.84
C TYR HA 1197 57.32 -58.80 72.75
N ASN HA 1198 57.07 -58.52 74.03
CA ASN HA 1198 56.86 -59.57 75.03
C ASN HA 1198 55.68 -59.21 75.92
N PHE HA 1199 54.68 -58.53 75.36
CA PHE HA 1199 53.50 -58.10 76.11
C PHE HA 1199 52.88 -59.11 77.06
N THR HA 1200 52.62 -58.67 78.30
CA THR HA 1200 51.97 -59.50 79.29
C THR HA 1200 50.52 -58.98 79.33
N TYR HA 1201 49.53 -59.88 79.33
CA TYR HA 1201 48.13 -59.45 79.35
C TYR HA 1201 47.46 -59.74 80.69
N PRO HA 1202 47.68 -58.86 81.67
CA PRO HA 1202 47.10 -59.04 83.00
C PRO HA 1202 45.58 -59.00 82.90
N THR HA 1203 44.90 -59.65 83.85
CA THR HA 1203 43.43 -59.64 83.86
C THR HA 1203 43.04 -58.49 84.79
N LEU HA 1204 41.74 -58.31 85.05
CA LEU HA 1204 41.34 -57.24 85.95
C LEU HA 1204 42.02 -57.38 87.33
N ASP HA 1205 42.35 -58.59 87.74
CA ASP HA 1205 43.01 -58.80 89.02
C ASP HA 1205 44.49 -58.64 88.81
N GLY HA 1206 44.87 -58.54 87.55
CA GLY HA 1206 46.26 -58.34 87.20
C GLY HA 1206 46.55 -56.87 87.44
N ILE HA 1207 45.52 -56.04 87.35
CA ILE HA 1207 45.71 -54.63 87.58
C ILE HA 1207 45.38 -54.29 89.02
N MET HA 1208 44.18 -53.82 89.27
CA MET HA 1208 43.79 -53.46 90.62
C MET HA 1208 43.45 -54.70 91.44
N TYR HA 1209 43.36 -54.53 92.75
CA TYR HA 1209 42.99 -55.64 93.63
C TYR HA 1209 41.64 -55.27 94.20
N VAL HA 1210 40.57 -55.78 93.61
CA VAL HA 1210 39.24 -55.46 94.10
C VAL HA 1210 38.85 -56.49 95.16
N ARG HA 1211 37.86 -56.11 95.98
CA ARG HA 1211 37.31 -56.94 97.07
C ARG HA 1211 37.41 -56.24 98.41
N SER IA 15 59.96 -130.85 -46.47
CA SER IA 15 59.97 -131.24 -45.03
C SER IA 15 60.28 -130.03 -44.14
N PRO IA 16 59.23 -129.30 -43.70
CA PRO IA 16 59.30 -128.10 -42.86
C PRO IA 16 59.87 -128.33 -41.46
N ALA IA 17 59.99 -127.25 -40.70
CA ALA IA 17 60.57 -127.34 -39.35
C ALA IA 17 61.99 -127.86 -39.55
N ASP IA 18 62.52 -127.52 -40.72
CA ASP IA 18 63.84 -127.93 -41.14
C ASP IA 18 64.20 -126.98 -42.28
N THR IA 19 63.19 -126.66 -43.08
CA THR IA 19 63.34 -125.75 -44.22
C THR IA 19 63.68 -124.40 -43.63
N ASN IA 20 63.18 -124.16 -42.41
CA ASN IA 20 63.39 -122.91 -41.71
C ASN IA 20 63.83 -123.13 -40.26
N VAL IA 21 65.12 -122.95 -40.02
CA VAL IA 21 65.70 -123.11 -38.68
C VAL IA 21 66.51 -121.86 -38.37
N VAL IA 22 66.17 -121.19 -37.28
CA VAL IA 22 66.87 -119.95 -36.90
C VAL IA 22 67.46 -120.09 -35.51
N PRO IA 23 68.50 -119.28 -35.19
CA PRO IA 23 69.13 -119.34 -33.86
C PRO IA 23 68.05 -119.30 -32.77
N ALA IA 24 68.10 -120.29 -31.87
CA ALA IA 24 67.13 -120.38 -30.80
C ALA IA 24 67.05 -119.12 -29.93
N LYS IA 25 66.02 -119.06 -29.09
CA LYS IA 25 65.79 -117.92 -28.19
C LYS IA 25 66.94 -117.72 -27.21
N ASP IA 26 67.61 -116.58 -27.31
CA ASP IA 26 68.75 -116.24 -26.43
C ASP IA 26 69.95 -117.14 -26.70
N ALA IA 27 70.04 -117.62 -27.94
CA ALA IA 27 71.12 -118.52 -28.36
C ALA IA 27 72.55 -118.18 -27.91
N PRO IA 28 72.99 -116.91 -28.08
CA PRO IA 28 74.35 -116.52 -27.67
C PRO IA 28 74.83 -117.23 -26.43
N THR IA 29 73.99 -117.25 -25.40
CA THR IA 29 74.34 -117.89 -24.14
C THR IA 29 73.17 -118.71 -23.59
N THR IA 30 72.97 -119.91 -24.14
CA THR IA 30 71.91 -120.79 -23.66
C THR IA 30 72.55 -121.90 -22.83
N ASN IA 31 73.43 -122.64 -23.49
CA ASN IA 31 74.15 -123.76 -22.90
C ASN IA 31 75.08 -123.30 -21.78
N SER IA 32 75.60 -122.08 -21.90
CA SER IA 32 76.51 -121.51 -20.90
C SER IA 32 76.15 -121.91 -19.46
N PRO IA 33 77.04 -122.67 -18.81
CA PRO IA 33 76.84 -123.13 -17.43
C PRO IA 33 77.18 -122.06 -16.41
N PRO IA 34 76.45 -122.04 -15.27
CA PRO IA 34 76.68 -121.07 -14.20
C PRO IA 34 78.03 -121.26 -13.52
N SER IA 35 79.08 -120.60 -14.02
CA SER IA 35 80.41 -120.73 -13.47
C SER IA 35 81.00 -119.43 -12.95
N THR IA 36 81.97 -119.56 -12.05
CA THR IA 36 82.65 -118.42 -11.45
C THR IA 36 84.17 -118.53 -11.68
N THR IA 37 84.59 -119.63 -12.30
CA THR IA 37 86.02 -119.85 -12.55
C THR IA 37 86.52 -119.25 -13.87
N SER IA 38 85.99 -119.74 -14.99
CA SER IA 38 86.44 -119.24 -16.29
C SER IA 38 85.29 -118.92 -17.24
N PRO IA 39 84.16 -118.41 -16.71
CA PRO IA 39 83.00 -118.06 -17.50
C PRO IA 39 83.00 -118.52 -18.96
N ASN IA 40 83.78 -117.84 -19.81
CA ASN IA 40 83.85 -118.18 -21.22
C ASN IA 40 84.36 -119.59 -21.57
N GLN IA 41 85.51 -119.98 -21.03
CA GLN IA 41 86.04 -121.30 -21.31
C GLN IA 41 84.96 -122.33 -20.97
N ALA IA 42 84.45 -122.24 -19.75
CA ALA IA 42 83.41 -123.14 -19.26
C ALA IA 42 82.23 -123.21 -20.22
N ALA IA 43 81.87 -122.07 -20.81
CA ALA IA 43 80.77 -121.98 -21.77
C ALA IA 43 81.17 -122.51 -23.14
N ALA IA 44 82.39 -122.19 -23.57
CA ALA IA 44 82.88 -122.66 -24.86
C ALA IA 44 83.04 -124.17 -24.83
N ASP IA 45 82.71 -124.77 -23.68
CA ASP IA 45 82.80 -126.22 -23.50
C ASP IA 45 81.41 -126.84 -23.45
N ALA IA 46 80.52 -126.25 -22.65
CA ALA IA 46 79.15 -126.74 -22.58
C ALA IA 46 78.70 -126.79 -24.03
N ASN IA 47 78.99 -125.72 -24.77
CA ASN IA 47 78.65 -125.61 -26.19
C ASN IA 47 79.40 -126.67 -26.99
N GLN IA 48 80.64 -126.90 -26.61
CA GLN IA 48 81.46 -127.88 -27.30
C GLN IA 48 80.86 -129.28 -27.24
N GLN IA 49 80.58 -129.75 -26.04
CA GLN IA 49 79.97 -131.07 -25.85
C GLN IA 49 78.56 -131.02 -26.39
N GLN IA 50 77.90 -129.88 -26.17
CA GLN IA 50 76.54 -129.66 -26.63
C GLN IA 50 76.41 -130.02 -28.10
N ALA IA 51 77.25 -129.42 -28.93
CA ALA IA 51 77.24 -129.69 -30.37
C ALA IA 51 77.46 -131.17 -30.60
N GLY IA 52 78.02 -131.85 -29.61
CA GLY IA 52 78.28 -133.28 -29.74
C GLY IA 52 79.71 -133.52 -30.15
N ILE IA 53 80.38 -132.47 -30.60
CA ILE IA 53 81.77 -132.55 -31.05
C ILE IA 53 82.67 -133.10 -29.94
N VAL IA 54 83.14 -134.34 -30.09
CA VAL IA 54 84.00 -134.95 -29.08
C VAL IA 54 85.28 -134.13 -28.88
N SER IA 55 85.81 -134.15 -27.66
CA SER IA 55 87.02 -133.43 -27.34
C SER IA 55 88.22 -133.87 -28.18
N SER IA 56 88.54 -135.16 -28.12
CA SER IA 56 89.67 -135.70 -28.87
C SER IA 56 89.55 -135.44 -30.37
N GLN IA 57 88.34 -135.17 -30.84
CA GLN IA 57 88.14 -134.91 -32.26
C GLN IA 57 88.67 -133.55 -32.67
N SER IA 58 88.23 -132.48 -32.00
CA SER IA 58 88.73 -131.15 -32.31
C SER IA 58 89.93 -130.97 -31.40
N GLY IA 59 91.13 -130.91 -31.98
CA GLY IA 59 92.33 -130.76 -31.18
C GLY IA 59 92.63 -129.33 -30.78
N PRO IA 60 93.64 -128.72 -31.40
CA PRO IA 60 94.05 -127.34 -31.13
C PRO IA 60 92.88 -126.38 -30.99
N ASN IA 61 91.85 -126.60 -31.79
CA ASN IA 61 90.66 -125.76 -31.79
C ASN IA 61 89.97 -125.61 -30.43
N ALA IA 62 89.37 -126.69 -29.93
CA ALA IA 62 88.67 -126.64 -28.65
C ALA IA 62 89.58 -126.38 -27.43
N VAL IA 63 90.76 -125.82 -27.66
CA VAL IA 63 91.70 -125.52 -26.58
C VAL IA 63 91.45 -124.14 -25.97
N GLY IA 64 91.97 -123.10 -26.63
CA GLY IA 64 91.76 -121.76 -26.11
C GLY IA 64 90.61 -121.11 -26.85
N ASP IA 65 89.41 -121.21 -26.29
CA ASP IA 65 88.24 -120.61 -26.95
C ASP IA 65 87.15 -120.19 -25.96
N SER IA 66 86.43 -119.13 -26.30
CA SER IA 66 85.37 -118.62 -25.46
C SER IA 66 84.02 -118.57 -26.19
N ALA IA 67 82.96 -118.46 -25.42
CA ALA IA 67 81.61 -118.35 -25.96
C ALA IA 67 80.99 -117.28 -25.08
N PRO IA 68 79.94 -116.60 -25.57
CA PRO IA 68 79.37 -115.59 -24.68
C PRO IA 68 78.89 -116.39 -23.49
N SER IA 69 79.12 -115.90 -22.28
CA SER IA 69 78.66 -116.66 -21.12
C SER IA 69 77.45 -116.05 -20.45
N SER IA 70 76.60 -116.91 -19.90
CA SER IA 70 75.40 -116.46 -19.22
C SER IA 70 75.73 -115.68 -17.95
N SER IA 71 77.00 -115.69 -17.54
CA SER IA 71 77.39 -114.98 -16.33
C SER IA 71 78.20 -113.72 -16.62
N VAL IA 72 79.18 -113.81 -17.50
CA VAL IA 72 80.06 -112.69 -17.85
C VAL IA 72 79.45 -111.28 -17.91
N ASN IA 73 78.15 -111.16 -18.21
CA ASN IA 73 77.50 -109.84 -18.29
C ASN IA 73 78.14 -108.95 -19.36
N ASN IA 74 77.46 -107.86 -19.74
CA ASN IA 74 77.94 -106.98 -20.80
C ASN IA 74 79.30 -106.32 -20.60
N ASP IA 75 79.77 -106.24 -19.37
CA ASP IA 75 81.08 -105.65 -19.10
C ASP IA 75 81.95 -106.79 -18.62
N GLY IA 76 83.26 -106.65 -18.76
CA GLY IA 76 84.15 -107.71 -18.31
C GLY IA 76 83.63 -108.46 -17.08
N ASP IA 77 83.41 -107.73 -15.99
CA ASP IA 77 82.95 -108.30 -14.71
C ASP IA 77 82.12 -109.58 -14.74
N ILE IA 78 82.55 -110.58 -13.97
CA ILE IA 78 81.88 -111.87 -13.88
C ILE IA 78 80.68 -111.81 -12.92
N ILE IA 79 79.53 -111.38 -13.45
CA ILE IA 79 78.30 -111.24 -12.67
C ILE IA 79 77.91 -112.54 -11.95
N THR IA 80 77.07 -112.42 -10.92
CA THR IA 80 76.61 -113.58 -10.16
C THR IA 80 75.10 -113.47 -9.95
N ARG IA 81 74.45 -112.67 -10.81
CA ARG IA 81 73.01 -112.46 -10.74
C ARG IA 81 72.65 -111.29 -11.67
N PRO IA 82 71.50 -111.39 -12.34
CA PRO IA 82 71.00 -110.37 -13.27
C PRO IA 82 71.51 -108.93 -13.06
N THR IA 83 72.00 -108.33 -14.15
CA THR IA 83 72.49 -106.96 -14.13
C THR IA 83 71.52 -106.06 -13.35
N SER IA 84 70.24 -106.34 -13.51
CA SER IA 84 69.18 -105.58 -12.86
C SER IA 84 69.09 -105.81 -11.36
N ASP IA 85 69.18 -107.06 -10.92
CA ASP IA 85 69.09 -107.35 -9.49
C ASP IA 85 70.39 -106.97 -8.79
N SER IA 86 71.40 -106.59 -9.56
CA SER IA 86 72.69 -106.18 -9.02
C SER IA 86 72.61 -104.66 -8.76
N ILE IA 87 71.93 -103.94 -9.66
CA ILE IA 87 71.75 -102.50 -9.50
C ILE IA 87 70.84 -102.35 -8.29
N ALA IA 88 69.93 -103.31 -8.16
CA ALA IA 88 68.97 -103.36 -7.06
C ALA IA 88 69.66 -103.52 -5.71
N ALA IA 89 70.80 -104.20 -5.70
CA ALA IA 89 71.55 -104.40 -4.47
C ALA IA 89 72.14 -103.06 -4.03
N VAL IA 90 72.92 -102.44 -4.91
CA VAL IA 90 73.53 -101.15 -4.60
C VAL IA 90 72.49 -100.13 -4.18
N ALA IA 91 71.41 -100.05 -4.95
CA ALA IA 91 70.31 -99.12 -4.67
C ALA IA 91 69.71 -99.33 -3.29
N ASN IA 92 69.31 -100.57 -2.99
CA ASN IA 92 68.73 -100.87 -1.69
C ASN IA 92 69.64 -100.53 -0.52
N ALA IA 93 70.91 -100.93 -0.62
CA ALA IA 93 71.88 -100.68 0.44
C ALA IA 93 72.11 -99.19 0.72
N THR IA 94 71.33 -98.33 0.07
CA THR IA 94 71.46 -96.88 0.27
C THR IA 94 70.07 -96.25 0.30
N LYS IA 95 69.47 -96.17 1.49
CA LYS IA 95 68.14 -95.60 1.64
C LYS IA 95 67.93 -95.02 3.03
N PRO IA 96 68.44 -93.81 3.29
CA PRO IA 96 68.26 -93.21 4.62
C PRO IA 96 66.79 -93.31 5.02
N ALA IA 97 66.51 -93.40 6.31
CA ALA IA 97 65.11 -93.50 6.76
C ALA IA 97 64.31 -92.26 6.35
N ALA IA 98 63.34 -92.46 5.45
CA ALA IA 98 62.50 -91.35 4.97
C ALA IA 98 62.05 -90.46 6.13
N VAL IA 99 61.80 -91.09 7.27
CA VAL IA 99 61.39 -90.37 8.49
C VAL IA 99 62.31 -90.86 9.60
N VAL IA 100 62.82 -89.93 10.40
CA VAL IA 100 63.72 -90.28 11.49
C VAL IA 100 63.26 -89.63 12.79
N SER IA 101 62.46 -90.35 13.59
CA SER IA 101 61.98 -89.78 14.85
C SER IA 101 63.17 -89.24 15.64
N ASP IA 102 63.05 -88.01 16.15
CA ASP IA 102 64.14 -87.41 16.90
C ASP IA 102 63.65 -86.33 17.87
N PRO IA 103 64.57 -85.77 18.68
CA PRO IA 103 64.23 -84.73 19.66
C PRO IA 103 63.77 -83.43 18.97
N GLN IA 104 64.69 -82.50 18.75
CA GLN IA 104 64.34 -81.22 18.11
C GLN IA 104 63.87 -81.46 16.67
N SER IA 105 62.85 -80.71 16.27
CA SER IA 105 62.27 -80.81 14.94
C SER IA 105 61.02 -79.93 14.88
N MET IA 106 61.25 -78.62 15.08
CA MET IA 106 60.19 -77.62 15.09
C MET IA 106 58.78 -78.11 14.78
N LYS IA 107 58.13 -78.72 15.76
CA LYS IA 107 56.77 -79.23 15.59
C LYS IA 107 55.74 -78.12 15.32
N VAL IA 108 54.98 -78.25 14.24
CA VAL IA 108 53.98 -77.24 13.90
C VAL IA 108 52.59 -77.81 13.70
N THR IA 109 51.67 -77.37 14.57
CA THR IA 109 50.27 -77.80 14.54
C THR IA 109 49.60 -77.51 13.19
N PRO IA 110 48.56 -78.30 12.83
CA PRO IA 110 47.89 -78.05 11.54
C PRO IA 110 47.29 -76.64 11.60
N ILE IA 111 47.48 -75.85 10.55
CA ILE IA 111 46.97 -74.47 10.50
C ILE IA 111 45.46 -74.38 10.57
N VAL IA 112 44.77 -75.50 10.38
CA VAL IA 112 43.31 -75.53 10.43
C VAL IA 112 42.84 -76.80 11.13
N ASN IA 113 42.46 -76.68 12.41
CA ASN IA 113 42.01 -77.80 13.24
C ASN IA 113 41.21 -78.89 12.53
N PRO IA 114 41.87 -80.00 12.17
CA PRO IA 114 41.30 -81.16 11.48
C PRO IA 114 40.20 -81.86 12.26
N SER IA 115 40.11 -81.56 13.56
CA SER IA 115 39.12 -82.18 14.42
C SER IA 115 37.69 -81.98 13.93
N SER IA 116 37.25 -80.74 13.85
CA SER IA 116 35.88 -80.45 13.41
C SER IA 116 35.78 -79.80 12.03
N TYR IA 117 34.57 -79.81 11.49
CA TYR IA 117 34.33 -79.22 10.18
C TYR IA 117 33.09 -78.34 10.22
N VAL IA 118 33.31 -77.03 10.14
CA VAL IA 118 32.23 -76.06 10.20
C VAL IA 118 31.48 -75.86 8.89
N CYS IA 119 30.18 -75.64 9.01
CA CYS IA 119 29.31 -75.37 7.86
C CYS IA 119 29.76 -73.94 7.60
N ASN IA 120 30.16 -73.62 6.38
CA ASN IA 120 30.59 -72.25 6.14
C ASN IA 120 29.42 -71.33 5.83
N VAL IA 121 28.34 -71.90 5.31
CA VAL IA 121 27.14 -71.14 5.01
C VAL IA 121 26.53 -70.84 6.38
N CYS IA 122 26.26 -71.91 7.14
CA CYS IA 122 25.69 -71.79 8.47
C CYS IA 122 26.77 -71.89 9.55
N ASN IA 123 26.93 -73.07 10.11
CA ASN IA 123 27.95 -73.33 11.12
C ASN IA 123 27.81 -74.69 11.81
N ALA IA 124 26.76 -75.43 11.44
CA ALA IA 124 26.57 -76.75 12.05
C ALA IA 124 27.81 -77.56 11.71
N ARG IA 125 28.69 -77.72 12.69
CA ARG IA 125 29.93 -78.45 12.51
C ARG IA 125 29.75 -79.95 12.33
N PHE IA 126 30.82 -80.63 11.92
CA PHE IA 126 30.77 -82.08 11.70
C PHE IA 126 32.04 -82.79 12.12
N SER IA 127 31.91 -84.06 12.48
CA SER IA 127 33.04 -84.87 12.88
C SER IA 127 34.00 -85.09 11.71
N THR IA 128 33.52 -85.77 10.67
CA THR IA 128 34.34 -86.05 9.49
C THR IA 128 33.99 -85.18 8.30
N MET IA 129 35.01 -84.73 7.58
CA MET IA 129 34.82 -83.91 6.40
C MET IA 129 33.62 -84.40 5.59
N SER IA 130 33.52 -85.73 5.49
CA SER IA 130 32.45 -86.36 4.76
C SER IA 130 31.06 -85.86 5.16
N ALA IA 131 30.78 -85.89 6.46
CA ALA IA 131 29.50 -85.44 6.99
C ALA IA 131 29.23 -83.97 6.65
N LEU IA 132 30.29 -83.19 6.48
CA LEU IA 132 30.13 -81.77 6.17
C LEU IA 132 29.74 -81.56 4.71
N SER IA 133 29.98 -82.58 3.88
CA SER IA 133 29.63 -82.49 2.47
C SER IA 133 28.10 -82.59 2.35
N GLU IA 134 27.50 -83.32 3.28
CA GLU IA 134 26.06 -83.53 3.31
C GLU IA 134 25.29 -82.29 3.73
N HIS IA 135 25.86 -81.50 4.64
CA HIS IA 135 25.17 -80.28 5.06
C HIS IA 135 25.18 -79.32 3.88
N LEU IA 136 26.33 -79.24 3.22
CA LEU IA 136 26.51 -78.36 2.08
C LEU IA 136 25.84 -78.86 0.80
N ARG IA 137 25.56 -80.17 0.73
CA ARG IA 137 24.90 -80.74 -0.44
C ARG IA 137 23.39 -80.74 -0.21
N SER IA 138 22.99 -80.96 1.03
CA SER IA 138 21.58 -80.99 1.42
C SER IA 138 21.07 -79.62 1.84
N ASP IA 139 21.19 -79.33 3.14
CA ASP IA 139 20.71 -78.08 3.71
C ASP IA 139 21.03 -76.84 2.86
N HIS IA 140 22.28 -76.72 2.42
CA HIS IA 140 22.67 -75.57 1.62
C HIS IA 140 22.91 -75.88 0.15
N ARG IA 141 21.84 -75.86 -0.63
CA ARG IA 141 21.97 -76.15 -2.07
C ARG IA 141 20.78 -75.59 -2.83
N ASN IA 155 8.33 -71.02 5.69
CA ASN IA 155 9.23 -70.64 6.78
C ASN IA 155 10.45 -69.82 6.33
N ALA IA 156 10.37 -68.50 6.48
CA ALA IA 156 11.47 -67.62 6.10
C ALA IA 156 12.78 -68.01 6.78
N ILE IA 157 12.78 -68.12 8.11
CA ILE IA 157 13.97 -68.49 8.86
C ILE IA 157 13.85 -69.93 9.39
N ARG IA 158 14.93 -70.70 9.28
CA ARG IA 158 14.93 -72.10 9.71
C ARG IA 158 15.73 -72.39 10.98
N SER IA 159 16.88 -71.75 11.13
CA SER IA 159 17.71 -71.97 12.31
C SER IA 159 18.47 -70.70 12.64
N PHE IA 160 19.24 -70.73 13.71
CA PHE IA 160 20.02 -69.55 14.12
C PHE IA 160 21.12 -69.92 15.09
N LEU IA 161 22.19 -70.51 14.56
CA LEU IA 161 23.31 -70.89 15.40
C LEU IA 161 23.84 -69.62 16.07
N THR IA 162 23.53 -69.44 17.35
CA THR IA 162 23.99 -68.26 18.09
C THR IA 162 25.50 -68.38 18.28
N ALA IA 163 26.23 -67.32 17.97
CA ALA IA 163 27.69 -67.32 18.06
C ALA IA 163 28.29 -67.55 19.44
N TRP IA 164 27.77 -66.87 20.46
CA TRP IA 164 28.29 -67.02 21.81
C TRP IA 164 27.92 -68.38 22.41
N ASP IA 165 26.66 -68.79 22.22
CA ASP IA 165 26.15 -70.04 22.77
C ASP IA 165 26.31 -71.27 21.88
N ASP IA 166 26.42 -71.04 20.58
CA ASP IA 166 26.55 -72.13 19.59
C ASP IA 166 25.49 -73.21 19.77
N ILE IA 167 24.23 -72.80 19.67
CA ILE IA 167 23.09 -73.70 19.82
C ILE IA 167 22.02 -73.34 18.78
N ARG IA 168 21.87 -74.19 17.76
CA ARG IA 168 20.92 -73.96 16.67
C ARG IA 168 19.45 -73.83 17.05
N ILE IA 169 18.98 -72.60 17.22
CA ILE IA 169 17.58 -72.37 17.56
C ILE IA 169 16.78 -72.54 16.27
N LEU IA 170 16.07 -73.66 16.13
CA LEU IA 170 15.28 -73.88 14.92
C LEU IA 170 13.91 -73.22 15.02
N SER IA 171 13.32 -72.88 13.88
CA SER IA 171 12.01 -72.25 13.86
C SER IA 171 10.97 -73.31 14.22
N PRO IA 172 9.86 -72.90 14.84
CA PRO IA 172 8.79 -73.81 15.24
C PRO IA 172 8.26 -74.67 14.09
N ASP IA 184 -9.29 -68.33 23.52
CA ASP IA 184 -10.16 -67.84 22.45
C ASP IA 184 -9.38 -67.01 21.42
N SER IA 185 -8.46 -67.66 20.72
CA SER IA 185 -7.63 -67.05 19.68
C SER IA 185 -6.69 -68.13 19.17
N ALA IA 186 -6.83 -68.49 17.89
CA ALA IA 186 -5.98 -69.53 17.32
C ALA IA 186 -4.54 -69.08 17.10
N VAL IA 187 -3.68 -70.05 16.81
CA VAL IA 187 -2.26 -69.76 16.55
C VAL IA 187 -2.17 -69.34 15.09
N ALA IA 188 -1.90 -68.06 14.86
CA ALA IA 188 -1.82 -67.53 13.50
C ALA IA 188 -0.78 -68.28 12.66
N ASN IA 189 -1.25 -69.04 11.67
CA ASN IA 189 -0.35 -69.77 10.80
C ASN IA 189 -0.21 -68.92 9.54
N GLY IA 190 0.63 -69.34 8.61
CA GLY IA 190 0.80 -68.54 7.40
C GLY IA 190 -0.09 -68.91 6.24
N PRO IA 191 -0.31 -67.99 5.30
CA PRO IA 191 -1.16 -68.25 4.13
C PRO IA 191 -0.34 -69.05 3.13
N GLU IA 192 -0.95 -70.07 2.53
CA GLU IA 192 -0.28 -70.92 1.54
C GLU IA 192 0.02 -70.11 0.28
N LEU IA 193 0.94 -69.15 0.38
CA LEU IA 193 1.28 -68.27 -0.74
C LEU IA 193 1.96 -68.84 -1.97
N ILE IA 194 2.38 -70.10 -1.95
CA ILE IA 194 3.06 -70.61 -3.14
C ILE IA 194 2.65 -71.99 -3.62
N ILE IA 195 1.80 -71.98 -4.64
CA ILE IA 195 1.32 -73.20 -5.27
C ILE IA 195 1.75 -73.03 -6.72
N GLU IA 196 2.03 -74.13 -7.40
CA GLU IA 196 2.46 -74.03 -8.78
C GLU IA 196 2.29 -75.32 -9.57
N ASP IA 197 1.83 -75.21 -10.81
CA ASP IA 197 1.65 -76.39 -11.65
C ASP IA 197 2.29 -76.20 -13.03
N THR IA 198 3.01 -77.23 -13.48
CA THR IA 198 3.70 -77.18 -14.76
C THR IA 198 2.80 -77.58 -15.96
N GLY IA 199 1.55 -77.93 -15.67
CA GLY IA 199 0.65 -78.32 -16.75
C GLY IA 199 0.06 -77.10 -17.45
N LEU IA 200 -0.62 -77.31 -18.57
CA LEU IA 200 -1.22 -76.21 -19.33
C LEU IA 200 -1.95 -75.15 -18.50
N CYS IA 201 -1.63 -73.89 -18.76
CA CYS IA 201 -2.25 -72.77 -18.06
C CYS IA 201 -3.62 -72.46 -18.64
N THR IA 202 -4.60 -73.32 -18.38
CA THR IA 202 -5.96 -73.11 -18.90
C THR IA 202 -7.08 -73.56 -17.98
N SER IA 203 -8.28 -73.08 -18.29
CA SER IA 203 -9.48 -73.43 -17.53
C SER IA 203 -10.70 -73.33 -18.46
N PHE IA 204 -10.45 -73.54 -19.74
CA PHE IA 204 -11.47 -73.52 -20.79
C PHE IA 204 -11.07 -74.63 -21.74
N MET IA 205 -11.51 -75.84 -21.47
CA MET IA 205 -11.15 -76.94 -22.36
C MET IA 205 -12.10 -77.00 -23.52
N LEU IA 206 -11.67 -77.66 -24.59
CA LEU IA 206 -12.49 -77.80 -25.76
C LEU IA 206 -13.14 -79.17 -25.75
N LEU IA 207 -13.88 -79.45 -24.69
CA LEU IA 207 -14.56 -80.73 -24.58
C LEU IA 207 -15.54 -80.83 -25.72
N ASP IA 208 -15.55 -81.97 -26.42
CA ASP IA 208 -16.48 -82.13 -27.52
C ASP IA 208 -17.76 -82.64 -26.87
N ASN IA 209 -18.91 -82.26 -27.42
CA ASN IA 209 -20.16 -82.70 -26.84
C ASN IA 209 -20.72 -83.94 -27.54
N ILE IA 210 -21.29 -83.74 -28.72
CA ILE IA 210 -21.87 -84.86 -29.47
C ILE IA 210 -20.78 -85.62 -30.20
N PRO IA 211 -20.58 -86.90 -29.84
CA PRO IA 211 -19.55 -87.73 -30.48
C PRO IA 211 -19.72 -87.86 -32.00
N SER IA 212 -18.62 -88.14 -32.70
CA SER IA 212 -18.61 -88.27 -34.16
C SER IA 212 -19.20 -89.58 -34.66
N ALA IA 213 -19.97 -89.52 -35.75
CA ALA IA 213 -20.61 -90.69 -36.33
C ALA IA 213 -19.67 -91.62 -37.10
N HIS IA 214 -18.55 -91.99 -36.47
CA HIS IA 214 -17.56 -92.89 -37.07
C HIS IA 214 -17.34 -92.76 -38.57
N LEU IA 215 -16.52 -91.81 -38.98
CA LEU IA 215 -16.22 -91.65 -40.40
C LEU IA 215 -15.10 -92.62 -40.70
N THR IA 216 -14.75 -92.78 -41.98
CA THR IA 216 -13.68 -93.69 -42.36
C THR IA 216 -12.35 -92.95 -42.58
N LYS IA 217 -11.63 -92.76 -41.47
CA LYS IA 217 -10.33 -92.07 -41.44
C LYS IA 217 -9.71 -91.55 -42.72
N GLU IA 218 -9.44 -92.44 -43.67
CA GLU IA 218 -8.78 -92.07 -44.94
C GLU IA 218 -7.29 -91.92 -44.66
N LEU IA 219 -6.85 -90.68 -44.46
CA LEU IA 219 -5.44 -90.43 -44.16
C LEU IA 219 -5.19 -90.85 -42.69
N ILE IA 220 -4.30 -91.81 -42.48
CA ILE IA 220 -3.98 -92.26 -41.12
C ILE IA 220 -2.74 -91.50 -40.64
N GLY IA 221 -2.03 -92.03 -39.65
CA GLY IA 221 -0.83 -91.36 -39.16
C GLY IA 221 0.27 -91.26 -40.20
N PHE IA 222 1.28 -90.43 -39.94
CA PHE IA 222 2.40 -90.24 -40.86
C PHE IA 222 3.20 -91.54 -40.99
N THR IA 223 3.99 -91.65 -42.04
CA THR IA 223 4.76 -92.88 -42.26
C THR IA 223 6.27 -92.73 -42.30
N TRP IA 224 6.90 -92.80 -41.13
CA TRP IA 224 8.35 -92.70 -41.06
C TRP IA 224 8.90 -94.04 -41.58
N PHE IA 225 9.62 -94.00 -42.71
CA PHE IA 225 10.20 -95.22 -43.31
C PHE IA 225 9.17 -96.32 -43.47
N MET IA 226 9.05 -97.18 -42.46
CA MET IA 226 8.06 -98.25 -42.51
C MET IA 226 6.97 -97.92 -41.50
N GLN IA 227 7.37 -97.71 -40.25
CA GLN IA 227 6.43 -97.37 -39.19
C GLN IA 227 5.45 -96.29 -39.63
N MET IA 228 4.32 -96.19 -38.93
CA MET IA 228 3.31 -95.21 -39.27
C MET IA 228 2.85 -94.48 -38.00
N TYR IA 229 3.44 -93.31 -37.74
CA TYR IA 229 3.15 -92.53 -36.56
C TYR IA 229 1.83 -91.76 -36.58
N GLN IA 230 0.87 -92.21 -35.77
CA GLN IA 230 -0.43 -91.54 -35.66
C GLN IA 230 -0.29 -90.56 -34.50
N MET IA 231 -0.84 -89.36 -34.64
CA MET IA 231 -0.75 -88.37 -33.56
C MET IA 231 -2.16 -87.99 -33.09
N THR IA 232 -2.31 -87.75 -31.78
CA THR IA 232 -3.61 -87.40 -31.21
C THR IA 232 -4.12 -86.04 -31.69
N PRO IA 233 -5.32 -86.03 -32.30
CA PRO IA 233 -5.92 -84.80 -32.80
C PRO IA 233 -5.94 -83.67 -31.76
N PRO IA 234 -5.11 -82.62 -31.97
CA PRO IA 234 -5.02 -81.48 -31.06
C PRO IA 234 -6.35 -80.88 -30.60
N LEU IA 235 -7.33 -80.80 -31.51
CA LEU IA 235 -8.61 -80.22 -31.13
C LEU IA 235 -9.71 -81.27 -31.05
N PRO IA 236 -10.77 -80.98 -30.28
CA PRO IA 236 -11.87 -81.93 -30.15
C PRO IA 236 -12.56 -82.11 -31.48
N GLU IA 237 -12.84 -83.35 -31.84
CA GLU IA 237 -13.50 -83.64 -33.10
C GLU IA 237 -14.85 -84.31 -32.78
N GLY IA 238 -15.74 -84.33 -33.75
CA GLY IA 238 -17.04 -84.93 -33.51
C GLY IA 238 -18.18 -83.93 -33.54
N ALA IA 239 -19.32 -84.37 -34.04
CA ALA IA 239 -20.53 -83.56 -34.16
C ALA IA 239 -20.38 -82.12 -33.68
N VAL IA 240 -20.58 -81.89 -32.38
CA VAL IA 240 -20.47 -80.53 -31.84
C VAL IA 240 -19.53 -80.43 -30.65
N ASN IA 241 -18.45 -79.64 -30.79
CA ASN IA 241 -17.48 -79.47 -29.69
C ASN IA 241 -17.58 -78.06 -29.11
N ARG IA 242 -18.08 -77.94 -27.89
CA ARG IA 242 -18.22 -76.64 -27.23
C ARG IA 242 -16.95 -76.25 -26.47
N ILE IA 243 -17.00 -75.12 -25.77
CA ILE IA 243 -15.87 -74.65 -24.96
C ILE IA 243 -16.34 -74.67 -23.51
N VAL IA 244 -16.41 -75.86 -22.94
CA VAL IA 244 -16.84 -76.02 -21.54
C VAL IA 244 -15.80 -75.62 -20.49
N CYS IA 245 -16.11 -74.57 -19.75
CA CYS IA 245 -15.25 -74.04 -18.70
C CYS IA 245 -14.95 -75.04 -17.56
N MET IA 246 -13.66 -75.23 -17.27
CA MET IA 246 -13.24 -76.16 -16.22
C MET IA 246 -11.84 -75.80 -15.68
N THR IA 247 -11.81 -75.08 -14.56
CA THR IA 247 -10.55 -74.67 -13.95
C THR IA 247 -9.57 -75.82 -13.73
N ASN IA 248 -8.27 -75.52 -13.87
CA ASN IA 248 -7.22 -76.52 -13.70
C ASN IA 248 -7.58 -77.87 -14.32
N TRP IA 249 -8.05 -77.87 -15.57
CA TRP IA 249 -8.42 -79.12 -16.23
C TRP IA 249 -7.18 -79.81 -16.77
N ALA IA 250 -6.18 -79.01 -17.12
CA ALA IA 250 -4.92 -79.51 -17.66
C ALA IA 250 -3.81 -79.31 -16.62
N SER IA 251 -4.22 -79.15 -15.36
CA SER IA 251 -3.28 -78.94 -14.27
C SER IA 251 -2.37 -80.14 -14.05
N LEU IA 252 -1.07 -79.90 -14.04
CA LEU IA 252 -0.10 -80.97 -13.85
C LEU IA 252 0.92 -80.55 -12.78
N GLY IA 253 0.42 -79.97 -11.69
CA GLY IA 253 1.31 -79.53 -10.62
C GLY IA 253 1.11 -80.28 -9.33
N ASP IA 254 1.95 -79.98 -8.34
CA ASP IA 254 1.91 -80.63 -7.04
C ASP IA 254 0.51 -80.68 -6.42
N GLU IA 255 -0.11 -79.52 -6.29
CA GLU IA 255 -1.43 -79.41 -5.70
C GLU IA 255 -2.21 -78.22 -6.22
N GLY IA 256 -3.41 -78.03 -5.67
CA GLY IA 256 -4.23 -76.91 -6.06
C GLY IA 256 -5.11 -76.51 -4.90
N ARG IA 257 -5.27 -75.21 -4.69
CA ARG IA 257 -6.10 -74.71 -3.59
C ARG IA 257 -7.54 -75.24 -3.68
N GLY IA 258 -7.80 -76.37 -3.01
CA GLY IA 258 -9.12 -76.98 -3.02
C GLY IA 258 -10.27 -76.02 -3.17
N LEU IA 259 -10.63 -75.73 -4.42
CA LEU IA 259 -11.72 -74.80 -4.73
C LEU IA 259 -11.67 -74.48 -6.23
N GLU IA 260 -12.62 -75.00 -6.99
CA GLU IA 260 -12.62 -74.76 -8.44
C GLU IA 260 -13.96 -74.48 -9.11
N VAL IA 261 -14.00 -74.59 -10.43
CA VAL IA 261 -15.21 -74.36 -11.21
C VAL IA 261 -15.28 -75.35 -12.37
N ARG IA 262 -16.11 -76.37 -12.21
CA ARG IA 262 -16.28 -77.38 -13.24
C ARG IA 262 -17.73 -77.33 -13.72
N LEU IA 263 -17.95 -76.67 -14.84
CA LEU IA 263 -19.29 -76.58 -15.40
C LEU IA 263 -19.42 -77.69 -16.42
N PRO IA 264 -20.56 -78.41 -16.40
CA PRO IA 264 -20.77 -79.51 -17.34
C PRO IA 264 -21.10 -78.93 -18.71
N PRO IA 265 -20.81 -79.68 -19.80
CA PRO IA 265 -21.12 -79.14 -21.13
C PRO IA 265 -22.56 -78.62 -21.16
N PRO IA 266 -22.84 -77.63 -22.02
CA PRO IA 266 -24.19 -77.07 -22.12
C PRO IA 266 -25.33 -78.10 -22.09
N THR IA 267 -25.01 -79.38 -22.35
CA THR IA 267 -26.02 -80.43 -22.35
C THR IA 267 -26.47 -80.90 -20.96
N ASP IA 268 -25.90 -80.33 -19.90
CA ASP IA 268 -26.28 -80.73 -18.54
C ASP IA 268 -26.69 -79.54 -17.70
N SER IA 269 -27.34 -79.81 -16.57
CA SER IA 269 -27.79 -78.74 -15.69
C SER IA 269 -26.60 -78.05 -15.04
N SER IA 270 -26.15 -76.95 -15.64
CA SER IA 270 -25.03 -76.20 -15.11
C SER IA 270 -25.50 -75.44 -13.87
N VAL IA 271 -26.81 -75.54 -13.61
CA VAL IA 271 -27.47 -74.88 -12.47
C VAL IA 271 -26.75 -74.91 -11.12
N HIS IA 272 -26.23 -76.08 -10.73
CA HIS IA 272 -25.55 -76.23 -9.44
C HIS IA 272 -24.49 -75.18 -9.12
N ALA IA 273 -23.55 -74.95 -10.03
CA ALA IA 273 -22.47 -73.98 -9.82
C ALA IA 273 -22.96 -72.55 -9.55
N TYR IA 274 -24.25 -72.30 -9.73
CA TYR IA 274 -24.83 -70.98 -9.49
C TYR IA 274 -25.69 -70.96 -8.24
N LYS IA 275 -25.30 -71.73 -7.23
CA LYS IA 275 -26.09 -71.78 -6.01
C LYS IA 275 -25.31 -71.67 -4.70
N THR IA 276 -24.62 -70.55 -4.54
CA THR IA 276 -23.84 -70.32 -3.33
C THR IA 276 -24.64 -69.37 -2.44
N VAL IA 277 -24.46 -68.07 -2.69
CA VAL IA 277 -25.11 -67.01 -1.94
C VAL IA 277 -26.39 -67.39 -1.19
N LEU IA 278 -27.53 -67.07 -1.79
CA LEU IA 278 -28.81 -67.30 -1.16
C LEU IA 278 -29.57 -68.54 -1.63
N SER IA 279 -29.06 -69.19 -2.68
CA SER IA 279 -29.70 -70.37 -3.24
C SER IA 279 -29.95 -71.52 -2.26
N ARG IA 280 -28.92 -71.87 -1.48
CA ARG IA 280 -29.02 -72.97 -0.51
C ARG IA 280 -30.27 -72.93 0.38
N GLY IA 281 -30.95 -74.06 0.49
CA GLY IA 281 -32.13 -74.13 1.34
C GLY IA 281 -33.47 -74.45 0.69
N TYR IA 282 -34.03 -73.49 -0.03
CA TYR IA 282 -35.34 -73.67 -0.66
C TYR IA 282 -35.31 -74.07 -2.12
N ILE IA 283 -34.36 -73.56 -2.88
CA ILE IA 283 -34.25 -73.87 -4.29
C ILE IA 283 -34.02 -75.37 -4.57
N ASP IA 284 -34.83 -75.96 -5.47
CA ASP IA 284 -34.67 -77.36 -5.87
C ASP IA 284 -33.32 -77.54 -6.57
N ASN IA 285 -32.61 -78.60 -6.22
CA ASN IA 285 -31.29 -78.86 -6.78
C ASN IA 285 -31.31 -78.74 -8.30
N ALA IA 286 -32.50 -78.72 -8.89
CA ALA IA 286 -32.60 -78.63 -10.35
C ALA IA 286 -32.87 -77.23 -10.92
N GLN IA 287 -32.78 -76.21 -10.07
CA GLN IA 287 -33.00 -74.84 -10.54
C GLN IA 287 -32.28 -73.77 -9.73
N PHE IA 288 -31.84 -72.73 -10.43
CA PHE IA 288 -31.11 -71.61 -9.81
C PHE IA 288 -32.07 -70.48 -9.47
N ASN IA 289 -31.64 -69.57 -8.61
CA ASN IA 289 -32.48 -68.44 -8.21
C ASN IA 289 -32.24 -67.27 -9.16
N PRO IA 290 -33.18 -67.00 -10.06
CA PRO IA 290 -32.97 -65.89 -10.98
C PRO IA 290 -32.80 -64.55 -10.26
N LEU IA 291 -33.45 -64.39 -9.10
CA LEU IA 291 -33.34 -63.14 -8.36
C LEU IA 291 -31.95 -62.85 -7.82
N ALA IA 292 -31.25 -63.91 -7.40
CA ALA IA 292 -29.90 -63.76 -6.86
C ALA IA 292 -28.85 -64.22 -7.86
N LEU IA 293 -28.94 -63.72 -9.09
CA LEU IA 293 -28.00 -64.14 -10.13
C LEU IA 293 -26.69 -63.36 -10.13
N ARG IA 294 -26.74 -62.05 -10.02
CA ARG IA 294 -25.50 -61.29 -10.02
C ARG IA 294 -24.71 -61.65 -8.78
N SER IA 295 -25.42 -61.88 -7.68
CA SER IA 295 -24.78 -62.23 -6.42
C SER IA 295 -24.15 -63.62 -6.52
N ASN IA 296 -24.79 -64.50 -7.28
CA ASN IA 296 -24.31 -65.87 -7.44
C ASN IA 296 -23.29 -66.06 -8.54
N VAL IA 297 -23.17 -65.10 -9.45
CA VAL IA 297 -22.20 -65.20 -10.52
C VAL IA 297 -20.93 -64.54 -10.05
N LEU IA 298 -21.06 -63.59 -9.13
CA LEU IA 298 -19.90 -62.90 -8.61
C LEU IA 298 -19.12 -63.91 -7.77
N LEU IA 299 -19.83 -64.68 -6.96
CA LEU IA 299 -19.20 -65.69 -6.11
C LEU IA 299 -18.69 -66.85 -6.95
N MET IA 300 -19.36 -67.10 -8.06
CA MET IA 300 -18.98 -68.19 -8.95
C MET IA 300 -17.66 -67.85 -9.64
N LEU IA 301 -17.48 -66.58 -9.98
CA LEU IA 301 -16.23 -66.16 -10.63
C LEU IA 301 -15.13 -66.02 -9.57
N LEU IA 302 -15.50 -65.58 -8.38
CA LEU IA 302 -14.53 -65.42 -7.32
C LEU IA 302 -13.85 -66.75 -7.00
N GLN IA 303 -14.50 -67.85 -7.39
CA GLN IA 303 -13.94 -69.17 -7.15
C GLN IA 303 -13.19 -69.60 -8.38
N PHE IA 304 -13.50 -68.97 -9.50
CA PHE IA 304 -12.84 -69.27 -10.77
C PHE IA 304 -11.51 -68.50 -10.74
N THR IA 305 -11.44 -67.48 -9.90
CA THR IA 305 -10.22 -66.69 -9.77
C THR IA 305 -9.34 -67.45 -8.79
N LEU IA 306 -9.71 -67.42 -7.51
CA LEU IA 306 -8.97 -68.11 -6.46
C LEU IA 306 -8.45 -69.46 -6.97
N SER IA 307 -9.33 -70.24 -7.60
CA SER IA 307 -8.96 -71.54 -8.13
C SER IA 307 -7.69 -71.42 -8.98
N ASN IA 308 -7.71 -70.47 -9.90
CA ASN IA 308 -6.58 -70.21 -10.80
C ASN IA 308 -5.40 -69.38 -10.25
N LEU IA 309 -5.30 -69.20 -8.94
CA LEU IA 309 -4.19 -68.43 -8.39
C LEU IA 309 -2.97 -69.31 -8.10
N LYS IA 310 -2.21 -69.62 -9.16
CA LYS IA 310 -1.01 -70.46 -9.04
C LYS IA 310 0.12 -69.92 -9.88
N ILE IA 311 1.33 -70.42 -9.64
CA ILE IA 311 2.50 -70.01 -10.39
C ILE IA 311 2.76 -71.06 -11.45
N ASN IA 312 3.41 -70.69 -12.54
CA ASN IA 312 3.65 -71.65 -13.61
C ASN IA 312 5.10 -72.15 -13.67
N LYS IA 313 5.45 -73.18 -12.88
CA LYS IA 313 6.81 -73.72 -12.94
C LYS IA 313 7.09 -73.94 -14.43
N SER IA 314 8.34 -73.78 -14.86
CA SER IA 314 8.66 -73.93 -16.28
C SER IA 314 8.90 -75.33 -16.84
N SER IA 315 8.87 -76.37 -15.99
CA SER IA 315 9.05 -77.74 -16.49
C SER IA 315 10.40 -77.99 -17.19
N THR IA 316 10.43 -78.98 -18.09
CA THR IA 316 11.64 -79.34 -18.84
C THR IA 316 11.32 -79.48 -20.33
N PHE IA 317 11.92 -78.63 -21.16
CA PHE IA 317 11.68 -78.67 -22.60
C PHE IA 317 12.43 -79.81 -23.27
N THR IA 318 12.12 -80.06 -24.54
CA THR IA 318 12.80 -81.09 -25.33
C THR IA 318 12.78 -80.59 -26.77
N SER IA 319 13.94 -80.43 -27.38
CA SER IA 319 13.99 -79.92 -28.76
C SER IA 319 13.19 -80.82 -29.70
N ASP IA 320 12.14 -80.26 -30.27
CA ASP IA 320 11.27 -80.98 -31.20
C ASP IA 320 11.94 -81.16 -32.56
N VAL IA 321 11.89 -82.37 -33.10
CA VAL IA 321 12.49 -82.67 -34.40
C VAL IA 321 11.40 -83.16 -35.35
N THR IA 322 10.20 -82.61 -35.19
CA THR IA 322 9.07 -83.04 -36.01
C THR IA 322 8.81 -82.15 -37.24
N THR IA 323 9.76 -82.18 -38.18
CA THR IA 323 9.66 -81.43 -39.45
C THR IA 323 9.23 -79.96 -39.39
N ILE IA 324 7.98 -79.70 -39.78
CA ILE IA 324 7.43 -78.34 -39.81
C ILE IA 324 7.81 -77.47 -38.61
N THR IA 325 7.72 -78.07 -37.42
CA THR IA 325 8.04 -77.38 -36.18
C THR IA 325 9.43 -77.72 -35.68
N SER IA 326 10.21 -78.41 -36.51
CA SER IA 326 11.55 -78.82 -36.13
C SER IA 326 12.41 -77.60 -35.82
N GLY IA 327 13.12 -77.65 -34.70
CA GLY IA 327 13.97 -76.56 -34.28
C GLY IA 327 13.39 -75.86 -33.05
N ARG IA 328 12.07 -75.91 -32.93
CA ARG IA 328 11.35 -75.31 -31.81
C ARG IA 328 11.48 -76.15 -30.54
N MET IA 329 11.72 -75.49 -29.40
CA MET IA 329 11.84 -76.16 -28.11
C MET IA 329 10.51 -76.23 -27.39
N ILE IA 330 9.82 -77.36 -27.50
CA ILE IA 330 8.53 -77.54 -26.83
C ILE IA 330 8.75 -77.99 -25.38
N ARG IA 331 7.67 -78.21 -24.64
CA ARG IA 331 7.77 -78.63 -23.23
C ARG IA 331 7.35 -80.08 -23.00
N ALA IA 332 8.13 -80.79 -22.18
CA ALA IA 332 7.93 -82.20 -21.87
C ALA IA 332 6.54 -82.68 -21.46
N PHE IA 333 6.18 -82.46 -20.20
CA PHE IA 333 4.89 -82.89 -19.64
C PHE IA 333 4.97 -84.34 -19.19
N GLU IA 334 5.83 -84.60 -18.22
CA GLU IA 334 6.00 -85.95 -17.70
C GLU IA 334 4.73 -86.46 -17.02
N GLY IA 335 4.20 -85.69 -16.06
CA GLY IA 335 2.99 -86.09 -15.35
C GLY IA 335 2.07 -86.96 -16.18
N ARG IA 336 1.61 -86.42 -17.32
CA ARG IA 336 0.73 -87.14 -18.25
C ARG IA 336 1.03 -86.66 -19.66
N PRO IA 337 1.76 -87.49 -20.43
CA PRO IA 337 2.12 -87.16 -21.81
C PRO IA 337 0.96 -86.81 -22.74
N GLU IA 338 -0.26 -87.11 -22.31
CA GLU IA 338 -1.45 -86.81 -23.11
C GLU IA 338 -1.46 -85.34 -23.52
N LEU IA 339 -1.04 -84.47 -22.59
CA LEU IA 339 -1.02 -83.02 -22.82
C LEU IA 339 -0.21 -82.57 -24.03
N LEU IA 340 1.00 -83.11 -24.20
CA LEU IA 340 1.84 -82.70 -25.32
C LEU IA 340 1.08 -82.55 -26.62
N ALA IA 341 0.00 -83.31 -26.79
CA ALA IA 341 -0.81 -83.21 -28.00
C ALA IA 341 -1.55 -81.89 -27.95
N LEU IA 342 -2.42 -81.75 -26.95
CA LEU IA 342 -3.20 -80.52 -26.76
C LEU IA 342 -2.32 -79.28 -26.75
N ALA IA 343 -1.40 -79.23 -25.79
CA ALA IA 343 -0.47 -78.10 -25.61
C ALA IA 343 -0.10 -77.30 -26.84
N TYR IA 344 0.39 -77.96 -27.90
CA TYR IA 344 0.78 -77.24 -29.10
C TYR IA 344 0.00 -77.64 -30.34
N PRO IA 345 -1.13 -76.95 -30.61
CA PRO IA 345 -1.89 -77.31 -31.81
C PRO IA 345 -1.11 -76.81 -33.03
N GLY IA 346 -0.94 -77.68 -34.03
CA GLY IA 346 -0.21 -77.29 -35.22
C GLY IA 346 1.09 -78.04 -35.35
N ARG IA 347 1.58 -78.55 -34.23
CA ARG IA 347 2.82 -79.31 -34.21
C ARG IA 347 2.58 -80.68 -34.86
N ALA IA 348 3.12 -80.87 -36.07
CA ALA IA 348 2.95 -82.12 -36.80
C ALA IA 348 1.48 -82.36 -37.16
N VAL IA 349 0.99 -81.57 -38.12
CA VAL IA 349 -0.41 -81.67 -38.55
C VAL IA 349 -0.60 -82.60 -39.75
N LEU IA 350 -1.36 -83.66 -39.55
CA LEU IA 350 -1.63 -84.62 -40.63
C LEU IA 350 -2.56 -83.96 -41.65
N PRO IA 351 -2.09 -83.77 -42.90
CA PRO IA 351 -2.81 -83.16 -44.01
C PRO IA 351 -4.25 -83.60 -44.28
N THR IA 352 -4.82 -84.42 -43.39
CA THR IA 352 -6.18 -84.90 -43.56
C THR IA 352 -7.22 -83.77 -43.57
N GLN IA 353 -7.40 -83.12 -44.73
CA GLN IA 353 -8.34 -82.00 -44.88
C GLN IA 353 -9.70 -82.20 -44.18
N THR IA 354 -9.83 -81.65 -42.98
CA THR IA 354 -11.07 -81.74 -42.20
C THR IA 354 -11.14 -80.50 -41.31
N LYS IA 355 -12.25 -79.77 -41.35
CA LYS IA 355 -12.42 -78.55 -40.57
C LYS IA 355 -11.25 -78.29 -39.64
N ASN IA 356 -11.06 -79.20 -38.69
CA ASN IA 356 -9.97 -79.13 -37.73
C ASN IA 356 -8.60 -79.01 -38.42
N ALA IA 357 -8.22 -80.04 -39.16
CA ALA IA 357 -6.94 -80.06 -39.85
C ALA IA 357 -6.71 -78.85 -40.77
N GLN IA 358 -7.77 -78.38 -41.45
CA GLN IA 358 -7.64 -77.23 -42.36
C GLN IA 358 -7.17 -76.03 -41.56
N PHE IA 359 -7.82 -75.81 -40.42
CA PHE IA 359 -7.46 -74.69 -39.56
C PHE IA 359 -6.03 -74.85 -39.06
N LEU IA 360 -5.78 -75.88 -38.27
CA LEU IA 360 -4.46 -76.13 -37.71
C LEU IA 360 -3.34 -76.02 -38.74
N SER IA 361 -3.69 -76.07 -40.01
CA SER IA 361 -2.72 -75.95 -41.09
C SER IA 361 -2.17 -74.54 -41.22
N THR IA 362 -3.03 -73.55 -41.00
CA THR IA 362 -2.63 -72.15 -41.11
C THR IA 362 -1.86 -71.68 -39.88
N ALA IA 363 -1.50 -72.60 -38.99
CA ALA IA 363 -0.75 -72.27 -37.78
C ALA IA 363 0.68 -71.89 -38.16
N ILE IA 364 1.20 -70.81 -37.54
CA ILE IA 364 2.57 -70.37 -37.84
C ILE IA 364 3.60 -71.24 -37.13
N ALA IA 365 4.41 -71.96 -37.90
CA ALA IA 365 5.44 -72.83 -37.36
C ALA IA 365 6.20 -72.15 -36.23
N ASP IA 366 6.48 -70.86 -36.43
CA ASP IA 366 7.20 -70.05 -35.45
C ASP IA 366 6.51 -69.89 -34.09
N ARG IA 367 5.21 -69.63 -34.10
CA ARG IA 367 4.49 -69.43 -32.85
C ARG IA 367 4.59 -70.60 -31.88
N ILE IA 368 4.67 -71.82 -32.40
CA ILE IA 368 4.76 -73.00 -31.54
C ILE IA 368 6.05 -73.13 -30.71
N GLY IA 369 5.93 -73.77 -29.55
CA GLY IA 369 7.09 -73.99 -28.69
C GLY IA 369 7.38 -72.94 -27.63
N ARG IA 370 8.58 -72.37 -27.68
CA ARG IA 370 8.97 -71.32 -26.75
C ARG IA 370 9.54 -70.18 -27.60
N LEU IA 371 9.43 -68.96 -27.11
CA LEU IA 371 9.93 -67.81 -27.87
C LEU IA 371 11.40 -67.52 -27.62
N ASP IA 372 11.66 -66.74 -26.58
CA ASP IA 372 13.01 -66.34 -26.19
C ASP IA 372 14.04 -67.44 -26.34
N ARG IA 373 15.32 -67.07 -26.26
CA ARG IA 373 16.40 -68.03 -26.38
C ARG IA 373 16.67 -68.68 -25.03
N ALA IA 374 17.93 -68.71 -24.61
CA ALA IA 374 18.26 -69.31 -23.32
C ALA IA 374 17.73 -68.48 -22.14
N ASN IA 375 18.25 -67.25 -22.01
CA ASN IA 375 17.89 -66.31 -20.94
C ASN IA 375 18.75 -66.55 -19.70
N LEU IA 376 18.32 -66.03 -18.54
CA LEU IA 376 19.07 -66.16 -17.28
C LEU IA 376 19.28 -67.59 -16.78
N ILE IA 377 20.13 -68.35 -17.49
CA ILE IA 377 20.40 -69.74 -17.15
C ILE IA 377 21.25 -69.96 -15.90
N GLY IA 378 20.61 -70.10 -14.75
CA GLY IA 378 21.36 -70.36 -13.53
C GLY IA 378 21.66 -71.84 -13.53
N GLY IA 379 22.92 -72.24 -13.34
CA GLY IA 379 23.22 -73.66 -13.39
C GLY IA 379 22.95 -74.10 -14.81
N GLU IA 380 21.92 -74.91 -15.03
CA GLU IA 380 21.62 -75.33 -16.39
C GLU IA 380 20.18 -74.98 -16.79
N VAL IA 381 19.34 -74.75 -15.80
CA VAL IA 381 17.93 -74.40 -16.04
C VAL IA 381 17.79 -72.89 -16.23
N SER IA 382 16.87 -72.47 -17.09
CA SER IA 382 16.63 -71.04 -17.30
C SER IA 382 15.81 -70.48 -16.13
N ALA IA 383 15.99 -69.18 -15.85
CA ALA IA 383 15.29 -68.52 -14.75
C ALA IA 383 13.79 -68.34 -14.98
N MET IA 384 13.43 -68.10 -16.24
CA MET IA 384 12.04 -67.89 -16.62
C MET IA 384 11.96 -67.90 -18.14
N VAL IA 385 11.42 -68.97 -18.69
CA VAL IA 385 11.29 -69.11 -20.14
C VAL IA 385 9.99 -68.45 -20.63
N GLU IA 386 9.74 -68.52 -21.93
CA GLU IA 386 8.54 -67.96 -22.54
C GLU IA 386 7.79 -68.98 -23.37
N CYS IA 387 7.33 -70.05 -22.70
CA CYS IA 387 6.59 -71.10 -23.37
C CYS IA 387 5.55 -70.40 -24.25
N MET IA 388 4.99 -71.11 -25.21
CA MET IA 388 4.00 -70.50 -26.06
C MET IA 388 2.67 -71.24 -25.98
N GLU IA 389 2.70 -72.46 -25.45
CA GLU IA 389 1.53 -73.34 -25.27
C GLU IA 389 0.19 -72.63 -25.19
N LEU IA 390 -0.89 -73.34 -25.50
CA LEU IA 390 -2.24 -72.76 -25.42
C LEU IA 390 -2.61 -72.44 -23.96
N CYS IA 391 -3.17 -71.27 -23.73
CA CYS IA 391 -3.58 -70.85 -22.38
C CYS IA 391 -4.58 -69.69 -22.39
N ASP IA 392 -5.86 -70.00 -22.28
CA ASP IA 392 -6.93 -68.98 -22.28
C ASP IA 392 -6.53 -67.67 -21.62
N ALA IA 393 -6.46 -66.61 -22.43
CA ALA IA 393 -6.09 -65.27 -21.99
C ALA IA 393 -6.61 -64.91 -20.59
N LEU IA 394 -7.81 -65.37 -20.25
CA LEU IA 394 -8.41 -65.08 -18.94
C LEU IA 394 -7.61 -65.73 -17.81
N THR IA 395 -7.27 -67.00 -17.97
CA THR IA 395 -6.48 -67.74 -16.98
C THR IA 395 -5.04 -67.25 -16.96
N LEU IA 396 -4.50 -66.99 -18.14
CA LEU IA 396 -3.13 -66.51 -18.27
C LEU IA 396 -3.03 -65.15 -17.61
N HIS IA 397 -4.11 -64.38 -17.67
CA HIS IA 397 -4.13 -63.04 -17.09
C HIS IA 397 -4.31 -63.07 -15.58
N ILE IA 398 -5.06 -64.05 -15.08
CA ILE IA 398 -5.27 -64.17 -13.64
C ILE IA 398 -3.96 -64.53 -12.96
N ARG IA 399 -3.25 -65.52 -13.51
CA ARG IA 399 -1.98 -65.94 -12.95
C ARG IA 399 -0.95 -64.82 -13.08
N GLU IA 400 -0.90 -64.16 -14.24
CA GLU IA 400 0.03 -63.06 -14.44
C GLU IA 400 -0.26 -61.99 -13.39
N THR IA 401 -1.37 -62.14 -12.69
CA THR IA 401 -1.76 -61.21 -11.63
C THR IA 401 -1.24 -61.70 -10.29
N TYR IA 402 -1.36 -63.01 -10.08
CA TYR IA 402 -0.91 -63.64 -8.85
C TYR IA 402 0.60 -63.64 -8.76
N ILE IA 403 1.27 -63.72 -9.91
CA ILE IA 403 2.72 -63.71 -9.94
C ILE IA 403 3.11 -62.34 -9.41
N MET IA 404 2.31 -61.35 -9.76
CA MET IA 404 2.54 -59.99 -9.32
C MET IA 404 2.20 -59.85 -7.84
N LEU IA 405 1.11 -60.48 -7.41
CA LEU IA 405 0.70 -60.41 -6.01
C LEU IA 405 1.89 -60.85 -5.16
N LEU IA 406 2.57 -61.91 -5.60
CA LEU IA 406 3.71 -62.44 -4.87
C LEU IA 406 4.89 -61.48 -4.93
N ARG IA 407 5.35 -61.15 -6.14
CA ARG IA 407 6.46 -60.24 -6.29
C ARG IA 407 6.18 -59.00 -5.44
N SER IA 408 4.95 -58.50 -5.53
CA SER IA 408 4.58 -57.32 -4.77
C SER IA 408 5.10 -57.44 -3.35
N MET IA 409 4.67 -58.50 -2.66
CA MET IA 409 5.10 -58.72 -1.28
C MET IA 409 6.45 -59.42 -1.12
N HIS IA 410 7.29 -59.38 -2.15
CA HIS IA 410 8.62 -60.00 -2.06
C HIS IA 410 9.43 -59.11 -1.14
N GLN IA 411 10.37 -59.71 -0.43
CA GLN IA 411 11.22 -58.99 0.51
C GLN IA 411 12.68 -59.18 0.15
N ASP IA 412 13.41 -58.09 -0.08
CA ASP IA 412 14.82 -58.23 -0.44
C ASP IA 412 15.50 -59.04 0.68
N PRO IA 413 15.90 -60.29 0.38
CA PRO IA 413 16.56 -61.17 1.35
C PRO IA 413 17.71 -60.52 2.11
N THR IA 414 18.53 -59.76 1.39
CA THR IA 414 19.68 -59.12 2.02
C THR IA 414 19.31 -58.17 3.16
N GLN IA 415 18.29 -57.35 2.98
CA GLN IA 415 17.87 -56.41 4.01
C GLN IA 415 17.46 -57.11 5.31
N ILE IA 416 17.12 -58.40 5.23
CA ILE IA 416 16.69 -59.15 6.40
C ILE IA 416 17.63 -59.06 7.60
N VAL IA 417 18.93 -58.87 7.36
CA VAL IA 417 19.87 -58.75 8.47
C VAL IA 417 19.58 -57.49 9.28
N GLN IA 418 19.36 -56.36 8.58
CA GLN IA 418 19.06 -55.08 9.22
C GLN IA 418 17.75 -55.10 9.98
N ILE IA 419 16.74 -55.73 9.39
CA ILE IA 419 15.43 -55.81 10.02
C ILE IA 419 15.58 -56.46 11.39
N VAL IA 420 16.32 -57.56 11.45
CA VAL IA 420 16.53 -58.24 12.72
C VAL IA 420 17.42 -57.37 13.63
N ASN IA 421 18.49 -56.81 13.06
CA ASN IA 421 19.40 -55.96 13.83
C ASN IA 421 18.68 -54.82 14.53
N GLU IA 422 17.79 -54.14 13.81
CA GLU IA 422 17.03 -53.01 14.36
C GLU IA 422 15.87 -53.47 15.25
N CYS IA 423 15.07 -54.41 14.74
CA CYS IA 423 13.93 -54.91 15.51
C CYS IA 423 14.32 -55.41 16.90
N ALA IA 424 15.61 -55.72 17.08
CA ALA IA 424 16.08 -56.22 18.37
C ALA IA 424 16.88 -55.17 19.14
N ASN IA 425 17.10 -54.00 18.53
CA ASN IA 425 17.83 -52.91 19.18
C ASN IA 425 19.32 -53.17 19.36
N ASN IA 426 19.94 -53.82 18.37
CA ASN IA 426 21.38 -54.10 18.40
C ASN IA 426 21.79 -55.08 19.50
N LEU IA 427 20.92 -55.31 20.48
CA LEU IA 427 21.25 -56.26 21.54
C LEU IA 427 21.68 -57.55 20.88
N LEU IA 428 21.01 -57.86 19.77
CA LEU IA 428 21.29 -59.06 18.99
C LEU IA 428 21.67 -58.63 17.59
N ASN IA 429 22.86 -59.03 17.14
CA ASN IA 429 23.31 -58.70 15.79
C ASN IA 429 23.66 -59.99 15.02
N SER IA 430 23.13 -60.13 13.81
CA SER IA 430 23.37 -61.34 13.04
C SER IA 430 23.90 -61.11 11.63
N THR IA 431 24.00 -62.20 10.88
CA THR IA 431 24.48 -62.19 9.51
C THR IA 431 23.84 -63.40 8.82
N ILE IA 432 23.26 -63.18 7.65
CA ILE IA 432 22.59 -64.27 6.96
C ILE IA 432 22.93 -64.38 5.47
N PRO IA 433 23.98 -65.14 5.13
CA PRO IA 433 24.34 -65.25 3.71
C PRO IA 433 23.15 -65.71 2.86
N ILE IA 434 22.98 -65.09 1.69
CA ILE IA 434 21.89 -65.42 0.77
C ILE IA 434 22.32 -65.31 -0.68
N SER IA 435 22.42 -66.45 -1.37
CA SER IA 435 22.82 -66.45 -2.76
C SER IA 435 21.80 -65.73 -3.64
N LEU IA 436 22.13 -64.54 -4.12
CA LEU IA 436 21.22 -63.80 -4.99
C LEU IA 436 21.19 -64.52 -6.33
N ARG IA 437 20.00 -64.66 -6.91
CA ARG IA 437 19.87 -65.37 -8.18
C ARG IA 437 18.94 -64.63 -9.15
N PRO IA 438 18.94 -65.04 -10.43
CA PRO IA 438 18.07 -64.37 -11.39
C PRO IA 438 16.65 -64.49 -10.86
N THR IA 439 16.36 -65.63 -10.24
CA THR IA 439 15.06 -65.88 -9.63
C THR IA 439 15.31 -66.00 -8.14
N ILE IA 440 14.25 -65.80 -7.38
CA ILE IA 440 14.34 -65.84 -5.93
C ILE IA 440 13.01 -65.20 -5.57
N LEU IA 441 12.41 -65.62 -4.47
CA LEU IA 441 11.13 -65.04 -4.11
C LEU IA 441 10.84 -65.25 -2.64
N CYS IA 442 10.85 -64.15 -1.89
CA CYS IA 442 10.61 -64.22 -0.45
C CYS IA 442 9.37 -63.43 -0.08
N PRO IA 443 8.18 -64.03 -0.22
CA PRO IA 443 6.96 -63.30 0.14
C PRO IA 443 6.84 -63.15 1.65
N TRP IA 444 7.65 -62.26 2.22
CA TRP IA 444 7.62 -62.02 3.66
C TRP IA 444 7.38 -60.55 3.97
N PHE IA 445 7.30 -59.70 2.95
CA PHE IA 445 7.11 -58.27 3.18
C PHE IA 445 5.72 -57.66 2.91
N ALA IA 446 5.21 -56.93 3.89
CA ALA IA 446 3.91 -56.26 3.77
C ALA IA 446 4.17 -54.78 4.12
N SER IA 447 3.69 -53.88 3.27
CA SER IA 447 3.89 -52.45 3.51
C SER IA 447 3.07 -51.95 4.70
N SER IA 448 3.51 -50.86 5.32
CA SER IA 448 2.80 -50.28 6.46
C SER IA 448 1.41 -49.87 5.95
N GLU IA 449 1.35 -49.57 4.66
CA GLU IA 449 0.10 -49.18 4.02
C GLU IA 449 -0.94 -50.27 4.23
N ASP IA 450 -0.48 -51.52 4.09
CA ASP IA 450 -1.30 -52.71 4.25
C ASP IA 450 -1.50 -53.07 5.72
N LEU IA 451 -0.40 -53.23 6.44
CA LEU IA 451 -0.42 -53.61 7.86
C LEU IA 451 -1.45 -52.88 8.72
N ARG IA 452 -1.83 -51.67 8.32
CA ARG IA 452 -2.81 -50.91 9.08
C ARG IA 452 -4.23 -51.41 8.77
N LEU IA 453 -4.46 -51.93 7.57
CA LEU IA 453 -5.79 -52.44 7.25
C LEU IA 453 -5.88 -53.80 7.90
N GLN IA 454 -4.73 -54.32 8.31
CA GLN IA 454 -4.64 -55.62 8.97
C GLN IA 454 -4.85 -55.38 10.47
N GLN IA 455 -4.43 -54.21 10.93
CA GLN IA 455 -4.56 -53.85 12.33
C GLN IA 455 -6.01 -53.60 12.65
N VAL IA 456 -6.61 -52.63 11.97
CA VAL IA 456 -8.02 -52.29 12.18
C VAL IA 456 -8.87 -53.52 11.92
N MET IA 457 -8.26 -54.51 11.29
CA MET IA 457 -8.94 -55.76 10.98
C MET IA 457 -9.09 -56.60 12.24
N HIS IA 458 -7.98 -56.76 12.98
CA HIS IA 458 -7.98 -57.52 14.23
C HIS IA 458 -8.89 -56.78 15.20
N LEU IA 459 -9.04 -55.48 14.96
CA LEU IA 459 -9.85 -54.64 15.81
C LEU IA 459 -11.32 -54.98 15.62
N VAL IA 460 -11.65 -55.50 14.45
CA VAL IA 460 -13.02 -55.87 14.14
C VAL IA 460 -13.36 -57.24 14.68
N ASN IA 461 -12.43 -58.19 14.56
CA ASN IA 461 -12.70 -59.54 15.03
C ASN IA 461 -12.80 -59.59 16.55
N ILE IA 462 -11.95 -58.82 17.23
CA ILE IA 462 -12.01 -58.83 18.69
C ILE IA 462 -13.30 -58.17 19.15
N SER IA 463 -13.64 -57.02 18.55
CA SER IA 463 -14.86 -56.30 18.89
C SER IA 463 -14.96 -56.10 20.39
N SER IA 464 -16.17 -55.84 20.89
CA SER IA 464 -16.38 -55.64 22.32
C SER IA 464 -15.93 -56.85 23.12
N ASN IA 465 -15.99 -58.03 22.49
CA ASN IA 465 -15.60 -59.28 23.13
C ASN IA 465 -14.26 -59.15 23.86
N THR IA 466 -14.30 -59.14 25.18
CA THR IA 466 -13.07 -58.99 25.96
C THR IA 466 -12.28 -60.30 25.99
N ALA IA 467 -12.98 -61.43 25.91
CA ALA IA 467 -12.34 -62.75 25.95
C ALA IA 467 -11.37 -63.01 24.79
N ALA IA 468 -11.60 -62.35 23.66
CA ALA IA 468 -10.73 -62.51 22.48
C ALA IA 468 -9.61 -61.50 22.50
N ALA IA 469 -9.76 -60.46 23.32
CA ALA IA 469 -8.74 -59.42 23.43
C ALA IA 469 -7.72 -59.86 24.50
N LEU IA 470 -8.22 -60.52 25.54
CA LEU IA 470 -7.36 -61.00 26.63
C LEU IA 470 -6.28 -61.98 26.16
N PRO IA 471 -6.57 -62.80 25.13
CA PRO IA 471 -5.57 -63.75 24.65
C PRO IA 471 -4.33 -62.98 24.20
N LEU IA 472 -4.55 -61.78 23.65
CA LEU IA 472 -3.45 -60.95 23.17
C LEU IA 472 -2.55 -60.37 24.26
N VAL IA 473 -3.12 -59.98 25.39
CA VAL IA 473 -2.31 -59.39 26.45
C VAL IA 473 -1.59 -60.41 27.32
N GLU IA 474 -1.97 -61.68 27.21
CA GLU IA 474 -1.30 -62.72 27.98
C GLU IA 474 -0.25 -63.34 27.07
N ALA IA 475 -0.51 -63.25 25.77
CA ALA IA 475 0.43 -63.76 24.79
C ALA IA 475 1.70 -62.96 25.05
N LEU IA 476 1.51 -61.68 25.35
CA LEU IA 476 2.63 -60.78 25.62
C LEU IA 476 3.09 -60.94 27.07
N SER IA 477 2.14 -61.13 28.00
CA SER IA 477 2.46 -61.31 29.41
C SER IA 477 3.40 -62.50 29.62
N THR IA 478 3.42 -63.41 28.65
CA THR IA 478 4.31 -64.55 28.75
C THR IA 478 5.66 -64.05 28.28
N LEU IA 479 5.77 -63.84 26.96
CA LEU IA 479 6.99 -63.34 26.36
C LEU IA 479 7.71 -62.32 27.24
N LEU IA 480 6.96 -61.39 27.81
CA LEU IA 480 7.56 -60.38 28.67
C LEU IA 480 8.29 -61.05 29.82
N ARG IA 481 7.52 -61.71 30.70
CA ARG IA 481 8.10 -62.39 31.85
C ARG IA 481 9.18 -63.42 31.53
N SER IA 482 8.94 -64.24 30.51
CA SER IA 482 9.91 -65.27 30.13
C SER IA 482 11.17 -64.70 29.49
N VAL IA 483 11.32 -63.38 29.52
CA VAL IA 483 12.48 -62.74 28.90
C VAL IA 483 13.14 -61.66 29.77
N THR IA 484 12.41 -61.19 30.79
CA THR IA 484 12.90 -60.14 31.68
C THR IA 484 14.03 -60.55 32.63
N PRO IA 485 14.99 -59.64 32.87
CA PRO IA 485 16.12 -59.93 33.77
C PRO IA 485 15.61 -59.79 35.18
N LEU IA 486 14.47 -59.12 35.29
CA LEU IA 486 13.82 -58.87 36.58
C LEU IA 486 13.21 -60.13 37.15
N VAL IA 487 13.55 -60.44 38.40
CA VAL IA 487 12.99 -61.59 39.10
C VAL IA 487 12.36 -61.08 40.41
N LEU IA 488 11.03 -61.08 40.44
CA LEU IA 488 10.28 -60.59 41.60
C LEU IA 488 10.27 -61.57 42.78
N ASP IA 489 10.59 -61.09 43.98
CA ASP IA 489 10.57 -61.95 45.16
C ASP IA 489 10.54 -61.14 46.46
N PRO IA 490 9.44 -61.28 47.21
CA PRO IA 490 9.18 -60.60 48.48
C PRO IA 490 10.03 -61.01 49.67
N THR IA 491 10.93 -61.96 49.50
CA THR IA 491 11.76 -62.38 50.63
C THR IA 491 12.33 -61.15 51.33
N VAL IA 492 13.07 -60.31 50.61
CA VAL IA 492 13.65 -59.11 51.21
C VAL IA 492 12.58 -58.23 51.85
N LEU IA 493 11.50 -57.98 51.11
CA LEU IA 493 10.42 -57.15 51.61
C LEU IA 493 9.85 -57.75 52.90
N THR IA 494 9.51 -59.04 52.86
CA THR IA 494 8.95 -59.72 54.02
C THR IA 494 9.86 -59.52 55.23
N ASN IA 495 11.15 -59.85 55.09
CA ASN IA 495 12.07 -59.69 56.21
C ASN IA 495 11.89 -58.30 56.78
N ALA IA 496 12.28 -57.30 56.00
CA ALA IA 496 12.17 -55.90 56.39
C ALA IA 496 10.89 -55.59 57.17
N ILE IA 497 9.74 -55.95 56.60
CA ILE IA 497 8.47 -55.70 57.24
C ILE IA 497 8.25 -56.65 58.42
N THR IA 498 8.31 -57.97 58.18
CA THR IA 498 8.11 -58.97 59.24
C THR IA 498 8.74 -58.66 60.59
N THR IA 499 9.82 -57.87 60.63
CA THR IA 499 10.44 -57.58 61.91
C THR IA 499 9.47 -56.77 62.76
N ILE IA 500 9.20 -55.54 62.35
CA ILE IA 500 8.28 -54.67 63.09
C ILE IA 500 6.81 -54.94 62.80
N SER IA 501 6.36 -56.16 63.08
CA SER IA 501 4.97 -56.52 62.86
C SER IA 501 4.53 -57.66 63.76
N ASP IA 524 4.82 -66.06 40.90
CA ASP IA 524 3.74 -65.61 40.03
C ASP IA 524 3.24 -64.23 40.41
N TYR IA 525 3.22 -63.33 39.42
CA TYR IA 525 2.73 -61.97 39.62
C TYR IA 525 2.02 -61.52 38.35
N ALA IA 526 1.14 -62.38 37.85
CA ALA IA 526 0.39 -62.08 36.63
C ALA IA 526 -0.16 -60.66 36.67
N ALA IA 527 -0.68 -60.25 37.82
CA ALA IA 527 -1.21 -58.90 37.98
C ALA IA 527 -0.23 -57.87 37.39
N PHE IA 528 1.02 -57.95 37.85
CA PHE IA 528 2.08 -57.05 37.40
C PHE IA 528 2.37 -57.21 35.90
N TRP IA 529 2.72 -58.43 35.50
CA TRP IA 529 3.04 -58.72 34.09
C TRP IA 529 1.86 -58.52 33.16
N LYS IA 530 0.65 -58.58 33.71
CA LYS IA 530 -0.55 -58.38 32.93
C LYS IA 530 -0.89 -56.90 33.13
N CYS IA 531 0.14 -56.08 33.28
CA CYS IA 531 -0.07 -54.64 33.47
C CYS IA 531 0.89 -53.90 32.57
N ILE IA 532 2.00 -54.58 32.25
CA ILE IA 532 2.98 -54.01 31.36
C ILE IA 532 2.59 -54.50 29.97
N ALA IA 533 2.20 -55.77 29.88
CA ALA IA 533 1.76 -56.33 28.61
C ALA IA 533 0.42 -55.67 28.34
N SER IA 534 -0.12 -55.03 29.38
CA SER IA 534 -1.41 -54.34 29.28
C SER IA 534 -1.23 -52.99 28.59
N TRP IA 535 -0.06 -52.38 28.76
CA TRP IA 535 0.25 -51.10 28.14
C TRP IA 535 0.50 -51.24 26.66
N ALA IA 536 1.13 -52.34 26.28
CA ALA IA 536 1.45 -52.60 24.88
C ALA IA 536 0.17 -52.67 24.07
N TYR IA 537 -0.96 -52.84 24.76
CA TYR IA 537 -2.26 -52.90 24.09
C TYR IA 537 -3.25 -51.90 24.69
N ASN IA 538 -2.69 -50.89 25.36
CA ASN IA 538 -3.48 -49.82 25.94
C ASN IA 538 -4.24 -49.22 24.76
N GLY IA 539 -5.48 -49.68 24.59
CA GLY IA 539 -6.27 -49.19 23.48
C GLY IA 539 -7.14 -50.29 22.89
N LEU IA 540 -6.88 -51.51 23.32
CA LEU IA 540 -7.62 -52.68 22.88
C LEU IA 540 -8.16 -53.35 24.14
N VAL IA 541 -7.48 -53.08 25.25
CA VAL IA 541 -7.82 -53.63 26.55
C VAL IA 541 -7.07 -52.86 27.66
N THR IA 542 -7.77 -51.96 28.35
CA THR IA 542 -7.14 -51.20 29.43
C THR IA 542 -7.13 -52.07 30.67
N THR IA 543 -6.33 -51.68 31.65
CA THR IA 543 -6.26 -52.43 32.90
C THR IA 543 -6.74 -51.46 33.98
N VAL IA 544 -7.93 -51.72 34.51
CA VAL IA 544 -8.51 -50.88 35.54
C VAL IA 544 -8.22 -51.50 36.89
N LEU IA 545 -8.61 -50.84 37.97
CA LEU IA 545 -8.36 -51.39 39.31
C LEU IA 545 -9.59 -52.14 39.83
N SER IA 546 -9.43 -53.42 40.17
CA SER IA 546 -10.53 -54.23 40.66
C SER IA 546 -11.33 -53.44 41.71
N GLU IA 547 -12.64 -53.37 41.54
CA GLU IA 547 -13.50 -52.63 42.45
C GLU IA 547 -13.28 -52.99 43.92
N ASP IA 548 -12.90 -54.23 44.19
CA ASP IA 548 -12.66 -54.67 45.58
C ASP IA 548 -11.60 -53.81 46.25
N ALA IA 549 -10.61 -53.38 45.46
CA ALA IA 549 -9.52 -52.56 45.96
C ALA IA 549 -10.03 -51.33 46.70
N PHE IA 550 -10.97 -50.62 46.09
CA PHE IA 550 -11.52 -49.42 46.72
C PHE IA 550 -12.15 -49.72 48.07
N PRO IA 551 -12.02 -48.77 49.03
CA PRO IA 551 -12.58 -48.91 50.38
C PRO IA 551 -13.95 -48.24 50.53
N ASP IA 552 -15.00 -49.05 50.43
CA ASP IA 552 -16.40 -48.61 50.54
C ASP IA 552 -16.65 -47.19 51.04
N SER IA 553 -17.10 -46.32 50.14
CA SER IA 553 -17.40 -44.92 50.46
C SER IA 553 -18.59 -44.83 51.42
N SER IA 554 -18.28 -44.95 52.71
CA SER IA 554 -19.26 -44.90 53.80
C SER IA 554 -18.44 -45.36 54.99
N GLN IA 555 -17.18 -45.66 54.68
CA GLN IA 555 -16.22 -46.12 55.66
C GLN IA 555 -15.39 -44.90 56.04
N SER IA 556 -14.80 -44.91 57.23
CA SER IA 556 -13.99 -43.78 57.66
C SER IA 556 -12.51 -44.01 57.36
N ILE IA 557 -11.71 -42.99 57.64
CA ILE IA 557 -10.29 -43.11 57.42
C ILE IA 557 -9.69 -43.61 58.73
N THR IA 558 -10.43 -43.43 59.82
CA THR IA 558 -9.97 -43.89 61.12
C THR IA 558 -9.91 -45.40 61.05
N HIS IA 559 -10.73 -45.99 60.18
CA HIS IA 559 -10.74 -47.44 60.00
C HIS IA 559 -9.43 -47.84 59.32
N LEU IA 560 -8.50 -48.40 60.09
CA LEU IA 560 -7.19 -48.81 59.57
C LEU IA 560 -7.20 -49.76 58.36
N PRO IA 561 -7.97 -50.86 58.44
CA PRO IA 561 -8.00 -51.81 57.31
C PRO IA 561 -8.37 -51.07 56.02
N SER IA 562 -9.17 -50.02 56.19
CA SER IA 562 -9.64 -49.19 55.08
C SER IA 562 -8.59 -48.25 54.52
N MET IA 563 -7.90 -47.54 55.40
CA MET IA 563 -6.88 -46.60 54.96
C MET IA 563 -5.69 -47.33 54.31
N TRP IA 564 -5.53 -48.62 54.60
CA TRP IA 564 -4.44 -49.39 54.02
C TRP IA 564 -4.87 -49.87 52.64
N LYS IA 565 -6.12 -50.29 52.53
CA LYS IA 565 -6.67 -50.76 51.26
C LYS IA 565 -6.60 -49.59 50.29
N CYS IA 566 -6.37 -48.41 50.84
CA CYS IA 566 -6.27 -47.17 50.08
C CYS IA 566 -4.82 -46.91 49.68
N LEU IA 567 -3.90 -47.10 50.63
CA LEU IA 567 -2.48 -46.91 50.39
C LEU IA 567 -1.98 -47.87 49.30
N PHE IA 568 -2.59 -49.04 49.22
CA PHE IA 568 -2.23 -50.03 48.20
C PHE IA 568 -2.85 -49.64 46.87
N LEU IA 569 -3.93 -48.88 46.95
CA LEU IA 569 -4.64 -48.44 45.76
C LEU IA 569 -3.94 -47.23 45.10
N THR IA 570 -2.90 -46.73 45.75
CA THR IA 570 -2.17 -45.59 45.20
C THR IA 570 -0.84 -46.08 44.65
N LEU IA 571 -0.06 -46.70 45.52
CA LEU IA 571 1.23 -47.24 45.14
C LEU IA 571 1.12 -48.00 43.82
N ALA IA 572 -0.05 -48.60 43.58
CA ALA IA 572 -0.30 -49.39 42.38
C ALA IA 572 -1.05 -48.66 41.27
N GLY IA 573 -1.57 -47.48 41.59
CA GLY IA 573 -2.31 -46.71 40.60
C GLY IA 573 -1.63 -46.54 39.24
N PRO IA 574 -0.57 -45.74 39.15
CA PRO IA 574 0.15 -45.51 37.89
C PRO IA 574 0.45 -46.80 37.14
N MET IA 575 0.65 -47.87 37.89
CA MET IA 575 0.98 -49.18 37.32
C MET IA 575 -0.07 -49.67 36.32
N THR IA 576 -1.27 -49.08 36.35
CA THR IA 576 -2.33 -49.49 35.44
C THR IA 576 -2.39 -48.62 34.20
N SER IA 577 -3.27 -48.98 33.28
CA SER IA 577 -3.41 -48.24 32.03
C SER IA 577 -4.79 -47.63 31.86
N ASP IA 578 -5.47 -47.33 32.96
CA ASP IA 578 -6.79 -46.71 32.89
C ASP IA 578 -6.61 -45.19 32.85
N PRO IA 579 -7.12 -44.53 31.80
CA PRO IA 579 -6.98 -43.08 31.70
C PRO IA 579 -7.64 -42.34 32.87
N HIS IA 580 -8.40 -43.08 33.67
CA HIS IA 580 -9.10 -42.51 34.82
C HIS IA 580 -8.56 -42.92 36.17
N SER IA 581 -7.36 -43.49 36.22
CA SER IA 581 -6.82 -43.92 37.50
C SER IA 581 -6.44 -42.73 38.39
N PRO IA 582 -5.72 -41.74 37.85
CA PRO IA 582 -5.32 -40.57 38.64
C PRO IA 582 -6.48 -39.95 39.42
N VAL IA 583 -7.70 -40.14 38.93
CA VAL IA 583 -8.88 -39.62 39.60
C VAL IA 583 -9.41 -40.64 40.59
N LYS IA 584 -9.75 -41.85 40.11
CA LYS IA 584 -10.26 -42.90 40.98
C LYS IA 584 -9.39 -43.00 42.24
N VAL IA 585 -8.07 -42.87 42.07
CA VAL IA 585 -7.15 -42.91 43.21
C VAL IA 585 -7.46 -41.74 44.12
N PHE IA 586 -7.18 -40.53 43.65
CA PHE IA 586 -7.46 -39.32 44.44
C PHE IA 586 -8.82 -39.38 45.10
N MET IA 587 -9.78 -39.92 44.37
CA MET IA 587 -11.15 -40.02 44.86
C MET IA 587 -11.32 -40.96 46.03
N ALA IA 588 -10.61 -42.08 46.00
CA ALA IA 588 -10.67 -43.07 47.07
C ALA IA 588 -10.43 -42.38 48.42
N LEU IA 589 -9.45 -41.50 48.46
CA LEU IA 589 -9.13 -40.79 49.69
C LEU IA 589 -10.12 -39.65 49.92
N ALA IA 590 -10.72 -39.13 48.86
CA ALA IA 590 -11.69 -38.05 49.01
C ALA IA 590 -12.92 -38.67 49.67
N ASN IA 591 -13.04 -39.99 49.54
CA ASN IA 591 -14.15 -40.74 50.13
C ASN IA 591 -13.89 -41.02 51.59
N LEU IA 592 -12.85 -41.79 51.86
CA LEU IA 592 -12.49 -42.17 53.21
C LEU IA 592 -12.66 -41.03 54.19
N LEU IA 593 -11.90 -39.96 54.03
CA LEU IA 593 -12.06 -38.84 54.94
C LEU IA 593 -13.06 -37.87 54.35
N ALA IA 594 -14.34 -38.23 54.48
CA ALA IA 594 -15.44 -37.43 53.97
C ALA IA 594 -15.93 -36.51 55.08
N GLN IA 595 -15.67 -36.88 56.33
CA GLN IA 595 -16.10 -36.04 57.43
C GLN IA 595 -14.99 -35.16 57.99
N PRO IA 596 -13.76 -35.68 58.06
CA PRO IA 596 -12.74 -34.78 58.60
C PRO IA 596 -12.38 -33.69 57.57
N GLU IA 597 -12.44 -34.05 56.29
CA GLU IA 597 -12.15 -33.10 55.22
C GLU IA 597 -13.36 -33.00 54.32
N PRO IA 598 -14.48 -32.48 54.82
CA PRO IA 598 -15.67 -32.38 53.97
C PRO IA 598 -15.58 -31.31 52.88
N ILE IA 599 -14.97 -31.67 51.76
CA ILE IA 599 -14.81 -30.73 50.64
C ILE IA 599 -15.88 -30.98 49.57
N ALA IA 600 -16.45 -29.90 49.05
CA ALA IA 600 -17.49 -30.00 48.03
C ALA IA 600 -16.93 -30.45 46.68
N ILE IA 601 -17.65 -31.37 46.02
CA ILE IA 601 -17.25 -31.89 44.72
C ILE IA 601 -18.00 -31.18 43.59
N GLY IA 602 -17.24 -30.57 42.67
CA GLY IA 602 -17.86 -29.86 41.57
C GLY IA 602 -18.85 -30.62 40.70
N VAL IA 603 -18.44 -31.78 40.17
CA VAL IA 603 -19.30 -32.59 39.31
C VAL IA 603 -20.72 -32.74 39.87
N PRO IA 604 -21.71 -32.17 39.16
CA PRO IA 604 -23.13 -32.21 39.56
C PRO IA 604 -23.67 -33.62 39.80
N GLY IA 605 -24.60 -33.74 40.74
CA GLY IA 605 -25.18 -35.04 41.04
C GLY IA 605 -24.24 -36.00 41.73
N MET IA 606 -23.05 -35.52 42.11
CA MET IA 606 -22.08 -36.36 42.78
C MET IA 606 -21.49 -35.70 44.02
N HIS IA 607 -21.29 -36.50 45.07
CA HIS IA 607 -20.78 -35.98 46.32
C HIS IA 607 -19.59 -36.75 46.86
N GLN IA 608 -18.76 -36.05 47.62
CA GLN IA 608 -17.55 -36.60 48.22
C GLN IA 608 -17.67 -38.06 48.64
N THR IA 609 -18.91 -38.48 48.90
CA THR IA 609 -19.19 -39.84 49.34
C THR IA 609 -19.61 -40.80 48.23
N THR IA 610 -19.40 -40.40 46.97
CA THR IA 610 -19.74 -41.25 45.84
C THR IA 610 -18.65 -42.29 45.65
N PRO IA 611 -19.04 -43.57 45.50
CA PRO IA 611 -18.03 -44.62 45.32
C PRO IA 611 -16.99 -44.23 44.27
N ALA IA 612 -15.72 -44.25 44.68
CA ALA IA 612 -14.62 -43.88 43.80
C ALA IA 612 -14.69 -44.54 42.42
N SER IA 613 -14.87 -45.87 42.39
CA SER IA 613 -14.97 -46.62 41.13
C SER IA 613 -15.78 -45.79 40.13
N GLN IA 614 -17.00 -45.47 40.55
CA GLN IA 614 -17.96 -44.68 39.79
C GLN IA 614 -17.39 -43.62 38.84
N PHE IA 615 -16.37 -42.87 39.28
CA PHE IA 615 -15.74 -41.84 38.44
C PHE IA 615 -14.91 -42.48 37.32
N SER IA 616 -15.47 -42.55 36.11
CA SER IA 616 -14.76 -43.15 34.99
C SER IA 616 -15.08 -42.45 33.67
N HIS IA 617 -15.18 -41.13 33.72
CA HIS IA 617 -15.44 -40.33 32.54
C HIS IA 617 -14.74 -39.00 32.77
N PRO IA 618 -14.04 -38.49 31.76
CA PRO IA 618 -13.32 -37.22 31.87
C PRO IA 618 -14.21 -36.07 32.27
N GLY IA 619 -15.52 -36.28 32.17
CA GLY IA 619 -16.47 -35.25 32.56
C GLY IA 619 -16.61 -35.22 34.06
N VAL IA 620 -16.86 -36.39 34.66
CA VAL IA 620 -17.05 -36.52 36.10
C VAL IA 620 -15.89 -36.04 36.99
N TRP IA 621 -14.70 -35.88 36.40
CA TRP IA 621 -13.53 -35.41 37.17
C TRP IA 621 -13.86 -34.19 38.03
N PRO IA 622 -13.53 -34.24 39.33
CA PRO IA 622 -13.81 -33.09 40.21
C PRO IA 622 -12.98 -31.88 39.81
N PRO IA 623 -13.58 -30.67 39.86
CA PRO IA 623 -12.82 -29.48 39.50
C PRO IA 623 -11.71 -29.27 40.52
N GLY IA 624 -12.01 -29.61 41.78
CA GLY IA 624 -11.03 -29.47 42.84
C GLY IA 624 -9.78 -30.26 42.51
N PHE IA 625 -9.97 -31.44 41.91
CA PHE IA 625 -8.85 -32.29 41.53
C PHE IA 625 -8.12 -31.72 40.31
N LEU IA 626 -8.88 -31.13 39.40
CA LEU IA 626 -8.32 -30.55 38.19
C LEU IA 626 -7.49 -29.32 38.53
N ASN IA 627 -7.72 -28.78 39.71
CA ASN IA 627 -7.00 -27.60 40.17
C ASN IA 627 -6.91 -27.62 41.69
N PRO IA 628 -5.84 -28.21 42.24
CA PRO IA 628 -5.65 -28.28 43.69
C PRO IA 628 -6.01 -27.00 44.43
N GLN IA 629 -5.70 -25.85 43.81
CA GLN IA 629 -6.01 -24.55 44.42
C GLN IA 629 -7.42 -24.48 45.01
N LEU IA 630 -8.39 -25.02 44.30
CA LEU IA 630 -9.77 -24.99 44.75
C LEU IA 630 -10.00 -25.51 46.17
N ILE IA 631 -9.26 -26.55 46.56
CA ILE IA 631 -9.39 -27.11 47.91
C ILE IA 631 -8.60 -26.18 48.83
N ASN IA 632 -8.92 -26.15 50.12
CA ASN IA 632 -8.19 -25.28 51.04
C ASN IA 632 -7.22 -26.05 51.90
N PRO IA 633 -6.06 -25.46 52.20
CA PRO IA 633 -5.06 -26.13 53.04
C PRO IA 633 -5.55 -26.45 54.46
N GLN IA 634 -6.22 -25.49 55.10
CA GLN IA 634 -6.73 -25.68 56.45
C GLN IA 634 -8.17 -26.20 56.51
N GLN IA 635 -8.90 -26.07 55.40
CA GLN IA 635 -10.27 -26.57 55.34
C GLN IA 635 -10.17 -28.09 55.26
N ALA IA 636 -9.53 -28.57 54.20
CA ALA IA 636 -9.34 -29.99 53.97
C ALA IA 636 -7.85 -30.21 53.71
N PRO IA 637 -7.02 -30.09 54.76
CA PRO IA 637 -5.57 -30.27 54.65
C PRO IA 637 -5.12 -31.43 53.78
N LEU IA 638 -5.41 -32.64 54.24
CA LEU IA 638 -5.01 -33.84 53.51
C LEU IA 638 -5.33 -33.88 52.02
N LEU IA 639 -6.53 -33.44 51.64
CA LEU IA 639 -6.90 -33.46 50.21
C LEU IA 639 -6.09 -32.46 49.39
N ARG IA 640 -6.06 -31.20 49.83
CA ARG IA 640 -5.31 -30.16 49.12
C ARG IA 640 -3.86 -30.57 49.03
N ALA IA 641 -3.47 -31.53 49.87
CA ALA IA 641 -2.11 -32.05 49.90
C ALA IA 641 -2.01 -33.32 49.06
N PHE IA 642 -3.11 -34.05 48.96
CA PHE IA 642 -3.14 -35.30 48.19
C PHE IA 642 -3.31 -35.02 46.70
N ALA IA 643 -4.19 -34.07 46.37
CA ALA IA 643 -4.40 -33.71 44.97
C ALA IA 643 -3.12 -33.02 44.53
N GLU IA 644 -2.54 -32.21 45.43
CA GLU IA 644 -1.30 -31.50 45.14
C GLU IA 644 -0.25 -32.53 44.75
N HIS IA 645 -0.23 -33.63 45.48
CA HIS IA 645 0.69 -34.74 45.28
C HIS IA 645 0.55 -35.38 43.89
N ILE IA 646 -0.67 -35.80 43.56
CA ILE IA 646 -0.95 -36.44 42.28
C ILE IA 646 -0.72 -35.49 41.11
N ARG IA 647 -1.17 -34.25 41.25
CA ARG IA 647 -1.00 -33.25 40.20
C ARG IA 647 0.48 -33.12 39.85
N ALA IA 648 1.34 -33.36 40.84
CA ALA IA 648 2.77 -33.24 40.65
C ALA IA 648 3.57 -34.48 41.03
N ASN IA 649 3.16 -35.65 40.55
CA ASN IA 649 3.90 -36.88 40.88
C ASN IA 649 3.54 -38.04 39.99
N TRP IA 650 2.29 -38.10 39.57
CA TRP IA 650 1.85 -39.18 38.72
C TRP IA 650 2.80 -39.14 37.53
N PRO IA 651 3.46 -40.28 37.22
CA PRO IA 651 4.41 -40.38 36.11
C PRO IA 651 4.01 -39.69 34.82
N GLN IA 652 5.00 -39.03 34.21
CA GLN IA 652 4.82 -38.31 32.97
C GLN IA 652 4.94 -39.33 31.86
N PRO IA 653 3.90 -39.50 31.04
CA PRO IA 653 4.02 -40.49 29.96
C PRO IA 653 5.22 -40.21 29.03
N SER IA 654 5.44 -41.08 28.07
CA SER IA 654 6.54 -40.89 27.14
C SER IA 654 6.48 -41.91 26.02
N GLU IA 655 7.60 -42.15 25.36
CA GLU IA 655 7.62 -43.10 24.26
C GLU IA 655 9.02 -43.57 23.89
N PHE IA 656 9.11 -44.22 22.74
CA PHE IA 656 10.36 -44.74 22.21
C PHE IA 656 10.07 -45.43 20.89
N GLY IA 657 11.06 -45.51 20.02
CA GLY IA 657 10.86 -46.18 18.75
C GLY IA 657 10.87 -47.67 19.03
N TYR IA 658 10.69 -48.48 17.99
CA TYR IA 658 10.72 -49.93 18.17
C TYR IA 658 10.68 -50.58 16.78
N GLY IA 659 11.12 -51.83 16.70
CA GLY IA 659 11.12 -52.51 15.42
C GLY IA 659 11.98 -51.82 14.38
N SER IA 660 11.96 -52.34 13.16
CA SER IA 660 12.77 -51.78 12.08
C SER IA 660 12.01 -50.74 11.28
N THR IA 661 12.75 -49.93 10.53
CA THR IA 661 12.14 -48.88 9.71
C THR IA 661 11.73 -49.47 8.35
N LEU IA 662 12.42 -50.52 7.93
CA LEU IA 662 12.14 -51.18 6.67
C LEU IA 662 11.03 -52.22 6.90
N GLN IA 663 10.28 -52.04 8.00
CA GLN IA 663 9.20 -52.93 8.36
C GLN IA 663 7.83 -52.49 7.89
N GLY IA 664 7.34 -51.38 8.44
CA GLY IA 664 6.04 -50.87 8.06
C GLY IA 664 5.13 -50.72 9.28
N SER IA 665 5.24 -49.56 9.93
CA SER IA 665 4.47 -49.23 11.13
C SER IA 665 3.50 -50.30 11.64
N ALA IA 666 2.38 -50.46 10.92
CA ALA IA 666 1.36 -51.44 11.29
C ALA IA 666 0.55 -50.95 12.49
N ASN IA 667 0.93 -49.79 13.05
CA ASN IA 667 0.19 -49.22 14.17
C ASN IA 667 -0.62 -48.01 13.68
N LEU IA 668 -1.79 -47.84 14.28
CA LEU IA 668 -2.72 -46.79 13.89
C LEU IA 668 -2.55 -45.36 14.40
N PHE IA 669 -2.89 -45.14 15.68
CA PHE IA 669 -2.83 -43.79 16.24
C PHE IA 669 -1.47 -43.18 16.55
N ILE IA 670 -0.62 -43.91 17.25
CA ILE IA 670 0.71 -43.40 17.60
C ILE IA 670 1.63 -43.48 16.37
N PRO IA 671 2.55 -42.50 16.21
CA PRO IA 671 3.48 -42.45 15.08
C PRO IA 671 4.07 -43.82 14.69
N SER IA 672 4.44 -43.95 13.41
CA SER IA 672 5.00 -45.19 12.87
C SER IA 672 6.08 -45.85 13.72
N ASN IA 673 6.18 -47.18 13.60
CA ASN IA 673 7.13 -48.00 14.36
C ASN IA 673 7.74 -47.19 15.52
N ARG IA 674 6.88 -46.92 16.50
CA ARG IA 674 7.25 -46.15 17.69
C ARG IA 674 6.10 -46.17 18.71
N MET IA 675 6.34 -46.78 19.87
CA MET IA 675 5.33 -46.92 20.92
C MET IA 675 5.15 -45.73 21.87
N VAL IA 676 4.21 -45.90 22.80
CA VAL IA 676 3.90 -44.89 23.81
C VAL IA 676 3.84 -45.56 25.19
N TYR IA 677 4.79 -45.17 26.02
CA TYR IA 677 4.97 -45.72 27.36
C TYR IA 677 4.41 -44.84 28.50
N PRO IA 678 3.83 -45.45 29.56
CA PRO IA 678 3.27 -44.71 30.70
C PRO IA 678 4.29 -43.85 31.45
N TRP IA 679 5.36 -44.50 31.93
CA TRP IA 679 6.41 -43.81 32.69
C TRP IA 679 7.48 -43.29 31.75
N PRO IA 680 8.28 -42.31 32.20
CA PRO IA 680 9.35 -41.76 31.35
C PRO IA 680 10.47 -42.81 31.26
N ASN IA 681 10.93 -43.10 30.05
CA ASN IA 681 11.98 -44.10 29.87
C ASN IA 681 13.35 -43.52 29.50
N GLN IA 682 14.42 -44.28 29.73
CA GLN IA 682 15.78 -43.83 29.42
C GLN IA 682 16.71 -44.98 29.11
N PRO IA 683 17.70 -44.76 28.23
CA PRO IA 683 18.67 -45.79 27.84
C PRO IA 683 19.32 -46.42 29.07
N LEU IA 684 19.28 -47.75 29.14
CA LEU IA 684 19.83 -48.50 30.27
C LEU IA 684 21.21 -48.03 30.77
N PRO IA 685 21.25 -47.21 31.82
CA PRO IA 685 22.49 -46.68 32.40
C PRO IA 685 23.24 -47.73 33.21
N ARG IA 686 24.56 -47.60 33.24
CA ARG IA 686 25.40 -48.51 33.99
C ARG IA 686 24.91 -48.54 35.44
N LEU IA 687 24.34 -49.66 35.86
CA LEU IA 687 23.81 -49.79 37.22
C LEU IA 687 24.69 -49.08 38.26
N THR IA 688 24.05 -48.37 39.17
CA THR IA 688 24.74 -47.66 40.25
C THR IA 688 23.69 -47.25 41.28
N VAL IA 689 24.08 -46.45 42.26
CA VAL IA 689 23.12 -46.03 43.28
C VAL IA 689 22.23 -44.93 42.73
N ALA IA 690 22.70 -44.22 41.71
CA ALA IA 690 21.91 -43.15 41.14
C ALA IA 690 20.67 -43.74 40.45
N PRO IA 691 20.82 -44.31 39.24
CA PRO IA 691 19.65 -44.88 38.57
C PRO IA 691 19.24 -46.15 39.31
N THR IA 692 18.29 -46.02 40.22
CA THR IA 692 17.80 -47.14 41.02
C THR IA 692 17.13 -46.53 42.24
N TYR IA 693 17.02 -45.20 42.22
CA TYR IA 693 16.39 -44.45 43.28
C TYR IA 693 15.82 -43.17 42.68
N ASP IA 694 16.23 -42.88 41.45
CA ASP IA 694 15.78 -41.68 40.73
C ASP IA 694 14.73 -41.96 39.66
N SER IA 695 14.35 -43.23 39.51
CA SER IA 695 13.37 -43.60 38.50
C SER IA 695 12.03 -42.92 38.76
N ALA IA 696 11.20 -42.82 37.74
CA ALA IA 696 9.91 -42.18 37.90
C ALA IA 696 9.15 -42.87 39.01
N MET IA 697 9.07 -44.21 38.91
CA MET IA 697 8.37 -45.04 39.89
C MET IA 697 8.96 -45.00 41.29
N SER IA 698 10.28 -44.88 41.41
CA SER IA 698 10.93 -44.79 42.71
C SER IA 698 10.37 -43.57 43.41
N ASN IA 699 10.27 -42.47 42.67
CA ASN IA 699 9.72 -41.24 43.21
C ASN IA 699 8.29 -41.45 43.66
N TRP IA 700 7.48 -42.02 42.77
CA TRP IA 700 6.08 -42.30 43.08
C TRP IA 700 5.92 -43.19 44.32
N ILE IA 701 6.58 -44.34 44.31
CA ILE IA 701 6.53 -45.26 45.44
C ILE IA 701 6.95 -44.51 46.70
N SER IA 702 8.00 -43.70 46.57
CA SER IA 702 8.53 -42.93 47.69
C SER IA 702 7.57 -41.87 48.24
N THR IA 703 7.36 -40.80 47.46
CA THR IA 703 6.49 -39.70 47.87
C THR IA 703 5.10 -40.12 48.34
N THR IA 704 4.61 -41.27 47.88
CA THR IA 704 3.29 -41.75 48.30
C THR IA 704 3.42 -42.27 49.73
N ILE IA 705 4.29 -43.25 49.91
CA ILE IA 705 4.51 -43.80 51.25
C ILE IA 705 4.78 -42.64 52.18
N ALA IA 706 5.53 -41.66 51.69
CA ALA IA 706 5.85 -40.48 52.47
C ALA IA 706 4.53 -39.82 52.89
N PHE IA 707 3.66 -39.59 51.91
CA PHE IA 707 2.36 -38.94 52.14
C PHE IA 707 1.45 -39.72 53.09
N PHE IA 708 1.37 -41.03 52.93
CA PHE IA 708 0.51 -41.81 53.82
C PHE IA 708 1.05 -41.90 55.24
N ILE IA 709 2.36 -41.76 55.41
CA ILE IA 709 2.95 -41.81 56.74
C ILE IA 709 2.45 -40.63 57.56
N ARG IA 710 2.10 -39.54 56.89
CA ARG IA 710 1.60 -38.36 57.57
C ARG IA 710 0.10 -38.48 57.77
N VAL IA 711 -0.53 -39.36 57.00
CA VAL IA 711 -1.97 -39.58 57.11
C VAL IA 711 -2.27 -40.49 58.29
N VAL IA 712 -1.46 -41.54 58.46
CA VAL IA 712 -1.67 -42.46 59.56
C VAL IA 712 -1.19 -41.79 60.84
N ASN IA 713 -0.67 -40.57 60.71
CA ASN IA 713 -0.21 -39.84 61.89
C ASN IA 713 -1.07 -38.62 62.11
N SER IA 714 -2.20 -38.55 61.42
CA SER IA 714 -3.08 -37.40 61.57
C SER IA 714 -3.64 -37.38 62.98
N VAL IA 715 -4.11 -36.22 63.43
CA VAL IA 715 -4.69 -36.09 64.76
C VAL IA 715 -5.97 -36.90 64.76
N ASN IA 716 -6.68 -36.86 63.63
CA ASN IA 716 -7.94 -37.58 63.46
C ASN IA 716 -7.80 -39.08 63.70
N MET IA 717 -6.68 -39.64 63.24
CA MET IA 717 -6.41 -41.06 63.40
C MET IA 717 -6.58 -41.48 64.85
N THR IA 718 -6.14 -40.62 65.77
CA THR IA 718 -6.22 -40.88 67.19
C THR IA 718 -7.53 -41.57 67.58
N ALA IA 719 -8.64 -41.04 67.11
CA ALA IA 719 -9.96 -41.59 67.42
C ALA IA 719 -9.96 -43.12 67.56
N THR IA 720 -9.37 -43.82 66.59
CA THR IA 720 -9.33 -45.27 66.65
C THR IA 720 -7.94 -45.89 66.66
N VAL IA 721 -6.94 -45.15 66.18
CA VAL IA 721 -5.58 -45.69 66.13
C VAL IA 721 -4.84 -45.49 67.46
N ASN IA 722 -4.30 -46.58 67.97
CA ASN IA 722 -3.57 -46.59 69.23
C ASN IA 722 -2.25 -45.85 69.02
N ASP IA 723 -1.63 -45.39 70.11
CA ASP IA 723 -0.36 -44.68 69.98
C ASP IA 723 0.74 -45.65 69.54
N LEU IA 724 0.71 -46.86 70.10
CA LEU IA 724 1.69 -47.88 69.74
C LEU IA 724 1.45 -48.34 68.30
N THR IA 725 0.21 -48.73 68.01
CA THR IA 725 -0.15 -49.20 66.67
C THR IA 725 -0.03 -48.09 65.62
N ARG IA 726 -0.11 -46.83 66.04
CA ARG IA 726 0.04 -45.73 65.07
C ARG IA 726 1.49 -45.67 64.68
N ARG IA 727 2.35 -46.07 65.61
CA ARG IA 727 3.79 -46.06 65.36
C ARG IA 727 4.15 -47.28 64.52
N THR IA 728 3.48 -48.39 64.81
CA THR IA 728 3.70 -49.64 64.08
C THR IA 728 3.29 -49.45 62.62
N MET IA 729 2.40 -48.50 62.39
CA MET IA 729 1.95 -48.21 61.04
C MET IA 729 3.05 -47.47 60.31
N THR IA 730 3.62 -46.47 60.99
CA THR IA 730 4.72 -45.73 60.39
C THR IA 730 5.87 -46.71 60.21
N GLY IA 731 5.97 -47.67 61.11
CA GLY IA 731 7.03 -48.66 61.04
C GLY IA 731 6.97 -49.47 59.76
N VAL IA 732 5.78 -49.92 59.40
CA VAL IA 732 5.61 -50.74 58.21
C VAL IA 732 5.66 -49.94 56.90
N MET IA 733 4.94 -48.83 56.84
CA MET IA 733 4.94 -48.02 55.63
C MET IA 733 6.32 -47.50 55.31
N THR IA 734 7.19 -47.38 56.32
CA THR IA 734 8.54 -46.89 56.06
C THR IA 734 9.39 -48.05 55.54
N ALA IA 735 9.11 -49.26 56.02
CA ALA IA 735 9.84 -50.43 55.56
C ALA IA 735 9.67 -50.48 54.04
N MET IA 736 8.41 -50.42 53.60
CA MET IA 736 8.11 -50.45 52.17
C MET IA 736 8.86 -49.37 51.41
N ARG IA 737 8.71 -48.12 51.84
CA ARG IA 737 9.38 -47.01 51.19
C ARG IA 737 10.88 -47.26 51.05
N GLN IA 738 11.56 -47.56 52.16
CA GLN IA 738 13.00 -47.79 52.12
C GLN IA 738 13.45 -49.12 51.52
N VAL IA 739 12.53 -50.10 51.40
CA VAL IA 739 12.92 -51.40 50.83
C VAL IA 739 13.65 -51.16 49.52
N LYS IA 740 14.70 -51.91 49.28
CA LYS IA 740 15.47 -51.75 48.06
C LYS IA 740 14.91 -52.59 46.92
N THR IA 741 13.82 -52.09 46.32
CA THR IA 741 13.21 -52.76 45.19
C THR IA 741 13.95 -52.33 43.94
N MET IA 742 14.20 -53.26 43.03
CA MET IA 742 14.93 -52.96 41.80
C MET IA 742 14.01 -52.95 40.59
N THR IA 743 12.70 -53.00 40.81
CA THR IA 743 11.76 -52.98 39.68
C THR IA 743 11.60 -51.53 39.18
N PRO IA 744 11.45 -50.56 40.11
CA PRO IA 744 11.30 -49.17 39.69
C PRO IA 744 12.33 -48.81 38.61
N PHE IA 745 13.52 -49.40 38.74
CA PHE IA 745 14.59 -49.15 37.78
C PHE IA 745 14.36 -49.94 36.51
N TYR IA 746 13.80 -51.13 36.65
CA TYR IA 746 13.53 -51.98 35.49
C TYR IA 746 12.42 -51.39 34.65
N ILE IA 747 11.37 -50.90 35.32
CA ILE IA 747 10.21 -50.33 34.64
C ILE IA 747 10.50 -48.95 34.06
N GLN IA 748 11.77 -48.54 34.07
CA GLN IA 748 12.11 -47.22 33.57
C GLN IA 748 13.39 -47.17 32.74
N HIS IA 749 14.11 -48.29 32.69
CA HIS IA 749 15.36 -48.37 31.92
C HIS IA 749 15.43 -49.66 31.12
N MET IA 750 15.02 -50.76 31.74
CA MET IA 750 15.07 -52.07 31.08
C MET IA 750 13.78 -52.58 30.48
N CYS IA 751 12.64 -52.11 30.99
CA CYS IA 751 11.36 -52.55 30.47
C CYS IA 751 11.00 -51.96 29.11
N PRO IA 752 11.54 -50.78 28.78
CA PRO IA 752 11.19 -50.25 27.46
C PRO IA 752 11.88 -51.08 26.38
N THR IA 753 13.14 -51.43 26.64
CA THR IA 753 13.91 -52.20 25.68
C THR IA 753 13.36 -53.60 25.41
N GLU IA 754 12.45 -54.05 26.26
CA GLU IA 754 11.83 -55.36 26.07
C GLU IA 754 10.62 -55.17 25.17
N LEU IA 755 9.69 -54.33 25.60
CA LEU IA 755 8.51 -54.05 24.81
C LEU IA 755 8.88 -53.60 23.39
N SER IA 756 9.89 -52.73 23.27
CA SER IA 756 10.33 -52.24 21.97
C SER IA 756 10.63 -53.42 21.05
N VAL IA 757 11.30 -54.42 21.60
CA VAL IA 757 11.64 -55.64 20.87
C VAL IA 757 10.45 -56.56 20.80
N LEU IA 758 10.01 -57.03 21.98
CA LEU IA 758 8.87 -57.92 22.07
C LEU IA 758 7.70 -57.45 21.21
N ALA IA 759 7.64 -56.14 20.94
CA ALA IA 759 6.58 -55.56 20.14
C ALA IA 759 6.81 -55.71 18.64
N SER IA 760 7.87 -56.44 18.29
CA SER IA 760 8.18 -56.64 16.88
C SER IA 760 8.13 -58.11 16.50
N VAL IA 761 8.37 -58.99 17.47
CA VAL IA 761 8.37 -60.43 17.25
C VAL IA 761 7.02 -61.06 17.54
N THR IA 762 5.96 -60.28 17.41
CA THR IA 762 4.63 -60.78 17.70
C THR IA 762 3.74 -60.77 16.46
N VAL IA 763 3.14 -61.92 16.14
CA VAL IA 763 2.28 -62.06 14.96
C VAL IA 763 1.18 -61.00 14.91
N THR IA 764 0.92 -60.35 16.04
CA THR IA 764 -0.10 -59.31 16.11
C THR IA 764 0.52 -58.08 16.77
N PRO IA 765 0.85 -57.05 15.96
CA PRO IA 765 1.46 -55.81 16.46
C PRO IA 765 0.61 -55.16 17.54
N PRO IA 766 1.23 -54.29 18.36
CA PRO IA 766 0.56 -53.58 19.45
C PRO IA 766 -0.34 -52.40 19.06
N PHE IA 767 -1.62 -52.49 19.42
CA PHE IA 767 -2.60 -51.44 19.14
C PHE IA 767 -2.43 -50.54 20.36
N GLN IA 768 -2.20 -49.25 20.15
CA GLN IA 768 -1.96 -48.40 21.31
C GLN IA 768 -2.39 -46.93 21.20
N VAL IA 769 -3.47 -46.56 21.88
CA VAL IA 769 -3.96 -45.18 21.88
C VAL IA 769 -3.10 -44.37 22.86
N PRO IA 770 -2.78 -43.12 22.52
CA PRO IA 770 -1.95 -42.23 23.36
C PRO IA 770 -2.32 -42.14 24.85
N PHE IA 771 -1.30 -42.06 25.70
CA PHE IA 771 -1.48 -41.94 27.16
C PHE IA 771 -1.70 -40.46 27.54
N THR IA 772 -2.38 -40.21 28.66
CA THR IA 772 -2.64 -38.82 29.08
C THR IA 772 -2.74 -38.65 30.59
N ARG IA 773 -1.86 -37.84 31.18
CA ARG IA 773 -1.94 -37.68 32.63
C ARG IA 773 -2.55 -36.34 33.08
N LEU IA 774 -3.82 -36.40 33.46
CA LEU IA 774 -4.55 -35.23 33.97
C LEU IA 774 -4.95 -34.14 32.99
N VAL IA 775 -4.52 -34.25 31.73
CA VAL IA 775 -4.84 -33.25 30.72
C VAL IA 775 -6.35 -33.17 30.42
N GLN IA 776 -7.14 -33.90 31.21
CA GLN IA 776 -8.59 -34.00 31.04
C GLN IA 776 -9.08 -33.98 29.60
N ASN IA 777 -9.81 -32.94 29.20
CA ASN IA 777 -10.34 -32.87 27.84
C ASN IA 777 -9.37 -33.21 26.71
N ASP IA 778 -9.18 -34.52 26.52
CA ASP IA 778 -8.32 -35.07 25.49
C ASP IA 778 -8.04 -36.53 25.86
N VAL IA 779 -8.43 -36.90 27.08
CA VAL IA 779 -8.28 -38.27 27.57
C VAL IA 779 -9.31 -39.13 26.84
N ILE IA 780 -8.85 -39.91 25.88
CA ILE IA 780 -9.70 -40.78 25.08
C ILE IA 780 -10.86 -41.41 25.84
N THR IA 781 -12.09 -40.98 25.51
CA THR IA 781 -13.27 -41.54 26.16
C THR IA 781 -13.65 -42.85 25.46
N ASN IA 782 -13.77 -42.82 24.14
CA ASN IA 782 -14.14 -44.00 23.35
C ASN IA 782 -13.21 -44.27 22.19
N VAL IA 783 -13.05 -45.56 21.88
CA VAL IA 783 -12.23 -46.01 20.75
C VAL IA 783 -13.21 -46.81 19.90
N LEU IA 784 -13.25 -46.58 18.60
CA LEU IA 784 -14.20 -47.31 17.78
C LEU IA 784 -13.78 -47.53 16.34
N VAL IA 785 -14.18 -48.66 15.78
CA VAL IA 785 -13.89 -48.99 14.39
C VAL IA 785 -15.13 -48.61 13.62
N ALA IA 786 -14.97 -48.03 12.44
CA ALA IA 786 -16.14 -47.66 11.65
C ALA IA 786 -16.06 -48.33 10.30
N ARG IA 787 -17.11 -49.06 9.93
CA ARG IA 787 -17.14 -49.75 8.65
C ARG IA 787 -17.51 -48.77 7.55
N VAL IA 788 -17.38 -47.48 7.84
CA VAL IA 788 -17.71 -46.42 6.89
C VAL IA 788 -17.76 -45.09 7.64
N ASP IA 789 -17.14 -44.06 7.07
CA ASP IA 789 -17.12 -42.73 7.70
C ASP IA 789 -18.54 -42.30 8.03
N PRO IA 790 -18.78 -41.83 9.27
CA PRO IA 790 -20.11 -41.41 9.70
C PRO IA 790 -20.85 -40.63 8.63
N ALA IA 791 -20.18 -39.66 8.02
CA ALA IA 791 -20.80 -38.86 6.96
C ALA IA 791 -21.63 -39.76 6.05
N GLN IA 792 -20.96 -40.47 5.15
CA GLN IA 792 -21.61 -41.36 4.20
C GLN IA 792 -22.28 -42.61 4.78
N ARG IA 793 -22.33 -42.73 6.10
CA ARG IA 793 -22.93 -43.91 6.73
C ARG IA 793 -24.45 -43.92 6.88
N GLY IA 794 -25.15 -44.51 5.92
CA GLY IA 794 -26.60 -44.58 6.02
C GLY IA 794 -26.89 -45.56 7.13
N ASP IA 795 -27.99 -45.37 7.85
CA ASP IA 795 -28.34 -46.25 8.96
C ASP IA 795 -27.26 -46.18 10.03
N ALA IA 796 -27.16 -45.04 10.70
CA ALA IA 796 -26.16 -44.83 11.74
C ALA IA 796 -26.06 -46.06 12.65
N ALA IA 797 -24.86 -46.62 12.74
CA ALA IA 797 -24.62 -47.79 13.57
C ALA IA 797 -23.26 -47.60 14.21
N VAL IA 798 -23.26 -47.25 15.50
CA VAL IA 798 -22.01 -47.05 16.23
C VAL IA 798 -21.27 -48.37 16.37
N ASP IA 799 -20.02 -48.31 16.80
CA ASP IA 799 -19.24 -49.52 17.02
C ASP IA 799 -19.63 -50.06 18.39
N ILE IA 800 -20.11 -51.30 18.43
CA ILE IA 800 -20.54 -51.93 19.69
C ILE IA 800 -19.68 -51.54 20.90
N ARG IA 801 -18.37 -51.38 20.70
CA ARG IA 801 -17.44 -51.00 21.77
C ARG IA 801 -17.97 -49.90 22.68
N ALA IA 802 -18.68 -48.96 22.08
CA ALA IA 802 -19.24 -47.84 22.81
C ALA IA 802 -19.94 -48.25 24.11
N THR IA 803 -20.62 -49.39 24.09
CA THR IA 803 -21.36 -49.87 25.28
C THR IA 803 -20.53 -49.99 26.57
N HIS IA 804 -19.29 -50.46 26.46
CA HIS IA 804 -18.44 -50.62 27.64
C HIS IA 804 -18.04 -49.28 28.25
N ALA IA 805 -18.00 -49.20 29.58
CA ALA IA 805 -17.64 -47.95 30.26
C ALA IA 805 -16.28 -47.45 29.76
N THR IA 806 -15.20 -48.13 30.13
CA THR IA 806 -13.87 -47.72 29.69
C THR IA 806 -13.75 -48.07 28.20
N PHE IA 807 -12.99 -47.27 27.45
CA PHE IA 807 -12.84 -47.48 26.01
C PHE IA 807 -12.27 -48.83 25.54
N ALA IA 808 -11.48 -49.49 26.38
CA ALA IA 808 -10.91 -50.78 26.00
C ALA IA 808 -11.36 -51.84 27.00
N ALA IA 809 -11.42 -53.10 26.55
CA ALA IA 809 -11.84 -54.21 27.41
C ALA IA 809 -11.27 -54.08 28.82
N ALA IA 810 -12.09 -53.58 29.75
CA ALA IA 810 -11.67 -53.38 31.13
C ALA IA 810 -11.23 -54.63 31.88
N LEU IA 811 -9.93 -54.90 31.87
CA LEU IA 811 -9.36 -56.06 32.56
C LEU IA 811 -9.02 -55.66 34.01
N PRO IA 812 -9.71 -56.26 34.99
CA PRO IA 812 -9.44 -55.92 36.40
C PRO IA 812 -8.09 -56.41 36.92
N VAL IA 813 -7.30 -55.48 37.43
CA VAL IA 813 -5.99 -55.83 38.00
C VAL IA 813 -6.08 -55.50 39.48
N ASP IA 814 -5.59 -56.40 40.33
CA ASP IA 814 -5.65 -56.16 41.76
C ASP IA 814 -4.48 -55.32 42.26
N PRO IA 815 -4.77 -54.17 42.91
CA PRO IA 815 -3.68 -53.32 43.41
C PRO IA 815 -2.82 -54.09 44.40
N ALA IA 816 -3.48 -54.68 45.40
CA ALA IA 816 -2.81 -55.46 46.43
C ALA IA 816 -1.67 -56.36 45.89
N ALA IA 817 -1.86 -56.93 44.70
CA ALA IA 817 -0.85 -57.80 44.10
C ALA IA 817 0.27 -56.97 43.49
N ILE IA 818 -0.09 -56.10 42.53
CA ILE IA 818 0.86 -55.23 41.85
C ILE IA 818 1.83 -54.52 42.78
N VAL IA 819 1.34 -54.01 43.90
CA VAL IA 819 2.19 -53.31 44.86
C VAL IA 819 3.33 -54.20 45.37
N VAL IA 820 3.02 -55.46 45.67
CA VAL IA 820 4.05 -56.40 46.14
C VAL IA 820 5.11 -56.49 45.06
N ALA IA 821 4.71 -56.92 43.88
CA ALA IA 821 5.61 -57.07 42.74
C ALA IA 821 6.48 -55.83 42.58
N MET IA 822 5.86 -54.66 42.69
CA MET IA 822 6.56 -53.39 42.55
C MET IA 822 7.54 -53.14 43.68
N LEU IA 823 7.27 -53.70 44.85
CA LEU IA 823 8.13 -53.50 46.00
C LEU IA 823 9.13 -54.62 46.31
N CYS IA 824 9.58 -55.32 45.29
CA CYS IA 824 10.54 -56.40 45.49
C CYS IA 824 10.97 -57.04 44.19
N GLY IA 825 11.86 -56.36 43.46
CA GLY IA 825 12.31 -56.91 42.20
C GLY IA 825 13.82 -56.90 42.10
N GLN IA 826 14.49 -57.79 42.82
CA GLN IA 826 15.96 -57.85 42.76
C GLN IA 826 16.33 -58.63 41.50
N THR IA 827 17.45 -58.27 40.86
CA THR IA 827 17.89 -58.98 39.66
C THR IA 827 18.97 -59.98 40.02
N GLU IA 828 19.14 -60.97 39.15
CA GLU IA 828 20.14 -62.02 39.32
C GLU IA 828 21.52 -61.38 39.56
N THR IA 829 22.19 -61.81 40.63
CA THR IA 829 23.51 -61.28 40.98
C THR IA 829 24.35 -60.87 39.76
N ASN IA 830 24.92 -61.83 39.05
CA ASN IA 830 25.72 -61.54 37.86
C ASN IA 830 24.74 -61.16 36.76
N LEU IA 831 24.88 -59.97 36.19
CA LEU IA 831 23.95 -59.58 35.15
C LEU IA 831 24.49 -58.59 34.14
N ILE IA 832 24.91 -59.09 32.99
CA ILE IA 832 25.41 -58.24 31.93
C ILE IA 832 24.20 -58.06 31.03
N PRO IA 833 23.47 -56.93 31.18
CA PRO IA 833 22.29 -56.70 30.35
C PRO IA 833 22.50 -57.16 28.91
N SER IA 834 23.68 -56.87 28.37
CA SER IA 834 24.02 -57.25 26.99
C SER IA 834 23.79 -58.75 26.74
N HIS IA 835 24.51 -59.60 27.47
CA HIS IA 835 24.38 -61.05 27.30
C HIS IA 835 22.99 -61.57 27.63
N HIS IA 836 22.37 -61.04 28.68
CA HIS IA 836 21.05 -61.52 29.06
C HIS IA 836 20.01 -61.31 27.97
N TYR IA 837 19.65 -60.06 27.71
CA TYR IA 837 18.65 -59.75 26.69
C TYR IA 837 19.01 -60.44 25.37
N GLY IA 838 20.30 -60.58 25.11
CA GLY IA 838 20.75 -61.24 23.90
C GLY IA 838 20.23 -62.66 23.85
N LYS IA 839 20.64 -63.48 24.82
CA LYS IA 839 20.23 -64.88 24.88
C LYS IA 839 18.72 -65.07 24.84
N ALA IA 840 17.98 -64.17 25.48
CA ALA IA 840 16.53 -64.27 25.50
C ALA IA 840 15.89 -64.00 24.14
N PHE IA 841 16.20 -62.86 23.54
CA PHE IA 841 15.62 -62.52 22.24
C PHE IA 841 16.18 -63.37 21.10
N ALA IA 842 17.01 -64.35 21.44
CA ALA IA 842 17.55 -65.20 20.40
C ALA IA 842 16.42 -66.13 19.94
N PRO IA 843 15.89 -66.96 20.86
CA PRO IA 843 14.80 -67.88 20.49
C PRO IA 843 13.64 -67.20 19.79
N LEU IA 844 13.38 -65.93 20.12
CA LEU IA 844 12.28 -65.19 19.51
C LEU IA 844 12.41 -64.98 18.00
N PHE IA 845 13.58 -64.55 17.55
CA PHE IA 845 13.79 -64.31 16.12
C PHE IA 845 14.01 -65.59 15.34
N ALA IA 846 14.06 -66.73 16.05
CA ALA IA 846 14.24 -68.02 15.41
C ALA IA 846 12.89 -68.47 14.84
N SER IA 847 11.82 -68.10 15.53
CA SER IA 847 10.47 -68.44 15.07
C SER IA 847 10.05 -67.31 14.15
N ASN IA 848 10.02 -67.60 12.86
CA ASN IA 848 9.64 -66.62 11.84
C ASN IA 848 8.21 -66.12 12.01
N ALA IA 849 7.87 -65.71 13.22
CA ALA IA 849 6.53 -65.20 13.53
C ALA IA 849 6.41 -63.73 13.10
N MET IA 850 7.55 -63.09 12.83
CA MET IA 850 7.55 -61.71 12.39
C MET IA 850 7.04 -61.62 10.94
N PHE IA 851 7.37 -62.63 10.14
CA PHE IA 851 6.95 -62.65 8.74
C PHE IA 851 5.56 -63.24 8.54
N THR IA 852 5.08 -64.02 9.49
CA THR IA 852 3.74 -64.56 9.39
C THR IA 852 2.82 -63.33 9.40
N ARG IA 853 3.20 -62.35 10.23
CA ARG IA 853 2.43 -61.12 10.33
C ARG IA 853 2.32 -60.38 9.02
N ASN IA 854 3.42 -60.28 8.28
CA ASN IA 854 3.41 -59.59 6.99
C ASN IA 854 2.59 -60.37 5.97
N GLN IA 855 2.60 -61.69 6.09
CA GLN IA 855 1.87 -62.53 5.16
C GLN IA 855 0.37 -62.59 5.39
N ARG IA 856 -0.03 -62.83 6.63
CA ARG IA 856 -1.46 -62.89 6.93
C ARG IA 856 -2.04 -61.52 6.60
N ALA IA 857 -1.17 -60.52 6.61
CA ALA IA 857 -1.57 -59.15 6.33
C ALA IA 857 -1.90 -58.94 4.85
N VAL IA 858 -0.97 -59.25 3.95
CA VAL IA 858 -1.25 -59.05 2.53
C VAL IA 858 -2.37 -59.91 1.99
N ILE IA 859 -2.88 -60.83 2.80
CA ILE IA 859 -3.98 -61.65 2.33
C ILE IA 859 -5.29 -61.10 2.86
N THR IA 860 -5.24 -60.44 4.02
CA THR IA 860 -6.43 -59.83 4.59
C THR IA 860 -6.77 -58.63 3.72
N ARG IA 861 -5.75 -57.98 3.17
CA ARG IA 861 -5.98 -56.82 2.32
C ARG IA 861 -6.54 -57.28 0.98
N GLU IA 862 -6.28 -58.53 0.63
CA GLU IA 862 -6.80 -59.09 -0.62
C GLU IA 862 -8.26 -59.46 -0.36
N ALA IA 863 -8.47 -60.24 0.69
CA ALA IA 863 -9.80 -60.69 1.08
C ALA IA 863 -10.73 -59.53 1.44
N PHE IA 864 -10.17 -58.34 1.57
CA PHE IA 864 -10.98 -57.17 1.91
C PHE IA 864 -11.31 -56.40 0.63
N VAL IA 865 -10.28 -56.00 -0.11
CA VAL IA 865 -10.54 -55.28 -1.35
C VAL IA 865 -11.42 -56.14 -2.25
N CYS IA 866 -11.53 -57.42 -1.93
CA CYS IA 866 -12.37 -58.32 -2.71
C CYS IA 866 -13.74 -58.53 -2.07
N ALA IA 867 -13.78 -58.53 -0.73
CA ALA IA 867 -15.06 -58.69 -0.03
C ALA IA 867 -15.86 -57.41 -0.20
N ARG IA 868 -15.28 -56.30 0.25
CA ARG IA 868 -15.91 -54.99 0.14
C ARG IA 868 -16.47 -54.78 -1.25
N SER IA 869 -15.74 -55.23 -2.26
CA SER IA 869 -16.18 -55.08 -3.65
C SER IA 869 -17.41 -55.93 -3.98
N ALA IA 870 -17.34 -57.22 -3.65
CA ALA IA 870 -18.46 -58.13 -3.93
C ALA IA 870 -19.75 -57.74 -3.22
N VAL IA 871 -19.65 -57.18 -2.02
CA VAL IA 871 -20.88 -56.79 -1.34
C VAL IA 871 -21.29 -55.39 -1.81
N ALA IA 872 -20.33 -54.62 -2.30
CA ALA IA 872 -20.63 -53.28 -2.79
C ALA IA 872 -21.16 -53.32 -4.21
N GLN IA 873 -21.09 -54.50 -4.84
CA GLN IA 873 -21.57 -54.68 -6.20
C GLN IA 873 -22.96 -55.28 -6.25
N CYS IA 874 -23.42 -55.83 -5.13
CA CYS IA 874 -24.73 -56.44 -5.08
C CYS IA 874 -25.80 -55.45 -4.60
N GLN IA 875 -25.38 -54.44 -3.85
CA GLN IA 875 -26.32 -53.42 -3.40
C GLN IA 875 -26.34 -52.43 -4.57
N ASP IA 876 -27.45 -51.72 -4.76
CA ASP IA 876 -27.55 -50.77 -5.88
C ASP IA 876 -26.65 -49.56 -5.62
N ALA IA 877 -26.80 -48.96 -4.44
CA ALA IA 877 -25.97 -47.83 -4.06
C ALA IA 877 -24.80 -48.45 -3.29
N GLY IA 878 -23.94 -47.64 -2.72
CA GLY IA 878 -22.82 -48.20 -1.98
C GLY IA 878 -21.45 -48.11 -2.64
N PHE IA 879 -20.42 -47.99 -1.81
CA PHE IA 879 -19.01 -47.87 -2.21
C PHE IA 879 -18.70 -48.02 -3.70
N LEU IA 880 -17.93 -47.07 -4.25
CA LEU IA 880 -17.54 -47.09 -5.67
C LEU IA 880 -16.63 -48.23 -6.10
N VAL IA 881 -17.21 -49.22 -6.77
CA VAL IA 881 -16.45 -50.37 -7.28
C VAL IA 881 -16.97 -50.67 -8.68
N PRO IA 882 -16.08 -50.73 -9.68
CA PRO IA 882 -16.50 -51.01 -11.06
C PRO IA 882 -17.52 -52.16 -11.09
N ARG IA 883 -18.69 -51.91 -11.68
CA ARG IA 883 -19.72 -52.95 -11.74
C ARG IA 883 -19.82 -53.52 -13.15
N PRO IA 884 -18.95 -54.48 -13.51
CA PRO IA 884 -19.01 -55.09 -14.85
C PRO IA 884 -20.24 -55.99 -14.95
N LEU IA 885 -20.73 -56.40 -13.79
CA LEU IA 885 -21.90 -57.28 -13.74
C LEU IA 885 -23.16 -56.58 -13.29
N ASP IA 886 -23.38 -55.35 -13.74
CA ASP IA 886 -24.58 -54.64 -13.33
C ASP IA 886 -25.83 -55.10 -14.09
N ALA IA 887 -25.63 -55.72 -15.25
CA ALA IA 887 -26.75 -56.20 -16.07
C ALA IA 887 -27.46 -57.42 -15.47
N LEU IA 888 -26.71 -58.29 -14.80
CA LEU IA 888 -27.28 -59.50 -14.19
C LEU IA 888 -28.29 -59.12 -13.11
N ARG IA 889 -29.52 -59.64 -13.22
CA ARG IA 889 -30.58 -59.34 -12.25
C ARG IA 889 -30.23 -59.75 -10.82
N GLN IA 890 -30.28 -58.80 -9.90
CA GLN IA 890 -29.98 -59.05 -8.49
C GLN IA 890 -30.72 -58.05 -7.60
N PHE IA 891 -31.62 -58.56 -6.77
CA PHE IA 891 -32.39 -57.69 -5.88
C PHE IA 891 -31.44 -56.93 -4.96
N ASP IA 892 -31.92 -55.85 -4.34
CA ASP IA 892 -31.08 -55.06 -3.44
C ASP IA 892 -30.71 -55.86 -2.21
N VAL IA 893 -29.42 -56.04 -2.00
CA VAL IA 893 -28.94 -56.78 -0.84
C VAL IA 893 -29.08 -55.94 0.43
N THR IA 894 -29.83 -56.47 1.40
CA THR IA 894 -30.04 -55.77 2.66
C THR IA 894 -28.76 -55.90 3.49
N SER IA 895 -28.86 -55.58 4.77
CA SER IA 895 -27.69 -55.68 5.64
C SER IA 895 -27.47 -57.16 5.94
N ALA IA 896 -28.56 -57.85 6.24
CA ALA IA 896 -28.56 -59.28 6.56
C ALA IA 896 -28.17 -60.17 5.38
N ALA IA 897 -28.57 -59.78 4.18
CA ALA IA 897 -28.26 -60.56 3.00
C ALA IA 897 -26.77 -60.49 2.72
N ALA IA 898 -26.21 -59.28 2.81
CA ALA IA 898 -24.78 -59.07 2.56
C ALA IA 898 -23.92 -60.02 3.35
N ALA IA 899 -24.20 -60.14 4.65
CA ALA IA 899 -23.43 -61.01 5.52
C ALA IA 899 -23.22 -62.40 4.93
N GLU IA 900 -24.07 -62.80 3.99
CA GLU IA 900 -23.92 -64.10 3.36
C GLU IA 900 -23.07 -64.00 2.12
N ILE IA 901 -23.22 -62.93 1.34
CA ILE IA 901 -22.37 -62.75 0.17
C ILE IA 901 -20.97 -62.56 0.74
N MET IA 902 -20.95 -62.10 1.99
CA MET IA 902 -19.72 -61.82 2.75
C MET IA 902 -19.08 -63.09 3.29
N HIS IA 903 -19.89 -64.01 3.80
CA HIS IA 903 -19.36 -65.28 4.31
C HIS IA 903 -18.90 -66.16 3.18
N ALA IA 904 -19.52 -65.99 2.03
CA ALA IA 904 -19.16 -66.78 0.86
C ALA IA 904 -17.80 -66.31 0.33
N VAL IA 905 -17.56 -65.01 0.39
CA VAL IA 905 -16.28 -64.46 -0.08
C VAL IA 905 -15.17 -64.76 0.90
N ASN IA 906 -15.39 -64.38 2.16
CA ASN IA 906 -14.43 -64.59 3.23
C ASN IA 906 -14.10 -66.08 3.41
N ASP IA 907 -15.12 -66.92 3.35
CA ASP IA 907 -14.93 -68.36 3.52
C ASP IA 907 -14.21 -68.97 2.31
N ALA IA 908 -14.31 -68.32 1.16
CA ALA IA 908 -13.65 -68.81 -0.04
C ALA IA 908 -12.16 -68.56 0.06
N PHE IA 909 -11.79 -67.36 0.51
CA PHE IA 909 -10.38 -67.00 0.67
C PHE IA 909 -9.68 -67.96 1.62
N LYS IA 910 -10.25 -68.14 2.80
CA LYS IA 910 -9.66 -69.06 3.77
C LYS IA 910 -9.39 -70.43 3.15
N THR IA 911 -10.36 -70.98 2.44
CA THR IA 911 -10.18 -72.29 1.81
C THR IA 911 -9.04 -72.25 0.79
N ALA IA 912 -8.94 -71.15 0.05
CA ALA IA 912 -7.88 -71.04 -0.96
C ALA IA 912 -6.50 -70.92 -0.33
N PHE IA 913 -6.36 -70.11 0.73
CA PHE IA 913 -5.08 -69.92 1.39
C PHE IA 913 -4.99 -70.59 2.77
N ASP IA 914 -5.87 -71.54 3.04
CA ASP IA 914 -5.94 -72.26 4.33
C ASP IA 914 -5.41 -71.47 5.53
N LEU IA 915 -6.20 -70.50 6.00
CA LEU IA 915 -5.80 -69.67 7.13
C LEU IA 915 -6.35 -70.07 8.50
N ASP IA 916 -5.81 -69.44 9.55
CA ASP IA 916 -6.22 -69.72 10.92
C ASP IA 916 -6.90 -68.55 11.61
N GLY IA 917 -8.07 -68.80 12.19
CA GLY IA 917 -8.79 -67.76 12.89
C GLY IA 917 -9.31 -66.60 12.06
N ALA IA 918 -10.40 -66.03 12.57
CA ALA IA 918 -11.09 -64.89 11.99
C ALA IA 918 -10.82 -64.48 10.55
N LEU IA 919 -9.72 -63.75 10.34
CA LEU IA 919 -9.36 -63.23 9.01
C LEU IA 919 -10.36 -62.13 8.71
N LEU IA 920 -11.34 -62.40 7.86
CA LEU IA 920 -12.30 -61.36 7.51
C LEU IA 920 -13.74 -61.58 7.95
N ASP IA 921 -14.04 -62.69 8.59
CA ASP IA 921 -15.41 -62.96 9.03
C ASP IA 921 -15.89 -62.00 10.11
N GLY IA 922 -14.96 -61.27 10.72
CA GLY IA 922 -15.35 -60.31 11.74
C GLY IA 922 -16.35 -59.33 11.14
N LEU IA 923 -16.16 -59.00 9.87
CA LEU IA 923 -17.04 -58.09 9.15
C LEU IA 923 -18.44 -58.64 8.93
N ALA IA 924 -18.55 -59.95 8.75
CA ALA IA 924 -19.85 -60.58 8.51
C ALA IA 924 -20.44 -61.31 9.68
N LEU IA 925 -20.29 -60.77 10.88
CA LEU IA 925 -20.84 -61.42 12.07
C LEU IA 925 -21.63 -60.46 12.95
N TYR IA 926 -21.74 -59.22 12.50
CA TYR IA 926 -22.47 -58.18 13.23
C TYR IA 926 -22.20 -56.85 12.54
N GLY IA 927 -23.09 -55.88 12.75
CA GLY IA 927 -22.93 -54.59 12.11
C GLY IA 927 -23.29 -54.79 10.65
N ASP IA 928 -22.90 -53.84 9.79
CA ASP IA 928 -23.21 -53.98 8.37
C ASP IA 928 -22.05 -54.61 7.61
N PRO IA 929 -22.30 -55.75 6.95
CA PRO IA 929 -21.26 -56.44 6.19
C PRO IA 929 -20.93 -55.55 5.00
N ARG IA 930 -21.82 -54.59 4.75
CA ARG IA 930 -21.65 -53.64 3.67
C ARG IA 930 -20.68 -52.57 4.11
N ILE IA 931 -19.38 -52.87 3.99
CA ILE IA 931 -18.34 -51.94 4.38
C ILE IA 931 -17.89 -51.10 3.19
N ALA IA 932 -17.53 -49.85 3.47
CA ALA IA 932 -17.05 -48.95 2.44
C ALA IA 932 -15.53 -48.90 2.67
N ASP IA 933 -15.10 -48.04 3.58
CA ASP IA 933 -13.68 -47.93 3.88
C ASP IA 933 -13.46 -47.90 5.39
N LEU IA 934 -12.77 -48.93 5.89
CA LEU IA 934 -12.51 -49.05 7.32
C LEU IA 934 -11.69 -47.90 7.90
N SER IA 935 -12.00 -47.56 9.14
CA SER IA 935 -11.31 -46.50 9.85
C SER IA 935 -11.50 -46.65 11.35
N ALA IA 936 -10.43 -46.47 12.12
CA ALA IA 936 -10.52 -46.56 13.56
C ALA IA 936 -10.29 -45.14 14.06
N ALA IA 937 -11.09 -44.72 15.04
CA ALA IA 937 -10.96 -43.37 15.58
C ALA IA 937 -11.31 -43.35 17.05
N TYR IA 938 -10.58 -42.54 17.81
CA TYR IA 938 -10.86 -42.41 19.22
C TYR IA 938 -11.30 -40.98 19.46
N LEU IA 939 -12.28 -40.78 20.33
CA LEU IA 939 -12.74 -39.43 20.62
C LEU IA 939 -12.21 -39.03 21.99
N GLN IA 940 -11.60 -37.85 22.07
CA GLN IA 940 -11.06 -37.36 23.33
C GLN IA 940 -12.12 -36.48 23.97
N TYR IA 941 -12.29 -36.64 25.29
CA TYR IA 941 -13.28 -35.86 26.03
C TYR IA 941 -13.31 -34.39 25.64
N GLY IA 942 -12.17 -33.88 25.16
CA GLY IA 942 -12.12 -32.49 24.75
C GLY IA 942 -12.90 -32.28 23.48
N GLY IA 943 -13.87 -33.18 23.24
CA GLY IA 943 -14.68 -33.09 22.05
C GLY IA 943 -13.87 -33.06 20.78
N ASN IA 944 -13.00 -34.05 20.60
CA ASN IA 944 -12.18 -34.11 19.40
C ASN IA 944 -12.06 -35.57 18.95
N VAL IA 945 -12.30 -35.81 17.67
CA VAL IA 945 -12.21 -37.17 17.15
C VAL IA 945 -11.10 -37.38 16.13
N VAL IA 946 -10.01 -38.00 16.55
CA VAL IA 946 -8.92 -38.27 15.61
C VAL IA 946 -9.36 -39.55 14.91
N ARG IA 947 -9.35 -39.55 13.57
CA ARG IA 947 -9.80 -40.72 12.83
C ARG IA 947 -8.82 -41.25 11.78
N GLU IA 948 -8.16 -42.36 12.10
CA GLU IA 948 -7.19 -42.96 11.19
C GLU IA 948 -7.91 -43.72 10.08
N HIS IA 949 -7.93 -43.16 8.87
CA HIS IA 949 -8.55 -43.84 7.75
C HIS IA 949 -7.54 -44.86 7.26
N VAL IA 950 -8.01 -46.03 6.88
CA VAL IA 950 -7.10 -47.06 6.42
C VAL IA 950 -7.61 -47.75 5.16
N PRO IA 951 -7.36 -47.10 4.00
CA PRO IA 951 -7.78 -47.62 2.68
C PRO IA 951 -6.81 -48.67 2.16
N PRO IA 952 -7.30 -49.89 1.89
CA PRO IA 952 -6.45 -50.97 1.37
C PRO IA 952 -5.79 -50.69 0.02
N GLY IA 953 -4.46 -50.63 0.01
CA GLY IA 953 -3.73 -50.37 -1.23
C GLY IA 953 -3.97 -51.44 -2.28
N PRO IA 954 -4.24 -51.05 -3.53
CA PRO IA 954 -4.51 -51.89 -4.69
C PRO IA 954 -4.33 -53.41 -4.53
N SER IA 955 -5.46 -54.11 -4.44
CA SER IA 955 -5.45 -55.57 -4.28
C SER IA 955 -5.27 -56.28 -5.61
N HIS IA 956 -4.09 -56.84 -5.81
CA HIS IA 956 -3.79 -57.57 -7.04
C HIS IA 956 -4.87 -58.59 -7.37
N ILE IA 957 -5.27 -59.39 -6.37
CA ILE IA 957 -6.31 -60.42 -6.59
C ILE IA 957 -7.57 -59.77 -7.14
N HIS IA 958 -8.00 -58.69 -6.51
CA HIS IA 958 -9.21 -57.99 -6.94
C HIS IA 958 -9.08 -57.36 -8.33
N ARG IA 959 -7.91 -56.85 -8.67
CA ARG IA 959 -7.72 -56.24 -9.98
C ARG IA 959 -8.00 -57.31 -11.04
N ALA IA 960 -7.56 -58.53 -10.77
CA ALA IA 960 -7.79 -59.64 -11.70
C ALA IA 960 -9.28 -59.99 -11.76
N LEU IA 961 -9.88 -60.18 -10.59
CA LEU IA 961 -11.30 -60.50 -10.49
C LEU IA 961 -12.16 -59.56 -11.34
N GLN IA 962 -11.86 -58.26 -11.26
CA GLN IA 962 -12.61 -57.27 -12.03
C GLN IA 962 -12.49 -57.61 -13.51
N GLN IA 963 -11.26 -57.85 -13.95
CA GLN IA 963 -11.01 -58.18 -15.35
C GLN IA 963 -11.79 -59.44 -15.74
N VAL IA 964 -11.99 -60.33 -14.76
CA VAL IA 964 -12.71 -61.56 -14.99
C VAL IA 964 -14.22 -61.31 -15.09
N GLU IA 965 -14.75 -60.50 -14.19
CA GLU IA 965 -16.18 -60.17 -14.22
C GLU IA 965 -16.48 -59.48 -15.53
N SER IA 966 -15.55 -58.62 -15.95
CA SER IA 966 -15.68 -57.87 -17.19
C SER IA 966 -15.74 -58.84 -18.37
N THR IA 967 -14.99 -59.93 -18.28
CA THR IA 967 -14.96 -60.95 -19.32
C THR IA 967 -16.24 -61.76 -19.30
N PHE IA 968 -16.72 -62.07 -18.11
CA PHE IA 968 -17.94 -62.87 -17.97
C PHE IA 968 -19.10 -62.29 -18.78
N MET IA 969 -19.07 -60.99 -19.06
CA MET IA 969 -20.14 -60.41 -19.84
C MET IA 969 -20.02 -60.81 -21.29
N ALA IA 970 -18.87 -60.51 -21.90
CA ALA IA 970 -18.66 -60.84 -23.30
C ALA IA 970 -18.53 -62.35 -23.56
N GLU IA 971 -18.45 -63.17 -22.51
CA GLU IA 971 -18.29 -64.61 -22.70
C GLU IA 971 -19.09 -65.52 -21.78
N MET IA 972 -20.26 -65.07 -21.34
CA MET IA 972 -21.07 -65.87 -20.43
C MET IA 972 -21.52 -67.24 -20.94
N ASN IA 973 -21.57 -67.40 -22.26
CA ASN IA 973 -22.00 -68.67 -22.83
C ASN IA 973 -21.03 -69.76 -22.43
N LEU IA 974 -19.76 -69.41 -22.25
CA LEU IA 974 -18.75 -70.37 -21.84
C LEU IA 974 -18.99 -70.84 -20.41
N PHE IA 975 -20.00 -70.25 -19.77
CA PHE IA 975 -20.37 -70.61 -18.42
C PHE IA 975 -21.85 -71.04 -18.46
N ASN IA 976 -22.34 -71.29 -19.67
CA ASN IA 976 -23.70 -71.73 -19.89
C ASN IA 976 -24.77 -70.67 -19.78
N VAL IA 977 -24.51 -69.61 -19.01
CA VAL IA 977 -25.50 -68.53 -18.87
C VAL IA 977 -25.73 -67.89 -20.24
N ALA IA 978 -26.95 -67.47 -20.53
CA ALA IA 978 -27.25 -66.83 -21.82
C ALA IA 978 -27.97 -65.50 -21.65
N ARG IA 979 -27.60 -64.51 -22.47
CA ARG IA 979 -28.22 -63.20 -22.39
C ARG IA 979 -29.45 -63.09 -23.30
N GLY IA 980 -30.38 -62.21 -22.93
CA GLY IA 980 -31.56 -62.00 -23.74
C GLY IA 980 -32.79 -62.86 -23.48
N ASN IA 981 -33.93 -62.33 -23.92
CA ASN IA 981 -35.23 -62.98 -23.76
C ASN IA 981 -35.39 -64.28 -24.53
N LEU IA 982 -36.31 -65.11 -24.03
CA LEU IA 982 -36.63 -66.40 -24.63
C LEU IA 982 -38.00 -66.34 -25.30
N TYR IA 983 -38.05 -66.63 -26.61
CA TYR IA 983 -39.31 -66.63 -27.34
C TYR IA 983 -39.94 -68.02 -27.23
N LEU IA 984 -41.27 -68.07 -27.23
CA LEU IA 984 -41.94 -69.35 -27.13
C LEU IA 984 -42.88 -69.65 -28.29
N VAL IA 985 -42.71 -68.94 -29.41
CA VAL IA 985 -43.56 -69.17 -30.57
C VAL IA 985 -43.39 -70.61 -31.08
N GLN IA 986 -44.50 -71.30 -31.30
CA GLN IA 986 -44.41 -72.66 -31.81
C GLN IA 986 -44.05 -72.62 -33.29
N THR IA 987 -43.07 -73.43 -33.66
CA THR IA 987 -42.60 -73.50 -35.04
C THR IA 987 -42.52 -74.97 -35.46
N ALA IA 988 -43.38 -75.34 -36.40
CA ALA IA 988 -43.44 -76.73 -36.87
C ALA IA 988 -42.52 -77.06 -38.03
N THR IA 989 -41.61 -76.16 -38.36
CA THR IA 989 -40.71 -76.39 -39.49
C THR IA 989 -39.96 -77.72 -39.38
N ASN IA 990 -39.70 -78.31 -40.54
CA ASN IA 990 -38.98 -79.58 -40.62
C ASN IA 990 -37.62 -79.26 -41.23
N GLY IA 991 -37.32 -77.96 -41.31
CA GLY IA 991 -36.07 -77.50 -41.90
C GLY IA 991 -34.85 -77.40 -41.01
N ASN IA 992 -34.41 -76.16 -40.77
CA ASN IA 992 -33.22 -75.92 -39.97
C ASN IA 992 -33.51 -75.20 -38.66
N TRP IA 993 -32.77 -75.56 -37.63
CA TRP IA 993 -32.98 -74.97 -36.31
C TRP IA 993 -31.67 -74.63 -35.60
N SER IA 994 -31.73 -73.64 -34.72
CA SER IA 994 -30.59 -73.20 -33.91
C SER IA 994 -31.11 -72.22 -32.87
N PRO IA 995 -31.83 -72.75 -31.86
CA PRO IA 995 -32.39 -71.93 -30.79
C PRO IA 995 -31.41 -70.86 -30.33
N MET IA 996 -30.13 -71.23 -30.23
CA MET IA 996 -29.10 -70.32 -29.78
C MET IA 996 -29.05 -69.03 -30.59
N ALA IA 997 -28.37 -69.04 -31.74
CA ALA IA 997 -28.28 -67.87 -32.61
C ALA IA 997 -29.25 -67.98 -33.79
N PRO IA 998 -30.52 -67.61 -33.56
CA PRO IA 998 -31.56 -67.66 -34.59
C PRO IA 998 -31.39 -66.58 -35.66
N VAL IA 999 -31.32 -67.00 -36.92
CA VAL IA 999 -31.16 -66.06 -38.02
C VAL IA 999 -32.41 -65.25 -38.33
N ALA IA 1000 -33.59 -65.90 -38.31
CA ALA IA 1000 -34.85 -65.21 -38.59
C ALA IA 1000 -35.03 -64.05 -37.61
N ALA IA 1001 -35.83 -63.05 -37.98
CA ALA IA 1001 -36.06 -61.87 -37.15
C ALA IA 1001 -36.93 -62.13 -35.91
N PRO IA 1002 -36.58 -61.50 -34.78
CA PRO IA 1002 -37.34 -61.66 -33.54
C PRO IA 1002 -38.83 -61.76 -33.83
N PRO IA 1003 -39.47 -62.83 -33.36
CA PRO IA 1003 -40.89 -63.06 -33.58
C PRO IA 1003 -41.71 -61.78 -33.47
N PHE IA 1004 -41.36 -60.92 -32.52
CA PHE IA 1004 -42.05 -59.64 -32.30
C PHE IA 1004 -41.41 -58.89 -31.11
N VAL IA 1005 -40.95 -57.67 -31.35
CA VAL IA 1005 -40.32 -56.88 -30.27
C VAL IA 1005 -41.33 -56.57 -29.17
N ARG IA 1006 -40.83 -56.30 -27.97
CA ARG IA 1006 -41.69 -56.01 -26.82
C ARG IA 1006 -42.67 -54.85 -26.96
N GLY IA 1007 -42.14 -53.67 -27.28
CA GLY IA 1007 -43.02 -52.50 -27.41
C GLY IA 1007 -43.67 -52.44 -28.78
N GLY IA 1008 -43.56 -53.51 -29.54
CA GLY IA 1008 -44.12 -53.54 -30.88
C GLY IA 1008 -45.64 -53.48 -31.01
N PRO IA 1009 -46.16 -53.61 -32.23
CA PRO IA 1009 -47.58 -53.58 -32.58
C PRO IA 1009 -48.39 -54.82 -32.18
N ASN IA 1010 -49.46 -54.61 -31.42
CA ASN IA 1010 -50.34 -55.68 -30.97
C ASN IA 1010 -49.90 -56.56 -29.82
N VAL IA 1011 -48.61 -56.53 -29.48
CA VAL IA 1011 -48.13 -57.33 -28.38
C VAL IA 1011 -48.59 -56.70 -27.07
N ARG IA 1012 -49.12 -57.50 -26.14
CA ARG IA 1012 -49.57 -56.96 -24.86
C ARG IA 1012 -48.71 -57.54 -23.75
N VAL IA 1013 -48.23 -56.68 -22.86
CA VAL IA 1013 -47.44 -57.15 -21.74
C VAL IA 1013 -48.41 -57.72 -20.72
N VAL IA 1014 -48.14 -58.91 -20.20
CA VAL IA 1014 -49.03 -59.49 -19.19
C VAL IA 1014 -48.79 -58.78 -17.86
N GLY IA 1015 -49.86 -58.28 -17.25
CA GLY IA 1015 -49.71 -57.59 -15.98
C GLY IA 1015 -49.30 -58.48 -14.83
N ARG IA 1016 -48.72 -57.85 -13.80
CA ARG IA 1016 -48.26 -58.54 -12.60
C ARG IA 1016 -49.26 -59.65 -12.23
N PHE IA 1017 -48.77 -60.69 -11.56
CA PHE IA 1017 -49.63 -61.81 -11.16
C PHE IA 1017 -50.05 -62.67 -12.35
N GLY IA 1018 -50.19 -62.05 -13.51
CA GLY IA 1018 -50.61 -62.78 -14.70
C GLY IA 1018 -51.80 -63.66 -14.36
N THR IA 1019 -52.93 -63.01 -14.08
CA THR IA 1019 -54.14 -63.73 -13.69
C THR IA 1019 -55.16 -63.98 -14.80
N ILE IA 1020 -55.37 -65.26 -15.10
CA ILE IA 1020 -56.37 -65.65 -16.11
C ILE IA 1020 -57.74 -65.37 -15.51
N VAL IA 1021 -58.66 -64.86 -16.30
CA VAL IA 1021 -60.00 -64.59 -15.77
C VAL IA 1021 -61.02 -65.47 -16.48
N PRO IA 1022 -61.46 -66.55 -15.84
CA PRO IA 1022 -62.45 -67.43 -16.48
C PRO IA 1022 -63.65 -66.57 -16.84
N ARG IA 1023 -64.31 -66.85 -17.97
CA ARG IA 1023 -65.45 -66.04 -18.33
C ARG IA 1023 -66.73 -66.86 -18.51
N PRO IA 1024 -67.77 -66.58 -17.70
CA PRO IA 1024 -69.05 -67.28 -17.74
C PRO IA 1024 -69.65 -67.32 -19.15
N ASN IA 1025 -70.43 -68.38 -19.41
CA ASN IA 1025 -71.08 -68.53 -20.71
C ASN IA 1025 -70.08 -68.87 -21.82
N GLY IA 1026 -70.49 -68.69 -23.08
CA GLY IA 1026 -69.63 -69.00 -24.20
C GLY IA 1026 -68.22 -68.44 -24.22
N LEU IA 1027 -68.09 -67.15 -23.92
CA LEU IA 1027 -66.79 -66.46 -23.93
C LEU IA 1027 -65.60 -67.28 -23.43
N GLU IA 1028 -64.47 -67.18 -24.15
CA GLU IA 1028 -63.25 -67.92 -23.79
C GLU IA 1028 -62.42 -67.24 -22.70
N PRO IA 1029 -61.69 -68.04 -21.89
CA PRO IA 1029 -60.86 -67.52 -20.81
C PRO IA 1029 -59.86 -66.49 -21.33
N GLN IA 1030 -59.77 -65.34 -20.66
CA GLN IA 1030 -58.83 -64.34 -21.10
C GLN IA 1030 -57.86 -63.91 -20.00
N LEU IA 1031 -56.63 -63.64 -20.42
CA LEU IA 1031 -55.54 -63.23 -19.53
C LEU IA 1031 -55.67 -61.80 -19.02
N ILE IA 1032 -55.16 -61.54 -17.83
CA ILE IA 1032 -55.23 -60.19 -17.28
C ILE IA 1032 -54.07 -59.34 -17.81
N ASP IA 1033 -54.44 -58.27 -18.49
CA ASP IA 1033 -53.49 -57.36 -19.11
C ASP IA 1033 -52.66 -56.56 -18.10
N ASP IA 1034 -51.52 -56.07 -18.57
CA ASP IA 1034 -50.63 -55.25 -17.76
C ASP IA 1034 -51.27 -53.88 -17.57
N GLY IA 1035 -51.97 -53.43 -18.62
CA GLY IA 1035 -52.66 -52.15 -18.54
C GLY IA 1035 -53.81 -52.34 -17.56
N ASN IA 1036 -53.85 -53.54 -16.98
CA ASN IA 1036 -54.84 -53.94 -16.00
C ASN IA 1036 -56.21 -54.36 -16.53
N VAL IA 1037 -56.50 -54.02 -17.78
CA VAL IA 1037 -57.78 -54.39 -18.41
C VAL IA 1037 -57.60 -55.72 -19.12
N PRO IA 1038 -58.30 -56.77 -18.67
CA PRO IA 1038 -58.18 -58.11 -19.27
C PRO IA 1038 -58.34 -58.18 -20.78
N ARG IA 1039 -57.36 -58.81 -21.44
CA ARG IA 1039 -57.36 -59.00 -22.89
C ARG IA 1039 -57.50 -60.50 -23.05
N ASP IA 1040 -57.62 -60.98 -24.29
CA ASP IA 1040 -57.74 -62.43 -24.48
C ASP IA 1040 -56.41 -63.05 -24.89
N ILE IA 1041 -56.27 -64.34 -24.59
CA ILE IA 1041 -55.03 -65.07 -24.86
C ILE IA 1041 -54.54 -65.19 -26.31
N ALA IA 1042 -55.40 -65.66 -27.22
CA ALA IA 1042 -54.98 -65.80 -28.61
C ALA IA 1042 -54.32 -64.49 -29.06
N GLY IA 1043 -53.05 -64.59 -29.46
CA GLY IA 1043 -52.30 -63.41 -29.89
C GLY IA 1043 -50.87 -63.63 -29.44
N ASP IA 1044 -50.20 -62.61 -28.90
CA ASP IA 1044 -48.82 -62.78 -28.44
C ASP IA 1044 -48.43 -61.87 -27.27
N TRP IA 1045 -48.06 -62.50 -26.17
CA TRP IA 1045 -47.71 -61.80 -24.94
C TRP IA 1045 -46.24 -61.69 -24.58
N VAL IA 1046 -45.93 -60.69 -23.76
CA VAL IA 1046 -44.57 -60.48 -23.27
C VAL IA 1046 -44.62 -60.70 -21.76
N TYR IA 1047 -44.09 -61.85 -21.34
CA TYR IA 1047 -44.07 -62.28 -19.95
C TYR IA 1047 -42.84 -61.93 -19.11
N PRO IA 1048 -42.87 -60.84 -18.32
CA PRO IA 1048 -41.64 -60.63 -17.55
C PRO IA 1048 -41.49 -61.86 -16.65
N SER IA 1049 -40.36 -62.56 -16.73
CA SER IA 1049 -40.10 -63.77 -15.95
C SER IA 1049 -40.61 -63.73 -14.52
N ASP IA 1050 -40.63 -62.54 -13.93
CA ASP IA 1050 -41.12 -62.35 -12.56
C ASP IA 1050 -42.59 -62.79 -12.48
N VAL IA 1051 -43.38 -62.37 -13.47
CA VAL IA 1051 -44.80 -62.73 -13.53
C VAL IA 1051 -44.96 -64.22 -13.82
N LEU IA 1052 -44.25 -64.69 -14.85
CA LEU IA 1052 -44.30 -66.09 -15.25
C LEU IA 1052 -44.03 -67.01 -14.06
N GLN IA 1053 -43.15 -66.58 -13.16
CA GLN IA 1053 -42.81 -67.39 -11.99
C GLN IA 1053 -43.83 -67.32 -10.86
N VAL IA 1054 -44.78 -66.41 -10.94
CA VAL IA 1054 -45.77 -66.31 -9.89
C VAL IA 1054 -47.14 -66.69 -10.45
N SER IA 1055 -47.14 -67.72 -11.29
CA SER IA 1055 -48.37 -68.21 -11.90
C SER IA 1055 -48.11 -69.23 -13.00
N VAL IA 1056 -47.05 -70.01 -12.86
CA VAL IA 1056 -46.75 -71.02 -13.87
C VAL IA 1056 -47.97 -71.93 -14.03
N ALA IA 1057 -48.58 -72.28 -12.91
CA ALA IA 1057 -49.76 -73.15 -12.92
C ALA IA 1057 -50.83 -72.61 -13.88
N VAL IA 1058 -51.13 -71.32 -13.77
CA VAL IA 1058 -52.12 -70.69 -14.65
C VAL IA 1058 -51.57 -70.56 -16.07
N PHE IA 1059 -50.26 -70.42 -16.20
CA PHE IA 1059 -49.62 -70.28 -17.50
C PHE IA 1059 -49.73 -71.60 -18.27
N ARG IA 1060 -49.29 -72.67 -17.61
CA ARG IA 1060 -49.30 -74.01 -18.17
C ARG IA 1060 -50.68 -74.56 -18.52
N ASP IA 1061 -51.72 -73.99 -17.90
CA ASP IA 1061 -53.09 -74.47 -18.15
C ASP IA 1061 -53.98 -73.56 -18.98
N TYR IA 1062 -53.42 -72.52 -19.59
CA TYR IA 1062 -54.27 -71.62 -20.36
C TYR IA 1062 -53.58 -70.98 -21.53
N VAL IA 1063 -52.39 -70.43 -21.28
CA VAL IA 1063 -51.64 -69.79 -22.33
C VAL IA 1063 -50.67 -70.80 -22.99
N TRP IA 1064 -50.08 -71.69 -22.20
CA TRP IA 1064 -49.16 -72.67 -22.75
C TRP IA 1064 -49.84 -73.52 -23.82
N PRO IA 1065 -51.06 -74.02 -23.55
CA PRO IA 1065 -51.71 -74.84 -24.59
C PRO IA 1065 -52.00 -73.95 -25.80
N MET IA 1066 -52.54 -72.76 -25.54
CA MET IA 1066 -52.85 -71.81 -26.62
C MET IA 1066 -51.61 -71.52 -27.45
N VAL IA 1067 -50.45 -71.90 -26.93
CA VAL IA 1067 -49.18 -71.69 -27.64
C VAL IA 1067 -48.81 -72.91 -28.45
N LYS IA 1068 -48.99 -74.09 -27.87
CA LYS IA 1068 -48.66 -75.34 -28.58
C LYS IA 1068 -49.44 -75.33 -29.87
N ALA IA 1069 -50.68 -74.85 -29.81
CA ALA IA 1069 -51.49 -74.73 -31.00
C ALA IA 1069 -50.98 -73.39 -31.54
N GLY IA 1070 -50.62 -73.32 -32.83
CA GLY IA 1070 -50.11 -72.07 -33.38
C GLY IA 1070 -51.09 -70.91 -33.27
N ARG IA 1071 -51.43 -70.52 -32.04
CA ARG IA 1071 -52.38 -69.44 -31.80
C ARG IA 1071 -51.73 -68.28 -31.05
N THR IA 1072 -50.91 -68.61 -30.06
CA THR IA 1072 -50.24 -67.62 -29.24
C THR IA 1072 -48.74 -67.71 -29.33
N ARG IA 1073 -48.07 -66.58 -29.05
CA ARG IA 1073 -46.62 -66.51 -29.07
C ARG IA 1073 -46.14 -65.73 -27.86
N VAL IA 1074 -45.70 -66.44 -26.82
CA VAL IA 1074 -45.20 -65.80 -25.61
C VAL IA 1074 -43.78 -65.29 -25.85
N LEU IA 1075 -43.32 -64.40 -24.98
CA LEU IA 1075 -41.98 -63.85 -25.04
C LEU IA 1075 -41.51 -63.60 -23.61
N VAL IA 1076 -41.14 -64.67 -22.91
CA VAL IA 1076 -40.67 -64.51 -21.54
C VAL IA 1076 -39.44 -63.61 -21.53
N GLU IA 1077 -39.30 -62.80 -20.47
CA GLU IA 1077 -38.17 -61.89 -20.38
C GLU IA 1077 -37.25 -62.20 -19.21
N LEU IA 1078 -36.08 -62.76 -19.50
CA LEU IA 1078 -35.10 -63.06 -18.46
C LEU IA 1078 -33.83 -62.39 -18.95
N GLY IA 1079 -33.26 -61.49 -18.15
CA GLY IA 1079 -32.05 -60.81 -18.56
C GLY IA 1079 -30.99 -61.81 -18.98
N HIS IA 1080 -30.78 -62.79 -18.09
CA HIS IA 1080 -29.83 -63.85 -18.32
C HIS IA 1080 -30.46 -65.11 -17.76
N TYR IA 1081 -29.69 -66.21 -17.72
CA TYR IA 1081 -30.19 -67.49 -17.18
C TYR IA 1081 -29.26 -68.62 -17.59
N VAL IA 1082 -29.50 -69.81 -17.03
CA VAL IA 1082 -28.67 -70.95 -17.35
C VAL IA 1082 -29.35 -71.85 -18.37
N TYR IA 1083 -28.95 -71.75 -19.64
CA TYR IA 1083 -29.58 -72.60 -20.65
C TYR IA 1083 -28.93 -73.96 -20.63
N THR IA 1084 -29.67 -74.97 -21.09
CA THR IA 1084 -29.17 -76.34 -21.17
C THR IA 1084 -29.82 -76.96 -22.41
N LEU IA 1085 -29.02 -77.21 -23.43
CA LEU IA 1085 -29.54 -77.77 -24.67
C LEU IA 1085 -29.34 -79.27 -24.85
N HIS IA 1086 -30.25 -79.90 -25.60
CA HIS IA 1086 -30.15 -81.34 -25.91
C HIS IA 1086 -30.12 -81.54 -27.42
N TYR IA 1087 -29.04 -82.16 -27.91
CA TYR IA 1087 -28.93 -82.43 -29.34
C TYR IA 1087 -29.71 -83.66 -29.75
N TYR IA 1088 -30.29 -83.63 -30.95
CA TYR IA 1088 -31.09 -84.76 -31.42
C TYR IA 1088 -30.74 -85.12 -32.85
N ASP IA 1089 -31.42 -86.14 -33.37
CA ASP IA 1089 -31.21 -86.57 -34.76
C ASP IA 1089 -32.14 -85.80 -35.67
N PRO IA 1090 -31.58 -84.96 -36.54
CA PRO IA 1090 -32.43 -84.19 -37.44
C PRO IA 1090 -33.36 -85.12 -38.24
N GLN IA 1091 -33.12 -86.43 -38.16
CA GLN IA 1091 -33.92 -87.39 -38.91
C GLN IA 1091 -35.04 -88.08 -38.11
N ILE IA 1092 -35.12 -87.84 -36.81
CA ILE IA 1092 -36.17 -88.45 -36.02
C ILE IA 1092 -37.24 -87.43 -35.62
N SER IA 1093 -38.33 -87.38 -36.40
CA SER IA 1093 -39.44 -86.44 -36.15
C SER IA 1093 -40.05 -86.50 -34.76
N LEU IA 1094 -39.68 -85.56 -33.90
CA LEU IA 1094 -40.21 -85.54 -32.53
C LEU IA 1094 -40.66 -84.17 -32.06
N ASP IA 1095 -41.88 -84.08 -31.55
CA ASP IA 1095 -42.41 -82.82 -31.04
C ASP IA 1095 -41.61 -82.41 -29.80
N GLU IA 1096 -41.44 -81.10 -29.60
CA GLU IA 1096 -40.68 -80.57 -28.47
C GLU IA 1096 -41.46 -80.16 -27.23
N ALA IA 1097 -42.78 -80.04 -27.35
CA ALA IA 1097 -43.62 -79.64 -26.20
C ALA IA 1097 -43.32 -80.35 -24.87
N PRO IA 1098 -43.21 -81.70 -24.87
CA PRO IA 1098 -42.93 -82.43 -23.63
C PRO IA 1098 -41.59 -82.02 -23.03
N ILE IA 1099 -40.53 -82.10 -23.84
CA ILE IA 1099 -39.19 -81.73 -23.39
C ILE IA 1099 -39.21 -80.33 -22.80
N LEU IA 1100 -40.24 -79.57 -23.12
CA LEU IA 1100 -40.35 -78.22 -22.61
C LEU IA 1100 -41.08 -78.18 -21.27
N GLU IA 1101 -42.35 -78.57 -21.23
CA GLU IA 1101 -43.11 -78.56 -19.97
C GLU IA 1101 -42.34 -79.21 -18.82
N GLU IA 1102 -41.37 -80.07 -19.13
CA GLU IA 1102 -40.57 -80.69 -18.08
C GLU IA 1102 -40.07 -79.47 -17.31
N TRP IA 1103 -39.81 -78.42 -18.07
CA TRP IA 1103 -39.33 -77.13 -17.57
C TRP IA 1103 -40.42 -76.38 -16.80
N LEU IA 1104 -41.43 -75.85 -17.49
CA LEU IA 1104 -42.52 -75.11 -16.83
C LEU IA 1104 -42.81 -75.74 -15.47
N SER IA 1105 -42.90 -77.08 -15.48
CA SER IA 1105 -43.17 -77.87 -14.29
C SER IA 1105 -42.34 -77.50 -13.07
N LYS IA 1106 -41.03 -77.31 -13.24
CA LYS IA 1106 -40.13 -76.97 -12.15
C LYS IA 1106 -40.04 -75.49 -11.83
N ILE IA 1107 -40.60 -74.64 -12.68
CA ILE IA 1107 -40.56 -73.20 -12.41
C ILE IA 1107 -41.55 -72.89 -11.28
N ASN IA 1108 -41.15 -72.02 -10.37
CA ASN IA 1108 -42.01 -71.60 -9.28
C ASN IA 1108 -41.41 -70.28 -8.81
N PRO IA 1109 -41.98 -69.63 -7.79
CA PRO IA 1109 -41.38 -68.36 -7.38
C PRO IA 1109 -39.91 -68.51 -6.94
N ALA IA 1110 -39.66 -69.49 -6.08
CA ALA IA 1110 -38.32 -69.74 -5.55
C ALA IA 1110 -37.22 -69.97 -6.59
N GLY IA 1111 -37.55 -70.18 -7.86
CA GLY IA 1111 -36.49 -70.37 -8.84
C GLY IA 1111 -36.77 -71.17 -10.09
N ILE IA 1112 -36.15 -70.73 -11.19
CA ILE IA 1112 -36.28 -71.33 -12.50
C ILE IA 1112 -35.18 -72.33 -12.85
N PRO IA 1113 -35.52 -73.41 -13.59
CA PRO IA 1113 -34.53 -74.42 -13.98
C PRO IA 1113 -33.96 -74.02 -15.34
N PRO IA 1114 -32.74 -74.47 -15.66
CA PRO IA 1114 -32.11 -74.14 -16.95
C PRO IA 1114 -33.00 -74.26 -18.19
N VAL IA 1115 -33.13 -73.15 -18.93
CA VAL IA 1115 -33.92 -73.09 -20.17
C VAL IA 1115 -33.48 -74.22 -21.10
N PRO IA 1116 -34.43 -75.01 -21.62
CA PRO IA 1116 -34.10 -76.14 -22.51
C PRO IA 1116 -34.23 -76.02 -24.03
N PHE IA 1117 -33.13 -75.72 -24.72
CA PHE IA 1117 -33.17 -75.62 -26.18
C PHE IA 1117 -32.89 -76.98 -26.80
N CYS IA 1118 -33.33 -77.18 -28.04
CA CYS IA 1118 -33.12 -78.47 -28.72
C CYS IA 1118 -32.51 -78.28 -30.09
N ILE IA 1119 -31.18 -78.41 -30.17
CA ILE IA 1119 -30.46 -78.24 -31.42
C ILE IA 1119 -30.19 -79.54 -32.16
N PRO IA 1120 -30.28 -79.54 -33.51
CA PRO IA 1120 -30.04 -80.74 -34.34
C PRO IA 1120 -28.56 -81.04 -34.56
N ILE IA 1121 -28.14 -82.28 -34.30
CA ILE IA 1121 -26.74 -82.66 -34.49
C ILE IA 1121 -26.34 -82.51 -35.96
N PRO IA 1122 -25.35 -81.64 -36.26
CA PRO IA 1122 -24.87 -81.40 -37.63
C PRO IA 1122 -24.54 -82.67 -38.42
N GLN IA 1123 -25.35 -82.97 -39.44
CA GLN IA 1123 -25.15 -84.16 -40.27
C GLN IA 1123 -24.08 -83.96 -41.33
N VAL IA 1124 -23.23 -84.96 -41.53
CA VAL IA 1124 -22.17 -84.85 -42.52
C VAL IA 1124 -22.59 -85.18 -43.95
N TYR IA 1125 -23.57 -86.07 -44.11
CA TYR IA 1125 -24.06 -86.43 -45.44
C TYR IA 1125 -25.52 -86.00 -45.61
N PRO IA 1126 -25.88 -85.49 -46.80
CA PRO IA 1126 -27.26 -85.06 -47.04
C PRO IA 1126 -28.23 -86.12 -46.58
N CYS IA 1127 -29.09 -85.77 -45.64
CA CYS IA 1127 -30.06 -86.72 -45.10
C CYS IA 1127 -31.45 -86.11 -45.03
N ILE IA 1128 -32.45 -86.86 -45.47
CA ILE IA 1128 -33.82 -86.39 -45.43
C ILE IA 1128 -34.24 -86.13 -43.99
N THR IA 1129 -34.28 -84.87 -43.58
CA THR IA 1129 -34.66 -84.55 -42.20
C THR IA 1129 -36.12 -84.79 -41.92
N ALA IA 1130 -36.42 -85.06 -40.65
CA ALA IA 1130 -37.78 -85.33 -40.21
C ALA IA 1130 -38.42 -84.10 -39.57
N ARG IA 1131 -39.71 -83.90 -39.84
CA ARG IA 1131 -40.42 -82.74 -39.29
C ARG IA 1131 -40.59 -82.83 -37.79
N ARG IA 1132 -40.14 -81.80 -37.09
CA ARG IA 1132 -40.26 -81.77 -35.64
C ARG IA 1132 -40.59 -80.35 -35.24
N VAL IA 1133 -41.45 -80.18 -34.25
CA VAL IA 1133 -41.85 -78.84 -33.83
C VAL IA 1133 -41.05 -78.33 -32.64
N HIS IA 1134 -40.47 -77.13 -32.79
CA HIS IA 1134 -39.69 -76.51 -31.72
C HIS IA 1134 -40.47 -75.35 -31.11
N TYR IA 1135 -40.15 -75.00 -29.87
CA TYR IA 1135 -40.88 -73.92 -29.20
C TYR IA 1135 -40.05 -72.76 -28.71
N ALA IA 1136 -38.86 -73.05 -28.19
CA ALA IA 1136 -38.02 -72.00 -27.67
C ALA IA 1136 -37.02 -71.49 -28.69
N PHE IA 1137 -36.24 -70.51 -28.25
CA PHE IA 1137 -35.17 -69.87 -29.01
C PHE IA 1137 -35.02 -68.45 -28.50
N THR IA 1138 -33.78 -68.00 -28.37
CA THR IA 1138 -33.44 -66.67 -27.86
C THR IA 1138 -33.48 -65.52 -28.85
N SER IA 1139 -33.41 -64.31 -28.31
CA SER IA 1139 -33.39 -63.08 -29.11
C SER IA 1139 -31.94 -62.71 -29.46
N GLU IA 1140 -31.04 -62.80 -28.48
CA GLU IA 1140 -29.62 -62.52 -28.72
C GLU IA 1140 -29.05 -63.79 -29.31
N ASN IA 1141 -27.86 -63.74 -29.88
CA ASN IA 1141 -27.28 -64.98 -30.39
C ASN IA 1141 -26.40 -65.49 -29.24
N ASN IA 1142 -26.75 -66.66 -28.72
CA ASN IA 1142 -26.03 -67.24 -27.60
C ASN IA 1142 -25.31 -68.53 -27.95
N ASN IA 1143 -25.03 -68.77 -29.23
CA ASN IA 1143 -24.35 -69.99 -29.59
C ASN IA 1143 -22.85 -69.72 -29.70
N ASP IA 1144 -22.41 -68.62 -29.08
CA ASP IA 1144 -21.00 -68.26 -29.09
C ASP IA 1144 -20.17 -69.34 -28.38
N SER IA 1145 -20.79 -70.03 -27.43
CA SER IA 1145 -20.14 -71.11 -26.69
C SER IA 1145 -19.58 -72.16 -27.67
N LEU IA 1146 -20.43 -72.57 -28.60
CA LEU IA 1146 -20.12 -73.54 -29.65
C LEU IA 1146 -18.78 -73.29 -30.30
N PHE IA 1147 -17.81 -74.17 -30.04
CA PHE IA 1147 -16.47 -74.04 -30.60
C PHE IA 1147 -16.32 -74.44 -32.07
N SER IA 1148 -16.96 -75.54 -32.49
CA SER IA 1148 -16.86 -76.03 -33.86
C SER IA 1148 -17.68 -77.30 -34.09
N THR IA 1149 -18.09 -77.55 -35.33
CA THR IA 1149 -18.88 -78.75 -35.65
C THR IA 1149 -18.28 -79.61 -36.78
N ASN IA 1150 -18.08 -80.90 -36.50
CA ASN IA 1150 -17.53 -81.84 -37.47
C ASN IA 1150 -16.08 -81.55 -37.82
N ALA IA 1151 -15.23 -81.47 -36.80
CA ALA IA 1151 -13.83 -81.20 -37.03
C ALA IA 1151 -13.24 -82.32 -37.90
N ALA IA 1152 -13.83 -83.51 -37.80
CA ALA IA 1152 -13.35 -84.67 -38.53
C ALA IA 1152 -13.85 -84.78 -39.96
N SER IA 1153 -14.46 -83.72 -40.49
CA SER IA 1153 -14.97 -83.78 -41.86
C SER IA 1153 -14.55 -82.64 -42.79
N ILE IA 1154 -14.47 -82.95 -44.08
CA ILE IA 1154 -14.08 -81.95 -45.08
C ILE IA 1154 -15.15 -80.86 -45.08
N ASP IA 1155 -16.22 -81.09 -44.33
CA ASP IA 1155 -17.32 -80.14 -44.20
C ASP IA 1155 -18.54 -80.84 -43.59
N THR IA 1156 -19.66 -80.12 -43.55
CA THR IA 1156 -20.89 -80.65 -42.98
C THR IA 1156 -22.09 -80.36 -43.87
N ALA IA 1157 -22.96 -81.35 -44.03
CA ALA IA 1157 -24.14 -81.22 -44.89
C ALA IA 1157 -25.45 -80.69 -44.28
N PHE IA 1158 -25.68 -80.85 -42.98
CA PHE IA 1158 -26.96 -80.36 -42.47
C PHE IA 1158 -27.12 -79.49 -41.22
N GLY IA 1159 -26.60 -79.94 -40.07
CA GLY IA 1159 -26.78 -79.16 -38.86
C GLY IA 1159 -26.08 -77.81 -38.95
N GLU IA 1160 -26.36 -76.91 -38.00
CA GLU IA 1160 -25.69 -75.61 -38.03
C GLU IA 1160 -24.20 -75.85 -38.01
N ASN IA 1161 -23.57 -75.66 -39.18
CA ASN IA 1161 -22.15 -75.86 -39.33
C ASN IA 1161 -21.34 -74.68 -38.81
N ALA IA 1162 -20.23 -74.97 -38.14
CA ALA IA 1162 -19.37 -73.92 -37.58
C ALA IA 1162 -17.89 -74.26 -37.70
N ALA IA 1163 -17.21 -73.63 -38.66
CA ALA IA 1163 -15.79 -73.85 -38.90
C ALA IA 1163 -15.01 -73.34 -37.68
N VAL IA 1164 -13.76 -73.79 -37.52
CA VAL IA 1164 -12.95 -73.34 -36.39
C VAL IA 1164 -12.58 -71.87 -36.59
N SER IA 1165 -13.12 -71.00 -35.74
CA SER IA 1165 -12.87 -69.57 -35.82
C SER IA 1165 -11.43 -69.18 -35.51
N PRO IA 1166 -10.77 -68.47 -36.44
CA PRO IA 1166 -9.37 -68.04 -36.24
C PRO IA 1166 -9.28 -67.08 -35.07
N LEU IA 1167 -10.35 -66.29 -34.89
CA LEU IA 1167 -10.40 -65.30 -33.82
C LEU IA 1167 -9.97 -65.82 -32.44
N ARG IA 1168 -10.42 -67.02 -32.08
CA ARG IA 1168 -10.05 -67.58 -30.78
C ARG IA 1168 -8.54 -67.70 -30.62
N TRP IA 1169 -7.83 -67.92 -31.73
CA TRP IA 1169 -6.37 -68.10 -31.73
C TRP IA 1169 -5.59 -67.05 -32.52
N PRO IA 1170 -5.67 -65.77 -32.13
CA PRO IA 1170 -4.92 -64.73 -32.86
C PRO IA 1170 -3.42 -64.97 -32.72
N GLY IA 1171 -3.04 -65.61 -31.62
CA GLY IA 1171 -1.65 -65.91 -31.38
C GLY IA 1171 -1.11 -66.99 -32.29
N LEU IA 1172 -1.75 -68.14 -32.27
CA LEU IA 1172 -1.34 -69.27 -33.09
C LEU IA 1172 -1.45 -69.08 -34.60
N VAL IA 1173 -2.56 -68.51 -35.05
CA VAL IA 1173 -2.82 -68.31 -36.48
C VAL IA 1173 -2.30 -67.02 -37.15
N ASP IA 1174 -2.80 -65.88 -36.68
CA ASP IA 1174 -2.44 -64.56 -37.22
C ASP IA 1174 -0.96 -64.14 -37.12
N PRO IA 1175 -0.39 -63.67 -38.24
CA PRO IA 1175 1.01 -63.23 -38.36
C PRO IA 1175 1.33 -61.90 -37.68
N ASN IA 1176 0.31 -61.15 -37.30
CA ASN IA 1176 0.50 -59.86 -36.66
C ASN IA 1176 0.32 -59.91 -35.15
N TYR IA 1177 0.42 -61.10 -34.57
CA TYR IA 1177 0.27 -61.26 -33.13
C TYR IA 1177 1.39 -60.48 -32.44
N ARG IA 1178 1.22 -60.22 -31.15
CA ARG IA 1178 2.22 -59.50 -30.37
C ARG IA 1178 2.36 -60.11 -28.98
N VAL IA 1179 3.36 -60.97 -28.81
CA VAL IA 1179 3.62 -61.62 -27.53
C VAL IA 1179 3.05 -60.80 -26.37
N GLY IA 1180 2.20 -61.43 -25.55
CA GLY IA 1180 1.63 -60.73 -24.42
C GLY IA 1180 0.32 -59.98 -24.65
N THR IA 1181 -0.06 -59.76 -25.91
CA THR IA 1181 -1.30 -59.05 -26.23
C THR IA 1181 -2.52 -59.93 -25.99
N ASN IA 1182 -3.46 -59.42 -25.18
CA ASN IA 1182 -4.68 -60.15 -24.86
C ASN IA 1182 -5.86 -59.89 -25.77
N ASP IA 1183 -6.96 -59.46 -25.15
CA ASP IA 1183 -8.23 -59.20 -25.82
C ASP IA 1183 -9.20 -59.13 -24.65
N LEU IA 1184 -8.81 -59.88 -23.62
CA LEU IA 1184 -9.53 -60.04 -22.36
C LEU IA 1184 -10.93 -59.49 -22.14
N PRO IA 1185 -11.09 -58.16 -22.02
CA PRO IA 1185 -12.46 -57.67 -21.79
C PRO IA 1185 -13.50 -58.24 -22.77
N ASN IA 1186 -13.10 -58.44 -24.02
CA ASN IA 1186 -14.02 -58.91 -25.06
C ASN IA 1186 -14.09 -60.36 -25.51
N ARG IA 1187 -12.95 -61.01 -25.70
CA ARG IA 1187 -12.95 -62.38 -26.19
C ARG IA 1187 -11.78 -63.22 -25.67
N ILE IA 1188 -12.10 -64.27 -24.92
CA ILE IA 1188 -11.09 -65.16 -24.34
C ILE IA 1188 -10.27 -65.91 -25.40
N THR IA 1189 -9.03 -65.48 -25.59
CA THR IA 1189 -8.13 -66.11 -26.57
C THR IA 1189 -7.59 -67.43 -26.00
N LEU IA 1190 -7.36 -68.41 -26.87
CA LEU IA 1190 -6.86 -69.69 -26.41
C LEU IA 1190 -5.35 -69.81 -26.45
N TYR IA 1191 -4.76 -69.90 -27.64
CA TYR IA 1191 -3.32 -70.04 -27.73
C TYR IA 1191 -2.60 -68.71 -27.52
N ASN IA 1192 -2.18 -68.44 -26.29
CA ASN IA 1192 -1.51 -67.18 -25.98
C ASN IA 1192 0.02 -67.25 -25.95
N SER IA 1193 0.61 -66.64 -24.95
CA SER IA 1193 2.06 -66.59 -24.77
C SER IA 1193 2.34 -66.36 -23.30
N LEU IA 1194 2.22 -67.42 -22.49
CA LEU IA 1194 2.45 -67.30 -21.06
C LEU IA 1194 3.93 -67.14 -20.76
N TYR IA 1195 4.26 -66.95 -19.49
CA TYR IA 1195 5.65 -66.74 -19.10
C TYR IA 1195 6.16 -67.63 -17.97
N ARG IA 1196 6.33 -68.92 -18.26
CA ARG IA 1196 6.81 -69.91 -17.29
C ARG IA 1196 7.95 -69.46 -16.35
N TYR IA 1197 7.64 -69.34 -15.04
CA TYR IA 1197 8.66 -68.94 -14.05
C TYR IA 1197 9.38 -70.11 -13.39
N ASN IA 1198 10.51 -69.82 -12.74
CA ASN IA 1198 11.31 -70.86 -12.09
C ASN IA 1198 11.89 -70.37 -10.77
N PHE IA 1199 11.03 -69.89 -9.87
CA PHE IA 1199 11.48 -69.34 -8.59
C PHE IA 1199 12.08 -70.31 -7.59
N THR IA 1200 13.04 -69.79 -6.83
CA THR IA 1200 13.71 -70.52 -5.78
C THR IA 1200 13.29 -69.76 -4.51
N TYR IA 1201 13.11 -70.47 -3.40
CA TYR IA 1201 12.68 -69.81 -2.18
C TYR IA 1201 13.75 -69.86 -1.12
N PRO IA 1202 14.66 -68.87 -1.13
CA PRO IA 1202 15.75 -68.83 -0.14
C PRO IA 1202 15.15 -68.92 1.25
N THR IA 1203 15.79 -69.70 2.11
CA THR IA 1203 15.32 -69.86 3.47
C THR IA 1203 16.48 -69.60 4.43
N LEU IA 1204 16.59 -68.33 4.82
CA LEU IA 1204 17.64 -67.86 5.71
C LEU IA 1204 17.82 -68.64 7.01
N ASP IA 1205 19.09 -68.74 7.43
CA ASP IA 1205 19.47 -69.40 8.69
C ASP IA 1205 20.91 -68.96 8.98
N GLY IA 1206 21.04 -67.83 9.66
CA GLY IA 1206 22.37 -67.32 9.95
C GLY IA 1206 22.88 -67.40 11.36
N ILE IA 1207 24.08 -66.87 11.57
CA ILE IA 1207 24.74 -66.85 12.87
C ILE IA 1207 24.23 -65.60 13.58
N MET IA 1208 24.23 -65.62 14.92
CA MET IA 1208 23.73 -64.47 15.65
C MET IA 1208 24.55 -64.12 16.89
N TYR IA 1209 25.37 -63.08 16.77
CA TYR IA 1209 26.24 -62.64 17.87
C TYR IA 1209 25.59 -61.64 18.81
N VAL IA 1210 25.80 -61.80 20.11
CA VAL IA 1210 25.25 -60.88 21.09
C VAL IA 1210 26.12 -59.62 21.09
N ARG IA 1211 25.86 -58.67 21.99
CA ARG IA 1211 26.61 -57.42 22.06
C ARG IA 1211 27.96 -57.40 22.81
N SER IA 1212 28.09 -58.23 23.84
CA SER IA 1212 29.33 -58.30 24.66
C SER IA 1212 29.39 -57.21 25.74
N ALA IA 1213 29.34 -57.64 27.00
CA ALA IA 1213 29.39 -56.74 28.16
C ALA IA 1213 29.79 -55.30 27.83
N THR IA 1214 31.07 -55.10 27.50
CA THR IA 1214 31.61 -53.80 27.14
C THR IA 1214 33.13 -53.87 27.03
C1 MYR JA . -11.71 -36.63 -93.28
O1 MYR JA . -10.59 -37.08 -93.51
C2 MYR JA . -11.96 -35.12 -93.29
C3 MYR JA . -10.65 -34.35 -93.06
C4 MYR JA . -10.35 -34.22 -91.57
C5 MYR JA . -8.89 -34.55 -91.23
C6 MYR JA . -7.98 -34.58 -92.46
C7 MYR JA . -6.55 -34.14 -92.09
C8 MYR JA . -6.51 -32.78 -91.38
C9 MYR JA . -6.47 -32.91 -89.85
C10 MYR JA . -5.25 -33.70 -89.36
C11 MYR JA . -5.57 -34.60 -88.15
C12 MYR JA . -4.38 -35.48 -87.79
C13 MYR JA . -3.17 -34.62 -87.41
C14 MYR JA . -3.19 -33.28 -88.16
C1 MYR KA . -36.40 -6.49 -50.16
O1 MYR KA . -36.53 -6.00 -49.03
C2 MYR KA . -37.05 -5.82 -51.37
C3 MYR KA . -38.24 -4.95 -50.94
C4 MYR KA . -39.51 -5.79 -50.79
C5 MYR KA . -40.28 -5.48 -49.50
C6 MYR KA . -39.82 -4.18 -48.83
C7 MYR KA . -40.99 -3.51 -48.09
C8 MYR KA . -42.22 -3.29 -48.98
C9 MYR KA . -43.26 -4.41 -48.85
C10 MYR KA . -43.78 -4.56 -47.41
C11 MYR KA . -44.02 -6.03 -47.02
C12 MYR KA . -44.38 -6.15 -45.54
C13 MYR KA . -45.68 -5.38 -45.25
C14 MYR KA . -45.83 -4.19 -46.19
C1 MYR LA . -105.17 -6.58 -34.21
O1 MYR LA . -104.06 -6.70 -34.71
C2 MYR LA . -105.73 -5.20 -33.87
C3 MYR LA . -104.59 -4.18 -33.67
C4 MYR LA . -104.04 -4.24 -32.25
C5 MYR LA . -102.51 -4.26 -32.21
C6 MYR LA . -101.87 -3.86 -33.55
C7 MYR LA . -100.52 -3.15 -33.31
C8 MYR LA . -100.63 -1.96 -32.34
C9 MYR LA . -100.27 -2.34 -30.90
C10 MYR LA . -98.83 -2.89 -30.78
C11 MYR LA . -98.71 -4.02 -29.75
C12 MYR LA . -97.32 -4.63 -29.78
C13 MYR LA . -96.27 -3.58 -29.41
C14 MYR LA . -96.72 -2.17 -29.83
C1 MYR MA . -58.32 19.34 11.78
O1 MYR MA . -59.31 18.94 11.15
C2 MYR MA . -57.45 20.46 11.20
C3 MYR MA . -57.60 20.56 9.67
C4 MYR MA . -56.69 19.56 8.97
C5 MYR MA . -57.41 18.79 7.86
C6 MYR MA . -58.75 19.41 7.45
C7 MYR MA . -59.04 19.16 5.97
C8 MYR MA . -57.90 19.62 5.05
C9 MYR MA . -56.95 18.47 4.68
C10 MYR MA . -57.67 17.32 3.95
C11 MYR MA . -57.11 15.94 4.35
C12 MYR MA . -57.96 14.82 3.73
C13 MYR MA . -57.91 14.90 2.21
C14 MYR MA . -57.74 16.35 1.73
C1 MYR NA . -8.75 -17.43 -66.14
O1 MYR NA . -7.79 -17.20 -65.40
C2 MYR NA . -9.62 -16.28 -66.65
C3 MYR NA . -9.51 -15.06 -65.75
C4 MYR NA . -10.47 -15.16 -64.56
C5 MYR NA . -9.81 -14.80 -63.22
C6 MYR NA . -8.47 -14.09 -63.40
C7 MYR NA . -8.23 -13.10 -62.24
C8 MYR NA . -9.39 -12.12 -62.04
C9 MYR NA . -10.38 -12.57 -60.96
C10 MYR NA . -9.71 -12.76 -59.58
C11 MYR NA . -10.28 -13.95 -58.81
C12 MYR NA . -9.48 -14.19 -57.52
C13 MYR NA . -9.56 -12.98 -56.60
C14 MYR NA . -9.73 -11.68 -57.42
C1 MYR OA . -33.25 13.08 -7.38
O1 MYR OA . -33.08 12.53 -8.46
C2 MYR OA . -32.63 14.44 -7.08
C3 MYR OA . -31.41 14.69 -7.98
C4 MYR OA . -30.15 14.06 -7.39
C5 MYR OA . -29.33 13.28 -8.43
C6 MYR OA . -29.75 13.59 -9.87
C7 MYR OA . -28.54 13.47 -10.81
C8 MYR OA . -27.33 14.31 -10.36
C9 MYR OA . -26.31 13.49 -9.55
C10 MYR OA . -25.75 12.31 -10.34
C11 MYR OA . -25.53 11.07 -9.46
C12 MYR OA . -25.12 9.87 -10.31
C13 MYR OA . -23.80 10.15 -11.04
C14 MYR OA . -23.65 11.64 -11.35
C1 MYR PA . 35.98 1.69 -14.98
O1 MYR PA . 34.85 1.98 -14.62
C2 MYR PA . 36.57 2.32 -16.24
C3 MYR PA . 35.47 2.81 -17.19
C4 MYR PA . 34.97 1.67 -18.07
C5 MYR PA . 33.43 1.62 -18.14
C6 MYR PA . 32.75 2.89 -17.63
C7 MYR PA . 31.43 3.15 -18.37
C8 MYR PA . 31.61 3.17 -19.89
C9 MYR PA . 31.28 1.82 -20.54
C10 MYR PA . 29.84 1.36 -20.26
C11 MYR PA . 29.73 -0.16 -20.06
C12 MYR PA . 28.32 -0.55 -19.62
C13 MYR PA . 27.31 -0.17 -20.70
C14 MYR PA . 27.77 1.07 -21.49
C1 MYR QA . 64.64 0.28 4.30
O1 MYR QA . 64.34 0.62 5.43
C2 MYR QA . 64.47 1.22 3.11
C3 MYR QA . 63.43 2.31 3.43
C4 MYR QA . 62.01 1.81 3.15
C5 MYR QA . 61.03 2.14 4.28
C6 MYR QA . 61.58 3.19 5.27
C7 MYR QA . 60.43 4.04 5.85
C8 MYR QA . 59.54 4.66 4.77
C9 MYR QA . 58.29 3.83 4.47
C10 MYR QA . 57.40 3.64 5.72
C11 MYR QA . 56.77 2.25 5.78
C12 MYR QA . 56.03 2.04 7.10
C13 MYR QA . 54.89 3.06 7.26
C14 MYR QA . 55.25 4.38 6.53
C1 MYR RA . -4.27 15.60 5.09
O1 MYR RA . -3.11 15.26 4.83
C2 MYR RA . -4.58 17.02 5.55
C3 MYR RA . -3.34 17.68 6.16
C4 MYR RA . -3.18 17.31 7.63
C5 MYR RA . -1.75 16.90 7.99
C6 MYR RA . -0.72 17.29 6.92
C7 MYR RA . 0.64 17.61 7.56
C8 MYR RA . 0.55 18.65 8.68
C9 MYR RA . 0.45 18.01 10.08
C10 MYR RA . 1.67 17.11 10.40
C11 MYR RA . 1.27 15.87 11.20
C12 MYR RA . 2.47 14.93 11.36
C13 MYR RA . 3.60 15.62 12.13
C14 MYR RA . 3.59 17.14 11.87
C1 MYR SA . 34.18 22.85 63.84
O1 MYR SA . 33.31 22.79 62.96
C2 MYR SA . 35.38 23.77 63.67
C3 MYR SA . 35.63 24.10 62.19
C4 MYR SA . 36.47 23.00 61.53
C5 MYR SA . 35.89 22.57 60.16
C6 MYR SA . 34.86 23.55 59.61
C7 MYR SA . 34.90 23.58 58.08
C8 MYR SA . 36.30 23.84 57.51
C9 MYR SA . 37.05 22.55 57.14
C10 MYR SA . 36.30 21.72 56.10
C11 MYR SA . 36.42 20.21 56.34
C12 MYR SA . 35.53 19.42 55.37
C13 MYR SA . 35.97 19.68 53.92
C14 MYR SA . 36.57 21.09 53.77
#